data_9FKB
#
_entry.id   9FKB
#
_cell.length_a   1.00
_cell.length_b   1.00
_cell.length_c   1.00
_cell.angle_alpha   90.00
_cell.angle_beta   90.00
_cell.angle_gamma   90.00
#
_symmetry.space_group_name_H-M   'P 1'
#
loop_
_entity.id
_entity.type
_entity.pdbx_description
1 polymer 'HK97 gp6-like/SPP1 gp15-like head-tail connector'
2 polymer 'SPP1 gp17-like tail completion protein'
3 polymer 'Tail tube protein'
4 polymer 'Baseplate to tube adapter protein gp41'
5 non-polymer 'MAGNESIUM ION'
#
loop_
_entity_poly.entity_id
_entity_poly.type
_entity_poly.pdbx_seq_one_letter_code
_entity_poly.pdbx_strand_id
1 'polypeptide(L)'
;MPDPSIDEVSKSDWDALTTQEQDDIISQVENLSSTGWVNTSRERKAEAIRSAIAERDTLYSGNMSRLPTLDGDAEYFTLY
LSAHKIQLFEGGEAQSESGEGGSVSYSTGGGGEKDLQKTRYGRMALEYVWEDNSIAALRTY
;
PT,PM,PN,PO,PP,PQ,PR,PS,PU,PV,PW,PX
2 'polypeptide(L)'
;MATTSASHHVQAIIDLLEAAPDADWTPTQTPTVKRYWDDAQSERGPGADMPAILYVWSPTTSSLDRFSMDGDVFDQNDSI
EVQAWSFDETEVEQLQGDIVQILSEYLDDNEVQTPYSDVAPTGTNDFREQTPARTTGHYIMSVEVETRGLSETAKNA
;
Pa,Pb,Pc,Pd,Pe,Pf
3 'polypeptide(L)'
;MATSPEGIWSNSGALTFEDPADDSEILFAGVRDVTITPAYEHAELYTIDSTFRDEVKRYEHNVNVEITYAKFSLEFAQEW
LGGPGATATASQDDSDPMKFNLENVTPSASGGFERTTAVENVVFPELPLDSATYGEYEEYSLTGSGRSVTNLADTSGV
;
B1,B2,B3,B4,B5,B6,AM,AN,AO,AP,AQ,AR,SB,SA,SC,SD,SE,SF,SG,SH,SI,SJ,SK,SL,SM,SN,SO,SP,SQ,SR,SS,ST,SU,SV,SW,SX,SY,SZ,Sa,Sb,Sc,Sd,Se,Sf,Sg,Sh,Si,Sj,Sk,Sl,Sm,Sn,So,Sp,Sq,Sr,Ss,St,Su,Sv,Sw,Sx,Sy,Sz,S1,S2
4 'polypeptide(L)'
;MVDATLSRGGTSVDIPLVEEGGEILLSSTFGKPEVNVRKSGGSLNPRVIDSWSGLQTFQLVGKLYDYSTSHQLADLVKTA
STTPLELQIPQDAYPDTVTVAPAAGQASALTLEYPAGRKDLVDVSLSLTRVDPNSVRGVGDQQATTPTTTGTGPVEVTAG
GTTVQLPSSGLSVERTVGRPNDAVRRVPRQADPRYEVKAKVTNDVFTFSFETLDNIPATLNALTDNVFREQLGRDGVTLD
FNGLLGLGSVKAIPVGSSPFRQVHQAGRGWVTVPTLEFRRIYSNE
;
BA,BB,BC
#
# COMPACT_ATOMS: atom_id res chain seq x y z
N PRO A 2 6.89 -237.31 -29.19
CA PRO A 2 7.18 -237.49 -27.76
C PRO A 2 7.88 -238.82 -27.47
N ASP A 3 8.87 -238.78 -26.55
CA ASP A 3 9.76 -239.91 -26.29
C ASP A 3 8.97 -241.15 -25.84
N PRO A 4 8.12 -241.08 -24.78
CA PRO A 4 6.99 -242.01 -24.66
C PRO A 4 5.90 -241.53 -25.62
N SER A 5 5.65 -242.30 -26.69
CA SER A 5 4.59 -241.97 -27.64
C SER A 5 3.20 -242.29 -27.05
N ILE A 6 2.16 -241.62 -27.53
CA ILE A 6 0.79 -241.75 -27.03
C ILE A 6 0.24 -243.19 -27.13
N ASP A 7 0.76 -243.98 -28.08
CA ASP A 7 0.38 -245.38 -28.30
C ASP A 7 1.20 -246.36 -27.44
N GLU A 8 2.27 -245.87 -26.79
CA GLU A 8 3.14 -246.67 -25.92
C GLU A 8 2.74 -246.59 -24.45
N VAL A 9 1.63 -245.89 -24.13
CA VAL A 9 1.18 -245.61 -22.77
C VAL A 9 -0.30 -245.96 -22.59
N SER A 10 -0.63 -246.67 -21.50
CA SER A 10 -2.01 -246.91 -21.04
C SER A 10 -2.44 -245.84 -20.03
N LYS A 11 -3.71 -245.86 -19.57
CA LYS A 11 -4.23 -244.91 -18.58
C LYS A 11 -3.36 -244.86 -17.32
N SER A 12 -2.93 -246.03 -16.86
CA SER A 12 -2.03 -246.22 -15.72
C SER A 12 -0.64 -245.59 -15.94
N ASP A 13 -0.15 -245.61 -17.19
CA ASP A 13 1.10 -244.99 -17.57
C ASP A 13 0.94 -243.47 -17.72
N TRP A 14 -0.16 -243.01 -18.31
CA TRP A 14 -0.47 -241.59 -18.51
C TRP A 14 -0.45 -240.81 -17.19
N ASP A 15 -1.10 -241.34 -16.14
CA ASP A 15 -1.05 -240.77 -14.80
C ASP A 15 0.36 -240.78 -14.17
N ALA A 16 1.23 -241.68 -14.64
CA ALA A 16 2.59 -241.89 -14.14
C ALA A 16 3.67 -241.11 -14.91
N LEU A 17 3.36 -240.58 -16.12
CA LEU A 17 4.27 -239.72 -16.86
C LEU A 17 4.63 -238.47 -16.05
N THR A 18 5.83 -237.93 -16.30
CA THR A 18 6.14 -236.58 -15.81
C THR A 18 5.21 -235.55 -16.44
N THR A 19 5.11 -234.39 -15.80
CA THR A 19 4.41 -233.24 -16.35
C THR A 19 4.86 -232.93 -17.79
N GLN A 20 6.17 -232.82 -18.03
CA GLN A 20 6.70 -232.49 -19.34
C GLN A 20 6.38 -233.54 -20.41
N GLU A 21 6.48 -234.84 -20.09
CA GLU A 21 6.12 -235.90 -21.04
C GLU A 21 4.64 -235.82 -21.43
N GLN A 22 3.77 -235.62 -20.42
CA GLN A 22 2.34 -235.47 -20.63
C GLN A 22 2.04 -234.22 -21.46
N ASP A 23 2.72 -233.11 -21.17
CA ASP A 23 2.62 -231.84 -21.89
C ASP A 23 3.12 -231.95 -23.34
N ASP A 24 4.20 -232.70 -23.60
CA ASP A 24 4.66 -232.93 -24.97
C ASP A 24 3.59 -233.64 -25.80
N ILE A 25 2.85 -234.58 -25.19
CA ILE A 25 1.77 -235.29 -25.88
C ILE A 25 0.57 -234.36 -26.11
N ILE A 26 0.21 -233.52 -25.13
CA ILE A 26 -0.80 -232.49 -25.33
C ILE A 26 -0.36 -231.56 -26.47
N SER A 27 0.92 -231.13 -26.47
CA SER A 27 1.52 -230.29 -27.49
C SER A 27 1.44 -230.94 -28.88
N GLN A 28 1.54 -232.26 -28.95
CA GLN A 28 1.31 -232.99 -30.20
C GLN A 28 -0.18 -232.94 -30.60
N VAL A 29 -1.10 -233.29 -29.69
CA VAL A 29 -2.54 -233.29 -29.97
C VAL A 29 -2.99 -231.93 -30.50
N GLU A 30 -2.57 -230.85 -29.83
CA GLU A 30 -2.90 -229.48 -30.21
C GLU A 30 -2.48 -229.11 -31.64
N ASN A 31 -1.60 -229.89 -32.29
CA ASN A 31 -1.24 -229.65 -33.68
C ASN A 31 -2.37 -230.00 -34.67
N LEU A 32 -3.39 -230.77 -34.23
CA LEU A 32 -4.46 -231.24 -35.10
C LEU A 32 -5.51 -230.17 -35.41
N SER A 33 -5.44 -228.99 -34.75
CA SER A 33 -6.28 -227.86 -35.11
C SER A 33 -5.44 -226.58 -35.25
N SER A 34 -5.71 -225.80 -36.30
CA SER A 34 -5.11 -224.48 -36.50
C SER A 34 -5.45 -223.52 -35.36
N THR A 35 -6.59 -223.74 -34.69
CA THR A 35 -7.00 -222.98 -33.52
C THR A 35 -6.37 -223.48 -32.21
N GLY A 36 -5.75 -224.67 -32.23
CA GLY A 36 -4.97 -225.22 -31.13
C GLY A 36 -5.71 -225.48 -29.81
N TRP A 37 -7.04 -225.24 -29.76
CA TRP A 37 -7.86 -225.30 -28.56
C TRP A 37 -7.25 -224.51 -27.39
N VAL A 38 -6.71 -223.32 -27.70
CA VAL A 38 -5.93 -222.52 -26.76
C VAL A 38 -6.78 -221.91 -25.63
N ASN A 39 -8.08 -221.67 -25.90
CA ASN A 39 -9.01 -221.18 -24.89
C ASN A 39 -9.80 -222.28 -24.16
N THR A 40 -9.36 -223.54 -24.32
CA THR A 40 -9.72 -224.65 -23.42
C THR A 40 -8.48 -225.01 -22.60
N SER A 41 -8.60 -225.15 -21.26
CA SER A 41 -7.45 -225.29 -20.39
C SER A 41 -6.66 -226.59 -20.58
N ARG A 42 -5.42 -226.62 -20.03
CA ARG A 42 -4.55 -227.79 -19.98
C ARG A 42 -5.26 -229.02 -19.40
N GLU A 43 -5.86 -228.89 -18.22
CA GLU A 43 -6.51 -230.00 -17.52
C GLU A 43 -7.64 -230.63 -18.34
N ARG A 44 -8.39 -229.82 -19.09
CA ARG A 44 -9.45 -230.30 -19.97
C ARG A 44 -8.88 -231.13 -21.12
N LYS A 45 -7.78 -230.67 -21.73
CA LYS A 45 -7.08 -231.41 -22.77
C LYS A 45 -6.41 -232.68 -22.24
N ALA A 46 -5.88 -232.63 -21.02
CA ALA A 46 -5.35 -233.81 -20.33
C ALA A 46 -6.44 -234.87 -20.10
N GLU A 47 -7.61 -234.47 -19.58
CA GLU A 47 -8.74 -235.37 -19.35
C GLU A 47 -9.24 -236.00 -20.65
N ALA A 48 -9.30 -235.21 -21.74
CA ALA A 48 -9.66 -235.71 -23.07
C ALA A 48 -8.71 -236.81 -23.54
N ILE A 49 -7.39 -236.62 -23.40
CA ILE A 49 -6.41 -237.63 -23.82
C ILE A 49 -6.50 -238.87 -22.93
N ARG A 50 -6.60 -238.69 -21.60
CA ARG A 50 -6.78 -239.78 -20.64
C ARG A 50 -7.99 -240.64 -21.01
N SER A 51 -9.10 -240.00 -21.34
CA SER A 51 -10.31 -240.68 -21.80
C SER A 51 -10.12 -241.37 -23.16
N ALA A 52 -9.40 -240.76 -24.10
CA ALA A 52 -9.11 -241.34 -25.41
C ALA A 52 -8.24 -242.60 -25.28
N ILE A 53 -7.18 -242.54 -24.47
CA ILE A 53 -6.34 -243.69 -24.16
C ILE A 53 -7.20 -244.80 -23.53
N ALA A 54 -8.07 -244.46 -22.57
CA ALA A 54 -8.98 -245.41 -21.94
C ALA A 54 -9.92 -246.10 -22.94
N GLU A 55 -10.55 -245.35 -23.85
CA GLU A 55 -11.43 -245.94 -24.86
C GLU A 55 -10.67 -246.78 -25.89
N ARG A 56 -9.45 -246.36 -26.27
CA ARG A 56 -8.60 -247.20 -27.12
C ARG A 56 -8.39 -248.56 -26.45
N ASP A 57 -7.92 -248.54 -25.21
CA ASP A 57 -7.60 -249.75 -24.46
C ASP A 57 -8.84 -250.61 -24.11
N THR A 58 -10.04 -250.02 -23.97
CA THR A 58 -11.20 -250.73 -23.42
C THR A 58 -12.38 -250.91 -24.40
N LEU A 59 -12.40 -250.18 -25.53
CA LEU A 59 -13.44 -250.31 -26.56
C LEU A 59 -12.88 -250.56 -27.96
N TYR A 60 -11.64 -250.11 -28.23
CA TYR A 60 -10.99 -250.25 -29.54
C TYR A 60 -9.68 -251.04 -29.44
N SER A 61 -9.76 -252.18 -28.72
CA SER A 61 -8.69 -253.13 -28.49
C SER A 61 -9.18 -254.57 -28.71
N GLY A 62 -8.24 -255.51 -28.90
CA GLY A 62 -8.57 -256.89 -29.19
C GLY A 62 -8.70 -257.18 -30.69
N ASN A 63 -9.33 -258.31 -31.01
CA ASN A 63 -9.23 -258.95 -32.32
C ASN A 63 -10.58 -259.19 -33.00
N MET A 64 -10.57 -259.14 -34.33
CA MET A 64 -11.74 -259.26 -35.19
C MET A 64 -11.33 -260.21 -36.32
N SER A 65 -11.70 -261.51 -36.18
CA SER A 65 -10.93 -262.63 -36.74
C SER A 65 -9.47 -262.53 -36.25
N ARG A 66 -8.46 -263.10 -36.95
CA ARG A 66 -7.07 -262.95 -36.50
C ARG A 66 -6.53 -261.51 -36.67
N LEU A 67 -7.36 -260.60 -37.21
CA LEU A 67 -7.01 -259.19 -37.43
C LEU A 67 -7.05 -258.41 -36.10
N PRO A 68 -6.33 -257.29 -35.97
CA PRO A 68 -6.59 -256.34 -34.88
C PRO A 68 -7.85 -255.53 -35.19
N THR A 69 -8.60 -255.11 -34.15
CA THR A 69 -9.75 -254.24 -34.36
C THR A 69 -9.35 -252.79 -34.71
N LEU A 70 -8.10 -252.41 -34.44
CA LEU A 70 -7.50 -251.15 -34.89
C LEU A 70 -6.43 -251.48 -35.94
N ASP A 71 -6.65 -251.03 -37.19
CA ASP A 71 -5.83 -251.39 -38.34
C ASP A 71 -4.80 -250.31 -38.71
N GLY A 72 -5.10 -249.03 -38.41
CA GLY A 72 -4.20 -247.92 -38.71
C GLY A 72 -3.19 -247.66 -37.59
N ASP A 73 -2.36 -246.62 -37.77
CA ASP A 73 -1.37 -246.24 -36.76
C ASP A 73 -2.02 -245.83 -35.43
N ALA A 74 -1.76 -246.58 -34.37
CA ALA A 74 -2.32 -246.32 -33.05
C ALA A 74 -1.92 -244.96 -32.45
N GLU A 75 -0.80 -244.38 -32.90
CA GLU A 75 -0.43 -243.02 -32.52
C GLU A 75 -1.52 -242.05 -33.01
N TYR A 76 -1.66 -241.94 -34.33
CA TYR A 76 -2.60 -241.01 -34.95
C TYR A 76 -4.04 -241.37 -34.62
N PHE A 77 -4.39 -242.64 -34.43
CA PHE A 77 -5.71 -242.98 -33.91
C PHE A 77 -5.97 -242.35 -32.54
N THR A 78 -5.03 -242.46 -31.61
CA THR A 78 -5.22 -241.86 -30.30
C THR A 78 -5.25 -240.33 -30.38
N LEU A 79 -4.43 -239.73 -31.25
CA LEU A 79 -4.47 -238.30 -31.48
C LEU A 79 -5.85 -237.87 -32.00
N TYR A 80 -6.37 -238.51 -33.06
CA TYR A 80 -7.70 -238.21 -33.59
C TYR A 80 -8.79 -238.39 -32.54
N LEU A 81 -8.76 -239.49 -31.79
CA LEU A 81 -9.72 -239.73 -30.74
C LEU A 81 -9.69 -238.64 -29.66
N SER A 82 -8.49 -238.13 -29.33
CA SER A 82 -8.29 -237.01 -28.41
C SER A 82 -8.86 -235.70 -28.97
N ALA A 83 -8.51 -235.36 -30.21
CA ALA A 83 -9.01 -234.17 -30.90
C ALA A 83 -10.54 -234.18 -30.99
N HIS A 84 -11.12 -235.34 -31.31
CA HIS A 84 -12.56 -235.57 -31.33
C HIS A 84 -13.20 -235.28 -29.98
N LYS A 85 -12.63 -235.78 -28.88
CA LYS A 85 -13.06 -235.51 -27.52
C LYS A 85 -12.94 -234.02 -27.15
N ILE A 86 -11.82 -233.38 -27.45
CA ILE A 86 -11.64 -231.94 -27.19
C ILE A 86 -12.71 -231.12 -27.92
N GLN A 87 -12.98 -231.42 -29.20
CA GLN A 87 -13.98 -230.66 -29.96
C GLN A 87 -15.37 -230.83 -29.35
N LEU A 88 -15.73 -232.03 -28.87
CA LEU A 88 -16.99 -232.22 -28.15
C LEU A 88 -17.00 -231.53 -26.78
N PHE A 89 -15.86 -231.41 -26.09
CA PHE A 89 -15.78 -230.59 -24.89
C PHE A 89 -16.06 -229.12 -25.20
N GLU A 90 -15.69 -228.65 -26.42
CA GLU A 90 -16.03 -227.32 -26.93
C GLU A 90 -17.41 -227.23 -27.63
N GLY A 91 -18.24 -228.28 -27.59
CA GLY A 91 -19.60 -228.22 -28.12
C GLY A 91 -19.80 -228.85 -29.52
N GLY A 92 -18.72 -229.26 -30.20
CA GLY A 92 -18.80 -229.90 -31.50
C GLY A 92 -18.38 -229.03 -32.69
N GLU A 93 -18.71 -229.48 -33.91
CA GLU A 93 -18.37 -228.76 -35.13
C GLU A 93 -19.21 -227.50 -35.28
N ALA A 94 -18.55 -226.37 -35.58
CA ALA A 94 -19.29 -225.23 -36.12
C ALA A 94 -19.75 -225.54 -37.54
N GLN A 95 -21.07 -225.65 -37.75
CA GLN A 95 -21.64 -225.64 -39.10
C GLN A 95 -21.60 -224.23 -39.68
N SER A 96 -21.74 -223.21 -38.82
CA SER A 96 -21.75 -221.79 -39.22
C SER A 96 -21.13 -220.91 -38.12
N GLU A 97 -20.41 -219.86 -38.53
CA GLU A 97 -19.93 -218.80 -37.65
C GLU A 97 -20.14 -217.44 -38.32
N SER A 98 -20.46 -216.42 -37.51
CA SER A 98 -20.78 -215.09 -38.00
C SER A 98 -20.44 -214.02 -36.95
N GLY A 99 -20.10 -212.81 -37.40
CA GLY A 99 -19.87 -211.64 -36.56
C GLY A 99 -19.29 -210.49 -37.38
N GLU A 100 -18.76 -209.46 -36.71
CA GLU A 100 -18.11 -208.33 -37.38
C GLU A 100 -16.82 -208.69 -38.12
N GLY A 101 -16.34 -209.93 -37.92
CA GLY A 101 -15.29 -210.52 -38.75
C GLY A 101 -15.76 -210.96 -40.14
N GLY A 102 -17.07 -210.92 -40.40
CA GLY A 102 -17.69 -211.60 -41.54
C GLY A 102 -18.11 -213.04 -41.17
N SER A 103 -18.64 -213.78 -42.17
CA SER A 103 -19.41 -215.01 -41.93
C SER A 103 -18.97 -216.18 -42.82
N VAL A 104 -19.23 -217.40 -42.32
CA VAL A 104 -18.81 -218.66 -42.94
C VAL A 104 -19.82 -219.77 -42.64
N SER A 105 -19.91 -220.74 -43.57
CA SER A 105 -20.65 -221.98 -43.35
C SER A 105 -19.82 -223.16 -43.86
N TYR A 106 -19.82 -224.31 -43.14
CA TYR A 106 -18.80 -225.34 -43.27
C TYR A 106 -19.28 -226.68 -43.88
N SER A 107 -20.34 -226.68 -44.68
CA SER A 107 -20.65 -227.76 -45.64
C SER A 107 -20.84 -229.15 -45.01
N THR A 108 -21.24 -229.20 -43.73
CA THR A 108 -21.28 -230.45 -42.97
C THR A 108 -22.37 -231.42 -43.47
N GLY A 109 -23.49 -230.87 -43.98
CA GLY A 109 -24.76 -231.59 -44.07
C GLY A 109 -25.21 -232.11 -42.69
N GLY A 110 -26.12 -233.10 -42.69
CA GLY A 110 -26.52 -233.80 -41.47
C GLY A 110 -25.51 -234.84 -41.00
N GLY A 111 -24.98 -235.64 -41.94
CA GLY A 111 -24.06 -236.74 -41.66
C GLY A 111 -24.70 -237.91 -40.93
N GLY A 112 -23.90 -238.59 -40.08
CA GLY A 112 -24.36 -239.76 -39.33
C GLY A 112 -24.99 -239.43 -37.97
N GLU A 113 -25.07 -240.47 -37.10
CA GLU A 113 -25.76 -240.41 -35.81
C GLU A 113 -24.83 -240.72 -34.62
N LYS A 114 -23.79 -241.55 -34.85
CA LYS A 114 -22.85 -241.96 -33.80
C LYS A 114 -21.71 -240.93 -33.69
N ASP A 115 -21.10 -240.83 -32.51
CA ASP A 115 -20.20 -239.71 -32.21
C ASP A 115 -19.04 -239.56 -33.21
N LEU A 116 -18.40 -240.67 -33.62
CA LEU A 116 -17.32 -240.60 -34.61
C LEU A 116 -17.80 -240.06 -35.96
N GLN A 117 -19.05 -240.34 -36.37
CA GLN A 117 -19.59 -239.82 -37.62
C GLN A 117 -19.83 -238.30 -37.56
N LYS A 118 -20.05 -237.74 -36.35
CA LYS A 118 -20.52 -236.37 -36.12
C LYS A 118 -19.44 -235.29 -36.21
N THR A 119 -18.14 -235.64 -36.17
CA THR A 119 -17.07 -234.63 -36.12
C THR A 119 -15.87 -234.99 -37.00
N ARG A 120 -15.09 -234.01 -37.47
CA ARG A 120 -14.05 -234.20 -38.48
C ARG A 120 -12.92 -235.11 -38.00
N TYR A 121 -12.50 -234.94 -36.74
CA TYR A 121 -11.53 -235.81 -36.07
C TYR A 121 -12.08 -237.21 -35.83
N GLY A 122 -13.38 -237.34 -35.53
CA GLY A 122 -14.02 -238.63 -35.41
C GLY A 122 -14.06 -239.38 -36.75
N ARG A 123 -14.44 -238.69 -37.84
CA ARG A 123 -14.49 -239.24 -39.19
C ARG A 123 -13.11 -239.69 -39.66
N MET A 124 -12.05 -238.95 -39.29
CA MET A 124 -10.68 -239.40 -39.51
C MET A 124 -10.33 -240.67 -38.70
N ALA A 125 -10.66 -240.73 -37.40
CA ALA A 125 -10.42 -241.93 -36.59
C ALA A 125 -11.19 -243.16 -37.08
N LEU A 126 -12.39 -242.98 -37.64
CA LEU A 126 -13.34 -244.03 -37.95
C LEU A 126 -12.77 -245.06 -38.95
N GLU A 127 -12.00 -244.61 -39.95
CA GLU A 127 -11.30 -245.46 -40.91
C GLU A 127 -10.26 -246.40 -40.28
N TYR A 128 -9.73 -246.03 -39.11
CA TYR A 128 -8.74 -246.84 -38.39
C TYR A 128 -9.37 -248.09 -37.77
N VAL A 129 -10.71 -248.12 -37.60
CA VAL A 129 -11.43 -249.12 -36.81
C VAL A 129 -12.52 -249.78 -37.67
N TRP A 130 -12.20 -250.10 -38.94
CA TRP A 130 -13.08 -250.80 -39.86
C TRP A 130 -14.44 -250.14 -40.04
N GLU A 131 -14.51 -248.82 -39.82
CA GLU A 131 -15.74 -248.02 -39.84
C GLU A 131 -16.82 -248.58 -38.88
N ASP A 132 -16.38 -249.16 -37.76
CA ASP A 132 -17.20 -249.72 -36.67
C ASP A 132 -18.01 -250.97 -37.07
N ASN A 133 -17.71 -251.60 -38.21
CA ASN A 133 -18.42 -252.79 -38.70
C ASN A 133 -18.02 -254.07 -37.94
N SER A 134 -18.95 -255.06 -37.91
CA SER A 134 -18.78 -256.34 -37.22
C SER A 134 -18.31 -257.46 -38.16
N ILE A 135 -17.05 -257.38 -38.62
CA ILE A 135 -16.48 -258.29 -39.62
C ILE A 135 -15.79 -259.53 -38.99
N ALA A 136 -15.92 -259.73 -37.67
CA ALA A 136 -15.35 -260.87 -36.96
C ALA A 136 -16.04 -262.19 -37.34
N ALA A 137 -15.24 -263.26 -37.47
CA ALA A 137 -15.70 -264.62 -37.76
C ALA A 137 -14.96 -265.67 -36.94
N LEU A 138 -15.67 -266.77 -36.62
CA LEU A 138 -15.22 -267.78 -35.65
C LEU A 138 -15.86 -269.14 -35.93
N ARG A 139 -15.22 -270.23 -35.44
CA ARG A 139 -15.63 -271.61 -35.65
C ARG A 139 -15.73 -272.37 -34.32
N THR A 140 -16.46 -273.51 -34.35
CA THR A 140 -16.53 -274.50 -33.28
C THR A 140 -15.20 -275.26 -33.10
N TYR A 141 -14.81 -275.45 -31.82
CA TYR A 141 -13.66 -276.23 -31.37
C TYR A 141 -13.95 -276.88 -30.00
N PRO B 2 -17.65 -218.51 -93.56
CA PRO B 2 -16.22 -218.83 -93.72
C PRO B 2 -15.94 -219.67 -94.99
N ASP B 3 -14.71 -219.56 -95.51
CA ASP B 3 -14.28 -220.32 -96.69
C ASP B 3 -14.23 -221.81 -96.36
N PRO B 4 -13.36 -222.31 -95.44
CA PRO B 4 -13.56 -223.64 -94.86
C PRO B 4 -14.67 -223.57 -93.79
N SER B 5 -15.78 -224.30 -94.01
CA SER B 5 -16.78 -224.45 -92.96
C SER B 5 -16.22 -225.30 -91.80
N ILE B 6 -16.73 -225.08 -90.58
CA ILE B 6 -16.20 -225.69 -89.35
C ILE B 6 -16.30 -227.22 -89.33
N ASP B 7 -17.22 -227.80 -90.10
CA ASP B 7 -17.35 -229.25 -90.26
C ASP B 7 -16.31 -229.87 -91.19
N GLU B 8 -15.63 -229.07 -92.04
CA GLU B 8 -14.64 -229.58 -92.99
C GLU B 8 -13.29 -229.88 -92.34
N VAL B 9 -12.99 -229.22 -91.21
CA VAL B 9 -11.65 -229.11 -90.66
C VAL B 9 -11.50 -229.87 -89.33
N SER B 10 -10.37 -230.59 -89.19
CA SER B 10 -9.95 -231.30 -87.98
C SER B 10 -8.94 -230.46 -87.16
N LYS B 11 -8.45 -230.99 -86.02
CA LYS B 11 -7.53 -230.29 -85.12
C LYS B 11 -6.23 -229.87 -85.83
N SER B 12 -5.67 -230.78 -86.63
CA SER B 12 -4.47 -230.55 -87.43
C SER B 12 -4.68 -229.51 -88.54
N ASP B 13 -5.89 -229.46 -89.12
CA ASP B 13 -6.28 -228.48 -90.13
C ASP B 13 -6.46 -227.10 -89.53
N TRP B 14 -7.08 -227.04 -88.33
CA TRP B 14 -7.33 -225.81 -87.60
C TRP B 14 -6.04 -225.02 -87.35
N ASP B 15 -4.97 -225.68 -86.91
CA ASP B 15 -3.67 -225.06 -86.69
C ASP B 15 -3.03 -224.48 -87.97
N ALA B 16 -3.38 -225.03 -89.14
CA ALA B 16 -2.86 -224.60 -90.43
C ALA B 16 -3.57 -223.35 -90.99
N LEU B 17 -4.75 -223.00 -90.44
CA LEU B 17 -5.57 -221.91 -90.95
C LEU B 17 -4.88 -220.55 -90.85
N THR B 18 -5.22 -219.66 -91.80
CA THR B 18 -4.90 -218.23 -91.68
C THR B 18 -5.70 -217.60 -90.54
N THR B 19 -5.22 -216.45 -90.07
CA THR B 19 -5.97 -215.61 -89.14
C THR B 19 -7.36 -215.28 -89.67
N GLN B 20 -7.50 -214.94 -90.96
CA GLN B 20 -8.78 -214.59 -91.55
C GLN B 20 -9.77 -215.77 -91.55
N GLU B 21 -9.35 -216.97 -91.96
CA GLU B 21 -10.20 -218.15 -91.94
C GLU B 21 -10.66 -218.47 -90.52
N GLN B 22 -9.71 -218.42 -89.59
CA GLN B 22 -9.95 -218.73 -88.18
C GLN B 22 -10.87 -217.69 -87.54
N ASP B 23 -10.64 -216.40 -87.80
CA ASP B 23 -11.48 -215.29 -87.36
C ASP B 23 -12.92 -215.37 -87.90
N ASP B 24 -13.09 -215.77 -89.16
CA ASP B 24 -14.42 -215.98 -89.74
C ASP B 24 -15.17 -217.09 -89.02
N ILE B 25 -14.48 -218.20 -88.67
CA ILE B 25 -15.09 -219.27 -87.88
C ILE B 25 -15.44 -218.78 -86.47
N ILE B 26 -14.53 -218.06 -85.80
CA ILE B 26 -14.80 -217.48 -84.49
C ILE B 26 -16.03 -216.56 -84.54
N SER B 27 -16.10 -215.70 -85.58
CA SER B 27 -17.23 -214.80 -85.82
C SER B 27 -18.54 -215.58 -85.98
N GLN B 28 -18.51 -216.70 -86.69
CA GLN B 28 -19.68 -217.56 -86.82
C GLN B 28 -20.13 -218.10 -85.45
N VAL B 29 -19.19 -218.49 -84.58
CA VAL B 29 -19.54 -218.92 -83.23
C VAL B 29 -20.14 -217.77 -82.39
N GLU B 30 -19.57 -216.57 -82.47
CA GLU B 30 -20.07 -215.42 -81.72
C GLU B 30 -21.53 -215.07 -82.06
N ASN B 31 -22.02 -215.44 -83.24
CA ASN B 31 -23.42 -215.24 -83.62
C ASN B 31 -24.41 -216.03 -82.75
N LEU B 32 -23.94 -217.02 -81.97
CA LEU B 32 -24.81 -217.88 -81.15
C LEU B 32 -25.16 -217.23 -79.80
N SER B 33 -24.58 -216.07 -79.47
CA SER B 33 -24.78 -215.40 -78.19
C SER B 33 -25.18 -213.94 -78.39
N SER B 34 -26.18 -213.47 -77.62
CA SER B 34 -26.65 -212.09 -77.70
C SER B 34 -25.58 -211.08 -77.25
N THR B 35 -24.67 -211.50 -76.35
CA THR B 35 -23.53 -210.67 -75.94
C THR B 35 -22.31 -210.89 -76.84
N GLY B 36 -22.20 -212.04 -77.50
CA GLY B 36 -21.00 -212.42 -78.22
C GLY B 36 -19.77 -212.70 -77.35
N TRP B 37 -19.95 -212.84 -76.02
CA TRP B 37 -18.87 -213.09 -75.06
C TRP B 37 -17.70 -212.10 -75.18
N VAL B 38 -18.00 -210.81 -75.41
CA VAL B 38 -17.01 -209.79 -75.81
C VAL B 38 -15.86 -209.59 -74.83
N ASN B 39 -16.08 -209.87 -73.53
CA ASN B 39 -15.04 -209.72 -72.52
C ASN B 39 -14.05 -210.89 -72.48
N THR B 40 -14.32 -211.98 -73.22
CA THR B 40 -13.47 -213.17 -73.24
C THR B 40 -12.60 -213.18 -74.50
N SER B 41 -11.29 -213.38 -74.29
CA SER B 41 -10.26 -213.14 -75.31
C SER B 41 -10.27 -214.14 -76.47
N ARG B 42 -9.62 -213.75 -77.58
CA ARG B 42 -9.54 -214.52 -78.83
C ARG B 42 -9.00 -215.93 -78.61
N GLU B 43 -7.87 -216.05 -77.89
CA GLU B 43 -7.19 -217.32 -77.68
C GLU B 43 -8.09 -218.33 -76.99
N ARG B 44 -8.95 -217.87 -76.08
CA ARG B 44 -9.85 -218.72 -75.32
C ARG B 44 -10.98 -219.24 -76.19
N LYS B 45 -11.55 -218.39 -77.04
CA LYS B 45 -12.55 -218.81 -78.02
C LYS B 45 -11.95 -219.77 -79.05
N ALA B 46 -10.75 -219.47 -79.55
CA ALA B 46 -10.03 -220.36 -80.46
C ALA B 46 -9.74 -221.73 -79.82
N GLU B 47 -9.28 -221.76 -78.55
CA GLU B 47 -9.03 -223.00 -77.82
C GLU B 47 -10.31 -223.82 -77.60
N ALA B 48 -11.43 -223.15 -77.30
CA ALA B 48 -12.74 -223.80 -77.20
C ALA B 48 -13.17 -224.44 -78.53
N ILE B 49 -12.99 -223.74 -79.65
CA ILE B 49 -13.31 -224.29 -80.98
C ILE B 49 -12.40 -225.48 -81.30
N ARG B 50 -11.08 -225.33 -81.15
CA ARG B 50 -10.10 -226.37 -81.40
C ARG B 50 -10.41 -227.63 -80.59
N SER B 51 -10.77 -227.46 -79.31
CA SER B 51 -11.28 -228.52 -78.45
C SER B 51 -12.56 -229.15 -78.98
N ALA B 52 -13.56 -228.35 -79.38
CA ALA B 52 -14.82 -228.85 -79.92
C ALA B 52 -14.61 -229.70 -81.17
N ILE B 53 -13.71 -229.26 -82.07
CA ILE B 53 -13.33 -230.00 -83.27
C ILE B 53 -12.69 -231.34 -82.91
N ALA B 54 -11.69 -231.35 -82.03
CA ALA B 54 -11.03 -232.57 -81.57
C ALA B 54 -12.01 -233.53 -80.86
N GLU B 55 -12.92 -232.99 -80.06
CA GLU B 55 -13.89 -233.77 -79.30
C GLU B 55 -14.96 -234.38 -80.21
N ARG B 56 -15.43 -233.63 -81.22
CA ARG B 56 -16.27 -234.17 -82.28
C ARG B 56 -15.56 -235.34 -82.97
N ASP B 57 -14.32 -235.12 -83.42
CA ASP B 57 -13.60 -236.11 -84.18
C ASP B 57 -13.22 -237.35 -83.36
N THR B 58 -13.09 -237.24 -82.03
CA THR B 58 -12.80 -238.39 -81.15
C THR B 58 -14.07 -239.04 -80.58
N LEU B 59 -14.90 -238.28 -79.85
CA LEU B 59 -16.02 -238.84 -79.09
C LEU B 59 -17.29 -239.02 -79.94
N TYR B 60 -17.43 -238.25 -81.04
CA TYR B 60 -18.70 -238.13 -81.77
C TYR B 60 -18.55 -238.38 -83.28
N SER B 61 -17.43 -238.97 -83.71
CA SER B 61 -17.27 -239.57 -85.03
C SER B 61 -17.60 -241.07 -84.99
N GLY B 62 -17.60 -241.72 -86.16
CA GLY B 62 -17.88 -243.15 -86.25
C GLY B 62 -19.38 -243.47 -86.22
N ASN B 63 -19.69 -244.75 -85.94
CA ASN B 63 -20.99 -245.31 -86.30
C ASN B 63 -21.56 -246.22 -85.21
N MET B 64 -22.89 -246.38 -85.25
CA MET B 64 -23.57 -247.45 -84.53
C MET B 64 -24.81 -247.92 -85.32
N SER B 65 -24.98 -249.25 -85.48
CA SER B 65 -25.96 -249.89 -86.35
C SER B 65 -25.85 -249.46 -87.82
N ARG B 66 -24.61 -249.12 -88.25
CA ARG B 66 -24.27 -248.57 -89.56
C ARG B 66 -24.89 -247.19 -89.86
N LEU B 67 -25.49 -246.54 -88.84
CA LEU B 67 -25.80 -245.12 -88.90
C LEU B 67 -24.61 -244.31 -88.38
N PRO B 68 -24.42 -243.04 -88.81
CA PRO B 68 -23.41 -242.18 -88.20
C PRO B 68 -23.86 -241.78 -86.79
N THR B 69 -22.91 -241.70 -85.85
CA THR B 69 -23.27 -241.24 -84.50
C THR B 69 -23.60 -239.75 -84.48
N LEU B 70 -23.02 -238.96 -85.40
CA LEU B 70 -23.41 -237.58 -85.63
C LEU B 70 -24.42 -237.52 -86.78
N ASP B 71 -25.73 -237.49 -86.46
CA ASP B 71 -26.79 -237.55 -87.45
C ASP B 71 -27.15 -236.18 -88.04
N GLY B 72 -27.15 -235.13 -87.19
CA GLY B 72 -27.51 -233.78 -87.60
C GLY B 72 -26.43 -233.08 -88.43
N ASP B 73 -26.69 -231.81 -88.80
CA ASP B 73 -25.71 -230.99 -89.49
C ASP B 73 -24.46 -230.77 -88.63
N ALA B 74 -23.32 -231.33 -89.06
CA ALA B 74 -22.05 -231.26 -88.36
C ALA B 74 -21.56 -229.82 -88.16
N GLU B 75 -21.94 -228.89 -89.06
CA GLU B 75 -21.60 -227.49 -88.93
C GLU B 75 -22.19 -226.95 -87.61
N TYR B 76 -23.52 -226.99 -87.49
CA TYR B 76 -24.23 -226.50 -86.32
C TYR B 76 -23.92 -227.31 -85.07
N PHE B 77 -23.73 -228.62 -85.17
CA PHE B 77 -23.21 -229.37 -84.03
C PHE B 77 -21.88 -228.80 -83.52
N THR B 78 -20.92 -228.55 -84.41
CA THR B 78 -19.61 -228.04 -83.99
C THR B 78 -19.71 -226.62 -83.43
N LEU B 79 -20.56 -225.77 -84.02
CA LEU B 79 -20.85 -224.45 -83.48
C LEU B 79 -21.43 -224.55 -82.07
N TYR B 80 -22.49 -225.35 -81.86
CA TYR B 80 -23.09 -225.52 -80.54
C TYR B 80 -22.09 -226.09 -79.52
N LEU B 81 -21.32 -227.12 -79.89
CA LEU B 81 -20.31 -227.68 -79.02
C LEU B 81 -19.23 -226.64 -78.64
N SER B 82 -18.87 -225.75 -79.57
CA SER B 82 -17.95 -224.63 -79.32
C SER B 82 -18.56 -223.61 -78.37
N ALA B 83 -19.80 -223.17 -78.61
CA ALA B 83 -20.52 -222.24 -77.75
C ALA B 83 -20.68 -222.79 -76.34
N HIS B 84 -21.02 -224.08 -76.22
CA HIS B 84 -21.06 -224.80 -74.96
C HIS B 84 -19.73 -224.70 -74.20
N LYS B 85 -18.61 -224.94 -74.88
CA LYS B 85 -17.27 -224.85 -74.29
C LYS B 85 -16.91 -223.42 -73.91
N ILE B 86 -17.13 -222.43 -74.79
CA ILE B 86 -16.89 -221.02 -74.49
C ILE B 86 -17.66 -220.61 -73.23
N GLN B 87 -18.94 -220.97 -73.14
CA GLN B 87 -19.74 -220.74 -71.95
C GLN B 87 -19.05 -221.33 -70.72
N LEU B 88 -18.68 -222.62 -70.75
CA LEU B 88 -18.04 -223.29 -69.62
C LEU B 88 -16.65 -222.74 -69.27
N PHE B 89 -15.98 -222.05 -70.20
CA PHE B 89 -14.75 -221.35 -69.86
C PHE B 89 -15.03 -220.13 -68.96
N GLU B 90 -16.26 -219.62 -68.94
CA GLU B 90 -16.63 -218.49 -68.09
C GLU B 90 -17.25 -218.97 -66.77
N GLY B 91 -18.19 -219.91 -66.88
CA GLY B 91 -18.90 -220.48 -65.73
C GLY B 91 -20.08 -221.34 -66.18
N GLY B 92 -21.03 -221.59 -65.28
CA GLY B 92 -22.23 -222.32 -65.68
C GLY B 92 -23.18 -221.46 -66.52
N GLU B 93 -24.40 -221.97 -66.71
CA GLU B 93 -25.53 -221.11 -66.98
C GLU B 93 -25.76 -220.23 -65.75
N ALA B 94 -25.97 -218.93 -65.94
CA ALA B 94 -26.47 -218.13 -64.84
C ALA B 94 -27.95 -218.42 -64.62
N GLN B 95 -28.32 -219.15 -63.56
CA GLN B 95 -29.72 -219.34 -63.17
C GLN B 95 -30.34 -218.02 -62.72
N SER B 96 -29.51 -217.15 -62.10
CA SER B 96 -29.92 -215.86 -61.57
C SER B 96 -28.83 -214.80 -61.80
N GLU B 97 -29.26 -213.58 -62.14
CA GLU B 97 -28.39 -212.41 -62.24
C GLU B 97 -29.06 -211.20 -61.58
N SER B 98 -28.24 -210.39 -60.91
CA SER B 98 -28.66 -209.12 -60.33
C SER B 98 -27.56 -208.07 -60.46
N GLY B 99 -27.94 -206.85 -60.88
CA GLY B 99 -27.02 -205.73 -61.05
C GLY B 99 -27.30 -204.61 -60.05
N GLU B 100 -27.48 -203.38 -60.58
CA GLU B 100 -27.97 -202.25 -59.79
C GLU B 100 -29.47 -202.43 -59.48
N GLY B 101 -29.79 -203.36 -58.59
CA GLY B 101 -31.16 -203.67 -58.20
C GLY B 101 -31.93 -204.49 -59.27
N GLY B 102 -31.78 -204.11 -60.54
CA GLY B 102 -32.37 -204.86 -61.66
C GLY B 102 -31.94 -206.33 -61.63
N SER B 103 -32.90 -207.26 -61.77
CA SER B 103 -32.66 -208.69 -61.53
C SER B 103 -33.48 -209.58 -62.48
N VAL B 104 -32.97 -210.79 -62.76
CA VAL B 104 -33.56 -211.75 -63.70
C VAL B 104 -33.18 -213.18 -63.33
N SER B 105 -34.05 -214.16 -63.65
CA SER B 105 -33.74 -215.57 -63.43
C SER B 105 -34.24 -216.42 -64.61
N TYR B 106 -33.50 -217.49 -64.96
CA TYR B 106 -33.52 -218.06 -66.32
C TYR B 106 -34.08 -219.49 -66.45
N SER B 107 -34.92 -219.97 -65.50
CA SER B 107 -35.74 -221.18 -65.71
C SER B 107 -34.95 -222.46 -66.08
N THR B 108 -33.69 -222.56 -65.61
CA THR B 108 -32.77 -223.63 -66.02
C THR B 108 -33.21 -225.02 -65.52
N GLY B 109 -33.54 -225.11 -64.22
CA GLY B 109 -33.80 -226.37 -63.53
C GLY B 109 -32.54 -227.20 -63.28
N GLY B 110 -32.70 -228.31 -62.52
CA GLY B 110 -31.62 -229.22 -62.15
C GLY B 110 -30.92 -229.86 -63.37
N GLY B 111 -31.74 -230.39 -64.29
CA GLY B 111 -31.31 -230.79 -65.63
C GLY B 111 -30.46 -232.08 -65.73
N GLY B 112 -30.10 -232.72 -64.60
CA GLY B 112 -29.24 -233.90 -64.65
C GLY B 112 -27.77 -233.61 -64.31
N GLU B 113 -26.83 -234.29 -65.02
CA GLU B 113 -25.49 -234.54 -64.48
C GLU B 113 -24.36 -234.39 -65.52
N LYS B 114 -24.63 -234.73 -66.79
CA LYS B 114 -23.61 -234.81 -67.86
C LYS B 114 -23.38 -233.41 -68.42
N ASP B 115 -22.15 -233.13 -68.90
CA ASP B 115 -21.78 -231.75 -69.21
C ASP B 115 -22.71 -231.10 -70.26
N LEU B 116 -23.08 -231.81 -71.34
CA LEU B 116 -24.01 -231.27 -72.34
C LEU B 116 -25.40 -230.94 -71.77
N GLN B 117 -25.85 -231.61 -70.71
CA GLN B 117 -27.13 -231.31 -70.10
C GLN B 117 -27.10 -229.96 -69.33
N LYS B 118 -25.92 -229.51 -68.88
CA LYS B 118 -25.74 -228.39 -67.98
C LYS B 118 -25.93 -227.01 -68.64
N THR B 119 -25.88 -226.91 -69.98
CA THR B 119 -26.02 -225.61 -70.66
C THR B 119 -26.87 -225.69 -71.93
N ARG B 120 -27.48 -224.57 -72.33
CA ARG B 120 -28.42 -224.46 -73.43
C ARG B 120 -27.81 -224.88 -74.77
N TYR B 121 -26.58 -224.44 -75.06
CA TYR B 121 -25.83 -224.87 -76.22
C TYR B 121 -25.51 -226.38 -76.19
N GLY B 122 -25.30 -226.93 -75.00
CA GLY B 122 -25.16 -228.37 -74.83
C GLY B 122 -26.46 -229.11 -75.15
N ARG B 123 -27.60 -228.64 -74.61
CA ARG B 123 -28.92 -229.21 -74.88
C ARG B 123 -29.36 -229.08 -76.35
N MET B 124 -28.86 -228.08 -77.09
CA MET B 124 -28.98 -228.04 -78.54
C MET B 124 -28.06 -229.02 -79.26
N ALA B 125 -26.78 -229.11 -78.86
CA ALA B 125 -25.82 -230.05 -79.44
C ALA B 125 -26.26 -231.51 -79.27
N LEU B 126 -26.88 -231.83 -78.13
CA LEU B 126 -27.20 -233.18 -77.70
C LEU B 126 -28.17 -233.90 -78.65
N GLU B 127 -29.13 -233.19 -79.26
CA GLU B 127 -30.04 -233.76 -80.26
C GLU B 127 -29.33 -234.26 -81.53
N TYR B 128 -28.16 -233.70 -81.88
CA TYR B 128 -27.45 -234.05 -83.10
C TYR B 128 -26.76 -235.42 -83.02
N VAL B 129 -26.58 -235.96 -81.81
CA VAL B 129 -25.72 -237.11 -81.52
C VAL B 129 -26.50 -238.15 -80.69
N TRP B 130 -27.73 -238.43 -81.13
CA TRP B 130 -28.63 -239.43 -80.54
C TRP B 130 -28.81 -239.26 -79.03
N GLU B 131 -28.61 -238.02 -78.54
CA GLU B 131 -28.82 -237.64 -77.14
C GLU B 131 -27.97 -238.46 -76.16
N ASP B 132 -26.79 -238.93 -76.60
CA ASP B 132 -25.88 -239.81 -75.86
C ASP B 132 -26.51 -241.18 -75.53
N ASN B 133 -27.67 -241.51 -76.12
CA ASN B 133 -28.23 -242.87 -76.08
C ASN B 133 -27.44 -243.79 -77.02
N SER B 134 -27.56 -245.11 -76.80
CA SER B 134 -27.10 -246.10 -77.77
C SER B 134 -28.23 -246.53 -78.72
N ILE B 135 -27.85 -246.93 -79.94
CA ILE B 135 -28.66 -247.77 -80.82
C ILE B 135 -27.78 -248.86 -81.44
N ALA B 136 -26.65 -249.16 -80.77
CA ALA B 136 -25.56 -249.96 -81.32
C ALA B 136 -25.90 -251.45 -81.39
N ALA B 137 -25.65 -252.05 -82.57
CA ALA B 137 -25.92 -253.46 -82.81
C ALA B 137 -24.90 -254.09 -83.75
N LEU B 138 -24.59 -255.37 -83.44
CA LEU B 138 -23.81 -256.27 -84.28
C LEU B 138 -24.31 -257.71 -84.11
N ARG B 139 -23.87 -258.56 -85.05
CA ARG B 139 -24.20 -259.97 -85.11
C ARG B 139 -22.94 -260.77 -85.43
N THR B 140 -22.98 -262.07 -85.14
CA THR B 140 -22.07 -263.06 -85.68
C THR B 140 -22.23 -263.18 -87.21
N TYR B 141 -21.08 -263.38 -87.90
CA TYR B 141 -20.98 -263.65 -89.33
C TYR B 141 -20.05 -264.86 -89.59
N PRO C 2 -43.76 -214.56 -96.67
CA PRO C 2 -42.74 -214.25 -97.67
C PRO C 2 -42.84 -215.12 -98.93
N ASP C 3 -42.52 -214.52 -100.09
CA ASP C 3 -42.76 -215.14 -101.40
C ASP C 3 -42.00 -216.46 -101.54
N PRO C 4 -40.67 -216.54 -101.29
CA PRO C 4 -40.03 -217.80 -100.91
C PRO C 4 -40.33 -218.07 -99.43
N SER C 5 -41.24 -219.01 -99.14
CA SER C 5 -41.58 -219.33 -97.76
C SER C 5 -40.45 -220.09 -97.06
N ILE C 6 -40.35 -219.99 -95.72
CA ILE C 6 -39.30 -220.59 -94.91
C ILE C 6 -39.22 -222.13 -95.05
N ASP C 7 -40.33 -222.77 -95.41
CA ASP C 7 -40.43 -224.21 -95.64
C ASP C 7 -40.08 -224.62 -97.08
N GLU C 8 -40.00 -223.64 -98.00
CA GLU C 8 -39.68 -223.85 -99.41
C GLU C 8 -38.17 -223.74 -99.71
N VAL C 9 -37.35 -223.53 -98.66
CA VAL C 9 -35.92 -223.23 -98.76
C VAL C 9 -35.12 -224.13 -97.82
N SER C 10 -33.97 -224.66 -98.30
CA SER C 10 -32.96 -225.36 -97.50
C SER C 10 -31.80 -224.42 -97.16
N LYS C 11 -30.77 -224.90 -96.42
CA LYS C 11 -29.59 -224.11 -96.07
C LYS C 11 -28.91 -223.53 -97.31
N SER C 12 -28.79 -224.36 -98.37
CA SER C 12 -28.24 -224.00 -99.67
C SER C 12 -29.05 -222.92 -100.40
N ASP C 13 -30.36 -222.84 -100.14
CA ASP C 13 -31.25 -221.82 -100.69
C ASP C 13 -31.19 -220.54 -99.85
N TRP C 14 -31.20 -220.67 -98.51
CA TRP C 14 -31.15 -219.55 -97.58
C TRP C 14 -29.93 -218.65 -97.83
N ASP C 15 -28.75 -219.24 -98.05
CA ASP C 15 -27.55 -218.51 -98.43
C ASP C 15 -27.64 -217.85 -99.82
N ALA C 16 -28.49 -218.40 -100.71
CA ALA C 16 -28.65 -217.95 -102.09
C ALA C 16 -29.77 -216.91 -102.27
N LEU C 17 -30.68 -216.76 -101.28
CA LEU C 17 -31.71 -215.73 -101.28
C LEU C 17 -31.09 -214.33 -101.39
N THR C 18 -31.84 -213.38 -101.97
CA THR C 18 -31.49 -211.97 -101.83
C THR C 18 -31.53 -211.57 -100.35
N THR C 19 -30.84 -210.48 -100.02
CA THR C 19 -30.92 -209.86 -98.70
C THR C 19 -32.37 -209.58 -98.30
N GLN C 20 -33.17 -208.99 -99.19
CA GLN C 20 -34.55 -208.62 -98.88
C GLN C 20 -35.44 -209.85 -98.59
N GLU C 21 -35.30 -210.93 -99.38
CA GLU C 21 -36.07 -212.15 -99.13
C GLU C 21 -35.73 -212.75 -97.76
N GLN C 22 -34.44 -212.80 -97.44
CA GLN C 22 -33.95 -213.28 -96.15
C GLN C 22 -34.45 -212.39 -95.01
N ASP C 23 -34.44 -211.06 -95.21
CA ASP C 23 -34.96 -210.07 -94.26
C ASP C 23 -36.46 -210.19 -94.05
N ASP C 24 -37.25 -210.45 -95.10
CA ASP C 24 -38.68 -210.67 -94.95
C ASP C 24 -38.95 -211.90 -94.07
N ILE C 25 -38.13 -212.95 -94.18
CA ILE C 25 -38.27 -214.15 -93.36
C ILE C 25 -37.87 -213.86 -91.91
N ILE C 26 -36.76 -213.13 -91.70
CA ILE C 26 -36.39 -212.67 -90.37
C ILE C 26 -37.54 -211.84 -89.78
N SER C 27 -38.10 -210.90 -90.57
CA SER C 27 -39.23 -210.05 -90.20
C SER C 27 -40.45 -210.87 -89.80
N GLN C 28 -40.69 -212.01 -90.45
CA GLN C 28 -41.73 -212.92 -90.04
C GLN C 28 -41.40 -213.57 -88.68
N VAL C 29 -40.20 -214.12 -88.51
CA VAL C 29 -39.78 -214.78 -87.27
C VAL C 29 -39.93 -213.82 -86.08
N GLU C 30 -39.47 -212.58 -86.23
CA GLU C 30 -39.59 -211.53 -85.22
C GLU C 30 -41.04 -211.24 -84.79
N ASN C 31 -42.06 -211.72 -85.52
CA ASN C 31 -43.44 -211.59 -85.08
C ASN C 31 -43.81 -212.53 -83.92
N LEU C 32 -43.01 -213.58 -83.68
CA LEU C 32 -43.27 -214.57 -82.63
C LEU C 32 -42.96 -214.04 -81.22
N SER C 33 -42.46 -212.81 -81.10
CA SER C 33 -42.34 -212.16 -79.81
C SER C 33 -42.76 -210.69 -79.88
N SER C 34 -43.55 -210.27 -78.88
CA SER C 34 -43.89 -208.87 -78.61
C SER C 34 -42.64 -208.01 -78.40
N THR C 35 -41.55 -208.61 -77.90
CA THR C 35 -40.27 -207.95 -77.72
C THR C 35 -39.39 -207.96 -78.98
N GLY C 36 -39.75 -208.76 -79.99
CA GLY C 36 -39.11 -208.78 -81.31
C GLY C 36 -37.64 -209.17 -81.34
N TRP C 37 -37.00 -209.46 -80.19
CA TRP C 37 -35.57 -209.66 -80.07
C TRP C 37 -34.76 -208.53 -80.72
N VAL C 38 -35.17 -207.27 -80.48
CA VAL C 38 -34.62 -206.09 -81.16
C VAL C 38 -33.23 -205.69 -80.66
N ASN C 39 -32.88 -206.03 -79.41
CA ASN C 39 -31.53 -205.85 -78.87
C ASN C 39 -30.57 -206.99 -79.26
N THR C 40 -31.03 -207.99 -80.03
CA THR C 40 -30.18 -208.99 -80.67
C THR C 40 -30.07 -208.65 -82.17
N SER C 41 -28.84 -208.63 -82.73
CA SER C 41 -28.62 -208.13 -84.09
C SER C 41 -29.22 -209.01 -85.20
N ARG C 42 -29.32 -208.45 -86.41
CA ARG C 42 -29.72 -209.14 -87.63
C ARG C 42 -28.94 -210.43 -87.86
N GLU C 43 -27.61 -210.38 -87.78
CA GLU C 43 -26.71 -211.49 -88.09
C GLU C 43 -26.98 -212.69 -87.19
N ARG C 44 -27.25 -212.45 -85.91
CA ARG C 44 -27.56 -213.48 -84.92
C ARG C 44 -28.89 -214.16 -85.23
N LYS C 45 -29.89 -213.39 -85.65
CA LYS C 45 -31.18 -213.91 -86.08
C LYS C 45 -31.09 -214.67 -87.40
N ALA C 46 -30.28 -214.18 -88.35
CA ALA C 46 -29.98 -214.91 -89.58
C ALA C 46 -29.34 -216.27 -89.30
N GLU C 47 -28.34 -216.33 -88.42
CA GLU C 47 -27.69 -217.57 -88.01
C GLU C 47 -28.67 -218.53 -87.32
N ALA C 48 -29.54 -218.01 -86.45
CA ALA C 48 -30.56 -218.81 -85.78
C ALA C 48 -31.51 -219.48 -86.77
N ILE C 49 -31.98 -218.74 -87.78
CA ILE C 49 -32.89 -219.28 -88.79
C ILE C 49 -32.16 -220.27 -89.71
N ARG C 50 -30.95 -219.95 -90.16
CA ARG C 50 -30.09 -220.84 -90.93
C ARG C 50 -29.90 -222.17 -90.22
N SER C 51 -29.62 -222.13 -88.92
CA SER C 51 -29.51 -223.31 -88.08
C SER C 51 -30.83 -224.07 -87.98
N ALA C 52 -31.96 -223.37 -87.80
CA ALA C 52 -33.29 -223.99 -87.71
C ALA C 52 -33.68 -224.71 -89.01
N ILE C 53 -33.43 -224.07 -90.17
CA ILE C 53 -33.65 -224.67 -91.49
C ILE C 53 -32.81 -225.94 -91.64
N ALA C 54 -31.51 -225.86 -91.32
CA ALA C 54 -30.60 -227.01 -91.40
C ALA C 54 -31.00 -228.13 -90.43
N GLU C 55 -31.39 -227.79 -89.20
CA GLU C 55 -31.77 -228.76 -88.19
C GLU C 55 -33.10 -229.46 -88.55
N ARG C 56 -34.06 -228.73 -89.12
CA ARG C 56 -35.24 -229.34 -89.72
C ARG C 56 -34.83 -230.38 -90.77
N ASP C 57 -34.03 -229.97 -91.75
CA ASP C 57 -33.64 -230.83 -92.87
C ASP C 57 -32.76 -232.02 -92.46
N THR C 58 -32.03 -231.95 -91.33
CA THR C 58 -31.06 -232.98 -90.94
C THR C 58 -31.45 -233.80 -89.71
N LEU C 59 -32.35 -233.31 -88.83
CA LEU C 59 -32.83 -234.05 -87.66
C LEU C 59 -34.34 -234.28 -87.65
N TYR C 60 -35.13 -233.42 -88.31
CA TYR C 60 -36.59 -233.48 -88.31
C TYR C 60 -37.13 -233.62 -89.73
N SER C 61 -36.54 -234.57 -90.47
CA SER C 61 -36.83 -234.92 -91.85
C SER C 61 -36.90 -236.44 -92.04
N GLY C 62 -37.56 -236.88 -93.12
CA GLY C 62 -37.81 -238.31 -93.35
C GLY C 62 -39.06 -238.82 -92.63
N ASN C 63 -39.12 -240.15 -92.43
CA ASN C 63 -40.38 -240.87 -92.22
C ASN C 63 -40.36 -241.76 -90.97
N MET C 64 -41.56 -241.90 -90.38
CA MET C 64 -41.81 -242.60 -89.14
C MET C 64 -43.01 -243.52 -89.39
N SER C 65 -42.74 -244.81 -89.69
CA SER C 65 -43.64 -245.62 -90.53
C SER C 65 -43.83 -244.88 -91.88
N ARG C 66 -44.97 -245.05 -92.57
CA ARG C 66 -45.22 -244.28 -93.80
C ARG C 66 -45.52 -242.79 -93.53
N LEU C 67 -45.60 -242.40 -92.25
CA LEU C 67 -45.90 -241.03 -91.83
C LEU C 67 -44.68 -240.12 -92.03
N PRO C 68 -44.86 -238.78 -92.13
CA PRO C 68 -43.74 -237.85 -92.00
C PRO C 68 -43.35 -237.69 -90.53
N THR C 69 -42.06 -237.47 -90.24
CA THR C 69 -41.65 -237.18 -88.86
C THR C 69 -42.07 -235.78 -88.39
N LEU C 70 -42.42 -234.89 -89.34
CA LEU C 70 -43.00 -233.57 -89.06
C LEU C 70 -44.44 -233.56 -89.59
N ASP C 71 -45.41 -233.46 -88.68
CA ASP C 71 -46.84 -233.65 -88.95
C ASP C 71 -47.60 -232.33 -89.16
N GLY C 72 -47.12 -231.23 -88.55
CA GLY C 72 -47.73 -229.92 -88.65
C GLY C 72 -47.19 -229.08 -89.81
N ASP C 73 -47.65 -227.82 -89.91
CA ASP C 73 -47.19 -226.90 -90.94
C ASP C 73 -45.69 -226.59 -90.82
N ALA C 74 -44.89 -226.99 -91.83
CA ALA C 74 -43.45 -226.81 -91.84
C ALA C 74 -43.01 -225.34 -91.83
N GLU C 75 -43.87 -224.41 -92.27
CA GLU C 75 -43.62 -222.98 -92.11
C GLU C 75 -43.49 -222.67 -90.62
N TYR C 76 -44.61 -222.86 -89.88
CA TYR C 76 -44.66 -222.57 -88.47
C TYR C 76 -43.71 -223.42 -87.63
N PHE C 77 -43.48 -224.69 -87.99
CA PHE C 77 -42.44 -225.45 -87.32
C PHE C 77 -41.08 -224.76 -87.41
N THR C 78 -40.68 -224.30 -88.60
CA THR C 78 -39.40 -223.63 -88.75
C THR C 78 -39.39 -222.27 -88.03
N LEU C 79 -40.51 -221.55 -88.03
CA LEU C 79 -40.64 -220.30 -87.28
C LEU C 79 -40.44 -220.55 -85.77
N TYR C 80 -41.18 -221.50 -85.18
CA TYR C 80 -41.04 -221.84 -83.76
C TYR C 80 -39.61 -222.30 -83.44
N LEU C 81 -39.04 -223.16 -84.28
CA LEU C 81 -37.67 -223.62 -84.09
C LEU C 81 -36.65 -222.47 -84.13
N SER C 82 -36.90 -221.46 -84.98
CA SER C 82 -36.09 -220.24 -85.07
C SER C 82 -36.22 -219.40 -83.79
N ALA C 83 -37.45 -219.12 -83.37
CA ALA C 83 -37.73 -218.38 -82.15
C ALA C 83 -37.11 -219.06 -80.92
N HIS C 84 -37.20 -220.38 -80.85
CA HIS C 84 -36.57 -221.20 -79.82
C HIS C 84 -35.05 -220.97 -79.79
N LYS C 85 -34.38 -221.06 -80.94
CA LYS C 85 -32.96 -220.78 -81.08
C LYS C 85 -32.59 -219.35 -80.68
N ILE C 86 -33.34 -218.34 -81.14
CA ILE C 86 -33.09 -216.95 -80.77
C ILE C 86 -33.21 -216.75 -79.25
N GLN C 87 -34.25 -217.31 -78.62
CA GLN C 87 -34.41 -217.18 -77.17
C GLN C 87 -33.26 -217.83 -76.41
N LEU C 88 -32.75 -218.99 -76.87
CA LEU C 88 -31.56 -219.58 -76.29
C LEU C 88 -30.29 -218.75 -76.55
N PHE C 89 -30.20 -218.04 -77.68
CA PHE C 89 -29.10 -217.11 -77.90
C PHE C 89 -29.14 -215.95 -76.89
N GLU C 90 -30.34 -215.58 -76.44
CA GLU C 90 -30.58 -214.59 -75.38
C GLU C 90 -30.55 -215.19 -73.96
N GLY C 91 -30.15 -216.45 -73.77
CA GLY C 91 -30.01 -217.04 -72.44
C GLY C 91 -31.19 -217.90 -71.95
N GLY C 92 -32.26 -218.00 -72.75
CA GLY C 92 -33.41 -218.84 -72.44
C GLY C 92 -34.59 -218.09 -71.82
N GLU C 93 -35.52 -218.86 -71.21
CA GLU C 93 -36.73 -218.31 -70.60
C GLU C 93 -36.40 -217.51 -69.34
N ALA C 94 -36.88 -216.26 -69.29
CA ALA C 94 -36.93 -215.55 -68.02
C ALA C 94 -38.06 -216.13 -67.16
N GLN C 95 -37.71 -216.84 -66.06
CA GLN C 95 -38.70 -217.25 -65.07
C GLN C 95 -39.17 -216.05 -64.24
N SER C 96 -38.28 -215.07 -64.03
CA SER C 96 -38.53 -213.91 -63.16
C SER C 96 -37.76 -212.69 -63.68
N GLU C 97 -38.37 -211.49 -63.56
CA GLU C 97 -37.75 -210.21 -63.90
C GLU C 97 -38.16 -209.14 -62.87
N SER C 98 -37.25 -208.20 -62.59
CA SER C 98 -37.45 -207.21 -61.53
C SER C 98 -36.64 -205.94 -61.81
N GLY C 99 -37.12 -204.79 -61.34
CA GLY C 99 -36.44 -203.50 -61.41
C GLY C 99 -37.33 -202.37 -60.88
N GLU C 100 -36.95 -201.12 -61.14
CA GLU C 100 -37.80 -199.96 -60.85
C GLU C 100 -39.00 -199.84 -61.81
N GLY C 101 -39.09 -200.77 -62.77
CA GLY C 101 -40.33 -201.02 -63.51
C GLY C 101 -41.30 -201.95 -62.77
N GLY C 102 -41.00 -202.32 -61.52
CA GLY C 102 -41.72 -203.38 -60.80
C GLY C 102 -41.27 -204.78 -61.23
N SER C 103 -42.00 -205.82 -60.76
CA SER C 103 -41.51 -207.21 -60.81
C SER C 103 -42.58 -208.21 -61.29
N VAL C 104 -42.11 -209.33 -61.85
CA VAL C 104 -42.95 -210.34 -62.49
C VAL C 104 -42.30 -211.73 -62.36
N SER C 105 -43.13 -212.77 -62.31
CA SER C 105 -42.70 -214.15 -62.37
C SER C 105 -43.63 -214.96 -63.30
N TYR C 106 -43.07 -215.86 -64.12
CA TYR C 106 -43.72 -216.35 -65.34
C TYR C 106 -44.19 -217.81 -65.31
N SER C 107 -44.33 -218.44 -64.14
CA SER C 107 -45.09 -219.70 -63.98
C SER C 107 -44.58 -220.86 -64.84
N THR C 108 -43.27 -220.94 -65.07
CA THR C 108 -42.68 -221.98 -65.90
C THR C 108 -42.73 -223.36 -65.22
N GLY C 109 -42.56 -223.39 -63.89
CA GLY C 109 -42.10 -224.57 -63.17
C GLY C 109 -40.72 -225.02 -63.64
N GLY C 110 -40.34 -226.28 -63.32
CA GLY C 110 -39.08 -226.87 -63.76
C GLY C 110 -39.10 -227.37 -65.21
N GLY C 111 -40.24 -227.95 -65.65
CA GLY C 111 -40.39 -228.54 -66.97
C GLY C 111 -39.51 -229.77 -67.22
N GLY C 112 -39.11 -229.97 -68.49
CA GLY C 112 -38.32 -231.11 -68.92
C GLY C 112 -36.80 -230.89 -68.90
N GLU C 113 -36.08 -231.64 -69.76
CA GLU C 113 -34.62 -231.72 -69.78
C GLU C 113 -34.02 -231.46 -71.18
N LYS C 114 -34.78 -231.74 -72.25
CA LYS C 114 -34.34 -231.55 -73.64
C LYS C 114 -34.71 -230.15 -74.11
N ASP C 115 -33.95 -229.59 -75.07
CA ASP C 115 -34.08 -228.19 -75.46
C ASP C 115 -35.54 -227.77 -75.76
N LEU C 116 -36.26 -228.51 -76.60
CA LEU C 116 -37.64 -228.16 -76.95
C LEU C 116 -38.57 -228.17 -75.73
N GLN C 117 -38.27 -228.96 -74.68
CA GLN C 117 -39.07 -228.95 -73.46
C GLN C 117 -38.82 -227.70 -72.60
N LYS C 118 -37.67 -227.02 -72.79
CA LYS C 118 -37.16 -225.95 -71.91
C LYS C 118 -37.68 -224.54 -72.21
N THR C 119 -38.30 -224.30 -73.40
CA THR C 119 -38.73 -222.96 -73.78
C THR C 119 -40.11 -222.97 -74.45
N ARG C 120 -40.84 -221.84 -74.40
CA ARG C 120 -42.21 -221.71 -74.89
C ARG C 120 -42.32 -222.01 -76.40
N TYR C 121 -41.37 -221.47 -77.18
CA TYR C 121 -41.27 -221.73 -78.60
C TYR C 121 -40.93 -223.18 -78.91
N GLY C 122 -40.04 -223.78 -78.11
CA GLY C 122 -39.74 -225.20 -78.22
C GLY C 122 -40.97 -226.07 -77.94
N ARG C 123 -41.69 -225.79 -76.84
CA ARG C 123 -42.88 -226.53 -76.44
C ARG C 123 -44.00 -226.41 -77.48
N MET C 124 -44.12 -225.26 -78.15
CA MET C 124 -45.00 -225.12 -79.30
C MET C 124 -44.55 -225.98 -80.49
N ALA C 125 -43.25 -225.96 -80.85
CA ALA C 125 -42.71 -226.79 -81.92
C ALA C 125 -42.85 -228.29 -81.65
N LEU C 126 -42.74 -228.72 -80.40
CA LEU C 126 -42.64 -230.13 -80.01
C LEU C 126 -43.87 -230.96 -80.44
N GLU C 127 -45.07 -230.38 -80.43
CA GLU C 127 -46.29 -231.00 -80.93
C GLU C 127 -46.26 -231.29 -82.44
N TYR C 128 -45.45 -230.54 -83.20
CA TYR C 128 -45.31 -230.74 -84.65
C TYR C 128 -44.54 -232.03 -84.97
N VAL C 129 -43.80 -232.59 -84.00
CA VAL C 129 -42.81 -233.64 -84.22
C VAL C 129 -43.08 -234.84 -83.31
N TRP C 130 -44.35 -235.22 -83.17
CA TRP C 130 -44.79 -236.38 -82.40
C TRP C 130 -44.29 -236.39 -80.94
N GLU C 131 -43.97 -235.20 -80.39
CA GLU C 131 -43.37 -235.02 -79.07
C GLU C 131 -42.06 -235.83 -78.89
N ASP C 132 -41.30 -236.00 -79.99
CA ASP C 132 -40.02 -236.70 -80.06
C ASP C 132 -40.11 -238.23 -79.84
N ASN C 133 -41.33 -238.80 -79.82
CA ASN C 133 -41.53 -240.23 -79.59
C ASN C 133 -41.18 -241.07 -80.83
N SER C 134 -40.66 -242.29 -80.59
CA SER C 134 -40.23 -243.24 -81.63
C SER C 134 -41.37 -244.20 -82.03
N ILE C 135 -42.41 -243.68 -82.69
CA ILE C 135 -43.59 -244.45 -83.09
C ILE C 135 -43.40 -245.17 -84.44
N ALA C 136 -42.18 -245.15 -84.99
CA ALA C 136 -41.86 -245.82 -86.26
C ALA C 136 -41.96 -247.34 -86.13
N ALA C 137 -42.50 -247.99 -87.18
CA ALA C 137 -42.65 -249.44 -87.28
C ALA C 137 -42.36 -249.95 -88.69
N LEU C 138 -41.84 -251.19 -88.77
CA LEU C 138 -41.27 -251.75 -90.00
C LEU C 138 -41.29 -253.29 -89.94
N ARG C 139 -41.20 -253.93 -91.12
CA ARG C 139 -41.26 -255.39 -91.28
C ARG C 139 -40.10 -255.92 -92.15
N THR C 140 -39.88 -257.24 -92.09
CA THR C 140 -39.03 -257.99 -93.01
C THR C 140 -39.64 -258.07 -94.42
N TYR C 141 -38.77 -257.85 -95.43
CA TYR C 141 -39.05 -257.98 -96.86
C TYR C 141 -37.77 -258.45 -97.61
N PRO D 2 -67.71 -212.00 -86.54
CA PRO D 2 -67.16 -211.69 -87.88
C PRO D 2 -67.99 -212.37 -88.98
N ASP D 3 -68.06 -211.72 -90.16
CA ASP D 3 -68.82 -212.24 -91.29
C ASP D 3 -68.20 -213.55 -91.77
N PRO D 4 -66.91 -213.60 -92.23
CA PRO D 4 -66.16 -214.85 -92.27
C PRO D 4 -65.68 -215.22 -90.86
N SER D 5 -66.22 -216.31 -90.29
CA SER D 5 -65.80 -216.80 -88.98
C SER D 5 -64.42 -217.46 -89.05
N ILE D 6 -63.72 -217.54 -87.91
CA ILE D 6 -62.36 -218.09 -87.81
C ILE D 6 -62.27 -219.57 -88.20
N ASP D 7 -63.40 -220.30 -88.15
CA ASP D 7 -63.50 -221.69 -88.60
C ASP D 7 -63.88 -221.82 -90.09
N GLU D 8 -64.37 -220.72 -90.69
CA GLU D 8 -64.73 -220.66 -92.11
C GLU D 8 -63.53 -220.33 -93.02
N VAL D 9 -62.34 -220.16 -92.44
CA VAL D 9 -61.10 -219.79 -93.14
C VAL D 9 -59.96 -220.76 -92.82
N SER D 10 -59.09 -220.99 -93.83
CA SER D 10 -57.80 -221.67 -93.74
C SER D 10 -56.65 -220.68 -93.98
N LYS D 11 -55.39 -221.13 -93.95
CA LYS D 11 -54.21 -220.25 -94.05
C LYS D 11 -54.21 -219.43 -95.35
N SER D 12 -54.46 -220.10 -96.48
CA SER D 12 -54.56 -219.46 -97.79
C SER D 12 -55.71 -218.46 -97.89
N ASP D 13 -56.78 -218.65 -97.10
CA ASP D 13 -57.89 -217.71 -97.02
C ASP D 13 -57.51 -216.49 -96.19
N TRP D 14 -56.88 -216.71 -95.02
CA TRP D 14 -56.45 -215.64 -94.13
C TRP D 14 -55.56 -214.63 -94.84
N ASP D 15 -54.60 -215.11 -95.64
CA ASP D 15 -53.73 -214.29 -96.48
C ASP D 15 -54.45 -213.51 -97.59
N ALA D 16 -55.74 -213.83 -97.84
CA ALA D 16 -56.56 -213.20 -98.87
C ALA D 16 -57.75 -212.39 -98.30
N LEU D 17 -57.98 -212.44 -96.98
CA LEU D 17 -58.97 -211.58 -96.33
C LEU D 17 -58.58 -210.10 -96.46
N THR D 18 -59.58 -209.21 -96.52
CA THR D 18 -59.33 -207.77 -96.38
C THR D 18 -58.86 -207.44 -94.96
N THR D 19 -58.23 -206.26 -94.82
CA THR D 19 -57.86 -205.69 -93.53
C THR D 19 -59.01 -205.70 -92.53
N GLN D 20 -60.21 -205.27 -92.96
CA GLN D 20 -61.39 -205.25 -92.12
C GLN D 20 -61.77 -206.65 -91.63
N GLU D 21 -61.90 -207.63 -92.55
CA GLU D 21 -62.33 -208.98 -92.20
C GLU D 21 -61.36 -209.64 -91.22
N GLN D 22 -60.06 -209.45 -91.48
CA GLN D 22 -58.97 -209.94 -90.66
C GLN D 22 -59.02 -209.26 -89.28
N ASP D 23 -59.28 -207.94 -89.23
CA ASP D 23 -59.39 -207.15 -88.00
C ASP D 23 -60.64 -207.51 -87.18
N ASP D 24 -61.76 -207.88 -87.82
CA ASP D 24 -62.96 -208.32 -87.11
C ASP D 24 -62.66 -209.58 -86.29
N ILE D 25 -61.90 -210.52 -86.87
CA ILE D 25 -61.45 -211.70 -86.14
C ILE D 25 -60.49 -211.31 -85.01
N ILE D 26 -59.48 -210.46 -85.27
CA ILE D 26 -58.59 -209.98 -84.22
C ILE D 26 -59.40 -209.36 -83.07
N SER D 27 -60.39 -208.52 -83.39
CA SER D 27 -61.27 -207.86 -82.43
C SER D 27 -62.05 -208.86 -81.58
N GLN D 28 -62.49 -209.98 -82.17
CA GLN D 28 -63.11 -211.05 -81.40
C GLN D 28 -62.11 -211.72 -80.45
N VAL D 29 -60.88 -212.00 -80.92
CA VAL D 29 -59.83 -212.59 -80.09
C VAL D 29 -59.51 -211.67 -78.89
N GLU D 30 -59.41 -210.36 -79.09
CA GLU D 30 -59.13 -209.42 -78.02
C GLU D 30 -60.18 -209.41 -76.89
N ASN D 31 -61.37 -209.98 -77.09
CA ASN D 31 -62.33 -210.12 -76.00
C ASN D 31 -61.88 -211.14 -74.95
N LEU D 32 -60.96 -212.06 -75.28
CA LEU D 32 -60.57 -213.18 -74.42
C LEU D 32 -59.61 -212.77 -73.29
N SER D 33 -59.14 -211.52 -73.27
CA SER D 33 -58.35 -210.98 -72.17
C SER D 33 -58.92 -209.62 -71.74
N SER D 34 -58.98 -209.38 -70.43
CA SER D 34 -59.39 -208.08 -69.87
C SER D 34 -58.43 -206.96 -70.29
N THR D 35 -57.15 -207.27 -70.50
CA THR D 35 -56.14 -206.34 -71.01
C THR D 35 -56.15 -206.27 -72.53
N GLY D 36 -56.67 -207.29 -73.22
CA GLY D 36 -56.74 -207.33 -74.67
C GLY D 36 -55.39 -207.33 -75.39
N TRP D 37 -54.27 -207.53 -74.67
CA TRP D 37 -52.92 -207.51 -75.23
C TRP D 37 -52.59 -206.24 -76.04
N VAL D 38 -53.03 -205.07 -75.53
CA VAL D 38 -52.99 -203.80 -76.27
C VAL D 38 -51.58 -203.22 -76.50
N ASN D 39 -50.56 -203.70 -75.79
CA ASN D 39 -49.18 -203.30 -76.03
C ASN D 39 -48.48 -204.09 -77.15
N THR D 40 -49.15 -205.10 -77.75
CA THR D 40 -48.58 -205.96 -78.79
C THR D 40 -49.13 -205.58 -80.17
N SER D 41 -48.22 -205.50 -81.17
CA SER D 41 -48.52 -204.95 -82.48
C SER D 41 -49.48 -205.82 -83.31
N ARG D 42 -50.13 -205.22 -84.31
CA ARG D 42 -51.11 -205.88 -85.18
C ARG D 42 -50.54 -207.16 -85.83
N GLU D 43 -49.32 -207.06 -86.36
CA GLU D 43 -48.66 -208.13 -87.10
C GLU D 43 -48.49 -209.38 -86.23
N ARG D 44 -48.25 -209.20 -84.94
CA ARG D 44 -47.99 -210.28 -84.00
C ARG D 44 -49.28 -210.99 -83.62
N LYS D 45 -50.39 -210.26 -83.42
CA LYS D 45 -51.71 -210.83 -83.24
C LYS D 45 -52.14 -211.59 -84.50
N ALA D 46 -51.95 -210.99 -85.68
CA ALA D 46 -52.28 -211.61 -86.95
C ALA D 46 -51.50 -212.92 -87.16
N GLU D 47 -50.18 -212.89 -86.94
CA GLU D 47 -49.31 -214.07 -87.03
C GLU D 47 -49.77 -215.19 -86.08
N ALA D 48 -50.13 -214.85 -84.85
CA ALA D 48 -50.65 -215.80 -83.88
C ALA D 48 -51.93 -216.49 -84.39
N ILE D 49 -52.89 -215.73 -84.93
CA ILE D 49 -54.15 -216.26 -85.45
C ILE D 49 -53.89 -217.14 -86.68
N ARG D 50 -53.11 -216.65 -87.64
CA ARG D 50 -52.72 -217.41 -88.83
C ARG D 50 -52.04 -218.73 -88.44
N SER D 51 -51.17 -218.70 -87.44
CA SER D 51 -50.54 -219.89 -86.88
C SER D 51 -51.56 -220.83 -86.23
N ALA D 52 -52.51 -220.30 -85.47
CA ALA D 52 -53.59 -221.10 -84.88
C ALA D 52 -54.42 -221.80 -85.97
N ILE D 53 -54.79 -221.08 -87.03
CA ILE D 53 -55.52 -221.63 -88.17
C ILE D 53 -54.73 -222.76 -88.84
N ALA D 54 -53.47 -222.51 -89.19
CA ALA D 54 -52.60 -223.48 -89.83
C ALA D 54 -52.34 -224.71 -88.93
N GLU D 55 -52.19 -224.48 -87.63
CA GLU D 55 -51.98 -225.53 -86.65
C GLU D 55 -53.23 -226.39 -86.50
N ARG D 56 -54.41 -225.79 -86.41
CA ARG D 56 -55.68 -226.51 -86.39
C ARG D 56 -55.81 -227.40 -87.62
N ASP D 57 -55.66 -226.82 -88.81
CA ASP D 57 -55.87 -227.54 -90.06
C ASP D 57 -54.86 -228.67 -90.28
N THR D 58 -53.69 -228.65 -89.60
CA THR D 58 -52.66 -229.68 -89.75
C THR D 58 -52.58 -230.64 -88.56
N LEU D 59 -52.32 -230.13 -87.34
CA LEU D 59 -52.19 -230.96 -86.14
C LEU D 59 -53.51 -231.39 -85.53
N TYR D 60 -54.62 -230.67 -85.80
CA TYR D 60 -55.92 -230.95 -85.19
C TYR D 60 -57.02 -231.15 -86.24
N SER D 61 -56.69 -231.92 -87.28
CA SER D 61 -57.60 -232.32 -88.34
C SER D 61 -57.50 -233.84 -88.60
N GLY D 62 -58.54 -234.39 -89.25
CA GLY D 62 -58.69 -235.84 -89.37
C GLY D 62 -59.61 -236.45 -88.31
N ASN D 63 -59.49 -237.78 -88.14
CA ASN D 63 -60.45 -238.56 -87.39
C ASN D 63 -59.76 -239.53 -86.41
N MET D 64 -60.56 -240.02 -85.47
CA MET D 64 -60.11 -240.89 -84.39
C MET D 64 -61.29 -241.79 -83.98
N SER D 65 -61.20 -243.10 -84.28
CA SER D 65 -62.29 -244.07 -84.06
C SER D 65 -63.60 -243.65 -84.73
N ARG D 66 -63.55 -243.15 -85.98
CA ARG D 66 -64.75 -242.73 -86.73
C ARG D 66 -65.40 -241.45 -86.16
N LEU D 67 -64.88 -240.91 -85.04
CA LEU D 67 -65.21 -239.58 -84.53
C LEU D 67 -64.22 -238.54 -85.09
N PRO D 68 -64.54 -237.23 -85.11
CA PRO D 68 -63.55 -236.22 -85.51
C PRO D 68 -62.52 -236.03 -84.40
N THR D 69 -61.27 -235.66 -84.76
CA THR D 69 -60.23 -235.40 -83.77
C THR D 69 -60.46 -234.13 -82.95
N LEU D 70 -61.29 -233.19 -83.46
CA LEU D 70 -61.73 -231.99 -82.75
C LEU D 70 -63.24 -232.07 -82.51
N ASP D 71 -63.66 -232.06 -81.24
CA ASP D 71 -65.06 -232.26 -80.84
C ASP D 71 -65.78 -230.92 -80.61
N GLY D 72 -65.17 -230.04 -79.80
CA GLY D 72 -65.74 -228.75 -79.46
C GLY D 72 -65.80 -227.78 -80.64
N ASP D 73 -66.58 -226.70 -80.48
CA ASP D 73 -66.80 -225.70 -81.54
C ASP D 73 -65.47 -225.16 -82.09
N ALA D 74 -65.20 -225.41 -83.38
CA ALA D 74 -63.97 -224.99 -84.04
C ALA D 74 -63.76 -223.48 -84.02
N GLU D 75 -64.83 -222.67 -83.95
CA GLU D 75 -64.69 -221.22 -83.75
C GLU D 75 -63.95 -220.96 -82.44
N TYR D 76 -64.56 -221.36 -81.32
CA TYR D 76 -64.00 -221.12 -79.99
C TYR D 76 -62.67 -221.84 -79.78
N PHE D 77 -62.49 -223.04 -80.33
CA PHE D 77 -61.16 -223.67 -80.31
C PHE D 77 -60.10 -222.79 -80.95
N THR D 78 -60.36 -222.28 -82.17
CA THR D 78 -59.37 -221.46 -82.86
C THR D 78 -59.16 -220.11 -82.17
N LEU D 79 -60.20 -219.53 -81.55
CA LEU D 79 -60.07 -218.34 -80.72
C LEU D 79 -59.16 -218.61 -79.52
N TYR D 80 -59.42 -219.65 -78.72
CA TYR D 80 -58.58 -219.99 -77.58
C TYR D 80 -57.16 -220.38 -77.99
N LEU D 81 -57.00 -221.08 -79.10
CA LEU D 81 -55.68 -221.38 -79.64
C LEU D 81 -54.94 -220.10 -80.08
N SER D 82 -55.67 -219.10 -80.57
CA SER D 82 -55.11 -217.78 -80.91
C SER D 82 -54.66 -217.05 -79.66
N ALA D 83 -55.52 -216.95 -78.63
CA ALA D 83 -55.18 -216.35 -77.34
C ALA D 83 -53.95 -217.03 -76.71
N HIS D 84 -53.92 -218.36 -76.72
CA HIS D 84 -52.78 -219.18 -76.31
C HIS D 84 -51.48 -218.78 -77.03
N LYS D 85 -51.55 -218.45 -78.32
CA LYS D 85 -50.41 -218.01 -79.13
C LYS D 85 -50.12 -216.50 -79.09
N ILE D 86 -51.03 -215.68 -78.54
CA ILE D 86 -50.76 -214.27 -78.27
C ILE D 86 -50.07 -214.14 -76.92
N GLN D 87 -50.56 -214.86 -75.91
CA GLN D 87 -49.70 -215.31 -74.83
C GLN D 87 -48.54 -216.12 -75.42
N LEU D 88 -47.48 -216.37 -74.65
CA LEU D 88 -46.25 -216.99 -75.16
C LEU D 88 -45.45 -216.11 -76.13
N PHE D 89 -46.10 -215.34 -77.02
CA PHE D 89 -45.45 -214.19 -77.66
C PHE D 89 -45.22 -213.05 -76.64
N GLU D 90 -45.80 -213.16 -75.44
CA GLU D 90 -45.58 -212.23 -74.32
C GLU D 90 -45.01 -212.92 -73.08
N GLY D 91 -44.29 -214.03 -73.27
CA GLY D 91 -43.89 -214.89 -72.16
C GLY D 91 -45.08 -215.68 -71.58
N GLY D 92 -44.86 -216.33 -70.43
CA GLY D 92 -45.84 -217.25 -69.84
C GLY D 92 -47.02 -216.57 -69.16
N GLU D 93 -47.67 -217.30 -68.24
CA GLU D 93 -48.66 -216.73 -67.34
C GLU D 93 -47.98 -216.02 -66.18
N ALA D 94 -48.66 -215.01 -65.62
CA ALA D 94 -48.21 -214.38 -64.38
C ALA D 94 -48.34 -215.35 -63.19
N GLN D 95 -47.21 -215.92 -62.74
CA GLN D 95 -47.18 -216.53 -61.41
C GLN D 95 -47.27 -215.45 -60.33
N SER D 96 -46.64 -214.30 -60.59
CA SER D 96 -46.73 -213.10 -59.76
C SER D 96 -46.54 -211.85 -60.62
N GLU D 97 -47.27 -210.77 -60.28
CA GLU D 97 -47.07 -209.43 -60.83
C GLU D 97 -47.09 -208.42 -59.69
N SER D 98 -46.17 -207.43 -59.79
CA SER D 98 -45.94 -206.46 -58.73
C SER D 98 -45.58 -205.10 -59.34
N GLY D 99 -46.43 -204.08 -59.10
CA GLY D 99 -46.18 -202.71 -59.49
C GLY D 99 -45.47 -201.92 -58.39
N GLU D 100 -45.91 -200.68 -58.17
CA GLU D 100 -45.43 -199.83 -57.08
C GLU D 100 -45.98 -200.32 -55.73
N GLY D 101 -45.39 -201.41 -55.20
CA GLY D 101 -45.84 -202.02 -53.96
C GLY D 101 -47.04 -202.96 -54.13
N GLY D 102 -48.07 -202.51 -54.88
CA GLY D 102 -49.24 -203.32 -55.18
C GLY D 102 -48.87 -204.62 -55.91
N SER D 103 -49.33 -205.77 -55.39
CA SER D 103 -48.84 -207.08 -55.81
C SER D 103 -49.94 -208.17 -55.81
N VAL D 104 -49.82 -209.16 -56.72
CA VAL D 104 -50.84 -210.19 -56.94
C VAL D 104 -50.20 -211.46 -57.53
N SER D 105 -50.80 -212.64 -57.26
CA SER D 105 -50.35 -213.93 -57.79
C SER D 105 -51.56 -214.75 -58.25
N TYR D 106 -51.47 -215.47 -59.38
CA TYR D 106 -52.66 -216.01 -60.05
C TYR D 106 -52.87 -217.54 -59.96
N SER D 107 -52.34 -218.20 -58.92
CA SER D 107 -52.77 -219.55 -58.55
C SER D 107 -52.50 -220.62 -59.63
N THR D 108 -51.62 -220.34 -60.59
CA THR D 108 -51.42 -221.21 -61.76
C THR D 108 -50.86 -222.59 -61.38
N GLY D 109 -49.82 -222.61 -60.53
CA GLY D 109 -49.09 -223.83 -60.15
C GLY D 109 -48.25 -224.43 -61.28
N GLY D 110 -47.79 -225.68 -61.08
CA GLY D 110 -46.95 -226.43 -62.01
C GLY D 110 -47.62 -226.67 -63.37
N GLY D 111 -48.86 -227.19 -63.34
CA GLY D 111 -49.73 -227.33 -64.53
C GLY D 111 -49.43 -228.54 -65.42
N GLY D 112 -48.15 -228.75 -65.78
CA GLY D 112 -47.72 -229.80 -66.70
C GLY D 112 -46.49 -229.44 -67.54
N GLU D 113 -46.37 -230.08 -68.71
CA GLU D 113 -45.19 -230.05 -69.58
C GLU D 113 -45.50 -229.58 -71.02
N LYS D 114 -46.74 -229.79 -71.49
CA LYS D 114 -47.17 -229.49 -72.85
C LYS D 114 -47.59 -228.02 -72.95
N ASP D 115 -47.42 -227.42 -74.13
CA ASP D 115 -47.76 -226.01 -74.29
C ASP D 115 -49.22 -225.71 -73.91
N LEU D 116 -50.17 -226.57 -74.29
CA LEU D 116 -51.58 -226.38 -73.91
C LEU D 116 -51.81 -226.42 -72.40
N GLN D 117 -50.94 -227.07 -71.61
CA GLN D 117 -51.01 -226.97 -70.16
C GLN D 117 -50.47 -225.63 -69.65
N LYS D 118 -49.48 -225.04 -70.34
CA LYS D 118 -48.70 -223.88 -69.90
C LYS D 118 -49.42 -222.52 -70.05
N THR D 119 -50.68 -222.46 -70.54
CA THR D 119 -51.54 -221.30 -70.29
C THR D 119 -53.04 -221.64 -70.25
N ARG D 120 -53.83 -220.85 -69.51
CA ARG D 120 -55.27 -221.00 -69.31
C ARG D 120 -56.07 -221.10 -70.62
N TYR D 121 -55.68 -220.34 -71.64
CA TYR D 121 -56.28 -220.45 -72.97
C TYR D 121 -56.02 -221.82 -73.60
N GLY D 122 -54.78 -222.30 -73.49
CA GLY D 122 -54.43 -223.66 -73.86
C GLY D 122 -55.26 -224.69 -73.07
N ARG D 123 -55.39 -224.53 -71.75
CA ARG D 123 -56.13 -225.45 -70.89
C ARG D 123 -57.61 -225.50 -71.25
N MET D 124 -58.16 -224.45 -71.85
CA MET D 124 -59.49 -224.45 -72.45
C MET D 124 -59.49 -225.14 -73.83
N ALA D 125 -58.56 -224.78 -74.73
CA ALA D 125 -58.48 -225.39 -76.05
C ALA D 125 -58.27 -226.92 -76.00
N LEU D 126 -57.50 -227.40 -75.02
CA LEU D 126 -57.21 -228.80 -74.77
C LEU D 126 -58.48 -229.61 -74.49
N GLU D 127 -59.54 -228.98 -73.99
CA GLU D 127 -60.81 -229.62 -73.69
C GLU D 127 -61.71 -229.76 -74.93
N TYR D 128 -61.40 -229.02 -76.01
CA TYR D 128 -62.12 -229.06 -77.29
C TYR D 128 -61.66 -230.24 -78.14
N VAL D 129 -60.35 -230.46 -78.19
CA VAL D 129 -59.79 -231.75 -78.59
C VAL D 129 -60.05 -232.75 -77.46
N TRP D 130 -59.68 -234.02 -77.68
CA TRP D 130 -59.95 -235.08 -76.72
C TRP D 130 -58.95 -235.08 -75.56
N GLU D 131 -58.64 -233.91 -74.98
CA GLU D 131 -57.65 -233.77 -73.93
C GLU D 131 -56.27 -234.37 -74.32
N ASP D 132 -55.96 -234.30 -75.63
CA ASP D 132 -54.78 -234.92 -76.28
C ASP D 132 -54.67 -236.43 -76.03
N ASN D 133 -55.79 -237.10 -75.66
CA ASN D 133 -55.88 -238.55 -75.49
C ASN D 133 -55.83 -239.28 -76.85
N SER D 134 -55.55 -240.60 -76.82
CA SER D 134 -55.38 -241.45 -78.00
C SER D 134 -56.41 -242.58 -78.03
N ILE D 135 -57.69 -242.22 -78.09
CA ILE D 135 -58.81 -243.17 -78.14
C ILE D 135 -59.09 -243.71 -79.56
N ALA D 136 -58.17 -243.50 -80.51
CA ALA D 136 -58.29 -243.97 -81.90
C ALA D 136 -58.14 -245.49 -82.02
N ALA D 137 -58.97 -246.10 -82.87
CA ALA D 137 -59.04 -247.54 -83.04
C ALA D 137 -59.43 -247.94 -84.47
N LEU D 138 -58.91 -249.10 -84.90
CA LEU D 138 -59.12 -249.65 -86.24
C LEU D 138 -58.99 -251.18 -86.21
N ARG D 139 -59.58 -251.85 -87.22
CA ARG D 139 -59.65 -253.31 -87.34
C ARG D 139 -59.34 -253.75 -88.78
N THR D 140 -58.92 -255.00 -88.97
CA THR D 140 -58.93 -255.64 -90.30
C THR D 140 -60.37 -255.97 -90.72
N TYR D 141 -60.60 -256.07 -92.05
CA TYR D 141 -61.87 -256.51 -92.63
C TYR D 141 -61.68 -257.83 -93.40
N PRO E 2 -85.11 -214.51 -67.13
CA PRO E 2 -85.83 -213.34 -67.67
C PRO E 2 -86.98 -213.77 -68.59
N ASP E 3 -87.27 -212.99 -69.67
CA ASP E 3 -88.16 -213.46 -70.73
C ASP E 3 -87.59 -214.72 -71.39
N PRO E 4 -86.34 -214.70 -71.94
CA PRO E 4 -85.56 -215.92 -72.15
C PRO E 4 -84.76 -216.31 -70.89
N SER E 5 -83.95 -217.36 -71.03
CA SER E 5 -82.96 -217.80 -70.04
C SER E 5 -81.75 -218.40 -70.76
N ILE E 6 -80.59 -218.45 -70.10
CA ILE E 6 -79.33 -218.93 -70.68
C ILE E 6 -79.35 -220.41 -71.10
N ASP E 7 -80.21 -221.22 -70.48
CA ASP E 7 -80.43 -222.62 -70.82
C ASP E 7 -81.50 -222.82 -71.92
N GLU E 8 -82.20 -221.75 -72.31
CA GLU E 8 -83.27 -221.78 -73.31
C GLU E 8 -82.81 -221.26 -74.69
N VAL E 9 -81.49 -221.09 -74.87
CA VAL E 9 -80.87 -220.52 -76.08
C VAL E 9 -79.59 -221.28 -76.44
N SER E 10 -79.26 -221.31 -77.75
CA SER E 10 -77.97 -221.73 -78.29
C SER E 10 -77.19 -220.55 -78.91
N LYS E 11 -75.97 -220.79 -79.43
CA LYS E 11 -75.10 -219.74 -79.97
C LYS E 11 -75.80 -218.89 -81.04
N SER E 12 -76.49 -219.56 -81.97
CA SER E 12 -77.27 -218.92 -83.02
C SER E 12 -78.46 -218.10 -82.49
N ASP E 13 -79.03 -218.49 -81.34
CA ASP E 13 -80.10 -217.75 -80.69
C ASP E 13 -79.54 -216.51 -79.99
N TRP E 14 -78.42 -216.66 -79.27
CA TRP E 14 -77.74 -215.56 -78.59
C TRP E 14 -77.45 -214.41 -79.56
N ASP E 15 -76.91 -214.72 -80.74
CA ASP E 15 -76.61 -213.75 -81.77
C ASP E 15 -77.86 -213.01 -82.29
N ALA E 16 -79.06 -213.56 -82.03
CA ALA E 16 -80.35 -213.05 -82.49
C ALA E 16 -81.23 -212.50 -81.35
N LEU E 17 -80.80 -212.64 -80.08
CA LEU E 17 -81.44 -212.00 -78.93
C LEU E 17 -81.39 -210.47 -79.09
N THR E 18 -82.32 -209.75 -78.45
CA THR E 18 -82.15 -208.31 -78.30
C THR E 18 -80.96 -208.01 -77.38
N THR E 19 -80.41 -206.80 -77.50
CA THR E 19 -79.43 -206.29 -76.56
C THR E 19 -79.90 -206.42 -75.11
N GLN E 20 -81.16 -206.08 -74.82
CA GLN E 20 -81.72 -206.18 -73.47
C GLN E 20 -81.70 -207.63 -72.94
N GLU E 21 -82.03 -208.60 -73.79
CA GLU E 21 -82.06 -210.00 -73.37
C GLU E 21 -80.66 -210.55 -73.13
N GLN E 22 -79.68 -210.17 -73.96
CA GLN E 22 -78.29 -210.46 -73.70
C GLN E 22 -77.85 -209.81 -72.38
N ASP E 23 -78.17 -208.53 -72.20
CA ASP E 23 -77.78 -207.76 -71.04
C ASP E 23 -78.41 -208.28 -69.75
N ASP E 24 -79.65 -208.76 -69.76
CA ASP E 24 -80.27 -209.36 -68.59
C ASP E 24 -79.59 -210.67 -68.20
N ILE E 25 -79.18 -211.50 -69.18
CA ILE E 25 -78.40 -212.69 -68.92
C ILE E 25 -77.01 -212.32 -68.37
N ILE E 26 -76.36 -211.30 -68.96
CA ILE E 26 -75.12 -210.75 -68.44
C ILE E 26 -75.30 -210.28 -67.00
N SER E 27 -76.38 -209.54 -66.71
CA SER E 27 -76.72 -209.04 -65.38
C SER E 27 -76.91 -210.18 -64.38
N GLN E 28 -77.46 -211.31 -64.83
CA GLN E 28 -77.56 -212.52 -64.01
C GLN E 28 -76.17 -213.13 -63.74
N VAL E 29 -75.33 -213.30 -64.78
CA VAL E 29 -73.97 -213.80 -64.60
C VAL E 29 -73.15 -212.92 -63.65
N GLU E 30 -73.22 -211.59 -63.81
CA GLU E 30 -72.54 -210.64 -62.95
C GLU E 30 -72.94 -210.76 -61.47
N ASN E 31 -74.03 -211.45 -61.15
CA ASN E 31 -74.37 -211.71 -59.75
C ASN E 31 -73.41 -212.72 -59.12
N LEU E 32 -72.69 -213.54 -59.90
CA LEU E 32 -71.87 -214.63 -59.40
C LEU E 32 -70.53 -214.18 -58.78
N SER E 33 -70.21 -212.88 -58.84
CA SER E 33 -69.11 -212.31 -58.05
C SER E 33 -69.55 -211.01 -57.38
N SER E 34 -69.15 -210.80 -56.12
CA SER E 34 -69.38 -209.54 -55.41
C SER E 34 -68.79 -208.35 -56.17
N THR E 35 -67.69 -208.59 -56.90
CA THR E 35 -66.97 -207.59 -57.69
C THR E 35 -67.59 -207.37 -59.08
N GLY E 36 -68.49 -208.26 -59.51
CA GLY E 36 -69.24 -208.14 -60.75
C GLY E 36 -68.41 -208.13 -62.06
N TRP E 37 -67.08 -208.31 -61.95
CA TRP E 37 -66.14 -208.09 -63.06
C TRP E 37 -66.35 -206.74 -63.75
N VAL E 38 -66.65 -205.68 -62.97
CA VAL E 38 -67.11 -204.40 -63.50
C VAL E 38 -66.06 -203.64 -64.31
N ASN E 39 -64.77 -203.83 -64.01
CA ASN E 39 -63.68 -203.22 -64.78
C ASN E 39 -63.29 -204.02 -66.03
N THR E 40 -64.02 -205.11 -66.34
CA THR E 40 -63.94 -205.82 -67.62
C THR E 40 -65.20 -205.50 -68.43
N SER E 41 -65.02 -205.09 -69.70
CA SER E 41 -66.08 -204.50 -70.52
C SER E 41 -67.19 -205.47 -70.90
N ARG E 42 -68.35 -204.93 -71.34
CA ARG E 42 -69.52 -205.72 -71.73
C ARG E 42 -69.18 -206.81 -72.74
N GLU E 43 -68.40 -206.47 -73.78
CA GLU E 43 -68.09 -207.35 -74.90
C GLU E 43 -67.40 -208.63 -74.42
N ARG E 44 -66.59 -208.53 -73.37
CA ARG E 44 -65.86 -209.65 -72.79
C ARG E 44 -66.77 -210.59 -72.02
N LYS E 45 -67.74 -210.04 -71.30
CA LYS E 45 -68.77 -210.81 -70.60
C LYS E 45 -69.73 -211.48 -71.58
N ALA E 46 -70.18 -210.76 -72.61
CA ALA E 46 -70.95 -211.30 -73.72
C ALA E 46 -70.21 -212.45 -74.42
N GLU E 47 -68.94 -212.26 -74.74
CA GLU E 47 -68.11 -213.29 -75.36
C GLU E 47 -67.97 -214.54 -74.49
N ALA E 48 -67.68 -214.36 -73.21
CA ALA E 48 -67.58 -215.46 -72.25
C ALA E 48 -68.88 -216.28 -72.16
N ILE E 49 -70.04 -215.59 -72.15
CA ILE E 49 -71.36 -216.22 -72.17
C ILE E 49 -71.58 -216.96 -73.49
N ARG E 50 -71.33 -216.31 -74.63
CA ARG E 50 -71.50 -216.90 -75.95
C ARG E 50 -70.67 -218.19 -76.08
N SER E 51 -69.42 -218.12 -75.62
CA SER E 51 -68.55 -219.29 -75.53
C SER E 51 -69.12 -220.36 -74.60
N ALA E 52 -69.56 -220.01 -73.39
CA ALA E 52 -70.15 -220.96 -72.44
C ALA E 52 -71.37 -221.69 -73.04
N ILE E 53 -72.26 -220.95 -73.70
CA ILE E 53 -73.40 -221.51 -74.42
C ILE E 53 -72.92 -222.51 -75.49
N ALA E 54 -72.00 -222.10 -76.36
CA ALA E 54 -71.48 -222.94 -77.43
C ALA E 54 -70.74 -224.18 -76.90
N GLU E 55 -69.97 -224.00 -75.83
CA GLU E 55 -69.17 -225.02 -75.18
C GLU E 55 -70.03 -226.07 -74.49
N ARG E 56 -71.09 -225.65 -73.79
CA ARG E 56 -72.10 -226.55 -73.27
C ARG E 56 -72.64 -227.43 -74.39
N ASP E 57 -73.14 -226.81 -75.47
CA ASP E 57 -73.79 -227.51 -76.57
C ASP E 57 -72.84 -228.44 -77.34
N THR E 58 -71.51 -228.16 -77.36
CA THR E 58 -70.54 -228.91 -78.15
C THR E 58 -69.54 -229.76 -77.35
N LEU E 59 -69.53 -229.67 -76.01
CA LEU E 59 -68.64 -230.49 -75.17
C LEU E 59 -69.32 -231.08 -73.93
N TYR E 60 -70.43 -230.48 -73.46
CA TYR E 60 -71.15 -230.93 -72.27
C TYR E 60 -72.62 -231.19 -72.60
N SER E 61 -72.83 -231.96 -73.67
CA SER E 61 -74.14 -232.29 -74.23
C SER E 61 -74.19 -233.77 -74.64
N GLY E 62 -75.41 -234.29 -74.81
CA GLY E 62 -75.60 -235.71 -75.09
C GLY E 62 -75.69 -236.56 -73.81
N ASN E 63 -75.52 -237.88 -73.98
CA ASN E 63 -75.88 -238.84 -72.95
C ASN E 63 -74.65 -239.64 -72.47
N MET E 64 -74.63 -239.90 -71.16
CA MET E 64 -73.58 -240.58 -70.41
C MET E 64 -74.24 -241.85 -69.89
N SER E 65 -74.16 -242.96 -70.66
CA SER E 65 -75.20 -244.00 -70.65
C SER E 65 -76.49 -243.39 -71.20
N ARG E 66 -77.72 -243.89 -70.91
CA ARG E 66 -78.92 -243.25 -71.46
C ARG E 66 -79.31 -241.95 -70.74
N LEU E 67 -78.83 -241.76 -69.50
CA LEU E 67 -79.01 -240.54 -68.72
C LEU E 67 -78.17 -239.38 -69.28
N PRO E 68 -78.55 -238.09 -69.08
CA PRO E 68 -77.83 -236.98 -69.70
C PRO E 68 -76.47 -236.72 -69.05
N THR E 69 -75.50 -236.25 -69.85
CA THR E 69 -74.21 -235.82 -69.31
C THR E 69 -74.36 -234.54 -68.47
N LEU E 70 -75.19 -233.60 -68.94
CA LEU E 70 -75.61 -232.43 -68.17
C LEU E 70 -76.83 -232.77 -67.32
N ASP E 71 -76.60 -233.42 -66.17
CA ASP E 71 -77.65 -233.78 -65.23
C ASP E 71 -78.04 -232.60 -64.33
N GLY E 72 -77.05 -231.76 -63.97
CA GLY E 72 -77.30 -230.57 -63.16
C GLY E 72 -78.16 -229.52 -63.88
N ASP E 73 -78.65 -228.52 -63.13
CA ASP E 73 -79.48 -227.47 -63.71
C ASP E 73 -78.71 -226.70 -64.79
N ALA E 74 -79.16 -226.81 -66.05
CA ALA E 74 -78.50 -226.21 -67.20
C ALA E 74 -78.39 -224.68 -67.11
N GLU E 75 -79.32 -224.04 -66.38
CA GLU E 75 -79.25 -222.60 -66.13
C GLU E 75 -77.96 -222.28 -65.38
N TYR E 76 -77.85 -222.79 -64.15
CA TYR E 76 -76.71 -222.55 -63.28
C TYR E 76 -75.41 -223.12 -63.85
N PHE E 77 -75.44 -224.26 -64.54
CA PHE E 77 -74.25 -224.74 -65.22
C PHE E 77 -73.72 -223.68 -66.20
N THR E 78 -74.58 -223.16 -67.08
CA THR E 78 -74.12 -222.18 -68.07
C THR E 78 -73.68 -220.87 -67.42
N LEU E 79 -74.32 -220.46 -66.33
CA LEU E 79 -73.86 -219.32 -65.55
C LEU E 79 -72.47 -219.57 -64.96
N TYR E 80 -72.25 -220.69 -64.25
CA TYR E 80 -70.95 -221.02 -63.66
C TYR E 80 -69.85 -221.16 -64.72
N LEU E 81 -70.19 -221.73 -65.88
CA LEU E 81 -69.28 -221.82 -67.01
C LEU E 81 -68.91 -220.45 -67.57
N SER E 82 -69.86 -219.51 -67.57
CA SER E 82 -69.64 -218.11 -67.95
C SER E 82 -68.75 -217.37 -66.95
N ALA E 83 -69.06 -217.44 -65.65
CA ALA E 83 -68.26 -216.86 -64.58
C ALA E 83 -66.82 -217.41 -64.57
N HIS E 84 -66.67 -218.72 -64.75
CA HIS E 84 -65.37 -219.37 -64.94
C HIS E 84 -64.59 -218.72 -66.10
N LYS E 85 -65.22 -218.59 -67.28
CA LYS E 85 -64.54 -218.02 -68.45
C LYS E 85 -64.20 -216.55 -68.28
N ILE E 86 -65.06 -215.75 -67.65
CA ILE E 86 -64.70 -214.37 -67.33
C ILE E 86 -63.47 -214.34 -66.40
N GLN E 87 -63.42 -215.20 -65.38
CA GLN E 87 -62.30 -215.21 -64.45
C GLN E 87 -60.98 -215.57 -65.15
N LEU E 88 -61.01 -216.46 -66.14
CA LEU E 88 -59.83 -216.73 -66.97
C LEU E 88 -59.49 -215.58 -67.92
N PHE E 89 -60.48 -214.79 -68.38
CA PHE E 89 -60.19 -213.58 -69.14
C PHE E 89 -59.50 -212.52 -68.26
N GLU E 90 -59.78 -212.53 -66.94
CA GLU E 90 -59.08 -211.71 -65.94
C GLU E 90 -57.79 -212.35 -65.40
N GLY E 91 -57.25 -213.39 -66.05
CA GLY E 91 -55.94 -213.94 -65.71
C GLY E 91 -55.93 -215.14 -64.76
N GLY E 92 -57.07 -215.46 -64.09
CA GLY E 92 -57.19 -216.63 -63.22
C GLY E 92 -57.64 -216.31 -61.78
N GLU E 93 -57.54 -217.32 -60.90
CA GLU E 93 -57.78 -217.12 -59.47
C GLU E 93 -56.64 -216.33 -58.84
N ALA E 94 -56.95 -215.25 -58.13
CA ALA E 94 -55.96 -214.64 -57.25
C ALA E 94 -55.63 -215.60 -56.11
N GLN E 95 -54.36 -216.00 -55.98
CA GLN E 95 -53.89 -216.74 -54.80
C GLN E 95 -53.61 -215.77 -53.66
N SER E 96 -53.07 -214.59 -53.99
CA SER E 96 -52.63 -213.57 -53.04
C SER E 96 -52.84 -212.16 -53.60
N GLU E 97 -53.20 -211.21 -52.74
CA GLU E 97 -53.31 -209.79 -53.08
C GLU E 97 -52.68 -208.92 -51.99
N SER E 98 -52.15 -207.76 -52.41
CA SER E 98 -51.42 -206.83 -51.56
C SER E 98 -51.53 -205.38 -52.08
N GLY E 99 -51.55 -204.42 -51.15
CA GLY E 99 -51.58 -202.97 -51.39
C GLY E 99 -51.68 -202.20 -50.06
N GLU E 100 -51.89 -200.86 -50.15
CA GLU E 100 -52.10 -200.03 -48.96
C GLU E 100 -53.46 -200.28 -48.28
N GLY E 101 -54.34 -201.04 -48.92
CA GLY E 101 -55.51 -201.63 -48.26
C GLY E 101 -55.14 -202.75 -47.27
N GLY E 102 -53.94 -203.33 -47.45
CA GLY E 102 -53.46 -204.52 -46.77
C GLY E 102 -53.50 -205.76 -47.67
N SER E 103 -53.23 -206.93 -47.06
CA SER E 103 -52.86 -208.14 -47.80
C SER E 103 -53.69 -209.37 -47.37
N VAL E 104 -53.89 -210.30 -48.32
CA VAL E 104 -54.79 -211.44 -48.14
C VAL E 104 -54.33 -212.62 -49.00
N SER E 105 -54.58 -213.87 -48.55
CA SER E 105 -54.25 -215.08 -49.29
C SER E 105 -55.44 -216.06 -49.32
N TYR E 106 -55.81 -216.57 -50.50
CA TYR E 106 -57.08 -217.25 -50.74
C TYR E 106 -57.03 -218.79 -50.70
N SER E 107 -56.02 -219.38 -50.03
CA SER E 107 -56.08 -220.77 -49.55
C SER E 107 -56.17 -221.83 -50.66
N THR E 108 -55.82 -221.51 -51.91
CA THR E 108 -56.20 -222.33 -53.07
C THR E 108 -55.54 -223.73 -53.08
N GLY E 109 -54.30 -223.80 -52.56
CA GLY E 109 -53.36 -224.91 -52.81
C GLY E 109 -52.97 -224.99 -54.28
N GLY E 110 -52.52 -226.18 -54.70
CA GLY E 110 -52.17 -226.46 -56.10
C GLY E 110 -53.39 -226.69 -56.99
N GLY E 111 -54.27 -227.58 -56.54
CA GLY E 111 -55.45 -228.05 -57.28
C GLY E 111 -55.11 -228.90 -58.51
N GLY E 112 -56.15 -229.24 -59.30
CA GLY E 112 -56.01 -230.06 -60.50
C GLY E 112 -55.41 -229.30 -61.70
N GLU E 113 -55.11 -230.06 -62.77
CA GLU E 113 -54.43 -229.57 -63.97
C GLU E 113 -55.36 -228.90 -64.98
N LYS E 114 -56.67 -229.27 -64.99
CA LYS E 114 -57.62 -228.93 -66.05
C LYS E 114 -58.32 -227.60 -65.76
N ASP E 115 -58.82 -226.91 -66.80
CA ASP E 115 -59.43 -225.59 -66.64
C ASP E 115 -60.52 -225.55 -65.55
N LEU E 116 -61.49 -226.48 -65.57
CA LEU E 116 -62.57 -226.46 -64.58
C LEU E 116 -62.07 -226.69 -63.16
N GLN E 117 -60.95 -227.39 -62.98
CA GLN E 117 -60.34 -227.57 -61.66
C GLN E 117 -59.63 -226.29 -61.18
N LYS E 118 -59.23 -225.39 -62.11
CA LYS E 118 -58.35 -224.25 -61.86
C LYS E 118 -59.07 -222.98 -61.38
N THR E 119 -60.42 -222.92 -61.41
CA THR E 119 -61.16 -221.80 -60.82
C THR E 119 -62.40 -222.27 -60.05
N ARG E 120 -62.83 -221.49 -59.04
CA ARG E 120 -63.91 -221.83 -58.12
C ARG E 120 -65.24 -222.05 -58.87
N TYR E 121 -65.54 -221.19 -59.84
CA TYR E 121 -66.71 -221.33 -60.71
C TYR E 121 -66.64 -222.59 -61.56
N GLY E 122 -65.44 -222.93 -62.04
CA GLY E 122 -65.20 -224.18 -62.74
C GLY E 122 -65.46 -225.38 -61.83
N ARG E 123 -64.93 -225.38 -60.60
CA ARG E 123 -65.12 -226.46 -59.63
C ARG E 123 -66.59 -226.64 -59.23
N MET E 124 -67.39 -225.57 -59.22
CA MET E 124 -68.85 -225.70 -59.11
C MET E 124 -69.47 -226.31 -60.37
N ALA E 125 -69.18 -225.79 -61.56
CA ALA E 125 -69.70 -226.31 -62.83
C ALA E 125 -69.37 -227.80 -63.01
N LEU E 126 -68.23 -228.24 -62.49
CA LEU E 126 -67.73 -229.61 -62.60
C LEU E 126 -68.67 -230.63 -61.96
N GLU E 127 -69.34 -230.28 -60.85
CA GLU E 127 -70.30 -231.16 -60.19
C GLU E 127 -71.60 -231.36 -61.00
N TYR E 128 -71.94 -230.42 -61.89
CA TYR E 128 -73.15 -230.50 -62.72
C TYR E 128 -73.02 -231.53 -63.85
N VAL E 129 -71.78 -231.93 -64.19
CA VAL E 129 -71.43 -232.75 -65.33
C VAL E 129 -70.51 -233.90 -64.89
N TRP E 130 -70.96 -234.62 -63.87
CA TRP E 130 -70.37 -235.87 -63.39
C TRP E 130 -68.89 -235.78 -63.01
N GLU E 131 -68.37 -234.59 -62.70
CA GLU E 131 -66.95 -234.36 -62.44
C GLU E 131 -66.04 -234.93 -63.56
N ASP E 132 -66.50 -234.87 -64.83
CA ASP E 132 -65.82 -235.42 -66.01
C ASP E 132 -65.59 -236.94 -65.95
N ASN E 133 -66.22 -237.66 -65.02
CA ASN E 133 -66.23 -239.13 -65.01
C ASN E 133 -67.00 -239.72 -66.22
N SER E 134 -66.58 -240.92 -66.65
CA SER E 134 -67.08 -241.62 -67.83
C SER E 134 -67.79 -242.93 -67.47
N ILE E 135 -69.01 -242.83 -66.94
CA ILE E 135 -69.85 -243.98 -66.62
C ILE E 135 -70.63 -244.49 -67.85
N ALA E 136 -70.30 -244.01 -69.05
CA ALA E 136 -71.00 -244.42 -70.28
C ALA E 136 -70.79 -245.90 -70.58
N ALA E 137 -71.90 -246.56 -70.97
CA ALA E 137 -71.92 -248.00 -71.24
C ALA E 137 -72.90 -248.36 -72.35
N LEU E 138 -72.61 -249.48 -73.04
CA LEU E 138 -73.32 -249.91 -74.24
C LEU E 138 -73.15 -251.42 -74.45
N ARG E 139 -74.13 -252.02 -75.16
CA ARG E 139 -74.27 -253.47 -75.35
C ARG E 139 -74.45 -253.82 -76.84
N THR E 140 -74.15 -255.07 -77.22
CA THR E 140 -74.48 -255.61 -78.54
C THR E 140 -75.97 -255.99 -78.66
N TYR E 141 -76.54 -255.82 -79.87
CA TYR E 141 -77.91 -256.22 -80.19
C TYR E 141 -77.95 -256.88 -81.60
N PRO F 2 10.80 -232.23 -54.69
CA PRO F 2 11.72 -232.49 -53.56
C PRO F 2 12.71 -233.62 -53.90
N ASP F 3 13.93 -233.54 -53.34
CA ASP F 3 14.96 -234.54 -53.58
C ASP F 3 14.52 -235.90 -53.00
N PRO F 4 14.30 -236.05 -51.67
CA PRO F 4 13.47 -237.15 -51.17
C PRO F 4 12.00 -236.86 -51.43
N SER F 5 11.37 -237.60 -52.34
CA SER F 5 9.94 -237.47 -52.61
C SER F 5 9.10 -237.99 -51.42
N ILE F 6 7.85 -237.51 -51.30
CA ILE F 6 6.94 -237.88 -50.22
C ILE F 6 6.58 -239.37 -50.21
N ASP F 7 6.79 -240.08 -51.32
CA ASP F 7 6.62 -241.54 -51.41
C ASP F 7 7.91 -242.31 -51.11
N GLU F 8 9.06 -241.62 -51.07
CA GLU F 8 10.37 -242.20 -50.72
C GLU F 8 10.63 -242.19 -49.20
N VAL F 9 9.64 -241.79 -48.40
CA VAL F 9 9.74 -241.65 -46.94
C VAL F 9 8.57 -242.34 -46.23
N SER F 10 8.88 -243.01 -45.10
CA SER F 10 7.94 -243.49 -44.10
C SER F 10 7.99 -242.58 -42.85
N LYS F 11 7.20 -242.87 -41.79
CA LYS F 11 7.16 -242.06 -40.58
C LYS F 11 8.55 -241.96 -39.92
N SER F 12 9.26 -243.10 -39.82
CA SER F 12 10.61 -243.17 -39.29
C SER F 12 11.61 -242.32 -40.08
N ASP F 13 11.44 -242.21 -41.40
CA ASP F 13 12.25 -241.37 -42.27
C ASP F 13 11.92 -239.89 -42.08
N TRP F 14 10.63 -239.56 -42.06
CA TRP F 14 10.14 -238.19 -41.91
C TRP F 14 10.73 -237.51 -40.68
N ASP F 15 10.73 -238.21 -39.53
CA ASP F 15 11.34 -237.73 -38.28
C ASP F 15 12.86 -237.57 -38.35
N ALA F 16 13.52 -238.24 -39.31
CA ALA F 16 14.97 -238.17 -39.51
C ALA F 16 15.38 -237.11 -40.55
N LEU F 17 14.45 -236.60 -41.38
CA LEU F 17 14.75 -235.56 -42.36
C LEU F 17 15.28 -234.29 -41.69
N THR F 18 16.16 -233.57 -42.40
CA THR F 18 16.53 -232.20 -42.03
C THR F 18 15.34 -231.25 -42.24
N THR F 19 15.43 -230.07 -41.62
CA THR F 19 14.48 -228.98 -41.80
C THR F 19 14.23 -228.65 -43.28
N GLN F 20 15.31 -228.54 -44.07
CA GLN F 20 15.19 -228.23 -45.49
C GLN F 20 14.44 -229.33 -46.24
N GLU F 21 14.86 -230.59 -46.08
CA GLU F 21 14.27 -231.72 -46.82
C GLU F 21 12.76 -231.84 -46.54
N GLN F 22 12.40 -231.66 -45.26
CA GLN F 22 11.02 -231.68 -44.79
C GLN F 22 10.25 -230.47 -45.35
N ASP F 23 10.89 -229.28 -45.38
CA ASP F 23 10.30 -228.06 -45.91
C ASP F 23 10.08 -228.10 -47.43
N ASP F 24 10.92 -228.81 -48.19
CA ASP F 24 10.70 -228.96 -49.63
C ASP F 24 9.38 -229.69 -49.90
N ILE F 25 9.06 -230.74 -49.13
CA ILE F 25 7.79 -231.43 -49.24
C ILE F 25 6.63 -230.50 -48.82
N ILE F 26 6.76 -229.79 -47.69
CA ILE F 26 5.75 -228.83 -47.24
C ILE F 26 5.49 -227.80 -48.35
N SER F 27 6.56 -227.24 -48.94
CA SER F 27 6.48 -226.29 -50.05
C SER F 27 5.72 -226.85 -51.25
N GLN F 28 5.89 -228.14 -51.55
CA GLN F 28 5.12 -228.80 -52.60
C GLN F 28 3.64 -228.93 -52.22
N VAL F 29 3.32 -229.30 -50.97
CA VAL F 29 1.95 -229.39 -50.48
C VAL F 29 1.24 -228.03 -50.60
N GLU F 30 1.92 -226.93 -50.22
CA GLU F 30 1.33 -225.60 -50.30
C GLU F 30 0.95 -225.16 -51.73
N ASN F 31 1.43 -225.83 -52.79
CA ASN F 31 0.96 -225.54 -54.13
C ASN F 31 -0.50 -225.96 -54.36
N LEU F 32 -1.04 -226.89 -53.56
CA LEU F 32 -2.34 -227.50 -53.79
C LEU F 32 -3.52 -226.59 -53.42
N SER F 33 -3.27 -225.49 -52.68
CA SER F 33 -4.28 -224.48 -52.38
C SER F 33 -3.83 -223.12 -52.87
N SER F 34 -4.73 -222.35 -53.50
CA SER F 34 -4.46 -220.98 -53.94
C SER F 34 -4.09 -220.07 -52.76
N THR F 35 -4.62 -220.36 -51.56
CA THR F 35 -4.32 -219.63 -50.33
C THR F 35 -3.04 -220.13 -49.66
N GLY F 36 -2.59 -221.34 -49.98
CA GLY F 36 -1.41 -221.95 -49.36
C GLY F 36 -1.51 -222.22 -47.86
N TRP F 37 -2.70 -222.06 -47.25
CA TRP F 37 -2.91 -222.20 -45.81
C TRP F 37 -1.95 -221.35 -44.96
N VAL F 38 -1.68 -220.11 -45.38
CA VAL F 38 -0.61 -219.27 -44.82
C VAL F 38 -0.80 -218.82 -43.36
N ASN F 39 -2.03 -218.90 -42.82
CA ASN F 39 -2.29 -218.59 -41.42
C ASN F 39 -2.08 -219.79 -40.47
N THR F 40 -1.78 -221.00 -41.01
CA THR F 40 -1.59 -222.20 -40.21
C THR F 40 -0.09 -222.53 -40.09
N SER F 41 0.37 -222.77 -38.84
CA SER F 41 1.79 -222.85 -38.53
C SER F 41 2.48 -224.09 -39.11
N ARG F 42 3.82 -224.04 -39.18
CA ARG F 42 4.68 -225.09 -39.72
C ARG F 42 4.37 -226.45 -39.11
N GLU F 43 4.31 -226.49 -37.78
CA GLU F 43 4.17 -227.70 -37.00
C GLU F 43 2.88 -228.46 -37.32
N ARG F 44 1.81 -227.73 -37.62
CA ARG F 44 0.51 -228.31 -37.94
C ARG F 44 0.52 -228.91 -39.34
N LYS F 45 1.15 -228.25 -40.31
CA LYS F 45 1.35 -228.80 -41.65
C LYS F 45 2.23 -230.04 -41.62
N ALA F 46 3.34 -229.98 -40.86
CA ALA F 46 4.24 -231.11 -40.70
C ALA F 46 3.54 -232.32 -40.06
N GLU F 47 2.80 -232.09 -38.97
CA GLU F 47 1.99 -233.12 -38.31
C GLU F 47 0.99 -233.78 -39.27
N ALA F 48 0.30 -232.97 -40.08
CA ALA F 48 -0.63 -233.47 -41.09
C ALA F 48 0.08 -234.37 -42.11
N ILE F 49 1.26 -233.97 -42.59
CA ILE F 49 2.02 -234.75 -43.57
C ILE F 49 2.52 -236.07 -42.95
N ARG F 50 3.08 -236.01 -41.74
CA ARG F 50 3.51 -237.18 -40.99
C ARG F 50 2.35 -238.17 -40.78
N SER F 51 1.16 -237.64 -40.44
CA SER F 51 -0.07 -238.42 -40.37
C SER F 51 -0.42 -239.05 -41.72
N ALA F 52 -0.39 -238.27 -42.81
CA ALA F 52 -0.69 -238.77 -44.15
C ALA F 52 0.26 -239.91 -44.55
N ILE F 53 1.56 -239.77 -44.26
CA ILE F 53 2.56 -240.80 -44.49
C ILE F 53 2.25 -242.06 -43.69
N ALA F 54 2.04 -241.94 -42.38
CA ALA F 54 1.70 -243.07 -41.51
C ALA F 54 0.38 -243.75 -41.91
N GLU F 55 -0.62 -242.96 -42.29
CA GLU F 55 -1.91 -243.45 -42.74
C GLU F 55 -1.79 -244.22 -44.06
N ARG F 56 -1.03 -243.69 -45.03
CA ARG F 56 -0.74 -244.40 -46.27
C ARG F 56 -0.10 -245.76 -45.97
N ASP F 57 0.97 -245.76 -45.18
CA ASP F 57 1.73 -246.95 -44.89
C ASP F 57 0.92 -248.00 -44.11
N THR F 58 -0.10 -247.59 -43.33
CA THR F 58 -0.90 -248.51 -42.50
C THR F 58 -2.25 -248.86 -43.11
N LEU F 59 -3.12 -247.87 -43.37
CA LEU F 59 -4.47 -248.10 -43.89
C LEU F 59 -4.52 -248.28 -45.41
N TYR F 60 -3.49 -247.83 -46.15
CA TYR F 60 -3.47 -247.92 -47.62
C TYR F 60 -2.23 -248.68 -48.12
N SER F 61 -1.96 -249.82 -47.48
CA SER F 61 -0.93 -250.78 -47.87
C SER F 61 -1.48 -252.21 -47.87
N GLY F 62 -0.78 -253.11 -48.57
CA GLY F 62 -1.28 -254.46 -48.84
C GLY F 62 -1.90 -254.61 -50.22
N ASN F 63 -2.02 -255.88 -50.68
CA ASN F 63 -2.64 -256.17 -51.96
C ASN F 63 -4.15 -256.38 -51.80
N MET F 64 -4.84 -256.30 -52.94
CA MET F 64 -6.25 -256.56 -53.11
C MET F 64 -6.43 -257.30 -54.44
N SER F 65 -6.75 -258.61 -54.39
CA SER F 65 -6.82 -259.49 -55.56
C SER F 65 -5.49 -259.51 -56.36
N ARG F 66 -4.36 -259.48 -55.64
CA ARG F 66 -3.01 -259.32 -56.16
C ARG F 66 -2.79 -258.17 -57.14
N LEU F 67 -3.69 -257.17 -57.10
CA LEU F 67 -3.43 -255.79 -57.49
C LEU F 67 -3.03 -255.01 -56.24
N PRO F 68 -2.30 -253.88 -56.31
CA PRO F 68 -2.01 -253.08 -55.11
C PRO F 68 -3.27 -252.34 -54.66
N THR F 69 -3.44 -252.15 -53.33
CA THR F 69 -4.57 -251.37 -52.81
C THR F 69 -4.50 -249.88 -53.15
N LEU F 70 -3.33 -249.39 -53.59
CA LEU F 70 -3.11 -248.03 -54.07
C LEU F 70 -2.68 -248.08 -55.54
N ASP F 71 -3.54 -247.58 -56.44
CA ASP F 71 -3.36 -247.68 -57.89
C ASP F 71 -2.68 -246.43 -58.46
N GLY F 72 -3.07 -245.25 -57.97
CA GLY F 72 -2.54 -243.97 -58.43
C GLY F 72 -1.14 -243.66 -57.88
N ASP F 73 -0.52 -242.58 -58.39
CA ASP F 73 0.82 -242.18 -57.98
C ASP F 73 0.88 -241.87 -56.48
N ALA F 74 1.67 -242.63 -55.72
CA ALA F 74 1.81 -242.47 -54.27
C ALA F 74 2.34 -241.09 -53.87
N GLU F 75 3.10 -240.40 -54.73
CA GLU F 75 3.48 -239.01 -54.50
C GLU F 75 2.21 -238.16 -54.36
N TYR F 76 1.43 -238.06 -55.44
CA TYR F 76 0.25 -237.23 -55.50
C TYR F 76 -0.84 -237.69 -54.53
N PHE F 77 -0.98 -239.00 -54.30
CA PHE F 77 -1.86 -239.48 -53.24
C PHE F 77 -1.46 -238.91 -51.87
N THR F 78 -0.19 -239.02 -51.48
CA THR F 78 0.24 -238.52 -50.17
C THR F 78 0.13 -237.00 -50.07
N LEU F 79 0.37 -236.28 -51.18
CA LEU F 79 0.13 -234.84 -51.25
C LEU F 79 -1.35 -234.52 -51.01
N TYR F 80 -2.27 -235.11 -51.79
CA TYR F 80 -3.69 -234.86 -51.62
C TYR F 80 -4.21 -235.31 -50.25
N LEU F 81 -3.69 -236.39 -49.70
CA LEU F 81 -4.03 -236.82 -48.36
C LEU F 81 -3.56 -235.81 -47.30
N SER F 82 -2.38 -235.19 -47.52
CA SER F 82 -1.86 -234.13 -46.66
C SER F 82 -2.73 -232.87 -46.74
N ALA F 83 -3.05 -232.42 -47.95
CA ALA F 83 -3.96 -231.29 -48.20
C ALA F 83 -5.34 -231.52 -47.57
N HIS F 84 -5.90 -232.73 -47.73
CA HIS F 84 -7.14 -233.14 -47.10
C HIS F 84 -7.06 -232.98 -45.58
N LYS F 85 -6.03 -233.54 -44.94
CA LYS F 85 -5.82 -233.44 -43.50
C LYS F 85 -5.63 -231.99 -43.05
N ILE F 86 -4.82 -231.19 -43.76
CA ILE F 86 -4.60 -229.78 -43.45
C ILE F 86 -5.91 -229.00 -43.47
N GLN F 87 -6.75 -229.21 -44.49
CA GLN F 87 -8.07 -228.61 -44.51
C GLN F 87 -8.87 -228.99 -43.27
N LEU F 88 -8.92 -230.27 -42.89
CA LEU F 88 -9.63 -230.70 -41.69
C LEU F 88 -9.01 -230.19 -40.39
N PHE F 89 -7.73 -229.77 -40.39
CA PHE F 89 -7.16 -229.08 -39.24
C PHE F 89 -7.67 -227.63 -39.11
N GLU F 90 -8.27 -227.07 -40.17
CA GLU F 90 -8.87 -225.74 -40.13
C GLU F 90 -10.39 -225.76 -39.98
N GLY F 91 -11.06 -226.78 -40.54
CA GLY F 91 -12.50 -226.95 -40.47
C GLY F 91 -13.00 -227.83 -41.62
N GLY F 92 -14.30 -227.72 -41.96
CA GLY F 92 -14.76 -228.38 -43.17
C GLY F 92 -14.28 -227.67 -44.43
N GLU F 93 -14.83 -228.08 -45.57
CA GLU F 93 -14.93 -227.18 -46.72
C GLU F 93 -15.81 -225.99 -46.34
N ALA F 94 -15.42 -224.78 -46.76
CA ALA F 94 -16.33 -223.65 -46.67
C ALA F 94 -17.42 -223.80 -47.74
N GLN F 95 -18.67 -224.04 -47.30
CA GLN F 95 -19.81 -224.00 -48.22
C GLN F 95 -20.07 -222.57 -48.70
N SER F 96 -19.91 -221.61 -47.77
CA SER F 96 -20.13 -220.18 -48.03
C SER F 96 -19.12 -219.33 -47.23
N GLU F 97 -18.64 -218.24 -47.84
CA GLU F 97 -17.78 -217.25 -47.20
C GLU F 97 -18.25 -215.84 -47.55
N SER F 98 -18.29 -214.95 -46.55
CA SER F 98 -18.64 -213.54 -46.73
C SER F 98 -17.72 -212.64 -45.89
N GLY F 99 -17.19 -211.58 -46.52
CA GLY F 99 -16.29 -210.61 -45.88
C GLY F 99 -17.02 -209.40 -45.31
N GLU F 100 -16.35 -208.24 -45.32
CA GLU F 100 -16.94 -206.96 -44.91
C GLU F 100 -18.24 -206.67 -45.67
N GLY F 101 -18.21 -206.98 -46.98
CA GLY F 101 -19.36 -207.01 -47.86
C GLY F 101 -19.09 -208.00 -49.00
N GLY F 102 -20.14 -208.46 -49.67
CA GLY F 102 -19.94 -209.48 -50.71
C GLY F 102 -19.80 -210.90 -50.15
N SER F 103 -20.05 -211.90 -51.01
CA SER F 103 -20.21 -213.30 -50.62
C SER F 103 -19.86 -214.23 -51.78
N VAL F 104 -19.53 -215.49 -51.44
CA VAL F 104 -19.28 -216.56 -52.41
C VAL F 104 -19.67 -217.90 -51.79
N SER F 105 -20.10 -218.86 -52.62
CA SER F 105 -20.43 -220.22 -52.17
C SER F 105 -19.86 -221.26 -53.15
N TYR F 106 -19.40 -222.41 -52.65
CA TYR F 106 -18.47 -223.26 -53.39
C TYR F 106 -19.04 -224.60 -53.89
N SER F 107 -20.38 -224.73 -54.00
CA SER F 107 -21.01 -225.81 -54.76
C SER F 107 -20.64 -227.23 -54.28
N THR F 108 -20.29 -227.39 -53.00
CA THR F 108 -19.79 -228.67 -52.50
C THR F 108 -20.90 -229.73 -52.48
N GLY F 109 -22.10 -229.35 -52.01
CA GLY F 109 -23.28 -230.21 -51.93
C GLY F 109 -23.23 -231.20 -50.76
N GLY F 110 -22.09 -231.89 -50.60
CA GLY F 110 -21.79 -232.78 -49.47
C GLY F 110 -22.03 -234.26 -49.77
N GLY F 111 -20.97 -235.07 -49.62
CA GLY F 111 -21.06 -236.53 -49.57
C GLY F 111 -21.39 -237.06 -48.16
N GLY F 112 -21.24 -238.39 -47.98
CA GLY F 112 -21.61 -239.09 -46.76
C GLY F 112 -20.62 -238.93 -45.60
N GLU F 113 -20.68 -239.85 -44.64
CA GLU F 113 -19.91 -239.81 -43.38
C GLU F 113 -18.40 -240.04 -43.57
N LYS F 114 -17.97 -240.48 -44.76
CA LYS F 114 -16.58 -240.78 -45.06
C LYS F 114 -15.76 -239.50 -45.20
N ASP F 115 -14.67 -239.38 -44.43
CA ASP F 115 -13.82 -238.19 -44.46
C ASP F 115 -13.32 -237.88 -45.88
N LEU F 116 -12.91 -238.89 -46.65
CA LEU F 116 -12.44 -238.64 -48.02
C LEU F 116 -13.52 -238.04 -48.93
N GLN F 117 -14.81 -238.18 -48.62
CA GLN F 117 -15.86 -237.48 -49.36
C GLN F 117 -16.01 -236.02 -48.92
N LYS F 118 -15.59 -235.66 -47.69
CA LYS F 118 -15.88 -234.37 -47.07
C LYS F 118 -15.10 -233.20 -47.67
N THR F 119 -13.97 -233.41 -48.39
CA THR F 119 -13.18 -232.32 -48.96
C THR F 119 -12.72 -232.58 -50.40
N ARG F 120 -12.34 -231.52 -51.13
CA ARG F 120 -11.95 -231.57 -52.54
C ARG F 120 -10.72 -232.44 -52.77
N TYR F 121 -9.69 -232.27 -51.94
CA TYR F 121 -8.49 -233.10 -51.98
C TYR F 121 -8.78 -234.56 -51.62
N GLY F 122 -9.67 -234.79 -50.66
CA GLY F 122 -10.13 -236.13 -50.32
C GLY F 122 -10.77 -236.81 -51.53
N ARG F 123 -11.71 -236.12 -52.20
CA ARG F 123 -12.42 -236.66 -53.36
C ARG F 123 -11.49 -236.94 -54.53
N MET F 124 -10.36 -236.24 -54.65
CA MET F 124 -9.30 -236.60 -55.58
C MET F 124 -8.50 -237.82 -55.12
N ALA F 125 -8.03 -237.84 -53.87
CA ALA F 125 -7.27 -238.96 -53.31
C ALA F 125 -8.05 -240.28 -53.36
N LEU F 126 -9.37 -240.23 -53.20
CA LEU F 126 -10.27 -241.38 -53.21
C LEU F 126 -10.21 -242.17 -54.52
N GLU F 127 -10.02 -241.52 -55.67
CA GLU F 127 -9.85 -242.21 -56.95
C GLU F 127 -8.56 -243.03 -57.00
N TYR F 128 -7.53 -242.69 -56.20
CA TYR F 128 -6.25 -243.41 -56.19
C TYR F 128 -6.38 -244.78 -55.52
N VAL F 129 -7.32 -244.90 -54.57
CA VAL F 129 -7.46 -246.06 -53.69
C VAL F 129 -8.76 -246.82 -54.00
N TRP F 130 -8.99 -247.05 -55.29
CA TRP F 130 -10.12 -247.82 -55.81
C TRP F 130 -11.47 -247.31 -55.28
N GLU F 131 -11.55 -246.02 -54.95
CA GLU F 131 -12.77 -245.41 -54.41
C GLU F 131 -13.26 -246.10 -53.12
N ASP F 132 -12.32 -246.64 -52.32
CA ASP F 132 -12.55 -247.45 -51.12
C ASP F 132 -13.38 -248.71 -51.38
N ASN F 133 -13.52 -249.14 -52.66
CA ASN F 133 -14.24 -250.35 -53.07
C ASN F 133 -13.50 -251.63 -52.61
N SER F 134 -14.25 -252.74 -52.50
CA SER F 134 -13.78 -254.00 -51.90
C SER F 134 -13.67 -255.13 -52.93
N ILE F 135 -12.83 -254.93 -53.97
CA ILE F 135 -12.66 -255.88 -55.07
C ILE F 135 -11.66 -257.01 -54.77
N ALA F 136 -11.20 -257.13 -53.51
CA ALA F 136 -10.25 -258.18 -53.10
C ALA F 136 -10.87 -259.58 -53.19
N ALA F 137 -10.07 -260.55 -53.68
CA ALA F 137 -10.51 -261.91 -53.92
C ALA F 137 -9.39 -262.93 -53.70
N LEU F 138 -9.78 -264.14 -53.25
CA LEU F 138 -8.87 -265.24 -52.92
C LEU F 138 -9.59 -266.59 -53.04
N ARG F 139 -8.81 -267.69 -53.11
CA ARG F 139 -9.29 -269.05 -53.36
C ARG F 139 -8.55 -270.07 -52.48
N THR F 140 -9.13 -271.26 -52.27
CA THR F 140 -8.41 -272.42 -51.75
C THR F 140 -7.39 -272.94 -52.77
N TYR F 141 -6.33 -273.61 -52.24
CA TYR F 141 -5.37 -274.38 -53.03
C TYR F 141 -5.23 -275.79 -52.45
N PRO G 2 3.70 -224.22 -77.89
CA PRO G 2 3.72 -225.69 -77.78
C PRO G 2 4.48 -226.43 -78.89
N ASP G 3 5.82 -226.46 -78.79
CA ASP G 3 6.69 -227.28 -79.63
C ASP G 3 6.55 -228.76 -79.23
N PRO G 4 6.82 -229.16 -77.95
CA PRO G 4 6.19 -230.35 -77.37
C PRO G 4 4.75 -230.01 -76.97
N SER G 5 4.00 -231.01 -76.48
CA SER G 5 2.62 -230.83 -76.03
C SER G 5 2.25 -231.82 -74.92
N ILE G 6 1.12 -231.59 -74.23
CA ILE G 6 0.81 -232.19 -72.93
C ILE G 6 0.59 -233.72 -72.94
N ASP G 7 0.14 -234.30 -74.07
CA ASP G 7 0.00 -235.75 -74.22
C ASP G 7 1.27 -236.43 -74.75
N GLU G 8 2.28 -235.65 -75.14
CA GLU G 8 3.57 -236.16 -75.62
C GLU G 8 4.61 -236.27 -74.50
N VAL G 9 4.20 -236.07 -73.23
CA VAL G 9 5.09 -236.05 -72.05
C VAL G 9 4.46 -236.83 -70.88
N SER G 10 5.32 -237.48 -70.09
CA SER G 10 5.00 -238.02 -68.76
C SER G 10 5.60 -237.16 -67.63
N LYS G 11 5.37 -237.51 -66.36
CA LYS G 11 5.81 -236.74 -65.20
C LYS G 11 7.32 -236.46 -65.21
N SER G 12 8.11 -237.48 -65.54
CA SER G 12 9.56 -237.40 -65.66
C SER G 12 10.00 -236.47 -66.80
N ASP G 13 9.24 -236.45 -67.90
CA ASP G 13 9.49 -235.57 -69.03
C ASP G 13 9.18 -234.12 -68.67
N TRP G 14 8.06 -233.88 -67.97
CA TRP G 14 7.68 -232.56 -67.50
C TRP G 14 8.80 -231.92 -66.68
N ASP G 15 9.36 -232.65 -65.72
CA ASP G 15 10.47 -232.17 -64.91
C ASP G 15 11.74 -231.88 -65.75
N ALA G 16 11.85 -232.48 -66.94
CA ALA G 16 12.98 -232.33 -67.86
C ALA G 16 12.75 -231.30 -68.98
N LEU G 17 11.50 -230.87 -69.21
CA LEU G 17 11.18 -229.79 -70.14
C LEU G 17 11.91 -228.50 -69.76
N THR G 18 12.14 -227.61 -70.74
CA THR G 18 12.56 -226.26 -70.40
C THR G 18 11.43 -225.53 -69.65
N THR G 19 11.81 -224.49 -68.89
CA THR G 19 10.86 -223.55 -68.33
C THR G 19 9.89 -223.02 -69.38
N GLN G 20 10.39 -222.69 -70.57
CA GLN G 20 9.55 -222.18 -71.65
C GLN G 20 8.49 -223.21 -72.09
N GLU G 21 8.87 -224.48 -72.23
CA GLU G 21 7.94 -225.52 -72.68
C GLU G 21 6.89 -225.83 -71.61
N GLN G 22 7.28 -225.82 -70.32
CA GLN G 22 6.32 -225.90 -69.23
C GLN G 22 5.36 -224.70 -69.29
N ASP G 23 5.91 -223.48 -69.39
CA ASP G 23 5.12 -222.26 -69.42
C ASP G 23 4.19 -222.18 -70.63
N ASP G 24 4.59 -222.70 -71.80
CA ASP G 24 3.74 -222.80 -72.97
C ASP G 24 2.54 -223.72 -72.71
N ILE G 25 2.77 -224.90 -72.12
CA ILE G 25 1.69 -225.82 -71.78
C ILE G 25 0.77 -225.17 -70.72
N ILE G 26 1.35 -224.48 -69.74
CA ILE G 26 0.61 -223.68 -68.78
C ILE G 26 -0.24 -222.63 -69.50
N SER G 27 0.36 -221.90 -70.45
CA SER G 27 -0.32 -220.89 -71.27
C SER G 27 -1.49 -221.48 -72.07
N GLN G 28 -1.36 -222.73 -72.53
CA GLN G 28 -2.46 -223.43 -73.18
C GLN G 28 -3.58 -223.76 -72.19
N VAL G 29 -3.25 -224.32 -71.00
CA VAL G 29 -4.25 -224.60 -69.96
C VAL G 29 -4.97 -223.32 -69.54
N GLU G 30 -4.25 -222.21 -69.36
CA GLU G 30 -4.82 -220.93 -68.97
C GLU G 30 -5.87 -220.40 -69.96
N ASN G 31 -5.93 -220.95 -71.18
CA ASN G 31 -6.98 -220.60 -72.11
C ASN G 31 -8.34 -221.17 -71.69
N LEU G 32 -8.39 -222.21 -70.84
CA LEU G 32 -9.62 -222.92 -70.50
C LEU G 32 -10.52 -222.16 -69.52
N SER G 33 -10.10 -221.00 -69.01
CA SER G 33 -11.00 -220.08 -68.31
C SER G 33 -10.80 -218.64 -68.79
N SER G 34 -11.90 -217.89 -68.97
CA SER G 34 -11.81 -216.48 -69.30
C SER G 34 -11.04 -215.69 -68.24
N THR G 35 -11.10 -216.15 -66.97
CA THR G 35 -10.37 -215.56 -65.85
C THR G 35 -8.91 -215.99 -65.82
N GLY G 36 -8.53 -217.03 -66.58
CA GLY G 36 -7.15 -217.51 -66.68
C GLY G 36 -6.52 -218.03 -65.38
N TRP G 37 -7.28 -218.06 -64.27
CA TRP G 37 -6.77 -218.29 -62.92
C TRP G 37 -5.57 -217.39 -62.59
N VAL G 38 -5.61 -216.12 -63.04
CA VAL G 38 -4.44 -215.24 -63.01
C VAL G 38 -3.98 -214.87 -61.59
N ASN G 39 -4.89 -214.83 -60.61
CA ASN G 39 -4.53 -214.56 -59.22
C ASN G 39 -4.13 -215.82 -58.44
N THR G 40 -3.97 -216.96 -59.13
CA THR G 40 -3.24 -218.12 -58.62
C THR G 40 -1.88 -218.20 -59.32
N SER G 41 -0.79 -218.36 -58.53
CA SER G 41 0.58 -218.23 -59.03
C SER G 41 0.99 -219.34 -60.00
N ARG G 42 2.06 -219.07 -60.77
CA ARG G 42 2.60 -219.95 -61.81
C ARG G 42 2.88 -221.37 -61.30
N GLU G 43 3.47 -221.47 -60.10
CA GLU G 43 3.88 -222.74 -59.50
C GLU G 43 2.69 -223.69 -59.27
N ARG G 44 1.54 -223.13 -58.93
CA ARG G 44 0.32 -223.89 -58.67
C ARG G 44 -0.26 -224.47 -59.95
N LYS G 45 -0.18 -223.72 -61.05
CA LYS G 45 -0.60 -224.18 -62.37
C LYS G 45 0.34 -225.25 -62.93
N ALA G 46 1.66 -225.07 -62.75
CA ALA G 46 2.65 -226.11 -63.02
C ALA G 46 2.35 -227.40 -62.24
N GLU G 47 2.09 -227.29 -60.93
CA GLU G 47 1.77 -228.43 -60.09
C GLU G 47 0.51 -229.18 -60.53
N ALA G 48 -0.55 -228.44 -60.82
CA ALA G 48 -1.81 -229.01 -61.33
C ALA G 48 -1.61 -229.81 -62.62
N ILE G 49 -0.80 -229.28 -63.55
CA ILE G 49 -0.45 -229.97 -64.79
C ILE G 49 0.39 -231.22 -64.50
N ARG G 50 1.43 -231.11 -63.68
CA ARG G 50 2.30 -232.22 -63.33
C ARG G 50 1.49 -233.37 -62.72
N SER G 51 0.57 -233.03 -61.82
CA SER G 51 -0.37 -233.96 -61.22
C SER G 51 -1.35 -234.56 -62.25
N ALA G 52 -1.92 -233.75 -63.14
CA ALA G 52 -2.82 -234.23 -64.20
C ALA G 52 -2.11 -235.23 -65.12
N ILE G 53 -0.89 -234.94 -65.54
CA ILE G 53 -0.05 -235.85 -66.32
C ILE G 53 0.12 -237.18 -65.58
N ALA G 54 0.53 -237.13 -64.31
CA ALA G 54 0.76 -238.34 -63.50
C ALA G 54 -0.52 -239.15 -63.24
N GLU G 55 -1.65 -238.45 -63.01
CA GLU G 55 -2.93 -239.08 -62.74
C GLU G 55 -3.53 -239.71 -64.01
N ARG G 56 -3.35 -239.09 -65.18
CA ARG G 56 -3.65 -239.72 -66.46
C ARG G 56 -2.87 -241.04 -66.60
N ASP G 57 -1.54 -240.96 -66.51
CA ASP G 57 -0.66 -242.10 -66.77
C ASP G 57 -0.89 -243.25 -65.78
N THR G 58 -1.27 -242.96 -64.53
CA THR G 58 -1.57 -243.99 -63.52
C THR G 58 -3.04 -244.44 -63.52
N LEU G 59 -4.00 -243.53 -63.33
CA LEU G 59 -5.41 -243.89 -63.13
C LEU G 59 -6.24 -244.01 -64.40
N TYR G 60 -5.82 -243.36 -65.51
CA TYR G 60 -6.64 -243.26 -66.72
C TYR G 60 -5.83 -243.68 -67.95
N SER G 61 -5.23 -244.88 -67.85
CA SER G 61 -4.39 -245.48 -68.88
C SER G 61 -4.67 -246.99 -69.00
N GLY G 62 -4.25 -247.59 -70.13
CA GLY G 62 -4.51 -249.00 -70.41
C GLY G 62 -5.84 -249.24 -71.12
N ASN G 63 -6.21 -250.52 -71.23
CA ASN G 63 -7.32 -250.96 -72.07
C ASN G 63 -8.47 -251.60 -71.28
N MET G 64 -9.68 -251.57 -71.86
CA MET G 64 -10.89 -252.23 -71.35
C MET G 64 -11.68 -252.85 -72.51
N SER G 65 -11.77 -254.19 -72.53
CA SER G 65 -12.20 -254.98 -73.67
C SER G 65 -11.44 -254.61 -74.97
N ARG G 66 -10.11 -254.45 -74.87
CA ARG G 66 -9.21 -254.05 -75.97
C ARG G 66 -9.43 -252.59 -76.45
N LEU G 67 -10.50 -251.92 -76.00
CA LEU G 67 -10.67 -250.48 -76.22
C LEU G 67 -9.65 -249.72 -75.38
N PRO G 68 -9.16 -248.53 -75.81
CA PRO G 68 -8.40 -247.67 -74.91
C PRO G 68 -9.33 -247.06 -73.86
N THR G 69 -8.89 -246.99 -72.60
CA THR G 69 -9.70 -246.34 -71.56
C THR G 69 -9.72 -244.82 -71.79
N LEU G 70 -8.56 -244.22 -72.08
CA LEU G 70 -8.49 -242.87 -72.63
C LEU G 70 -8.74 -242.92 -74.15
N ASP G 71 -10.02 -242.97 -74.52
CA ASP G 71 -10.43 -242.95 -75.92
C ASP G 71 -10.40 -241.52 -76.49
N GLY G 72 -10.81 -240.54 -75.67
CA GLY G 72 -10.84 -239.14 -76.08
C GLY G 72 -9.44 -238.56 -76.37
N ASP G 73 -9.39 -237.38 -77.03
CA ASP G 73 -8.13 -236.76 -77.38
C ASP G 73 -7.29 -236.46 -76.14
N ALA G 74 -6.13 -237.13 -76.01
CA ALA G 74 -5.32 -237.08 -74.78
C ALA G 74 -4.82 -235.66 -74.47
N GLU G 75 -4.62 -234.82 -75.50
CA GLU G 75 -4.25 -233.42 -75.33
C GLU G 75 -5.32 -232.72 -74.47
N TYR G 76 -6.53 -232.62 -75.01
CA TYR G 76 -7.64 -231.95 -74.36
C TYR G 76 -8.04 -232.63 -73.06
N PHE G 77 -7.97 -233.96 -72.99
CA PHE G 77 -8.19 -234.63 -71.70
C PHE G 77 -7.24 -234.10 -70.63
N THR G 78 -5.94 -234.06 -70.91
CA THR G 78 -4.98 -233.63 -69.90
C THR G 78 -5.14 -232.15 -69.57
N LEU G 79 -5.50 -231.32 -70.54
CA LEU G 79 -5.86 -229.92 -70.30
C LEU G 79 -7.05 -229.82 -69.35
N TYR G 80 -8.16 -230.53 -69.63
CA TYR G 80 -9.36 -230.50 -68.80
C TYR G 80 -9.09 -231.01 -67.38
N LEU G 81 -8.28 -232.06 -67.25
CA LEU G 81 -7.86 -232.58 -65.97
C LEU G 81 -6.99 -231.56 -65.19
N SER G 82 -6.15 -230.79 -65.90
CA SER G 82 -5.36 -229.70 -65.32
C SER G 82 -6.24 -228.53 -64.85
N ALA G 83 -7.13 -228.04 -65.72
CA ALA G 83 -8.11 -227.00 -65.40
C ALA G 83 -8.99 -227.40 -64.21
N HIS G 84 -9.47 -228.65 -64.19
CA HIS G 84 -10.19 -229.21 -63.06
C HIS G 84 -9.37 -229.09 -61.77
N LYS G 85 -8.11 -229.54 -61.78
CA LYS G 85 -7.22 -229.50 -60.62
C LYS G 85 -6.97 -228.07 -60.14
N ILE G 86 -6.73 -227.12 -61.05
CA ILE G 86 -6.60 -225.71 -60.68
C ILE G 86 -7.88 -225.22 -60.00
N GLN G 87 -9.06 -225.54 -60.53
CA GLN G 87 -10.31 -225.09 -59.95
C GLN G 87 -10.52 -225.63 -58.54
N LEU G 88 -10.10 -226.88 -58.27
CA LEU G 88 -10.11 -227.42 -56.90
C LEU G 88 -9.03 -226.79 -56.01
N PHE G 89 -7.89 -226.34 -56.57
CA PHE G 89 -6.93 -225.56 -55.82
C PHE G 89 -7.50 -224.19 -55.42
N GLU G 90 -8.37 -223.61 -56.27
CA GLU G 90 -9.14 -222.40 -55.98
C GLU G 90 -10.44 -222.65 -55.17
N GLY G 91 -10.61 -223.84 -54.59
CA GLY G 91 -11.69 -224.10 -53.64
C GLY G 91 -12.96 -224.73 -54.22
N GLY G 92 -13.06 -224.92 -55.55
CA GLY G 92 -14.20 -225.55 -56.20
C GLY G 92 -15.00 -224.64 -57.13
N GLU G 93 -16.18 -225.12 -57.58
CA GLU G 93 -17.07 -224.30 -58.39
C GLU G 93 -17.76 -223.23 -57.56
N ALA G 94 -17.77 -221.99 -58.05
CA ALA G 94 -18.66 -220.98 -57.48
C ALA G 94 -20.11 -221.36 -57.80
N GLN G 95 -20.92 -221.62 -56.76
CA GLN G 95 -22.37 -221.73 -56.92
C GLN G 95 -22.98 -220.34 -57.04
N SER G 96 -22.45 -219.38 -56.26
CA SER G 96 -22.96 -218.01 -56.13
C SER G 96 -21.82 -217.03 -55.88
N GLU G 97 -21.93 -215.83 -56.46
CA GLU G 97 -21.01 -214.71 -56.26
C GLU G 97 -21.79 -213.42 -56.04
N SER G 98 -21.26 -212.55 -55.17
CA SER G 98 -21.91 -211.30 -54.77
C SER G 98 -20.88 -210.24 -54.33
N GLY G 99 -21.19 -208.96 -54.60
CA GLY G 99 -20.40 -207.79 -54.25
C GLY G 99 -21.05 -206.50 -54.78
N GLU G 100 -20.33 -205.36 -54.69
CA GLU G 100 -20.79 -204.09 -55.26
C GLU G 100 -20.81 -204.08 -56.79
N GLY G 101 -20.23 -205.12 -57.42
CA GLY G 101 -20.46 -205.40 -58.84
C GLY G 101 -21.88 -205.90 -59.14
N GLY G 102 -22.57 -206.41 -58.12
CA GLY G 102 -23.82 -207.14 -58.21
C GLY G 102 -23.62 -208.65 -58.00
N SER G 103 -24.68 -209.45 -58.22
CA SER G 103 -24.74 -210.85 -57.79
C SER G 103 -25.22 -211.80 -58.89
N VAL G 104 -24.74 -213.06 -58.87
CA VAL G 104 -24.99 -214.06 -59.92
C VAL G 104 -24.92 -215.48 -59.33
N SER G 105 -25.73 -216.41 -59.87
CA SER G 105 -25.78 -217.80 -59.41
C SER G 105 -25.74 -218.79 -60.59
N TYR G 106 -24.88 -219.83 -60.49
CA TYR G 106 -24.46 -220.63 -61.64
C TYR G 106 -25.18 -221.98 -61.82
N SER G 107 -26.40 -222.15 -61.26
CA SER G 107 -27.35 -223.20 -61.66
C SER G 107 -26.87 -224.64 -61.43
N THR G 108 -25.87 -224.84 -60.54
CA THR G 108 -25.15 -226.10 -60.44
C THR G 108 -26.03 -227.28 -59.97
N GLY G 109 -27.01 -226.99 -59.09
CA GLY G 109 -27.62 -227.99 -58.23
C GLY G 109 -26.59 -228.69 -57.35
N GLY G 110 -26.91 -229.91 -56.87
CA GLY G 110 -26.00 -230.73 -56.08
C GLY G 110 -25.00 -231.53 -56.92
N GLY G 111 -25.51 -232.16 -58.00
CA GLY G 111 -24.74 -233.06 -58.86
C GLY G 111 -24.22 -234.32 -58.17
N GLY G 112 -23.19 -234.94 -58.77
CA GLY G 112 -22.57 -236.18 -58.27
C GLY G 112 -21.61 -235.99 -57.08
N GLU G 113 -21.17 -237.13 -56.51
CA GLU G 113 -20.34 -237.20 -55.30
C GLU G 113 -18.84 -237.17 -55.60
N LYS G 114 -18.42 -237.59 -56.81
CA LYS G 114 -17.02 -237.85 -57.16
C LYS G 114 -16.38 -236.60 -57.77
N ASP G 115 -15.05 -236.46 -57.64
CA ASP G 115 -14.34 -235.24 -58.05
C ASP G 115 -14.67 -234.79 -59.48
N LEU G 116 -14.63 -235.67 -60.47
CA LEU G 116 -14.85 -235.26 -61.86
C LEU G 116 -16.28 -234.77 -62.09
N GLN G 117 -17.25 -235.19 -61.27
CA GLN G 117 -18.61 -234.66 -61.33
C GLN G 117 -18.74 -233.27 -60.69
N LYS G 118 -17.80 -232.89 -59.81
CA LYS G 118 -17.88 -231.69 -58.96
C LYS G 118 -17.46 -230.39 -59.66
N THR G 119 -16.79 -230.44 -60.83
CA THR G 119 -16.45 -229.24 -61.58
C THR G 119 -16.69 -229.41 -63.08
N ARG G 120 -16.98 -228.31 -63.79
CA ARG G 120 -17.30 -228.29 -65.21
C ARG G 120 -16.18 -228.88 -66.07
N TYR G 121 -14.93 -228.58 -65.71
CA TYR G 121 -13.76 -229.16 -66.37
C TYR G 121 -13.65 -230.67 -66.13
N GLY G 122 -13.99 -231.11 -64.92
CA GLY G 122 -14.07 -232.53 -64.63
C GLY G 122 -15.16 -233.21 -65.45
N ARG G 123 -16.36 -232.62 -65.52
CA ARG G 123 -17.49 -233.15 -66.29
C ARG G 123 -17.19 -233.24 -67.79
N MET G 124 -16.36 -232.33 -68.33
CA MET G 124 -15.83 -232.46 -69.67
C MET G 124 -14.83 -233.61 -69.80
N ALA G 125 -13.82 -233.70 -68.92
CA ALA G 125 -12.83 -234.78 -68.94
C ALA G 125 -13.48 -236.16 -68.83
N LEU G 126 -14.56 -236.27 -68.06
CA LEU G 126 -15.27 -237.51 -67.79
C LEU G 126 -15.78 -238.21 -69.06
N GLU G 127 -16.20 -237.45 -70.09
CA GLU G 127 -16.64 -237.98 -71.37
C GLU G 127 -15.51 -238.59 -72.21
N TYR G 128 -14.25 -238.18 -71.98
CA TYR G 128 -13.09 -238.72 -72.68
C TYR G 128 -12.71 -240.14 -72.21
N VAL G 129 -13.19 -240.53 -71.02
CA VAL G 129 -12.80 -241.76 -70.33
C VAL G 129 -14.06 -242.53 -69.91
N TRP G 130 -14.97 -242.71 -70.87
CA TRP G 130 -16.15 -243.56 -70.78
C TRP G 130 -17.06 -243.29 -69.58
N GLU G 131 -17.05 -242.05 -69.07
CA GLU G 131 -17.79 -241.66 -67.86
C GLU G 131 -17.48 -242.58 -66.67
N ASP G 132 -16.23 -243.07 -66.59
CA ASP G 132 -15.71 -243.94 -65.53
C ASP G 132 -16.40 -245.32 -65.46
N ASN G 133 -17.16 -245.70 -66.49
CA ASN G 133 -17.82 -247.00 -66.57
C ASN G 133 -16.82 -248.14 -66.82
N SER G 134 -17.16 -249.34 -66.29
CA SER G 134 -16.33 -250.54 -66.35
C SER G 134 -16.70 -251.45 -67.53
N ILE G 135 -16.32 -251.03 -68.75
CA ILE G 135 -16.61 -251.76 -69.99
C ILE G 135 -15.73 -253.01 -70.15
N ALA G 136 -14.71 -253.19 -69.28
CA ALA G 136 -13.71 -254.25 -69.43
C ALA G 136 -14.30 -255.67 -69.41
N ALA G 137 -13.76 -256.53 -70.28
CA ALA G 137 -14.19 -257.92 -70.46
C ALA G 137 -13.05 -258.81 -70.98
N LEU G 138 -13.06 -260.08 -70.56
CA LEU G 138 -11.96 -261.02 -70.80
C LEU G 138 -12.47 -262.47 -70.79
N ARG G 139 -11.75 -263.37 -71.50
CA ARG G 139 -12.13 -264.75 -71.75
C ARG G 139 -11.04 -265.73 -71.29
N THR G 140 -11.41 -267.00 -71.01
CA THR G 140 -10.45 -268.07 -70.76
C THR G 140 -9.87 -268.63 -72.07
N TYR G 141 -8.60 -269.10 -72.01
CA TYR G 141 -7.89 -269.72 -73.13
C TYR G 141 -7.11 -270.96 -72.65
N PRO H 2 -9.22 -238.33 -8.45
CA PRO H 2 -9.86 -238.43 -7.12
C PRO H 2 -9.43 -239.69 -6.36
N ASP H 3 -9.52 -239.65 -5.02
CA ASP H 3 -9.11 -240.75 -4.15
C ASP H 3 -10.02 -241.97 -4.39
N PRO H 4 -11.35 -241.92 -4.09
CA PRO H 4 -12.29 -242.85 -4.71
C PRO H 4 -12.56 -242.40 -6.14
N SER H 5 -12.30 -243.26 -7.13
CA SER H 5 -12.75 -243.01 -8.49
C SER H 5 -14.26 -243.23 -8.60
N ILE H 6 -14.92 -242.55 -9.55
CA ILE H 6 -16.37 -242.52 -9.71
C ILE H 6 -16.99 -243.91 -10.02
N ASP H 7 -16.20 -244.84 -10.56
CA ASP H 7 -16.64 -246.20 -10.85
C ASP H 7 -16.62 -247.12 -9.62
N GLU H 8 -15.90 -246.76 -8.55
CA GLU H 8 -15.82 -247.57 -7.33
C GLU H 8 -17.09 -247.48 -6.48
N VAL H 9 -17.81 -246.34 -6.58
CA VAL H 9 -18.84 -245.92 -5.63
C VAL H 9 -20.24 -246.01 -6.23
N SER H 10 -21.19 -246.54 -5.43
CA SER H 10 -22.62 -246.62 -5.71
C SER H 10 -23.38 -245.43 -5.10
N LYS H 11 -24.72 -245.40 -5.23
CA LYS H 11 -25.55 -244.31 -4.71
C LYS H 11 -25.43 -244.18 -3.18
N SER H 12 -25.46 -245.32 -2.48
CA SER H 12 -25.30 -245.41 -1.04
C SER H 12 -23.91 -244.95 -0.57
N ASP H 13 -22.86 -245.25 -1.35
CA ASP H 13 -21.50 -244.83 -1.09
C ASP H 13 -21.31 -243.33 -1.32
N TRP H 14 -21.93 -242.79 -2.37
CA TRP H 14 -21.84 -241.38 -2.73
C TRP H 14 -22.30 -240.46 -1.59
N ASP H 15 -23.42 -240.80 -0.93
CA ASP H 15 -23.93 -240.06 0.21
C ASP H 15 -22.99 -240.05 1.42
N ALA H 16 -22.12 -241.06 1.55
CA ALA H 16 -21.18 -241.19 2.65
C ALA H 16 -19.92 -240.33 2.47
N LEU H 17 -19.64 -239.86 1.24
CA LEU H 17 -18.40 -239.16 0.91
C LEU H 17 -18.24 -237.85 1.69
N THR H 18 -16.97 -237.49 1.97
CA THR H 18 -16.63 -236.15 2.42
C THR H 18 -16.88 -235.13 1.31
N THR H 19 -17.01 -233.86 1.69
CA THR H 19 -17.06 -232.75 0.74
C THR H 19 -15.86 -232.77 -0.21
N GLN H 20 -14.64 -233.03 0.29
CA GLN H 20 -13.44 -233.05 -0.52
C GLN H 20 -13.47 -234.17 -1.59
N GLU H 21 -13.81 -235.40 -1.19
CA GLU H 21 -13.91 -236.52 -2.14
C GLU H 21 -14.94 -236.21 -3.23
N GLN H 22 -16.10 -235.72 -2.80
CA GLN H 22 -17.21 -235.38 -3.68
C GLN H 22 -16.83 -234.23 -4.63
N ASP H 23 -16.16 -233.19 -4.11
CA ASP H 23 -15.66 -232.05 -4.88
C ASP H 23 -14.60 -232.44 -5.91
N ASP H 24 -13.70 -233.37 -5.58
CA ASP H 24 -12.72 -233.88 -6.51
C ASP H 24 -13.39 -234.60 -7.69
N ILE H 25 -14.43 -235.40 -7.43
CA ILE H 25 -15.20 -236.05 -8.49
C ILE H 25 -15.95 -235.01 -9.34
N ILE H 26 -16.61 -234.03 -8.69
CA ILE H 26 -17.29 -232.96 -9.41
C ILE H 26 -16.30 -232.21 -10.32
N SER H 27 -15.11 -231.88 -9.80
CA SER H 27 -14.03 -231.26 -10.56
C SER H 27 -13.64 -232.09 -11.78
N GLN H 28 -13.57 -233.42 -11.63
CA GLN H 28 -13.28 -234.31 -12.74
C GLN H 28 -14.37 -234.19 -13.83
N VAL H 29 -15.64 -234.12 -13.45
CA VAL H 29 -16.74 -233.94 -14.41
C VAL H 29 -16.65 -232.57 -15.10
N GLU H 30 -16.36 -231.49 -14.37
CA GLU H 30 -16.24 -230.16 -14.94
C GLU H 30 -15.14 -230.05 -16.00
N ASN H 31 -14.20 -231.01 -16.07
CA ASN H 31 -13.20 -231.06 -17.13
C ASN H 31 -13.77 -231.43 -18.50
N LEU H 32 -15.01 -231.99 -18.57
CA LEU H 32 -15.60 -232.49 -19.81
C LEU H 32 -16.26 -231.40 -20.67
N SER H 33 -16.35 -230.16 -20.16
CA SER H 33 -16.91 -229.02 -20.89
C SER H 33 -15.97 -227.81 -20.81
N SER H 34 -15.78 -227.09 -21.93
CA SER H 34 -14.91 -225.93 -21.98
C SER H 34 -15.41 -224.76 -21.13
N THR H 35 -16.74 -224.66 -20.92
CA THR H 35 -17.32 -223.66 -20.03
C THR H 35 -17.40 -224.15 -18.58
N GLY H 36 -17.31 -225.47 -18.35
CA GLY H 36 -17.41 -226.05 -17.02
C GLY H 36 -18.76 -225.86 -16.32
N TRP H 37 -19.80 -225.46 -17.05
CA TRP H 37 -21.14 -225.20 -16.52
C TRP H 37 -21.15 -224.29 -15.29
N VAL H 38 -20.31 -223.25 -15.27
CA VAL H 38 -19.99 -222.48 -14.07
C VAL H 38 -21.19 -221.76 -13.44
N ASN H 39 -22.23 -221.46 -14.23
CA ASN H 39 -23.42 -220.81 -13.71
C ASN H 39 -24.41 -221.77 -13.03
N THR H 40 -24.18 -223.09 -13.11
CA THR H 40 -25.05 -224.09 -12.48
C THR H 40 -24.47 -224.54 -11.14
N SER H 41 -25.30 -224.54 -10.09
CA SER H 41 -24.87 -224.72 -8.71
C SER H 41 -24.33 -226.13 -8.41
N ARG H 42 -23.52 -226.22 -7.34
CA ARG H 42 -22.89 -227.46 -6.90
C ARG H 42 -23.89 -228.61 -6.70
N GLU H 43 -24.99 -228.32 -6.01
CA GLU H 43 -26.01 -229.29 -5.64
C GLU H 43 -26.57 -230.00 -6.87
N ARG H 44 -26.71 -229.27 -7.98
CA ARG H 44 -27.30 -229.78 -9.21
C ARG H 44 -26.32 -230.72 -9.92
N LYS H 45 -25.03 -230.38 -9.94
CA LYS H 45 -23.99 -231.25 -10.47
C LYS H 45 -23.83 -232.51 -9.62
N ALA H 46 -23.84 -232.37 -8.29
CA ALA H 46 -23.83 -233.50 -7.36
C ALA H 46 -25.06 -234.42 -7.57
N GLU H 47 -26.25 -233.86 -7.75
CA GLU H 47 -27.47 -234.61 -8.05
C GLU H 47 -27.36 -235.36 -9.39
N ALA H 48 -26.81 -234.72 -10.43
CA ALA H 48 -26.58 -235.35 -11.72
C ALA H 48 -25.61 -236.55 -11.62
N ILE H 49 -24.55 -236.41 -10.83
CA ILE H 49 -23.60 -237.50 -10.61
C ILE H 49 -24.26 -238.65 -9.84
N ARG H 50 -24.94 -238.35 -8.73
CA ARG H 50 -25.66 -239.34 -7.93
C ARG H 50 -26.69 -240.11 -8.77
N SER H 51 -27.42 -239.39 -9.64
CA SER H 51 -28.31 -239.98 -10.65
C SER H 51 -27.54 -240.89 -11.63
N ALA H 52 -26.43 -240.41 -12.20
CA ALA H 52 -25.64 -241.18 -13.16
C ALA H 52 -25.10 -242.48 -12.55
N ILE H 53 -24.63 -242.42 -11.29
CA ILE H 53 -24.17 -243.58 -10.53
C ILE H 53 -25.28 -244.60 -10.32
N ALA H 54 -26.46 -244.16 -9.84
CA ALA H 54 -27.62 -245.02 -9.66
C ALA H 54 -28.10 -245.63 -10.99
N GLU H 55 -28.10 -244.83 -12.06
CA GLU H 55 -28.55 -245.26 -13.37
C GLU H 55 -27.60 -246.26 -14.01
N ARG H 56 -26.28 -246.08 -13.84
CA ARG H 56 -25.28 -247.07 -14.21
C ARG H 56 -25.56 -248.39 -13.48
N ASP H 57 -25.69 -248.35 -12.16
CA ASP H 57 -25.86 -249.55 -11.35
C ASP H 57 -27.19 -250.27 -11.61
N THR H 58 -28.24 -249.56 -12.05
CA THR H 58 -29.55 -250.16 -12.37
C THR H 58 -29.70 -250.54 -13.85
N LEU H 59 -29.54 -249.58 -14.77
CA LEU H 59 -29.83 -249.80 -16.19
C LEU H 59 -28.65 -250.42 -16.96
N TYR H 60 -27.41 -250.23 -16.47
CA TYR H 60 -26.19 -250.54 -17.22
C TYR H 60 -25.22 -251.46 -16.47
N SER H 61 -25.72 -252.14 -15.41
CA SER H 61 -25.10 -253.33 -14.85
C SER H 61 -25.66 -254.60 -15.52
N GLY H 62 -25.11 -255.79 -15.19
CA GLY H 62 -25.58 -257.04 -15.77
C GLY H 62 -24.89 -257.39 -17.09
N ASN H 63 -25.45 -258.37 -17.82
CA ASN H 63 -24.71 -259.09 -18.85
C ASN H 63 -25.57 -259.43 -20.09
N MET H 64 -24.89 -259.62 -21.22
CA MET H 64 -25.46 -260.11 -22.48
C MET H 64 -24.51 -261.17 -23.06
N SER H 65 -24.93 -262.44 -23.00
CA SER H 65 -23.99 -263.56 -22.92
C SER H 65 -23.10 -263.38 -21.67
N ARG H 66 -21.93 -264.05 -21.56
CA ARG H 66 -21.05 -263.85 -20.41
C ARG H 66 -20.47 -262.42 -20.34
N LEU H 67 -20.56 -261.67 -21.45
CA LEU H 67 -20.05 -260.31 -21.60
C LEU H 67 -20.81 -259.34 -20.69
N PRO H 68 -20.12 -258.36 -20.04
CA PRO H 68 -20.82 -257.31 -19.29
C PRO H 68 -21.51 -256.36 -20.27
N THR H 69 -22.66 -255.81 -19.86
CA THR H 69 -23.36 -254.81 -20.67
C THR H 69 -22.58 -253.49 -20.77
N LEU H 70 -21.84 -253.13 -19.72
CA LEU H 70 -20.89 -252.02 -19.75
C LEU H 70 -19.50 -252.58 -20.09
N ASP H 71 -19.11 -252.50 -21.37
CA ASP H 71 -17.87 -253.10 -21.87
C ASP H 71 -16.64 -252.22 -21.59
N GLY H 72 -16.78 -250.90 -21.82
CA GLY H 72 -15.69 -249.94 -21.71
C GLY H 72 -15.35 -249.54 -20.27
N ASP H 73 -14.46 -248.55 -20.14
CA ASP H 73 -14.06 -248.02 -18.85
C ASP H 73 -15.23 -247.34 -18.13
N ALA H 74 -15.68 -247.94 -17.02
CA ALA H 74 -16.79 -247.45 -16.21
C ALA H 74 -16.53 -246.05 -15.63
N GLU H 75 -15.26 -245.65 -15.46
CA GLU H 75 -14.91 -244.30 -15.01
C GLU H 75 -15.47 -243.27 -16.00
N TYR H 76 -14.99 -243.31 -17.23
CA TYR H 76 -15.40 -242.39 -18.29
C TYR H 76 -16.86 -242.57 -18.68
N PHE H 77 -17.40 -243.79 -18.65
CA PHE H 77 -18.85 -243.95 -18.83
C PHE H 77 -19.64 -243.15 -17.80
N THR H 78 -19.28 -243.24 -16.51
CA THR H 78 -19.99 -242.51 -15.47
C THR H 78 -19.78 -240.99 -15.59
N LEU H 79 -18.57 -240.55 -15.96
CA LEU H 79 -18.30 -239.14 -16.22
C LEU H 79 -19.16 -238.63 -17.37
N TYR H 80 -19.19 -239.30 -18.53
CA TYR H 80 -20.02 -238.89 -19.65
C TYR H 80 -21.51 -238.91 -19.30
N LEU H 81 -22.00 -239.93 -18.61
CA LEU H 81 -23.39 -239.99 -18.19
C LEU H 81 -23.75 -238.83 -17.24
N SER H 82 -22.82 -238.43 -16.37
CA SER H 82 -22.94 -237.26 -15.51
C SER H 82 -23.01 -235.97 -16.32
N ALA H 83 -22.07 -235.77 -17.25
CA ALA H 83 -22.02 -234.60 -18.13
C ALA H 83 -23.26 -234.47 -19.00
N HIS H 84 -23.76 -235.60 -19.52
CA HIS H 84 -25.02 -235.69 -20.23
C HIS H 84 -26.18 -235.17 -19.38
N LYS H 85 -26.30 -235.65 -18.14
CA LYS H 85 -27.34 -235.21 -17.22
C LYS H 85 -27.19 -233.74 -16.83
N ILE H 86 -25.98 -233.26 -16.56
CA ILE H 86 -25.73 -231.85 -16.26
C ILE H 86 -26.20 -230.99 -17.42
N GLN H 87 -25.84 -231.35 -18.65
CA GLN H 87 -26.32 -230.62 -19.82
C GLN H 87 -27.86 -230.59 -19.85
N LEU H 88 -28.51 -231.74 -19.67
CA LEU H 88 -29.97 -231.83 -19.67
C LEU H 88 -30.63 -231.12 -18.48
N PHE H 89 -29.88 -230.81 -17.41
CA PHE H 89 -30.41 -229.96 -16.35
C PHE H 89 -30.43 -228.48 -16.78
N GLU H 90 -29.61 -228.07 -17.76
CA GLU H 90 -29.63 -226.70 -18.25
C GLU H 90 -30.66 -226.52 -19.36
N GLY H 91 -30.67 -227.45 -20.32
CA GLY H 91 -31.56 -227.39 -21.47
C GLY H 91 -31.26 -228.52 -22.46
N GLY H 92 -31.45 -228.25 -23.76
CA GLY H 92 -31.03 -229.23 -24.76
C GLY H 92 -29.53 -229.14 -25.07
N GLU H 93 -29.14 -229.70 -26.21
CA GLU H 93 -27.92 -229.27 -26.87
C GLU H 93 -28.10 -227.84 -27.38
N ALA H 94 -27.06 -227.03 -27.26
CA ALA H 94 -27.02 -225.73 -27.92
C ALA H 94 -26.86 -225.93 -29.44
N GLN H 95 -27.95 -226.02 -30.20
CA GLN H 95 -27.84 -226.16 -31.66
C GLN H 95 -27.29 -224.87 -32.26
N SER H 96 -27.86 -223.74 -31.80
CA SER H 96 -27.55 -222.40 -32.30
C SER H 96 -27.48 -221.43 -31.12
N GLU H 97 -26.45 -220.56 -31.12
CA GLU H 97 -26.26 -219.53 -30.11
C GLU H 97 -25.96 -218.19 -30.81
N SER H 98 -26.63 -217.13 -30.35
CA SER H 98 -26.42 -215.79 -30.91
C SER H 98 -26.57 -214.71 -29.81
N GLY H 99 -25.79 -213.63 -29.93
CA GLY H 99 -25.83 -212.51 -28.99
C GLY H 99 -24.88 -211.39 -29.40
N GLU H 100 -25.36 -210.14 -29.40
CA GLU H 100 -24.60 -208.99 -29.89
C GLU H 100 -24.07 -209.24 -31.32
N GLY H 101 -24.96 -209.72 -32.21
CA GLY H 101 -24.63 -209.97 -33.61
C GLY H 101 -23.81 -211.25 -33.82
N GLY H 102 -22.83 -211.52 -32.94
CA GLY H 102 -22.07 -212.76 -32.96
C GLY H 102 -22.99 -213.98 -32.92
N SER H 103 -22.76 -214.96 -33.82
CA SER H 103 -23.62 -216.13 -33.97
C SER H 103 -22.83 -217.38 -34.36
N VAL H 104 -23.30 -218.55 -33.90
CA VAL H 104 -22.67 -219.85 -34.16
C VAL H 104 -23.74 -220.94 -34.20
N SER H 105 -23.52 -221.99 -35.02
CA SER H 105 -24.40 -223.15 -35.09
C SER H 105 -23.59 -224.44 -35.16
N TYR H 106 -24.03 -225.49 -34.43
CA TYR H 106 -23.14 -226.56 -33.99
C TYR H 106 -23.34 -227.93 -34.66
N SER H 107 -23.99 -228.00 -35.85
CA SER H 107 -24.00 -229.21 -36.68
C SER H 107 -24.58 -230.47 -35.97
N THR H 108 -25.52 -230.30 -35.02
CA THR H 108 -26.00 -231.40 -34.18
C THR H 108 -26.81 -232.43 -34.99
N GLY H 109 -27.85 -231.95 -35.70
CA GLY H 109 -28.84 -232.81 -36.35
C GLY H 109 -29.82 -233.46 -35.36
N GLY H 110 -30.94 -233.99 -35.90
CA GLY H 110 -32.03 -234.59 -35.12
C GLY H 110 -31.58 -235.76 -34.24
N GLY H 111 -30.69 -236.61 -34.80
CA GLY H 111 -29.97 -237.66 -34.07
C GLY H 111 -30.78 -238.88 -33.64
N GLY H 112 -32.12 -238.88 -33.80
CA GLY H 112 -32.97 -239.93 -33.27
C GLY H 112 -33.96 -239.44 -32.22
N GLU H 113 -34.11 -240.19 -31.11
CA GLU H 113 -35.27 -240.09 -30.22
C GLU H 113 -34.93 -240.30 -28.73
N LYS H 114 -33.91 -241.13 -28.43
CA LYS H 114 -33.59 -241.57 -27.06
C LYS H 114 -32.71 -240.53 -26.38
N ASP H 115 -32.70 -240.48 -25.03
CA ASP H 115 -31.97 -239.46 -24.30
C ASP H 115 -30.48 -239.40 -24.68
N LEU H 116 -29.76 -240.54 -24.65
CA LEU H 116 -28.33 -240.57 -24.98
C LEU H 116 -28.04 -240.10 -26.41
N GLN H 117 -28.99 -240.25 -27.35
CA GLN H 117 -28.80 -239.76 -28.71
C GLN H 117 -28.87 -238.23 -28.80
N LYS H 118 -29.54 -237.56 -27.84
CA LYS H 118 -29.86 -236.13 -27.91
C LYS H 118 -28.70 -235.20 -27.49
N THR H 119 -27.59 -235.73 -26.90
CA THR H 119 -26.44 -234.89 -26.57
C THR H 119 -25.10 -235.57 -26.85
N ARG H 120 -24.04 -234.78 -27.06
CA ARG H 120 -22.69 -235.24 -27.40
C ARG H 120 -22.11 -236.16 -26.32
N TYR H 121 -22.31 -235.83 -25.04
CA TYR H 121 -21.90 -236.69 -23.95
C TYR H 121 -22.68 -238.00 -23.91
N GLY H 122 -23.97 -237.95 -24.26
CA GLY H 122 -24.76 -239.16 -24.44
C GLY H 122 -24.24 -240.02 -25.59
N ARG H 123 -23.95 -239.43 -26.75
CA ARG H 123 -23.40 -240.13 -27.92
C ARG H 123 -21.99 -240.69 -27.69
N MET H 124 -21.21 -240.11 -26.78
CA MET H 124 -19.98 -240.74 -26.28
C MET H 124 -20.25 -241.88 -25.30
N ALA H 125 -21.15 -241.71 -24.33
CA ALA H 125 -21.53 -242.76 -23.38
C ALA H 125 -22.08 -244.00 -24.08
N LEU H 126 -22.82 -243.81 -25.16
CA LEU H 126 -23.52 -244.87 -25.90
C LEU H 126 -22.58 -245.95 -26.46
N GLU H 127 -21.36 -245.61 -26.88
CA GLU H 127 -20.37 -246.58 -27.34
C GLU H 127 -19.90 -247.57 -26.25
N TYR H 128 -20.01 -247.21 -24.97
CA TYR H 128 -19.55 -248.06 -23.87
C TYR H 128 -20.48 -249.24 -23.57
N VAL H 129 -21.75 -249.14 -24.01
CA VAL H 129 -22.84 -249.99 -23.53
C VAL H 129 -23.53 -250.67 -24.73
N TRP H 130 -22.71 -251.20 -25.65
CA TRP H 130 -23.16 -251.88 -26.87
C TRP H 130 -24.19 -251.07 -27.66
N GLU H 131 -24.16 -249.74 -27.51
CA GLU H 131 -25.07 -248.81 -28.17
C GLU H 131 -26.55 -249.18 -27.96
N ASP H 132 -26.88 -249.71 -26.78
CA ASP H 132 -28.23 -250.15 -26.36
C ASP H 132 -28.80 -251.30 -27.21
N ASN H 133 -27.94 -252.10 -27.87
CA ASN H 133 -28.36 -253.26 -28.66
C ASN H 133 -28.71 -254.49 -27.81
N SER H 134 -29.57 -255.38 -28.34
CA SER H 134 -30.10 -256.55 -27.64
C SER H 134 -29.33 -257.85 -27.97
N ILE H 135 -28.01 -257.87 -27.75
CA ILE H 135 -27.17 -259.01 -28.12
C ILE H 135 -27.15 -260.14 -27.08
N ALA H 136 -28.08 -260.10 -26.11
CA ALA H 136 -28.23 -261.12 -25.07
C ALA H 136 -28.64 -262.48 -25.65
N ALA H 137 -28.03 -263.56 -25.15
CA ALA H 137 -28.21 -264.91 -25.67
C ALA H 137 -28.13 -265.97 -24.56
N LEU H 138 -29.14 -266.86 -24.53
CA LEU H 138 -29.32 -267.88 -23.50
C LEU H 138 -29.98 -269.13 -24.11
N ARG H 139 -29.87 -270.27 -23.40
CA ARG H 139 -30.26 -271.58 -23.91
C ARG H 139 -30.93 -272.41 -22.81
N THR H 140 -31.64 -273.47 -23.20
CA THR H 140 -31.95 -274.57 -22.29
C THR H 140 -30.68 -275.36 -21.93
N TYR H 141 -30.60 -275.78 -20.65
CA TYR H 141 -29.55 -276.66 -20.12
C TYR H 141 -30.17 -277.89 -19.42
N PRO I 2 -58.71 -231.67 -2.21
CA PRO I 2 -60.07 -231.27 -1.80
C PRO I 2 -60.72 -232.32 -0.90
N ASP I 3 -61.71 -231.90 -0.09
CA ASP I 3 -62.41 -232.81 0.81
C ASP I 3 -63.21 -233.83 -0.01
N PRO I 4 -64.19 -233.43 -0.86
CA PRO I 4 -64.63 -234.28 -1.97
C PRO I 4 -63.62 -234.20 -3.11
N SER I 5 -62.87 -235.28 -3.37
CA SER I 5 -61.95 -235.35 -4.50
C SER I 5 -62.71 -235.40 -5.84
N ILE I 6 -62.04 -235.00 -6.93
CA ILE I 6 -62.65 -234.91 -8.27
C ILE I 6 -63.13 -236.27 -8.82
N ASP I 7 -62.62 -237.38 -8.28
CA ASP I 7 -63.07 -238.74 -8.61
C ASP I 7 -64.22 -239.22 -7.71
N GLU I 8 -64.50 -238.50 -6.62
CA GLU I 8 -65.62 -238.79 -5.71
C GLU I 8 -66.93 -238.11 -6.13
N VAL I 9 -66.93 -237.42 -7.29
CA VAL I 9 -68.08 -236.67 -7.81
C VAL I 9 -68.37 -237.02 -9.28
N SER I 10 -69.67 -237.01 -9.63
CA SER I 10 -70.21 -237.09 -10.99
C SER I 10 -70.89 -235.76 -11.38
N LYS I 11 -71.43 -235.65 -12.61
CA LYS I 11 -72.03 -234.40 -13.11
C LYS I 11 -73.17 -233.89 -12.21
N SER I 12 -74.04 -234.81 -11.78
CA SER I 12 -75.14 -234.52 -10.87
C SER I 12 -74.66 -234.04 -9.50
N ASP I 13 -73.50 -234.52 -9.03
CA ASP I 13 -72.89 -234.06 -7.79
C ASP I 13 -72.31 -232.65 -7.94
N TRP I 14 -71.59 -232.40 -9.04
CA TRP I 14 -70.94 -231.11 -9.28
C TRP I 14 -71.93 -229.94 -9.17
N ASP I 15 -73.12 -230.08 -9.75
CA ASP I 15 -74.18 -229.09 -9.66
C ASP I 15 -74.78 -228.93 -8.26
N ALA I 16 -74.60 -229.92 -7.38
CA ALA I 16 -75.04 -229.90 -5.99
C ALA I 16 -73.97 -229.44 -5.01
N LEU I 17 -72.68 -229.43 -5.41
CA LEU I 17 -71.59 -228.93 -4.57
C LEU I 17 -71.79 -227.45 -4.19
N THR I 18 -71.24 -227.06 -3.04
CA THR I 18 -71.10 -225.64 -2.68
C THR I 18 -70.05 -224.95 -3.56
N THR I 19 -70.08 -223.61 -3.55
CA THR I 19 -69.07 -222.77 -4.15
C THR I 19 -67.65 -223.15 -3.69
N GLN I 20 -67.47 -223.31 -2.37
CA GLN I 20 -66.20 -223.69 -1.79
C GLN I 20 -65.70 -225.03 -2.34
N GLU I 21 -66.56 -226.06 -2.35
CA GLU I 21 -66.17 -227.41 -2.76
C GLU I 21 -65.73 -227.45 -4.23
N GLN I 22 -66.43 -226.71 -5.11
CA GLN I 22 -65.98 -226.53 -6.48
C GLN I 22 -64.66 -225.76 -6.53
N ASP I 23 -64.53 -224.67 -5.75
CA ASP I 23 -63.36 -223.79 -5.77
C ASP I 23 -62.09 -224.50 -5.28
N ASP I 24 -62.20 -225.43 -4.32
CA ASP I 24 -61.09 -226.28 -3.91
C ASP I 24 -60.56 -227.10 -5.10
N ILE I 25 -61.49 -227.70 -5.87
CA ILE I 25 -61.13 -228.49 -7.05
C ILE I 25 -60.55 -227.59 -8.14
N ILE I 26 -61.18 -226.45 -8.44
CA ILE I 26 -60.66 -225.47 -9.38
C ILE I 26 -59.23 -225.07 -8.99
N SER I 27 -58.99 -224.76 -7.71
CA SER I 27 -57.68 -224.41 -7.17
C SER I 27 -56.66 -225.53 -7.38
N GLN I 28 -57.07 -226.80 -7.27
CA GLN I 28 -56.19 -227.94 -7.56
C GLN I 28 -55.86 -228.01 -9.06
N VAL I 29 -56.86 -227.79 -9.95
CA VAL I 29 -56.62 -227.72 -11.39
C VAL I 29 -55.66 -226.58 -11.74
N GLU I 30 -55.80 -225.41 -11.11
CA GLU I 30 -54.89 -224.29 -11.34
C GLU I 30 -53.43 -224.58 -10.99
N ASN I 31 -53.14 -225.60 -10.18
CA ASN I 31 -51.75 -226.00 -9.93
C ASN I 31 -51.07 -226.61 -11.17
N LEU I 32 -51.84 -227.02 -12.20
CA LEU I 32 -51.31 -227.74 -13.36
C LEU I 32 -50.69 -226.79 -14.40
N SER I 33 -50.90 -225.47 -14.25
CA SER I 33 -50.30 -224.47 -15.14
C SER I 33 -49.56 -223.41 -14.32
N SER I 34 -48.35 -223.06 -14.75
CA SER I 34 -47.57 -221.97 -14.18
C SER I 34 -48.34 -220.64 -14.20
N THR I 35 -49.16 -220.41 -15.24
CA THR I 35 -49.97 -219.21 -15.39
C THR I 35 -51.32 -219.32 -14.69
N GLY I 36 -51.76 -220.53 -14.34
CA GLY I 36 -53.04 -220.79 -13.71
C GLY I 36 -54.27 -220.35 -14.52
N TRP I 37 -54.10 -220.01 -15.81
CA TRP I 37 -55.17 -219.49 -16.66
C TRP I 37 -55.94 -218.32 -16.03
N VAL I 38 -55.23 -217.37 -15.38
CA VAL I 38 -55.84 -216.35 -14.52
C VAL I 38 -56.67 -215.28 -15.24
N ASN I 39 -56.58 -215.18 -16.58
CA ASN I 39 -57.44 -214.30 -17.36
C ASN I 39 -58.77 -214.93 -17.77
N THR I 40 -59.02 -216.21 -17.43
CA THR I 40 -60.22 -216.94 -17.78
C THR I 40 -61.16 -217.07 -16.57
N SER I 41 -62.43 -216.72 -16.77
CA SER I 41 -63.40 -216.54 -15.68
C SER I 41 -63.77 -217.84 -14.98
N ARG I 42 -64.30 -217.73 -13.75
CA ARG I 42 -64.70 -218.87 -12.91
C ARG I 42 -65.61 -219.84 -13.64
N GLU I 43 -66.62 -219.32 -14.34
CA GLU I 43 -67.66 -220.10 -15.00
C GLU I 43 -67.07 -221.02 -16.07
N ARG I 44 -66.02 -220.58 -16.76
CA ARG I 44 -65.39 -221.34 -17.83
C ARG I 44 -64.53 -222.47 -17.28
N LYS I 45 -63.80 -222.23 -16.18
CA LYS I 45 -63.09 -223.27 -15.45
C LYS I 45 -64.06 -224.30 -14.89
N ALA I 46 -65.14 -223.84 -14.23
CA ALA I 46 -66.17 -224.71 -13.67
C ALA I 46 -66.84 -225.58 -14.75
N GLU I 47 -67.25 -224.96 -15.87
CA GLU I 47 -67.82 -225.64 -17.02
C GLU I 47 -66.88 -226.72 -17.57
N ALA I 48 -65.59 -226.40 -17.71
CA ALA I 48 -64.59 -227.35 -18.17
C ALA I 48 -64.49 -228.56 -17.25
N ILE I 49 -64.46 -228.35 -15.92
CA ILE I 49 -64.34 -229.43 -14.94
C ILE I 49 -65.59 -230.31 -14.98
N ARG I 50 -66.79 -229.70 -14.94
CA ARG I 50 -68.06 -230.38 -15.09
C ARG I 50 -68.10 -231.23 -16.36
N SER I 51 -67.60 -230.66 -17.48
CA SER I 51 -67.46 -231.36 -18.75
C SER I 51 -66.50 -232.54 -18.64
N ALA I 52 -65.31 -232.35 -18.04
CA ALA I 52 -64.33 -233.41 -17.84
C ALA I 52 -64.89 -234.58 -16.99
N ILE I 53 -65.67 -234.28 -15.95
CA ILE I 53 -66.37 -235.26 -15.14
C ILE I 53 -67.35 -236.06 -16.00
N ALA I 54 -68.22 -235.38 -16.75
CA ALA I 54 -69.19 -236.02 -17.65
C ALA I 54 -68.53 -236.84 -18.76
N GLU I 55 -67.43 -236.32 -19.32
CA GLU I 55 -66.60 -236.97 -20.32
C GLU I 55 -66.05 -238.30 -19.77
N ARG I 56 -65.43 -238.25 -18.58
CA ARG I 56 -64.91 -239.44 -17.91
C ARG I 56 -66.03 -240.46 -17.69
N ASP I 57 -67.12 -240.03 -17.07
CA ASP I 57 -68.19 -240.94 -16.69
C ASP I 57 -68.91 -241.57 -17.90
N THR I 58 -68.84 -240.97 -19.10
CA THR I 58 -69.50 -241.50 -20.30
C THR I 58 -68.54 -242.16 -21.28
N LEU I 59 -67.50 -241.46 -21.77
CA LEU I 59 -66.59 -242.03 -22.76
C LEU I 59 -65.45 -242.85 -22.15
N TYR I 60 -65.09 -242.62 -20.88
CA TYR I 60 -63.99 -243.32 -20.23
C TYR I 60 -64.43 -244.09 -18.98
N SER I 61 -65.54 -244.84 -19.15
CA SER I 61 -66.10 -245.72 -18.14
C SER I 61 -66.48 -247.08 -18.74
N GLY I 62 -66.64 -248.09 -17.87
CA GLY I 62 -66.82 -249.47 -18.30
C GLY I 62 -65.50 -250.25 -18.35
N ASN I 63 -65.51 -251.38 -19.09
CA ASN I 63 -64.46 -252.37 -19.00
C ASN I 63 -63.95 -252.80 -20.38
N MET I 64 -62.77 -253.42 -20.36
CA MET I 64 -62.04 -253.82 -21.54
C MET I 64 -61.29 -255.12 -21.20
N SER I 65 -61.81 -256.27 -21.67
CA SER I 65 -61.28 -257.60 -21.34
C SER I 65 -61.19 -257.85 -19.81
N ARG I 66 -62.22 -257.45 -19.06
CA ARG I 66 -62.27 -257.53 -17.58
C ARG I 66 -61.21 -256.71 -16.85
N LEU I 67 -60.39 -255.92 -17.56
CA LEU I 67 -59.68 -254.77 -17.01
C LEU I 67 -60.59 -253.55 -17.06
N PRO I 68 -60.36 -252.47 -16.25
CA PRO I 68 -61.11 -251.23 -16.41
C PRO I 68 -60.63 -250.46 -17.65
N THR I 69 -61.52 -249.69 -18.29
CA THR I 69 -61.12 -248.87 -19.44
C THR I 69 -60.24 -247.67 -19.05
N LEU I 70 -60.21 -247.30 -17.77
CA LEU I 70 -59.31 -246.29 -17.21
C LEU I 70 -58.41 -246.95 -16.17
N ASP I 71 -57.08 -246.98 -16.41
CA ASP I 71 -56.12 -247.69 -15.58
C ASP I 71 -55.54 -246.78 -14.49
N GLY I 72 -55.23 -245.52 -14.85
CA GLY I 72 -54.55 -244.59 -13.96
C GLY I 72 -55.48 -243.96 -12.92
N ASP I 73 -54.89 -243.16 -12.02
CA ASP I 73 -55.63 -242.51 -10.94
C ASP I 73 -56.70 -241.56 -11.51
N ALA I 74 -57.99 -241.87 -11.24
CA ALA I 74 -59.10 -241.06 -11.74
C ALA I 74 -59.07 -239.62 -11.23
N GLU I 75 -58.43 -239.34 -10.08
CA GLU I 75 -58.19 -237.96 -9.64
C GLU I 75 -57.38 -237.22 -10.70
N TYR I 76 -56.13 -237.66 -10.91
CA TYR I 76 -55.22 -237.01 -11.82
C TYR I 76 -55.70 -237.07 -13.27
N PHE I 77 -56.35 -238.16 -13.69
CA PHE I 77 -56.97 -238.18 -15.01
C PHE I 77 -57.99 -237.04 -15.15
N THR I 78 -58.90 -236.86 -14.18
CA THR I 78 -59.92 -235.83 -14.32
C THR I 78 -59.32 -234.43 -14.22
N LEU I 79 -58.26 -234.24 -13.41
CA LEU I 79 -57.52 -232.99 -13.36
C LEU I 79 -56.89 -232.67 -14.73
N TYR I 80 -56.12 -233.59 -15.31
CA TYR I 80 -55.50 -233.39 -16.61
C TYR I 80 -56.53 -233.23 -17.72
N LEU I 81 -57.65 -233.95 -17.66
CA LEU I 81 -58.72 -233.76 -18.63
C LEU I 81 -59.37 -232.37 -18.48
N SER I 82 -59.50 -231.85 -17.26
CA SER I 82 -59.99 -230.50 -17.00
C SER I 82 -59.03 -229.45 -17.56
N ALA I 83 -57.73 -229.57 -17.24
CA ALA I 83 -56.68 -228.73 -17.80
C ALA I 83 -56.67 -228.76 -19.34
N HIS I 84 -56.86 -229.94 -19.92
CA HIS I 84 -56.98 -230.10 -21.36
C HIS I 84 -58.17 -229.30 -21.91
N LYS I 85 -59.39 -229.46 -21.36
CA LYS I 85 -60.54 -228.66 -21.77
C LYS I 85 -60.26 -227.16 -21.61
N ILE I 86 -59.77 -226.72 -20.44
CA ILE I 86 -59.48 -225.32 -20.16
C ILE I 86 -58.53 -224.74 -21.20
N GLN I 87 -57.46 -225.45 -21.53
CA GLN I 87 -56.56 -225.03 -22.58
C GLN I 87 -57.32 -224.85 -23.91
N LEU I 88 -58.08 -225.85 -24.36
CA LEU I 88 -58.85 -225.72 -25.59
C LEU I 88 -59.95 -224.66 -25.53
N PHE I 89 -60.40 -224.25 -24.34
CA PHE I 89 -61.29 -223.10 -24.19
C PHE I 89 -60.56 -221.77 -24.42
N GLU I 90 -59.21 -221.75 -24.37
CA GLU I 90 -58.43 -220.57 -24.72
C GLU I 90 -57.83 -220.62 -26.13
N GLY I 91 -57.42 -221.82 -26.58
CA GLY I 91 -56.87 -222.03 -27.91
C GLY I 91 -56.04 -223.31 -27.97
N GLY I 92 -55.18 -223.43 -28.99
CA GLY I 92 -54.28 -224.58 -29.02
C GLY I 92 -53.16 -224.48 -27.99
N GLU I 93 -52.19 -225.39 -28.09
CA GLU I 93 -50.85 -225.12 -27.58
C GLU I 93 -50.24 -223.97 -28.38
N ALA I 94 -49.65 -223.00 -27.69
CA ALA I 94 -48.83 -222.01 -28.38
C ALA I 94 -47.54 -222.67 -28.88
N GLN I 95 -47.39 -222.83 -30.20
CA GLN I 95 -46.12 -223.27 -30.78
C GLN I 95 -45.06 -222.17 -30.62
N SER I 96 -45.49 -220.91 -30.77
CA SER I 96 -44.63 -219.73 -30.66
C SER I 96 -45.37 -218.59 -29.96
N GLU I 97 -44.66 -217.84 -29.09
CA GLU I 97 -45.15 -216.63 -28.44
C GLU I 97 -44.10 -215.53 -28.51
N SER I 98 -44.56 -214.29 -28.76
CA SER I 98 -43.69 -213.14 -28.90
C SER I 98 -44.36 -211.88 -28.30
N GLY I 99 -43.71 -211.29 -27.28
CA GLY I 99 -44.11 -210.03 -26.70
C GLY I 99 -43.43 -208.85 -27.38
N GLU I 100 -42.93 -207.89 -26.57
CA GLU I 100 -42.13 -206.77 -27.04
C GLU I 100 -40.72 -207.25 -27.42
N GLY I 101 -40.61 -207.87 -28.61
CA GLY I 101 -39.36 -208.40 -29.11
C GLY I 101 -38.98 -209.76 -28.50
N GLY I 102 -39.09 -209.89 -27.17
CA GLY I 102 -38.85 -211.15 -26.46
C GLY I 102 -39.73 -212.27 -26.98
N SER I 103 -39.14 -213.42 -27.34
CA SER I 103 -39.80 -214.48 -28.11
C SER I 103 -39.35 -215.88 -27.71
N VAL I 104 -40.26 -216.87 -27.84
CA VAL I 104 -40.05 -218.26 -27.38
C VAL I 104 -40.90 -219.23 -28.21
N SER I 105 -40.47 -220.49 -28.33
CA SER I 105 -41.21 -221.53 -29.05
C SER I 105 -41.13 -222.87 -28.30
N TYR I 106 -42.21 -223.67 -28.30
CA TYR I 106 -42.41 -224.73 -27.30
C TYR I 106 -42.31 -226.19 -27.81
N SER I 107 -41.59 -226.45 -28.92
CA SER I 107 -41.16 -227.80 -29.28
C SER I 107 -42.31 -228.82 -29.44
N THR I 108 -43.53 -228.36 -29.81
CA THR I 108 -44.69 -229.23 -29.85
C THR I 108 -44.62 -230.26 -30.98
N GLY I 109 -44.25 -229.80 -32.19
CA GLY I 109 -44.35 -230.58 -33.43
C GLY I 109 -45.78 -230.84 -33.90
N GLY I 110 -45.93 -231.78 -34.85
CA GLY I 110 -47.21 -232.19 -35.42
C GLY I 110 -48.16 -232.81 -34.38
N GLY I 111 -47.63 -233.73 -33.56
CA GLY I 111 -48.34 -234.33 -32.43
C GLY I 111 -49.30 -235.47 -32.81
N GLY I 112 -50.27 -235.19 -33.69
CA GLY I 112 -51.30 -236.13 -34.10
C GLY I 112 -52.57 -235.44 -34.63
N GLU I 113 -53.73 -236.09 -34.42
CA GLU I 113 -55.03 -235.67 -34.95
C GLU I 113 -56.11 -235.57 -33.86
N LYS I 114 -56.00 -236.38 -32.79
CA LYS I 114 -57.00 -236.48 -31.73
C LYS I 114 -56.82 -235.36 -30.72
N ASP I 115 -57.91 -234.91 -30.09
CA ASP I 115 -57.85 -233.85 -29.09
C ASP I 115 -56.81 -234.15 -28.00
N LEU I 116 -56.79 -235.38 -27.46
CA LEU I 116 -55.82 -235.76 -26.43
C LEU I 116 -54.36 -235.75 -26.92
N GLN I 117 -54.10 -235.82 -28.23
CA GLN I 117 -52.75 -235.63 -28.76
C GLN I 117 -52.36 -234.15 -28.82
N LYS I 118 -53.34 -233.24 -29.01
CA LYS I 118 -53.12 -231.84 -29.36
C LYS I 118 -52.66 -230.94 -28.20
N THR I 119 -52.75 -231.39 -26.92
CA THR I 119 -52.20 -230.59 -25.80
C THR I 119 -51.43 -231.43 -24.78
N ARG I 120 -50.57 -230.79 -23.98
CA ARG I 120 -49.68 -231.40 -23.00
C ARG I 120 -50.44 -232.18 -21.92
N TYR I 121 -51.50 -231.58 -21.36
CA TYR I 121 -52.36 -232.24 -20.40
C TYR I 121 -53.10 -233.43 -21.02
N GLY I 122 -53.55 -233.29 -22.28
CA GLY I 122 -54.13 -234.38 -23.04
C GLY I 122 -53.16 -235.57 -23.13
N ARG I 123 -51.91 -235.31 -23.55
CA ARG I 123 -50.90 -236.36 -23.73
C ARG I 123 -50.56 -237.08 -22.41
N MET I 124 -50.66 -236.38 -21.28
CA MET I 124 -50.56 -237.04 -19.97
C MET I 124 -51.81 -237.86 -19.64
N ALA I 125 -53.01 -237.33 -19.85
CA ALA I 125 -54.26 -238.05 -19.61
C ALA I 125 -54.38 -239.33 -20.46
N LEU I 126 -53.86 -239.30 -21.68
CA LEU I 126 -53.96 -240.38 -22.66
C LEU I 126 -53.29 -241.69 -22.18
N GLU I 127 -52.20 -241.61 -21.41
CA GLU I 127 -51.56 -242.79 -20.83
C GLU I 127 -52.46 -243.51 -19.82
N TYR I 128 -53.36 -242.79 -19.14
CA TYR I 128 -54.31 -243.37 -18.20
C TYR I 128 -55.38 -244.21 -18.92
N VAL I 129 -55.65 -243.86 -20.17
CA VAL I 129 -56.72 -244.34 -21.02
C VAL I 129 -56.25 -245.47 -21.97
N TRP I 130 -55.21 -246.21 -21.56
CA TRP I 130 -54.56 -247.22 -22.40
C TRP I 130 -54.18 -246.66 -23.77
N GLU I 131 -53.86 -245.36 -23.83
CA GLU I 131 -53.48 -244.68 -25.08
C GLU I 131 -54.56 -244.77 -26.18
N ASP I 132 -55.85 -244.83 -25.77
CA ASP I 132 -57.03 -245.05 -26.63
C ASP I 132 -56.98 -246.38 -27.39
N ASN I 133 -56.11 -247.32 -26.98
CA ASN I 133 -55.97 -248.64 -27.61
C ASN I 133 -57.19 -249.53 -27.36
N SER I 134 -57.39 -250.54 -28.24
CA SER I 134 -58.58 -251.38 -28.28
C SER I 134 -58.26 -252.85 -27.93
N ILE I 135 -57.69 -253.06 -26.73
CA ILE I 135 -57.29 -254.39 -26.26
C ILE I 135 -58.45 -255.23 -25.69
N ALA I 136 -59.70 -254.76 -25.86
CA ALA I 136 -60.89 -255.46 -25.35
C ALA I 136 -61.13 -256.78 -26.09
N ALA I 137 -61.56 -257.80 -25.33
CA ALA I 137 -61.75 -259.15 -25.83
C ALA I 137 -62.88 -259.87 -25.09
N LEU I 138 -63.59 -260.74 -25.83
CA LEU I 138 -64.72 -261.51 -25.33
C LEU I 138 -64.86 -262.82 -26.13
N ARG I 139 -65.58 -263.81 -25.56
CA ARG I 139 -65.70 -265.17 -26.10
C ARG I 139 -67.16 -265.65 -26.00
N THR I 140 -67.53 -266.65 -26.82
CA THR I 140 -68.72 -267.46 -26.58
C THR I 140 -68.57 -268.30 -25.31
N TYR I 141 -69.71 -268.60 -24.66
CA TYR I 141 -69.83 -269.61 -23.62
C TYR I 141 -70.92 -270.63 -23.99
N PRO J 2 -33.00 -237.53 2.14
CA PRO J 2 -33.75 -237.02 3.30
C PRO J 2 -34.16 -238.14 4.28
N ASP J 3 -34.94 -237.81 5.34
CA ASP J 3 -35.50 -238.77 6.28
C ASP J 3 -36.38 -239.80 5.56
N PRO J 4 -37.47 -239.40 4.86
CA PRO J 4 -38.08 -240.22 3.82
C PRO J 4 -37.35 -240.05 2.49
N SER J 5 -37.82 -240.75 1.46
CA SER J 5 -37.41 -240.55 0.08
C SER J 5 -38.62 -240.68 -0.85
N ILE J 6 -38.57 -240.13 -2.06
CA ILE J 6 -39.70 -240.09 -3.00
C ILE J 6 -40.21 -241.47 -3.43
N ASP J 7 -39.32 -242.48 -3.44
CA ASP J 7 -39.63 -243.88 -3.71
C ASP J 7 -40.18 -244.63 -2.49
N GLU J 8 -40.11 -244.04 -1.29
CA GLU J 8 -40.53 -244.66 -0.03
C GLU J 8 -41.93 -244.22 0.42
N VAL J 9 -42.64 -243.43 -0.41
CA VAL J 9 -43.96 -242.88 -0.11
C VAL J 9 -44.93 -243.11 -1.28
N SER J 10 -46.23 -243.32 -0.95
CA SER J 10 -47.34 -243.26 -1.89
C SER J 10 -48.13 -241.95 -1.74
N LYS J 11 -49.16 -241.72 -2.58
CA LYS J 11 -49.95 -240.49 -2.60
C LYS J 11 -50.54 -240.16 -1.22
N SER J 12 -51.08 -241.19 -0.56
CA SER J 12 -51.62 -241.11 0.80
C SER J 12 -50.56 -240.72 1.83
N ASP J 13 -49.33 -241.23 1.69
CA ASP J 13 -48.23 -240.91 2.58
C ASP J 13 -47.74 -239.48 2.37
N TRP J 14 -47.64 -239.03 1.11
CA TRP J 14 -47.25 -237.67 0.77
C TRP J 14 -48.11 -236.65 1.50
N ASP J 15 -49.43 -236.83 1.47
CA ASP J 15 -50.37 -235.95 2.15
C ASP J 15 -50.19 -235.96 3.69
N ALA J 16 -49.56 -237.02 4.23
CA ALA J 16 -49.32 -237.19 5.66
C ALA J 16 -47.89 -236.80 6.09
N LEU J 17 -46.96 -236.58 5.14
CA LEU J 17 -45.63 -236.04 5.42
C LEU J 17 -45.73 -234.66 6.08
N THR J 18 -44.72 -234.30 6.88
CA THR J 18 -44.60 -232.91 7.32
C THR J 18 -44.29 -232.00 6.12
N THR J 19 -44.56 -230.70 6.29
CA THR J 19 -44.14 -229.68 5.34
C THR J 19 -42.64 -229.79 5.00
N GLN J 20 -41.78 -229.97 6.02
CA GLN J 20 -40.34 -230.11 5.81
C GLN J 20 -40.01 -231.31 4.92
N GLU J 21 -40.65 -232.46 5.14
CA GLU J 21 -40.37 -233.67 4.39
C GLU J 21 -40.81 -233.54 2.93
N GLN J 22 -41.97 -232.90 2.68
CA GLN J 22 -42.39 -232.53 1.33
C GLN J 22 -41.39 -231.58 0.70
N ASP J 23 -41.01 -230.51 1.43
CA ASP J 23 -40.11 -229.47 0.95
C ASP J 23 -38.72 -230.03 0.63
N ASP J 24 -38.20 -231.00 1.38
CA ASP J 24 -36.91 -231.63 1.09
C ASP J 24 -36.97 -232.45 -0.19
N ILE J 25 -38.09 -233.18 -0.43
CA ILE J 25 -38.29 -233.88 -1.70
C ILE J 25 -38.42 -232.88 -2.85
N ILE J 26 -39.17 -231.78 -2.66
CA ILE J 26 -39.24 -230.68 -3.61
C ILE J 26 -37.85 -230.13 -3.89
N SER J 27 -37.03 -229.89 -2.85
CA SER J 27 -35.68 -229.37 -2.96
C SER J 27 -34.77 -230.33 -3.74
N GLN J 28 -35.01 -231.65 -3.63
CA GLN J 28 -34.31 -232.63 -4.44
C GLN J 28 -34.76 -232.54 -5.91
N VAL J 29 -36.06 -232.49 -6.20
CA VAL J 29 -36.56 -232.34 -7.58
C VAL J 29 -36.05 -231.06 -8.22
N GLU J 30 -36.05 -229.94 -7.49
CA GLU J 30 -35.56 -228.65 -7.98
C GLU J 30 -34.09 -228.69 -8.40
N ASN J 31 -33.33 -229.70 -7.97
CA ASN J 31 -31.95 -229.84 -8.44
C ASN J 31 -31.90 -230.27 -9.92
N LEU J 32 -32.96 -230.86 -10.48
CA LEU J 32 -32.96 -231.41 -11.83
C LEU J 32 -32.99 -230.34 -12.94
N SER J 33 -33.11 -229.05 -12.58
CA SER J 33 -32.87 -227.97 -13.53
C SER J 33 -32.00 -226.87 -12.91
N SER J 34 -31.04 -226.32 -13.68
CA SER J 34 -30.24 -225.18 -13.23
C SER J 34 -31.13 -223.97 -12.89
N THR J 35 -32.26 -223.84 -13.59
CA THR J 35 -33.24 -222.78 -13.38
C THR J 35 -34.14 -223.04 -12.16
N GLY J 36 -34.14 -224.28 -11.64
CA GLY J 36 -34.88 -224.66 -10.43
C GLY J 36 -36.42 -224.50 -10.52
N TRP J 37 -36.95 -224.09 -11.68
CA TRP J 37 -38.33 -223.66 -11.85
C TRP J 37 -38.76 -222.63 -10.78
N VAL J 38 -37.86 -221.71 -10.41
CA VAL J 38 -38.03 -220.84 -9.25
C VAL J 38 -39.21 -219.87 -9.37
N ASN J 39 -39.60 -219.51 -10.60
CA ASN J 39 -40.74 -218.62 -10.83
C ASN J 39 -42.09 -219.34 -10.97
N THR J 40 -42.09 -220.69 -10.80
CA THR J 40 -43.31 -221.48 -10.63
C THR J 40 -43.42 -221.85 -9.15
N SER J 41 -44.60 -221.61 -8.55
CA SER J 41 -44.78 -221.62 -7.09
C SER J 41 -44.68 -223.03 -6.46
N ARG J 42 -44.52 -223.08 -5.12
CA ARG J 42 -44.40 -224.32 -4.36
C ARG J 42 -45.53 -225.30 -4.68
N GLU J 43 -46.78 -224.83 -4.69
CA GLU J 43 -47.97 -225.66 -4.84
C GLU J 43 -47.94 -226.45 -6.15
N ARG J 44 -47.37 -225.84 -7.20
CA ARG J 44 -47.25 -226.45 -8.52
C ARG J 44 -46.19 -227.55 -8.53
N LYS J 45 -45.08 -227.34 -7.81
CA LYS J 45 -44.02 -228.33 -7.65
C LYS J 45 -44.48 -229.50 -6.78
N ALA J 46 -45.17 -229.22 -5.65
CA ALA J 46 -45.81 -230.22 -4.82
C ALA J 46 -46.82 -231.05 -5.61
N GLU J 47 -47.70 -230.42 -6.38
CA GLU J 47 -48.68 -231.11 -7.20
C GLU J 47 -48.05 -232.01 -8.26
N ALA J 48 -47.01 -231.52 -8.94
CA ALA J 48 -46.26 -232.30 -9.91
C ALA J 48 -45.64 -233.56 -9.30
N ILE J 49 -45.09 -233.46 -8.08
CA ILE J 49 -44.56 -234.59 -7.32
C ILE J 49 -45.67 -235.55 -6.91
N ARG J 50 -46.75 -235.03 -6.30
CA ARG J 50 -47.88 -235.83 -5.87
C ARG J 50 -48.49 -236.63 -7.02
N SER J 51 -48.64 -235.99 -8.18
CA SER J 51 -49.07 -236.64 -9.41
C SER J 51 -48.06 -237.68 -9.90
N ALA J 52 -46.76 -237.38 -9.89
CA ALA J 52 -45.72 -238.33 -10.29
C ALA J 52 -45.73 -239.60 -9.41
N ILE J 53 -45.87 -239.44 -8.09
CA ILE J 53 -46.04 -240.55 -7.15
C ILE J 53 -47.26 -241.39 -7.52
N ALA J 54 -48.43 -240.75 -7.68
CA ALA J 54 -49.67 -241.44 -8.03
C ALA J 54 -49.59 -242.16 -9.39
N GLU J 55 -48.98 -241.52 -10.38
CA GLU J 55 -48.85 -242.04 -11.73
C GLU J 55 -47.86 -243.20 -11.81
N ARG J 56 -46.77 -243.15 -11.03
CA ARG J 56 -45.88 -244.29 -10.84
C ARG J 56 -46.67 -245.48 -10.27
N ASP J 57 -47.32 -245.29 -9.13
CA ASP J 57 -48.01 -246.37 -8.40
C ASP J 57 -49.15 -246.99 -9.22
N THR J 58 -49.81 -246.21 -10.10
CA THR J 58 -50.91 -246.71 -10.94
C THR J 58 -50.44 -247.22 -12.31
N LEU J 59 -49.73 -246.41 -13.11
CA LEU J 59 -49.42 -246.74 -14.49
C LEU J 59 -48.09 -247.47 -14.68
N TYR J 60 -47.13 -247.27 -13.75
CA TYR J 60 -45.76 -247.75 -13.90
C TYR J 60 -45.34 -248.61 -12.70
N SER J 61 -46.20 -249.59 -12.38
CA SER J 61 -46.06 -250.53 -11.28
C SER J 61 -46.51 -251.94 -11.70
N GLY J 62 -46.07 -252.96 -10.94
CA GLY J 62 -46.38 -254.36 -11.25
C GLY J 62 -45.28 -255.06 -12.05
N ASN J 63 -45.62 -256.22 -12.64
CA ASN J 63 -44.66 -257.14 -13.23
C ASN J 63 -44.88 -257.36 -14.73
N MET J 64 -43.77 -257.65 -15.43
CA MET J 64 -43.76 -257.92 -16.86
C MET J 64 -42.72 -259.01 -17.18
N SER J 65 -43.20 -260.21 -17.55
CA SER J 65 -42.41 -261.44 -17.62
C SER J 65 -41.66 -261.72 -16.30
N ARG J 66 -42.35 -261.53 -15.15
CA ARG J 66 -41.81 -261.68 -13.80
C ARG J 66 -40.78 -260.61 -13.38
N LEU J 67 -40.31 -259.77 -14.33
CA LEU J 67 -39.50 -258.60 -14.01
C LEU J 67 -40.37 -257.55 -13.33
N PRO J 68 -39.78 -256.57 -12.60
CA PRO J 68 -40.50 -255.34 -12.27
C PRO J 68 -40.64 -254.50 -13.55
N THR J 69 -41.81 -253.86 -13.74
CA THR J 69 -41.94 -252.91 -14.84
C THR J 69 -41.09 -251.66 -14.59
N LEU J 70 -41.06 -251.18 -13.34
CA LEU J 70 -40.12 -250.16 -12.89
C LEU J 70 -38.83 -250.84 -12.44
N ASP J 71 -37.95 -251.19 -13.40
CA ASP J 71 -36.67 -251.81 -13.09
C ASP J 71 -35.60 -250.78 -12.69
N GLY J 72 -35.67 -249.57 -13.27
CA GLY J 72 -34.75 -248.50 -12.91
C GLY J 72 -34.91 -248.03 -11.45
N ASP J 73 -33.95 -247.23 -10.95
CA ASP J 73 -34.02 -246.71 -9.59
C ASP J 73 -35.28 -245.86 -9.40
N ALA J 74 -36.21 -246.34 -8.55
CA ALA J 74 -37.49 -245.70 -8.32
C ALA J 74 -37.35 -244.27 -7.79
N GLU J 75 -36.26 -243.98 -7.06
CA GLU J 75 -35.98 -242.63 -6.58
C GLU J 75 -35.86 -241.68 -7.77
N TYR J 76 -34.83 -241.89 -8.59
CA TYR J 76 -34.55 -241.05 -9.75
C TYR J 76 -35.68 -241.11 -10.77
N PHE J 77 -36.30 -242.26 -10.99
CA PHE J 77 -37.49 -242.31 -11.83
C PHE J 77 -38.56 -241.32 -11.36
N THR J 78 -38.92 -241.33 -10.08
CA THR J 78 -39.99 -240.46 -9.62
C THR J 78 -39.57 -238.99 -9.66
N LEU J 79 -38.28 -238.69 -9.42
CA LEU J 79 -37.74 -237.35 -9.65
C LEU J 79 -37.90 -236.93 -11.10
N TYR J 80 -37.47 -237.75 -12.07
CA TYR J 80 -37.57 -237.44 -13.50
C TYR J 80 -39.02 -237.26 -13.94
N LEU J 81 -39.92 -238.09 -13.43
CA LEU J 81 -41.34 -237.95 -13.70
C LEU J 81 -41.93 -236.66 -13.12
N SER J 82 -41.42 -236.23 -11.96
CA SER J 82 -41.78 -234.95 -11.32
C SER J 82 -41.27 -233.75 -12.13
N ALA J 83 -39.97 -233.74 -12.46
CA ALA J 83 -39.36 -232.71 -13.30
C ALA J 83 -40.04 -232.59 -14.67
N HIS J 84 -40.35 -233.73 -15.30
CA HIS J 84 -41.15 -233.80 -16.51
C HIS J 84 -42.50 -233.06 -16.33
N LYS J 85 -43.25 -233.38 -15.26
CA LYS J 85 -44.54 -232.76 -14.98
C LYS J 85 -44.42 -231.26 -14.75
N ILE J 86 -43.43 -230.79 -13.98
CA ILE J 86 -43.21 -229.35 -13.82
C ILE J 86 -42.97 -228.71 -15.19
N GLN J 87 -42.15 -229.33 -16.05
CA GLN J 87 -41.85 -228.76 -17.35
C GLN J 87 -43.11 -228.65 -18.23
N LEU J 88 -44.01 -229.63 -18.21
CA LEU J 88 -45.29 -229.50 -18.91
C LEU J 88 -46.22 -228.48 -18.24
N PHE J 89 -46.14 -228.27 -16.92
CA PHE J 89 -46.88 -227.20 -16.26
C PHE J 89 -46.39 -225.82 -16.74
N GLU J 90 -45.13 -225.72 -17.20
CA GLU J 90 -44.55 -224.53 -17.82
C GLU J 90 -44.72 -224.47 -19.35
N GLY J 91 -45.54 -225.33 -19.96
CA GLY J 91 -45.80 -225.28 -21.39
C GLY J 91 -44.89 -226.17 -22.26
N GLY J 92 -43.91 -226.86 -21.67
CA GLY J 92 -43.07 -227.83 -22.38
C GLY J 92 -41.63 -227.37 -22.64
N GLU J 93 -40.94 -228.08 -23.55
CA GLU J 93 -39.56 -227.75 -23.91
C GLU J 93 -39.51 -226.45 -24.73
N ALA J 94 -38.60 -225.54 -24.35
CA ALA J 94 -38.21 -224.48 -25.27
C ALA J 94 -37.46 -225.08 -26.46
N GLN J 95 -37.94 -224.83 -27.70
CA GLN J 95 -37.18 -225.09 -28.90
C GLN J 95 -36.23 -223.93 -29.17
N SER J 96 -36.72 -222.70 -28.94
CA SER J 96 -36.02 -221.45 -29.25
C SER J 96 -36.36 -220.37 -28.22
N GLU J 97 -35.38 -219.50 -27.91
CA GLU J 97 -35.54 -218.34 -27.05
C GLU J 97 -34.81 -217.13 -27.64
N SER J 98 -35.35 -215.94 -27.37
CA SER J 98 -34.87 -214.66 -27.91
C SER J 98 -35.24 -213.50 -26.96
N GLY J 99 -34.38 -212.47 -26.94
CA GLY J 99 -34.45 -211.29 -26.09
C GLY J 99 -33.17 -210.45 -26.21
N GLU J 100 -33.07 -209.36 -25.43
CA GLU J 100 -31.88 -208.51 -25.40
C GLU J 100 -30.66 -209.20 -24.75
N GLY J 101 -30.88 -210.37 -24.14
CA GLY J 101 -29.78 -211.26 -23.78
C GLY J 101 -29.11 -211.92 -24.99
N GLY J 102 -29.85 -211.98 -26.10
CA GLY J 102 -29.54 -212.73 -27.31
C GLY J 102 -30.40 -213.99 -27.44
N SER J 103 -30.05 -214.87 -28.39
CA SER J 103 -30.93 -215.92 -28.90
C SER J 103 -30.27 -217.30 -28.97
N VAL J 104 -31.06 -218.36 -28.72
CA VAL J 104 -30.56 -219.72 -28.57
C VAL J 104 -31.61 -220.73 -29.08
N SER J 105 -31.13 -221.88 -29.61
CA SER J 105 -31.99 -222.96 -30.08
C SER J 105 -31.51 -224.33 -29.57
N TYR J 106 -32.45 -225.20 -29.17
CA TYR J 106 -32.17 -226.37 -28.34
C TYR J 106 -32.23 -227.73 -29.07
N SER J 107 -32.20 -227.75 -30.42
CA SER J 107 -31.84 -228.92 -31.22
C SER J 107 -32.84 -230.10 -31.19
N THR J 108 -34.07 -229.89 -30.69
CA THR J 108 -34.97 -230.99 -30.34
C THR J 108 -35.40 -231.86 -31.53
N GLY J 109 -35.61 -231.22 -32.70
CA GLY J 109 -36.37 -231.80 -33.81
C GLY J 109 -37.84 -232.04 -33.43
N GLY J 110 -38.50 -232.96 -34.15
CA GLY J 110 -39.90 -233.30 -33.93
C GLY J 110 -40.11 -234.27 -32.76
N GLY J 111 -39.32 -235.35 -32.73
CA GLY J 111 -39.42 -236.44 -31.77
C GLY J 111 -40.73 -237.25 -31.86
N GLY J 112 -40.98 -238.08 -30.82
CA GLY J 112 -42.20 -238.89 -30.72
C GLY J 112 -43.45 -238.11 -30.27
N GLU J 113 -44.60 -238.81 -30.31
CA GLU J 113 -45.93 -238.27 -30.07
C GLU J 113 -46.32 -238.21 -28.57
N LYS J 114 -45.75 -239.11 -27.73
CA LYS J 114 -46.22 -239.39 -26.38
C LYS J 114 -45.57 -238.44 -25.36
N ASP J 115 -46.22 -238.20 -24.21
CA ASP J 115 -45.74 -237.24 -23.23
C ASP J 115 -44.26 -237.44 -22.85
N LEU J 116 -43.84 -238.66 -22.48
CA LEU J 116 -42.47 -238.90 -22.04
C LEU J 116 -41.46 -238.65 -23.15
N GLN J 117 -41.86 -238.76 -24.42
CA GLN J 117 -40.97 -238.42 -25.54
C GLN J 117 -40.83 -236.91 -25.74
N LYS J 118 -41.78 -236.10 -25.23
CA LYS J 118 -41.90 -234.67 -25.49
C LYS J 118 -41.01 -233.78 -24.61
N THR J 119 -40.41 -234.30 -23.52
CA THR J 119 -39.46 -233.54 -22.71
C THR J 119 -38.26 -234.39 -22.27
N ARG J 120 -37.11 -233.74 -22.03
CA ARG J 120 -35.84 -234.39 -21.71
C ARG J 120 -35.93 -235.21 -20.42
N TYR J 121 -36.65 -234.70 -19.42
CA TYR J 121 -36.91 -235.42 -18.18
C TYR J 121 -37.79 -236.66 -18.42
N GLY J 122 -38.76 -236.55 -19.31
CA GLY J 122 -39.55 -237.68 -19.75
C GLY J 122 -38.68 -238.74 -20.43
N ARG J 123 -37.80 -238.32 -21.36
CA ARG J 123 -36.89 -239.21 -22.07
C ARG J 123 -35.89 -239.88 -21.14
N MET J 124 -35.47 -239.21 -20.06
CA MET J 124 -34.68 -239.84 -19.01
C MET J 124 -35.50 -240.86 -18.20
N ALA J 125 -36.73 -240.51 -17.78
CA ALA J 125 -37.62 -241.44 -17.09
C ALA J 125 -37.93 -242.69 -17.91
N LEU J 126 -38.03 -242.54 -19.23
CA LEU J 126 -38.47 -243.56 -20.16
C LEU J 126 -37.56 -244.81 -20.16
N GLU J 127 -36.26 -244.63 -19.95
CA GLU J 127 -35.30 -245.73 -19.86
C GLU J 127 -35.42 -246.56 -18.57
N TYR J 128 -36.03 -246.01 -17.52
CA TYR J 128 -36.25 -246.72 -16.25
C TYR J 128 -37.42 -247.72 -16.31
N VAL J 129 -38.26 -247.62 -17.35
CA VAL J 129 -39.50 -248.36 -17.52
C VAL J 129 -39.55 -248.96 -18.93
N TRP J 130 -38.45 -249.61 -19.33
CA TRP J 130 -38.34 -250.41 -20.54
C TRP J 130 -38.71 -249.67 -21.83
N GLU J 131 -38.59 -248.34 -21.84
CA GLU J 131 -39.02 -247.50 -22.96
C GLU J 131 -40.48 -247.76 -23.36
N ASP J 132 -41.35 -248.07 -22.38
CA ASP J 132 -42.79 -248.33 -22.53
C ASP J 132 -43.11 -249.57 -23.39
N ASN J 133 -42.11 -250.43 -23.67
CA ASN J 133 -42.29 -251.68 -24.40
C ASN J 133 -43.03 -252.75 -23.59
N SER J 134 -43.66 -253.71 -24.30
CA SER J 134 -44.54 -254.74 -23.75
C SER J 134 -43.96 -256.15 -23.94
N ILE J 135 -42.92 -256.50 -23.17
CA ILE J 135 -42.30 -257.82 -23.20
C ILE J 135 -43.00 -258.83 -22.26
N ALA J 136 -44.20 -258.50 -21.75
CA ALA J 136 -44.92 -259.39 -20.84
C ALA J 136 -45.31 -260.72 -21.49
N ALA J 137 -45.26 -261.80 -20.70
CA ALA J 137 -45.48 -263.16 -21.19
C ALA J 137 -46.03 -264.08 -20.10
N LEU J 138 -46.84 -265.05 -20.53
CA LEU J 138 -47.62 -265.92 -19.65
C LEU J 138 -47.98 -267.24 -20.37
N ARG J 139 -48.28 -268.27 -19.56
CA ARG J 139 -48.44 -269.66 -20.00
C ARG J 139 -49.67 -270.31 -19.37
N THR J 140 -50.17 -271.41 -19.97
CA THR J 140 -51.20 -272.25 -19.37
C THR J 140 -50.64 -273.17 -18.27
N TYR J 141 -51.44 -273.40 -17.22
CA TYR J 141 -51.13 -274.34 -16.14
C TYR J 141 -52.37 -275.16 -15.75
N PRO K 2 -88.22 -217.70 -41.12
CA PRO K 2 -89.08 -217.34 -42.27
C PRO K 2 -90.35 -218.19 -42.33
N ASP K 3 -91.43 -217.63 -42.89
CA ASP K 3 -92.72 -218.31 -42.99
C ASP K 3 -92.59 -219.56 -43.89
N PRO K 4 -92.24 -219.44 -45.21
CA PRO K 4 -91.75 -220.60 -45.96
C PRO K 4 -90.29 -220.85 -45.56
N SER K 5 -90.00 -222.01 -44.96
CA SER K 5 -88.62 -222.40 -44.71
C SER K 5 -87.90 -222.72 -46.03
N ILE K 6 -86.58 -222.51 -46.08
CA ILE K 6 -85.78 -222.67 -47.30
C ILE K 6 -85.80 -224.10 -47.88
N ASP K 7 -86.09 -225.12 -47.05
CA ASP K 7 -86.22 -226.50 -47.52
C ASP K 7 -87.57 -226.80 -48.20
N GLU K 8 -88.59 -225.93 -48.04
CA GLU K 8 -89.90 -226.14 -48.65
C GLU K 8 -89.94 -225.77 -50.14
N VAL K 9 -89.06 -224.82 -50.54
CA VAL K 9 -89.16 -224.09 -51.81
C VAL K 9 -88.11 -224.54 -52.82
N SER K 10 -88.55 -224.75 -54.08
CA SER K 10 -87.70 -225.00 -55.25
C SER K 10 -87.42 -223.69 -56.00
N LYS K 11 -86.66 -223.76 -57.12
CA LYS K 11 -86.27 -222.59 -57.90
C LYS K 11 -87.49 -221.82 -58.43
N SER K 12 -88.49 -222.56 -58.91
CA SER K 12 -89.77 -222.02 -59.38
C SER K 12 -90.55 -221.31 -58.26
N ASP K 13 -90.54 -221.89 -57.05
CA ASP K 13 -91.19 -221.32 -55.88
C ASP K 13 -90.47 -220.05 -55.40
N TRP K 14 -89.13 -220.06 -55.43
CA TRP K 14 -88.28 -218.94 -55.02
C TRP K 14 -88.61 -217.66 -55.81
N ASP K 15 -88.73 -217.77 -57.14
CA ASP K 15 -89.07 -216.65 -58.01
C ASP K 15 -90.46 -216.04 -57.74
N ALA K 16 -91.36 -216.83 -57.12
CA ALA K 16 -92.71 -216.40 -56.78
C ALA K 16 -92.80 -215.64 -55.46
N LEU K 17 -91.76 -215.72 -54.60
CA LEU K 17 -91.78 -215.16 -53.24
C LEU K 17 -91.94 -213.64 -53.23
N THR K 18 -92.58 -213.12 -52.17
CA THR K 18 -92.55 -211.70 -51.87
C THR K 18 -91.15 -211.26 -51.45
N THR K 19 -90.90 -209.94 -51.51
CA THR K 19 -89.68 -209.36 -50.99
C THR K 19 -89.46 -209.72 -49.52
N GLN K 20 -90.50 -209.66 -48.68
CA GLN K 20 -90.38 -209.98 -47.26
C GLN K 20 -90.00 -211.44 -47.01
N GLU K 21 -90.66 -212.40 -47.68
CA GLU K 21 -90.32 -213.82 -47.55
C GLU K 21 -88.87 -214.08 -47.96
N GLN K 22 -88.48 -213.50 -49.10
CA GLN K 22 -87.15 -213.64 -49.65
C GLN K 22 -86.09 -212.98 -48.76
N ASP K 23 -86.36 -211.77 -48.24
CA ASP K 23 -85.52 -211.06 -47.28
C ASP K 23 -85.30 -211.84 -45.98
N ASP K 24 -86.36 -212.48 -45.46
CA ASP K 24 -86.26 -213.31 -44.26
C ASP K 24 -85.33 -214.51 -44.49
N ILE K 25 -85.42 -215.17 -45.64
CA ILE K 25 -84.52 -216.27 -45.97
C ILE K 25 -83.07 -215.76 -46.13
N ILE K 26 -82.88 -214.62 -46.81
CA ILE K 26 -81.55 -214.00 -46.93
C ILE K 26 -80.99 -213.69 -45.54
N SER K 27 -81.81 -213.13 -44.63
CA SER K 27 -81.43 -212.83 -43.25
C SER K 27 -81.01 -214.09 -42.50
N GLN K 28 -81.74 -215.20 -42.69
CA GLN K 28 -81.35 -216.47 -42.08
C GLN K 28 -79.99 -216.95 -42.59
N VAL K 29 -79.66 -216.75 -43.88
CA VAL K 29 -78.34 -217.10 -44.39
C VAL K 29 -77.26 -216.20 -43.79
N GLU K 30 -77.48 -214.89 -43.72
CA GLU K 30 -76.53 -213.96 -43.12
C GLU K 30 -76.15 -214.32 -41.68
N ASN K 31 -77.02 -215.01 -40.94
CA ASN K 31 -76.70 -215.47 -39.58
C ASN K 31 -75.51 -216.44 -39.51
N LEU K 32 -75.07 -217.02 -40.65
CA LEU K 32 -73.99 -218.01 -40.68
C LEU K 32 -72.59 -217.37 -40.71
N SER K 33 -72.49 -216.04 -40.78
CA SER K 33 -71.21 -215.34 -40.86
C SER K 33 -71.12 -214.16 -39.88
N SER K 34 -70.00 -214.01 -39.18
CA SER K 34 -69.78 -212.91 -38.25
C SER K 34 -69.66 -211.55 -38.96
N THR K 35 -69.23 -211.54 -40.23
CA THR K 35 -69.21 -210.33 -41.05
C THR K 35 -70.55 -210.09 -41.75
N GLY K 36 -71.40 -211.11 -41.85
CA GLY K 36 -72.65 -211.03 -42.60
C GLY K 36 -72.51 -210.76 -44.10
N TRP K 37 -71.27 -210.81 -44.64
CA TRP K 37 -70.95 -210.45 -46.02
C TRP K 37 -71.53 -209.09 -46.44
N VAL K 38 -71.54 -208.12 -45.52
CA VAL K 38 -72.34 -206.89 -45.66
C VAL K 38 -71.97 -206.00 -46.85
N ASN K 39 -70.74 -206.11 -47.37
CA ASN K 39 -70.32 -205.35 -48.53
C ASN K 39 -70.83 -205.94 -49.86
N THR K 40 -71.41 -207.16 -49.85
CA THR K 40 -71.91 -207.83 -51.04
C THR K 40 -73.43 -207.67 -51.17
N SER K 41 -73.90 -207.27 -52.36
CA SER K 41 -75.27 -206.81 -52.57
C SER K 41 -76.33 -207.93 -52.44
N ARG K 42 -77.58 -207.50 -52.20
CA ARG K 42 -78.74 -208.37 -52.04
C ARG K 42 -78.90 -209.35 -53.22
N GLU K 43 -78.76 -208.85 -54.45
CA GLU K 43 -78.96 -209.62 -55.68
C GLU K 43 -78.04 -210.85 -55.71
N ARG K 44 -76.81 -210.69 -55.25
CA ARG K 44 -75.79 -211.72 -55.29
C ARG K 44 -76.07 -212.81 -54.26
N LYS K 45 -76.51 -212.43 -53.06
CA LYS K 45 -76.94 -213.36 -52.04
C LYS K 45 -78.21 -214.11 -52.45
N ALA K 46 -79.19 -213.39 -53.03
CA ALA K 46 -80.40 -214.00 -53.60
C ALA K 46 -80.05 -215.00 -54.71
N GLU K 47 -79.12 -214.66 -55.61
CA GLU K 47 -78.64 -215.54 -56.67
C GLU K 47 -77.94 -216.79 -56.12
N ALA K 48 -77.12 -216.62 -55.08
CA ALA K 48 -76.48 -217.73 -54.40
C ALA K 48 -77.49 -218.69 -53.76
N ILE K 49 -78.55 -218.17 -53.12
CA ILE K 49 -79.62 -218.98 -52.56
C ILE K 49 -80.37 -219.72 -53.66
N ARG K 50 -80.84 -219.01 -54.70
CA ARG K 50 -81.55 -219.59 -55.82
C ARG K 50 -80.75 -220.72 -56.47
N SER K 51 -79.45 -220.50 -56.67
CA SER K 51 -78.52 -221.52 -57.15
C SER K 51 -78.40 -222.70 -56.18
N ALA K 52 -78.29 -222.44 -54.88
CA ALA K 52 -78.20 -223.49 -53.86
C ALA K 52 -79.46 -224.38 -53.85
N ILE K 53 -80.65 -223.76 -53.98
CA ILE K 53 -81.93 -224.46 -54.07
C ILE K 53 -81.97 -225.37 -55.31
N ALA K 54 -81.64 -224.83 -56.49
CA ALA K 54 -81.57 -225.60 -57.73
C ALA K 54 -80.55 -226.75 -57.66
N GLU K 55 -79.40 -226.51 -57.01
CA GLU K 55 -78.33 -227.48 -56.89
C GLU K 55 -78.69 -228.61 -55.91
N ARG K 56 -79.33 -228.27 -54.79
CA ARG K 56 -79.92 -229.26 -53.88
C ARG K 56 -80.88 -230.17 -54.65
N ASP K 57 -81.83 -229.56 -55.35
CA ASP K 57 -82.87 -230.30 -56.04
C ASP K 57 -82.30 -231.19 -57.16
N THR K 58 -81.28 -230.74 -57.91
CA THR K 58 -80.71 -231.50 -59.02
C THR K 58 -79.63 -232.50 -58.59
N LEU K 59 -78.57 -232.02 -57.91
CA LEU K 59 -77.39 -232.83 -57.62
C LEU K 59 -77.46 -233.58 -56.29
N TYR K 60 -78.28 -233.09 -55.35
CA TYR K 60 -78.28 -233.58 -53.96
C TYR K 60 -79.69 -233.95 -53.46
N SER K 61 -80.52 -234.47 -54.37
CA SER K 61 -81.80 -235.10 -54.07
C SER K 61 -81.92 -236.45 -54.80
N GLY K 62 -82.91 -237.27 -54.41
CA GLY K 62 -83.03 -238.64 -54.90
C GLY K 62 -82.47 -239.67 -53.90
N ASN K 63 -82.24 -240.91 -54.36
CA ASN K 63 -81.96 -242.04 -53.47
C ASN K 63 -80.67 -242.81 -53.76
N MET K 64 -80.08 -243.36 -52.68
CA MET K 64 -79.06 -244.39 -52.73
C MET K 64 -79.42 -245.55 -51.81
N SER K 65 -79.55 -246.78 -52.36
CA SER K 65 -79.90 -247.98 -51.60
C SER K 65 -81.16 -247.80 -50.73
N ARG K 66 -82.21 -247.15 -51.27
CA ARG K 66 -83.45 -246.82 -50.55
C ARG K 66 -83.27 -245.84 -49.38
N LEU K 67 -82.07 -245.27 -49.19
CA LEU K 67 -81.83 -244.13 -48.33
C LEU K 67 -82.05 -242.85 -49.12
N PRO K 68 -82.40 -241.69 -48.50
CA PRO K 68 -82.32 -240.40 -49.18
C PRO K 68 -80.85 -239.99 -49.29
N THR K 69 -80.47 -239.35 -50.41
CA THR K 69 -79.10 -238.84 -50.56
C THR K 69 -78.83 -237.66 -49.61
N LEU K 70 -79.86 -236.87 -49.28
CA LEU K 70 -79.79 -235.84 -48.26
C LEU K 70 -80.38 -236.37 -46.95
N ASP K 71 -79.50 -236.88 -46.07
CA ASP K 71 -79.91 -237.55 -44.83
C ASP K 71 -80.22 -236.55 -43.71
N GLY K 72 -79.42 -235.48 -43.60
CA GLY K 72 -79.56 -234.48 -42.55
C GLY K 72 -80.73 -233.51 -42.77
N ASP K 73 -80.85 -232.52 -41.87
CA ASP K 73 -81.85 -231.47 -42.00
C ASP K 73 -81.61 -230.64 -43.27
N ALA K 74 -82.55 -230.73 -44.22
CA ALA K 74 -82.49 -230.02 -45.50
C ALA K 74 -82.47 -228.50 -45.35
N GLU K 75 -83.02 -227.97 -44.25
CA GLU K 75 -82.98 -226.53 -43.96
C GLU K 75 -81.52 -226.08 -43.86
N TYR K 76 -80.80 -226.62 -42.88
CA TYR K 76 -79.40 -226.31 -42.62
C TYR K 76 -78.49 -226.71 -43.78
N PHE K 77 -78.75 -227.84 -44.45
CA PHE K 77 -78.01 -228.13 -45.67
C PHE K 77 -78.15 -227.00 -46.71
N THR K 78 -79.37 -226.52 -46.97
CA THR K 78 -79.58 -225.48 -47.96
C THR K 78 -78.93 -224.16 -47.53
N LEU K 79 -79.01 -223.83 -46.24
CA LEU K 79 -78.32 -222.66 -45.70
C LEU K 79 -76.81 -222.77 -45.88
N TYR K 80 -76.19 -223.88 -45.48
CA TYR K 80 -74.75 -224.08 -45.67
C TYR K 80 -74.36 -224.01 -47.15
N LEU K 81 -75.12 -224.65 -48.04
CA LEU K 81 -74.84 -224.60 -49.46
C LEU K 81 -74.93 -223.16 -50.02
N SER K 82 -75.90 -222.37 -49.53
CA SER K 82 -76.04 -220.95 -49.84
C SER K 82 -74.83 -220.14 -49.36
N ALA K 83 -74.44 -220.30 -48.09
CA ALA K 83 -73.29 -219.63 -47.50
C ALA K 83 -71.99 -220.00 -48.22
N HIS K 84 -71.82 -221.28 -48.58
CA HIS K 84 -70.71 -221.77 -49.37
C HIS K 84 -70.60 -221.01 -50.70
N LYS K 85 -71.72 -220.87 -51.42
CA LYS K 85 -71.79 -220.12 -52.66
C LYS K 85 -71.51 -218.63 -52.45
N ILE K 86 -72.14 -217.98 -51.46
CA ILE K 86 -71.88 -216.56 -51.16
C ILE K 86 -70.37 -216.35 -50.95
N GLN K 87 -69.75 -217.18 -50.11
CA GLN K 87 -68.30 -217.10 -49.89
C GLN K 87 -67.50 -217.27 -51.19
N LEU K 88 -67.86 -218.24 -52.05
CA LEU K 88 -67.19 -218.42 -53.35
C LEU K 88 -67.45 -217.26 -54.31
N PHE K 89 -68.54 -216.51 -54.16
CA PHE K 89 -68.76 -215.32 -54.96
C PHE K 89 -67.79 -214.19 -54.58
N GLU K 90 -66.99 -214.35 -53.52
CA GLU K 90 -66.04 -213.35 -53.05
C GLU K 90 -64.71 -213.98 -52.60
N GLY K 91 -64.21 -214.94 -53.39
CA GLY K 91 -62.86 -215.47 -53.26
C GLY K 91 -62.69 -216.70 -52.36
N GLY K 92 -63.77 -217.19 -51.73
CA GLY K 92 -63.68 -218.38 -50.90
C GLY K 92 -63.04 -218.11 -49.54
N GLU K 93 -62.39 -219.13 -48.96
CA GLU K 93 -61.65 -218.96 -47.72
C GLU K 93 -60.43 -218.06 -47.94
N ALA K 94 -60.30 -217.04 -47.10
CA ALA K 94 -58.99 -216.43 -46.93
C ALA K 94 -58.21 -217.24 -45.88
N GLN K 95 -57.10 -217.87 -46.29
CA GLN K 95 -56.19 -218.56 -45.39
C GLN K 95 -55.53 -217.56 -44.43
N SER K 96 -55.23 -216.36 -44.94
CA SER K 96 -54.49 -215.33 -44.20
C SER K 96 -55.00 -213.94 -44.58
N GLU K 97 -55.06 -213.04 -43.59
CA GLU K 97 -55.49 -211.66 -43.73
C GLU K 97 -54.59 -210.73 -42.91
N SER K 98 -54.16 -209.60 -43.51
CA SER K 98 -53.39 -208.58 -42.80
C SER K 98 -53.76 -207.17 -43.29
N GLY K 99 -53.70 -206.19 -42.38
CA GLY K 99 -53.95 -204.78 -42.67
C GLY K 99 -53.53 -203.89 -41.51
N GLU K 100 -52.83 -202.78 -41.82
CA GLU K 100 -52.27 -201.90 -40.80
C GLU K 100 -51.45 -202.67 -39.75
N GLY K 101 -50.57 -203.57 -40.21
CA GLY K 101 -49.65 -204.27 -39.32
C GLY K 101 -50.29 -205.42 -38.55
N GLY K 102 -51.62 -205.40 -38.35
CA GLY K 102 -52.35 -206.56 -37.81
C GLY K 102 -52.32 -207.74 -38.79
N SER K 103 -52.31 -208.98 -38.29
CA SER K 103 -52.29 -210.17 -39.14
C SER K 103 -52.94 -211.38 -38.45
N VAL K 104 -53.61 -212.25 -39.24
CA VAL K 104 -54.25 -213.46 -38.74
C VAL K 104 -54.23 -214.54 -39.84
N SER K 105 -54.11 -215.82 -39.44
CA SER K 105 -54.13 -216.94 -40.38
C SER K 105 -55.01 -218.07 -39.82
N TYR K 106 -55.78 -218.74 -40.68
CA TYR K 106 -56.99 -219.45 -40.30
C TYR K 106 -56.96 -220.99 -40.43
N SER K 107 -55.77 -221.61 -40.58
CA SER K 107 -55.64 -223.07 -40.50
C SER K 107 -56.41 -223.85 -41.59
N THR K 108 -56.77 -223.18 -42.70
CA THR K 108 -57.65 -223.75 -43.72
C THR K 108 -56.95 -224.81 -44.57
N GLY K 109 -55.77 -224.50 -45.12
CA GLY K 109 -54.99 -225.42 -45.95
C GLY K 109 -55.63 -225.72 -47.31
N GLY K 110 -55.01 -226.65 -48.07
CA GLY K 110 -55.45 -227.02 -49.42
C GLY K 110 -56.81 -227.73 -49.46
N GLY K 111 -57.08 -228.52 -48.40
CA GLY K 111 -58.36 -229.17 -48.12
C GLY K 111 -58.75 -230.34 -49.03
N GLY K 112 -58.02 -230.60 -50.12
CA GLY K 112 -58.45 -231.52 -51.17
C GLY K 112 -58.64 -230.83 -52.52
N GLU K 113 -59.73 -231.15 -53.25
CA GLU K 113 -59.86 -230.83 -54.68
C GLU K 113 -61.27 -230.36 -55.07
N LYS K 114 -62.32 -230.92 -54.45
CA LYS K 114 -63.71 -230.70 -54.83
C LYS K 114 -64.23 -229.41 -54.18
N ASP K 115 -65.23 -228.76 -54.79
CA ASP K 115 -65.63 -227.43 -54.35
C ASP K 115 -66.12 -227.39 -52.89
N LEU K 116 -66.92 -228.38 -52.44
CA LEU K 116 -67.38 -228.45 -51.05
C LEU K 116 -66.22 -228.62 -50.06
N GLN K 117 -65.10 -229.23 -50.45
CA GLN K 117 -63.94 -229.37 -49.58
C GLN K 117 -63.24 -228.01 -49.35
N LYS K 118 -63.37 -227.05 -50.29
CA LYS K 118 -62.59 -225.81 -50.32
C LYS K 118 -63.01 -224.78 -49.29
N THR K 119 -64.23 -224.86 -48.69
CA THR K 119 -64.68 -223.87 -47.71
C THR K 119 -65.42 -224.50 -46.52
N ARG K 120 -65.42 -223.81 -45.38
CA ARG K 120 -65.97 -224.28 -44.10
C ARG K 120 -67.47 -224.61 -44.20
N TYR K 121 -68.24 -223.74 -44.85
CA TYR K 121 -69.64 -224.00 -45.11
C TYR K 121 -69.84 -225.19 -46.06
N GLY K 122 -68.92 -225.39 -47.00
CA GLY K 122 -68.91 -226.60 -47.82
C GLY K 122 -68.65 -227.86 -46.99
N ARG K 123 -67.63 -227.86 -46.13
CA ARG K 123 -67.31 -228.99 -45.25
C ARG K 123 -68.41 -229.28 -44.22
N MET K 124 -69.16 -228.27 -43.77
CA MET K 124 -70.36 -228.53 -42.98
C MET K 124 -71.53 -229.09 -43.80
N ALA K 125 -71.76 -228.60 -45.03
CA ALA K 125 -72.78 -229.15 -45.93
C ALA K 125 -72.50 -230.62 -46.30
N LEU K 126 -71.21 -230.97 -46.48
CA LEU K 126 -70.76 -232.25 -47.00
C LEU K 126 -71.15 -233.44 -46.10
N GLU K 127 -71.20 -233.27 -44.78
CA GLU K 127 -71.67 -234.29 -43.83
C GLU K 127 -73.15 -234.66 -44.02
N TYR K 128 -74.00 -233.74 -44.54
CA TYR K 128 -75.43 -233.99 -44.71
C TYR K 128 -75.74 -234.93 -45.87
N VAL K 129 -74.76 -235.16 -46.76
CA VAL K 129 -74.95 -235.80 -48.06
C VAL K 129 -73.92 -236.92 -48.25
N TRP K 130 -73.78 -237.77 -47.22
CA TRP K 130 -72.93 -238.96 -47.21
C TRP K 130 -71.49 -238.67 -47.62
N GLU K 131 -71.03 -237.42 -47.43
CA GLU K 131 -69.70 -236.96 -47.85
C GLU K 131 -69.40 -237.23 -49.34
N ASP K 132 -70.43 -237.15 -50.21
CA ASP K 132 -70.37 -237.40 -51.65
C ASP K 132 -69.96 -238.85 -52.02
N ASN K 133 -70.14 -239.81 -51.10
CA ASN K 133 -69.86 -241.23 -51.36
C ASN K 133 -70.91 -241.91 -52.24
N SER K 134 -70.50 -243.00 -52.93
CA SER K 134 -71.30 -243.76 -53.89
C SER K 134 -71.80 -245.07 -53.29
N ILE K 135 -72.68 -244.98 -52.28
CA ILE K 135 -73.16 -246.15 -51.52
C ILE K 135 -74.47 -246.75 -52.08
N ALA K 136 -74.82 -246.40 -53.33
CA ALA K 136 -76.04 -246.89 -53.97
C ALA K 136 -75.95 -248.37 -54.31
N ALA K 137 -77.10 -249.07 -54.21
CA ALA K 137 -77.21 -250.50 -54.49
C ALA K 137 -78.56 -250.87 -55.10
N LEU K 138 -78.53 -251.83 -56.03
CA LEU K 138 -79.68 -252.30 -56.78
C LEU K 138 -79.41 -253.73 -57.30
N ARG K 139 -80.48 -254.43 -57.71
CA ARG K 139 -80.45 -255.86 -58.02
C ARG K 139 -81.39 -256.19 -59.18
N THR K 140 -81.19 -257.37 -59.79
CA THR K 140 -82.20 -258.02 -60.62
C THR K 140 -83.39 -258.51 -59.77
N TYR K 141 -84.59 -258.44 -60.39
CA TYR K 141 -85.87 -258.90 -59.84
C TYR K 141 -86.74 -259.52 -60.95
N PRO L 2 -79.04 -225.13 -17.52
CA PRO L 2 -80.39 -224.69 -17.91
C PRO L 2 -81.47 -225.74 -17.59
N ASP L 3 -82.62 -225.28 -17.06
CA ASP L 3 -83.67 -226.15 -16.54
C ASP L 3 -84.24 -227.04 -17.64
N PRO L 4 -84.67 -226.51 -18.83
CA PRO L 4 -84.68 -227.31 -20.05
C PRO L 4 -83.24 -227.42 -20.54
N SER L 5 -82.62 -228.60 -20.42
CA SER L 5 -81.24 -228.78 -20.86
C SER L 5 -81.14 -228.88 -22.39
N ILE L 6 -79.98 -228.54 -22.97
CA ILE L 6 -79.74 -228.53 -24.42
C ILE L 6 -79.97 -229.91 -25.07
N ASP L 7 -79.81 -231.01 -24.33
CA ASP L 7 -80.05 -232.37 -24.78
C ASP L 7 -81.52 -232.81 -24.63
N GLU L 8 -82.33 -232.05 -23.88
CA GLU L 8 -83.73 -232.34 -23.64
C GLU L 8 -84.67 -231.66 -24.66
N VAL L 9 -84.10 -230.96 -25.66
CA VAL L 9 -84.85 -230.13 -26.61
C VAL L 9 -84.45 -230.46 -28.05
N SER L 10 -85.44 -230.57 -28.95
CA SER L 10 -85.26 -230.67 -30.40
C SER L 10 -85.42 -229.29 -31.06
N LYS L 11 -85.30 -229.21 -32.41
CA LYS L 11 -85.47 -227.96 -33.13
C LYS L 11 -86.86 -227.35 -32.91
N SER L 12 -87.88 -228.21 -32.84
CA SER L 12 -89.26 -227.86 -32.50
C SER L 12 -89.37 -227.21 -31.11
N ASP L 13 -88.63 -227.76 -30.12
CA ASP L 13 -88.64 -227.28 -28.75
C ASP L 13 -87.84 -225.99 -28.62
N TRP L 14 -86.68 -225.90 -29.28
CA TRP L 14 -85.80 -224.73 -29.25
C TRP L 14 -86.52 -223.45 -29.70
N ASP L 15 -87.29 -223.51 -30.78
CA ASP L 15 -88.14 -222.40 -31.23
C ASP L 15 -89.28 -222.07 -30.25
N ALA L 16 -89.71 -223.06 -29.45
CA ALA L 16 -90.81 -222.94 -28.49
C ALA L 16 -90.36 -222.48 -27.08
N LEU L 17 -89.05 -222.55 -26.76
CA LEU L 17 -88.52 -222.05 -25.50
C LEU L 17 -88.80 -220.55 -25.33
N THR L 18 -88.92 -220.10 -24.08
CA THR L 18 -88.87 -218.66 -23.80
C THR L 18 -87.50 -218.10 -24.18
N THR L 19 -87.44 -216.78 -24.40
CA THR L 19 -86.18 -216.08 -24.62
C THR L 19 -85.15 -216.38 -23.54
N GLN L 20 -85.54 -216.32 -22.25
CA GLN L 20 -84.61 -216.54 -21.15
C GLN L 20 -84.07 -217.98 -21.10
N GLU L 21 -84.91 -218.99 -21.33
CA GLU L 21 -84.46 -220.37 -21.38
C GLU L 21 -83.43 -220.58 -22.50
N GLN L 22 -83.70 -219.98 -23.67
CA GLN L 22 -82.81 -220.03 -24.82
C GLN L 22 -81.49 -219.27 -24.53
N ASP L 23 -81.58 -218.10 -23.88
CA ASP L 23 -80.45 -217.30 -23.45
C ASP L 23 -79.57 -218.03 -22.42
N ASP L 24 -80.16 -218.78 -21.49
CA ASP L 24 -79.38 -219.55 -20.53
C ASP L 24 -78.56 -220.63 -21.25
N ILE L 25 -79.10 -221.22 -22.33
CA ILE L 25 -78.36 -222.20 -23.12
C ILE L 25 -77.24 -221.53 -23.92
N ILE L 26 -77.53 -220.39 -24.56
CA ILE L 26 -76.50 -219.60 -25.23
C ILE L 26 -75.40 -219.24 -24.22
N SER L 27 -75.78 -218.78 -23.03
CA SER L 27 -74.88 -218.43 -21.93
C SER L 27 -74.02 -219.61 -21.49
N GLN L 28 -74.56 -220.84 -21.54
CA GLN L 28 -73.77 -222.03 -21.29
C GLN L 28 -72.75 -222.26 -22.40
N VAL L 29 -73.17 -222.23 -23.68
CA VAL L 29 -72.28 -222.41 -24.82
C VAL L 29 -71.13 -221.40 -24.77
N GLU L 30 -71.42 -220.13 -24.47
CA GLU L 30 -70.42 -219.08 -24.37
C GLU L 30 -69.37 -219.33 -23.28
N ASN L 31 -69.58 -220.29 -22.37
CA ASN L 31 -68.54 -220.69 -21.41
C ASN L 31 -67.41 -221.50 -22.04
N LEU L 32 -67.61 -222.05 -23.26
CA LEU L 32 -66.63 -222.92 -23.91
C LEU L 32 -65.47 -222.17 -24.55
N SER L 33 -65.52 -220.83 -24.58
CA SER L 33 -64.38 -220.03 -25.02
C SER L 33 -64.10 -218.90 -24.03
N SER L 34 -62.82 -218.68 -23.70
CA SER L 34 -62.39 -217.54 -22.90
C SER L 34 -62.71 -216.20 -23.58
N THR L 35 -62.83 -216.20 -24.91
CA THR L 35 -63.26 -215.02 -25.67
C THR L 35 -64.78 -214.88 -25.72
N GLY L 36 -65.53 -215.93 -25.40
CA GLY L 36 -66.99 -215.91 -25.32
C GLY L 36 -67.73 -215.59 -26.63
N TRP L 37 -67.02 -215.41 -27.76
CA TRP L 37 -67.58 -214.98 -29.03
C TRP L 37 -68.48 -213.75 -28.89
N VAL L 38 -68.03 -212.76 -28.10
CA VAL L 38 -68.84 -211.60 -27.70
C VAL L 38 -69.05 -210.58 -28.84
N ASN L 39 -68.15 -210.57 -29.84
CA ASN L 39 -68.32 -209.75 -31.04
C ASN L 39 -69.06 -210.43 -32.19
N THR L 40 -69.60 -211.65 -31.94
CA THR L 40 -70.63 -212.25 -32.78
C THR L 40 -71.97 -212.09 -32.05
N SER L 41 -73.04 -211.64 -32.75
CA SER L 41 -74.30 -211.29 -32.11
C SER L 41 -75.09 -212.50 -31.58
N ARG L 42 -76.09 -212.25 -30.72
CA ARG L 42 -77.00 -213.23 -30.17
C ARG L 42 -77.65 -214.12 -31.23
N GLU L 43 -78.17 -213.50 -32.29
CA GLU L 43 -78.95 -214.18 -33.33
C GLU L 43 -78.11 -215.21 -34.07
N ARG L 44 -76.84 -214.89 -34.34
CA ARG L 44 -75.89 -215.79 -34.99
C ARG L 44 -75.59 -217.00 -34.09
N LYS L 45 -75.42 -216.78 -32.78
CA LYS L 45 -75.21 -217.85 -31.82
C LYS L 45 -76.45 -218.72 -31.61
N ALA L 46 -77.65 -218.10 -31.62
CA ALA L 46 -78.91 -218.82 -31.63
C ALA L 46 -79.01 -219.75 -32.87
N GLU L 47 -78.71 -219.24 -34.06
CA GLU L 47 -78.71 -220.02 -35.30
C GLU L 47 -77.72 -221.19 -35.24
N ALA L 48 -76.51 -220.95 -34.70
CA ALA L 48 -75.49 -221.98 -34.50
C ALA L 48 -76.02 -223.13 -33.62
N ILE L 49 -76.65 -222.80 -32.48
CA ILE L 49 -77.16 -223.82 -31.56
C ILE L 49 -78.36 -224.56 -32.18
N ARG L 50 -79.28 -223.82 -32.81
CA ARG L 50 -80.42 -224.38 -33.53
C ARG L 50 -79.96 -225.40 -34.56
N SER L 51 -78.94 -225.05 -35.34
CA SER L 51 -78.32 -225.96 -36.29
C SER L 51 -77.64 -227.15 -35.61
N ALA L 52 -76.93 -226.95 -34.49
CA ALA L 52 -76.29 -228.03 -33.74
C ALA L 52 -77.31 -229.03 -33.22
N ILE L 53 -78.40 -228.56 -32.62
CA ILE L 53 -79.51 -229.38 -32.15
C ILE L 53 -80.10 -230.19 -33.30
N ALA L 54 -80.42 -229.52 -34.42
CA ALA L 54 -81.01 -230.17 -35.60
C ALA L 54 -80.06 -231.21 -36.21
N GLU L 55 -78.77 -230.90 -36.30
CA GLU L 55 -77.78 -231.80 -36.86
C GLU L 55 -77.54 -233.01 -35.94
N ARG L 56 -77.56 -232.82 -34.62
CA ARG L 56 -77.56 -233.93 -33.67
C ARG L 56 -78.73 -234.87 -33.98
N ASP L 57 -79.95 -234.33 -34.00
CA ASP L 57 -81.16 -235.10 -34.20
C ASP L 57 -81.22 -235.78 -35.58
N THR L 58 -80.65 -235.18 -36.63
CA THR L 58 -80.81 -235.67 -38.01
C THR L 58 -79.59 -236.42 -38.57
N LEU L 59 -78.36 -236.17 -38.06
CA LEU L 59 -77.15 -236.88 -38.48
C LEU L 59 -76.50 -237.73 -37.39
N TYR L 60 -76.80 -237.45 -36.11
CA TYR L 60 -76.17 -238.12 -34.95
C TYR L 60 -77.22 -238.69 -33.98
N SER L 61 -78.18 -239.42 -34.56
CA SER L 61 -79.27 -240.10 -33.87
C SER L 61 -79.44 -241.53 -34.39
N GLY L 62 -80.15 -242.35 -33.62
CA GLY L 62 -80.31 -243.77 -33.92
C GLY L 62 -79.08 -244.60 -33.54
N ASN L 63 -78.96 -245.77 -34.19
CA ASN L 63 -78.20 -246.90 -33.67
C ASN L 63 -77.14 -247.41 -34.65
N MET L 64 -76.06 -247.95 -34.09
CA MET L 64 -74.90 -248.45 -34.82
C MET L 64 -74.60 -249.84 -34.25
N SER L 65 -75.18 -250.87 -34.89
CA SER L 65 -75.56 -252.13 -34.24
C SER L 65 -76.63 -251.86 -33.18
N ARG L 66 -76.65 -252.59 -32.04
CA ARG L 66 -77.58 -252.32 -30.94
C ARG L 66 -77.22 -251.03 -30.17
N LEU L 67 -75.96 -250.58 -30.31
CA LEU L 67 -75.40 -249.42 -29.62
C LEU L 67 -75.95 -248.10 -30.17
N PRO L 68 -75.92 -246.98 -29.41
CA PRO L 68 -76.24 -245.66 -29.96
C PRO L 68 -75.09 -245.09 -30.79
N THR L 69 -75.40 -244.28 -31.81
CA THR L 69 -74.37 -243.62 -32.60
C THR L 69 -73.67 -242.48 -31.84
N LEU L 70 -74.33 -241.92 -30.80
CA LEU L 70 -73.73 -240.97 -29.87
C LEU L 70 -73.54 -241.68 -28.52
N ASP L 71 -72.28 -241.79 -28.08
CA ASP L 71 -71.90 -242.56 -26.90
C ASP L 71 -71.64 -241.69 -25.67
N GLY L 72 -71.20 -240.44 -25.90
CA GLY L 72 -70.90 -239.47 -24.84
C GLY L 72 -72.12 -238.66 -24.38
N ASP L 73 -71.91 -237.77 -23.41
CA ASP L 73 -72.96 -236.91 -22.88
C ASP L 73 -73.54 -235.99 -23.96
N ALA L 74 -74.84 -236.15 -24.27
CA ALA L 74 -75.53 -235.37 -25.29
C ALA L 74 -75.58 -233.87 -24.99
N GLU L 75 -75.45 -233.48 -23.72
CA GLU L 75 -75.30 -232.07 -23.35
C GLU L 75 -74.02 -231.51 -23.96
N TYR L 76 -72.87 -232.01 -23.49
CA TYR L 76 -71.58 -231.55 -23.95
C TYR L 76 -71.33 -231.83 -25.43
N PHE L 77 -71.90 -232.90 -25.99
CA PHE L 77 -71.86 -233.08 -27.44
C PHE L 77 -72.51 -231.89 -28.16
N THR L 78 -73.72 -231.48 -27.74
CA THR L 78 -74.40 -230.39 -28.40
C THR L 78 -73.68 -229.06 -28.15
N LEU L 79 -73.14 -228.85 -26.95
CA LEU L 79 -72.36 -227.65 -26.64
C LEU L 79 -71.11 -227.58 -27.53
N TYR L 80 -70.30 -228.64 -27.61
CA TYR L 80 -69.13 -228.69 -28.49
C TYR L 80 -69.51 -228.49 -29.96
N LEU L 81 -70.58 -229.14 -30.42
CA LEU L 81 -71.06 -228.97 -31.78
C LEU L 81 -71.48 -227.52 -32.07
N SER L 82 -72.06 -226.84 -31.08
CA SER L 82 -72.42 -225.42 -31.13
C SER L 82 -71.19 -224.53 -31.23
N ALA L 83 -70.21 -224.74 -30.34
CA ALA L 83 -68.93 -224.04 -30.34
C ALA L 83 -68.21 -224.20 -31.69
N HIS L 84 -68.19 -225.41 -32.23
CA HIS L 84 -67.64 -225.71 -33.54
C HIS L 84 -68.30 -224.86 -34.64
N LYS L 85 -69.63 -224.81 -34.67
CA LYS L 85 -70.40 -223.96 -35.59
C LYS L 85 -70.09 -222.47 -35.43
N ILE L 86 -70.07 -221.95 -34.19
CA ILE L 86 -69.75 -220.55 -33.93
C ILE L 86 -68.34 -220.21 -34.42
N GLN L 87 -67.34 -221.03 -34.12
CA GLN L 87 -65.98 -220.77 -34.57
C GLN L 87 -65.88 -220.73 -36.10
N LEU L 88 -66.61 -221.59 -36.81
CA LEU L 88 -66.68 -221.52 -38.27
C LEU L 88 -67.46 -220.30 -38.76
N PHE L 89 -68.47 -219.82 -38.03
CA PHE L 89 -69.10 -218.54 -38.35
C PHE L 89 -68.12 -217.37 -38.21
N GLU L 90 -67.16 -217.49 -37.27
CA GLU L 90 -66.03 -216.58 -37.10
C GLU L 90 -64.80 -216.91 -37.98
N GLY L 91 -64.92 -217.78 -38.99
CA GLY L 91 -63.87 -218.01 -39.98
C GLY L 91 -62.93 -219.21 -39.71
N GLY L 92 -63.06 -219.87 -38.55
CA GLY L 92 -62.26 -221.06 -38.21
C GLY L 92 -61.21 -220.81 -37.14
N GLU L 93 -60.30 -221.79 -36.98
CA GLU L 93 -59.21 -221.70 -36.01
C GLU L 93 -58.17 -220.66 -36.42
N ALA L 94 -57.85 -219.74 -35.51
CA ALA L 94 -56.66 -218.93 -35.68
C ALA L 94 -55.41 -219.81 -35.51
N GLN L 95 -54.70 -220.11 -36.62
CA GLN L 95 -53.39 -220.75 -36.56
C GLN L 95 -52.34 -219.77 -36.05
N SER L 96 -52.50 -218.48 -36.39
CA SER L 96 -51.56 -217.41 -36.04
C SER L 96 -52.30 -216.09 -35.85
N GLU L 97 -51.88 -215.27 -34.87
CA GLU L 97 -52.40 -213.94 -34.63
C GLU L 97 -51.23 -212.99 -34.30
N SER L 98 -51.32 -211.75 -34.78
CA SER L 98 -50.24 -210.78 -34.61
C SER L 98 -50.76 -209.33 -34.66
N GLY L 99 -50.04 -208.41 -34.00
CA GLY L 99 -50.30 -206.98 -34.02
C GLY L 99 -49.41 -206.25 -32.99
N GLU L 100 -49.75 -205.00 -32.66
CA GLU L 100 -49.05 -204.26 -31.62
C GLU L 100 -49.26 -204.83 -30.20
N GLY L 101 -50.12 -205.85 -30.07
CA GLY L 101 -50.19 -206.67 -28.87
C GLY L 101 -49.16 -207.80 -28.82
N GLY L 102 -48.22 -207.86 -29.79
CA GLY L 102 -47.33 -209.00 -29.97
C GLY L 102 -47.97 -210.14 -30.78
N SER L 103 -47.28 -211.30 -30.86
CA SER L 103 -47.61 -212.37 -31.81
C SER L 103 -47.69 -213.75 -31.14
N VAL L 104 -48.47 -214.66 -31.75
CA VAL L 104 -48.67 -216.04 -31.29
C VAL L 104 -48.93 -216.96 -32.48
N SER L 105 -48.54 -218.24 -32.35
CA SER L 105 -48.86 -219.29 -33.30
C SER L 105 -49.29 -220.55 -32.54
N TYR L 106 -50.34 -221.26 -33.02
CA TYR L 106 -51.06 -222.23 -32.20
C TYR L 106 -50.94 -223.71 -32.64
N SER L 107 -49.83 -224.10 -33.32
CA SER L 107 -49.40 -225.49 -33.42
C SER L 107 -50.41 -226.44 -34.11
N THR L 108 -51.25 -225.91 -35.01
CA THR L 108 -52.30 -226.70 -35.65
C THR L 108 -51.74 -227.74 -36.62
N GLY L 109 -50.61 -227.43 -37.28
CA GLY L 109 -50.19 -228.08 -38.52
C GLY L 109 -51.29 -228.01 -39.59
N GLY L 110 -51.30 -228.97 -40.54
CA GLY L 110 -52.41 -229.18 -41.45
C GLY L 110 -53.56 -229.98 -40.83
N GLY L 111 -53.21 -231.12 -40.19
CA GLY L 111 -54.14 -232.09 -39.61
C GLY L 111 -55.02 -232.81 -40.65
N GLY L 112 -56.14 -233.39 -40.19
CA GLY L 112 -57.14 -233.95 -41.09
C GLY L 112 -58.05 -232.89 -41.72
N GLU L 113 -58.60 -233.19 -42.90
CA GLU L 113 -59.36 -232.22 -43.72
C GLU L 113 -60.89 -232.22 -43.48
N LYS L 114 -61.45 -233.19 -42.75
CA LYS L 114 -62.89 -233.31 -42.55
C LYS L 114 -63.39 -232.38 -41.44
N ASP L 115 -64.70 -232.10 -41.44
CA ASP L 115 -65.29 -231.01 -40.68
C ASP L 115 -64.86 -230.99 -39.20
N LEU L 116 -65.09 -232.09 -38.47
CA LEU L 116 -64.76 -232.15 -37.05
C LEU L 116 -63.25 -232.21 -36.80
N GLN L 117 -62.43 -232.67 -37.76
CA GLN L 117 -60.98 -232.69 -37.60
C GLN L 117 -60.38 -231.28 -37.61
N LYS L 118 -60.98 -230.35 -38.38
CA LYS L 118 -60.45 -229.02 -38.69
C LYS L 118 -60.47 -228.02 -37.53
N THR L 119 -61.24 -228.26 -36.45
CA THR L 119 -61.40 -227.27 -35.38
C THR L 119 -61.41 -227.93 -33.99
N ARG L 120 -61.00 -227.20 -32.93
CA ARG L 120 -60.73 -227.77 -31.61
C ARG L 120 -61.99 -228.33 -30.94
N TYR L 121 -63.09 -227.56 -30.98
CA TYR L 121 -64.39 -228.01 -30.51
C TYR L 121 -64.93 -229.20 -31.31
N GLY L 122 -64.63 -229.26 -32.61
CA GLY L 122 -64.94 -230.42 -33.43
C GLY L 122 -64.18 -231.67 -33.00
N ARG L 123 -62.85 -231.54 -32.80
CA ARG L 123 -61.98 -232.64 -32.36
C ARG L 123 -62.40 -233.18 -30.99
N MET L 124 -62.92 -232.32 -30.11
CA MET L 124 -63.55 -232.75 -28.87
C MET L 124 -64.86 -233.51 -29.12
N ALA L 125 -65.77 -232.99 -29.94
CA ALA L 125 -67.05 -233.64 -30.25
C ALA L 125 -66.89 -235.00 -30.92
N LEU L 126 -65.85 -235.17 -31.75
CA LEU L 126 -65.61 -236.34 -32.58
C LEU L 126 -65.54 -237.65 -31.79
N GLU L 127 -64.96 -237.62 -30.58
CA GLU L 127 -64.88 -238.77 -29.67
C GLU L 127 -66.27 -239.25 -29.19
N TYR L 128 -67.24 -238.33 -29.10
CA TYR L 128 -68.60 -238.67 -28.68
C TYR L 128 -69.32 -239.56 -29.70
N VAL L 129 -68.82 -239.64 -30.93
CA VAL L 129 -69.50 -240.24 -32.08
C VAL L 129 -68.56 -241.26 -32.76
N TRP L 130 -67.88 -242.09 -31.94
CA TRP L 130 -67.02 -243.17 -32.41
C TRP L 130 -65.95 -242.73 -33.42
N GLU L 131 -65.55 -241.45 -33.38
CA GLU L 131 -64.65 -240.82 -34.35
C GLU L 131 -65.13 -240.96 -35.81
N ASP L 132 -66.46 -240.95 -36.01
CA ASP L 132 -67.15 -241.03 -37.30
C ASP L 132 -66.94 -242.37 -38.03
N ASN L 133 -66.41 -243.39 -37.35
CA ASN L 133 -66.15 -244.71 -37.94
C ASN L 133 -67.45 -245.47 -38.22
N SER L 134 -67.41 -246.33 -39.26
CA SER L 134 -68.55 -247.10 -39.76
C SER L 134 -68.61 -248.50 -39.12
N ILE L 135 -68.90 -248.55 -37.79
CA ILE L 135 -68.77 -249.78 -36.99
C ILE L 135 -70.09 -250.55 -36.84
N ALA L 136 -71.13 -250.21 -37.62
CA ALA L 136 -72.43 -250.88 -37.56
C ALA L 136 -72.34 -252.31 -38.11
N ALA L 137 -73.14 -253.22 -37.53
CA ALA L 137 -73.23 -254.63 -37.90
C ALA L 137 -74.67 -255.15 -37.77
N LEU L 138 -75.03 -256.08 -38.67
CA LEU L 138 -76.40 -256.59 -38.81
C LEU L 138 -76.40 -257.98 -39.48
N ARG L 139 -77.54 -258.68 -39.37
CA ARG L 139 -77.73 -260.05 -39.84
C ARG L 139 -79.04 -260.19 -40.65
N THR L 140 -79.13 -261.29 -41.43
CA THR L 140 -80.36 -261.78 -42.04
C THR L 140 -81.38 -262.29 -41.01
N TYR L 141 -82.67 -261.93 -41.25
CA TYR L 141 -83.85 -262.38 -40.51
C TYR L 141 -85.07 -262.48 -41.45
N ALA M 2 -5.76 -195.15 -8.81
CA ALA M 2 -5.84 -195.90 -7.52
C ALA M 2 -6.68 -197.18 -7.61
N THR M 3 -8.02 -197.08 -7.71
CA THR M 3 -8.91 -198.24 -7.55
C THR M 3 -8.93 -199.18 -8.75
N THR M 4 -8.44 -198.73 -9.93
CA THR M 4 -8.34 -199.60 -11.11
C THR M 4 -6.93 -199.61 -11.72
N SER M 5 -6.49 -198.48 -12.29
CA SER M 5 -5.33 -198.47 -13.19
C SER M 5 -5.48 -199.45 -14.36
N ALA M 6 -6.74 -199.69 -14.77
CA ALA M 6 -7.07 -200.61 -15.87
C ALA M 6 -6.66 -200.02 -17.21
N SER M 7 -6.26 -200.87 -18.15
CA SER M 7 -5.69 -200.46 -19.44
C SER M 7 -6.76 -200.12 -20.48
N HIS M 8 -8.00 -200.56 -20.23
CA HIS M 8 -9.13 -200.37 -21.13
C HIS M 8 -10.44 -200.22 -20.36
N HIS M 9 -11.42 -199.52 -20.93
CA HIS M 9 -12.62 -199.12 -20.21
C HIS M 9 -13.46 -200.28 -19.67
N VAL M 10 -13.56 -201.39 -20.41
CA VAL M 10 -14.39 -202.52 -19.97
C VAL M 10 -13.87 -203.08 -18.65
N GLN M 11 -12.57 -203.33 -18.58
CA GLN M 11 -11.94 -203.79 -17.36
C GLN M 11 -12.02 -202.75 -16.24
N ALA M 12 -11.95 -201.45 -16.58
CA ALA M 12 -12.10 -200.38 -15.59
C ALA M 12 -13.46 -200.48 -14.89
N ILE M 13 -14.56 -200.62 -15.65
CA ILE M 13 -15.88 -200.69 -15.04
C ILE M 13 -16.10 -201.99 -14.27
N ILE M 14 -15.52 -203.11 -14.74
CA ILE M 14 -15.52 -204.34 -13.97
C ILE M 14 -14.84 -204.11 -12.64
N ASP M 15 -13.64 -203.49 -12.63
CA ASP M 15 -12.91 -203.22 -11.41
C ASP M 15 -13.70 -202.33 -10.44
N LEU M 16 -14.37 -201.28 -10.94
CA LEU M 16 -15.20 -200.43 -10.10
C LEU M 16 -16.37 -201.17 -9.44
N LEU M 17 -17.03 -202.04 -10.21
CA LEU M 17 -18.13 -202.83 -9.66
C LEU M 17 -17.62 -203.86 -8.66
N GLU M 18 -16.47 -204.49 -8.90
CA GLU M 18 -15.87 -205.45 -7.98
C GLU M 18 -15.30 -204.81 -6.72
N ALA M 19 -14.90 -203.52 -6.78
CA ALA M 19 -14.40 -202.76 -5.64
C ALA M 19 -15.51 -202.31 -4.67
N ALA M 20 -16.79 -202.48 -5.04
CA ALA M 20 -17.94 -202.17 -4.20
C ALA M 20 -17.96 -203.05 -2.93
N PRO M 21 -18.07 -202.46 -1.72
CA PRO M 21 -18.28 -203.23 -0.49
C PRO M 21 -19.57 -204.08 -0.49
N ASP M 22 -19.52 -205.20 0.23
CA ASP M 22 -20.68 -206.08 0.44
C ASP M 22 -21.87 -205.38 1.12
N ALA M 23 -21.61 -204.22 1.74
CA ALA M 23 -22.62 -203.39 2.39
C ALA M 23 -23.41 -202.55 1.37
N ASP M 24 -22.84 -202.25 0.18
CA ASP M 24 -23.40 -201.27 -0.75
C ASP M 24 -24.32 -201.89 -1.81
N TRP M 25 -24.40 -203.22 -1.86
CA TRP M 25 -25.44 -203.90 -2.64
C TRP M 25 -26.72 -204.03 -1.82
N THR M 26 -27.87 -203.87 -2.48
CA THR M 26 -29.18 -203.97 -1.84
C THR M 26 -29.52 -205.43 -1.49
N PRO M 27 -29.31 -206.43 -2.38
CA PRO M 27 -29.49 -207.83 -2.02
C PRO M 27 -28.56 -208.36 -0.94
N THR M 28 -28.92 -209.54 -0.41
CA THR M 28 -28.18 -210.22 0.64
C THR M 28 -26.83 -210.73 0.13
N GLN M 29 -26.79 -211.14 -1.14
CA GLN M 29 -25.59 -211.68 -1.77
C GLN M 29 -25.01 -210.68 -2.77
N THR M 30 -23.70 -210.45 -2.68
CA THR M 30 -22.98 -209.62 -3.64
C THR M 30 -23.01 -210.25 -5.03
N PRO M 31 -23.42 -209.54 -6.11
CA PRO M 31 -23.45 -210.09 -7.47
C PRO M 31 -22.08 -210.49 -8.00
N THR M 32 -22.08 -211.32 -9.05
CA THR M 32 -20.86 -211.71 -9.76
C THR M 32 -20.73 -210.84 -11.01
N VAL M 33 -19.53 -210.26 -11.22
CA VAL M 33 -19.28 -209.38 -12.36
C VAL M 33 -18.46 -210.11 -13.43
N LYS M 34 -18.93 -210.07 -14.69
CA LYS M 34 -18.32 -210.79 -15.81
C LYS M 34 -18.28 -209.93 -17.06
N ARG M 35 -17.34 -210.23 -17.97
CA ARG M 35 -17.38 -209.69 -19.34
C ARG M 35 -18.53 -210.37 -20.07
N TYR M 36 -19.15 -209.71 -21.05
CA TYR M 36 -20.27 -210.36 -21.75
C TYR M 36 -19.85 -211.67 -22.40
N TRP M 37 -18.61 -211.74 -22.87
CA TRP M 37 -18.05 -212.92 -23.51
C TRP M 37 -17.51 -214.01 -22.57
N ASP M 38 -17.64 -213.86 -21.24
CA ASP M 38 -17.15 -214.86 -20.29
C ASP M 38 -18.01 -216.14 -20.28
N ASP M 39 -19.31 -216.04 -20.64
CA ASP M 39 -20.24 -217.17 -20.64
C ASP M 39 -20.87 -217.37 -22.03
N ALA M 40 -21.13 -218.63 -22.41
CA ALA M 40 -21.83 -218.93 -23.66
C ALA M 40 -23.35 -218.80 -23.48
N GLN M 41 -24.06 -218.57 -24.58
CA GLN M 41 -25.44 -218.10 -24.54
C GLN M 41 -26.40 -219.05 -23.78
N SER M 42 -26.30 -220.37 -24.04
CA SER M 42 -27.18 -221.37 -23.45
C SER M 42 -27.04 -221.50 -21.92
N GLU M 43 -26.01 -220.87 -21.35
CA GLU M 43 -25.74 -220.90 -19.92
C GLU M 43 -25.48 -219.50 -19.34
N ARG M 44 -25.76 -218.44 -20.13
CA ARG M 44 -25.69 -217.05 -19.67
C ARG M 44 -26.80 -216.79 -18.66
N GLY M 45 -26.52 -215.88 -17.71
CA GLY M 45 -27.37 -215.65 -16.55
C GLY M 45 -27.13 -216.67 -15.44
N PRO M 46 -27.53 -216.36 -14.19
CA PRO M 46 -27.27 -217.23 -13.05
C PRO M 46 -28.13 -218.49 -13.12
N GLY M 47 -27.63 -219.57 -12.51
CA GLY M 47 -28.51 -220.66 -12.08
C GLY M 47 -29.25 -220.27 -10.79
N ALA M 48 -30.29 -221.05 -10.45
CA ALA M 48 -30.96 -220.93 -9.16
C ALA M 48 -29.98 -221.15 -8.01
N ASP M 49 -30.29 -220.57 -6.83
CA ASP M 49 -29.49 -220.71 -5.60
C ASP M 49 -28.07 -220.13 -5.73
N MET M 50 -27.83 -219.29 -6.78
CA MET M 50 -26.58 -218.59 -6.99
C MET M 50 -26.80 -217.08 -7.06
N PRO M 51 -25.77 -216.25 -6.73
CA PRO M 51 -25.90 -214.79 -6.80
C PRO M 51 -26.10 -214.31 -8.23
N ALA M 52 -26.79 -213.16 -8.38
CA ALA M 52 -27.10 -212.54 -9.66
C ALA M 52 -25.84 -212.12 -10.42
N ILE M 53 -25.95 -212.00 -11.76
CA ILE M 53 -24.79 -211.76 -12.62
C ILE M 53 -24.91 -210.43 -13.37
N LEU M 54 -23.79 -209.68 -13.38
CA LEU M 54 -23.64 -208.47 -14.18
C LEU M 54 -22.70 -208.76 -15.35
N TYR M 55 -23.15 -208.46 -16.57
CA TYR M 55 -22.33 -208.58 -17.78
C TYR M 55 -21.95 -207.19 -18.30
N VAL M 56 -20.65 -206.97 -18.50
CA VAL M 56 -20.06 -205.70 -18.94
C VAL M 56 -19.48 -205.86 -20.34
N TRP M 57 -19.74 -204.89 -21.25
CA TRP M 57 -19.02 -204.77 -22.51
C TRP M 57 -19.17 -203.37 -23.10
N SER M 58 -18.39 -203.05 -24.15
CA SER M 58 -18.48 -201.76 -24.83
C SER M 58 -19.34 -201.87 -26.09
N PRO M 59 -20.62 -201.38 -26.09
CA PRO M 59 -21.55 -201.67 -27.18
C PRO M 59 -21.39 -200.85 -28.45
N THR M 60 -20.77 -199.66 -28.35
CA THR M 60 -20.63 -198.74 -29.48
C THR M 60 -19.24 -198.11 -29.55
N THR M 61 -18.93 -197.53 -30.72
CA THR M 61 -17.67 -196.88 -31.05
C THR M 61 -17.24 -195.89 -29.96
N SER M 62 -16.00 -196.05 -29.46
CA SER M 62 -15.31 -195.00 -28.71
C SER M 62 -14.79 -193.93 -29.69
N SER M 63 -14.84 -192.65 -29.30
CA SER M 63 -14.40 -191.52 -30.10
C SER M 63 -13.07 -190.97 -29.60
N LEU M 64 -12.18 -190.57 -30.53
CA LEU M 64 -10.94 -189.88 -30.20
C LEU M 64 -10.92 -188.51 -30.88
N ASP M 65 -11.57 -187.52 -30.26
CA ASP M 65 -11.54 -186.16 -30.76
C ASP M 65 -10.18 -185.51 -30.50
N ARG M 66 -9.75 -184.65 -31.44
CA ARG M 66 -8.59 -183.81 -31.21
C ARG M 66 -8.91 -182.84 -30.07
N PHE M 67 -8.04 -182.77 -29.06
CA PHE M 67 -8.32 -181.88 -27.94
C PHE M 67 -7.92 -180.43 -28.25
N SER M 68 -6.81 -180.31 -28.98
CA SER M 68 -6.20 -179.01 -29.23
C SER M 68 -5.30 -179.06 -30.44
N MET M 69 -4.81 -177.88 -30.83
CA MET M 69 -3.94 -177.76 -31.98
C MET M 69 -2.57 -178.39 -31.77
N ASP M 70 -2.21 -178.71 -30.52
CA ASP M 70 -0.91 -179.28 -30.17
C ASP M 70 -0.80 -180.77 -30.53
N GLY M 71 -1.93 -181.50 -30.53
CA GLY M 71 -1.92 -182.92 -30.86
C GLY M 71 -1.31 -183.80 -29.78
N ASP M 72 -1.07 -183.24 -28.59
CA ASP M 72 -0.43 -183.95 -27.49
C ASP M 72 -1.37 -184.93 -26.77
N VAL M 73 -2.69 -184.77 -26.95
CA VAL M 73 -3.68 -185.59 -26.26
C VAL M 73 -5.00 -185.73 -27.04
N PHE M 74 -5.71 -186.85 -26.85
CA PHE M 74 -7.05 -187.07 -27.40
C PHE M 74 -8.12 -186.87 -26.32
N ASP M 75 -9.22 -186.21 -26.67
CA ASP M 75 -10.42 -186.16 -25.85
C ASP M 75 -11.22 -187.44 -26.10
N GLN M 76 -10.84 -188.50 -25.39
CA GLN M 76 -11.42 -189.82 -25.59
C GLN M 76 -12.79 -189.91 -24.90
N ASN M 77 -13.81 -190.37 -25.63
CA ASN M 77 -15.12 -190.68 -25.06
C ASN M 77 -15.51 -192.13 -25.35
N ASP M 78 -15.86 -192.87 -24.29
CA ASP M 78 -16.12 -194.30 -24.31
C ASP M 78 -17.54 -194.62 -23.80
N SER M 79 -18.09 -195.74 -24.27
CA SER M 79 -19.42 -196.19 -23.88
C SER M 79 -19.36 -197.65 -23.42
N ILE M 80 -20.17 -197.96 -22.39
CA ILE M 80 -20.30 -199.29 -21.81
C ILE M 80 -21.76 -199.57 -21.48
N GLU M 81 -22.18 -200.83 -21.66
CA GLU M 81 -23.42 -201.32 -21.08
C GLU M 81 -23.11 -202.36 -20.02
N VAL M 82 -23.81 -202.26 -18.88
CA VAL M 82 -23.82 -203.27 -17.84
C VAL M 82 -25.24 -203.84 -17.77
N GLN M 83 -25.40 -205.13 -18.10
CA GLN M 83 -26.68 -205.84 -17.95
C GLN M 83 -26.67 -206.64 -16.65
N ALA M 84 -27.76 -206.56 -15.88
CA ALA M 84 -28.03 -207.42 -14.73
C ALA M 84 -29.01 -208.51 -15.13
N TRP M 85 -28.65 -209.79 -14.88
CA TRP M 85 -29.53 -210.94 -15.08
C TRP M 85 -29.88 -211.59 -13.74
N SER M 86 -31.17 -211.81 -13.47
CA SER M 86 -31.66 -212.65 -12.38
C SER M 86 -33.05 -213.21 -12.70
N PHE M 87 -33.46 -214.28 -12.00
CA PHE M 87 -34.85 -214.75 -12.05
C PHE M 87 -35.80 -213.84 -11.25
N ASP M 88 -35.26 -213.00 -10.36
CA ASP M 88 -36.06 -212.17 -9.48
C ASP M 88 -36.22 -210.76 -10.06
N GLU M 89 -37.46 -210.41 -10.43
CA GLU M 89 -37.79 -209.10 -11.00
C GLU M 89 -37.50 -207.93 -10.05
N THR M 90 -37.60 -208.14 -8.73
CA THR M 90 -37.24 -207.14 -7.74
C THR M 90 -35.72 -207.02 -7.63
N GLU M 91 -35.01 -208.13 -7.77
CA GLU M 91 -33.57 -208.16 -7.65
C GLU M 91 -32.88 -207.41 -8.81
N VAL M 92 -33.31 -207.61 -10.06
CA VAL M 92 -32.74 -206.84 -11.17
C VAL M 92 -33.02 -205.34 -11.03
N GLU M 93 -34.19 -204.97 -10.50
CA GLU M 93 -34.53 -203.57 -10.24
C GLU M 93 -33.59 -202.97 -9.18
N GLN M 94 -33.37 -203.70 -8.09
CA GLN M 94 -32.48 -203.27 -7.04
C GLN M 94 -31.02 -203.21 -7.53
N LEU M 95 -30.57 -204.21 -8.30
CA LEU M 95 -29.25 -204.18 -8.92
C LEU M 95 -29.07 -202.99 -9.86
N GLN M 96 -30.08 -202.64 -10.67
CA GLN M 96 -29.97 -201.49 -11.54
C GLN M 96 -29.74 -200.22 -10.72
N GLY M 97 -30.56 -200.01 -9.68
CA GLY M 97 -30.38 -198.89 -8.76
C GLY M 97 -29.00 -198.91 -8.09
N ASP M 98 -28.52 -200.09 -7.69
CA ASP M 98 -27.19 -200.25 -7.11
C ASP M 98 -26.10 -199.86 -8.10
N ILE M 99 -26.12 -200.37 -9.34
CA ILE M 99 -25.11 -200.03 -10.34
C ILE M 99 -25.07 -198.53 -10.56
N VAL M 100 -26.25 -197.88 -10.68
CA VAL M 100 -26.33 -196.43 -10.81
C VAL M 100 -25.68 -195.74 -9.62
N GLN M 101 -26.01 -196.10 -8.37
CA GLN M 101 -25.49 -195.39 -7.22
C GLN M 101 -24.09 -195.87 -6.78
N ILE M 102 -23.55 -196.93 -7.41
CA ILE M 102 -22.15 -197.32 -7.30
C ILE M 102 -21.31 -196.50 -8.30
N LEU M 103 -21.67 -196.55 -9.58
CA LEU M 103 -20.94 -195.86 -10.63
C LEU M 103 -21.20 -194.34 -10.64
N SER M 104 -22.01 -193.82 -9.72
CA SER M 104 -22.10 -192.40 -9.45
C SER M 104 -21.06 -191.92 -8.42
N GLU M 105 -20.37 -192.81 -7.71
CA GLU M 105 -19.05 -192.40 -7.25
C GLU M 105 -18.20 -192.14 -8.50
N TYR M 106 -17.04 -191.49 -8.36
CA TYR M 106 -16.16 -191.30 -9.52
C TYR M 106 -16.74 -190.39 -10.62
N LEU M 107 -17.89 -189.75 -10.36
CA LEU M 107 -18.61 -188.95 -11.35
C LEU M 107 -17.73 -187.87 -11.97
N ASP M 108 -16.86 -187.26 -11.14
CA ASP M 108 -15.92 -186.25 -11.61
C ASP M 108 -14.56 -186.46 -10.96
N ASP M 109 -13.93 -187.60 -11.26
CA ASP M 109 -12.54 -187.85 -10.90
C ASP M 109 -11.59 -186.90 -11.63
N ASN M 110 -10.38 -186.74 -11.09
CA ASN M 110 -9.28 -186.16 -11.84
C ASN M 110 -8.21 -187.22 -12.02
N GLU M 111 -8.62 -188.37 -12.59
CA GLU M 111 -7.78 -189.55 -12.67
C GLU M 111 -7.29 -189.97 -11.27
N VAL M 112 -8.12 -189.75 -10.24
CA VAL M 112 -7.79 -189.99 -8.84
C VAL M 112 -8.01 -191.46 -8.47
N GLN M 113 -9.27 -191.93 -8.53
CA GLN M 113 -9.59 -193.33 -8.32
C GLN M 113 -9.43 -194.08 -9.65
N THR M 114 -10.24 -193.70 -10.64
CA THR M 114 -10.21 -194.19 -12.02
C THR M 114 -9.07 -193.55 -12.82
N PRO M 115 -8.78 -194.01 -14.06
CA PRO M 115 -7.91 -193.30 -14.99
C PRO M 115 -8.66 -192.30 -15.88
N TYR M 116 -9.79 -191.74 -15.39
CA TYR M 116 -10.67 -190.90 -16.20
C TYR M 116 -11.03 -189.60 -15.50
N SER M 117 -11.57 -188.65 -16.29
CA SER M 117 -12.14 -187.41 -15.76
C SER M 117 -13.57 -187.61 -15.30
N ASP M 118 -14.29 -188.53 -15.96
CA ASP M 118 -15.71 -188.69 -15.76
C ASP M 118 -16.06 -190.14 -16.09
N VAL M 119 -16.65 -190.84 -15.12
CA VAL M 119 -17.45 -192.03 -15.37
C VAL M 119 -18.87 -191.73 -14.92
N ALA M 120 -19.85 -191.82 -15.84
CA ALA M 120 -21.24 -191.49 -15.52
C ALA M 120 -22.22 -192.52 -16.07
N PRO M 121 -23.17 -193.01 -15.25
CA PRO M 121 -24.41 -193.55 -15.79
C PRO M 121 -25.06 -192.45 -16.64
N THR M 122 -25.42 -192.78 -17.89
CA THR M 122 -26.07 -191.83 -18.78
C THR M 122 -27.48 -192.26 -19.16
N GLY M 123 -27.80 -193.54 -18.95
CA GLY M 123 -29.15 -194.03 -19.16
C GLY M 123 -29.37 -195.40 -18.55
N THR M 124 -30.65 -195.79 -18.48
CA THR M 124 -31.03 -197.08 -17.92
C THR M 124 -32.12 -197.72 -18.80
N ASN M 125 -32.00 -199.03 -19.03
CA ASN M 125 -33.00 -199.79 -19.76
C ASN M 125 -33.65 -200.86 -18.86
N ASP M 126 -34.97 -201.00 -19.03
CA ASP M 126 -35.71 -202.12 -18.48
C ASP M 126 -36.09 -203.05 -19.63
N PHE M 127 -35.81 -204.35 -19.49
CA PHE M 127 -36.22 -205.32 -20.50
C PHE M 127 -37.17 -206.40 -19.92
N ARG M 128 -37.71 -206.22 -18.71
CA ARG M 128 -38.48 -207.25 -18.03
C ARG M 128 -39.64 -207.72 -18.89
N GLU M 129 -40.24 -206.83 -19.68
CA GLU M 129 -41.36 -207.15 -20.56
C GLU M 129 -41.00 -208.20 -21.62
N GLN M 130 -39.72 -208.43 -21.87
CA GLN M 130 -39.29 -209.42 -22.86
C GLN M 130 -39.35 -210.86 -22.33
N THR M 131 -39.25 -211.04 -21.01
CA THR M 131 -39.25 -212.37 -20.41
C THR M 131 -40.65 -212.97 -20.53
N PRO M 132 -40.82 -214.14 -21.20
CA PRO M 132 -42.13 -214.81 -21.21
C PRO M 132 -42.53 -215.23 -19.80
N ALA M 133 -43.80 -214.98 -19.44
CA ALA M 133 -44.30 -215.28 -18.10
C ALA M 133 -44.53 -216.78 -17.84
N ARG M 134 -44.77 -217.56 -18.92
CA ARG M 134 -45.18 -218.96 -18.80
C ARG M 134 -44.06 -219.83 -18.22
N THR M 135 -42.84 -219.64 -18.75
CA THR M 135 -41.67 -220.35 -18.24
C THR M 135 -41.03 -219.58 -17.08
N THR M 136 -40.23 -220.28 -16.27
CA THR M 136 -39.17 -219.59 -15.56
C THR M 136 -38.16 -219.06 -16.58
N GLY M 137 -37.48 -217.94 -16.26
CA GLY M 137 -36.54 -217.32 -17.19
C GLY M 137 -35.94 -216.04 -16.60
N HIS M 138 -34.76 -215.64 -17.09
CA HIS M 138 -34.13 -214.44 -16.59
C HIS M 138 -34.89 -213.18 -16.96
N TYR M 139 -35.05 -212.29 -15.98
CA TYR M 139 -35.30 -210.88 -16.23
C TYR M 139 -33.96 -210.19 -16.49
N ILE M 140 -34.00 -209.15 -17.35
CA ILE M 140 -32.81 -208.36 -17.66
C ILE M 140 -33.12 -206.87 -17.50
N MET M 141 -32.17 -206.14 -16.92
CA MET M 141 -32.18 -204.69 -16.87
C MET M 141 -30.75 -204.20 -17.07
N SER M 142 -30.55 -202.96 -17.51
CA SER M 142 -29.19 -202.47 -17.74
C SER M 142 -28.99 -201.01 -17.37
N VAL M 143 -27.72 -200.69 -17.15
CA VAL M 143 -27.21 -199.33 -17.05
C VAL M 143 -26.28 -199.11 -18.24
N GLU M 144 -26.52 -198.02 -18.97
CA GLU M 144 -25.56 -197.51 -19.94
C GLU M 144 -24.74 -196.44 -19.27
N VAL M 145 -23.42 -196.57 -19.39
CA VAL M 145 -22.46 -195.74 -18.68
C VAL M 145 -21.39 -195.29 -19.67
N GLU M 146 -21.04 -194.00 -19.59
CA GLU M 146 -20.06 -193.40 -20.47
C GLU M 146 -18.86 -192.90 -19.66
N THR M 147 -17.78 -192.63 -20.37
CA THR M 147 -16.49 -192.39 -19.72
C THR M 147 -15.65 -191.46 -20.59
N ARG M 148 -15.10 -190.40 -19.98
CA ARG M 148 -14.38 -189.38 -20.71
C ARG M 148 -13.06 -189.03 -20.02
N GLY M 149 -12.03 -188.81 -20.84
CA GLY M 149 -10.71 -188.52 -20.30
C GLY M 149 -9.73 -188.09 -21.38
N LEU M 150 -8.62 -187.48 -20.94
CA LEU M 150 -7.57 -187.06 -21.85
C LEU M 150 -6.54 -188.20 -21.99
N SER M 151 -6.41 -188.72 -23.21
CA SER M 151 -5.67 -189.95 -23.53
C SER M 151 -4.43 -189.63 -24.38
N GLU M 152 -3.23 -189.96 -23.87
CA GLU M 152 -1.96 -189.45 -24.39
C GLU M 152 -1.58 -189.96 -25.79
N THR M 153 -1.06 -189.06 -26.65
CA THR M 153 -0.56 -189.41 -27.98
C THR M 153 0.94 -189.67 -27.99
N ALA M 154 1.43 -190.23 -29.10
CA ALA M 154 2.84 -190.48 -29.31
C ALA M 154 3.57 -189.31 -29.99
N LYS M 155 2.85 -188.34 -30.59
CA LYS M 155 3.35 -187.29 -31.47
C LYS M 155 4.57 -186.54 -30.92
N ASN M 156 4.55 -186.22 -29.61
CA ASN M 156 5.57 -185.41 -28.96
C ASN M 156 6.44 -186.18 -27.94
N ALA M 157 6.43 -187.53 -28.02
CA ALA M 157 7.41 -188.45 -27.47
C ALA M 157 7.77 -188.20 -25.99
N ALA N 2 8.55 -189.53 -47.20
CA ALA N 2 9.72 -190.29 -46.62
C ALA N 2 9.39 -191.75 -46.30
N THR N 3 8.52 -192.04 -45.32
CA THR N 3 8.32 -193.40 -44.84
C THR N 3 7.34 -194.25 -45.68
N THR N 4 6.45 -193.64 -46.49
CA THR N 4 5.45 -194.42 -47.23
C THR N 4 5.36 -194.05 -48.72
N SER N 5 4.95 -192.81 -49.05
CA SER N 5 4.83 -192.32 -50.42
C SER N 5 3.93 -193.18 -51.33
N ALA N 6 3.05 -194.02 -50.74
CA ALA N 6 2.14 -194.87 -51.50
C ALA N 6 1.02 -194.08 -52.18
N SER N 7 0.46 -194.61 -53.28
CA SER N 7 -0.52 -193.90 -54.09
C SER N 7 -1.91 -193.83 -53.43
N HIS N 8 -2.13 -194.70 -52.43
CA HIS N 8 -3.44 -194.90 -51.82
C HIS N 8 -3.31 -195.13 -50.32
N HIS N 9 -4.32 -194.71 -49.57
CA HIS N 9 -4.28 -194.67 -48.13
C HIS N 9 -4.08 -196.04 -47.48
N VAL N 10 -4.65 -197.10 -48.06
CA VAL N 10 -4.57 -198.43 -47.45
C VAL N 10 -3.13 -198.88 -47.38
N GLN N 11 -2.41 -198.78 -48.50
CA GLN N 11 -0.99 -199.09 -48.51
C GLN N 11 -0.20 -198.16 -47.60
N ALA N 12 -0.57 -196.88 -47.52
CA ALA N 12 0.08 -195.93 -46.64
C ALA N 12 0.02 -196.39 -45.19
N ILE N 13 -1.15 -196.75 -44.67
CA ILE N 13 -1.25 -197.23 -43.29
C ILE N 13 -0.59 -198.60 -43.09
N ILE N 14 -0.62 -199.48 -44.09
CA ILE N 14 0.19 -200.70 -44.02
C ILE N 14 1.66 -200.36 -43.87
N ASP N 15 2.19 -199.42 -44.67
CA ASP N 15 3.58 -198.97 -44.59
C ASP N 15 3.91 -198.32 -43.23
N LEU N 16 2.97 -197.56 -42.64
CA LEU N 16 3.18 -196.98 -41.31
C LEU N 16 3.24 -198.05 -40.23
N LEU N 17 2.30 -199.01 -40.26
CA LEU N 17 2.25 -200.09 -39.29
C LEU N 17 3.45 -201.03 -39.42
N GLU N 18 3.90 -201.34 -40.65
CA GLU N 18 5.10 -202.15 -40.87
C GLU N 18 6.39 -201.41 -40.50
N ALA N 19 6.46 -200.08 -40.67
CA ALA N 19 7.64 -199.31 -40.31
C ALA N 19 7.88 -199.23 -38.80
N ALA N 20 6.86 -199.57 -37.99
CA ALA N 20 6.90 -199.45 -36.54
C ALA N 20 7.98 -200.33 -35.92
N PRO N 21 8.86 -199.80 -35.03
CA PRO N 21 9.85 -200.62 -34.33
C PRO N 21 9.22 -201.72 -33.47
N ASP N 22 9.91 -202.85 -33.41
CA ASP N 22 9.52 -204.00 -32.59
C ASP N 22 9.42 -203.62 -31.10
N ALA N 23 10.23 -202.65 -30.65
CA ALA N 23 10.22 -202.17 -29.28
C ALA N 23 8.96 -201.38 -28.91
N ASP N 24 8.17 -200.94 -29.91
CA ASP N 24 6.97 -200.12 -29.73
C ASP N 24 5.67 -200.91 -29.85
N TRP N 25 5.74 -202.23 -30.10
CA TRP N 25 4.62 -203.13 -29.86
C TRP N 25 4.71 -203.67 -28.44
N THR N 26 3.55 -203.79 -27.76
CA THR N 26 3.47 -204.24 -26.38
C THR N 26 3.64 -205.75 -26.24
N PRO N 27 2.97 -206.60 -27.07
CA PRO N 27 3.16 -208.06 -27.00
C PRO N 27 4.59 -208.53 -27.22
N THR N 28 4.83 -209.82 -26.95
CA THR N 28 6.15 -210.46 -27.01
C THR N 28 6.73 -210.42 -28.44
N GLN N 29 5.83 -210.48 -29.44
CA GLN N 29 6.19 -210.57 -30.86
C GLN N 29 5.37 -209.60 -31.72
N THR N 30 6.06 -209.00 -32.70
CA THR N 30 5.48 -208.01 -33.61
C THR N 30 4.37 -208.62 -34.47
N PRO N 31 3.14 -208.05 -34.48
CA PRO N 31 2.05 -208.51 -35.34
C PRO N 31 2.34 -208.44 -36.84
N THR N 32 1.53 -209.16 -37.63
CA THR N 32 1.64 -209.19 -39.09
C THR N 32 0.56 -208.30 -39.71
N VAL N 33 0.92 -207.46 -40.69
CA VAL N 33 0.01 -206.49 -41.29
C VAL N 33 -0.43 -206.92 -42.70
N LYS N 34 -1.74 -206.89 -42.98
CA LYS N 34 -2.30 -207.41 -44.22
C LYS N 34 -3.42 -206.51 -44.76
N ARG N 35 -3.64 -206.55 -46.08
CA ARG N 35 -4.89 -206.07 -46.65
C ARG N 35 -6.03 -206.95 -46.16
N TYR N 36 -7.25 -206.43 -46.04
CA TYR N 36 -8.36 -207.30 -45.67
C TYR N 36 -8.52 -208.46 -46.67
N TRP N 37 -8.33 -208.18 -47.96
CA TRP N 37 -8.47 -209.15 -49.03
C TRP N 37 -7.23 -210.01 -49.32
N ASP N 38 -6.21 -210.02 -48.43
CA ASP N 38 -5.09 -210.95 -48.53
C ASP N 38 -5.47 -212.40 -48.20
N ASP N 39 -6.48 -212.61 -47.33
CA ASP N 39 -6.82 -213.92 -46.79
C ASP N 39 -8.25 -214.35 -47.16
N ALA N 40 -8.49 -215.66 -47.25
CA ALA N 40 -9.85 -216.18 -47.35
C ALA N 40 -10.51 -216.23 -45.97
N GLN N 41 -11.84 -216.11 -45.92
CA GLN N 41 -12.57 -215.90 -44.67
C GLN N 41 -12.32 -216.97 -43.61
N SER N 42 -12.42 -218.26 -43.99
CA SER N 42 -12.22 -219.38 -43.05
C SER N 42 -10.79 -219.44 -42.50
N GLU N 43 -9.85 -218.78 -43.18
CA GLU N 43 -8.45 -218.73 -42.79
C GLU N 43 -8.10 -217.42 -42.09
N ARG N 44 -8.99 -216.41 -42.11
CA ARG N 44 -8.73 -215.08 -41.57
C ARG N 44 -8.48 -215.14 -40.07
N GLY N 45 -7.58 -214.26 -39.58
CA GLY N 45 -7.05 -214.32 -38.23
C GLY N 45 -5.87 -215.28 -38.12
N PRO N 46 -5.05 -215.18 -37.05
CA PRO N 46 -3.90 -216.06 -36.88
C PRO N 46 -4.34 -217.49 -36.57
N GLY N 47 -3.48 -218.46 -36.90
CA GLY N 47 -3.49 -219.75 -36.24
C GLY N 47 -2.73 -219.72 -34.92
N ALA N 48 -2.90 -220.75 -34.08
CA ALA N 48 -2.10 -220.86 -32.86
C ALA N 48 -0.61 -220.94 -33.19
N ASP N 49 0.24 -220.45 -32.27
CA ASP N 49 1.70 -220.38 -32.43
C ASP N 49 2.14 -219.48 -33.60
N MET N 50 1.29 -218.51 -33.97
CA MET N 50 1.66 -217.45 -34.89
C MET N 50 1.30 -216.09 -34.27
N PRO N 51 2.06 -215.00 -34.58
CA PRO N 51 1.74 -213.69 -34.04
C PRO N 51 0.40 -213.18 -34.56
N ALA N 52 -0.20 -212.25 -33.80
CA ALA N 52 -1.50 -211.65 -34.11
C ALA N 52 -1.47 -210.93 -35.47
N ILE N 53 -2.64 -210.79 -36.10
CA ILE N 53 -2.73 -210.25 -37.44
C ILE N 53 -3.62 -209.00 -37.47
N LEU N 54 -3.17 -208.00 -38.22
CA LEU N 54 -3.87 -206.74 -38.45
C LEU N 54 -4.36 -206.70 -39.89
N TYR N 55 -5.66 -206.46 -40.08
CA TYR N 55 -6.25 -206.29 -41.40
C TYR N 55 -6.65 -204.84 -41.62
N VAL N 56 -6.16 -204.25 -42.72
CA VAL N 56 -6.37 -202.85 -43.06
C VAL N 56 -7.21 -202.75 -44.33
N TRP N 57 -8.19 -201.85 -44.35
CA TRP N 57 -8.92 -201.50 -45.58
C TRP N 57 -9.61 -200.14 -45.45
N SER N 58 -10.20 -199.65 -46.55
CA SER N 58 -10.96 -198.40 -46.56
C SER N 58 -12.46 -198.69 -46.51
N PRO N 59 -13.16 -198.50 -45.35
CA PRO N 59 -14.52 -198.99 -45.20
C PRO N 59 -15.63 -198.14 -45.83
N THR N 60 -15.34 -196.86 -46.13
CA THR N 60 -16.33 -195.89 -46.58
C THR N 60 -15.78 -194.95 -47.65
N THR N 61 -16.68 -194.26 -48.35
CA THR N 61 -16.34 -193.30 -49.41
C THR N 61 -15.39 -192.21 -48.91
N SER N 62 -14.26 -192.01 -49.59
CA SER N 62 -13.42 -190.84 -49.39
C SER N 62 -14.03 -189.63 -50.09
N SER N 63 -14.01 -188.45 -49.42
CA SER N 63 -14.49 -187.20 -50.00
C SER N 63 -13.37 -186.52 -50.79
N LEU N 64 -13.74 -185.93 -51.93
CA LEU N 64 -12.89 -184.99 -52.65
C LEU N 64 -13.55 -183.61 -52.60
N ASP N 65 -13.29 -182.83 -51.54
CA ASP N 65 -13.84 -181.50 -51.44
C ASP N 65 -13.04 -180.49 -52.28
N ARG N 66 -13.73 -179.51 -52.88
CA ARG N 66 -13.06 -178.38 -53.51
C ARG N 66 -12.35 -177.55 -52.43
N PHE N 67 -11.06 -177.28 -52.62
CA PHE N 67 -10.31 -176.49 -51.64
C PHE N 67 -10.47 -174.98 -51.89
N SER N 68 -10.56 -174.57 -53.16
CA SER N 68 -10.70 -173.16 -53.52
C SER N 68 -11.21 -173.00 -54.94
N MET N 69 -11.55 -171.78 -55.35
CA MET N 69 -12.03 -171.59 -56.72
C MET N 69 -10.89 -171.44 -57.73
N ASP N 70 -9.65 -171.77 -57.34
CA ASP N 70 -8.61 -172.10 -58.30
C ASP N 70 -8.93 -173.42 -59.01
N GLY N 71 -9.43 -174.40 -58.24
CA GLY N 71 -9.59 -175.77 -58.71
C GLY N 71 -8.27 -176.53 -58.83
N ASP N 72 -7.23 -176.03 -58.17
CA ASP N 72 -5.87 -176.55 -58.27
C ASP N 72 -5.65 -177.80 -57.41
N VAL N 73 -6.48 -177.98 -56.37
CA VAL N 73 -6.24 -179.05 -55.41
C VAL N 73 -7.55 -179.51 -54.75
N PHE N 74 -7.62 -180.79 -54.37
CA PHE N 74 -8.74 -181.34 -53.63
C PHE N 74 -8.35 -181.53 -52.17
N ASP N 75 -9.27 -181.16 -51.27
CA ASP N 75 -9.24 -181.54 -49.87
C ASP N 75 -9.71 -182.97 -49.75
N GLN N 76 -8.77 -183.92 -49.79
CA GLN N 76 -9.03 -185.34 -49.69
C GLN N 76 -9.22 -185.72 -48.23
N ASN N 77 -10.40 -186.29 -47.91
CA ASN N 77 -10.63 -186.90 -46.61
C ASN N 77 -10.85 -188.41 -46.78
N ASP N 78 -9.98 -189.22 -46.17
CA ASP N 78 -9.85 -190.65 -46.43
C ASP N 78 -10.08 -191.47 -45.17
N SER N 79 -10.87 -192.54 -45.30
CA SER N 79 -11.28 -193.40 -44.19
C SER N 79 -10.57 -194.75 -44.24
N ILE N 80 -10.08 -195.23 -43.08
CA ILE N 80 -9.50 -196.56 -42.92
C ILE N 80 -10.00 -197.22 -41.64
N GLU N 81 -10.14 -198.54 -41.67
CA GLU N 81 -10.27 -199.34 -40.46
C GLU N 81 -9.14 -200.37 -40.37
N VAL N 82 -8.61 -200.56 -39.16
CA VAL N 82 -7.62 -201.56 -38.84
C VAL N 82 -8.21 -202.52 -37.80
N GLN N 83 -8.36 -203.81 -38.15
CA GLN N 83 -8.83 -204.82 -37.20
C GLN N 83 -7.65 -205.64 -36.67
N ALA N 84 -7.60 -205.81 -35.34
CA ALA N 84 -6.71 -206.74 -34.66
C ALA N 84 -7.44 -208.07 -34.40
N TRP N 85 -6.86 -209.19 -34.84
CA TRP N 85 -7.40 -210.54 -34.61
C TRP N 85 -6.44 -211.36 -33.74
N SER N 86 -6.94 -211.95 -32.64
CA SER N 86 -6.18 -212.91 -31.83
C SER N 86 -7.10 -213.82 -31.01
N PHE N 87 -6.57 -214.95 -30.52
CA PHE N 87 -7.27 -215.80 -29.56
C PHE N 87 -7.19 -215.25 -28.13
N ASP N 88 -6.30 -214.28 -27.86
CA ASP N 88 -6.09 -213.74 -26.52
C ASP N 88 -6.88 -212.44 -26.32
N GLU N 89 -7.85 -212.44 -25.38
CA GLU N 89 -8.72 -211.31 -25.10
C GLU N 89 -7.99 -210.06 -24.58
N THR N 90 -6.77 -210.26 -24.04
CA THR N 90 -5.91 -209.17 -23.58
C THR N 90 -4.97 -208.69 -24.69
N GLU N 91 -4.57 -209.60 -25.58
CA GLU N 91 -3.71 -209.25 -26.70
C GLU N 91 -4.42 -208.31 -27.68
N VAL N 92 -5.67 -208.57 -28.01
CA VAL N 92 -6.41 -207.66 -28.88
C VAL N 92 -6.50 -206.26 -28.28
N GLU N 93 -6.59 -206.17 -26.95
CA GLU N 93 -6.64 -204.90 -26.24
C GLU N 93 -5.28 -204.20 -26.28
N GLN N 94 -4.18 -204.94 -26.08
CA GLN N 94 -2.84 -204.41 -26.26
C GLN N 94 -2.62 -203.92 -27.69
N LEU N 95 -3.07 -204.68 -28.69
CA LEU N 95 -2.97 -204.27 -30.09
C LEU N 95 -3.77 -203.00 -30.36
N GLN N 96 -4.99 -202.87 -29.83
CA GLN N 96 -5.75 -201.64 -29.97
C GLN N 96 -4.94 -200.45 -29.41
N GLY N 97 -4.46 -200.57 -28.16
CA GLY N 97 -3.61 -199.58 -27.54
C GLY N 97 -2.41 -199.22 -28.41
N ASP N 98 -1.69 -200.24 -28.89
CA ASP N 98 -0.53 -200.07 -29.75
C ASP N 98 -0.86 -199.35 -31.06
N ILE N 99 -1.90 -199.77 -31.80
CA ILE N 99 -2.26 -199.19 -33.09
C ILE N 99 -2.55 -197.70 -32.93
N VAL N 100 -3.26 -197.32 -31.86
CA VAL N 100 -3.53 -195.92 -31.56
C VAL N 100 -2.23 -195.16 -31.31
N GLN N 101 -1.30 -195.68 -30.49
CA GLN N 101 -0.03 -194.98 -30.28
C GLN N 101 0.77 -194.87 -31.59
N ILE N 102 0.92 -195.98 -32.31
CA ILE N 102 1.74 -196.05 -33.52
C ILE N 102 1.22 -195.05 -34.57
N LEU N 103 -0.09 -195.01 -34.79
CA LEU N 103 -0.69 -194.10 -35.76
C LEU N 103 -0.92 -192.69 -35.22
N SER N 104 -0.65 -192.41 -33.94
CA SER N 104 -0.70 -191.06 -33.38
C SER N 104 0.63 -190.32 -33.52
N GLU N 105 1.73 -190.98 -33.89
CA GLU N 105 2.78 -190.23 -34.59
C GLU N 105 2.20 -189.77 -35.93
N TYR N 106 2.93 -188.96 -36.71
CA TYR N 106 2.40 -188.50 -38.01
C TYR N 106 1.17 -187.59 -37.92
N LEU N 107 0.71 -187.27 -36.69
CA LEU N 107 -0.61 -186.69 -36.43
C LEU N 107 -0.83 -185.38 -37.18
N ASP N 108 0.24 -184.60 -37.37
CA ASP N 108 0.19 -183.41 -38.20
C ASP N 108 1.49 -183.28 -39.00
N ASP N 109 1.79 -184.28 -39.83
CA ASP N 109 2.81 -184.09 -40.84
C ASP N 109 2.39 -182.97 -41.82
N ASN N 110 3.19 -181.94 -42.03
CA ASN N 110 3.07 -181.17 -43.26
C ASN N 110 3.68 -181.99 -44.43
N GLU N 111 3.19 -183.21 -44.65
CA GLU N 111 3.71 -184.19 -45.60
C GLU N 111 5.20 -184.53 -45.35
N VAL N 112 5.60 -184.59 -44.07
CA VAL N 112 6.98 -184.88 -43.66
C VAL N 112 7.31 -186.35 -43.89
N GLN N 113 6.69 -187.26 -43.14
CA GLN N 113 6.92 -188.70 -43.25
C GLN N 113 5.96 -189.29 -44.30
N THR N 114 4.66 -189.03 -44.11
CA THR N 114 3.56 -189.45 -44.96
C THR N 114 3.34 -188.48 -46.13
N PRO N 115 2.51 -188.86 -47.14
CA PRO N 115 2.03 -187.93 -48.15
C PRO N 115 0.75 -187.19 -47.75
N TYR N 116 0.53 -186.92 -46.45
CA TYR N 116 -0.71 -186.33 -45.92
C TYR N 116 -0.43 -185.18 -44.97
N SER N 117 -1.46 -184.35 -44.73
CA SER N 117 -1.43 -183.32 -43.71
C SER N 117 -1.68 -183.90 -42.31
N ASP N 118 -2.42 -185.01 -42.26
CA ASP N 118 -2.99 -185.52 -41.03
C ASP N 118 -3.29 -187.01 -41.23
N VAL N 119 -2.71 -187.85 -40.36
CA VAL N 119 -3.24 -189.19 -40.12
C VAL N 119 -3.62 -189.27 -38.65
N ALA N 120 -4.89 -189.58 -38.35
CA ALA N 120 -5.36 -189.64 -36.97
C ALA N 120 -6.24 -190.85 -36.73
N PRO N 121 -6.00 -191.63 -35.65
CA PRO N 121 -7.07 -192.44 -35.08
C PRO N 121 -8.20 -191.50 -34.67
N THR N 122 -9.45 -191.85 -35.00
CA THR N 122 -10.59 -191.03 -34.66
C THR N 122 -11.65 -191.77 -33.84
N GLY N 123 -11.55 -193.09 -33.81
CA GLY N 123 -12.43 -193.91 -32.99
C GLY N 123 -11.88 -195.33 -32.84
N THR N 124 -12.48 -196.09 -31.92
CA THR N 124 -12.09 -197.48 -31.73
C THR N 124 -13.33 -198.32 -31.42
N ASN N 125 -13.26 -199.61 -31.78
CA ASN N 125 -14.33 -200.55 -31.47
C ASN N 125 -13.78 -201.74 -30.69
N ASP N 126 -14.64 -202.26 -29.82
CA ASP N 126 -14.45 -203.56 -29.22
C ASP N 126 -15.49 -204.51 -29.83
N PHE N 127 -15.08 -205.71 -30.26
CA PHE N 127 -16.00 -206.75 -30.68
C PHE N 127 -15.80 -208.04 -29.88
N ARG N 128 -15.10 -208.00 -28.74
CA ARG N 128 -14.85 -209.18 -27.91
C ARG N 128 -16.14 -209.83 -27.43
N GLU N 129 -17.23 -209.07 -27.29
CA GLU N 129 -18.54 -209.59 -26.90
C GLU N 129 -19.10 -210.64 -27.89
N GLN N 130 -18.56 -210.69 -29.12
CA GLN N 130 -19.16 -211.48 -30.19
C GLN N 130 -18.59 -212.89 -30.28
N THR N 131 -17.40 -213.12 -29.71
CA THR N 131 -16.76 -214.43 -29.71
C THR N 131 -17.51 -215.37 -28.76
N PRO N 132 -18.04 -216.53 -29.23
CA PRO N 132 -18.70 -217.49 -28.33
C PRO N 132 -17.71 -218.07 -27.30
N ALA N 133 -18.25 -218.41 -26.11
CA ALA N 133 -17.42 -218.88 -25.00
C ALA N 133 -17.05 -220.39 -25.06
N ARG N 134 -17.79 -221.21 -25.81
CA ARG N 134 -17.51 -222.64 -25.91
C ARG N 134 -16.27 -222.91 -26.76
N THR N 135 -16.32 -222.42 -28.00
CA THR N 135 -15.30 -222.65 -29.01
C THR N 135 -14.11 -221.73 -28.78
N THR N 136 -12.89 -222.26 -28.89
CA THR N 136 -11.75 -221.40 -29.15
C THR N 136 -11.98 -220.71 -30.51
N GLY N 137 -11.62 -219.43 -30.60
CA GLY N 137 -11.91 -218.60 -31.76
C GLY N 137 -11.40 -217.18 -31.57
N HIS N 138 -11.41 -216.39 -32.65
CA HIS N 138 -10.83 -215.06 -32.61
C HIS N 138 -11.69 -214.08 -31.82
N TYR N 139 -11.03 -213.38 -30.89
CA TYR N 139 -11.44 -212.05 -30.48
C TYR N 139 -11.04 -211.04 -31.55
N ILE N 140 -11.88 -210.01 -31.75
CA ILE N 140 -11.58 -208.93 -32.69
C ILE N 140 -11.78 -207.58 -32.00
N MET N 141 -10.86 -206.63 -32.25
CA MET N 141 -11.01 -205.23 -31.87
C MET N 141 -10.52 -204.39 -33.05
N SER N 142 -10.93 -203.11 -33.15
CA SER N 142 -10.49 -202.29 -34.27
C SER N 142 -10.20 -200.83 -33.90
N VAL N 143 -9.40 -200.19 -34.75
CA VAL N 143 -9.17 -198.75 -34.75
C VAL N 143 -9.71 -198.17 -36.05
N GLU N 144 -10.49 -197.10 -35.94
CA GLU N 144 -10.94 -196.31 -37.07
C GLU N 144 -10.02 -195.11 -37.22
N VAL N 145 -9.56 -194.89 -38.45
CA VAL N 145 -8.55 -193.91 -38.76
C VAL N 145 -9.07 -193.01 -39.86
N GLU N 146 -8.79 -191.71 -39.75
CA GLU N 146 -9.08 -190.77 -40.82
C GLU N 146 -7.79 -190.07 -41.21
N THR N 147 -7.69 -189.77 -42.49
CA THR N 147 -6.49 -189.21 -43.10
C THR N 147 -6.91 -188.01 -43.94
N ARG N 148 -6.14 -186.92 -43.90
CA ARG N 148 -6.51 -185.72 -44.65
C ARG N 148 -5.30 -185.08 -45.31
N GLY N 149 -5.54 -184.49 -46.49
CA GLY N 149 -4.45 -183.93 -47.28
C GLY N 149 -4.96 -183.18 -48.51
N LEU N 150 -4.05 -182.44 -49.15
CA LEU N 150 -4.35 -181.72 -50.37
C LEU N 150 -3.76 -182.48 -51.57
N SER N 151 -4.64 -182.84 -52.53
CA SER N 151 -4.33 -183.73 -53.64
C SER N 151 -4.50 -183.02 -55.00
N GLU N 152 -3.44 -183.02 -55.84
CA GLU N 152 -3.32 -182.13 -57.01
C GLU N 152 -4.29 -182.51 -58.16
N THR N 153 -4.82 -181.50 -58.88
CA THR N 153 -5.85 -181.73 -59.89
C THR N 153 -5.36 -181.72 -61.35
N ALA N 154 -4.19 -181.14 -61.64
CA ALA N 154 -3.78 -181.00 -63.04
C ALA N 154 -4.82 -180.26 -63.91
N LYS N 155 -5.63 -179.36 -63.31
CA LYS N 155 -6.55 -178.47 -64.01
C LYS N 155 -5.78 -177.40 -64.80
N ASN N 156 -4.76 -176.82 -64.15
CA ASN N 156 -3.92 -175.80 -64.75
C ASN N 156 -2.68 -176.42 -65.43
N ALA N 157 -2.21 -177.56 -64.89
CA ALA N 157 -1.00 -178.28 -65.28
C ALA N 157 0.22 -177.35 -65.30
N ALA O 2 -15.92 -177.81 -78.64
CA ALA O 2 -16.30 -178.74 -77.54
C ALA O 2 -15.81 -180.15 -77.86
N THR O 3 -15.43 -180.90 -76.82
CA THR O 3 -14.90 -182.26 -76.96
C THR O 3 -15.99 -183.33 -76.94
N THR O 4 -17.23 -182.98 -76.51
CA THR O 4 -18.31 -183.96 -76.41
C THR O 4 -19.60 -183.54 -77.14
N SER O 5 -20.23 -182.42 -76.72
CA SER O 5 -21.58 -182.07 -77.19
C SER O 5 -22.60 -183.20 -76.94
N ALA O 6 -22.40 -183.96 -75.86
CA ALA O 6 -23.22 -185.10 -75.50
C ALA O 6 -24.61 -184.68 -74.99
N SER O 7 -25.63 -185.49 -75.31
CA SER O 7 -27.02 -185.18 -75.00
C SER O 7 -27.35 -185.37 -73.52
N HIS O 8 -26.59 -186.26 -72.85
CA HIS O 8 -26.85 -186.64 -71.46
C HIS O 8 -25.55 -186.97 -70.74
N HIS O 9 -25.54 -186.80 -69.42
CA HIS O 9 -24.34 -186.83 -68.62
C HIS O 9 -23.59 -188.17 -68.67
N VAL O 10 -24.31 -189.30 -68.75
CA VAL O 10 -23.65 -190.61 -68.80
C VAL O 10 -22.77 -190.70 -70.04
N GLN O 11 -23.32 -190.33 -71.19
CA GLN O 11 -22.57 -190.29 -72.43
C GLN O 11 -21.45 -189.25 -72.39
N ALA O 12 -21.67 -188.11 -71.71
CA ALA O 12 -20.65 -187.07 -71.57
C ALA O 12 -19.40 -187.62 -70.88
N ILE O 13 -19.55 -188.31 -69.75
CA ILE O 13 -18.41 -188.86 -69.04
C ILE O 13 -17.73 -190.00 -69.80
N ILE O 14 -18.51 -190.83 -70.51
CA ILE O 14 -17.93 -191.82 -71.41
C ILE O 14 -17.06 -191.10 -72.45
N ASP O 15 -17.58 -190.05 -73.09
CA ASP O 15 -16.83 -189.30 -74.08
C ASP O 15 -15.54 -188.68 -73.51
N LEU O 16 -15.60 -188.10 -72.30
CA LEU O 16 -14.40 -187.54 -71.65
C LEU O 16 -13.36 -188.60 -71.34
N LEU O 17 -13.79 -189.78 -70.86
CA LEU O 17 -12.86 -190.85 -70.58
C LEU O 17 -12.26 -191.43 -71.86
N GLU O 18 -13.05 -191.57 -72.94
CA GLU O 18 -12.56 -192.06 -74.21
C GLU O 18 -11.64 -191.06 -74.93
N ALA O 19 -11.83 -189.76 -74.68
CA ALA O 19 -10.96 -188.70 -75.21
C ALA O 19 -9.60 -188.61 -74.52
N ALA O 20 -9.38 -189.33 -73.41
CA ALA O 20 -8.10 -189.40 -72.72
C ALA O 20 -7.00 -189.99 -73.61
N PRO O 21 -5.85 -189.31 -73.80
CA PRO O 21 -4.70 -189.88 -74.53
C PRO O 21 -4.15 -191.17 -73.91
N ASP O 22 -3.61 -192.04 -74.77
CA ASP O 22 -2.98 -193.30 -74.35
C ASP O 22 -1.77 -193.09 -73.41
N ALA O 23 -1.23 -191.87 -73.40
CA ALA O 23 -0.13 -191.49 -72.52
C ALA O 23 -0.60 -191.18 -71.09
N ASP O 24 -1.87 -190.85 -70.88
CA ASP O 24 -2.35 -190.33 -69.61
C ASP O 24 -2.87 -191.41 -68.66
N TRP O 25 -3.09 -192.62 -69.18
CA TRP O 25 -3.32 -193.80 -68.35
C TRP O 25 -2.00 -194.31 -67.78
N THR O 26 -2.05 -194.78 -66.51
CA THR O 26 -0.88 -195.29 -65.82
C THR O 26 -0.49 -196.69 -66.33
N PRO O 27 -1.43 -197.65 -66.51
CA PRO O 27 -1.10 -198.93 -67.12
C PRO O 27 -0.69 -198.86 -68.58
N THR O 28 -0.06 -199.94 -69.06
CA THR O 28 0.48 -200.06 -70.41
C THR O 28 -0.63 -200.00 -71.47
N GLN O 29 -1.79 -200.56 -71.13
CA GLN O 29 -2.93 -200.65 -72.04
C GLN O 29 -4.04 -199.69 -71.63
N THR O 30 -4.55 -198.91 -72.58
CA THR O 30 -5.67 -198.01 -72.35
C THR O 30 -6.92 -198.81 -71.99
N PRO O 31 -7.63 -198.52 -70.87
CA PRO O 31 -8.86 -199.22 -70.51
C PRO O 31 -9.98 -199.08 -71.52
N THR O 32 -10.98 -199.97 -71.41
CA THR O 32 -12.18 -199.94 -72.24
C THR O 32 -13.33 -199.32 -71.45
N VAL O 33 -14.00 -198.30 -72.03
CA VAL O 33 -15.07 -197.59 -71.33
C VAL O 33 -16.43 -198.07 -71.85
N LYS O 34 -17.34 -198.40 -70.92
CA LYS O 34 -18.65 -198.97 -71.23
C LYS O 34 -19.74 -198.37 -70.33
N ARG O 35 -21.00 -198.41 -70.79
CA ARG O 35 -22.14 -198.16 -69.93
C ARG O 35 -22.30 -199.37 -69.00
N TYR O 36 -22.85 -199.20 -67.79
CA TYR O 36 -22.98 -200.34 -66.90
C TYR O 36 -23.82 -201.45 -67.52
N TRP O 37 -24.81 -201.09 -68.35
CA TRP O 37 -25.70 -202.02 -69.03
C TRP O 37 -25.18 -202.63 -70.35
N ASP O 38 -23.94 -202.35 -70.75
CA ASP O 38 -23.37 -202.92 -71.98
C ASP O 38 -23.05 -204.42 -71.86
N ASP O 39 -22.81 -204.91 -70.62
CA ASP O 39 -22.40 -206.29 -70.35
C ASP O 39 -23.37 -207.00 -69.39
N ALA O 40 -23.58 -208.31 -69.57
CA ALA O 40 -24.37 -209.08 -68.60
C ALA O 40 -23.55 -209.39 -67.35
N GLN O 41 -24.24 -209.68 -66.24
CA GLN O 41 -23.58 -209.84 -64.94
C GLN O 41 -22.57 -211.00 -64.93
N SER O 42 -22.91 -212.09 -65.62
CA SER O 42 -22.03 -213.24 -65.81
C SER O 42 -20.73 -212.90 -66.54
N GLU O 43 -20.73 -211.80 -67.30
CA GLU O 43 -19.64 -211.43 -68.21
C GLU O 43 -18.97 -210.10 -67.82
N ARG O 44 -19.52 -209.39 -66.82
CA ARG O 44 -19.02 -208.10 -66.38
C ARG O 44 -17.60 -208.23 -65.82
N GLY O 45 -16.78 -207.21 -66.08
CA GLY O 45 -15.34 -207.25 -65.80
C GLY O 45 -14.54 -207.90 -66.93
N PRO O 46 -13.24 -207.59 -67.05
CA PRO O 46 -12.42 -208.11 -68.15
C PRO O 46 -12.18 -209.61 -68.00
N GLY O 47 -11.95 -210.27 -69.14
CA GLY O 47 -11.23 -211.54 -69.16
C GLY O 47 -9.73 -211.32 -68.97
N ALA O 48 -9.00 -212.39 -68.67
CA ALA O 48 -7.54 -212.35 -68.64
C ALA O 48 -6.96 -211.94 -70.01
N ASP O 49 -5.74 -211.36 -69.98
CA ASP O 49 -5.01 -210.96 -71.19
C ASP O 49 -5.73 -209.87 -72.01
N MET O 50 -6.68 -209.16 -71.38
CA MET O 50 -7.40 -208.04 -72.00
C MET O 50 -7.33 -206.78 -71.13
N PRO O 51 -7.44 -205.57 -71.72
CA PRO O 51 -7.40 -204.32 -70.95
C PRO O 51 -8.59 -204.21 -70.00
N ALA O 52 -8.35 -203.51 -68.87
CA ALA O 52 -9.32 -203.31 -67.80
C ALA O 52 -10.54 -202.50 -68.26
N ILE O 53 -11.65 -202.63 -67.54
CA ILE O 53 -12.94 -202.08 -67.98
C ILE O 53 -13.48 -201.05 -67.00
N LEU O 54 -13.94 -199.91 -67.54
CA LEU O 54 -14.63 -198.88 -66.78
C LEU O 54 -16.12 -198.91 -67.10
N TYR O 55 -16.98 -198.99 -66.07
CA TYR O 55 -18.42 -198.92 -66.23
C TYR O 55 -18.95 -197.59 -65.71
N VAL O 56 -19.74 -196.89 -66.55
CA VAL O 56 -20.33 -195.59 -66.25
C VAL O 56 -21.85 -195.72 -66.17
N TRP O 57 -22.47 -195.12 -65.14
CA TRP O 57 -23.92 -194.92 -65.08
C TRP O 57 -24.29 -193.82 -64.08
N SER O 58 -25.56 -193.38 -64.08
CA SER O 58 -26.06 -192.40 -63.12
C SER O 58 -26.72 -193.09 -61.93
N PRO O 59 -26.10 -193.13 -60.71
CA PRO O 59 -26.61 -193.95 -59.61
C PRO O 59 -27.76 -193.33 -58.81
N THR O 60 -27.95 -192.00 -58.91
CA THR O 60 -28.91 -191.27 -58.08
C THR O 60 -29.64 -190.18 -58.87
N THR O 61 -30.76 -189.72 -58.29
CA THR O 61 -31.60 -188.66 -58.84
C THR O 61 -30.80 -187.41 -59.19
N SER O 62 -30.96 -186.92 -60.44
CA SER O 62 -30.53 -185.59 -60.84
C SER O 62 -31.55 -184.54 -60.41
N SER O 63 -31.09 -183.33 -60.03
CA SER O 63 -31.93 -182.23 -59.56
C SER O 63 -32.09 -181.15 -60.64
N LEU O 64 -33.31 -180.63 -60.80
CA LEU O 64 -33.58 -179.46 -61.63
C LEU O 64 -34.04 -178.31 -60.75
N ASP O 65 -33.10 -177.55 -60.17
CA ASP O 65 -33.45 -176.40 -59.34
C ASP O 65 -33.83 -175.19 -60.19
N ARG O 66 -34.80 -174.41 -59.67
CA ARG O 66 -35.13 -173.12 -60.24
C ARG O 66 -33.92 -172.21 -60.08
N PHE O 67 -33.57 -171.47 -61.15
CA PHE O 67 -32.43 -170.56 -61.04
C PHE O 67 -32.83 -169.16 -60.59
N SER O 68 -34.02 -168.71 -61.02
CA SER O 68 -34.45 -167.32 -60.87
C SER O 68 -35.94 -167.19 -61.17
N MET O 69 -36.52 -166.00 -60.94
CA MET O 69 -37.92 -165.78 -61.27
C MET O 69 -38.16 -165.78 -62.78
N ASP O 70 -37.09 -165.71 -63.60
CA ASP O 70 -37.28 -165.74 -65.05
C ASP O 70 -37.91 -167.06 -65.52
N GLY O 71 -37.58 -168.16 -64.83
CA GLY O 71 -37.98 -169.49 -65.26
C GLY O 71 -37.37 -169.92 -66.60
N ASP O 72 -36.31 -169.23 -67.02
CA ASP O 72 -35.68 -169.36 -68.33
C ASP O 72 -34.61 -170.47 -68.37
N VAL O 73 -34.10 -170.87 -67.20
CA VAL O 73 -33.06 -171.88 -67.10
C VAL O 73 -33.15 -172.68 -65.79
N PHE O 74 -32.73 -173.95 -65.83
CA PHE O 74 -32.62 -174.81 -64.66
C PHE O 74 -31.16 -174.99 -64.25
N ASP O 75 -30.91 -174.96 -62.93
CA ASP O 75 -29.64 -175.34 -62.35
C ASP O 75 -29.61 -176.86 -62.21
N GLN O 76 -29.15 -177.54 -63.26
CA GLN O 76 -29.02 -178.99 -63.27
C GLN O 76 -27.88 -179.41 -62.35
N ASN O 77 -28.16 -180.32 -61.41
CA ASN O 77 -27.11 -181.05 -60.72
C ASN O 77 -27.26 -182.55 -60.99
N ASP O 78 -26.19 -183.18 -61.50
CA ASP O 78 -26.18 -184.54 -62.03
C ASP O 78 -25.08 -185.37 -61.36
N SER O 79 -25.35 -186.67 -61.19
CA SER O 79 -24.44 -187.58 -60.50
C SER O 79 -24.13 -188.81 -61.35
N ILE O 80 -22.88 -189.28 -61.25
CA ILE O 80 -22.37 -190.44 -61.97
C ILE O 80 -21.44 -191.26 -61.06
N GLU O 81 -21.45 -192.59 -61.22
CA GLU O 81 -20.38 -193.42 -60.71
C GLU O 81 -19.64 -194.06 -61.89
N VAL O 82 -18.31 -194.08 -61.78
CA VAL O 82 -17.44 -194.82 -62.69
C VAL O 82 -16.74 -195.91 -61.89
N GLN O 83 -17.07 -197.18 -62.15
CA GLN O 83 -16.38 -198.32 -61.55
C GLN O 83 -15.29 -198.83 -62.50
N ALA O 84 -14.12 -199.18 -61.94
CA ALA O 84 -13.04 -199.84 -62.64
C ALA O 84 -12.96 -201.30 -62.18
N TRP O 85 -12.96 -202.25 -63.11
CA TRP O 85 -12.81 -203.68 -62.83
C TRP O 85 -11.50 -204.21 -63.43
N SER O 86 -10.70 -204.91 -62.61
CA SER O 86 -9.54 -205.68 -63.06
C SER O 86 -9.21 -206.80 -62.06
N PHE O 87 -8.39 -207.77 -62.49
CA PHE O 87 -7.83 -208.78 -61.60
C PHE O 87 -6.63 -208.26 -60.80
N ASP O 88 -5.96 -207.20 -61.28
CA ASP O 88 -4.83 -206.63 -60.56
C ASP O 88 -5.31 -205.50 -59.64
N GLU O 89 -5.16 -205.69 -58.32
CA GLU O 89 -5.47 -204.67 -57.34
C GLU O 89 -4.71 -203.36 -57.60
N THR O 90 -3.46 -203.47 -58.07
CA THR O 90 -2.62 -202.33 -58.40
C THR O 90 -3.19 -201.55 -59.57
N GLU O 91 -3.80 -202.26 -60.51
CA GLU O 91 -4.34 -201.68 -61.73
C GLU O 91 -5.63 -200.92 -61.43
N VAL O 92 -6.55 -201.45 -60.62
CA VAL O 92 -7.72 -200.67 -60.22
C VAL O 92 -7.35 -199.45 -59.38
N GLU O 93 -6.33 -199.57 -58.52
CA GLU O 93 -5.83 -198.43 -57.75
C GLU O 93 -5.30 -197.34 -58.68
N GLN O 94 -4.47 -197.73 -59.65
CA GLN O 94 -3.92 -196.80 -60.62
C GLN O 94 -5.02 -196.22 -61.53
N LEU O 95 -5.99 -197.01 -61.98
CA LEU O 95 -7.13 -196.53 -62.75
C LEU O 95 -7.98 -195.54 -61.96
N GLN O 96 -8.23 -195.78 -60.67
CA GLN O 96 -8.97 -194.82 -59.86
C GLN O 96 -8.23 -193.48 -59.83
N GLY O 97 -6.92 -193.52 -59.55
CA GLY O 97 -6.07 -192.34 -59.63
C GLY O 97 -6.16 -191.65 -60.98
N ASP O 98 -6.08 -192.42 -62.08
CA ASP O 98 -6.19 -191.89 -63.43
C ASP O 98 -7.55 -191.24 -63.69
N ILE O 99 -8.67 -191.88 -63.32
CA ILE O 99 -10.01 -191.31 -63.54
C ILE O 99 -10.13 -189.96 -62.84
N VAL O 100 -9.59 -189.84 -61.62
CA VAL O 100 -9.51 -188.56 -60.95
C VAL O 100 -8.67 -187.58 -61.77
N GLN O 101 -7.43 -187.92 -62.17
CA GLN O 101 -6.58 -187.00 -62.94
C GLN O 101 -7.12 -186.66 -64.33
N ILE O 102 -7.99 -187.50 -64.90
CA ILE O 102 -8.64 -187.23 -66.18
C ILE O 102 -9.80 -186.27 -65.97
N LEU O 103 -10.73 -186.62 -65.08
CA LEU O 103 -11.92 -185.82 -64.85
C LEU O 103 -11.67 -184.59 -63.99
N SER O 104 -10.43 -184.38 -63.53
CA SER O 104 -10.00 -183.12 -62.93
C SER O 104 -9.52 -182.11 -63.99
N GLU O 105 -9.28 -182.52 -65.24
CA GLU O 105 -9.44 -181.52 -66.31
C GLU O 105 -10.91 -181.11 -66.32
N TYR O 106 -11.28 -180.05 -67.04
CA TYR O 106 -12.69 -179.69 -67.16
C TYR O 106 -13.37 -179.26 -65.85
N LEU O 107 -12.61 -179.08 -64.75
CA LEU O 107 -13.16 -178.87 -63.41
C LEU O 107 -14.07 -177.65 -63.33
N ASP O 108 -13.78 -176.61 -64.14
CA ASP O 108 -14.61 -175.40 -64.16
C ASP O 108 -14.73 -174.83 -65.58
N ASP O 109 -15.07 -175.69 -66.55
CA ASP O 109 -15.40 -175.23 -67.89
C ASP O 109 -16.56 -174.23 -67.87
N ASN O 110 -16.39 -173.06 -68.47
CA ASN O 110 -17.55 -172.26 -68.83
C ASN O 110 -18.17 -172.88 -70.10
N GLU O 111 -18.50 -174.18 -70.06
CA GLU O 111 -19.05 -174.96 -71.17
C GLU O 111 -18.12 -174.93 -72.40
N VAL O 112 -16.79 -175.00 -72.17
CA VAL O 112 -15.79 -174.89 -73.22
C VAL O 112 -15.54 -176.22 -73.92
N GLN O 113 -15.08 -177.24 -73.16
CA GLN O 113 -14.87 -178.58 -73.68
C GLN O 113 -16.15 -179.40 -73.50
N THR O 114 -16.64 -179.43 -72.27
CA THR O 114 -17.88 -180.08 -71.86
C THR O 114 -19.10 -179.18 -72.10
N PRO O 115 -20.34 -179.70 -72.06
CA PRO O 115 -21.56 -178.88 -72.06
C PRO O 115 -22.02 -178.46 -70.66
N TYR O 116 -21.09 -178.38 -69.69
CA TYR O 116 -21.40 -178.13 -68.29
C TYR O 116 -20.52 -177.03 -67.70
N SER O 117 -20.93 -176.46 -66.55
CA SER O 117 -20.14 -175.46 -65.84
C SER O 117 -19.01 -176.10 -65.02
N ASP O 118 -19.23 -177.35 -64.62
CA ASP O 118 -18.42 -178.03 -63.63
C ASP O 118 -18.64 -179.53 -63.83
N VAL O 119 -17.55 -180.26 -64.09
CA VAL O 119 -17.48 -181.70 -63.89
C VAL O 119 -16.41 -181.97 -62.83
N ALA O 120 -16.80 -182.57 -61.70
CA ALA O 120 -15.87 -182.81 -60.60
C ALA O 120 -15.99 -184.24 -60.08
N PRO O 121 -14.85 -184.95 -59.94
CA PRO O 121 -14.79 -186.05 -58.97
C PRO O 121 -15.15 -185.46 -57.60
N THR O 122 -16.10 -186.09 -56.90
CA THR O 122 -16.50 -185.63 -55.57
C THR O 122 -16.24 -186.67 -54.48
N GLY O 123 -15.98 -187.91 -54.88
CA GLY O 123 -15.62 -188.95 -53.92
C GLY O 123 -15.05 -190.19 -54.61
N THR O 124 -14.48 -191.08 -53.80
CA THR O 124 -13.91 -192.32 -54.30
C THR O 124 -14.26 -193.48 -53.38
N ASN O 125 -14.67 -194.62 -53.97
CA ASN O 125 -14.96 -195.84 -53.23
C ASN O 125 -13.92 -196.91 -53.55
N ASP O 126 -13.46 -197.61 -52.50
CA ASP O 126 -12.66 -198.81 -52.62
C ASP O 126 -13.52 -200.00 -52.21
N PHE O 127 -13.59 -201.05 -53.05
CA PHE O 127 -14.35 -202.25 -52.71
C PHE O 127 -13.45 -203.51 -52.69
N ARG O 128 -12.12 -203.37 -52.71
CA ARG O 128 -11.22 -204.51 -52.83
C ARG O 128 -11.47 -205.55 -51.74
N GLU O 129 -11.87 -205.12 -50.54
CA GLU O 129 -12.14 -206.01 -49.41
C GLU O 129 -13.30 -206.97 -49.68
N GLN O 130 -14.12 -206.70 -50.70
CA GLN O 130 -15.25 -207.57 -51.05
C GLN O 130 -14.84 -208.78 -51.87
N THR O 131 -13.69 -208.72 -52.54
CA THR O 131 -13.21 -209.83 -53.36
C THR O 131 -12.70 -210.95 -52.45
N PRO O 132 -13.22 -212.20 -52.56
CA PRO O 132 -12.68 -213.32 -51.79
C PRO O 132 -11.33 -213.77 -52.37
N ALA O 133 -10.43 -214.27 -51.50
CA ALA O 133 -9.04 -214.53 -51.89
C ALA O 133 -8.81 -215.88 -52.58
N ARG O 134 -9.66 -216.91 -52.29
CA ARG O 134 -9.50 -218.25 -52.84
C ARG O 134 -9.59 -218.24 -54.37
N THR O 135 -10.70 -217.70 -54.89
CA THR O 135 -10.95 -217.61 -56.32
C THR O 135 -10.19 -216.42 -56.92
N THR O 136 -9.68 -216.57 -58.15
CA THR O 136 -9.46 -215.38 -58.96
C THR O 136 -10.82 -214.72 -59.21
N GLY O 137 -10.86 -213.39 -59.16
CA GLY O 137 -12.09 -212.62 -59.26
C GLY O 137 -11.76 -211.13 -59.27
N HIS O 138 -12.66 -210.31 -59.82
CA HIS O 138 -12.35 -208.91 -59.99
C HIS O 138 -12.22 -208.16 -58.67
N TYR O 139 -11.22 -207.28 -58.61
CA TYR O 139 -11.21 -206.16 -57.68
C TYR O 139 -11.98 -205.00 -58.29
N ILE O 140 -12.66 -204.20 -57.45
CA ILE O 140 -13.40 -203.04 -57.92
C ILE O 140 -13.02 -201.81 -57.10
N MET O 141 -12.82 -200.69 -57.80
CA MET O 141 -12.68 -199.37 -57.20
C MET O 141 -13.44 -198.38 -58.08
N SER O 142 -13.93 -197.26 -57.51
CA SER O 142 -14.72 -196.31 -58.28
C SER O 142 -14.42 -194.86 -57.93
N VAL O 143 -14.83 -193.99 -58.85
CA VAL O 143 -14.92 -192.56 -58.65
C VAL O 143 -16.39 -192.15 -58.78
N GLU O 144 -16.89 -191.40 -57.79
CA GLU O 144 -18.15 -190.70 -57.91
C GLU O 144 -17.89 -189.31 -58.48
N VAL O 145 -18.65 -188.95 -59.50
CA VAL O 145 -18.48 -187.72 -60.24
C VAL O 145 -19.80 -186.94 -60.19
N GLU O 146 -19.70 -185.62 -60.05
CA GLU O 146 -20.87 -184.76 -60.14
C GLU O 146 -20.66 -183.68 -61.19
N THR O 147 -21.77 -183.29 -61.80
CA THR O 147 -21.81 -182.39 -62.93
C THR O 147 -22.84 -181.31 -62.64
N ARG O 148 -22.50 -180.05 -62.92
CA ARG O 148 -23.43 -178.95 -62.70
C ARG O 148 -23.44 -177.98 -63.89
N GLY O 149 -24.62 -177.46 -64.19
CA GLY O 149 -24.75 -176.60 -65.37
C GLY O 149 -26.13 -175.98 -65.50
N LEU O 150 -26.25 -175.03 -66.44
CA LEU O 150 -27.49 -174.32 -66.70
C LEU O 150 -28.13 -174.87 -67.99
N SER O 151 -29.41 -175.26 -67.89
CA SER O 151 -30.12 -176.00 -68.94
C SER O 151 -31.44 -175.32 -69.31
N GLU O 152 -31.69 -175.06 -70.61
CA GLU O 152 -32.78 -174.19 -71.04
C GLU O 152 -34.18 -174.78 -70.80
N THR O 153 -35.15 -173.92 -70.47
CA THR O 153 -36.50 -174.39 -70.13
C THR O 153 -37.51 -174.30 -71.27
N ALA O 154 -37.21 -173.53 -72.32
CA ALA O 154 -38.17 -173.25 -73.38
C ALA O 154 -39.53 -172.69 -72.89
N LYS O 155 -39.58 -172.11 -71.67
CA LYS O 155 -40.75 -171.43 -71.11
C LYS O 155 -41.14 -170.22 -71.96
N ASN O 156 -40.12 -169.49 -72.45
CA ASN O 156 -40.29 -168.31 -73.28
C ASN O 156 -39.85 -168.61 -74.73
N ALA O 157 -38.52 -168.70 -74.94
CA ALA O 157 -37.88 -169.01 -76.21
C ALA O 157 -38.34 -168.10 -77.36
N ALA P 2 -57.51 -172.14 -70.88
CA ALA P 2 -56.96 -173.36 -70.19
C ALA P 2 -56.74 -174.48 -71.22
N THR P 3 -56.02 -175.54 -70.80
CA THR P 3 -55.78 -176.73 -71.63
C THR P 3 -56.08 -178.06 -70.92
N THR P 4 -56.27 -178.09 -69.58
CA THR P 4 -56.45 -179.35 -68.84
C THR P 4 -57.67 -179.33 -67.92
N SER P 5 -57.68 -178.47 -66.90
CA SER P 5 -58.81 -178.28 -65.97
C SER P 5 -59.26 -179.55 -65.23
N ALA P 6 -58.43 -180.61 -65.20
CA ALA P 6 -58.75 -181.85 -64.51
C ALA P 6 -58.65 -181.70 -62.98
N SER P 7 -59.45 -182.48 -62.24
CA SER P 7 -59.57 -182.31 -60.79
C SER P 7 -58.32 -182.76 -60.02
N HIS P 8 -57.46 -183.55 -60.69
CA HIS P 8 -56.31 -184.19 -60.06
C HIS P 8 -55.08 -184.10 -60.95
N HIS P 9 -53.92 -183.99 -60.32
CA HIS P 9 -52.66 -183.71 -60.99
C HIS P 9 -52.30 -184.75 -62.04
N VAL P 10 -52.62 -186.03 -61.81
CA VAL P 10 -52.22 -187.09 -62.73
C VAL P 10 -52.85 -186.88 -64.09
N GLN P 11 -54.16 -186.65 -64.12
CA GLN P 11 -54.84 -186.37 -65.38
C GLN P 11 -54.36 -185.04 -65.98
N ALA P 12 -54.08 -184.03 -65.15
CA ALA P 12 -53.56 -182.76 -65.63
C ALA P 12 -52.27 -182.95 -66.42
N ILE P 13 -51.28 -183.68 -65.88
CA ILE P 13 -50.03 -183.91 -66.60
C ILE P 13 -50.22 -184.80 -67.84
N ILE P 14 -51.11 -185.79 -67.78
CA ILE P 14 -51.46 -186.55 -68.99
C ILE P 14 -52.00 -185.60 -70.07
N ASP P 15 -52.91 -184.70 -69.72
CA ASP P 15 -53.48 -183.73 -70.63
C ASP P 15 -52.43 -182.76 -71.20
N LEU P 16 -51.40 -182.40 -70.41
CA LEU P 16 -50.29 -181.58 -70.90
C LEU P 16 -49.41 -182.34 -71.88
N LEU P 17 -49.06 -183.59 -71.55
CA LEU P 17 -48.24 -184.43 -72.42
C LEU P 17 -48.96 -184.77 -73.73
N GLU P 18 -50.28 -185.03 -73.69
CA GLU P 18 -51.09 -185.28 -74.87
C GLU P 18 -51.38 -184.03 -75.71
N ALA P 19 -51.35 -182.83 -75.10
CA ALA P 19 -51.54 -181.58 -75.85
C ALA P 19 -50.31 -181.21 -76.70
N ALA P 20 -49.15 -181.81 -76.42
CA ALA P 20 -47.89 -181.48 -77.06
C ALA P 20 -47.92 -181.72 -78.57
N PRO P 21 -47.49 -180.74 -79.42
CA PRO P 21 -47.33 -180.97 -80.86
C PRO P 21 -46.37 -182.11 -81.18
N ASP P 22 -46.65 -182.81 -82.26
CA ASP P 22 -45.80 -183.86 -82.80
C ASP P 22 -44.39 -183.34 -83.15
N ALA P 23 -44.30 -182.05 -83.50
CA ALA P 23 -43.04 -181.38 -83.82
C ALA P 23 -42.13 -181.21 -82.58
N ASP P 24 -42.67 -181.34 -81.36
CA ASP P 24 -41.96 -181.14 -80.11
C ASP P 24 -41.52 -182.45 -79.45
N TRP P 25 -41.72 -183.59 -80.12
CA TRP P 25 -41.08 -184.86 -79.77
C TRP P 25 -39.90 -185.12 -80.70
N THR P 26 -38.77 -185.56 -80.12
CA THR P 26 -37.53 -185.78 -80.85
C THR P 26 -37.58 -187.02 -81.75
N PRO P 27 -38.08 -188.21 -81.29
CA PRO P 27 -38.20 -189.38 -82.16
C PRO P 27 -39.13 -189.21 -83.35
N THR P 28 -39.13 -190.21 -84.24
CA THR P 28 -39.88 -190.19 -85.50
C THR P 28 -41.40 -190.16 -85.26
N GLN P 29 -41.84 -190.75 -84.13
CA GLN P 29 -43.26 -190.92 -83.81
C GLN P 29 -43.57 -190.49 -82.37
N THR P 30 -44.72 -189.82 -82.19
CA THR P 30 -45.20 -189.31 -80.91
C THR P 30 -45.51 -190.45 -79.93
N PRO P 31 -44.96 -190.44 -78.69
CA PRO P 31 -45.25 -191.46 -77.67
C PRO P 31 -46.70 -191.51 -77.21
N THR P 32 -47.06 -192.61 -76.53
CA THR P 32 -48.39 -192.85 -75.97
C THR P 32 -48.37 -192.61 -74.46
N VAL P 33 -49.36 -191.87 -73.93
CA VAL P 33 -49.39 -191.48 -72.51
C VAL P 33 -50.47 -192.25 -71.75
N LYS P 34 -50.11 -192.81 -70.58
CA LYS P 34 -50.99 -193.69 -69.81
C LYS P 34 -50.96 -193.40 -68.31
N ARG P 35 -52.09 -193.61 -67.62
CA ARG P 35 -52.05 -193.78 -66.17
C ARG P 35 -51.24 -195.05 -65.88
N TYR P 36 -50.47 -195.09 -64.80
CA TYR P 36 -49.65 -196.27 -64.55
C TYR P 36 -50.50 -197.53 -64.43
N TRP P 37 -51.71 -197.40 -63.87
CA TRP P 37 -52.66 -198.50 -63.69
C TRP P 37 -53.48 -198.87 -64.94
N ASP P 38 -53.18 -198.31 -66.12
CA ASP P 38 -53.80 -198.72 -67.37
C ASP P 38 -53.37 -200.12 -67.82
N ASP P 39 -52.16 -200.59 -67.47
CA ASP P 39 -51.55 -201.80 -68.02
C ASP P 39 -51.24 -202.85 -66.95
N ALA P 40 -51.27 -204.13 -67.32
CA ALA P 40 -50.77 -205.19 -66.44
C ALA P 40 -49.25 -205.32 -66.56
N GLN P 41 -48.61 -205.79 -65.48
CA GLN P 41 -47.15 -205.71 -65.33
C GLN P 41 -46.36 -206.45 -66.43
N SER P 42 -46.80 -207.66 -66.80
CA SER P 42 -46.16 -208.43 -67.87
C SER P 42 -46.25 -207.75 -69.24
N GLU P 43 -47.24 -206.84 -69.39
CA GLU P 43 -47.52 -206.15 -70.63
C GLU P 43 -46.96 -204.72 -70.64
N ARG P 44 -46.53 -204.20 -69.48
CA ARG P 44 -46.09 -202.82 -69.32
C ARG P 44 -44.87 -202.54 -70.20
N GLY P 45 -44.85 -201.31 -70.75
CA GLY P 45 -43.92 -200.89 -71.80
C GLY P 45 -44.46 -201.21 -73.19
N PRO P 46 -43.89 -200.61 -74.26
CA PRO P 46 -44.32 -200.90 -75.62
C PRO P 46 -43.93 -202.33 -76.02
N GLY P 47 -44.61 -202.87 -77.04
CA GLY P 47 -44.05 -203.95 -77.86
C GLY P 47 -43.20 -203.38 -79.01
N ALA P 48 -42.44 -204.25 -79.69
CA ALA P 48 -41.75 -203.82 -80.90
C ALA P 48 -42.75 -203.36 -81.96
N ASP P 49 -42.33 -202.45 -82.87
CA ASP P 49 -43.17 -201.86 -83.91
C ASP P 49 -44.37 -201.08 -83.36
N MET P 50 -44.21 -200.55 -82.13
CA MET P 50 -45.14 -199.59 -81.54
C MET P 50 -44.36 -198.42 -80.93
N PRO P 51 -44.95 -197.21 -80.86
CA PRO P 51 -44.26 -196.05 -80.28
C PRO P 51 -44.05 -196.24 -78.78
N ALA P 52 -43.05 -195.51 -78.25
CA ALA P 52 -42.70 -195.56 -76.83
C ALA P 52 -43.87 -195.14 -75.94
N ILE P 53 -43.85 -195.61 -74.67
CA ILE P 53 -44.95 -195.37 -73.75
C ILE P 53 -44.48 -194.60 -72.52
N LEU P 54 -45.30 -193.63 -72.09
CA LEU P 54 -45.10 -192.83 -70.88
C LEU P 54 -46.15 -193.22 -69.84
N TYR P 55 -45.71 -193.60 -68.64
CA TYR P 55 -46.60 -193.86 -67.52
C TYR P 55 -46.51 -192.75 -66.48
N VAL P 56 -47.68 -192.22 -66.09
CA VAL P 56 -47.79 -191.10 -65.16
C VAL P 56 -48.50 -191.58 -63.89
N TRP P 57 -48.01 -191.18 -62.72
CA TRP P 57 -48.74 -191.34 -61.45
C TRP P 57 -48.22 -190.38 -60.38
N SER P 58 -48.92 -190.33 -59.23
CA SER P 58 -48.48 -189.54 -58.09
C SER P 58 -47.75 -190.42 -57.07
N PRO P 59 -46.40 -190.36 -56.93
CA PRO P 59 -45.68 -191.35 -56.13
C PRO P 59 -45.71 -191.12 -54.62
N THR P 60 -45.99 -189.87 -54.19
CA THR P 60 -45.90 -189.46 -52.79
C THR P 60 -47.03 -188.49 -52.40
N THR P 61 -47.26 -188.35 -51.09
CA THR P 61 -48.32 -187.53 -50.50
C THR P 61 -48.24 -186.07 -50.98
N SER P 62 -49.38 -185.54 -51.49
CA SER P 62 -49.52 -184.11 -51.71
C SER P 62 -49.72 -183.39 -50.38
N SER P 63 -48.98 -182.30 -50.14
CA SER P 63 -49.17 -181.46 -48.95
C SER P 63 -50.35 -180.52 -49.17
N LEU P 64 -51.15 -180.32 -48.11
CA LEU P 64 -52.11 -179.23 -48.04
C LEU P 64 -51.70 -178.29 -46.90
N ASP P 65 -50.79 -177.36 -47.20
CA ASP P 65 -50.41 -176.35 -46.21
C ASP P 65 -51.50 -175.28 -46.07
N ARG P 66 -51.68 -174.78 -44.84
CA ARG P 66 -52.50 -173.59 -44.63
C ARG P 66 -51.80 -172.41 -45.29
N PHE P 67 -52.54 -171.63 -46.10
CA PHE P 67 -51.96 -170.46 -46.73
C PHE P 67 -52.00 -169.22 -45.82
N SER P 68 -53.10 -169.07 -45.07
CA SER P 68 -53.25 -167.89 -44.22
C SER P 68 -54.24 -168.11 -43.09
N MET P 69 -54.30 -167.15 -42.17
CA MET P 69 -55.17 -167.19 -41.01
C MET P 69 -56.65 -167.10 -41.41
N ASP P 70 -56.97 -166.79 -42.67
CA ASP P 70 -58.35 -166.80 -43.17
C ASP P 70 -58.90 -168.23 -43.20
N GLY P 71 -58.06 -169.21 -43.55
CA GLY P 71 -58.49 -170.57 -43.83
C GLY P 71 -59.28 -170.71 -45.13
N ASP P 72 -59.10 -169.74 -46.05
CA ASP P 72 -59.87 -169.66 -47.28
C ASP P 72 -59.29 -170.52 -48.42
N VAL P 73 -58.00 -170.86 -48.32
CA VAL P 73 -57.32 -171.58 -49.40
C VAL P 73 -56.17 -172.43 -48.86
N PHE P 74 -55.85 -173.54 -49.55
CA PHE P 74 -54.69 -174.36 -49.24
C PHE P 74 -53.57 -174.09 -50.23
N ASP P 75 -52.36 -173.90 -49.71
CA ASP P 75 -51.13 -174.02 -50.48
C ASP P 75 -50.89 -175.51 -50.73
N GLN P 76 -51.34 -175.98 -51.90
CA GLN P 76 -51.27 -177.39 -52.25
C GLN P 76 -50.05 -177.65 -53.10
N ASN P 77 -49.20 -178.58 -52.65
CA ASN P 77 -48.03 -179.03 -53.39
C ASN P 77 -48.20 -180.50 -53.77
N ASP P 78 -48.19 -180.77 -55.09
CA ASP P 78 -48.51 -182.06 -55.69
C ASP P 78 -47.28 -182.66 -56.36
N SER P 79 -47.14 -183.99 -56.24
CA SER P 79 -45.98 -184.75 -56.70
C SER P 79 -46.40 -185.72 -57.81
N ILE P 80 -45.60 -185.80 -58.89
CA ILE P 80 -45.80 -186.73 -60.00
C ILE P 80 -44.48 -187.34 -60.46
N GLU P 81 -44.54 -188.58 -60.95
CA GLU P 81 -43.47 -189.16 -61.73
C GLU P 81 -43.99 -189.58 -63.11
N VAL P 82 -43.18 -189.31 -64.14
CA VAL P 82 -43.42 -189.74 -65.52
C VAL P 82 -42.28 -190.67 -65.93
N GLN P 83 -42.58 -191.95 -66.22
CA GLN P 83 -41.58 -192.91 -66.70
C GLN P 83 -41.70 -193.10 -68.21
N ALA P 84 -40.56 -193.05 -68.92
CA ALA P 84 -40.45 -193.41 -70.32
C ALA P 84 -39.96 -194.86 -70.46
N TRP P 85 -40.68 -195.69 -71.24
CA TRP P 85 -40.32 -197.08 -71.50
C TRP P 85 -40.05 -197.30 -73.00
N SER P 86 -38.88 -197.85 -73.35
CA SER P 86 -38.57 -198.27 -74.72
C SER P 86 -37.48 -199.36 -74.74
N PHE P 87 -37.36 -200.09 -75.86
CA PHE P 87 -36.25 -201.03 -76.07
C PHE P 87 -34.99 -200.33 -76.61
N ASP P 88 -35.05 -199.01 -76.86
CA ASP P 88 -33.93 -198.23 -77.39
C ASP P 88 -33.33 -197.34 -76.30
N GLU P 89 -32.08 -197.61 -75.92
CA GLU P 89 -31.36 -196.91 -74.86
C GLU P 89 -31.14 -195.41 -75.14
N THR P 90 -31.24 -195.00 -76.41
CA THR P 90 -31.17 -193.60 -76.83
C THR P 90 -32.55 -192.95 -76.86
N GLU P 91 -33.59 -193.73 -77.18
CA GLU P 91 -34.96 -193.22 -77.22
C GLU P 91 -35.45 -192.81 -75.84
N VAL P 92 -35.17 -193.60 -74.80
CA VAL P 92 -35.54 -193.22 -73.44
C VAL P 92 -34.85 -191.91 -73.03
N GLU P 93 -33.62 -191.69 -73.48
CA GLU P 93 -32.86 -190.48 -73.18
C GLU P 93 -33.47 -189.28 -73.90
N GLN P 94 -33.84 -189.44 -75.18
CA GLN P 94 -34.53 -188.41 -75.93
C GLN P 94 -35.90 -188.10 -75.32
N LEU P 95 -36.64 -189.13 -74.90
CA LEU P 95 -37.92 -188.93 -74.22
C LEU P 95 -37.75 -188.19 -72.91
N GLN P 96 -36.72 -188.50 -72.11
CA GLN P 96 -36.47 -187.73 -70.89
C GLN P 96 -36.25 -186.26 -71.22
N GLY P 97 -35.35 -185.96 -72.18
CA GLY P 97 -35.12 -184.61 -72.68
C GLY P 97 -36.43 -183.93 -73.11
N ASP P 98 -37.22 -184.62 -73.91
CA ASP P 98 -38.51 -184.13 -74.39
C ASP P 98 -39.47 -183.83 -73.25
N ILE P 99 -39.69 -184.76 -72.30
CA ILE P 99 -40.63 -184.59 -71.21
C ILE P 99 -40.26 -183.37 -70.36
N VAL P 100 -38.96 -183.20 -70.06
CA VAL P 100 -38.49 -182.02 -69.35
C VAL P 100 -38.87 -180.76 -70.14
N GLN P 101 -38.57 -180.71 -71.45
CA GLN P 101 -38.88 -179.58 -72.30
C GLN P 101 -40.39 -179.28 -72.42
N ILE P 102 -41.23 -180.31 -72.51
CA ILE P 102 -42.67 -180.16 -72.62
C ILE P 102 -43.24 -179.58 -71.31
N LEU P 103 -42.88 -180.18 -70.19
CA LEU P 103 -43.40 -179.78 -68.89
C LEU P 103 -42.71 -178.55 -68.31
N SER P 104 -41.63 -178.03 -68.93
CA SER P 104 -41.03 -176.76 -68.54
C SER P 104 -41.66 -175.55 -69.25
N GLU P 105 -42.55 -175.76 -70.24
CA GLU P 105 -43.55 -174.73 -70.46
C GLU P 105 -44.50 -174.71 -69.26
N TYR P 106 -45.48 -173.80 -69.19
CA TYR P 106 -46.39 -173.75 -68.04
C TYR P 106 -45.74 -173.39 -66.70
N LEU P 107 -44.42 -173.11 -66.70
CA LEU P 107 -43.57 -173.12 -65.50
C LEU P 107 -44.08 -172.18 -64.42
N ASP P 108 -44.67 -171.04 -64.82
CA ASP P 108 -45.27 -170.10 -63.89
C ASP P 108 -46.59 -169.57 -64.44
N ASP P 109 -47.47 -170.46 -64.91
CA ASP P 109 -48.84 -170.07 -65.18
C ASP P 109 -49.48 -169.48 -63.91
N ASN P 110 -49.96 -168.24 -63.92
CA ASN P 110 -50.93 -167.82 -62.93
C ASN P 110 -52.30 -168.44 -63.29
N GLU P 111 -52.36 -169.77 -63.40
CA GLU P 111 -53.53 -170.55 -63.84
C GLU P 111 -54.00 -170.18 -65.26
N VAL P 112 -53.04 -169.93 -66.17
CA VAL P 112 -53.35 -169.55 -67.55
C VAL P 112 -53.80 -170.77 -68.37
N GLN P 113 -52.90 -171.76 -68.56
CA GLN P 113 -53.18 -172.98 -69.28
C GLN P 113 -53.63 -174.08 -68.30
N THR P 114 -52.79 -174.31 -67.28
CA THR P 114 -53.04 -175.26 -66.22
C THR P 114 -53.96 -174.68 -65.14
N PRO P 115 -54.53 -175.52 -64.25
CA PRO P 115 -55.20 -175.06 -63.03
C PRO P 115 -54.23 -174.88 -61.86
N TYR P 116 -52.99 -174.44 -62.12
CA TYR P 116 -51.92 -174.34 -61.11
C TYR P 116 -51.12 -173.05 -61.25
N SER P 117 -50.37 -172.71 -60.20
CA SER P 117 -49.43 -171.59 -60.21
C SER P 117 -48.11 -171.97 -60.88
N ASP P 118 -47.75 -173.24 -60.77
CA ASP P 118 -46.45 -173.75 -61.23
C ASP P 118 -46.59 -175.25 -61.47
N VAL P 119 -46.16 -175.68 -62.66
CA VAL P 119 -45.78 -177.06 -62.92
C VAL P 119 -44.31 -177.04 -63.30
N ALA P 120 -43.49 -177.83 -62.59
CA ALA P 120 -42.06 -177.87 -62.86
C ALA P 120 -41.52 -179.30 -62.80
N PRO P 121 -40.72 -179.72 -63.79
CA PRO P 121 -39.76 -180.81 -63.55
C PRO P 121 -38.84 -180.38 -62.40
N THR P 122 -38.60 -181.29 -61.43
CA THR P 122 -37.72 -180.98 -60.32
C THR P 122 -36.55 -181.96 -60.19
N GLY P 123 -36.66 -183.11 -60.86
CA GLY P 123 -35.57 -184.06 -60.90
C GLY P 123 -35.73 -185.08 -62.03
N THR P 124 -34.69 -185.87 -62.26
CA THR P 124 -34.74 -186.94 -63.25
C THR P 124 -33.96 -188.16 -62.76
N ASN P 125 -34.39 -189.34 -63.22
CA ASN P 125 -33.72 -190.59 -62.93
C ASN P 125 -33.38 -191.32 -64.22
N ASP P 126 -32.20 -191.96 -64.21
CA ASP P 126 -31.85 -192.94 -65.22
C ASP P 126 -31.92 -194.31 -64.56
N PHE P 127 -32.58 -195.29 -65.20
CA PHE P 127 -32.56 -196.67 -64.75
C PHE P 127 -32.01 -197.62 -65.82
N ARG P 128 -31.34 -197.11 -66.86
CA ARG P 128 -30.79 -197.94 -67.93
C ARG P 128 -29.82 -199.01 -67.41
N GLU P 129 -29.14 -198.76 -66.30
CA GLU P 129 -28.26 -199.74 -65.67
C GLU P 129 -28.98 -201.00 -65.18
N GLN P 130 -30.31 -200.95 -65.04
CA GLN P 130 -31.08 -202.06 -64.47
C GLN P 130 -31.48 -203.09 -65.51
N THR P 131 -31.58 -202.71 -66.79
CA THR P 131 -31.94 -203.63 -67.86
C THR P 131 -30.83 -204.65 -68.07
N PRO P 132 -31.09 -205.99 -67.98
CA PRO P 132 -30.05 -206.99 -68.24
C PRO P 132 -29.60 -206.96 -69.72
N ALA P 133 -28.34 -207.33 -69.95
CA ALA P 133 -27.76 -207.27 -71.30
C ALA P 133 -28.03 -208.50 -72.19
N ARG P 134 -28.28 -209.68 -71.57
CA ARG P 134 -28.57 -210.91 -72.30
C ARG P 134 -29.86 -210.81 -73.09
N THR P 135 -30.94 -210.38 -72.40
CA THR P 135 -32.31 -210.45 -72.87
C THR P 135 -32.73 -209.09 -73.42
N THR P 136 -33.39 -209.07 -74.60
CA THR P 136 -34.08 -207.87 -75.03
C THR P 136 -35.15 -207.51 -73.99
N GLY P 137 -35.31 -206.21 -73.71
CA GLY P 137 -36.17 -205.75 -72.64
C GLY P 137 -36.15 -204.23 -72.55
N HIS P 138 -37.10 -203.67 -71.77
CA HIS P 138 -37.23 -202.23 -71.66
C HIS P 138 -36.08 -201.59 -70.90
N TYR P 139 -35.54 -200.53 -71.49
CA TYR P 139 -34.89 -199.48 -70.74
C TYR P 139 -35.96 -198.59 -70.12
N ILE P 140 -35.68 -198.01 -68.93
CA ILE P 140 -36.57 -197.08 -68.27
C ILE P 140 -35.79 -195.85 -67.82
N MET P 141 -36.37 -194.66 -68.02
CA MET P 141 -35.88 -193.41 -67.46
C MET P 141 -37.09 -192.61 -66.99
N SER P 142 -36.91 -191.65 -66.06
CA SER P 142 -38.06 -190.90 -65.56
C SER P 142 -37.77 -189.42 -65.32
N VAL P 143 -38.86 -188.64 -65.30
CA VAL P 143 -38.89 -187.26 -64.84
C VAL P 143 -39.75 -187.19 -63.57
N GLU P 144 -39.20 -186.58 -62.52
CA GLU P 144 -39.94 -186.23 -61.32
C GLU P 144 -40.43 -184.79 -61.46
N VAL P 145 -41.70 -184.59 -61.14
CA VAL P 145 -42.39 -183.34 -61.40
C VAL P 145 -43.12 -182.92 -60.13
N GLU P 146 -43.13 -181.61 -59.88
CA GLU P 146 -43.89 -181.02 -58.80
C GLU P 146 -44.83 -179.95 -59.35
N THR P 147 -45.82 -179.60 -58.55
CA THR P 147 -46.92 -178.78 -59.05
C THR P 147 -47.55 -178.07 -57.86
N ARG P 148 -47.74 -176.75 -57.97
CA ARG P 148 -48.16 -175.96 -56.82
C ARG P 148 -49.26 -174.99 -57.21
N GLY P 149 -50.18 -174.77 -56.26
CA GLY P 149 -51.33 -173.92 -56.52
C GLY P 149 -52.14 -173.68 -55.27
N LEU P 150 -53.09 -172.74 -55.37
CA LEU P 150 -53.97 -172.40 -54.27
C LEU P 150 -55.35 -173.03 -54.52
N SER P 151 -55.77 -173.92 -53.61
CA SER P 151 -56.97 -174.75 -53.74
C SER P 151 -58.04 -174.38 -52.69
N GLU P 152 -59.27 -174.05 -53.11
CA GLU P 152 -60.28 -173.40 -52.27
C GLU P 152 -60.85 -174.32 -51.17
N THR P 153 -61.17 -173.74 -50.00
CA THR P 153 -61.59 -174.52 -48.84
C THR P 153 -63.11 -174.53 -48.59
N ALA P 154 -63.88 -173.62 -49.20
CA ALA P 154 -65.31 -173.53 -48.88
C ALA P 154 -65.60 -173.38 -47.38
N LYS P 155 -64.66 -172.80 -46.61
CA LYS P 155 -64.82 -172.48 -45.18
C LYS P 155 -65.80 -171.33 -44.97
N ASN P 156 -65.72 -170.33 -45.86
CA ASN P 156 -66.61 -169.17 -45.85
C ASN P 156 -67.77 -169.35 -46.84
N ALA P 157 -67.47 -170.00 -47.99
CA ALA P 157 -68.38 -170.28 -49.10
C ALA P 157 -69.09 -168.99 -49.58
N ALA Q 2 -71.57 -178.99 -31.11
CA ALA Q 2 -72.89 -179.16 -31.80
C ALA Q 2 -72.97 -180.44 -32.64
N THR Q 3 -72.32 -180.50 -33.81
CA THR Q 3 -72.57 -181.52 -34.83
C THR Q 3 -71.99 -182.90 -34.50
N THR Q 4 -71.05 -182.99 -33.54
CA THR Q 4 -70.47 -184.28 -33.14
C THR Q 4 -70.60 -184.55 -31.64
N SER Q 5 -69.95 -183.74 -30.80
CA SER Q 5 -69.86 -184.04 -29.36
C SER Q 5 -69.21 -185.41 -29.08
N ALA Q 6 -68.31 -185.85 -29.98
CA ALA Q 6 -67.69 -187.17 -29.94
C ALA Q 6 -66.60 -187.26 -28.86
N SER Q 7 -66.41 -188.48 -28.33
CA SER Q 7 -65.48 -188.74 -27.23
C SER Q 7 -64.02 -188.80 -27.72
N HIS Q 8 -63.84 -189.16 -29.01
CA HIS Q 8 -62.53 -189.40 -29.59
C HIS Q 8 -62.50 -189.02 -31.07
N HIS Q 9 -61.31 -188.69 -31.59
CA HIS Q 9 -61.16 -188.10 -32.91
C HIS Q 9 -61.69 -188.99 -34.03
N VAL Q 10 -61.49 -190.30 -33.95
CA VAL Q 10 -61.95 -191.22 -34.99
C VAL Q 10 -63.47 -191.13 -35.14
N GLN Q 11 -64.20 -191.15 -34.03
CA GLN Q 11 -65.64 -190.99 -34.07
C GLN Q 11 -66.03 -189.58 -34.52
N ALA Q 12 -65.29 -188.55 -34.11
CA ALA Q 12 -65.56 -187.18 -34.51
C ALA Q 12 -65.55 -187.02 -36.03
N ILE Q 13 -64.51 -187.53 -36.70
CA ILE Q 13 -64.41 -187.41 -38.14
C ILE Q 13 -65.46 -188.25 -38.87
N ILE Q 14 -65.81 -189.42 -38.34
CA ILE Q 14 -66.95 -190.17 -38.88
C ILE Q 14 -68.21 -189.34 -38.80
N ASP Q 15 -68.50 -188.72 -37.65
CA ASP Q 15 -69.68 -187.90 -37.49
C ASP Q 15 -69.72 -186.73 -38.47
N LEU Q 16 -68.57 -186.07 -38.72
CA LEU Q 16 -68.49 -184.98 -39.70
C LEU Q 16 -68.79 -185.45 -41.12
N LEU Q 17 -68.23 -186.60 -41.50
CA LEU Q 17 -68.46 -187.15 -42.82
C LEU Q 17 -69.90 -187.61 -42.99
N GLU Q 18 -70.50 -188.24 -41.96
CA GLU Q 18 -71.90 -188.68 -42.01
C GLU Q 18 -72.89 -187.52 -42.00
N ALA Q 19 -72.53 -186.38 -41.39
CA ALA Q 19 -73.37 -185.18 -41.35
C ALA Q 19 -73.44 -184.43 -42.70
N ALA Q 20 -72.58 -184.78 -43.67
CA ALA Q 20 -72.57 -184.17 -45.00
C ALA Q 20 -73.89 -184.40 -45.73
N PRO Q 21 -74.57 -183.34 -46.24
CA PRO Q 21 -75.76 -183.49 -47.08
C PRO Q 21 -75.54 -184.33 -48.36
N ASP Q 22 -76.59 -185.02 -48.80
CA ASP Q 22 -76.57 -185.86 -50.01
C ASP Q 22 -76.25 -185.08 -51.29
N ALA Q 23 -76.37 -183.74 -51.23
CA ALA Q 23 -76.06 -182.84 -52.33
C ALA Q 23 -74.56 -182.52 -52.41
N ASP Q 24 -73.80 -182.68 -51.32
CA ASP Q 24 -72.40 -182.24 -51.25
C ASP Q 24 -71.39 -183.31 -51.70
N TRP Q 25 -71.84 -184.55 -51.85
CA TRP Q 25 -71.05 -185.58 -52.52
C TRP Q 25 -71.18 -185.42 -54.04
N THR Q 26 -70.06 -185.58 -54.75
CA THR Q 26 -70.00 -185.46 -56.20
C THR Q 26 -70.70 -186.63 -56.91
N PRO Q 27 -70.52 -187.91 -56.48
CA PRO Q 27 -71.26 -189.03 -57.07
C PRO Q 27 -72.78 -188.99 -56.89
N THR Q 28 -73.46 -189.86 -57.62
CA THR Q 28 -74.91 -189.95 -57.63
C THR Q 28 -75.45 -190.40 -56.26
N GLN Q 29 -74.65 -191.22 -55.55
CA GLN Q 29 -75.06 -191.85 -54.30
C GLN Q 29 -74.06 -191.55 -53.18
N THR Q 30 -74.60 -191.24 -51.99
CA THR Q 30 -73.78 -190.91 -50.81
C THR Q 30 -72.95 -192.12 -50.38
N PRO Q 31 -71.62 -191.98 -50.14
CA PRO Q 31 -70.77 -193.08 -49.66
C PRO Q 31 -71.18 -193.60 -48.28
N THR Q 32 -70.66 -194.79 -47.93
CA THR Q 32 -70.83 -195.36 -46.60
C THR Q 32 -69.56 -195.13 -45.79
N VAL Q 33 -69.70 -194.61 -44.56
CA VAL Q 33 -68.54 -194.30 -43.71
C VAL Q 33 -68.41 -195.35 -42.61
N LYS Q 34 -67.19 -195.88 -42.44
CA LYS Q 34 -66.89 -196.99 -41.54
C LYS Q 34 -65.58 -196.75 -40.79
N ARG Q 35 -65.42 -197.34 -39.60
CA ARG Q 35 -64.08 -197.48 -39.03
C ARG Q 35 -63.31 -198.50 -39.84
N TYR Q 36 -61.99 -198.39 -39.91
CA TYR Q 36 -61.20 -199.34 -40.68
C TYR Q 36 -61.43 -200.78 -40.21
N TRP Q 37 -61.62 -200.97 -38.90
CA TRP Q 37 -61.83 -202.26 -38.28
C TRP Q 37 -63.27 -202.81 -38.34
N ASP Q 38 -64.21 -202.14 -39.01
CA ASP Q 38 -65.57 -202.64 -39.14
C ASP Q 38 -65.68 -203.87 -40.07
N ASP Q 39 -64.73 -204.03 -41.02
CA ASP Q 39 -64.75 -205.08 -42.03
C ASP Q 39 -63.49 -205.96 -41.98
N ALA Q 40 -63.63 -207.26 -42.31
CA ALA Q 40 -62.47 -208.12 -42.49
C ALA Q 40 -61.85 -207.90 -43.87
N GLN Q 41 -60.58 -208.24 -44.03
CA GLN Q 41 -59.79 -207.84 -45.19
C GLN Q 41 -60.38 -208.34 -46.52
N SER Q 42 -60.84 -209.60 -46.57
CA SER Q 42 -61.43 -210.18 -47.78
C SER Q 42 -62.76 -209.53 -48.17
N GLU Q 43 -63.46 -208.95 -47.19
CA GLU Q 43 -64.71 -208.22 -47.40
C GLU Q 43 -64.48 -206.74 -47.68
N ARG Q 44 -63.30 -206.19 -47.35
CA ARG Q 44 -63.02 -204.76 -47.38
C ARG Q 44 -63.18 -204.19 -48.79
N GLY Q 45 -63.68 -202.95 -48.86
CA GLY Q 45 -64.09 -202.31 -50.09
C GLY Q 45 -65.52 -202.68 -50.49
N PRO Q 46 -66.18 -201.88 -51.35
CA PRO Q 46 -67.56 -202.15 -51.74
C PRO Q 46 -67.64 -203.37 -52.66
N GLY Q 47 -68.80 -204.03 -52.65
CA GLY Q 47 -69.22 -204.86 -53.77
C GLY Q 47 -69.74 -204.00 -54.93
N ALA Q 48 -69.87 -204.59 -56.11
CA ALA Q 48 -70.55 -203.96 -57.24
C ALA Q 48 -71.99 -203.59 -56.88
N ASP Q 49 -72.54 -202.57 -57.57
CA ASP Q 49 -73.93 -202.12 -57.40
C ASP Q 49 -74.22 -201.58 -55.98
N MET Q 50 -73.15 -201.22 -55.23
CA MET Q 50 -73.26 -200.60 -53.91
C MET Q 50 -72.41 -199.33 -53.84
N PRO Q 51 -72.78 -198.36 -52.97
CA PRO Q 51 -72.02 -197.11 -52.87
C PRO Q 51 -70.62 -197.33 -52.31
N ALA Q 52 -69.70 -196.46 -52.73
CA ALA Q 52 -68.29 -196.48 -52.32
C ALA Q 52 -68.12 -196.32 -50.80
N ILE Q 53 -66.99 -196.81 -50.26
CA ILE Q 53 -66.79 -196.92 -48.82
C ILE Q 53 -65.61 -196.07 -48.36
N LEU Q 54 -65.81 -195.33 -47.26
CA LEU Q 54 -64.75 -194.57 -46.59
C LEU Q 54 -64.39 -195.27 -45.29
N TYR Q 55 -63.09 -195.56 -45.11
CA TYR Q 55 -62.56 -196.13 -43.88
C TYR Q 55 -61.75 -195.09 -43.11
N VAL Q 56 -62.08 -194.92 -41.83
CA VAL Q 56 -61.46 -193.95 -40.93
C VAL Q 56 -60.70 -194.67 -39.82
N TRP Q 57 -59.47 -194.22 -39.51
CA TRP Q 57 -58.75 -194.63 -38.30
C TRP Q 57 -57.63 -193.64 -37.98
N SER Q 58 -57.01 -193.79 -36.79
CA SER Q 58 -55.91 -192.95 -36.36
C SER Q 58 -54.56 -193.64 -36.61
N PRO Q 59 -53.76 -193.25 -37.64
CA PRO Q 59 -52.61 -194.03 -38.07
C PRO Q 59 -51.32 -193.84 -37.26
N THR Q 60 -51.21 -192.72 -36.51
CA THR Q 60 -50.00 -192.34 -35.80
C THR Q 60 -50.30 -191.80 -34.41
N THR Q 61 -49.26 -191.72 -33.58
CA THR Q 61 -49.33 -191.25 -32.20
C THR Q 61 -49.94 -189.84 -32.12
N SER Q 62 -50.96 -189.68 -31.26
CA SER Q 62 -51.43 -188.36 -30.85
C SER Q 62 -50.49 -187.77 -29.80
N SER Q 63 -50.19 -186.46 -29.87
CA SER Q 63 -49.33 -185.75 -28.93
C SER Q 63 -50.15 -185.05 -27.85
N LEU Q 64 -49.64 -185.02 -26.60
CA LEU Q 64 -50.19 -184.20 -25.53
C LEU Q 64 -49.12 -183.23 -25.03
N ASP Q 65 -48.94 -182.10 -25.73
CA ASP Q 65 -48.00 -181.06 -25.30
C ASP Q 65 -48.55 -180.30 -24.09
N ARG Q 66 -47.66 -179.89 -23.18
CA ARG Q 66 -48.00 -178.98 -22.11
C ARG Q 66 -48.36 -177.62 -22.71
N PHE Q 67 -49.44 -177.00 -22.23
CA PHE Q 67 -49.81 -175.69 -22.77
C PHE Q 67 -49.15 -174.53 -22.03
N SER Q 68 -48.97 -174.70 -20.70
CA SER Q 68 -48.52 -173.63 -19.83
C SER Q 68 -48.04 -174.20 -18.50
N MET Q 69 -47.51 -173.34 -17.62
CA MET Q 69 -47.11 -173.79 -16.30
C MET Q 69 -48.30 -174.26 -15.48
N ASP Q 70 -49.52 -173.82 -15.80
CA ASP Q 70 -50.70 -174.07 -14.98
C ASP Q 70 -51.10 -175.55 -14.98
N GLY Q 71 -50.77 -176.29 -16.06
CA GLY Q 71 -51.11 -177.70 -16.18
C GLY Q 71 -52.61 -177.97 -16.33
N ASP Q 72 -53.42 -176.90 -16.45
CA ASP Q 72 -54.87 -176.96 -16.51
C ASP Q 72 -55.39 -177.54 -17.84
N VAL Q 73 -54.54 -177.62 -18.87
CA VAL Q 73 -54.94 -178.12 -20.18
C VAL Q 73 -53.78 -178.69 -20.99
N PHE Q 74 -54.05 -179.68 -21.85
CA PHE Q 74 -53.09 -180.22 -22.83
C PHE Q 74 -53.41 -179.71 -24.24
N ASP Q 75 -52.36 -179.42 -25.01
CA ASP Q 75 -52.49 -179.15 -26.43
C ASP Q 75 -52.46 -180.49 -27.17
N GLN Q 76 -53.66 -181.07 -27.38
CA GLN Q 76 -53.81 -182.29 -28.15
C GLN Q 76 -53.53 -182.01 -29.62
N ASN Q 77 -52.64 -182.80 -30.22
CA ASN Q 77 -52.57 -182.90 -31.67
C ASN Q 77 -52.82 -184.34 -32.11
N ASP Q 78 -53.85 -184.55 -32.95
CA ASP Q 78 -54.41 -185.83 -33.33
C ASP Q 78 -54.37 -186.01 -34.84
N SER Q 79 -54.15 -187.26 -35.29
CA SER Q 79 -54.01 -187.57 -36.70
C SER Q 79 -55.00 -188.66 -37.11
N ILE Q 80 -55.51 -188.55 -38.34
CA ILE Q 80 -56.46 -189.47 -38.94
C ILE Q 80 -56.13 -189.70 -40.42
N GLU Q 81 -56.32 -190.93 -40.90
CA GLU Q 81 -56.41 -191.18 -42.33
C GLU Q 81 -57.84 -191.61 -42.67
N VAL Q 82 -58.36 -191.05 -43.77
CA VAL Q 82 -59.60 -191.49 -44.38
C VAL Q 82 -59.26 -192.05 -45.75
N GLN Q 83 -59.35 -193.38 -45.92
CA GLN Q 83 -59.24 -194.01 -47.23
C GLN Q 83 -60.61 -194.14 -47.88
N ALA Q 84 -60.66 -193.94 -49.20
CA ALA Q 84 -61.82 -194.20 -50.05
C ALA Q 84 -61.53 -195.39 -50.95
N TRP Q 85 -62.43 -196.38 -50.99
CA TRP Q 85 -62.33 -197.55 -51.87
C TRP Q 85 -63.50 -197.56 -52.87
N SER Q 86 -63.19 -197.71 -54.17
CA SER Q 86 -64.16 -197.95 -55.22
C SER Q 86 -63.51 -198.66 -56.41
N PHE Q 87 -64.32 -199.25 -57.31
CA PHE Q 87 -63.84 -199.81 -58.56
C PHE Q 87 -63.61 -198.74 -59.63
N ASP Q 88 -64.16 -197.53 -59.47
CA ASP Q 88 -64.04 -196.46 -60.45
C ASP Q 88 -62.94 -195.48 -60.07
N GLU Q 89 -61.89 -195.37 -60.92
CA GLU Q 89 -60.78 -194.46 -60.70
C GLU Q 89 -61.25 -193.00 -60.58
N THR Q 90 -62.35 -192.65 -61.26
CA THR Q 90 -62.96 -191.33 -61.23
C THR Q 90 -63.66 -191.09 -59.89
N GLU Q 91 -64.24 -192.15 -59.33
CA GLU Q 91 -65.05 -192.03 -58.13
C GLU Q 91 -64.17 -191.91 -56.89
N VAL Q 92 -63.08 -192.67 -56.78
CA VAL Q 92 -62.13 -192.44 -55.70
C VAL Q 92 -61.51 -191.03 -55.78
N GLU Q 93 -61.27 -190.54 -56.99
CA GLU Q 93 -60.76 -189.18 -57.19
C GLU Q 93 -61.78 -188.15 -56.71
N GLN Q 94 -63.02 -188.29 -57.15
CA GLN Q 94 -64.09 -187.40 -56.73
C GLN Q 94 -64.35 -187.47 -55.22
N LEU Q 95 -64.31 -188.67 -54.61
CA LEU Q 95 -64.43 -188.83 -53.17
C LEU Q 95 -63.27 -188.17 -52.42
N GLN Q 96 -62.03 -188.31 -52.89
CA GLN Q 96 -60.91 -187.66 -52.24
C GLN Q 96 -61.11 -186.14 -52.25
N GLY Q 97 -61.46 -185.58 -53.42
CA GLY Q 97 -61.85 -184.18 -53.55
C GLY Q 97 -62.98 -183.79 -52.59
N ASP Q 98 -64.05 -184.58 -52.53
CA ASP Q 98 -65.18 -184.34 -51.63
C ASP Q 98 -64.75 -184.35 -50.15
N ILE Q 99 -63.95 -185.32 -49.71
CA ILE Q 99 -63.50 -185.37 -48.32
C ILE Q 99 -62.74 -184.10 -47.95
N VAL Q 100 -61.88 -183.61 -48.85
CA VAL Q 100 -61.23 -182.32 -48.65
C VAL Q 100 -62.27 -181.22 -48.52
N GLN Q 101 -63.24 -181.09 -49.44
CA GLN Q 101 -64.26 -180.04 -49.35
C GLN Q 101 -65.21 -180.17 -48.16
N ILE Q 102 -65.39 -181.37 -47.62
CA ILE Q 102 -66.23 -181.60 -46.45
C ILE Q 102 -65.44 -181.20 -45.19
N LEU Q 103 -64.25 -181.77 -45.02
CA LEU Q 103 -63.45 -181.52 -43.84
C LEU Q 103 -62.69 -180.19 -43.88
N SER Q 104 -62.83 -179.39 -44.95
CA SER Q 104 -62.42 -177.99 -44.98
C SER Q 104 -63.52 -177.06 -44.46
N GLU Q 105 -64.77 -177.52 -44.31
CA GLU Q 105 -65.60 -176.86 -43.30
C GLU Q 105 -64.95 -177.12 -41.95
N TYR Q 106 -65.37 -176.42 -40.89
CA TYR Q 106 -64.85 -176.69 -39.54
C TYR Q 106 -63.36 -176.35 -39.37
N LEU Q 107 -62.72 -175.72 -40.37
CA LEU Q 107 -61.27 -175.54 -40.42
C LEU Q 107 -60.71 -174.82 -39.20
N ASP Q 108 -61.48 -173.86 -38.64
CA ASP Q 108 -61.07 -173.11 -37.45
C ASP Q 108 -62.24 -172.87 -36.50
N ASP Q 109 -62.96 -173.94 -36.15
CA ASP Q 109 -63.97 -173.87 -35.10
C ASP Q 109 -63.37 -173.41 -33.78
N ASN Q 110 -63.94 -172.40 -33.14
CA ASN Q 110 -63.69 -172.21 -31.71
C ASN Q 110 -64.52 -173.25 -30.93
N GLU Q 111 -64.36 -174.54 -31.26
CA GLU Q 111 -65.13 -175.65 -30.68
C GLU Q 111 -66.64 -175.45 -30.82
N VAL Q 112 -67.07 -174.93 -31.98
CA VAL Q 112 -68.49 -174.61 -32.25
C VAL Q 112 -69.25 -175.83 -32.73
N GLN Q 113 -68.87 -176.38 -33.90
CA GLN Q 113 -69.50 -177.58 -34.44
C GLN Q 113 -68.82 -178.80 -33.82
N THR Q 114 -67.51 -178.90 -34.03
CA THR Q 114 -66.62 -179.92 -33.49
C THR Q 114 -66.22 -179.63 -32.04
N PRO Q 115 -65.60 -180.58 -31.31
CA PRO Q 115 -64.97 -180.32 -30.03
C PRO Q 115 -63.51 -179.86 -30.14
N TYR Q 116 -63.10 -179.31 -31.29
CA TYR Q 116 -61.70 -178.98 -31.58
C TYR Q 116 -61.53 -177.52 -32.02
N SER Q 117 -60.29 -177.01 -31.89
CA SER Q 117 -59.94 -175.68 -32.40
C SER Q 117 -59.78 -175.70 -33.92
N ASP Q 118 -59.40 -176.86 -34.45
CA ASP Q 118 -58.96 -177.02 -35.83
C ASP Q 118 -59.15 -178.49 -36.22
N VAL Q 119 -59.91 -178.72 -37.29
CA VAL Q 119 -59.83 -179.94 -38.08
C VAL Q 119 -59.38 -179.55 -39.48
N ALA Q 120 -58.25 -180.10 -39.96
CA ALA Q 120 -57.74 -179.77 -41.28
C ALA Q 120 -57.28 -181.00 -42.05
N PRO Q 121 -57.68 -181.13 -43.33
CA PRO Q 121 -56.90 -181.95 -44.26
C PRO Q 121 -55.48 -181.37 -44.29
N THR Q 122 -54.45 -182.24 -44.16
CA THR Q 122 -53.07 -181.80 -44.22
C THR Q 122 -52.30 -182.44 -45.37
N GLY Q 123 -52.87 -183.50 -45.94
CA GLY Q 123 -52.29 -184.09 -47.13
C GLY Q 123 -53.24 -185.07 -47.79
N THR Q 124 -52.88 -185.49 -49.01
CA THR Q 124 -53.68 -186.45 -49.75
C THR Q 124 -52.77 -187.48 -50.42
N ASN Q 125 -53.20 -188.74 -50.44
CA ASN Q 125 -52.48 -189.80 -51.12
C ASN Q 125 -53.32 -190.39 -52.24
N ASP Q 126 -52.62 -190.78 -53.30
CA ASP Q 126 -53.17 -191.57 -54.39
C ASP Q 126 -52.44 -192.92 -54.40
N PHE Q 127 -53.19 -194.03 -54.38
CA PHE Q 127 -52.61 -195.35 -54.47
C PHE Q 127 -53.10 -196.13 -55.71
N ARG Q 128 -53.73 -195.46 -56.69
CA ARG Q 128 -54.35 -196.13 -57.82
C ARG Q 128 -53.33 -197.01 -58.56
N GLU Q 129 -52.07 -196.59 -58.62
CA GLU Q 129 -51.00 -197.33 -59.28
C GLU Q 129 -50.76 -198.71 -58.66
N GLN Q 130 -51.27 -198.97 -57.47
CA GLN Q 130 -51.13 -200.26 -56.80
C GLN Q 130 -52.13 -201.30 -57.31
N THR Q 131 -53.26 -200.87 -57.89
CA THR Q 131 -54.30 -201.77 -58.37
C THR Q 131 -53.81 -202.48 -59.64
N PRO Q 132 -53.72 -203.83 -59.67
CA PRO Q 132 -53.36 -204.55 -60.90
C PRO Q 132 -54.45 -204.36 -61.97
N ALA Q 133 -54.05 -204.27 -63.23
CA ALA Q 133 -54.98 -203.95 -64.31
C ALA Q 133 -55.82 -205.15 -64.81
N ARG Q 134 -55.29 -206.40 -64.70
CA ARG Q 134 -55.98 -207.59 -65.21
C ARG Q 134 -57.31 -207.81 -64.48
N THR Q 135 -57.23 -207.84 -63.15
CA THR Q 135 -58.35 -208.07 -62.25
C THR Q 135 -59.22 -206.82 -62.15
N THR Q 136 -60.54 -207.00 -62.10
CA THR Q 136 -61.36 -206.03 -61.41
C THR Q 136 -60.92 -206.00 -59.94
N GLY Q 137 -60.81 -204.80 -59.36
CA GLY Q 137 -60.28 -204.65 -58.01
C GLY Q 137 -60.39 -203.19 -57.55
N HIS Q 138 -60.27 -202.97 -56.24
CA HIS Q 138 -60.42 -201.63 -55.70
C HIS Q 138 -59.25 -200.73 -56.06
N TYR Q 139 -59.59 -199.53 -56.53
CA TYR Q 139 -58.72 -198.37 -56.43
C TYR Q 139 -58.84 -197.76 -55.04
N ILE Q 140 -57.74 -197.17 -54.53
CA ILE Q 140 -57.73 -196.50 -53.24
C ILE Q 140 -57.12 -195.10 -53.37
N MET Q 141 -57.77 -194.11 -52.74
CA MET Q 141 -57.20 -192.79 -52.54
C MET Q 141 -57.52 -192.36 -51.10
N SER Q 142 -56.70 -191.48 -50.50
CA SER Q 142 -56.93 -191.09 -49.11
C SER Q 142 -56.66 -189.61 -48.85
N VAL Q 143 -57.27 -189.15 -47.75
CA VAL Q 143 -56.98 -187.85 -47.15
C VAL Q 143 -56.41 -188.10 -45.76
N GLU Q 144 -55.27 -187.46 -45.48
CA GLU Q 144 -54.76 -187.37 -44.12
C GLU Q 144 -55.26 -186.09 -43.48
N VAL Q 145 -55.77 -186.22 -42.27
CA VAL Q 145 -56.44 -185.15 -41.55
C VAL Q 145 -55.78 -185.02 -40.19
N GLU Q 146 -55.58 -183.77 -39.75
CA GLU Q 146 -55.07 -183.50 -38.41
C GLU Q 146 -56.07 -182.64 -37.65
N THR Q 147 -55.91 -182.65 -36.33
CA THR Q 147 -56.93 -182.13 -35.45
C THR Q 147 -56.26 -181.62 -34.18
N ARG Q 148 -56.56 -180.37 -33.80
CA ARG Q 148 -55.87 -179.74 -32.69
C ARG Q 148 -56.87 -179.05 -31.77
N GLY Q 149 -56.60 -179.14 -30.46
CA GLY Q 149 -57.51 -178.58 -29.48
C GLY Q 149 -56.91 -178.62 -28.07
N LEU Q 150 -57.56 -177.88 -27.17
CA LEU Q 150 -57.17 -177.84 -25.77
C LEU Q 150 -58.03 -178.82 -24.98
N SER Q 151 -57.38 -179.79 -24.32
CA SER Q 151 -58.01 -180.94 -23.68
C SER Q 151 -57.78 -180.91 -22.17
N GLU Q 152 -58.85 -181.05 -21.36
CA GLU Q 152 -58.77 -180.81 -19.92
C GLU Q 152 -57.85 -181.77 -19.14
N THR Q 153 -57.55 -181.39 -17.89
CA THR Q 153 -56.74 -182.18 -16.97
C THR Q 153 -57.39 -182.24 -15.59
N ALA Q 154 -56.89 -183.17 -14.76
CA ALA Q 154 -57.47 -183.42 -13.44
C ALA Q 154 -56.74 -182.67 -12.31
N LYS Q 155 -55.53 -182.16 -12.55
CA LYS Q 155 -54.69 -181.49 -11.55
C LYS Q 155 -55.44 -180.39 -10.77
N ASN Q 156 -56.27 -179.62 -11.47
CA ASN Q 156 -56.95 -178.46 -10.92
C ASN Q 156 -58.45 -178.66 -10.58
N ALA Q 157 -58.87 -179.92 -10.36
CA ALA Q 157 -60.03 -180.35 -9.58
C ALA Q 157 -61.36 -179.61 -9.93
N ALA R 2 -45.74 -190.12 -0.80
CA ALA R 2 -47.04 -190.48 -0.14
C ALA R 2 -47.74 -191.67 -0.81
N THR R 3 -48.25 -191.53 -2.05
CA THR R 3 -49.09 -192.57 -2.65
C THR R 3 -48.32 -193.77 -3.23
N THR R 4 -47.02 -193.62 -3.60
CA THR R 4 -46.27 -194.70 -4.26
C THR R 4 -44.93 -195.02 -3.60
N SER R 5 -43.96 -194.10 -3.69
CA SER R 5 -42.60 -194.27 -3.15
C SER R 5 -41.86 -195.53 -3.66
N ALA R 6 -42.29 -196.09 -4.80
CA ALA R 6 -41.63 -197.23 -5.42
C ALA R 6 -40.27 -196.85 -6.02
N SER R 7 -39.35 -197.81 -6.13
CA SER R 7 -37.96 -197.54 -6.55
C SER R 7 -37.83 -197.28 -8.07
N HIS R 8 -38.88 -197.62 -8.83
CA HIS R 8 -38.84 -197.64 -10.28
C HIS R 8 -40.17 -197.18 -10.87
N HIS R 9 -40.10 -196.55 -12.03
CA HIS R 9 -41.23 -195.89 -12.65
C HIS R 9 -42.39 -196.84 -12.95
N VAL R 10 -42.12 -198.08 -13.39
CA VAL R 10 -43.18 -199.00 -13.76
C VAL R 10 -44.09 -199.27 -12.57
N GLN R 11 -43.49 -199.60 -11.43
CA GLN R 11 -44.27 -199.81 -10.22
C GLN R 11 -44.92 -198.52 -9.72
N ALA R 12 -44.27 -197.37 -9.88
CA ALA R 12 -44.85 -196.09 -9.52
C ALA R 12 -46.17 -195.86 -10.28
N ILE R 13 -46.18 -196.04 -11.61
CA ILE R 13 -47.40 -195.85 -12.39
C ILE R 13 -48.47 -196.90 -12.05
N ILE R 14 -48.07 -198.15 -11.80
CA ILE R 14 -49.00 -199.16 -11.32
C ILE R 14 -49.66 -198.72 -10.01
N ASP R 15 -48.87 -198.23 -9.05
CA ASP R 15 -49.37 -197.70 -7.78
C ASP R 15 -50.31 -196.51 -7.96
N LEU R 16 -50.06 -195.63 -8.95
CA LEU R 16 -50.94 -194.51 -9.26
C LEU R 16 -52.26 -194.99 -9.87
N LEU R 17 -52.21 -195.94 -10.80
CA LEU R 17 -53.41 -196.48 -11.43
C LEU R 17 -54.25 -197.27 -10.43
N GLU R 18 -53.63 -198.08 -9.56
CA GLU R 18 -54.34 -198.82 -8.52
C GLU R 18 -54.93 -197.93 -7.44
N ALA R 19 -54.30 -196.78 -7.12
CA ALA R 19 -54.80 -195.86 -6.10
C ALA R 19 -56.08 -195.12 -6.52
N ALA R 20 -56.42 -195.12 -7.81
CA ALA R 20 -57.55 -194.39 -8.37
C ALA R 20 -58.88 -194.85 -7.77
N PRO R 21 -59.78 -193.92 -7.34
CA PRO R 21 -61.13 -194.29 -6.91
C PRO R 21 -61.92 -194.99 -8.01
N ASP R 22 -62.77 -195.93 -7.61
CA ASP R 22 -63.71 -196.60 -8.49
C ASP R 22 -64.63 -195.61 -9.21
N ALA R 23 -64.92 -194.47 -8.57
CA ALA R 23 -65.74 -193.39 -9.14
C ALA R 23 -65.06 -192.67 -10.31
N ASP R 24 -63.74 -192.80 -10.46
CA ASP R 24 -62.95 -192.12 -11.50
C ASP R 24 -62.65 -193.01 -12.70
N TRP R 25 -63.27 -194.19 -12.79
CA TRP R 25 -63.33 -194.98 -14.02
C TRP R 25 -64.71 -194.86 -14.66
N THR R 26 -64.73 -194.67 -15.98
CA THR R 26 -65.96 -194.47 -16.76
C THR R 26 -66.79 -195.75 -16.89
N PRO R 27 -66.20 -196.94 -17.18
CA PRO R 27 -66.97 -198.19 -17.26
C PRO R 27 -67.65 -198.63 -15.97
N THR R 28 -68.40 -199.73 -16.07
CA THR R 28 -69.22 -200.25 -14.97
C THR R 28 -68.36 -200.77 -13.82
N GLN R 29 -67.15 -201.27 -14.13
CA GLN R 29 -66.22 -201.81 -13.15
C GLN R 29 -64.77 -201.35 -13.39
N THR R 30 -64.02 -201.25 -12.29
CA THR R 30 -62.63 -200.81 -12.29
C THR R 30 -61.72 -201.83 -12.97
N PRO R 31 -60.89 -201.42 -13.97
CA PRO R 31 -59.91 -202.30 -14.60
C PRO R 31 -58.87 -202.88 -13.65
N THR R 32 -58.18 -203.91 -14.13
CA THR R 32 -57.10 -204.60 -13.40
C THR R 32 -55.75 -204.17 -13.96
N VAL R 33 -54.80 -203.82 -13.08
CA VAL R 33 -53.51 -203.25 -13.47
C VAL R 33 -52.38 -204.28 -13.31
N LYS R 34 -51.56 -204.47 -14.35
CA LYS R 34 -50.53 -205.50 -14.38
C LYS R 34 -49.21 -204.99 -14.96
N ARG R 35 -48.08 -205.52 -14.45
CA ARG R 35 -46.81 -205.42 -15.15
C ARG R 35 -46.97 -206.17 -16.47
N TYR R 36 -46.35 -205.73 -17.56
CA TYR R 36 -46.58 -206.38 -18.85
C TYR R 36 -46.20 -207.86 -18.80
N TRP R 37 -45.15 -208.19 -18.05
CA TRP R 37 -44.65 -209.56 -17.87
C TRP R 37 -45.35 -210.36 -16.76
N ASP R 38 -46.49 -209.88 -16.22
CA ASP R 38 -47.33 -210.67 -15.34
C ASP R 38 -48.04 -211.82 -16.08
N ASP R 39 -48.33 -211.66 -17.38
CA ASP R 39 -49.13 -212.61 -18.16
C ASP R 39 -48.35 -213.22 -19.32
N ALA R 40 -48.67 -214.46 -19.70
CA ALA R 40 -48.15 -215.06 -20.92
C ALA R 40 -48.95 -214.58 -22.13
N GLN R 41 -48.33 -214.56 -23.31
CA GLN R 41 -48.90 -213.91 -24.50
C GLN R 41 -50.28 -214.46 -24.91
N SER R 42 -50.45 -215.79 -24.93
CA SER R 42 -51.73 -216.40 -25.31
C SER R 42 -52.85 -216.12 -24.31
N GLU R 43 -52.49 -215.81 -23.05
CA GLU R 43 -53.43 -215.44 -22.00
C GLU R 43 -53.66 -213.92 -21.93
N ARG R 44 -52.78 -213.11 -22.55
CA ARG R 44 -52.78 -211.66 -22.42
C ARG R 44 -54.11 -211.07 -22.92
N GLY R 45 -54.54 -209.99 -22.24
CA GLY R 45 -55.86 -209.41 -22.36
C GLY R 45 -56.87 -210.09 -21.44
N PRO R 46 -58.04 -209.45 -21.16
CA PRO R 46 -59.08 -210.08 -20.36
C PRO R 46 -59.70 -211.25 -21.11
N GLY R 47 -60.35 -212.16 -20.36
CA GLY R 47 -61.38 -213.03 -20.91
C GLY R 47 -62.76 -212.36 -20.85
N ALA R 48 -63.73 -212.92 -21.56
CA ALA R 48 -65.11 -212.47 -21.38
C ALA R 48 -65.54 -212.66 -19.92
N ASP R 49 -66.48 -211.80 -19.47
CA ASP R 49 -66.99 -211.79 -18.09
C ASP R 49 -65.90 -211.51 -17.03
N MET R 50 -64.81 -210.85 -17.46
CA MET R 50 -63.84 -210.23 -16.55
C MET R 50 -63.63 -208.77 -16.93
N PRO R 51 -63.31 -207.87 -15.98
CA PRO R 51 -63.07 -206.46 -16.30
C PRO R 51 -61.79 -206.29 -17.14
N ALA R 52 -61.68 -205.14 -17.82
CA ALA R 52 -60.58 -204.83 -18.72
C ALA R 52 -59.22 -204.80 -18.00
N ILE R 53 -58.12 -205.03 -18.75
CA ILE R 53 -56.79 -205.12 -18.16
C ILE R 53 -55.87 -204.04 -18.73
N LEU R 54 -55.07 -203.43 -17.84
CA LEU R 54 -54.04 -202.45 -18.19
C LEU R 54 -52.66 -203.08 -17.99
N TYR R 55 -51.82 -203.08 -19.04
CA TYR R 55 -50.44 -203.54 -18.96
C TYR R 55 -49.47 -202.35 -19.03
N VAL R 56 -48.56 -202.30 -18.05
CA VAL R 56 -47.64 -201.18 -17.88
C VAL R 56 -46.21 -201.67 -18.02
N TRP R 57 -45.36 -200.94 -18.76
CA TRP R 57 -43.92 -201.18 -18.81
C TRP R 57 -43.14 -199.94 -19.26
N SER R 58 -41.80 -200.02 -19.21
CA SER R 58 -40.94 -198.96 -19.72
C SER R 58 -40.42 -199.31 -21.11
N PRO R 59 -40.93 -198.70 -22.22
CA PRO R 59 -40.58 -199.18 -23.57
C PRO R 59 -39.24 -198.72 -24.11
N THR R 60 -38.67 -197.66 -23.54
CA THR R 60 -37.45 -197.03 -24.03
C THR R 60 -36.55 -196.56 -22.88
N THR R 61 -35.26 -196.34 -23.19
CA THR R 61 -34.22 -195.95 -22.26
C THR R 61 -34.59 -194.69 -21.47
N SER R 62 -34.53 -194.75 -20.12
CA SER R 62 -34.56 -193.54 -19.31
C SER R 62 -33.22 -192.81 -19.41
N SER R 63 -33.24 -191.48 -19.61
CA SER R 63 -32.03 -190.65 -19.61
C SER R 63 -31.62 -190.32 -18.18
N LEU R 64 -30.30 -190.25 -17.95
CA LEU R 64 -29.73 -189.69 -16.73
C LEU R 64 -28.83 -188.50 -17.12
N ASP R 65 -29.44 -187.32 -17.23
CA ASP R 65 -28.70 -186.11 -17.56
C ASP R 65 -28.02 -185.53 -16.31
N ARG R 66 -26.81 -184.97 -16.50
CA ARG R 66 -26.14 -184.21 -15.45
C ARG R 66 -26.95 -182.94 -15.15
N PHE R 67 -27.14 -182.64 -13.86
CA PHE R 67 -27.87 -181.44 -13.48
C PHE R 67 -26.96 -180.23 -13.25
N SER R 68 -25.74 -180.46 -12.76
CA SER R 68 -24.81 -179.36 -12.49
C SER R 68 -23.36 -179.84 -12.31
N MET R 69 -22.41 -178.91 -12.18
CA MET R 69 -21.03 -179.24 -11.84
C MET R 69 -20.91 -179.86 -10.45
N ASP R 70 -21.95 -179.81 -9.60
CA ASP R 70 -21.89 -180.48 -8.30
C ASP R 70 -21.84 -182.01 -8.44
N GLY R 71 -22.47 -182.54 -9.49
CA GLY R 71 -22.68 -183.97 -9.67
C GLY R 71 -23.57 -184.59 -8.60
N ASP R 72 -24.50 -183.82 -8.08
CA ASP R 72 -25.23 -184.16 -6.86
C ASP R 72 -26.57 -184.85 -7.12
N VAL R 73 -27.14 -184.63 -8.31
CA VAL R 73 -28.36 -185.30 -8.76
C VAL R 73 -28.29 -185.53 -10.26
N PHE R 74 -29.02 -186.55 -10.74
CA PHE R 74 -29.31 -186.71 -12.15
C PHE R 74 -30.70 -186.13 -12.44
N ASP R 75 -30.80 -185.34 -13.50
CA ASP R 75 -32.07 -185.05 -14.15
C ASP R 75 -32.48 -186.32 -14.89
N GLN R 76 -33.41 -187.06 -14.29
CA GLN R 76 -33.81 -188.36 -14.81
C GLN R 76 -35.14 -188.23 -15.52
N ASN R 77 -35.18 -188.65 -16.79
CA ASN R 77 -36.39 -188.66 -17.60
C ASN R 77 -36.79 -190.11 -17.90
N ASP R 78 -37.96 -190.53 -17.41
CA ASP R 78 -38.43 -191.91 -17.42
C ASP R 78 -39.61 -192.06 -18.39
N SER R 79 -39.53 -193.10 -19.23
CA SER R 79 -40.50 -193.41 -20.26
C SER R 79 -41.36 -194.61 -19.86
N ILE R 80 -42.68 -194.52 -20.08
CA ILE R 80 -43.65 -195.58 -19.78
C ILE R 80 -44.71 -195.67 -20.88
N GLU R 81 -45.23 -196.89 -21.08
CA GLU R 81 -46.46 -197.08 -21.84
C GLU R 81 -47.47 -197.88 -21.01
N VAL R 82 -48.74 -197.48 -21.10
CA VAL R 82 -49.88 -198.19 -20.54
C VAL R 82 -50.78 -198.62 -21.69
N GLN R 83 -50.99 -199.93 -21.87
CA GLN R 83 -51.94 -200.46 -22.85
C GLN R 83 -53.24 -200.88 -22.17
N ALA R 84 -54.38 -200.44 -22.72
CA ALA R 84 -55.70 -200.90 -22.35
C ALA R 84 -56.15 -202.03 -23.29
N TRP R 85 -56.52 -203.21 -22.76
CA TRP R 85 -57.01 -204.34 -23.53
C TRP R 85 -58.47 -204.66 -23.18
N SER R 86 -59.36 -204.73 -24.19
CA SER R 86 -60.73 -205.18 -24.00
C SER R 86 -61.34 -205.72 -25.31
N PHE R 87 -62.40 -206.52 -25.20
CA PHE R 87 -63.20 -206.94 -26.34
C PHE R 87 -64.18 -205.86 -26.81
N ASP R 88 -64.36 -204.77 -26.03
CA ASP R 88 -65.25 -203.66 -26.37
C ASP R 88 -64.45 -202.49 -26.94
N GLU R 89 -64.67 -202.19 -28.23
CA GLU R 89 -64.01 -201.11 -28.97
C GLU R 89 -64.28 -199.70 -28.40
N THR R 90 -65.34 -199.55 -27.59
CA THR R 90 -65.68 -198.30 -26.91
C THR R 90 -65.08 -198.27 -25.50
N GLU R 91 -64.91 -199.44 -24.87
CA GLU R 91 -64.32 -199.52 -23.54
C GLU R 91 -62.84 -199.15 -23.59
N VAL R 92 -62.09 -199.63 -24.59
CA VAL R 92 -60.69 -199.24 -24.72
C VAL R 92 -60.53 -197.72 -24.87
N GLU R 93 -61.48 -197.08 -25.55
CA GLU R 93 -61.50 -195.64 -25.76
C GLU R 93 -61.78 -194.90 -24.44
N GLN R 94 -62.76 -195.40 -23.66
CA GLN R 94 -63.05 -194.88 -22.34
C GLN R 94 -61.86 -195.07 -21.39
N LEU R 95 -61.20 -196.22 -21.44
CA LEU R 95 -60.00 -196.47 -20.65
C LEU R 95 -58.88 -195.51 -21.04
N GLN R 96 -58.65 -195.26 -22.32
CA GLN R 96 -57.65 -194.27 -22.72
C GLN R 96 -57.98 -192.91 -22.11
N GLY R 97 -59.22 -192.44 -22.27
CA GLY R 97 -59.71 -191.20 -21.68
C GLY R 97 -59.49 -191.17 -20.16
N ASP R 98 -59.85 -192.26 -19.48
CA ASP R 98 -59.67 -192.40 -18.04
C ASP R 98 -58.19 -192.33 -17.64
N ILE R 99 -57.30 -193.07 -18.31
CA ILE R 99 -55.89 -193.13 -17.94
C ILE R 99 -55.25 -191.74 -18.08
N VAL R 100 -55.55 -191.03 -19.18
CA VAL R 100 -55.09 -189.65 -19.35
C VAL R 100 -55.61 -188.78 -18.21
N GLN R 101 -56.87 -188.92 -17.78
CA GLN R 101 -57.40 -188.17 -16.67
C GLN R 101 -56.70 -188.52 -15.35
N ILE R 102 -56.61 -189.80 -15.00
CA ILE R 102 -56.02 -190.27 -13.74
C ILE R 102 -54.58 -189.77 -13.60
N LEU R 103 -53.76 -189.97 -14.64
CA LEU R 103 -52.38 -189.52 -14.63
C LEU R 103 -52.21 -188.02 -14.94
N SER R 104 -53.29 -187.27 -15.16
CA SER R 104 -53.22 -185.81 -15.27
C SER R 104 -53.44 -185.13 -13.91
N GLU R 105 -53.71 -185.89 -12.84
CA GLU R 105 -53.31 -185.42 -11.53
C GLU R 105 -51.78 -185.53 -11.46
N TYR R 106 -51.14 -185.21 -10.33
CA TYR R 106 -49.71 -185.44 -10.16
C TYR R 106 -48.80 -184.59 -11.06
N LEU R 107 -49.36 -183.82 -12.02
CA LEU R 107 -48.66 -183.27 -13.17
C LEU R 107 -47.41 -182.48 -12.79
N ASP R 108 -47.47 -181.77 -11.66
CA ASP R 108 -46.33 -181.01 -11.17
C ASP R 108 -46.16 -181.16 -9.66
N ASP R 109 -46.27 -182.39 -9.16
CA ASP R 109 -45.83 -182.70 -7.81
C ASP R 109 -44.37 -182.24 -7.60
N ASN R 110 -44.08 -181.36 -6.66
CA ASN R 110 -42.71 -181.27 -6.16
C ASN R 110 -42.46 -182.46 -5.21
N GLU R 111 -42.61 -183.69 -5.72
CA GLU R 111 -42.51 -184.94 -4.97
C GLU R 111 -43.52 -185.05 -3.81
N VAL R 112 -44.74 -184.54 -4.02
CA VAL R 112 -45.78 -184.52 -3.00
C VAL R 112 -46.41 -185.91 -2.83
N GLN R 113 -47.09 -186.40 -3.87
CA GLN R 113 -47.71 -187.73 -3.85
C GLN R 113 -46.69 -188.77 -4.33
N THR R 114 -46.12 -188.50 -5.50
CA THR R 114 -45.15 -189.33 -6.20
C THR R 114 -43.71 -189.03 -5.76
N PRO R 115 -42.74 -189.91 -6.10
CA PRO R 115 -41.31 -189.60 -5.96
C PRO R 115 -40.73 -188.85 -7.16
N TYR R 116 -41.53 -187.96 -7.80
CA TYR R 116 -41.15 -187.30 -9.05
C TYR R 116 -41.56 -185.83 -9.06
N SER R 117 -40.92 -185.03 -9.91
CA SER R 117 -41.29 -183.63 -10.17
C SER R 117 -42.50 -183.54 -11.10
N ASP R 118 -42.67 -184.55 -11.95
CA ASP R 118 -43.58 -184.50 -13.07
C ASP R 118 -43.89 -185.93 -13.48
N VAL R 119 -45.19 -186.26 -13.51
CA VAL R 119 -45.71 -187.41 -14.23
C VAL R 119 -46.72 -186.88 -15.24
N ALA R 120 -46.55 -187.17 -16.53
CA ALA R 120 -47.46 -186.67 -17.56
C ALA R 120 -47.74 -187.73 -18.63
N PRO R 121 -49.01 -187.88 -19.05
CA PRO R 121 -49.28 -188.42 -20.39
C PRO R 121 -48.64 -187.44 -21.38
N THR R 122 -47.98 -187.98 -22.41
CA THR R 122 -47.37 -187.15 -23.45
C THR R 122 -47.79 -187.55 -24.86
N GLY R 123 -48.41 -188.72 -24.99
CA GLY R 123 -48.99 -189.13 -26.25
C GLY R 123 -49.98 -190.29 -26.06
N THR R 124 -50.75 -190.59 -27.09
CA THR R 124 -51.70 -191.70 -27.05
C THR R 124 -51.75 -192.39 -28.41
N ASN R 125 -51.96 -193.72 -28.39
CA ASN R 125 -52.11 -194.50 -29.60
C ASN R 125 -53.47 -195.19 -29.63
N ASP R 126 -54.00 -195.31 -30.85
CA ASP R 126 -55.11 -196.20 -31.14
C ASP R 126 -54.56 -197.36 -31.99
N PHE R 127 -54.88 -198.61 -31.61
CA PHE R 127 -54.56 -199.78 -32.40
C PHE R 127 -55.81 -200.58 -32.79
N ARG R 128 -57.01 -200.00 -32.67
CA ARG R 128 -58.26 -200.67 -33.01
C ARG R 128 -58.31 -201.10 -34.48
N GLU R 129 -57.59 -200.41 -35.37
CA GLU R 129 -57.52 -200.79 -36.77
C GLU R 129 -56.92 -202.18 -37.00
N GLN R 130 -56.19 -202.72 -36.01
CA GLN R 130 -55.39 -203.93 -36.18
C GLN R 130 -56.16 -205.20 -35.83
N THR R 131 -57.18 -205.08 -34.98
CA THR R 131 -58.04 -206.21 -34.62
C THR R 131 -58.83 -206.64 -35.86
N PRO R 132 -58.73 -207.91 -36.32
CA PRO R 132 -59.49 -208.36 -37.49
C PRO R 132 -60.98 -208.55 -37.15
N ALA R 133 -61.86 -208.43 -38.14
CA ALA R 133 -63.30 -208.32 -37.89
C ALA R 133 -64.03 -209.68 -37.76
N ARG R 134 -63.48 -210.77 -38.32
CA ARG R 134 -64.11 -212.09 -38.27
C ARG R 134 -64.17 -212.65 -36.86
N THR R 135 -62.98 -212.82 -36.26
CA THR R 135 -62.78 -213.40 -34.95
C THR R 135 -63.03 -212.34 -33.89
N THR R 136 -63.77 -212.67 -32.82
CA THR R 136 -63.67 -211.86 -31.62
C THR R 136 -62.23 -211.88 -31.12
N GLY R 137 -61.74 -210.72 -30.67
CA GLY R 137 -60.34 -210.54 -30.28
C GLY R 137 -60.18 -209.18 -29.60
N HIS R 138 -59.03 -208.98 -28.93
CA HIS R 138 -58.82 -207.76 -28.18
C HIS R 138 -58.67 -206.54 -29.09
N TYR R 139 -59.47 -205.51 -28.81
CA TYR R 139 -59.10 -204.16 -29.17
C TYR R 139 -58.02 -203.67 -28.22
N ILE R 140 -57.08 -202.85 -28.72
CA ILE R 140 -56.01 -202.29 -27.90
C ILE R 140 -55.87 -200.80 -28.20
N MET R 141 -55.70 -200.01 -27.13
CA MET R 141 -55.33 -198.59 -27.19
C MET R 141 -54.29 -198.34 -26.11
N SER R 142 -53.50 -197.26 -26.22
CA SER R 142 -52.45 -197.01 -25.24
C SER R 142 -52.23 -195.54 -24.91
N VAL R 143 -51.61 -195.31 -23.74
CA VAL R 143 -51.11 -194.01 -23.31
C VAL R 143 -49.59 -194.09 -23.16
N GLU R 144 -48.89 -193.13 -23.75
CA GLU R 144 -47.47 -192.93 -23.53
C GLU R 144 -47.29 -191.89 -22.43
N VAL R 145 -46.43 -192.21 -21.46
CA VAL R 145 -46.25 -191.43 -20.26
C VAL R 145 -44.76 -191.11 -20.14
N GLU R 146 -44.46 -189.87 -19.74
CA GLU R 146 -43.12 -189.47 -19.37
C GLU R 146 -43.14 -188.97 -17.93
N THR R 147 -41.96 -188.97 -17.31
CA THR R 147 -41.90 -188.78 -15.87
C THR R 147 -40.51 -188.26 -15.51
N ARG R 148 -40.43 -187.18 -14.73
CA ARG R 148 -39.17 -186.50 -14.56
C ARG R 148 -38.91 -186.17 -13.09
N GLY R 149 -37.63 -186.20 -12.70
CA GLY R 149 -37.26 -185.93 -11.32
C GLY R 149 -35.75 -185.79 -11.16
N LEU R 150 -35.34 -185.29 -9.98
CA LEU R 150 -33.94 -185.20 -9.61
C LEU R 150 -33.60 -186.36 -8.68
N SER R 151 -32.65 -187.20 -9.11
CA SER R 151 -32.34 -188.47 -8.47
C SER R 151 -30.90 -188.45 -7.91
N GLU R 152 -30.70 -188.79 -6.62
CA GLU R 152 -29.44 -188.57 -5.90
C GLU R 152 -28.28 -189.45 -6.41
N THR R 153 -27.04 -188.97 -6.19
CA THR R 153 -25.85 -189.61 -6.76
C THR R 153 -24.87 -190.21 -5.73
N ALA R 154 -24.98 -189.88 -4.44
CA ALA R 154 -24.02 -190.38 -3.47
C ALA R 154 -22.54 -190.03 -3.80
N LYS R 155 -22.30 -189.02 -4.67
CA LYS R 155 -20.97 -188.52 -5.00
C LYS R 155 -20.37 -187.74 -3.82
N ASN R 156 -21.24 -187.02 -3.10
CA ASN R 156 -20.86 -186.07 -2.06
C ASN R 156 -20.98 -186.65 -0.62
N ALA R 157 -21.30 -187.93 -0.49
CA ALA R 157 -21.52 -188.66 0.76
C ALA R 157 -22.56 -187.96 1.65
N ALA S 2 76.65 215.08 26.17
CA ALA S 2 75.86 215.12 27.44
C ALA S 2 75.13 213.78 27.67
N THR S 3 74.79 213.52 28.95
CA THR S 3 74.15 212.27 29.39
C THR S 3 72.68 212.24 28.99
N SER S 4 72.21 211.07 28.48
CA SER S 4 70.83 210.87 28.04
C SER S 4 69.85 210.95 29.22
N PRO S 5 68.65 211.57 29.08
CA PRO S 5 67.66 211.54 30.15
C PRO S 5 67.16 210.12 30.41
N GLU S 6 66.77 209.87 31.66
CA GLU S 6 66.41 208.52 32.08
C GLU S 6 65.34 208.56 33.19
N GLY S 7 64.51 207.51 33.27
CA GLY S 7 63.56 207.40 34.37
C GLY S 7 64.28 207.16 35.70
N ILE S 8 63.61 207.55 36.79
CA ILE S 8 64.10 207.29 38.13
C ILE S 8 62.98 206.65 38.93
N TRP S 9 63.35 205.63 39.71
CA TRP S 9 62.40 204.85 40.48
C TRP S 9 62.48 205.26 41.93
N SER S 10 61.34 205.67 42.53
CA SER S 10 61.38 206.35 43.81
C SER S 10 62.01 205.48 44.89
N ASN S 11 61.72 204.18 44.87
CA ASN S 11 62.22 203.23 45.85
C ASN S 11 63.74 202.98 45.75
N SER S 12 64.43 203.58 44.77
CA SER S 12 65.90 203.59 44.72
C SER S 12 66.52 204.70 45.57
N GLY S 13 65.70 205.53 46.25
CA GLY S 13 66.13 206.69 47.02
C GLY S 13 67.07 206.38 48.18
N ALA S 14 67.73 207.44 48.67
CA ALA S 14 68.69 207.37 49.77
C ALA S 14 68.80 208.73 50.46
N LEU S 15 67.69 209.23 51.01
CA LEU S 15 67.68 210.48 51.76
C LEU S 15 68.47 210.35 53.06
N THR S 16 69.26 211.40 53.39
CA THR S 16 69.91 211.54 54.69
C THR S 16 69.90 213.00 55.16
N PHE S 17 69.85 213.19 56.48
CA PHE S 17 70.01 214.49 57.12
C PHE S 17 71.34 214.57 57.86
N GLU S 18 71.98 215.73 57.75
CA GLU S 18 73.22 216.00 58.45
C GLU S 18 73.09 217.27 59.28
N ASP S 19 73.72 217.30 60.45
CA ASP S 19 73.88 218.53 61.23
C ASP S 19 74.92 219.41 60.54
N PRO S 20 74.57 220.62 60.05
CA PRO S 20 75.48 221.45 59.26
C PRO S 20 76.64 222.06 60.06
N ALA S 21 76.64 221.92 61.40
CA ALA S 21 77.78 222.31 62.23
C ALA S 21 78.90 221.27 62.19
N ASP S 22 78.51 219.98 62.08
CA ASP S 22 79.43 218.85 62.10
C ASP S 22 79.72 218.30 60.70
N ASP S 23 78.70 218.32 59.83
CA ASP S 23 78.56 217.40 58.69
C ASP S 23 78.57 215.95 59.19
N SER S 24 77.75 215.66 60.23
CA SER S 24 77.51 214.33 60.79
C SER S 24 76.03 213.94 60.64
N GLU S 25 75.77 212.64 60.45
CA GLU S 25 74.41 212.15 60.18
C GLU S 25 73.51 212.23 61.42
N ILE S 26 72.26 212.67 61.21
CA ILE S 26 71.16 212.55 62.15
C ILE S 26 70.31 211.35 61.70
N LEU S 27 70.07 210.39 62.61
CA LEU S 27 69.42 209.14 62.22
C LEU S 27 67.99 209.38 61.77
N PHE S 28 67.75 209.12 60.47
CA PHE S 28 66.44 209.27 59.85
C PHE S 28 66.30 208.25 58.72
N ALA S 29 65.07 207.71 58.58
CA ALA S 29 64.79 206.62 57.66
C ALA S 29 63.28 206.47 57.43
N GLY S 30 62.92 205.57 56.51
CA GLY S 30 61.52 205.18 56.33
C GLY S 30 60.68 206.17 55.56
N VAL S 31 61.27 206.89 54.58
CA VAL S 31 60.50 207.79 53.73
C VAL S 31 59.53 207.03 52.82
N ARG S 32 58.47 207.75 52.38
CA ARG S 32 57.44 207.27 51.48
C ARG S 32 57.11 208.28 50.36
N ASP S 33 57.28 209.59 50.65
CA ASP S 33 57.35 210.61 49.60
C ASP S 33 58.49 211.58 49.89
N VAL S 34 59.14 212.08 48.83
CA VAL S 34 60.24 213.04 48.94
C VAL S 34 60.21 213.99 47.74
N THR S 35 59.91 215.26 48.01
CA THR S 35 59.93 216.32 47.00
C THR S 35 61.03 217.32 47.35
N ILE S 36 61.87 217.67 46.35
CA ILE S 36 62.82 218.78 46.45
C ILE S 36 62.60 219.70 45.25
N THR S 37 62.37 220.99 45.51
CA THR S 37 62.05 221.96 44.47
C THR S 37 62.70 223.31 44.77
N PRO S 38 63.87 223.63 44.17
CA PRO S 38 64.34 225.01 44.12
C PRO S 38 63.36 225.88 43.33
N ALA S 39 63.04 227.05 43.89
CA ALA S 39 62.09 227.99 43.32
C ALA S 39 62.53 229.44 43.56
N TYR S 40 62.49 230.23 42.48
CA TYR S 40 62.71 231.67 42.56
C TYR S 40 61.42 232.39 42.21
N GLU S 41 61.11 233.43 42.98
CA GLU S 41 59.99 234.29 42.61
C GLU S 41 60.28 234.99 41.28
N HIS S 42 59.29 235.03 40.38
CA HIS S 42 59.45 235.67 39.07
C HIS S 42 58.68 236.99 39.00
N ALA S 43 59.41 238.07 38.70
CA ALA S 43 58.83 239.32 38.25
C ALA S 43 58.78 239.33 36.73
N GLU S 44 57.57 239.40 36.14
CA GLU S 44 57.41 239.58 34.70
C GLU S 44 57.01 241.03 34.42
N LEU S 45 57.71 241.67 33.48
CA LEU S 45 57.75 243.12 33.33
C LEU S 45 57.37 243.53 31.90
N TYR S 46 56.62 244.64 31.76
CA TYR S 46 56.06 245.10 30.48
C TYR S 46 56.36 246.60 30.27
N THR S 47 56.30 247.08 29.01
CA THR S 47 56.56 248.48 28.68
C THR S 47 55.26 249.28 28.49
N ILE S 48 55.37 250.58 28.16
CA ILE S 48 54.23 251.46 27.91
C ILE S 48 53.57 251.26 26.53
N ASP S 49 54.17 250.46 25.62
CA ASP S 49 53.73 250.42 24.22
C ASP S 49 53.89 249.03 23.60
N SER S 50 53.70 247.98 24.41
CA SER S 50 53.66 246.61 23.94
C SER S 50 52.75 245.75 24.83
N THR S 51 52.07 244.79 24.20
CA THR S 51 51.34 243.75 24.92
C THR S 51 52.30 242.67 25.43
N PHE S 52 53.46 242.51 24.80
CA PHE S 52 54.40 241.45 25.16
C PHE S 52 55.20 241.82 26.41
N ARG S 53 55.63 240.78 27.13
CA ARG S 53 56.59 240.88 28.23
C ARG S 53 57.92 241.41 27.70
N ASP S 54 58.47 242.45 28.35
CA ASP S 54 59.77 242.99 28.01
C ASP S 54 60.88 242.14 28.63
N GLU S 55 60.81 241.92 29.95
CA GLU S 55 61.81 241.20 30.71
C GLU S 55 61.21 240.37 31.85
N VAL S 56 61.99 239.41 32.34
CA VAL S 56 61.61 238.61 33.51
C VAL S 56 62.85 238.40 34.38
N LYS S 57 62.66 238.54 35.71
CA LYS S 57 63.73 238.45 36.70
C LYS S 57 63.38 237.55 37.89
N ARG S 58 64.38 236.77 38.33
CA ARG S 58 64.32 235.97 39.55
C ARG S 58 64.63 236.84 40.76
N TYR S 59 63.76 236.80 41.79
CA TYR S 59 64.08 237.42 43.07
C TYR S 59 64.21 236.39 44.20
N GLU S 60 63.35 236.45 45.22
CA GLU S 60 63.51 235.61 46.42
C GLU S 60 63.64 234.13 46.05
N HIS S 61 64.76 233.51 46.44
CA HIS S 61 65.03 232.10 46.17
C HIS S 61 64.80 231.26 47.42
N ASN S 62 64.23 230.06 47.24
CA ASN S 62 64.23 229.04 48.30
C ASN S 62 64.23 227.64 47.70
N VAL S 63 64.57 226.63 48.52
CA VAL S 63 64.41 225.23 48.15
C VAL S 63 63.29 224.61 48.97
N ASN S 64 62.09 224.49 48.39
CA ASN S 64 60.99 223.77 49.01
C ASN S 64 61.34 222.29 49.14
N VAL S 65 61.36 221.81 50.39
CA VAL S 65 61.56 220.39 50.69
C VAL S 65 60.32 219.91 51.43
N GLU S 66 59.71 218.82 50.94
CA GLU S 66 58.67 218.17 51.73
C GLU S 66 58.78 216.65 51.64
N ILE S 67 58.63 216.02 52.80
CA ILE S 67 58.95 214.63 53.01
C ILE S 67 57.80 214.00 53.81
N THR S 68 57.33 212.83 53.35
CA THR S 68 56.39 212.01 54.11
C THR S 68 57.09 210.71 54.49
N TYR S 69 57.07 210.33 55.78
CA TYR S 69 57.87 209.21 56.27
C TYR S 69 57.15 208.47 57.40
N ALA S 70 57.55 207.21 57.67
CA ALA S 70 56.74 206.31 58.49
C ALA S 70 57.52 205.64 59.64
N LYS S 71 58.81 205.93 59.78
CA LYS S 71 59.60 205.51 60.94
C LYS S 71 59.93 206.75 61.77
N PHE S 72 59.53 206.74 63.04
CA PHE S 72 59.80 207.87 63.92
C PHE S 72 61.26 207.84 64.38
N SER S 73 61.88 209.04 64.44
CA SER S 73 63.22 209.21 64.97
C SER S 73 63.18 210.11 66.19
N LEU S 74 63.62 209.60 67.36
CA LEU S 74 63.78 210.47 68.51
C LEU S 74 64.90 211.49 68.29
N GLU S 75 66.01 211.07 67.67
CA GLU S 75 67.13 211.98 67.46
C GLU S 75 66.72 213.20 66.63
N PHE S 76 66.11 212.98 65.46
CA PHE S 76 65.69 214.08 64.60
C PHE S 76 64.74 215.04 65.31
N ALA S 77 63.76 214.50 66.04
CA ALA S 77 62.81 215.33 66.77
C ALA S 77 63.49 216.12 67.91
N GLN S 78 64.41 215.51 68.66
CA GLN S 78 65.12 216.17 69.74
C GLN S 78 66.14 217.21 69.23
N GLU S 79 66.67 217.04 68.02
CA GLU S 79 67.44 218.06 67.32
C GLU S 79 66.53 219.25 66.94
N TRP S 80 65.38 219.00 66.33
CA TRP S 80 64.45 220.08 66.00
C TRP S 80 63.99 220.88 67.23
N LEU S 81 63.71 220.18 68.34
CA LEU S 81 63.39 220.84 69.61
C LEU S 81 64.56 221.67 70.13
N GLY S 82 65.75 221.08 70.19
CA GLY S 82 66.93 221.70 70.79
C GLY S 82 67.50 222.90 70.02
N GLY S 83 67.31 222.96 68.69
CA GLY S 83 67.86 224.03 67.87
C GLY S 83 69.35 223.85 67.59
N PRO S 84 70.00 224.81 66.89
CA PRO S 84 71.39 224.67 66.45
C PRO S 84 72.39 224.19 67.50
N GLY S 85 73.04 223.06 67.18
CA GLY S 85 74.09 222.42 67.97
C GLY S 85 73.64 221.81 69.30
N ALA S 86 72.32 221.72 69.55
CA ALA S 86 71.80 221.29 70.86
C ALA S 86 70.66 220.28 70.74
N THR S 87 70.62 219.31 71.67
CA THR S 87 69.56 218.31 71.79
C THR S 87 68.69 218.65 73.01
N ALA S 88 67.36 218.62 72.86
CA ALA S 88 66.46 218.90 73.97
C ALA S 88 65.23 218.00 73.95
N THR S 89 64.70 217.73 75.15
CA THR S 89 63.59 216.81 75.35
C THR S 89 62.27 217.54 75.62
N ALA S 90 62.20 218.84 75.28
CA ALA S 90 61.03 219.70 75.47
C ALA S 90 61.20 220.93 74.58
N SER S 91 60.12 221.69 74.35
CA SER S 91 60.19 222.95 73.61
C SER S 91 61.20 223.90 74.29
N GLN S 92 62.05 224.56 73.49
CA GLN S 92 62.97 225.58 73.99
C GLN S 92 62.45 226.96 73.59
N ASP S 93 62.52 227.90 74.54
CA ASP S 93 62.05 229.26 74.32
C ASP S 93 63.14 230.12 73.68
N ASP S 94 63.44 229.85 72.39
CA ASP S 94 64.44 230.57 71.63
C ASP S 94 64.10 230.68 70.14
N SER S 95 64.69 231.68 69.47
CA SER S 95 64.30 232.04 68.11
C SER S 95 65.14 231.37 67.01
N ASP S 96 66.07 230.47 67.35
CA ASP S 96 66.90 229.80 66.36
C ASP S 96 66.33 228.42 65.99
N PRO S 97 65.86 228.19 64.75
CA PRO S 97 65.40 226.86 64.35
C PRO S 97 66.57 225.95 64.03
N MET S 98 66.38 224.65 64.22
CA MET S 98 67.38 223.66 63.84
C MET S 98 67.52 223.61 62.32
N LYS S 99 68.65 224.11 61.80
CA LYS S 99 68.97 223.97 60.39
C LYS S 99 69.52 222.57 60.15
N PHE S 100 69.10 221.93 59.05
CA PHE S 100 69.65 220.65 58.62
C PHE S 100 70.25 220.80 57.23
N ASN S 101 71.38 220.13 56.99
CA ASN S 101 71.79 219.83 55.63
C ASN S 101 71.14 218.52 55.20
N LEU S 102 70.94 218.37 53.89
CA LEU S 102 70.16 217.26 53.36
C LEU S 102 70.79 216.75 52.06
N GLU S 103 70.75 215.43 51.85
CA GLU S 103 71.23 214.82 50.61
C GLU S 103 70.31 213.66 50.19
N ASN S 104 70.11 213.49 48.88
CA ASN S 104 69.42 212.34 48.31
C ASN S 104 70.18 211.83 47.08
N VAL S 105 70.32 210.50 46.97
CA VAL S 105 71.12 209.86 45.94
C VAL S 105 70.29 208.76 45.29
N THR S 106 70.27 208.71 43.96
CA THR S 106 69.42 207.78 43.22
C THR S 106 70.08 207.35 41.91
N PRO S 107 70.38 206.06 41.71
CA PRO S 107 70.62 205.54 40.39
C PRO S 107 69.39 205.77 39.51
N SER S 108 69.63 206.14 38.25
CA SER S 108 68.59 206.10 37.24
C SER S 108 68.18 204.64 36.97
N ALA S 109 66.99 204.46 36.38
CA ALA S 109 66.34 203.16 36.32
C ALA S 109 67.12 202.10 35.52
N SER S 110 67.92 202.52 34.52
CA SER S 110 68.81 201.64 33.75
C SER S 110 70.30 201.89 34.07
N GLY S 111 70.61 202.54 35.20
CA GLY S 111 71.98 202.75 35.66
C GLY S 111 72.81 203.74 34.81
N GLY S 112 72.18 204.53 33.93
CA GLY S 112 72.87 205.52 33.11
C GLY S 112 73.60 206.61 33.90
N PHE S 113 73.09 206.95 35.10
CA PHE S 113 73.72 207.92 36.00
C PHE S 113 73.25 207.72 37.44
N GLU S 114 73.99 208.29 38.40
CA GLU S 114 73.55 208.33 39.80
C GLU S 114 73.34 209.79 40.19
N ARG S 115 72.10 210.26 40.11
CA ARG S 115 71.79 211.64 40.44
C ARG S 115 71.90 211.86 41.95
N THR S 116 72.79 212.79 42.35
CA THR S 116 72.86 213.28 43.71
C THR S 116 72.29 214.71 43.76
N THR S 117 71.31 214.92 44.64
CA THR S 117 70.78 216.23 44.99
C THR S 117 71.17 216.55 46.44
N ALA S 118 71.69 217.75 46.71
CA ALA S 118 71.99 218.17 48.07
C ALA S 118 71.54 219.62 48.34
N VAL S 119 71.10 219.88 49.57
CA VAL S 119 70.45 221.13 49.94
C VAL S 119 70.98 221.62 51.29
N GLU S 120 71.28 222.92 51.39
CA GLU S 120 71.78 223.49 52.64
C GLU S 120 70.69 224.14 53.49
N ASN S 121 70.83 224.01 54.81
CA ASN S 121 70.06 224.76 55.81
C ASN S 121 68.54 224.69 55.57
N VAL S 122 68.02 223.48 55.38
CA VAL S 122 66.59 223.23 55.44
C VAL S 122 66.09 223.47 56.87
N VAL S 123 64.98 224.20 57.01
CA VAL S 123 64.26 224.30 58.28
C VAL S 123 62.79 223.94 58.06
N PHE S 124 62.18 223.35 59.09
CA PHE S 124 60.77 222.95 59.05
C PHE S 124 60.01 223.78 60.08
N PRO S 125 59.01 224.61 59.69
CA PRO S 125 58.17 225.36 60.63
C PRO S 125 57.50 224.52 61.71
N GLU S 126 57.11 223.29 61.37
CA GLU S 126 56.34 222.44 62.27
C GLU S 126 56.77 220.98 62.14
N LEU S 127 56.79 220.29 63.28
CA LEU S 127 57.25 218.92 63.38
C LEU S 127 56.12 218.05 63.93
N PRO S 128 55.59 217.07 63.17
CA PRO S 128 54.54 216.20 63.68
C PRO S 128 55.17 215.15 64.61
N LEU S 129 54.92 215.31 65.92
CA LEU S 129 55.45 214.36 66.88
C LEU S 129 54.63 213.08 66.89
N ASP S 130 53.30 213.22 66.84
CA ASP S 130 52.39 212.09 66.80
C ASP S 130 51.43 212.30 65.63
N SER S 131 51.23 211.24 64.85
CA SER S 131 50.41 211.29 63.64
C SER S 131 49.67 209.96 63.52
N ALA S 132 48.85 209.67 64.54
CA ALA S 132 48.24 208.37 64.73
C ALA S 132 46.82 208.35 64.15
N THR S 133 46.55 207.33 63.32
CA THR S 133 45.24 207.05 62.78
C THR S 133 44.94 205.57 63.00
N TYR S 134 43.73 205.29 63.45
CA TYR S 134 43.26 203.94 63.73
C TYR S 134 43.50 203.00 62.55
N GLY S 135 44.09 201.81 62.82
CA GLY S 135 44.35 200.81 61.81
C GLY S 135 45.43 201.20 60.78
N GLU S 136 46.28 202.19 61.12
CA GLU S 136 47.40 202.59 60.28
C GLU S 136 48.67 202.81 61.12
N TYR S 137 49.83 202.63 60.47
CA TYR S 137 51.09 203.09 61.07
C TYR S 137 51.15 204.61 61.04
N GLU S 138 51.85 205.22 62.01
CA GLU S 138 51.96 206.68 62.01
C GLU S 138 52.72 207.15 60.77
N GLU S 139 52.15 208.11 60.03
CA GLU S 139 52.78 208.65 58.83
C GLU S 139 52.94 210.17 58.99
N TYR S 140 54.19 210.65 58.89
CA TYR S 140 54.57 211.97 59.34
C TYR S 140 54.91 212.84 58.12
N SER S 141 54.31 214.04 58.03
CA SER S 141 54.56 214.97 56.94
C SER S 141 55.38 216.18 57.40
N LEU S 142 56.55 216.38 56.79
CA LEU S 142 57.39 217.56 57.01
C LEU S 142 57.36 218.47 55.78
N THR S 143 57.15 219.76 55.99
CA THR S 143 57.32 220.76 54.94
C THR S 143 58.33 221.81 55.41
N GLY S 144 59.26 222.20 54.54
CA GLY S 144 60.37 223.06 54.93
C GLY S 144 61.03 223.76 53.75
N SER S 145 62.01 224.61 54.08
CA SER S 145 62.66 225.49 53.12
C SER S 145 64.17 225.53 53.36
N GLY S 146 64.94 225.04 52.39
CA GLY S 146 66.39 225.17 52.34
C GLY S 146 66.85 226.45 51.64
N ARG S 147 68.10 226.84 51.90
CA ARG S 147 68.64 228.10 51.41
C ARG S 147 69.03 228.01 49.92
N SER S 148 69.78 226.97 49.55
CA SER S 148 70.23 226.75 48.18
C SER S 148 70.57 225.27 47.94
N VAL S 149 70.60 224.88 46.66
CA VAL S 149 71.08 223.57 46.26
C VAL S 149 72.60 223.63 46.21
N THR S 150 73.26 222.82 47.04
CA THR S 150 74.72 222.81 47.10
C THR S 150 75.34 221.94 46.00
N ASN S 151 74.61 220.92 45.55
CA ASN S 151 75.08 220.00 44.52
C ASN S 151 73.93 219.37 43.73
N LEU S 152 74.15 219.17 42.41
CA LEU S 152 73.26 218.45 41.51
C LEU S 152 74.08 217.86 40.36
N ALA S 153 74.48 216.59 40.51
CA ALA S 153 75.44 215.97 39.60
C ALA S 153 75.26 214.46 39.51
N ASP S 154 75.79 213.87 38.43
CA ASP S 154 76.03 212.44 38.35
C ASP S 154 77.26 212.09 39.20
N THR S 155 77.04 211.32 40.27
CA THR S 155 78.10 210.86 41.16
C THR S 155 78.55 209.42 40.86
N SER S 156 78.04 208.79 39.79
CA SER S 156 78.47 207.45 39.42
C SER S 156 79.93 207.44 38.93
N GLY S 157 80.65 206.35 39.24
CA GLY S 157 82.06 206.19 38.91
C GLY S 157 82.29 205.53 37.55
N ALA T 2 73.14 206.41 69.65
CA ALA T 2 71.76 206.83 69.28
C ALA T 2 70.84 205.61 69.18
N THR T 3 69.52 205.86 69.01
CA THR T 3 68.49 204.83 68.87
C THR T 3 67.94 204.83 67.44
N SER T 4 67.89 203.64 66.80
CA SER T 4 67.41 203.49 65.44
C SER T 4 66.01 204.06 65.28
N PRO T 5 65.66 204.70 64.14
CA PRO T 5 64.26 205.02 63.86
C PRO T 5 63.49 203.71 63.74
N GLU T 6 62.19 203.77 64.09
CA GLU T 6 61.34 202.58 64.04
C GLU T 6 59.92 202.96 63.70
N GLY T 7 59.16 202.00 63.16
CA GLY T 7 57.74 202.22 62.90
C GLY T 7 56.95 202.41 64.19
N ILE T 8 55.78 203.06 64.10
CA ILE T 8 54.87 203.10 65.23
C ILE T 8 53.47 202.80 64.73
N TRP T 9 52.77 201.96 65.50
CA TRP T 9 51.44 201.48 65.17
C TRP T 9 50.41 202.22 66.01
N SER T 10 49.45 202.89 65.38
CA SER T 10 48.58 203.83 66.07
C SER T 10 47.81 203.15 67.20
N ASN T 11 47.33 201.94 66.96
CA ASN T 11 46.49 201.24 67.93
C ASN T 11 47.25 200.80 69.20
N SER T 12 48.59 200.92 69.24
CA SER T 12 49.37 200.60 70.43
C SER T 12 49.34 201.71 71.49
N GLY T 13 48.93 202.93 71.12
CA GLY T 13 49.02 204.09 71.99
C GLY T 13 48.13 204.05 73.24
N ALA T 14 48.59 204.76 74.28
CA ALA T 14 47.79 205.15 75.44
C ALA T 14 47.82 206.68 75.59
N LEU T 15 46.64 207.31 75.47
CA LEU T 15 46.45 208.74 75.66
C LEU T 15 45.78 209.03 77.01
N THR T 16 46.22 210.09 77.69
CA THR T 16 45.59 210.54 78.93
C THR T 16 45.50 212.07 79.01
N PHE T 17 44.41 212.57 79.62
CA PHE T 17 44.28 213.96 80.03
C PHE T 17 44.38 214.07 81.55
N GLU T 18 45.10 215.09 82.01
CA GLU T 18 45.23 215.38 83.44
C GLU T 18 44.87 216.84 83.72
N ASP T 19 44.32 217.08 84.92
CA ASP T 19 44.04 218.42 85.42
C ASP T 19 45.34 219.11 85.84
N PRO T 20 45.77 220.22 85.22
CA PRO T 20 47.03 220.89 85.56
C PRO T 20 47.09 221.48 86.98
N ALA T 21 45.96 221.54 87.69
CA ALA T 21 45.95 221.98 89.08
C ALA T 21 46.47 220.89 90.03
N ASP T 22 46.18 219.60 89.72
CA ASP T 22 46.35 218.50 90.65
C ASP T 22 47.13 217.31 90.07
N ASP T 23 47.29 217.26 88.74
CA ASP T 23 47.79 216.12 87.98
C ASP T 23 46.91 214.86 88.13
N SER T 24 45.67 215.00 88.62
CA SER T 24 44.68 213.93 88.62
C SER T 24 44.13 213.69 87.21
N GLU T 25 43.82 212.42 86.90
CA GLU T 25 43.33 212.06 85.57
C GLU T 25 41.89 212.52 85.36
N ILE T 26 41.59 212.95 84.12
CA ILE T 26 40.26 213.23 83.61
C ILE T 26 39.87 212.08 82.69
N LEU T 27 38.76 211.39 82.97
CA LEU T 27 38.40 210.17 82.27
C LEU T 27 38.07 210.45 80.80
N PHE T 28 38.87 209.85 79.90
CA PHE T 28 38.77 210.06 78.46
C PHE T 28 39.28 208.81 77.76
N ALA T 29 38.60 208.40 76.67
CA ALA T 29 38.88 207.10 76.05
C ALA T 29 38.35 207.01 74.63
N GLY T 30 38.76 205.93 73.94
CA GLY T 30 38.17 205.57 72.66
C GLY T 30 38.61 206.49 71.52
N VAL T 31 39.88 206.92 71.52
CA VAL T 31 40.41 207.69 70.39
C VAL T 31 40.59 206.81 69.15
N ARG T 32 40.54 207.50 68.00
CA ARG T 32 40.65 206.91 66.66
C ARG T 32 41.69 207.68 65.83
N ASP T 33 41.85 208.98 66.10
CA ASP T 33 42.95 209.76 65.55
C ASP T 33 43.56 210.64 66.64
N VAL T 34 44.90 210.77 66.60
CA VAL T 34 45.65 211.60 67.54
C VAL T 34 46.80 212.27 66.79
N THR T 35 46.69 213.59 66.61
CA THR T 35 47.73 214.40 65.99
C THR T 35 48.30 215.38 67.02
N ILE T 36 49.63 215.34 67.21
CA ILE T 36 50.33 216.32 68.02
C ILE T 36 51.45 216.90 67.17
N THR T 37 51.40 218.22 66.94
CA THR T 37 52.34 218.92 66.07
C THR T 37 52.80 220.21 66.73
N PRO T 38 53.99 220.24 67.38
CA PRO T 38 54.63 221.51 67.73
C PRO T 38 54.93 222.30 66.46
N ALA T 39 54.65 223.60 66.53
CA ALA T 39 54.81 224.50 65.40
C ALA T 39 55.37 225.84 65.87
N TYR T 40 56.14 226.47 64.99
CA TYR T 40 56.54 227.84 65.16
C TYR T 40 56.30 228.57 63.85
N GLU T 41 55.83 229.81 63.92
CA GLU T 41 55.95 230.68 62.77
C GLU T 41 57.43 230.97 62.50
N HIS T 42 57.85 230.84 61.23
CA HIS T 42 59.22 231.15 60.79
C HIS T 42 59.23 232.41 59.95
N ALA T 43 60.13 233.35 60.30
CA ALA T 43 60.51 234.46 59.45
C ALA T 43 61.77 234.09 58.67
N GLU T 44 61.71 234.11 57.32
CA GLU T 44 62.87 233.89 56.47
C GLU T 44 63.39 235.24 55.99
N LEU T 45 64.47 235.72 56.60
CA LEU T 45 64.99 237.06 56.35
C LEU T 45 65.90 237.06 55.13
N TYR T 46 65.57 237.95 54.16
CA TYR T 46 66.36 238.15 52.95
C TYR T 46 67.14 239.47 53.03
N THR T 47 68.36 239.44 52.49
CA THR T 47 69.31 240.56 52.44
C THR T 47 68.99 241.54 51.30
N ILE T 48 69.69 242.68 51.30
CA ILE T 48 69.48 243.84 50.43
C ILE T 48 69.67 243.54 48.92
N ASP T 49 70.58 242.62 48.57
CA ASP T 49 71.02 242.42 47.17
C ASP T 49 71.04 240.96 46.71
N SER T 50 71.37 240.05 47.64
CA SER T 50 71.28 238.61 47.41
C SER T 50 69.84 238.18 47.12
N THR T 51 69.67 237.29 46.14
CA THR T 51 68.41 236.57 45.95
C THR T 51 68.19 235.51 47.03
N PHE T 52 69.27 235.05 47.69
CA PHE T 52 69.19 234.01 48.71
C PHE T 52 68.69 234.54 50.04
N ARG T 53 68.15 233.64 50.85
CA ARG T 53 67.87 233.89 52.25
C ARG T 53 69.18 234.16 52.99
N ASP T 54 69.11 234.98 54.04
CA ASP T 54 70.28 235.31 54.86
C ASP T 54 70.21 234.68 56.25
N GLU T 55 69.04 234.79 56.89
CA GLU T 55 68.81 234.19 58.19
C GLU T 55 67.36 233.70 58.32
N VAL T 56 67.07 232.78 59.25
CA VAL T 56 65.70 232.36 59.52
C VAL T 56 65.47 232.24 61.04
N LYS T 57 64.31 232.71 61.50
CA LYS T 57 64.02 232.82 62.93
C LYS T 57 62.65 232.25 63.29
N ARG T 58 62.57 231.48 64.39
CA ARG T 58 61.31 231.07 65.00
C ARG T 58 60.76 232.28 65.77
N TYR T 59 59.42 232.52 65.75
CA TYR T 59 58.94 233.73 66.40
C TYR T 59 57.62 233.61 67.15
N GLU T 60 56.88 232.51 67.00
CA GLU T 60 55.64 232.33 67.74
C GLU T 60 55.32 230.85 67.84
N HIS T 61 55.48 230.27 69.04
CA HIS T 61 55.35 228.83 69.24
C HIS T 61 53.94 228.45 69.69
N ASN T 62 53.45 227.30 69.22
CA ASN T 62 52.28 226.63 69.78
C ASN T 62 52.35 225.12 69.48
N VAL T 63 51.57 224.28 70.19
CA VAL T 63 51.44 222.88 69.84
C VAL T 63 50.02 222.60 69.34
N ASN T 64 49.85 222.34 68.04
CA ASN T 64 48.57 221.95 67.51
C ASN T 64 48.25 220.52 67.95
N VAL T 65 47.13 220.37 68.66
CA VAL T 65 46.61 219.08 69.07
C VAL T 65 45.24 218.91 68.43
N GLU T 66 45.04 217.80 67.71
CA GLU T 66 43.70 217.42 67.26
C GLU T 66 43.48 215.92 67.45
N ILE T 67 42.27 215.60 67.93
CA ILE T 67 41.92 214.27 68.36
C ILE T 67 40.53 213.93 67.82
N THR T 68 40.36 212.72 67.30
CA THR T 68 39.04 212.21 67.00
C THR T 68 38.77 210.97 67.86
N TYR T 69 37.58 210.92 68.47
CA TYR T 69 37.27 209.91 69.47
C TYR T 69 35.79 209.54 69.45
N ALA T 70 35.47 208.33 69.96
CA ALA T 70 34.17 207.71 69.71
C ALA T 70 33.50 207.21 70.99
N LYS T 71 34.12 207.42 72.16
CA LYS T 71 33.45 207.23 73.45
C LYS T 71 33.28 208.59 74.10
N PHE T 72 32.04 208.98 74.38
CA PHE T 72 31.78 210.24 75.05
C PHE T 72 32.23 210.16 76.51
N SER T 73 32.73 211.31 77.04
CA SER T 73 32.98 211.43 78.46
C SER T 73 32.18 212.58 79.04
N LEU T 74 31.38 212.30 80.08
CA LEU T 74 30.70 213.35 80.83
C LEU T 74 31.72 214.27 81.49
N GLU T 75 32.75 213.69 82.13
CA GLU T 75 33.71 214.46 82.89
C GLU T 75 34.46 215.47 82.01
N PHE T 76 35.05 215.02 80.90
CA PHE T 76 35.81 215.90 80.04
C PHE T 76 34.98 217.11 79.57
N ALA T 77 33.72 216.88 79.20
CA ALA T 77 32.82 217.95 78.77
C ALA T 77 32.44 218.89 79.92
N GLN T 78 32.14 218.34 81.10
CA GLN T 78 31.77 219.13 82.25
C GLN T 78 32.94 219.97 82.80
N GLU T 79 34.17 219.46 82.69
CA GLU T 79 35.36 220.24 83.01
C GLU T 79 35.57 221.37 81.98
N TRP T 80 35.40 221.08 80.69
CA TRP T 80 35.55 222.10 79.64
C TRP T 80 34.55 223.24 79.79
N LEU T 81 33.30 222.93 80.16
CA LEU T 81 32.31 223.94 80.49
C LEU T 81 32.73 224.75 81.72
N GLY T 82 33.05 224.06 82.82
CA GLY T 82 33.30 224.70 84.11
C GLY T 82 34.52 225.62 84.13
N GLY T 83 35.56 225.31 83.35
CA GLY T 83 36.82 226.06 83.35
C GLY T 83 37.80 225.57 84.43
N PRO T 84 38.93 226.26 84.65
CA PRO T 84 39.95 225.78 85.58
C PRO T 84 39.44 225.58 87.02
N GLY T 85 39.75 224.40 87.57
CA GLY T 85 39.52 224.05 88.97
C GLY T 85 38.05 223.84 89.38
N ALA T 86 37.11 223.85 88.40
CA ALA T 86 35.68 223.69 88.70
C ALA T 86 34.94 223.00 87.55
N THR T 87 33.92 222.18 87.88
CA THR T 87 33.20 221.34 86.93
C THR T 87 31.74 221.80 86.84
N ALA T 88 31.17 221.89 85.63
CA ALA T 88 29.84 222.48 85.45
C ALA T 88 28.95 221.75 84.43
N THR T 89 27.63 221.89 84.61
CA THR T 89 26.62 221.23 83.78
C THR T 89 26.00 222.18 82.75
N ALA T 90 26.51 223.42 82.65
CA ALA T 90 25.98 224.46 81.76
C ALA T 90 27.10 225.42 81.37
N SER T 91 26.90 226.18 80.29
CA SER T 91 27.83 227.20 79.81
C SER T 91 28.17 228.18 80.94
N GLN T 92 29.45 228.57 81.08
CA GLN T 92 29.86 229.56 82.06
C GLN T 92 30.16 230.89 81.37
N ASP T 93 29.62 232.00 81.92
CA ASP T 93 29.85 233.34 81.40
C ASP T 93 31.13 233.95 82.01
N ASP T 94 32.28 233.30 81.75
CA ASP T 94 33.59 233.78 82.19
C ASP T 94 34.70 233.40 81.21
N SER T 95 35.82 234.13 81.30
CA SER T 95 36.79 234.20 80.20
C SER T 95 37.89 233.14 80.23
N ASP T 96 38.03 232.36 81.32
CA ASP T 96 39.08 231.35 81.44
C ASP T 96 38.70 230.02 80.78
N PRO T 97 39.47 229.52 79.78
CA PRO T 97 39.22 228.19 79.23
C PRO T 97 39.78 227.12 80.17
N MET T 98 39.21 225.92 80.13
CA MET T 98 39.78 224.78 80.84
C MET T 98 41.12 224.38 80.23
N LYS T 99 42.22 224.60 80.97
CA LYS T 99 43.53 224.10 80.57
C LYS T 99 43.63 222.62 80.92
N PHE T 100 44.08 221.79 79.97
CA PHE T 100 44.36 220.38 80.19
C PHE T 100 45.84 220.09 79.96
N ASN T 101 46.44 219.22 80.77
CA ASN T 101 47.71 218.61 80.40
C ASN T 101 47.43 217.30 79.68
N LEU T 102 48.29 216.95 78.71
CA LEU T 102 48.08 215.79 77.87
C LEU T 102 49.37 214.97 77.81
N GLU T 103 49.24 213.64 77.90
CA GLU T 103 50.35 212.73 77.64
C GLU T 103 49.91 211.58 76.74
N ASN T 104 50.75 211.23 75.76
CA ASN T 104 50.51 210.11 74.86
C ASN T 104 51.73 209.21 74.80
N VAL T 105 51.53 207.90 74.98
CA VAL T 105 52.62 206.95 75.16
C VAL T 105 52.45 205.79 74.16
N THR T 106 53.53 205.42 73.47
CA THR T 106 53.46 204.35 72.49
C THR T 106 54.71 203.48 72.55
N PRO T 107 54.59 202.15 72.71
CA PRO T 107 55.67 201.26 72.29
C PRO T 107 55.87 201.40 70.78
N SER T 108 57.14 201.36 70.35
CA SER T 108 57.46 201.32 68.93
C SER T 108 57.18 199.91 68.37
N ALA T 109 57.04 199.82 67.03
CA ALA T 109 56.42 198.68 66.39
C ALA T 109 57.16 197.35 66.63
N SER T 110 58.50 197.40 66.84
CA SER T 110 59.32 196.22 67.13
C SER T 110 59.94 196.28 68.53
N GLY T 111 59.38 197.11 69.43
CA GLY T 111 59.79 197.21 70.82
C GLY T 111 61.16 197.89 71.04
N GLY T 112 61.66 198.66 70.07
CA GLY T 112 62.94 199.37 70.21
C GLY T 112 62.94 200.48 71.26
N PHE T 113 61.80 201.16 71.45
CA PHE T 113 61.67 202.26 72.40
C PHE T 113 60.20 202.50 72.78
N GLU T 114 59.99 203.31 73.83
CA GLU T 114 58.64 203.73 74.20
C GLU T 114 58.56 205.26 74.15
N ARG T 115 58.18 205.80 73.01
CA ARG T 115 58.02 207.24 72.85
C ARG T 115 56.89 207.72 73.76
N THR T 116 57.24 208.63 74.69
CA THR T 116 56.27 209.42 75.44
C THR T 116 56.31 210.85 74.92
N THR T 117 55.15 211.38 74.54
CA THR T 117 54.97 212.78 74.19
C THR T 117 54.09 213.43 75.25
N ALA T 118 54.46 214.61 75.77
CA ALA T 118 53.60 215.34 76.69
C ALA T 118 53.49 216.83 76.34
N VAL T 119 52.31 217.42 76.58
CA VAL T 119 51.99 218.79 76.17
C VAL T 119 51.28 219.53 77.30
N GLU T 120 51.70 220.77 77.60
CA GLU T 120 51.10 221.57 78.68
C GLU T 120 49.98 222.49 78.18
N ASN T 121 48.99 222.71 79.04
CA ASN T 121 47.97 223.75 78.88
C ASN T 121 47.30 223.72 77.51
N VAL T 122 46.88 222.53 77.07
CA VAL T 122 46.07 222.36 75.89
C VAL T 122 44.68 222.95 76.14
N VAL T 123 44.15 223.71 75.16
CA VAL T 123 42.81 224.29 75.22
C VAL T 123 42.10 224.11 73.89
N PHE T 124 40.76 224.00 73.95
CA PHE T 124 39.93 223.73 72.77
C PHE T 124 38.91 224.85 72.59
N PRO T 125 38.96 225.65 71.49
CA PRO T 125 37.94 226.66 71.21
C PRO T 125 36.52 226.12 71.15
N GLU T 126 36.34 224.93 70.58
CA GLU T 126 35.03 224.33 70.35
C GLU T 126 35.01 222.90 70.86
N LEU T 127 33.92 222.52 71.53
CA LEU T 127 33.72 221.17 72.03
C LEU T 127 32.45 220.60 71.41
N PRO T 128 32.52 219.51 70.62
CA PRO T 128 31.30 218.85 70.15
C PRO T 128 30.69 218.04 71.30
N LEU T 129 29.39 218.29 71.54
CA LEU T 129 28.64 217.52 72.54
C LEU T 129 27.88 216.38 71.87
N ASP T 130 27.18 216.69 70.78
CA ASP T 130 26.45 215.70 70.01
C ASP T 130 26.98 215.72 68.59
N SER T 131 27.28 214.54 68.04
CA SER T 131 27.87 214.39 66.72
C SER T 131 27.26 213.18 66.01
N ALA T 132 25.92 213.21 65.92
CA ALA T 132 25.11 212.08 65.47
C ALA T 132 25.03 212.05 63.95
N THR T 133 25.21 210.83 63.39
CA THR T 133 25.04 210.55 61.96
C THR T 133 24.31 209.23 61.82
N TYR T 134 23.34 209.18 60.89
CA TYR T 134 22.51 208.00 60.69
C TYR T 134 23.34 206.73 60.47
N GLY T 135 23.10 205.71 61.30
CA GLY T 135 23.77 204.43 61.16
C GLY T 135 25.25 204.43 61.55
N GLU T 136 25.70 205.42 62.35
CA GLU T 136 27.07 205.47 62.86
C GLU T 136 27.10 205.80 64.35
N TYR T 137 28.21 205.42 65.00
CA TYR T 137 28.47 205.87 66.37
C TYR T 137 28.78 207.35 66.35
N GLU T 138 28.50 208.09 67.44
CA GLU T 138 28.84 209.51 67.48
C GLU T 138 30.37 209.63 67.51
N GLU T 139 30.95 210.26 66.48
CA GLU T 139 32.39 210.45 66.38
C GLU T 139 32.70 211.94 66.55
N TYR T 140 33.55 212.25 67.53
CA TYR T 140 33.77 213.60 68.02
C TYR T 140 35.18 214.07 67.66
N SER T 141 35.29 215.26 67.04
CA SER T 141 36.58 215.82 66.68
C SER T 141 36.90 217.08 67.50
N LEU T 142 38.07 217.06 68.15
CA LEU T 142 38.63 218.19 68.87
C LEU T 142 39.77 218.80 68.06
N THR T 143 39.80 220.14 68.00
CA THR T 143 40.96 220.89 67.52
C THR T 143 41.32 221.90 68.61
N GLY T 144 42.62 221.98 68.97
CA GLY T 144 43.08 222.85 70.04
C GLY T 144 44.58 223.11 70.01
N SER T 145 45.04 223.94 70.97
CA SER T 145 46.42 224.39 71.02
C SER T 145 46.99 224.31 72.44
N GLY T 146 48.14 223.64 72.57
CA GLY T 146 48.94 223.59 73.78
C GLY T 146 50.05 224.63 73.76
N ARG T 147 50.56 224.99 74.95
CA ARG T 147 51.53 226.06 75.09
C ARG T 147 52.92 225.59 74.65
N SER T 148 53.33 224.40 75.07
CA SER T 148 54.62 223.83 74.71
C SER T 148 54.64 222.30 74.92
N VAL T 149 55.64 221.63 74.33
CA VAL T 149 55.89 220.22 74.58
C VAL T 149 56.76 220.10 75.83
N THR T 150 56.23 219.47 76.89
CA THR T 150 56.94 219.35 78.16
C THR T 150 57.87 218.15 78.20
N ASN T 151 57.58 217.11 77.41
CA ASN T 151 58.42 215.92 77.33
C ASN T 151 58.35 215.31 75.93
N LEU T 152 59.52 214.81 75.46
CA LEU T 152 59.61 213.90 74.34
C LEU T 152 60.81 212.99 74.55
N ALA T 153 60.56 211.78 75.05
CA ALA T 153 61.63 210.88 75.43
C ALA T 153 61.21 209.41 75.36
N ASP T 154 62.22 208.54 75.25
CA ASP T 154 62.03 207.11 75.40
C ASP T 154 61.87 206.79 76.89
N THR T 155 60.67 206.33 77.29
CA THR T 155 60.37 205.94 78.67
C THR T 155 60.56 204.44 78.93
N SER T 156 61.06 203.67 77.96
CA SER T 156 61.45 202.28 78.21
C SER T 156 62.66 202.19 79.15
N GLY T 157 62.78 201.06 79.87
CA GLY T 157 63.72 200.86 80.96
C GLY T 157 65.15 201.21 80.59
N ALA U 2 33.85 208.99 89.30
CA ALA U 2 33.13 209.53 88.11
C ALA U 2 32.67 208.40 87.19
N THR U 3 31.68 208.70 86.33
CA THR U 3 31.10 207.76 85.37
C THR U 3 32.07 207.47 84.22
N SER U 4 32.21 206.18 83.83
CA SER U 4 33.13 205.75 82.78
C SER U 4 32.71 206.29 81.41
N PRO U 5 33.65 206.66 80.50
CA PRO U 5 33.28 207.05 79.14
C PRO U 5 32.72 205.85 78.37
N GLU U 6 31.82 206.15 77.41
CA GLU U 6 31.10 205.09 76.71
C GLU U 6 30.75 205.55 75.29
N GLY U 7 30.63 204.59 74.36
CA GLY U 7 30.14 204.91 73.02
C GLY U 7 28.66 205.34 73.05
N ILE U 8 28.27 206.10 72.01
CA ILE U 8 26.89 206.50 71.84
C ILE U 8 26.50 206.22 70.40
N TRP U 9 25.28 205.71 70.23
CA TRP U 9 24.77 205.28 68.93
C TRP U 9 23.76 206.30 68.43
N SER U 10 23.96 206.84 67.22
CA SER U 10 23.21 208.02 66.78
C SER U 10 21.70 207.73 66.77
N ASN U 11 21.33 206.52 66.32
CA ASN U 11 19.93 206.13 66.20
C ASN U 11 19.22 205.94 67.54
N SER U 12 19.93 206.05 68.67
CA SER U 12 19.31 206.12 70.00
C SER U 12 18.78 207.51 70.36
N GLY U 13 19.03 208.53 69.51
CA GLY U 13 18.74 209.93 69.78
C GLY U 13 17.25 210.27 69.93
N ALA U 14 17.00 211.49 70.41
CA ALA U 14 15.66 211.97 70.74
C ALA U 14 15.65 213.50 70.78
N LEU U 15 15.91 214.12 69.61
CA LEU U 15 15.84 215.57 69.48
C LEU U 15 14.41 216.07 69.62
N THR U 16 14.23 217.20 70.34
CA THR U 16 12.99 217.96 70.35
C THR U 16 13.26 219.47 70.37
N PHE U 17 12.31 220.24 69.81
CA PHE U 17 12.30 221.68 69.89
C PHE U 17 11.11 222.18 70.72
N GLU U 18 11.35 223.21 71.52
CA GLU U 18 10.33 223.83 72.33
C GLU U 18 10.28 225.34 72.09
N ASP U 19 9.07 225.91 72.13
CA ASP U 19 8.91 227.35 72.16
C ASP U 19 9.30 227.87 73.56
N PRO U 20 10.35 228.72 73.69
CA PRO U 20 10.87 229.15 74.98
C PRO U 20 9.94 230.10 75.75
N ALA U 21 8.85 230.57 75.12
CA ALA U 21 7.83 231.36 75.81
C ALA U 21 6.91 230.48 76.67
N ASP U 22 6.73 229.21 76.24
CA ASP U 22 5.81 228.27 76.87
C ASP U 22 6.53 227.13 77.61
N ASP U 23 7.69 226.71 77.08
CA ASP U 23 8.22 225.37 77.25
C ASP U 23 7.19 224.32 76.76
N SER U 24 6.69 224.53 75.52
CA SER U 24 5.79 223.62 74.82
C SER U 24 6.45 223.09 73.54
N GLU U 25 6.15 221.84 73.15
CA GLU U 25 6.81 221.21 72.01
C GLU U 25 6.31 221.77 70.69
N ILE U 26 7.26 221.99 69.75
CA ILE U 26 6.99 222.23 68.34
C ILE U 26 7.23 220.91 67.61
N LEU U 27 6.25 220.43 66.85
CA LEU U 27 6.31 219.09 66.27
C LEU U 27 7.40 218.99 65.22
N PHE U 28 8.46 218.24 65.56
CA PHE U 28 9.62 218.04 64.70
C PHE U 28 10.18 216.63 64.93
N ALA U 29 10.58 215.98 63.82
CA ALA U 29 10.98 214.58 63.81
C ALA U 29 11.74 214.23 62.53
N GLY U 30 12.28 213.01 62.47
CA GLY U 30 12.84 212.49 61.23
C GLY U 30 14.27 212.95 60.96
N VAL U 31 15.05 213.20 62.02
CA VAL U 31 16.45 213.58 61.89
C VAL U 31 17.32 212.44 61.34
N ARG U 32 18.46 212.83 60.73
CA ARG U 32 19.44 211.94 60.12
C ARG U 32 20.88 212.35 60.45
N ASP U 33 21.13 213.66 60.65
CA ASP U 33 22.33 214.13 61.32
C ASP U 33 21.98 215.19 62.36
N VAL U 34 22.73 215.21 63.47
CA VAL U 34 22.54 216.19 64.54
C VAL U 34 23.90 216.51 65.17
N THR U 35 24.35 217.75 64.97
CA THR U 35 25.58 218.26 65.58
C THR U 35 25.21 219.37 66.58
N ILE U 36 25.73 219.27 67.82
CA ILE U 36 25.68 220.36 68.79
C ILE U 36 27.10 220.63 69.29
N THR U 37 27.55 221.89 69.17
CA THR U 37 28.92 222.27 69.50
C THR U 37 28.94 223.63 70.18
N PRO U 38 29.00 223.71 71.53
CA PRO U 38 29.39 224.94 72.20
C PRO U 38 30.81 225.35 71.80
N ALA U 39 31.02 226.65 71.58
CA ALA U 39 32.30 227.21 71.20
C ALA U 39 32.52 228.60 71.80
N TYR U 40 33.79 228.97 71.90
CA TYR U 40 34.22 230.32 72.24
C TYR U 40 35.40 230.68 71.36
N GLU U 41 35.46 231.93 70.92
CA GLU U 41 36.66 232.42 70.27
C GLU U 41 37.81 232.42 71.27
N HIS U 42 39.01 232.01 70.83
CA HIS U 42 40.20 232.06 71.66
C HIS U 42 41.13 233.19 71.22
N ALA U 43 41.42 234.09 72.17
CA ALA U 43 42.54 234.99 72.07
C ALA U 43 43.76 234.29 72.68
N GLU U 44 44.81 234.04 71.89
CA GLU U 44 46.06 233.53 72.41
C GLU U 44 47.08 234.66 72.40
N LEU U 45 47.62 235.00 73.58
CA LEU U 45 48.39 236.22 73.77
C LEU U 45 49.84 235.89 74.11
N TYR U 46 50.77 236.61 73.48
CA TYR U 46 52.20 236.40 73.62
C TYR U 46 52.89 237.65 74.21
N THR U 47 54.01 237.46 74.92
CA THR U 47 54.69 238.59 75.56
C THR U 47 55.68 239.28 74.62
N ILE U 48 56.25 240.39 75.11
CA ILE U 48 57.31 241.15 74.47
C ILE U 48 58.64 240.38 74.33
N ASP U 49 58.84 239.29 75.10
CA ASP U 49 60.17 238.74 75.40
C ASP U 49 60.26 237.21 75.37
N SER U 50 59.19 236.52 74.92
CA SER U 50 59.14 235.06 74.87
C SER U 50 58.40 234.62 73.61
N THR U 51 58.84 233.48 73.05
CA THR U 51 58.16 232.84 71.92
C THR U 51 56.94 232.03 72.37
N PHE U 52 56.85 231.69 73.65
CA PHE U 52 55.73 230.92 74.16
C PHE U 52 54.50 231.81 74.37
N ARG U 53 53.32 231.19 74.29
CA ARG U 53 52.05 231.80 74.66
C ARG U 53 52.09 232.17 76.14
N ASP U 54 51.68 233.40 76.47
CA ASP U 54 51.59 233.82 77.86
C ASP U 54 50.28 233.35 78.49
N GLU U 55 49.16 233.75 77.86
CA GLU U 55 47.81 233.48 78.34
C GLU U 55 46.84 233.24 77.18
N VAL U 56 45.69 232.64 77.49
CA VAL U 56 44.63 232.41 76.53
C VAL U 56 43.27 232.70 77.18
N LYS U 57 42.39 233.39 76.43
CA LYS U 57 41.07 233.82 76.91
C LYS U 57 39.94 233.50 75.93
N ARG U 58 38.78 233.14 76.50
CA ARG U 58 37.54 232.89 75.79
C ARG U 58 36.73 234.18 75.58
N TYR U 59 36.17 234.35 74.38
CA TYR U 59 35.23 235.43 74.10
C TYR U 59 34.18 235.01 73.07
N GLU U 60 33.08 235.78 72.93
CA GLU U 60 32.01 235.50 71.96
C GLU U 60 31.54 234.04 71.97
N HIS U 61 30.93 233.62 73.08
CA HIS U 61 30.35 232.29 73.16
C HIS U 61 29.19 232.12 72.17
N ASN U 62 29.05 230.91 71.63
CA ASN U 62 27.83 230.45 70.98
C ASN U 62 27.71 228.92 71.08
N VAL U 63 26.54 228.39 70.71
CA VAL U 63 26.39 226.96 70.48
C VAL U 63 26.02 226.77 69.01
N ASN U 64 26.94 226.20 68.19
CA ASN U 64 26.60 225.81 66.83
C ASN U 64 25.70 224.59 66.88
N VAL U 65 24.51 224.72 66.29
CA VAL U 65 23.56 223.62 66.15
C VAL U 65 23.36 223.42 64.65
N GLU U 66 23.56 222.18 64.17
CA GLU U 66 23.12 221.89 62.82
C GLU U 66 22.54 220.48 62.69
N ILE U 67 21.45 220.42 61.93
CA ILE U 67 20.57 219.27 61.89
C ILE U 67 20.21 218.99 60.44
N THR U 68 20.26 217.73 60.04
CA THR U 68 19.73 217.29 58.74
C THR U 68 18.59 216.31 58.98
N TYR U 69 17.45 216.51 58.31
CA TYR U 69 16.24 215.76 58.62
C TYR U 69 15.37 215.55 57.37
N ALA U 70 14.48 214.55 57.38
CA ALA U 70 13.84 214.06 56.16
C ALA U 70 12.30 214.01 56.24
N LYS U 71 11.73 214.46 57.36
CA LYS U 71 10.28 214.61 57.49
C LYS U 71 9.98 216.11 57.64
N PHE U 72 9.18 216.65 56.70
CA PHE U 72 8.86 218.06 56.74
C PHE U 72 7.82 218.35 57.84
N SER U 73 7.96 219.50 58.51
CA SER U 73 7.00 219.96 59.50
C SER U 73 6.46 221.33 59.11
N LEU U 74 5.13 221.43 58.90
CA LEU U 74 4.51 222.73 58.68
C LEU U 74 4.57 223.59 59.93
N GLU U 75 4.42 222.99 61.12
CA GLU U 75 4.43 223.78 62.34
C GLU U 75 5.79 224.47 62.56
N PHE U 76 6.89 223.72 62.48
CA PHE U 76 8.22 224.30 62.65
C PHE U 76 8.48 225.42 61.64
N ALA U 77 8.11 225.21 60.39
CA ALA U 77 8.29 226.23 59.35
C ALA U 77 7.41 227.47 59.61
N GLN U 78 6.14 227.30 59.98
CA GLN U 78 5.24 228.42 60.26
C GLN U 78 5.60 229.18 61.54
N GLU U 79 6.23 228.52 62.52
CA GLU U 79 6.86 229.18 63.66
C GLU U 79 8.05 230.03 63.22
N TRP U 80 8.95 229.49 62.39
CA TRP U 80 10.09 230.26 61.91
C TRP U 80 9.67 231.47 61.08
N LEU U 81 8.66 231.32 60.21
CA LEU U 81 8.09 232.43 59.45
C LEU U 81 7.45 233.48 60.35
N GLY U 82 6.65 233.04 61.32
CA GLY U 82 5.91 233.93 62.21
C GLY U 82 6.76 234.68 63.25
N GLY U 83 7.92 234.14 63.64
CA GLY U 83 8.78 234.76 64.64
C GLY U 83 8.24 234.59 66.07
N PRO U 84 8.90 235.17 67.09
CA PRO U 84 8.57 234.93 68.50
C PRO U 84 7.08 235.06 68.86
N GLY U 85 6.53 233.96 69.41
CA GLY U 85 5.16 233.86 69.91
C GLY U 85 4.07 233.83 68.83
N ALA U 86 4.44 233.77 67.54
CA ALA U 86 3.49 233.92 66.44
C ALA U 86 3.68 232.88 65.33
N THR U 87 2.56 232.43 64.75
CA THR U 87 2.54 231.53 63.60
C THR U 87 2.17 232.33 62.35
N ALA U 88 2.86 232.11 61.22
CA ALA U 88 2.51 232.78 59.97
C ALA U 88 2.69 231.86 58.77
N THR U 89 1.83 232.09 57.75
CA THR U 89 1.79 231.29 56.54
C THR U 89 2.49 231.98 55.37
N ALA U 90 3.35 232.97 55.67
CA ALA U 90 4.09 233.79 54.70
C ALA U 90 5.22 234.52 55.41
N SER U 91 6.21 235.04 54.67
CA SER U 91 7.26 235.88 55.25
C SER U 91 6.65 237.10 55.95
N GLN U 92 7.11 237.37 57.19
CA GLN U 92 6.72 238.56 57.93
C GLN U 92 7.85 239.59 57.90
N ASP U 93 7.50 240.87 57.67
CA ASP U 93 8.47 241.94 57.57
C ASP U 93 8.83 242.50 58.95
N ASP U 94 9.62 241.74 59.72
CA ASP U 94 10.08 242.13 61.05
C ASP U 94 11.46 241.56 61.38
N SER U 95 12.14 242.18 62.36
CA SER U 95 13.54 241.88 62.64
C SER U 95 13.75 240.85 63.75
N ASP U 96 12.68 240.24 64.32
CA ASP U 96 12.81 239.25 65.38
C ASP U 96 12.82 237.82 64.82
N PRO U 97 13.92 237.05 64.92
CA PRO U 97 13.92 235.67 64.45
C PRO U 97 13.21 234.80 65.48
N MET U 98 12.56 233.72 65.00
CA MET U 98 12.05 232.71 65.93
C MET U 98 13.21 232.09 66.70
N LYS U 99 13.09 232.11 68.04
CA LYS U 99 14.06 231.49 68.93
C LYS U 99 13.46 230.18 69.43
N PHE U 100 14.22 229.09 69.32
CA PHE U 100 13.79 227.79 69.79
C PHE U 100 14.67 227.34 70.95
N ASN U 101 14.06 226.72 71.97
CA ASN U 101 14.82 225.89 72.87
C ASN U 101 14.93 224.48 72.25
N LEU U 102 15.99 223.77 72.63
CA LEU U 102 16.31 222.48 72.02
C LEU U 102 16.80 221.51 73.09
N GLU U 103 16.43 220.23 72.95
CA GLU U 103 16.93 219.17 73.80
C GLU U 103 17.21 217.89 73.01
N ASN U 104 18.29 217.17 73.35
CA ASN U 104 18.57 215.84 72.82
C ASN U 104 18.96 214.90 73.96
N VAL U 105 18.38 213.69 73.97
CA VAL U 105 18.63 212.70 75.00
C VAL U 105 19.13 211.41 74.35
N THR U 106 20.34 210.96 74.74
CA THR U 106 20.92 209.75 74.18
C THR U 106 21.40 208.79 75.27
N PRO U 107 20.78 207.60 75.42
CA PRO U 107 21.38 206.54 76.21
C PRO U 107 22.71 206.12 75.59
N SER U 108 23.71 205.89 76.44
CA SER U 108 24.99 205.33 76.02
C SER U 108 24.83 203.87 75.58
N ALA U 109 25.78 203.39 74.78
CA ALA U 109 25.62 202.14 74.04
C ALA U 109 25.44 200.89 74.93
N SER U 110 26.02 200.88 76.14
CA SER U 110 25.86 199.82 77.14
C SER U 110 25.00 200.26 78.34
N GLY U 111 24.23 201.35 78.20
CA GLY U 111 23.33 201.83 79.24
C GLY U 111 24.02 202.42 80.48
N GLY U 112 25.33 202.74 80.40
CA GLY U 112 26.07 203.34 81.52
C GLY U 112 25.55 204.71 81.96
N PHE U 113 24.96 205.50 81.03
CA PHE U 113 24.36 206.79 81.34
C PHE U 113 23.37 207.23 80.26
N GLU U 114 22.55 208.23 80.57
CA GLU U 114 21.68 208.86 79.59
C GLU U 114 22.08 210.33 79.43
N ARG U 115 22.76 210.65 78.34
CA ARG U 115 23.34 211.97 78.12
C ARG U 115 22.27 212.93 77.61
N THR U 116 21.81 213.84 78.49
CA THR U 116 20.91 214.90 78.08
C THR U 116 21.70 216.18 77.80
N THR U 117 21.59 216.69 76.57
CA THR U 117 22.09 217.99 76.17
C THR U 117 20.90 218.93 75.91
N ALA U 118 20.93 220.16 76.45
CA ALA U 118 19.91 221.16 76.15
C ALA U 118 20.52 222.54 75.85
N VAL U 119 19.87 223.30 74.96
CA VAL U 119 20.42 224.53 74.41
C VAL U 119 19.33 225.59 74.33
N GLU U 120 19.65 226.83 74.72
CA GLU U 120 18.66 227.92 74.73
C GLU U 120 18.76 228.83 73.51
N ASN U 121 17.60 229.30 73.04
CA ASN U 121 17.47 230.35 72.03
C ASN U 121 18.32 230.08 70.77
N VAL U 122 18.20 228.87 70.22
CA VAL U 122 18.72 228.56 68.90
C VAL U 122 17.94 229.36 67.85
N VAL U 123 18.67 229.98 66.90
CA VAL U 123 18.07 230.66 65.75
C VAL U 123 18.72 230.17 64.46
N PHE U 124 17.92 230.08 63.39
CA PHE U 124 18.38 229.60 62.10
C PHE U 124 18.29 230.74 61.09
N PRO U 125 19.41 231.24 60.51
CA PRO U 125 19.39 232.28 59.47
C PRO U 125 18.51 231.96 58.27
N GLU U 126 18.43 230.68 57.91
CA GLU U 126 17.77 230.23 56.69
C GLU U 126 17.03 228.92 56.94
N LEU U 127 15.85 228.80 56.34
CA LEU U 127 15.00 227.64 56.48
C LEU U 127 14.73 227.04 55.10
N PRO U 128 15.16 225.80 54.81
CA PRO U 128 14.87 225.17 53.52
C PRO U 128 13.43 224.68 53.53
N LEU U 129 12.58 225.37 52.76
CA LEU U 129 11.19 224.94 52.67
C LEU U 129 11.06 223.73 51.76
N ASP U 130 11.79 223.76 50.63
CA ASP U 130 11.76 222.67 49.67
C ASP U 130 13.18 222.26 49.34
N SER U 131 13.40 220.94 49.26
CA SER U 131 14.72 220.37 49.03
C SER U 131 14.56 219.11 48.18
N ALA U 132 13.89 219.27 47.03
CA ALA U 132 13.58 218.18 46.11
C ALA U 132 14.82 217.81 45.30
N THR U 133 15.00 216.49 45.09
CA THR U 133 16.02 215.94 44.20
C THR U 133 15.45 214.69 43.54
N TYR U 134 15.71 214.50 42.24
CA TYR U 134 15.13 213.39 41.49
C TYR U 134 15.45 212.05 42.15
N GLY U 135 14.41 211.22 42.37
CA GLY U 135 14.54 209.89 42.94
C GLY U 135 15.05 209.85 44.38
N GLU U 136 14.88 210.94 45.13
CA GLU U 136 15.22 211.01 46.55
C GLU U 136 14.08 211.64 47.36
N TYR U 137 14.00 211.29 48.65
CA TYR U 137 13.12 212.02 49.56
C TYR U 137 13.72 213.38 49.87
N GLU U 138 12.86 214.39 50.17
CA GLU U 138 13.38 215.71 50.49
C GLU U 138 14.17 215.65 51.80
N GLU U 139 15.45 216.06 51.77
CA GLU U 139 16.32 216.07 52.94
C GLU U 139 16.77 217.51 53.23
N TYR U 140 16.48 217.99 54.43
CA TYR U 140 16.57 219.41 54.78
C TYR U 140 17.72 219.62 55.76
N SER U 141 18.60 220.60 55.49
CA SER U 141 19.69 220.94 56.40
C SER U 141 19.48 222.33 57.02
N LEU U 142 19.51 222.40 58.35
CA LEU U 142 19.45 223.62 59.14
C LEU U 142 20.78 223.85 59.86
N THR U 143 21.35 225.06 59.74
CA THR U 143 22.44 225.49 60.61
C THR U 143 21.99 226.73 61.39
N GLY U 144 22.32 226.76 62.69
CA GLY U 144 21.86 227.82 63.58
C GLY U 144 22.74 227.98 64.82
N SER U 145 22.48 229.04 65.60
CA SER U 145 23.26 229.37 66.78
C SER U 145 22.37 229.54 68.01
N GLY U 146 22.64 228.74 69.06
CA GLY U 146 22.08 228.92 70.38
C GLY U 146 22.94 229.82 71.27
N ARG U 147 22.34 230.36 72.33
CA ARG U 147 23.01 231.31 73.22
C ARG U 147 23.97 230.61 74.18
N SER U 148 23.50 229.52 74.79
CA SER U 148 24.27 228.74 75.76
C SER U 148 23.69 227.34 75.96
N VAL U 149 24.50 226.44 76.54
CA VAL U 149 24.05 225.11 76.95
C VAL U 149 23.40 225.24 78.32
N THR U 150 22.10 224.95 78.41
CA THR U 150 21.37 225.07 79.67
C THR U 150 21.60 223.85 80.58
N ASN U 151 21.87 222.67 79.99
CA ASN U 151 22.04 221.43 80.73
C ASN U 151 22.91 220.43 79.95
N LEU U 152 23.83 219.77 80.66
CA LEU U 152 24.62 218.66 80.15
C LEU U 152 24.93 217.69 81.29
N ALA U 153 24.14 216.61 81.38
CA ALA U 153 24.20 215.72 82.53
C ALA U 153 23.69 214.31 82.19
N ASP U 154 24.07 213.35 83.03
CA ASP U 154 23.41 212.05 83.08
C ASP U 154 22.04 212.19 83.76
N THR U 155 20.97 211.87 83.01
CA THR U 155 19.61 211.89 83.50
C THR U 155 19.03 210.49 83.72
N SER U 156 19.86 209.45 83.67
CA SER U 156 19.45 208.10 84.03
C SER U 156 19.09 208.00 85.52
N GLY U 157 18.30 206.98 85.89
CA GLY U 157 17.80 206.79 87.25
C GLY U 157 18.01 205.37 87.78
N ALA V 2 -2.27 219.96 66.02
CA ALA V 2 -1.34 220.22 64.87
C ALA V 2 -1.27 219.00 63.96
N THR V 3 -0.51 219.12 62.87
CA THR V 3 -0.31 218.06 61.88
C THR V 3 1.10 217.45 62.04
N SER V 4 1.17 216.11 62.11
CA SER V 4 2.41 215.37 62.27
C SER V 4 3.41 215.72 61.17
N PRO V 5 4.73 215.74 61.45
CA PRO V 5 5.70 215.78 60.37
C PRO V 5 5.56 214.49 59.53
N GLU V 6 5.88 214.60 58.25
CA GLU V 6 5.78 213.48 57.34
C GLU V 6 6.85 213.57 56.25
N GLY V 7 7.23 212.43 55.69
CA GLY V 7 8.19 212.42 54.60
C GLY V 7 7.64 213.11 53.34
N ILE V 8 8.53 213.58 52.46
CA ILE V 8 8.10 214.07 51.15
C ILE V 8 8.99 213.47 50.08
N TRP V 9 8.35 213.01 49.01
CA TRP V 9 9.01 212.37 47.89
C TRP V 9 9.10 213.36 46.73
N SER V 10 10.33 213.66 46.29
CA SER V 10 10.58 214.74 45.35
C SER V 10 9.73 214.58 44.09
N ASN V 11 9.66 213.36 43.56
CA ASN V 11 9.02 213.12 42.28
C ASN V 11 7.50 213.31 42.29
N SER V 12 6.88 213.45 43.48
CA SER V 12 5.46 213.74 43.58
C SER V 12 5.14 215.22 43.35
N GLY V 13 6.15 216.09 43.32
CA GLY V 13 5.95 217.53 43.19
C GLY V 13 5.37 217.99 41.85
N ALA V 14 4.85 219.22 41.88
CA ALA V 14 4.40 219.96 40.71
C ALA V 14 4.79 221.44 40.86
N LEU V 15 5.83 221.85 40.12
CA LEU V 15 6.28 223.24 40.06
C LEU V 15 5.55 224.00 38.94
N THR V 16 5.28 225.29 39.15
CA THR V 16 4.74 226.17 38.12
C THR V 16 5.32 227.59 38.23
N PHE V 17 5.50 228.26 37.07
CA PHE V 17 5.84 229.67 36.97
C PHE V 17 4.68 230.46 36.39
N GLU V 18 4.46 231.65 36.94
CA GLU V 18 3.41 232.55 36.48
C GLU V 18 3.95 233.96 36.26
N ASP V 19 3.38 234.67 35.29
CA ASP V 19 3.64 236.07 35.04
C ASP V 19 2.96 236.93 36.11
N PRO V 20 3.70 237.68 36.97
CA PRO V 20 3.10 238.46 38.04
C PRO V 20 2.22 239.62 37.58
N ALA V 21 2.21 239.93 36.27
CA ALA V 21 1.31 240.94 35.72
C ALA V 21 -0.14 240.41 35.60
N ASP V 22 -0.31 239.11 35.29
CA ASP V 22 -1.58 238.53 34.86
C ASP V 22 -1.97 237.28 35.65
N ASP V 23 -1.00 236.65 36.32
CA ASP V 23 -1.08 235.30 36.90
C ASP V 23 -1.35 234.21 35.85
N SER V 24 -1.08 234.49 34.56
CA SER V 24 -1.07 233.48 33.51
C SER V 24 0.18 232.61 33.61
N GLU V 25 0.05 231.33 33.24
CA GLU V 25 1.15 230.37 33.34
C GLU V 25 2.20 230.62 32.24
N ILE V 26 3.48 230.42 32.59
CA ILE V 26 4.61 230.38 31.68
C ILE V 26 5.01 228.92 31.56
N LEU V 27 4.97 228.34 30.34
CA LEU V 27 5.12 226.90 30.18
C LEU V 27 6.51 226.43 30.58
N PHE V 28 6.56 225.58 31.61
CA PHE V 28 7.81 225.13 32.20
C PHE V 28 7.60 223.72 32.77
N ALA V 29 8.59 222.84 32.54
CA ALA V 29 8.43 221.43 32.84
C ALA V 29 9.77 220.71 32.99
N GLY V 30 9.71 219.47 33.47
CA GLY V 30 10.86 218.57 33.42
C GLY V 30 11.92 218.92 34.45
N VAL V 31 11.51 219.41 35.62
CA VAL V 31 12.44 219.64 36.72
C VAL V 31 12.94 218.32 37.30
N ARG V 32 14.13 218.40 37.91
CA ARG V 32 14.81 217.28 38.52
C ARG V 32 15.14 217.61 39.96
N ASP V 33 15.75 218.79 40.17
CA ASP V 33 16.04 219.30 41.51
C ASP V 33 15.36 220.66 41.72
N VAL V 34 14.83 220.88 42.94
CA VAL V 34 14.17 222.13 43.29
C VAL V 34 14.49 222.47 44.75
N THR V 35 15.24 223.55 44.94
CA THR V 35 15.55 224.06 46.27
C THR V 35 14.90 225.43 46.46
N ILE V 36 14.12 225.57 47.53
CA ILE V 36 13.57 226.85 47.96
C ILE V 36 13.96 227.09 49.41
N THR V 37 14.71 228.17 49.66
CA THR V 37 15.24 228.48 50.98
C THR V 37 15.02 229.97 51.28
N PRO V 38 13.94 230.35 52.01
CA PRO V 38 13.87 231.66 52.63
C PRO V 38 15.02 231.84 53.60
N ALA V 39 15.60 233.04 53.57
CA ALA V 39 16.80 233.37 54.33
C ALA V 39 16.77 234.82 54.80
N TYR V 40 17.54 235.09 55.85
CA TYR V 40 17.81 236.42 56.33
C TYR V 40 19.27 236.47 56.76
N GLU V 41 19.88 237.65 56.75
CA GLU V 41 21.05 237.82 57.58
C GLU V 41 20.63 237.93 59.03
N HIS V 42 21.42 237.32 59.94
CA HIS V 42 21.27 237.50 61.37
C HIS V 42 22.46 238.29 61.91
N ALA V 43 22.16 239.41 62.58
CA ALA V 43 23.12 240.07 63.46
C ALA V 43 22.98 239.48 64.85
N GLU V 44 24.06 238.91 65.43
CA GLU V 44 24.06 238.47 66.83
C GLU V 44 24.76 239.54 67.67
N LEU V 45 24.02 240.15 68.61
CA LEU V 45 24.51 241.30 69.35
C LEU V 45 24.99 240.86 70.72
N TYR V 46 26.23 241.25 71.06
CA TYR V 46 26.87 240.96 72.33
C TYR V 46 27.09 242.24 73.13
N THR V 47 26.85 242.21 74.44
CA THR V 47 27.20 243.32 75.34
C THR V 47 28.70 243.39 75.65
N ILE V 48 29.08 244.48 76.34
CA ILE V 48 30.29 244.55 77.15
C ILE V 48 30.23 243.58 78.33
N ASP V 49 31.41 243.09 78.78
CA ASP V 49 31.62 242.29 79.99
C ASP V 49 31.20 240.82 79.83
N SER V 50 30.03 240.57 79.24
CA SER V 50 29.58 239.20 78.98
C SER V 50 30.31 238.58 77.79
N THR V 51 30.55 237.27 77.86
CA THR V 51 30.96 236.47 76.71
C THR V 51 29.75 235.98 75.91
N PHE V 52 28.56 235.96 76.51
CA PHE V 52 27.34 235.45 75.86
C PHE V 52 26.72 236.48 74.90
N ARG V 53 25.91 235.98 73.97
CA ARG V 53 25.03 236.81 73.16
C ARG V 53 23.93 237.43 74.02
N ASP V 54 23.46 238.64 73.63
CA ASP V 54 22.39 239.34 74.34
C ASP V 54 21.13 239.52 73.49
N GLU V 55 21.28 239.71 72.18
CA GLU V 55 20.15 239.73 71.27
C GLU V 55 20.53 239.17 69.90
N VAL V 56 19.53 238.84 69.06
CA VAL V 56 19.79 238.51 67.67
C VAL V 56 18.64 239.05 66.79
N LYS V 57 19.00 239.63 65.62
CA LYS V 57 18.06 240.36 64.78
C LYS V 57 18.18 239.97 63.29
N ARG V 58 17.03 239.84 62.62
CA ARG V 58 16.96 239.56 61.18
C ARG V 58 17.12 240.85 60.37
N TYR V 59 17.76 240.74 59.20
CA TYR V 59 17.79 241.81 58.22
C TYR V 59 18.05 241.28 56.81
N GLU V 60 17.74 242.08 55.78
CA GLU V 60 17.93 241.73 54.36
C GLU V 60 17.39 240.34 54.02
N HIS V 61 16.07 240.16 54.17
CA HIS V 61 15.40 238.94 53.77
C HIS V 61 15.53 238.69 52.26
N ASN V 62 15.67 237.43 51.86
CA ASN V 62 15.50 237.00 50.48
C ASN V 62 15.08 235.53 50.43
N VAL V 63 14.50 235.06 49.31
CA VAL V 63 14.23 233.64 49.13
C VAL V 63 15.14 233.07 48.04
N ASN V 64 16.15 232.29 48.41
CA ASN V 64 17.00 231.63 47.44
C ASN V 64 16.21 230.52 46.74
N VAL V 65 16.13 230.61 45.41
CA VAL V 65 15.53 229.58 44.57
C VAL V 65 16.61 229.06 43.63
N GLU V 66 16.80 227.74 43.61
CA GLU V 66 17.59 227.11 42.54
C GLU V 66 16.91 225.84 42.04
N ILE V 67 16.95 225.68 40.72
CA ILE V 67 16.20 224.67 40.00
C ILE V 67 17.11 224.02 38.97
N THR V 68 17.10 222.69 38.89
CA THR V 68 17.71 222.00 37.78
C THR V 68 16.62 221.30 36.97
N TYR V 69 16.66 221.48 35.65
CA TYR V 69 15.60 220.98 34.78
C TYR V 69 16.15 220.56 33.40
N ALA V 70 15.42 219.69 32.70
CA ALA V 70 15.96 218.98 31.55
C ALA V 70 15.06 219.06 30.31
N LYS V 71 13.94 219.78 30.37
CA LYS V 71 13.16 220.12 29.19
C LYS V 71 13.29 221.62 28.94
N PHE V 72 13.82 222.00 27.78
CA PHE V 72 13.96 223.42 27.45
C PHE V 72 12.58 224.00 27.15
N SER V 73 12.37 225.25 27.61
CA SER V 73 11.17 226.00 27.26
C SER V 73 11.56 227.26 26.48
N LEU V 74 11.00 227.43 25.27
CA LEU V 74 11.19 228.66 24.53
C LEU V 74 10.56 229.84 25.28
N GLU V 75 9.34 229.64 25.81
CA GLU V 75 8.62 230.72 26.45
C GLU V 75 9.37 231.27 27.66
N PHE V 76 9.78 230.41 28.60
CA PHE V 76 10.50 230.86 29.77
C PHE V 76 11.73 231.70 29.42
N ALA V 77 12.53 231.25 28.45
CA ALA V 77 13.72 231.96 28.00
C ALA V 77 13.39 233.30 27.32
N GLN V 78 12.38 233.32 26.44
CA GLN V 78 11.98 234.52 25.73
C GLN V 78 11.36 235.57 26.67
N GLU V 79 10.69 235.15 27.74
CA GLU V 79 10.20 236.05 28.77
C GLU V 79 11.38 236.62 29.58
N TRP V 80 12.37 235.78 29.94
CA TRP V 80 13.54 236.26 30.67
C TRP V 80 14.36 237.28 29.87
N LEU V 81 14.46 237.10 28.54
CA LEU V 81 15.07 238.09 27.66
C LEU V 81 14.27 239.39 27.60
N GLY V 82 12.94 239.28 27.42
CA GLY V 82 12.07 240.44 27.23
C GLY V 82 11.96 241.36 28.44
N GLY V 83 12.04 240.81 29.66
CA GLY V 83 11.78 241.55 30.90
C GLY V 83 10.28 241.61 31.24
N PRO V 84 9.86 242.39 32.24
CA PRO V 84 8.46 242.41 32.66
C PRO V 84 7.50 242.83 31.54
N GLY V 85 6.40 242.06 31.41
CA GLY V 85 5.26 242.37 30.54
C GLY V 85 5.55 242.31 29.03
N ALA V 86 6.72 241.79 28.61
CA ALA V 86 7.09 241.68 27.20
C ALA V 86 8.02 240.49 26.94
N THR V 87 8.01 239.98 25.70
CA THR V 87 8.66 238.72 25.32
C THR V 87 9.55 238.96 24.10
N ALA V 88 10.79 238.42 24.09
CA ALA V 88 11.78 238.80 23.09
C ALA V 88 12.67 237.63 22.65
N THR V 89 13.29 237.77 21.47
CA THR V 89 14.14 236.74 20.86
C THR V 89 15.62 237.11 20.88
N ALA V 90 15.98 238.21 21.54
CA ALA V 90 17.36 238.70 21.62
C ALA V 90 17.55 239.47 22.93
N SER V 91 18.81 239.65 23.35
CA SER V 91 19.15 240.42 24.56
C SER V 91 18.50 241.80 24.49
N GLN V 92 17.91 242.28 25.59
CA GLN V 92 17.36 243.62 25.67
C GLN V 92 18.26 244.54 26.49
N ASP V 93 18.51 245.74 25.97
CA ASP V 93 19.34 246.73 26.63
C ASP V 93 18.50 247.60 27.59
N ASP V 94 17.93 246.97 28.63
CA ASP V 94 17.17 247.66 29.65
C ASP V 94 17.32 246.98 31.02
N SER V 95 17.11 247.77 32.08
CA SER V 95 17.55 247.41 33.43
C SER V 95 16.57 246.53 34.21
N ASP V 96 15.33 246.34 33.73
CA ASP V 96 14.32 245.55 34.43
C ASP V 96 14.50 244.04 34.18
N PRO V 97 14.71 243.22 35.24
CA PRO V 97 14.72 241.76 35.06
C PRO V 97 13.29 241.23 35.01
N MET V 98 13.09 240.09 34.34
CA MET V 98 11.81 239.42 34.36
C MET V 98 11.51 238.87 35.76
N LYS V 99 10.57 239.51 36.48
CA LYS V 99 10.04 238.98 37.73
C LYS V 99 9.08 237.83 37.43
N PHE V 100 9.31 236.66 38.05
CA PHE V 100 8.41 235.53 37.97
C PHE V 100 7.76 235.26 39.33
N ASN V 101 6.47 234.91 39.35
CA ASN V 101 5.92 234.25 40.52
C ASN V 101 6.13 232.74 40.38
N LEU V 102 6.33 232.07 41.50
CA LEU V 102 6.62 230.65 41.52
C LEU V 102 5.75 229.95 42.56
N GLU V 103 5.20 228.78 42.21
CA GLU V 103 4.49 227.95 43.17
C GLU V 103 4.88 226.47 43.00
N ASN V 104 5.08 225.77 44.12
CA ASN V 104 5.41 224.36 44.13
C ASN V 104 4.47 223.61 45.07
N VAL V 105 3.93 222.48 44.60
CA VAL V 105 2.91 221.74 45.33
C VAL V 105 3.33 220.28 45.45
N THR V 106 3.24 219.71 46.65
CA THR V 106 3.61 218.32 46.87
C THR V 106 2.64 217.65 47.85
N PRO V 107 2.02 216.51 47.47
CA PRO V 107 1.45 215.63 48.49
C PRO V 107 2.60 215.12 49.38
N SER V 108 2.33 215.00 50.69
CA SER V 108 3.25 214.33 51.60
C SER V 108 3.23 212.81 51.34
N ALA V 109 4.29 212.12 51.75
CA ALA V 109 4.59 210.78 51.26
C ALA V 109 3.52 209.74 51.64
N SER V 110 2.78 209.96 52.74
CA SER V 110 1.70 209.08 53.17
C SER V 110 0.33 209.78 53.16
N GLY V 111 0.20 210.88 52.39
CA GLY V 111 -1.06 211.57 52.18
C GLY V 111 -1.57 212.39 53.36
N GLY V 112 -0.72 212.73 54.34
CA GLY V 112 -1.12 213.51 55.51
C GLY V 112 -1.50 214.97 55.19
N PHE V 113 -0.80 215.61 54.24
CA PHE V 113 -1.01 217.01 53.88
C PHE V 113 -0.53 217.30 52.46
N GLU V 114 -0.97 218.44 51.89
CA GLU V 114 -0.47 218.90 50.60
C GLU V 114 0.26 220.22 50.80
N ARG V 115 1.58 220.15 51.04
CA ARG V 115 2.39 221.34 51.21
C ARG V 115 2.42 222.10 49.88
N THR V 116 1.89 223.33 49.93
CA THR V 116 2.04 224.31 48.86
C THR V 116 3.00 225.39 49.33
N THR V 117 4.05 225.65 48.56
CA THR V 117 4.99 226.73 48.78
C THR V 117 4.85 227.73 47.63
N ALA V 118 4.75 229.04 47.91
CA ALA V 118 4.74 230.05 46.85
C ALA V 118 5.70 231.20 47.16
N VAL V 119 6.34 231.75 46.11
CA VAL V 119 7.36 232.77 46.21
C VAL V 119 7.12 233.89 45.18
N GLU V 120 7.17 235.16 45.62
CA GLU V 120 6.95 236.30 44.72
C GLU V 120 8.24 236.82 44.11
N ASN V 121 8.14 237.35 42.89
CA ASN V 121 9.16 238.17 42.25
C ASN V 121 10.53 237.50 42.25
N VAL V 122 10.58 236.22 41.89
CA VAL V 122 11.83 235.51 41.67
C VAL V 122 12.50 236.06 40.41
N VAL V 123 13.83 236.27 40.49
CA VAL V 123 14.62 236.74 39.35
C VAL V 123 15.91 235.93 39.26
N PHE V 124 16.42 235.74 38.02
CA PHE V 124 17.61 234.95 37.77
C PHE V 124 18.69 235.80 37.11
N PRO V 125 19.87 236.04 37.73
CA PRO V 125 20.95 236.79 37.10
C PRO V 125 21.42 236.20 35.78
N GLU V 126 21.48 234.86 35.69
CA GLU V 126 21.99 234.17 34.51
C GLU V 126 21.02 233.07 34.09
N LEU V 127 20.78 232.99 32.77
CA LEU V 127 19.93 231.97 32.19
C LEU V 127 20.79 231.11 31.27
N PRO V 128 20.95 229.79 31.54
CA PRO V 128 21.61 228.92 30.58
C PRO V 128 20.67 228.67 29.40
N LEU V 129 21.17 228.92 28.19
CA LEU V 129 20.44 228.58 26.98
C LEU V 129 20.85 227.20 26.49
N ASP V 130 22.16 227.02 26.25
CA ASP V 130 22.69 225.74 25.83
C ASP V 130 23.51 225.16 26.97
N SER V 131 23.26 223.89 27.30
CA SER V 131 23.97 223.20 28.38
C SER V 131 24.29 221.77 27.92
N ALA V 132 25.00 221.69 26.79
CA ALA V 132 25.26 220.44 26.09
C ALA V 132 26.46 219.73 26.70
N THR V 133 26.28 218.42 26.97
CA THR V 133 27.33 217.55 27.47
C THR V 133 27.30 216.27 26.63
N TYR V 134 28.48 215.80 26.20
CA TYR V 134 28.55 214.63 25.32
C TYR V 134 27.84 213.40 25.90
N GLY V 135 26.87 212.85 25.13
CA GLY V 135 26.18 211.65 25.53
C GLY V 135 25.17 211.85 26.67
N GLU V 136 24.73 213.10 26.90
CA GLU V 136 23.72 213.41 27.92
C GLU V 136 22.67 214.37 27.37
N TYR V 137 21.50 214.38 28.02
CA TYR V 137 20.49 215.40 27.71
C TYR V 137 20.98 216.75 28.24
N GLU V 138 20.54 217.86 27.62
CA GLU V 138 20.92 219.17 28.15
C GLU V 138 20.24 219.38 29.51
N GLU V 139 21.05 219.59 30.56
CA GLU V 139 20.55 219.79 31.91
C GLU V 139 20.88 221.20 32.36
N TYR V 140 19.85 221.98 32.71
CA TYR V 140 19.94 223.42 32.92
C TYR V 140 19.81 223.74 34.41
N SER V 141 20.72 224.56 34.94
CA SER V 141 20.66 225.01 36.33
C SER V 141 20.36 226.50 36.41
N LEU V 142 19.30 226.85 37.17
CA LEU V 142 18.96 228.21 37.52
C LEU V 142 19.35 228.48 38.97
N THR V 143 19.88 229.68 39.20
CA THR V 143 20.07 230.23 40.54
C THR V 143 19.45 231.63 40.54
N GLY V 144 18.63 231.93 41.55
CA GLY V 144 17.91 233.20 41.63
C GLY V 144 17.37 233.50 43.03
N SER V 145 16.76 234.69 43.17
CA SER V 145 16.29 235.20 44.45
C SER V 145 14.89 235.81 44.32
N GLY V 146 13.97 235.33 45.17
CA GLY V 146 12.63 235.87 45.31
C GLY V 146 12.55 236.86 46.48
N ARG V 147 11.51 237.71 46.47
CA ARG V 147 11.38 238.79 47.44
C ARG V 147 10.87 238.27 48.78
N SER V 148 9.84 237.41 48.76
CA SER V 148 9.28 236.83 49.97
C SER V 148 8.51 235.54 49.65
N VAL V 149 8.26 234.73 50.70
CA VAL V 149 7.36 233.58 50.60
C VAL V 149 5.94 234.08 50.79
N THR V 150 5.10 234.00 49.73
CA THR V 150 3.73 234.50 49.80
C THR V 150 2.76 233.48 50.39
N ASN V 151 3.10 232.18 50.33
CA ASN V 151 2.30 231.12 50.92
C ASN V 151 3.18 229.96 51.38
N LEU V 152 2.85 229.40 52.56
CA LEU V 152 3.28 228.08 52.98
C LEU V 152 2.18 227.44 53.81
N ALA V 153 1.39 226.57 53.17
CA ALA V 153 0.23 225.98 53.84
C ALA V 153 -0.13 224.60 53.28
N ASP V 154 -0.90 223.85 54.06
CA ASP V 154 -1.52 222.61 53.64
C ASP V 154 -2.77 222.94 52.81
N THR V 155 -2.74 222.62 51.50
CA THR V 155 -3.86 222.85 50.60
C THR V 155 -4.79 221.63 50.46
N SER V 156 -4.58 220.55 51.24
CA SER V 156 -5.56 219.47 51.32
C SER V 156 -6.86 219.92 52.00
N GLY V 157 -7.97 219.21 51.73
CA GLY V 157 -9.31 219.57 52.16
C GLY V 157 -9.42 219.71 53.68
N ALA W 2 1.28 228.66 22.97
CA ALA W 2 2.78 228.58 22.89
C ALA W 2 3.25 227.12 22.77
N THR W 3 4.48 226.94 22.26
CA THR W 3 5.08 225.63 22.00
C THR W 3 5.43 224.92 23.32
N SER W 4 5.12 223.61 23.42
CA SER W 4 5.37 222.82 24.64
C SER W 4 6.86 222.66 24.90
N PRO W 5 7.34 222.70 26.17
CA PRO W 5 8.74 222.41 26.48
C PRO W 5 9.09 220.96 26.13
N GLU W 6 10.38 220.76 25.82
CA GLU W 6 10.84 219.45 25.34
C GLU W 6 12.30 219.23 25.72
N GLY W 7 12.69 217.96 25.90
CA GLY W 7 14.11 217.63 26.11
C GLY W 7 14.95 217.93 24.85
N ILE W 8 16.24 218.17 25.07
CA ILE W 8 17.19 218.36 23.98
C ILE W 8 18.38 217.44 24.25
N TRP W 9 18.84 216.80 23.17
CA TRP W 9 19.90 215.82 23.25
C TRP W 9 21.19 216.42 22.72
N SER W 10 22.28 216.41 23.51
CA SER W 10 23.45 217.21 23.20
C SER W 10 24.02 216.86 21.83
N ASN W 11 24.05 215.56 21.50
CA ASN W 11 24.62 215.06 20.25
C ASN W 11 23.81 215.45 19.01
N SER W 12 22.66 216.12 19.15
CA SER W 12 21.92 216.69 18.03
C SER W 12 22.45 218.05 17.58
N GLY W 13 23.37 218.66 18.33
CA GLY W 13 23.83 220.03 18.14
C GLY W 13 24.62 220.27 16.85
N ALA W 14 24.82 221.56 16.56
CA ALA W 14 25.46 222.02 15.33
C ALA W 14 26.05 223.42 15.52
N LEU W 15 27.10 223.51 16.35
CA LEU W 15 27.80 224.77 16.56
C LEU W 15 28.55 225.20 15.30
N THR W 16 28.55 226.52 15.02
CA THR W 16 29.39 227.12 14.00
C THR W 16 29.90 228.49 14.46
N PHE W 17 31.12 228.84 14.01
CA PHE W 17 31.68 230.16 14.19
C PHE W 17 31.78 230.90 12.86
N GLU W 18 31.53 232.21 12.91
CA GLU W 18 31.60 233.05 11.74
C GLU W 18 32.46 234.28 12.00
N ASP W 19 33.23 234.72 11.00
CA ASP W 19 33.89 236.00 11.03
C ASP W 19 32.84 237.11 10.87
N PRO W 20 32.61 237.98 11.88
CA PRO W 20 31.53 238.97 11.84
C PRO W 20 31.75 240.12 10.85
N ALA W 21 32.93 240.19 10.21
CA ALA W 21 33.17 241.13 9.11
C ALA W 21 32.50 240.66 7.81
N ASP W 22 32.39 239.32 7.64
CA ASP W 22 31.89 238.69 6.43
C ASP W 22 30.51 238.06 6.65
N ASP W 23 30.27 237.54 7.86
CA ASP W 23 29.32 236.45 8.08
C ASP W 23 29.69 235.23 7.22
N SER W 24 31.00 234.86 7.23
CA SER W 24 31.56 233.66 6.59
C SER W 24 32.09 232.68 7.64
N GLU W 25 31.96 231.37 7.36
CA GLU W 25 32.29 230.33 8.33
C GLU W 25 33.80 230.21 8.55
N ILE W 26 34.20 230.06 9.82
CA ILE W 26 35.53 229.65 10.25
C ILE W 26 35.46 228.17 10.57
N LEU W 27 36.32 227.34 9.95
CA LEU W 27 36.20 225.90 10.07
C LEU W 27 36.49 225.43 11.49
N PHE W 28 35.43 224.91 12.12
CA PHE W 28 35.46 224.41 13.48
C PHE W 28 34.46 223.28 13.65
N ALA W 29 34.86 222.25 14.40
CA ALA W 29 34.10 221.02 14.53
C ALA W 29 34.61 220.20 15.72
N GLY W 30 33.91 219.10 16.01
CA GLY W 30 34.39 218.13 17.00
C GLY W 30 34.22 218.62 18.44
N VAL W 31 33.17 219.39 18.73
CA VAL W 31 32.82 219.71 20.10
C VAL W 31 32.42 218.47 20.89
N ARG W 32 32.43 218.61 22.23
CA ARG W 32 32.02 217.58 23.17
C ARG W 32 31.06 218.18 24.19
N ASP W 33 31.45 219.28 24.82
CA ASP W 33 30.56 220.04 25.70
C ASP W 33 30.44 221.49 25.24
N VAL W 34 29.24 222.08 25.37
CA VAL W 34 28.97 223.45 24.94
C VAL W 34 27.96 224.11 25.87
N THR W 35 28.39 225.21 26.52
CA THR W 35 27.53 226.02 27.37
C THR W 35 27.37 227.41 26.75
N ILE W 36 26.13 227.91 26.65
CA ILE W 36 25.85 229.31 26.35
C ILE W 36 24.93 229.84 27.44
N THR W 37 25.36 230.95 28.07
CA THR W 37 24.64 231.53 29.20
C THR W 37 24.66 233.05 29.12
N PRO W 38 23.61 233.70 28.59
CA PRO W 38 23.42 235.13 28.83
C PRO W 38 23.23 235.41 30.32
N ALA W 39 23.85 236.48 30.79
CA ALA W 39 23.83 236.88 32.18
C ALA W 39 23.82 238.40 32.33
N TYR W 40 23.28 238.85 33.47
CA TYR W 40 23.34 240.25 33.87
C TYR W 40 23.69 240.31 35.34
N GLU W 41 24.54 241.27 35.70
CA GLU W 41 24.77 241.52 37.12
C GLU W 41 23.49 242.04 37.75
N HIS W 42 23.14 241.56 38.95
CA HIS W 42 21.95 242.00 39.67
C HIS W 42 22.31 242.87 40.87
N ALA W 43 21.74 244.08 40.89
CA ALA W 43 21.67 244.89 42.09
C ALA W 43 20.35 244.59 42.78
N GLU W 44 20.39 244.07 44.02
CA GLU W 44 19.21 243.95 44.84
C GLU W 44 19.24 245.07 45.89
N LEU W 45 18.19 245.90 45.89
CA LEU W 45 18.17 247.14 46.64
C LEU W 45 17.10 247.09 47.72
N TYR W 46 17.51 247.35 48.97
CA TYR W 46 16.62 247.38 50.12
C TYR W 46 16.25 248.82 50.48
N THR W 47 15.51 249.04 51.59
CA THR W 47 15.10 250.40 52.00
C THR W 47 15.16 250.61 53.51
N ILE W 48 14.92 251.83 54.01
CA ILE W 48 15.20 252.24 55.39
C ILE W 48 14.32 251.59 56.48
N ASP W 49 13.12 251.08 56.13
CA ASP W 49 12.15 250.64 57.14
C ASP W 49 11.47 249.35 56.72
N SER W 50 12.25 248.45 56.10
CA SER W 50 11.80 247.12 55.72
C SER W 50 12.98 246.16 55.66
N THR W 51 12.73 244.90 56.03
CA THR W 51 13.69 243.83 55.83
C THR W 51 13.61 243.25 54.41
N PHE W 52 12.51 243.49 53.69
CA PHE W 52 12.31 242.95 52.36
C PHE W 52 13.07 243.77 51.30
N ARG W 53 13.41 243.11 50.19
CA ARG W 53 13.97 243.75 49.01
C ARG W 53 12.95 244.74 48.43
N ASP W 54 13.39 245.98 48.16
CA ASP W 54 12.51 247.00 47.62
C ASP W 54 12.46 246.92 46.09
N GLU W 55 13.64 246.86 45.46
CA GLU W 55 13.75 246.74 44.00
C GLU W 55 14.95 245.89 43.57
N VAL W 56 14.94 245.46 42.29
CA VAL W 56 16.07 244.72 41.72
C VAL W 56 16.29 245.16 40.26
N LYS W 57 17.57 245.39 39.89
CA LYS W 57 17.96 245.88 38.57
C LYS W 57 19.12 245.10 37.96
N ARG W 58 19.04 244.90 36.63
CA ARG W 58 20.10 244.33 35.81
C ARG W 58 21.10 245.42 35.42
N TYR W 59 22.41 245.13 35.55
CA TYR W 59 23.45 246.00 35.01
C TYR W 59 24.33 245.31 33.97
N GLU W 60 25.63 245.11 34.23
CA GLU W 60 26.56 244.62 33.23
C GLU W 60 26.06 243.31 32.57
N HIS W 61 25.74 243.36 31.28
CA HIS W 61 25.35 242.18 30.52
C HIS W 61 26.55 241.51 29.86
N ASN W 62 26.52 240.17 29.75
CA ASN W 62 27.40 239.42 28.86
C ASN W 62 26.73 238.11 28.45
N VAL W 63 27.36 237.38 27.52
CA VAL W 63 27.01 235.99 27.28
C VAL W 63 28.25 235.14 27.58
N ASN W 64 28.23 234.38 28.67
CA ASN W 64 29.27 233.38 28.92
C ASN W 64 29.12 232.25 27.91
N VAL W 65 30.17 232.03 27.10
CA VAL W 65 30.27 230.92 26.19
C VAL W 65 31.44 230.07 26.63
N GLU W 66 31.24 228.77 26.85
CA GLU W 66 32.37 227.88 27.01
C GLU W 66 32.15 226.56 26.28
N ILE W 67 33.22 226.11 25.63
CA ILE W 67 33.20 225.04 24.65
C ILE W 67 34.38 224.12 24.93
N THR W 68 34.12 222.82 24.95
CA THR W 68 35.15 221.79 25.04
C THR W 68 35.11 220.99 23.74
N TYR W 69 36.27 220.84 23.07
CA TYR W 69 36.30 220.25 21.72
C TYR W 69 37.58 219.45 21.49
N ALA W 70 37.56 218.52 20.51
CA ALA W 70 38.60 217.49 20.42
C ALA W 70 39.22 217.37 19.01
N LYS W 71 38.73 218.15 18.03
CA LYS W 71 39.36 218.27 16.74
C LYS W 71 40.02 219.64 16.65
N PHE W 72 41.35 219.67 16.47
CA PHE W 72 42.05 220.94 16.37
C PHE W 72 41.78 221.61 15.03
N SER W 73 41.61 222.94 15.05
CA SER W 73 41.46 223.75 13.85
C SER W 73 42.62 224.73 13.74
N LEU W 74 43.41 224.66 12.67
CA LEU W 74 44.43 225.67 12.42
C LEU W 74 43.79 227.02 12.09
N GLU W 75 42.71 227.03 11.31
CA GLU W 75 42.08 228.28 10.90
C GLU W 75 41.58 229.09 12.11
N PHE W 76 40.84 228.45 13.01
CA PHE W 76 40.33 229.12 14.19
C PHE W 76 41.45 229.70 15.06
N ALA W 77 42.52 228.95 15.26
CA ALA W 77 43.66 229.42 16.04
C ALA W 77 44.41 230.58 15.35
N GLN W 78 44.60 230.50 14.03
CA GLN W 78 45.27 231.54 13.26
C GLN W 78 44.42 232.82 13.16
N GLU W 79 43.09 232.71 13.20
CA GLU W 79 42.19 233.84 13.38
C GLU W 79 42.33 234.46 14.78
N TRP W 80 42.33 233.65 15.83
CA TRP W 80 42.53 234.18 17.19
C TRP W 80 43.87 234.89 17.35
N LEU W 81 44.94 234.33 16.78
CA LEU W 81 46.26 234.96 16.77
C LEU W 81 46.26 236.26 15.97
N GLY W 82 45.73 236.22 14.74
CA GLY W 82 45.79 237.35 13.81
C GLY W 82 44.89 238.53 14.18
N GLY W 83 43.83 238.32 14.96
CA GLY W 83 42.92 239.37 15.38
C GLY W 83 41.94 239.79 14.27
N PRO W 84 41.11 240.83 14.49
CA PRO W 84 40.06 241.21 13.53
C PRO W 84 40.52 241.36 12.09
N GLY W 85 39.84 240.60 11.21
CA GLY W 85 40.01 240.62 9.75
C GLY W 85 41.34 240.08 9.23
N ALA W 86 42.18 239.49 10.09
CA ALA W 86 43.53 239.07 9.71
C ALA W 86 43.90 237.68 10.25
N THR W 87 44.60 236.88 9.43
CA THR W 87 45.13 235.58 9.80
C THR W 87 46.62 235.71 10.11
N ALA W 88 47.09 235.09 11.20
CA ALA W 88 48.51 235.13 11.53
C ALA W 88 49.02 233.79 12.06
N THR W 89 50.31 233.53 11.79
CA THR W 89 50.99 232.28 12.15
C THR W 89 51.81 232.41 13.44
N ALA W 90 51.63 233.52 14.18
CA ALA W 90 52.38 233.82 15.41
C ALA W 90 51.63 234.89 16.21
N SER W 91 52.02 235.09 17.49
CA SER W 91 51.45 236.15 18.31
C SER W 91 51.64 237.52 17.66
N GLN W 92 50.56 238.32 17.61
CA GLN W 92 50.61 239.68 17.10
C GLN W 92 50.59 240.67 18.28
N ASP W 93 51.44 241.70 18.20
CA ASP W 93 51.56 242.69 19.26
C ASP W 93 50.53 243.80 19.10
N ASP W 94 49.25 243.48 19.37
CA ASP W 94 48.14 244.44 19.26
C ASP W 94 47.02 244.17 20.27
N SER W 95 46.23 245.21 20.55
CA SER W 95 45.22 245.16 21.60
C SER W 95 43.82 244.77 21.12
N ASP W 96 43.63 244.44 19.82
CA ASP W 96 42.33 244.02 19.33
C ASP W 96 42.19 242.49 19.37
N PRO W 97 41.29 241.91 20.20
CA PRO W 97 41.06 240.46 20.17
C PRO W 97 40.23 240.08 18.95
N MET W 98 40.43 238.86 18.45
CA MET W 98 39.54 238.32 17.44
C MET W 98 38.13 238.17 18.01
N LYS W 99 37.14 238.75 17.32
CA LYS W 99 35.74 238.62 17.68
C LYS W 99 35.09 237.61 16.75
N PHE W 100 34.40 236.62 17.31
CA PHE W 100 33.69 235.62 16.54
C PHE W 100 32.19 235.82 16.71
N ASN W 101 31.42 235.74 15.61
CA ASN W 101 30.01 235.45 15.73
C ASN W 101 29.82 233.93 15.87
N LEU W 102 28.72 233.53 16.51
CA LEU W 102 28.50 232.14 16.87
C LEU W 102 27.02 231.78 16.72
N GLU W 103 26.75 230.54 16.27
CA GLU W 103 25.40 230.01 16.20
C GLU W 103 25.38 228.53 16.57
N ASN W 104 24.31 228.07 17.24
CA ASN W 104 24.09 226.66 17.52
C ASN W 104 22.63 226.27 17.28
N VAL W 105 22.41 225.16 16.58
CA VAL W 105 21.10 224.71 16.16
C VAL W 105 20.84 223.31 16.71
N THR W 106 19.74 223.14 17.46
CA THR W 106 19.45 221.89 18.14
C THR W 106 17.98 221.54 17.99
N PRO W 107 17.64 220.50 17.19
CA PRO W 107 16.30 219.94 17.21
C PRO W 107 16.00 219.38 18.62
N SER W 108 14.75 219.51 19.02
CA SER W 108 14.25 218.86 20.24
C SER W 108 14.23 217.34 20.09
N ALA W 109 14.22 216.64 21.23
CA ALA W 109 14.29 215.19 21.26
C ALA W 109 13.13 214.50 20.52
N SER W 110 11.95 215.13 20.44
CA SER W 110 10.77 214.60 19.75
C SER W 110 10.35 215.43 18.53
N GLY W 111 11.25 216.32 18.06
CA GLY W 111 11.03 217.12 16.86
C GLY W 111 10.00 218.24 17.01
N GLY W 112 9.63 218.61 18.24
CA GLY W 112 8.65 219.67 18.52
C GLY W 112 9.10 221.06 18.09
N PHE W 113 10.42 221.32 18.09
CA PHE W 113 10.99 222.59 17.62
C PHE W 113 12.47 222.44 17.28
N GLU W 114 13.02 223.42 16.55
CA GLU W 114 14.44 223.49 16.29
C GLU W 114 14.99 224.75 16.94
N ARG W 115 15.50 224.63 18.16
CA ARG W 115 15.99 225.78 18.91
C ARG W 115 17.30 226.27 18.28
N THR W 116 17.31 227.51 17.80
CA THR W 116 18.52 228.17 17.34
C THR W 116 18.94 229.27 18.31
N THR W 117 20.16 229.17 18.84
CA THR W 117 20.80 230.19 19.65
C THR W 117 21.89 230.87 18.83
N ALA W 118 21.95 232.21 18.84
CA ALA W 118 23.03 232.93 18.18
C ALA W 118 23.59 234.05 19.07
N VAL W 119 24.91 234.30 18.97
CA VAL W 119 25.62 235.18 19.87
C VAL W 119 26.62 236.04 19.10
N GLU W 120 26.71 237.33 19.43
CA GLU W 120 27.60 238.25 18.70
C GLU W 120 28.88 238.55 19.45
N ASN W 121 29.98 238.69 18.69
CA ASN W 121 31.27 239.16 19.19
C ASN W 121 31.75 238.42 20.43
N VAL W 122 31.74 237.09 20.38
CA VAL W 122 32.41 236.26 21.38
C VAL W 122 33.91 236.48 21.28
N VAL W 123 34.57 236.72 22.43
CA VAL W 123 36.03 236.74 22.52
C VAL W 123 36.50 235.76 23.58
N PHE W 124 37.67 235.14 23.35
CA PHE W 124 38.25 234.19 24.29
C PHE W 124 39.57 234.77 24.81
N PRO W 125 39.74 235.02 26.14
CA PRO W 125 41.00 235.49 26.71
C PRO W 125 42.22 234.62 26.39
N GLU W 126 42.01 233.32 26.22
CA GLU W 126 43.07 232.34 26.10
C GLU W 126 42.65 231.21 25.16
N LEU W 127 43.64 230.59 24.52
CA LEU W 127 43.40 229.65 23.43
C LEU W 127 44.42 228.50 23.55
N PRO W 128 44.00 227.28 23.97
CA PRO W 128 44.94 226.18 24.08
C PRO W 128 45.32 225.68 22.69
N LEU W 129 46.63 225.64 22.44
CA LEU W 129 47.12 225.16 21.14
C LEU W 129 47.42 223.66 21.23
N ASP W 130 48.25 223.29 22.19
CA ASP W 130 48.53 221.88 22.49
C ASP W 130 47.89 221.56 23.84
N SER W 131 47.15 220.45 23.90
CA SER W 131 46.51 219.99 25.12
C SER W 131 46.70 218.48 25.25
N ALA W 132 47.96 218.06 25.21
CA ALA W 132 48.37 216.67 25.25
C ALA W 132 48.20 216.11 26.66
N THR W 133 47.57 214.93 26.74
CA THR W 133 47.60 214.10 27.93
C THR W 133 47.91 212.68 27.49
N TYR W 134 48.81 212.01 28.19
CA TYR W 134 49.24 210.67 27.80
C TYR W 134 48.06 209.70 27.67
N GLY W 135 48.01 208.97 26.54
CA GLY W 135 46.97 208.00 26.27
C GLY W 135 45.57 208.59 26.05
N GLU W 136 45.51 209.89 25.69
CA GLU W 136 44.26 210.56 25.32
C GLU W 136 44.40 211.40 24.05
N TYR W 137 43.27 211.65 23.38
CA TYR W 137 43.24 212.66 22.33
C TYR W 137 43.29 214.06 22.94
N GLU W 138 43.89 215.03 22.23
CA GLU W 138 43.95 216.38 22.77
C GLU W 138 42.55 216.96 22.88
N GLU W 139 42.17 217.41 24.09
CA GLU W 139 40.87 218.02 24.33
C GLU W 139 41.07 219.47 24.79
N TYR W 140 40.40 220.40 24.12
CA TYR W 140 40.66 221.82 24.21
C TYR W 140 39.47 222.53 24.85
N SER W 141 39.74 223.34 25.87
CA SER W 141 38.70 224.13 26.56
C SER W 141 38.84 225.61 26.22
N LEU W 142 37.73 226.23 25.78
CA LEU W 142 37.64 227.67 25.55
C LEU W 142 36.59 228.29 26.47
N THR W 143 36.98 229.35 27.19
CA THR W 143 36.01 230.17 27.91
C THR W 143 36.05 231.58 27.32
N GLY W 144 34.86 232.17 27.07
CA GLY W 144 34.80 233.46 26.41
C GLY W 144 33.49 234.21 26.70
N SER W 145 33.46 235.50 26.30
CA SER W 145 32.31 236.36 26.51
C SER W 145 31.82 236.99 25.19
N GLY W 146 30.55 236.73 24.87
CA GLY W 146 29.84 237.43 23.80
C GLY W 146 29.14 238.69 24.30
N ARG W 147 28.80 239.61 23.39
CA ARG W 147 28.21 240.89 23.72
C ARG W 147 26.72 240.76 24.03
N SER W 148 25.99 240.01 23.20
CA SER W 148 24.55 239.79 23.35
C SER W 148 24.08 238.57 22.55
N VAL W 149 22.90 238.06 22.91
CA VAL W 149 22.22 237.04 22.12
C VAL W 149 21.48 237.74 20.98
N THR W 150 21.85 237.42 19.73
CA THR W 150 21.24 238.04 18.57
C THR W 150 19.92 237.35 18.18
N ASN W 151 19.78 236.05 18.50
CA ASN W 151 18.61 235.26 18.16
C ASN W 151 18.41 234.09 19.13
N LEU W 152 17.15 233.84 19.51
CA LEU W 152 16.73 232.66 20.26
C LEU W 152 15.30 232.32 19.87
N ALA W 153 15.16 231.39 18.92
CA ALA W 153 13.88 231.09 18.30
C ALA W 153 13.81 229.65 17.79
N ASP W 154 12.57 229.18 17.57
CA ASP W 154 12.32 227.99 16.79
C ASP W 154 12.50 228.32 15.30
N THR W 155 13.43 227.63 14.64
CA THR W 155 13.70 227.80 13.22
C THR W 155 13.15 226.66 12.38
N SER W 156 12.40 225.72 12.97
CA SER W 156 11.78 224.62 12.24
C SER W 156 10.69 225.10 11.27
N GLY W 157 10.49 224.37 10.16
CA GLY W 157 9.58 224.77 9.09
C GLY W 157 8.21 224.12 9.26
N ALA X 2 40.93 225.96 2.66
CA ALA X 2 41.24 225.75 4.11
C ALA X 2 41.41 224.26 4.40
N THR X 3 41.94 223.93 5.59
CA THR X 3 42.21 222.56 6.02
C THR X 3 41.21 222.16 7.11
N SER X 4 40.56 220.99 6.94
CA SER X 4 39.56 220.47 7.86
C SER X 4 40.13 220.36 9.27
N PRO X 5 39.34 220.62 10.34
CA PRO X 5 39.78 220.28 11.69
C PRO X 5 39.94 218.75 11.78
N GLU X 6 40.88 218.32 12.62
CA GLU X 6 41.16 216.89 12.75
C GLU X 6 41.58 216.57 14.18
N GLY X 7 41.37 215.32 14.59
CA GLY X 7 41.79 214.87 15.91
C GLY X 7 43.31 214.92 16.07
N ILE X 8 43.79 215.04 17.32
CA ILE X 8 45.21 214.89 17.58
C ILE X 8 45.39 213.92 18.74
N TRP X 9 46.36 213.02 18.57
CA TRP X 9 46.67 211.98 19.54
C TRP X 9 47.96 212.34 20.28
N SER X 10 47.88 212.45 21.62
CA SER X 10 48.95 213.03 22.41
C SER X 10 50.26 212.27 22.19
N ASN X 11 50.19 210.93 22.19
CA ASN X 11 51.37 210.10 22.13
C ASN X 11 52.13 210.19 20.79
N SER X 12 51.54 210.82 19.76
CA SER X 12 52.23 211.08 18.49
C SER X 12 53.16 212.29 18.54
N GLY X 13 53.00 213.17 19.54
CA GLY X 13 53.77 214.41 19.62
C GLY X 13 55.27 214.21 19.85
N ALA X 14 56.06 215.18 19.39
CA ALA X 14 57.48 215.31 19.73
C ALA X 14 57.77 216.72 20.25
N LEU X 15 58.25 216.80 21.51
CA LEU X 15 58.61 218.05 22.16
C LEU X 15 60.13 218.23 22.18
N THR X 16 60.61 219.46 21.91
CA THR X 16 62.02 219.78 22.05
C THR X 16 62.23 221.13 22.75
N PHE X 17 63.28 221.20 23.58
CA PHE X 17 63.79 222.43 24.15
C PHE X 17 65.12 222.81 23.49
N GLU X 18 65.28 224.11 23.20
CA GLU X 18 66.49 224.63 22.60
C GLU X 18 67.01 225.83 23.39
N ASP X 19 68.33 225.99 23.40
CA ASP X 19 69.02 227.14 23.96
C ASP X 19 68.84 228.34 23.02
N PRO X 20 68.16 229.44 23.43
CA PRO X 20 67.91 230.58 22.54
C PRO X 20 69.16 231.35 22.11
N ALA X 21 70.32 231.10 22.74
CA ALA X 21 71.57 231.71 22.32
C ALA X 21 72.11 231.07 21.03
N ASP X 22 71.95 229.74 20.86
CA ASP X 22 72.66 228.97 19.84
C ASP X 22 71.73 228.11 18.97
N ASP X 23 70.48 227.91 19.39
CA ASP X 23 69.54 226.94 18.81
C ASP X 23 70.06 225.49 18.87
N SER X 24 71.00 225.21 19.79
CA SER X 24 71.38 223.85 20.14
C SER X 24 70.31 223.21 21.03
N GLU X 25 70.10 221.89 20.86
CA GLU X 25 69.11 221.17 21.65
C GLU X 25 69.59 220.97 23.08
N ILE X 26 68.64 221.05 24.04
CA ILE X 26 68.81 220.68 25.43
C ILE X 26 68.09 219.34 25.62
N LEU X 27 68.83 218.30 26.07
CA LEU X 27 68.29 216.94 26.07
C LEU X 27 67.13 216.82 27.05
N PHE X 28 65.94 216.56 26.51
CA PHE X 28 64.71 216.47 27.29
C PHE X 28 63.80 215.41 26.65
N ALA X 29 63.19 214.57 27.50
CA ALA X 29 62.44 213.40 27.02
C ALA X 29 61.48 212.89 28.09
N GLY X 30 60.67 211.88 27.73
CA GLY X 30 59.82 211.18 28.69
C GLY X 30 58.61 212.02 29.08
N VAL X 31 58.13 212.86 28.16
CA VAL X 31 56.95 213.68 28.37
C VAL X 31 55.71 212.80 28.49
N ARG X 32 54.76 213.25 29.33
CA ARG X 32 53.47 212.58 29.51
C ARG X 32 52.36 213.54 29.14
N ASP X 33 52.36 214.74 29.75
CA ASP X 33 51.36 215.77 29.49
C ASP X 33 52.02 217.08 29.04
N VAL X 34 51.36 217.78 28.10
CA VAL X 34 51.76 219.10 27.66
C VAL X 34 50.54 220.00 27.48
N THR X 35 50.56 221.17 28.13
CA THR X 35 49.63 222.23 27.83
C THR X 35 50.41 223.46 27.36
N ILE X 36 50.11 223.93 26.15
CA ILE X 36 50.61 225.21 25.65
C ILE X 36 49.40 226.08 25.34
N THR X 37 49.28 227.20 26.08
CA THR X 37 48.10 228.06 26.01
C THR X 37 48.52 229.52 25.95
N PRO X 38 48.56 230.15 24.77
CA PRO X 38 48.64 231.61 24.69
C PRO X 38 47.42 232.23 25.34
N ALA X 39 47.68 233.35 26.03
CA ALA X 39 46.65 234.09 26.75
C ALA X 39 46.93 235.59 26.69
N TYR X 40 45.86 236.37 26.85
CA TYR X 40 45.97 237.78 27.12
C TYR X 40 44.97 238.12 28.22
N GLU X 41 45.34 239.04 29.11
CA GLU X 41 44.31 239.68 29.90
C GLU X 41 43.41 240.50 28.98
N HIS X 42 42.08 240.43 29.19
CA HIS X 42 41.10 241.22 28.44
C HIS X 42 40.48 242.30 29.33
N ALA X 43 40.57 243.56 28.89
CA ALA X 43 39.78 244.66 29.42
C ALA X 43 38.45 244.68 28.67
N GLU X 44 37.33 244.55 29.39
CA GLU X 44 36.02 244.41 28.77
C GLU X 44 35.15 245.61 29.17
N LEU X 45 34.94 246.53 28.22
CA LEU X 45 34.65 247.93 28.51
C LEU X 45 33.18 248.27 28.27
N TYR X 46 32.57 248.93 29.27
CA TYR X 46 31.15 249.28 29.26
C TYR X 46 30.98 250.81 29.28
N THR X 47 29.94 251.30 28.60
CA THR X 47 29.59 252.73 28.61
C THR X 47 28.72 253.10 29.82
N ILE X 48 28.44 254.40 29.95
CA ILE X 48 27.39 254.93 30.81
C ILE X 48 25.99 254.54 30.30
N ASP X 49 25.76 254.72 29.00
CA ASP X 49 24.42 254.74 28.42
C ASP X 49 23.77 253.36 28.23
N SER X 50 24.47 252.26 28.57
CA SER X 50 24.01 250.90 28.22
C SER X 50 24.36 249.88 29.30
N THR X 51 23.56 248.80 29.36
CA THR X 51 23.89 247.59 30.10
C THR X 51 24.87 246.69 29.33
N PHE X 52 24.89 246.82 28.00
CA PHE X 52 25.75 246.02 27.14
C PHE X 52 27.21 246.49 27.19
N ARG X 53 28.10 245.58 26.82
CA ARG X 53 29.48 245.90 26.51
C ARG X 53 29.55 246.84 25.29
N ASP X 54 30.57 247.70 25.26
CA ASP X 54 30.82 248.55 24.10
C ASP X 54 32.10 248.18 23.32
N GLU X 55 33.18 247.83 24.04
CA GLU X 55 34.43 247.42 23.40
C GLU X 55 35.20 246.40 24.26
N VAL X 56 36.12 245.63 23.68
CA VAL X 56 36.99 244.75 24.45
C VAL X 56 38.41 244.77 23.87
N LYS X 57 39.42 244.79 24.76
CA LYS X 57 40.82 245.00 24.40
C LYS X 57 41.74 244.00 25.09
N ARG X 58 42.73 243.46 24.34
CA ARG X 58 43.79 242.63 24.89
C ARG X 58 44.85 243.53 25.57
N TYR X 59 45.51 243.02 26.62
CA TYR X 59 46.67 243.71 27.17
C TYR X 59 47.84 242.79 27.48
N GLU X 60 48.03 242.36 28.75
CA GLU X 60 49.22 241.59 29.10
C GLU X 60 49.16 240.21 28.45
N HIS X 61 50.04 239.97 27.47
CA HIS X 61 50.16 238.68 26.79
C HIS X 61 51.20 237.80 27.50
N ASN X 62 50.94 236.50 27.52
CA ASN X 62 51.93 235.47 27.84
C ASN X 62 51.49 234.13 27.25
N VAL X 63 52.40 233.14 27.24
CA VAL X 63 52.04 231.77 26.86
C VAL X 63 52.23 230.89 28.09
N ASN X 64 51.14 230.36 28.65
CA ASN X 64 51.24 229.41 29.74
C ASN X 64 51.72 228.08 29.18
N VAL X 65 52.87 227.61 29.70
CA VAL X 65 53.40 226.31 29.36
C VAL X 65 53.44 225.49 30.64
N GLU X 66 52.79 224.33 30.63
CA GLU X 66 52.99 223.35 31.70
C GLU X 66 53.18 221.96 31.12
N ILE X 67 54.15 221.25 31.70
CA ILE X 67 54.64 219.99 31.19
C ILE X 67 54.76 219.02 32.35
N THR X 68 54.25 217.79 32.17
CA THR X 68 54.57 216.71 33.10
C THR X 68 55.38 215.65 32.37
N TYR X 69 56.47 215.22 33.00
CA TYR X 69 57.44 214.33 32.39
C TYR X 69 58.06 213.40 33.44
N ALA X 70 58.60 212.25 32.99
CA ALA X 70 58.96 211.16 33.89
C ALA X 70 60.35 210.57 33.58
N LYS X 71 61.14 211.24 32.73
CA LYS X 71 62.58 210.96 32.62
C LYS X 71 63.33 212.19 33.06
N PHE X 72 64.17 212.07 34.09
CA PHE X 72 64.97 213.19 34.55
C PHE X 72 66.05 213.51 33.53
N SER X 73 66.33 214.81 33.33
CA SER X 73 67.46 215.26 32.54
C SER X 73 68.43 216.05 33.40
N LEU X 74 69.71 215.64 33.44
CA LEU X 74 70.73 216.44 34.10
C LEU X 74 70.88 217.80 33.43
N GLU X 75 70.93 217.80 32.09
CA GLU X 75 71.20 219.02 31.35
C GLU X 75 70.12 220.08 31.59
N PHE X 76 68.84 219.73 31.43
CA PHE X 76 67.77 220.68 31.65
C PHE X 76 67.85 221.36 33.03
N ALA X 77 68.11 220.57 34.07
CA ALA X 77 68.24 221.08 35.43
C ALA X 77 69.47 221.95 35.64
N GLN X 78 70.62 221.52 35.11
CA GLN X 78 71.87 222.27 35.25
C GLN X 78 71.85 223.59 34.46
N GLU X 79 71.15 223.64 33.33
CA GLU X 79 70.92 224.89 32.61
C GLU X 79 69.98 225.81 33.37
N TRP X 80 68.89 225.27 33.96
CA TRP X 80 67.98 226.09 34.76
C TRP X 80 68.66 226.70 35.99
N LEU X 81 69.58 225.96 36.63
CA LEU X 81 70.39 226.49 37.72
C LEU X 81 71.35 227.58 37.24
N GLY X 82 72.10 227.31 36.15
CA GLY X 82 73.14 228.20 35.67
C GLY X 82 72.62 229.53 35.11
N GLY X 83 71.39 229.56 34.59
CA GLY X 83 70.84 230.75 33.93
C GLY X 83 71.34 230.90 32.49
N PRO X 84 71.02 232.01 31.79
CA PRO X 84 71.36 232.16 30.38
C PRO X 84 72.84 231.99 30.06
N GLY X 85 73.12 231.12 29.08
CA GLY X 85 74.44 230.93 28.48
C GLY X 85 75.47 230.24 29.37
N ALA X 86 75.06 229.66 30.51
CA ALA X 86 75.99 228.99 31.42
C ALA X 86 75.30 227.85 32.19
N THR X 87 76.04 226.78 32.51
CA THR X 87 75.50 225.56 33.09
C THR X 87 76.14 225.31 34.47
N ALA X 88 75.33 224.96 35.48
CA ALA X 88 75.81 224.91 36.86
C ALA X 88 75.27 223.72 37.65
N THR X 89 76.05 223.30 38.67
CA THR X 89 75.70 222.17 39.54
C THR X 89 75.08 222.61 40.87
N ALA X 90 74.86 223.93 41.05
CA ALA X 90 74.39 224.50 42.32
C ALA X 90 73.64 225.80 42.05
N SER X 91 72.79 226.22 43.00
CA SER X 91 71.99 227.45 42.89
C SER X 91 72.91 228.65 42.65
N GLN X 92 72.52 229.56 41.73
CA GLN X 92 73.27 230.77 41.46
C GLN X 92 72.57 232.00 42.05
N ASP X 93 73.36 232.86 42.70
CA ASP X 93 72.85 234.09 43.32
C ASP X 93 72.83 235.25 42.32
N ASP X 94 72.00 235.13 41.27
CA ASP X 94 71.81 236.18 40.27
C ASP X 94 70.42 236.15 39.64
N SER X 95 70.01 237.29 39.06
CA SER X 95 68.60 237.58 38.78
C SER X 95 68.08 237.05 37.43
N ASP X 96 68.95 236.59 36.52
CA ASP X 96 68.52 236.12 35.20
C ASP X 96 68.03 234.67 35.20
N PRO X 97 66.76 234.40 34.81
CA PRO X 97 66.28 233.03 34.68
C PRO X 97 66.75 232.44 33.36
N MET X 98 66.93 231.13 33.31
CA MET X 98 67.21 230.44 32.05
C MET X 98 66.00 230.53 31.12
N LYS X 99 66.15 231.27 30.01
CA LYS X 99 65.15 231.32 28.94
C LYS X 99 65.34 230.10 28.03
N PHE X 100 64.27 229.34 27.80
CA PHE X 100 64.27 228.23 26.85
C PHE X 100 63.38 228.57 25.65
N ASN X 101 63.80 228.21 24.45
CA ASN X 101 62.87 228.10 23.33
C ASN X 101 62.27 226.69 23.32
N LEU X 102 61.01 226.58 22.91
CA LEU X 102 60.28 225.32 22.94
C LEU X 102 59.57 225.11 21.61
N GLU X 103 59.62 223.89 21.08
CA GLU X 103 58.80 223.52 19.92
C GLU X 103 58.14 222.15 20.14
N ASN X 104 56.84 222.05 19.80
CA ASN X 104 56.08 220.81 19.87
C ASN X 104 55.50 220.50 18.48
N VAL X 105 55.76 219.28 17.99
CA VAL X 105 55.39 218.87 16.64
C VAL X 105 54.43 217.69 16.73
N THR X 106 53.27 217.79 16.07
CA THR X 106 52.20 216.80 16.22
C THR X 106 51.53 216.50 14.88
N PRO X 107 51.76 215.31 14.28
CA PRO X 107 50.93 214.86 13.17
C PRO X 107 49.49 214.70 13.66
N SER X 108 48.53 215.13 12.82
CA SER X 108 47.12 214.95 13.12
C SER X 108 46.72 213.48 12.93
N ALA X 109 45.59 213.10 13.55
CA ALA X 109 45.26 211.70 13.80
C ALA X 109 45.10 210.88 12.51
N SER X 110 44.64 211.50 11.41
CA SER X 110 44.47 210.85 10.12
C SER X 110 45.43 211.40 9.06
N GLY X 111 46.52 212.06 9.49
CA GLY X 111 47.58 212.54 8.60
C GLY X 111 47.22 213.75 7.74
N GLY X 112 46.18 214.52 8.10
CA GLY X 112 45.77 215.71 7.36
C GLY X 112 46.79 216.86 7.43
N PHE X 113 47.47 217.04 8.57
CA PHE X 113 48.43 218.12 8.77
C PHE X 113 49.44 217.79 9.88
N GLU X 114 50.54 218.55 9.93
CA GLU X 114 51.52 218.42 10.99
C GLU X 114 51.56 219.73 11.78
N ARG X 115 50.76 219.83 12.83
CA ARG X 115 50.65 221.03 13.64
C ARG X 115 51.94 221.19 14.43
N THR X 116 52.71 222.22 14.06
CA THR X 116 53.92 222.62 14.76
C THR X 116 53.63 223.89 15.52
N THR X 117 53.90 223.88 16.83
CA THR X 117 53.78 225.04 17.70
C THR X 117 55.17 225.38 18.25
N ALA X 118 55.58 226.66 18.19
CA ALA X 118 56.81 227.09 18.84
C ALA X 118 56.58 228.31 19.76
N VAL X 119 57.31 228.35 20.87
CA VAL X 119 57.17 229.37 21.90
C VAL X 119 58.55 229.89 22.31
N GLU X 120 58.71 231.21 22.41
CA GLU X 120 59.99 231.83 22.78
C GLU X 120 60.09 232.13 24.27
N ASN X 121 61.33 232.06 24.79
CA ASN X 121 61.69 232.57 26.10
C ASN X 121 60.80 232.03 27.23
N VAL X 122 60.50 230.73 27.20
CA VAL X 122 59.81 230.07 28.29
C VAL X 122 60.70 230.06 29.53
N VAL X 123 60.15 230.44 30.69
CA VAL X 123 60.85 230.40 31.96
C VAL X 123 60.01 229.71 33.03
N PHE X 124 60.67 229.02 33.97
CA PHE X 124 60.01 228.26 35.01
C PHE X 124 60.39 228.84 36.38
N PRO X 125 59.44 229.40 37.17
CA PRO X 125 59.73 229.86 38.53
C PRO X 125 60.31 228.78 39.44
N GLU X 126 59.86 227.54 39.26
CA GLU X 126 60.23 226.44 40.13
C GLU X 126 60.58 225.21 39.29
N LEU X 127 61.68 224.54 39.68
CA LEU X 127 62.11 223.32 39.03
C LEU X 127 62.05 222.19 40.07
N PRO X 128 61.21 221.15 39.85
CA PRO X 128 61.22 219.99 40.75
C PRO X 128 62.47 219.16 40.44
N LEU X 129 63.35 219.06 41.45
CA LEU X 129 64.56 218.24 41.30
C LEU X 129 64.27 216.79 41.64
N ASP X 130 63.54 216.57 42.75
CA ASP X 130 63.15 215.25 43.20
C ASP X 130 61.64 215.25 43.42
N SER X 131 60.97 214.20 42.94
CA SER X 131 59.51 214.09 43.00
C SER X 131 59.13 212.63 43.22
N ALA X 132 59.67 212.07 44.32
CA ALA X 132 59.63 210.65 44.61
C ALA X 132 58.36 210.28 45.37
N THR X 133 57.67 209.23 44.90
CA THR X 133 56.49 208.66 45.55
C THR X 133 56.63 207.15 45.59
N TYR X 134 56.33 206.57 46.76
CA TYR X 134 56.45 205.13 46.99
C TYR X 134 55.74 204.31 45.93
N GLY X 135 56.46 203.36 45.29
CA GLY X 135 55.86 202.49 44.31
C GLY X 135 55.56 203.15 42.96
N GLU X 136 56.15 204.33 42.69
CA GLU X 136 55.95 205.03 41.43
C GLU X 136 57.28 205.57 40.89
N TYR X 137 57.32 205.77 39.57
CA TYR X 137 58.44 206.48 38.97
C TYR X 137 58.37 207.95 39.36
N GLU X 138 59.52 208.64 39.45
CA GLU X 138 59.47 210.07 39.74
C GLU X 138 58.78 210.80 38.58
N GLU X 139 57.72 211.56 38.89
CA GLU X 139 56.97 212.31 37.90
C GLU X 139 57.08 213.81 38.22
N TYR X 140 57.57 214.58 37.26
CA TYR X 140 57.95 215.98 37.44
C TYR X 140 56.97 216.88 36.71
N SER X 141 56.45 217.91 37.40
CA SER X 141 55.55 218.88 36.79
C SER X 141 56.17 220.27 36.77
N LEU X 142 56.28 220.85 35.56
CA LEU X 142 56.75 222.21 35.34
C LEU X 142 55.55 223.11 35.07
N THR X 143 55.55 224.29 35.72
CA THR X 143 54.68 225.41 35.37
C THR X 143 55.57 226.59 34.99
N GLY X 144 55.34 227.19 33.82
CA GLY X 144 56.14 228.32 33.34
C GLY X 144 55.40 229.18 32.32
N SER X 145 56.06 230.27 31.89
CA SER X 145 55.49 231.25 30.98
C SER X 145 56.50 231.65 29.89
N GLY X 146 56.06 231.55 28.63
CA GLY X 146 56.77 232.06 27.46
C GLY X 146 56.29 233.46 27.08
N ARG X 147 57.13 234.16 26.29
CA ARG X 147 56.87 235.55 25.93
C ARG X 147 55.81 235.64 24.82
N SER X 148 55.94 234.79 23.79
CA SER X 148 55.00 234.78 22.68
C SER X 148 55.06 233.43 21.92
N VAL X 149 54.02 233.16 21.11
CA VAL X 149 54.04 232.04 20.18
C VAL X 149 54.75 232.49 18.90
N THR X 150 55.93 231.92 18.62
CA THR X 150 56.70 232.32 17.46
C THR X 150 56.25 231.61 16.17
N ASN X 151 55.61 230.44 16.30
CA ASN X 151 55.08 229.71 15.16
C ASN X 151 53.84 228.91 15.55
N LEU X 152 52.85 228.88 14.64
CA LEU X 152 51.75 227.92 14.63
C LEU X 152 51.37 227.65 13.19
N ALA X 153 51.83 226.52 12.65
CA ALA X 153 51.63 226.22 11.25
C ALA X 153 51.64 224.71 10.96
N ASP X 154 51.03 224.34 9.83
CA ASP X 154 51.16 223.01 9.27
C ASP X 154 52.52 222.90 8.58
N THR X 155 53.40 222.02 9.11
CA THR X 155 54.72 221.79 8.54
C THR X 155 54.78 220.56 7.61
N SER X 156 53.63 219.93 7.30
CA SER X 156 53.57 218.88 6.29
C SER X 156 53.80 219.44 4.88
N GLY X 157 54.17 218.55 3.93
CA GLY X 157 54.58 218.92 2.59
C GLY X 157 53.49 219.67 1.83
N ALA Y 2 -65.22 -153.29 -54.80
CA ALA Y 2 -63.83 -153.23 -55.36
C ALA Y 2 -63.26 -154.63 -55.50
N THR Y 3 -62.05 -154.70 -56.08
CA THR Y 3 -61.37 -155.94 -56.46
C THR Y 3 -61.02 -156.77 -55.22
N SER Y 4 -61.35 -158.06 -55.23
CA SER Y 4 -61.11 -158.98 -54.12
C SER Y 4 -59.61 -159.13 -53.86
N PRO Y 5 -59.11 -158.97 -52.62
CA PRO Y 5 -57.70 -159.25 -52.32
C PRO Y 5 -57.35 -160.71 -52.62
N GLU Y 6 -56.13 -160.92 -53.10
CA GLU Y 6 -55.72 -162.25 -53.55
C GLU Y 6 -54.20 -162.47 -53.38
N GLY Y 7 -53.80 -163.73 -53.18
CA GLY Y 7 -52.39 -164.08 -53.10
C GLY Y 7 -51.71 -163.93 -54.45
N ILE Y 8 -50.37 -163.92 -54.45
CA ILE Y 8 -49.61 -163.73 -55.68
C ILE Y 8 -48.43 -164.70 -55.74
N TRP Y 9 -48.28 -165.38 -56.89
CA TRP Y 9 -47.14 -166.23 -57.13
C TRP Y 9 -45.95 -165.40 -57.61
N SER Y 10 -44.83 -165.36 -56.87
CA SER Y 10 -43.77 -164.39 -57.09
C SER Y 10 -43.28 -164.37 -58.54
N ASN Y 11 -43.01 -165.56 -59.07
CA ASN Y 11 -42.30 -165.71 -60.33
C ASN Y 11 -43.09 -165.16 -61.51
N SER Y 12 -44.41 -165.02 -61.38
CA SER Y 12 -45.23 -164.45 -62.44
C SER Y 12 -44.92 -162.98 -62.68
N GLY Y 13 -44.30 -162.29 -61.71
CA GLY Y 13 -43.89 -160.90 -61.87
C GLY Y 13 -42.75 -160.74 -62.87
N ALA Y 14 -42.96 -159.87 -63.87
CA ALA Y 14 -41.92 -159.44 -64.80
C ALA Y 14 -41.41 -158.05 -64.41
N LEU Y 15 -40.09 -157.93 -64.18
CA LEU Y 15 -39.44 -156.67 -63.84
C LEU Y 15 -38.66 -156.13 -65.03
N THR Y 16 -38.76 -154.82 -65.28
CA THR Y 16 -37.99 -154.15 -66.32
C THR Y 16 -37.50 -152.77 -65.87
N PHE Y 17 -36.34 -152.36 -66.41
CA PHE Y 17 -35.78 -151.03 -66.17
C PHE Y 17 -35.72 -150.25 -67.48
N GLU Y 18 -35.93 -148.93 -67.37
CA GLU Y 18 -35.95 -148.06 -68.53
C GLU Y 18 -35.09 -146.82 -68.32
N ASP Y 19 -34.44 -146.36 -69.39
CA ASP Y 19 -33.76 -145.08 -69.42
C ASP Y 19 -34.81 -143.97 -69.47
N PRO Y 20 -34.90 -143.08 -68.46
CA PRO Y 20 -35.93 -142.05 -68.42
C PRO Y 20 -35.81 -141.00 -69.53
N ALA Y 21 -34.67 -140.94 -70.24
CA ALA Y 21 -34.50 -140.00 -71.34
C ALA Y 21 -35.27 -140.45 -72.60
N ASP Y 22 -35.38 -141.78 -72.80
CA ASP Y 22 -35.85 -142.36 -74.06
C ASP Y 22 -37.09 -143.25 -73.89
N ASP Y 23 -37.37 -143.69 -72.64
CA ASP Y 23 -38.26 -144.80 -72.32
C ASP Y 23 -37.78 -146.11 -72.96
N SER Y 24 -36.50 -146.19 -73.37
CA SER Y 24 -35.90 -147.42 -73.89
C SER Y 24 -35.60 -148.39 -72.76
N GLU Y 25 -35.72 -149.70 -73.04
CA GLU Y 25 -35.39 -150.71 -72.04
C GLU Y 25 -33.88 -150.79 -71.82
N ILE Y 26 -33.48 -150.97 -70.56
CA ILE Y 26 -32.12 -151.32 -70.17
C ILE Y 26 -32.14 -152.78 -69.75
N LEU Y 27 -31.34 -153.63 -70.41
CA LEU Y 27 -31.44 -155.08 -70.24
C LEU Y 27 -31.08 -155.51 -68.83
N PHE Y 28 -32.01 -156.22 -68.18
CA PHE Y 28 -31.83 -156.73 -66.83
C PHE Y 28 -32.73 -157.94 -66.65
N ALA Y 29 -32.24 -158.94 -65.90
CA ALA Y 29 -32.88 -160.25 -65.85
C ALA Y 29 -32.46 -161.03 -64.59
N GLY Y 30 -33.16 -162.14 -64.34
CA GLY Y 30 -32.69 -163.16 -63.41
C GLY Y 30 -32.89 -162.81 -61.95
N VAL Y 31 -33.95 -162.06 -61.65
CA VAL Y 31 -34.23 -161.67 -60.26
C VAL Y 31 -34.64 -162.88 -59.42
N ARG Y 32 -34.26 -162.85 -58.13
CA ARG Y 32 -34.63 -163.85 -57.15
C ARG Y 32 -35.56 -163.23 -56.11
N ASP Y 33 -35.29 -161.98 -55.71
CA ASP Y 33 -36.13 -161.24 -54.78
C ASP Y 33 -36.38 -159.85 -55.34
N VAL Y 34 -37.58 -159.32 -55.11
CA VAL Y 34 -37.89 -157.95 -55.49
C VAL Y 34 -38.76 -157.36 -54.40
N THR Y 35 -38.21 -156.42 -53.62
CA THR Y 35 -38.98 -155.67 -52.64
C THR Y 35 -39.10 -154.22 -53.09
N ILE Y 36 -40.34 -153.74 -53.25
CA ILE Y 36 -40.61 -152.33 -53.54
C ILE Y 36 -41.51 -151.80 -52.43
N THR Y 37 -41.03 -150.78 -51.68
CA THR Y 37 -41.72 -150.28 -50.50
C THR Y 37 -41.72 -148.76 -50.47
N PRO Y 38 -42.81 -148.09 -50.90
CA PRO Y 38 -43.07 -146.70 -50.57
C PRO Y 38 -42.98 -146.42 -49.08
N ALA Y 39 -42.40 -145.28 -48.74
CA ALA Y 39 -42.19 -144.87 -47.35
C ALA Y 39 -42.35 -143.36 -47.24
N TYR Y 40 -42.71 -142.91 -46.04
CA TYR Y 40 -42.54 -141.53 -45.64
C TYR Y 40 -41.97 -141.52 -44.21
N GLU Y 41 -41.38 -140.39 -43.83
CA GLU Y 41 -41.14 -140.12 -42.42
C GLU Y 41 -42.43 -139.60 -41.78
N HIS Y 42 -42.73 -140.04 -40.55
CA HIS Y 42 -43.90 -139.57 -39.84
C HIS Y 42 -43.48 -138.74 -38.64
N ALA Y 43 -44.18 -137.61 -38.48
CA ALA Y 43 -44.03 -136.78 -37.31
C ALA Y 43 -45.35 -136.74 -36.56
N GLU Y 44 -45.31 -137.19 -35.30
CA GLU Y 44 -46.47 -137.22 -34.42
C GLU Y 44 -46.36 -136.06 -33.42
N LEU Y 45 -47.45 -135.31 -33.22
CA LEU Y 45 -47.45 -134.19 -32.28
C LEU Y 45 -48.03 -134.62 -30.93
N TYR Y 46 -47.29 -134.33 -29.85
CA TYR Y 46 -47.81 -134.49 -28.51
C TYR Y 46 -47.50 -133.25 -27.68
N THR Y 47 -48.40 -132.96 -26.74
CA THR Y 47 -48.31 -131.77 -25.90
C THR Y 47 -48.75 -132.10 -24.47
N ILE Y 48 -48.56 -131.17 -23.56
CA ILE Y 48 -48.96 -131.36 -22.17
C ILE Y 48 -50.48 -131.43 -21.99
N ASP Y 49 -51.27 -131.08 -23.02
CA ASP Y 49 -52.72 -131.20 -22.95
C ASP Y 49 -53.19 -132.64 -22.77
N SER Y 50 -52.50 -133.61 -23.38
CA SER Y 50 -53.01 -134.96 -23.52
C SER Y 50 -51.88 -135.97 -23.71
N THR Y 51 -52.11 -137.21 -23.24
CA THR Y 51 -51.20 -138.31 -23.51
C THR Y 51 -51.34 -138.85 -24.93
N PHE Y 52 -52.48 -138.56 -25.58
CA PHE Y 52 -52.74 -139.03 -26.93
C PHE Y 52 -52.13 -138.07 -27.95
N ARG Y 53 -51.86 -138.63 -29.12
CA ARG Y 53 -51.34 -137.89 -30.24
C ARG Y 53 -52.36 -136.86 -30.71
N ASP Y 54 -51.94 -135.58 -30.81
CA ASP Y 54 -52.77 -134.50 -31.29
C ASP Y 54 -52.94 -134.56 -32.81
N GLU Y 55 -51.81 -134.81 -33.50
CA GLU Y 55 -51.74 -134.84 -34.95
C GLU Y 55 -50.68 -135.82 -35.43
N VAL Y 56 -50.78 -136.23 -36.70
CA VAL Y 56 -49.70 -136.92 -37.38
C VAL Y 56 -49.64 -136.45 -38.84
N LYS Y 57 -48.42 -136.40 -39.38
CA LYS Y 57 -48.15 -135.85 -40.71
C LYS Y 57 -47.02 -136.64 -41.35
N ARG Y 58 -47.00 -136.67 -42.70
CA ARG Y 58 -45.99 -137.40 -43.46
C ARG Y 58 -45.15 -136.44 -44.31
N TYR Y 59 -43.87 -136.78 -44.49
CA TYR Y 59 -42.90 -136.00 -45.26
C TYR Y 59 -41.76 -136.92 -45.70
N GLU Y 60 -40.81 -136.43 -46.52
CA GLU Y 60 -39.68 -137.23 -47.03
C GLU Y 60 -40.09 -138.56 -47.65
N HIS Y 61 -40.93 -138.45 -48.67
CA HIS Y 61 -41.27 -139.63 -49.43
C HIS Y 61 -40.06 -140.19 -50.14
N ASN Y 62 -39.95 -141.52 -50.16
CA ASN Y 62 -39.21 -142.23 -51.19
C ASN Y 62 -39.82 -143.63 -51.38
N VAL Y 63 -39.22 -144.41 -52.28
CA VAL Y 63 -39.54 -145.82 -52.42
C VAL Y 63 -38.26 -146.61 -52.22
N ASN Y 64 -38.21 -147.53 -51.24
CA ASN Y 64 -37.11 -148.49 -51.17
C ASN Y 64 -37.25 -149.51 -52.29
N VAL Y 65 -36.14 -149.82 -52.96
CA VAL Y 65 -36.08 -150.83 -53.99
C VAL Y 65 -34.91 -151.75 -53.66
N GLU Y 66 -35.21 -152.92 -53.11
CA GLU Y 66 -34.21 -153.95 -52.88
C GLU Y 66 -34.42 -155.08 -53.87
N ILE Y 67 -33.35 -155.50 -54.53
CA ILE Y 67 -33.40 -156.57 -55.52
C ILE Y 67 -32.27 -157.56 -55.27
N THR Y 68 -32.58 -158.84 -55.32
CA THR Y 68 -31.56 -159.87 -55.42
C THR Y 68 -31.65 -160.50 -56.80
N TYR Y 69 -30.52 -160.70 -57.50
CA TYR Y 69 -30.57 -161.25 -58.85
C TYR Y 69 -29.34 -162.11 -59.16
N ALA Y 70 -29.42 -162.91 -60.23
CA ALA Y 70 -28.42 -163.94 -60.51
C ALA Y 70 -27.89 -163.94 -61.96
N LYS Y 71 -28.43 -163.07 -62.84
CA LYS Y 71 -27.86 -162.86 -64.17
C LYS Y 71 -27.17 -161.51 -64.24
N PHE Y 72 -25.86 -161.47 -64.49
CA PHE Y 72 -25.12 -160.22 -64.57
C PHE Y 72 -25.46 -159.48 -65.87
N SER Y 73 -25.76 -158.17 -65.76
CA SER Y 73 -26.04 -157.34 -66.92
C SER Y 73 -24.90 -156.33 -67.10
N LEU Y 74 -24.22 -156.45 -68.24
CA LEU Y 74 -23.14 -155.54 -68.58
C LEU Y 74 -23.66 -154.18 -69.03
N GLU Y 75 -24.85 -154.11 -69.64
CA GLU Y 75 -25.46 -152.84 -69.96
C GLU Y 75 -25.85 -152.07 -68.69
N PHE Y 76 -26.56 -152.72 -67.76
CA PHE Y 76 -27.03 -152.07 -66.54
C PHE Y 76 -25.88 -151.49 -65.73
N ALA Y 77 -24.79 -152.25 -65.58
CA ALA Y 77 -23.61 -151.76 -64.89
C ALA Y 77 -22.95 -150.59 -65.61
N GLN Y 78 -22.85 -150.62 -66.94
CA GLN Y 78 -22.26 -149.53 -67.70
C GLN Y 78 -23.14 -148.27 -67.74
N GLU Y 79 -24.46 -148.42 -67.63
CA GLU Y 79 -25.36 -147.30 -67.38
C GLU Y 79 -25.08 -146.68 -66.01
N TRP Y 80 -25.01 -147.49 -64.96
CA TRP Y 80 -24.80 -147.00 -63.60
C TRP Y 80 -23.47 -146.25 -63.47
N LEU Y 81 -22.42 -146.74 -64.12
CA LEU Y 81 -21.15 -146.02 -64.21
C LEU Y 81 -21.34 -144.71 -64.97
N GLY Y 82 -21.92 -144.78 -66.16
CA GLY Y 82 -21.96 -143.65 -67.08
C GLY Y 82 -22.77 -142.44 -66.59
N GLY Y 83 -23.78 -142.65 -65.73
CA GLY Y 83 -24.66 -141.57 -65.30
C GLY Y 83 -25.70 -141.22 -66.36
N PRO Y 84 -26.57 -140.23 -66.08
CA PRO Y 84 -27.69 -139.89 -66.97
C PRO Y 84 -27.28 -139.60 -68.40
N GLY Y 85 -27.92 -140.35 -69.32
CA GLY Y 85 -27.78 -140.19 -70.76
C GLY Y 85 -26.44 -140.63 -71.36
N ALA Y 86 -25.68 -141.47 -70.64
CA ALA Y 86 -24.42 -142.01 -71.15
C ALA Y 86 -24.11 -143.40 -70.57
N THR Y 87 -23.24 -144.16 -71.26
CA THR Y 87 -22.67 -145.40 -70.75
C THR Y 87 -21.15 -145.27 -70.65
N ALA Y 88 -20.55 -145.93 -69.66
CA ALA Y 88 -19.11 -145.86 -69.48
C ALA Y 88 -18.51 -147.19 -69.03
N THR Y 89 -17.25 -147.42 -69.41
CA THR Y 89 -16.54 -148.66 -69.08
C THR Y 89 -15.57 -148.47 -67.92
N ALA Y 90 -15.76 -147.41 -67.11
CA ALA Y 90 -14.89 -147.05 -66.00
C ALA Y 90 -15.65 -146.09 -65.09
N SER Y 91 -15.24 -145.94 -63.82
CA SER Y 91 -15.82 -144.97 -62.89
C SER Y 91 -15.81 -143.56 -63.49
N GLN Y 92 -16.92 -142.83 -63.34
CA GLN Y 92 -16.99 -141.45 -63.79
C GLN Y 92 -16.86 -140.49 -62.61
N ASP Y 93 -15.98 -139.49 -62.77
CA ASP Y 93 -15.81 -138.44 -61.78
C ASP Y 93 -16.83 -137.33 -62.03
N ASP Y 94 -18.12 -137.63 -61.74
CA ASP Y 94 -19.19 -136.64 -61.82
C ASP Y 94 -20.29 -136.87 -60.77
N SER Y 95 -21.08 -135.81 -60.55
CA SER Y 95 -21.95 -135.68 -59.40
C SER Y 95 -23.33 -136.33 -59.55
N ASP Y 96 -23.72 -136.74 -60.78
CA ASP Y 96 -25.05 -137.26 -61.04
C ASP Y 96 -25.10 -138.78 -61.03
N PRO Y 97 -25.93 -139.41 -60.17
CA PRO Y 97 -26.17 -140.84 -60.27
C PRO Y 97 -27.08 -141.10 -61.47
N MET Y 98 -26.91 -142.29 -62.06
CA MET Y 98 -27.84 -142.77 -63.07
C MET Y 98 -29.20 -143.01 -62.44
N LYS Y 99 -30.25 -142.49 -63.10
CA LYS Y 99 -31.63 -142.67 -62.67
C LYS Y 99 -32.29 -143.69 -63.59
N PHE Y 100 -32.85 -144.75 -63.00
CA PHE Y 100 -33.58 -145.77 -63.75
C PHE Y 100 -35.06 -145.65 -63.42
N ASN Y 101 -35.92 -145.56 -64.45
CA ASN Y 101 -37.31 -145.89 -64.23
C ASN Y 101 -37.43 -147.40 -64.10
N LEU Y 102 -38.31 -147.85 -63.22
CA LEU Y 102 -38.51 -149.28 -62.99
C LEU Y 102 -39.99 -149.58 -63.09
N GLU Y 103 -40.33 -150.72 -63.72
CA GLU Y 103 -41.70 -151.22 -63.69
C GLU Y 103 -41.71 -152.72 -63.39
N ASN Y 104 -42.62 -153.13 -62.50
CA ASN Y 104 -42.89 -154.53 -62.23
C ASN Y 104 -44.35 -154.81 -62.55
N VAL Y 105 -44.62 -155.79 -63.45
CA VAL Y 105 -45.98 -156.18 -63.78
C VAL Y 105 -46.21 -157.61 -63.32
N THR Y 106 -47.24 -157.81 -62.48
CA THR Y 106 -47.45 -159.09 -61.81
C THR Y 106 -48.93 -159.50 -61.83
N PRO Y 107 -49.30 -160.55 -62.59
CA PRO Y 107 -50.62 -161.16 -62.49
C PRO Y 107 -50.87 -161.74 -61.10
N SER Y 108 -52.10 -161.58 -60.61
CA SER Y 108 -52.56 -162.20 -59.36
C SER Y 108 -52.62 -163.72 -59.49
N ALA Y 109 -52.64 -164.47 -58.36
CA ALA Y 109 -52.57 -165.93 -58.41
C ALA Y 109 -53.66 -166.57 -59.28
N SER Y 110 -54.93 -166.12 -59.17
CA SER Y 110 -56.04 -166.65 -59.96
C SER Y 110 -56.29 -165.86 -61.25
N GLY Y 111 -55.37 -164.94 -61.62
CA GLY Y 111 -55.57 -163.95 -62.68
C GLY Y 111 -56.63 -162.90 -62.36
N GLY Y 112 -57.07 -162.78 -61.08
CA GLY Y 112 -58.16 -161.91 -60.65
C GLY Y 112 -57.92 -160.40 -60.91
N PHE Y 113 -56.64 -160.01 -60.97
CA PHE Y 113 -56.17 -158.68 -61.32
C PHE Y 113 -54.71 -158.78 -61.77
N GLU Y 114 -54.18 -157.68 -62.32
CA GLU Y 114 -52.78 -157.63 -62.72
C GLU Y 114 -52.15 -156.34 -62.21
N ARG Y 115 -51.35 -156.44 -61.14
CA ARG Y 115 -50.68 -155.28 -60.58
C ARG Y 115 -49.60 -154.78 -61.54
N THR Y 116 -49.69 -153.52 -61.94
CA THR Y 116 -48.53 -152.80 -62.48
C THR Y 116 -48.05 -151.85 -61.39
N THR Y 117 -46.77 -151.97 -60.99
CA THR Y 117 -46.12 -151.00 -60.14
C THR Y 117 -45.02 -150.30 -60.92
N ALA Y 118 -45.07 -148.97 -61.00
CA ALA Y 118 -44.01 -148.21 -61.63
C ALA Y 118 -43.37 -147.24 -60.62
N VAL Y 119 -42.03 -147.16 -60.65
CA VAL Y 119 -41.27 -146.30 -59.77
C VAL Y 119 -40.37 -145.38 -60.61
N GLU Y 120 -40.45 -144.07 -60.40
CA GLU Y 120 -39.59 -143.14 -61.13
C GLU Y 120 -38.25 -142.89 -60.43
N ASN Y 121 -37.22 -142.62 -61.23
CA ASN Y 121 -35.94 -142.12 -60.76
C ASN Y 121 -35.35 -142.97 -59.62
N VAL Y 122 -35.32 -144.29 -59.77
CA VAL Y 122 -34.59 -145.14 -58.85
C VAL Y 122 -33.09 -144.92 -59.05
N VAL Y 123 -32.37 -144.71 -57.96
CA VAL Y 123 -30.91 -144.62 -57.97
C VAL Y 123 -30.33 -145.60 -56.96
N PHE Y 124 -29.14 -146.11 -57.24
CA PHE Y 124 -28.52 -147.10 -56.38
C PHE Y 124 -27.19 -146.57 -55.83
N PRO Y 125 -27.02 -146.41 -54.50
CA PRO Y 125 -25.78 -145.90 -53.94
C PRO Y 125 -24.57 -146.75 -54.28
N GLU Y 126 -24.77 -148.07 -54.37
CA GLU Y 126 -23.68 -148.99 -54.63
C GLU Y 126 -24.16 -150.12 -55.52
N LEU Y 127 -23.23 -150.64 -56.32
CA LEU Y 127 -23.50 -151.65 -57.33
C LEU Y 127 -22.47 -152.76 -57.20
N PRO Y 128 -22.88 -154.04 -56.97
CA PRO Y 128 -21.91 -155.13 -57.04
C PRO Y 128 -21.62 -155.44 -58.51
N LEU Y 129 -20.32 -155.50 -58.86
CA LEU Y 129 -19.88 -155.97 -60.15
C LEU Y 129 -19.58 -157.46 -60.09
N ASP Y 130 -18.89 -157.87 -59.02
CA ASP Y 130 -18.47 -159.25 -58.84
C ASP Y 130 -18.93 -159.67 -57.44
N SER Y 131 -19.47 -160.88 -57.35
CA SER Y 131 -20.02 -161.41 -56.11
C SER Y 131 -19.85 -162.92 -56.06
N ALA Y 132 -18.59 -163.34 -56.13
CA ALA Y 132 -18.16 -164.72 -56.28
C ALA Y 132 -18.23 -165.48 -54.95
N THR Y 133 -18.70 -166.74 -55.02
CA THR Y 133 -18.52 -167.74 -53.98
C THR Y 133 -18.14 -169.05 -54.65
N TYR Y 134 -17.06 -169.71 -54.19
CA TYR Y 134 -16.60 -170.92 -54.86
C TYR Y 134 -17.64 -172.04 -54.80
N GLY Y 135 -17.85 -172.68 -55.95
CA GLY Y 135 -18.84 -173.74 -56.08
C GLY Y 135 -20.28 -173.23 -56.14
N GLU Y 136 -20.47 -171.95 -56.47
CA GLU Y 136 -21.81 -171.41 -56.75
C GLU Y 136 -21.79 -170.44 -57.95
N TYR Y 137 -22.98 -170.24 -58.53
CA TYR Y 137 -23.15 -169.12 -59.44
C TYR Y 137 -23.19 -167.81 -58.65
N GLU Y 138 -22.65 -166.73 -59.23
CA GLU Y 138 -22.65 -165.41 -58.59
C GLU Y 138 -24.08 -164.91 -58.36
N GLU Y 139 -24.30 -164.27 -57.20
CA GLU Y 139 -25.57 -163.67 -56.83
C GLU Y 139 -25.35 -162.25 -56.32
N TYR Y 140 -26.21 -161.32 -56.74
CA TYR Y 140 -25.99 -159.90 -56.57
C TYR Y 140 -27.14 -159.27 -55.78
N SER Y 141 -26.80 -158.40 -54.81
CA SER Y 141 -27.79 -157.64 -54.07
C SER Y 141 -27.71 -156.16 -54.44
N LEU Y 142 -28.87 -155.56 -54.77
CA LEU Y 142 -29.02 -154.12 -54.94
C LEU Y 142 -29.89 -153.54 -53.83
N THR Y 143 -29.47 -152.40 -53.30
CA THR Y 143 -30.37 -151.53 -52.55
C THR Y 143 -30.35 -150.16 -53.23
N GLY Y 144 -31.52 -149.62 -53.53
CA GLY Y 144 -31.66 -148.29 -54.09
C GLY Y 144 -32.96 -147.62 -53.67
N SER Y 145 -33.18 -146.39 -54.15
CA SER Y 145 -34.44 -145.71 -53.86
C SER Y 145 -34.93 -144.81 -54.98
N GLY Y 146 -36.24 -144.86 -55.21
CA GLY Y 146 -36.92 -144.05 -56.21
C GLY Y 146 -37.62 -142.85 -55.58
N ARG Y 147 -37.95 -141.87 -56.42
CA ARG Y 147 -38.57 -140.64 -55.98
C ARG Y 147 -40.03 -140.86 -55.62
N SER Y 148 -40.79 -141.57 -56.45
CA SER Y 148 -42.22 -141.78 -56.23
C SER Y 148 -42.74 -142.97 -57.03
N VAL Y 149 -43.92 -143.49 -56.64
CA VAL Y 149 -44.64 -144.48 -57.43
C VAL Y 149 -45.49 -143.72 -58.44
N THR Y 150 -45.20 -143.89 -59.73
CA THR Y 150 -45.94 -143.21 -60.79
C THR Y 150 -47.23 -143.94 -61.15
N ASN Y 151 -47.29 -145.24 -60.88
CA ASN Y 151 -48.48 -146.03 -61.17
C ASN Y 151 -48.57 -147.23 -60.22
N LEU Y 152 -49.77 -147.46 -59.69
CA LEU Y 152 -50.17 -148.69 -59.02
C LEU Y 152 -51.64 -148.95 -59.32
N ALA Y 153 -51.87 -149.82 -60.31
CA ALA Y 153 -53.21 -150.03 -60.85
C ALA Y 153 -53.44 -151.47 -61.27
N ASP Y 154 -54.72 -151.85 -61.38
CA ASP Y 154 -55.11 -153.07 -62.05
C ASP Y 154 -54.99 -152.88 -63.57
N THR Y 155 -54.12 -153.68 -64.19
CA THR Y 155 -53.84 -153.64 -65.60
C THR Y 155 -54.74 -154.58 -66.40
N SER Y 156 -55.45 -155.48 -65.72
CA SER Y 156 -56.29 -156.51 -66.35
C SER Y 156 -57.46 -155.86 -67.09
N GLY Y 157 -57.72 -156.33 -68.34
CA GLY Y 157 -58.75 -155.76 -69.21
C GLY Y 157 -58.58 -154.26 -69.37
N ALA Z 2 -26.81 -154.97 -78.39
CA ALA Z 2 -26.79 -155.25 -76.92
C ALA Z 2 -26.25 -156.64 -76.63
N THR Z 3 -25.84 -156.89 -75.37
CA THR Z 3 -25.40 -158.19 -74.89
C THR Z 3 -26.38 -158.69 -73.82
N SER Z 4 -26.96 -159.90 -74.01
CA SER Z 4 -27.99 -160.44 -73.12
C SER Z 4 -27.44 -160.73 -71.72
N PRO Z 5 -28.17 -160.36 -70.63
CA PRO Z 5 -27.77 -160.71 -69.27
C PRO Z 5 -27.67 -162.23 -69.09
N GLU Z 6 -26.70 -162.66 -68.28
CA GLU Z 6 -26.38 -164.08 -68.20
C GLU Z 6 -25.82 -164.46 -66.82
N GLY Z 7 -25.99 -165.73 -66.44
CA GLY Z 7 -25.40 -166.22 -65.18
C GLY Z 7 -23.88 -166.34 -65.27
N ILE Z 8 -23.23 -166.40 -64.11
CA ILE Z 8 -21.78 -166.49 -64.03
C ILE Z 8 -21.41 -167.58 -63.04
N TRP Z 9 -20.60 -168.56 -63.45
CA TRP Z 9 -20.06 -169.55 -62.54
C TRP Z 9 -18.87 -168.97 -61.80
N SER Z 10 -18.88 -168.93 -60.46
CA SER Z 10 -17.86 -168.19 -59.71
C SER Z 10 -16.44 -168.64 -60.05
N ASN Z 11 -16.28 -169.96 -60.17
CA ASN Z 11 -14.96 -170.56 -60.27
C ASN Z 11 -14.27 -170.28 -61.61
N SER Z 12 -15.00 -169.86 -62.65
CA SER Z 12 -14.40 -169.44 -63.91
C SER Z 12 -13.65 -168.12 -63.77
N GLY Z 13 -13.74 -167.45 -62.61
CA GLY Z 13 -13.05 -166.18 -62.38
C GLY Z 13 -11.54 -166.34 -62.20
N ALA Z 14 -10.76 -165.58 -62.98
CA ALA Z 14 -9.32 -165.46 -62.81
C ALA Z 14 -8.99 -164.09 -62.20
N LEU Z 15 -8.45 -164.11 -60.97
CA LEU Z 15 -8.13 -162.93 -60.19
C LEU Z 15 -6.62 -162.71 -60.12
N THR Z 16 -6.17 -161.45 -60.24
CA THR Z 16 -4.77 -161.11 -60.13
C THR Z 16 -4.57 -159.75 -59.45
N PHE Z 17 -3.43 -159.60 -58.75
CA PHE Z 17 -3.01 -158.32 -58.24
C PHE Z 17 -1.74 -157.88 -58.95
N GLU Z 18 -1.63 -156.57 -59.24
CA GLU Z 18 -0.43 -156.00 -59.83
C GLU Z 18 0.12 -154.85 -58.98
N ASP Z 19 1.44 -154.73 -58.97
CA ASP Z 19 2.13 -153.53 -58.51
C ASP Z 19 1.87 -152.40 -59.52
N PRO Z 20 1.29 -151.25 -59.12
CA PRO Z 20 0.99 -150.17 -60.05
C PRO Z 20 2.23 -149.43 -60.57
N ALA Z 21 3.41 -149.65 -59.97
CA ALA Z 21 4.64 -149.00 -60.44
C ALA Z 21 5.20 -149.71 -61.68
N ASP Z 22 5.56 -150.99 -61.53
CA ASP Z 22 6.25 -151.77 -62.57
C ASP Z 22 5.28 -152.62 -63.41
N ASP Z 23 3.98 -152.61 -63.08
CA ASP Z 23 2.95 -153.41 -63.74
C ASP Z 23 3.19 -154.92 -63.58
N SER Z 24 4.05 -155.33 -62.63
CA SER Z 24 4.34 -156.74 -62.34
C SER Z 24 3.25 -157.38 -61.50
N GLU Z 25 2.97 -158.67 -61.76
CA GLU Z 25 2.04 -159.41 -60.91
C GLU Z 25 2.63 -159.67 -59.52
N ILE Z 26 1.77 -159.61 -58.50
CA ILE Z 26 2.07 -160.04 -57.14
C ILE Z 26 1.34 -161.36 -56.93
N LEU Z 27 2.05 -162.42 -56.53
CA LEU Z 27 1.47 -163.76 -56.49
C LEU Z 27 0.39 -163.87 -55.41
N PHE Z 28 -0.82 -164.21 -55.86
CA PHE Z 28 -1.95 -164.43 -54.98
C PHE Z 28 -2.85 -165.50 -55.59
N ALA Z 29 -3.46 -166.33 -54.73
CA ALA Z 29 -4.15 -167.54 -55.18
C ALA Z 29 -5.17 -168.02 -54.15
N GLY Z 30 -6.00 -169.00 -54.53
CA GLY Z 30 -6.81 -169.75 -53.58
C GLY Z 30 -8.02 -169.00 -53.05
N VAL Z 31 -8.61 -168.12 -53.87
CA VAL Z 31 -9.81 -167.39 -53.48
C VAL Z 31 -11.01 -168.31 -53.28
N ARG Z 32 -11.94 -167.85 -52.44
CA ARG Z 32 -13.10 -168.62 -52.01
C ARG Z 32 -14.34 -167.75 -52.19
N ASP Z 33 -14.26 -166.49 -51.73
CA ASP Z 33 -15.27 -165.47 -52.04
C ASP Z 33 -14.56 -164.25 -52.59
N VAL Z 34 -15.22 -163.53 -53.52
CA VAL Z 34 -14.69 -162.28 -54.04
C VAL Z 34 -15.86 -161.33 -54.33
N THR Z 35 -15.89 -160.21 -53.60
CA THR Z 35 -16.92 -159.20 -53.78
C THR Z 35 -16.29 -157.87 -54.18
N ILE Z 36 -16.72 -157.31 -55.32
CA ILE Z 36 -16.29 -156.01 -55.78
C ILE Z 36 -17.52 -155.13 -55.96
N THR Z 37 -17.58 -154.01 -55.22
CA THR Z 37 -18.75 -153.15 -55.19
C THR Z 37 -18.35 -151.69 -55.27
N PRO Z 38 -18.30 -151.08 -56.47
CA PRO Z 38 -18.29 -149.64 -56.62
C PRO Z 38 -19.45 -148.99 -55.87
N ALA Z 39 -19.17 -147.88 -55.20
CA ALA Z 39 -20.14 -147.18 -54.38
C ALA Z 39 -19.92 -145.67 -54.41
N TYR Z 40 -20.98 -144.93 -54.09
CA TYR Z 40 -20.90 -143.51 -53.80
C TYR Z 40 -21.80 -143.21 -52.61
N GLU Z 41 -21.41 -142.19 -51.84
CA GLU Z 41 -22.35 -141.58 -50.91
C GLU Z 41 -23.38 -140.80 -51.72
N HIS Z 42 -24.67 -140.88 -51.33
CA HIS Z 42 -25.73 -140.11 -51.96
C HIS Z 42 -26.24 -139.04 -51.02
N ALA Z 43 -26.41 -137.83 -51.55
CA ALA Z 43 -27.07 -136.74 -50.84
C ALA Z 43 -28.36 -136.37 -51.54
N GLU Z 44 -29.44 -136.27 -50.76
CA GLU Z 44 -30.77 -136.01 -51.28
C GLU Z 44 -31.30 -134.69 -50.77
N LEU Z 45 -31.82 -133.86 -51.66
CA LEU Z 45 -32.35 -132.55 -51.28
C LEU Z 45 -33.86 -132.64 -51.07
N TYR Z 46 -34.32 -132.23 -49.88
CA TYR Z 46 -35.74 -132.05 -49.66
C TYR Z 46 -35.96 -130.71 -48.96
N THR Z 47 -37.14 -130.15 -49.22
CA THR Z 47 -37.48 -128.81 -48.76
C THR Z 47 -38.97 -128.72 -48.50
N ILE Z 48 -39.43 -127.60 -47.95
CA ILE Z 48 -40.82 -127.44 -47.57
C ILE Z 48 -41.73 -127.44 -48.80
N ASP Z 49 -41.19 -127.14 -49.99
CA ASP Z 49 -41.96 -127.08 -51.23
C ASP Z 49 -42.66 -128.40 -51.59
N SER Z 50 -42.02 -129.55 -51.29
CA SER Z 50 -42.51 -130.86 -51.72
C SER Z 50 -42.04 -131.96 -50.78
N THR Z 51 -42.89 -132.98 -50.61
CA THR Z 51 -42.51 -134.16 -49.83
C THR Z 51 -41.64 -135.13 -50.65
N PHE Z 52 -41.59 -134.95 -51.98
CA PHE Z 52 -40.75 -135.78 -52.83
C PHE Z 52 -39.34 -135.23 -52.93
N ARG Z 53 -38.39 -136.11 -53.22
CA ARG Z 53 -37.00 -135.75 -53.41
C ARG Z 53 -36.87 -134.74 -54.55
N ASP Z 54 -36.23 -133.62 -54.28
CA ASP Z 54 -36.09 -132.56 -55.26
C ASP Z 54 -34.87 -132.78 -56.14
N GLU Z 55 -33.76 -133.18 -55.52
CA GLU Z 55 -32.51 -133.52 -56.21
C GLU Z 55 -31.81 -134.68 -55.52
N VAL Z 56 -30.94 -135.39 -56.27
CA VAL Z 56 -30.01 -136.35 -55.68
C VAL Z 56 -28.67 -136.26 -56.39
N LYS Z 57 -27.57 -136.36 -55.62
CA LYS Z 57 -26.22 -136.28 -56.16
C LYS Z 57 -25.32 -137.32 -55.49
N ARG Z 58 -24.26 -137.70 -56.19
CA ARG Z 58 -23.33 -138.73 -55.73
C ARG Z 58 -21.95 -138.12 -55.51
N TYR Z 59 -21.25 -138.58 -54.47
CA TYR Z 59 -19.93 -138.09 -54.15
C TYR Z 59 -19.17 -139.16 -53.35
N GLU Z 60 -17.91 -138.88 -53.03
CA GLU Z 60 -17.12 -139.77 -52.20
C GLU Z 60 -17.14 -141.20 -52.76
N HIS Z 61 -16.68 -141.32 -54.01
CA HIS Z 61 -16.60 -142.62 -54.65
C HIS Z 61 -15.51 -143.48 -54.04
N ASN Z 62 -15.79 -144.79 -53.97
CA ASN Z 62 -14.78 -145.80 -53.72
C ASN Z 62 -15.25 -147.14 -54.28
N VAL Z 63 -14.36 -148.13 -54.34
CA VAL Z 63 -14.75 -149.49 -54.65
C VAL Z 63 -14.48 -150.36 -53.42
N ASN Z 64 -15.53 -150.92 -52.83
CA ASN Z 64 -15.33 -151.88 -51.74
C ASN Z 64 -14.90 -153.22 -52.32
N VAL Z 65 -13.74 -153.72 -51.88
CA VAL Z 65 -13.22 -155.01 -52.27
C VAL Z 65 -13.17 -155.90 -51.03
N GLU Z 66 -13.79 -157.07 -51.10
CA GLU Z 66 -13.72 -158.07 -50.04
C GLU Z 66 -13.37 -159.44 -50.62
N ILE Z 67 -12.43 -160.12 -49.98
CA ILE Z 67 -11.89 -161.35 -50.49
C ILE Z 67 -11.75 -162.36 -49.35
N THR Z 68 -12.15 -163.60 -49.59
CA THR Z 68 -11.80 -164.72 -48.72
C THR Z 68 -10.87 -165.66 -49.49
N TYR Z 69 -9.77 -166.08 -48.87
CA TYR Z 69 -8.79 -166.90 -49.56
C TYR Z 69 -8.10 -167.91 -48.62
N ALA Z 70 -7.59 -169.02 -49.18
CA ALA Z 70 -7.16 -170.15 -48.39
C ALA Z 70 -5.69 -170.54 -48.63
N LYS Z 71 -5.00 -169.89 -49.59
CA LYS Z 71 -3.58 -170.09 -49.84
C LYS Z 71 -2.81 -168.83 -49.37
N PHE Z 72 -1.88 -169.00 -48.44
CA PHE Z 72 -1.10 -167.88 -47.94
C PHE Z 72 -0.04 -167.48 -48.97
N SER Z 73 0.24 -166.15 -49.07
CA SER Z 73 1.27 -165.63 -49.96
C SER Z 73 2.25 -164.75 -49.18
N LEU Z 74 3.53 -165.12 -49.17
CA LEU Z 74 4.53 -164.25 -48.57
C LEU Z 74 4.73 -162.97 -49.37
N GLU Z 75 4.64 -163.04 -50.70
CA GLU Z 75 4.87 -161.87 -51.51
C GLU Z 75 3.80 -160.81 -51.24
N PHE Z 76 2.53 -161.20 -51.25
CA PHE Z 76 1.44 -160.28 -50.96
C PHE Z 76 1.59 -159.61 -49.59
N ALA Z 77 1.91 -160.40 -48.57
CA ALA Z 77 2.11 -159.87 -47.24
C ALA Z 77 3.32 -158.94 -47.15
N GLN Z 78 4.48 -159.36 -47.65
CA GLN Z 78 5.67 -158.51 -47.60
C GLN Z 78 5.56 -157.25 -48.44
N GLU Z 79 4.73 -157.23 -49.50
CA GLU Z 79 4.36 -156.02 -50.19
C GLU Z 79 3.52 -155.11 -49.29
N TRP Z 80 2.49 -155.67 -48.65
CA TRP Z 80 1.61 -154.91 -47.77
C TRP Z 80 2.38 -154.26 -46.63
N LEU Z 81 3.31 -155.00 -46.02
CA LEU Z 81 4.21 -154.46 -45.00
C LEU Z 81 5.07 -153.34 -45.56
N GLY Z 82 5.69 -153.58 -46.72
CA GLY Z 82 6.70 -152.71 -47.30
C GLY Z 82 6.17 -151.35 -47.77
N GLY Z 83 4.92 -151.28 -48.22
CA GLY Z 83 4.37 -150.05 -48.78
C GLY Z 83 4.82 -149.84 -50.22
N PRO Z 84 4.38 -148.75 -50.88
CA PRO Z 84 4.58 -148.56 -52.31
C PRO Z 84 6.04 -148.64 -52.74
N GLY Z 85 6.28 -149.50 -53.74
CA GLY Z 85 7.58 -149.67 -54.37
C GLY Z 85 8.63 -150.37 -53.50
N ALA Z 86 8.21 -151.14 -52.48
CA ALA Z 86 9.14 -151.87 -51.63
C ALA Z 86 8.53 -153.13 -51.02
N THR Z 87 9.40 -154.06 -50.56
CA THR Z 87 9.00 -155.20 -49.74
C THR Z 87 9.73 -155.17 -48.41
N ALA Z 88 9.07 -155.66 -47.35
CA ALA Z 88 9.70 -155.71 -46.03
C ALA Z 88 9.26 -156.96 -45.27
N THR Z 89 10.13 -157.40 -44.35
CA THR Z 89 9.90 -158.59 -43.52
C THR Z 89 9.40 -158.23 -42.12
N ALA Z 90 9.04 -156.96 -41.89
CA ALA Z 90 8.57 -156.45 -40.60
C ALA Z 90 7.70 -155.22 -40.82
N SER Z 91 6.93 -154.82 -39.80
CA SER Z 91 6.12 -153.60 -39.87
C SER Z 91 7.00 -152.39 -40.23
N GLN Z 92 6.49 -151.51 -41.11
CA GLN Z 92 7.19 -150.29 -41.43
C GLN Z 92 6.53 -149.10 -40.72
N ASP Z 93 7.37 -148.26 -40.10
CA ASP Z 93 6.88 -147.04 -39.50
C ASP Z 93 6.81 -145.91 -40.53
N ASP Z 94 5.84 -146.00 -41.46
CA ASP Z 94 5.62 -144.97 -42.46
C ASP Z 94 4.16 -144.90 -42.91
N SER Z 95 3.80 -143.78 -43.58
CA SER Z 95 2.40 -143.36 -43.72
C SER Z 95 1.75 -143.80 -45.03
N ASP Z 96 2.54 -144.33 -45.98
CA ASP Z 96 2.02 -144.79 -47.26
C ASP Z 96 1.58 -146.24 -47.18
N PRO Z 97 0.28 -146.57 -47.38
CA PRO Z 97 -0.12 -147.96 -47.48
C PRO Z 97 0.25 -148.49 -48.86
N MET Z 98 0.46 -149.80 -48.95
CA MET Z 98 0.63 -150.45 -50.24
C MET Z 98 -0.65 -150.35 -51.08
N LYS Z 99 -0.51 -149.93 -52.34
CA LYS Z 99 -1.61 -149.82 -53.28
C LYS Z 99 -1.46 -150.91 -54.35
N PHE Z 100 -2.48 -151.77 -54.51
CA PHE Z 100 -2.49 -152.83 -55.51
C PHE Z 100 -3.48 -152.47 -56.61
N ASN Z 101 -3.11 -152.63 -57.89
CA ASN Z 101 -4.15 -152.77 -58.90
C ASN Z 101 -4.71 -154.17 -58.81
N LEU Z 102 -6.03 -154.31 -58.96
CA LEU Z 102 -6.70 -155.61 -58.92
C LEU Z 102 -7.45 -155.80 -60.24
N GLU Z 103 -7.25 -156.95 -60.89
CA GLU Z 103 -8.01 -157.29 -62.08
C GLU Z 103 -8.64 -158.67 -61.93
N ASN Z 104 -9.91 -158.77 -62.33
CA ASN Z 104 -10.65 -160.01 -62.29
C ASN Z 104 -11.33 -160.22 -63.64
N VAL Z 105 -11.20 -161.43 -64.20
CA VAL Z 105 -11.71 -161.73 -65.53
C VAL Z 105 -12.63 -162.95 -65.41
N THR Z 106 -13.79 -162.94 -66.08
CA THR Z 106 -14.73 -164.03 -65.89
C THR Z 106 -15.64 -164.21 -67.10
N PRO Z 107 -15.59 -165.38 -67.78
CA PRO Z 107 -16.62 -165.72 -68.78
C PRO Z 107 -18.00 -165.90 -68.14
N SER Z 108 -19.05 -165.55 -68.90
CA SER Z 108 -20.41 -165.94 -68.51
C SER Z 108 -20.53 -167.47 -68.52
N ALA Z 109 -21.62 -168.00 -67.94
CA ALA Z 109 -21.90 -169.44 -67.95
C ALA Z 109 -21.95 -170.02 -69.36
N SER Z 110 -22.52 -169.28 -70.33
CA SER Z 110 -22.59 -169.68 -71.73
C SER Z 110 -21.34 -169.32 -72.54
N GLY Z 111 -20.38 -168.57 -71.99
CA GLY Z 111 -19.32 -167.94 -72.77
C GLY Z 111 -19.80 -166.82 -73.72
N GLY Z 112 -21.03 -166.30 -73.48
CA GLY Z 112 -21.65 -165.24 -74.29
C GLY Z 112 -21.02 -163.86 -74.10
N PHE Z 113 -20.31 -163.62 -72.99
CA PHE Z 113 -19.45 -162.48 -72.78
C PHE Z 113 -18.35 -162.83 -71.76
N GLU Z 114 -17.29 -162.03 -71.71
CA GLU Z 114 -16.28 -162.17 -70.67
C GLU Z 114 -16.12 -160.86 -69.90
N ARG Z 115 -16.76 -160.78 -68.74
CA ARG Z 115 -16.66 -159.63 -67.84
C ARG Z 115 -15.22 -159.48 -67.34
N THR Z 116 -14.55 -158.40 -67.72
CA THR Z 116 -13.29 -158.00 -67.11
C THR Z 116 -13.56 -156.78 -66.22
N THR Z 117 -13.26 -156.91 -64.93
CA THR Z 117 -13.36 -155.84 -63.95
C THR Z 117 -11.95 -155.51 -63.46
N ALA Z 118 -11.53 -154.23 -63.55
CA ALA Z 118 -10.23 -153.80 -63.05
C ALA Z 118 -10.38 -152.56 -62.16
N VAL Z 119 -9.63 -152.55 -61.05
CA VAL Z 119 -9.79 -151.59 -59.96
C VAL Z 119 -8.42 -151.02 -59.61
N GLU Z 120 -8.30 -149.68 -59.57
CA GLU Z 120 -7.02 -149.06 -59.25
C GLU Z 120 -6.83 -148.84 -57.75
N ASN Z 121 -5.56 -148.93 -57.32
CA ASN Z 121 -5.11 -148.45 -56.02
C ASN Z 121 -5.95 -148.99 -54.86
N VAL Z 122 -6.17 -150.30 -54.82
CA VAL Z 122 -6.79 -150.98 -53.69
C VAL Z 122 -5.83 -150.96 -52.50
N VAL Z 123 -6.37 -150.66 -51.32
CA VAL Z 123 -5.60 -150.65 -50.09
C VAL Z 123 -6.34 -151.41 -49.01
N PHE Z 124 -5.59 -152.13 -48.15
CA PHE Z 124 -6.20 -152.95 -47.10
C PHE Z 124 -5.81 -152.42 -45.73
N PRO Z 125 -6.75 -151.95 -44.88
CA PRO Z 125 -6.42 -151.42 -43.56
C PRO Z 125 -5.79 -152.46 -42.65
N GLU Z 126 -6.21 -153.73 -42.78
CA GLU Z 126 -5.71 -154.82 -41.96
C GLU Z 126 -5.45 -156.06 -42.81
N LEU Z 127 -4.44 -156.83 -42.41
CA LEU Z 127 -3.99 -158.00 -43.15
C LEU Z 127 -3.86 -159.18 -42.19
N PRO Z 128 -4.55 -160.31 -42.40
CA PRO Z 128 -4.34 -161.47 -41.54
C PRO Z 128 -3.04 -162.17 -41.92
N LEU Z 129 -2.16 -162.39 -40.93
CA LEU Z 129 -0.93 -163.12 -41.12
C LEU Z 129 -1.06 -164.58 -40.70
N ASP Z 130 -1.74 -164.82 -39.58
CA ASP Z 130 -2.05 -166.17 -39.13
C ASP Z 130 -3.54 -166.22 -38.81
N SER Z 131 -4.20 -167.31 -39.22
CA SER Z 131 -5.63 -167.48 -39.06
C SER Z 131 -5.94 -168.97 -38.87
N ALA Z 132 -5.30 -169.53 -37.83
CA ALA Z 132 -5.31 -170.95 -37.55
C ALA Z 132 -6.56 -171.35 -36.76
N THR Z 133 -7.05 -172.58 -37.02
CA THR Z 133 -8.15 -173.18 -36.28
C THR Z 133 -7.99 -174.69 -36.34
N TYR Z 134 -7.96 -175.33 -35.17
CA TYR Z 134 -7.52 -176.71 -35.08
C TYR Z 134 -8.42 -177.67 -35.88
N GLY Z 135 -7.77 -178.60 -36.59
CA GLY Z 135 -8.47 -179.57 -37.42
C GLY Z 135 -8.96 -179.03 -38.76
N GLU Z 136 -8.47 -177.84 -39.16
CA GLU Z 136 -8.81 -177.25 -40.46
C GLU Z 136 -7.61 -176.60 -41.13
N TYR Z 137 -7.73 -176.36 -42.45
CA TYR Z 137 -6.75 -175.48 -43.09
C TYR Z 137 -7.03 -174.03 -42.74
N GLU Z 138 -6.00 -173.18 -42.80
CA GLU Z 138 -6.18 -171.75 -42.59
C GLU Z 138 -7.05 -171.12 -43.68
N GLU Z 139 -7.83 -170.11 -43.29
CA GLU Z 139 -8.60 -169.29 -44.21
C GLU Z 139 -8.45 -167.83 -43.77
N TYR Z 140 -8.34 -166.94 -44.75
CA TYR Z 140 -7.95 -165.56 -44.54
C TYR Z 140 -8.98 -164.63 -45.21
N SER Z 141 -9.15 -163.42 -44.64
CA SER Z 141 -10.09 -162.44 -45.18
C SER Z 141 -9.42 -161.09 -45.41
N LEU Z 142 -9.75 -160.43 -46.51
CA LEU Z 142 -9.35 -159.04 -46.76
C LEU Z 142 -10.58 -158.18 -46.97
N THR Z 143 -10.47 -156.93 -46.47
CA THR Z 143 -11.40 -155.88 -46.84
C THR Z 143 -10.57 -154.65 -47.20
N GLY Z 144 -10.90 -153.98 -48.30
CA GLY Z 144 -10.13 -152.82 -48.71
C GLY Z 144 -10.88 -151.91 -49.67
N SER Z 145 -10.33 -150.72 -49.92
CA SER Z 145 -10.96 -149.73 -50.77
C SER Z 145 -10.11 -149.43 -52.00
N GLY Z 146 -10.66 -149.73 -53.18
CA GLY Z 146 -10.11 -149.22 -54.41
C GLY Z 146 -10.54 -147.77 -54.68
N ARG Z 147 -9.70 -147.02 -55.40
CA ARG Z 147 -10.01 -145.64 -55.73
C ARG Z 147 -11.14 -145.58 -56.75
N SER Z 148 -11.06 -146.39 -57.81
CA SER Z 148 -12.05 -146.37 -58.88
C SER Z 148 -11.95 -147.64 -59.73
N VAL Z 149 -12.98 -147.90 -60.55
CA VAL Z 149 -12.94 -148.94 -61.57
C VAL Z 149 -12.30 -148.38 -62.83
N THR Z 150 -11.15 -148.93 -63.23
CA THR Z 150 -10.46 -148.51 -64.45
C THR Z 150 -10.99 -149.23 -65.69
N ASN Z 151 -11.59 -150.41 -65.51
CA ASN Z 151 -12.18 -151.14 -66.63
C ASN Z 151 -13.38 -151.99 -66.18
N LEU Z 152 -14.48 -151.90 -66.94
CA LEU Z 152 -15.59 -152.85 -66.91
C LEU Z 152 -16.13 -152.99 -68.33
N ALA Z 153 -15.76 -154.11 -68.97
CA ALA Z 153 -16.11 -154.37 -70.36
C ALA Z 153 -16.12 -155.87 -70.64
N ASP Z 154 -16.78 -156.25 -71.74
CA ASP Z 154 -16.61 -157.56 -72.34
C ASP Z 154 -15.26 -157.61 -73.06
N THR Z 155 -14.36 -158.51 -72.62
CA THR Z 155 -13.06 -158.72 -73.26
C THR Z 155 -13.05 -159.92 -74.22
N SER Z 156 -14.20 -160.59 -74.43
CA SER Z 156 -14.29 -161.67 -75.42
C SER Z 156 -14.12 -161.18 -76.86
N GLY Z 157 -13.76 -162.10 -77.77
CA GLY Z 157 -13.53 -161.79 -79.18
C GLY Z 157 -12.32 -160.89 -79.39
N ALA AA 2 9.26 -165.58 -57.37
CA ALA AA 2 9.04 -165.65 -55.89
C ALA AA 2 8.32 -166.93 -55.50
N THR AA 3 8.13 -167.11 -54.18
CA THR AA 3 7.59 -168.32 -53.59
C THR AA 3 6.12 -168.49 -53.94
N SER AA 4 5.73 -169.70 -54.37
CA SER AA 4 4.35 -170.04 -54.75
C SER AA 4 3.41 -169.96 -53.55
N PRO AA 5 2.26 -169.26 -53.62
CA PRO AA 5 1.29 -169.29 -52.54
C PRO AA 5 0.77 -170.70 -52.33
N GLU AA 6 0.47 -171.03 -51.08
CA GLU AA 6 0.08 -172.40 -50.73
C GLU AA 6 -0.84 -172.43 -49.51
N GLY AA 7 -1.71 -173.44 -49.44
CA GLY AA 7 -2.57 -173.62 -48.28
C GLY AA 7 -1.76 -174.07 -47.07
N ILE AA 8 -2.36 -173.94 -45.88
CA ILE AA 8 -1.66 -174.28 -44.64
C ILE AA 8 -2.56 -175.11 -43.72
N TRP AA 9 -2.01 -176.21 -43.20
CA TRP AA 9 -2.69 -177.01 -42.22
C TRP AA 9 -2.52 -176.39 -40.82
N SER AA 10 -3.60 -175.98 -40.15
CA SER AA 10 -3.51 -175.14 -38.96
C SER AA 10 -2.63 -175.74 -37.88
N ASN AA 11 -2.76 -177.04 -37.67
CA ASN AA 11 -2.15 -177.69 -36.53
C ASN AA 11 -0.62 -177.74 -36.64
N SER AA 12 -0.08 -177.56 -37.84
CA SER AA 12 1.37 -177.55 -38.04
C SER AA 12 2.04 -176.37 -37.31
N GLY AA 13 1.28 -175.31 -37.04
CA GLY AA 13 1.79 -174.09 -36.43
C GLY AA 13 2.13 -174.30 -34.95
N ALA AA 14 3.37 -173.96 -34.58
CA ALA AA 14 3.82 -173.93 -33.20
C ALA AA 14 3.89 -172.49 -32.69
N LEU AA 15 3.15 -172.20 -31.61
CA LEU AA 15 3.10 -170.88 -30.98
C LEU AA 15 3.92 -170.87 -29.70
N THR AA 16 4.71 -169.81 -29.48
CA THR AA 16 5.50 -169.65 -28.27
C THR AA 16 5.48 -168.19 -27.78
N PHE AA 17 5.51 -168.03 -26.45
CA PHE AA 17 5.54 -166.72 -25.79
C PHE AA 17 6.86 -166.54 -25.07
N GLU AA 18 7.39 -165.32 -25.14
CA GLU AA 18 8.69 -165.01 -24.56
C GLU AA 18 8.63 -163.74 -23.71
N ASP AA 19 9.38 -163.75 -22.61
CA ASP AA 19 9.62 -162.56 -21.81
C ASP AA 19 10.63 -161.67 -22.55
N PRO AA 20 10.28 -160.43 -22.95
CA PRO AA 20 11.18 -159.57 -23.69
C PRO AA 20 12.41 -159.13 -22.90
N ALA AA 21 12.43 -159.32 -21.57
CA ALA AA 21 13.57 -158.95 -20.75
C ALA AA 21 14.77 -159.89 -20.97
N ASP AA 22 14.50 -161.19 -21.18
CA ASP AA 22 15.50 -162.24 -21.15
C ASP AA 22 15.51 -163.11 -22.43
N ASP AA 23 14.50 -162.97 -23.29
CA ASP AA 23 14.19 -163.88 -24.39
C ASP AA 23 13.93 -165.32 -23.87
N SER AA 24 13.59 -165.46 -22.58
CA SER AA 24 13.20 -166.73 -21.99
C SER AA 24 11.77 -167.08 -22.39
N GLU AA 25 11.49 -168.39 -22.52
CA GLU AA 25 10.14 -168.85 -22.82
C GLU AA 25 9.23 -168.73 -21.58
N ILE AA 26 7.97 -168.35 -21.82
CA ILE AA 26 6.88 -168.43 -20.86
C ILE AA 26 5.99 -169.59 -21.30
N LEU AA 27 5.81 -170.60 -20.45
CA LEU AA 27 5.13 -171.83 -20.86
C LEU AA 27 3.67 -171.56 -21.18
N PHE AA 28 3.29 -171.87 -22.43
CA PHE AA 28 1.93 -171.69 -22.90
C PHE AA 28 1.68 -172.71 -24.01
N ALA AA 29 0.47 -173.28 -24.05
CA ALA AA 29 0.22 -174.45 -24.87
C ALA AA 29 -1.27 -174.68 -25.13
N GLY AA 30 -1.58 -175.59 -26.06
CA GLY AA 30 -2.92 -176.17 -26.17
C GLY AA 30 -3.89 -175.22 -26.85
N VAL AA 31 -3.40 -174.45 -27.83
CA VAL AA 31 -4.25 -173.53 -28.58
C VAL AA 31 -5.27 -174.30 -29.43
N ARG AA 32 -6.35 -173.61 -29.80
CA ARG AA 32 -7.38 -174.11 -30.70
C ARG AA 32 -7.49 -173.18 -31.91
N ASP AA 33 -7.47 -171.87 -31.66
CA ASP AA 33 -7.53 -170.85 -32.71
C ASP AA 33 -6.42 -169.84 -32.46
N VAL AA 34 -5.83 -169.33 -33.54
CA VAL AA 34 -4.83 -168.29 -33.45
C VAL AA 34 -5.02 -167.32 -34.61
N THR AA 35 -5.39 -166.08 -34.29
CA THR AA 35 -5.49 -165.02 -35.28
C THR AA 35 -4.45 -163.94 -34.98
N ILE AA 36 -3.58 -163.66 -35.95
CA ILE AA 36 -2.64 -162.55 -35.88
C ILE AA 36 -2.89 -161.66 -37.09
N THR AA 37 -3.28 -160.40 -36.85
CA THR AA 37 -3.72 -159.47 -37.89
C THR AA 37 -3.10 -158.10 -37.66
N PRO AA 38 -1.99 -157.75 -38.32
CA PRO AA 38 -1.55 -156.37 -38.47
C PRO AA 38 -2.67 -155.48 -39.00
N ALA AA 39 -2.68 -154.25 -38.49
CA ALA AA 39 -3.66 -153.24 -38.87
C ALA AA 39 -3.04 -151.85 -38.81
N TYR AA 40 -3.63 -150.93 -39.57
CA TYR AA 40 -3.46 -149.50 -39.36
C TYR AA 40 -4.82 -148.83 -39.53
N GLU AA 41 -4.97 -147.64 -38.97
CA GLU AA 41 -6.07 -146.77 -39.36
C GLU AA 41 -5.76 -146.09 -40.69
N HIS AA 42 -6.76 -145.97 -41.56
CA HIS AA 42 -6.61 -145.30 -42.84
C HIS AA 42 -7.42 -144.02 -42.86
N ALA AA 43 -6.76 -142.97 -43.34
CA ALA AA 43 -7.41 -141.70 -43.59
C ALA AA 43 -7.39 -141.43 -45.08
N GLU AA 44 -8.58 -141.26 -45.68
CA GLU AA 44 -8.74 -140.99 -47.09
C GLU AA 44 -9.08 -139.51 -47.26
N LEU AA 45 -8.45 -138.82 -48.22
CA LEU AA 45 -8.69 -137.41 -48.45
C LEU AA 45 -9.64 -137.19 -49.62
N TYR AA 46 -10.71 -136.43 -49.37
CA TYR AA 46 -11.60 -136.01 -50.44
C TYR AA 46 -11.88 -134.52 -50.32
N THR AA 47 -12.04 -133.89 -51.49
CA THR AA 47 -12.26 -132.46 -51.61
C THR AA 47 -13.32 -132.18 -52.67
N ILE AA 48 -13.76 -130.94 -52.76
CA ILE AA 48 -14.79 -130.57 -53.72
C ILE AA 48 -14.36 -130.74 -55.18
N ASP AA 49 -13.06 -130.79 -55.46
CA ASP AA 49 -12.54 -130.87 -56.82
C ASP AA 49 -12.84 -132.19 -57.54
N SER AA 50 -13.06 -133.27 -56.80
CA SER AA 50 -13.24 -134.60 -57.38
C SER AA 50 -14.06 -135.51 -56.45
N THR AA 51 -14.86 -136.39 -57.03
CA THR AA 51 -15.55 -137.42 -56.26
C THR AA 51 -14.62 -138.56 -55.85
N PHE AA 52 -13.49 -138.70 -56.56
CA PHE AA 52 -12.51 -139.73 -56.26
C PHE AA 52 -11.61 -139.32 -55.10
N ARG AA 53 -11.11 -140.33 -54.40
CA ARG AA 53 -10.15 -140.15 -53.35
C ARG AA 53 -8.89 -139.53 -53.90
N ASP AA 54 -8.43 -138.45 -53.26
CA ASP AA 54 -7.25 -137.71 -53.69
C ASP AA 54 -5.95 -138.34 -53.19
N GLU AA 55 -5.98 -138.76 -51.91
CA GLU AA 55 -4.89 -139.44 -51.23
C GLU AA 55 -5.43 -140.44 -50.21
N VAL AA 56 -4.57 -141.39 -49.82
CA VAL AA 56 -4.82 -142.23 -48.67
C VAL AA 56 -3.52 -142.45 -47.90
N LYS AA 57 -3.62 -142.55 -46.58
CA LYS AA 57 -2.47 -142.61 -45.68
C LYS AA 57 -2.82 -143.52 -44.49
N ARG AA 58 -1.78 -144.11 -43.87
CA ARG AA 58 -1.94 -145.02 -42.75
C ARG AA 58 -1.26 -144.50 -41.48
N TYR AA 59 -1.84 -144.81 -40.31
CA TYR AA 59 -1.35 -144.42 -38.99
C TYR AA 59 -1.90 -145.38 -37.93
N GLU AA 60 -1.45 -145.26 -36.67
CA GLU AA 60 -1.87 -146.13 -35.57
C GLU AA 60 -1.77 -147.63 -35.89
N HIS AA 61 -0.53 -148.02 -36.19
CA HIS AA 61 -0.27 -149.44 -36.34
C HIS AA 61 -0.54 -150.17 -35.02
N ASN AA 62 -1.09 -151.37 -35.14
CA ASN AA 62 -0.99 -152.40 -34.12
C ASN AA 62 -1.16 -153.78 -34.78
N VAL AA 63 -0.98 -154.84 -33.99
CA VAL AA 63 -1.28 -156.19 -34.43
C VAL AA 63 -2.36 -156.73 -33.52
N ASN AA 64 -3.55 -157.06 -34.04
CA ASN AA 64 -4.52 -157.80 -33.27
C ASN AA 64 -4.04 -159.24 -33.07
N VAL AA 65 -4.04 -159.71 -31.82
CA VAL AA 65 -3.75 -161.09 -31.49
C VAL AA 65 -4.95 -161.66 -30.77
N GLU AA 66 -5.58 -162.69 -31.34
CA GLU AA 66 -6.66 -163.37 -30.66
C GLU AA 66 -6.37 -164.87 -30.63
N ILE AA 67 -6.61 -165.48 -29.48
CA ILE AA 67 -6.29 -166.88 -29.27
C ILE AA 67 -7.44 -167.56 -28.54
N THR AA 68 -7.82 -168.75 -28.98
CA THR AA 68 -8.61 -169.66 -28.17
C THR AA 68 -7.69 -170.80 -27.74
N TYR AA 69 -7.73 -171.22 -26.47
CA TYR AA 69 -6.87 -172.30 -26.02
C TYR AA 69 -7.55 -173.11 -24.90
N ALA AA 70 -6.96 -174.29 -24.59
CA ALA AA 70 -7.63 -175.26 -23.74
C ALA AA 70 -6.72 -175.90 -22.67
N LYS AA 71 -5.42 -175.58 -22.66
CA LYS AA 71 -4.52 -175.96 -21.56
C LYS AA 71 -4.21 -174.71 -20.71
N PHE AA 72 -4.57 -174.70 -19.43
CA PHE AA 72 -4.34 -173.56 -18.56
C PHE AA 72 -2.87 -173.48 -18.15
N SER AA 73 -2.26 -172.28 -18.29
CA SER AA 73 -0.89 -172.05 -17.85
C SER AA 73 -0.87 -171.16 -16.62
N LEU AA 74 -0.38 -171.73 -15.51
CA LEU AA 74 -0.24 -170.98 -14.28
C LEU AA 74 0.93 -169.98 -14.35
N GLU AA 75 1.97 -170.26 -15.13
CA GLU AA 75 3.05 -169.32 -15.33
C GLU AA 75 2.55 -168.09 -16.11
N PHE AA 76 1.88 -168.30 -17.26
CA PHE AA 76 1.40 -167.21 -18.10
C PHE AA 76 0.48 -166.28 -17.34
N ALA AA 77 -0.45 -166.83 -16.55
CA ALA AA 77 -1.34 -166.04 -15.71
C ALA AA 77 -0.57 -165.24 -14.66
N GLN AA 78 0.42 -165.84 -13.99
CA GLN AA 78 1.19 -165.15 -12.97
C GLN AA 78 2.13 -164.10 -13.55
N GLU AA 79 2.60 -164.27 -14.79
CA GLU AA 79 3.29 -163.21 -15.52
C GLU AA 79 2.36 -162.04 -15.80
N TRP AA 80 1.16 -162.30 -16.33
CA TRP AA 80 0.20 -161.25 -16.65
C TRP AA 80 -0.21 -160.44 -15.43
N LEU AA 81 -0.39 -161.11 -14.28
CA LEU AA 81 -0.61 -160.44 -13.00
C LEU AA 81 0.62 -159.62 -12.61
N GLY AA 82 1.81 -160.23 -12.65
CA GLY AA 82 3.01 -159.62 -12.11
C GLY AA 82 3.48 -158.35 -12.85
N GLY AA 83 3.16 -158.21 -14.13
CA GLY AA 83 3.68 -157.11 -14.93
C GLY AA 83 5.14 -157.33 -15.33
N PRO AA 84 5.75 -156.40 -16.08
CA PRO AA 84 7.10 -156.55 -16.61
C PRO AA 84 8.16 -156.90 -15.58
N GLY AA 85 8.84 -158.03 -15.83
CA GLY AA 85 9.98 -158.51 -15.04
C GLY AA 85 9.64 -159.08 -13.66
N ALA AA 86 8.37 -159.46 -13.43
CA ALA AA 86 7.95 -160.09 -12.18
C ALA AA 86 6.79 -161.06 -12.37
N THR AA 87 6.57 -161.95 -11.39
CA THR AA 87 5.36 -162.78 -11.30
C THR AA 87 4.65 -162.53 -9.98
N ALA AA 88 3.32 -162.65 -9.98
CA ALA AA 88 2.55 -162.45 -8.76
C ALA AA 88 1.38 -163.43 -8.66
N THR AA 89 1.01 -163.75 -7.42
CA THR AA 89 -0.12 -164.63 -7.10
C THR AA 89 -1.41 -163.86 -6.84
N ALA AA 90 -1.39 -162.53 -7.03
CA ALA AA 90 -2.53 -161.66 -6.73
C ALA AA 90 -2.45 -160.45 -7.65
N SER AA 91 -3.57 -159.75 -7.84
CA SER AA 91 -3.61 -158.52 -8.65
C SER AA 91 -2.57 -157.51 -8.16
N GLN AA 92 -1.88 -156.85 -9.10
CA GLN AA 92 -0.92 -155.82 -8.75
C GLN AA 92 -1.52 -154.44 -9.03
N ASP AA 93 -1.40 -153.55 -8.04
CA ASP AA 93 -1.82 -152.17 -8.20
C ASP AA 93 -0.70 -151.34 -8.80
N ASP AA 94 -0.45 -151.55 -10.11
CA ASP AA 94 0.49 -150.74 -10.87
C ASP AA 94 0.09 -150.58 -12.34
N SER AA 95 0.73 -149.61 -13.01
CA SER AA 95 0.24 -149.05 -14.25
C SER AA 95 0.74 -149.78 -15.50
N ASP AA 96 1.69 -150.73 -15.36
CA ASP AA 96 2.31 -151.39 -16.50
C ASP AA 96 1.70 -152.76 -16.78
N PRO AA 97 1.15 -152.99 -17.99
CA PRO AA 97 0.75 -154.33 -18.38
C PRO AA 97 2.00 -155.14 -18.71
N MET AA 98 1.90 -156.45 -18.47
CA MET AA 98 2.91 -157.39 -18.94
C MET AA 98 2.94 -157.38 -20.46
N LYS AA 99 4.16 -157.28 -21.03
CA LYS AA 99 4.36 -157.31 -22.47
C LYS AA 99 5.00 -158.64 -22.84
N PHE AA 100 4.38 -159.37 -23.77
CA PHE AA 100 4.88 -160.64 -24.24
C PHE AA 100 5.39 -160.50 -25.68
N ASN AA 101 6.61 -160.94 -25.95
CA ASN AA 101 6.95 -161.25 -27.33
C ASN AA 101 6.29 -162.55 -27.70
N LEU AA 102 5.81 -162.66 -28.93
CA LEU AA 102 5.04 -163.81 -29.36
C LEU AA 102 5.51 -164.24 -30.74
N GLU AA 103 5.76 -165.54 -30.93
CA GLU AA 103 6.19 -166.06 -32.22
C GLU AA 103 5.40 -167.30 -32.60
N ASN AA 104 4.93 -167.35 -33.86
CA ASN AA 104 4.26 -168.51 -34.41
C ASN AA 104 5.05 -168.98 -35.65
N VAL AA 105 5.49 -170.25 -35.64
CA VAL AA 105 6.23 -170.81 -36.76
C VAL AA 105 5.38 -171.90 -37.42
N THR AA 106 5.15 -171.80 -38.74
CA THR AA 106 4.20 -172.67 -39.41
C THR AA 106 4.71 -173.15 -40.76
N PRO AA 107 5.01 -174.46 -40.92
CA PRO AA 107 5.25 -175.05 -42.22
C PRO AA 107 4.01 -175.00 -43.12
N SER AA 108 4.23 -174.68 -44.40
CA SER AA 108 3.20 -174.73 -45.43
C SER AA 108 2.73 -176.17 -45.66
N ALA AA 109 1.56 -176.38 -46.29
CA ALA AA 109 0.97 -177.71 -46.44
C ALA AA 109 1.93 -178.71 -47.11
N SER AA 110 2.59 -178.31 -48.22
CA SER AA 110 3.52 -179.19 -48.95
C SER AA 110 4.96 -179.06 -48.45
N GLY AA 111 5.19 -178.32 -47.36
CA GLY AA 111 6.53 -177.92 -46.91
C GLY AA 111 7.24 -176.93 -47.84
N GLY AA 112 6.49 -176.29 -48.78
CA GLY AA 112 7.03 -175.39 -49.80
C GLY AA 112 7.70 -174.12 -49.25
N PHE AA 113 7.29 -173.72 -48.04
CA PHE AA 113 7.86 -172.63 -47.25
C PHE AA 113 7.49 -172.84 -45.78
N GLU AA 114 8.12 -172.09 -44.88
CA GLU AA 114 7.80 -172.14 -43.47
C GLU AA 114 7.77 -170.71 -42.93
N ARG AA 115 6.59 -170.10 -42.77
CA ARG AA 115 6.56 -168.74 -42.26
C ARG AA 115 6.88 -168.70 -40.76
N THR AA 116 7.72 -167.74 -40.38
CA THR AA 116 7.83 -167.34 -38.99
C THR AA 116 7.16 -165.98 -38.86
N THR AA 117 6.12 -165.88 -38.02
CA THR AA 117 5.50 -164.62 -37.68
C THR AA 117 5.89 -164.26 -36.26
N ALA AA 118 6.51 -163.10 -36.06
CA ALA AA 118 6.86 -162.63 -34.73
C ALA AA 118 6.23 -161.27 -34.45
N VAL AA 119 5.62 -161.14 -33.26
CA VAL AA 119 4.95 -159.94 -32.82
C VAL AA 119 5.62 -159.43 -31.55
N GLU AA 120 6.03 -158.15 -31.50
CA GLU AA 120 6.61 -157.60 -30.29
C GLU AA 120 5.56 -156.98 -29.36
N ASN AA 121 5.83 -157.04 -28.05
CA ASN AA 121 5.07 -156.33 -27.03
C ASN AA 121 3.54 -156.53 -27.17
N VAL AA 122 3.08 -157.78 -27.26
CA VAL AA 122 1.67 -158.07 -27.13
C VAL AA 122 1.26 -157.84 -25.67
N VAL AA 123 0.15 -157.15 -25.48
CA VAL AA 123 -0.48 -156.98 -24.17
C VAL AA 123 -1.93 -157.42 -24.26
N PHE AA 124 -2.46 -157.95 -23.16
CA PHE AA 124 -3.85 -158.41 -23.15
C PHE AA 124 -4.64 -157.61 -22.12
N PRO AA 125 -5.69 -156.87 -22.50
CA PRO AA 125 -6.48 -156.08 -21.56
C PRO AA 125 -7.12 -156.90 -20.47
N GLU AA 126 -7.54 -158.11 -20.82
CA GLU AA 126 -8.18 -158.99 -19.85
C GLU AA 126 -7.74 -160.42 -20.07
N LEU AA 127 -7.64 -161.14 -18.95
CA LEU AA 127 -7.14 -162.51 -18.89
C LEU AA 127 -8.22 -163.38 -18.26
N PRO AA 128 -8.72 -164.44 -18.93
CA PRO AA 128 -9.60 -165.38 -18.25
C PRO AA 128 -8.76 -166.28 -17.35
N LEU AA 129 -9.26 -166.48 -16.12
CA LEU AA 129 -8.70 -167.48 -15.21
C LEU AA 129 -9.56 -168.74 -15.25
N ASP AA 130 -10.75 -168.67 -14.65
CA ASP AA 130 -11.72 -169.75 -14.77
C ASP AA 130 -12.63 -169.50 -15.98
N SER AA 131 -13.01 -170.59 -16.66
CA SER AA 131 -13.88 -170.54 -17.82
C SER AA 131 -14.61 -171.86 -17.97
N ALA AA 132 -15.34 -172.21 -16.90
CA ALA AA 132 -15.98 -173.51 -16.71
C ALA AA 132 -17.31 -173.58 -17.45
N THR AA 133 -17.58 -174.76 -18.05
CA THR AA 133 -18.90 -175.20 -18.47
C THR AA 133 -19.08 -176.65 -18.04
N TYR AA 134 -20.18 -176.98 -17.36
CA TYR AA 134 -20.39 -178.32 -16.86
C TYR AA 134 -20.42 -179.36 -17.99
N GLY AA 135 -19.73 -180.48 -17.75
CA GLY AA 135 -19.63 -181.55 -18.73
C GLY AA 135 -18.70 -181.22 -19.91
N GLU AA 136 -17.79 -180.25 -19.73
CA GLU AA 136 -16.76 -179.96 -20.71
C GLU AA 136 -15.41 -179.63 -20.04
N TYR AA 137 -14.34 -179.75 -20.82
CA TYR AA 137 -13.09 -179.14 -20.40
C TYR AA 137 -13.16 -177.62 -20.56
N GLU AA 138 -12.49 -176.88 -19.67
CA GLU AA 138 -12.43 -175.43 -19.76
C GLU AA 138 -11.74 -174.97 -21.05
N GLU AA 139 -12.30 -173.91 -21.66
CA GLU AA 139 -11.73 -173.28 -22.84
C GLU AA 139 -11.68 -171.77 -22.63
N TYR AA 140 -10.56 -171.16 -23.04
CA TYR AA 140 -10.26 -169.78 -22.71
C TYR AA 140 -10.02 -168.95 -23.97
N SER AA 141 -10.50 -167.70 -23.94
CA SER AA 141 -10.33 -166.78 -25.06
C SER AA 141 -9.49 -165.57 -24.63
N LEU AA 142 -8.49 -165.23 -25.46
CA LEU AA 142 -7.68 -164.04 -25.28
C LEU AA 142 -7.85 -163.08 -26.46
N THR AA 143 -7.90 -161.79 -26.16
CA THR AA 143 -7.76 -160.74 -27.14
C THR AA 143 -6.66 -159.80 -26.66
N GLY AA 144 -5.72 -159.46 -27.54
CA GLY AA 144 -4.61 -158.60 -27.21
C GLY AA 144 -4.10 -157.81 -28.41
N SER AA 145 -3.07 -156.99 -28.17
CA SER AA 145 -2.54 -156.12 -29.21
C SER AA 145 -1.02 -155.97 -29.11
N GLY AA 146 -0.32 -156.29 -30.20
CA GLY AA 146 1.10 -156.12 -30.31
C GLY AA 146 1.48 -154.77 -30.92
N ARG AA 147 2.70 -154.32 -30.64
CA ARG AA 147 3.20 -153.06 -31.14
C ARG AA 147 3.51 -153.15 -32.64
N SER AA 148 4.17 -154.21 -33.08
CA SER AA 148 4.53 -154.37 -34.48
C SER AA 148 4.91 -155.82 -34.78
N VAL AA 149 4.95 -156.18 -36.08
CA VAL AA 149 5.49 -157.46 -36.54
C VAL AA 149 6.98 -157.28 -36.74
N THR AA 150 7.80 -158.01 -35.97
CA THR AA 150 9.26 -157.90 -36.07
C THR AA 150 9.84 -158.81 -37.15
N ASN AA 151 9.11 -159.85 -37.54
CA ASN AA 151 9.57 -160.78 -38.57
C ASN AA 151 8.36 -161.46 -39.22
N LEU AA 152 8.40 -161.53 -40.56
CA LEU AA 152 7.52 -162.33 -41.40
C LEU AA 152 8.32 -162.79 -42.62
N ALA AA 153 8.93 -163.97 -42.51
CA ALA AA 153 9.85 -164.46 -43.53
C ALA AA 153 9.72 -165.97 -43.71
N ASP AA 154 10.17 -166.45 -44.86
CA ASP AA 154 10.37 -167.89 -45.06
C ASP AA 154 11.59 -168.36 -44.28
N THR AA 155 11.36 -169.26 -43.33
CA THR AA 155 12.36 -169.83 -42.47
C THR AA 155 13.00 -171.07 -43.10
N SER AA 156 12.34 -171.66 -44.12
CA SER AA 156 12.75 -172.93 -44.72
C SER AA 156 14.12 -172.79 -45.41
N GLY AA 157 15.05 -173.70 -45.06
CA GLY AA 157 16.41 -173.70 -45.58
C GLY AA 157 17.12 -172.37 -45.37
N ALA BA 2 9.41 -175.03 -13.16
CA ALA BA 2 8.12 -174.61 -13.81
C ALA BA 2 7.06 -175.71 -13.65
N THR BA 3 5.80 -175.34 -13.94
CA THR BA 3 4.67 -176.26 -13.98
C THR BA 3 4.11 -176.30 -15.41
N SER BA 4 3.99 -177.51 -16.01
CA SER BA 4 3.53 -177.66 -17.38
C SER BA 4 2.07 -177.23 -17.53
N PRO BA 5 1.70 -176.49 -18.61
CA PRO BA 5 0.30 -176.15 -18.87
C PRO BA 5 -0.51 -177.41 -19.09
N GLU BA 6 -1.79 -177.38 -18.66
CA GLU BA 6 -2.60 -178.59 -18.64
C GLU BA 6 -4.09 -178.31 -18.78
N GLY BA 7 -4.85 -179.28 -19.32
CA GLY BA 7 -6.29 -179.14 -19.44
C GLY BA 7 -7.00 -179.26 -18.09
N ILE BA 8 -8.24 -178.76 -18.02
CA ILE BA 8 -9.01 -178.78 -16.78
C ILE BA 8 -10.43 -179.25 -17.06
N TRP BA 9 -10.87 -180.29 -16.34
CA TRP BA 9 -12.25 -180.73 -16.42
C TRP BA 9 -13.13 -179.79 -15.58
N SER BA 10 -14.14 -179.14 -16.19
CA SER BA 10 -14.86 -178.07 -15.53
C SER BA 10 -15.44 -178.52 -14.20
N ASN BA 11 -16.07 -179.70 -14.20
CA ASN BA 11 -16.84 -180.17 -13.07
C ASN BA 11 -16.01 -180.38 -11.81
N SER BA 12 -14.69 -180.48 -11.94
CA SER BA 12 -13.79 -180.69 -10.80
C SER BA 12 -13.72 -179.48 -9.87
N GLY BA 13 -14.14 -178.30 -10.35
CA GLY BA 13 -14.02 -177.07 -9.58
C GLY BA 13 -15.02 -176.99 -8.43
N ALA BA 14 -14.51 -176.71 -7.22
CA ALA BA 14 -15.32 -176.44 -6.05
C ALA BA 14 -15.35 -174.93 -5.77
N LEU BA 15 -16.54 -174.34 -5.94
CA LEU BA 15 -16.79 -172.91 -5.79
C LEU BA 15 -17.48 -172.60 -4.46
N THR BA 16 -17.01 -171.56 -3.76
CA THR BA 16 -17.67 -171.09 -2.54
C THR BA 16 -17.73 -169.57 -2.49
N PHE BA 17 -18.75 -169.07 -1.76
CA PHE BA 17 -18.78 -167.68 -1.38
C PHE BA 17 -18.58 -167.54 0.12
N GLU BA 18 -17.87 -166.48 0.53
CA GLU BA 18 -17.71 -166.16 1.94
C GLU BA 18 -18.14 -164.72 2.24
N ASP BA 19 -18.69 -164.52 3.44
CA ASP BA 19 -18.88 -163.20 4.02
C ASP BA 19 -17.52 -162.63 4.40
N PRO BA 20 -17.09 -161.45 3.86
CA PRO BA 20 -15.77 -160.91 4.17
C PRO BA 20 -15.61 -160.39 5.59
N ALA BA 21 -16.71 -160.24 6.37
CA ALA BA 21 -16.63 -159.80 7.75
C ALA BA 21 -16.23 -160.94 8.70
N ASP BA 22 -17.04 -162.01 8.73
CA ASP BA 22 -16.90 -163.11 9.69
C ASP BA 22 -16.13 -164.31 9.11
N ASP BA 23 -15.75 -164.27 7.82
CA ASP BA 23 -15.08 -165.36 7.10
C ASP BA 23 -15.95 -166.63 7.03
N SER BA 24 -17.27 -166.49 7.27
CA SER BA 24 -18.22 -167.59 7.22
C SER BA 24 -18.66 -167.89 5.78
N GLU BA 25 -18.93 -169.16 5.49
CA GLU BA 25 -19.44 -169.54 4.17
C GLU BA 25 -20.89 -169.08 4.01
N ILE BA 26 -21.23 -168.64 2.79
CA ILE BA 26 -22.60 -168.38 2.37
C ILE BA 26 -22.97 -169.51 1.42
N LEU BA 27 -24.05 -170.24 1.72
CA LEU BA 27 -24.36 -171.47 1.00
C LEU BA 27 -24.77 -171.17 -0.44
N PHE BA 28 -24.03 -171.77 -1.39
CA PHE BA 28 -24.33 -171.63 -2.79
C PHE BA 28 -23.88 -172.90 -3.51
N ALA BA 29 -24.64 -173.30 -4.55
CA ALA BA 29 -24.47 -174.62 -5.14
C ALA BA 29 -25.01 -174.68 -6.58
N GLY BA 30 -24.65 -175.75 -7.30
CA GLY BA 30 -25.31 -176.12 -8.55
C GLY BA 30 -24.95 -175.24 -9.74
N VAL BA 31 -23.70 -174.80 -9.83
CA VAL BA 31 -23.23 -174.04 -10.99
C VAL BA 31 -23.19 -174.88 -12.26
N ARG BA 32 -23.35 -174.21 -13.40
CA ARG BA 32 -23.33 -174.80 -14.72
C ARG BA 32 -22.25 -174.16 -15.59
N ASP BA 33 -22.09 -172.84 -15.46
CA ASP BA 33 -20.99 -172.11 -16.09
C ASP BA 33 -20.35 -171.21 -15.03
N VAL BA 34 -19.02 -171.02 -15.11
CA VAL BA 34 -18.32 -170.09 -14.22
C VAL BA 34 -17.18 -169.45 -15.00
N THR BA 35 -17.27 -168.14 -15.20
CA THR BA 35 -16.21 -167.37 -15.85
C THR BA 35 -15.65 -166.32 -14.90
N ILE BA 36 -14.34 -166.32 -14.70
CA ILE BA 36 -13.65 -165.33 -13.90
C ILE BA 36 -12.58 -164.69 -14.77
N THR BA 37 -12.65 -163.37 -14.94
CA THR BA 37 -11.78 -162.67 -15.89
C THR BA 37 -11.28 -161.37 -15.30
N PRO BA 38 -10.10 -161.37 -14.65
CA PRO BA 38 -9.37 -160.13 -14.36
C PRO BA 38 -9.15 -159.29 -15.61
N ALA BA 39 -9.40 -158.00 -15.47
CA ALA BA 39 -9.33 -157.07 -16.58
C ALA BA 39 -8.79 -155.71 -16.12
N TYR BA 40 -8.21 -154.99 -17.07
CA TYR BA 40 -7.88 -153.59 -16.91
C TYR BA 40 -8.31 -152.85 -18.17
N GLU BA 41 -8.63 -151.56 -18.02
CA GLU BA 41 -8.66 -150.67 -19.17
C GLU BA 41 -7.24 -150.40 -19.61
N HIS BA 42 -6.99 -150.40 -20.93
CA HIS BA 42 -5.67 -150.05 -21.46
C HIS BA 42 -5.75 -148.71 -22.19
N ALA BA 43 -4.75 -147.88 -21.93
CA ALA BA 43 -4.57 -146.63 -22.65
C ALA BA 43 -3.26 -146.65 -23.42
N GLU BA 44 -3.31 -146.21 -24.68
CA GLU BA 44 -2.18 -146.30 -25.58
C GLU BA 44 -1.79 -144.90 -26.08
N LEU BA 45 -0.50 -144.59 -26.04
CA LEU BA 45 -0.01 -143.31 -26.52
C LEU BA 45 0.50 -143.42 -27.96
N TYR BA 46 -0.08 -142.62 -28.85
CA TYR BA 46 0.47 -142.43 -30.17
C TYR BA 46 0.58 -140.94 -30.46
N THR BA 47 1.59 -140.60 -31.26
CA THR BA 47 1.91 -139.21 -31.55
C THR BA 47 2.43 -139.10 -32.99
N ILE BA 48 2.62 -137.88 -33.46
CA ILE BA 48 3.04 -137.63 -34.83
C ILE BA 48 4.44 -138.20 -35.11
N ASP BA 49 5.25 -138.45 -34.06
CA ASP BA 49 6.60 -139.00 -34.21
C ASP BA 49 6.64 -140.37 -34.88
N SER BA 50 5.65 -141.23 -34.60
CA SER BA 50 5.67 -142.62 -35.07
C SER BA 50 4.26 -143.16 -35.26
N THR BA 51 4.09 -144.06 -36.24
CA THR BA 51 2.82 -144.76 -36.41
C THR BA 51 2.66 -145.91 -35.44
N PHE BA 52 3.76 -146.37 -34.83
CA PHE BA 52 3.72 -147.43 -33.84
C PHE BA 52 3.36 -146.88 -32.46
N ARG BA 53 2.82 -147.75 -31.61
CA ARG BA 53 2.49 -147.41 -30.25
C ARG BA 53 3.75 -147.01 -29.48
N ASP BA 54 3.66 -145.89 -28.75
CA ASP BA 54 4.79 -145.34 -28.05
C ASP BA 54 4.84 -145.82 -26.60
N GLU BA 55 3.67 -145.84 -25.95
CA GLU BA 55 3.49 -146.38 -24.60
C GLU BA 55 2.13 -147.07 -24.46
N VAL BA 56 2.03 -147.97 -23.48
CA VAL BA 56 0.75 -148.52 -23.07
C VAL BA 56 0.73 -148.68 -21.56
N LYS BA 57 -0.41 -148.34 -20.93
CA LYS BA 57 -0.57 -148.41 -19.48
C LYS BA 57 -1.95 -149.00 -19.15
N ARG BA 58 -2.09 -149.50 -17.92
CA ARG BA 58 -3.32 -150.14 -17.48
C ARG BA 58 -3.88 -149.47 -16.23
N TYR BA 59 -5.21 -149.39 -16.14
CA TYR BA 59 -5.91 -148.74 -15.05
C TYR BA 59 -7.32 -149.35 -14.95
N GLU BA 60 -8.06 -149.03 -13.88
CA GLU BA 60 -9.35 -149.65 -13.61
C GLU BA 60 -9.28 -151.17 -13.67
N HIS BA 61 -8.55 -151.72 -12.72
CA HIS BA 61 -8.65 -153.14 -12.49
C HIS BA 61 -10.05 -153.47 -11.99
N ASN BA 62 -10.60 -154.56 -12.53
CA ASN BA 62 -11.71 -155.26 -11.89
C ASN BA 62 -11.67 -156.72 -12.32
N VAL BA 63 -12.39 -157.59 -11.61
CA VAL BA 63 -12.55 -158.96 -12.05
C VAL BA 63 -13.99 -159.15 -12.48
N ASN BA 64 -14.23 -159.44 -13.77
CA ASN BA 64 -15.55 -159.81 -14.21
C ASN BA 64 -15.85 -161.24 -13.75
N VAL BA 65 -16.95 -161.42 -13.02
CA VAL BA 65 -17.41 -162.73 -12.59
C VAL BA 65 -18.77 -162.99 -13.20
N GLU BA 66 -18.91 -164.09 -13.95
CA GLU BA 66 -20.19 -164.51 -14.50
C GLU BA 66 -20.45 -165.97 -14.11
N ILE BA 67 -21.66 -166.25 -13.63
CA ILE BA 67 -22.02 -167.56 -13.15
C ILE BA 67 -23.40 -167.93 -13.68
N THR BA 68 -23.56 -169.16 -14.14
CA THR BA 68 -24.88 -169.74 -14.37
C THR BA 68 -25.10 -170.82 -13.32
N TYR BA 69 -26.25 -170.84 -12.65
CA TYR BA 69 -26.49 -171.79 -11.58
C TYR BA 69 -27.96 -172.26 -11.52
N ALA BA 70 -28.21 -173.45 -10.97
CA ALA BA 70 -29.48 -174.13 -11.15
C ALA BA 70 -30.13 -174.56 -9.82
N LYS BA 71 -29.41 -174.45 -8.69
CA LYS BA 71 -29.97 -174.63 -7.36
C LYS BA 71 -30.17 -173.25 -6.73
N PHE BA 72 -31.40 -172.94 -6.32
CA PHE BA 72 -31.67 -171.68 -5.66
C PHE BA 72 -31.09 -171.69 -4.25
N SER BA 73 -30.42 -170.58 -3.85
CA SER BA 73 -29.99 -170.40 -2.47
C SER BA 73 -30.77 -169.26 -1.84
N LEU BA 74 -31.54 -169.57 -0.79
CA LEU BA 74 -32.24 -168.52 -0.07
C LEU BA 74 -31.27 -167.63 0.71
N GLU BA 75 -30.22 -168.21 1.31
CA GLU BA 75 -29.27 -167.43 2.09
C GLU BA 75 -28.55 -166.41 1.21
N PHE BA 76 -28.08 -166.84 0.04
CA PHE BA 76 -27.38 -165.96 -0.89
C PHE BA 76 -28.23 -164.74 -1.28
N ALA BA 77 -29.51 -164.98 -1.59
CA ALA BA 77 -30.41 -163.90 -1.93
C ALA BA 77 -30.69 -162.98 -0.74
N GLN BA 78 -30.94 -163.53 0.44
CA GLN BA 78 -31.19 -162.71 1.62
C GLN BA 78 -29.95 -161.93 2.09
N GLU BA 79 -28.73 -162.42 1.80
CA GLU BA 79 -27.50 -161.65 1.96
C GLU BA 79 -27.49 -160.49 0.97
N TRP BA 80 -27.74 -160.77 -0.31
CA TRP BA 80 -27.72 -159.75 -1.36
C TRP BA 80 -28.71 -158.62 -1.05
N LEU BA 81 -29.92 -158.96 -0.60
CA LEU BA 81 -30.91 -157.98 -0.18
C LEU BA 81 -30.43 -157.20 1.04
N GLY BA 82 -29.87 -157.89 2.03
CA GLY BA 82 -29.52 -157.30 3.32
C GLY BA 82 -28.37 -156.29 3.25
N GLY BA 83 -27.42 -156.46 2.33
CA GLY BA 83 -26.23 -155.63 2.29
C GLY BA 83 -25.20 -156.07 3.32
N PRO BA 84 -24.02 -155.42 3.39
CA PRO BA 84 -22.92 -155.88 4.23
C PRO BA 84 -23.29 -156.01 5.71
N GLY BA 85 -22.91 -157.16 6.27
CA GLY BA 85 -23.07 -157.47 7.68
C GLY BA 85 -24.52 -157.71 8.12
N ALA BA 86 -25.43 -158.02 7.17
CA ALA BA 86 -26.84 -158.24 7.51
C ALA BA 86 -27.54 -159.16 6.50
N THR BA 87 -28.70 -159.71 6.90
CA THR BA 87 -29.60 -160.44 6.00
C THR BA 87 -31.00 -159.83 6.07
N ALA BA 88 -31.72 -159.81 4.94
CA ALA BA 88 -33.05 -159.23 4.89
C ALA BA 88 -33.99 -160.04 4.00
N THR BA 89 -35.30 -159.89 4.25
CA THR BA 89 -36.34 -160.61 3.54
C THR BA 89 -37.06 -159.72 2.50
N ALA BA 90 -36.53 -158.51 2.26
CA ALA BA 90 -37.13 -157.52 1.37
C ALA BA 90 -36.03 -156.57 0.89
N SER BA 91 -36.30 -155.83 -0.20
CA SER BA 91 -35.39 -154.79 -0.70
C SER BA 91 -35.04 -153.83 0.44
N GLN BA 92 -33.76 -153.42 0.51
CA GLN BA 92 -33.33 -152.42 1.47
C GLN BA 92 -33.07 -151.08 0.78
N ASP BA 93 -33.57 -150.00 1.39
CA ASP BA 93 -33.31 -148.66 0.88
C ASP BA 93 -32.00 -148.14 1.45
N ASP BA 94 -30.86 -148.70 1.00
CA ASP BA 94 -29.54 -148.25 1.42
C ASP BA 94 -28.49 -148.46 0.32
N SER BA 95 -27.35 -147.76 0.47
CA SER BA 95 -26.42 -147.51 -0.63
C SER BA 95 -25.29 -148.54 -0.72
N ASP BA 96 -25.13 -149.41 0.29
CA ASP BA 96 -24.08 -150.41 0.30
C ASP BA 96 -24.55 -151.71 -0.33
N PRO BA 97 -23.93 -152.18 -1.44
CA PRO BA 97 -24.24 -153.51 -1.96
C PRO BA 97 -23.55 -154.56 -1.10
N MET BA 98 -24.12 -155.75 -1.05
CA MET BA 98 -23.46 -156.89 -0.42
C MET BA 98 -22.19 -157.26 -1.18
N LYS BA 99 -21.08 -157.43 -0.45
CA LYS BA 99 -19.79 -157.80 -1.01
C LYS BA 99 -19.46 -159.23 -0.62
N PHE BA 100 -19.26 -160.12 -1.59
CA PHE BA 100 -18.93 -161.51 -1.35
C PHE BA 100 -17.46 -161.74 -1.69
N ASN BA 101 -16.71 -162.45 -0.85
CA ASN BA 101 -15.49 -163.07 -1.33
C ASN BA 101 -15.85 -164.35 -2.08
N LEU BA 102 -15.20 -164.60 -3.22
CA LEU BA 102 -15.41 -165.79 -4.00
C LEU BA 102 -14.10 -166.58 -4.06
N GLU BA 103 -14.14 -167.87 -3.71
CA GLU BA 103 -12.99 -168.75 -3.89
C GLU BA 103 -13.41 -169.95 -4.72
N ASN BA 104 -12.60 -170.30 -5.73
CA ASN BA 104 -12.83 -171.47 -6.56
C ASN BA 104 -11.55 -172.29 -6.65
N VAL BA 105 -11.63 -173.60 -6.35
CA VAL BA 105 -10.45 -174.46 -6.30
C VAL BA 105 -10.64 -175.60 -7.29
N THR BA 106 -9.65 -175.81 -8.18
CA THR BA 106 -9.85 -176.71 -9.31
C THR BA 106 -8.56 -177.49 -9.64
N PRO BA 107 -8.56 -178.83 -9.51
CA PRO BA 107 -7.46 -179.65 -10.00
C PRO BA 107 -7.31 -179.63 -11.52
N SER BA 108 -6.04 -179.78 -11.97
CA SER BA 108 -5.72 -180.15 -13.35
C SER BA 108 -6.41 -181.48 -13.72
N ALA BA 109 -6.68 -181.70 -15.01
CA ALA BA 109 -7.16 -182.98 -15.52
C ALA BA 109 -6.21 -184.15 -15.19
N SER BA 110 -4.89 -183.90 -15.21
CA SER BA 110 -3.89 -184.89 -14.83
C SER BA 110 -3.61 -184.94 -13.32
N GLY BA 111 -4.23 -184.07 -12.51
CA GLY BA 111 -3.84 -183.85 -11.12
C GLY BA 111 -2.47 -183.19 -10.90
N GLY BA 112 -1.82 -182.72 -11.98
CA GLY BA 112 -0.46 -182.20 -11.97
C GLY BA 112 -0.27 -180.83 -11.30
N PHE BA 113 -1.39 -180.10 -11.07
CA PHE BA 113 -1.46 -178.91 -10.23
C PHE BA 113 -2.92 -178.71 -9.81
N GLU BA 114 -3.17 -177.83 -8.84
CA GLU BA 114 -4.53 -177.44 -8.48
C GLU BA 114 -4.58 -175.93 -8.29
N ARG BA 115 -5.13 -175.19 -9.27
CA ARG BA 115 -5.23 -173.76 -9.07
C ARG BA 115 -6.32 -173.42 -8.06
N THR BA 116 -5.97 -172.55 -7.10
CA THR BA 116 -6.97 -171.84 -6.31
C THR BA 116 -7.06 -170.44 -6.87
N THR BA 117 -8.26 -170.04 -7.32
CA THR BA 117 -8.55 -168.68 -7.73
C THR BA 117 -9.42 -168.05 -6.64
N ALA BA 118 -9.02 -166.89 -6.10
CA ALA BA 118 -9.80 -166.19 -5.08
C ALA BA 118 -9.93 -164.69 -5.40
N VAL BA 119 -11.14 -164.14 -5.21
CA VAL BA 119 -11.50 -162.81 -5.65
C VAL BA 119 -12.16 -162.06 -4.49
N GLU BA 120 -11.69 -160.84 -4.20
CA GLU BA 120 -12.26 -160.05 -3.11
C GLU BA 120 -13.43 -159.18 -3.58
N ASN BA 121 -14.40 -158.98 -2.67
CA ASN BA 121 -15.41 -157.94 -2.78
C ASN BA 121 -16.15 -157.97 -4.13
N VAL BA 122 -16.63 -159.16 -4.50
CA VAL BA 122 -17.53 -159.32 -5.63
C VAL BA 122 -18.89 -158.73 -5.29
N VAL BA 123 -19.46 -157.98 -6.24
CA VAL BA 123 -20.79 -157.38 -6.09
C VAL BA 123 -21.61 -157.67 -7.33
N PHE BA 124 -22.93 -157.90 -7.15
CA PHE BA 124 -23.79 -158.21 -8.28
C PHE BA 124 -24.82 -157.09 -8.44
N PRO BA 125 -24.86 -156.34 -9.57
CA PRO BA 125 -25.81 -155.26 -9.75
C PRO BA 125 -27.26 -155.72 -9.72
N GLU BA 126 -27.50 -156.92 -10.28
CA GLU BA 126 -28.83 -157.51 -10.35
C GLU BA 126 -28.79 -158.97 -9.92
N LEU BA 127 -29.92 -159.43 -9.37
CA LEU BA 127 -30.04 -160.78 -8.83
C LEU BA 127 -31.35 -161.40 -9.32
N PRO BA 128 -31.33 -162.55 -10.04
CA PRO BA 128 -32.57 -163.22 -10.40
C PRO BA 128 -33.15 -163.96 -9.19
N LEU BA 129 -34.41 -163.64 -8.87
CA LEU BA 129 -35.13 -164.31 -7.80
C LEU BA 129 -35.97 -165.46 -8.32
N ASP BA 130 -36.65 -165.22 -9.45
CA ASP BA 130 -37.45 -166.24 -10.12
C ASP BA 130 -37.04 -166.24 -11.59
N SER BA 131 -36.95 -167.42 -12.18
CA SER BA 131 -36.45 -167.59 -13.53
C SER BA 131 -37.02 -168.89 -14.11
N ALA BA 132 -38.35 -168.92 -14.14
CA ALA BA 132 -39.14 -170.10 -14.44
C ALA BA 132 -39.45 -170.18 -15.93
N THR BA 133 -39.34 -171.39 -16.51
CA THR BA 133 -39.75 -171.66 -17.87
C THR BA 133 -40.48 -173.01 -17.89
N TYR BA 134 -41.62 -173.07 -18.57
CA TYR BA 134 -42.50 -174.23 -18.41
C TYR BA 134 -41.88 -175.51 -18.97
N GLY BA 135 -41.97 -176.59 -18.17
CA GLY BA 135 -41.42 -177.88 -18.53
C GLY BA 135 -39.91 -178.00 -18.30
N GLU BA 136 -39.33 -177.12 -17.48
CA GLU BA 136 -37.91 -177.16 -17.13
C GLU BA 136 -37.65 -176.80 -15.67
N TYR BA 137 -36.46 -177.15 -15.18
CA TYR BA 137 -36.03 -176.60 -13.90
C TYR BA 137 -35.60 -175.15 -14.07
N GLU BA 138 -35.74 -174.33 -13.01
CA GLU BA 138 -35.24 -172.96 -13.03
C GLU BA 138 -33.72 -172.92 -13.25
N GLU BA 139 -33.25 -171.89 -13.98
CA GLU BA 139 -31.83 -171.63 -14.15
C GLU BA 139 -31.60 -170.12 -14.05
N TYR BA 140 -30.49 -169.75 -13.41
CA TYR BA 140 -30.24 -168.37 -13.00
C TYR BA 140 -28.86 -167.92 -13.48
N SER BA 141 -28.73 -166.61 -13.72
CA SER BA 141 -27.45 -166.02 -14.11
C SER BA 141 -27.04 -164.91 -13.15
N LEU BA 142 -25.74 -164.84 -12.84
CA LEU BA 142 -25.15 -163.70 -12.15
C LEU BA 142 -24.08 -163.07 -13.01
N THR BA 143 -24.01 -161.75 -12.96
CA THR BA 143 -22.87 -161.01 -13.47
C THR BA 143 -22.46 -160.01 -12.39
N GLY BA 144 -21.15 -159.90 -12.12
CA GLY BA 144 -20.72 -159.01 -11.05
C GLY BA 144 -19.23 -158.67 -11.17
N SER BA 145 -18.79 -157.71 -10.35
CA SER BA 145 -17.41 -157.22 -10.40
C SER BA 145 -16.69 -157.42 -9.06
N GLY BA 146 -15.65 -158.24 -9.07
CA GLY BA 146 -14.71 -158.29 -7.96
C GLY BA 146 -13.70 -157.15 -8.02
N ARG BA 147 -13.22 -156.72 -6.86
CA ARG BA 147 -12.25 -155.65 -6.78
C ARG BA 147 -10.91 -156.10 -7.34
N SER BA 148 -10.44 -157.27 -6.92
CA SER BA 148 -9.15 -157.80 -7.36
C SER BA 148 -9.04 -159.30 -7.08
N VAL BA 149 -8.02 -159.94 -7.68
CA VAL BA 149 -7.67 -161.32 -7.34
C VAL BA 149 -6.75 -161.32 -6.12
N THR BA 150 -7.20 -161.94 -5.03
CA THR BA 150 -6.41 -162.07 -3.81
C THR BA 150 -5.48 -163.27 -3.88
N ASN BA 151 -5.82 -164.29 -4.67
CA ASN BA 151 -4.98 -165.48 -4.79
C ASN BA 151 -5.16 -166.17 -6.15
N LEU BA 152 -4.01 -166.54 -6.74
CA LEU BA 152 -3.90 -167.42 -7.89
C LEU BA 152 -2.57 -168.15 -7.79
N ALA BA 153 -2.63 -169.39 -7.29
CA ALA BA 153 -1.46 -170.22 -7.08
C ALA BA 153 -1.87 -171.69 -7.18
N ASP BA 154 -0.88 -172.58 -7.38
CA ASP BA 154 -1.06 -174.00 -7.17
C ASP BA 154 -1.14 -174.29 -5.67
N THR BA 155 -2.29 -174.82 -5.21
CA THR BA 155 -2.49 -175.22 -3.82
C THR BA 155 -2.31 -176.73 -3.61
N SER BA 156 -1.92 -177.49 -4.64
CA SER BA 156 -1.58 -178.90 -4.48
C SER BA 156 -0.33 -179.11 -3.61
N GLY BA 157 -0.33 -180.21 -2.83
CA GLY BA 157 0.79 -180.56 -1.96
C GLY BA 157 0.95 -179.59 -0.80
N ALA CA 2 -27.85 -172.94 7.66
CA ALA CA 2 -29.11 -172.46 7.03
C ALA CA 2 -29.62 -173.47 6.01
N THR CA 3 -30.73 -173.11 5.34
CA THR CA 3 -31.47 -173.97 4.42
C THR CA 3 -30.61 -174.36 3.23
N SER CA 4 -30.53 -175.67 2.94
CA SER CA 4 -29.72 -176.22 1.85
C SER CA 4 -30.20 -175.71 0.49
N PRO CA 5 -29.33 -175.13 -0.38
CA PRO CA 5 -29.74 -174.75 -1.74
C PRO CA 5 -30.24 -175.96 -2.52
N GLU CA 6 -31.25 -175.73 -3.38
CA GLU CA 6 -31.91 -176.83 -4.08
C GLU CA 6 -32.46 -176.38 -5.44
N GLY CA 7 -32.55 -177.31 -6.40
CA GLY CA 7 -33.15 -177.02 -7.68
C GLY CA 7 -34.66 -176.82 -7.55
N ILE CA 8 -35.27 -176.25 -8.61
CA ILE CA 8 -36.69 -175.92 -8.56
C ILE CA 8 -37.36 -176.31 -9.87
N TRP CA 9 -38.50 -177.02 -9.77
CA TRP CA 9 -39.30 -177.34 -10.93
C TRP CA 9 -40.21 -176.16 -11.29
N SER CA 10 -40.07 -175.57 -12.49
CA SER CA 10 -40.69 -174.29 -12.81
C SER CA 10 -42.20 -174.27 -12.58
N ASN CA 11 -42.85 -175.33 -13.05
CA ASN CA 11 -44.30 -175.37 -13.15
C ASN CA 11 -44.98 -175.38 -11.78
N SER CA 12 -44.26 -175.76 -10.72
CA SER CA 12 -44.78 -175.76 -9.36
C SER CA 12 -45.05 -174.33 -8.85
N GLY CA 13 -44.45 -173.32 -9.49
CA GLY CA 13 -44.65 -171.93 -9.11
C GLY CA 13 -46.05 -171.40 -9.48
N ALA CA 14 -46.80 -170.93 -8.48
CA ALA CA 14 -48.07 -170.25 -8.68
C ALA CA 14 -47.88 -168.73 -8.61
N LEU CA 15 -48.25 -168.04 -9.71
CA LEU CA 15 -48.16 -166.58 -9.82
C LEU CA 15 -49.54 -165.95 -9.68
N THR CA 16 -49.65 -164.87 -8.89
CA THR CA 16 -50.89 -164.14 -8.70
C THR CA 16 -50.66 -162.62 -8.71
N PHE CA 17 -51.62 -161.89 -9.29
CA PHE CA 17 -51.60 -160.44 -9.33
C PHE CA 17 -52.72 -159.88 -8.45
N GLU CA 18 -52.42 -158.78 -7.76
CA GLU CA 18 -53.36 -158.18 -6.82
C GLU CA 18 -53.49 -156.67 -7.04
N ASP CA 19 -54.69 -156.15 -6.82
CA ASP CA 19 -54.94 -154.72 -6.77
C ASP CA 19 -54.44 -154.17 -5.44
N PRO CA 20 -53.46 -153.23 -5.42
CA PRO CA 20 -52.94 -152.70 -4.17
C PRO CA 20 -53.94 -151.89 -3.34
N ALA CA 21 -55.08 -151.49 -3.93
CA ALA CA 21 -56.10 -150.75 -3.20
C ALA CA 21 -56.86 -151.64 -2.21
N ASP CA 22 -57.03 -152.93 -2.56
CA ASP CA 22 -57.96 -153.84 -1.89
C ASP CA 22 -57.31 -155.15 -1.41
N ASP CA 23 -56.10 -155.46 -1.91
CA ASP CA 23 -55.49 -156.79 -1.83
C ASP CA 23 -56.36 -157.86 -2.51
N SER CA 24 -57.33 -157.45 -3.35
CA SER CA 24 -58.14 -158.36 -4.15
C SER CA 24 -57.32 -158.93 -5.30
N GLU CA 25 -57.66 -160.15 -5.73
CA GLU CA 25 -56.97 -160.78 -6.85
C GLU CA 25 -57.45 -160.21 -8.19
N ILE CA 26 -56.53 -160.07 -9.14
CA ILE CA 26 -56.81 -159.78 -10.54
C ILE CA 26 -56.52 -161.05 -11.32
N LEU CA 27 -57.53 -161.58 -12.02
CA LEU CA 27 -57.43 -162.90 -12.65
C LEU CA 27 -56.38 -162.90 -13.76
N PHE CA 28 -55.39 -163.78 -13.60
CA PHE CA 28 -54.32 -163.92 -14.57
C PHE CA 28 -53.79 -165.35 -14.50
N ALA CA 29 -53.39 -165.91 -15.65
CA ALA CA 29 -53.17 -167.35 -15.75
C ALA CA 29 -52.26 -167.71 -16.94
N GLY CA 30 -51.73 -168.94 -16.96
CA GLY CA 30 -51.25 -169.55 -18.19
C GLY CA 30 -49.83 -169.13 -18.53
N VAL CA 31 -49.01 -168.84 -17.51
CA VAL CA 31 -47.63 -168.42 -17.73
C VAL CA 31 -46.78 -169.53 -18.34
N ARG CA 32 -45.76 -169.13 -19.10
CA ARG CA 32 -44.81 -170.00 -19.77
C ARG CA 32 -43.38 -169.63 -19.39
N ASP CA 33 -43.16 -168.35 -19.08
CA ASP CA 33 -41.94 -167.91 -18.40
C ASP CA 33 -42.28 -166.86 -17.35
N VAL CA 34 -41.48 -166.83 -16.29
CA VAL CA 34 -41.58 -165.82 -15.26
C VAL CA 34 -40.16 -165.49 -14.82
N THR CA 35 -39.70 -164.29 -15.15
CA THR CA 35 -38.42 -163.77 -14.68
C THR CA 35 -38.69 -162.61 -13.72
N ILE CA 36 -38.19 -162.71 -12.49
CA ILE CA 36 -38.24 -161.62 -11.53
C ILE CA 36 -36.80 -161.35 -11.07
N THR CA 37 -36.29 -160.14 -11.33
CA THR CA 37 -34.89 -159.80 -11.12
C THR CA 37 -34.76 -158.42 -10.49
N PRO CA 38 -34.63 -158.32 -9.16
CA PRO CA 38 -34.13 -157.13 -8.50
C PRO CA 38 -32.83 -156.63 -9.11
N ALA CA 39 -32.72 -155.30 -9.19
CA ALA CA 39 -31.53 -154.63 -9.70
C ALA CA 39 -31.30 -153.31 -8.99
N TYR CA 40 -30.04 -152.90 -8.96
CA TYR CA 40 -29.68 -151.52 -8.69
C TYR CA 40 -28.67 -151.06 -9.74
N GLU CA 41 -28.54 -149.75 -9.92
CA GLU CA 41 -27.38 -149.21 -10.61
C GLU CA 41 -26.19 -149.18 -9.66
N HIS CA 42 -25.00 -149.50 -10.17
CA HIS CA 42 -23.79 -149.46 -9.37
C HIS CA 42 -22.85 -148.36 -9.86
N ALA CA 43 -22.33 -147.62 -8.90
CA ALA CA 43 -21.30 -146.63 -9.17
C ALA CA 43 -20.03 -147.03 -8.45
N GLU CA 44 -18.95 -147.25 -9.22
CA GLU CA 44 -17.65 -147.61 -8.70
C GLU CA 44 -16.77 -146.35 -8.70
N LEU CA 45 -16.04 -146.11 -7.61
CA LEU CA 45 -15.15 -144.95 -7.52
C LEU CA 45 -13.72 -145.36 -7.83
N TYR CA 46 -13.07 -144.62 -8.74
CA TYR CA 46 -11.66 -144.79 -9.00
C TYR CA 46 -10.98 -143.44 -9.09
N THR CA 47 -9.70 -143.41 -8.68
CA THR CA 47 -8.92 -142.18 -8.60
C THR CA 47 -7.46 -142.44 -9.00
N ILE CA 48 -6.68 -141.38 -9.17
CA ILE CA 48 -5.29 -141.51 -9.53
C ILE CA 48 -4.43 -142.19 -8.44
N ASP CA 49 -4.96 -142.34 -7.22
CA ASP CA 49 -4.26 -143.07 -6.17
C ASP CA 49 -3.97 -144.54 -6.52
N SER CA 50 -4.92 -145.20 -7.20
CA SER CA 50 -4.90 -146.64 -7.32
C SER CA 50 -5.64 -147.12 -8.58
N THR CA 51 -5.17 -148.23 -9.15
CA THR CA 51 -5.88 -148.90 -10.23
C THR CA 51 -7.10 -149.67 -9.72
N PHE CA 52 -7.12 -149.99 -8.42
CA PHE CA 52 -8.23 -150.71 -7.82
C PHE CA 52 -9.34 -149.75 -7.40
N ARG CA 53 -10.55 -150.30 -7.39
CA ARG CA 53 -11.74 -149.59 -6.99
C ARG CA 53 -11.64 -149.15 -5.52
N ASP CA 54 -11.82 -147.84 -5.27
CA ASP CA 54 -11.81 -147.27 -3.93
C ASP CA 54 -13.08 -147.65 -3.16
N GLU CA 55 -14.22 -147.54 -3.84
CA GLU CA 55 -15.54 -147.76 -3.28
C GLU CA 55 -16.52 -148.25 -4.34
N VAL CA 56 -17.62 -148.86 -3.87
CA VAL CA 56 -18.77 -149.13 -4.74
C VAL CA 56 -20.06 -148.90 -3.94
N LYS CA 57 -21.10 -148.45 -4.64
CA LYS CA 57 -22.36 -148.05 -4.02
C LYS CA 57 -23.51 -148.37 -4.98
N ARG CA 58 -24.72 -148.57 -4.43
CA ARG CA 58 -25.90 -148.92 -5.21
C ARG CA 58 -27.00 -147.85 -5.07
N TYR CA 59 -27.78 -147.65 -6.14
CA TYR CA 59 -28.85 -146.67 -6.22
C TYR CA 59 -29.84 -147.05 -7.32
N GLU CA 60 -30.93 -146.30 -7.51
CA GLU CA 60 -31.94 -146.57 -8.53
C GLU CA 60 -32.42 -148.03 -8.50
N HIS CA 61 -32.93 -148.45 -7.35
CA HIS CA 61 -33.48 -149.78 -7.25
C HIS CA 61 -34.71 -149.94 -8.13
N ASN CA 62 -34.86 -151.13 -8.73
CA ASN CA 62 -36.14 -151.62 -9.24
C ASN CA 62 -36.13 -153.15 -9.29
N VAL CA 63 -37.27 -153.74 -9.66
CA VAL CA 63 -37.34 -155.16 -9.95
C VAL CA 63 -37.80 -155.34 -11.39
N ASN CA 64 -36.97 -155.93 -12.26
CA ASN CA 64 -37.44 -156.34 -13.58
C ASN CA 64 -38.42 -157.50 -13.43
N VAL CA 65 -39.58 -157.37 -14.05
CA VAL CA 65 -40.55 -158.44 -14.15
C VAL CA 65 -40.81 -158.70 -15.63
N GLU CA 66 -40.54 -159.93 -16.09
CA GLU CA 66 -40.85 -160.31 -17.46
C GLU CA 66 -41.60 -161.63 -17.45
N ILE CA 67 -42.63 -161.71 -18.29
CA ILE CA 67 -43.53 -162.85 -18.32
C ILE CA 67 -43.86 -163.21 -19.77
N THR CA 68 -43.85 -164.51 -20.07
CA THR CA 68 -44.52 -165.03 -21.26
C THR CA 68 -45.76 -165.79 -20.79
N TYR CA 69 -46.91 -165.64 -21.47
CA TYR CA 69 -48.09 -166.38 -21.09
C TYR CA 69 -49.01 -166.64 -22.28
N ALA CA 70 -49.97 -167.56 -22.13
CA ALA CA 70 -50.83 -167.97 -23.25
C ALA CA 70 -52.33 -168.01 -22.94
N LYS CA 71 -52.79 -167.63 -21.74
CA LYS CA 71 -54.20 -167.40 -21.46
C LYS CA 71 -54.48 -165.89 -21.39
N PHE CA 72 -55.30 -165.35 -22.30
CA PHE CA 72 -55.64 -163.95 -22.29
C PHE CA 72 -56.58 -163.64 -21.11
N SER CA 73 -56.30 -162.55 -20.39
CA SER CA 73 -57.14 -162.09 -19.30
C SER CA 73 -57.78 -160.75 -19.66
N LEU CA 74 -59.09 -160.74 -19.77
CA LEU CA 74 -59.83 -159.52 -20.04
C LEU CA 74 -59.86 -158.59 -18.83
N GLU CA 75 -59.82 -159.13 -17.62
CA GLU CA 75 -59.73 -158.31 -16.41
C GLU CA 75 -58.37 -157.60 -16.32
N PHE CA 76 -57.26 -158.34 -16.48
CA PHE CA 76 -55.93 -157.76 -16.38
C PHE CA 76 -55.71 -156.65 -17.40
N ALA CA 77 -56.15 -156.85 -18.64
CA ALA CA 77 -56.08 -155.83 -19.68
C ALA CA 77 -56.94 -154.61 -19.34
N GLN CA 78 -58.19 -154.79 -18.89
CA GLN CA 78 -59.05 -153.66 -18.56
C GLN CA 78 -58.61 -152.91 -17.30
N GLU CA 79 -57.94 -153.58 -16.38
CA GLU CA 79 -57.24 -152.94 -15.28
C GLU CA 79 -56.09 -152.06 -15.79
N TRP CA 80 -55.23 -152.60 -16.66
CA TRP CA 80 -54.09 -151.86 -17.19
C TRP CA 80 -54.53 -150.60 -17.95
N LEU CA 81 -55.60 -150.70 -18.75
CA LEU CA 81 -56.20 -149.54 -19.39
C LEU CA 81 -56.71 -148.56 -18.34
N GLY CA 82 -57.51 -149.05 -17.39
CA GLY CA 82 -58.22 -148.20 -16.45
C GLY CA 82 -57.34 -147.39 -15.50
N GLY CA 83 -56.13 -147.87 -15.19
CA GLY CA 83 -55.27 -147.22 -14.21
C GLY CA 83 -55.72 -147.49 -12.78
N PRO CA 84 -55.03 -146.89 -11.78
CA PRO CA 84 -55.29 -147.17 -10.37
C PRO CA 84 -56.74 -146.99 -9.95
N GLY CA 85 -57.31 -148.08 -9.39
CA GLY CA 85 -58.65 -148.12 -8.83
C GLY CA 85 -59.81 -147.98 -9.83
N ALA CA 86 -59.56 -148.34 -11.11
CA ALA CA 86 -60.62 -148.36 -12.12
C ALA CA 86 -60.37 -149.40 -13.22
N THR CA 87 -61.44 -149.79 -13.93
CA THR CA 87 -61.34 -150.59 -15.15
C THR CA 87 -61.94 -149.81 -16.32
N ALA CA 88 -61.37 -150.00 -17.52
CA ALA CA 88 -61.87 -149.31 -18.70
C ALA CA 88 -61.86 -150.22 -19.93
N THR CA 89 -62.82 -149.97 -20.84
CA THR CA 89 -62.93 -150.72 -22.09
C THR CA 89 -62.27 -149.99 -23.26
N ALA CA 90 -61.42 -149.00 -22.98
CA ALA CA 90 -60.80 -148.12 -23.99
C ALA CA 90 -59.61 -147.43 -23.35
N SER CA 91 -58.67 -146.90 -24.17
CA SER CA 91 -57.52 -146.15 -23.68
C SER CA 91 -57.95 -144.96 -22.81
N GLN CA 92 -57.23 -144.73 -21.71
CA GLN CA 92 -57.49 -143.60 -20.83
C GLN CA 92 -56.44 -142.52 -21.01
N ASP CA 93 -56.89 -141.27 -21.14
CA ASP CA 93 -56.01 -140.13 -21.27
C ASP CA 93 -55.69 -139.57 -19.88
N ASP CA 94 -54.87 -140.33 -19.12
CA ASP CA 94 -54.39 -139.90 -17.81
C ASP CA 94 -52.97 -140.39 -17.53
N SER CA 95 -52.36 -139.80 -16.49
CA SER CA 95 -50.93 -139.86 -16.28
C SER CA 95 -50.47 -141.06 -15.44
N ASP CA 96 -51.38 -141.78 -14.77
CA ASP CA 96 -51.01 -142.85 -13.86
C ASP CA 96 -51.08 -144.23 -14.51
N PRO CA 97 -49.98 -145.02 -14.49
CA PRO CA 97 -50.09 -146.41 -14.90
C PRO CA 97 -50.78 -147.20 -13.80
N MET CA 98 -51.46 -148.27 -14.20
CA MET CA 98 -51.97 -149.24 -13.24
C MET CA 98 -50.80 -149.90 -12.53
N LYS CA 99 -50.89 -149.99 -11.20
CA LYS CA 99 -49.88 -150.63 -10.37
C LYS CA 99 -50.42 -151.95 -9.84
N PHE CA 100 -49.69 -153.04 -10.08
CA PHE CA 100 -50.06 -154.36 -9.61
C PHE CA 100 -49.11 -154.82 -8.52
N ASN CA 101 -49.64 -155.26 -7.38
CA ASN CA 101 -48.83 -156.10 -6.52
C ASN CA 101 -48.76 -157.49 -7.15
N LEU CA 102 -47.62 -158.15 -7.03
CA LEU CA 102 -47.42 -159.43 -7.69
C LEU CA 102 -46.73 -160.38 -6.71
N GLU CA 103 -47.23 -161.61 -6.62
CA GLU CA 103 -46.62 -162.62 -5.75
C GLU CA 103 -46.49 -163.94 -6.51
N ASN CA 104 -45.32 -164.58 -6.37
CA ASN CA 104 -45.06 -165.90 -6.90
C ASN CA 104 -44.65 -166.82 -5.75
N VAL CA 105 -45.38 -167.94 -5.55
CA VAL CA 105 -45.07 -168.91 -4.52
C VAL CA 105 -44.61 -170.20 -5.17
N THR CA 106 -43.42 -170.69 -4.80
CA THR CA 106 -42.80 -171.82 -5.50
C THR CA 106 -42.18 -172.80 -4.52
N PRO CA 107 -42.75 -174.02 -4.38
CA PRO CA 107 -42.10 -175.12 -3.68
C PRO CA 107 -40.77 -175.51 -4.35
N SER CA 108 -39.77 -175.76 -3.52
CA SER CA 108 -38.50 -176.32 -3.96
C SER CA 108 -38.68 -177.74 -4.51
N ALA CA 109 -37.74 -178.27 -5.31
CA ALA CA 109 -37.92 -179.54 -5.99
C ALA CA 109 -38.27 -180.69 -5.02
N SER CA 110 -37.57 -180.80 -3.87
CA SER CA 110 -37.80 -181.85 -2.88
C SER CA 110 -38.85 -181.45 -1.83
N GLY CA 111 -39.48 -180.27 -1.98
CA GLY CA 111 -40.27 -179.62 -0.94
C GLY CA 111 -39.42 -179.14 0.25
N GLY CA 112 -38.08 -179.05 0.09
CA GLY CA 112 -37.14 -178.68 1.15
C GLY CA 112 -37.36 -177.29 1.74
N PHE CA 113 -37.96 -176.38 0.94
CA PHE CA 113 -38.38 -175.04 1.31
C PHE CA 113 -39.42 -174.57 0.31
N GLU CA 114 -40.10 -173.46 0.61
CA GLU CA 114 -41.09 -172.90 -0.30
C GLU CA 114 -40.86 -171.40 -0.44
N ARG CA 115 -40.28 -171.00 -1.57
CA ARG CA 115 -39.93 -169.61 -1.84
C ARG CA 115 -41.19 -168.80 -2.14
N THR CA 116 -41.49 -167.81 -1.29
CA THR CA 116 -42.49 -166.80 -1.63
C THR CA 116 -41.78 -165.51 -2.00
N THR CA 117 -41.96 -165.07 -3.25
CA THR CA 117 -41.44 -163.79 -3.73
C THR CA 117 -42.61 -162.84 -3.95
N ALA CA 118 -42.54 -161.63 -3.38
CA ALA CA 118 -43.56 -160.63 -3.65
C ALA CA 118 -42.90 -159.31 -4.07
N VAL CA 119 -43.51 -158.67 -5.06
CA VAL CA 119 -43.04 -157.44 -5.67
C VAL CA 119 -44.14 -156.38 -5.57
N GLU CA 120 -43.82 -155.20 -5.04
CA GLU CA 120 -44.82 -154.13 -4.97
C GLU CA 120 -44.81 -153.25 -6.22
N ASN CA 121 -45.99 -152.72 -6.57
CA ASN CA 121 -46.15 -151.69 -7.58
C ASN CA 121 -45.42 -152.02 -8.90
N VAL CA 122 -45.64 -153.22 -9.44
CA VAL CA 122 -45.22 -153.52 -10.79
C VAL CA 122 -46.07 -152.72 -11.76
N VAL CA 123 -45.44 -152.11 -12.76
CA VAL CA 123 -46.11 -151.41 -13.85
C VAL CA 123 -45.53 -151.89 -15.17
N PHE CA 124 -46.36 -151.89 -16.22
CA PHE CA 124 -45.93 -152.38 -17.51
C PHE CA 124 -46.04 -151.26 -18.55
N PRO CA 125 -44.94 -150.82 -19.19
CA PRO CA 125 -45.00 -149.76 -20.20
C PRO CA 125 -45.90 -150.08 -21.36
N GLU CA 126 -45.99 -151.35 -21.73
CA GLU CA 126 -46.81 -151.77 -22.85
C GLU CA 126 -47.47 -153.12 -22.57
N LEU CA 127 -48.64 -153.30 -23.18
CA LEU CA 127 -49.49 -154.46 -22.97
C LEU CA 127 -49.91 -155.00 -24.34
N PRO CA 128 -49.58 -156.26 -24.70
CA PRO CA 128 -50.14 -156.86 -25.91
C PRO CA 128 -51.59 -157.24 -25.67
N LEU CA 129 -52.47 -156.79 -26.58
CA LEU CA 129 -53.86 -157.24 -26.60
C LEU CA 129 -54.03 -158.41 -27.57
N ASP CA 130 -53.33 -158.36 -28.71
CA ASP CA 130 -53.37 -159.39 -29.73
C ASP CA 130 -51.93 -159.76 -30.08
N SER CA 131 -51.72 -161.04 -30.35
CA SER CA 131 -50.41 -161.60 -30.59
C SER CA 131 -50.54 -162.89 -31.39
N ALA CA 132 -51.26 -162.77 -32.51
CA ALA CA 132 -51.68 -163.89 -33.35
C ALA CA 132 -50.55 -164.36 -34.25
N THR CA 133 -50.42 -165.69 -34.37
CA THR CA 133 -49.68 -166.32 -35.46
C THR CA 133 -50.56 -167.45 -36.00
N TYR CA 134 -50.78 -167.48 -37.32
CA TYR CA 134 -51.66 -168.49 -37.90
C TYR CA 134 -51.16 -169.91 -37.62
N GLY CA 135 -52.11 -170.81 -37.36
CA GLY CA 135 -51.83 -172.19 -37.03
C GLY CA 135 -51.23 -172.39 -35.63
N GLU CA 136 -51.35 -171.38 -34.76
CA GLU CA 136 -50.94 -171.49 -33.37
C GLU CA 136 -51.90 -170.77 -32.42
N TYR CA 137 -51.80 -171.13 -31.13
CA TYR CA 137 -52.47 -170.31 -30.12
C TYR CA 137 -51.69 -169.02 -29.89
N GLU CA 138 -52.41 -167.93 -29.56
CA GLU CA 138 -51.77 -166.67 -29.22
C GLU CA 138 -50.89 -166.80 -27.97
N GLU CA 139 -49.73 -166.14 -28.00
CA GLU CA 139 -48.80 -166.08 -26.87
C GLU CA 139 -48.36 -164.65 -26.68
N TYR CA 140 -48.29 -164.20 -25.42
CA TYR CA 140 -48.12 -162.80 -25.09
C TYR CA 140 -46.89 -162.58 -24.20
N SER CA 141 -46.14 -161.50 -24.48
CA SER CA 141 -44.96 -161.13 -23.69
C SER CA 141 -45.20 -159.84 -22.93
N LEU CA 142 -44.82 -159.81 -21.65
CA LEU CA 142 -44.84 -158.61 -20.82
C LEU CA 142 -43.44 -158.29 -20.30
N THR CA 143 -43.13 -156.99 -20.27
CA THR CA 143 -41.99 -156.47 -19.53
C THR CA 143 -42.49 -155.34 -18.64
N GLY CA 144 -42.06 -155.33 -17.39
CA GLY CA 144 -42.44 -154.31 -16.43
C GLY CA 144 -41.43 -154.15 -15.30
N SER CA 145 -41.74 -153.22 -14.38
CA SER CA 145 -40.80 -152.82 -13.36
C SER CA 145 -41.47 -152.57 -12.01
N GLY CA 146 -41.17 -153.43 -11.04
CA GLY CA 146 -41.64 -153.24 -9.69
C GLY CA 146 -40.77 -152.26 -8.91
N ARG CA 147 -41.37 -151.63 -7.90
CA ARG CA 147 -40.67 -150.69 -7.05
C ARG CA 147 -39.65 -151.40 -6.17
N SER CA 148 -40.05 -152.50 -5.53
CA SER CA 148 -39.17 -153.23 -4.61
C SER CA 148 -39.73 -154.63 -4.32
N VAL CA 149 -38.88 -155.51 -3.78
CA VAL CA 149 -39.30 -156.81 -3.28
C VAL CA 149 -39.78 -156.64 -1.85
N THR CA 150 -41.05 -156.96 -1.57
CA THR CA 150 -41.59 -156.82 -0.22
C THR CA 150 -41.40 -158.08 0.63
N ASN CA 151 -41.24 -159.23 -0.02
CA ASN CA 151 -41.00 -160.48 0.69
C ASN CA 151 -40.19 -161.43 -0.18
N LEU CA 152 -39.20 -162.08 0.46
CA LEU CA 152 -38.46 -163.21 -0.08
C LEU CA 152 -38.09 -164.10 1.10
N ALA CA 153 -38.92 -165.14 1.31
CA ALA CA 153 -38.77 -165.97 2.49
C ALA CA 153 -39.15 -167.42 2.20
N ASP CA 154 -38.60 -168.33 3.01
CA ASP CA 154 -39.13 -169.67 3.10
C ASP CA 154 -40.46 -169.62 3.86
N THR CA 155 -41.50 -170.11 3.19
CA THR CA 155 -42.87 -170.12 3.71
C THR CA 155 -43.37 -171.54 3.95
N SER CA 156 -42.47 -172.54 3.87
CA SER CA 156 -42.74 -173.90 4.32
C SER CA 156 -42.83 -173.92 5.86
N GLY CA 157 -43.84 -174.62 6.40
CA GLY CA 157 -44.09 -174.71 7.83
C GLY CA 157 -44.03 -173.35 8.52
N ALA DA 2 -66.88 -162.12 -12.69
CA ALA DA 2 -65.61 -162.08 -13.48
C ALA DA 2 -65.70 -163.02 -14.69
N THR DA 3 -64.73 -162.91 -15.61
CA THR DA 3 -64.55 -163.82 -16.73
C THR DA 3 -63.20 -164.52 -16.61
N SER DA 4 -63.20 -165.87 -16.62
CA SER DA 4 -61.98 -166.65 -16.44
C SER DA 4 -60.99 -166.43 -17.58
N PRO DA 5 -59.67 -166.26 -17.32
CA PRO DA 5 -58.66 -166.19 -18.37
C PRO DA 5 -58.66 -167.46 -19.22
N GLU DA 6 -58.35 -167.30 -20.51
CA GLU DA 6 -58.49 -168.43 -21.43
C GLU DA 6 -57.55 -168.32 -22.65
N GLY DA 7 -57.18 -169.48 -23.22
CA GLY DA 7 -56.35 -169.50 -24.41
C GLY DA 7 -57.12 -169.05 -25.66
N ILE DA 8 -56.39 -168.67 -26.71
CA ILE DA 8 -57.01 -168.17 -27.94
C ILE DA 8 -56.33 -168.81 -29.13
N TRP DA 9 -57.14 -169.45 -30.01
CA TRP DA 9 -56.64 -169.95 -31.28
C TRP DA 9 -56.52 -168.79 -32.28
N SER DA 10 -55.32 -168.55 -32.87
CA SER DA 10 -55.11 -167.34 -33.65
C SER DA 10 -56.10 -167.22 -34.80
N ASN DA 11 -56.36 -168.34 -35.47
CA ASN DA 11 -57.12 -168.34 -36.71
C ASN DA 11 -58.60 -167.99 -36.52
N SER DA 12 -59.16 -168.11 -35.31
CA SER DA 12 -60.54 -167.73 -35.05
C SER DA 12 -60.77 -166.23 -35.17
N GLY DA 13 -59.69 -165.42 -35.19
CA GLY DA 13 -59.81 -163.97 -35.25
C GLY DA 13 -60.17 -163.46 -36.64
N ALA DA 14 -61.16 -162.56 -36.68
CA ALA DA 14 -61.55 -161.84 -37.90
C ALA DA 14 -61.10 -160.37 -37.80
N LEU DA 15 -60.23 -159.96 -38.74
CA LEU DA 15 -59.65 -158.62 -38.81
C LEU DA 15 -60.30 -157.81 -39.94
N THR DA 16 -60.57 -156.52 -39.67
CA THR DA 16 -61.08 -155.61 -40.68
C THR DA 16 -60.48 -154.21 -40.52
N PHE DA 17 -60.35 -153.49 -41.65
CA PHE DA 17 -60.01 -152.08 -41.64
C PHE DA 17 -61.22 -151.28 -42.12
N GLU DA 18 -61.47 -150.14 -41.47
CA GLU DA 18 -62.51 -149.22 -41.91
C GLU DA 18 -61.94 -147.82 -42.20
N ASP DA 19 -62.51 -147.16 -43.20
CA ASP DA 19 -62.32 -145.73 -43.43
C ASP DA 19 -63.06 -144.96 -42.34
N PRO DA 20 -62.38 -144.10 -41.53
CA PRO DA 20 -63.03 -143.42 -40.43
C PRO DA 20 -63.97 -142.29 -40.85
N ALA DA 21 -64.00 -141.92 -42.14
CA ALA DA 21 -64.93 -140.91 -42.63
C ALA DA 21 -66.37 -141.45 -42.73
N ASP DA 22 -66.54 -142.56 -43.46
CA ASP DA 22 -67.84 -143.13 -43.84
C ASP DA 22 -68.13 -144.47 -43.16
N ASP DA 23 -67.17 -145.01 -42.37
CA ASP DA 23 -67.29 -146.31 -41.71
C ASP DA 23 -67.40 -147.46 -42.73
N SER DA 24 -67.00 -147.24 -43.99
CA SER DA 24 -66.93 -148.29 -45.00
C SER DA 24 -65.74 -149.22 -44.77
N GLU DA 25 -65.91 -150.52 -45.02
CA GLU DA 25 -64.77 -151.43 -44.98
C GLU DA 25 -63.82 -151.16 -46.15
N ILE DA 26 -62.52 -151.24 -45.88
CA ILE DA 26 -61.47 -151.29 -46.88
C ILE DA 26 -61.02 -152.75 -46.96
N LEU DA 27 -61.11 -153.35 -48.15
CA LEU DA 27 -60.91 -154.79 -48.28
C LEU DA 27 -59.47 -155.20 -47.98
N PHE DA 28 -59.32 -156.08 -47.00
CA PHE DA 28 -58.02 -156.60 -46.61
C PHE DA 28 -58.21 -158.04 -46.11
N ALA DA 29 -57.22 -158.90 -46.39
CA ALA DA 29 -57.38 -160.34 -46.14
C ALA DA 29 -56.04 -161.04 -45.99
N GLY DA 30 -56.09 -162.30 -45.53
CA GLY DA 30 -54.96 -163.22 -45.62
C GLY DA 30 -53.79 -162.88 -44.70
N VAL DA 31 -54.08 -162.45 -43.48
CA VAL DA 31 -53.03 -162.25 -42.49
C VAL DA 31 -52.37 -163.57 -42.07
N ARG DA 32 -51.17 -163.47 -41.51
CA ARG DA 32 -50.42 -164.60 -41.00
C ARG DA 32 -49.95 -164.35 -39.57
N ASP DA 33 -49.60 -163.10 -39.25
CA ASP DA 33 -49.40 -162.67 -37.87
C ASP DA 33 -50.10 -161.33 -37.65
N VAL DA 34 -50.58 -161.10 -36.43
CA VAL DA 34 -51.21 -159.83 -36.05
C VAL DA 34 -50.85 -159.54 -34.60
N THR DA 35 -50.14 -158.42 -34.39
CA THR DA 35 -49.78 -157.96 -33.06
C THR DA 35 -50.36 -156.57 -32.81
N ILE DA 36 -51.10 -156.42 -31.71
CA ILE DA 36 -51.62 -155.13 -31.28
C ILE DA 36 -51.15 -154.89 -29.85
N THR DA 37 -50.40 -153.81 -29.64
CA THR DA 37 -49.78 -153.54 -28.34
C THR DA 37 -49.93 -152.07 -27.98
N PRO DA 38 -50.99 -151.69 -27.23
CA PRO DA 38 -51.02 -150.43 -26.52
C PRO DA 38 -49.77 -150.21 -25.67
N ALA DA 39 -49.23 -149.01 -25.73
CA ALA DA 39 -48.04 -148.64 -24.99
C ALA DA 39 -48.13 -147.20 -24.48
N TYR DA 40 -47.30 -146.92 -23.47
CA TYR DA 40 -46.99 -145.57 -23.05
C TYR DA 40 -45.50 -145.51 -22.75
N GLU DA 41 -44.93 -144.32 -22.87
CA GLU DA 41 -43.63 -144.02 -22.28
C GLU DA 41 -43.82 -143.87 -20.78
N HIS DA 42 -42.88 -144.41 -19.99
CA HIS DA 42 -42.90 -144.26 -18.54
C HIS DA 42 -41.78 -143.34 -18.07
N ALA DA 43 -42.11 -142.38 -17.21
CA ALA DA 43 -41.13 -141.57 -16.51
C ALA DA 43 -41.09 -141.93 -15.04
N GLU DA 44 -39.91 -142.28 -14.53
CA GLU DA 44 -39.74 -142.67 -13.14
C GLU DA 44 -38.97 -141.59 -12.40
N LEU DA 45 -39.46 -141.16 -11.23
CA LEU DA 45 -38.79 -140.16 -10.41
C LEU DA 45 -37.92 -140.85 -9.35
N TYR DA 46 -36.64 -140.46 -9.31
CA TYR DA 46 -35.78 -140.85 -8.21
C TYR DA 46 -34.98 -139.65 -7.75
N THR DA 47 -34.68 -139.65 -6.45
CA THR DA 47 -34.07 -138.52 -5.77
C THR DA 47 -33.13 -139.02 -4.69
N ILE DA 48 -32.29 -138.13 -4.18
CA ILE DA 48 -31.24 -138.50 -3.24
C ILE DA 48 -31.81 -139.12 -1.97
N ASP DA 49 -33.02 -138.73 -1.57
CA ASP DA 49 -33.62 -139.15 -0.30
C ASP DA 49 -34.03 -140.63 -0.22
N SER DA 50 -34.18 -141.34 -1.35
CA SER DA 50 -34.43 -142.77 -1.37
C SER DA 50 -33.91 -143.45 -2.64
N THR DA 51 -33.40 -144.68 -2.52
CA THR DA 51 -32.96 -145.44 -3.67
C THR DA 51 -34.12 -146.10 -4.42
N PHE DA 52 -35.28 -146.22 -3.78
CA PHE DA 52 -36.47 -146.76 -4.44
C PHE DA 52 -37.15 -145.69 -5.27
N ARG DA 53 -37.89 -146.14 -6.27
CA ARG DA 53 -38.66 -145.25 -7.13
C ARG DA 53 -39.69 -144.48 -6.30
N ASP DA 54 -39.73 -143.17 -6.50
CA ASP DA 54 -40.61 -142.33 -5.71
C ASP DA 54 -41.96 -142.15 -6.37
N GLU DA 55 -41.95 -141.94 -7.69
CA GLU DA 55 -43.15 -141.84 -8.52
C GLU DA 55 -42.93 -142.47 -9.89
N VAL DA 56 -44.04 -142.85 -10.54
CA VAL DA 56 -44.00 -143.25 -11.94
C VAL DA 56 -45.25 -142.73 -12.64
N LYS DA 57 -45.09 -142.25 -13.87
CA LYS DA 57 -46.17 -141.67 -14.66
C LYS DA 57 -46.04 -142.08 -16.12
N ARG DA 58 -47.15 -142.01 -16.86
CA ARG DA 58 -47.19 -142.45 -18.25
C ARG DA 58 -47.63 -141.34 -19.19
N TYR DA 59 -47.04 -141.31 -20.39
CA TYR DA 59 -47.30 -140.30 -21.41
C TYR DA 59 -47.00 -140.89 -22.79
N GLU DA 60 -47.35 -140.17 -23.86
CA GLU DA 60 -47.21 -140.67 -25.22
C GLU DA 60 -47.84 -142.05 -25.38
N HIS DA 61 -49.16 -142.05 -25.27
CA HIS DA 61 -49.88 -143.23 -25.68
C HIS DA 61 -49.77 -143.41 -27.18
N ASN DA 62 -49.63 -144.68 -27.58
CA ASN DA 62 -49.86 -145.12 -28.94
C ASN DA 62 -50.21 -146.61 -28.91
N VAL DA 63 -50.70 -147.14 -30.02
CA VAL DA 63 -50.87 -148.58 -30.16
C VAL DA 63 -49.94 -149.04 -31.26
N ASN DA 64 -48.96 -149.89 -30.95
CA ASN DA 64 -48.18 -150.54 -31.99
C ASN DA 64 -49.06 -151.58 -32.69
N VAL DA 65 -49.19 -151.48 -34.00
CA VAL DA 65 -49.85 -152.48 -34.81
C VAL DA 65 -48.85 -153.07 -35.79
N GLU DA 66 -48.67 -154.39 -35.76
CA GLU DA 66 -47.84 -155.08 -36.74
C GLU DA 66 -48.61 -156.24 -37.35
N ILE DA 67 -48.51 -156.38 -38.68
CA ILE DA 67 -49.27 -157.38 -39.42
C ILE DA 67 -48.35 -158.03 -40.45
N THR DA 68 -48.40 -159.36 -40.56
CA THR DA 68 -47.86 -160.08 -41.71
C THR DA 68 -49.05 -160.55 -42.54
N TYR DA 69 -49.01 -160.38 -43.86
CA TYR DA 69 -50.14 -160.79 -44.70
C TYR DA 69 -49.70 -161.28 -46.09
N ALA DA 70 -50.56 -162.04 -46.77
CA ALA DA 70 -50.18 -162.82 -47.94
C ALA DA 70 -51.09 -162.60 -49.15
N LYS DA 71 -52.26 -161.97 -48.96
CA LYS DA 71 -53.15 -161.59 -50.05
C LYS DA 71 -53.03 -160.08 -50.28
N PHE DA 72 -52.66 -159.68 -51.50
CA PHE DA 72 -52.50 -158.28 -51.81
C PHE DA 72 -53.87 -157.62 -52.01
N SER DA 73 -54.00 -156.36 -51.55
CA SER DA 73 -55.20 -155.58 -51.79
C SER DA 73 -54.86 -154.29 -52.53
N LEU DA 74 -55.45 -154.09 -53.72
CA LEU DA 74 -55.28 -152.81 -54.39
C LEU DA 74 -55.99 -151.70 -53.65
N GLU DA 75 -57.13 -151.98 -53.03
CA GLU DA 75 -57.88 -150.94 -52.35
C GLU DA 75 -57.08 -150.39 -51.17
N PHE DA 76 -56.53 -151.28 -50.34
CA PHE DA 76 -55.73 -150.86 -49.19
C PHE DA 76 -54.54 -149.99 -49.61
N ALA DA 77 -53.84 -150.38 -50.66
CA ALA DA 77 -52.71 -149.62 -51.18
C ALA DA 77 -53.15 -148.29 -51.79
N GLN DA 78 -54.16 -148.26 -52.65
CA GLN DA 78 -54.63 -147.03 -53.26
C GLN DA 78 -55.24 -146.05 -52.25
N GLU DA 79 -55.78 -146.54 -51.12
CA GLU DA 79 -56.13 -145.70 -49.98
C GLU DA 79 -54.87 -145.12 -49.35
N TRP DA 80 -53.87 -145.95 -49.04
CA TRP DA 80 -52.65 -145.51 -48.39
C TRP DA 80 -51.93 -144.43 -49.21
N LEU DA 81 -51.88 -144.60 -50.54
CA LEU DA 81 -51.36 -143.59 -51.44
C LEU DA 81 -52.20 -142.32 -51.40
N GLY DA 82 -53.53 -142.46 -51.49
CA GLY DA 82 -54.43 -141.34 -51.63
C GLY DA 82 -54.49 -140.41 -50.42
N GLY DA 83 -54.30 -140.96 -49.21
CA GLY DA 83 -54.49 -140.17 -47.99
C GLY DA 83 -55.97 -140.01 -47.64
N PRO DA 84 -56.30 -139.31 -46.53
CA PRO DA 84 -57.67 -139.27 -46.02
C PRO DA 84 -58.70 -138.79 -47.03
N GLY DA 85 -59.81 -139.55 -47.11
CA GLY DA 85 -60.96 -139.22 -47.93
C GLY DA 85 -60.74 -139.37 -49.44
N ALA DA 86 -59.69 -140.08 -49.87
CA ALA DA 86 -59.38 -140.24 -51.29
C ALA DA 86 -58.62 -141.51 -51.62
N THR DA 87 -58.64 -141.91 -52.89
CA THR DA 87 -57.79 -142.99 -53.43
C THR DA 87 -56.96 -142.45 -54.58
N ALA DA 88 -55.74 -143.00 -54.76
CA ALA DA 88 -54.88 -142.57 -55.84
C ALA DA 88 -54.08 -143.75 -56.38
N THR DA 89 -53.73 -143.68 -57.67
CA THR DA 89 -52.97 -144.72 -58.37
C THR DA 89 -51.48 -144.37 -58.46
N ALA DA 90 -51.02 -143.38 -57.68
CA ALA DA 90 -49.64 -142.91 -57.67
C ALA DA 90 -49.37 -142.20 -56.34
N SER DA 91 -48.08 -142.00 -56.00
CA SER DA 91 -47.71 -141.24 -54.81
C SER DA 91 -48.30 -139.84 -54.83
N GLN DA 92 -48.80 -139.38 -53.68
CA GLN DA 92 -49.30 -138.02 -53.54
C GLN DA 92 -48.29 -137.15 -52.80
N ASP DA 93 -48.06 -135.95 -53.34
CA ASP DA 93 -47.22 -134.97 -52.67
C ASP DA 93 -48.06 -134.15 -51.68
N ASP DA 94 -48.45 -134.78 -50.55
CA ASP DA 94 -49.19 -134.11 -49.49
C ASP DA 94 -48.90 -134.72 -48.11
N SER DA 95 -49.26 -133.97 -47.06
CA SER DA 95 -48.72 -134.17 -45.72
C SER DA 95 -49.61 -135.04 -44.82
N ASP DA 96 -50.84 -135.36 -45.25
CA ASP DA 96 -51.75 -136.18 -44.47
C ASP DA 96 -51.59 -137.66 -44.82
N PRO DA 97 -51.22 -138.53 -43.86
CA PRO DA 97 -51.23 -139.97 -44.12
C PRO DA 97 -52.66 -140.50 -44.03
N MET DA 98 -52.92 -141.61 -44.72
CA MET DA 98 -54.18 -142.31 -44.57
C MET DA 98 -54.31 -142.89 -43.16
N LYS DA 99 -55.46 -142.64 -42.51
CA LYS DA 99 -55.77 -143.14 -41.18
C LYS DA 99 -56.84 -144.23 -41.28
N PHE DA 100 -56.54 -145.45 -40.82
CA PHE DA 100 -57.47 -146.56 -40.83
C PHE DA 100 -57.98 -146.80 -39.41
N ASN DA 101 -59.29 -147.02 -39.23
CA ASN DA 101 -59.73 -147.72 -38.03
C ASN DA 101 -59.48 -149.21 -38.22
N LEU DA 102 -58.97 -149.89 -37.20
CA LEU DA 102 -58.73 -151.31 -37.26
C LEU DA 102 -59.59 -151.98 -36.18
N GLU DA 103 -60.32 -153.05 -36.56
CA GLU DA 103 -61.04 -153.86 -35.59
C GLU DA 103 -60.70 -155.34 -35.77
N ASN DA 104 -60.36 -156.02 -34.67
CA ASN DA 104 -60.09 -157.45 -34.65
C ASN DA 104 -61.02 -158.12 -33.63
N VAL DA 105 -61.84 -159.09 -34.08
CA VAL DA 105 -62.80 -159.76 -33.23
C VAL DA 105 -62.40 -161.23 -33.11
N THR DA 106 -62.25 -161.74 -31.88
CA THR DA 106 -61.66 -163.06 -31.69
C THR DA 106 -62.30 -163.83 -30.54
N PRO DA 107 -62.96 -164.99 -30.80
CA PRO DA 107 -63.41 -165.88 -29.74
C PRO DA 107 -62.28 -166.51 -28.92
N SER DA 108 -62.55 -166.70 -27.63
CA SER DA 108 -61.79 -167.62 -26.79
C SER DA 108 -61.73 -169.01 -27.44
N ALA DA 109 -60.67 -169.78 -27.18
CA ALA DA 109 -60.55 -171.17 -27.63
C ALA DA 109 -61.71 -172.04 -27.15
N SER DA 110 -62.21 -171.81 -25.92
CA SER DA 110 -63.36 -172.50 -25.34
C SER DA 110 -64.71 -171.86 -25.69
N GLY DA 111 -64.73 -170.73 -26.40
CA GLY DA 111 -65.95 -169.94 -26.60
C GLY DA 111 -66.46 -169.18 -25.35
N GLY DA 112 -65.69 -169.16 -24.26
CA GLY DA 112 -66.09 -168.57 -22.98
C GLY DA 112 -66.19 -167.03 -22.97
N PHE DA 113 -65.55 -166.37 -23.95
CA PHE DA 113 -65.70 -164.94 -24.22
C PHE DA 113 -65.28 -164.66 -25.67
N GLU DA 114 -65.60 -163.47 -26.19
CA GLU DA 114 -65.10 -163.04 -27.49
C GLU DA 114 -64.56 -161.62 -27.37
N ARG DA 115 -63.23 -161.48 -27.31
CA ARG DA 115 -62.67 -160.14 -27.25
C ARG DA 115 -62.74 -159.45 -28.60
N THR DA 116 -63.32 -158.24 -28.59
CA THR DA 116 -63.23 -157.30 -29.69
C THR DA 116 -62.18 -156.26 -29.31
N THR DA 117 -61.13 -156.12 -30.13
CA THR DA 117 -60.14 -155.07 -29.99
C THR DA 117 -60.35 -154.09 -31.15
N ALA DA 118 -60.54 -152.80 -30.85
CA ALA DA 118 -60.71 -151.77 -31.88
C ALA DA 118 -59.76 -150.59 -31.62
N VAL DA 119 -59.14 -150.09 -32.69
CA VAL DA 119 -58.05 -149.12 -32.63
C VAL DA 119 -58.35 -147.98 -33.60
N GLU DA 120 -58.27 -146.72 -33.12
CA GLU DA 120 -58.52 -145.57 -34.00
C GLU DA 120 -57.25 -145.08 -34.69
N ASN DA 121 -57.42 -144.56 -35.91
CA ASN DA 121 -56.43 -143.74 -36.61
C ASN DA 121 -55.05 -144.42 -36.70
N VAL DA 122 -55.03 -145.68 -37.13
CA VAL DA 122 -53.80 -146.38 -37.44
C VAL DA 122 -53.18 -145.77 -38.70
N VAL DA 123 -51.87 -145.53 -38.65
CA VAL DA 123 -51.12 -145.03 -39.80
C VAL DA 123 -49.90 -145.88 -40.01
N PHE DA 124 -49.55 -146.12 -41.29
CA PHE DA 124 -48.39 -146.94 -41.62
C PHE DA 124 -47.33 -146.07 -42.29
N PRO DA 125 -46.12 -145.91 -41.73
CA PRO DA 125 -45.09 -145.08 -42.33
C PRO DA 125 -44.65 -145.56 -43.71
N GLU DA 126 -44.63 -146.89 -43.89
CA GLU DA 126 -44.18 -147.50 -45.13
C GLU DA 126 -45.11 -148.66 -45.51
N LEU DA 127 -45.27 -148.85 -46.82
CA LEU DA 127 -46.20 -149.84 -47.37
C LEU DA 127 -45.48 -150.70 -48.39
N PRO DA 128 -45.43 -152.05 -48.23
CA PRO DA 128 -44.83 -152.90 -49.25
C PRO DA 128 -45.79 -153.04 -50.43
N LEU DA 129 -45.29 -152.73 -51.64
CA LEU DA 129 -46.06 -152.88 -52.86
C LEU DA 129 -45.75 -154.18 -53.60
N ASP DA 130 -44.45 -154.51 -53.66
CA ASP DA 130 -44.02 -155.78 -54.21
C ASP DA 130 -43.05 -156.40 -53.21
N SER DA 131 -43.12 -157.72 -53.06
CA SER DA 131 -42.36 -158.43 -52.04
C SER DA 131 -42.15 -159.88 -52.50
N ALA DA 132 -41.53 -159.98 -53.68
CA ALA DA 132 -41.37 -161.23 -54.42
C ALA DA 132 -40.15 -162.00 -53.93
N THR DA 133 -40.24 -163.33 -53.98
CA THR DA 133 -39.10 -164.22 -53.74
C THR DA 133 -39.33 -165.51 -54.52
N TYR DA 134 -38.32 -165.93 -55.30
CA TYR DA 134 -38.52 -166.97 -56.30
C TYR DA 134 -38.90 -168.32 -55.68
N GLY DA 135 -39.96 -168.93 -56.25
CA GLY DA 135 -40.46 -170.22 -55.78
C GLY DA 135 -41.35 -170.11 -54.55
N GLU DA 136 -41.85 -168.91 -54.24
CA GLU DA 136 -42.80 -168.70 -53.15
C GLU DA 136 -43.90 -167.71 -53.54
N TYR DA 137 -44.99 -167.70 -52.75
CA TYR DA 137 -45.95 -166.61 -52.87
C TYR DA 137 -45.41 -165.34 -52.22
N GLU DA 138 -45.89 -164.17 -52.66
CA GLU DA 138 -45.53 -162.91 -52.01
C GLU DA 138 -46.02 -162.89 -50.56
N GLU DA 139 -45.24 -162.27 -49.67
CA GLU DA 139 -45.65 -162.01 -48.29
C GLU DA 139 -45.22 -160.61 -47.90
N TYR DA 140 -46.05 -159.93 -47.11
CA TYR DA 140 -45.92 -158.51 -46.84
C TYR DA 140 -45.98 -158.24 -45.35
N SER DA 141 -45.35 -157.15 -44.91
CA SER DA 141 -45.39 -156.74 -43.51
C SER DA 141 -45.81 -155.29 -43.37
N LEU DA 142 -46.61 -154.98 -42.34
CA LEU DA 142 -46.93 -153.62 -41.96
C LEU DA 142 -46.52 -153.37 -40.52
N THR DA 143 -46.01 -152.17 -40.28
CA THR DA 143 -45.87 -151.64 -38.92
C THR DA 143 -46.52 -150.27 -38.89
N GLY DA 144 -47.30 -149.97 -37.86
CA GLY DA 144 -47.97 -148.68 -37.80
C GLY DA 144 -48.41 -148.32 -36.39
N SER DA 145 -48.77 -147.05 -36.19
CA SER DA 145 -49.18 -146.55 -34.90
C SER DA 145 -50.65 -146.13 -34.90
N GLY DA 146 -51.44 -146.79 -34.07
CA GLY DA 146 -52.77 -146.31 -33.75
C GLY DA 146 -52.74 -145.24 -32.65
N ARG DA 147 -53.73 -144.35 -32.65
CA ARG DA 147 -53.82 -143.29 -31.67
C ARG DA 147 -54.24 -143.84 -30.31
N SER DA 148 -55.26 -144.70 -30.28
CA SER DA 148 -55.75 -145.27 -29.03
C SER DA 148 -56.63 -146.48 -29.29
N VAL DA 149 -56.90 -147.27 -28.23
CA VAL DA 149 -57.89 -148.33 -28.28
C VAL DA 149 -59.27 -147.75 -27.98
N THR DA 150 -60.18 -147.81 -28.96
CA THR DA 150 -61.53 -147.32 -28.77
C THR DA 150 -62.42 -148.36 -28.10
N ASN DA 151 -62.06 -149.64 -28.22
CA ASN DA 151 -62.84 -150.72 -27.61
C ASN DA 151 -61.96 -151.92 -27.28
N LEU DA 152 -62.09 -152.43 -26.04
CA LEU DA 152 -61.63 -153.73 -25.61
C LEU DA 152 -62.64 -154.29 -24.61
N ALA DA 153 -63.48 -155.20 -25.09
CA ALA DA 153 -64.53 -155.81 -24.28
C ALA DA 153 -64.90 -157.18 -24.84
N ASP DA 154 -65.58 -157.98 -24.02
CA ASP DA 154 -66.26 -159.19 -24.48
C ASP DA 154 -67.52 -158.80 -25.25
N THR DA 155 -67.59 -159.14 -26.54
CA THR DA 155 -68.76 -158.92 -27.39
C THR DA 155 -69.64 -160.16 -27.53
N SER DA 156 -69.32 -161.26 -26.84
CA SER DA 156 -70.18 -162.44 -26.79
C SER DA 156 -71.53 -162.16 -26.09
N GLY DA 157 -72.61 -162.78 -26.59
CA GLY DA 157 -73.95 -162.69 -26.02
C GLY DA 157 -74.50 -161.27 -26.06
N ALA EA 2 -64.67 -117.33 -31.08
CA ALA EA 2 -63.19 -117.52 -31.16
C ALA EA 2 -62.87 -118.84 -31.87
N THR EA 3 -61.64 -118.95 -32.42
CA THR EA 3 -61.15 -120.14 -33.11
C THR EA 3 -60.19 -120.92 -32.21
N SER EA 4 -60.37 -122.25 -32.12
CA SER EA 4 -59.54 -123.11 -31.27
C SER EA 4 -58.07 -123.06 -31.68
N PRO EA 5 -57.11 -123.09 -30.71
CA PRO EA 5 -55.70 -123.27 -31.04
C PRO EA 5 -55.49 -124.65 -31.64
N GLU EA 6 -54.50 -124.72 -32.55
CA GLU EA 6 -54.26 -125.93 -33.31
C GLU EA 6 -52.79 -126.05 -33.67
N GLY EA 7 -52.32 -127.28 -33.86
CA GLY EA 7 -50.94 -127.44 -34.33
C GLY EA 7 -50.78 -126.91 -35.75
N ILE EA 8 -49.56 -126.53 -36.11
CA ILE EA 8 -49.25 -126.18 -37.48
C ILE EA 8 -48.05 -126.99 -37.94
N TRP EA 9 -48.17 -127.62 -39.10
CA TRP EA 9 -47.12 -128.45 -39.63
C TRP EA 9 -46.22 -127.61 -40.52
N SER EA 10 -44.90 -127.59 -40.25
CA SER EA 10 -44.01 -126.63 -40.90
C SER EA 10 -44.02 -126.77 -42.41
N ASN EA 11 -44.07 -128.00 -42.91
CA ASN EA 11 -43.92 -128.24 -44.33
C ASN EA 11 -45.15 -127.81 -45.14
N SER EA 12 -46.24 -127.39 -44.48
CA SER EA 12 -47.44 -126.92 -45.17
C SER EA 12 -47.37 -125.44 -45.56
N GLY EA 13 -46.34 -124.71 -45.14
CA GLY EA 13 -46.23 -123.28 -45.37
C GLY EA 13 -45.80 -122.90 -46.79
N ALA EA 14 -46.44 -121.84 -47.31
CA ALA EA 14 -46.08 -121.25 -48.59
C ALA EA 14 -45.60 -119.82 -48.37
N LEU EA 15 -44.26 -119.63 -48.46
CA LEU EA 15 -43.63 -118.32 -48.35
C LEU EA 15 -43.51 -117.66 -49.72
N THR EA 16 -43.75 -116.34 -49.77
CA THR EA 16 -43.57 -115.56 -50.99
C THR EA 16 -43.03 -114.17 -50.66
N PHE EA 17 -42.28 -113.58 -51.61
CA PHE EA 17 -41.81 -112.21 -51.50
C PHE EA 17 -42.38 -111.38 -52.64
N GLU EA 18 -42.63 -110.10 -52.36
CA GLU EA 18 -43.13 -109.18 -53.37
C GLU EA 18 -42.36 -107.87 -53.36
N ASP EA 19 -42.13 -107.29 -54.54
CA ASP EA 19 -41.59 -105.95 -54.66
C ASP EA 19 -42.67 -104.93 -54.32
N PRO EA 20 -42.51 -104.09 -53.27
CA PRO EA 20 -43.55 -103.15 -52.86
C PRO EA 20 -43.82 -102.00 -53.82
N ALA EA 21 -43.07 -101.88 -54.94
CA ALA EA 21 -43.41 -100.92 -55.99
C ALA EA 21 -44.53 -101.46 -56.90
N ASP EA 22 -44.35 -102.67 -57.44
CA ASP EA 22 -45.23 -103.27 -58.42
C ASP EA 22 -46.24 -104.27 -57.83
N ASP EA 23 -46.02 -104.68 -56.58
CA ASP EA 23 -46.63 -105.87 -56.00
C ASP EA 23 -46.30 -107.14 -56.78
N SER EA 24 -45.30 -107.10 -57.68
CA SER EA 24 -44.89 -108.25 -58.47
C SER EA 24 -44.16 -109.26 -57.59
N GLU EA 25 -44.40 -110.56 -57.86
CA GLU EA 25 -43.77 -111.62 -57.09
C GLU EA 25 -42.29 -111.71 -57.42
N ILE EA 26 -41.47 -111.99 -56.40
CA ILE EA 26 -40.06 -112.27 -56.55
C ILE EA 26 -39.85 -113.75 -56.33
N LEU EA 27 -39.24 -114.44 -57.30
CA LEU EA 27 -39.08 -115.87 -57.25
C LEU EA 27 -38.18 -116.29 -56.10
N PHE EA 28 -38.77 -117.06 -55.18
CA PHE EA 28 -38.07 -117.57 -54.02
C PHE EA 28 -38.72 -118.90 -53.63
N ALA EA 29 -37.91 -119.86 -53.15
CA ALA EA 29 -38.33 -121.24 -53.06
C ALA EA 29 -37.46 -122.04 -52.07
N GLY EA 30 -37.91 -123.23 -51.70
CA GLY EA 30 -37.04 -124.21 -51.07
C GLY EA 30 -36.67 -123.88 -49.63
N VAL EA 31 -37.54 -123.21 -48.89
CA VAL EA 31 -37.27 -122.95 -47.49
C VAL EA 31 -37.15 -124.25 -46.70
N ARG EA 32 -36.46 -124.17 -45.56
CA ARG EA 32 -36.33 -125.24 -44.60
C ARG EA 32 -36.67 -124.72 -43.20
N ASP EA 33 -36.22 -123.51 -42.87
CA ASP EA 33 -36.66 -122.84 -41.67
C ASP EA 33 -37.25 -121.47 -42.03
N VAL EA 34 -38.33 -121.08 -41.32
CA VAL EA 34 -38.89 -119.73 -41.42
C VAL EA 34 -39.34 -119.30 -40.03
N THR EA 35 -38.64 -118.31 -39.48
CA THR EA 35 -38.98 -117.74 -38.20
C THR EA 35 -39.36 -116.29 -38.40
N ILE EA 36 -40.53 -115.89 -37.92
CA ILE EA 36 -41.01 -114.50 -37.95
C ILE EA 36 -41.47 -114.11 -36.55
N THR EA 37 -40.87 -113.04 -36.01
CA THR EA 37 -41.10 -112.64 -34.63
C THR EA 37 -41.25 -111.13 -34.55
N PRO EA 38 -42.49 -110.59 -34.50
CA PRO EA 38 -42.68 -109.20 -34.12
C PRO EA 38 -42.24 -108.99 -32.68
N ALA EA 39 -41.55 -107.87 -32.46
CA ALA EA 39 -40.93 -107.55 -31.19
C ALA EA 39 -41.05 -106.06 -30.89
N TYR EA 40 -40.85 -105.73 -29.61
CA TYR EA 40 -40.66 -104.35 -29.20
C TYR EA 40 -39.59 -104.31 -28.12
N GLU EA 41 -38.94 -103.16 -27.98
CA GLU EA 41 -38.22 -102.90 -26.75
C GLU EA 41 -39.23 -102.54 -25.66
N HIS EA 42 -39.03 -103.08 -24.45
CA HIS EA 42 -39.90 -102.77 -23.31
C HIS EA 42 -39.12 -101.99 -22.26
N ALA EA 43 -39.73 -100.94 -21.72
CA ALA EA 43 -39.13 -100.19 -20.63
C ALA EA 43 -39.99 -100.30 -19.39
N GLU EA 44 -39.41 -100.72 -18.26
CA GLU EA 44 -40.15 -100.90 -17.01
C GLU EA 44 -39.75 -99.79 -16.03
N LEU EA 45 -40.73 -99.13 -15.39
CA LEU EA 45 -40.45 -98.10 -14.40
C LEU EA 45 -40.44 -98.68 -12.99
N TYR EA 46 -39.37 -98.41 -12.23
CA TYR EA 46 -39.34 -98.68 -10.82
C TYR EA 46 -38.80 -97.46 -10.08
N THR EA 47 -39.27 -97.29 -8.84
CA THR EA 47 -38.85 -96.17 -8.01
C THR EA 47 -38.75 -96.62 -6.54
N ILE EA 48 -38.24 -95.77 -5.67
CA ILE EA 48 -38.08 -96.11 -4.27
C ILE EA 48 -39.44 -96.40 -3.59
N ASP EA 49 -40.55 -95.97 -4.19
CA ASP EA 49 -41.88 -96.14 -3.63
C ASP EA 49 -42.25 -97.62 -3.41
N SER EA 50 -41.81 -98.50 -4.31
CA SER EA 50 -42.26 -99.89 -4.32
C SER EA 50 -41.23 -100.80 -5.00
N THR EA 51 -41.14 -102.05 -4.53
CA THR EA 51 -40.31 -103.03 -5.23
C THR EA 51 -40.97 -103.54 -6.50
N PHE EA 52 -42.28 -103.34 -6.64
CA PHE EA 52 -43.00 -103.78 -7.83
C PHE EA 52 -42.87 -102.75 -8.95
N ARG EA 53 -43.05 -103.24 -10.17
CA ARG EA 53 -43.06 -102.42 -11.35
C ARG EA 53 -44.21 -101.42 -11.30
N ASP EA 54 -43.89 -100.13 -11.55
CA ASP EA 54 -44.87 -99.05 -11.58
C ASP EA 54 -45.58 -99.01 -12.94
N GLU EA 55 -44.82 -99.20 -14.03
CA GLU EA 55 -45.32 -99.17 -15.39
C GLU EA 55 -44.48 -100.02 -16.33
N VAL EA 56 -45.06 -100.36 -17.49
CA VAL EA 56 -44.28 -100.88 -18.60
C VAL EA 56 -44.83 -100.35 -19.92
N LYS EA 57 -43.93 -100.05 -20.86
CA LYS EA 57 -44.28 -99.41 -22.13
C LYS EA 57 -43.44 -99.99 -23.28
N ARG EA 58 -43.97 -99.97 -24.52
CA ARG EA 58 -43.30 -100.49 -25.71
C ARG EA 58 -42.69 -99.35 -26.55
N TYR EA 59 -41.60 -99.65 -27.26
CA TYR EA 59 -41.05 -98.79 -28.30
C TYR EA 59 -40.21 -99.59 -29.28
N GLU EA 60 -39.68 -98.97 -30.35
CA GLU EA 60 -38.83 -99.64 -31.35
C GLU EA 60 -39.42 -100.98 -31.80
N HIS EA 61 -40.61 -100.92 -32.37
CA HIS EA 61 -41.17 -102.11 -32.98
C HIS EA 61 -40.31 -102.52 -34.17
N ASN EA 62 -40.14 -103.85 -34.31
CA ASN EA 62 -39.70 -104.43 -35.57
C ASN EA 62 -40.22 -105.86 -35.70
N VAL EA 63 -39.98 -106.48 -36.85
CA VAL EA 63 -40.25 -107.88 -37.03
C VAL EA 63 -38.96 -108.59 -37.38
N ASN EA 64 -38.43 -109.45 -36.51
CA ASN EA 64 -37.31 -110.29 -36.93
C ASN EA 64 -37.81 -111.32 -37.92
N VAL EA 65 -37.20 -111.34 -39.11
CA VAL EA 65 -37.41 -112.37 -40.09
C VAL EA 65 -36.10 -113.12 -40.23
N GLU EA 66 -36.14 -114.44 -40.10
CA GLU EA 66 -35.00 -115.25 -40.52
C GLU EA 66 -35.47 -116.51 -41.24
N ILE EA 67 -34.79 -116.80 -42.34
CA ILE EA 67 -35.20 -117.84 -43.27
C ILE EA 67 -33.96 -118.66 -43.59
N THR EA 68 -34.06 -119.97 -43.57
CA THR EA 68 -33.06 -120.85 -44.16
C THR EA 68 -33.67 -121.52 -45.37
N TYR EA 69 -32.97 -121.50 -46.51
CA TYR EA 69 -33.49 -122.05 -47.74
C TYR EA 69 -32.38 -122.68 -48.57
N ALA EA 70 -32.75 -123.59 -49.49
CA ALA EA 70 -31.78 -124.43 -50.16
C ALA EA 70 -31.89 -124.38 -51.69
N LYS EA 71 -32.76 -123.52 -52.24
CA LYS EA 71 -32.77 -123.23 -53.67
C LYS EA 71 -32.33 -121.78 -53.89
N PHE EA 72 -31.22 -121.58 -54.60
CA PHE EA 72 -30.74 -120.24 -54.87
C PHE EA 72 -31.63 -119.54 -55.89
N SER EA 73 -31.84 -118.23 -55.70
CA SER EA 73 -32.63 -117.41 -56.62
C SER EA 73 -31.81 -116.23 -57.16
N LEU EA 74 -31.54 -116.22 -58.47
CA LEU EA 74 -30.86 -115.09 -59.08
C LEU EA 74 -31.71 -113.83 -59.01
N GLU EA 75 -33.01 -113.93 -59.22
CA GLU EA 75 -33.86 -112.75 -59.14
C GLU EA 75 -33.78 -112.12 -57.75
N PHE EA 76 -33.95 -112.92 -56.69
CA PHE EA 76 -33.90 -112.41 -55.33
C PHE EA 76 -32.56 -111.76 -55.01
N ALA EA 77 -31.45 -112.41 -55.40
CA ALA EA 77 -30.12 -111.87 -55.14
C ALA EA 77 -29.88 -110.56 -55.90
N GLN EA 78 -30.26 -110.50 -57.17
CA GLN EA 78 -30.06 -109.32 -57.97
C GLN EA 78 -30.99 -108.18 -57.59
N GLU EA 79 -32.17 -108.48 -57.05
CA GLU EA 79 -33.00 -107.46 -56.41
C GLU EA 79 -32.31 -106.89 -55.18
N TRP EA 80 -31.77 -107.74 -54.30
CA TRP EA 80 -31.09 -107.27 -53.12
C TRP EA 80 -29.88 -106.40 -53.46
N LEU EA 81 -29.12 -106.75 -54.50
CA LEU EA 81 -28.00 -105.94 -54.96
C LEU EA 81 -28.48 -104.58 -55.47
N GLY EA 82 -29.52 -104.56 -56.31
CA GLY EA 82 -29.96 -103.34 -56.97
C GLY EA 82 -30.59 -102.27 -56.07
N GLY EA 83 -31.09 -102.66 -54.89
CA GLY EA 83 -31.85 -101.78 -54.03
C GLY EA 83 -33.26 -101.54 -54.57
N PRO EA 84 -34.00 -100.55 -54.04
CA PRO EA 84 -35.37 -100.32 -54.46
C PRO EA 84 -35.52 -99.98 -55.94
N GLY EA 85 -36.54 -100.61 -56.54
CA GLY EA 85 -37.00 -100.39 -57.91
C GLY EA 85 -35.94 -100.68 -58.98
N ALA EA 86 -34.91 -101.45 -58.65
CA ALA EA 86 -33.87 -101.80 -59.61
C ALA EA 86 -33.25 -103.16 -59.32
N THR EA 87 -32.66 -103.75 -60.37
CA THR EA 87 -32.08 -105.08 -60.30
C THR EA 87 -30.64 -104.96 -60.83
N ALA EA 88 -29.66 -105.56 -60.13
CA ALA EA 88 -28.25 -105.37 -60.52
C ALA EA 88 -27.44 -106.66 -60.41
N THR EA 89 -26.42 -106.77 -61.28
CA THR EA 89 -25.53 -107.93 -61.34
C THR EA 89 -24.21 -107.69 -60.60
N ALA EA 90 -24.14 -106.61 -59.80
CA ALA EA 90 -22.94 -106.24 -59.05
C ALA EA 90 -23.33 -105.37 -57.86
N SER EA 91 -22.46 -105.29 -56.84
CA SER EA 91 -22.62 -104.40 -55.69
C SER EA 91 -22.92 -102.99 -56.19
N GLN EA 92 -23.91 -102.33 -55.57
CA GLN EA 92 -24.19 -100.94 -55.88
C GLN EA 92 -23.69 -100.05 -54.75
N ASP EA 93 -23.02 -98.96 -55.11
CA ASP EA 93 -22.62 -97.96 -54.13
C ASP EA 93 -23.76 -96.96 -53.93
N ASP EA 94 -24.80 -97.36 -53.19
CA ASP EA 94 -25.88 -96.45 -52.79
C ASP EA 94 -26.50 -96.87 -51.46
N SER EA 95 -27.21 -95.92 -50.83
CA SER EA 95 -27.55 -96.01 -49.42
C SER EA 95 -28.88 -96.71 -49.14
N ASP EA 96 -29.75 -96.95 -50.14
CA ASP EA 96 -31.02 -97.63 -49.89
C ASP EA 96 -30.90 -99.14 -50.01
N PRO EA 97 -31.28 -99.91 -48.96
CA PRO EA 97 -31.36 -101.36 -49.09
C PRO EA 97 -32.66 -101.71 -49.81
N MET EA 98 -32.66 -102.88 -50.44
CA MET EA 98 -33.87 -103.40 -51.05
C MET EA 98 -34.88 -103.74 -49.93
N LYS EA 99 -36.12 -103.26 -50.09
CA LYS EA 99 -37.21 -103.54 -49.16
C LYS EA 99 -38.18 -104.52 -49.80
N PHE EA 100 -38.37 -105.67 -49.17
CA PHE EA 100 -39.29 -106.69 -49.68
C PHE EA 100 -40.54 -106.74 -48.80
N ASN EA 101 -41.71 -106.86 -49.41
CA ASN EA 101 -42.86 -107.34 -48.68
C ASN EA 101 -42.80 -108.87 -48.67
N LEU EA 102 -43.35 -109.46 -47.61
CA LEU EA 102 -43.27 -110.89 -47.40
C LEU EA 102 -44.64 -111.38 -46.92
N GLU EA 103 -45.07 -112.54 -47.43
CA GLU EA 103 -46.26 -113.18 -46.91
C GLU EA 103 -45.99 -114.67 -46.73
N ASN EA 104 -46.50 -115.26 -45.65
CA ASN EA 104 -46.38 -116.68 -45.40
C ASN EA 104 -47.75 -117.24 -45.04
N VAL EA 105 -48.21 -118.25 -45.81
CA VAL EA 105 -49.55 -118.81 -45.66
C VAL EA 105 -49.45 -120.28 -45.23
N THR EA 106 -50.10 -120.64 -44.13
CA THR EA 106 -50.07 -122.00 -43.60
C THR EA 106 -51.46 -122.47 -43.20
N PRO EA 107 -51.96 -123.59 -43.78
CA PRO EA 107 -53.08 -124.33 -43.19
C PRO EA 107 -52.69 -124.85 -41.81
N SER EA 108 -53.62 -124.75 -40.84
CA SER EA 108 -53.45 -125.43 -39.57
C SER EA 108 -53.60 -126.95 -39.76
N ALA EA 109 -53.10 -127.74 -38.79
CA ALA EA 109 -52.89 -129.17 -38.99
C ALA EA 109 -54.17 -129.98 -39.24
N SER EA 110 -55.32 -129.56 -38.65
CA SER EA 110 -56.63 -130.16 -38.89
C SER EA 110 -57.56 -129.26 -39.71
N GLY EA 111 -57.02 -128.24 -40.38
CA GLY EA 111 -57.81 -127.34 -41.23
C GLY EA 111 -58.77 -126.40 -40.49
N GLY EA 112 -58.60 -126.21 -39.16
CA GLY EA 112 -59.40 -125.27 -38.38
C GLY EA 112 -59.29 -123.81 -38.88
N PHE EA 113 -58.12 -123.44 -39.40
CA PHE EA 113 -57.87 -122.09 -39.92
C PHE EA 113 -56.72 -122.10 -40.94
N GLU EA 114 -56.58 -121.00 -41.69
CA GLU EA 114 -55.43 -120.80 -42.56
C GLU EA 114 -54.73 -119.52 -42.13
N ARG EA 115 -53.68 -119.66 -41.32
CA ARG EA 115 -52.97 -118.48 -40.82
C ARG EA 115 -52.15 -117.86 -41.93
N THR EA 116 -52.45 -116.61 -42.26
CA THR EA 116 -51.64 -115.81 -43.16
C THR EA 116 -50.93 -114.73 -42.36
N THR EA 117 -49.60 -114.68 -42.45
CA THR EA 117 -48.79 -113.62 -41.87
C THR EA 117 -48.22 -112.78 -43.00
N ALA EA 118 -48.39 -111.45 -42.96
CA ALA EA 118 -47.74 -110.55 -43.89
C ALA EA 118 -46.87 -109.53 -43.16
N VAL EA 119 -45.70 -109.23 -43.73
CA VAL EA 119 -44.74 -108.31 -43.14
C VAL EA 119 -44.30 -107.34 -44.23
N GLU EA 120 -44.27 -106.03 -43.92
CA GLU EA 120 -43.81 -105.03 -44.89
C GLU EA 120 -42.34 -104.70 -44.71
N ASN EA 121 -41.70 -104.25 -45.81
CA ASN EA 121 -40.38 -103.64 -45.81
C ASN EA 121 -39.34 -104.42 -45.01
N VAL EA 122 -39.27 -105.74 -45.21
CA VAL EA 122 -38.17 -106.54 -44.71
C VAL EA 122 -36.89 -106.17 -45.45
N VAL EA 123 -35.83 -105.87 -44.70
CA VAL EA 123 -34.51 -105.65 -45.26
C VAL EA 123 -33.52 -106.61 -44.63
N PHE EA 124 -32.58 -107.09 -45.45
CA PHE EA 124 -31.58 -108.05 -44.97
C PHE EA 124 -30.20 -107.41 -45.01
N PRO EA 125 -29.50 -107.19 -43.88
CA PRO EA 125 -28.19 -106.58 -43.89
C PRO EA 125 -27.14 -107.34 -44.68
N GLU EA 126 -27.31 -108.66 -44.79
CA GLU EA 126 -26.37 -109.45 -45.57
C GLU EA 126 -27.08 -110.58 -46.32
N LEU EA 127 -26.52 -110.92 -47.47
CA LEU EA 127 -27.09 -111.88 -48.39
C LEU EA 127 -26.05 -112.95 -48.69
N PRO EA 128 -26.27 -114.21 -48.28
CA PRO EA 128 -25.32 -115.27 -48.62
C PRO EA 128 -25.49 -115.60 -50.11
N LEU EA 129 -24.43 -115.34 -50.86
CA LEU EA 129 -24.42 -115.64 -52.29
C LEU EA 129 -24.01 -117.08 -52.51
N ASP EA 130 -22.95 -117.51 -51.82
CA ASP EA 130 -22.45 -118.88 -51.92
C ASP EA 130 -22.32 -119.43 -50.51
N SER EA 131 -22.73 -120.70 -50.33
CA SER EA 131 -22.81 -121.30 -49.00
C SER EA 131 -22.49 -122.80 -49.07
N ALA EA 132 -21.36 -123.11 -49.72
CA ALA EA 132 -20.96 -124.47 -50.06
C ALA EA 132 -20.30 -125.18 -48.88
N THR EA 133 -20.69 -126.44 -48.69
CA THR EA 133 -20.07 -127.35 -47.73
C THR EA 133 -19.98 -128.73 -48.39
N TYR EA 134 -18.79 -129.35 -48.34
CA TYR EA 134 -18.53 -130.64 -48.96
C TYR EA 134 -19.59 -131.67 -48.57
N GLY EA 135 -20.20 -132.32 -49.58
CA GLY EA 135 -21.17 -133.35 -49.33
C GLY EA 135 -22.56 -132.85 -48.93
N GLU EA 136 -22.85 -131.57 -49.15
CA GLU EA 136 -24.18 -131.03 -48.91
C GLU EA 136 -24.62 -130.07 -50.01
N TYR EA 137 -25.95 -129.87 -50.11
CA TYR EA 137 -26.44 -128.82 -50.98
C TYR EA 137 -26.22 -127.46 -50.31
N GLU EA 138 -26.03 -126.42 -51.12
CA GLU EA 138 -25.79 -125.10 -50.55
C GLU EA 138 -27.03 -124.69 -49.79
N GLU EA 139 -26.87 -124.27 -48.53
CA GLU EA 139 -27.98 -123.85 -47.68
C GLU EA 139 -27.74 -122.42 -47.21
N TYR EA 140 -28.70 -121.54 -47.45
CA TYR EA 140 -28.56 -120.10 -47.32
C TYR EA 140 -29.38 -119.57 -46.16
N SER EA 141 -28.78 -118.82 -45.22
CA SER EA 141 -29.53 -118.25 -44.10
C SER EA 141 -29.62 -116.73 -44.20
N LEU EA 142 -30.86 -116.22 -44.31
CA LEU EA 142 -31.14 -114.79 -44.29
C LEU EA 142 -31.60 -114.39 -42.90
N THR EA 143 -31.11 -113.24 -42.43
CA THR EA 143 -31.63 -112.61 -41.22
C THR EA 143 -31.91 -111.14 -41.54
N GLY EA 144 -33.06 -110.62 -41.11
CA GLY EA 144 -33.48 -109.27 -41.46
C GLY EA 144 -34.59 -108.74 -40.58
N SER EA 145 -34.96 -107.47 -40.80
CA SER EA 145 -35.96 -106.80 -40.00
C SER EA 145 -37.06 -106.22 -40.88
N GLY EA 146 -38.29 -106.62 -40.65
CA GLY EA 146 -39.46 -105.99 -41.23
C GLY EA 146 -39.96 -104.82 -40.40
N ARG EA 147 -40.61 -103.86 -41.05
CA ARG EA 147 -41.06 -102.68 -40.36
C ARG EA 147 -42.24 -103.00 -39.45
N SER EA 148 -43.25 -103.70 -39.98
CA SER EA 148 -44.45 -104.02 -39.22
C SER EA 148 -45.15 -105.25 -39.79
N VAL EA 149 -46.00 -105.89 -38.99
CA VAL EA 149 -46.86 -106.94 -39.46
C VAL EA 149 -48.12 -106.28 -40.01
N THR EA 150 -48.37 -106.41 -41.31
CA THR EA 150 -49.50 -105.73 -41.94
C THR EA 150 -50.78 -106.56 -41.94
N ASN EA 151 -50.64 -107.89 -41.83
CA ASN EA 151 -51.78 -108.77 -41.67
C ASN EA 151 -51.38 -109.99 -40.83
N LEU EA 152 -52.26 -110.38 -39.91
CA LEU EA 152 -52.25 -111.67 -39.25
C LEU EA 152 -53.69 -112.10 -38.98
N ALA EA 153 -54.19 -113.03 -39.80
CA ALA EA 153 -55.59 -113.41 -39.76
C ALA EA 153 -55.78 -114.81 -40.32
N ASP EA 154 -56.95 -115.37 -40.02
CA ASP EA 154 -57.42 -116.58 -40.66
C ASP EA 154 -57.98 -116.21 -42.03
N THR EA 155 -57.37 -116.75 -43.11
CA THR EA 155 -57.79 -116.49 -44.48
C THR EA 155 -58.57 -117.67 -45.09
N SER EA 156 -58.94 -118.67 -44.27
CA SER EA 156 -59.78 -119.79 -44.72
C SER EA 156 -61.21 -119.35 -45.04
N GLY EA 157 -61.98 -120.26 -45.68
CA GLY EA 157 -63.38 -120.04 -46.00
C GLY EA 157 -64.20 -119.62 -44.79
N ALA FA 2 -48.84 -128.26 8.35
CA ALA FA 2 -47.94 -128.24 7.16
C ALA FA 2 -48.31 -129.37 6.20
N THR FA 3 -47.75 -129.32 4.97
CA THR FA 3 -47.99 -130.30 3.91
C THR FA 3 -46.66 -130.84 3.39
N SER FA 4 -46.56 -132.16 3.19
CA SER FA 4 -45.31 -132.81 2.79
C SER FA 4 -44.89 -132.38 1.39
N PRO FA 5 -43.60 -132.07 1.13
CA PRO FA 5 -43.14 -131.85 -0.23
C PRO FA 5 -43.37 -133.11 -1.07
N GLU FA 6 -43.61 -132.89 -2.36
CA GLU FA 6 -44.02 -133.98 -3.25
C GLU FA 6 -43.54 -133.71 -4.68
N GLY FA 7 -43.35 -134.77 -5.47
CA GLY FA 7 -43.03 -134.55 -6.86
C GLY FA 7 -44.20 -133.93 -7.61
N ILE FA 8 -43.89 -133.23 -8.71
CA ILE FA 8 -44.93 -132.76 -9.62
C ILE FA 8 -44.59 -133.26 -11.01
N TRP FA 9 -45.62 -133.66 -11.75
CA TRP FA 9 -45.45 -134.21 -13.08
C TRP FA 9 -45.86 -133.17 -14.11
N SER FA 10 -44.97 -132.87 -15.07
CA SER FA 10 -45.15 -131.73 -15.94
C SER FA 10 -46.42 -131.82 -16.77
N ASN FA 11 -46.75 -133.00 -17.28
CA ASN FA 11 -47.91 -133.16 -18.14
C ASN FA 11 -49.25 -133.01 -17.40
N SER FA 12 -49.23 -132.84 -16.06
CA SER FA 12 -50.44 -132.56 -15.30
C SER FA 12 -50.78 -131.07 -15.22
N GLY FA 13 -49.96 -130.18 -15.81
CA GLY FA 13 -50.21 -128.75 -15.84
C GLY FA 13 -51.46 -128.35 -16.63
N ALA FA 14 -51.95 -127.12 -16.36
CA ALA FA 14 -53.16 -126.60 -16.99
C ALA FA 14 -53.06 -125.08 -17.06
N LEU FA 15 -52.14 -124.58 -17.89
CA LEU FA 15 -51.90 -123.15 -18.06
C LEU FA 15 -53.09 -122.47 -18.73
N THR FA 16 -53.47 -121.30 -18.21
CA THR FA 16 -54.52 -120.48 -18.80
C THR FA 16 -54.14 -118.99 -18.74
N PHE FA 17 -54.60 -118.21 -19.72
CA PHE FA 17 -54.42 -116.78 -19.72
C PHE FA 17 -55.78 -116.08 -19.67
N GLU FA 18 -55.83 -114.92 -19.01
CA GLU FA 18 -57.03 -114.11 -18.98
C GLU FA 18 -56.73 -112.66 -19.32
N ASP FA 19 -57.71 -111.99 -19.91
CA ASP FA 19 -57.70 -110.54 -20.06
C ASP FA 19 -58.00 -109.88 -18.71
N PRO FA 20 -57.08 -109.09 -18.11
CA PRO FA 20 -57.34 -108.43 -16.83
C PRO FA 20 -58.44 -107.40 -16.85
N ALA FA 21 -58.92 -106.98 -18.03
CA ALA FA 21 -60.05 -106.06 -18.12
C ALA FA 21 -61.39 -106.74 -17.82
N ASP FA 22 -61.51 -108.03 -18.19
CA ASP FA 22 -62.79 -108.72 -18.30
C ASP FA 22 -62.83 -110.03 -17.49
N ASP FA 23 -61.65 -110.55 -17.11
CA ASP FA 23 -61.45 -111.91 -16.64
C ASP FA 23 -61.95 -112.95 -17.66
N SER FA 24 -62.06 -112.56 -18.95
CA SER FA 24 -62.32 -113.49 -20.03
C SER FA 24 -61.07 -114.35 -20.30
N GLU FA 25 -61.29 -115.65 -20.54
CA GLU FA 25 -60.18 -116.51 -20.93
C GLU FA 25 -59.73 -116.18 -22.35
N ILE FA 26 -58.40 -116.17 -22.55
CA ILE FA 26 -57.77 -116.03 -23.85
C ILE FA 26 -57.30 -117.41 -24.28
N LEU FA 27 -57.75 -117.88 -25.45
CA LEU FA 27 -57.51 -119.26 -25.86
C LEU FA 27 -56.03 -119.52 -26.07
N PHE FA 28 -55.53 -120.49 -25.29
CA PHE FA 28 -54.13 -120.88 -25.35
C PHE FA 28 -54.04 -122.34 -24.97
N ALA FA 29 -53.18 -123.09 -25.68
CA ALA FA 29 -53.18 -124.54 -25.54
C ALA FA 29 -51.86 -125.13 -26.03
N GLY FA 30 -51.56 -126.38 -25.65
CA GLY FA 30 -50.49 -127.14 -26.27
C GLY FA 30 -49.11 -126.79 -25.74
N VAL FA 31 -49.00 -126.41 -24.47
CA VAL FA 31 -47.68 -126.16 -23.87
C VAL FA 31 -46.83 -127.42 -23.90
N ARG FA 32 -45.51 -127.23 -23.82
CA ARG FA 32 -44.54 -128.30 -23.73
C ARG FA 32 -43.52 -128.00 -22.66
N ASP FA 33 -43.10 -126.73 -22.54
CA ASP FA 33 -42.31 -126.29 -21.40
C ASP FA 33 -42.99 -125.08 -20.76
N VAL FA 34 -42.91 -124.99 -19.43
CA VAL FA 34 -43.41 -123.83 -18.70
C VAL FA 34 -42.52 -123.58 -17.49
N THR FA 35 -41.82 -122.46 -17.50
CA THR FA 35 -41.08 -122.00 -16.32
C THR FA 35 -41.73 -120.73 -15.78
N ILE FA 36 -41.99 -120.67 -14.47
CA ILE FA 36 -42.37 -119.43 -13.79
C ILE FA 36 -41.43 -119.20 -12.62
N THR FA 37 -40.77 -118.04 -12.58
CA THR FA 37 -39.73 -117.77 -11.60
C THR FA 37 -39.86 -116.34 -11.08
N PRO FA 38 -40.52 -116.11 -9.92
CA PRO FA 38 -40.41 -114.83 -9.24
C PRO FA 38 -38.97 -114.59 -8.80
N ALA FA 39 -38.55 -113.34 -8.90
CA ALA FA 39 -37.17 -112.94 -8.66
C ALA FA 39 -37.11 -111.54 -8.04
N TYR FA 40 -35.96 -111.22 -7.45
CA TYR FA 40 -35.62 -109.85 -7.09
C TYR FA 40 -34.14 -109.65 -7.33
N GLU FA 41 -33.74 -108.41 -7.58
CA GLU FA 41 -32.34 -108.04 -7.50
C GLU FA 41 -31.95 -108.01 -6.03
N HIS FA 42 -30.77 -108.55 -5.70
CA HIS FA 42 -30.25 -108.39 -4.35
C HIS FA 42 -29.07 -107.43 -4.35
N ALA FA 43 -29.06 -106.49 -3.41
CA ALA FA 43 -27.86 -105.73 -3.08
C ALA FA 43 -27.31 -106.19 -1.73
N GLU FA 44 -26.01 -106.53 -1.70
CA GLU FA 44 -25.32 -106.92 -0.47
C GLU FA 44 -24.43 -105.77 0.01
N LEU FA 45 -24.41 -105.52 1.33
CA LEU FA 45 -23.54 -104.49 1.91
C LEU FA 45 -22.30 -105.12 2.54
N TYR FA 46 -21.13 -104.63 2.12
CA TYR FA 46 -19.87 -104.94 2.77
C TYR FA 46 -19.10 -103.65 3.00
N THR FA 47 -18.33 -103.61 4.11
CA THR FA 47 -17.51 -102.46 4.46
C THR FA 47 -16.18 -102.92 5.05
N ILE FA 48 -15.24 -102.02 5.28
CA ILE FA 48 -13.92 -102.36 5.78
C ILE FA 48 -13.97 -103.06 7.14
N ASP FA 49 -15.08 -102.89 7.86
CA ASP FA 49 -15.29 -103.45 9.20
C ASP FA 49 -15.20 -104.97 9.25
N SER FA 50 -15.67 -105.66 8.20
CA SER FA 50 -15.74 -107.11 8.20
C SER FA 50 -15.66 -107.68 6.78
N THR FA 51 -15.11 -108.89 6.66
CA THR FA 51 -15.15 -109.59 5.39
C THR FA 51 -16.50 -110.22 5.12
N PHE FA 52 -17.33 -110.40 6.15
CA PHE FA 52 -18.66 -110.96 5.98
C PHE FA 52 -19.67 -109.89 5.58
N ARG FA 53 -20.78 -110.35 5.02
CA ARG FA 53 -21.86 -109.48 4.60
C ARG FA 53 -22.52 -108.87 5.82
N ASP FA 54 -22.78 -107.55 5.78
CA ASP FA 54 -23.47 -106.86 6.85
C ASP FA 54 -24.99 -106.85 6.63
N GLU FA 55 -25.43 -106.67 5.38
CA GLU FA 55 -26.86 -106.61 5.05
C GLU FA 55 -27.14 -107.16 3.66
N VAL FA 56 -28.39 -107.59 3.43
CA VAL FA 56 -28.83 -107.88 2.08
C VAL FA 56 -30.29 -107.47 1.92
N LYS FA 57 -30.63 -106.90 0.75
CA LYS FA 57 -31.96 -106.37 0.51
C LYS FA 57 -32.44 -106.70 -0.91
N ARG FA 58 -33.76 -106.92 -1.05
CA ARG FA 58 -34.46 -107.14 -2.31
C ARG FA 58 -34.93 -105.84 -2.97
N TYR FA 59 -34.88 -105.77 -4.31
CA TYR FA 59 -35.57 -104.74 -5.09
C TYR FA 59 -35.83 -105.22 -6.52
N GLU FA 60 -36.45 -104.38 -7.37
CA GLU FA 60 -36.81 -104.72 -8.75
C GLU FA 60 -37.43 -106.11 -8.84
N HIS FA 61 -38.56 -106.28 -8.15
CA HIS FA 61 -39.28 -107.53 -8.28
C HIS FA 61 -39.87 -107.69 -9.68
N ASN FA 62 -39.76 -108.90 -10.22
CA ASN FA 62 -40.56 -109.32 -11.37
C ASN FA 62 -40.76 -110.83 -11.34
N VAL FA 63 -41.62 -111.33 -12.22
CA VAL FA 63 -41.81 -112.76 -12.39
C VAL FA 63 -41.39 -113.12 -13.81
N ASN FA 64 -40.30 -113.87 -13.98
CA ASN FA 64 -39.98 -114.41 -15.29
C ASN FA 64 -40.97 -115.52 -15.63
N VAL FA 65 -41.65 -115.37 -16.74
CA VAL FA 65 -42.50 -116.40 -17.32
C VAL FA 65 -41.85 -116.80 -18.63
N GLU FA 66 -41.62 -118.09 -18.82
CA GLU FA 66 -41.36 -118.54 -20.18
C GLU FA 66 -42.06 -119.85 -20.50
N ILE FA 67 -42.58 -119.90 -21.73
CA ILE FA 67 -43.51 -120.92 -22.16
C ILE FA 67 -43.08 -121.36 -23.55
N THR FA 68 -42.99 -122.66 -23.77
CA THR FA 68 -42.84 -123.19 -25.10
C THR FA 68 -44.08 -124.00 -25.43
N TYR FA 69 -44.69 -123.74 -26.60
CA TYR FA 69 -45.98 -124.32 -26.92
C TYR FA 69 -46.07 -124.62 -28.42
N ALA FA 70 -46.93 -125.58 -28.78
CA ALA FA 70 -46.90 -126.15 -30.12
C ALA FA 70 -48.21 -125.97 -30.89
N LYS FA 71 -49.24 -125.41 -30.27
CA LYS FA 71 -50.48 -125.06 -30.94
C LYS FA 71 -50.56 -123.54 -31.08
N PHE FA 72 -50.65 -123.04 -32.31
CA PHE FA 72 -50.76 -121.60 -32.52
C PHE FA 72 -52.16 -121.12 -32.16
N SER FA 73 -52.27 -119.90 -31.58
CA SER FA 73 -53.54 -119.30 -31.23
C SER FA 73 -53.70 -117.94 -31.90
N LEU FA 74 -54.74 -117.78 -32.72
CA LEU FA 74 -55.01 -116.47 -33.31
C LEU FA 74 -55.43 -115.46 -32.26
N GLU FA 75 -56.27 -115.86 -31.30
CA GLU FA 75 -56.70 -114.92 -30.28
C GLU FA 75 -55.49 -114.36 -29.53
N PHE FA 76 -54.62 -115.22 -29.02
CA PHE FA 76 -53.47 -114.77 -28.23
C PHE FA 76 -52.61 -113.78 -29.00
N ALA FA 77 -52.33 -114.08 -30.27
CA ALA FA 77 -51.51 -113.22 -31.10
C ALA FA 77 -52.22 -111.89 -31.39
N GLN FA 78 -53.51 -111.93 -31.70
CA GLN FA 78 -54.24 -110.72 -32.01
C GLN FA 78 -54.51 -109.83 -30.80
N GLU FA 79 -54.61 -110.40 -29.59
CA GLU FA 79 -54.60 -109.61 -28.37
C GLU FA 79 -53.24 -108.93 -28.18
N TRP FA 80 -52.14 -109.66 -28.35
CA TRP FA 80 -50.81 -109.10 -28.19
C TRP FA 80 -50.55 -107.95 -29.17
N LEU FA 81 -50.99 -108.09 -30.43
CA LEU FA 81 -50.91 -107.01 -31.40
C LEU FA 81 -51.78 -105.83 -30.99
N GLY FA 82 -52.98 -106.11 -30.48
CA GLY FA 82 -53.94 -105.08 -30.15
C GLY FA 82 -53.61 -104.22 -28.93
N GLY FA 83 -52.88 -104.75 -27.95
CA GLY FA 83 -52.65 -104.07 -26.68
C GLY FA 83 -53.85 -104.19 -25.74
N PRO FA 84 -53.84 -103.49 -24.59
CA PRO FA 84 -54.90 -103.61 -23.59
C PRO FA 84 -56.28 -103.31 -24.15
N GLY FA 85 -57.21 -104.23 -23.87
CA GLY FA 85 -58.63 -104.08 -24.16
C GLY FA 85 -58.97 -103.99 -25.66
N ALA FA 86 -58.06 -104.45 -26.53
CA ALA FA 86 -58.28 -104.38 -27.96
C ALA FA 86 -57.60 -105.53 -28.70
N THR FA 87 -58.10 -105.80 -29.91
CA THR FA 87 -57.68 -106.88 -30.78
C THR FA 87 -57.30 -106.27 -32.12
N ALA FA 88 -56.22 -106.76 -32.75
CA ALA FA 88 -55.82 -106.22 -34.04
C ALA FA 88 -55.25 -107.29 -34.97
N THR FA 89 -55.47 -107.09 -36.28
CA THR FA 89 -54.96 -107.97 -37.32
C THR FA 89 -53.64 -107.46 -37.90
N ALA FA 90 -52.97 -106.51 -37.22
CA ALA FA 90 -51.76 -105.86 -37.70
C ALA FA 90 -51.04 -105.19 -36.54
N SER FA 91 -49.74 -104.91 -36.70
CA SER FA 91 -48.95 -104.15 -35.73
C SER FA 91 -49.64 -102.82 -35.40
N GLN FA 92 -49.74 -102.47 -34.11
CA GLN FA 92 -50.26 -101.19 -33.71
C GLN FA 92 -49.12 -100.28 -33.27
N ASP FA 93 -49.17 -99.03 -33.75
CA ASP FA 93 -48.20 -98.03 -33.36
C ASP FA 93 -48.70 -97.32 -32.10
N ASP FA 94 -48.56 -98.00 -30.96
CA ASP FA 94 -48.85 -97.42 -29.65
C ASP FA 94 -48.01 -98.05 -28.55
N SER FA 95 -47.95 -97.38 -27.39
CA SER FA 95 -46.92 -97.61 -26.38
C SER FA 95 -47.32 -98.63 -25.31
N ASP FA 96 -48.60 -99.05 -25.29
CA ASP FA 96 -49.10 -99.95 -24.26
C ASP FA 96 -48.97 -101.42 -24.69
N PRO FA 97 -48.18 -102.26 -23.98
CA PRO FA 97 -48.18 -103.69 -24.27
C PRO FA 97 -49.45 -104.31 -23.71
N MET FA 98 -49.91 -105.38 -24.36
CA MET FA 98 -50.97 -106.22 -23.82
C MET FA 98 -50.49 -106.86 -22.52
N LYS FA 99 -51.29 -106.71 -21.46
CA LYS FA 99 -51.00 -107.34 -20.18
C LYS FA 99 -51.93 -108.55 -20.02
N PHE FA 100 -51.36 -109.73 -19.85
CA PHE FA 100 -52.10 -110.94 -19.62
C PHE FA 100 -52.07 -111.32 -18.14
N ASN FA 101 -53.21 -111.67 -17.56
CA ASN FA 101 -53.16 -112.43 -16.33
C ASN FA 101 -52.89 -113.88 -16.69
N LEU FA 102 -52.16 -114.59 -15.83
CA LEU FA 102 -51.77 -115.96 -16.10
C LEU FA 102 -52.02 -116.79 -14.86
N GLU FA 103 -52.51 -118.01 -15.06
CA GLU FA 103 -52.66 -118.96 -13.97
C GLU FA 103 -52.27 -120.34 -14.45
N ASN FA 104 -51.59 -121.11 -13.60
CA ASN FA 104 -51.24 -122.50 -13.87
C ASN FA 104 -51.63 -123.33 -12.66
N VAL FA 105 -52.23 -124.51 -12.89
CA VAL FA 105 -52.66 -125.39 -11.82
C VAL FA 105 -52.12 -126.79 -12.08
N THR FA 106 -51.60 -127.43 -11.03
CA THR FA 106 -51.06 -128.79 -11.14
C THR FA 106 -51.41 -129.59 -9.89
N PRO FA 107 -52.03 -130.78 -10.03
CA PRO FA 107 -51.97 -131.78 -8.96
C PRO FA 107 -50.53 -132.21 -8.72
N SER FA 108 -50.18 -132.44 -7.45
CA SER FA 108 -48.94 -133.13 -7.10
C SER FA 108 -49.05 -134.61 -7.49
N ALA FA 109 -47.90 -135.27 -7.60
CA ALA FA 109 -47.84 -136.59 -8.20
C ALA FA 109 -48.64 -137.66 -7.42
N SER FA 110 -48.64 -137.59 -6.07
CA SER FA 110 -49.40 -138.50 -5.21
C SER FA 110 -50.69 -137.87 -4.66
N GLY FA 111 -51.11 -136.72 -5.20
CA GLY FA 111 -52.34 -136.07 -4.79
C GLY FA 111 -52.31 -135.43 -3.41
N GLY FA 112 -51.11 -135.24 -2.82
CA GLY FA 112 -50.96 -134.56 -1.53
C GLY FA 112 -51.48 -133.12 -1.53
N PHE FA 113 -51.34 -132.42 -2.67
CA PHE FA 113 -51.80 -131.04 -2.83
C PHE FA 113 -52.03 -130.71 -4.30
N GLU FA 114 -52.68 -129.57 -4.55
CA GLU FA 114 -52.82 -129.09 -5.91
C GLU FA 114 -52.31 -127.65 -5.96
N ARG FA 115 -51.08 -127.46 -6.45
CA ARG FA 115 -50.48 -126.13 -6.48
C ARG FA 115 -51.11 -125.28 -7.58
N THR FA 116 -51.64 -124.11 -7.20
CA THR FA 116 -52.04 -123.06 -8.12
C THR FA 116 -51.02 -121.93 -8.06
N THR FA 117 -50.45 -121.54 -9.21
CA THR FA 117 -49.58 -120.37 -9.32
C THR FA 117 -50.28 -119.35 -10.21
N ALA FA 118 -50.45 -118.10 -9.73
CA ALA FA 118 -51.03 -117.06 -10.56
C ALA FA 118 -50.15 -115.81 -10.59
N VAL FA 119 -50.09 -115.19 -11.77
CA VAL FA 119 -49.19 -114.06 -12.02
C VAL FA 119 -50.00 -112.94 -12.68
N GLU FA 120 -49.91 -111.72 -12.14
CA GLU FA 120 -50.58 -110.60 -12.76
C GLU FA 120 -49.71 -109.92 -13.82
N ASN FA 121 -50.36 -109.32 -14.81
CA ASN FA 121 -49.76 -108.36 -15.72
C ASN FA 121 -48.49 -108.87 -16.37
N VAL FA 122 -48.55 -110.09 -16.92
CA VAL FA 122 -47.49 -110.64 -17.74
C VAL FA 122 -47.47 -109.95 -19.09
N VAL FA 123 -46.29 -109.48 -19.52
CA VAL FA 123 -46.11 -108.91 -20.85
C VAL FA 123 -44.97 -109.63 -21.56
N PHE FA 124 -45.09 -109.75 -22.89
CA PHE FA 124 -44.07 -110.41 -23.68
C PHE FA 124 -43.43 -109.42 -24.65
N PRO FA 125 -42.13 -109.09 -24.52
CA PRO FA 125 -41.47 -108.17 -25.44
C PRO FA 125 -41.53 -108.62 -26.90
N GLU FA 126 -41.57 -109.93 -27.13
CA GLU FA 126 -41.66 -110.44 -28.49
C GLU FA 126 -42.52 -111.69 -28.57
N LEU FA 127 -43.21 -111.83 -29.70
CA LEU FA 127 -44.17 -112.89 -29.95
C LEU FA 127 -43.76 -113.60 -31.24
N PRO FA 128 -43.39 -114.89 -31.21
CA PRO FA 128 -43.12 -115.61 -32.45
C PRO FA 128 -44.45 -115.95 -33.11
N LEU FA 129 -44.63 -115.36 -34.30
CA LEU FA 129 -45.80 -115.61 -35.11
C LEU FA 129 -45.61 -116.89 -35.89
N ASP FA 130 -44.46 -117.02 -36.56
CA ASP FA 130 -44.14 -118.20 -37.35
C ASP FA 130 -42.82 -118.79 -36.87
N SER FA 131 -42.76 -120.11 -36.82
CA SER FA 131 -41.62 -120.84 -36.28
C SER FA 131 -41.47 -122.17 -36.99
N ALA FA 132 -41.43 -122.10 -38.33
CA ALA FA 132 -41.39 -123.25 -39.21
C ALA FA 132 -39.99 -123.84 -39.20
N THR FA 133 -39.92 -125.16 -39.02
CA THR FA 133 -38.71 -125.94 -39.17
C THR FA 133 -39.06 -127.21 -39.91
N TYR FA 134 -38.23 -127.56 -40.88
CA TYR FA 134 -38.50 -128.65 -41.80
C TYR FA 134 -38.73 -129.97 -41.06
N GLY FA 135 -39.87 -130.62 -41.35
CA GLY FA 135 -40.18 -131.92 -40.77
C GLY FA 135 -40.56 -131.86 -39.29
N GLU FA 136 -41.03 -130.70 -38.80
CA GLU FA 136 -41.48 -130.54 -37.43
C GLU FA 136 -42.75 -129.71 -37.34
N TYR FA 137 -43.49 -129.88 -36.25
CA TYR FA 137 -44.56 -128.94 -35.98
C TYR FA 137 -43.95 -127.63 -35.52
N GLU FA 138 -44.62 -126.51 -35.83
CA GLU FA 138 -44.07 -125.23 -35.44
C GLU FA 138 -44.06 -125.15 -33.91
N GLU FA 139 -42.90 -124.88 -33.31
CA GLU FA 139 -42.78 -124.75 -31.86
C GLU FA 139 -42.45 -123.29 -31.50
N TYR FA 140 -43.26 -122.67 -30.64
CA TYR FA 140 -43.19 -121.26 -30.33
C TYR FA 140 -42.69 -121.06 -28.90
N SER FA 141 -41.72 -120.14 -28.71
CA SER FA 141 -41.25 -119.80 -27.36
C SER FA 141 -41.56 -118.35 -26.98
N LEU FA 142 -42.20 -118.17 -25.82
CA LEU FA 142 -42.41 -116.86 -25.20
C LEU FA 142 -41.52 -116.68 -23.98
N THR FA 143 -40.94 -115.49 -23.84
CA THR FA 143 -40.33 -115.05 -22.59
C THR FA 143 -40.94 -113.70 -22.24
N GLY FA 144 -41.40 -113.55 -20.99
CA GLY FA 144 -42.07 -112.34 -20.55
C GLY FA 144 -41.91 -112.10 -19.05
N SER FA 145 -42.35 -110.92 -18.60
CA SER FA 145 -42.24 -110.51 -17.21
C SER FA 145 -43.61 -110.16 -16.62
N GLY FA 146 -44.03 -110.90 -15.59
CA GLY FA 146 -45.17 -110.51 -14.79
C GLY FA 146 -44.79 -109.53 -13.70
N ARG FA 147 -45.77 -108.77 -13.22
CA ARG FA 147 -45.52 -107.77 -12.18
C ARG FA 147 -45.32 -108.43 -10.84
N SER FA 148 -46.22 -109.35 -10.47
CA SER FA 148 -46.18 -110.03 -9.19
C SER FA 148 -46.89 -111.39 -9.21
N VAL FA 149 -46.56 -112.26 -8.27
CA VAL FA 149 -47.31 -113.48 -8.02
C VAL FA 149 -48.48 -113.11 -7.13
N THR FA 150 -49.70 -113.19 -7.66
CA THR FA 150 -50.87 -112.84 -6.89
C THR FA 150 -51.37 -113.96 -6.01
N ASN FA 151 -51.02 -115.21 -6.35
CA ASN FA 151 -51.44 -116.37 -5.58
C ASN FA 151 -50.45 -117.52 -5.75
N LEU FA 152 -50.18 -118.23 -4.63
CA LEU FA 152 -49.45 -119.49 -4.63
C LEU FA 152 -49.90 -120.33 -3.43
N ALA FA 153 -50.73 -121.33 -3.69
CA ALA FA 153 -51.40 -122.06 -2.62
C ALA FA 153 -51.83 -123.47 -3.05
N ASP FA 154 -52.13 -124.31 -2.06
CA ASP FA 154 -52.81 -125.58 -2.27
C ASP FA 154 -54.30 -125.32 -2.48
N THR FA 155 -54.81 -125.60 -3.68
CA THR FA 155 -56.22 -125.43 -4.03
C THR FA 155 -56.98 -126.76 -4.06
N SER FA 156 -56.40 -127.84 -3.52
CA SER FA 156 -57.13 -129.09 -3.33
C SER FA 156 -58.23 -128.93 -2.26
N GLY FA 157 -59.28 -129.76 -2.37
CA GLY FA 157 -60.51 -129.60 -1.59
C GLY FA 157 -60.27 -129.75 -0.09
N ALA GA 2 -37.30 -114.31 -66.56
CA ALA GA 2 -36.97 -114.80 -65.20
C ALA GA 2 -36.53 -116.27 -65.26
N THR GA 3 -35.83 -116.74 -64.22
CA THR GA 3 -35.25 -118.09 -64.14
C THR GA 3 -35.64 -118.72 -62.81
N SER GA 4 -36.12 -119.98 -62.81
CA SER GA 4 -36.63 -120.63 -61.61
C SER GA 4 -35.52 -120.83 -60.58
N PRO GA 5 -35.79 -120.59 -59.27
CA PRO GA 5 -34.82 -120.94 -58.24
C PRO GA 5 -34.59 -122.44 -58.25
N GLU GA 6 -33.36 -122.83 -57.90
CA GLU GA 6 -32.96 -124.22 -58.05
C GLU GA 6 -31.92 -124.60 -57.00
N GLY GA 7 -31.84 -125.89 -56.64
CA GLY GA 7 -30.81 -126.28 -55.70
C GLY GA 7 -29.41 -126.15 -56.32
N ILE GA 8 -28.40 -125.98 -55.47
CA ILE GA 8 -27.02 -126.01 -55.92
C ILE GA 8 -26.27 -127.06 -55.11
N TRP GA 9 -25.47 -127.88 -55.78
CA TRP GA 9 -24.72 -128.92 -55.09
C TRP GA 9 -23.31 -128.41 -54.82
N SER GA 10 -22.83 -128.51 -53.57
CA SER GA 10 -21.60 -127.85 -53.18
C SER GA 10 -20.41 -128.34 -54.01
N ASN GA 11 -20.31 -129.65 -54.23
CA ASN GA 11 -19.15 -130.19 -54.93
C ASN GA 11 -19.09 -129.81 -56.41
N SER GA 12 -20.15 -129.20 -56.97
CA SER GA 12 -20.15 -128.77 -58.37
C SER GA 12 -19.39 -127.46 -58.57
N GLY GA 13 -18.97 -126.77 -57.49
CA GLY GA 13 -18.34 -125.46 -57.55
C GLY GA 13 -16.86 -125.53 -57.91
N ALA GA 14 -16.41 -124.62 -58.80
CA ALA GA 14 -15.00 -124.40 -59.08
C ALA GA 14 -14.62 -122.98 -58.64
N LEU GA 15 -13.67 -122.88 -57.70
CA LEU GA 15 -13.17 -121.62 -57.15
C LEU GA 15 -11.79 -121.32 -57.71
N THR GA 16 -11.56 -120.06 -58.08
CA THR GA 16 -10.27 -119.60 -58.59
C THR GA 16 -9.89 -118.23 -58.01
N PHE GA 17 -8.58 -118.00 -57.85
CA PHE GA 17 -8.07 -116.70 -57.45
C PHE GA 17 -7.20 -116.13 -58.56
N GLU GA 18 -7.24 -114.80 -58.73
CA GLU GA 18 -6.39 -114.12 -59.69
C GLU GA 18 -5.61 -112.98 -59.03
N ASP GA 19 -4.42 -112.72 -59.55
CA ASP GA 19 -3.68 -111.51 -59.25
C ASP GA 19 -4.30 -110.34 -60.01
N PRO GA 20 -4.87 -109.31 -59.34
CA PRO GA 20 -5.48 -108.19 -60.04
C PRO GA 20 -4.51 -107.29 -60.80
N ALA GA 21 -3.20 -107.47 -60.61
CA ALA GA 21 -2.20 -106.74 -61.41
C ALA GA 21 -2.12 -107.26 -62.85
N ASP GA 22 -2.37 -108.57 -63.05
CA ASP GA 22 -2.03 -109.30 -64.26
C ASP GA 22 -3.20 -110.09 -64.83
N ASP GA 23 -4.26 -110.31 -64.03
CA ASP GA 23 -5.33 -111.27 -64.27
C ASP GA 23 -4.78 -112.70 -64.47
N SER GA 24 -3.59 -113.00 -63.92
CA SER GA 24 -3.02 -114.34 -63.90
C SER GA 24 -3.63 -115.16 -62.77
N GLU GA 25 -3.86 -116.46 -63.01
CA GLU GA 25 -4.40 -117.32 -61.97
C GLU GA 25 -3.35 -117.61 -60.90
N ILE GA 26 -3.77 -117.60 -59.64
CA ILE GA 26 -2.96 -118.01 -58.50
C ILE GA 26 -3.41 -119.41 -58.10
N LEU GA 27 -2.50 -120.39 -58.11
CA LEU GA 27 -2.85 -121.78 -57.95
C LEU GA 27 -3.49 -122.03 -56.59
N PHE GA 28 -4.72 -122.50 -56.63
CA PHE GA 28 -5.47 -122.84 -55.42
C PHE GA 28 -6.41 -123.96 -55.77
N ALA GA 29 -6.59 -124.87 -54.80
CA ALA GA 29 -7.33 -126.11 -55.03
C ALA GA 29 -7.72 -126.72 -53.68
N GLY GA 30 -8.62 -127.71 -53.69
CA GLY GA 30 -8.84 -128.55 -52.52
C GLY GA 30 -9.89 -127.99 -51.56
N VAL GA 31 -10.78 -127.10 -52.00
CA VAL GA 31 -11.79 -126.55 -51.09
C VAL GA 31 -12.69 -127.65 -50.55
N ARG GA 32 -13.25 -127.39 -49.36
CA ARG GA 32 -14.24 -128.23 -48.73
C ARG GA 32 -15.44 -127.39 -48.29
N ASP GA 33 -15.18 -126.19 -47.78
CA ASP GA 33 -16.26 -125.24 -47.51
C ASP GA 33 -15.95 -123.92 -48.20
N VAL GA 34 -17.01 -123.24 -48.67
CA VAL GA 34 -16.89 -121.91 -49.26
C VAL GA 34 -18.15 -121.11 -48.96
N THR GA 35 -17.99 -120.05 -48.16
CA THR GA 35 -19.05 -119.08 -47.96
C THR GA 35 -18.67 -117.73 -48.55
N ILE GA 36 -19.54 -117.12 -49.35
CA ILE GA 36 -19.40 -115.73 -49.79
C ILE GA 36 -20.65 -114.95 -49.43
N THR GA 37 -20.49 -113.85 -48.69
CA THR GA 37 -21.62 -113.11 -48.15
C THR GA 37 -21.37 -111.62 -48.26
N PRO GA 38 -21.88 -110.93 -49.32
CA PRO GA 38 -21.96 -109.49 -49.32
C PRO GA 38 -22.86 -109.00 -48.20
N ALA GA 39 -22.47 -107.89 -47.59
CA ALA GA 39 -23.12 -107.33 -46.43
C ALA GA 39 -23.02 -105.81 -46.42
N TYR GA 40 -23.92 -105.16 -45.67
CA TYR GA 40 -23.79 -103.76 -45.33
C TYR GA 40 -24.21 -103.59 -43.88
N GLU GA 41 -23.62 -102.62 -43.19
CA GLU GA 41 -24.19 -102.18 -41.91
C GLU GA 41 -25.50 -101.46 -42.18
N HIS GA 42 -26.52 -101.71 -41.35
CA HIS GA 42 -27.75 -100.93 -41.42
C HIS GA 42 -27.85 -99.98 -40.24
N ALA GA 43 -28.31 -98.76 -40.50
CA ALA GA 43 -28.80 -97.89 -39.43
C ALA GA 43 -30.30 -97.65 -39.62
N GLU GA 44 -31.09 -97.83 -38.53
CA GLU GA 44 -32.53 -97.62 -38.56
C GLU GA 44 -32.85 -96.32 -37.80
N LEU GA 45 -33.68 -95.45 -38.37
CA LEU GA 45 -34.12 -94.24 -37.69
C LEU GA 45 -35.41 -94.49 -36.94
N TYR GA 46 -35.42 -94.12 -35.66
CA TYR GA 46 -36.63 -94.09 -34.87
C TYR GA 46 -36.66 -92.80 -34.06
N THR GA 47 -37.88 -92.27 -33.88
CA THR GA 47 -38.09 -90.99 -33.19
C THR GA 47 -39.34 -91.08 -32.32
N ILE GA 48 -39.64 -90.05 -31.53
CA ILE GA 48 -40.79 -90.11 -30.63
C ILE GA 48 -42.12 -90.17 -31.39
N ASP GA 49 -42.10 -89.77 -32.66
CA ASP GA 49 -43.30 -89.68 -33.51
C ASP GA 49 -44.00 -91.03 -33.69
N SER GA 50 -43.23 -92.12 -33.72
CA SER GA 50 -43.78 -93.46 -33.99
C SER GA 50 -42.92 -94.54 -33.34
N THR GA 51 -43.56 -95.63 -32.95
CA THR GA 51 -42.81 -96.81 -32.52
C THR GA 51 -42.26 -97.59 -33.71
N PHE GA 52 -42.81 -97.38 -34.91
CA PHE GA 52 -42.30 -98.01 -36.13
C PHE GA 52 -41.10 -97.26 -36.68
N ARG GA 53 -40.30 -97.97 -37.46
CA ARG GA 53 -39.13 -97.43 -38.11
C ARG GA 53 -39.51 -96.31 -39.07
N ASP GA 54 -38.79 -95.19 -38.99
CA ASP GA 54 -38.98 -94.06 -39.90
C ASP GA 54 -38.23 -94.32 -41.21
N GLU GA 55 -36.98 -94.79 -41.13
CA GLU GA 55 -36.10 -94.98 -42.28
C GLU GA 55 -35.05 -96.06 -42.02
N VAL GA 56 -34.48 -96.62 -43.10
CA VAL GA 56 -33.32 -97.51 -42.97
C VAL GA 56 -32.36 -97.31 -44.14
N LYS GA 57 -31.05 -97.37 -43.84
CA LYS GA 57 -30.02 -97.06 -44.82
C LYS GA 57 -28.82 -98.02 -44.68
N ARG GA 58 -28.14 -98.33 -45.79
CA ARG GA 58 -26.94 -99.16 -45.87
C ARG GA 58 -25.65 -98.34 -45.85
N TYR GA 59 -24.60 -98.84 -45.19
CA TYR GA 59 -23.25 -98.31 -45.31
C TYR GA 59 -22.21 -99.39 -44.99
N GLU GA 60 -20.91 -99.08 -45.14
CA GLU GA 60 -19.81 -100.01 -44.90
C GLU GA 60 -20.07 -101.34 -45.62
N HIS GA 61 -20.16 -101.27 -46.95
CA HIS GA 61 -20.22 -102.50 -47.72
C HIS GA 61 -18.90 -103.26 -47.62
N ASN GA 62 -19.02 -104.58 -47.42
CA ASN GA 62 -17.92 -105.50 -47.68
C ASN GA 62 -18.48 -106.87 -48.07
N VAL GA 63 -17.61 -107.74 -48.57
CA VAL GA 63 -17.99 -109.10 -48.88
C VAL GA 63 -17.22 -110.02 -47.95
N ASN GA 64 -17.88 -110.69 -47.01
CA ASN GA 64 -17.23 -111.75 -46.26
C ASN GA 64 -16.96 -112.93 -47.17
N VAL GA 65 -15.71 -113.35 -47.24
CA VAL GA 65 -15.31 -114.58 -47.89
C VAL GA 65 -14.72 -115.46 -46.81
N GLU GA 66 -15.20 -116.68 -46.69
CA GLU GA 66 -14.49 -117.66 -45.90
C GLU GA 66 -14.46 -119.02 -46.58
N ILE GA 67 -13.29 -119.65 -46.50
CA ILE GA 67 -12.96 -120.83 -47.28
C ILE GA 67 -12.25 -121.80 -46.35
N THR GA 68 -12.63 -123.07 -46.43
CA THR GA 68 -11.88 -124.12 -45.78
C THR GA 68 -11.40 -125.06 -46.86
N TYR GA 69 -10.09 -125.38 -46.86
CA TYR GA 69 -9.49 -126.13 -47.94
C TYR GA 69 -8.39 -127.05 -47.42
N ALA GA 70 -8.11 -128.13 -48.17
CA ALA GA 70 -7.30 -129.22 -47.64
C ALA GA 70 -6.04 -129.47 -48.46
N LYS GA 71 -5.81 -128.69 -49.52
CA LYS GA 71 -4.54 -128.75 -50.26
C LYS GA 71 -3.76 -127.46 -50.03
N PHE GA 72 -2.52 -127.57 -49.56
CA PHE GA 72 -1.71 -126.38 -49.36
C PHE GA 72 -1.16 -125.88 -50.69
N SER GA 73 -1.09 -124.54 -50.86
CA SER GA 73 -0.53 -123.92 -52.05
C SER GA 73 0.64 -123.02 -51.68
N LEU GA 74 1.84 -123.28 -52.25
CA LEU GA 74 2.94 -122.37 -52.01
C LEU GA 74 2.73 -121.03 -52.71
N GLU GA 75 2.18 -121.02 -53.92
CA GLU GA 75 1.98 -119.76 -54.61
C GLU GA 75 1.05 -118.85 -53.82
N PHE GA 76 -0.08 -119.37 -53.33
CA PHE GA 76 -1.02 -118.57 -52.58
C PHE GA 76 -0.40 -118.00 -51.31
N ALA GA 77 0.37 -118.79 -50.58
CA ALA GA 77 1.00 -118.34 -49.37
C ALA GA 77 2.10 -117.32 -49.65
N GLN GA 78 2.93 -117.56 -50.66
CA GLN GA 78 4.02 -116.65 -50.99
C GLN GA 78 3.56 -115.35 -51.65
N GLU GA 79 2.44 -115.37 -52.36
CA GLU GA 79 1.78 -114.16 -52.80
C GLU GA 79 1.25 -113.37 -51.59
N TRP GA 80 0.55 -114.02 -50.66
CA TRP GA 80 0.04 -113.37 -49.46
C TRP GA 80 1.16 -112.74 -48.62
N LEU GA 81 2.29 -113.42 -48.47
CA LEU GA 81 3.46 -112.88 -47.80
C LEU GA 81 4.00 -111.67 -48.55
N GLY GA 82 4.09 -111.76 -49.87
CA GLY GA 82 4.73 -110.76 -50.68
C GLY GA 82 3.99 -109.43 -50.80
N GLY GA 83 2.67 -109.40 -50.63
CA GLY GA 83 1.86 -108.23 -50.89
C GLY GA 83 1.64 -108.00 -52.39
N PRO GA 84 1.01 -106.88 -52.80
CA PRO GA 84 0.68 -106.64 -54.20
C PRO GA 84 1.87 -106.69 -55.13
N GLY GA 85 1.71 -107.47 -56.22
CA GLY GA 85 2.67 -107.55 -57.31
C GLY GA 85 4.03 -108.16 -56.94
N ALA GA 86 4.12 -108.89 -55.82
CA ALA GA 86 5.37 -109.50 -55.39
C ALA GA 86 5.15 -110.82 -54.67
N THR GA 87 6.16 -111.69 -54.74
CA THR GA 87 6.18 -112.99 -54.08
C THR GA 87 7.32 -112.98 -53.06
N ALA GA 88 7.09 -113.57 -51.87
CA ALA GA 88 8.13 -113.59 -50.85
C ALA GA 88 8.17 -114.92 -50.08
N THR GA 89 9.39 -115.31 -49.69
CA THR GA 89 9.62 -116.54 -48.92
C THR GA 89 9.65 -116.29 -47.41
N ALA GA 90 9.26 -115.09 -46.96
CA ALA GA 90 9.34 -114.66 -45.56
C ALA GA 90 8.38 -113.50 -45.34
N SER GA 91 8.02 -113.23 -44.07
CA SER GA 91 7.22 -112.08 -43.69
C SER GA 91 7.83 -110.78 -44.23
N GLN GA 92 6.99 -109.91 -44.81
CA GLN GA 92 7.43 -108.60 -45.25
C GLN GA 92 6.93 -107.52 -44.31
N ASP GA 93 7.84 -106.61 -43.95
CA ASP GA 93 7.51 -105.47 -43.12
C ASP GA 93 7.05 -104.32 -44.01
N ASP GA 94 5.81 -104.44 -44.51
CA ASP GA 94 5.18 -103.38 -45.27
C ASP GA 94 3.65 -103.39 -45.09
N SER GA 95 3.01 -102.26 -45.44
CA SER GA 95 1.65 -101.96 -44.98
C SER GA 95 0.58 -102.42 -45.96
N ASP GA 96 0.96 -102.86 -47.17
CA ASP GA 96 0.01 -103.26 -48.21
C ASP GA 96 -0.32 -104.74 -48.10
N PRO GA 97 -1.59 -105.13 -47.82
CA PRO GA 97 -1.96 -106.54 -47.91
C PRO GA 97 -2.06 -106.94 -49.38
N MET GA 98 -1.80 -108.22 -49.65
CA MET GA 98 -2.05 -108.80 -50.96
C MET GA 98 -3.55 -108.79 -51.23
N LYS GA 99 -3.95 -108.21 -52.37
CA LYS GA 99 -5.35 -108.21 -52.77
C LYS GA 99 -5.57 -109.26 -53.85
N PHE GA 100 -6.50 -110.19 -53.62
CA PHE GA 100 -6.83 -111.23 -54.57
C PHE GA 100 -8.17 -110.95 -55.23
N ASN GA 101 -8.27 -111.10 -56.55
CA ASN GA 101 -9.58 -111.24 -57.16
C ASN GA 101 -10.01 -112.69 -56.98
N LEU GA 102 -11.31 -112.92 -56.81
CA LEU GA 102 -11.84 -114.24 -56.52
C LEU GA 102 -13.05 -114.47 -57.40
N GLU GA 103 -13.17 -115.68 -57.95
CA GLU GA 103 -14.34 -116.06 -58.73
C GLU GA 103 -14.74 -117.50 -58.39
N ASN GA 104 -16.04 -117.73 -58.22
CA ASN GA 104 -16.58 -119.06 -57.98
C ASN GA 104 -17.69 -119.33 -59.00
N VAL GA 105 -17.68 -120.52 -59.62
CA VAL GA 105 -18.67 -120.84 -60.64
C VAL GA 105 -19.30 -122.20 -60.31
N THR GA 106 -20.63 -122.27 -60.38
CA THR GA 106 -21.36 -123.49 -60.08
C THR GA 106 -22.51 -123.68 -61.08
N PRO GA 107 -22.62 -124.86 -61.72
CA PRO GA 107 -23.90 -125.27 -62.28
C PRO GA 107 -24.93 -125.46 -61.15
N SER GA 108 -26.19 -125.10 -61.43
CA SER GA 108 -27.30 -125.51 -60.57
C SER GA 108 -27.55 -127.01 -60.72
N ALA GA 109 -28.29 -127.59 -59.77
CA ALA GA 109 -28.40 -129.03 -59.66
C ALA GA 109 -29.08 -129.68 -60.89
N SER GA 110 -30.15 -129.05 -61.43
CA SER GA 110 -30.83 -129.50 -62.64
C SER GA 110 -30.35 -128.78 -63.91
N GLY GA 111 -29.24 -128.03 -63.83
CA GLY GA 111 -28.67 -127.33 -64.98
C GLY GA 111 -29.52 -126.18 -65.53
N GLY GA 112 -30.49 -125.68 -64.75
CA GLY GA 112 -31.32 -124.54 -65.13
C GLY GA 112 -30.51 -123.25 -65.35
N PHE GA 113 -29.41 -123.09 -64.60
CA PHE GA 113 -28.50 -121.96 -64.75
C PHE GA 113 -27.10 -122.32 -64.25
N GLU GA 114 -26.11 -121.50 -64.61
CA GLU GA 114 -24.80 -121.61 -64.02
C GLU GA 114 -24.47 -120.29 -63.31
N ARG GA 115 -24.46 -120.30 -61.97
CA ARG GA 115 -24.19 -119.08 -61.22
C ARG GA 115 -22.69 -118.81 -61.17
N THR GA 116 -22.28 -117.63 -61.63
CA THR GA 116 -20.93 -117.10 -61.41
C THR GA 116 -21.00 -116.00 -60.36
N THR GA 117 -20.22 -116.12 -59.28
CA THR GA 117 -20.04 -115.07 -58.30
C THR GA 117 -18.59 -114.59 -58.39
N ALA GA 118 -18.37 -113.28 -58.55
CA ALA GA 118 -17.03 -112.73 -58.53
C ALA GA 118 -16.89 -111.58 -57.55
N VAL GA 119 -15.74 -111.54 -56.87
CA VAL GA 119 -15.48 -110.59 -55.80
C VAL GA 119 -14.14 -109.93 -56.06
N GLU GA 120 -14.07 -108.60 -55.99
CA GLU GA 120 -12.79 -107.90 -56.15
C GLU GA 120 -12.08 -107.70 -54.82
N ASN GA 121 -10.74 -107.61 -54.87
CA ASN GA 121 -9.90 -107.13 -53.80
C ASN GA 121 -10.18 -107.80 -52.46
N VAL GA 122 -10.24 -109.14 -52.46
CA VAL GA 122 -10.30 -109.92 -51.24
C VAL GA 122 -8.95 -109.88 -50.53
N VAL GA 123 -8.97 -109.56 -49.23
CA VAL GA 123 -7.77 -109.61 -48.41
C VAL GA 123 -8.02 -110.49 -47.19
N PHE GA 124 -6.98 -111.21 -46.75
CA PHE GA 124 -7.11 -112.09 -45.60
C PHE GA 124 -6.22 -111.60 -44.47
N PRO GA 125 -6.76 -111.16 -43.31
CA PRO GA 125 -5.95 -110.72 -42.20
C PRO GA 125 -4.98 -111.76 -41.66
N GLU GA 126 -5.32 -113.04 -41.79
CA GLU GA 126 -4.42 -114.09 -41.35
C GLU GA 126 -4.49 -115.29 -42.28
N LEU GA 127 -3.33 -115.95 -42.41
CA LEU GA 127 -3.15 -117.08 -43.30
C LEU GA 127 -2.64 -118.25 -42.48
N PRO GA 128 -3.37 -119.39 -42.39
CA PRO GA 128 -2.83 -120.57 -41.72
C PRO GA 128 -1.82 -121.23 -42.66
N LEU GA 129 -0.56 -121.23 -42.20
CA LEU GA 129 0.52 -121.88 -42.91
C LEU GA 129 0.52 -123.36 -42.59
N ASP GA 130 0.48 -123.70 -41.30
CA ASP GA 130 0.41 -125.09 -40.86
C ASP GA 130 -0.84 -125.27 -39.99
N SER GA 131 -1.51 -126.39 -40.19
CA SER GA 131 -2.76 -126.70 -39.50
C SER GA 131 -2.86 -128.21 -39.33
N ALA GA 132 -1.86 -128.74 -38.61
CA ALA GA 132 -1.59 -130.15 -38.47
C ALA GA 132 -2.34 -130.71 -37.27
N THR GA 133 -3.08 -131.78 -37.51
CA THR GA 133 -3.84 -132.46 -36.47
C THR GA 133 -3.66 -133.96 -36.65
N TYR GA 134 -3.39 -134.65 -35.55
CA TYR GA 134 -3.00 -136.05 -35.56
C TYR GA 134 -4.05 -136.92 -36.26
N GLY GA 135 -3.59 -137.74 -37.23
CA GLY GA 135 -4.46 -138.63 -37.96
C GLY GA 135 -5.40 -137.95 -38.96
N GLU GA 136 -5.08 -136.72 -39.36
CA GLU GA 136 -5.88 -135.98 -40.34
C GLU GA 136 -4.99 -135.29 -41.38
N TYR GA 137 -5.60 -135.00 -42.52
CA TYR GA 137 -4.93 -134.12 -43.47
C TYR GA 137 -5.01 -132.69 -42.96
N GLU GA 138 -4.00 -131.88 -43.27
CA GLU GA 138 -4.02 -130.51 -42.78
C GLU GA 138 -5.19 -129.77 -43.42
N GLU GA 139 -6.07 -129.19 -42.60
CA GLU GA 139 -7.22 -128.45 -43.08
C GLU GA 139 -7.10 -126.97 -42.71
N TYR GA 140 -7.13 -126.09 -43.70
CA TYR GA 140 -6.81 -124.67 -43.54
C TYR GA 140 -8.08 -123.84 -43.68
N SER GA 141 -8.28 -122.86 -42.78
CA SER GA 141 -9.40 -121.93 -42.88
C SER GA 141 -8.96 -120.48 -43.10
N LEU GA 142 -9.53 -119.85 -44.14
CA LEU GA 142 -9.34 -118.43 -44.43
C LEU GA 142 -10.62 -117.66 -44.14
N THR GA 143 -10.48 -116.48 -43.51
CA THR GA 143 -11.56 -115.50 -43.44
C THR GA 143 -11.02 -114.17 -43.97
N GLY GA 144 -11.75 -113.53 -44.89
CA GLY GA 144 -11.29 -112.30 -45.51
C GLY GA 144 -12.44 -111.40 -45.97
N SER GA 145 -12.10 -110.18 -46.37
CA SER GA 145 -13.08 -109.20 -46.82
C SER GA 145 -12.78 -108.74 -48.24
N GLY GA 146 -13.69 -109.02 -49.15
CA GLY GA 146 -13.67 -108.39 -50.46
C GLY GA 146 -14.26 -106.99 -50.43
N ARG GA 147 -13.87 -106.17 -51.41
CA ARG GA 147 -14.37 -104.80 -51.47
C ARG GA 147 -15.80 -104.76 -51.97
N SER GA 148 -16.09 -105.50 -53.04
CA SER GA 148 -17.42 -105.53 -53.66
C SER GA 148 -17.60 -106.79 -54.51
N VAL GA 149 -18.87 -107.11 -54.81
CA VAL GA 149 -19.20 -108.15 -55.76
C VAL GA 149 -19.23 -107.52 -57.14
N THR GA 150 -18.28 -107.89 -58.00
CA THR GA 150 -18.20 -107.31 -59.32
C THR GA 150 -19.12 -108.00 -60.32
N ASN GA 151 -19.50 -109.24 -60.04
CA ASN GA 151 -20.41 -109.97 -60.90
C ASN GA 151 -21.23 -111.00 -60.13
N LEU GA 152 -22.52 -111.12 -60.47
CA LEU GA 152 -23.38 -112.21 -60.04
C LEU GA 152 -24.44 -112.46 -61.11
N ALA GA 153 -24.26 -113.53 -61.89
CA ALA GA 153 -25.08 -113.74 -63.08
C ALA GA 153 -25.16 -115.21 -63.50
N ASP GA 154 -26.16 -115.53 -64.32
CA ASP GA 154 -26.22 -116.80 -65.02
C ASP GA 154 -25.27 -116.74 -66.22
N THR GA 155 -24.19 -117.55 -66.16
CA THR GA 155 -23.20 -117.64 -67.23
C THR GA 155 -23.38 -118.87 -68.10
N SER GA 156 -24.50 -119.60 -67.99
CA SER GA 156 -24.83 -120.68 -68.91
C SER GA 156 -25.08 -120.13 -70.32
N GLY GA 157 -24.82 -120.97 -71.35
CA GLY GA 157 -24.83 -120.55 -72.75
C GLY GA 157 -26.19 -120.04 -73.20
N ALA HA 2 5.02 -123.04 -61.82
CA ALA HA 2 4.61 -122.99 -60.38
C ALA HA 2 4.20 -124.38 -59.90
N THR HA 3 4.52 -124.70 -58.63
CA THR HA 3 4.25 -126.02 -58.03
C THR HA 3 2.76 -126.21 -57.75
N SER HA 4 2.20 -127.39 -58.10
CA SER HA 4 0.78 -127.70 -57.90
C SER HA 4 0.40 -127.75 -56.43
N PRO HA 5 -0.83 -127.32 -56.04
CA PRO HA 5 -1.32 -127.54 -54.69
C PRO HA 5 -1.48 -129.04 -54.43
N GLU HA 6 -1.27 -129.43 -53.15
CA GLU HA 6 -1.29 -130.84 -52.80
C GLU HA 6 -1.77 -131.00 -51.35
N GLY HA 7 -2.32 -132.17 -51.02
CA GLY HA 7 -2.65 -132.43 -49.63
C GLY HA 7 -1.38 -132.56 -48.78
N ILE HA 8 -1.51 -132.32 -47.47
CA ILE HA 8 -0.42 -132.61 -46.56
C ILE HA 8 -0.98 -133.48 -45.43
N TRP HA 9 -0.23 -134.53 -45.08
CA TRP HA 9 -0.65 -135.45 -44.05
C TRP HA 9 0.00 -135.05 -42.72
N SER HA 10 -0.80 -134.83 -41.66
CA SER HA 10 -0.31 -134.18 -40.45
C SER HA 10 0.82 -134.98 -39.80
N ASN HA 11 0.69 -136.30 -39.80
CA ASN HA 11 1.63 -137.17 -39.12
C ASN HA 11 2.99 -137.22 -39.79
N SER HA 12 3.16 -136.59 -40.97
CA SER HA 12 4.45 -136.53 -41.64
C SER HA 12 5.31 -135.34 -41.19
N GLY HA 13 4.79 -134.46 -40.31
CA GLY HA 13 5.50 -133.28 -39.87
C GLY HA 13 6.64 -133.56 -38.88
N ALA HA 14 7.72 -132.77 -39.02
CA ALA HA 14 8.85 -132.83 -38.11
C ALA HA 14 9.10 -131.43 -37.53
N LEU HA 15 8.51 -131.17 -36.35
CA LEU HA 15 8.71 -129.94 -35.60
C LEU HA 15 10.02 -129.98 -34.81
N THR HA 16 10.74 -128.85 -34.78
CA THR HA 16 11.95 -128.69 -34.00
C THR HA 16 12.06 -127.26 -33.44
N PHE HA 17 12.71 -127.11 -32.28
CA PHE HA 17 12.98 -125.80 -31.70
C PHE HA 17 14.48 -125.58 -31.59
N GLU HA 18 14.89 -124.32 -31.70
CA GLU HA 18 16.29 -123.96 -31.57
C GLU HA 18 16.46 -122.73 -30.70
N ASP HA 19 17.53 -122.71 -29.89
CA ASP HA 19 17.92 -121.53 -29.14
C ASP HA 19 18.61 -120.53 -30.07
N PRO HA 20 18.04 -119.32 -30.29
CA PRO HA 20 18.59 -118.36 -31.23
C PRO HA 20 19.93 -117.76 -30.82
N ALA HA 21 20.47 -118.10 -29.63
CA ALA HA 21 21.83 -117.70 -29.26
C ALA HA 21 22.91 -118.57 -29.93
N ASP HA 22 22.59 -119.85 -30.19
CA ASP HA 22 23.56 -120.86 -30.58
C ASP HA 22 23.17 -121.65 -31.82
N ASP HA 23 21.89 -121.57 -32.21
CA ASP HA 23 21.24 -122.47 -33.16
C ASP HA 23 21.32 -123.92 -32.67
N SER HA 24 21.54 -124.15 -31.37
CA SER HA 24 21.50 -125.48 -30.76
C SER HA 24 20.05 -125.95 -30.67
N GLU HA 25 19.84 -127.24 -30.96
CA GLU HA 25 18.50 -127.82 -30.90
C GLU HA 25 18.05 -127.95 -29.45
N ILE HA 26 16.75 -127.68 -29.21
CA ILE HA 26 16.11 -127.92 -27.94
C ILE HA 26 15.22 -129.14 -28.10
N LEU HA 27 15.41 -130.15 -27.23
CA LEU HA 27 14.69 -131.40 -27.33
C LEU HA 27 13.20 -131.21 -27.10
N PHE HA 28 12.41 -131.54 -28.12
CA PHE HA 28 10.96 -131.47 -28.07
C PHE HA 28 10.41 -132.52 -29.04
N ALA HA 29 9.27 -133.12 -28.67
CA ALA HA 29 8.80 -134.35 -29.31
C ALA HA 29 7.31 -134.58 -29.08
N GLY HA 30 6.72 -135.51 -29.83
CA GLY HA 30 5.42 -136.06 -29.46
C GLY HA 30 4.26 -135.13 -29.71
N VAL HA 31 4.33 -134.26 -30.72
CA VAL HA 31 3.22 -133.38 -31.05
C VAL HA 31 1.99 -134.18 -31.47
N ARG HA 32 0.82 -133.55 -31.33
CA ARG HA 32 -0.46 -134.08 -31.76
C ARG HA 32 -1.25 -133.03 -32.53
N ASP HA 33 -1.03 -131.75 -32.21
CA ASP HA 33 -1.48 -130.65 -33.05
C ASP HA 33 -0.37 -129.62 -33.21
N VAL HA 34 -0.28 -129.02 -34.40
CA VAL HA 34 0.57 -127.87 -34.66
C VAL HA 34 -0.18 -126.93 -35.57
N THR HA 35 -0.48 -125.74 -35.05
CA THR HA 35 -1.08 -124.67 -35.84
C THR HA 35 -0.12 -123.50 -35.88
N ILE HA 36 0.20 -123.01 -37.07
CA ILE HA 36 1.04 -121.82 -37.26
C ILE HA 36 0.31 -120.88 -38.22
N THR HA 37 0.08 -119.65 -37.76
CA THR HA 37 -0.75 -118.70 -38.51
C THR HA 37 -0.12 -117.32 -38.46
N PRO HA 38 0.64 -116.89 -39.48
CA PRO HA 38 1.00 -115.49 -39.63
C PRO HA 38 -0.26 -114.66 -39.83
N ALA HA 39 -0.29 -113.53 -39.15
CA ALA HA 39 -1.44 -112.65 -39.11
C ALA HA 39 -1.01 -111.19 -39.09
N TYR HA 40 -1.96 -110.31 -39.42
CA TYR HA 40 -1.80 -108.89 -39.22
C TYR HA 40 -3.12 -108.29 -38.78
N GLU HA 41 -3.05 -107.15 -38.10
CA GLU HA 41 -4.24 -106.33 -37.94
C GLU HA 41 -4.51 -105.59 -39.24
N HIS HA 42 -5.77 -105.56 -39.67
CA HIS HA 42 -6.16 -104.83 -40.87
C HIS HA 42 -7.00 -103.61 -40.52
N ALA HA 43 -6.67 -102.45 -41.08
CA ALA HA 43 -7.51 -101.28 -40.95
C ALA HA 43 -8.12 -100.90 -42.29
N GLU HA 44 -9.45 -100.75 -42.34
CA GLU HA 44 -10.17 -100.40 -43.56
C GLU HA 44 -10.63 -98.94 -43.48
N LEU HA 45 -10.40 -98.15 -44.53
CA LEU HA 45 -10.89 -96.77 -44.56
C LEU HA 45 -12.25 -96.69 -45.25
N TYR HA 46 -13.23 -96.05 -44.59
CA TYR HA 46 -14.47 -95.65 -45.23
C TYR HA 46 -14.77 -94.21 -44.88
N THR HA 47 -15.50 -93.53 -45.78
CA THR HA 47 -15.84 -92.12 -45.62
C THR HA 47 -17.23 -91.88 -46.22
N ILE HA 48 -17.80 -90.70 -46.03
CA ILE HA 48 -19.12 -90.39 -46.56
C ILE HA 48 -19.15 -90.46 -48.10
N ASP HA 49 -17.98 -90.44 -48.76
CA ASP HA 49 -17.90 -90.40 -50.21
C ASP HA 49 -18.51 -91.64 -50.87
N SER HA 50 -18.40 -92.81 -50.20
CA SER HA 50 -18.79 -94.07 -50.81
C SER HA 50 -19.13 -95.12 -49.76
N THR HA 51 -20.03 -96.05 -50.10
CA THR HA 51 -20.27 -97.19 -49.22
C THR HA 51 -19.16 -98.23 -49.30
N PHE HA 52 -18.37 -98.17 -50.37
CA PHE HA 52 -17.28 -99.13 -50.58
C PHE HA 52 -16.03 -98.68 -49.83
N ARG HA 53 -15.17 -99.66 -49.54
CA ARG HA 53 -13.92 -99.42 -48.88
C ARG HA 53 -13.00 -98.59 -49.75
N ASP HA 54 -12.41 -97.52 -49.16
CA ASP HA 54 -11.48 -96.64 -49.85
C ASP HA 54 -10.08 -97.26 -49.86
N GLU HA 55 -9.66 -97.84 -48.73
CA GLU HA 55 -8.34 -98.45 -48.59
C GLU HA 55 -8.35 -99.57 -47.57
N VAL HA 56 -7.33 -100.42 -47.63
CA VAL HA 56 -7.05 -101.34 -46.54
C VAL HA 56 -5.54 -101.48 -46.37
N LYS HA 57 -5.09 -101.57 -45.11
CA LYS HA 57 -3.68 -101.57 -44.76
C LYS HA 57 -3.39 -102.56 -43.63
N ARG HA 58 -2.18 -103.12 -43.58
CA ARG HA 58 -1.76 -104.06 -42.54
C ARG HA 58 -0.92 -103.36 -41.48
N TYR HA 59 -0.96 -103.86 -40.23
CA TYR HA 59 -0.02 -103.49 -39.19
C TYR HA 59 0.05 -104.58 -38.14
N GLU HA 60 0.96 -104.44 -37.16
CA GLU HA 60 1.03 -105.31 -36.00
C GLU HA 60 1.07 -106.80 -36.38
N HIS HA 61 2.04 -107.14 -37.22
CA HIS HA 61 2.25 -108.51 -37.63
C HIS HA 61 2.65 -109.37 -36.44
N ASN HA 62 2.17 -110.61 -36.44
CA ASN HA 62 2.71 -111.66 -35.57
C ASN HA 62 2.41 -113.02 -36.17
N VAL HA 63 3.03 -114.07 -35.62
CA VAL HA 63 2.69 -115.43 -36.00
C VAL HA 63 2.09 -116.13 -34.79
N ASN HA 64 0.80 -116.49 -34.84
CA ASN HA 64 0.25 -117.34 -33.78
C ASN HA 64 0.80 -118.74 -33.94
N VAL HA 65 1.42 -119.26 -32.89
CA VAL HA 65 1.87 -120.63 -32.79
C VAL HA 65 1.07 -121.29 -31.69
N GLU HA 66 0.48 -122.44 -31.97
CA GLU HA 66 -0.03 -123.28 -30.90
C GLU HA 66 0.22 -124.75 -31.20
N ILE HA 67 0.66 -125.45 -30.17
CA ILE HA 67 1.16 -126.80 -30.29
C ILE HA 67 0.55 -127.60 -29.15
N THR HA 68 -0.04 -128.75 -29.47
CA THR HA 68 -0.39 -129.73 -28.46
C THR HA 68 0.55 -130.92 -28.57
N TYR HA 69 1.10 -131.37 -27.46
CA TYR HA 69 2.09 -132.43 -27.47
C TYR HA 69 1.99 -133.29 -26.21
N ALA HA 70 2.47 -134.54 -26.29
CA ALA HA 70 2.19 -135.53 -25.26
C ALA HA 70 3.46 -136.12 -24.64
N LYS HA 71 4.66 -135.71 -25.09
CA LYS HA 71 5.90 -136.08 -24.44
C LYS HA 71 6.49 -134.84 -23.76
N PHE HA 72 6.61 -134.89 -22.43
CA PHE HA 72 7.15 -133.77 -21.69
C PHE HA 72 8.67 -133.66 -21.91
N SER HA 73 9.15 -132.42 -22.04
CA SER HA 73 10.57 -132.15 -22.17
C SER HA 73 11.09 -131.29 -21.01
N LEU HA 74 12.01 -131.80 -20.21
CA LEU HA 74 12.64 -131.01 -19.16
C LEU HA 74 13.46 -129.88 -19.74
N GLU HA 75 14.22 -130.14 -20.80
CA GLU HA 75 15.04 -129.10 -21.39
C GLU HA 75 14.18 -127.92 -21.83
N PHE HA 76 13.09 -128.18 -22.56
CA PHE HA 76 12.20 -127.13 -23.01
C PHE HA 76 11.65 -126.32 -21.86
N ALA HA 77 11.17 -126.98 -20.81
CA ALA HA 77 10.58 -126.30 -19.66
C ALA HA 77 11.62 -125.47 -18.90
N GLN HA 78 12.83 -126.01 -18.71
CA GLN HA 78 13.87 -125.30 -18.00
C GLN HA 78 14.46 -124.15 -18.82
N GLU HA 79 14.46 -124.26 -20.14
CA GLU HA 79 14.77 -123.12 -21.00
C GLU HA 79 13.72 -122.03 -20.86
N TRP HA 80 12.43 -122.38 -20.86
CA TRP HA 80 11.38 -121.40 -20.70
C TRP HA 80 11.47 -120.68 -19.37
N LEU HA 81 11.76 -121.41 -18.28
CA LEU HA 81 11.94 -120.81 -16.98
C LEU HA 81 13.11 -119.84 -16.95
N GLY HA 82 14.25 -120.24 -17.51
CA GLY HA 82 15.48 -119.47 -17.38
C GLY HA 82 15.53 -118.17 -18.18
N GLY HA 83 14.70 -118.03 -19.23
CA GLY HA 83 14.76 -116.91 -20.15
C GLY HA 83 15.94 -117.01 -21.11
N PRO HA 84 16.23 -115.97 -21.90
CA PRO HA 84 17.29 -116.01 -22.90
C PRO HA 84 18.66 -116.35 -22.32
N GLY HA 85 19.28 -117.35 -22.96
CA GLY HA 85 20.65 -117.76 -22.76
C GLY HA 85 20.89 -118.39 -21.39
N ALA HA 86 19.84 -118.92 -20.75
CA ALA HA 86 19.98 -119.56 -19.44
C ALA HA 86 18.94 -120.64 -19.21
N THR HA 87 19.32 -121.69 -18.49
CA THR HA 87 18.43 -122.77 -18.07
C THR HA 87 18.25 -122.69 -16.55
N ALA HA 88 17.01 -122.80 -16.06
CA ALA HA 88 16.74 -122.71 -14.63
C ALA HA 88 15.73 -123.76 -14.17
N THR HA 89 15.78 -124.10 -12.87
CA THR HA 89 14.95 -125.15 -12.26
C THR HA 89 13.85 -124.57 -11.36
N ALA HA 90 13.65 -123.25 -11.42
CA ALA HA 90 12.63 -122.53 -10.64
C ALA HA 90 12.24 -121.27 -11.40
N SER HA 91 11.07 -120.69 -11.09
CA SER HA 91 10.64 -119.41 -11.66
C SER HA 91 11.76 -118.39 -11.50
N GLN HA 92 12.01 -117.59 -12.54
CA GLN HA 92 12.97 -116.51 -12.45
C GLN HA 92 12.23 -115.18 -12.39
N ASP HA 93 12.66 -114.32 -11.48
CA ASP HA 93 12.14 -112.98 -11.38
C ASP HA 93 12.89 -112.03 -12.32
N ASP HA 94 12.64 -112.16 -13.63
CA ASP HA 94 13.17 -111.21 -14.62
C ASP HA 94 12.23 -111.06 -15.83
N SER HA 95 12.44 -109.98 -16.58
CA SER HA 95 11.45 -109.49 -17.53
C SER HA 95 11.57 -110.07 -18.93
N ASP HA 96 12.69 -110.73 -19.29
CA ASP HA 96 12.86 -111.31 -20.61
C ASP HA 96 12.29 -112.71 -20.71
N PRO HA 97 11.29 -112.96 -21.59
CA PRO HA 97 10.83 -114.32 -21.82
C PRO HA 97 11.83 -115.03 -22.74
N MET HA 98 11.88 -116.36 -22.61
CA MET HA 98 12.66 -117.18 -23.53
C MET HA 98 12.07 -117.08 -24.93
N LYS HA 99 12.94 -116.78 -25.91
CA LYS HA 99 12.57 -116.71 -27.32
C LYS HA 99 13.13 -117.94 -28.03
N PHE HA 100 12.25 -118.72 -28.66
CA PHE HA 100 12.65 -119.90 -29.40
C PHE HA 100 12.53 -119.62 -30.89
N ASN HA 101 13.52 -120.04 -31.68
CA ASN HA 101 13.27 -120.24 -33.09
C ASN HA 101 12.59 -121.59 -33.27
N LEU HA 102 11.75 -121.67 -34.30
CA LEU HA 102 10.96 -122.86 -34.55
C LEU HA 102 11.04 -123.17 -36.05
N GLU HA 103 11.14 -124.45 -36.38
CA GLU HA 103 10.99 -124.89 -37.75
C GLU HA 103 10.12 -126.14 -37.81
N ASN HA 104 9.30 -126.24 -38.84
CA ASN HA 104 8.46 -127.40 -39.08
C ASN HA 104 8.57 -127.80 -40.54
N VAL HA 105 8.89 -129.08 -40.78
CA VAL HA 105 9.12 -129.58 -42.14
C VAL HA 105 8.15 -130.71 -42.45
N THR HA 106 7.49 -130.63 -43.60
CA THR HA 106 6.50 -131.63 -44.02
C THR HA 106 6.64 -131.97 -45.49
N PRO HA 107 6.80 -133.27 -45.83
CA PRO HA 107 6.52 -133.74 -47.19
C PRO HA 107 5.05 -133.53 -47.53
N SER HA 108 4.78 -133.06 -48.74
CA SER HA 108 3.43 -133.09 -49.28
C SER HA 108 3.00 -134.53 -49.54
N ALA HA 109 1.69 -134.79 -49.64
CA ALA HA 109 1.15 -136.13 -49.56
C ALA HA 109 1.61 -137.07 -50.69
N SER HA 110 1.91 -136.52 -51.90
CA SER HA 110 2.44 -137.26 -53.03
C SER HA 110 3.90 -136.88 -53.36
N GLY HA 111 4.58 -136.18 -52.45
CA GLY HA 111 5.97 -135.78 -52.65
C GLY HA 111 6.21 -134.71 -53.72
N GLY HA 112 5.17 -133.97 -54.14
CA GLY HA 112 5.32 -132.85 -55.07
C GLY HA 112 6.21 -131.71 -54.54
N PHE HA 113 6.26 -131.55 -53.21
CA PHE HA 113 7.09 -130.54 -52.55
C PHE HA 113 7.36 -130.93 -51.08
N GLU HA 114 8.31 -130.24 -50.45
CA GLU HA 114 8.53 -130.39 -49.02
C GLU HA 114 8.43 -129.00 -48.39
N ARG HA 115 7.26 -128.67 -47.85
CA ARG HA 115 7.05 -127.37 -47.25
C ARG HA 115 7.80 -127.28 -45.92
N THR HA 116 8.73 -126.33 -45.84
CA THR HA 116 9.39 -125.97 -44.60
C THR HA 116 8.88 -124.60 -44.15
N THR HA 117 8.36 -124.52 -42.93
CA THR HA 117 7.97 -123.26 -42.31
C THR HA 117 8.94 -122.97 -41.17
N ALA HA 118 9.55 -121.77 -41.15
CA ALA HA 118 10.37 -121.33 -40.03
C ALA HA 118 9.83 -120.03 -39.43
N VAL HA 119 9.84 -119.95 -38.10
CA VAL HA 119 9.35 -118.79 -37.35
C VAL HA 119 10.43 -118.34 -36.37
N GLU HA 120 10.72 -117.04 -36.30
CA GLU HA 120 11.67 -116.52 -35.32
C GLU HA 120 10.98 -116.06 -34.02
N ASN HA 121 11.73 -116.12 -32.92
CA ASN HA 121 11.40 -115.49 -31.66
C ASN HA 121 9.97 -115.77 -31.19
N VAL HA 122 9.58 -117.05 -31.20
CA VAL HA 122 8.35 -117.49 -30.57
C VAL HA 122 8.49 -117.40 -29.05
N VAL HA 123 7.50 -116.75 -28.40
CA VAL HA 123 7.42 -116.71 -26.95
C VAL HA 123 6.07 -117.27 -26.49
N PHE HA 124 6.08 -117.93 -25.34
CA PHE HA 124 4.86 -118.53 -24.80
C PHE HA 124 4.52 -117.87 -23.47
N PRO HA 125 3.40 -117.14 -23.32
CA PRO HA 125 3.04 -116.51 -22.07
C PRO HA 125 2.87 -117.49 -20.91
N GLU HA 126 2.45 -118.72 -21.21
CA GLU HA 126 2.31 -119.72 -20.16
C GLU HA 126 2.77 -121.09 -20.63
N LEU HA 127 3.31 -121.86 -19.69
CA LEU HA 127 3.90 -123.16 -19.96
C LEU HA 127 3.19 -124.20 -19.10
N PRO HA 128 2.45 -125.15 -19.69
CA PRO HA 128 1.83 -126.21 -18.89
C PRO HA 128 2.94 -127.16 -18.45
N LEU HA 129 3.12 -127.25 -17.12
CA LEU HA 129 4.12 -128.14 -16.54
C LEU HA 129 3.52 -129.51 -16.28
N ASP HA 130 2.36 -129.52 -15.62
CA ASP HA 130 1.64 -130.76 -15.36
C ASP HA 130 0.24 -130.63 -15.97
N SER HA 131 -0.24 -131.69 -16.61
CA SER HA 131 -1.49 -131.64 -17.35
C SER HA 131 -2.22 -133.00 -17.30
N ALA HA 132 -2.36 -133.50 -16.06
CA ALA HA 132 -2.82 -134.84 -15.75
C ALA HA 132 -4.35 -134.92 -15.79
N THR HA 133 -4.86 -135.93 -16.50
CA THR HA 133 -6.27 -136.29 -16.46
C THR HA 133 -6.36 -137.79 -16.31
N TYR HA 134 -7.19 -138.25 -15.38
CA TYR HA 134 -7.34 -139.66 -15.05
C TYR HA 134 -7.59 -140.51 -16.29
N GLY HA 135 -6.79 -141.58 -16.46
CA GLY HA 135 -6.96 -142.47 -17.59
C GLY HA 135 -6.45 -141.93 -18.92
N GLU HA 136 -5.61 -140.89 -18.89
CA GLU HA 136 -4.98 -140.38 -20.10
C GLU HA 136 -3.51 -140.04 -19.88
N TYR HA 137 -2.75 -140.02 -20.97
CA TYR HA 137 -1.39 -139.48 -20.88
C TYR HA 137 -1.45 -137.97 -20.77
N GLU HA 138 -0.46 -137.38 -20.09
CA GLU HA 138 -0.49 -135.94 -19.90
C GLU HA 138 -0.35 -135.27 -21.26
N GLU HA 139 -1.27 -134.37 -21.59
CA GLU HA 139 -1.27 -133.67 -22.87
C GLU HA 139 -1.14 -132.16 -22.65
N TYR HA 140 -0.14 -131.55 -23.25
CA TYR HA 140 0.28 -130.18 -22.97
C TYR HA 140 -0.03 -129.28 -24.16
N SER HA 141 -0.75 -128.16 -23.97
CA SER HA 141 -1.01 -127.21 -25.05
C SER HA 141 -0.31 -125.88 -24.82
N LEU HA 142 0.65 -125.55 -25.69
CA LEU HA 142 1.30 -124.26 -25.75
C LEU HA 142 0.53 -123.34 -26.69
N THR HA 143 0.41 -122.07 -26.32
CA THR HA 143 -0.04 -121.02 -27.23
C THR HA 143 0.91 -119.84 -27.08
N GLY HA 144 1.38 -119.29 -28.20
CA GLY HA 144 2.40 -118.27 -28.19
C GLY HA 144 2.45 -117.48 -29.49
N SER HA 145 3.36 -116.50 -29.56
CA SER HA 145 3.46 -115.63 -30.71
C SER HA 145 4.91 -115.53 -31.17
N GLY HA 146 5.14 -115.76 -32.47
CA GLY HA 146 6.42 -115.52 -33.11
C GLY HA 146 6.48 -114.14 -33.76
N ARG HA 147 7.69 -113.62 -33.91
CA ARG HA 147 7.86 -112.28 -34.43
C ARG HA 147 7.53 -112.25 -35.91
N SER HA 148 8.09 -113.19 -36.68
CA SER HA 148 7.89 -113.23 -38.12
C SER HA 148 8.17 -114.63 -38.68
N VAL HA 149 7.66 -114.91 -39.88
CA VAL HA 149 8.02 -116.11 -40.63
C VAL HA 149 9.30 -115.80 -41.37
N THR HA 150 10.40 -116.52 -41.06
CA THR HA 150 11.67 -116.24 -41.72
C THR HA 150 11.88 -117.05 -42.99
N ASN HA 151 11.18 -118.18 -43.12
CA ASN HA 151 11.23 -119.00 -44.32
C ASN HA 151 9.90 -119.74 -44.52
N LEU HA 152 9.41 -119.72 -45.76
CA LEU HA 152 8.34 -120.60 -46.21
C LEU HA 152 8.61 -120.96 -47.66
N ALA HA 153 9.09 -122.18 -47.89
CA ALA HA 153 9.53 -122.59 -49.20
C ALA HA 153 9.51 -124.11 -49.34
N ASP HA 154 9.58 -124.55 -50.60
CA ASP HA 154 9.82 -125.94 -50.93
C ASP HA 154 11.30 -126.24 -50.75
N THR HA 155 11.62 -127.14 -49.81
CA THR HA 155 12.99 -127.56 -49.53
C THR HA 155 13.34 -128.93 -50.14
N SER HA 156 12.46 -129.49 -51.00
CA SER HA 156 12.75 -130.72 -51.74
C SER HA 156 13.80 -130.49 -52.84
N GLY HA 157 14.25 -131.59 -53.46
CA GLY HA 157 15.18 -131.57 -54.58
C GLY HA 157 14.70 -130.68 -55.71
N ALA IA 2 21.83 -133.99 -21.57
CA ALA IA 2 20.37 -133.79 -21.73
C ALA IA 2 19.62 -135.12 -21.54
N THR IA 3 18.29 -135.05 -21.47
CA THR IA 3 17.42 -136.20 -21.26
C THR IA 3 16.30 -136.20 -22.31
N SER IA 4 16.01 -137.36 -22.92
CA SER IA 4 15.01 -137.44 -23.99
C SER IA 4 13.62 -137.08 -23.49
N PRO IA 5 12.81 -136.32 -24.25
CA PRO IA 5 11.41 -136.13 -23.89
C PRO IA 5 10.70 -137.47 -23.89
N GLU IA 6 9.70 -137.59 -23.02
CA GLU IA 6 9.05 -138.88 -22.83
C GLU IA 6 7.58 -138.69 -22.42
N GLY IA 7 6.73 -139.66 -22.73
CA GLY IA 7 5.35 -139.56 -22.27
C GLY IA 7 5.27 -139.63 -20.75
N ILE IA 8 4.21 -139.04 -20.19
CA ILE IA 8 3.92 -139.17 -18.78
C ILE IA 8 2.49 -139.67 -18.65
N TRP IA 9 2.28 -140.60 -17.72
CA TRP IA 9 0.96 -141.21 -17.53
C TRP IA 9 0.30 -140.60 -16.30
N SER IA 10 -0.92 -140.09 -16.44
CA SER IA 10 -1.54 -139.29 -15.40
C SER IA 10 -1.64 -140.04 -14.08
N ASN IA 11 -2.04 -141.30 -14.10
CA ASN IA 11 -2.27 -142.03 -12.87
C ASN IA 11 -0.99 -142.36 -12.10
N SER IA 12 0.20 -142.12 -12.66
CA SER IA 12 1.45 -142.32 -11.96
C SER IA 12 1.82 -141.16 -11.04
N GLY IA 13 1.07 -140.05 -11.10
CA GLY IA 13 1.34 -138.85 -10.29
C GLY IA 13 1.00 -139.04 -8.81
N ALA IA 14 1.77 -138.38 -7.94
CA ALA IA 14 1.50 -138.29 -6.51
C ALA IA 14 1.58 -136.84 -6.06
N LEU IA 15 0.40 -136.23 -5.82
CA LEU IA 15 0.28 -134.85 -5.37
C LEU IA 15 0.26 -134.79 -3.85
N THR IA 16 0.90 -133.75 -3.29
CA THR IA 16 0.89 -133.52 -1.84
C THR IA 16 0.86 -132.03 -1.52
N PHE IA 17 0.29 -131.68 -0.37
CA PHE IA 17 0.27 -130.32 0.12
C PHE IA 17 0.99 -130.24 1.47
N GLU IA 18 1.67 -129.12 1.71
CA GLU IA 18 2.31 -128.87 2.99
C GLU IA 18 1.94 -127.51 3.55
N ASP IA 19 1.92 -127.40 4.88
CA ASP IA 19 1.85 -126.12 5.58
C ASP IA 19 3.22 -125.45 5.54
N PRO IA 20 3.40 -124.27 4.91
CA PRO IA 20 4.69 -123.60 4.86
C PRO IA 20 5.23 -123.12 6.20
N ALA IA 21 4.43 -123.16 7.28
CA ALA IA 21 4.92 -122.83 8.60
C ALA IA 21 5.79 -123.95 9.19
N ASP IA 22 5.43 -125.21 8.89
CA ASP IA 22 5.92 -126.39 9.61
C ASP IA 22 6.53 -127.44 8.69
N ASP IA 23 6.28 -127.33 7.37
CA ASP IA 23 6.52 -128.36 6.37
C ASP IA 23 5.77 -129.65 6.70
N SER IA 24 4.75 -129.61 7.58
CA SER IA 24 3.88 -130.74 7.84
C SER IA 24 2.98 -131.00 6.64
N GLU IA 25 2.79 -132.28 6.29
CA GLU IA 25 1.88 -132.64 5.22
C GLU IA 25 0.43 -132.37 5.63
N ILE IA 26 -0.37 -131.85 4.70
CA ILE IA 26 -1.80 -131.67 4.84
C ILE IA 26 -2.49 -132.78 4.07
N LEU IA 27 -3.31 -133.59 4.72
CA LEU IA 27 -3.88 -134.79 4.12
C LEU IA 27 -4.74 -134.45 2.92
N PHE IA 28 -4.36 -135.01 1.77
CA PHE IA 28 -5.07 -134.81 0.53
C PHE IA 28 -4.86 -136.04 -0.34
N ALA IA 29 -5.93 -136.40 -1.07
CA ALA IA 29 -5.94 -137.70 -1.74
C ALA IA 29 -6.98 -137.74 -2.87
N GLY IA 30 -6.87 -138.71 -3.78
CA GLY IA 30 -7.95 -139.03 -4.68
C GLY IA 30 -8.11 -138.03 -5.81
N VAL IA 31 -7.01 -137.44 -6.30
CA VAL IA 31 -7.10 -136.59 -7.48
C VAL IA 31 -7.57 -137.38 -8.69
N ARG IA 32 -8.10 -136.65 -9.67
CA ARG IA 32 -8.51 -137.19 -10.95
C ARG IA 32 -7.96 -136.33 -12.07
N ASP IA 33 -8.05 -135.00 -11.93
CA ASP IA 33 -7.37 -134.10 -12.85
C ASP IA 33 -6.42 -133.20 -12.07
N VAL IA 34 -5.27 -132.89 -12.67
CA VAL IA 34 -4.33 -131.92 -12.12
C VAL IA 34 -3.70 -131.13 -13.25
N THR IA 35 -3.83 -129.81 -13.21
CA THR IA 35 -3.12 -128.94 -14.14
C THR IA 35 -2.28 -127.95 -13.34
N ILE IA 36 -1.00 -127.81 -13.68
CA ILE IA 36 -0.14 -126.75 -13.14
C ILE IA 36 0.47 -125.98 -14.31
N THR IA 37 0.28 -124.66 -14.32
CA THR IA 37 0.69 -123.84 -15.44
C THR IA 37 1.29 -122.53 -14.94
N PRO IA 38 2.62 -122.41 -14.82
CA PRO IA 38 3.26 -121.13 -14.65
C PRO IA 38 3.00 -120.24 -15.85
N ALA IA 39 2.77 -118.95 -15.58
CA ALA IA 39 2.39 -117.98 -16.58
C ALA IA 39 3.01 -116.62 -16.26
N TYR IA 40 3.08 -115.75 -17.28
CA TYR IA 40 3.32 -114.33 -17.11
C TYR IA 40 2.44 -113.58 -18.09
N GLU IA 41 2.03 -112.38 -17.73
CA GLU IA 41 1.47 -111.46 -18.72
C GLU IA 41 2.59 -111.03 -19.65
N HIS IA 42 2.30 -110.96 -20.96
CA HIS IA 42 3.25 -110.40 -21.90
C HIS IA 42 2.77 -109.02 -22.38
N ALA IA 43 3.71 -108.08 -22.48
CA ALA IA 43 3.50 -106.84 -23.21
C ALA IA 43 4.43 -106.81 -24.43
N GLU IA 44 3.85 -106.57 -25.61
CA GLU IA 44 4.61 -106.46 -26.85
C GLU IA 44 4.68 -104.99 -27.26
N LEU IA 45 5.87 -104.51 -27.64
CA LEU IA 45 6.02 -103.15 -28.15
C LEU IA 45 5.93 -103.13 -29.67
N TYR IA 46 5.11 -102.21 -30.19
CA TYR IA 46 5.10 -101.92 -31.62
C TYR IA 46 5.02 -100.41 -31.81
N THR IA 47 5.68 -99.92 -32.88
CA THR IA 47 5.73 -98.49 -33.17
C THR IA 47 5.58 -98.26 -34.67
N ILE IA 48 5.43 -97.02 -35.11
CA ILE IA 48 5.25 -96.71 -36.52
C ILE IA 48 6.44 -97.15 -37.38
N ASP IA 49 7.60 -97.33 -36.74
CA ASP IA 49 8.85 -97.74 -37.39
C ASP IA 49 8.74 -99.06 -38.14
N SER IA 50 7.94 -100.00 -37.65
CA SER IA 50 7.86 -101.34 -38.22
C SER IA 50 6.52 -102.01 -37.92
N THR IA 51 6.07 -102.86 -38.85
CA THR IA 51 4.92 -103.70 -38.56
C THR IA 51 5.27 -104.88 -37.66
N PHE IA 52 6.57 -105.26 -37.58
CA PHE IA 52 6.99 -106.33 -36.71
C PHE IA 52 7.16 -105.84 -35.27
N ARG IA 53 7.07 -106.78 -34.35
CA ARG IA 53 7.27 -106.51 -32.93
C ARG IA 53 8.68 -105.95 -32.70
N ASP IA 54 8.75 -104.86 -31.92
CA ASP IA 54 10.02 -104.25 -31.53
C ASP IA 54 10.60 -104.99 -30.32
N GLU IA 55 9.78 -105.28 -29.30
CA GLU IA 55 10.22 -105.91 -28.05
C GLU IA 55 9.10 -106.71 -27.38
N VAL IA 56 9.47 -107.64 -26.48
CA VAL IA 56 8.48 -108.32 -25.65
C VAL IA 56 9.03 -108.59 -24.24
N LYS IA 57 8.16 -108.46 -23.22
CA LYS IA 57 8.57 -108.56 -21.83
C LYS IA 57 7.50 -109.28 -20.98
N ARG IA 58 7.94 -110.00 -19.93
CA ARG IA 58 7.12 -110.72 -18.97
C ARG IA 58 6.84 -109.89 -17.70
N TYR IA 59 5.62 -109.96 -17.15
CA TYR IA 59 5.32 -109.47 -15.81
C TYR IA 59 4.15 -110.23 -15.19
N GLU IA 60 3.80 -109.92 -13.94
CA GLU IA 60 2.72 -110.59 -13.20
C GLU IA 60 2.86 -112.11 -13.29
N HIS IA 61 3.99 -112.62 -12.80
CA HIS IA 61 4.14 -114.05 -12.71
C HIS IA 61 3.13 -114.64 -11.72
N ASN IA 62 2.53 -115.76 -12.09
CA ASN IA 62 1.83 -116.64 -11.16
C ASN IA 62 1.84 -118.06 -11.68
N VAL IA 63 1.43 -119.00 -10.82
CA VAL IA 63 1.26 -120.38 -11.23
C VAL IA 63 -0.22 -120.73 -11.11
N ASN IA 64 -0.92 -120.98 -12.22
CA ASN IA 64 -2.26 -121.52 -12.14
C ASN IA 64 -2.18 -122.97 -11.69
N VAL IA 65 -2.83 -123.29 -10.59
CA VAL IA 65 -3.01 -124.65 -10.14
C VAL IA 65 -4.49 -124.94 -10.21
N GLU IA 66 -4.87 -126.02 -10.86
CA GLU IA 66 -6.22 -126.51 -10.71
C GLU IA 66 -6.27 -128.03 -10.59
N ILE IA 67 -7.13 -128.47 -9.69
CA ILE IA 67 -7.15 -129.85 -9.21
C ILE IA 67 -8.59 -130.29 -9.12
N THR IA 68 -8.89 -131.48 -9.64
CA THR IA 68 -10.19 -132.09 -9.43
C THR IA 68 -9.98 -133.39 -8.69
N TYR IA 69 -10.72 -133.60 -7.60
CA TYR IA 69 -10.48 -134.70 -6.69
C TYR IA 69 -11.79 -135.24 -6.11
N ALA IA 70 -11.78 -136.50 -5.67
CA ALA IA 70 -13.01 -137.20 -5.34
C ALA IA 70 -13.04 -137.73 -3.90
N LYS IA 71 -11.98 -137.50 -3.11
CA LYS IA 71 -11.97 -137.81 -1.69
C LYS IA 71 -11.97 -136.49 -0.90
N PHE IA 72 -12.99 -136.29 -0.06
CA PHE IA 72 -13.04 -135.09 0.75
C PHE IA 72 -12.04 -135.17 1.90
N SER IA 73 -11.42 -134.02 2.26
CA SER IA 73 -10.47 -133.96 3.35
C SER IA 73 -10.87 -132.91 4.38
N LEU IA 74 -11.11 -133.32 5.63
CA LEU IA 74 -11.41 -132.34 6.66
C LEU IA 74 -10.21 -131.47 6.99
N GLU IA 75 -9.01 -132.04 7.04
CA GLU IA 75 -7.85 -131.23 7.34
C GLU IA 75 -7.69 -130.12 6.30
N PHE IA 76 -7.70 -130.46 5.02
CA PHE IA 76 -7.53 -129.47 3.97
C PHE IA 76 -8.56 -128.35 4.05
N ALA IA 77 -9.83 -128.71 4.26
CA ALA IA 77 -10.90 -127.73 4.36
C ALA IA 77 -10.77 -126.86 5.62
N GLN IA 78 -10.44 -127.44 6.76
CA GLN IA 78 -10.33 -126.70 7.99
C GLN IA 78 -9.06 -125.84 8.05
N GLU IA 79 -7.97 -126.23 7.39
CA GLU IA 79 -6.83 -125.34 7.19
C GLU IA 79 -7.24 -124.15 6.32
N TRP IA 80 -7.93 -124.37 5.20
CA TRP IA 80 -8.37 -123.28 4.34
C TRP IA 80 -9.30 -122.30 5.06
N LEU IA 81 -10.20 -122.79 5.92
CA LEU IA 81 -11.02 -121.92 6.74
C LEU IA 81 -10.18 -121.15 7.74
N GLY IA 82 -9.23 -121.83 8.38
CA GLY IA 82 -8.43 -121.25 9.45
C GLY IA 82 -7.45 -120.16 9.03
N GLY IA 83 -6.96 -120.18 7.79
CA GLY IA 83 -5.91 -119.30 7.35
C GLY IA 83 -4.53 -119.74 7.84
N PRO IA 84 -3.48 -118.92 7.64
CA PRO IA 84 -2.11 -119.31 7.99
C PRO IA 84 -1.94 -119.72 9.44
N GLY IA 85 -1.32 -120.89 9.61
CA GLY IA 85 -0.92 -121.42 10.91
C GLY IA 85 -2.07 -121.69 11.88
N ALA IA 86 -3.30 -121.84 11.34
CA ALA IA 86 -4.47 -122.11 12.17
C ALA IA 86 -5.48 -123.00 11.46
N THR IA 87 -6.33 -123.64 12.26
CA THR IA 87 -7.37 -124.55 11.80
C THR IA 87 -8.70 -124.03 12.33
N ALA IA 88 -9.79 -124.16 11.56
CA ALA IA 88 -11.08 -123.70 12.04
C ALA IA 88 -12.24 -124.57 11.57
N THR IA 89 -13.29 -124.64 12.41
CA THR IA 89 -14.51 -125.36 12.10
C THR IA 89 -15.58 -124.46 11.49
N ALA IA 90 -15.23 -123.20 11.16
CA ALA IA 90 -16.17 -122.20 10.67
C ALA IA 90 -15.42 -121.13 9.89
N SER IA 91 -16.15 -120.36 9.08
CA SER IA 91 -15.62 -119.20 8.36
C SER IA 91 -14.91 -118.25 9.33
N GLN IA 92 -13.71 -117.78 8.98
CA GLN IA 92 -13.04 -116.77 9.79
C GLN IA 92 -13.15 -115.41 9.10
N ASP IA 93 -13.45 -114.38 9.90
CA ASP IA 93 -13.52 -113.02 9.40
C ASP IA 93 -12.13 -112.38 9.54
N ASP IA 94 -11.22 -112.79 8.64
CA ASP IA 94 -9.89 -112.20 8.58
C ASP IA 94 -9.32 -112.25 7.16
N SER IA 95 -8.28 -111.44 6.92
CA SER IA 95 -7.87 -111.04 5.58
C SER IA 95 -6.81 -111.95 4.97
N ASP IA 96 -6.20 -112.86 5.76
CA ASP IA 96 -5.14 -113.72 5.28
C ASP IA 96 -5.69 -115.03 4.72
N PRO IA 97 -5.48 -115.36 3.43
CA PRO IA 97 -5.82 -116.68 2.93
C PRO IA 97 -4.77 -117.68 3.41
N MET IA 98 -5.20 -118.94 3.58
CA MET IA 98 -4.27 -120.03 3.83
C MET IA 98 -3.36 -120.21 2.62
N LYS IA 99 -2.04 -120.28 2.85
CA LYS IA 99 -1.09 -120.53 1.77
C LYS IA 99 -0.58 -121.95 1.88
N PHE IA 100 -0.79 -122.75 0.84
CA PHE IA 100 -0.32 -124.13 0.79
C PHE IA 100 0.94 -124.22 -0.07
N ASN IA 101 1.98 -124.91 0.41
CA ASN IA 101 2.99 -125.39 -0.49
C ASN IA 101 2.47 -126.64 -1.18
N LEU IA 102 2.83 -126.82 -2.44
CA LEU IA 102 2.32 -127.94 -3.22
C LEU IA 102 3.48 -128.59 -3.95
N GLU IA 103 3.43 -129.93 -4.02
CA GLU IA 103 4.42 -130.68 -4.78
C GLU IA 103 3.74 -131.85 -5.49
N ASN IA 104 4.12 -132.10 -6.74
CA ASN IA 104 3.61 -133.23 -7.50
C ASN IA 104 4.79 -133.98 -8.12
N VAL IA 105 4.80 -135.31 -7.99
CA VAL IA 105 5.89 -136.11 -8.51
C VAL IA 105 5.35 -137.21 -9.41
N THR IA 106 5.97 -137.38 -10.59
CA THR IA 106 5.57 -138.38 -11.56
C THR IA 106 6.80 -139.05 -12.18
N PRO IA 107 6.90 -140.39 -12.17
CA PRO IA 107 7.77 -141.08 -13.11
C PRO IA 107 7.28 -140.84 -14.54
N SER IA 108 8.23 -140.73 -15.48
CA SER IA 108 7.90 -140.78 -16.90
C SER IA 108 7.50 -142.21 -17.28
N ALA IA 109 6.84 -142.34 -18.43
CA ALA IA 109 6.20 -143.59 -18.79
C ALA IA 109 7.19 -144.75 -18.98
N SER IA 110 8.37 -144.49 -19.57
CA SER IA 110 9.44 -145.47 -19.75
C SER IA 110 10.52 -145.40 -18.67
N GLY IA 111 10.30 -144.61 -17.60
CA GLY IA 111 11.24 -144.48 -16.50
C GLY IA 111 12.53 -143.72 -16.85
N GLY IA 112 12.55 -142.97 -17.96
CA GLY IA 112 13.67 -142.14 -18.34
C GLY IA 112 14.00 -141.06 -17.31
N PHE IA 113 12.99 -140.52 -16.63
CA PHE IA 113 13.16 -139.50 -15.60
C PHE IA 113 11.99 -139.53 -14.62
N GLU IA 114 12.16 -138.85 -13.48
CA GLU IA 114 11.04 -138.63 -12.57
C GLU IA 114 10.88 -137.12 -12.37
N ARG IA 115 9.84 -136.54 -12.97
CA ARG IA 115 9.63 -135.09 -12.86
C ARG IA 115 9.00 -134.75 -11.52
N THR IA 116 9.67 -133.87 -10.78
CA THR IA 116 9.11 -133.23 -9.58
C THR IA 116 8.77 -131.79 -9.92
N THR IA 117 7.53 -131.36 -9.66
CA THR IA 117 7.12 -129.97 -9.79
C THR IA 117 6.70 -129.47 -8.41
N ALA IA 118 7.30 -128.37 -7.93
CA ALA IA 118 6.88 -127.79 -6.67
C ALA IA 118 6.50 -126.32 -6.83
N VAL IA 119 5.47 -125.92 -6.09
CA VAL IA 119 4.90 -124.58 -6.19
C VAL IA 119 4.75 -124.01 -4.79
N GLU IA 120 5.22 -122.77 -4.56
CA GLU IA 120 5.05 -122.15 -3.26
C GLU IA 120 3.73 -121.35 -3.18
N ASN IA 121 3.20 -121.24 -1.97
CA ASN IA 121 2.17 -120.28 -1.61
C ASN IA 121 0.98 -120.32 -2.57
N VAL IA 122 0.47 -121.52 -2.86
CA VAL IA 122 -0.79 -121.69 -3.57
C VAL IA 122 -1.94 -121.26 -2.68
N VAL IA 123 -2.82 -120.41 -3.21
CA VAL IA 123 -4.04 -120.01 -2.51
C VAL IA 123 -5.24 -120.25 -3.40
N PHE IA 124 -6.36 -120.66 -2.78
CA PHE IA 124 -7.56 -120.96 -3.53
C PHE IA 124 -8.66 -119.96 -3.15
N PRO IA 125 -9.13 -119.09 -4.06
CA PRO IA 125 -10.18 -118.14 -3.76
C PRO IA 125 -11.49 -118.77 -3.29
N GLU IA 126 -11.76 -120.00 -3.74
CA GLU IA 126 -12.96 -120.70 -3.29
C GLU IA 126 -12.70 -122.19 -3.14
N LEU IA 127 -13.43 -122.78 -2.18
CA LEU IA 127 -13.27 -124.17 -1.78
C LEU IA 127 -14.65 -124.83 -1.82
N PRO IA 128 -14.89 -125.82 -2.69
CA PRO IA 128 -16.15 -126.54 -2.67
C PRO IA 128 -16.14 -127.49 -1.47
N LEU IA 129 -17.07 -127.24 -0.55
CA LEU IA 129 -17.25 -128.10 0.61
C LEU IA 129 -18.14 -129.27 0.23
N ASP IA 130 -19.22 -129.01 -0.51
CA ASP IA 130 -20.16 -130.04 -0.92
C ASP IA 130 -20.37 -129.93 -2.43
N SER IA 131 -20.45 -131.09 -3.07
CA SER IA 131 -20.54 -131.18 -4.53
C SER IA 131 -21.32 -132.44 -4.91
N ALA IA 132 -22.51 -132.58 -4.31
CA ALA IA 132 -23.37 -133.73 -4.46
C ALA IA 132 -24.05 -133.69 -5.82
N THR IA 133 -24.05 -134.82 -6.52
CA THR IA 133 -24.81 -135.05 -7.75
C THR IA 133 -25.41 -136.44 -7.71
N TYR IA 134 -26.67 -136.56 -8.14
CA TYR IA 134 -27.44 -137.80 -8.04
C TYR IA 134 -26.70 -138.95 -8.71
N GLY IA 135 -26.45 -140.02 -7.94
CA GLY IA 135 -25.84 -141.23 -8.45
C GLY IA 135 -24.37 -141.08 -8.84
N GLU IA 136 -23.64 -140.17 -8.16
CA GLU IA 136 -22.20 -140.02 -8.35
C GLU IA 136 -21.50 -139.79 -7.03
N TYR IA 137 -20.20 -140.06 -7.00
CA TYR IA 137 -19.42 -139.63 -5.86
C TYR IA 137 -19.20 -138.13 -5.96
N GLU IA 138 -19.11 -137.45 -4.82
CA GLU IA 138 -18.92 -136.01 -4.88
C GLU IA 138 -17.57 -135.73 -5.53
N GLU IA 139 -17.54 -134.84 -6.53
CA GLU IA 139 -16.30 -134.46 -7.19
C GLU IA 139 -16.05 -132.97 -7.01
N TYR IA 140 -14.87 -132.62 -6.48
CA TYR IA 140 -14.55 -131.27 -6.06
C TYR IA 140 -13.50 -130.67 -6.99
N SER IA 141 -13.70 -129.41 -7.43
CA SER IA 141 -12.69 -128.70 -8.22
C SER IA 141 -12.13 -127.48 -7.49
N LEU IA 142 -10.80 -127.42 -7.40
CA LEU IA 142 -10.08 -126.26 -6.91
C LEU IA 142 -9.42 -125.51 -8.05
N THR IA 143 -9.49 -124.18 -8.03
CA THR IA 143 -8.64 -123.33 -8.86
C THR IA 143 -7.92 -122.34 -7.95
N GLY IA 144 -6.62 -122.18 -8.15
CA GLY IA 144 -5.80 -121.33 -7.29
C GLY IA 144 -4.56 -120.81 -7.99
N SER IA 145 -3.88 -119.87 -7.32
CA SER IA 145 -2.68 -119.24 -7.84
C SER IA 145 -1.51 -119.43 -6.87
N GLY IA 146 -0.47 -120.11 -7.31
CA GLY IA 146 0.79 -120.14 -6.59
C GLY IA 146 1.66 -118.94 -6.92
N ARG IA 147 2.56 -118.59 -6.01
CA ARG IA 147 3.41 -117.42 -6.23
C ARG IA 147 4.47 -117.70 -7.29
N SER IA 148 5.13 -118.86 -7.20
CA SER IA 148 6.19 -119.24 -8.12
C SER IA 148 6.43 -120.74 -8.11
N VAL IA 149 7.11 -121.24 -9.14
CA VAL IA 149 7.59 -122.62 -9.18
C VAL IA 149 8.93 -122.65 -8.48
N THR IA 150 9.01 -123.34 -7.33
CA THR IA 150 10.25 -123.37 -6.58
C THR IA 150 11.20 -124.47 -7.03
N ASN IA 151 10.66 -125.49 -7.72
CA ASN IA 151 11.46 -126.58 -8.26
C ASN IA 151 10.78 -127.20 -9.48
N LEU IA 152 11.57 -127.54 -10.50
CA LEU IA 152 11.16 -128.39 -11.62
C LEU IA 152 12.37 -129.16 -12.13
N ALA IA 153 12.48 -130.44 -11.78
CA ALA IA 153 13.69 -131.20 -12.05
C ALA IA 153 13.45 -132.71 -12.14
N ASP IA 154 14.42 -133.43 -12.71
CA ASP IA 154 14.49 -134.87 -12.65
C ASP IA 154 15.01 -135.30 -11.27
N THR IA 155 14.14 -135.92 -10.47
CA THR IA 155 14.49 -136.43 -9.14
C THR IA 155 14.77 -137.93 -9.13
N SER IA 156 14.89 -138.58 -10.30
CA SER IA 156 15.31 -139.97 -10.36
C SER IA 156 16.78 -140.12 -9.91
N GLY IA 157 17.12 -141.34 -9.41
CA GLY IA 157 18.36 -141.59 -8.70
C GLY IA 157 19.60 -141.28 -9.53
N ALA JA 2 -5.07 -136.86 12.81
CA ALA JA 2 -5.87 -136.41 11.63
C ALA JA 2 -6.76 -137.55 11.13
N THR JA 3 -7.80 -137.21 10.34
CA THR JA 3 -8.76 -138.15 9.77
C THR JA 3 -8.49 -138.31 8.27
N SER JA 4 -8.41 -139.57 7.79
CA SER JA 4 -8.05 -139.86 6.40
C SER JA 4 -9.06 -139.28 5.41
N PRO JA 5 -8.62 -138.78 4.22
CA PRO JA 5 -9.56 -138.41 3.17
C PRO JA 5 -10.29 -139.65 2.67
N GLU JA 6 -11.55 -139.45 2.28
CA GLU JA 6 -12.42 -140.56 1.90
C GLU JA 6 -13.43 -140.11 0.86
N GLY JA 7 -13.90 -141.03 0.03
CA GLY JA 7 -14.95 -140.67 -0.91
C GLY JA 7 -16.26 -140.35 -0.19
N ILE JA 8 -17.11 -139.56 -0.84
CA ILE JA 8 -18.44 -139.32 -0.31
C ILE JA 8 -19.46 -139.63 -1.40
N TRP JA 9 -20.41 -140.50 -1.09
CA TRP JA 9 -21.45 -140.87 -2.03
C TRP JA 9 -22.56 -139.84 -1.97
N SER JA 10 -22.91 -139.20 -3.10
CA SER JA 10 -23.84 -138.08 -3.12
C SER JA 10 -25.17 -138.40 -2.47
N ASN JA 11 -25.70 -139.58 -2.79
CA ASN JA 11 -27.04 -139.96 -2.38
C ASN JA 11 -27.16 -140.18 -0.87
N SER JA 12 -26.04 -140.22 -0.13
CA SER JA 12 -26.09 -140.40 1.32
C SER JA 12 -26.38 -139.10 2.06
N GLY JA 13 -26.43 -137.95 1.39
CA GLY JA 13 -26.61 -136.66 2.03
C GLY JA 13 -28.07 -136.38 2.47
N ALA JA 14 -28.21 -135.83 3.68
CA ALA JA 14 -29.48 -135.31 4.16
C ALA JA 14 -29.37 -133.79 4.29
N LEU JA 15 -30.17 -133.06 3.49
CA LEU JA 15 -30.22 -131.61 3.51
C LEU JA 15 -31.46 -131.13 4.24
N THR JA 16 -31.28 -130.13 5.12
CA THR JA 16 -32.39 -129.53 5.86
C THR JA 16 -32.25 -128.00 5.87
N PHE JA 17 -33.39 -127.30 5.91
CA PHE JA 17 -33.41 -125.86 6.07
C PHE JA 17 -34.11 -125.51 7.38
N GLU JA 18 -33.66 -124.42 8.02
CA GLU JA 18 -34.27 -123.97 9.26
C GLU JA 18 -34.51 -122.47 9.24
N ASP JA 19 -35.63 -122.05 9.84
CA ASP JA 19 -35.93 -120.64 10.06
C ASP JA 19 -35.11 -120.11 11.25
N PRO JA 20 -34.18 -119.15 11.03
CA PRO JA 20 -33.31 -118.66 12.10
C PRO JA 20 -34.01 -117.85 13.19
N ALA JA 21 -35.32 -117.58 13.06
CA ALA JA 21 -36.11 -117.00 14.14
C ALA JA 21 -36.43 -118.03 15.24
N ASP JA 22 -36.56 -119.31 14.87
CA ASP JA 22 -37.07 -120.37 15.73
C ASP JA 22 -36.09 -121.52 15.91
N ASP JA 23 -35.19 -121.69 14.92
CA ASP JA 23 -34.53 -122.96 14.63
C ASP JA 23 -35.55 -124.05 14.31
N SER JA 24 -36.75 -123.68 13.79
CA SER JA 24 -37.77 -124.60 13.32
C SER JA 24 -37.46 -125.08 11.91
N GLU JA 25 -37.69 -126.38 11.66
CA GLU JA 25 -37.40 -126.96 10.35
C GLU JA 25 -38.40 -126.48 9.30
N ILE JA 26 -37.91 -126.22 8.09
CA ILE JA 26 -38.73 -125.91 6.93
C ILE JA 26 -38.71 -127.14 6.03
N LEU JA 27 -39.90 -127.68 5.71
CA LEU JA 27 -40.01 -128.90 4.94
C LEU JA 27 -39.42 -128.74 3.55
N PHE JA 28 -38.37 -129.50 3.26
CA PHE JA 28 -37.71 -129.50 1.96
C PHE JA 28 -37.14 -130.90 1.73
N ALA JA 29 -37.15 -131.34 0.46
CA ALA JA 29 -36.93 -132.74 0.14
C ALA JA 29 -36.52 -132.94 -1.32
N GLY JA 30 -36.05 -134.14 -1.66
CA GLY JA 30 -35.97 -134.56 -3.04
C GLY JA 30 -34.87 -133.88 -3.86
N VAL JA 31 -33.74 -133.53 -3.23
CA VAL JA 31 -32.61 -132.97 -3.95
C VAL JA 31 -32.08 -133.96 -4.98
N ARG JA 32 -31.35 -133.42 -5.97
CA ARG JA 32 -30.62 -134.19 -6.96
C ARG JA 32 -29.20 -133.66 -7.07
N ASP JA 33 -29.03 -132.33 -7.01
CA ASP JA 33 -27.71 -131.72 -6.89
C ASP JA 33 -27.67 -130.82 -5.66
N VAL JA 34 -26.54 -130.81 -4.95
CA VAL JA 34 -26.27 -129.86 -3.88
C VAL JA 34 -24.81 -129.44 -3.93
N THR JA 35 -24.60 -128.18 -4.28
CA THR JA 35 -23.27 -127.61 -4.33
C THR JA 35 -23.17 -126.48 -3.32
N ILE JA 36 -22.18 -126.55 -2.42
CA ILE JA 36 -21.90 -125.52 -1.44
C ILE JA 36 -20.43 -125.13 -1.52
N THR JA 37 -20.16 -123.84 -1.70
CA THR JA 37 -18.81 -123.36 -1.96
C THR JA 37 -18.58 -122.05 -1.20
N PRO JA 38 -17.94 -122.07 -0.01
CA PRO JA 38 -17.39 -120.86 0.57
C PRO JA 38 -16.33 -120.29 -0.35
N ALA JA 39 -16.38 -118.96 -0.49
CA ALA JA 39 -15.52 -118.23 -1.40
C ALA JA 39 -15.12 -116.90 -0.79
N TYR JA 40 -14.06 -116.32 -1.33
CA TYR JA 40 -13.70 -114.95 -1.06
C TYR JA 40 -13.21 -114.30 -2.35
N GLU JA 41 -13.31 -112.98 -2.44
CA GLU JA 41 -12.53 -112.27 -3.44
C GLU JA 41 -11.09 -112.20 -2.97
N HIS JA 42 -10.14 -112.41 -3.88
CA HIS JA 42 -8.72 -112.27 -3.59
C HIS JA 42 -8.14 -111.07 -4.31
N ALA JA 43 -7.29 -110.29 -3.63
CA ALA JA 43 -6.55 -109.23 -4.28
C ALA JA 43 -5.06 -109.48 -4.17
N GLU JA 44 -4.33 -109.45 -5.31
CA GLU JA 44 -2.90 -109.74 -5.34
C GLU JA 44 -2.13 -108.44 -5.57
N LEU JA 45 -1.07 -108.17 -4.78
CA LEU JA 45 -0.26 -106.98 -4.97
C LEU JA 45 0.95 -107.28 -5.86
N TYR JA 46 1.12 -106.49 -6.93
CA TYR JA 46 2.35 -106.50 -7.69
C TYR JA 46 2.82 -105.06 -7.90
N THR JA 47 4.13 -104.90 -8.03
CA THR JA 47 4.76 -103.60 -8.19
C THR JA 47 5.97 -103.74 -9.12
N ILE JA 48 6.60 -102.64 -9.48
CA ILE JA 48 7.75 -102.68 -10.38
C ILE JA 48 8.93 -103.44 -9.75
N ASP JA 49 8.95 -103.60 -8.42
CA ASP JA 49 10.08 -104.20 -7.71
C ASP JA 49 10.35 -105.64 -8.14
N SER JA 50 9.29 -106.39 -8.50
CA SER JA 50 9.40 -107.82 -8.76
C SER JA 50 8.27 -108.30 -9.67
N THR JA 51 8.56 -109.31 -10.50
CA THR JA 51 7.49 -109.94 -11.27
C THR JA 51 6.63 -110.85 -10.41
N PHE JA 52 7.13 -111.25 -9.23
CA PHE JA 52 6.39 -112.12 -8.33
C PHE JA 52 5.42 -111.32 -7.47
N ARG JA 53 4.37 -112.00 -7.03
CA ARG JA 53 3.36 -111.42 -6.15
C ARG JA 53 4.00 -111.02 -4.83
N ASP JA 54 3.73 -109.77 -4.39
CA ASP JA 54 4.21 -109.27 -3.11
C ASP JA 54 3.33 -109.76 -1.98
N GLU JA 55 2.00 -109.72 -2.20
CA GLU JA 55 1.02 -110.10 -1.18
C GLU JA 55 -0.26 -110.65 -1.81
N VAL JA 56 -1.05 -111.36 -0.99
CA VAL JA 56 -2.41 -111.68 -1.36
C VAL JA 56 -3.30 -111.65 -0.12
N LYS JA 57 -4.54 -111.18 -0.28
CA LYS JA 57 -5.46 -110.92 0.82
C LYS JA 57 -6.89 -111.28 0.42
N ARG JA 58 -7.74 -111.67 1.39
CA ARG JA 58 -9.14 -112.02 1.15
C ARG JA 58 -10.08 -110.88 1.52
N TYR JA 59 -11.23 -110.80 0.85
CA TYR JA 59 -12.36 -109.95 1.24
C TYR JA 59 -13.66 -110.51 0.64
N GLU JA 60 -14.82 -109.97 1.04
CA GLU JA 60 -16.13 -110.42 0.54
C GLU JA 60 -16.30 -111.93 0.61
N HIS JA 61 -16.23 -112.44 1.83
CA HIS JA 61 -16.64 -113.80 2.02
C HIS JA 61 -18.11 -113.95 1.64
N ASN JA 62 -18.42 -115.05 0.95
CA ASN JA 62 -19.79 -115.53 0.85
C ASN JA 62 -19.76 -117.03 0.61
N VAL JA 63 -20.90 -117.70 0.77
CA VAL JA 63 -21.00 -119.12 0.44
C VAL JA 63 -21.97 -119.27 -0.72
N ASN JA 64 -21.50 -119.68 -1.89
CA ASN JA 64 -22.42 -120.04 -2.96
C ASN JA 64 -23.14 -121.33 -2.60
N VAL JA 65 -24.46 -121.29 -2.58
CA VAL JA 65 -25.31 -122.45 -2.46
C VAL JA 65 -26.07 -122.57 -3.76
N GLU JA 66 -25.99 -123.74 -4.39
CA GLU JA 66 -26.93 -124.06 -5.46
C GLU JA 66 -27.42 -125.49 -5.33
N ILE JA 67 -28.73 -125.64 -5.45
CA ILE JA 67 -29.43 -126.88 -5.19
C ILE JA 67 -30.35 -127.14 -6.38
N THR JA 68 -30.37 -128.37 -6.87
CA THR JA 68 -31.45 -128.81 -7.76
C THR JA 68 -32.28 -129.85 -7.02
N TYR JA 69 -33.59 -129.72 -7.08
CA TYR JA 69 -34.47 -130.64 -6.39
C TYR JA 69 -35.75 -130.87 -7.19
N ALA JA 70 -36.43 -132.00 -6.93
CA ALA JA 70 -37.54 -132.44 -7.75
C ALA JA 70 -38.85 -132.63 -6.99
N LYS JA 71 -38.85 -132.41 -5.66
CA LYS JA 71 -40.09 -132.37 -4.89
C LYS JA 71 -40.37 -130.94 -4.48
N PHE JA 72 -41.50 -130.39 -4.94
CA PHE JA 72 -41.89 -129.03 -4.62
C PHE JA 72 -42.37 -128.93 -3.17
N SER JA 73 -42.03 -127.80 -2.51
CA SER JA 73 -42.46 -127.54 -1.14
C SER JA 73 -43.23 -126.21 -1.04
N LEU JA 74 -44.50 -126.27 -0.64
CA LEU JA 74 -45.27 -125.05 -0.45
C LEU JA 74 -44.72 -124.24 0.71
N GLU JA 75 -44.35 -124.89 1.80
CA GLU JA 75 -43.83 -124.18 2.94
C GLU JA 75 -42.57 -123.39 2.55
N PHE JA 76 -41.60 -124.03 1.89
CA PHE JA 76 -40.39 -123.35 1.47
C PHE JA 76 -40.70 -122.15 0.57
N ALA JA 77 -41.57 -122.31 -0.41
CA ALA JA 77 -41.93 -121.23 -1.32
C ALA JA 77 -42.64 -120.08 -0.59
N GLN JA 78 -43.55 -120.38 0.31
CA GLN JA 78 -44.30 -119.37 1.03
C GLN JA 78 -43.48 -118.67 2.10
N GLU JA 79 -42.47 -119.32 2.65
CA GLU JA 79 -41.47 -118.63 3.47
C GLU JA 79 -40.68 -117.64 2.62
N TRP JA 80 -40.21 -118.06 1.44
CA TRP JA 80 -39.45 -117.18 0.57
C TRP JA 80 -40.27 -115.97 0.16
N LEU JA 81 -41.55 -116.14 -0.16
CA LEU JA 81 -42.43 -115.03 -0.47
C LEU JA 81 -42.56 -114.06 0.71
N GLY JA 82 -42.83 -114.59 1.90
CA GLY JA 82 -43.16 -113.78 3.06
C GLY JA 82 -42.00 -112.94 3.61
N GLY JA 83 -40.76 -113.39 3.41
CA GLY JA 83 -39.58 -112.78 4.02
C GLY JA 83 -39.43 -113.21 5.47
N PRO JA 84 -38.51 -112.57 6.24
CA PRO JA 84 -38.24 -112.97 7.61
C PRO JA 84 -39.47 -112.95 8.52
N GLY JA 85 -39.64 -114.07 9.24
CA GLY JA 85 -40.64 -114.29 10.27
C GLY JA 85 -42.08 -114.21 9.78
N ALA JA 86 -42.30 -114.42 8.47
CA ALA JA 86 -43.65 -114.41 7.89
C ALA JA 86 -43.77 -115.37 6.73
N THR JA 87 -44.97 -115.92 6.58
CA THR JA 87 -45.32 -116.82 5.48
C THR JA 87 -46.38 -116.12 4.63
N ALA JA 88 -46.23 -116.13 3.30
CA ALA JA 88 -47.17 -115.43 2.43
C ALA JA 88 -47.52 -116.23 1.19
N THR JA 89 -48.74 -116.01 0.67
CA THR JA 89 -49.29 -116.71 -0.49
C THR JA 89 -49.26 -115.86 -1.77
N ALA JA 90 -48.59 -114.70 -1.71
CA ALA JA 90 -48.44 -113.79 -2.84
C ALA JA 90 -47.17 -112.98 -2.64
N SER JA 91 -46.64 -112.38 -3.73
CA SER JA 91 -45.47 -111.52 -3.67
C SER JA 91 -45.67 -110.44 -2.61
N GLN JA 92 -44.62 -110.16 -1.82
CA GLN JA 92 -44.64 -109.09 -0.85
C GLN JA 92 -43.79 -107.94 -1.35
N ASP JA 93 -44.33 -106.72 -1.22
CA ASP JA 93 -43.61 -105.51 -1.54
C ASP JA 93 -42.81 -105.05 -0.31
N ASP JA 94 -41.71 -105.74 0.01
CA ASP JA 94 -40.80 -105.31 1.07
C ASP JA 94 -39.36 -105.73 0.80
N SER JA 95 -38.41 -105.08 1.49
CA SER JA 95 -37.00 -105.12 1.12
C SER JA 95 -36.21 -106.27 1.74
N ASP JA 96 -36.73 -106.95 2.78
CA ASP JA 96 -35.99 -108.04 3.42
C ASP JA 96 -36.24 -109.37 2.72
N PRO JA 97 -35.20 -110.03 2.15
CA PRO JA 97 -35.38 -111.39 1.63
C PRO JA 97 -35.42 -112.37 2.80
N MET JA 98 -36.05 -113.52 2.55
CA MET JA 98 -36.05 -114.60 3.53
C MET JA 98 -34.66 -115.17 3.69
N LYS JA 99 -34.17 -115.25 4.94
CA LYS JA 99 -32.86 -115.81 5.24
C LYS JA 99 -33.06 -117.20 5.87
N PHE JA 100 -32.51 -118.24 5.25
CA PHE JA 100 -32.61 -119.59 5.76
C PHE JA 100 -31.26 -120.03 6.32
N ASN JA 101 -31.26 -120.71 7.47
CA ASN JA 101 -30.11 -121.52 7.82
C ASN JA 101 -30.22 -122.84 7.09
N LEU JA 102 -29.07 -123.43 6.77
CA LEU JA 102 -29.02 -124.65 5.98
C LEU JA 102 -27.99 -125.58 6.64
N GLU JA 103 -28.32 -126.88 6.68
CA GLU JA 103 -27.37 -127.87 7.12
C GLU JA 103 -27.42 -129.08 6.19
N ASN JA 104 -26.26 -129.62 5.84
CA ASN JA 104 -26.15 -130.83 5.03
C ASN JA 104 -25.25 -131.83 5.73
N VAL JA 105 -25.76 -133.06 5.93
CA VAL JA 105 -25.05 -134.09 6.68
C VAL JA 105 -24.80 -135.31 5.80
N THR JA 106 -23.55 -135.76 5.71
CA THR JA 106 -23.18 -136.90 4.89
C THR JA 106 -22.21 -137.83 5.61
N PRO JA 107 -22.52 -139.14 5.72
CA PRO JA 107 -21.51 -140.14 6.00
C PRO JA 107 -20.48 -140.20 4.87
N SER JA 108 -19.21 -140.36 5.23
CA SER JA 108 -18.20 -140.71 4.23
C SER JA 108 -18.43 -142.16 3.76
N ALA JA 109 -17.90 -142.52 2.59
CA ALA JA 109 -18.30 -143.75 1.91
C ALA JA 109 -17.97 -145.04 2.68
N SER JA 110 -16.90 -145.06 3.47
CA SER JA 110 -16.52 -146.17 4.34
C SER JA 110 -16.73 -145.87 5.84
N GLY JA 111 -17.52 -144.85 6.16
CA GLY JA 111 -17.83 -144.52 7.55
C GLY JA 111 -16.66 -143.98 8.38
N GLY JA 112 -15.56 -143.54 7.75
CA GLY JA 112 -14.43 -142.91 8.45
C GLY JA 112 -14.80 -141.63 9.20
N PHE JA 113 -15.80 -140.90 8.70
CA PHE JA 113 -16.30 -139.68 9.33
C PHE JA 113 -17.74 -139.37 8.87
N GLU JA 114 -18.37 -138.41 9.53
CA GLU JA 114 -19.64 -137.87 9.05
C GLU JA 114 -19.48 -136.35 8.90
N ARG JA 115 -19.30 -135.89 7.68
CA ARG JA 115 -19.15 -134.46 7.44
C ARG JA 115 -20.49 -133.76 7.57
N THR JA 116 -20.59 -132.80 8.48
CA THR JA 116 -21.71 -131.88 8.55
C THR JA 116 -21.23 -130.50 8.12
N THR JA 117 -21.90 -129.92 7.12
CA THR JA 117 -21.69 -128.55 6.71
C THR JA 117 -22.92 -127.74 7.14
N ALA JA 118 -22.71 -126.60 7.81
CA ALA JA 118 -23.79 -125.68 8.13
C ALA JA 118 -23.48 -124.28 7.62
N VAL JA 119 -24.49 -123.63 7.04
CA VAL JA 119 -24.38 -122.30 6.45
C VAL JA 119 -25.46 -121.41 7.05
N GLU JA 120 -25.11 -120.20 7.48
CA GLU JA 120 -26.10 -119.24 7.99
C GLU JA 120 -26.60 -118.30 6.89
N ASN JA 121 -27.83 -117.82 7.04
CA ASN JA 121 -28.40 -116.74 6.26
C ASN JA 121 -28.21 -116.90 4.75
N VAL JA 122 -28.57 -118.06 4.21
CA VAL JA 122 -28.69 -118.25 2.78
C VAL JA 122 -29.92 -117.49 2.27
N VAL JA 123 -29.71 -116.68 1.22
CA VAL JA 123 -30.80 -116.01 0.53
C VAL JA 123 -30.76 -116.38 -0.94
N PHE JA 124 -31.94 -116.54 -1.55
CA PHE JA 124 -32.04 -116.92 -2.94
C PHE JA 124 -32.67 -115.77 -3.72
N PRO JA 125 -31.98 -115.10 -4.67
CA PRO JA 125 -32.55 -113.99 -5.41
C PRO JA 125 -33.80 -114.35 -6.21
N GLU JA 126 -33.87 -115.60 -6.69
CA GLU JA 126 -35.04 -116.04 -7.42
C GLU JA 126 -35.44 -117.46 -7.04
N LEU JA 127 -36.75 -117.70 -7.09
CA LEU JA 127 -37.35 -118.95 -6.67
C LEU JA 127 -38.12 -119.52 -7.84
N PRO JA 128 -37.75 -120.71 -8.37
CA PRO JA 128 -38.57 -121.33 -9.41
C PRO JA 128 -39.84 -121.89 -8.75
N LEU JA 129 -40.99 -121.36 -9.20
CA LEU JA 129 -42.29 -121.82 -8.72
C LEU JA 129 -42.76 -122.97 -9.60
N ASP JA 130 -42.73 -122.78 -10.91
CA ASP JA 130 -43.08 -123.82 -11.86
C ASP JA 130 -41.88 -124.06 -12.77
N SER JA 131 -41.59 -125.34 -13.06
CA SER JA 131 -40.41 -125.70 -13.84
C SER JA 131 -40.69 -126.94 -14.69
N ALA JA 132 -41.78 -126.84 -15.47
CA ALA JA 132 -42.39 -127.95 -16.19
C ALA JA 132 -41.74 -128.14 -17.55
N THR JA 133 -41.35 -129.39 -17.84
CA THR JA 133 -40.89 -129.80 -19.17
C THR JA 133 -41.59 -131.10 -19.52
N TYR JA 134 -42.17 -131.14 -20.72
CA TYR JA 134 -42.91 -132.27 -21.23
C TYR JA 134 -42.15 -133.59 -21.07
N GLY JA 135 -42.83 -134.60 -20.48
CA GLY JA 135 -42.23 -135.90 -20.29
C GLY JA 135 -41.20 -135.97 -19.17
N GLU JA 136 -41.20 -134.98 -18.27
CA GLU JA 136 -40.33 -134.98 -17.10
C GLU JA 136 -41.05 -134.47 -15.86
N TYR JA 137 -40.53 -134.88 -14.69
CA TYR JA 137 -41.00 -134.29 -13.45
C TYR JA 137 -40.43 -132.89 -13.31
N GLU JA 138 -41.15 -132.00 -12.61
CA GLU JA 138 -40.68 -130.63 -12.50
C GLU JA 138 -39.38 -130.63 -11.69
N GLU JA 139 -38.34 -130.00 -12.23
CA GLU JA 139 -37.03 -129.96 -11.57
C GLU JA 139 -36.62 -128.50 -11.34
N TYR JA 140 -36.37 -128.16 -10.08
CA TYR JA 140 -36.23 -126.78 -9.62
C TYR JA 140 -34.78 -126.48 -9.24
N SER JA 141 -34.16 -125.44 -9.79
CA SER JA 141 -32.81 -125.06 -9.39
C SER JA 141 -32.78 -123.73 -8.64
N LEU JA 142 -32.27 -123.76 -7.41
CA LEU JA 142 -32.04 -122.58 -6.58
C LEU JA 142 -30.57 -122.21 -6.63
N THR JA 143 -30.27 -120.92 -6.79
CA THR JA 143 -28.93 -120.40 -6.59
C THR JA 143 -29.00 -119.24 -5.59
N GLY JA 144 -28.08 -119.21 -4.61
CA GLY JA 144 -28.14 -118.22 -3.55
C GLY JA 144 -26.83 -118.08 -2.80
N SER JA 145 -26.74 -117.06 -1.93
CA SER JA 145 -25.52 -116.77 -1.20
C SER JA 145 -25.79 -116.84 0.31
N GLY JA 146 -25.05 -117.70 1.00
CA GLY JA 146 -25.00 -117.71 2.44
C GLY JA 146 -23.95 -116.75 3.00
N ARG JA 147 -24.16 -116.30 4.23
CA ARG JA 147 -23.28 -115.32 4.82
C ARG JA 147 -21.95 -115.97 5.20
N SER JA 148 -22.01 -117.09 5.93
CA SER JA 148 -20.80 -117.76 6.40
C SER JA 148 -21.07 -119.23 6.68
N VAL JA 149 -20.01 -120.04 6.72
CA VAL JA 149 -20.08 -121.42 7.15
C VAL JA 149 -19.94 -121.41 8.67
N THR JA 150 -20.99 -121.83 9.40
CA THR JA 150 -20.94 -121.80 10.86
C THR JA 150 -20.39 -123.09 11.45
N ASN JA 151 -20.49 -124.20 10.72
CA ASN JA 151 -19.87 -125.45 11.13
C ASN JA 151 -19.40 -126.25 9.91
N LEU JA 152 -18.18 -126.80 10.01
CA LEU JA 152 -17.70 -127.85 9.14
C LEU JA 152 -16.85 -128.78 9.98
N ALA JA 153 -17.39 -129.95 10.32
CA ALA JA 153 -16.75 -130.84 11.27
C ALA JA 153 -17.20 -132.29 11.05
N ASP JA 154 -16.43 -133.21 11.63
CA ASP JA 154 -16.84 -134.60 11.72
C ASP JA 154 -17.78 -134.75 12.90
N THR JA 155 -19.06 -135.05 12.62
CA THR JA 155 -20.08 -135.22 13.64
C THR JA 155 -20.36 -136.70 13.96
N SER JA 156 -19.53 -137.63 13.45
CA SER JA 156 -19.61 -139.05 13.80
C SER JA 156 -19.19 -139.29 15.25
N GLY JA 157 -19.45 -140.51 15.75
CA GLY JA 157 -19.04 -140.95 17.07
C GLY JA 157 -17.55 -140.73 17.33
N ALA KA 2 -4.46 -81.19 -61.33
CA ALA KA 2 -4.17 -81.09 -59.86
C ALA KA 2 -4.31 -82.46 -59.19
N THR KA 3 -3.74 -82.61 -57.99
CA THR KA 3 -3.61 -83.90 -57.29
C THR KA 3 -4.91 -84.26 -56.55
N SER KA 4 -5.52 -85.42 -56.87
CA SER KA 4 -6.75 -85.85 -56.19
C SER KA 4 -6.51 -86.11 -54.71
N PRO KA 5 -7.41 -85.70 -53.79
CA PRO KA 5 -7.23 -85.98 -52.38
C PRO KA 5 -7.25 -87.47 -52.11
N GLU KA 6 -6.49 -87.90 -51.11
CA GLU KA 6 -6.30 -89.32 -50.89
C GLU KA 6 -6.05 -89.62 -49.41
N GLY KA 7 -6.43 -90.82 -48.96
CA GLY KA 7 -6.20 -91.23 -47.58
C GLY KA 7 -4.71 -91.31 -47.27
N ILE KA 8 -4.32 -91.11 -46.01
CA ILE KA 8 -2.94 -91.34 -45.59
C ILE KA 8 -2.94 -92.30 -44.41
N TRP KA 9 -2.04 -93.28 -44.47
CA TRP KA 9 -1.98 -94.28 -43.42
C TRP KA 9 -0.86 -93.91 -42.45
N SER KA 10 -1.16 -93.80 -41.16
CA SER KA 10 -0.26 -93.19 -40.20
C SER KA 10 1.07 -93.92 -40.17
N ASN KA 11 1.03 -95.25 -40.13
CA ASN KA 11 2.22 -96.05 -39.95
C ASN KA 11 3.23 -95.93 -41.09
N SER KA 12 2.83 -95.35 -42.23
CA SER KA 12 3.74 -95.12 -43.34
C SER KA 12 4.61 -93.88 -43.15
N GLY KA 13 4.41 -93.08 -42.09
CA GLY KA 13 5.20 -91.88 -41.83
C GLY KA 13 6.64 -92.15 -41.38
N ALA KA 14 7.57 -91.30 -41.82
CA ALA KA 14 8.91 -91.22 -41.26
C ALA KA 14 9.19 -89.78 -40.78
N LEU KA 15 9.46 -89.65 -39.46
CA LEU KA 15 9.71 -88.38 -38.82
C LEU KA 15 11.19 -88.25 -38.49
N THR KA 16 11.79 -87.09 -38.80
CA THR KA 16 13.19 -86.85 -38.47
C THR KA 16 13.40 -85.45 -37.88
N PHE KA 17 14.30 -85.36 -36.89
CA PHE KA 17 14.72 -84.08 -36.34
C PHE KA 17 16.13 -83.75 -36.81
N GLU KA 18 16.37 -82.46 -37.05
CA GLU KA 18 17.69 -82.00 -37.43
C GLU KA 18 18.11 -80.81 -36.58
N ASP KA 19 19.41 -80.66 -36.36
CA ASP KA 19 19.99 -79.47 -35.76
C ASP KA 19 20.10 -78.36 -36.80
N PRO KA 20 19.39 -77.21 -36.66
CA PRO KA 20 19.43 -76.14 -37.63
C PRO KA 20 20.77 -75.40 -37.77
N ALA KA 21 21.75 -75.72 -36.92
CA ALA KA 21 23.11 -75.22 -37.08
C ALA KA 21 23.89 -75.99 -38.15
N ASP KA 22 23.52 -77.27 -38.39
CA ASP KA 22 24.27 -78.18 -39.23
C ASP KA 22 23.45 -78.77 -40.38
N ASP KA 23 22.13 -78.89 -40.17
CA ASP KA 23 21.25 -79.84 -40.86
C ASP KA 23 21.70 -81.29 -40.65
N SER KA 24 22.38 -81.57 -39.52
CA SER KA 24 22.71 -82.93 -39.09
C SER KA 24 21.52 -83.57 -38.37
N GLU KA 25 21.34 -84.89 -38.54
CA GLU KA 25 20.22 -85.59 -37.91
C GLU KA 25 20.43 -85.70 -36.39
N ILE KA 26 19.33 -85.58 -35.64
CA ILE KA 26 19.27 -85.94 -34.24
C ILE KA 26 18.47 -87.23 -34.15
N LEU KA 27 19.08 -88.30 -33.61
CA LEU KA 27 18.47 -89.62 -33.62
C LEU KA 27 17.19 -89.63 -32.79
N PHE KA 28 16.10 -89.98 -33.47
CA PHE KA 28 14.78 -90.04 -32.85
C PHE KA 28 13.98 -91.09 -33.60
N ALA KA 29 13.21 -91.88 -32.84
CA ALA KA 29 12.56 -93.04 -33.42
C ALA KA 29 11.38 -93.49 -32.56
N GLY KA 30 10.57 -94.42 -33.08
CA GLY KA 30 9.58 -95.09 -32.26
C GLY KA 30 8.33 -94.24 -32.04
N VAL KA 31 7.95 -93.39 -32.98
CA VAL KA 31 6.71 -92.63 -32.81
C VAL KA 31 5.50 -93.55 -32.83
N ARG KA 32 4.43 -93.08 -32.21
CA ARG KA 32 3.13 -93.70 -32.25
C ARG KA 32 2.10 -92.70 -32.76
N ASP KA 33 2.11 -91.48 -32.22
CA ASP KA 33 1.26 -90.41 -32.72
C ASP KA 33 2.09 -89.19 -33.13
N VAL KA 34 1.64 -88.47 -34.16
CA VAL KA 34 2.26 -87.25 -34.63
C VAL KA 34 1.20 -86.30 -35.13
N THR KA 35 1.02 -85.19 -34.41
CA THR KA 35 0.14 -84.11 -34.82
C THR KA 35 0.96 -82.86 -35.14
N ILE KA 36 0.75 -82.27 -36.32
CA ILE KA 36 1.38 -81.01 -36.72
C ILE KA 36 0.27 -80.09 -37.23
N THR KA 37 0.15 -78.91 -36.61
CA THR KA 37 -0.98 -78.02 -36.87
C THR KA 37 -0.50 -76.58 -36.91
N PRO KA 38 -0.25 -75.98 -38.10
CA PRO KA 38 -0.07 -74.54 -38.22
C PRO KA 38 -1.35 -73.82 -37.79
N ALA KA 39 -1.18 -72.75 -37.03
CA ALA KA 39 -2.27 -72.00 -36.46
C ALA KA 39 -1.97 -70.51 -36.54
N TYR KA 40 -3.03 -69.72 -36.53
CA TYR KA 40 -2.94 -68.29 -36.35
C TYR KA 40 -4.02 -67.86 -35.37
N GLU KA 41 -3.72 -66.82 -34.61
CA GLU KA 41 -4.78 -66.12 -33.93
C GLU KA 41 -5.60 -65.35 -34.96
N HIS KA 42 -6.93 -65.39 -34.84
CA HIS KA 42 -7.83 -64.60 -35.68
C HIS KA 42 -8.47 -63.49 -34.88
N ALA KA 43 -8.65 -62.36 -35.56
CA ALA KA 43 -9.39 -61.23 -35.03
C ALA KA 43 -10.44 -60.81 -36.03
N GLU KA 44 -11.66 -60.53 -35.55
CA GLU KA 44 -12.80 -60.24 -36.40
C GLU KA 44 -13.35 -58.87 -36.05
N LEU KA 45 -13.68 -58.05 -37.06
CA LEU KA 45 -14.18 -56.72 -36.81
C LEU KA 45 -15.70 -56.71 -36.88
N TYR KA 46 -16.32 -56.26 -35.78
CA TYR KA 46 -17.76 -56.04 -35.80
C TYR KA 46 -18.07 -54.66 -35.24
N THR KA 47 -19.11 -54.04 -35.82
CA THR KA 47 -19.51 -52.68 -35.48
C THR KA 47 -21.03 -52.55 -35.52
N ILE KA 48 -21.57 -51.42 -35.07
CA ILE KA 48 -23.01 -51.23 -35.00
C ILE KA 48 -23.66 -51.30 -36.39
N ASP KA 49 -22.87 -51.11 -37.46
CA ASP KA 49 -23.36 -51.04 -38.83
C ASP KA 49 -24.03 -52.33 -39.33
N SER KA 50 -23.57 -53.47 -38.81
CA SER KA 50 -24.06 -54.77 -39.23
C SER KA 50 -23.91 -55.84 -38.15
N THR KA 51 -24.77 -56.84 -38.16
CA THR KA 51 -24.57 -58.04 -37.37
C THR KA 51 -23.49 -58.94 -37.96
N PHE KA 52 -23.20 -58.81 -39.26
CA PHE KA 52 -22.19 -59.62 -39.93
C PHE KA 52 -20.78 -59.09 -39.70
N ARG KA 53 -19.81 -59.99 -39.81
CA ARG KA 53 -18.39 -59.68 -39.72
C ARG KA 53 -17.97 -58.76 -40.86
N ASP KA 54 -17.33 -57.63 -40.54
CA ASP KA 54 -16.79 -56.74 -41.56
C ASP KA 54 -15.44 -57.21 -42.09
N GLU KA 55 -14.57 -57.67 -41.18
CA GLU KA 55 -13.22 -58.07 -41.54
C GLU KA 55 -12.74 -59.25 -40.70
N VAL KA 56 -11.77 -60.00 -41.23
CA VAL KA 56 -11.06 -60.97 -40.41
C VAL KA 56 -9.58 -60.98 -40.78
N LYS KA 57 -8.71 -61.07 -39.77
CA LYS KA 57 -7.27 -61.01 -39.97
C LYS KA 57 -6.52 -62.03 -39.12
N ARG KA 58 -5.37 -62.49 -39.61
CA ARG KA 58 -4.47 -63.41 -38.94
C ARG KA 58 -3.35 -62.66 -38.22
N TYR KA 59 -2.87 -63.25 -37.11
CA TYR KA 59 -1.61 -62.86 -36.49
C TYR KA 59 -1.08 -64.04 -35.69
N GLU KA 60 0.08 -63.91 -35.02
CA GLU KA 60 0.68 -64.94 -34.18
C GLU KA 60 0.61 -66.32 -34.80
N HIS KA 61 1.32 -66.46 -35.90
CA HIS KA 61 1.51 -67.77 -36.47
C HIS KA 61 2.39 -68.61 -35.55
N ASN KA 62 1.99 -69.86 -35.33
CA ASN KA 62 2.88 -70.87 -34.79
C ASN KA 62 2.47 -72.23 -35.33
N VAL KA 63 3.31 -73.24 -35.14
CA VAL KA 63 2.95 -74.59 -35.52
C VAL KA 63 2.90 -75.43 -34.26
N ASN KA 64 1.73 -75.90 -33.84
CA ASN KA 64 1.68 -76.87 -32.76
C ASN KA 64 2.24 -78.20 -33.25
N VAL KA 65 3.29 -78.68 -32.59
CA VAL KA 65 3.82 -80.00 -32.83
C VAL KA 65 3.58 -80.79 -31.57
N GLU KA 66 2.89 -81.93 -31.67
CA GLU KA 66 2.90 -82.87 -30.58
C GLU KA 66 3.08 -84.30 -31.06
N ILE KA 67 3.94 -85.00 -30.35
CA ILE KA 67 4.46 -86.29 -30.75
C ILE KA 67 4.36 -87.22 -29.57
N THR KA 68 3.88 -88.44 -29.79
CA THR KA 68 3.94 -89.47 -28.78
C THR KA 68 4.85 -90.57 -29.31
N TYR KA 69 5.82 -91.00 -28.49
CA TYR KA 69 6.82 -91.95 -28.95
C TYR KA 69 7.27 -92.88 -27.84
N ALA KA 70 7.88 -94.02 -28.20
CA ALA KA 70 8.09 -95.10 -27.25
C ALA KA 70 9.52 -95.65 -27.24
N LYS KA 71 10.43 -95.01 -27.97
CA LYS KA 71 11.85 -95.33 -27.90
C LYS KA 71 12.59 -94.09 -27.39
N PHE KA 72 13.27 -94.23 -26.25
CA PHE KA 72 13.98 -93.11 -25.68
C PHE KA 72 15.24 -92.85 -26.47
N SER KA 73 15.61 -91.56 -26.62
CA SER KA 73 16.83 -91.14 -27.29
C SER KA 73 17.69 -90.32 -26.34
N LEU KA 74 18.91 -90.76 -26.06
CA LEU KA 74 19.82 -89.92 -25.29
C LEU KA 74 20.29 -88.71 -26.08
N GLU KA 75 20.45 -88.85 -27.39
CA GLU KA 75 20.86 -87.70 -28.19
C GLU KA 75 19.77 -86.61 -28.13
N PHE KA 76 18.51 -86.95 -28.35
CA PHE KA 76 17.46 -85.97 -28.29
C PHE KA 76 17.36 -85.33 -26.91
N ALA KA 77 17.41 -86.11 -25.85
CA ALA KA 77 17.30 -85.58 -24.50
C ALA KA 77 18.49 -84.68 -24.12
N GLN KA 78 19.72 -85.05 -24.49
CA GLN KA 78 20.88 -84.24 -24.17
C GLN KA 78 21.03 -83.01 -25.06
N GLU KA 79 20.54 -83.06 -26.29
CA GLU KA 79 20.40 -81.88 -27.12
C GLU KA 79 19.40 -80.92 -26.48
N TRP KA 80 18.26 -81.41 -26.01
CA TRP KA 80 17.27 -80.55 -25.40
C TRP KA 80 17.80 -79.86 -24.15
N LEU KA 81 18.51 -80.60 -23.28
CA LEU KA 81 19.10 -79.98 -22.10
C LEU KA 81 20.11 -78.90 -22.47
N GLY KA 82 20.94 -79.15 -23.49
CA GLY KA 82 22.08 -78.32 -23.81
C GLY KA 82 21.77 -76.98 -24.48
N GLY KA 83 20.60 -76.83 -25.10
CA GLY KA 83 20.25 -75.62 -25.83
C GLY KA 83 20.99 -75.51 -27.17
N PRO KA 84 20.85 -74.41 -27.93
CA PRO KA 84 21.39 -74.30 -29.27
C PRO KA 84 22.87 -74.60 -29.37
N GLY KA 85 23.19 -75.53 -30.29
CA GLY KA 85 24.53 -75.95 -30.66
C GLY KA 85 25.31 -76.66 -29.55
N ALA KA 86 24.63 -77.18 -28.52
CA ALA KA 86 25.30 -77.82 -27.40
C ALA KA 86 24.54 -79.02 -26.83
N THR KA 87 25.31 -79.97 -26.26
CA THR KA 87 24.80 -81.15 -25.58
C THR KA 87 25.12 -81.04 -24.09
N ALA KA 88 24.17 -81.45 -23.24
CA ALA KA 88 24.39 -81.43 -21.79
C ALA KA 88 23.78 -82.64 -21.09
N THR KA 89 24.46 -83.09 -20.03
CA THR KA 89 24.00 -84.23 -19.23
C THR KA 89 23.31 -83.78 -17.94
N ALA KA 90 22.98 -82.49 -17.82
CA ALA KA 90 22.27 -81.95 -16.66
C ALA KA 90 21.56 -80.67 -17.08
N SER KA 91 20.59 -80.22 -16.29
CA SER KA 91 19.90 -78.96 -16.53
C SER KA 91 20.91 -77.84 -16.73
N GLN KA 92 20.65 -76.95 -17.70
CA GLN KA 92 21.48 -75.78 -17.92
C GLN KA 92 20.77 -74.53 -17.43
N ASP KA 93 21.53 -73.62 -16.82
CA ASP KA 93 20.99 -72.35 -16.38
C ASP KA 93 21.18 -71.29 -17.48
N ASP KA 94 20.45 -71.42 -18.59
CA ASP KA 94 20.50 -70.44 -19.66
C ASP KA 94 19.16 -70.28 -20.38
N SER KA 95 18.99 -69.16 -21.08
CA SER KA 95 17.69 -68.72 -21.55
C SER KA 95 17.31 -69.24 -22.94
N ASP KA 96 18.26 -69.83 -23.68
CA ASP KA 96 18.02 -70.27 -25.04
C ASP KA 96 17.53 -71.71 -25.08
N PRO KA 97 16.28 -72.00 -25.52
CA PRO KA 97 15.82 -73.37 -25.67
C PRO KA 97 16.40 -73.96 -26.96
N MET KA 98 16.59 -75.27 -26.95
CA MET KA 98 17.06 -75.99 -28.12
C MET KA 98 16.00 -75.92 -29.21
N LYS KA 99 16.41 -75.45 -30.39
CA LYS KA 99 15.56 -75.34 -31.56
C LYS KA 99 15.84 -76.51 -32.50
N PHE KA 100 14.81 -77.26 -32.85
CA PHE KA 100 14.93 -78.37 -33.78
C PHE KA 100 14.24 -78.03 -35.09
N ASN KA 101 14.84 -78.37 -36.23
CA ASN KA 101 14.07 -78.49 -37.44
C ASN KA 101 13.42 -79.88 -37.44
N LEU KA 102 12.22 -79.96 -37.99
CA LEU KA 102 11.51 -81.21 -38.04
C LEU KA 102 11.01 -81.43 -39.47
N GLU KA 103 11.10 -82.68 -39.95
CA GLU KA 103 10.47 -83.05 -41.21
C GLU KA 103 9.71 -84.36 -41.04
N ASN KA 104 8.49 -84.43 -41.58
CA ASN KA 104 7.71 -85.66 -41.63
C ASN KA 104 7.36 -85.98 -43.08
N VAL KA 105 7.59 -87.22 -43.51
CA VAL KA 105 7.29 -87.63 -44.87
C VAL KA 105 6.39 -88.86 -44.85
N THR KA 106 5.38 -88.83 -45.72
CA THR KA 106 4.38 -89.88 -45.81
C THR KA 106 3.98 -90.09 -47.26
N PRO KA 107 4.10 -91.32 -47.80
CA PRO KA 107 3.35 -91.68 -49.00
C PRO KA 107 1.85 -91.67 -48.67
N SER KA 108 1.03 -91.26 -49.64
CA SER KA 108 -0.42 -91.42 -49.52
C SER KA 108 -0.80 -92.90 -49.66
N ALA KA 109 -2.02 -93.25 -49.26
CA ALA KA 109 -2.39 -94.65 -49.11
C ALA KA 109 -2.37 -95.43 -50.43
N SER KA 110 -2.75 -94.81 -51.56
CA SER KA 110 -2.67 -95.41 -52.88
C SER KA 110 -1.50 -94.89 -53.72
N GLY KA 111 -0.54 -94.22 -53.09
CA GLY KA 111 0.68 -93.74 -53.74
C GLY KA 111 0.48 -92.56 -54.71
N GLY KA 112 -0.67 -91.87 -54.64
CA GLY KA 112 -0.96 -90.73 -55.50
C GLY KA 112 -0.02 -89.56 -55.30
N PHE KA 113 0.57 -89.43 -54.11
CA PHE KA 113 1.54 -88.40 -53.78
C PHE KA 113 2.39 -88.80 -52.58
N GLU KA 114 3.47 -88.06 -52.35
CA GLU KA 114 4.25 -88.21 -51.12
C GLU KA 114 4.29 -86.85 -50.43
N ARG KA 115 3.47 -86.68 -49.39
CA ARG KA 115 3.39 -85.43 -48.65
C ARG KA 115 4.62 -85.29 -47.76
N THR KA 116 5.38 -84.23 -47.96
CA THR KA 116 6.48 -83.84 -47.07
C THR KA 116 6.08 -82.58 -46.34
N THR KA 117 6.08 -82.60 -45.00
CA THR KA 117 5.87 -81.44 -44.17
C THR KA 117 7.19 -81.12 -43.48
N ALA KA 118 7.60 -79.84 -43.48
CA ALA KA 118 8.78 -79.42 -42.76
C ALA KA 118 8.48 -78.18 -41.91
N VAL KA 119 9.03 -78.17 -40.68
CA VAL KA 119 8.74 -77.14 -39.68
C VAL KA 119 10.07 -76.65 -39.11
N GLU KA 120 10.27 -75.33 -39.03
CA GLU KA 120 11.50 -74.77 -38.48
C GLU KA 120 11.38 -74.43 -37.00
N ASN KA 121 12.50 -74.50 -36.28
CA ASN KA 121 12.64 -73.97 -34.93
C ASN KA 121 11.55 -74.43 -33.98
N VAL KA 122 11.26 -75.73 -33.97
CA VAL KA 122 10.40 -76.34 -32.96
C VAL KA 122 11.10 -76.31 -31.61
N VAL KA 123 10.39 -75.84 -30.57
CA VAL KA 123 10.89 -75.88 -29.20
C VAL KA 123 9.85 -76.56 -28.31
N PHE KA 124 10.34 -77.32 -27.32
CA PHE KA 124 9.45 -78.05 -26.44
C PHE KA 124 9.62 -77.55 -25.01
N PRO KA 125 8.62 -76.91 -24.38
CA PRO KA 125 8.79 -76.34 -23.05
C PRO KA 125 9.14 -77.38 -21.99
N GLU KA 126 8.67 -78.62 -22.16
CA GLU KA 126 9.01 -79.68 -21.23
C GLU KA 126 9.35 -80.96 -21.97
N LEU KA 127 10.35 -81.67 -21.44
CA LEU KA 127 10.84 -82.91 -22.01
C LEU KA 127 10.57 -84.03 -21.03
N PRO KA 128 9.77 -85.06 -21.37
CA PRO KA 128 9.57 -86.19 -20.47
C PRO KA 128 10.81 -87.09 -20.50
N LEU KA 129 11.37 -87.32 -19.31
CA LEU KA 129 12.58 -88.13 -19.21
C LEU KA 129 12.21 -89.56 -18.87
N ASP KA 130 11.52 -89.72 -17.74
CA ASP KA 130 10.98 -91.02 -17.36
C ASP KA 130 9.46 -90.92 -17.45
N SER KA 131 8.86 -92.01 -17.93
CA SER KA 131 7.41 -92.05 -18.10
C SER KA 131 6.89 -93.46 -17.79
N ALA KA 132 7.34 -93.99 -16.66
CA ALA KA 132 7.10 -95.36 -16.24
C ALA KA 132 5.64 -95.56 -15.82
N THR KA 133 5.05 -96.70 -16.26
CA THR KA 133 3.76 -97.17 -15.80
C THR KA 133 3.84 -98.69 -15.67
N TYR KA 134 3.23 -99.25 -14.63
CA TYR KA 134 3.36 -100.67 -14.38
C TYR KA 134 2.82 -101.50 -15.54
N GLY KA 135 3.66 -102.42 -16.05
CA GLY KA 135 3.28 -103.35 -17.10
C GLY KA 135 3.15 -102.69 -18.48
N GLU KA 136 3.85 -101.55 -18.68
CA GLU KA 136 3.87 -100.87 -19.96
C GLU KA 136 5.27 -100.41 -20.33
N TYR KA 137 5.48 -100.23 -21.64
CA TYR KA 137 6.72 -99.58 -22.04
C TYR KA 137 6.58 -98.10 -21.76
N GLU KA 138 7.70 -97.41 -21.54
CA GLU KA 138 7.63 -95.97 -21.32
C GLU KA 138 7.16 -95.30 -22.59
N GLU KA 139 6.11 -94.48 -22.47
CA GLU KA 139 5.56 -93.75 -23.58
C GLU KA 139 5.66 -92.26 -23.27
N TYR KA 140 6.29 -91.51 -24.16
CA TYR KA 140 6.67 -90.13 -23.94
C TYR KA 140 5.83 -89.24 -24.84
N SER KA 141 5.25 -88.16 -24.28
CA SER KA 141 4.60 -87.15 -25.10
C SER KA 141 5.37 -85.83 -25.08
N LEU KA 142 5.72 -85.33 -26.27
CA LEU KA 142 6.27 -84.00 -26.45
C LEU KA 142 5.19 -83.08 -27.00
N THR KA 143 5.09 -81.87 -26.46
CA THR KA 143 4.26 -80.81 -27.02
C THR KA 143 5.16 -79.59 -27.19
N GLY KA 144 5.13 -78.96 -28.36
CA GLY KA 144 6.02 -77.85 -28.66
C GLY KA 144 5.49 -76.97 -29.77
N SER KA 145 6.15 -75.84 -30.02
CA SER KA 145 5.71 -74.89 -31.04
C SER KA 145 6.84 -74.59 -32.03
N GLY KA 146 6.57 -74.78 -33.31
CA GLY KA 146 7.44 -74.36 -34.38
C GLY KA 146 7.14 -72.94 -34.82
N ARG KA 147 8.11 -72.30 -35.48
CA ARG KA 147 7.94 -70.93 -35.94
C ARG KA 147 7.14 -70.89 -37.23
N SER KA 148 7.49 -71.72 -38.21
CA SER KA 148 6.79 -71.74 -39.48
C SER KA 148 6.91 -73.10 -40.17
N VAL KA 149 5.98 -73.37 -41.10
CA VAL KA 149 6.07 -74.49 -42.03
C VAL KA 149 6.94 -74.04 -43.18
N THR KA 150 8.13 -74.64 -43.33
CA THR KA 150 9.06 -74.25 -44.38
C THR KA 150 8.77 -74.96 -45.71
N ASN KA 151 8.12 -76.11 -45.65
CA ASN KA 151 7.70 -76.85 -46.84
C ASN KA 151 6.44 -77.65 -46.56
N LEU KA 152 5.54 -77.69 -47.55
CA LEU KA 152 4.42 -78.61 -47.63
C LEU KA 152 4.17 -78.89 -49.10
N ALA KA 153 4.69 -80.03 -49.58
CA ALA KA 153 4.70 -80.31 -51.00
C ALA KA 153 4.60 -81.81 -51.27
N ASP KA 154 4.17 -82.14 -52.48
CA ASP KA 154 4.29 -83.49 -52.98
C ASP KA 154 5.71 -83.66 -53.49
N THR KA 155 6.50 -84.44 -52.75
CA THR KA 155 7.90 -84.69 -53.09
C THR KA 155 8.10 -85.98 -53.89
N SER KA 156 7.01 -86.65 -54.30
CA SER KA 156 7.12 -87.83 -55.15
C SER KA 156 7.79 -87.50 -56.50
N GLY KA 157 8.48 -88.50 -57.07
CA GLY KA 157 9.37 -88.33 -58.21
C GLY KA 157 8.67 -87.71 -59.40
N ALA LA 2 26.35 -91.72 -32.06
CA ALA LA 2 25.60 -91.72 -30.77
C ALA LA 2 24.71 -92.97 -30.65
N THR LA 3 24.14 -93.15 -29.46
CA THR LA 3 23.46 -94.39 -29.08
C THR LA 3 22.10 -94.51 -29.77
N SER LA 4 21.82 -95.66 -30.41
CA SER LA 4 20.55 -95.90 -31.11
C SER LA 4 19.39 -95.77 -30.15
N PRO LA 5 18.30 -95.04 -30.48
CA PRO LA 5 17.12 -94.99 -29.63
C PRO LA 5 16.54 -96.40 -29.44
N GLU LA 6 15.96 -96.62 -28.27
CA GLU LA 6 15.50 -97.95 -27.91
C GLU LA 6 14.30 -97.89 -26.96
N GLY LA 7 13.43 -98.90 -26.96
CA GLY LA 7 12.33 -98.91 -26.02
C GLY LA 7 12.83 -99.09 -24.59
N ILE LA 8 11.99 -98.67 -23.63
CA ILE LA 8 12.31 -98.88 -22.23
C ILE LA 8 11.09 -99.49 -21.56
N TRP LA 9 11.34 -100.49 -20.71
CA TRP LA 9 10.28 -101.22 -20.06
C TRP LA 9 10.14 -100.72 -18.63
N SER LA 10 8.93 -100.30 -18.22
CA SER LA 10 8.75 -99.59 -16.96
C SER LA 10 9.19 -100.44 -15.77
N ASN LA 11 8.83 -101.73 -15.76
CA ASN LA 11 9.10 -102.57 -14.60
C ASN LA 11 10.59 -102.85 -14.40
N SER LA 12 11.47 -102.36 -15.26
CA SER LA 12 12.91 -102.50 -15.07
C SER LA 12 13.49 -101.44 -14.15
N GLY LA 13 12.75 -100.35 -13.87
CA GLY LA 13 13.31 -99.18 -13.21
C GLY LA 13 13.58 -99.40 -11.72
N ALA LA 14 14.73 -98.92 -11.24
CA ALA LA 14 15.03 -98.82 -9.81
C ALA LA 14 15.05 -97.36 -9.40
N LEU LA 15 14.09 -96.96 -8.57
CA LEU LA 15 14.01 -95.62 -8.03
C LEU LA 15 14.54 -95.62 -6.60
N THR LA 16 15.42 -94.67 -6.28
CA THR LA 16 15.96 -94.53 -4.93
C THR LA 16 15.98 -93.05 -4.50
N PHE LA 17 15.74 -92.81 -3.21
CA PHE LA 17 15.81 -91.48 -2.64
C PHE LA 17 16.97 -91.39 -1.67
N GLU LA 18 17.61 -90.23 -1.63
CA GLU LA 18 18.70 -90.00 -0.71
C GLU LA 18 18.52 -88.70 0.03
N ASP LA 19 18.97 -88.65 1.29
CA ASP LA 19 19.08 -87.40 2.02
C ASP LA 19 20.26 -86.61 1.48
N PRO LA 20 20.08 -85.39 0.91
CA PRO LA 20 21.18 -84.63 0.34
C PRO LA 20 22.22 -84.15 1.34
N ALA LA 21 21.94 -84.24 2.65
CA ALA LA 21 22.91 -83.87 3.69
C ALA LA 21 24.06 -84.90 3.79
N ASP LA 22 23.77 -86.19 3.54
CA ASP LA 22 24.66 -87.30 3.85
C ASP LA 22 24.80 -88.30 2.70
N ASP LA 23 23.94 -88.22 1.67
CA ASP LA 23 23.82 -89.21 0.61
C ASP LA 23 23.52 -90.62 1.14
N SER LA 24 22.85 -90.68 2.31
CA SER LA 24 22.29 -91.91 2.85
C SER LA 24 20.95 -92.20 2.16
N GLU LA 25 20.65 -93.49 1.94
CA GLU LA 25 19.38 -93.87 1.34
C GLU LA 25 18.24 -93.66 2.32
N ILE LA 26 17.10 -93.20 1.79
CA ILE LA 26 15.81 -93.17 2.47
C ILE LA 26 14.98 -94.31 1.92
N LEU LA 27 14.57 -95.26 2.77
CA LEU LA 27 13.92 -96.48 2.32
C LEU LA 27 12.62 -96.18 1.60
N PHE LA 28 12.50 -96.71 0.38
CA PHE LA 28 11.36 -96.45 -0.46
C PHE LA 28 11.28 -97.56 -1.50
N ALA LA 29 10.06 -98.06 -1.75
CA ALA LA 29 9.91 -99.17 -2.68
C ALA LA 29 8.49 -99.27 -3.24
N GLY LA 30 8.30 -100.17 -4.21
CA GLY LA 30 6.95 -100.54 -4.59
C GLY LA 30 6.30 -99.55 -5.53
N VAL LA 31 7.11 -98.87 -6.35
CA VAL LA 31 6.52 -97.96 -7.35
C VAL LA 31 5.65 -98.73 -8.33
N ARG LA 32 4.75 -97.97 -8.95
CA ARG LA 32 3.90 -98.44 -10.03
C ARG LA 32 4.01 -97.49 -11.21
N ASP LA 33 3.96 -96.18 -10.94
CA ASP LA 33 4.21 -95.18 -11.96
C ASP LA 33 5.32 -94.24 -11.50
N VAL LA 34 6.14 -93.76 -12.45
CA VAL LA 34 7.17 -92.77 -12.20
C VAL LA 34 7.30 -91.87 -13.41
N THR LA 35 6.89 -90.62 -13.26
CA THR LA 35 7.05 -89.62 -14.31
C THR LA 35 8.03 -88.56 -13.82
N ILE LA 36 9.08 -88.31 -14.60
CA ILE LA 36 10.03 -87.22 -14.30
C ILE LA 36 10.14 -86.35 -15.55
N THR LA 37 10.06 -85.03 -15.38
CA THR LA 37 9.88 -84.13 -16.50
C THR LA 37 10.49 -82.78 -16.19
N PRO LA 38 11.75 -82.49 -16.61
CA PRO LA 38 12.27 -81.14 -16.63
C PRO LA 38 11.43 -80.28 -17.56
N ALA LA 39 11.14 -79.07 -17.07
CA ALA LA 39 10.30 -78.12 -17.78
C ALA LA 39 10.83 -76.71 -17.58
N TYR LA 40 10.55 -75.85 -18.55
CA TYR LA 40 10.76 -74.43 -18.39
C TYR LA 40 9.49 -73.70 -18.81
N GLU LA 41 9.27 -72.52 -18.24
CA GLU LA 41 8.33 -71.59 -18.84
C GLU LA 41 8.96 -71.01 -20.10
N HIS LA 42 8.17 -70.81 -21.16
CA HIS LA 42 8.62 -70.14 -22.38
C HIS LA 42 7.92 -68.80 -22.56
N ALA LA 43 8.67 -67.82 -23.05
CA ALA LA 43 8.11 -66.56 -23.53
C ALA LA 43 8.44 -66.38 -25.01
N GLU LA 44 7.43 -66.09 -25.82
CA GLU LA 44 7.58 -65.83 -27.24
C GLU LA 44 7.38 -64.34 -27.52
N LEU LA 45 8.31 -63.71 -28.25
CA LEU LA 45 8.16 -62.32 -28.65
C LEU LA 45 7.47 -62.22 -30.02
N TYR LA 46 6.39 -61.47 -30.06
CA TYR LA 46 5.77 -61.11 -31.33
C TYR LA 46 5.54 -59.61 -31.39
N THR LA 47 5.73 -59.05 -32.59
CA THR LA 47 5.62 -57.60 -32.78
C THR LA 47 4.87 -57.30 -34.07
N ILE LA 48 4.50 -56.04 -34.30
CA ILE LA 48 3.72 -55.70 -35.48
C ILE LA 48 4.49 -55.97 -36.78
N ASP LA 49 5.81 -56.07 -36.69
CA ASP LA 49 6.68 -56.30 -37.85
C ASP LA 49 6.36 -57.59 -38.59
N SER LA 50 5.86 -58.63 -37.90
CA SER LA 50 5.68 -59.94 -38.48
C SER LA 50 4.59 -60.75 -37.78
N THR LA 51 3.97 -61.67 -38.52
CA THR LA 51 3.12 -62.69 -37.91
C THR LA 51 3.93 -63.85 -37.34
N PHE LA 52 5.20 -63.99 -37.75
CA PHE LA 52 6.08 -65.00 -37.19
C PHE LA 52 6.73 -64.57 -35.88
N ARG LA 53 7.07 -65.57 -35.06
CA ARG LA 53 7.74 -65.36 -33.79
C ARG LA 53 9.12 -64.76 -34.02
N ASP LA 54 9.44 -63.67 -33.32
CA ASP LA 54 10.78 -63.10 -33.39
C ASP LA 54 11.75 -63.93 -32.55
N GLU LA 55 11.38 -64.23 -31.31
CA GLU LA 55 12.26 -64.89 -30.35
C GLU LA 55 11.47 -65.81 -29.42
N VAL LA 56 12.18 -66.82 -28.86
CA VAL LA 56 11.64 -67.59 -27.76
C VAL LA 56 12.73 -67.84 -26.72
N LYS LA 57 12.38 -67.73 -25.43
CA LYS LA 57 13.34 -67.85 -24.33
C LYS LA 57 12.80 -68.72 -23.20
N ARG LA 58 13.70 -69.44 -22.51
CA ARG LA 58 13.37 -70.24 -21.35
C ARG LA 58 13.49 -69.42 -20.07
N TYR LA 59 12.71 -69.78 -19.05
CA TYR LA 59 12.94 -69.38 -17.68
C TYR LA 59 12.25 -70.34 -16.70
N GLU LA 60 12.40 -70.11 -15.40
CA GLU LA 60 11.62 -70.76 -14.36
C GLU LA 60 11.69 -72.28 -14.45
N HIS LA 61 12.90 -72.82 -14.52
CA HIS LA 61 13.11 -74.25 -14.62
C HIS LA 61 12.62 -74.96 -13.37
N ASN LA 62 11.96 -76.10 -13.56
CA ASN LA 62 11.80 -77.08 -12.49
C ASN LA 62 11.65 -78.48 -13.07
N VAL LA 63 11.86 -79.50 -12.24
CA VAL LA 63 11.64 -80.86 -12.66
C VAL LA 63 10.35 -81.37 -12.02
N ASN LA 64 9.27 -81.51 -12.79
CA ASN LA 64 8.08 -82.16 -12.28
C ASN LA 64 8.41 -83.61 -11.99
N VAL LA 65 8.12 -84.07 -10.77
CA VAL LA 65 8.24 -85.46 -10.37
C VAL LA 65 6.89 -85.90 -9.90
N GLU LA 66 6.37 -87.00 -10.43
CA GLU LA 66 5.24 -87.65 -9.79
C GLU LA 66 5.37 -89.16 -9.80
N ILE LA 67 5.06 -89.76 -8.66
CA ILE LA 67 5.35 -91.14 -8.38
C ILE LA 67 4.10 -91.74 -7.76
N THR LA 68 3.67 -92.90 -8.26
CA THR LA 68 2.62 -93.66 -7.61
C THR LA 68 3.22 -94.95 -7.09
N TYR LA 69 2.97 -95.27 -5.81
CA TYR LA 69 3.60 -96.41 -5.19
C TYR LA 69 2.67 -97.09 -4.20
N ALA LA 70 2.97 -98.36 -3.87
CA ALA LA 70 2.04 -99.23 -3.15
C ALA LA 70 2.67 -99.90 -1.93
N LYS LA 71 3.92 -99.57 -1.58
CA LYS LA 71 4.49 -99.96 -0.30
C LYS LA 71 4.74 -98.72 0.54
N PHE LA 72 4.13 -98.61 1.71
CA PHE LA 72 4.31 -97.45 2.56
C PHE LA 72 5.65 -97.50 3.28
N SER LA 73 6.32 -96.33 3.40
CA SER LA 73 7.57 -96.22 4.15
C SER LA 73 7.45 -95.25 5.32
N LEU LA 74 7.67 -95.71 6.56
CA LEU LA 74 7.67 -94.77 7.67
C LEU LA 74 8.88 -93.86 7.64
N GLU LA 75 10.04 -94.33 7.16
CA GLU LA 75 11.18 -93.45 7.08
C GLU LA 75 10.91 -92.29 6.12
N PHE LA 76 10.40 -92.56 4.93
CA PHE LA 76 10.09 -91.49 3.99
C PHE LA 76 9.07 -90.51 4.57
N ALA LA 77 8.02 -91.00 5.23
CA ALA LA 77 6.98 -90.14 5.79
C ALA LA 77 7.51 -89.31 6.95
N GLN LA 78 8.26 -89.90 7.88
CA GLN LA 78 8.79 -89.17 9.02
C GLN LA 78 9.90 -88.18 8.62
N GLU LA 79 10.68 -88.49 7.57
CA GLU LA 79 11.61 -87.54 6.99
C GLU LA 79 10.85 -86.38 6.38
N TRP LA 80 9.76 -86.63 5.66
CA TRP LA 80 8.98 -85.55 5.07
C TRP LA 80 8.41 -84.64 6.14
N LEU LA 81 7.89 -85.20 7.24
CA LEU LA 81 7.35 -84.42 8.34
C LEU LA 81 8.42 -83.54 8.97
N GLY LA 82 9.59 -84.10 9.23
CA GLY LA 82 10.61 -83.43 10.02
C GLY LA 82 11.34 -82.30 9.32
N GLY LA 83 11.34 -82.26 7.98
CA GLY LA 83 12.07 -81.26 7.22
C GLY LA 83 13.56 -81.62 7.11
N PRO LA 84 14.41 -80.71 6.59
CA PRO LA 84 15.82 -81.02 6.36
C PRO LA 84 16.55 -81.51 7.59
N GLY LA 85 17.21 -82.66 7.46
CA GLY LA 85 18.09 -83.21 8.48
C GLY LA 85 17.41 -83.72 9.75
N ALA LA 86 16.09 -83.84 9.75
CA ALA LA 86 15.35 -84.23 10.96
C ALA LA 86 14.20 -85.18 10.64
N THR LA 87 13.99 -86.17 11.52
CA THR LA 87 12.88 -87.12 11.40
C THR LA 87 11.87 -86.82 12.51
N ALA LA 88 10.58 -86.76 12.17
CA ALA LA 88 9.55 -86.42 13.14
C ALA LA 88 8.31 -87.30 13.03
N THR LA 89 7.66 -87.50 14.17
CA THR LA 89 6.48 -88.36 14.26
C THR LA 89 5.18 -87.54 14.28
N ALA LA 90 5.25 -86.22 14.02
CA ALA LA 90 4.09 -85.33 14.00
C ALA LA 90 4.40 -84.13 13.15
N SER LA 91 3.37 -83.42 12.67
CA SER LA 91 3.54 -82.19 11.89
C SER LA 91 4.51 -81.24 12.58
N GLN LA 92 5.41 -80.62 11.80
CA GLN LA 92 6.33 -79.62 12.33
C GLN LA 92 5.89 -78.23 11.89
N ASP LA 93 5.91 -77.29 12.84
CA ASP LA 93 5.55 -75.92 12.57
C ASP LA 93 6.77 -75.13 12.11
N ASP LA 94 7.27 -75.41 10.89
CA ASP LA 94 8.37 -74.65 10.32
C ASP LA 94 8.36 -74.65 8.79
N SER LA 95 9.14 -73.71 8.24
CA SER LA 95 9.01 -73.28 6.86
C SER LA 95 9.81 -74.15 5.87
N ASP LA 96 10.80 -74.94 6.33
CA ASP LA 96 11.65 -75.69 5.42
C ASP LA 96 11.04 -77.02 5.03
N PRO LA 97 10.68 -77.27 3.74
CA PRO LA 97 10.26 -78.61 3.34
C PRO LA 97 11.47 -79.53 3.29
N MET LA 98 11.23 -80.83 3.50
CA MET LA 98 12.27 -81.82 3.30
C MET LA 98 12.65 -81.87 1.83
N LYS LA 99 13.95 -81.69 1.53
CA LYS LA 99 14.46 -81.82 0.18
C LYS LA 99 15.09 -83.18 0.01
N PHE LA 100 14.64 -83.94 -0.99
CA PHE LA 100 15.19 -85.25 -1.31
C PHE LA 100 15.99 -85.19 -2.61
N ASN LA 101 17.12 -85.87 -2.66
CA ASN LA 101 17.67 -86.22 -3.95
C ASN LA 101 16.95 -87.46 -4.44
N LEU LA 102 16.74 -87.54 -5.75
CA LEU LA 102 16.09 -88.69 -6.35
C LEU LA 102 16.97 -89.20 -7.49
N GLU LA 103 17.03 -90.53 -7.62
CA GLU LA 103 17.70 -91.15 -8.75
C GLU LA 103 16.87 -92.31 -9.28
N ASN LA 104 16.68 -92.38 -10.61
CA ASN LA 104 16.02 -93.48 -11.28
C ASN LA 104 16.96 -94.11 -12.32
N VAL LA 105 17.17 -95.42 -12.24
CA VAL LA 105 18.07 -96.13 -13.14
C VAL LA 105 17.29 -97.18 -13.92
N THR LA 106 17.45 -97.22 -15.25
CA THR LA 106 16.59 -97.99 -16.14
C THR LA 106 17.37 -98.53 -17.34
N PRO LA 107 17.57 -99.86 -17.44
CA PRO LA 107 18.11 -100.47 -18.66
C PRO LA 107 17.14 -100.31 -19.82
N SER LA 108 17.68 -100.08 -21.02
CA SER LA 108 16.87 -100.12 -22.22
C SER LA 108 16.44 -101.55 -22.53
N ALA LA 109 15.37 -101.71 -23.33
CA ALA LA 109 14.70 -102.99 -23.47
C ALA LA 109 15.56 -104.09 -24.10
N SER LA 110 16.53 -103.75 -24.97
CA SER LA 110 17.51 -104.67 -25.54
C SER LA 110 18.93 -104.50 -24.98
N GLY LA 111 19.11 -103.74 -23.90
CA GLY LA 111 20.40 -103.57 -23.27
C GLY LA 111 21.40 -102.66 -24.00
N GLY LA 112 20.93 -101.86 -24.97
CA GLY LA 112 21.77 -100.87 -25.65
C GLY LA 112 22.37 -99.82 -24.71
N PHE LA 113 21.66 -99.46 -23.63
CA PHE LA 113 22.16 -98.48 -22.66
C PHE LA 113 21.46 -98.62 -21.29
N GLU LA 114 22.07 -98.01 -20.27
CA GLU LA 114 21.40 -97.89 -18.97
C GLU LA 114 21.12 -96.41 -18.70
N ARG LA 115 19.88 -95.99 -18.88
CA ARG LA 115 19.49 -94.60 -18.67
C ARG LA 115 19.43 -94.31 -17.17
N THR LA 116 20.35 -93.47 -16.69
CA THR LA 116 20.33 -92.97 -15.32
C THR LA 116 19.84 -91.53 -15.32
N THR LA 117 18.76 -91.25 -14.59
CA THR LA 117 18.26 -89.89 -14.36
C THR LA 117 18.43 -89.54 -12.89
N ALA LA 118 19.07 -88.40 -12.59
CA ALA LA 118 19.14 -87.91 -11.22
C ALA LA 118 18.62 -86.47 -11.11
N VAL LA 119 17.92 -86.20 -10.01
CA VAL LA 119 17.24 -84.93 -9.79
C VAL LA 119 17.59 -84.41 -8.39
N GLU LA 120 17.98 -83.13 -8.27
CA GLU LA 120 18.27 -82.55 -6.96
C GLU LA 120 17.03 -81.90 -6.35
N ASN LA 121 16.96 -81.95 -5.01
CA ASN LA 121 16.08 -81.13 -4.20
C ASN LA 121 14.62 -81.25 -4.63
N VAL LA 122 14.14 -82.48 -4.84
CA VAL LA 122 12.72 -82.71 -4.98
C VAL LA 122 12.02 -82.41 -3.65
N VAL LA 123 10.96 -81.60 -3.69
CA VAL LA 123 10.10 -81.39 -2.53
C VAL LA 123 8.67 -81.72 -2.91
N PHE LA 124 7.88 -82.22 -1.94
CA PHE LA 124 6.53 -82.63 -2.21
C PHE LA 124 5.56 -81.79 -1.39
N PRO LA 125 4.70 -80.93 -1.97
CA PRO LA 125 3.79 -80.10 -1.21
C PRO LA 125 2.86 -80.88 -0.31
N GLU LA 126 2.48 -82.10 -0.70
CA GLU LA 126 1.62 -82.92 0.14
C GLU LA 126 2.02 -84.37 0.06
N LEU LA 127 1.84 -85.04 1.19
CA LEU LA 127 2.24 -86.43 1.38
C LEU LA 127 1.03 -87.24 1.74
N PRO LA 128 0.64 -88.26 0.93
CA PRO LA 128 -0.48 -89.10 1.29
C PRO LA 128 -0.03 -90.06 2.40
N LEU LA 129 -0.70 -89.97 3.55
CA LEU LA 129 -0.36 -90.85 4.65
C LEU LA 129 -1.21 -92.11 4.62
N ASP LA 130 -2.50 -91.92 4.40
CA ASP LA 130 -3.44 -93.04 4.30
C ASP LA 130 -4.20 -92.88 3.01
N SER LA 131 -4.36 -93.99 2.29
CA SER LA 131 -5.00 -93.99 0.98
C SER LA 131 -5.76 -95.31 0.78
N ALA LA 132 -6.62 -95.59 1.76
CA ALA LA 132 -7.37 -96.83 1.81
C ALA LA 132 -8.61 -96.75 0.92
N THR LA 133 -8.82 -97.82 0.17
CA THR LA 133 -10.00 -98.04 -0.65
C THR LA 133 -10.43 -99.49 -0.47
N TYR LA 134 -11.72 -99.71 -0.25
CA TYR LA 134 -12.24 -101.02 0.04
C TYR LA 134 -11.79 -102.05 -0.99
N GLY LA 135 -11.25 -103.20 -0.53
CA GLY LA 135 -10.87 -104.28 -1.41
C GLY LA 135 -9.62 -104.00 -2.24
N GLU LA 136 -8.83 -102.97 -1.88
CA GLU LA 136 -7.60 -102.64 -2.59
C GLU LA 136 -6.45 -102.43 -1.65
N TYR LA 137 -5.23 -102.73 -2.10
CA TYR LA 137 -4.08 -102.25 -1.33
C TYR LA 137 -4.02 -100.74 -1.39
N GLU LA 138 -3.45 -100.14 -0.33
CA GLU LA 138 -3.34 -98.70 -0.33
C GLU LA 138 -2.39 -98.29 -1.46
N GLU LA 139 -2.76 -97.25 -2.21
CA GLU LA 139 -1.90 -96.73 -3.27
C GLU LA 139 -1.71 -95.24 -3.11
N TYR LA 140 -0.46 -94.78 -3.14
CA TYR LA 140 -0.07 -93.44 -2.75
C TYR LA 140 0.43 -92.68 -3.97
N SER LA 141 -0.05 -91.44 -4.20
CA SER LA 141 0.52 -90.60 -5.26
C SER LA 141 1.22 -89.38 -4.70
N LEU LA 142 2.52 -89.25 -5.00
CA LEU LA 142 3.31 -88.06 -4.71
C LEU LA 142 3.43 -87.21 -5.97
N THR LA 143 3.28 -85.90 -5.82
CA THR LA 143 3.56 -84.93 -6.87
C THR LA 143 4.47 -83.87 -6.26
N GLY LA 144 5.58 -83.53 -6.93
CA GLY LA 144 6.56 -82.62 -6.38
C GLY LA 144 7.46 -81.99 -7.44
N SER LA 145 8.38 -81.14 -7.02
CA SER LA 145 9.23 -80.40 -7.95
C SER LA 145 10.70 -80.43 -7.51
N GLY LA 146 11.56 -80.92 -8.40
CA GLY LA 146 12.99 -80.85 -8.22
C GLY LA 146 13.55 -79.55 -8.77
N ARG LA 147 14.71 -79.13 -8.26
CA ARG LA 147 15.32 -77.89 -8.71
C ARG LA 147 15.94 -78.05 -10.10
N SER LA 148 16.63 -79.15 -10.35
CA SER LA 148 17.27 -79.39 -11.65
C SER LA 148 17.62 -80.86 -11.83
N VAL LA 149 17.84 -81.27 -13.08
CA VAL LA 149 18.37 -82.59 -13.41
C VAL LA 149 19.88 -82.54 -13.26
N THR LA 150 20.44 -83.30 -12.31
CA THR LA 150 21.86 -83.27 -12.06
C THR LA 150 22.63 -84.21 -12.97
N ASN LA 151 21.97 -85.26 -13.46
CA ASN LA 151 22.58 -86.17 -14.41
C ASN LA 151 21.52 -86.81 -15.29
N LEU LA 152 21.86 -87.00 -16.58
CA LEU LA 152 21.12 -87.86 -17.49
C LEU LA 152 22.12 -88.46 -18.46
N ALA LA 153 22.50 -89.71 -18.23
CA ALA LA 153 23.58 -90.34 -18.98
C ALA LA 153 23.37 -91.84 -19.10
N ASP LA 154 24.02 -92.43 -20.11
CA ASP LA 154 24.16 -93.87 -20.18
C ASP LA 154 25.24 -94.30 -19.18
N THR LA 155 24.83 -94.98 -18.11
CA THR LA 155 25.74 -95.44 -17.07
C THR LA 155 26.21 -96.88 -17.26
N SER LA 156 25.85 -97.52 -18.39
CA SER LA 156 26.43 -98.83 -18.72
C SER LA 156 27.95 -98.72 -18.92
N GLY LA 157 28.66 -99.83 -18.64
CA GLY LA 157 30.12 -99.88 -18.70
C GLY LA 157 30.68 -99.62 -20.10
N ALA MA 2 16.42 -99.74 10.57
CA ALA MA 2 15.19 -99.07 10.05
C ALA MA 2 14.17 -100.12 9.56
N THR MA 3 12.93 -99.68 9.28
CA THR MA 3 11.82 -100.58 8.95
C THR MA 3 11.62 -100.67 7.44
N SER MA 4 11.66 -101.88 6.85
CA SER MA 4 11.51 -102.06 5.41
C SER MA 4 10.13 -101.61 4.94
N PRO MA 5 9.99 -100.88 3.81
CA PRO MA 5 8.67 -100.49 3.34
C PRO MA 5 7.85 -101.73 2.97
N GLU MA 6 6.54 -101.62 3.18
CA GLU MA 6 5.68 -102.79 3.05
C GLU MA 6 4.29 -102.39 2.57
N GLY MA 7 3.62 -103.31 1.86
CA GLY MA 7 2.26 -103.04 1.38
C GLY MA 7 1.29 -102.90 2.55
N ILE MA 8 0.19 -102.14 2.36
CA ILE MA 8 -0.85 -102.07 3.37
C ILE MA 8 -2.18 -102.42 2.70
N TRP MA 9 -2.98 -103.22 3.41
CA TRP MA 9 -4.24 -103.66 2.84
C TRP MA 9 -5.37 -102.85 3.45
N SER MA 10 -6.21 -102.22 2.62
CA SER MA 10 -7.12 -101.20 3.09
C SER MA 10 -8.09 -101.78 4.10
N ASN MA 11 -8.61 -102.98 3.87
CA ASN MA 11 -9.63 -103.55 4.73
C ASN MA 11 -9.10 -103.87 6.14
N SER MA 12 -7.78 -103.85 6.35
CA SER MA 12 -7.20 -104.07 7.67
C SER MA 12 -7.26 -102.83 8.56
N GLY MA 13 -7.71 -101.68 8.06
CA GLY MA 13 -7.79 -100.45 8.84
C GLY MA 13 -8.90 -100.43 9.89
N ALA MA 14 -8.64 -99.74 11.02
CA ALA MA 14 -9.66 -99.33 11.97
C ALA MA 14 -9.56 -97.83 12.25
N LEU MA 15 -10.65 -97.11 11.91
CA LEU MA 15 -10.73 -95.66 12.05
C LEU MA 15 -11.62 -95.30 13.24
N THR MA 16 -11.17 -94.36 14.08
CA THR MA 16 -11.97 -93.91 15.20
C THR MA 16 -11.93 -92.39 15.38
N PHE MA 17 -13.10 -91.81 15.70
CA PHE MA 17 -13.20 -90.41 16.06
C PHE MA 17 -13.36 -90.25 17.57
N GLU MA 18 -12.80 -89.16 18.11
CA GLU MA 18 -12.99 -88.82 19.51
C GLU MA 18 -13.33 -87.35 19.67
N ASP MA 19 -14.05 -87.04 20.75
CA ASP MA 19 -14.25 -85.67 21.19
C ASP MA 19 -12.98 -85.16 21.89
N PRO MA 20 -12.28 -84.12 21.39
CA PRO MA 20 -11.07 -83.62 22.00
C PRO MA 20 -11.25 -82.94 23.36
N ALA MA 21 -12.50 -82.74 23.81
CA ALA MA 21 -12.76 -82.30 25.18
C ALA MA 21 -12.53 -83.42 26.20
N ASP MA 22 -12.77 -84.68 25.79
CA ASP MA 22 -12.80 -85.84 26.68
C ASP MA 22 -11.72 -86.87 26.35
N ASP MA 23 -11.37 -86.97 25.06
CA ASP MA 23 -10.82 -88.18 24.45
C ASP MA 23 -11.80 -89.36 24.63
N SER MA 24 -13.10 -89.09 24.43
CA SER MA 24 -14.16 -90.10 24.43
C SER MA 24 -14.59 -90.41 23.00
N GLU MA 25 -14.79 -91.70 22.69
CA GLU MA 25 -15.11 -92.10 21.32
C GLU MA 25 -16.47 -91.54 20.88
N ILE MA 26 -16.53 -91.17 19.59
CA ILE MA 26 -17.75 -90.88 18.88
C ILE MA 26 -18.01 -92.06 17.96
N LEU MA 27 -19.13 -92.76 18.12
CA LEU MA 27 -19.38 -94.01 17.39
C LEU MA 27 -19.43 -93.74 15.89
N PHE MA 28 -18.53 -94.40 15.17
CA PHE MA 28 -18.44 -94.24 13.72
C PHE MA 28 -17.88 -95.53 13.13
N ALA MA 29 -18.47 -95.95 12.00
CA ALA MA 29 -18.22 -97.29 11.49
C ALA MA 29 -18.54 -97.38 9.99
N GLY MA 30 -18.16 -98.50 9.37
CA GLY MA 30 -18.61 -98.79 8.02
C GLY MA 30 -17.86 -98.00 6.94
N VAL MA 31 -16.58 -97.68 7.15
CA VAL MA 31 -15.81 -97.02 6.11
C VAL MA 31 -15.64 -97.91 4.89
N ARG MA 32 -15.44 -97.27 3.74
CA ARG MA 32 -15.11 -97.92 2.50
C ARG MA 32 -13.92 -97.24 1.82
N ASP MA 33 -13.70 -95.95 2.11
CA ASP MA 33 -12.48 -95.28 1.71
C ASP MA 33 -12.04 -94.30 2.81
N VAL MA 34 -10.72 -94.13 2.93
CA VAL MA 34 -10.12 -93.19 3.85
C VAL MA 34 -8.85 -92.63 3.22
N THR MA 35 -8.88 -91.34 2.90
CA THR MA 35 -7.69 -90.61 2.50
C THR MA 35 -7.30 -89.63 3.61
N ILE MA 36 -6.03 -89.64 4.01
CA ILE MA 36 -5.47 -88.64 4.92
C ILE MA 36 -4.21 -88.10 4.26
N THR MA 37 -4.07 -86.77 4.23
CA THR MA 37 -3.03 -86.14 3.43
C THR MA 37 -2.60 -84.83 4.09
N PRO MA 38 -1.53 -84.80 4.91
CA PRO MA 38 -0.91 -83.55 5.30
C PRO MA 38 -0.39 -82.84 4.07
N ALA MA 39 -0.60 -81.52 4.06
CA ALA MA 39 -0.27 -80.68 2.92
C ALA MA 39 0.26 -79.35 3.42
N TYR MA 40 1.06 -78.71 2.58
CA TYR MA 40 1.47 -77.35 2.82
C TYR MA 40 1.41 -76.58 1.51
N GLU MA 41 1.13 -75.29 1.61
CA GLU MA 41 1.37 -74.42 0.48
C GLU MA 41 2.88 -74.26 0.32
N HIS MA 42 3.38 -74.35 -0.91
CA HIS MA 42 4.79 -74.08 -1.22
C HIS MA 42 4.94 -72.77 -1.97
N ALA MA 43 5.94 -71.99 -1.59
CA ALA MA 43 6.34 -70.80 -2.32
C ALA MA 43 7.77 -70.97 -2.79
N GLU MA 44 8.02 -70.77 -4.10
CA GLU MA 44 9.33 -70.94 -4.70
C GLU MA 44 9.87 -69.56 -5.08
N LEU MA 45 11.10 -69.21 -4.71
CA LEU MA 45 11.69 -67.93 -5.11
C LEU MA 45 12.43 -68.08 -6.44
N TYR MA 46 12.09 -67.21 -7.41
CA TYR MA 46 12.90 -67.10 -8.60
C TYR MA 46 13.21 -65.65 -8.91
N THR MA 47 14.40 -65.41 -9.46
CA THR MA 47 14.89 -64.06 -9.75
C THR MA 47 15.66 -64.05 -11.06
N ILE MA 48 15.98 -62.87 -11.58
CA ILE MA 48 16.65 -62.72 -12.85
C ILE MA 48 18.03 -63.41 -12.85
N ASP MA 49 18.60 -63.65 -11.66
CA ASP MA 49 19.93 -64.22 -11.50
C ASP MA 49 20.07 -65.63 -12.09
N SER MA 50 18.98 -66.42 -12.08
CA SER MA 50 19.02 -67.80 -12.53
C SER MA 50 17.66 -68.28 -13.00
N THR MA 51 17.67 -69.21 -13.95
CA THR MA 51 16.46 -69.95 -14.30
C THR MA 51 16.09 -70.97 -13.24
N PHE MA 52 17.04 -71.40 -12.42
CA PHE MA 52 16.78 -72.36 -11.35
C PHE MA 52 16.21 -71.68 -10.11
N ARG MA 53 15.48 -72.46 -9.34
CA ARG MA 53 14.86 -72.03 -8.10
C ARG MA 53 15.91 -71.65 -7.06
N ASP MA 54 15.79 -70.43 -6.49
CA ASP MA 54 16.69 -69.97 -5.46
C ASP MA 54 16.34 -70.62 -4.13
N GLU MA 55 15.05 -70.66 -3.79
CA GLU MA 55 14.57 -71.13 -2.49
C GLU MA 55 13.18 -71.75 -2.60
N VAL MA 56 12.82 -72.61 -1.61
CA VAL MA 56 11.45 -73.05 -1.48
C VAL MA 56 11.07 -73.14 -0.01
N LYS MA 57 9.83 -72.74 0.33
CA LYS MA 57 9.35 -72.69 1.70
C LYS MA 57 7.91 -73.18 1.83
N ARG MA 58 7.56 -73.74 2.99
CA ARG MA 58 6.23 -74.20 3.35
C ARG MA 58 5.46 -73.14 4.14
N TYR MA 59 4.13 -73.15 4.02
CA TYR MA 59 3.24 -72.48 4.94
C TYR MA 59 1.86 -73.14 4.86
N GLU MA 60 0.88 -72.70 5.66
CA GLU MA 60 -0.50 -73.22 5.65
C GLU MA 60 -0.53 -74.75 5.63
N HIS MA 61 -0.04 -75.31 6.72
CA HIS MA 61 -0.25 -76.71 6.96
C HIS MA 61 -1.75 -76.95 7.17
N ASN MA 62 -2.25 -77.99 6.52
CA ASN MA 62 -3.49 -78.62 6.94
C ASN MA 62 -3.44 -80.08 6.56
N VAL MA 63 -4.28 -80.90 7.18
CA VAL MA 63 -4.39 -82.29 6.81
C VAL MA 63 -5.71 -82.47 6.11
N ASN MA 64 -5.72 -82.76 4.80
CA ASN MA 64 -6.96 -83.16 4.14
C ASN MA 64 -7.40 -84.51 4.67
N VAL MA 65 -8.64 -84.61 5.13
CA VAL MA 65 -9.22 -85.87 5.53
C VAL MA 65 -10.46 -86.07 4.67
N GLU MA 66 -10.54 -87.19 3.96
CA GLU MA 66 -11.80 -87.53 3.33
C GLU MA 66 -12.11 -89.01 3.48
N ILE MA 67 -13.37 -89.28 3.80
CA ILE MA 67 -13.81 -90.58 4.25
C ILE MA 67 -15.09 -90.91 3.51
N THR MA 68 -15.15 -92.09 2.90
CA THR MA 68 -16.41 -92.59 2.38
C THR MA 68 -16.85 -93.74 3.26
N TYR MA 69 -18.13 -93.73 3.69
CA TYR MA 69 -18.62 -94.72 4.63
C TYR MA 69 -20.09 -95.02 4.40
N ALA MA 70 -20.57 -96.16 4.93
CA ALA MA 70 -21.86 -96.71 4.54
C ALA MA 70 -22.75 -97.09 5.72
N LYS MA 71 -22.35 -96.75 6.94
CA LYS MA 71 -23.19 -96.92 8.12
C LYS MA 71 -23.42 -95.55 8.76
N PHE MA 72 -24.68 -95.14 8.86
CA PHE MA 72 -25.00 -93.84 9.41
C PHE MA 72 -24.86 -93.87 10.94
N SER MA 73 -24.36 -92.77 11.52
CA SER MA 73 -24.25 -92.63 12.96
C SER MA 73 -25.03 -91.41 13.43
N LEU MA 74 -26.06 -91.60 14.26
CA LEU MA 74 -26.71 -90.45 14.85
C LEU MA 74 -25.80 -89.70 15.80
N GLU MA 75 -24.89 -90.39 16.50
CA GLU MA 75 -23.96 -89.69 17.36
C GLU MA 75 -23.07 -88.76 16.56
N PHE MA 76 -22.45 -89.24 15.48
CA PHE MA 76 -21.58 -88.40 14.69
C PHE MA 76 -22.32 -87.22 14.09
N ALA MA 77 -23.50 -87.45 13.53
CA ALA MA 77 -24.28 -86.38 12.94
C ALA MA 77 -24.76 -85.35 13.99
N GLN MA 78 -25.19 -85.78 15.17
CA GLN MA 78 -25.64 -84.85 16.20
C GLN MA 78 -24.48 -84.11 16.89
N GLU MA 79 -23.31 -84.73 17.02
CA GLU MA 79 -22.12 -83.99 17.42
C GLU MA 79 -21.82 -82.90 16.39
N TRP MA 80 -21.86 -83.22 15.10
CA TRP MA 80 -21.53 -82.23 14.08
C TRP MA 80 -22.46 -81.03 14.12
N LEU MA 81 -23.77 -81.26 14.31
CA LEU MA 81 -24.72 -80.17 14.43
C LEU MA 81 -24.43 -79.31 15.67
N GLY MA 82 -24.09 -79.96 16.79
CA GLY MA 82 -23.99 -79.31 18.08
C GLY MA 82 -22.78 -78.41 18.28
N GLY MA 83 -21.71 -78.57 17.49
CA GLY MA 83 -20.46 -77.83 17.70
C GLY MA 83 -19.70 -78.34 18.92
N PRO MA 84 -18.59 -77.67 19.32
CA PRO MA 84 -17.74 -78.14 20.40
C PRO MA 84 -18.47 -78.38 21.71
N GLY MA 85 -18.23 -79.58 22.26
CA GLY MA 85 -18.69 -80.03 23.57
C GLY MA 85 -20.22 -80.09 23.72
N ALA MA 86 -20.95 -80.17 22.61
CA ALA MA 86 -22.41 -80.22 22.63
C ALA MA 86 -22.95 -81.08 21.48
N THR MA 87 -24.21 -81.51 21.65
CA THR MA 87 -24.90 -82.36 20.68
C THR MA 87 -26.26 -81.74 20.36
N ALA MA 88 -26.72 -81.84 19.11
CA ALA MA 88 -27.94 -81.15 18.70
C ALA MA 88 -28.73 -81.92 17.65
N THR MA 89 -30.06 -81.76 17.69
CA THR MA 89 -30.96 -82.44 16.78
C THR MA 89 -31.49 -81.51 15.69
N ALA MA 90 -30.87 -80.34 15.52
CA ALA MA 90 -31.22 -79.38 14.47
C ALA MA 90 -30.03 -78.47 14.24
N SER MA 91 -30.01 -77.79 13.10
CA SER MA 91 -28.99 -76.79 12.77
C SER MA 91 -28.85 -75.82 13.94
N GLN MA 92 -27.59 -75.46 14.26
CA GLN MA 92 -27.31 -74.47 15.29
C GLN MA 92 -26.84 -73.17 14.65
N ASP MA 93 -27.31 -72.05 15.19
CA ASP MA 93 -26.89 -70.74 14.71
C ASP MA 93 -25.68 -70.23 15.49
N ASP MA 94 -24.52 -70.89 15.32
CA ASP MA 94 -23.28 -70.48 15.97
C ASP MA 94 -22.03 -70.74 15.13
N SER MA 95 -20.95 -70.05 15.48
CA SER MA 95 -19.78 -69.93 14.61
C SER MA 95 -18.77 -71.05 14.78
N ASP MA 96 -18.88 -71.84 15.87
CA ASP MA 96 -17.87 -72.85 16.19
C ASP MA 96 -18.21 -74.19 15.56
N PRO MA 97 -17.41 -74.72 14.61
CA PRO MA 97 -17.65 -76.04 14.06
C PRO MA 97 -17.15 -77.11 15.04
N MET MA 98 -17.79 -78.28 14.99
CA MET MA 98 -17.38 -79.41 15.80
C MET MA 98 -16.00 -79.88 15.33
N LYS MA 99 -15.07 -79.96 16.28
CA LYS MA 99 -13.71 -80.42 16.05
C LYS MA 99 -13.58 -81.86 16.53
N PHE MA 100 -13.18 -82.77 15.63
CA PHE MA 100 -12.99 -84.16 15.98
C PHE MA 100 -11.50 -84.47 16.02
N ASN MA 101 -11.05 -85.24 17.00
CA ASN MA 101 -9.78 -85.93 16.85
C ASN MA 101 -10.02 -87.20 16.06
N LEU MA 102 -9.06 -87.59 15.26
CA LEU MA 102 -9.18 -88.80 14.44
C LEU MA 102 -7.92 -89.65 14.61
N GLU MA 103 -8.11 -90.97 14.65
CA GLU MA 103 -7.01 -91.91 14.63
C GLU MA 103 -7.33 -93.05 13.67
N ASN MA 104 -6.35 -93.45 12.84
CA ASN MA 104 -6.47 -94.60 11.96
C ASN MA 104 -5.30 -95.54 12.22
N VAL MA 105 -5.58 -96.83 12.43
CA VAL MA 105 -4.54 -97.81 12.69
C VAL MA 105 -4.67 -98.96 11.69
N THR MA 106 -3.54 -99.35 11.12
CA THR MA 106 -3.47 -100.45 10.16
C THR MA 106 -2.23 -101.29 10.45
N PRO MA 107 -2.37 -102.62 10.57
CA PRO MA 107 -1.22 -103.50 10.38
C PRO MA 107 -0.80 -103.43 8.90
N SER MA 108 0.51 -103.53 8.65
CA SER MA 108 1.01 -103.72 7.30
C SER MA 108 0.67 -105.14 6.81
N ALA MA 109 0.78 -105.36 5.50
CA ALA MA 109 0.28 -106.58 4.90
C ALA MA 109 1.00 -107.84 5.39
N SER MA 110 2.33 -107.78 5.63
CA SER MA 110 3.10 -108.88 6.19
C SER MA 110 3.43 -108.71 7.67
N GLY MA 111 2.73 -107.80 8.37
CA GLY MA 111 2.89 -107.59 9.80
C GLY MA 111 4.22 -106.96 10.23
N GLY MA 112 4.98 -106.39 9.27
CA GLY MA 112 6.26 -105.75 9.56
C GLY MA 112 6.14 -104.54 10.49
N PHE MA 113 4.99 -103.88 10.49
CA PHE MA 113 4.71 -102.76 11.38
C PHE MA 113 3.20 -102.54 11.56
N GLU MA 114 2.85 -101.73 12.55
CA GLU MA 114 1.48 -101.25 12.66
C GLU MA 114 1.50 -99.72 12.57
N ARG MA 115 1.11 -99.18 11.42
CA ARG MA 115 1.11 -97.75 11.20
C ARG MA 115 -0.11 -97.12 11.89
N THR MA 116 0.14 -96.24 12.86
CA THR MA 116 -0.89 -95.45 13.51
C THR MA 116 -0.74 -94.00 13.04
N THR MA 117 -1.80 -93.45 12.43
CA THR MA 117 -1.87 -92.05 12.05
C THR MA 117 -2.89 -91.38 12.97
N ALA MA 118 -2.55 -90.20 13.51
CA ALA MA 118 -3.50 -89.44 14.32
C ALA MA 118 -3.51 -87.97 13.89
N VAL MA 119 -4.71 -87.37 13.85
CA VAL MA 119 -4.92 -86.03 13.31
C VAL MA 119 -5.77 -85.23 14.29
N GLU MA 120 -5.36 -84.00 14.65
CA GLU MA 120 -6.13 -83.17 15.58
C GLU MA 120 -7.12 -82.24 14.87
N ASN MA 121 -8.23 -81.96 15.54
CA ASN MA 121 -9.14 -80.88 15.17
C ASN MA 121 -9.58 -80.94 13.71
N VAL MA 122 -10.00 -82.12 13.25
CA VAL MA 122 -10.62 -82.27 11.94
C VAL MA 122 -11.99 -81.59 11.97
N VAL MA 123 -12.27 -80.77 10.96
CA VAL MA 123 -13.59 -80.18 10.78
C VAL MA 123 -14.12 -80.48 9.39
N PHE MA 124 -15.45 -80.64 9.28
CA PHE MA 124 -16.06 -80.98 8.01
C PHE MA 124 -17.04 -79.89 7.62
N PRO MA 125 -16.82 -79.11 6.54
CA PRO MA 125 -17.70 -78.00 6.19
C PRO MA 125 -19.12 -78.45 5.89
N GLU MA 126 -19.28 -79.65 5.33
CA GLU MA 126 -20.61 -80.17 5.03
C GLU MA 126 -20.73 -81.64 5.44
N LEU MA 127 -21.88 -81.94 6.05
CA LEU MA 127 -22.17 -83.28 6.54
C LEU MA 127 -23.31 -83.85 5.72
N PRO MA 128 -23.10 -84.96 4.98
CA PRO MA 128 -24.18 -85.57 4.21
C PRO MA 128 -25.09 -86.35 5.16
N LEU MA 129 -26.34 -85.91 5.23
CA LEU MA 129 -27.30 -86.53 6.14
C LEU MA 129 -27.98 -87.71 5.48
N ASP MA 130 -28.49 -87.47 4.28
CA ASP MA 130 -29.14 -88.49 3.47
C ASP MA 130 -28.40 -88.52 2.15
N SER MA 131 -28.19 -89.73 1.64
CA SER MA 131 -27.44 -89.94 0.40
C SER MA 131 -28.02 -91.13 -0.37
N ALA MA 132 -29.34 -91.07 -0.56
CA ALA MA 132 -30.15 -92.15 -1.11
C ALA MA 132 -29.98 -92.24 -2.62
N THR MA 133 -29.78 -93.47 -3.11
CA THR MA 133 -29.75 -93.79 -4.53
C THR MA 133 -30.46 -95.11 -4.76
N TYR MA 134 -31.26 -95.18 -5.81
CA TYR MA 134 -32.11 -96.35 -6.04
C TYR MA 134 -31.30 -97.64 -6.18
N GLY MA 135 -31.69 -98.66 -5.38
CA GLY MA 135 -31.07 -99.97 -5.42
C GLY MA 135 -29.65 -99.99 -4.85
N GLU MA 136 -29.33 -99.01 -4.00
CA GLU MA 136 -28.05 -98.94 -3.31
C GLU MA 136 -28.23 -98.63 -1.84
N TYR MA 137 -27.28 -99.09 -1.04
CA TYR MA 137 -27.24 -98.58 0.32
C TYR MA 137 -26.78 -97.15 0.27
N GLU MA 138 -27.21 -96.35 1.26
CA GLU MA 138 -26.73 -94.99 1.34
C GLU MA 138 -25.23 -95.01 1.59
N GLU MA 139 -24.52 -94.15 0.87
CA GLU MA 139 -23.08 -94.02 1.03
C GLU MA 139 -22.74 -92.54 1.14
N TYR MA 140 -21.94 -92.21 2.15
CA TYR MA 140 -21.71 -90.84 2.57
C TYR MA 140 -20.24 -90.51 2.34
N SER MA 141 -19.96 -89.35 1.73
CA SER MA 141 -18.58 -88.85 1.67
C SER MA 141 -18.42 -87.63 2.55
N LEU MA 142 -17.48 -87.68 3.49
CA LEU MA 142 -17.04 -86.52 4.24
C LEU MA 142 -15.75 -86.00 3.63
N THR MA 143 -15.66 -84.69 3.44
CA THR MA 143 -14.41 -84.02 3.11
C THR MA 143 -14.18 -82.98 4.19
N GLY MA 144 -13.00 -82.98 4.81
CA GLY MA 144 -12.69 -82.06 5.89
C GLY MA 144 -11.21 -81.80 6.03
N SER MA 145 -10.83 -81.00 7.02
CA SER MA 145 -9.40 -80.72 7.23
C SER MA 145 -9.04 -80.62 8.71
N GLY MA 146 -7.93 -81.25 9.05
CA GLY MA 146 -7.35 -81.25 10.38
C GLY MA 146 -6.27 -80.20 10.49
N ARG MA 147 -5.95 -79.81 11.72
CA ARG MA 147 -4.95 -78.78 11.97
C ARG MA 147 -3.56 -79.36 11.79
N SER MA 148 -3.30 -80.55 12.31
CA SER MA 148 -1.98 -81.16 12.18
C SER MA 148 -2.05 -82.67 12.44
N VAL MA 149 -1.01 -83.39 11.99
CA VAL MA 149 -0.78 -84.79 12.34
C VAL MA 149 -0.12 -84.83 13.70
N THR MA 150 -0.78 -85.41 14.71
CA THR MA 150 -0.22 -85.46 16.05
C THR MA 150 0.68 -86.67 16.28
N ASN MA 151 0.46 -87.75 15.51
CA ASN MA 151 1.27 -88.95 15.57
C ASN MA 151 1.31 -89.65 14.21
N LEU MA 152 2.48 -90.17 13.84
CA LEU MA 152 2.67 -91.12 12.76
C LEU MA 152 3.85 -92.02 13.12
N ALA MA 153 3.53 -93.23 13.60
CA ALA MA 153 4.54 -94.11 14.15
C ALA MA 153 4.15 -95.57 13.98
N ASP MA 154 5.16 -96.44 14.08
CA ASP MA 154 4.92 -97.85 14.20
C ASP MA 154 4.58 -98.12 15.66
N THR MA 155 3.31 -98.49 15.92
CA THR MA 155 2.83 -98.77 17.25
C THR MA 155 2.81 -100.26 17.56
N SER MA 156 3.40 -101.12 16.70
CA SER MA 156 3.54 -102.54 16.99
C SER MA 156 4.37 -102.77 18.26
N GLY MA 157 4.12 -103.92 18.92
CA GLY MA 157 4.65 -104.22 20.24
C GLY MA 157 6.16 -104.14 20.30
N ALA NA 2 -25.09 -94.71 23.36
CA ALA NA 2 -25.74 -94.20 22.11
C ALA NA 2 -25.96 -95.33 21.11
N THR NA 3 -26.72 -95.00 20.05
CA THR NA 3 -27.22 -95.97 19.07
C THR NA 3 -26.09 -96.44 18.16
N SER NA 4 -25.92 -97.77 17.99
CA SER NA 4 -24.89 -98.35 17.12
C SER NA 4 -25.05 -97.84 15.70
N PRO NA 5 -23.98 -97.42 14.99
CA PRO NA 5 -24.11 -97.07 13.59
C PRO NA 5 -24.58 -98.28 12.79
N GLU NA 6 -25.32 -98.02 11.72
CA GLU NA 6 -25.92 -99.09 10.94
C GLU NA 6 -26.07 -98.68 9.48
N GLY NA 7 -26.09 -99.64 8.56
CA GLY NA 7 -26.34 -99.31 7.16
C GLY NA 7 -27.77 -98.80 6.95
N ILE NA 8 -27.98 -98.04 5.88
CA ILE NA 8 -29.32 -97.62 5.52
C ILE NA 8 -29.55 -97.96 4.04
N TRP NA 9 -30.73 -98.50 3.76
CA TRP NA 9 -31.07 -98.93 2.41
C TRP NA 9 -31.91 -97.85 1.77
N SER NA 10 -31.51 -97.37 0.58
CA SER NA 10 -32.11 -96.19 -0.01
C SER NA 10 -33.60 -96.39 -0.29
N ASN NA 11 -33.98 -97.56 -0.81
CA ASN NA 11 -35.35 -97.80 -1.22
C ASN NA 11 -36.32 -97.85 -0.04
N SER NA 12 -35.86 -97.79 1.22
CA SER NA 12 -36.74 -97.75 2.36
C SER NA 12 -37.27 -96.35 2.65
N GLY NA 13 -36.67 -95.30 2.05
CA GLY NA 13 -36.94 -93.93 2.44
C GLY NA 13 -38.31 -93.43 1.97
N ALA NA 14 -39.05 -92.75 2.87
CA ALA NA 14 -40.25 -92.02 2.50
C ALA NA 14 -39.99 -90.53 2.58
N LEU NA 15 -40.07 -89.84 1.43
CA LEU NA 15 -39.92 -88.40 1.34
C LEU NA 15 -41.30 -87.75 1.19
N THR NA 16 -41.54 -86.66 1.93
CA THR NA 16 -42.79 -85.91 1.84
C THR NA 16 -42.52 -84.41 1.89
N PHE NA 17 -43.27 -83.64 1.10
CA PHE NA 17 -43.20 -82.19 1.14
C PHE NA 17 -44.46 -81.63 1.76
N GLU NA 18 -44.30 -80.56 2.54
CA GLU NA 18 -45.43 -79.90 3.15
C GLU NA 18 -45.39 -78.40 2.91
N ASP NA 19 -46.56 -77.79 2.76
CA ASP NA 19 -46.67 -76.34 2.70
C ASP NA 19 -46.45 -75.76 4.10
N PRO NA 20 -45.43 -74.91 4.34
CA PRO NA 20 -45.17 -74.39 5.67
C PRO NA 20 -46.25 -73.46 6.21
N ALA NA 21 -47.18 -73.00 5.36
CA ALA NA 21 -48.30 -72.18 5.81
C ALA NA 21 -49.33 -72.99 6.62
N ASP NA 22 -49.51 -74.28 6.29
CA ASP NA 22 -50.62 -75.10 6.79
C ASP NA 22 -50.18 -76.47 7.32
N ASP NA 23 -48.95 -76.90 7.03
CA ASP NA 23 -48.48 -78.27 7.25
C ASP NA 23 -49.37 -79.29 6.54
N SER NA 24 -49.98 -78.89 5.41
CA SER NA 24 -50.67 -79.78 4.50
C SER NA 24 -49.66 -80.42 3.55
N GLU NA 25 -49.90 -81.69 3.16
CA GLU NA 25 -49.01 -82.38 2.25
C GLU NA 25 -49.14 -81.81 0.84
N ILE NA 26 -48.01 -81.72 0.14
CA ILE NA 26 -47.94 -81.47 -1.29
C ILE NA 26 -47.59 -82.80 -1.96
N LEU NA 27 -48.46 -83.29 -2.86
CA LEU NA 27 -48.31 -84.61 -3.44
C LEU NA 27 -47.01 -84.71 -4.23
N PHE NA 28 -46.23 -85.73 -3.91
CA PHE NA 28 -44.92 -85.94 -4.51
C PHE NA 28 -44.54 -87.40 -4.29
N ALA NA 29 -43.97 -88.02 -5.32
CA ALA NA 29 -43.66 -89.44 -5.23
C ALA NA 29 -42.62 -89.89 -6.25
N GLY NA 30 -42.15 -91.12 -6.11
CA GLY NA 30 -41.40 -91.74 -7.19
C GLY NA 30 -39.95 -91.27 -7.21
N VAL NA 31 -39.37 -90.98 -6.04
CA VAL NA 31 -37.95 -90.64 -6.00
C VAL NA 31 -37.10 -91.81 -6.47
N ARG NA 32 -35.90 -91.45 -6.93
CA ARG NA 32 -34.84 -92.38 -7.29
C ARG NA 32 -33.54 -92.00 -6.59
N ASP NA 33 -33.34 -90.70 -6.34
CA ASP NA 33 -32.24 -90.24 -5.49
C ASP NA 33 -32.71 -89.12 -4.59
N VAL NA 34 -32.12 -89.06 -3.39
CA VAL NA 34 -32.37 -88.01 -2.42
C VAL NA 34 -31.08 -87.75 -1.66
N THR NA 35 -30.48 -86.60 -1.92
CA THR NA 35 -29.31 -86.16 -1.17
C THR NA 35 -29.68 -84.93 -0.36
N ILE NA 36 -29.42 -84.97 0.96
CA ILE NA 36 -29.63 -83.81 1.82
C ILE NA 36 -28.36 -83.57 2.61
N THR NA 37 -27.83 -82.35 2.56
CA THR NA 37 -26.52 -82.06 3.10
C THR NA 37 -26.50 -80.67 3.72
N PRO NA 38 -26.63 -80.51 5.05
CA PRO NA 38 -26.29 -79.29 5.73
C PRO NA 38 -24.81 -78.95 5.52
N ALA NA 39 -24.56 -77.69 5.20
CA ALA NA 39 -23.23 -77.19 4.92
C ALA NA 39 -23.08 -75.82 5.56
N TYR NA 40 -21.84 -75.49 5.91
CA TYR NA 40 -21.47 -74.15 6.26
C TYR NA 40 -20.24 -73.75 5.44
N GLU NA 41 -20.12 -72.46 5.13
CA GLU NA 41 -18.82 -71.96 4.73
C GLU NA 41 -17.89 -71.96 5.93
N HIS NA 42 -16.63 -72.31 5.71
CA HIS NA 42 -15.59 -72.20 6.73
C HIS NA 42 -14.56 -71.12 6.36
N ALA NA 43 -14.12 -70.40 7.38
CA ALA NA 43 -12.98 -69.50 7.27
C ALA NA 43 -11.89 -69.93 8.26
N GLU NA 44 -10.66 -70.02 7.78
CA GLU NA 44 -9.51 -70.43 8.56
C GLU NA 44 -8.55 -69.26 8.74
N LEU NA 45 -8.09 -69.03 9.98
CA LEU NA 45 -7.14 -67.95 10.24
C LEU NA 45 -5.71 -68.50 10.26
N TYR NA 46 -4.85 -67.91 9.44
CA TYR NA 46 -3.44 -68.19 9.52
C TYR NA 46 -2.65 -66.88 9.55
N THR NA 47 -1.55 -66.88 10.31
CA THR NA 47 -0.75 -65.68 10.50
C THR NA 47 0.73 -66.00 10.45
N ILE NA 48 1.59 -65.00 10.40
CA ILE NA 48 3.02 -65.24 10.28
C ILE NA 48 3.59 -66.02 11.46
N ASP NA 49 2.88 -66.04 12.58
CA ASP NA 49 3.30 -66.67 13.83
C ASP NA 49 3.44 -68.19 13.75
N SER NA 50 2.68 -68.85 12.85
CA SER NA 50 2.67 -70.31 12.75
C SER NA 50 2.25 -70.77 11.35
N THR NA 51 2.78 -71.93 10.95
CA THR NA 51 2.27 -72.63 9.78
C THR NA 51 0.96 -73.36 10.06
N PHE NA 52 0.65 -73.62 11.33
CA PHE NA 52 -0.61 -74.25 11.71
C PHE NA 52 -1.75 -73.24 11.78
N ARG NA 53 -2.96 -73.74 11.55
CA ARG NA 53 -4.18 -72.95 11.65
C ARG NA 53 -4.39 -72.44 13.06
N ASP NA 54 -4.70 -71.14 13.21
CA ASP NA 54 -5.05 -70.59 14.50
C ASP NA 54 -6.49 -70.92 14.86
N GLU NA 55 -7.41 -70.63 13.94
CA GLU NA 55 -8.85 -70.73 14.20
C GLU NA 55 -9.59 -71.21 12.96
N VAL NA 56 -10.76 -71.81 13.20
CA VAL NA 56 -11.71 -72.06 12.13
C VAL NA 56 -13.13 -71.76 12.60
N LYS NA 57 -13.92 -71.12 11.72
CA LYS NA 57 -15.26 -70.66 12.08
C LYS NA 57 -16.27 -70.98 10.97
N ARG NA 58 -17.52 -71.21 11.34
CA ARG NA 58 -18.62 -71.45 10.42
C ARG NA 58 -19.38 -70.17 10.09
N TYR NA 59 -19.95 -70.10 8.87
CA TYR NA 59 -20.97 -69.13 8.52
C TYR NA 59 -21.78 -69.63 7.33
N GLU NA 60 -22.74 -68.83 6.83
CA GLU NA 60 -23.55 -69.12 5.65
C GLU NA 60 -24.07 -70.56 5.64
N HIS NA 61 -24.81 -70.90 6.70
CA HIS NA 61 -25.43 -72.22 6.74
C HIS NA 61 -26.49 -72.32 5.64
N ASN NA 62 -26.52 -73.47 4.98
CA ASN NA 62 -27.68 -73.86 4.18
C ASN NA 62 -27.74 -75.38 4.06
N VAL NA 63 -28.91 -75.92 3.74
CA VAL NA 63 -29.04 -77.34 3.50
C VAL NA 63 -29.17 -77.57 2.00
N ASN NA 64 -28.15 -78.13 1.36
CA ASN NA 64 -28.28 -78.55 -0.02
C ASN NA 64 -29.28 -79.70 -0.09
N VAL NA 65 -30.29 -79.57 -0.94
CA VAL NA 65 -31.22 -80.64 -1.24
C VAL NA 65 -31.14 -80.90 -2.72
N GLU NA 66 -30.89 -82.15 -3.11
CA GLU NA 66 -31.16 -82.53 -4.49
C GLU NA 66 -31.82 -83.88 -4.60
N ILE NA 67 -32.83 -83.94 -5.46
CA ILE NA 67 -33.75 -85.04 -5.55
C ILE NA 67 -33.92 -85.39 -7.00
N THR NA 68 -33.83 -86.67 -7.33
CA THR NA 68 -34.16 -87.15 -8.66
C THR NA 68 -35.40 -88.00 -8.54
N TYR NA 69 -36.41 -87.74 -9.38
CA TYR NA 69 -37.67 -88.45 -9.28
C TYR NA 69 -38.28 -88.71 -10.65
N ALA NA 70 -39.25 -89.64 -10.71
CA ALA NA 70 -39.73 -90.18 -11.97
C ALA NA 70 -41.26 -90.28 -12.03
N LYS NA 71 -41.98 -89.69 -11.07
CA LYS NA 71 -43.41 -89.46 -11.18
C LYS NA 71 -43.66 -87.95 -11.14
N PHE NA 72 -44.27 -87.38 -12.17
CA PHE NA 72 -44.53 -85.95 -12.20
C PHE NA 72 -45.75 -85.60 -11.33
N SER NA 73 -45.65 -84.47 -10.60
CA SER NA 73 -46.76 -83.97 -9.79
C SER NA 73 -47.20 -82.58 -10.26
N LEU NA 74 -48.47 -82.43 -10.68
CA LEU NA 74 -48.94 -81.11 -11.02
C LEU NA 74 -49.11 -80.22 -9.80
N GLU NA 75 -49.46 -80.77 -8.64
CA GLU NA 75 -49.57 -79.96 -7.44
C GLU NA 75 -48.20 -79.37 -7.08
N PHE NA 76 -47.15 -80.17 -7.06
CA PHE NA 76 -45.82 -79.64 -6.79
C PHE NA 76 -45.40 -78.56 -7.79
N ALA NA 77 -45.65 -78.78 -9.08
CA ALA NA 77 -45.27 -77.83 -10.11
C ALA NA 77 -46.07 -76.52 -10.01
N GLN NA 78 -47.38 -76.61 -9.82
CA GLN NA 78 -48.20 -75.42 -9.75
C GLN NA 78 -47.99 -74.65 -8.43
N GLU NA 79 -47.66 -75.33 -7.34
CA GLU NA 79 -47.22 -74.67 -6.13
C GLU NA 79 -45.91 -73.92 -6.37
N TRP NA 80 -44.94 -74.56 -7.04
CA TRP NA 80 -43.69 -73.91 -7.33
C TRP NA 80 -43.87 -72.66 -8.17
N LEU NA 81 -44.74 -72.72 -9.19
CA LEU NA 81 -45.04 -71.57 -10.04
C LEU NA 81 -45.67 -70.44 -9.24
N GLY NA 82 -46.66 -70.76 -8.42
CA GLY NA 82 -47.49 -69.76 -7.77
C GLY NA 82 -46.77 -68.98 -6.68
N GLY NA 83 -45.78 -69.56 -6.02
CA GLY NA 83 -45.10 -68.95 -4.89
C GLY NA 83 -45.84 -69.18 -3.58
N PRO NA 84 -45.39 -68.56 -2.45
CA PRO NA 84 -45.94 -68.84 -1.14
C PRO NA 84 -47.46 -68.67 -1.05
N GLY NA 85 -48.11 -69.75 -0.61
CA GLY NA 85 -49.55 -69.77 -0.36
C GLY NA 85 -50.43 -69.69 -1.61
N ALA NA 86 -49.85 -69.89 -2.81
CA ALA NA 86 -50.59 -69.73 -4.06
C ALA NA 86 -50.25 -70.81 -5.08
N THR NA 87 -51.26 -71.23 -5.85
CA THR NA 87 -51.10 -72.20 -6.92
C THR NA 87 -51.34 -71.50 -8.26
N ALA NA 88 -50.48 -71.75 -9.26
CA ALA NA 88 -50.64 -71.11 -10.56
C ALA NA 88 -50.33 -72.04 -11.73
N THR NA 89 -51.06 -71.80 -12.83
CA THR NA 89 -50.93 -72.57 -14.07
C THR NA 89 -49.97 -71.89 -15.05
N ALA NA 90 -49.29 -70.80 -14.65
CA ALA NA 90 -48.39 -70.07 -15.53
C ALA NA 90 -47.31 -69.39 -14.70
N SER NA 91 -46.19 -69.03 -15.32
CA SER NA 91 -45.12 -68.27 -14.66
C SER NA 91 -45.71 -67.06 -13.95
N GLN NA 92 -45.25 -66.79 -12.71
CA GLN NA 92 -45.67 -65.60 -11.99
C GLN NA 92 -44.56 -64.57 -11.96
N ASP NA 93 -44.96 -63.31 -12.15
CA ASP NA 93 -44.03 -62.20 -12.15
C ASP NA 93 -43.88 -61.63 -10.74
N ASP NA 94 -43.27 -62.40 -9.82
CA ASP NA 94 -42.99 -61.89 -8.49
C ASP NA 94 -41.77 -62.55 -7.84
N SER NA 95 -41.30 -61.90 -6.77
CA SER NA 95 -39.97 -62.16 -6.22
C SER NA 95 -39.92 -63.30 -5.21
N ASP NA 96 -41.07 -63.77 -4.69
CA ASP NA 96 -41.07 -64.76 -3.62
C ASP NA 96 -41.04 -66.19 -4.18
N PRO NA 97 -39.95 -66.97 -3.98
CA PRO NA 97 -39.97 -68.38 -4.38
C PRO NA 97 -40.88 -69.13 -3.40
N MET NA 98 -41.50 -70.20 -3.91
CA MET NA 98 -42.23 -71.12 -3.06
C MET NA 98 -41.27 -71.80 -2.10
N LYS NA 99 -41.57 -71.69 -0.79
CA LYS NA 99 -40.80 -72.36 0.24
C LYS NA 99 -41.52 -73.63 0.65
N PHE NA 100 -40.83 -74.77 0.58
CA PHE NA 100 -41.39 -76.05 0.98
C PHE NA 100 -40.72 -76.52 2.26
N ASN NA 101 -41.49 -77.05 3.20
CA ASN NA 101 -40.90 -77.90 4.20
C ASN NA 101 -40.70 -79.28 3.60
N LEU NA 102 -39.63 -79.94 4.00
CA LEU NA 102 -39.32 -81.28 3.51
C LEU NA 102 -39.03 -82.19 4.69
N GLU NA 103 -39.53 -83.42 4.61
CA GLU NA 103 -39.19 -84.44 5.58
C GLU NA 103 -38.86 -85.76 4.88
N ASN NA 104 -37.79 -86.41 5.32
CA ASN NA 104 -37.41 -87.72 4.83
C ASN NA 104 -37.23 -88.68 6.02
N VAL NA 105 -37.81 -89.88 5.92
CA VAL NA 105 -37.81 -90.83 7.02
C VAL NA 105 -37.32 -92.18 6.50
N THR NA 106 -36.41 -92.83 7.24
CA THR NA 106 -35.79 -94.07 6.79
C THR NA 106 -35.50 -95.00 7.98
N PRO NA 107 -36.06 -96.23 7.98
CA PRO NA 107 -35.57 -97.27 8.88
C PRO NA 107 -34.13 -97.62 8.55
N SER NA 108 -33.31 -97.90 9.59
CA SER NA 108 -31.98 -98.45 9.37
C SER NA 108 -32.11 -99.91 8.89
N ALA NA 109 -31.05 -100.43 8.27
CA ALA NA 109 -31.15 -101.68 7.53
C ALA NA 109 -31.51 -102.90 8.39
N SER NA 110 -31.16 -102.91 9.69
CA SER NA 110 -31.53 -103.94 10.65
C SER NA 110 -32.53 -103.46 11.72
N GLY NA 111 -33.16 -102.29 11.52
CA GLY NA 111 -34.19 -101.79 12.42
C GLY NA 111 -33.68 -101.25 13.76
N GLY NA 112 -32.37 -100.98 13.89
CA GLY NA 112 -31.80 -100.38 15.09
C GLY NA 112 -32.34 -98.97 15.39
N PHE NA 113 -32.74 -98.22 14.36
CA PHE NA 113 -33.33 -96.90 14.53
C PHE NA 113 -34.15 -96.49 13.30
N GLU NA 114 -34.97 -95.46 13.44
CA GLU NA 114 -35.59 -94.83 12.28
C GLU NA 114 -35.12 -93.38 12.19
N ARG NA 115 -34.24 -93.09 11.24
CA ARG NA 115 -33.74 -91.73 11.08
C ARG NA 115 -34.81 -90.85 10.42
N THR NA 116 -35.24 -89.80 11.11
CA THR NA 116 -36.06 -88.75 10.53
C THR NA 116 -35.20 -87.51 10.31
N THR NA 117 -35.16 -87.01 9.07
CA THR NA 117 -34.53 -85.74 8.72
C THR NA 117 -35.61 -84.76 8.29
N ALA NA 118 -35.63 -83.56 8.87
CA ALA NA 118 -36.55 -82.52 8.45
C ALA NA 118 -35.80 -81.22 8.14
N VAL NA 119 -36.25 -80.51 7.09
CA VAL NA 119 -35.58 -79.33 6.57
C VAL NA 119 -36.63 -78.24 6.32
N GLU NA 120 -36.36 -77.02 6.79
CA GLU NA 120 -37.29 -75.91 6.56
C GLU NA 120 -36.93 -75.11 5.30
N ASN NA 121 -37.98 -74.55 4.68
CA ASN NA 121 -37.87 -73.54 3.65
C ASN NA 121 -36.92 -73.95 2.52
N VAL NA 122 -37.05 -75.17 2.01
CA VAL NA 122 -36.37 -75.52 0.77
C VAL NA 122 -36.98 -74.71 -0.38
N VAL NA 123 -36.12 -74.10 -1.19
CA VAL NA 123 -36.54 -73.43 -2.41
C VAL NA 123 -35.70 -73.97 -3.57
N PHE NA 124 -36.32 -74.09 -4.75
CA PHE NA 124 -35.63 -74.63 -5.90
C PHE NA 124 -35.50 -73.57 -6.98
N PRO NA 125 -34.29 -73.11 -7.37
CA PRO NA 125 -34.14 -72.07 -8.38
C PRO NA 125 -34.76 -72.44 -9.71
N GLU NA 126 -34.80 -73.74 -10.03
CA GLU NA 126 -35.38 -74.17 -11.29
C GLU NA 126 -36.11 -75.49 -11.11
N LEU NA 127 -37.19 -75.61 -11.87
CA LEU NA 127 -38.10 -76.75 -11.83
C LEU NA 127 -38.15 -77.36 -13.21
N PRO NA 128 -37.75 -78.64 -13.40
CA PRO NA 128 -37.92 -79.28 -14.69
C PRO NA 128 -39.38 -79.67 -14.87
N LEU NA 129 -39.95 -79.26 -16.01
CA LEU NA 129 -41.34 -79.55 -16.30
C LEU NA 129 -41.44 -80.72 -17.25
N ASP NA 130 -40.73 -80.63 -18.38
CA ASP NA 130 -40.66 -81.72 -19.33
C ASP NA 130 -39.23 -82.21 -19.32
N SER NA 131 -39.03 -83.53 -19.22
CA SER NA 131 -37.70 -84.11 -19.19
C SER NA 131 -37.69 -85.42 -19.98
N ALA NA 132 -38.13 -85.33 -21.24
CA ALA NA 132 -38.28 -86.46 -22.13
C ALA NA 132 -36.95 -86.85 -22.77
N THR NA 133 -36.77 -88.17 -22.93
CA THR NA 133 -35.64 -88.79 -23.62
C THR NA 133 -36.19 -89.99 -24.38
N TYR NA 134 -35.71 -90.24 -25.60
CA TYR NA 134 -36.27 -91.32 -26.40
C TYR NA 134 -36.19 -92.67 -25.68
N GLY NA 135 -37.33 -93.35 -25.56
CA GLY NA 135 -37.40 -94.68 -24.99
C GLY NA 135 -37.09 -94.74 -23.49
N GLU NA 136 -37.34 -93.65 -22.75
CA GLU NA 136 -37.20 -93.64 -21.30
C GLU NA 136 -38.36 -92.93 -20.64
N TYR NA 137 -38.69 -93.32 -19.40
CA TYR NA 137 -39.63 -92.51 -18.65
C TYR NA 137 -38.97 -91.18 -18.30
N GLU NA 138 -39.80 -90.12 -18.15
CA GLU NA 138 -39.23 -88.83 -17.82
C GLU NA 138 -38.62 -88.90 -16.43
N GLU NA 139 -37.43 -88.32 -16.27
CA GLU NA 139 -36.74 -88.27 -14.98
C GLU NA 139 -36.34 -86.83 -14.69
N TYR NA 140 -36.64 -86.36 -13.48
CA TYR NA 140 -36.59 -84.95 -13.14
C TYR NA 140 -35.56 -84.74 -12.02
N SER NA 141 -34.63 -83.79 -12.19
CA SER NA 141 -33.71 -83.43 -11.11
C SER NA 141 -34.08 -82.08 -10.52
N LEU NA 142 -34.36 -82.04 -9.22
CA LEU NA 142 -34.46 -80.81 -8.45
C LEU NA 142 -33.16 -80.61 -7.69
N THR NA 143 -32.64 -79.38 -7.73
CA THR NA 143 -31.56 -78.94 -6.86
C THR NA 143 -32.03 -77.65 -6.21
N GLY NA 144 -31.93 -77.57 -4.88
CA GLY NA 144 -32.44 -76.44 -4.12
C GLY NA 144 -31.76 -76.33 -2.76
N SER NA 145 -32.16 -75.35 -1.95
CA SER NA 145 -31.54 -75.21 -0.63
C SER NA 145 -32.53 -74.80 0.45
N GLY NA 146 -32.44 -75.50 1.58
CA GLY NA 146 -33.23 -75.22 2.76
C GLY NA 146 -32.48 -74.30 3.73
N ARG NA 147 -33.22 -73.62 4.60
CA ARG NA 147 -32.62 -72.69 5.52
C ARG NA 147 -31.85 -73.40 6.62
N SER NA 148 -32.45 -74.44 7.21
CA SER NA 148 -31.85 -75.18 8.31
C SER NA 148 -32.44 -76.59 8.43
N VAL NA 149 -31.70 -77.50 9.08
CA VAL NA 149 -32.23 -78.79 9.50
C VAL NA 149 -33.03 -78.58 10.77
N THR NA 150 -34.34 -78.81 10.72
CA THR NA 150 -35.19 -78.59 11.87
C THR NA 150 -35.28 -79.80 12.79
N ASN NA 151 -35.00 -80.98 12.27
CA ASN NA 151 -34.90 -82.18 13.10
C ASN NA 151 -33.97 -83.21 12.45
N LEU NA 152 -33.18 -83.88 13.29
CA LEU NA 152 -32.50 -85.10 12.92
C LEU NA 152 -32.45 -86.01 14.15
N ALA NA 153 -33.33 -86.99 14.18
CA ALA NA 153 -33.49 -87.83 15.36
C ALA NA 153 -33.94 -89.24 15.00
N ASP NA 154 -33.69 -90.16 15.93
CA ASP NA 154 -34.29 -91.48 15.86
C ASP NA 154 -35.74 -91.38 16.30
N THR NA 155 -36.68 -91.55 15.36
CA THR NA 155 -38.11 -91.46 15.65
C THR NA 155 -38.76 -92.80 15.92
N SER NA 156 -37.98 -93.89 16.02
CA SER NA 156 -38.52 -95.16 16.49
C SER NA 156 -39.04 -95.06 17.93
N GLY NA 157 -40.03 -95.91 18.28
CA GLY NA 157 -40.69 -95.89 19.57
C GLY NA 157 -39.77 -96.29 20.73
N ALA OA 2 -57.25 -84.17 -5.14
CA ALA OA 2 -56.20 -83.66 -6.08
C ALA OA 2 -55.55 -84.82 -6.86
N THR OA 3 -54.81 -84.49 -7.93
CA THR OA 3 -54.34 -85.46 -8.93
C THR OA 3 -53.09 -86.19 -8.44
N SER OA 4 -53.12 -87.53 -8.34
CA SER OA 4 -51.98 -88.32 -7.87
C SER OA 4 -50.79 -88.18 -8.81
N PRO OA 5 -49.54 -88.10 -8.29
CA PRO OA 5 -48.38 -88.08 -9.16
C PRO OA 5 -48.27 -89.39 -9.93
N GLU OA 6 -47.73 -89.31 -11.14
CA GLU OA 6 -47.73 -90.46 -12.03
C GLU OA 6 -46.55 -90.40 -12.99
N GLY OA 7 -46.08 -91.58 -13.43
CA GLY OA 7 -45.00 -91.65 -14.40
C GLY OA 7 -45.42 -91.04 -15.73
N ILE OA 8 -44.45 -90.52 -16.49
CA ILE OA 8 -44.72 -90.06 -17.86
C ILE OA 8 -43.72 -90.74 -18.79
N TRP OA 9 -44.23 -91.24 -19.91
CA TRP OA 9 -43.38 -91.96 -20.85
C TRP OA 9 -43.04 -91.02 -22.00
N SER OA 10 -41.74 -90.85 -22.29
CA SER OA 10 -41.27 -89.78 -23.14
C SER OA 10 -41.91 -89.89 -24.52
N ASN OA 11 -41.94 -91.10 -25.09
CA ASN OA 11 -42.39 -91.29 -26.45
C ASN OA 11 -43.87 -90.95 -26.67
N SER OA 12 -44.64 -90.77 -25.59
CA SER OA 12 -46.02 -90.34 -25.69
C SER OA 12 -46.18 -88.84 -25.87
N GLY OA 13 -45.09 -88.07 -25.88
CA GLY OA 13 -45.14 -86.62 -26.11
C GLY OA 13 -45.47 -86.23 -27.56
N ALA OA 14 -46.05 -85.03 -27.70
CA ALA OA 14 -46.24 -84.37 -28.98
C ALA OA 14 -45.89 -82.88 -28.84
N LEU OA 15 -44.78 -82.49 -29.49
CA LEU OA 15 -44.25 -81.13 -29.43
C LEU OA 15 -44.66 -80.36 -30.68
N THR OA 16 -45.09 -79.11 -30.50
CA THR OA 16 -45.47 -78.26 -31.62
C THR OA 16 -44.96 -76.83 -31.43
N PHE OA 17 -44.55 -76.19 -32.54
CA PHE OA 17 -44.18 -74.79 -32.55
C PHE OA 17 -45.22 -73.97 -33.31
N GLU OA 18 -45.46 -72.75 -32.84
CA GLU OA 18 -46.34 -71.83 -33.53
C GLU OA 18 -45.67 -70.48 -33.72
N ASP OA 19 -46.07 -69.78 -34.77
CA ASP OA 19 -45.75 -68.36 -34.94
C ASP OA 19 -46.67 -67.51 -34.07
N PRO OA 20 -46.15 -66.75 -33.08
CA PRO OA 20 -46.98 -65.96 -32.19
C PRO OA 20 -47.72 -64.79 -32.85
N ALA OA 21 -47.44 -64.51 -34.14
CA ALA OA 21 -48.20 -63.52 -34.89
C ALA OA 21 -49.55 -64.08 -35.37
N ASP OA 22 -49.68 -65.41 -35.50
CA ASP OA 22 -50.82 -66.06 -36.13
C ASP OA 22 -51.46 -67.15 -35.25
N ASP OA 23 -50.65 -67.77 -34.41
CA ASP OA 23 -50.89 -69.09 -33.82
C ASP OA 23 -50.95 -70.19 -34.89
N SER OA 24 -50.38 -69.92 -36.08
CA SER OA 24 -50.19 -70.92 -37.13
C SER OA 24 -49.04 -71.86 -36.77
N GLU OA 25 -49.18 -73.16 -37.10
CA GLU OA 25 -48.13 -74.13 -36.83
C GLU OA 25 -46.90 -73.92 -37.72
N ILE OA 26 -45.71 -74.13 -37.15
CA ILE OA 26 -44.46 -74.27 -37.89
C ILE OA 26 -44.11 -75.76 -37.87
N LEU OA 27 -43.99 -76.39 -39.04
CA LEU OA 27 -43.82 -77.83 -39.15
C LEU OA 27 -42.52 -78.26 -38.49
N PHE OA 28 -42.66 -79.14 -37.49
CA PHE OA 28 -41.53 -79.63 -36.73
C PHE OA 28 -41.87 -81.04 -36.24
N ALA OA 29 -40.87 -81.94 -36.32
CA ALA OA 29 -41.14 -83.34 -36.05
C ALA OA 29 -39.85 -84.09 -35.71
N GLY OA 30 -39.99 -85.34 -35.26
CA GLY OA 30 -38.84 -86.22 -35.11
C GLY OA 30 -38.02 -85.93 -33.87
N VAL OA 31 -38.64 -85.43 -32.79
CA VAL OA 31 -37.92 -85.24 -31.55
C VAL OA 31 -37.44 -86.58 -30.99
N ARG OA 32 -36.38 -86.50 -30.18
CA ARG OA 32 -35.86 -87.64 -29.46
C ARG OA 32 -35.78 -87.26 -27.98
N ASP OA 33 -35.16 -86.12 -27.69
CA ASP OA 33 -35.10 -85.60 -26.33
C ASP OA 33 -35.74 -84.20 -26.26
N VAL OA 34 -36.40 -83.90 -25.14
CA VAL OA 34 -37.04 -82.61 -24.91
C VAL OA 34 -36.96 -82.25 -23.43
N THR OA 35 -36.23 -81.17 -23.13
CA THR OA 35 -36.13 -80.61 -21.79
C THR OA 35 -36.77 -79.23 -21.79
N ILE OA 36 -37.67 -78.97 -20.84
CA ILE OA 36 -38.24 -77.64 -20.60
C ILE OA 36 -38.12 -77.36 -19.11
N THR OA 37 -37.54 -76.20 -18.77
CA THR OA 37 -37.16 -75.92 -17.39
C THR OA 37 -37.35 -74.43 -17.09
N PRO OA 38 -38.46 -74.00 -16.48
CA PRO OA 38 -38.55 -72.66 -15.92
C PRO OA 38 -37.52 -72.51 -14.82
N ALA OA 39 -36.83 -71.38 -14.84
CA ALA OA 39 -35.74 -71.10 -13.91
C ALA OA 39 -35.82 -69.65 -13.47
N TYR OA 40 -35.32 -69.40 -12.27
CA TYR OA 40 -35.09 -68.05 -11.80
C TYR OA 40 -33.69 -67.95 -11.20
N GLU OA 41 -33.08 -66.79 -11.36
CA GLU OA 41 -31.95 -66.48 -10.51
C GLU OA 41 -32.44 -66.30 -9.08
N HIS OA 42 -31.71 -66.80 -8.09
CA HIS OA 42 -32.00 -66.58 -6.67
C HIS OA 42 -30.94 -65.71 -6.00
N ALA OA 43 -31.39 -64.89 -5.06
CA ALA OA 43 -30.48 -64.15 -4.19
C ALA OA 43 -30.88 -64.37 -2.74
N GLU OA 44 -29.88 -64.59 -1.88
CA GLU OA 44 -30.10 -64.95 -0.49
C GLU OA 44 -29.46 -63.89 0.39
N LEU OA 45 -30.21 -63.33 1.34
CA LEU OA 45 -29.65 -62.35 2.26
C LEU OA 45 -28.98 -63.04 3.43
N TYR OA 46 -27.70 -62.72 3.67
CA TYR OA 46 -27.07 -63.12 4.91
C TYR OA 46 -26.38 -61.92 5.54
N THR OA 47 -26.42 -61.88 6.88
CA THR OA 47 -25.86 -60.76 7.64
C THR OA 47 -25.15 -61.28 8.89
N ILE OA 48 -24.42 -60.42 9.60
CA ILE OA 48 -23.67 -60.84 10.77
C ILE OA 48 -24.59 -61.35 11.88
N ASP OA 49 -25.89 -61.03 11.82
CA ASP OA 49 -26.86 -61.39 12.86
C ASP OA 49 -27.03 -62.90 13.02
N SER OA 50 -26.83 -63.66 11.95
CA SER OA 50 -27.08 -65.10 11.96
C SER OA 50 -26.25 -65.83 10.91
N THR OA 51 -25.96 -67.10 11.17
CA THR OA 51 -25.43 -67.98 10.14
C THR OA 51 -26.52 -68.45 9.18
N PHE OA 52 -27.79 -68.41 9.60
CA PHE OA 52 -28.91 -68.81 8.75
C PHE OA 52 -29.35 -67.70 7.81
N ARG OA 53 -29.95 -68.12 6.71
CA ARG OA 53 -30.47 -67.22 5.68
C ARG OA 53 -31.58 -66.34 6.23
N ASP OA 54 -31.45 -65.02 6.05
CA ASP OA 54 -32.46 -64.06 6.47
C ASP OA 54 -33.64 -64.08 5.50
N GLU OA 55 -33.32 -64.06 4.20
CA GLU OA 55 -34.33 -63.95 3.13
C GLU OA 55 -33.86 -64.64 1.85
N VAL OA 56 -34.83 -64.97 0.99
CA VAL OA 56 -34.49 -65.43 -0.35
C VAL OA 56 -35.50 -64.88 -1.36
N LYS OA 57 -35.02 -64.44 -2.53
CA LYS OA 57 -35.85 -63.84 -3.56
C LYS OA 57 -35.47 -64.34 -4.97
N ARG OA 58 -36.47 -64.39 -5.87
CA ARG OA 58 -36.30 -64.70 -7.28
C ARG OA 58 -36.10 -63.43 -8.10
N TYR OA 59 -35.41 -63.54 -9.25
CA TYR OA 59 -35.43 -62.44 -10.19
C TYR OA 59 -35.49 -62.89 -11.64
N GLU OA 60 -34.38 -62.98 -12.39
CA GLU OA 60 -34.47 -63.19 -13.84
C GLU OA 60 -35.11 -64.54 -14.15
N HIS OA 61 -36.33 -64.48 -14.67
CA HIS OA 61 -37.04 -65.67 -15.09
C HIS OA 61 -36.75 -65.93 -16.55
N ASN OA 62 -36.45 -67.20 -16.85
CA ASN OA 62 -36.49 -67.67 -18.23
C ASN OA 62 -36.81 -69.14 -18.23
N VAL OA 63 -37.23 -69.68 -19.38
CA VAL OA 63 -37.50 -71.09 -19.51
C VAL OA 63 -36.42 -71.68 -20.38
N ASN OA 64 -35.52 -72.50 -19.84
CA ASN OA 64 -34.58 -73.21 -20.71
C ASN OA 64 -35.34 -74.26 -21.52
N VAL OA 65 -35.30 -74.15 -22.83
CA VAL OA 65 -35.83 -75.16 -23.73
C VAL OA 65 -34.65 -75.79 -24.43
N GLU OA 66 -34.53 -77.10 -24.38
CA GLU OA 66 -33.64 -77.76 -25.32
C GLU OA 66 -34.25 -79.03 -25.89
N ILE OA 67 -34.04 -79.19 -27.19
CA ILE OA 67 -34.70 -80.20 -27.99
C ILE OA 67 -33.64 -80.87 -28.82
N THR OA 68 -33.65 -82.21 -28.83
CA THR OA 68 -32.82 -82.96 -29.76
C THR OA 68 -33.76 -83.68 -30.71
N TYR OA 69 -33.54 -83.51 -32.03
CA TYR OA 69 -34.47 -84.01 -33.02
C TYR OA 69 -33.74 -84.47 -34.27
N ALA OA 70 -34.42 -85.29 -35.09
CA ALA OA 70 -33.75 -86.04 -36.16
C ALA OA 70 -34.42 -85.93 -37.52
N LYS OA 71 -35.49 -85.14 -37.63
CA LYS OA 71 -36.08 -84.81 -38.92
C LYS OA 71 -35.87 -83.33 -39.18
N PHE OA 72 -35.16 -82.98 -40.26
CA PHE OA 72 -34.90 -81.60 -40.56
C PHE OA 72 -36.16 -80.95 -41.12
N SER OA 73 -36.39 -79.67 -40.76
CA SER OA 73 -37.53 -78.89 -41.25
C SER OA 73 -37.04 -77.66 -41.98
N LEU OA 74 -37.36 -77.52 -43.28
CA LEU OA 74 -37.04 -76.28 -43.95
C LEU OA 74 -37.86 -75.11 -43.42
N GLU OA 75 -39.11 -75.35 -43.02
CA GLU OA 75 -39.92 -74.27 -42.49
C GLU OA 75 -39.32 -73.74 -41.20
N PHE OA 76 -38.95 -74.60 -40.25
CA PHE OA 76 -38.37 -74.12 -39.01
C PHE OA 76 -37.07 -73.38 -39.26
N ALA OA 77 -36.21 -73.90 -40.11
CA ALA OA 77 -34.94 -73.24 -40.41
C ALA OA 77 -35.10 -71.91 -41.15
N GLN OA 78 -35.99 -71.82 -42.14
CA GLN OA 78 -36.21 -70.57 -42.86
C GLN OA 78 -36.98 -69.53 -42.04
N GLU OA 79 -37.86 -69.97 -41.15
CA GLU OA 79 -38.44 -69.08 -40.14
C GLU OA 79 -37.36 -68.54 -39.22
N TRP OA 80 -36.46 -69.39 -38.73
CA TRP OA 80 -35.42 -68.92 -37.84
C TRP OA 80 -34.51 -67.88 -38.48
N LEU OA 81 -34.12 -68.09 -39.75
CA LEU OA 81 -33.30 -67.13 -40.46
C LEU OA 81 -34.02 -65.79 -40.59
N GLY OA 82 -35.33 -65.82 -40.89
CA GLY OA 82 -36.08 -64.64 -41.29
C GLY OA 82 -36.45 -63.68 -40.17
N GLY OA 83 -36.37 -64.09 -38.89
CA GLY OA 83 -36.81 -63.27 -37.77
C GLY OA 83 -38.33 -63.15 -37.71
N PRO OA 84 -38.89 -62.32 -36.80
CA PRO OA 84 -40.33 -62.23 -36.61
C PRO OA 84 -41.11 -61.89 -37.87
N GLY OA 85 -42.13 -62.73 -38.15
CA GLY OA 85 -43.11 -62.56 -39.21
C GLY OA 85 -42.56 -62.68 -40.63
N ALA OA 86 -41.37 -63.25 -40.81
CA ALA OA 86 -40.77 -63.39 -42.13
C ALA OA 86 -39.98 -64.69 -42.27
N THR OA 87 -39.87 -65.17 -43.52
CA THR OA 87 -39.12 -66.36 -43.90
C THR OA 87 -37.94 -65.93 -44.77
N ALA OA 88 -36.75 -66.51 -44.53
CA ALA OA 88 -35.58 -66.18 -45.33
C ALA OA 88 -34.76 -67.43 -45.70
N THR OA 89 -34.09 -67.35 -46.86
CA THR OA 89 -33.27 -68.44 -47.36
C THR OA 89 -31.77 -68.17 -47.16
N ALA OA 90 -31.42 -67.06 -46.51
CA ALA OA 90 -30.04 -66.73 -46.19
C ALA OA 90 -30.04 -65.94 -44.89
N SER OA 91 -28.86 -65.82 -44.25
CA SER OA 91 -28.70 -65.04 -43.04
C SER OA 91 -29.29 -63.64 -43.23
N GLN OA 92 -29.99 -63.13 -42.20
CA GLN OA 92 -30.49 -61.77 -42.23
C GLN OA 92 -29.65 -60.87 -41.34
N ASP OA 93 -29.38 -59.65 -41.82
CA ASP OA 93 -28.67 -58.66 -41.05
C ASP OA 93 -29.64 -57.78 -40.25
N ASP OA 94 -30.30 -58.36 -39.24
CA ASP OA 94 -31.19 -57.61 -38.37
C ASP OA 94 -31.20 -58.16 -36.94
N SER OA 95 -31.68 -57.32 -36.01
CA SER OA 95 -31.45 -57.52 -34.59
C SER OA 95 -32.55 -58.33 -33.91
N ASP OA 96 -33.67 -58.58 -34.59
CA ASP OA 96 -34.80 -59.30 -34.02
C ASP OA 96 -34.69 -60.81 -34.24
N PRO OA 97 -34.52 -61.64 -33.20
CA PRO OA 97 -34.53 -63.08 -33.38
C PRO OA 97 -35.97 -63.57 -33.53
N MET OA 98 -36.12 -64.66 -34.28
CA MET OA 98 -37.42 -65.30 -34.45
C MET OA 98 -37.89 -65.86 -33.11
N LYS OA 99 -39.10 -65.46 -32.70
CA LYS OA 99 -39.74 -65.93 -31.49
C LYS OA 99 -40.79 -66.97 -31.84
N PHE OA 100 -40.67 -68.16 -31.24
CA PHE OA 100 -41.66 -69.21 -31.41
C PHE OA 100 -42.44 -69.37 -30.13
N ASN OA 101 -43.75 -69.59 -30.23
CA ASN OA 101 -44.46 -70.22 -29.13
C ASN OA 101 -44.25 -71.72 -29.22
N LEU OA 102 -44.24 -72.38 -28.08
CA LEU OA 102 -44.04 -73.81 -28.03
C LEU OA 102 -45.09 -74.44 -27.12
N GLU OA 103 -45.58 -75.61 -27.51
CA GLU OA 103 -46.43 -76.40 -26.65
C GLU OA 103 -46.02 -77.87 -26.70
N ASN OA 104 -45.94 -78.53 -25.54
CA ASN OA 104 -45.70 -79.96 -25.45
C ASN OA 104 -46.83 -80.62 -24.67
N VAL OA 105 -47.44 -81.67 -25.24
CA VAL OA 105 -48.51 -82.39 -24.58
C VAL OA 105 -48.12 -83.85 -24.37
N THR OA 106 -48.30 -84.35 -23.15
CA THR OA 106 -48.04 -85.74 -22.81
C THR OA 106 -49.17 -86.29 -21.94
N PRO OA 107 -49.80 -87.41 -22.34
CA PRO OA 107 -50.56 -88.22 -21.39
C PRO OA 107 -49.62 -88.84 -20.37
N SER OA 108 -50.10 -88.99 -19.13
CA SER OA 108 -49.36 -89.74 -18.11
C SER OA 108 -49.42 -91.23 -18.42
N ALA OA 109 -48.52 -92.01 -17.81
CA ALA OA 109 -48.32 -93.39 -18.20
C ALA OA 109 -49.56 -94.27 -17.96
N SER OA 110 -50.29 -94.07 -16.85
CA SER OA 110 -51.53 -94.76 -16.55
C SER OA 110 -52.78 -93.95 -16.92
N GLY OA 111 -52.61 -92.85 -17.68
CA GLY OA 111 -53.72 -92.05 -18.18
C GLY OA 111 -54.42 -91.19 -17.12
N GLY OA 112 -53.82 -91.00 -15.94
CA GLY OA 112 -54.43 -90.24 -14.86
C GLY OA 112 -54.61 -88.75 -15.17
N PHE OA 113 -53.78 -88.21 -16.06
CA PHE OA 113 -53.86 -86.81 -16.50
C PHE OA 113 -53.19 -86.62 -17.85
N GLU OA 114 -53.37 -85.43 -18.44
CA GLU OA 114 -52.65 -85.05 -19.63
C GLU OA 114 -51.93 -83.73 -19.37
N ARG OA 115 -50.61 -83.78 -19.17
CA ARG OA 115 -49.84 -82.57 -18.93
C ARG OA 115 -49.70 -81.79 -20.24
N THR OA 116 -50.26 -80.59 -20.28
CA THR OA 116 -49.95 -79.63 -21.33
C THR OA 116 -49.04 -78.58 -20.74
N THR OA 117 -47.85 -78.41 -21.34
CA THR OA 117 -46.94 -77.33 -21.01
C THR OA 117 -46.86 -76.40 -22.20
N ALA OA 118 -47.03 -75.09 -21.99
CA ALA OA 118 -46.88 -74.11 -23.06
C ALA OA 118 -45.92 -73.00 -22.64
N VAL OA 119 -45.04 -72.58 -23.58
CA VAL OA 119 -43.96 -71.64 -23.32
C VAL OA 119 -44.00 -70.56 -24.38
N GLU OA 120 -43.97 -69.27 -23.99
CA GLU OA 120 -44.01 -68.18 -24.96
C GLU OA 120 -42.60 -67.69 -25.35
N ASN OA 121 -42.49 -67.17 -26.58
CA ASN OA 121 -41.33 -66.43 -27.04
C ASN OA 121 -40.01 -67.16 -26.79
N VAL OA 122 -39.95 -68.43 -27.17
CA VAL OA 122 -38.71 -69.18 -27.20
C VAL OA 122 -37.83 -68.64 -28.32
N VAL OA 123 -36.58 -68.33 -28.00
CA VAL OA 123 -35.59 -67.96 -29.01
C VAL OA 123 -34.39 -68.88 -28.92
N PHE OA 124 -33.77 -69.19 -30.07
CA PHE OA 124 -32.63 -70.08 -30.11
C PHE OA 124 -31.42 -69.32 -30.64
N PRO OA 125 -30.34 -69.10 -29.86
CA PRO OA 125 -29.21 -68.31 -30.32
C PRO OA 125 -28.49 -68.92 -31.53
N GLU OA 126 -28.46 -70.26 -31.61
CA GLU OA 126 -27.83 -70.91 -32.74
C GLU OA 126 -28.71 -72.04 -33.26
N LEU OA 127 -28.76 -72.15 -34.59
CA LEU OA 127 -29.58 -73.14 -35.26
C LEU OA 127 -28.67 -74.12 -35.98
N PRO OA 128 -28.69 -75.42 -35.63
CA PRO OA 128 -27.85 -76.39 -36.31
C PRO OA 128 -28.48 -76.72 -37.66
N LEU OA 129 -27.76 -76.37 -38.74
CA LEU OA 129 -28.28 -76.59 -40.08
C LEU OA 129 -27.91 -77.97 -40.58
N ASP OA 130 -26.64 -78.31 -40.43
CA ASP OA 130 -26.12 -79.61 -40.81
C ASP OA 130 -25.44 -80.19 -39.59
N SER OA 131 -25.61 -81.50 -39.41
CA SER OA 131 -25.11 -82.18 -38.23
C SER OA 131 -24.73 -83.62 -38.56
N ALA OA 132 -23.95 -83.75 -39.64
CA ALA OA 132 -23.59 -85.02 -40.26
C ALA OA 132 -22.51 -85.76 -39.47
N THR OA 133 -22.70 -87.08 -39.29
CA THR OA 133 -21.73 -87.97 -38.70
C THR OA 133 -21.75 -89.27 -39.48
N TYR OA 134 -20.58 -89.85 -39.75
CA TYR OA 134 -20.52 -91.06 -40.55
C TYR OA 134 -21.35 -92.19 -39.96
N GLY OA 135 -22.24 -92.78 -40.78
CA GLY OA 135 -23.04 -93.92 -40.41
C GLY OA 135 -24.18 -93.59 -39.44
N GLU OA 136 -24.58 -92.31 -39.39
CA GLU OA 136 -25.68 -91.88 -38.55
C GLU OA 136 -26.65 -90.97 -39.30
N TYR OA 137 -27.91 -90.97 -38.86
CA TYR OA 137 -28.78 -89.93 -39.34
C TYR OA 137 -28.35 -88.63 -38.69
N GLU OA 138 -28.59 -87.51 -39.36
CA GLU OA 138 -28.29 -86.23 -38.75
C GLU OA 138 -29.18 -86.03 -37.53
N GLU OA 139 -28.58 -85.50 -36.47
CA GLU OA 139 -29.29 -85.25 -35.23
C GLU OA 139 -28.95 -83.84 -34.77
N TYR OA 140 -29.98 -83.05 -34.47
CA TYR OA 140 -29.86 -81.62 -34.27
C TYR OA 140 -30.19 -81.30 -32.81
N SER OA 141 -29.38 -80.50 -32.14
CA SER OA 141 -29.73 -80.00 -30.82
C SER OA 141 -29.99 -78.51 -30.82
N LEU OA 142 -31.19 -78.10 -30.39
CA LEU OA 142 -31.51 -76.71 -30.15
C LEU OA 142 -31.47 -76.43 -28.66
N THR OA 143 -30.91 -75.29 -28.28
CA THR OA 143 -30.94 -74.78 -26.91
C THR OA 143 -31.45 -73.34 -26.99
N GLY OA 144 -32.40 -72.96 -26.14
CA GLY OA 144 -33.02 -71.65 -26.23
C GLY OA 144 -33.70 -71.24 -24.93
N SER OA 145 -34.15 -69.99 -24.88
CA SER OA 145 -34.79 -69.44 -23.69
C SER OA 145 -36.17 -68.88 -24.04
N GLY OA 146 -37.19 -69.42 -23.38
CA GLY OA 146 -38.52 -68.85 -23.42
C GLY OA 146 -38.65 -67.74 -22.38
N ARG OA 147 -39.62 -66.85 -22.59
CA ARG OA 147 -39.86 -65.75 -21.67
C ARG OA 147 -40.62 -66.23 -20.45
N SER OA 148 -41.66 -67.05 -20.64
CA SER OA 148 -42.44 -67.54 -19.53
C SER OA 148 -43.24 -68.78 -19.93
N VAL OA 149 -43.69 -69.54 -18.91
CA VAL OA 149 -44.63 -70.65 -19.06
C VAL OA 149 -46.03 -70.03 -19.07
N THR OA 150 -46.77 -70.17 -20.18
CA THR OA 150 -48.10 -69.59 -20.27
C THR OA 150 -49.18 -70.52 -19.74
N ASN OA 151 -48.90 -71.83 -19.76
CA ASN OA 151 -49.82 -72.85 -19.26
C ASN OA 151 -49.06 -74.07 -18.75
N LEU OA 152 -49.52 -74.62 -17.62
CA LEU OA 152 -49.13 -75.94 -17.13
C LEU OA 152 -50.32 -76.52 -16.39
N ALA OA 153 -51.06 -77.39 -17.09
CA ALA OA 153 -52.34 -77.85 -16.59
C ALA OA 153 -52.63 -79.26 -17.08
N ASP OA 154 -53.49 -79.96 -16.34
CA ASP OA 154 -54.09 -81.19 -16.80
C ASP OA 154 -55.19 -80.81 -17.79
N THR OA 155 -54.97 -81.13 -19.07
CA THR OA 155 -55.92 -80.81 -20.13
C THR OA 155 -56.82 -81.99 -20.50
N SER OA 156 -56.75 -83.10 -19.74
CA SER OA 156 -57.63 -84.25 -19.96
C SER OA 156 -59.11 -83.88 -19.78
N GLY OA 157 -59.99 -84.64 -20.45
CA GLY OA 157 -61.42 -84.33 -20.56
C GLY OA 157 -62.06 -84.10 -19.20
N ALA PA 2 -45.85 -75.96 -46.95
CA ALA PA 2 -44.37 -76.22 -46.90
C ALA PA 2 -44.09 -77.72 -46.77
N THR PA 3 -42.81 -78.08 -46.96
CA THR PA 3 -42.40 -79.48 -47.11
C THR PA 3 -42.38 -80.20 -45.76
N SER PA 4 -42.94 -81.44 -45.71
CA SER PA 4 -42.94 -82.25 -44.49
C SER PA 4 -41.54 -82.43 -43.96
N PRO PA 5 -41.28 -82.27 -42.63
CA PRO PA 5 -39.95 -82.55 -42.10
C PRO PA 5 -39.61 -84.03 -42.34
N GLU PA 6 -38.32 -84.29 -42.55
CA GLU PA 6 -37.89 -85.63 -42.92
C GLU PA 6 -36.49 -85.91 -42.37
N GLY PA 7 -36.17 -87.19 -42.13
CA GLY PA 7 -34.83 -87.51 -41.67
C GLY PA 7 -33.79 -87.25 -42.77
N ILE PA 8 -32.53 -87.04 -42.36
CA ILE PA 8 -31.45 -86.90 -43.32
C ILE PA 8 -30.34 -87.86 -42.93
N TRP PA 9 -29.79 -88.54 -43.94
CA TRP PA 9 -28.77 -89.54 -43.70
C TRP PA 9 -27.42 -88.92 -43.98
N SER PA 10 -26.49 -88.99 -43.02
CA SER PA 10 -25.24 -88.24 -43.11
C SER PA 10 -24.42 -88.63 -44.34
N ASN PA 11 -24.34 -89.92 -44.64
CA ASN PA 11 -23.49 -90.39 -45.71
C ASN PA 11 -23.99 -89.98 -47.10
N SER PA 12 -25.16 -89.33 -47.22
CA SER PA 12 -25.65 -88.85 -48.50
C SER PA 12 -25.00 -87.53 -48.91
N GLY PA 13 -24.41 -86.78 -47.96
CA GLY PA 13 -24.02 -85.39 -48.19
C GLY PA 13 -22.80 -85.24 -49.09
N ALA PA 14 -22.87 -84.29 -50.04
CA ALA PA 14 -21.72 -83.88 -50.83
C ALA PA 14 -21.31 -82.47 -50.43
N LEU PA 15 -20.10 -82.37 -49.84
CA LEU PA 15 -19.50 -81.11 -49.46
C LEU PA 15 -18.48 -80.67 -50.52
N THR PA 16 -18.49 -79.39 -50.88
CA THR PA 16 -17.52 -78.85 -51.82
C THR PA 16 -17.07 -77.45 -51.40
N PHE PA 17 -15.79 -77.14 -51.64
CA PHE PA 17 -15.26 -75.82 -51.37
C PHE PA 17 -14.92 -75.12 -52.68
N GLU PA 18 -15.14 -73.81 -52.71
CA GLU PA 18 -14.81 -73.02 -53.88
C GLU PA 18 -13.99 -71.81 -53.50
N ASP PA 19 -13.06 -71.41 -54.37
CA ASP PA 19 -12.36 -70.14 -54.24
C ASP PA 19 -13.35 -69.03 -54.57
N PRO PA 20 -13.66 -68.08 -53.65
CA PRO PA 20 -14.62 -67.02 -53.93
C PRO PA 20 -14.18 -65.99 -54.95
N ALA PA 21 -12.90 -66.02 -55.38
CA ALA PA 21 -12.41 -65.12 -56.42
C ALA PA 21 -12.90 -65.55 -57.82
N ASP PA 22 -13.02 -66.87 -58.06
CA ASP PA 22 -13.25 -67.45 -59.37
C ASP PA 22 -14.41 -68.46 -59.41
N ASP PA 23 -14.93 -68.87 -58.24
CA ASP PA 23 -15.88 -69.97 -58.08
C ASP PA 23 -15.34 -71.30 -58.63
N SER PA 24 -14.01 -71.43 -58.71
CA SER PA 24 -13.35 -72.67 -59.06
C SER PA 24 -13.35 -73.62 -57.87
N GLU PA 25 -13.52 -74.93 -58.11
CA GLU PA 25 -13.51 -75.90 -57.04
C GLU PA 25 -12.10 -76.03 -56.45
N ILE PA 26 -12.05 -76.18 -55.12
CA ILE PA 26 -10.87 -76.56 -54.38
C ILE PA 26 -11.05 -78.01 -53.97
N LEU PA 27 -10.15 -78.90 -54.42
CA LEU PA 27 -10.32 -80.34 -54.25
C LEU PA 27 -10.34 -80.70 -52.77
N PHE PA 28 -11.38 -81.41 -52.37
CA PHE PA 28 -11.59 -81.78 -50.98
C PHE PA 28 -12.58 -82.93 -50.94
N ALA PA 29 -12.25 -83.96 -50.15
CA ALA PA 29 -13.07 -85.17 -50.14
C ALA PA 29 -12.93 -85.96 -48.83
N GLY PA 30 -13.75 -86.99 -48.67
CA GLY PA 30 -13.50 -87.95 -47.61
C GLY PA 30 -13.94 -87.44 -46.24
N VAL PA 31 -15.00 -86.62 -46.19
CA VAL PA 31 -15.54 -86.21 -44.91
C VAL PA 31 -16.05 -87.40 -44.12
N ARG PA 32 -16.12 -87.21 -42.81
CA ARG PA 32 -16.73 -88.15 -41.89
C ARG PA 32 -17.76 -87.43 -41.03
N ASP PA 33 -17.43 -86.24 -40.53
CA ASP PA 33 -18.40 -85.41 -39.83
C ASP PA 33 -18.45 -84.03 -40.49
N VAL PA 34 -19.64 -83.42 -40.52
CA VAL PA 34 -19.83 -82.08 -41.04
C VAL PA 34 -20.91 -81.39 -40.24
N THR PA 35 -20.51 -80.41 -39.43
CA THR PA 35 -21.46 -79.60 -38.67
C THR PA 35 -21.42 -78.17 -39.17
N ILE PA 36 -22.59 -77.60 -39.46
CA ILE PA 36 -22.68 -76.20 -39.85
C ILE PA 36 -23.79 -75.56 -39.01
N THR PA 37 -23.50 -74.40 -38.42
CA THR PA 37 -24.39 -73.81 -37.44
C THR PA 37 -24.30 -72.30 -37.47
N PRO PA 38 -25.23 -71.60 -38.15
CA PRO PA 38 -25.41 -70.17 -37.95
C PRO PA 38 -25.77 -69.90 -36.51
N ALA PA 39 -25.15 -68.84 -35.96
CA ALA PA 39 -25.32 -68.45 -34.58
C ALA PA 39 -25.32 -66.93 -34.47
N TYR PA 40 -26.02 -66.43 -33.47
CA TYR PA 40 -25.89 -65.03 -33.09
C TYR PA 40 -25.65 -64.97 -31.58
N GLU PA 41 -24.95 -63.93 -31.15
CA GLU PA 41 -25.00 -63.57 -29.74
C GLU PA 41 -26.37 -62.99 -29.42
N HIS PA 42 -26.93 -63.33 -28.27
CA HIS PA 42 -28.17 -62.72 -27.78
C HIS PA 42 -27.93 -61.86 -26.55
N ALA PA 43 -28.61 -60.72 -26.49
CA ALA PA 43 -28.69 -59.91 -25.28
C ALA PA 43 -30.13 -59.81 -24.81
N GLU PA 44 -30.37 -60.10 -23.53
CA GLU PA 44 -31.69 -60.04 -22.92
C GLU PA 44 -31.76 -58.83 -21.99
N LEU PA 45 -32.79 -57.99 -22.12
CA LEU PA 45 -33.00 -56.86 -21.22
C LEU PA 45 -33.88 -57.27 -20.04
N TYR PA 46 -33.38 -57.04 -18.83
CA TYR PA 46 -34.21 -57.15 -17.65
C TYR PA 46 -34.06 -55.92 -16.78
N THR PA 47 -35.18 -55.51 -16.15
CA THR PA 47 -35.20 -54.29 -15.34
C THR PA 47 -35.97 -54.51 -14.05
N ILE PA 48 -35.92 -53.58 -13.11
CA ILE PA 48 -36.59 -53.78 -11.83
C ILE PA 48 -38.09 -53.93 -11.96
N ASP PA 49 -38.65 -53.48 -13.10
CA ASP PA 49 -40.09 -53.50 -13.37
C ASP PA 49 -40.69 -54.90 -13.37
N SER PA 50 -39.93 -55.93 -13.75
CA SER PA 50 -40.46 -57.27 -13.94
C SER PA 50 -39.37 -58.34 -13.78
N THR PA 51 -39.78 -59.55 -13.37
CA THR PA 51 -38.92 -60.72 -13.41
C THR PA 51 -38.85 -61.32 -14.82
N PHE PA 52 -39.85 -61.02 -15.66
CA PHE PA 52 -39.83 -61.48 -17.05
C PHE PA 52 -38.94 -60.61 -17.93
N ARG PA 53 -38.41 -61.23 -18.99
CA ARG PA 53 -37.57 -60.55 -19.97
C ARG PA 53 -38.36 -59.48 -20.69
N ASP PA 54 -37.79 -58.26 -20.78
CA ASP PA 54 -38.41 -57.18 -21.54
C ASP PA 54 -38.19 -57.39 -23.04
N GLU PA 55 -36.93 -57.64 -23.42
CA GLU PA 55 -36.52 -57.71 -24.82
C GLU PA 55 -35.40 -58.73 -25.02
N VAL PA 56 -35.30 -59.25 -26.25
CA VAL PA 56 -34.12 -59.99 -26.66
C VAL PA 56 -33.71 -59.60 -28.07
N LYS PA 57 -32.40 -59.45 -28.30
CA LYS PA 57 -31.88 -58.99 -29.58
C LYS PA 57 -30.69 -59.84 -30.03
N ARG PA 58 -30.53 -59.98 -31.35
CA ARG PA 58 -29.40 -60.66 -31.95
C ARG PA 58 -28.28 -59.68 -32.26
N TYR PA 59 -27.04 -60.18 -32.23
CA TYR PA 59 -25.90 -59.50 -32.85
C TYR PA 59 -24.79 -60.49 -33.14
N GLU PA 60 -23.71 -60.01 -33.76
CA GLU PA 60 -22.46 -60.76 -33.91
C GLU PA 60 -22.69 -62.14 -34.53
N HIS PA 61 -23.33 -62.13 -35.71
CA HIS PA 61 -23.59 -63.35 -36.46
C HIS PA 61 -22.30 -63.99 -36.93
N ASN PA 62 -22.25 -65.31 -36.88
CA ASN PA 62 -21.28 -66.07 -37.66
C ASN PA 62 -21.81 -67.47 -37.90
N VAL PA 63 -21.26 -68.17 -38.89
CA VAL PA 63 -21.60 -69.56 -39.10
C VAL PA 63 -20.45 -70.42 -38.61
N ASN PA 64 -20.64 -71.16 -37.53
CA ASN PA 64 -19.65 -72.15 -37.12
C ASN PA 64 -19.63 -73.27 -38.15
N VAL PA 65 -18.44 -73.63 -38.60
CA VAL PA 65 -18.23 -74.78 -39.46
C VAL PA 65 -17.19 -75.66 -38.80
N GLU PA 66 -17.52 -76.93 -38.59
CA GLU PA 66 -16.49 -77.89 -38.22
C GLU PA 66 -16.67 -79.20 -38.98
N ILE PA 67 -15.56 -79.68 -39.53
CA ILE PA 67 -15.53 -80.75 -40.50
C ILE PA 67 -14.44 -81.72 -40.07
N THR PA 68 -14.76 -83.00 -39.97
CA THR PA 68 -13.75 -84.02 -39.79
C THR PA 68 -13.65 -84.82 -41.06
N TYR PA 69 -12.43 -85.04 -41.57
CA TYR PA 69 -12.22 -85.71 -42.83
C TYR PA 69 -10.97 -86.57 -42.82
N ALA PA 70 -10.88 -87.51 -43.78
CA ALA PA 70 -9.88 -88.57 -43.74
C ALA PA 70 -9.16 -88.76 -45.08
N LYS PA 71 -9.34 -87.84 -46.03
CA LYS PA 71 -8.50 -87.78 -47.21
C LYS PA 71 -7.79 -86.43 -47.26
N PHE PA 72 -6.47 -86.42 -47.27
CA PHE PA 72 -5.72 -85.17 -47.28
C PHE PA 72 -5.71 -84.56 -48.68
N SER PA 73 -5.86 -83.22 -48.76
CA SER PA 73 -5.77 -82.48 -50.01
C SER PA 73 -4.61 -81.49 -49.99
N LEU PA 74 -3.64 -81.62 -50.90
CA LEU PA 74 -2.59 -80.62 -50.96
C LEU PA 74 -3.11 -79.29 -51.48
N GLU PA 75 -4.06 -79.28 -52.41
CA GLU PA 75 -4.60 -78.02 -52.89
C GLU PA 75 -5.26 -77.23 -51.75
N PHE PA 76 -6.11 -77.88 -50.95
CA PHE PA 76 -6.73 -77.19 -49.84
C PHE PA 76 -5.71 -76.66 -48.82
N ALA PA 77 -4.67 -77.43 -48.51
CA ALA PA 77 -3.66 -77.01 -47.56
C ALA PA 77 -2.81 -75.86 -48.12
N GLN PA 78 -2.37 -75.95 -49.37
CA GLN PA 78 -1.56 -74.91 -49.96
C GLN PA 78 -2.34 -73.62 -50.22
N GLU PA 79 -3.64 -73.72 -50.52
CA GLU PA 79 -4.52 -72.56 -50.55
C GLU PA 79 -4.58 -71.91 -49.18
N TRP PA 80 -4.79 -72.70 -48.12
CA TRP PA 80 -4.90 -72.15 -46.78
C TRP PA 80 -3.62 -71.44 -46.37
N LEU PA 81 -2.46 -71.97 -46.75
CA LEU PA 81 -1.18 -71.34 -46.48
C LEU PA 81 -1.04 -70.02 -47.23
N GLY PA 82 -1.44 -70.00 -48.50
CA GLY PA 82 -1.17 -68.88 -49.37
C GLY PA 82 -2.01 -67.65 -49.09
N GLY PA 83 -3.19 -67.81 -48.49
CA GLY PA 83 -4.14 -66.72 -48.32
C GLY PA 83 -4.92 -66.43 -49.59
N PRO PA 84 -5.71 -65.34 -49.65
CA PRO PA 84 -6.61 -65.07 -50.77
C PRO PA 84 -5.92 -64.99 -52.12
N GLY PA 85 -6.43 -65.79 -53.06
CA GLY PA 85 -5.97 -65.80 -54.45
C GLY PA 85 -4.55 -66.32 -54.67
N ALA PA 86 -3.97 -67.00 -53.68
CA ALA PA 86 -2.59 -67.48 -53.78
C ALA PA 86 -2.42 -68.87 -53.18
N THR PA 87 -1.52 -69.66 -53.78
CA THR PA 87 -1.14 -70.98 -53.29
C THR PA 87 0.31 -70.93 -52.82
N ALA PA 88 0.59 -71.48 -51.64
CA ALA PA 88 1.94 -71.46 -51.10
C ALA PA 88 2.37 -72.81 -50.52
N THR PA 89 3.66 -73.10 -50.66
CA THR PA 89 4.24 -74.34 -50.15
C THR PA 89 4.84 -74.15 -48.76
N ALA PA 90 4.71 -72.96 -48.16
CA ALA PA 90 5.25 -72.65 -46.84
C ALA PA 90 4.42 -71.57 -46.18
N SER PA 91 4.55 -71.43 -44.86
CA SER PA 91 3.85 -70.39 -44.09
C SER PA 91 4.10 -69.01 -44.69
N GLN PA 92 3.04 -68.20 -44.80
CA GLN PA 92 3.16 -66.84 -45.32
C GLN PA 92 3.04 -65.84 -44.17
N ASP PA 93 3.93 -64.85 -44.16
CA ASP PA 93 3.94 -63.82 -43.16
C ASP PA 93 3.01 -62.68 -43.57
N ASP PA 94 1.69 -62.92 -43.56
CA ASP PA 94 0.72 -61.88 -43.86
C ASP PA 94 -0.62 -62.10 -43.17
N SER PA 95 -1.42 -61.02 -43.14
CA SER PA 95 -2.56 -60.90 -42.25
C SER PA 95 -3.87 -61.48 -42.82
N ASP PA 96 -3.96 -61.73 -44.13
CA ASP PA 96 -5.20 -62.18 -44.73
C ASP PA 96 -5.36 -63.69 -44.67
N PRO PA 97 -6.35 -64.26 -43.96
CA PRO PA 97 -6.61 -65.69 -44.04
C PRO PA 97 -7.26 -66.01 -45.38
N MET PA 98 -7.04 -67.25 -45.85
CA MET PA 98 -7.78 -67.74 -46.99
C MET PA 98 -9.24 -67.85 -46.65
N LYS PA 99 -10.10 -67.19 -47.44
CA LYS PA 99 -11.54 -67.29 -47.31
C LYS PA 99 -12.07 -68.29 -48.33
N PHE PA 100 -12.79 -69.31 -47.87
CA PHE PA 100 -13.41 -70.29 -48.75
C PHE PA 100 -14.91 -70.09 -48.79
N ASN PA 101 -15.52 -70.24 -49.96
CA ASN PA 101 -16.93 -70.52 -49.99
C ASN PA 101 -17.12 -72.01 -49.76
N LEU PA 102 -18.15 -72.36 -49.01
CA LEU PA 102 -18.47 -73.75 -48.75
C LEU PA 102 -19.91 -74.02 -49.19
N GLU PA 103 -20.14 -75.20 -49.77
CA GLU PA 103 -21.48 -75.66 -50.05
C GLU PA 103 -21.63 -77.13 -49.68
N ASN PA 104 -22.76 -77.48 -49.04
CA ASN PA 104 -23.10 -78.85 -48.71
C ASN PA 104 -24.51 -79.16 -49.23
N VAL PA 105 -24.67 -80.28 -49.94
CA VAL PA 105 -25.94 -80.65 -50.53
C VAL PA 105 -26.29 -82.07 -50.10
N THR PA 106 -27.53 -82.28 -49.68
CA THR PA 106 -27.98 -83.55 -49.10
C THR PA 106 -29.45 -83.83 -49.47
N PRO PA 107 -29.74 -84.96 -50.15
CA PRO PA 107 -31.10 -85.44 -50.26
C PRO PA 107 -31.65 -85.83 -48.88
N SER PA 108 -32.94 -85.60 -48.64
CA SER PA 108 -33.59 -86.18 -47.48
C SER PA 108 -33.74 -87.69 -47.63
N ALA PA 109 -33.98 -88.39 -46.51
CA ALA PA 109 -33.92 -89.84 -46.51
C ALA PA 109 -34.96 -90.53 -47.39
N SER PA 110 -36.15 -89.94 -47.59
CA SER PA 110 -37.17 -90.43 -48.53
C SER PA 110 -37.31 -89.58 -49.81
N GLY PA 111 -36.38 -88.65 -50.06
CA GLY PA 111 -36.40 -87.85 -51.26
C GLY PA 111 -37.48 -86.75 -51.32
N GLY PA 112 -38.10 -86.41 -50.18
CA GLY PA 112 -39.04 -85.30 -50.10
C GLY PA 112 -38.43 -83.94 -50.48
N PHE PA 113 -37.12 -83.75 -50.26
CA PHE PA 113 -36.42 -82.54 -50.66
C PHE PA 113 -34.92 -82.76 -50.79
N GLU PA 114 -34.22 -81.83 -51.45
CA GLU PA 114 -32.78 -81.80 -51.40
C GLU PA 114 -32.32 -80.52 -50.68
N ARG PA 115 -31.87 -80.63 -49.44
CA ARG PA 115 -31.40 -79.47 -48.71
C ARG PA 115 -30.02 -79.05 -49.26
N THR PA 116 -29.92 -77.83 -49.77
CA THR PA 116 -28.65 -77.20 -50.09
C THR PA 116 -28.35 -76.12 -49.07
N THR PA 117 -27.18 -76.22 -48.40
CA THR PA 117 -26.66 -75.21 -47.50
C THR PA 117 -25.42 -74.59 -48.11
N ALA PA 118 -25.34 -73.25 -48.18
CA ALA PA 118 -24.16 -72.55 -48.66
C ALA PA 118 -23.72 -71.47 -47.68
N VAL PA 119 -22.40 -71.32 -47.52
CA VAL PA 119 -21.81 -70.44 -46.53
C VAL PA 119 -20.68 -69.64 -47.17
N GLU PA 120 -20.68 -68.31 -46.99
CA GLU PA 120 -19.63 -67.46 -47.53
C GLU PA 120 -18.46 -67.30 -46.55
N ASN PA 121 -17.26 -67.17 -47.10
CA ASN PA 121 -16.08 -66.69 -46.41
C ASN PA 121 -15.78 -67.48 -45.14
N VAL PA 122 -15.82 -68.82 -45.19
CA VAL PA 122 -15.31 -69.60 -44.09
C VAL PA 122 -13.80 -69.44 -43.99
N VAL PA 123 -13.30 -69.16 -42.79
CA VAL PA 123 -11.88 -69.11 -42.51
C VAL PA 123 -11.58 -70.08 -41.38
N PHE PA 124 -10.42 -70.75 -41.44
CA PHE PA 124 -10.07 -71.72 -40.42
C PHE PA 124 -8.85 -71.23 -39.67
N PRO PA 125 -8.93 -70.89 -38.36
CA PRO PA 125 -7.78 -70.40 -37.61
C PRO PA 125 -6.59 -71.34 -37.63
N GLU PA 126 -6.85 -72.65 -37.70
CA GLU PA 126 -5.77 -73.62 -37.74
C GLU PA 126 -6.11 -74.78 -38.65
N LEU PA 127 -5.06 -75.30 -39.28
CA LEU PA 127 -5.16 -76.34 -40.29
C LEU PA 127 -4.30 -77.52 -39.84
N PRO PA 128 -4.89 -78.70 -39.59
CA PRO PA 128 -4.07 -79.87 -39.25
C PRO PA 128 -3.41 -80.38 -40.52
N LEU PA 129 -2.08 -80.45 -40.48
CA LEU PA 129 -1.33 -80.92 -41.63
C LEU PA 129 -1.06 -82.41 -41.50
N ASP PA 130 -0.55 -82.81 -40.33
CA ASP PA 130 -0.28 -84.21 -40.04
C ASP PA 130 -1.10 -84.57 -38.82
N SER PA 131 -1.74 -85.74 -38.87
CA SER PA 131 -2.62 -86.17 -37.80
C SER PA 131 -2.55 -87.69 -37.64
N ALA PA 132 -1.31 -88.19 -37.50
CA ALA PA 132 -1.02 -89.60 -37.45
C ALA PA 132 -1.27 -90.16 -36.06
N THR PA 133 -1.79 -91.39 -36.04
CA THR PA 133 -2.01 -92.18 -34.83
C THR PA 133 -1.68 -93.63 -35.20
N TYR PA 134 -0.98 -94.35 -34.32
CA TYR PA 134 -0.57 -95.72 -34.64
C TYR PA 134 -1.76 -96.60 -35.03
N GLY PA 135 -1.66 -97.25 -36.19
CA GLY PA 135 -2.65 -98.19 -36.67
C GLY PA 135 -3.98 -97.56 -37.06
N GLU PA 136 -3.97 -96.27 -37.43
CA GLU PA 136 -5.16 -95.62 -37.95
C GLU PA 136 -4.84 -94.77 -39.16
N TYR PA 137 -5.83 -94.59 -40.05
CA TYR PA 137 -5.64 -93.59 -41.08
C TYR PA 137 -5.63 -92.20 -40.44
N GLU PA 138 -4.90 -91.27 -41.07
CA GLU PA 138 -4.87 -89.93 -40.54
C GLU PA 138 -6.27 -89.33 -40.65
N GLU PA 139 -6.72 -88.66 -39.58
CA GLU PA 139 -8.02 -88.02 -39.55
C GLU PA 139 -7.87 -86.58 -39.09
N TYR PA 140 -8.44 -85.65 -39.84
CA TYR PA 140 -8.19 -84.22 -39.69
C TYR PA 140 -9.47 -83.52 -39.22
N SER PA 141 -9.37 -82.67 -38.20
CA SER PA 141 -10.51 -81.83 -37.82
C SER PA 141 -10.25 -80.36 -38.15
N LEU PA 142 -11.10 -79.77 -38.99
CA LEU PA 142 -11.15 -78.33 -39.20
C LEU PA 142 -12.24 -77.72 -38.33
N THR PA 143 -11.93 -76.60 -37.70
CA THR PA 143 -12.91 -75.77 -37.02
C THR PA 143 -12.67 -74.35 -37.52
N GLY PA 144 -13.74 -73.68 -37.97
CA GLY PA 144 -13.64 -72.35 -38.55
C GLY PA 144 -14.97 -71.63 -38.56
N SER PA 145 -15.03 -70.42 -39.14
CA SER PA 145 -16.31 -69.73 -39.21
C SER PA 145 -16.52 -68.91 -40.48
N GLY PA 146 -17.74 -68.96 -41.00
CA GLY PA 146 -18.16 -68.21 -42.16
C GLY PA 146 -18.92 -66.95 -41.78
N ARG PA 147 -19.00 -66.00 -42.71
CA ARG PA 147 -19.61 -64.71 -42.43
C ARG PA 147 -21.12 -64.83 -42.33
N SER PA 148 -21.74 -65.58 -43.24
CA SER PA 148 -23.20 -65.74 -43.29
C SER PA 148 -23.59 -66.96 -44.10
N VAL PA 149 -24.83 -67.45 -43.89
CA VAL PA 149 -25.44 -68.46 -44.75
C VAL PA 149 -25.98 -67.76 -45.99
N THR PA 150 -25.46 -68.10 -47.18
CA THR PA 150 -25.88 -67.43 -48.40
C THR PA 150 -27.10 -68.09 -49.04
N ASN PA 151 -27.34 -69.36 -48.75
CA ASN PA 151 -28.50 -70.08 -49.25
C ASN PA 151 -28.85 -71.24 -48.32
N LEU PA 152 -30.14 -71.48 -48.12
CA LEU PA 152 -30.68 -72.68 -47.50
C LEU PA 152 -32.05 -72.95 -48.11
N ALA PA 153 -32.10 -73.86 -49.07
CA ALA PA 153 -33.30 -74.08 -49.87
C ALA PA 153 -33.42 -75.54 -50.33
N ASP PA 154 -34.64 -75.95 -50.67
CA ASP PA 154 -34.85 -77.20 -51.37
C ASP PA 154 -34.46 -77.00 -52.83
N THR PA 155 -33.36 -77.62 -53.25
CA THR PA 155 -32.85 -77.50 -54.61
C THR PA 155 -33.28 -78.65 -55.52
N SER PA 156 -34.20 -79.52 -55.06
CA SER PA 156 -34.85 -80.45 -55.98
C SER PA 156 -35.71 -79.69 -57.00
N GLY PA 157 -35.87 -80.29 -58.21
CA GLY PA 157 -36.58 -79.67 -59.32
C GLY PA 157 -38.06 -79.40 -59.01
N ALA QA 2 24.76 -49.26 -39.62
CA ALA QA 2 24.39 -49.19 -38.18
C ALA QA 2 23.78 -50.51 -37.70
N THR QA 3 23.78 -50.73 -36.38
CA THR QA 3 23.38 -51.99 -35.77
C THR QA 3 21.86 -52.15 -35.75
N SER QA 4 21.36 -53.33 -36.18
CA SER QA 4 19.91 -53.59 -36.27
C SER QA 4 19.26 -53.59 -34.90
N PRO QA 5 18.02 -53.08 -34.77
CA PRO QA 5 17.29 -53.19 -33.50
C PRO QA 5 17.04 -54.67 -33.20
N GLU QA 6 16.93 -54.98 -31.91
CA GLU QA 6 16.70 -56.37 -31.52
C GLU QA 6 15.93 -56.43 -30.22
N GLY QA 7 15.19 -57.53 -29.99
CA GLY QA 7 14.54 -57.69 -28.70
C GLY QA 7 15.57 -57.92 -27.59
N ILE QA 8 15.17 -57.61 -26.35
CA ILE QA 8 16.02 -57.91 -25.21
C ILE QA 8 15.21 -58.69 -24.19
N TRP QA 9 15.86 -59.69 -23.60
CA TRP QA 9 15.21 -60.59 -22.66
C TRP QA 9 15.57 -60.14 -21.25
N SER QA 10 14.58 -59.89 -20.38
CA SER QA 10 14.83 -59.22 -19.12
C SER QA 10 15.76 -60.03 -18.24
N ASN QA 11 15.61 -61.37 -18.28
CA ASN QA 11 16.38 -62.24 -17.41
C ASN QA 11 17.83 -62.38 -17.84
N SER QA 12 18.20 -61.93 -19.04
CA SER QA 12 19.60 -61.90 -19.47
C SER QA 12 20.40 -60.77 -18.83
N GLY QA 13 19.75 -59.84 -18.10
CA GLY QA 13 20.42 -58.67 -17.54
C GLY QA 13 21.24 -58.96 -16.30
N ALA QA 14 22.39 -58.28 -16.19
CA ALA QA 14 23.19 -58.24 -14.98
C ALA QA 14 23.31 -56.80 -14.48
N LEU QA 15 22.76 -56.54 -13.27
CA LEU QA 15 22.82 -55.25 -12.63
C LEU QA 15 23.86 -55.28 -11.51
N THR QA 16 24.71 -54.24 -11.46
CA THR QA 16 25.71 -54.09 -10.41
C THR QA 16 25.76 -52.65 -9.90
N PHE QA 17 26.05 -52.49 -8.61
CA PHE QA 17 26.23 -51.20 -7.98
C PHE QA 17 27.69 -51.01 -7.57
N GLU QA 18 28.20 -49.79 -7.71
CA GLU QA 18 29.55 -49.48 -7.27
C GLU QA 18 29.58 -48.21 -6.42
N ASP QA 19 30.49 -48.19 -5.44
CA ASP QA 19 30.81 -47.00 -4.68
C ASP QA 19 31.64 -46.05 -5.54
N PRO QA 20 31.17 -44.82 -5.86
CA PRO QA 20 31.92 -43.91 -6.72
C PRO QA 20 33.24 -43.43 -6.12
N ALA QA 21 33.45 -43.58 -4.80
CA ALA QA 21 34.73 -43.23 -4.19
C ALA QA 21 35.85 -44.22 -4.55
N ASP QA 22 35.49 -45.49 -4.84
CA ASP QA 22 36.44 -46.57 -5.04
C ASP QA 22 36.41 -47.19 -6.44
N ASP QA 23 35.24 -47.16 -7.08
CA ASP QA 23 34.87 -48.12 -8.13
C ASP QA 23 34.87 -49.56 -7.58
N SER QA 24 34.42 -49.73 -6.31
CA SER QA 24 34.27 -51.04 -5.67
C SER QA 24 32.81 -51.48 -5.69
N GLU QA 25 32.58 -52.78 -5.94
CA GLU QA 25 31.23 -53.32 -6.02
C GLU QA 25 30.57 -53.35 -4.63
N ILE QA 26 29.29 -52.98 -4.59
CA ILE QA 26 28.42 -53.12 -3.43
C ILE QA 26 27.48 -54.30 -3.72
N LEU QA 27 27.49 -55.33 -2.86
CA LEU QA 27 26.82 -56.59 -3.16
C LEU QA 27 25.31 -56.38 -3.25
N PHE QA 28 24.75 -56.74 -4.42
CA PHE QA 28 23.33 -56.59 -4.69
C PHE QA 28 22.91 -57.60 -5.75
N ALA QA 29 21.72 -58.19 -5.56
CA ALA QA 29 21.34 -59.40 -6.29
C ALA QA 29 19.82 -59.62 -6.25
N GLY QA 30 19.33 -60.51 -7.10
CA GLY QA 30 17.96 -60.95 -7.02
C GLY QA 30 16.99 -59.95 -7.59
N VAL QA 31 17.35 -59.22 -8.65
CA VAL QA 31 16.41 -58.31 -9.29
C VAL QA 31 15.24 -59.06 -9.93
N ARG QA 32 14.12 -58.36 -10.07
CA ARG QA 32 12.92 -58.88 -10.71
C ARG QA 32 12.30 -57.83 -11.64
N ASP QA 33 12.56 -56.55 -11.40
CA ASP QA 33 12.30 -55.50 -12.37
C ASP QA 33 13.42 -54.47 -12.32
N VAL QA 34 13.74 -53.89 -13.48
CA VAL QA 34 14.73 -52.85 -13.58
C VAL QA 34 14.30 -51.88 -14.65
N THR QA 35 14.02 -50.63 -14.24
CA THR QA 35 13.64 -49.59 -15.18
C THR QA 35 14.62 -48.43 -15.06
N ILE QA 36 15.23 -48.03 -16.19
CA ILE QA 36 16.10 -46.87 -16.23
C ILE QA 36 15.63 -45.93 -17.33
N THR QA 37 15.29 -44.70 -16.96
CA THR QA 37 14.70 -43.74 -17.88
C THR QA 37 15.35 -42.38 -17.71
N PRO QA 38 16.34 -41.99 -18.54
CA PRO QA 38 16.76 -40.61 -18.63
C PRO QA 38 15.62 -39.72 -19.12
N ALA QA 39 15.46 -38.57 -18.46
CA ALA QA 39 14.39 -37.64 -18.74
C ALA QA 39 14.94 -36.21 -18.78
N TYR QA 40 14.19 -35.32 -19.42
CA TYR QA 40 14.36 -33.90 -19.24
C TYR QA 40 12.99 -33.24 -19.11
N GLU QA 41 12.93 -32.13 -18.41
CA GLU QA 41 11.76 -31.29 -18.51
C GLU QA 41 11.79 -30.55 -19.84
N HIS QA 42 10.66 -30.49 -20.56
CA HIS QA 42 10.56 -29.80 -21.83
C HIS QA 42 9.70 -28.55 -21.71
N ALA QA 43 10.25 -27.39 -22.06
CA ALA QA 43 9.47 -26.16 -22.15
C ALA QA 43 9.20 -25.81 -23.62
N GLU QA 44 7.93 -25.58 -23.95
CA GLU QA 44 7.51 -25.29 -25.31
C GLU QA 44 7.07 -23.83 -25.41
N LEU QA 45 7.61 -23.07 -26.37
CA LEU QA 45 7.22 -21.68 -26.56
C LEU QA 45 6.03 -21.58 -27.51
N TYR QA 46 5.00 -20.86 -27.09
CA TYR QA 46 3.91 -20.51 -27.99
C TYR QA 46 3.53 -19.06 -27.79
N THR QA 47 3.20 -18.40 -28.92
CA THR QA 47 2.87 -16.98 -28.91
C THR QA 47 1.68 -16.70 -29.81
N ILE QA 48 1.17 -15.47 -29.84
CA ILE QA 48 0.00 -15.14 -30.63
C ILE QA 48 0.25 -15.23 -32.14
N ASP QA 49 1.52 -15.30 -32.55
CA ASP QA 49 1.90 -15.39 -33.96
C ASP QA 49 1.35 -16.64 -34.67
N SER QA 50 1.24 -17.75 -33.93
CA SER QA 50 0.92 -19.04 -34.54
C SER QA 50 0.31 -19.98 -33.51
N THR QA 51 -0.58 -20.86 -33.96
CA THR QA 51 -1.07 -21.96 -33.13
C THR QA 51 -0.01 -23.05 -32.96
N PHE QA 52 0.94 -23.14 -33.89
CA PHE QA 52 2.01 -24.10 -33.81
C PHE QA 52 3.07 -23.66 -32.80
N ARG QA 53 3.81 -24.65 -32.29
CA ARG QA 53 4.91 -24.44 -31.38
C ARG QA 53 6.02 -23.67 -32.07
N ASP QA 54 6.54 -22.62 -31.41
CA ASP QA 54 7.68 -21.86 -31.90
C ASP QA 54 8.97 -22.63 -31.67
N GLU QA 55 9.18 -23.12 -30.43
CA GLU QA 55 10.43 -23.74 -30.01
C GLU QA 55 10.16 -24.78 -28.92
N VAL QA 56 11.15 -25.68 -28.71
CA VAL QA 56 11.13 -26.57 -27.55
C VAL QA 56 12.55 -26.76 -26.99
N LYS QA 57 12.67 -26.85 -25.66
CA LYS QA 57 13.98 -26.90 -25.01
C LYS QA 57 13.99 -27.84 -23.79
N ARG QA 58 15.15 -28.49 -23.54
CA ARG QA 58 15.40 -29.36 -22.40
C ARG QA 58 15.97 -28.60 -21.19
N TYR QA 59 15.65 -29.08 -19.99
CA TYR QA 59 16.31 -28.68 -18.75
C TYR QA 59 16.07 -29.72 -17.67
N GLU QA 60 16.71 -29.59 -16.49
CA GLU QA 60 16.56 -30.52 -15.37
C GLU QA 60 16.64 -31.97 -15.82
N HIS QA 61 17.79 -32.33 -16.37
CA HIS QA 61 18.05 -33.72 -16.63
C HIS QA 61 18.08 -34.51 -15.32
N ASN QA 62 17.54 -35.74 -15.37
CA ASN QA 62 17.77 -36.74 -14.34
C ASN QA 62 17.56 -38.12 -14.95
N VAL QA 63 18.01 -39.17 -14.27
CA VAL QA 63 17.73 -40.53 -14.69
C VAL QA 63 16.83 -41.17 -13.66
N ASN QA 64 15.56 -41.41 -13.99
CA ASN QA 64 14.71 -42.19 -13.10
C ASN QA 64 15.18 -43.63 -13.10
N VAL QA 65 15.59 -44.11 -11.93
CA VAL QA 65 15.93 -45.50 -11.70
C VAL QA 65 14.91 -46.07 -10.74
N GLU QA 66 14.27 -47.16 -11.14
CA GLU QA 66 13.50 -47.95 -10.19
C GLU QA 66 13.76 -49.44 -10.36
N ILE QA 67 13.93 -50.11 -9.23
CA ILE QA 67 14.41 -51.48 -9.18
C ILE QA 67 13.52 -52.24 -8.22
N THR QA 68 13.02 -53.40 -8.66
CA THR QA 68 12.37 -54.33 -7.76
C THR QA 68 13.24 -55.56 -7.61
N TYR QA 69 13.45 -56.01 -6.38
CA TYR QA 69 14.37 -57.10 -6.11
C TYR QA 69 13.94 -57.89 -4.87
N ALA QA 70 14.48 -59.11 -4.70
CA ALA QA 70 13.96 -60.05 -3.73
C ALA QA 70 15.03 -60.74 -2.89
N LYS QA 71 16.30 -60.34 -3.04
CA LYS QA 71 17.35 -60.78 -2.14
C LYS QA 71 17.86 -59.56 -1.36
N PHE QA 72 17.77 -59.61 -0.03
CA PHE QA 72 18.21 -58.49 0.80
C PHE QA 72 19.73 -58.48 0.98
N SER QA 73 20.33 -57.28 0.91
CA SER QA 73 21.75 -57.07 1.07
C SER QA 73 22.00 -56.17 2.26
N LEU QA 74 22.73 -56.69 3.27
CA LEU QA 74 23.11 -55.87 4.41
C LEU QA 74 24.09 -54.78 4.00
N GLU QA 75 24.97 -55.08 3.06
CA GLU QA 75 25.91 -54.09 2.60
C GLU QA 75 25.16 -52.93 1.95
N PHE QA 76 24.26 -53.19 1.01
CA PHE QA 76 23.57 -52.10 0.35
C PHE QA 76 22.79 -51.24 1.33
N ALA QA 77 22.10 -51.86 2.28
CA ALA QA 77 21.34 -51.10 3.26
C ALA QA 77 22.25 -50.30 4.19
N GLN QA 78 23.36 -50.87 4.68
CA GLN QA 78 24.25 -50.15 5.58
C GLN QA 78 25.05 -49.05 4.87
N GLU QA 79 25.34 -49.21 3.59
CA GLU QA 79 25.87 -48.15 2.75
C GLU QA 79 24.86 -47.02 2.63
N TRP QA 80 23.59 -47.33 2.37
CA TRP QA 80 22.58 -46.30 2.27
C TRP QA 80 22.38 -45.53 3.57
N LEU QA 81 22.38 -46.22 4.70
CA LEU QA 81 22.29 -45.58 6.00
C LEU QA 81 23.49 -44.68 6.26
N GLY QA 82 24.70 -45.17 5.94
CA GLY QA 82 25.94 -44.51 6.28
C GLY QA 82 26.20 -43.19 5.56
N GLY QA 83 25.67 -43.01 4.35
CA GLY QA 83 26.01 -41.86 3.51
C GLY QA 83 27.36 -42.03 2.81
N PRO QA 84 27.83 -41.04 2.02
CA PRO QA 84 29.02 -41.22 1.19
C PRO QA 84 30.27 -41.60 1.97
N GLY QA 85 30.96 -42.62 1.45
CA GLY QA 85 32.24 -43.09 1.97
C GLY QA 85 32.19 -43.60 3.42
N ALA QA 86 30.99 -43.99 3.87
CA ALA QA 86 30.78 -44.52 5.22
C ALA QA 86 29.73 -45.62 5.21
N THR QA 87 29.64 -46.35 6.32
CA THR QA 87 28.69 -47.44 6.50
C THR QA 87 28.20 -47.41 7.94
N ALA QA 88 26.90 -47.67 8.15
CA ALA QA 88 26.34 -47.55 9.49
C ALA QA 88 25.22 -48.54 9.75
N THR QA 89 25.08 -48.93 11.02
CA THR QA 89 24.06 -49.87 11.44
C THR QA 89 22.81 -49.17 11.98
N ALA QA 90 22.67 -47.85 11.74
CA ALA QA 90 21.59 -47.02 12.26
C ALA QA 90 21.47 -45.75 11.44
N SER QA 91 20.29 -45.12 11.47
CA SER QA 91 20.04 -43.84 10.81
C SER QA 91 21.14 -42.84 11.15
N GLN QA 92 21.61 -42.07 10.17
CA GLN QA 92 22.63 -41.07 10.43
C GLN QA 92 22.00 -39.67 10.32
N ASP QA 93 22.31 -38.83 11.30
CA ASP QA 93 21.80 -37.46 11.30
C ASP QA 93 22.71 -36.53 10.48
N ASP QA 94 22.76 -36.74 9.16
CA ASP QA 94 23.51 -35.86 8.26
C ASP QA 94 22.85 -35.74 6.88
N SER QA 95 23.25 -34.70 6.14
CA SER QA 95 22.53 -34.22 4.98
C SER QA 95 22.97 -34.85 3.65
N ASP QA 96 24.06 -35.63 3.62
CA ASP QA 96 24.52 -36.19 2.36
C ASP QA 96 23.94 -37.57 2.11
N PRO QA 97 23.20 -37.80 1.00
CA PRO QA 97 22.72 -39.13 0.66
C PRO QA 97 23.88 -39.94 0.07
N MET QA 98 23.85 -41.25 0.33
CA MET QA 98 24.76 -42.17 -0.32
C MET QA 98 24.51 -42.15 -1.82
N LYS QA 99 25.58 -41.93 -2.61
CA LYS QA 99 25.48 -41.91 -4.07
C LYS QA 99 26.05 -43.20 -4.62
N PHE QA 100 25.26 -43.90 -5.43
CA PHE QA 100 25.69 -45.15 -6.05
C PHE QA 100 25.93 -44.96 -7.54
N ASN QA 101 27.03 -45.47 -8.06
CA ASN QA 101 27.09 -45.70 -9.48
C ASN QA 101 26.38 -47.00 -9.79
N LEU QA 102 25.77 -47.07 -10.95
CA LEU QA 102 24.96 -48.22 -11.31
C LEU QA 102 25.29 -48.59 -12.76
N GLU QA 103 25.42 -49.90 -13.01
CA GLU QA 103 25.61 -50.38 -14.37
C GLU QA 103 24.74 -51.61 -14.61
N ASN QA 104 24.09 -51.62 -15.78
CA ASN QA 104 23.30 -52.76 -16.23
C ASN QA 104 23.83 -53.22 -17.59
N VAL QA 105 23.99 -54.52 -17.76
CA VAL QA 105 24.47 -55.08 -19.02
C VAL QA 105 23.51 -56.18 -19.47
N THR QA 106 23.13 -56.18 -20.75
CA THR QA 106 22.25 -57.20 -21.30
C THR QA 106 22.69 -57.57 -22.71
N PRO QA 107 22.94 -58.86 -23.00
CA PRO QA 107 22.97 -59.32 -24.38
C PRO QA 107 21.60 -59.12 -25.02
N SER QA 108 21.56 -58.72 -26.29
CA SER QA 108 20.31 -58.74 -27.04
C SER QA 108 19.89 -60.18 -27.30
N ALA QA 109 18.63 -60.38 -27.72
CA ALA QA 109 18.03 -61.71 -27.69
C ALA QA 109 18.67 -62.69 -28.69
N SER QA 110 19.18 -62.20 -29.84
CA SER QA 110 19.92 -63.00 -30.81
C SER QA 110 21.42 -62.65 -30.86
N GLY QA 111 21.93 -61.94 -29.84
CA GLY QA 111 23.34 -61.62 -29.72
C GLY QA 111 23.87 -60.57 -30.70
N GLY QA 112 23.00 -59.79 -31.36
CA GLY QA 112 23.42 -58.72 -32.24
C GLY QA 112 24.27 -57.63 -31.56
N PHE QA 113 24.01 -57.38 -30.27
CA PHE QA 113 24.76 -56.42 -29.46
C PHE QA 113 24.71 -56.79 -27.99
N GLU QA 114 25.63 -56.22 -27.21
CA GLU QA 114 25.51 -56.26 -25.76
C GLU QA 114 25.34 -54.83 -25.26
N ARG QA 115 24.14 -54.48 -24.83
CA ARG QA 115 23.85 -53.12 -24.43
C ARG QA 115 24.29 -52.92 -23.00
N THR QA 116 25.22 -51.98 -22.79
CA THR QA 116 25.65 -51.56 -21.46
C THR QA 116 25.07 -50.18 -21.18
N THR QA 117 24.29 -50.05 -20.11
CA THR QA 117 23.74 -48.79 -19.64
C THR QA 117 24.38 -48.48 -18.28
N ALA QA 118 25.03 -47.31 -18.15
CA ALA QA 118 25.68 -46.92 -16.90
C ALA QA 118 25.24 -45.53 -16.45
N VAL QA 119 25.01 -45.39 -15.14
CA VAL QA 119 24.39 -44.21 -14.57
C VAL QA 119 25.22 -43.73 -13.37
N GLU QA 120 25.43 -42.42 -13.26
CA GLU QA 120 26.18 -41.88 -12.13
C GLU QA 120 25.29 -41.31 -11.05
N ASN QA 121 25.77 -41.38 -9.79
CA ASN QA 121 25.19 -40.72 -8.64
C ASN QA 121 23.69 -40.98 -8.48
N VAL QA 122 23.28 -42.23 -8.62
CA VAL QA 122 21.93 -42.61 -8.25
C VAL QA 122 21.79 -42.46 -6.75
N VAL QA 123 20.72 -41.76 -6.32
CA VAL QA 123 20.36 -41.67 -4.92
C VAL QA 123 18.94 -42.13 -4.73
N PHE QA 124 18.66 -42.74 -3.57
CA PHE QA 124 17.32 -43.24 -3.28
C PHE QA 124 16.76 -42.50 -2.08
N PRO QA 125 15.65 -41.74 -2.20
CA PRO QA 125 15.06 -41.06 -1.06
C PRO QA 125 14.63 -41.99 0.06
N GLU QA 126 14.31 -43.25 -0.26
CA GLU QA 126 13.90 -44.19 0.76
C GLU QA 126 14.33 -45.62 0.45
N LEU QA 127 14.57 -46.37 1.51
CA LEU QA 127 15.10 -47.72 1.43
C LEU QA 127 14.14 -48.64 2.17
N PRO QA 128 13.50 -49.63 1.49
CA PRO QA 128 12.67 -50.59 2.19
C PRO QA 128 13.56 -51.60 2.90
N LEU QA 129 13.46 -51.62 4.23
CA LEU QA 129 14.29 -52.51 5.04
C LEU QA 129 13.62 -53.86 5.22
N ASP QA 130 12.36 -53.80 5.64
CA ASP QA 130 11.52 -54.98 5.77
C ASP QA 130 10.31 -54.80 4.89
N SER QA 131 9.90 -55.86 4.20
CA SER QA 131 8.85 -55.77 3.20
C SER QA 131 8.07 -57.08 3.12
N ALA QA 132 7.69 -57.58 4.31
CA ALA QA 132 7.09 -58.89 4.48
C ALA QA 132 5.61 -58.86 4.15
N THR QA 133 5.19 -59.92 3.45
CA THR QA 133 3.79 -60.21 3.21
C THR QA 133 3.61 -61.71 3.41
N TYR QA 134 2.54 -62.06 4.11
CA TYR QA 134 2.21 -63.42 4.46
C TYR QA 134 2.23 -64.34 3.24
N GLY QA 135 3.00 -65.44 3.29
CA GLY QA 135 3.07 -66.41 2.23
C GLY QA 135 3.82 -65.94 1.00
N GLU QA 136 4.67 -64.93 1.15
CA GLU QA 136 5.55 -64.49 0.07
C GLU QA 136 6.96 -64.23 0.57
N TYR QA 137 7.94 -64.34 -0.33
CA TYR QA 137 9.25 -63.80 0.02
C TYR QA 137 9.14 -62.30 0.09
N GLU QA 138 9.99 -61.66 0.91
CA GLU QA 138 10.00 -60.21 0.93
C GLU QA 138 10.41 -59.69 -0.44
N GLU QA 139 9.78 -58.62 -0.90
CA GLU QA 139 10.15 -58.00 -2.18
C GLU QA 139 10.23 -56.48 -2.00
N TYR QA 140 11.30 -55.90 -2.54
CA TYR QA 140 11.73 -54.55 -2.22
C TYR QA 140 11.70 -53.70 -3.48
N SER QA 141 11.09 -52.50 -3.40
CA SER QA 141 11.14 -51.55 -4.52
C SER QA 141 11.89 -50.29 -4.15
N LEU QA 142 12.93 -49.98 -4.95
CA LEU QA 142 13.67 -48.73 -4.86
C LEU QA 142 13.23 -47.79 -5.96
N THR QA 143 13.07 -46.51 -5.61
CA THR QA 143 12.93 -45.44 -6.57
C THR QA 143 14.03 -44.42 -6.27
N GLY QA 144 14.75 -43.97 -7.31
CA GLY QA 144 15.85 -43.05 -7.13
C GLY QA 144 16.16 -42.28 -8.39
N SER QA 145 16.99 -41.23 -8.27
CA SER QA 145 17.36 -40.36 -9.37
C SER QA 145 18.86 -40.36 -9.58
N GLY QA 146 19.30 -40.77 -10.77
CA GLY QA 146 20.67 -40.56 -11.19
C GLY QA 146 20.87 -39.16 -11.78
N ARG QA 147 22.13 -38.72 -11.83
CA ARG QA 147 22.46 -37.43 -12.40
C ARG QA 147 22.51 -37.50 -13.92
N SER QA 148 23.22 -38.49 -14.47
CA SER QA 148 23.40 -38.62 -15.90
C SER QA 148 23.73 -40.06 -16.31
N VAL QA 149 23.51 -40.38 -17.59
CA VAL QA 149 23.97 -41.62 -18.20
C VAL QA 149 25.41 -41.41 -18.63
N THR QA 150 26.34 -42.16 -18.05
CA THR QA 150 27.75 -42.03 -18.40
C THR QA 150 28.10 -42.88 -19.62
N ASN QA 151 27.30 -43.91 -19.92
CA ASN QA 151 27.57 -44.81 -21.03
C ASN QA 151 26.30 -45.52 -21.47
N LEU QA 152 26.05 -45.50 -22.78
CA LEU QA 152 25.10 -46.36 -23.45
C LEU QA 152 25.73 -46.76 -24.78
N ALA QA 153 26.20 -48.02 -24.82
CA ALA QA 153 26.95 -48.49 -25.97
C ALA QA 153 26.78 -50.00 -26.15
N ASP QA 154 27.09 -50.47 -27.37
CA ASP QA 154 27.25 -51.88 -27.64
C ASP QA 154 28.68 -52.25 -27.24
N THR QA 155 28.80 -52.98 -26.13
CA THR QA 155 30.09 -53.39 -25.60
C THR QA 155 30.53 -54.78 -26.07
N SER QA 156 29.74 -55.45 -26.94
CA SER QA 156 30.10 -56.77 -27.46
C SER QA 156 31.39 -56.73 -28.28
N GLY QA 157 32.12 -57.86 -28.32
CA GLY QA 157 33.42 -57.94 -28.96
C GLY QA 157 33.34 -57.67 -30.47
N ALA RA 2 32.54 -59.58 3.59
CA ALA RA 2 31.21 -59.10 3.10
C ALA RA 2 30.23 -60.27 3.02
N THR RA 3 28.92 -59.99 3.15
CA THR RA 3 27.88 -61.02 3.31
C THR RA 3 27.08 -61.18 2.03
N SER RA 4 26.95 -62.42 1.50
CA SER RA 4 26.17 -62.68 0.28
C SER RA 4 24.72 -62.25 0.46
N PRO RA 5 24.13 -61.44 -0.44
CA PRO RA 5 22.72 -61.11 -0.35
C PRO RA 5 21.87 -62.39 -0.49
N GLU RA 6 20.73 -62.40 0.18
CA GLU RA 6 19.96 -63.62 0.26
C GLU RA 6 18.46 -63.29 0.33
N GLY RA 7 17.62 -64.22 -0.12
CA GLY RA 7 16.18 -63.99 0.01
C GLY RA 7 15.77 -64.02 1.48
N ILE RA 8 14.59 -63.45 1.77
CA ILE RA 8 14.03 -63.53 3.10
C ILE RA 8 12.59 -64.01 2.99
N TRP RA 9 12.19 -64.91 3.90
CA TRP RA 9 10.86 -65.47 3.85
C TRP RA 9 9.98 -64.79 4.88
N SER RA 10 8.85 -64.20 4.48
CA SER RA 10 8.11 -63.30 5.33
C SER RA 10 7.70 -63.98 6.62
N ASN RA 11 7.19 -65.21 6.51
CA ASN RA 11 6.63 -65.93 7.62
C ASN RA 11 7.69 -66.27 8.69
N SER RA 12 8.98 -66.08 8.40
CA SER RA 12 10.02 -66.30 9.40
C SER RA 12 10.24 -65.12 10.32
N GLY RA 13 9.60 -63.97 10.06
CA GLY RA 13 9.69 -62.75 10.86
C GLY RA 13 9.11 -62.90 12.27
N ALA RA 14 9.59 -62.06 13.19
CA ALA RA 14 9.16 -62.04 14.58
C ALA RA 14 9.19 -60.62 15.13
N LEU RA 15 8.15 -59.85 14.78
CA LEU RA 15 7.97 -58.47 15.21
C LEU RA 15 7.60 -58.40 16.69
N THR RA 16 8.25 -57.48 17.44
CA THR RA 16 7.92 -57.21 18.83
C THR RA 16 7.95 -55.71 19.15
N PHE RA 17 7.07 -55.27 20.04
CA PHE RA 17 6.97 -53.88 20.46
C PHE RA 17 7.35 -53.73 21.94
N GLU RA 18 7.96 -52.60 22.26
CA GLU RA 18 8.35 -52.32 23.63
C GLU RA 18 7.96 -50.90 24.05
N ASP RA 19 7.60 -50.74 25.31
CA ASP RA 19 7.48 -49.42 25.92
C ASP RA 19 8.89 -48.85 26.13
N PRO RA 20 9.25 -47.70 25.52
CA PRO RA 20 10.59 -47.15 25.63
C PRO RA 20 10.98 -46.67 27.02
N ALA RA 21 10.02 -46.53 27.96
CA ALA RA 21 10.35 -46.16 29.33
C ALA RA 21 10.94 -47.34 30.10
N ASP RA 22 10.39 -48.54 29.88
CA ASP RA 22 10.72 -49.74 30.65
C ASP RA 22 11.68 -50.68 29.90
N ASP RA 23 11.63 -50.64 28.57
CA ASP RA 23 12.03 -51.74 27.68
C ASP RA 23 11.17 -52.99 27.93
N SER RA 24 9.95 -52.84 28.45
CA SER RA 24 9.02 -53.96 28.65
C SER RA 24 8.25 -54.26 27.37
N GLU RA 25 7.98 -55.56 27.12
CA GLU RA 25 7.28 -55.97 25.90
C GLU RA 25 5.79 -55.64 25.99
N ILE RA 26 5.23 -55.11 24.89
CA ILE RA 26 3.79 -54.90 24.73
C ILE RA 26 3.28 -56.01 23.85
N LEU RA 27 2.35 -56.82 24.35
CA LEU RA 27 1.87 -58.02 23.66
C LEU RA 27 1.24 -57.64 22.32
N PHE RA 28 1.75 -58.28 21.27
CA PHE RA 28 1.28 -58.04 19.92
C PHE RA 28 1.61 -59.27 19.09
N ALA RA 29 0.68 -59.65 18.22
CA ALA RA 29 0.77 -60.94 17.54
C ALA RA 29 -0.04 -60.96 16.26
N GLY RA 30 0.15 -62.00 15.46
CA GLY RA 30 -0.71 -62.27 14.33
C GLY RA 30 -0.46 -61.32 13.16
N VAL RA 31 0.77 -60.89 12.92
CA VAL RA 31 1.06 -60.11 11.74
C VAL RA 31 0.78 -60.91 10.47
N ARG RA 32 0.52 -60.16 9.39
CA ARG RA 32 0.32 -60.68 8.07
C ARG RA 32 1.13 -59.89 7.05
N ASP RA 33 1.22 -58.57 7.23
CA ASP RA 33 2.13 -57.75 6.43
C ASP RA 33 2.96 -56.89 7.38
N VAL RA 34 4.23 -56.64 7.01
CA VAL RA 34 5.09 -55.73 7.74
C VAL RA 34 6.01 -55.03 6.76
N THR RA 35 5.83 -53.71 6.64
CA THR RA 35 6.78 -52.90 5.88
C THR RA 35 7.44 -51.86 6.78
N ILE RA 36 8.78 -51.80 6.77
CA ILE RA 36 9.54 -50.78 7.47
C ILE RA 36 10.47 -50.13 6.45
N THR RA 37 10.34 -48.80 6.30
CA THR RA 37 11.04 -48.07 5.25
C THR RA 37 11.58 -46.76 5.81
N PRO RA 38 12.88 -46.67 6.18
CA PRO RA 38 13.50 -45.38 6.42
C PRO RA 38 13.48 -44.53 5.16
N ALA RA 39 13.16 -43.25 5.32
CA ALA RA 39 13.03 -42.29 4.25
C ALA RA 39 13.63 -40.96 4.65
N TYR RA 40 13.97 -40.16 3.65
CA TYR RA 40 14.29 -38.76 3.83
C TYR RA 40 13.66 -38.00 2.68
N GLU RA 41 13.39 -36.70 2.91
CA GLU RA 41 13.16 -35.82 1.78
C GLU RA 41 14.48 -35.53 1.09
N HIS RA 42 14.47 -35.44 -0.24
CA HIS RA 42 15.64 -34.98 -1.00
C HIS RA 42 15.31 -33.66 -1.70
N ALA RA 43 16.23 -32.71 -1.61
CA ALA RA 43 16.19 -31.49 -2.41
C ALA RA 43 17.38 -31.49 -3.37
N GLU RA 44 17.09 -31.25 -4.65
CA GLU RA 44 18.11 -31.26 -5.71
C GLU RA 44 18.35 -29.83 -6.18
N LEU RA 45 19.62 -29.40 -6.29
CA LEU RA 45 19.95 -28.07 -6.78
C LEU RA 45 20.17 -28.04 -8.30
N TYR RA 46 19.38 -27.22 -8.99
CA TYR RA 46 19.65 -26.91 -10.39
C TYR RA 46 19.68 -25.40 -10.59
N THR RA 47 20.53 -25.00 -11.53
CA THR RA 47 20.77 -23.59 -11.85
C THR RA 47 20.93 -23.44 -13.35
N ILE RA 48 20.98 -22.21 -13.85
CA ILE RA 48 21.10 -21.97 -15.27
C ILE RA 48 22.43 -22.48 -15.83
N ASP RA 49 23.42 -22.74 -14.98
CA ASP RA 49 24.75 -23.15 -15.44
C ASP RA 49 24.75 -24.50 -16.17
N SER RA 50 23.85 -25.41 -15.78
CA SER RA 50 23.82 -26.76 -16.32
C SER RA 50 22.43 -27.37 -16.25
N THR RA 51 22.12 -28.22 -17.24
CA THR RA 51 20.91 -29.02 -17.17
C THR RA 51 21.03 -30.16 -16.18
N PHE RA 52 22.26 -30.54 -15.82
CA PHE RA 52 22.49 -31.58 -14.82
C PHE RA 52 22.34 -31.02 -13.41
N ARG RA 53 22.01 -31.91 -12.48
CA ARG RA 53 21.91 -31.60 -11.07
C ARG RA 53 23.30 -31.28 -10.51
N ASP RA 54 23.40 -30.25 -9.66
CA ASP RA 54 24.67 -29.87 -9.04
C ASP RA 54 24.86 -30.48 -7.66
N GLU RA 55 23.80 -30.50 -6.86
CA GLU RA 55 23.86 -31.03 -5.51
C GLU RA 55 22.57 -31.77 -5.17
N VAL RA 56 22.66 -32.71 -4.21
CA VAL RA 56 21.45 -33.29 -3.65
C VAL RA 56 21.67 -33.55 -2.16
N LYS RA 57 20.64 -33.28 -1.35
CA LYS RA 57 20.78 -33.31 0.10
C LYS RA 57 19.56 -33.95 0.75
N ARG RA 58 19.78 -34.74 1.81
CA ARG RA 58 18.75 -35.34 2.63
C ARG RA 58 18.28 -34.38 3.72
N TYR RA 59 17.01 -34.51 4.12
CA TYR RA 59 16.53 -33.91 5.34
C TYR RA 59 15.27 -34.62 5.81
N GLU RA 60 14.75 -34.26 6.99
CA GLU RA 60 13.43 -34.67 7.45
C GLU RA 60 13.28 -36.20 7.41
N HIS RA 61 14.19 -36.87 8.10
CA HIS RA 61 14.16 -38.31 8.20
C HIS RA 61 12.94 -38.80 8.98
N ASN RA 62 12.33 -39.88 8.49
CA ASN RA 62 11.41 -40.68 9.27
C ASN RA 62 11.39 -42.11 8.78
N VAL RA 63 11.00 -43.05 9.64
CA VAL RA 63 10.84 -44.43 9.25
C VAL RA 63 9.35 -44.71 9.09
N ASN RA 64 8.91 -44.96 7.86
CA ASN RA 64 7.54 -45.40 7.64
C ASN RA 64 7.38 -46.83 8.10
N VAL RA 65 6.48 -47.06 9.06
CA VAL RA 65 6.13 -48.38 9.55
C VAL RA 65 4.66 -48.62 9.26
N GLU RA 66 4.36 -49.70 8.54
CA GLU RA 66 2.99 -50.11 8.29
C GLU RA 66 2.86 -51.62 8.46
N ILE RA 67 1.86 -52.04 9.21
CA ILE RA 67 1.73 -53.40 9.66
C ILE RA 67 0.26 -53.80 9.53
N THR RA 68 0.02 -54.99 8.97
CA THR RA 68 -1.33 -55.55 8.95
C THR RA 68 -1.32 -56.79 9.80
N TYR RA 69 -2.29 -56.91 10.73
CA TYR RA 69 -2.32 -57.99 11.69
C TYR RA 69 -3.75 -58.43 12.00
N ALA RA 70 -3.91 -59.66 12.50
CA ALA RA 70 -5.22 -60.30 12.58
C ALA RA 70 -5.55 -60.82 13.99
N LYS RA 71 -4.65 -60.65 14.97
CA LYS RA 71 -4.96 -60.92 16.37
C LYS RA 71 -4.98 -59.61 17.15
N PHE RA 72 -6.12 -59.29 17.75
CA PHE RA 72 -6.28 -58.05 18.49
C PHE RA 72 -5.59 -58.15 19.84
N SER RA 73 -4.90 -57.06 20.25
CA SER RA 73 -4.28 -56.96 21.56
C SER RA 73 -4.91 -55.83 22.35
N LEU RA 74 -5.54 -56.14 23.51
CA LEU RA 74 -6.02 -55.07 24.37
C LEU RA 74 -4.88 -54.25 24.95
N GLU RA 75 -3.77 -54.90 25.30
CA GLU RA 75 -2.65 -54.17 25.87
C GLU RA 75 -2.14 -53.12 24.90
N PHE RA 76 -1.95 -53.51 23.64
CA PHE RA 76 -1.48 -52.57 22.64
C PHE RA 76 -2.45 -51.40 22.48
N ALA RA 77 -3.73 -51.70 22.36
CA ALA RA 77 -4.72 -50.66 22.13
C ALA RA 77 -4.84 -49.73 23.34
N GLN RA 78 -4.84 -50.27 24.56
CA GLN RA 78 -4.97 -49.45 25.75
C GLN RA 78 -3.72 -48.61 26.04
N GLU RA 79 -2.53 -49.12 25.68
CA GLU RA 79 -1.32 -48.32 25.69
C GLU RA 79 -1.44 -47.16 24.70
N TRP RA 80 -1.92 -47.40 23.49
CA TRP RA 80 -2.09 -46.34 22.52
C TRP RA 80 -3.04 -45.27 23.03
N LEU RA 81 -4.17 -45.65 23.65
CA LEU RA 81 -5.10 -44.69 24.24
C LEU RA 81 -4.44 -43.90 25.36
N GLY RA 82 -3.62 -44.57 26.18
CA GLY RA 82 -3.08 -43.98 27.39
C GLY RA 82 -2.02 -42.90 27.17
N GLY RA 83 -1.27 -42.96 26.06
CA GLY RA 83 -0.13 -42.07 25.89
C GLY RA 83 1.09 -42.53 26.68
N PRO RA 84 2.23 -41.80 26.63
CA PRO RA 84 3.47 -42.27 27.22
C PRO RA 84 3.35 -42.60 28.70
N GLY RA 85 3.79 -43.82 29.04
CA GLY RA 85 3.87 -44.32 30.42
C GLY RA 85 2.51 -44.54 31.10
N ALA RA 86 1.43 -44.64 30.33
CA ALA RA 86 0.09 -44.84 30.88
C ALA RA 86 -0.74 -45.74 29.97
N THR RA 87 -1.77 -46.36 30.56
CA THR RA 87 -2.66 -47.30 29.87
C THR RA 87 -4.08 -46.95 30.30
N ALA RA 88 -4.99 -46.81 29.32
CA ALA RA 88 -6.31 -46.28 29.62
C ALA RA 88 -7.39 -46.99 28.80
N THR RA 89 -8.63 -46.94 29.32
CA THR RA 89 -9.74 -47.66 28.71
C THR RA 89 -10.64 -46.76 27.87
N ALA RA 90 -10.25 -45.48 27.69
CA ALA RA 90 -11.05 -44.53 26.92
C ALA RA 90 -10.12 -43.43 26.41
N SER RA 91 -10.59 -42.69 25.38
CA SER RA 91 -9.82 -41.63 24.74
C SER RA 91 -9.28 -40.66 25.79
N GLN RA 92 -8.00 -40.27 25.66
CA GLN RA 92 -7.42 -39.28 26.56
C GLN RA 92 -7.27 -37.95 25.85
N ASP RA 93 -7.70 -36.87 26.52
CA ASP RA 93 -7.52 -35.53 26.04
C ASP RA 93 -6.15 -35.02 26.48
N ASP RA 94 -5.08 -35.56 25.87
CA ASP RA 94 -3.75 -34.97 25.98
C ASP RA 94 -2.95 -35.08 24.68
N SER RA 95 -1.90 -34.26 24.60
CA SER RA 95 -1.23 -33.96 23.35
C SER RA 95 -0.10 -34.93 23.03
N ASP RA 96 0.28 -35.83 23.94
CA ASP RA 96 1.40 -36.73 23.70
C ASP RA 96 0.91 -38.06 23.13
N PRO RA 97 1.34 -38.46 21.91
CA PRO RA 97 1.02 -39.79 21.39
C PRO RA 97 1.94 -40.81 22.07
N MET RA 98 1.40 -42.03 22.25
CA MET RA 98 2.20 -43.14 22.76
C MET RA 98 3.29 -43.48 21.75
N LYS RA 99 4.55 -43.48 22.21
CA LYS RA 99 5.68 -43.84 21.38
C LYS RA 99 6.09 -45.27 21.72
N PHE RA 100 6.19 -46.13 20.70
CA PHE RA 100 6.61 -47.51 20.86
C PHE RA 100 8.00 -47.70 20.26
N ASN RA 101 8.89 -48.39 20.96
CA ASN RA 101 10.03 -48.95 20.25
C ASN RA 101 9.57 -50.23 19.57
N LEU RA 102 10.17 -50.54 18.43
CA LEU RA 102 9.77 -51.68 17.64
C LEU RA 102 11.03 -52.43 17.22
N GLU RA 103 10.96 -53.75 17.21
CA GLU RA 103 12.03 -54.55 16.63
C GLU RA 103 11.46 -55.70 15.81
N ASN RA 104 12.12 -56.01 14.71
CA ASN RA 104 11.78 -57.19 13.91
C ASN RA 104 13.06 -57.99 13.70
N VAL RA 105 12.91 -59.31 13.68
CA VAL RA 105 14.03 -60.20 13.44
C VAL RA 105 13.60 -61.25 12.42
N THR RA 106 14.43 -61.47 11.40
CA THR RA 106 14.18 -62.51 10.41
C THR RA 106 15.48 -63.26 10.12
N PRO RA 107 15.47 -64.61 10.10
CA PRO RA 107 16.51 -65.35 9.43
C PRO RA 107 16.40 -65.10 7.92
N SER RA 108 17.54 -65.04 7.22
CA SER RA 108 17.53 -65.15 5.77
C SER RA 108 17.11 -66.56 5.36
N ALA RA 109 16.71 -66.73 4.10
CA ALA RA 109 16.08 -67.95 3.64
C ALA RA 109 16.96 -69.20 3.82
N SER RA 110 18.28 -69.09 3.56
CA SER RA 110 19.24 -70.17 3.74
C SER RA 110 20.09 -70.00 5.01
N GLY RA 111 19.68 -69.11 5.93
CA GLY RA 111 20.34 -68.91 7.21
C GLY RA 111 21.72 -68.25 7.10
N GLY RA 112 22.05 -67.63 5.96
CA GLY RA 112 23.30 -66.90 5.76
C GLY RA 112 23.50 -65.76 6.77
N PHE RA 113 22.39 -65.11 7.20
CA PHE RA 113 22.43 -64.06 8.19
C PHE RA 113 21.08 -63.96 8.92
N GLU RA 114 21.06 -63.28 10.07
CA GLU RA 114 19.81 -62.95 10.72
C GLU RA 114 19.65 -61.44 10.78
N ARG RA 115 18.77 -60.88 9.95
CA ARG RA 115 18.59 -59.45 9.90
C ARG RA 115 17.69 -59.00 11.04
N THR RA 116 18.24 -58.17 11.93
CA THR RA 116 17.45 -57.45 12.94
C THR RA 116 17.30 -56.01 12.49
N THR RA 117 16.06 -55.51 12.46
CA THR RA 117 15.74 -54.11 12.24
C THR RA 117 15.07 -53.58 13.49
N ALA RA 118 15.61 -52.51 14.11
CA ALA RA 118 14.96 -51.87 15.23
C ALA RA 118 14.71 -50.39 14.95
N VAL RA 119 13.57 -49.90 15.44
CA VAL RA 119 13.11 -48.54 15.17
C VAL RA 119 12.73 -47.87 16.49
N GLU RA 120 13.16 -46.63 16.71
CA GLU RA 120 12.79 -45.90 17.92
C GLU RA 120 11.55 -45.03 17.70
N ASN RA 121 10.77 -44.87 18.76
CA ASN RA 121 9.67 -43.91 18.85
C ASN RA 121 8.72 -43.97 17.65
N VAL RA 122 8.20 -45.15 17.31
CA VAL RA 122 7.11 -45.26 16.35
C VAL RA 122 5.83 -44.72 16.98
N VAL RA 123 5.09 -43.88 16.27
CA VAL RA 123 3.77 -43.42 16.70
C VAL RA 123 2.76 -43.69 15.61
N PHE RA 124 1.54 -44.05 15.99
CA PHE RA 124 0.51 -44.36 15.03
C PHE RA 124 -0.60 -43.33 15.10
N PRO RA 125 -0.82 -42.47 14.08
CA PRO RA 125 -1.84 -41.44 14.13
C PRO RA 125 -3.24 -41.96 14.35
N GLU RA 126 -3.54 -43.15 13.82
CA GLU RA 126 -4.83 -43.76 14.06
C GLU RA 126 -4.69 -45.26 14.31
N LEU RA 127 -5.56 -45.73 15.18
CA LEU RA 127 -5.55 -47.10 15.64
C LEU RA 127 -6.90 -47.70 15.26
N PRO RA 128 -6.95 -48.77 14.44
CA PRO RA 128 -8.21 -49.45 14.20
C PRO RA 128 -8.51 -50.28 15.43
N LEU RA 129 -9.70 -50.02 16.00
CA LEU RA 129 -10.17 -50.83 17.10
C LEU RA 129 -10.94 -52.00 16.55
N ASP RA 130 -11.91 -51.71 15.69
CA ASP RA 130 -12.76 -52.74 15.10
C ASP RA 130 -12.62 -52.67 13.59
N SER RA 131 -12.57 -53.84 12.95
CA SER RA 131 -12.37 -53.93 11.52
C SER RA 131 -13.02 -55.20 10.99
N ALA RA 132 -14.35 -55.26 11.10
CA ALA RA 132 -15.17 -56.42 10.80
C ALA RA 132 -15.68 -56.39 9.37
N THR RA 133 -15.69 -57.56 8.71
CA THR RA 133 -16.28 -57.78 7.40
C THR RA 133 -16.92 -59.16 7.38
N TYR RA 134 -18.10 -59.28 6.76
CA TYR RA 134 -18.90 -60.49 6.77
C TYR RA 134 -18.05 -61.68 6.35
N GLY RA 135 -18.00 -62.71 7.23
CA GLY RA 135 -17.34 -63.97 6.97
C GLY RA 135 -15.82 -63.88 6.91
N GLU RA 136 -15.24 -62.90 7.61
CA GLU RA 136 -13.78 -62.81 7.73
C GLU RA 136 -13.36 -62.57 9.17
N TYR RA 137 -12.12 -62.95 9.47
CA TYR RA 137 -11.56 -62.50 10.74
C TYR RA 137 -11.27 -61.02 10.65
N GLU RA 138 -11.42 -60.28 11.76
CA GLU RA 138 -11.11 -58.87 11.72
C GLU RA 138 -9.64 -58.69 11.39
N GLU RA 139 -9.33 -57.73 10.52
CA GLU RA 139 -7.95 -57.49 10.10
C GLU RA 139 -7.64 -56.00 10.20
N TYR RA 140 -6.53 -55.69 10.87
CA TYR RA 140 -6.21 -54.35 11.32
C TYR RA 140 -4.96 -53.84 10.59
N SER RA 141 -5.02 -52.63 10.03
CA SER RA 141 -3.85 -52.01 9.43
C SER RA 141 -3.40 -50.77 10.21
N LEU RA 142 -2.17 -50.81 10.74
CA LEU RA 142 -1.51 -49.65 11.29
C LEU RA 142 -0.69 -48.92 10.22
N THR RA 143 -0.56 -47.60 10.40
CA THR RA 143 0.47 -46.83 9.70
C THR RA 143 1.02 -45.81 10.67
N GLY RA 144 2.35 -45.63 10.70
CA GLY RA 144 2.98 -44.78 11.70
C GLY RA 144 4.41 -44.41 11.35
N SER RA 145 4.96 -43.41 12.04
CA SER RA 145 6.28 -42.89 11.74
C SER RA 145 7.23 -43.08 12.94
N GLY RA 146 8.30 -43.84 12.72
CA GLY RA 146 9.41 -43.92 13.66
C GLY RA 146 10.37 -42.76 13.45
N ARG RA 147 11.16 -42.46 14.49
CA ARG RA 147 12.09 -41.34 14.42
C ARG RA 147 13.35 -41.74 13.66
N SER RA 148 13.88 -42.93 13.95
CA SER RA 148 15.08 -43.42 13.28
C SER RA 148 15.21 -44.94 13.39
N VAL RA 149 16.04 -45.51 12.50
CA VAL RA 149 16.49 -46.88 12.63
C VAL RA 149 17.63 -46.88 13.64
N THR RA 150 17.45 -47.56 14.79
CA THR RA 150 18.49 -47.63 15.80
C THR RA 150 19.46 -48.79 15.55
N ASN RA 151 19.01 -49.80 14.80
CA ASN RA 151 19.83 -50.97 14.52
C ASN RA 151 19.41 -51.60 13.20
N LEU RA 152 20.41 -51.96 12.38
CA LEU RA 152 20.28 -52.85 11.25
C LEU RA 152 21.57 -53.66 11.13
N ALA RA 153 21.51 -54.93 11.54
CA ALA RA 153 22.71 -55.76 11.60
C ALA RA 153 22.40 -57.23 11.41
N ASP RA 154 23.45 -58.01 11.13
CA ASP RA 154 23.39 -59.46 11.24
C ASP RA 154 23.55 -59.85 12.71
N THR RA 155 22.43 -60.22 13.36
CA THR RA 155 22.44 -60.61 14.76
C THR RA 155 22.69 -62.11 14.97
N SER RA 156 23.05 -62.85 13.91
CA SER RA 156 23.51 -64.23 14.08
C SER RA 156 24.86 -64.29 14.82
N GLY RA 157 25.15 -65.46 15.44
CA GLY RA 157 26.32 -65.64 16.31
C GLY RA 157 27.64 -65.48 15.56
N ALA SA 2 -0.44 -59.96 31.36
CA ALA SA 2 -1.69 -59.39 30.77
C ALA SA 2 -2.26 -60.34 29.69
N THR SA 3 -3.47 -60.02 29.23
CA THR SA 3 -4.32 -60.89 28.42
C THR SA 3 -3.71 -61.12 27.03
N SER SA 4 -3.56 -62.39 26.62
CA SER SA 4 -2.93 -62.76 25.35
C SER SA 4 -3.69 -62.20 24.17
N PRO SA 5 -3.02 -61.74 23.08
CA PRO SA 5 -3.74 -61.31 21.89
C PRO SA 5 -4.45 -62.52 21.28
N GLU SA 6 -5.54 -62.25 20.57
CA GLU SA 6 -6.33 -63.33 19.99
C GLU SA 6 -7.04 -62.85 18.74
N GLY SA 7 -7.35 -63.77 17.81
CA GLY SA 7 -8.14 -63.38 16.64
C GLY SA 7 -9.58 -63.04 17.02
N ILE SA 8 -10.25 -62.26 16.17
CA ILE SA 8 -11.66 -61.98 16.38
C ILE SA 8 -12.41 -62.28 15.10
N TRP SA 9 -13.56 -62.93 15.26
CA TRP SA 9 -14.37 -63.34 14.13
C TRP SA 9 -15.47 -62.31 13.92
N SER SA 10 -15.59 -61.75 12.71
CA SER SA 10 -16.41 -60.58 12.50
C SER SA 10 -17.86 -60.87 12.83
N ASN SA 11 -18.33 -62.07 12.46
CA ASN SA 11 -19.73 -62.42 12.59
C ASN SA 11 -20.16 -62.61 14.04
N SER SA 12 -19.21 -62.70 14.99
CA SER SA 12 -19.54 -62.77 16.40
C SER SA 12 -19.90 -61.42 17.01
N GLY SA 13 -19.74 -60.32 16.27
CA GLY SA 13 -20.01 -58.98 16.78
C GLY SA 13 -21.49 -58.68 16.95
N ALA SA 14 -21.81 -57.94 18.01
CA ALA SA 14 -23.13 -57.35 18.22
C ALA SA 14 -22.98 -55.83 18.35
N LEU SA 15 -23.58 -55.10 17.38
CA LEU SA 15 -23.58 -53.65 17.36
C LEU SA 15 -24.93 -53.12 17.79
N THR SA 16 -24.93 -52.10 18.67
CA THR SA 16 -26.14 -51.45 19.14
C THR SA 16 -25.97 -49.94 19.17
N PHE SA 17 -27.03 -49.21 18.83
CA PHE SA 17 -27.06 -47.76 18.90
C PHE SA 17 -27.98 -47.32 20.04
N GLU SA 18 -27.59 -46.26 20.75
CA GLU SA 18 -28.42 -45.69 21.81
C GLU SA 18 -28.58 -44.19 21.65
N ASP SA 19 -29.78 -43.70 22.01
CA ASP SA 19 -30.04 -42.27 22.15
C ASP SA 19 -29.33 -41.76 23.39
N PRO SA 20 -28.35 -40.83 23.30
CA PRO SA 20 -27.62 -40.35 24.46
C PRO SA 20 -28.48 -39.55 25.44
N ALA SA 21 -29.69 -39.13 25.06
CA ALA SA 21 -30.60 -38.46 25.99
C ALA SA 21 -31.24 -39.45 26.99
N ASP SA 22 -31.40 -40.72 26.60
CA ASP SA 22 -32.14 -41.72 27.38
C ASP SA 22 -31.28 -42.88 27.87
N ASP SA 23 -30.26 -43.23 27.08
CA ASP SA 23 -29.64 -44.55 27.06
C ASP SA 23 -30.62 -45.62 26.53
N SER SA 24 -31.64 -45.20 25.76
CA SER SA 24 -32.57 -46.12 25.10
C SER SA 24 -32.00 -46.61 23.76
N GLU SA 25 -32.32 -47.87 23.39
CA GLU SA 25 -31.83 -48.46 22.15
C GLU SA 25 -32.63 -47.96 20.94
N ILE SA 26 -31.91 -47.69 19.85
CA ILE SA 26 -32.48 -47.36 18.55
C ILE SA 26 -32.31 -48.58 17.67
N LEU SA 27 -33.43 -49.16 17.16
CA LEU SA 27 -33.40 -50.47 16.53
C LEU SA 27 -32.53 -50.44 15.25
N PHE SA 28 -31.50 -51.29 15.22
CA PHE SA 28 -30.59 -51.37 14.09
C PHE SA 28 -29.99 -52.78 14.03
N ALA SA 29 -29.80 -53.28 12.80
CA ALA SA 29 -29.59 -54.71 12.57
C ALA SA 29 -28.98 -54.98 11.21
N GLY SA 30 -28.45 -56.18 11.00
CA GLY SA 30 -28.08 -56.62 9.68
C GLY SA 30 -26.77 -56.03 9.21
N VAL SA 31 -25.82 -55.79 10.11
CA VAL SA 31 -24.49 -55.33 9.68
C VAL SA 31 -23.78 -56.37 8.83
N ARG SA 32 -22.84 -55.88 8.02
CA ARG SA 32 -22.00 -56.71 7.17
C ARG SA 32 -20.54 -56.26 7.27
N ASP SA 33 -20.30 -54.94 7.32
CA ASP SA 33 -18.99 -54.43 7.72
C ASP SA 33 -19.16 -53.45 8.87
N VAL SA 34 -18.17 -53.41 9.77
CA VAL SA 34 -18.12 -52.45 10.86
C VAL SA 34 -16.68 -52.08 11.13
N THR SA 35 -16.36 -50.79 10.95
CA THR SA 35 -15.02 -50.30 11.18
C THR SA 35 -15.07 -49.13 12.16
N ILE SA 36 -14.29 -49.22 13.25
CA ILE SA 36 -14.19 -48.14 14.22
C ILE SA 36 -12.71 -47.82 14.43
N THR SA 37 -12.34 -46.56 14.18
CA THR SA 37 -10.95 -46.14 14.19
C THR SA 37 -10.79 -44.81 14.90
N PRO SA 38 -10.43 -44.76 16.20
CA PRO SA 38 -9.96 -43.54 16.83
C PRO SA 38 -8.70 -43.03 16.14
N ALA SA 39 -8.67 -41.73 15.91
CA ALA SA 39 -7.58 -41.06 15.22
C ALA SA 39 -7.21 -39.78 15.95
N TYR SA 40 -5.98 -39.30 15.68
CA TYR SA 40 -5.61 -37.93 15.98
C TYR SA 40 -4.81 -37.38 14.80
N GLU SA 41 -4.89 -36.08 14.59
CA GLU SA 41 -3.91 -35.46 13.73
C GLU SA 41 -2.59 -35.37 14.47
N HIS SA 42 -1.46 -35.65 13.78
CA HIS SA 42 -0.13 -35.57 14.36
C HIS SA 42 0.67 -34.44 13.72
N ALA SA 43 1.22 -33.55 14.54
CA ALA SA 43 2.17 -32.56 14.07
C ALA SA 43 3.58 -32.93 14.53
N GLU SA 44 4.52 -32.97 13.59
CA GLU SA 44 5.90 -33.35 13.87
C GLU SA 44 6.80 -32.10 13.76
N LEU SA 45 7.61 -31.81 14.79
CA LEU SA 45 8.51 -30.67 14.72
C LEU SA 45 9.84 -31.06 14.07
N TYR SA 46 10.29 -30.28 13.09
CA TYR SA 46 11.63 -30.45 12.56
C TYR SA 46 12.26 -29.07 12.37
N THR SA 47 13.56 -29.00 12.65
CA THR SA 47 14.31 -27.75 12.59
C THR SA 47 15.68 -27.97 11.96
N ILE SA 48 16.44 -26.90 11.72
CA ILE SA 48 17.76 -27.02 11.08
C ILE SA 48 18.79 -27.74 11.96
N ASP SA 49 18.47 -27.94 13.26
CA ASP SA 49 19.39 -28.59 14.20
C ASP SA 49 19.69 -30.04 13.83
N SER SA 50 18.69 -30.75 13.29
CA SER SA 50 18.78 -32.19 13.05
C SER SA 50 17.85 -32.62 11.93
N THR SA 51 18.28 -33.63 11.17
CA THR SA 51 17.41 -34.26 10.18
C THR SA 51 16.34 -35.12 10.83
N PHE SA 52 16.55 -35.53 12.09
CA PHE SA 52 15.56 -36.30 12.84
C PHE SA 52 14.47 -35.41 13.40
N ARG SA 53 13.32 -36.01 13.70
CA ARG SA 53 12.19 -35.37 14.32
C ARG SA 53 12.55 -34.91 15.73
N ASP SA 54 12.25 -33.64 16.06
CA ASP SA 54 12.44 -33.10 17.39
C ASP SA 54 11.35 -33.61 18.33
N GLU SA 55 10.08 -33.50 17.90
CA GLU SA 55 8.92 -33.80 18.74
C GLU SA 55 7.75 -34.27 17.87
N VAL SA 56 6.75 -34.91 18.53
CA VAL SA 56 5.48 -35.18 17.86
C VAL SA 56 4.31 -35.04 18.84
N LYS SA 57 3.17 -34.53 18.37
CA LYS SA 57 2.03 -34.22 19.24
C LYS SA 57 0.69 -34.55 18.57
N ARG SA 58 -0.32 -34.91 19.38
CA ARG SA 58 -1.69 -35.19 18.97
C ARG SA 58 -2.60 -33.95 19.06
N TYR SA 59 -3.60 -33.88 18.18
CA TYR SA 59 -4.71 -32.94 18.28
C TYR SA 59 -5.88 -33.42 17.43
N GLU SA 60 -7.06 -32.77 17.52
CA GLU SA 60 -8.24 -33.14 16.75
C GLU SA 60 -8.53 -34.63 16.81
N HIS SA 61 -8.77 -35.10 18.03
CA HIS SA 61 -9.26 -36.45 18.18
C HIS SA 61 -10.64 -36.57 17.54
N ASN SA 62 -10.84 -37.70 16.87
CA ASN SA 62 -12.19 -38.16 16.50
C ASN SA 62 -12.14 -39.68 16.33
N VAL SA 63 -13.32 -40.29 16.26
CA VAL SA 63 -13.42 -41.70 15.93
C VAL SA 63 -14.09 -41.84 14.59
N ASN SA 64 -13.38 -42.32 13.56
CA ASN SA 64 -14.05 -42.66 12.31
C ASN SA 64 -14.87 -43.92 12.52
N VAL SA 65 -16.17 -43.82 12.26
CA VAL SA 65 -17.08 -44.95 12.27
C VAL SA 65 -17.59 -45.10 10.86
N GLU SA 66 -17.43 -46.29 10.28
CA GLU SA 66 -18.14 -46.61 9.05
C GLU SA 66 -18.74 -48.01 9.14
N ILE SA 67 -19.97 -48.11 8.67
CA ILE SA 67 -20.80 -49.30 8.85
C ILE SA 67 -21.45 -49.61 7.52
N THR SA 68 -21.42 -50.88 7.13
CA THR SA 68 -22.18 -51.34 5.99
C THR SA 68 -23.20 -52.36 6.50
N TYR SA 69 -24.46 -52.18 6.12
CA TYR SA 69 -25.54 -52.98 6.65
C TYR SA 69 -26.66 -53.18 5.62
N ALA SA 70 -27.54 -54.17 5.84
CA ALA SA 70 -28.45 -54.61 4.80
C ALA SA 70 -29.89 -54.82 5.29
N LYS SA 71 -30.19 -54.42 6.53
CA LYS SA 71 -31.56 -54.36 7.02
C LYS SA 71 -31.89 -52.90 7.29
N PHE SA 72 -32.92 -52.37 6.63
CA PHE SA 72 -33.29 -50.97 6.80
C PHE SA 72 -34.12 -50.78 8.07
N SER SA 73 -33.83 -49.69 8.81
CA SER SA 73 -34.54 -49.35 10.04
C SER SA 73 -35.21 -48.00 9.90
N LEU SA 74 -36.55 -47.96 9.99
CA LEU SA 74 -37.26 -46.70 9.98
C LEU SA 74 -36.95 -45.86 11.22
N GLU SA 75 -36.74 -46.51 12.36
CA GLU SA 75 -36.40 -45.76 13.54
C GLU SA 75 -35.07 -45.04 13.34
N PHE SA 76 -34.03 -45.73 12.93
CA PHE SA 76 -32.74 -45.08 12.75
C PHE SA 76 -32.81 -43.93 11.76
N ALA SA 77 -33.49 -44.13 10.64
CA ALA SA 77 -33.61 -43.07 9.64
C ALA SA 77 -34.42 -41.87 10.16
N GLN SA 78 -35.54 -42.10 10.85
CA GLN SA 78 -36.35 -41.01 11.35
C GLN SA 78 -35.72 -40.28 12.52
N GLU SA 79 -34.90 -40.97 13.33
CA GLU SA 79 -34.05 -40.34 14.33
C GLU SA 79 -33.01 -39.45 13.68
N TRP SA 80 -32.36 -39.91 12.62
CA TRP SA 80 -31.38 -39.10 11.91
C TRP SA 80 -32.01 -37.85 11.29
N LEU SA 81 -33.20 -37.98 10.72
CA LEU SA 81 -33.92 -36.85 10.17
C LEU SA 81 -34.29 -35.85 11.26
N GLY SA 82 -34.80 -36.34 12.39
CA GLY SA 82 -35.35 -35.50 13.44
C GLY SA 82 -34.33 -34.61 14.14
N GLY SA 83 -33.09 -35.06 14.30
CA GLY SA 83 -32.10 -34.38 15.12
C GLY SA 83 -32.25 -34.75 16.60
N PRO SA 84 -31.44 -34.16 17.52
CA PRO SA 84 -31.40 -34.63 18.90
C PRO SA 84 -32.74 -34.56 19.61
N GLY SA 85 -33.09 -35.67 20.27
CA GLY SA 85 -34.29 -35.80 21.08
C GLY SA 85 -35.60 -35.65 20.31
N ALA SA 86 -35.55 -35.82 18.98
CA ALA SA 86 -36.74 -35.76 18.13
C ALA SA 86 -36.72 -36.83 17.04
N THR SA 87 -37.91 -37.14 16.54
CA THR SA 87 -38.11 -38.03 15.40
C THR SA 87 -38.92 -37.29 14.35
N ALA SA 88 -38.58 -37.49 13.07
CA ALA SA 88 -39.28 -36.79 12.00
C ALA SA 88 -39.39 -37.66 10.75
N THR SA 89 -40.46 -37.43 9.98
CA THR SA 89 -40.69 -38.17 8.75
C THR SA 89 -40.26 -37.40 7.50
N ALA SA 90 -39.55 -36.27 7.68
CA ALA SA 90 -39.12 -35.41 6.58
C ALA SA 90 -37.89 -34.64 7.01
N SER SA 91 -37.09 -34.14 6.05
CA SER SA 91 -35.91 -33.32 6.32
C SER SA 91 -36.28 -32.20 7.30
N GLN SA 92 -35.42 -31.93 8.28
CA GLN SA 92 -35.66 -30.84 9.21
C GLN SA 92 -34.72 -29.68 8.92
N ASP SA 93 -35.26 -28.46 8.91
CA ASP SA 93 -34.45 -27.27 8.67
C ASP SA 93 -33.85 -26.74 9.99
N ASP SA 94 -32.91 -27.51 10.56
CA ASP SA 94 -32.18 -27.09 11.76
C ASP SA 94 -30.75 -27.63 11.79
N SER SA 95 -29.92 -26.99 12.62
CA SER SA 95 -28.47 -27.10 12.57
C SER SA 95 -27.89 -28.25 13.41
N ASP SA 96 -28.66 -28.81 14.35
CA ASP SA 96 -28.13 -29.88 15.20
C ASP SA 96 -28.30 -31.24 14.55
N PRO SA 97 -27.20 -32.01 14.34
CA PRO SA 97 -27.31 -33.39 13.86
C PRO SA 97 -27.72 -34.30 15.01
N MET SA 98 -28.41 -35.39 14.69
CA MET SA 98 -28.67 -36.44 15.67
C MET SA 98 -27.36 -37.06 16.08
N LYS SA 99 -27.15 -37.20 17.41
CA LYS SA 99 -25.95 -37.83 17.95
C LYS SA 99 -26.32 -39.20 18.49
N PHE SA 100 -25.58 -40.23 18.07
CA PHE SA 100 -25.84 -41.58 18.54
C PHE SA 100 -24.67 -42.05 19.42
N ASN SA 101 -24.96 -42.61 20.57
CA ASN SA 101 -23.98 -43.44 21.22
C ASN SA 101 -23.98 -44.80 20.53
N LEU SA 102 -22.82 -45.43 20.52
CA LEU SA 102 -22.66 -46.69 19.80
C LEU SA 102 -21.83 -47.63 20.67
N GLU SA 103 -22.22 -48.90 20.69
CA GLU SA 103 -21.44 -49.93 21.37
C GLU SA 103 -21.35 -51.17 20.49
N ASN SA 104 -20.14 -51.74 20.40
CA ASN SA 104 -19.90 -52.98 19.70
C ASN SA 104 -19.23 -53.97 20.65
N VAL SA 105 -19.77 -55.19 20.74
CA VAL SA 105 -19.24 -56.23 21.61
C VAL SA 105 -18.88 -57.46 20.78
N THR SA 106 -17.67 -57.99 20.95
CA THR SA 106 -17.27 -59.22 20.27
C THR SA 106 -16.55 -60.16 21.24
N PRO SA 107 -17.00 -61.44 21.36
CA PRO SA 107 -16.13 -62.46 21.92
C PRO SA 107 -14.92 -62.63 21.01
N SER SA 108 -13.74 -62.85 21.59
CA SER SA 108 -12.58 -63.27 20.81
C SER SA 108 -12.75 -64.71 20.34
N ALA SA 109 -11.95 -65.14 19.36
CA ALA SA 109 -12.22 -66.36 18.63
C ALA SA 109 -12.11 -67.64 19.48
N SER SA 110 -11.25 -67.64 20.51
CA SER SA 110 -11.15 -68.74 21.46
C SER SA 110 -11.66 -68.35 22.86
N GLY SA 111 -12.43 -67.25 22.97
CA GLY SA 111 -13.04 -66.82 24.22
C GLY SA 111 -12.07 -66.30 25.28
N GLY SA 112 -10.83 -65.94 24.90
CA GLY SA 112 -9.89 -65.32 25.81
C GLY SA 112 -10.38 -64.00 26.44
N PHE SA 113 -11.19 -63.23 25.69
CA PHE SA 113 -11.76 -61.97 26.15
C PHE SA 113 -13.06 -61.65 25.43
N GLU SA 114 -13.83 -60.71 25.99
CA GLU SA 114 -14.94 -60.11 25.27
C GLU SA 114 -14.64 -58.63 25.10
N ARG SA 115 -14.22 -58.23 23.91
CA ARG SA 115 -13.82 -56.86 23.66
C ARG SA 115 -15.06 -56.02 23.46
N THR SA 116 -15.26 -55.03 24.32
CA THR SA 116 -16.34 -54.06 24.19
C THR SA 116 -15.75 -52.71 23.82
N THR SA 117 -16.13 -52.19 22.66
CA THR SA 117 -15.76 -50.88 22.16
C THR SA 117 -16.99 -49.98 22.22
N ALA SA 118 -16.89 -48.81 22.87
CA ALA SA 118 -18.02 -47.88 22.95
C ALA SA 118 -17.58 -46.46 22.57
N VAL SA 119 -18.42 -45.79 21.78
CA VAL SA 119 -18.08 -44.52 21.15
C VAL SA 119 -19.19 -43.51 21.42
N GLU SA 120 -18.84 -42.29 21.82
CA GLU SA 120 -19.85 -41.27 22.10
C GLU SA 120 -20.10 -40.34 20.93
N ASN SA 121 -21.35 -39.85 20.85
CA ASN SA 121 -21.76 -38.79 19.94
C ASN SA 121 -21.31 -39.01 18.50
N VAL SA 122 -21.54 -40.21 17.98
CA VAL SA 122 -21.33 -40.45 16.57
C VAL SA 122 -22.37 -39.67 15.79
N VAL SA 123 -21.91 -38.95 14.76
CA VAL SA 123 -22.81 -38.26 13.84
C VAL SA 123 -22.49 -38.67 12.42
N PHE SA 124 -23.53 -38.73 11.58
CA PHE SA 124 -23.36 -39.14 10.19
C PHE SA 124 -23.73 -37.98 9.28
N PRO SA 125 -22.82 -37.42 8.47
CA PRO SA 125 -23.17 -36.35 7.56
C PRO SA 125 -24.24 -36.70 6.56
N GLU SA 126 -24.36 -37.98 6.20
CA GLU SA 126 -25.37 -38.40 5.24
C GLU SA 126 -25.90 -39.79 5.53
N LEU SA 127 -27.18 -39.98 5.21
CA LEU SA 127 -27.90 -41.21 5.50
C LEU SA 127 -28.39 -41.77 4.17
N PRO SA 128 -27.99 -42.99 3.75
CA PRO SA 128 -28.56 -43.61 2.57
C PRO SA 128 -29.97 -44.11 2.89
N LEU SA 129 -30.97 -43.57 2.20
CA LEU SA 129 -32.36 -43.97 2.43
C LEU SA 129 -32.70 -45.17 1.57
N ASP SA 130 -32.45 -45.01 0.26
CA ASP SA 130 -32.66 -46.06 -0.72
C ASP SA 130 -31.33 -46.36 -1.37
N SER SA 131 -31.04 -47.63 -1.59
CA SER SA 131 -29.74 -48.06 -2.07
C SER SA 131 -29.89 -49.31 -2.95
N ALA SA 132 -30.86 -49.24 -3.86
CA ALA SA 132 -31.28 -50.38 -4.69
C ALA SA 132 -30.30 -50.59 -5.83
N THR SA 133 -29.99 -51.86 -6.05
CA THR SA 133 -29.28 -52.32 -7.23
C THR SA 133 -29.97 -53.58 -7.70
N TYR SA 134 -30.20 -53.67 -9.00
CA TYR SA 134 -30.88 -54.76 -9.65
C TYR SA 134 -30.31 -56.11 -9.24
N GLY SA 135 -31.17 -57.02 -8.75
CA GLY SA 135 -30.77 -58.36 -8.37
C GLY SA 135 -29.95 -58.43 -7.09
N GLU SA 136 -30.06 -57.41 -6.24
CA GLU SA 136 -29.42 -57.42 -4.93
C GLU SA 136 -30.36 -56.89 -3.85
N TYR SA 137 -30.11 -57.29 -2.60
CA TYR SA 137 -30.80 -56.61 -1.52
C TYR SA 137 -30.19 -55.23 -1.41
N GLU SA 138 -30.98 -54.25 -0.95
CA GLU SA 138 -30.38 -52.94 -0.74
C GLU SA 138 -29.29 -53.05 0.30
N GLU SA 139 -28.17 -52.36 0.09
CA GLU SA 139 -27.09 -52.33 1.08
C GLU SA 139 -26.63 -50.90 1.30
N TYR SA 140 -26.49 -50.54 2.59
CA TYR SA 140 -26.38 -49.16 3.05
C TYR SA 140 -25.01 -48.93 3.68
N SER SA 141 -24.30 -47.87 3.27
CA SER SA 141 -23.03 -47.50 3.91
C SER SA 141 -23.12 -46.16 4.61
N LEU SA 142 -22.82 -46.15 5.92
CA LEU SA 142 -22.71 -44.95 6.72
C LEU SA 142 -21.25 -44.64 6.98
N THR SA 143 -20.90 -43.35 6.85
CA THR SA 143 -19.63 -42.83 7.34
C THR SA 143 -19.96 -41.74 8.34
N GLY SA 144 -19.30 -41.74 9.51
CA GLY SA 144 -19.58 -40.78 10.55
C GLY SA 144 -18.39 -40.59 11.49
N SER SA 145 -18.49 -39.60 12.37
CA SER SA 145 -17.42 -39.26 13.32
C SER SA 145 -17.96 -39.25 14.74
N GLY SA 146 -17.34 -40.04 15.61
CA GLY SA 146 -17.55 -39.97 17.04
C GLY SA 146 -16.61 -38.97 17.69
N ARG SA 147 -17.01 -38.47 18.87
CA ARG SA 147 -16.19 -37.53 19.60
C ARG SA 147 -15.03 -38.24 20.29
N SER SA 148 -15.30 -39.37 20.95
CA SER SA 148 -14.28 -40.11 21.67
C SER SA 148 -14.71 -41.55 21.94
N VAL SA 149 -13.76 -42.41 22.29
CA VAL SA 149 -14.01 -43.76 22.79
C VAL SA 149 -14.22 -43.68 24.29
N THR SA 150 -15.41 -44.09 24.77
CA THR SA 150 -15.71 -44.05 26.19
C THR SA 150 -15.34 -45.33 26.91
N ASN SA 151 -15.19 -46.44 26.19
CA ASN SA 151 -14.84 -47.72 26.76
C ASN SA 151 -14.16 -48.61 25.72
N LEU SA 152 -13.01 -49.16 26.09
CA LEU SA 152 -12.37 -50.25 25.39
C LEU SA 152 -11.81 -51.19 26.45
N ALA SA 153 -12.57 -52.25 26.73
CA ALA SA 153 -12.23 -53.14 27.83
C ALA SA 153 -12.65 -54.57 27.51
N ASP SA 154 -11.99 -55.53 28.20
CA ASP SA 154 -12.45 -56.89 28.27
C ASP SA 154 -13.56 -56.95 29.31
N THR SA 155 -14.79 -57.18 28.85
CA THR SA 155 -15.96 -57.22 29.72
C THR SA 155 -16.37 -58.64 30.12
N SER SA 156 -15.61 -59.67 29.71
CA SER SA 156 -15.89 -61.06 30.07
C SER SA 156 -15.80 -61.30 31.58
N GLY SA 157 -16.53 -62.31 32.07
CA GLY SA 157 -16.65 -62.61 33.49
C GLY SA 157 -15.29 -62.83 34.17
N ALA TA 2 -42.53 -49.81 18.16
CA ALA TA 2 -41.34 -49.69 17.27
C ALA TA 2 -41.34 -50.82 16.23
N THR TA 3 -40.69 -50.60 15.07
CA THR TA 3 -40.78 -51.51 13.92
C THR TA 3 -39.47 -52.28 13.74
N SER TA 4 -39.53 -53.62 13.61
CA SER TA 4 -38.33 -54.44 13.44
C SER TA 4 -37.62 -54.10 12.14
N PRO TA 5 -36.31 -53.80 12.13
CA PRO TA 5 -35.58 -53.56 10.89
C PRO TA 5 -35.60 -54.82 10.03
N GLU TA 6 -35.64 -54.60 8.71
CA GLU TA 6 -35.84 -55.71 7.80
C GLU TA 6 -35.05 -55.47 6.50
N GLY TA 7 -34.69 -56.54 5.80
CA GLY TA 7 -34.05 -56.37 4.51
C GLY TA 7 -35.02 -55.76 3.50
N ILE TA 8 -34.48 -55.18 2.42
CA ILE TA 8 -35.32 -54.71 1.34
C ILE TA 8 -34.77 -55.28 0.03
N TRP TA 9 -35.68 -55.76 -0.84
CA TRP TA 9 -35.26 -56.36 -2.09
C TRP TA 9 -35.37 -55.33 -3.19
N SER TA 10 -34.30 -55.07 -3.93
CA SER TA 10 -34.22 -53.92 -4.82
C SER TA 10 -35.31 -53.98 -5.85
N ASN TA 11 -35.50 -55.14 -6.46
CA ASN TA 11 -36.42 -55.33 -7.54
C ASN TA 11 -37.88 -55.13 -7.12
N SER TA 12 -38.17 -55.07 -5.80
CA SER TA 12 -39.52 -54.80 -5.33
C SER TA 12 -39.89 -53.32 -5.38
N GLY TA 13 -38.92 -52.43 -5.63
CA GLY TA 13 -39.12 -50.97 -5.66
C GLY TA 13 -39.93 -50.49 -6.87
N ALA TA 14 -40.63 -49.36 -6.68
CA ALA TA 14 -41.42 -48.72 -7.72
C ALA TA 14 -41.23 -47.20 -7.65
N LEU TA 15 -40.28 -46.70 -8.47
CA LEU TA 15 -39.96 -45.28 -8.56
C LEU TA 15 -40.91 -44.57 -9.51
N THR TA 16 -41.36 -43.36 -9.13
CA THR TA 16 -42.20 -42.52 -9.98
C THR TA 16 -41.81 -41.04 -9.87
N PHE TA 17 -41.97 -40.29 -10.98
CA PHE TA 17 -41.67 -38.87 -11.03
C PHE TA 17 -42.95 -38.07 -11.31
N GLU TA 18 -43.01 -36.87 -10.73
CA GLU TA 18 -44.17 -36.00 -10.94
C GLU TA 18 -43.72 -34.57 -11.23
N ASP TA 19 -44.49 -33.87 -12.06
CA ASP TA 19 -44.36 -32.43 -12.22
C ASP TA 19 -44.93 -31.74 -10.98
N PRO TA 20 -44.13 -30.96 -10.21
CA PRO TA 20 -44.60 -30.34 -8.99
C PRO TA 20 -45.66 -29.27 -9.18
N ALA TA 21 -45.88 -28.81 -10.42
CA ALA TA 21 -46.94 -27.84 -10.70
C ALA TA 21 -48.32 -28.51 -10.71
N ASP TA 22 -48.39 -29.76 -11.17
CA ASP TA 22 -49.63 -30.48 -11.43
C ASP TA 22 -49.89 -31.62 -10.44
N ASP TA 23 -48.80 -32.19 -9.90
CA ASP TA 23 -48.74 -33.54 -9.34
C ASP TA 23 -49.06 -34.62 -10.40
N SER TA 24 -48.90 -34.30 -11.70
CA SER TA 24 -49.10 -35.27 -12.79
C SER TA 24 -47.86 -36.14 -12.97
N GLU TA 25 -48.05 -37.42 -13.31
CA GLU TA 25 -46.93 -38.35 -13.48
C GLU TA 25 -46.20 -38.07 -14.79
N ILE TA 26 -44.86 -38.15 -14.73
CA ILE TA 26 -43.98 -38.10 -15.88
C ILE TA 26 -43.52 -39.53 -16.12
N LEU TA 27 -43.83 -40.10 -17.30
CA LEU TA 27 -43.58 -41.51 -17.59
C LEU TA 27 -42.09 -41.80 -17.50
N PHE TA 28 -41.77 -42.81 -16.69
CA PHE TA 28 -40.39 -43.20 -16.47
C PHE TA 28 -40.40 -44.64 -15.98
N ALA TA 29 -39.45 -45.45 -16.51
CA ALA TA 29 -39.52 -46.88 -16.29
C ALA TA 29 -38.14 -47.53 -16.46
N GLY TA 30 -38.04 -48.80 -16.10
CA GLY TA 30 -36.84 -49.57 -16.41
C GLY TA 30 -35.65 -49.22 -15.53
N VAL TA 31 -35.84 -48.83 -14.28
CA VAL TA 31 -34.70 -48.64 -13.39
C VAL TA 31 -33.91 -49.93 -13.22
N ARG TA 32 -32.64 -49.77 -12.87
CA ARG TA 32 -31.74 -50.84 -12.53
C ARG TA 32 -30.99 -50.54 -11.24
N ASP TA 33 -30.59 -49.28 -11.03
CA ASP TA 33 -30.03 -48.84 -9.77
C ASP TA 33 -30.79 -47.59 -9.32
N VAL TA 34 -31.00 -47.45 -8.01
CA VAL TA 34 -31.59 -46.25 -7.42
C VAL TA 34 -30.95 -45.99 -6.07
N THR TA 35 -30.23 -44.88 -5.95
CA THR TA 35 -29.74 -44.45 -4.64
C THR TA 35 -30.30 -43.08 -4.30
N ILE TA 36 -30.92 -42.94 -3.13
CA ILE TA 36 -31.36 -41.67 -2.59
C ILE TA 36 -30.71 -41.48 -1.22
N THR TA 37 -29.96 -40.38 -1.08
CA THR TA 37 -29.19 -40.12 0.13
C THR TA 37 -29.37 -38.66 0.56
N PRO TA 38 -30.20 -38.35 1.57
CA PRO TA 38 -30.14 -37.06 2.25
C PRO TA 38 -28.79 -36.86 2.89
N ALA TA 39 -28.25 -35.65 2.75
CA ALA TA 39 -26.93 -35.27 3.24
C ALA TA 39 -26.95 -33.87 3.80
N TYR TA 40 -26.00 -33.58 4.68
CA TYR TA 40 -25.69 -32.22 5.08
C TYR TA 40 -24.17 -32.08 5.14
N GLU TA 41 -23.70 -30.86 4.89
CA GLU TA 41 -22.34 -30.54 5.30
C GLU TA 41 -22.29 -30.48 6.83
N HIS TA 42 -21.23 -31.00 7.45
CA HIS TA 42 -21.00 -30.82 8.88
C HIS TA 42 -19.75 -29.96 9.11
N ALA TA 43 -19.83 -29.08 10.09
CA ALA TA 43 -18.69 -28.33 10.57
C ALA TA 43 -18.46 -28.65 12.04
N GLU TA 44 -17.21 -29.01 12.39
CA GLU TA 44 -16.83 -29.41 13.74
C GLU TA 44 -15.97 -28.31 14.37
N LEU TA 45 -16.24 -27.95 15.63
CA LEU TA 45 -15.45 -26.92 16.33
C LEU TA 45 -14.37 -27.53 17.21
N TYR TA 46 -13.12 -27.12 17.00
CA TYR TA 46 -12.04 -27.45 17.89
C TYR TA 46 -11.24 -26.20 18.21
N THR TA 47 -10.74 -26.18 19.45
CA THR TA 47 -10.02 -25.04 19.99
C THR TA 47 -8.85 -25.55 20.82
N ILE TA 48 -7.98 -24.67 21.28
CA ILE TA 48 -6.80 -25.07 22.03
C ILE TA 48 -7.17 -25.71 23.37
N ASP TA 49 -8.41 -25.51 23.84
CA ASP TA 49 -8.83 -26.00 25.16
C ASP TA 49 -8.84 -27.51 25.27
N SER TA 50 -9.09 -28.22 24.17
CA SER TA 50 -9.23 -29.67 24.17
C SER TA 50 -8.91 -30.27 22.81
N THR TA 51 -8.36 -31.48 22.83
CA THR TA 51 -8.21 -32.24 21.60
C THR TA 51 -9.51 -32.80 21.10
N PHE TA 52 -10.53 -32.92 21.97
CA PHE TA 52 -11.85 -33.41 21.58
C PHE TA 52 -12.67 -32.32 20.92
N ARG TA 53 -13.58 -32.74 20.06
CA ARG TA 53 -14.52 -31.86 19.40
C ARG TA 53 -15.45 -31.22 20.43
N ASP TA 54 -15.70 -29.91 20.30
CA ASP TA 54 -16.61 -29.21 21.20
C ASP TA 54 -18.05 -29.18 20.69
N GLU TA 55 -18.22 -28.90 19.39
CA GLU TA 55 -19.54 -28.78 18.77
C GLU TA 55 -19.53 -29.38 17.37
N VAL TA 56 -20.71 -29.77 16.88
CA VAL TA 56 -20.85 -30.13 15.48
C VAL TA 56 -22.22 -29.68 14.97
N LYS TA 57 -22.27 -29.17 13.74
CA LYS TA 57 -23.49 -28.55 13.22
C LYS TA 57 -23.68 -28.88 11.73
N ARG TA 58 -24.94 -29.05 11.31
CA ARG TA 58 -25.35 -29.29 9.93
C ARG TA 58 -25.61 -27.98 9.18
N TYR TA 59 -25.37 -27.96 7.85
CA TYR TA 59 -25.74 -26.78 7.09
C TYR TA 59 -26.36 -27.05 5.73
N GLU TA 60 -25.61 -27.06 4.64
CA GLU TA 60 -26.22 -27.20 3.32
C GLU TA 60 -26.87 -28.58 3.20
N HIS TA 61 -28.21 -28.61 3.30
CA HIS TA 61 -28.93 -29.83 3.04
C HIS TA 61 -29.13 -30.02 1.54
N ASN TA 62 -28.95 -31.26 1.08
CA ASN TA 62 -29.48 -31.68 -0.21
C ASN TA 62 -29.67 -33.18 -0.21
N VAL TA 63 -30.48 -33.69 -1.14
CA VAL TA 63 -30.66 -35.12 -1.28
C VAL TA 63 -29.98 -35.54 -2.57
N ASN TA 64 -28.92 -36.34 -2.46
CA ASN TA 64 -28.30 -36.91 -3.66
C ASN TA 64 -29.21 -37.99 -4.19
N VAL TA 65 -29.68 -37.83 -5.42
CA VAL TA 65 -30.44 -38.83 -6.16
C VAL TA 65 -29.61 -39.26 -7.34
N GLU TA 66 -29.35 -40.56 -7.44
CA GLU TA 66 -28.71 -41.12 -8.62
C GLU TA 66 -29.44 -42.39 -9.05
N ILE TA 67 -29.73 -42.48 -10.33
CA ILE TA 67 -30.58 -43.52 -10.88
C ILE TA 67 -29.95 -44.03 -12.16
N THR TA 68 -29.83 -45.35 -12.29
CA THR TA 68 -29.45 -45.95 -13.55
C THR TA 68 -30.64 -46.70 -14.10
N TYR TA 69 -30.99 -46.45 -15.38
CA TYR TA 69 -32.18 -47.00 -15.98
C TYR TA 69 -31.96 -47.34 -17.46
N ALA TA 70 -32.81 -48.19 -18.04
CA ALA TA 70 -32.56 -48.81 -19.33
C ALA TA 70 -33.75 -48.74 -20.30
N LYS TA 71 -34.86 -48.08 -19.92
CA LYS TA 71 -35.93 -47.73 -20.85
C LYS TA 71 -35.97 -46.23 -21.02
N PHE TA 72 -35.79 -45.76 -22.25
CA PHE TA 72 -35.78 -44.33 -22.53
C PHE TA 72 -37.21 -43.79 -22.54
N SER TA 73 -37.39 -42.60 -21.93
CA SER TA 73 -38.64 -41.88 -21.94
C SER TA 73 -38.50 -40.56 -22.68
N LEU TA 74 -39.25 -40.36 -23.79
CA LEU TA 74 -39.25 -39.08 -24.44
C LEU TA 74 -39.88 -38.00 -23.59
N GLU TA 75 -40.92 -38.34 -22.83
CA GLU TA 75 -41.56 -37.37 -21.97
C GLU TA 75 -40.57 -36.84 -20.94
N PHE TA 76 -39.87 -37.73 -20.24
CA PHE TA 76 -38.93 -37.29 -19.23
C PHE TA 76 -37.86 -36.38 -19.83
N ALA TA 77 -37.29 -36.77 -20.96
CA ALA TA 77 -36.25 -35.98 -21.61
C ALA TA 77 -36.79 -34.63 -22.09
N GLN TA 78 -37.97 -34.58 -22.71
CA GLN TA 78 -38.52 -33.34 -23.19
C GLN TA 78 -38.97 -32.40 -22.07
N GLU TA 79 -39.41 -32.94 -20.92
CA GLU TA 79 -39.63 -32.12 -19.74
C GLU TA 79 -38.31 -31.49 -19.26
N TRP TA 80 -37.23 -32.27 -19.19
CA TRP TA 80 -35.96 -31.74 -18.76
C TRP TA 80 -35.48 -30.63 -19.68
N LEU TA 81 -35.66 -30.78 -21.00
CA LEU TA 81 -35.32 -29.72 -21.95
C LEU TA 81 -36.17 -28.48 -21.75
N GLY TA 82 -37.47 -28.67 -21.48
CA GLY TA 82 -38.41 -27.56 -21.45
C GLY TA 82 -38.27 -26.64 -20.23
N GLY TA 83 -37.74 -27.14 -19.10
CA GLY TA 83 -37.75 -26.37 -17.88
C GLY TA 83 -39.13 -26.37 -17.21
N PRO TA 84 -39.31 -25.65 -16.07
CA PRO TA 84 -40.54 -25.74 -15.30
C PRO TA 84 -41.78 -25.41 -16.11
N GLY TA 85 -42.76 -26.33 -16.06
CA GLY TA 85 -44.08 -26.18 -16.65
C GLY TA 85 -44.12 -26.16 -18.18
N ALA TA 86 -43.04 -26.63 -18.84
CA ALA TA 86 -42.96 -26.64 -20.30
C ALA TA 86 -42.23 -27.89 -20.80
N THR TA 87 -42.50 -28.24 -22.06
CA THR TA 87 -41.99 -29.45 -22.70
C THR TA 87 -41.38 -29.02 -24.04
N ALA TA 88 -40.17 -29.49 -24.37
CA ALA TA 88 -39.49 -28.96 -25.54
C ALA TA 88 -38.68 -30.01 -26.30
N THR TA 89 -38.57 -29.80 -27.62
CA THR TA 89 -37.87 -30.74 -28.50
C THR TA 89 -36.44 -30.31 -28.79
N ALA TA 90 -35.96 -29.23 -28.15
CA ALA TA 90 -34.59 -28.76 -28.36
C ALA TA 90 -34.17 -27.96 -27.15
N SER TA 91 -32.84 -27.78 -26.99
CA SER TA 91 -32.25 -27.08 -25.86
C SER TA 91 -32.90 -25.71 -25.69
N GLN TA 92 -33.20 -25.33 -24.43
CA GLN TA 92 -33.77 -24.03 -24.15
C GLN TA 92 -32.72 -23.12 -23.51
N ASP TA 93 -32.60 -21.90 -24.04
CA ASP TA 93 -31.77 -20.88 -23.45
C ASP TA 93 -32.56 -20.15 -22.38
N ASP TA 94 -32.80 -20.82 -21.24
CA ASP TA 94 -33.23 -20.15 -20.02
C ASP TA 94 -32.64 -20.77 -18.77
N SER TA 95 -32.70 -20.01 -17.68
CA SER TA 95 -31.89 -20.28 -16.50
C SER TA 95 -32.56 -21.26 -15.52
N ASP TA 96 -33.85 -21.59 -15.70
CA ASP TA 96 -34.53 -22.46 -14.75
C ASP TA 96 -34.41 -23.92 -15.14
N PRO TA 97 -33.81 -24.80 -14.29
CA PRO TA 97 -33.84 -26.23 -14.55
C PRO TA 97 -35.21 -26.80 -14.20
N MET TA 98 -35.61 -27.85 -14.93
CA MET TA 98 -36.83 -28.58 -14.61
C MET TA 98 -36.69 -29.24 -13.25
N LYS TA 99 -37.67 -28.99 -12.36
CA LYS TA 99 -37.70 -29.60 -11.05
C LYS TA 99 -38.73 -30.72 -11.05
N PHE TA 100 -38.33 -31.91 -10.60
CA PHE TA 100 -39.20 -33.06 -10.49
C PHE TA 100 -39.44 -33.39 -9.02
N ASN TA 101 -40.69 -33.62 -8.63
CA ASN TA 101 -40.89 -34.38 -7.41
C ASN TA 101 -40.65 -35.86 -7.74
N LEU TA 102 -40.15 -36.59 -6.77
CA LEU TA 102 -39.84 -37.99 -6.96
C LEU TA 102 -40.39 -38.77 -5.77
N GLU TA 103 -40.87 -39.99 -6.02
CA GLU TA 103 -41.25 -40.88 -4.96
C GLU TA 103 -40.83 -42.31 -5.27
N ASN TA 104 -40.41 -43.03 -4.24
CA ASN TA 104 -40.10 -44.45 -4.35
C ASN TA 104 -40.86 -45.19 -3.26
N VAL TA 105 -41.35 -46.38 -3.58
CA VAL TA 105 -42.06 -47.21 -2.63
C VAL TA 105 -41.53 -48.64 -2.74
N THR TA 106 -41.18 -49.23 -1.59
CA THR TA 106 -40.69 -50.60 -1.55
C THR TA 106 -41.34 -51.33 -0.37
N PRO TA 107 -41.88 -52.55 -0.61
CA PRO TA 107 -42.12 -53.46 0.49
C PRO TA 107 -40.78 -53.89 1.11
N SER TA 108 -40.75 -54.05 2.44
CA SER TA 108 -39.65 -54.77 3.08
C SER TA 108 -39.73 -56.24 2.68
N ALA TA 109 -38.64 -56.98 2.88
CA ALA TA 109 -38.49 -58.31 2.30
C ALA TA 109 -39.55 -59.29 2.79
N SER TA 110 -39.93 -59.24 4.08
CA SER TA 110 -40.96 -60.08 4.66
C SER TA 110 -42.29 -59.33 4.88
N GLY TA 111 -42.43 -58.13 4.29
CA GLY TA 111 -43.65 -57.34 4.36
C GLY TA 111 -43.92 -56.75 5.74
N GLY TA 112 -42.91 -56.67 6.62
CA GLY TA 112 -43.03 -56.04 7.93
C GLY TA 112 -43.43 -54.56 7.85
N PHE TA 113 -43.01 -53.87 6.78
CA PHE TA 113 -43.37 -52.48 6.55
C PHE TA 113 -43.26 -52.14 5.06
N GLU TA 114 -43.86 -51.01 4.66
CA GLU TA 114 -43.64 -50.52 3.31
C GLU TA 114 -42.99 -49.14 3.38
N ARG TA 115 -41.72 -49.05 3.01
CA ARG TA 115 -41.01 -47.78 3.07
C ARG TA 115 -41.35 -46.96 1.84
N THR TA 116 -41.95 -45.78 2.04
CA THR TA 116 -42.08 -44.76 1.02
C THR TA 116 -41.06 -43.66 1.29
N THR TA 117 -40.24 -43.32 0.30
CA THR TA 117 -39.34 -42.18 0.33
C THR TA 117 -39.79 -41.20 -0.74
N ALA TA 118 -40.03 -39.93 -0.36
CA ALA TA 118 -40.37 -38.90 -1.33
C ALA TA 118 -39.44 -37.70 -1.20
N VAL TA 119 -39.12 -37.10 -2.34
CA VAL TA 119 -38.13 -36.01 -2.44
C VAL TA 119 -38.72 -34.86 -3.25
N GLU TA 120 -38.62 -33.62 -2.76
CA GLU TA 120 -39.07 -32.46 -3.52
C GLU TA 120 -37.95 -31.87 -4.38
N ASN TA 121 -38.35 -31.31 -5.53
CA ASN TA 121 -37.50 -30.48 -6.36
C ASN TA 121 -36.14 -31.12 -6.69
N VAL TA 122 -36.15 -32.36 -7.18
CA VAL TA 122 -34.96 -32.96 -7.74
C VAL TA 122 -34.64 -32.29 -9.07
N VAL TA 123 -33.38 -31.90 -9.29
CA VAL TA 123 -32.93 -31.39 -10.58
C VAL TA 123 -31.69 -32.17 -11.01
N PHE TA 124 -31.57 -32.39 -12.33
CA PHE TA 124 -30.46 -33.16 -12.86
C PHE TA 124 -29.59 -32.24 -13.71
N PRO TA 125 -28.33 -31.96 -13.34
CA PRO TA 125 -27.48 -31.07 -14.11
C PRO TA 125 -27.27 -31.52 -15.54
N GLU TA 126 -27.18 -32.83 -15.77
CA GLU TA 126 -27.04 -33.35 -17.11
C GLU TA 126 -27.93 -34.56 -17.32
N LEU TA 127 -28.41 -34.64 -18.56
CA LEU TA 127 -29.34 -35.67 -18.99
C LEU TA 127 -28.65 -36.46 -20.08
N PRO TA 128 -28.44 -37.79 -19.91
CA PRO TA 128 -27.95 -38.62 -21.01
C PRO TA 128 -29.12 -38.82 -21.96
N LEU TA 129 -28.90 -38.39 -23.21
CA LEU TA 129 -29.89 -38.65 -24.24
C LEU TA 129 -29.60 -39.99 -24.86
N ASP TA 130 -28.35 -40.21 -25.24
CA ASP TA 130 -27.94 -41.45 -25.90
C ASP TA 130 -26.79 -42.07 -25.13
N SER TA 131 -26.79 -43.40 -25.06
CA SER TA 131 -25.78 -44.12 -24.30
C SER TA 131 -25.58 -45.52 -24.89
N ALA TA 132 -25.23 -45.54 -26.19
CA ALA TA 132 -24.99 -46.76 -26.95
C ALA TA 132 -23.66 -47.39 -26.59
N THR TA 133 -23.62 -48.74 -26.60
CA THR TA 133 -22.39 -49.53 -26.53
C THR TA 133 -22.64 -50.85 -27.26
N TYR TA 134 -21.64 -51.30 -28.02
CA TYR TA 134 -21.80 -52.41 -28.94
C TYR TA 134 -22.36 -53.63 -28.21
N GLY TA 135 -23.47 -54.16 -28.72
CA GLY TA 135 -24.09 -55.37 -28.22
C GLY TA 135 -24.71 -55.23 -26.84
N GLU TA 136 -25.15 -54.01 -26.49
CA GLU TA 136 -25.86 -53.78 -25.23
C GLU TA 136 -27.08 -52.89 -25.43
N TYR TA 137 -28.03 -53.00 -24.49
CA TYR TA 137 -29.08 -52.00 -24.49
C TYR TA 137 -28.53 -50.68 -23.98
N GLU TA 138 -29.09 -49.55 -24.44
CA GLU TA 138 -28.62 -48.28 -23.94
C GLU TA 138 -28.96 -48.19 -22.45
N GLU TA 139 -27.99 -47.78 -21.65
CA GLU TA 139 -28.18 -47.65 -20.20
C GLU TA 139 -27.77 -46.25 -19.77
N TYR TA 140 -28.68 -45.58 -19.05
CA TYR TA 140 -28.60 -44.16 -18.76
C TYR TA 140 -28.39 -43.95 -17.27
N SER TA 141 -27.41 -43.12 -16.89
CA SER TA 141 -27.25 -42.72 -15.49
C SER TA 141 -27.56 -41.24 -15.28
N LEU TA 142 -28.51 -40.97 -14.37
CA LEU TA 142 -28.79 -39.64 -13.87
C LEU TA 142 -28.11 -39.44 -12.52
N THR TA 143 -27.61 -38.22 -12.29
CA THR TA 143 -27.25 -37.73 -10.97
C THR TA 143 -27.89 -36.37 -10.77
N GLY TA 144 -28.47 -36.11 -9.60
CA GLY TA 144 -29.17 -34.85 -9.36
C GLY TA 144 -29.41 -34.59 -7.88
N SER TA 145 -29.76 -33.34 -7.53
CA SER TA 145 -29.91 -32.92 -6.15
C SER TA 145 -31.35 -32.52 -5.86
N GLY TA 146 -31.98 -33.21 -4.92
CA GLY TA 146 -33.26 -32.81 -4.37
C GLY TA 146 -33.09 -31.79 -3.25
N ARG TA 147 -34.15 -31.04 -2.94
CA ARG TA 147 -34.06 -30.01 -1.93
C ARG TA 147 -34.22 -30.60 -0.54
N SER TA 148 -35.19 -31.50 -0.36
CA SER TA 148 -35.41 -32.14 0.93
C SER TA 148 -36.18 -33.46 0.76
N VAL TA 149 -36.08 -34.32 1.78
CA VAL TA 149 -36.95 -35.48 1.91
C VAL TA 149 -38.28 -34.97 2.46
N THR TA 150 -39.36 -35.08 1.67
CA THR TA 150 -40.67 -34.64 2.14
C THR TA 150 -41.39 -35.72 2.95
N ASN TA 151 -41.03 -36.98 2.74
CA ASN TA 151 -41.66 -38.08 3.44
C ASN TA 151 -40.72 -39.28 3.54
N LEU TA 152 -40.72 -39.92 4.72
CA LEU TA 152 -40.14 -41.23 4.96
C LEU TA 152 -40.97 -41.89 6.04
N ALA TA 153 -41.83 -42.83 5.63
CA ALA TA 153 -42.76 -43.45 6.55
C ALA TA 153 -43.07 -44.89 6.15
N ASP TA 154 -43.64 -45.65 7.10
CA ASP TA 154 -44.27 -46.92 6.78
C ASP TA 154 -45.66 -46.63 6.23
N THR TA 155 -45.82 -46.75 4.91
CA THR TA 155 -47.09 -46.52 4.24
C THR TA 155 -47.97 -47.76 4.16
N SER TA 156 -47.60 -48.87 4.81
CA SER TA 156 -48.50 -50.02 4.91
C SER TA 156 -49.76 -49.67 5.73
N GLY TA 157 -50.89 -50.35 5.43
CA GLY TA 157 -52.20 -50.01 5.98
C GLY TA 157 -52.28 -50.10 7.50
N ALA UA 2 -49.42 -39.85 -23.65
CA ALA UA 2 -48.00 -39.73 -24.08
C ALA UA 2 -47.38 -41.12 -24.28
N THR UA 3 -46.28 -41.16 -25.05
CA THR UA 3 -45.66 -42.40 -25.54
C THR UA 3 -44.98 -43.16 -24.40
N SER UA 4 -45.20 -44.51 -24.33
CA SER UA 4 -44.63 -45.31 -23.24
C SER UA 4 -43.11 -45.34 -23.30
N PRO UA 5 -42.40 -45.38 -22.16
CA PRO UA 5 -40.96 -45.57 -22.20
C PRO UA 5 -40.66 -46.96 -22.78
N GLU UA 6 -39.48 -47.08 -23.40
CA GLU UA 6 -39.13 -48.35 -24.00
C GLU UA 6 -37.61 -48.53 -24.03
N GLY UA 7 -37.14 -49.79 -24.02
CA GLY UA 7 -35.72 -50.03 -24.16
C GLY UA 7 -35.22 -49.66 -25.56
N ILE UA 8 -33.92 -49.37 -25.66
CA ILE UA 8 -33.31 -49.11 -26.96
C ILE UA 8 -32.08 -49.98 -27.09
N TRP UA 9 -31.90 -50.52 -28.31
CA TRP UA 9 -30.83 -51.44 -28.58
C TRP UA 9 -29.73 -50.70 -29.31
N SER UA 10 -28.48 -50.75 -28.83
CA SER UA 10 -27.45 -49.84 -29.30
C SER UA 10 -27.17 -50.05 -30.77
N ASN UA 11 -27.17 -51.31 -31.22
CA ASN UA 11 -26.79 -51.65 -32.58
C ASN UA 11 -27.84 -51.22 -33.60
N SER UA 12 -29.07 -50.88 -33.20
CA SER UA 12 -30.08 -50.35 -34.10
C SER UA 12 -29.83 -48.89 -34.47
N GLY UA 13 -28.88 -48.21 -33.83
CA GLY UA 13 -28.61 -46.80 -34.09
C GLY UA 13 -27.91 -46.54 -35.42
N ALA UA 14 -28.20 -45.37 -36.02
CA ALA UA 14 -27.47 -44.84 -37.16
C ALA UA 14 -27.02 -43.42 -36.86
N LEU UA 15 -25.69 -43.21 -36.87
CA LEU UA 15 -25.07 -41.92 -36.67
C LEU UA 15 -24.59 -41.36 -38.00
N THR UA 16 -24.85 -40.06 -38.23
CA THR UA 16 -24.35 -39.35 -39.40
C THR UA 16 -23.81 -37.97 -39.00
N PHE UA 17 -22.75 -37.53 -39.69
CA PHE UA 17 -22.22 -36.19 -39.54
C PHE UA 17 -22.51 -35.36 -40.78
N GLU UA 18 -22.82 -34.07 -40.59
CA GLU UA 18 -23.05 -33.16 -41.71
C GLU UA 18 -22.23 -31.88 -41.58
N ASP UA 19 -21.78 -31.35 -42.71
CA ASP UA 19 -21.18 -30.03 -42.78
C ASP UA 19 -22.27 -28.97 -42.64
N PRO UA 20 -22.26 -28.11 -41.58
CA PRO UA 20 -23.31 -27.12 -41.39
C PRO UA 20 -23.36 -26.04 -42.46
N ALA UA 21 -22.32 -25.90 -43.30
CA ALA UA 21 -22.37 -24.96 -44.42
C ALA UA 21 -23.28 -25.43 -45.56
N ASP UA 22 -23.46 -26.76 -45.71
CA ASP UA 22 -24.13 -27.38 -46.84
C ASP UA 22 -25.37 -28.18 -46.46
N ASP UA 23 -25.37 -28.76 -45.25
CA ASP UA 23 -26.16 -29.94 -44.91
C ASP UA 23 -25.74 -31.15 -45.77
N SER UA 24 -24.44 -31.24 -46.12
CA SER UA 24 -23.87 -32.38 -46.84
C SER UA 24 -23.28 -33.40 -45.87
N GLU UA 25 -23.49 -34.70 -46.14
CA GLU UA 25 -22.99 -35.76 -45.30
C GLU UA 25 -21.47 -35.86 -45.40
N ILE UA 26 -20.81 -36.05 -44.25
CA ILE UA 26 -19.40 -36.37 -44.13
C ILE UA 26 -19.30 -37.85 -43.82
N LEU UA 27 -18.58 -38.62 -44.64
CA LEU UA 27 -18.59 -40.08 -44.55
C LEU UA 27 -17.97 -40.54 -43.23
N PHE UA 28 -18.79 -41.22 -42.41
CA PHE UA 28 -18.35 -41.74 -41.12
C PHE UA 28 -19.18 -42.96 -40.79
N ALA UA 29 -18.53 -43.95 -40.16
CA ALA UA 29 -19.06 -45.30 -40.08
C ALA UA 29 -18.34 -46.11 -38.99
N GLY UA 30 -18.89 -47.27 -38.65
CA GLY UA 30 -18.20 -48.21 -37.79
C GLY UA 30 -18.22 -47.82 -36.33
N VAL UA 31 -19.29 -47.17 -35.85
CA VAL UA 31 -19.40 -46.83 -34.44
C VAL UA 31 -19.50 -48.08 -33.57
N ARG UA 32 -19.13 -47.93 -32.30
CA ARG UA 32 -19.18 -48.99 -31.32
C ARG UA 32 -19.77 -48.47 -30.00
N ASP UA 33 -19.37 -47.25 -29.59
CA ASP UA 33 -20.04 -46.55 -28.50
C ASP UA 33 -20.46 -45.16 -28.98
N VAL UA 34 -21.59 -44.68 -28.48
CA VAL UA 34 -22.05 -43.33 -28.76
C VAL UA 34 -22.75 -42.79 -27.52
N THR UA 35 -22.18 -41.75 -26.93
CA THR UA 35 -22.78 -41.09 -25.79
C THR UA 35 -23.08 -39.63 -26.14
N ILE UA 36 -24.33 -39.19 -25.96
CA ILE UA 36 -24.69 -37.80 -26.12
C ILE UA 36 -25.38 -37.33 -24.86
N THR UA 37 -24.82 -36.29 -24.22
CA THR UA 37 -25.30 -35.83 -22.93
C THR UA 37 -25.36 -34.32 -22.89
N PRO UA 38 -26.53 -33.68 -23.15
CA PRO UA 38 -26.71 -32.28 -22.83
C PRO UA 38 -26.57 -32.03 -21.33
N ALA UA 39 -25.84 -30.97 -21.00
CA ALA UA 39 -25.52 -30.62 -19.63
C ALA UA 39 -25.73 -29.12 -19.43
N TYR UA 40 -25.92 -28.72 -18.17
CA TYR UA 40 -25.77 -27.34 -17.77
C TYR UA 40 -24.97 -27.31 -16.48
N GLU UA 41 -24.22 -26.23 -16.27
CA GLU UA 41 -23.71 -25.97 -14.93
C GLU UA 41 -24.86 -25.50 -14.05
N HIS UA 42 -24.95 -26.00 -12.81
CA HIS UA 42 -25.97 -25.60 -11.86
C HIS UA 42 -25.35 -24.81 -10.70
N ALA UA 43 -25.95 -23.66 -10.38
CA ALA UA 43 -25.61 -22.91 -9.19
C ALA UA 43 -26.76 -22.93 -8.19
N GLU UA 44 -26.47 -23.31 -6.95
CA GLU UA 44 -27.48 -23.42 -5.90
C GLU UA 44 -27.29 -22.29 -4.89
N LEU UA 45 -28.36 -21.53 -4.59
CA LEU UA 45 -28.24 -20.47 -3.58
C LEU UA 45 -28.50 -21.06 -2.19
N TYR UA 46 -27.60 -20.78 -1.26
CA TYR UA 46 -27.86 -21.06 0.15
C TYR UA 46 -27.44 -19.87 1.00
N THR UA 47 -28.23 -19.60 2.04
CA THR UA 47 -28.01 -18.44 2.91
C THR UA 47 -28.24 -18.82 4.38
N ILE UA 48 -27.92 -17.95 5.32
CA ILE UA 48 -28.07 -18.25 6.74
C ILE UA 48 -29.53 -18.46 7.18
N ASP UA 49 -30.49 -18.05 6.33
CA ASP UA 49 -31.92 -18.18 6.60
C ASP UA 49 -32.38 -19.63 6.79
N SER UA 50 -31.79 -20.56 6.04
CA SER UA 50 -32.24 -21.95 6.01
C SER UA 50 -31.12 -22.90 5.64
N THR UA 51 -31.18 -24.13 6.14
CA THR UA 51 -30.27 -25.18 5.70
C THR UA 51 -30.64 -25.71 4.32
N PHE UA 52 -31.91 -25.55 3.92
CA PHE UA 52 -32.37 -25.95 2.61
C PHE UA 52 -31.91 -24.95 1.55
N ARG UA 53 -31.85 -25.44 0.31
CA ARG UA 53 -31.56 -24.65 -0.87
C ARG UA 53 -32.64 -23.61 -1.08
N ASP UA 54 -32.23 -22.35 -1.32
CA ASP UA 54 -33.15 -21.27 -1.64
C ASP UA 54 -33.61 -21.37 -3.09
N GLU UA 55 -32.64 -21.54 -4.01
CA GLU UA 55 -32.88 -21.50 -5.45
C GLU UA 55 -31.87 -22.38 -6.18
N VAL UA 56 -32.19 -22.73 -7.45
CA VAL UA 56 -31.21 -23.37 -8.32
C VAL UA 56 -31.39 -22.89 -9.77
N LYS UA 57 -30.26 -22.70 -10.49
CA LYS UA 57 -30.27 -22.09 -11.82
C LYS UA 57 -29.27 -22.77 -12.76
N ARG UA 58 -29.58 -22.80 -14.06
CA ARG UA 58 -28.72 -23.31 -15.14
C ARG UA 58 -27.89 -22.21 -15.78
N TYR UA 59 -26.70 -22.58 -16.28
CA TYR UA 59 -25.89 -21.77 -17.18
C TYR UA 59 -24.92 -22.66 -17.95
N GLU UA 60 -24.12 -22.09 -18.87
CA GLU UA 60 -23.14 -22.82 -19.67
C GLU UA 60 -23.67 -24.17 -20.16
N HIS UA 61 -24.69 -24.09 -21.01
CA HIS UA 61 -25.12 -25.29 -21.71
C HIS UA 61 -24.02 -25.79 -22.65
N ASN UA 62 -23.87 -27.11 -22.70
CA ASN UA 62 -23.15 -27.76 -23.79
C ASN UA 62 -23.67 -29.19 -23.95
N VAL UA 63 -23.45 -29.78 -25.13
CA VAL UA 63 -23.74 -31.18 -25.32
C VAL UA 63 -22.43 -31.97 -25.34
N ASN UA 64 -22.16 -32.76 -24.31
CA ASN UA 64 -21.03 -33.67 -24.36
C ASN UA 64 -21.31 -34.77 -25.37
N VAL UA 65 -20.46 -34.86 -26.39
CA VAL UA 65 -20.51 -35.93 -27.37
C VAL UA 65 -19.21 -36.72 -27.24
N GLU UA 66 -19.33 -38.02 -27.01
CA GLU UA 66 -18.18 -38.90 -27.16
C GLU UA 66 -18.57 -40.16 -27.92
N ILE UA 67 -17.68 -40.55 -28.83
CA ILE UA 67 -17.94 -41.58 -29.82
C ILE UA 67 -16.73 -42.49 -29.88
N THR UA 68 -16.97 -43.80 -29.92
CA THR UA 68 -15.90 -44.76 -30.18
C THR UA 68 -16.26 -45.50 -31.46
N TYR UA 69 -15.30 -45.62 -32.38
CA TYR UA 69 -15.55 -46.18 -33.69
C TYR UA 69 -14.30 -46.87 -34.24
N ALA UA 70 -14.48 -47.76 -35.23
CA ALA UA 70 -13.41 -48.66 -35.63
C ALA UA 70 -13.18 -48.69 -37.15
N LYS UA 71 -13.80 -47.76 -37.90
CA LYS UA 71 -13.49 -47.56 -39.30
C LYS UA 71 -12.96 -46.15 -39.49
N PHE UA 72 -11.77 -46.02 -40.08
CA PHE UA 72 -11.18 -44.72 -40.30
C PHE UA 72 -11.77 -44.07 -41.55
N SER UA 73 -12.07 -42.75 -41.46
CA SER UA 73 -12.55 -41.96 -42.57
C SER UA 73 -11.54 -40.89 -42.91
N LEU UA 74 -10.98 -40.91 -44.13
CA LEU UA 74 -10.10 -39.84 -44.56
C LEU UA 74 -10.86 -38.52 -44.68
N GLU UA 75 -12.12 -38.57 -45.11
CA GLU UA 75 -12.89 -37.36 -45.20
C GLU UA 75 -13.03 -36.71 -43.83
N PHE UA 76 -13.54 -37.42 -42.84
CA PHE UA 76 -13.76 -36.82 -41.54
C PHE UA 76 -12.47 -36.24 -40.96
N ALA UA 77 -11.36 -36.94 -41.08
CA ALA UA 77 -10.09 -36.45 -40.57
C ALA UA 77 -9.61 -35.22 -41.35
N GLN UA 78 -9.72 -35.20 -42.68
CA GLN UA 78 -9.28 -34.05 -43.45
C GLN UA 78 -10.18 -32.84 -43.27
N GLU UA 79 -11.48 -33.04 -43.05
CA GLU UA 79 -12.40 -32.00 -42.64
C GLU UA 79 -11.98 -31.41 -41.30
N TRP UA 80 -11.66 -32.24 -40.32
CA TRP UA 80 -11.21 -31.77 -39.02
C TRP UA 80 -9.93 -30.95 -39.11
N LEU UA 81 -8.95 -31.41 -39.88
CA LEU UA 81 -7.72 -30.67 -40.10
C LEU UA 81 -7.98 -29.34 -40.78
N GLY UA 82 -8.88 -29.32 -41.77
CA GLY UA 82 -9.11 -28.17 -42.60
C GLY UA 82 -9.78 -26.99 -41.90
N GLY UA 83 -10.63 -27.23 -40.90
CA GLY UA 83 -11.45 -26.18 -40.32
C GLY UA 83 -12.70 -25.88 -41.14
N PRO UA 84 -13.55 -24.92 -40.73
CA PRO UA 84 -14.84 -24.71 -41.38
C PRO UA 84 -14.73 -24.40 -42.88
N GLY UA 85 -15.61 -25.05 -43.65
CA GLY UA 85 -15.73 -24.87 -45.09
C GLY UA 85 -14.45 -25.18 -45.88
N ALA UA 86 -13.54 -25.95 -45.28
CA ALA UA 86 -12.28 -26.33 -45.91
C ALA UA 86 -11.90 -27.77 -45.58
N THR UA 87 -10.93 -28.29 -46.33
CA THR UA 87 -10.39 -29.63 -46.17
C THR UA 87 -8.90 -29.57 -46.46
N ALA UA 88 -8.09 -30.30 -45.69
CA ALA UA 88 -6.64 -30.20 -45.81
C ALA UA 88 -5.95 -31.51 -45.47
N THR UA 89 -4.77 -31.72 -46.08
CA THR UA 89 -4.03 -32.94 -45.86
C THR UA 89 -2.93 -32.78 -44.81
N ALA UA 90 -3.01 -31.70 -44.00
CA ALA UA 90 -1.99 -31.35 -43.01
C ALA UA 90 -2.56 -30.38 -41.98
N SER UA 91 -1.92 -30.26 -40.81
CA SER UA 91 -2.30 -29.31 -39.76
C SER UA 91 -2.44 -27.91 -40.34
N GLN UA 92 -3.51 -27.19 -39.95
CA GLN UA 92 -3.68 -25.81 -40.38
C GLN UA 92 -3.42 -24.87 -39.22
N ASP UA 93 -2.64 -23.81 -39.48
CA ASP UA 93 -2.35 -22.81 -38.47
C ASP UA 93 -3.43 -21.72 -38.45
N ASP UA 94 -4.63 -22.06 -37.94
CA ASP UA 94 -5.71 -21.10 -37.77
C ASP UA 94 -6.62 -21.46 -36.59
N SER UA 95 -7.39 -20.46 -36.13
CA SER UA 95 -8.07 -20.49 -34.85
C SER UA 95 -9.47 -21.12 -34.90
N ASP UA 96 -10.05 -21.37 -36.08
CA ASP UA 96 -11.43 -21.87 -36.15
C ASP UA 96 -11.46 -23.39 -36.20
N PRO UA 97 -12.10 -24.07 -35.22
CA PRO UA 97 -12.26 -25.52 -35.28
C PRO UA 97 -13.35 -25.84 -36.31
N MET UA 98 -13.20 -26.98 -36.98
CA MET UA 98 -14.26 -27.52 -37.81
C MET UA 98 -15.45 -27.85 -36.93
N LYS UA 99 -16.64 -27.35 -37.31
CA LYS UA 99 -17.88 -27.63 -36.59
C LYS UA 99 -18.69 -28.63 -37.39
N PHE UA 100 -19.12 -29.71 -36.74
CA PHE UA 100 -19.94 -30.72 -37.39
C PHE UA 100 -21.36 -30.67 -36.82
N ASN UA 101 -22.37 -30.73 -37.66
CA ASN UA 101 -23.67 -31.13 -37.17
C ASN UA 101 -23.70 -32.65 -37.06
N LEU UA 102 -24.49 -33.14 -36.14
CA LEU UA 102 -24.52 -34.57 -35.85
C LEU UA 102 -25.97 -34.99 -35.63
N GLU UA 103 -26.34 -36.13 -36.20
CA GLU UA 103 -27.64 -36.72 -35.94
C GLU UA 103 -27.53 -38.21 -35.68
N ASN UA 104 -28.19 -38.67 -34.61
CA ASN UA 104 -28.29 -40.08 -34.30
C ASN UA 104 -29.76 -40.49 -34.29
N VAL UA 105 -30.11 -41.53 -35.04
CA VAL UA 105 -31.47 -42.05 -35.10
C VAL UA 105 -31.49 -43.50 -34.61
N THR UA 106 -32.41 -43.84 -33.70
CA THR UA 106 -32.58 -45.21 -33.24
C THR UA 106 -34.06 -45.59 -33.16
N PRO UA 107 -34.49 -46.71 -33.80
CA PRO UA 107 -35.76 -47.32 -33.45
C PRO UA 107 -35.70 -47.81 -32.00
N SER UA 108 -36.80 -47.71 -31.25
CA SER UA 108 -36.90 -48.34 -29.95
C SER UA 108 -37.01 -49.86 -30.12
N ALA UA 109 -36.80 -50.62 -29.03
CA ALA UA 109 -36.60 -52.06 -29.14
C ALA UA 109 -37.86 -52.83 -29.59
N SER UA 110 -39.06 -52.30 -29.33
CA SER UA 110 -40.30 -52.87 -29.83
C SER UA 110 -41.02 -51.94 -30.82
N GLY UA 111 -40.30 -50.95 -31.38
CA GLY UA 111 -40.83 -50.06 -32.41
C GLY UA 111 -41.88 -49.05 -31.94
N GLY UA 112 -42.04 -48.82 -30.63
CA GLY UA 112 -42.92 -47.80 -30.09
C GLY UA 112 -42.62 -46.37 -30.59
N PHE UA 113 -41.34 -46.07 -30.83
CA PHE UA 113 -40.91 -44.78 -31.34
C PHE UA 113 -39.59 -44.90 -32.12
N GLU UA 114 -39.31 -43.91 -32.97
CA GLU UA 114 -37.99 -43.76 -33.55
C GLU UA 114 -37.38 -42.47 -32.98
N ARG UA 115 -36.49 -42.60 -32.02
CA ARG UA 115 -35.92 -41.43 -31.36
C ARG UA 115 -34.82 -40.84 -32.21
N THR UA 116 -35.00 -39.57 -32.61
CA THR UA 116 -34.00 -38.82 -33.35
C THR UA 116 -33.40 -37.77 -32.42
N THR UA 117 -32.08 -37.83 -32.21
CA THR UA 117 -31.32 -36.86 -31.45
C THR UA 117 -30.41 -36.11 -32.42
N ALA UA 118 -30.54 -34.78 -32.49
CA ALA UA 118 -29.69 -33.98 -33.38
C ALA UA 118 -29.02 -32.84 -32.60
N VAL UA 119 -27.75 -32.60 -32.92
CA VAL UA 119 -26.88 -31.72 -32.15
C VAL UA 119 -26.17 -30.76 -33.10
N GLU UA 120 -26.09 -29.47 -32.74
CA GLU UA 120 -25.42 -28.51 -33.59
C GLU UA 120 -24.01 -28.20 -33.14
N ASN UA 121 -23.15 -27.88 -34.12
CA ASN UA 121 -21.81 -27.34 -33.92
C ASN UA 121 -20.99 -28.16 -32.91
N VAL UA 122 -20.94 -29.47 -33.09
CA VAL UA 122 -20.02 -30.30 -32.32
C VAL UA 122 -18.61 -29.99 -32.77
N VAL UA 123 -17.71 -29.73 -31.82
CA VAL UA 123 -16.29 -29.59 -32.10
C VAL UA 123 -15.51 -30.59 -31.28
N PHE UA 124 -14.39 -31.07 -31.85
CA PHE UA 124 -13.56 -32.05 -31.16
C PHE UA 124 -12.19 -31.44 -30.90
N PRO UA 125 -11.75 -31.25 -29.65
CA PRO UA 125 -10.42 -30.71 -29.37
C PRO UA 125 -9.28 -31.55 -29.93
N GLU UA 126 -9.47 -32.86 -30.06
CA GLU UA 126 -8.43 -33.71 -30.61
C GLU UA 126 -8.99 -34.86 -31.44
N LEU UA 127 -8.23 -35.25 -32.45
CA LEU UA 127 -8.62 -36.27 -33.40
C LEU UA 127 -7.58 -37.38 -33.37
N PRO UA 128 -7.94 -38.63 -33.01
CA PRO UA 128 -7.01 -39.74 -33.10
C PRO UA 128 -6.85 -40.18 -34.55
N LEU UA 129 -5.65 -40.01 -35.08
CA LEU UA 129 -5.37 -40.35 -36.46
C LEU UA 129 -5.00 -41.82 -36.58
N ASP UA 130 -4.01 -42.21 -35.79
CA ASP UA 130 -3.57 -43.60 -35.70
C ASP UA 130 -3.79 -44.05 -34.27
N SER UA 131 -4.34 -45.26 -34.11
CA SER UA 131 -4.74 -45.74 -32.80
C SER UA 131 -4.58 -47.26 -32.74
N ALA UA 132 -3.35 -47.70 -33.04
CA ALA UA 132 -3.03 -49.09 -33.29
C ALA UA 132 -2.56 -49.78 -32.02
N THR UA 133 -3.05 -51.01 -31.85
CA THR UA 133 -2.64 -51.89 -30.79
C THR UA 133 -2.48 -53.27 -31.40
N TYR UA 134 -1.36 -53.91 -31.10
CA TYR UA 134 -1.01 -55.24 -31.55
C TYR UA 134 -2.17 -56.23 -31.40
N GLY UA 135 -2.54 -56.90 -32.50
CA GLY UA 135 -3.59 -57.90 -32.49
C GLY UA 135 -5.00 -57.34 -32.36
N GLU UA 136 -5.18 -56.06 -32.68
CA GLU UA 136 -6.51 -55.45 -32.70
C GLU UA 136 -6.69 -54.56 -33.92
N TYR UA 137 -7.95 -54.39 -34.33
CA TYR UA 137 -8.21 -53.34 -35.30
C TYR UA 137 -8.03 -52.01 -34.59
N GLU UA 138 -7.57 -50.98 -35.30
CA GLU UA 138 -7.46 -49.68 -34.69
C GLU UA 138 -8.84 -49.24 -34.19
N GLU UA 139 -8.90 -48.62 -33.00
CA GLU UA 139 -10.16 -48.11 -32.47
C GLU UA 139 -9.96 -46.69 -31.96
N TYR UA 140 -10.90 -45.82 -32.34
CA TYR UA 140 -10.75 -44.37 -32.25
C TYR UA 140 -11.80 -43.81 -31.29
N SER UA 141 -11.38 -42.97 -30.33
CA SER UA 141 -12.33 -42.30 -29.44
C SER UA 141 -12.26 -40.79 -29.58
N LEU UA 142 -13.40 -40.18 -29.96
CA LEU UA 142 -13.57 -38.73 -30.01
C LEU UA 142 -14.30 -38.25 -28.77
N THR UA 143 -13.87 -37.10 -28.24
CA THR UA 143 -14.61 -36.35 -27.23
C THR UA 143 -14.77 -34.93 -27.75
N GLY UA 144 -15.98 -34.38 -27.66
CA GLY UA 144 -16.28 -33.08 -28.20
C GLY UA 144 -17.49 -32.44 -27.54
N SER UA 145 -17.71 -31.16 -27.82
CA SER UA 145 -18.81 -30.39 -27.25
C SER UA 145 -19.66 -29.78 -28.35
N GLY UA 146 -20.93 -30.16 -28.38
CA GLY UA 146 -21.93 -29.46 -29.16
C GLY UA 146 -22.45 -28.22 -28.43
N ARG UA 147 -23.03 -27.30 -29.20
CA ARG UA 147 -23.61 -26.09 -28.63
C ARG UA 147 -24.98 -26.36 -28.03
N SER UA 148 -25.85 -27.06 -28.76
CA SER UA 148 -27.20 -27.33 -28.31
C SER UA 148 -27.81 -28.54 -29.02
N VAL UA 149 -28.85 -29.13 -28.43
CA VAL UA 149 -29.69 -30.12 -29.07
C VAL UA 149 -30.72 -29.40 -29.93
N THR UA 150 -30.67 -29.59 -31.25
CA THR UA 150 -31.63 -28.94 -32.13
C THR UA 150 -32.92 -29.74 -32.28
N ASN UA 151 -32.88 -31.03 -31.99
CA ASN UA 151 -34.04 -31.90 -32.13
C ASN UA 151 -33.92 -33.12 -31.22
N LEU UA 152 -34.95 -33.38 -30.42
CA LEU UA 152 -35.17 -34.65 -29.75
C LEU UA 152 -36.66 -34.98 -29.87
N ALA UA 153 -36.97 -35.89 -30.79
CA ALA UA 153 -38.35 -36.19 -31.11
C ALA UA 153 -38.50 -37.65 -31.54
N ASP UA 154 -39.74 -38.15 -31.45
CA ASP UA 154 -40.13 -39.37 -32.11
C ASP UA 154 -40.46 -39.04 -33.56
N THR UA 155 -39.61 -39.50 -34.48
CA THR UA 155 -39.78 -39.24 -35.90
C THR UA 155 -40.51 -40.37 -36.64
N SER UA 156 -40.98 -41.41 -35.93
CA SER UA 156 -41.71 -42.52 -36.55
C SER UA 156 -43.01 -42.05 -37.20
N GLY UA 157 -43.44 -42.77 -38.25
CA GLY UA 157 -44.63 -42.39 -39.03
C GLY UA 157 -45.91 -42.39 -38.19
N ALA VA 2 -15.48 -39.34 -53.26
CA ALA VA 2 -15.23 -39.54 -51.79
C ALA VA 2 -14.91 -41.01 -51.50
N THR VA 3 -14.18 -41.28 -50.40
CA THR VA 3 -13.64 -42.60 -50.09
C THR VA 3 -14.43 -43.28 -48.97
N SER VA 4 -14.89 -44.53 -49.18
CA SER VA 4 -15.64 -45.27 -48.15
C SER VA 4 -14.80 -45.47 -46.91
N PRO VA 5 -15.27 -45.13 -45.69
CA PRO VA 5 -14.50 -45.41 -44.48
C PRO VA 5 -14.32 -46.92 -44.29
N GLU VA 6 -13.19 -47.30 -43.70
CA GLU VA 6 -12.84 -48.71 -43.67
C GLU VA 6 -12.07 -49.03 -42.40
N GLY VA 7 -12.14 -50.29 -41.94
CA GLY VA 7 -11.36 -50.67 -40.79
C GLY VA 7 -9.87 -50.61 -41.11
N ILE VA 8 -9.03 -50.51 -40.07
CA ILE VA 8 -7.60 -50.60 -40.27
C ILE VA 8 -7.06 -51.65 -39.29
N TRP VA 9 -6.16 -52.51 -39.79
CA TRP VA 9 -5.62 -53.58 -38.96
C TRP VA 9 -4.26 -53.18 -38.41
N SER VA 10 -4.07 -53.20 -37.10
CA SER VA 10 -2.92 -52.56 -36.47
C SER VA 10 -1.63 -53.14 -36.99
N ASN VA 11 -1.58 -54.47 -37.09
CA ASN VA 11 -0.37 -55.17 -37.44
C ASN VA 11 0.08 -54.87 -38.88
N SER VA 12 -0.75 -54.22 -39.70
CA SER VA 12 -0.35 -53.84 -41.05
C SER VA 12 0.46 -52.56 -41.12
N GLY VA 13 0.57 -51.82 -39.99
CA GLY VA 13 1.32 -50.57 -39.90
C GLY VA 13 2.83 -50.71 -40.10
N ALA VA 14 3.45 -49.63 -40.60
CA ALA VA 14 4.89 -49.56 -40.81
C ALA VA 14 5.40 -48.17 -40.42
N LEU VA 15 5.68 -47.99 -39.12
CA LEU VA 15 6.22 -46.76 -38.57
C LEU VA 15 7.70 -46.60 -38.91
N THR VA 16 8.11 -45.40 -39.33
CA THR VA 16 9.52 -45.09 -39.59
C THR VA 16 9.88 -43.69 -39.08
N PHE VA 17 11.10 -43.55 -38.55
CA PHE VA 17 11.61 -42.28 -38.04
C PHE VA 17 12.76 -41.78 -38.91
N GLU VA 18 12.82 -40.46 -39.10
CA GLU VA 18 13.90 -39.85 -39.86
C GLU VA 18 14.49 -38.65 -39.14
N ASP VA 19 15.78 -38.41 -39.35
CA ASP VA 19 16.43 -37.17 -38.93
C ASP VA 19 16.03 -36.04 -39.88
N PRO VA 20 15.38 -34.95 -39.40
CA PRO VA 20 14.92 -33.88 -40.27
C PRO VA 20 16.04 -33.08 -40.93
N ALA VA 21 17.29 -33.24 -40.47
CA ALA VA 21 18.43 -32.62 -41.14
C ALA VA 21 18.75 -33.28 -42.49
N ASP VA 22 18.57 -34.60 -42.57
CA ASP VA 22 19.06 -35.42 -43.68
C ASP VA 22 17.94 -36.06 -44.50
N ASP VA 23 16.78 -36.29 -43.86
CA ASP VA 23 15.79 -37.28 -44.24
C ASP VA 23 16.36 -38.71 -44.21
N SER VA 24 17.42 -38.96 -43.42
CA SER VA 24 17.98 -40.28 -43.24
C SER VA 24 17.17 -41.08 -42.21
N GLU VA 25 16.98 -42.38 -42.44
CA GLU VA 25 16.19 -43.21 -41.54
C GLU VA 25 16.99 -43.54 -40.27
N ILE VA 26 16.32 -43.42 -39.12
CA ILE VA 26 16.84 -43.84 -37.83
C ILE VA 26 16.22 -45.18 -37.52
N LEU VA 27 17.05 -46.24 -37.41
CA LEU VA 27 16.58 -47.61 -37.31
C LEU VA 27 15.71 -47.78 -36.06
N PHE VA 28 14.48 -48.25 -36.30
CA PHE VA 28 13.52 -48.44 -35.23
C PHE VA 28 12.56 -49.53 -35.65
N ALA VA 29 12.17 -50.38 -34.69
CA ALA VA 29 11.48 -51.62 -35.03
C ALA VA 29 10.66 -52.18 -33.87
N GLY VA 30 9.81 -53.16 -34.16
CA GLY VA 30 9.16 -53.92 -33.11
C GLY VA 30 8.08 -53.14 -32.37
N VAL VA 31 7.31 -52.28 -33.02
CA VAL VA 31 6.19 -51.64 -32.35
C VAL VA 31 5.16 -52.68 -31.91
N ARG VA 32 4.36 -52.28 -30.92
CA ARG VA 32 3.26 -53.06 -30.40
C ARG VA 32 2.03 -52.20 -30.24
N ASP VA 33 2.20 -50.96 -29.77
CA ASP VA 33 1.14 -49.96 -29.81
C ASP VA 33 1.67 -48.70 -30.49
N VAL VA 34 0.79 -47.99 -31.21
CA VAL VA 34 1.11 -46.71 -31.82
C VAL VA 34 -0.13 -45.84 -31.80
N THR VA 35 -0.05 -44.70 -31.09
CA THR VA 35 -1.11 -43.71 -31.16
C THR VA 35 -0.55 -42.37 -31.62
N ILE VA 36 -1.21 -41.75 -32.61
CA ILE VA 36 -0.90 -40.40 -33.06
C ILE VA 36 -2.19 -39.59 -33.04
N THR VA 37 -2.19 -38.50 -32.28
CA THR VA 37 -3.38 -37.70 -32.06
C THR VA 37 -3.05 -36.22 -32.15
N PRO VA 38 -3.31 -35.54 -33.28
CA PRO VA 38 -3.33 -34.09 -33.31
C PRO VA 38 -4.38 -33.53 -32.37
N ALA VA 39 -4.01 -32.49 -31.63
CA ALA VA 39 -4.86 -31.85 -30.64
C ALA VA 39 -4.71 -30.35 -30.72
N TYR VA 40 -5.72 -29.65 -30.21
CA TYR VA 40 -5.63 -28.23 -29.93
C TYR VA 40 -6.28 -27.99 -28.59
N GLU VA 41 -5.78 -26.97 -27.89
CA GLU VA 41 -6.58 -26.41 -26.81
C GLU VA 41 -7.79 -25.69 -27.40
N HIS VA 42 -8.96 -25.80 -26.78
CA HIS VA 42 -10.14 -25.03 -27.16
C HIS VA 42 -10.54 -24.07 -26.03
N ALA VA 43 -10.87 -22.84 -26.42
CA ALA VA 43 -11.49 -21.88 -25.51
C ALA VA 43 -12.88 -21.54 -26.02
N GLU VA 44 -13.88 -21.64 -25.13
CA GLU VA 44 -15.28 -21.39 -25.45
C GLU VA 44 -15.72 -20.08 -24.79
N LEU VA 45 -16.40 -19.19 -25.54
CA LEU VA 45 -16.89 -17.93 -24.98
C LEU VA 45 -18.33 -18.05 -24.48
N TYR VA 46 -18.56 -17.67 -23.22
CA TYR VA 46 -19.90 -17.53 -22.70
C TYR VA 46 -20.02 -16.21 -21.96
N THR VA 47 -21.20 -15.61 -22.11
CA THR VA 47 -21.50 -14.30 -21.53
C THR VA 47 -22.90 -14.33 -20.92
N ILE VA 48 -23.28 -13.29 -20.20
CA ILE VA 48 -24.58 -13.25 -19.54
C ILE VA 48 -25.72 -13.24 -20.55
N ASP VA 49 -25.44 -12.93 -21.83
CA ASP VA 49 -26.48 -12.83 -22.85
C ASP VA 49 -27.21 -14.14 -23.10
N SER VA 50 -26.51 -15.28 -22.97
CA SER VA 50 -27.06 -16.59 -23.30
C SER VA 50 -26.38 -17.71 -22.52
N THR VA 51 -27.16 -18.74 -22.21
CA THR VA 51 -26.61 -19.96 -21.64
C THR VA 51 -25.84 -20.76 -22.68
N PHE VA 52 -26.11 -20.54 -23.98
CA PHE VA 52 -25.39 -21.21 -25.05
C PHE VA 52 -24.05 -20.55 -25.33
N ARG VA 53 -23.14 -21.35 -25.85
CA ARG VA 53 -21.81 -20.91 -26.24
C ARG VA 53 -21.92 -19.88 -27.37
N ASP VA 54 -21.22 -18.74 -27.25
CA ASP VA 54 -21.18 -17.70 -28.26
C ASP VA 54 -20.19 -18.06 -29.36
N GLU VA 55 -18.97 -18.48 -28.97
CA GLU VA 55 -17.88 -18.75 -29.90
C GLU VA 55 -17.00 -19.89 -29.39
N VAL VA 56 -16.20 -20.50 -30.29
CA VAL VA 56 -15.18 -21.44 -29.85
C VAL VA 56 -13.97 -21.36 -30.78
N LYS VA 57 -12.76 -21.48 -30.22
CA LYS VA 57 -11.53 -21.24 -30.96
C LYS VA 57 -10.41 -22.20 -30.54
N ARG VA 58 -9.51 -22.55 -31.47
CA ARG VA 58 -8.35 -23.40 -31.26
C ARG VA 58 -7.08 -22.58 -30.96
N TYR VA 59 -6.15 -23.13 -30.15
CA TYR VA 59 -4.88 -22.45 -29.95
C TYR VA 59 -3.69 -23.38 -29.96
N GLU VA 60 -3.09 -23.71 -28.82
CA GLU VA 60 -1.84 -24.48 -28.82
C GLU VA 60 -2.08 -25.80 -29.54
N HIS VA 61 -1.43 -25.96 -30.69
CA HIS VA 61 -1.51 -27.21 -31.42
C HIS VA 61 -0.29 -28.06 -31.07
N ASN VA 62 -0.53 -29.37 -30.92
CA ASN VA 62 0.54 -30.35 -30.93
C ASN VA 62 -0.03 -31.68 -31.37
N VAL VA 63 0.85 -32.61 -31.73
CA VAL VA 63 0.45 -33.96 -32.01
C VAL VA 63 0.98 -34.85 -30.90
N ASN VA 64 0.08 -35.47 -30.13
CA ASN VA 64 0.51 -36.45 -29.15
C ASN VA 64 0.90 -37.72 -29.88
N VAL VA 65 2.16 -38.12 -29.73
CA VAL VA 65 2.68 -39.37 -30.24
C VAL VA 65 3.04 -40.24 -29.06
N GLU VA 66 2.49 -41.44 -29.01
CA GLU VA 66 2.91 -42.42 -28.02
C GLU VA 66 3.02 -43.81 -28.65
N ILE VA 67 4.12 -44.49 -28.35
CA ILE VA 67 4.49 -45.71 -29.01
C ILE VA 67 4.99 -46.68 -27.94
N THR VA 68 4.52 -47.93 -28.02
CA THR VA 68 5.07 -48.99 -27.21
C THR VA 68 5.75 -49.98 -28.15
N TYR VA 69 7.00 -50.34 -27.84
CA TYR VA 69 7.81 -51.18 -28.71
C TYR VA 69 8.71 -52.13 -27.93
N ALA VA 70 9.19 -53.20 -28.57
CA ALA VA 70 9.84 -54.30 -27.86
C ALA VA 70 11.20 -54.70 -28.48
N LYS VA 71 11.62 -54.05 -29.58
CA LYS VA 71 12.97 -54.20 -30.09
C LYS VA 71 13.75 -52.92 -29.78
N PHE VA 72 14.79 -53.03 -28.97
CA PHE VA 72 15.59 -51.88 -28.61
C PHE VA 72 16.50 -51.47 -29.76
N SER VA 73 16.64 -50.15 -29.98
CA SER VA 73 17.53 -49.59 -30.99
C SER VA 73 18.59 -48.72 -30.35
N LEU VA 74 19.88 -49.08 -30.51
CA LEU VA 74 20.94 -48.18 -30.06
C LEU VA 74 20.98 -46.89 -30.83
N GLU VA 75 20.73 -46.94 -32.14
CA GLU VA 75 20.78 -45.73 -32.94
C GLU VA 75 19.75 -44.73 -32.46
N PHE VA 76 18.52 -45.18 -32.23
CA PHE VA 76 17.48 -44.29 -31.75
C PHE VA 76 17.87 -43.65 -30.42
N ALA VA 77 18.30 -44.47 -29.46
CA ALA VA 77 18.65 -43.98 -28.14
C ALA VA 77 19.84 -43.02 -28.19
N GLN VA 78 20.88 -43.32 -28.96
CA GLN VA 78 22.04 -42.45 -29.05
C GLN VA 78 21.77 -41.14 -29.80
N GLU VA 79 20.86 -41.17 -30.78
CA GLU VA 79 20.38 -39.93 -31.38
C GLU VA 79 19.63 -39.09 -30.35
N TRP VA 80 18.76 -39.69 -29.56
CA TRP VA 80 18.03 -38.95 -28.55
C TRP VA 80 18.99 -38.32 -27.54
N LEU VA 81 20.04 -39.04 -27.12
CA LEU VA 81 21.06 -38.49 -26.24
C LEU VA 81 21.79 -37.31 -26.88
N GLY VA 82 22.14 -37.44 -28.15
CA GLY VA 82 23.00 -36.48 -28.83
C GLY VA 82 22.35 -35.13 -29.16
N GLY VA 83 21.03 -35.06 -29.27
CA GLY VA 83 20.37 -33.84 -29.70
C GLY VA 83 20.51 -33.62 -31.21
N PRO VA 84 20.01 -32.49 -31.76
CA PRO VA 84 19.94 -32.31 -33.21
C PRO VA 84 21.27 -32.44 -33.91
N GLY VA 85 21.30 -33.33 -34.92
CA GLY VA 85 22.44 -33.54 -35.80
C GLY VA 85 23.66 -34.15 -35.13
N ALA VA 86 23.50 -34.80 -33.96
CA ALA VA 86 24.60 -35.45 -33.25
C ALA VA 86 24.13 -36.72 -32.55
N THR VA 87 25.08 -37.63 -32.31
CA THR VA 87 24.80 -38.94 -31.72
C THR VA 87 25.81 -39.17 -30.60
N ALA VA 88 25.32 -39.58 -29.43
CA ALA VA 88 26.17 -39.58 -28.25
C ALA VA 88 25.96 -40.82 -27.37
N THR VA 89 27.04 -41.24 -26.68
CA THR VA 89 27.00 -42.42 -25.83
C THR VA 89 26.63 -42.09 -24.39
N ALA VA 90 26.53 -40.80 -24.05
CA ALA VA 90 26.26 -40.39 -22.67
C ALA VA 90 25.44 -39.10 -22.69
N SER VA 91 24.79 -38.79 -21.55
CA SER VA 91 23.91 -37.63 -21.44
C SER VA 91 24.62 -36.35 -21.87
N GLN VA 92 23.91 -35.49 -22.63
CA GLN VA 92 24.48 -34.23 -23.06
C GLN VA 92 23.88 -33.07 -22.26
N ASP VA 93 24.74 -32.18 -21.77
CA ASP VA 93 24.32 -30.96 -21.11
C ASP VA 93 24.10 -29.87 -22.15
N ASP VA 94 23.03 -30.00 -22.95
CA ASP VA 94 22.56 -28.91 -23.79
C ASP VA 94 21.03 -28.89 -23.91
N SER VA 95 20.52 -27.73 -24.34
CA SER VA 95 19.12 -27.39 -24.16
C SER VA 95 18.25 -27.85 -25.33
N ASP VA 96 18.84 -28.24 -26.47
CA ASP VA 96 18.04 -28.68 -27.61
C ASP VA 96 17.74 -30.18 -27.54
N PRO VA 97 16.44 -30.59 -27.52
CA PRO VA 97 16.11 -32.01 -27.65
C PRO VA 97 16.22 -32.45 -29.10
N MET VA 98 16.51 -33.74 -29.31
CA MET VA 98 16.50 -34.31 -30.65
C MET VA 98 15.07 -34.29 -31.19
N LYS VA 99 14.92 -33.74 -32.41
CA LYS VA 99 13.64 -33.70 -33.10
C LYS VA 99 13.64 -34.75 -34.20
N PHE VA 100 12.63 -35.61 -34.21
CA PHE VA 100 12.46 -36.65 -35.22
C PHE VA 100 11.29 -36.33 -36.12
N ASN VA 101 11.46 -36.47 -37.44
CA ASN VA 101 10.28 -36.62 -38.28
C ASN VA 101 9.79 -38.05 -38.17
N LEU VA 102 8.49 -38.24 -38.25
CA LEU VA 102 7.91 -39.57 -38.09
C LEU VA 102 6.90 -39.78 -39.21
N GLU VA 103 6.84 -41.00 -39.73
CA GLU VA 103 5.81 -41.35 -40.69
C GLU VA 103 5.28 -42.76 -40.39
N ASN VA 104 3.97 -42.93 -40.57
CA ASN VA 104 3.34 -44.23 -40.46
C ASN VA 104 2.53 -44.47 -41.73
N VAL VA 105 2.51 -45.72 -42.18
CA VAL VA 105 1.74 -46.09 -43.34
C VAL VA 105 0.97 -47.37 -43.01
N THR VA 106 -0.34 -47.39 -43.29
CA THR VA 106 -1.16 -48.58 -43.13
C THR VA 106 -2.07 -48.74 -44.34
N PRO VA 107 -2.16 -49.95 -44.92
CA PRO VA 107 -3.31 -50.29 -45.75
C PRO VA 107 -4.57 -50.32 -44.89
N SER VA 108 -5.71 -49.92 -45.45
CA SER VA 108 -6.99 -50.24 -44.84
C SER VA 108 -7.24 -51.75 -44.96
N ALA VA 109 -8.18 -52.27 -44.17
CA ALA VA 109 -8.36 -53.70 -44.00
C ALA VA 109 -8.68 -54.41 -45.33
N SER VA 110 -9.52 -53.82 -46.19
CA SER VA 110 -9.87 -54.35 -47.50
C SER VA 110 -9.14 -53.65 -48.64
N GLY VA 111 -8.06 -52.90 -48.34
CA GLY VA 111 -7.21 -52.26 -49.34
C GLY VA 111 -7.91 -51.13 -50.10
N GLY VA 112 -9.04 -50.60 -49.58
CA GLY VA 112 -9.75 -49.48 -50.20
C GLY VA 112 -8.91 -48.22 -50.31
N PHE VA 113 -7.99 -48.01 -49.36
CA PHE VA 113 -7.06 -46.89 -49.38
C PHE VA 113 -5.80 -47.24 -48.59
N GLU VA 114 -4.74 -46.45 -48.76
CA GLU VA 114 -3.58 -46.57 -47.89
C GLU VA 114 -3.38 -45.27 -47.14
N ARG VA 115 -3.55 -45.31 -45.81
CA ARG VA 115 -3.47 -44.10 -45.01
C ARG VA 115 -2.02 -43.87 -44.59
N THR VA 116 -1.43 -42.77 -45.06
CA THR VA 116 -0.13 -42.31 -44.59
C THR VA 116 -0.35 -41.11 -43.67
N THR VA 117 0.20 -41.19 -42.45
CA THR VA 117 0.22 -40.10 -41.48
C THR VA 117 1.68 -39.71 -41.26
N ALA VA 118 2.02 -38.41 -41.42
CA ALA VA 118 3.36 -37.95 -41.13
C ALA VA 118 3.33 -36.76 -40.17
N VAL VA 119 4.31 -36.71 -39.27
CA VAL VA 119 4.37 -35.73 -38.19
C VAL VA 119 5.76 -35.09 -38.15
N GLU VA 120 5.85 -33.76 -38.07
CA GLU VA 120 7.14 -33.09 -37.99
C GLU VA 120 7.59 -32.85 -36.55
N ASN VA 121 8.92 -32.87 -36.34
CA ASN VA 121 9.57 -32.43 -35.12
C ASN VA 121 8.96 -33.06 -33.86
N VAL VA 122 8.81 -34.37 -33.84
CA VAL VA 122 8.45 -35.09 -32.63
C VAL VA 122 9.62 -35.05 -31.65
N VAL VA 123 9.36 -34.73 -30.38
CA VAL VA 123 10.36 -34.82 -29.33
C VAL VA 123 9.81 -35.63 -28.17
N PHE VA 124 10.69 -36.40 -27.51
CA PHE VA 124 10.30 -37.24 -26.41
C PHE VA 124 10.94 -36.74 -25.12
N PRO VA 125 10.18 -36.24 -24.12
CA PRO VA 125 10.76 -35.73 -22.90
C PRO VA 125 11.61 -36.75 -22.16
N GLU VA 126 11.21 -38.02 -22.21
CA GLU VA 126 11.98 -39.07 -21.58
C GLU VA 126 12.02 -40.31 -22.46
N LEU VA 127 13.17 -40.97 -22.37
CA LEU VA 127 13.49 -42.13 -23.17
C LEU VA 127 13.71 -43.28 -22.21
N PRO VA 128 12.94 -44.39 -22.29
CA PRO VA 128 13.24 -45.56 -21.50
C PRO VA 128 14.45 -46.22 -22.15
N LEU VA 129 15.51 -46.39 -21.34
CA LEU VA 129 16.67 -47.11 -21.80
C LEU VA 129 16.50 -48.57 -21.47
N ASP VA 130 16.12 -48.86 -20.24
CA ASP VA 130 15.96 -50.23 -19.76
C ASP VA 130 14.58 -50.38 -19.15
N SER VA 131 13.95 -51.52 -19.41
CA SER VA 131 12.58 -51.75 -18.99
C SER VA 131 12.35 -53.25 -18.81
N ALA VA 132 13.06 -53.83 -17.84
CA ALA VA 132 13.08 -55.25 -17.56
C ALA VA 132 12.01 -55.64 -16.53
N THR VA 133 11.36 -56.78 -16.77
CA THR VA 133 10.44 -57.42 -15.83
C THR VA 133 10.65 -58.92 -15.92
N TYR VA 134 10.67 -59.60 -14.76
CA TYR VA 134 11.02 -61.00 -14.68
C TYR VA 134 10.18 -61.81 -15.66
N GLY VA 135 10.83 -62.58 -16.55
CA GLY VA 135 10.17 -63.49 -17.45
C GLY VA 135 9.42 -62.81 -18.59
N GLU VA 136 9.84 -61.59 -18.96
CA GLU VA 136 9.29 -60.90 -20.12
C GLU VA 136 10.38 -60.25 -20.97
N TYR VA 137 10.05 -60.00 -22.24
CA TYR VA 137 10.96 -59.18 -23.02
C TYR VA 137 10.83 -57.74 -22.57
N GLU VA 138 11.93 -56.97 -22.65
CA GLU VA 138 11.85 -55.58 -22.25
C GLU VA 138 10.88 -54.86 -23.19
N GLU VA 139 9.98 -54.05 -22.63
CA GLU VA 139 9.02 -53.31 -23.43
C GLU VA 139 9.09 -51.84 -23.05
N TYR VA 140 9.22 -50.99 -24.07
CA TYR VA 140 9.55 -49.58 -23.93
C TYR VA 140 8.37 -48.73 -24.34
N SER VA 141 7.95 -47.78 -23.48
CA SER VA 141 6.93 -46.81 -23.85
C SER VA 141 7.50 -45.41 -24.00
N LEU VA 142 7.26 -44.80 -25.17
CA LEU VA 142 7.57 -43.41 -25.45
C LEU VA 142 6.28 -42.58 -25.43
N THR VA 143 6.39 -41.36 -24.88
CA THR VA 143 5.41 -40.31 -25.11
C THR VA 143 6.12 -39.06 -25.56
N GLY VA 144 5.57 -38.34 -26.54
CA GLY VA 144 6.23 -37.16 -27.09
C GLY VA 144 5.30 -36.28 -27.90
N SER VA 145 5.72 -35.05 -28.18
CA SER VA 145 4.89 -34.06 -28.85
C SER VA 145 5.51 -33.68 -30.20
N GLY VA 146 4.75 -33.89 -31.27
CA GLY VA 146 5.08 -33.38 -32.58
C GLY VA 146 4.52 -31.98 -32.78
N ARG VA 147 5.12 -31.22 -33.70
CA ARG VA 147 4.73 -29.85 -33.90
C ARG VA 147 3.44 -29.78 -34.72
N SER VA 148 3.37 -30.56 -35.79
CA SER VA 148 2.19 -30.57 -36.65
C SER VA 148 2.12 -31.86 -37.48
N VAL VA 149 0.92 -32.16 -37.99
CA VAL VA 149 0.74 -33.19 -39.00
C VAL VA 149 1.13 -32.61 -40.36
N THR VA 150 2.17 -33.14 -41.01
CA THR VA 150 2.58 -32.63 -42.30
C THR VA 150 1.84 -33.30 -43.46
N ASN VA 151 1.32 -34.50 -43.23
CA ASN VA 151 0.61 -35.23 -44.27
C ASN VA 151 -0.43 -36.17 -43.65
N LEU VA 152 -1.60 -36.23 -44.30
CA LEU VA 152 -2.62 -37.24 -44.07
C LEU VA 152 -3.37 -37.43 -45.38
N ALA VA 153 -3.05 -38.51 -46.10
CA ALA VA 153 -3.58 -38.72 -47.44
C ALA VA 153 -3.74 -40.20 -47.75
N ASP VA 154 -4.54 -40.49 -48.79
CA ASP VA 154 -4.54 -41.79 -49.43
C ASP VA 154 -3.33 -41.87 -50.35
N THR VA 155 -2.30 -42.61 -49.92
CA THR VA 155 -1.08 -42.79 -50.68
C THR VA 155 -1.11 -44.04 -51.57
N SER VA 156 -2.27 -44.70 -51.74
CA SER VA 156 -2.40 -45.76 -52.74
C SER VA 156 -2.08 -45.22 -54.14
N GLY VA 157 -1.41 -46.03 -54.98
CA GLY VA 157 -0.69 -45.55 -56.17
C GLY VA 157 -1.54 -44.74 -57.14
N ALA WA 2 16.89 -6.48 -41.92
CA ALA WA 2 17.32 -6.57 -40.48
C ALA WA 2 17.03 -7.96 -39.91
N THR WA 3 17.61 -8.25 -38.73
CA THR WA 3 17.57 -9.57 -38.10
C THR WA 3 16.18 -9.87 -37.55
N SER WA 4 15.66 -11.07 -37.83
CA SER WA 4 14.33 -11.51 -37.39
C SER WA 4 14.24 -11.57 -35.86
N PRO WA 5 13.10 -11.18 -35.24
CA PRO WA 5 12.89 -11.41 -33.81
C PRO WA 5 12.86 -12.90 -33.51
N GLU WA 6 13.31 -13.28 -32.32
CA GLU WA 6 13.40 -14.70 -32.00
C GLU WA 6 13.23 -14.94 -30.50
N GLY WA 7 12.74 -16.13 -30.14
CA GLY WA 7 12.64 -16.53 -28.73
C GLY WA 7 14.02 -16.64 -28.09
N ILE WA 8 14.11 -16.40 -26.78
CA ILE WA 8 15.36 -16.64 -26.07
C ILE WA 8 15.05 -17.54 -24.89
N TRP WA 9 15.88 -18.57 -24.71
CA TRP WA 9 15.71 -19.54 -23.64
C TRP WA 9 16.59 -19.13 -22.45
N SER WA 10 16.00 -19.00 -21.26
CA SER WA 10 16.68 -18.39 -20.14
C SER WA 10 17.98 -19.12 -19.81
N ASN WA 11 17.94 -20.45 -19.79
CA ASN WA 11 19.05 -21.24 -19.31
C ASN WA 11 20.27 -21.16 -20.22
N SER WA 12 20.14 -20.60 -21.45
CA SER WA 12 21.29 -20.47 -22.35
C SER WA 12 22.22 -19.31 -21.98
N GLY WA 13 21.83 -18.48 -21.00
CA GLY WA 13 22.56 -17.29 -20.61
C GLY WA 13 23.86 -17.57 -19.83
N ALA WA 14 24.90 -16.81 -20.17
CA ALA WA 14 26.18 -16.80 -19.47
C ALA WA 14 26.43 -15.41 -18.88
N LEU WA 15 26.09 -15.24 -17.60
CA LEU WA 15 26.37 -14.00 -16.88
C LEU WA 15 27.82 -13.99 -16.37
N THR WA 16 28.48 -12.82 -16.46
CA THR WA 16 29.80 -12.63 -15.87
C THR WA 16 29.93 -11.21 -15.32
N PHE WA 17 30.75 -11.05 -14.27
CA PHE WA 17 31.06 -9.76 -13.69
C PHE WA 17 32.57 -9.52 -13.79
N GLU WA 18 32.94 -8.25 -13.97
CA GLU WA 18 34.34 -7.85 -14.01
C GLU WA 18 34.59 -6.64 -13.12
N ASP WA 19 35.79 -6.57 -12.57
CA ASP WA 19 36.28 -5.38 -11.89
C ASP WA 19 36.67 -4.33 -12.94
N PRO WA 20 36.04 -3.13 -12.95
CA PRO WA 20 36.33 -2.11 -13.97
C PRO WA 20 37.73 -1.49 -13.86
N ALA WA 21 38.47 -1.77 -12.77
CA ALA WA 21 39.86 -1.35 -12.66
C ALA WA 21 40.80 -2.18 -13.55
N ASP WA 22 40.38 -3.40 -13.94
CA ASP WA 22 41.27 -4.39 -14.54
C ASP WA 22 40.71 -5.01 -15.83
N ASP WA 23 39.38 -5.06 -15.94
CA ASP WA 23 38.66 -6.01 -16.81
C ASP WA 23 38.87 -7.47 -16.34
N SER WA 24 39.35 -7.69 -15.11
CA SER WA 24 39.52 -9.01 -14.55
C SER WA 24 38.19 -9.56 -14.02
N GLU WA 25 37.98 -10.87 -14.19
CA GLU WA 25 36.73 -11.51 -13.79
C GLU WA 25 36.59 -11.55 -12.27
N ILE WA 26 35.35 -11.38 -11.80
CA ILE WA 26 34.96 -11.66 -10.42
C ILE WA 26 34.13 -12.94 -10.45
N LEU WA 27 34.57 -13.98 -9.72
CA LEU WA 27 33.92 -15.28 -9.76
C LEU WA 27 32.48 -15.18 -9.28
N PHE WA 28 31.55 -15.55 -10.18
CA PHE WA 28 30.13 -15.56 -9.84
C PHE WA 28 29.42 -16.55 -10.74
N ALA WA 29 28.47 -17.29 -10.17
CA ALA WA 29 27.87 -18.41 -10.89
C ALA WA 29 26.55 -18.84 -10.25
N GLY WA 30 25.83 -19.75 -10.89
CA GLY WA 30 24.66 -20.33 -10.27
C GLY WA 30 23.44 -19.41 -10.34
N VAL WA 31 23.29 -18.59 -11.38
CA VAL WA 31 22.08 -17.79 -11.51
C VAL WA 31 20.83 -18.64 -11.72
N ARG WA 32 19.68 -18.04 -11.38
CA ARG WA 32 18.37 -18.62 -11.60
C ARG WA 32 17.44 -17.61 -12.25
N ASP WA 33 17.50 -16.34 -11.82
CA ASP WA 33 16.80 -15.27 -12.53
C ASP WA 33 17.77 -14.14 -12.85
N VAL WA 34 17.56 -13.46 -13.98
CA VAL WA 34 18.37 -12.32 -14.39
C VAL WA 34 17.49 -11.35 -15.15
N THR WA 35 17.23 -10.18 -14.57
CA THR WA 35 16.51 -9.11 -15.24
C THR WA 35 17.40 -7.87 -15.38
N ILE WA 36 17.52 -7.34 -16.60
CA ILE WA 36 18.30 -6.14 -16.86
C ILE WA 36 17.41 -5.18 -17.63
N THR WA 37 17.19 -3.98 -17.09
CA THR WA 37 16.22 -3.04 -17.63
C THR WA 37 16.76 -1.62 -17.62
N PRO WA 38 17.25 -1.10 -18.76
CA PRO WA 38 17.52 0.32 -18.90
C PRO WA 38 16.23 1.11 -18.78
N ALA WA 39 16.29 2.22 -18.03
CA ALA WA 39 15.14 3.04 -17.77
C ALA WA 39 15.52 4.52 -17.78
N TYR WA 40 14.49 5.35 -17.97
CA TYR WA 40 14.58 6.77 -17.75
C TYR WA 40 13.32 7.23 -17.04
N GLU WA 41 13.42 8.38 -16.37
CA GLU WA 41 12.22 9.11 -16.00
C GLU WA 41 11.69 9.84 -17.23
N HIS WA 42 10.36 9.91 -17.37
CA HIS WA 42 9.72 10.71 -18.40
C HIS WA 42 9.01 11.91 -17.78
N ALA WA 43 9.24 13.10 -18.33
CA ALA WA 43 8.39 14.24 -18.04
C ALA WA 43 7.57 14.59 -19.27
N GLU WA 44 6.25 14.67 -19.08
CA GLU WA 44 5.32 15.00 -20.16
C GLU WA 44 4.82 16.43 -19.95
N LEU WA 45 4.80 17.24 -21.01
CA LEU WA 45 4.29 18.61 -20.93
C LEU WA 45 2.80 18.67 -21.34
N TYR WA 46 1.97 19.25 -20.48
CA TYR WA 46 0.58 19.52 -20.81
C TYR WA 46 0.22 20.94 -20.39
N THR WA 47 -0.61 21.60 -21.21
CA THR WA 47 -0.98 23.00 -21.00
C THR WA 47 -2.44 23.24 -21.43
N ILE WA 48 -3.00 24.38 -21.08
CA ILE WA 48 -4.41 24.67 -21.34
C ILE WA 48 -4.74 24.66 -22.84
N ASP WA 49 -3.73 24.81 -23.70
CA ASP WA 49 -3.92 24.85 -25.15
C ASP WA 49 -4.59 23.58 -25.69
N SER WA 50 -4.29 22.42 -25.09
CA SER WA 50 -4.72 21.13 -25.61
C SER WA 50 -4.85 20.08 -24.50
N THR WA 51 -5.77 19.13 -24.68
CA THR WA 51 -5.83 17.96 -23.82
C THR WA 51 -4.71 16.97 -24.10
N PHE WA 52 -4.13 17.04 -25.30
CA PHE WA 52 -3.07 16.13 -25.69
C PHE WA 52 -1.70 16.61 -25.20
N ARG WA 53 -0.81 15.65 -25.03
CA ARG WA 53 0.56 15.90 -24.63
C ARG WA 53 1.27 16.78 -25.65
N ASP WA 54 1.91 17.86 -25.19
CA ASP WA 54 2.67 18.76 -26.05
C ASP WA 54 4.03 18.13 -26.36
N GLU WA 55 4.72 17.61 -25.34
CA GLU WA 55 6.07 17.06 -25.45
C GLU WA 55 6.31 15.95 -24.44
N VAL WA 56 7.36 15.16 -24.68
CA VAL WA 56 7.85 14.25 -23.66
C VAL WA 56 9.38 14.18 -23.75
N LYS WA 57 10.04 13.99 -22.59
CA LYS WA 57 11.49 14.01 -22.51
C LYS WA 57 12.01 13.00 -21.49
N ARG WA 58 13.23 12.49 -21.68
CA ARG WA 58 13.94 11.54 -20.81
C ARG WA 58 14.93 12.22 -19.87
N TYR WA 59 15.11 11.66 -18.68
CA TYR WA 59 16.16 12.06 -17.74
C TYR WA 59 16.43 10.95 -16.74
N GLU WA 60 17.42 11.10 -15.85
CA GLU WA 60 17.78 10.11 -14.84
C GLU WA 60 17.86 8.69 -15.43
N HIS WA 61 18.75 8.52 -16.40
CA HIS WA 61 19.04 7.20 -16.89
C HIS WA 61 19.68 6.34 -15.79
N ASN WA 62 19.16 5.12 -15.64
CA ASN WA 62 19.84 4.07 -14.88
C ASN WA 62 19.48 2.72 -15.50
N VAL WA 63 20.19 1.66 -15.09
CA VAL WA 63 19.80 0.32 -15.48
C VAL WA 63 19.44 -0.46 -14.21
N ASN WA 64 18.20 -0.90 -14.08
CA ASN WA 64 17.84 -1.85 -13.03
C ASN WA 64 18.46 -3.21 -13.36
N VAL WA 65 19.29 -3.72 -12.47
CA VAL WA 65 19.78 -5.09 -12.54
C VAL WA 65 19.25 -5.85 -11.32
N GLU WA 66 18.47 -6.90 -11.54
CA GLU WA 66 18.16 -7.81 -10.45
C GLU WA 66 18.47 -9.24 -10.85
N ILE WA 67 19.21 -9.92 -9.96
CA ILE WA 67 19.74 -11.25 -10.21
C ILE WA 67 19.39 -12.12 -9.01
N THR WA 68 18.79 -13.30 -9.25
CA THR WA 68 18.65 -14.30 -8.21
C THR WA 68 19.58 -15.45 -8.50
N TYR WA 69 20.36 -15.88 -7.51
CA TYR WA 69 21.38 -16.88 -7.72
C TYR WA 69 21.49 -17.80 -6.50
N ALA WA 70 22.11 -18.98 -6.69
CA ALA WA 70 22.03 -20.04 -5.72
C ALA WA 70 23.40 -20.68 -5.41
N LYS WA 71 24.49 -20.14 -5.95
CA LYS WA 71 25.84 -20.49 -5.50
C LYS WA 71 26.48 -19.26 -4.86
N PHE WA 72 26.92 -19.40 -3.59
CA PHE WA 72 27.57 -18.28 -2.94
C PHE WA 72 29.00 -18.12 -3.46
N SER WA 73 29.41 -16.86 -3.66
CA SER WA 73 30.78 -16.53 -4.04
C SER WA 73 31.44 -15.69 -2.96
N LEU WA 74 32.55 -16.17 -2.39
CA LEU WA 74 33.30 -15.36 -1.45
C LEU WA 74 33.97 -14.18 -2.14
N GLU WA 75 34.45 -14.35 -3.36
CA GLU WA 75 35.08 -13.23 -4.05
C GLU WA 75 34.07 -12.11 -4.28
N PHE WA 76 32.87 -12.41 -4.79
CA PHE WA 76 31.87 -11.38 -5.01
C PHE WA 76 31.50 -10.64 -3.72
N ALA WA 77 31.26 -11.37 -2.63
CA ALA WA 77 30.92 -10.74 -1.36
C ALA WA 77 32.08 -9.91 -0.80
N GLN WA 78 33.31 -10.40 -0.88
CA GLN WA 78 34.46 -9.68 -0.34
C GLN WA 78 34.88 -8.48 -1.19
N GLU WA 79 34.58 -8.50 -2.49
CA GLU WA 79 34.68 -7.32 -3.34
C GLU WA 79 33.61 -6.29 -2.94
N TRP WA 80 32.36 -6.71 -2.75
CA TRP WA 80 31.31 -5.81 -2.37
C TRP WA 80 31.59 -5.13 -1.02
N LEU WA 81 32.12 -5.88 -0.05
CA LEU WA 81 32.51 -5.31 1.24
C LEU WA 81 33.65 -4.33 1.07
N GLY WA 82 34.69 -4.72 0.32
CA GLY WA 82 35.91 -3.92 0.25
C GLY WA 82 35.79 -2.59 -0.50
N GLY WA 83 34.80 -2.44 -1.38
CA GLY WA 83 34.70 -1.25 -2.20
C GLY WA 83 35.72 -1.24 -3.34
N PRO WA 84 35.77 -0.16 -4.15
CA PRO WA 84 36.57 -0.14 -5.36
C PRO WA 84 38.05 -0.42 -5.13
N GLY WA 85 38.55 -1.39 -5.90
CA GLY WA 85 39.97 -1.72 -5.95
C GLY WA 85 40.48 -2.49 -4.72
N ALA WA 86 39.57 -3.05 -3.91
CA ALA WA 86 39.97 -3.70 -2.67
C ALA WA 86 39.05 -4.88 -2.29
N THR WA 87 39.64 -5.84 -1.59
CA THR WA 87 38.95 -6.98 -0.99
C THR WA 87 38.89 -6.74 0.52
N ALA WA 88 37.76 -7.07 1.16
CA ALA WA 88 37.68 -7.03 2.61
C ALA WA 88 36.87 -8.18 3.18
N THR WA 89 37.23 -8.60 4.40
CA THR WA 89 36.53 -9.67 5.10
C THR WA 89 35.58 -9.16 6.18
N ALA WA 90 35.24 -7.85 6.13
CA ALA WA 90 34.39 -7.19 7.11
C ALA WA 90 33.87 -5.90 6.53
N SER WA 91 32.80 -5.35 7.12
CA SER WA 91 32.25 -4.05 6.72
C SER WA 91 33.32 -2.96 6.75
N GLN WA 92 33.37 -2.15 5.69
CA GLN WA 92 34.27 -1.02 5.63
C GLN WA 92 33.51 0.28 5.87
N ASP WA 93 34.11 1.17 6.68
CA ASP WA 93 33.54 2.47 6.94
C ASP WA 93 34.06 3.47 5.92
N ASP WA 94 33.61 3.36 4.66
CA ASP WA 94 33.93 4.33 3.60
C ASP WA 94 32.78 4.54 2.63
N SER WA 95 32.83 5.66 1.89
CA SER WA 95 31.67 6.19 1.19
C SER WA 95 31.46 5.56 -0.19
N ASP WA 96 32.44 4.83 -0.74
CA ASP WA 96 32.36 4.32 -2.11
C ASP WA 96 31.83 2.89 -2.19
N PRO WA 97 30.76 2.63 -2.98
CA PRO WA 97 30.32 1.25 -3.21
C PRO WA 97 31.23 0.59 -4.24
N MET WA 98 31.36 -0.73 -4.16
CA MET WA 98 32.01 -1.50 -5.21
C MET WA 98 31.20 -1.38 -6.49
N LYS WA 99 31.87 -1.02 -7.60
CA LYS WA 99 31.21 -0.91 -8.89
C LYS WA 99 31.62 -2.09 -9.77
N PHE WA 100 30.65 -2.86 -10.26
CA PHE WA 100 30.93 -4.01 -11.11
C PHE WA 100 30.53 -3.72 -12.55
N ASN WA 101 31.40 -4.05 -13.50
CA ASN WA 101 30.93 -4.19 -14.86
C ASN WA 101 30.26 -5.56 -15.00
N LEU WA 102 29.20 -5.62 -15.80
CA LEU WA 102 28.39 -6.82 -15.92
C LEU WA 102 28.15 -7.10 -17.40
N GLU WA 103 28.20 -8.37 -17.78
CA GLU WA 103 27.85 -8.75 -19.14
C GLU WA 103 27.10 -10.07 -19.14
N ASN WA 104 26.05 -10.16 -19.95
CA ASN WA 104 25.29 -11.37 -20.14
C ASN WA 104 25.21 -11.69 -21.62
N VAL WA 105 25.58 -12.92 -21.99
CA VAL WA 105 25.56 -13.37 -23.37
C VAL WA 105 24.60 -14.54 -23.51
N THR WA 106 23.66 -14.44 -24.46
CA THR WA 106 22.71 -15.51 -24.72
C THR WA 106 22.59 -15.76 -26.22
N PRO WA 107 22.75 -17.02 -26.68
CA PRO WA 107 22.21 -17.42 -27.96
C PRO WA 107 20.70 -17.22 -28.01
N SER WA 108 20.18 -16.86 -29.19
CA SER WA 108 18.74 -16.96 -29.43
C SER WA 108 18.34 -18.44 -29.58
N ALA WA 109 17.03 -18.72 -29.47
CA ALA WA 109 16.52 -20.09 -29.40
C ALA WA 109 16.82 -20.94 -30.63
N SER WA 110 16.73 -20.36 -31.84
CA SER WA 110 17.07 -21.01 -33.10
C SER WA 110 18.46 -20.61 -33.60
N GLY WA 111 19.29 -19.98 -32.75
CA GLY WA 111 20.65 -19.56 -33.11
C GLY WA 111 20.72 -18.46 -34.17
N GLY WA 112 19.61 -17.77 -34.49
CA GLY WA 112 19.60 -16.70 -35.48
C GLY WA 112 20.47 -15.49 -35.12
N PHE WA 113 20.75 -15.30 -33.83
CA PHE WA 113 21.69 -14.28 -33.35
C PHE WA 113 22.21 -14.65 -31.96
N GLU WA 114 23.30 -13.99 -31.54
CA GLU WA 114 23.75 -14.12 -30.17
C GLU WA 114 23.68 -12.74 -29.51
N ARG WA 115 22.73 -12.54 -28.58
CA ARG WA 115 22.56 -11.25 -27.94
C ARG WA 115 23.54 -11.09 -26.79
N THR WA 116 24.36 -10.04 -26.85
CA THR WA 116 25.22 -9.63 -25.75
C THR WA 116 24.73 -8.32 -25.15
N THR WA 117 24.45 -8.31 -23.84
CA THR WA 117 24.09 -7.13 -23.09
C THR WA 117 25.22 -6.81 -22.10
N ALA WA 118 25.78 -5.59 -22.13
CA ALA WA 118 26.79 -5.17 -21.17
C ALA WA 118 26.37 -3.89 -20.44
N VAL WA 119 26.68 -3.81 -19.15
CA VAL WA 119 26.28 -2.70 -18.29
C VAL WA 119 27.48 -2.23 -17.46
N GLU WA 120 27.72 -0.92 -17.41
CA GLU WA 120 28.79 -0.38 -16.57
C GLU WA 120 28.33 0.00 -15.16
N ASN WA 121 29.25 -0.08 -14.20
CA ASN WA 121 29.11 0.48 -12.86
C ASN WA 121 27.81 0.06 -12.18
N VAL WA 122 27.50 -1.23 -12.19
CA VAL WA 122 26.43 -1.75 -11.37
C VAL WA 122 26.86 -1.68 -9.92
N VAL WA 123 25.99 -1.13 -9.05
CA VAL WA 123 26.20 -1.15 -7.61
C VAL WA 123 24.99 -1.72 -6.91
N PHE WA 124 25.21 -2.42 -5.79
CA PHE WA 124 24.13 -3.05 -5.07
C PHE WA 124 24.01 -2.43 -3.69
N PRO WA 125 22.89 -1.78 -3.31
CA PRO WA 125 22.70 -1.22 -1.99
C PRO WA 125 22.86 -2.23 -0.87
N GLU WA 126 22.49 -3.49 -1.14
CA GLU WA 126 22.51 -4.53 -0.12
C GLU WA 126 23.00 -5.83 -0.71
N LEU WA 127 23.72 -6.61 0.10
CA LEU WA 127 24.26 -7.89 -0.30
C LEU WA 127 23.68 -8.94 0.64
N PRO WA 128 22.95 -9.95 0.14
CA PRO WA 128 22.48 -11.04 0.99
C PRO WA 128 23.65 -11.99 1.25
N LEU WA 129 24.11 -12.01 2.49
CA LEU WA 129 25.20 -12.91 2.86
C LEU WA 129 24.64 -14.30 3.11
N ASP WA 130 23.60 -14.38 3.95
CA ASP WA 130 22.98 -15.64 4.33
C ASP WA 130 21.49 -15.56 4.04
N SER WA 131 20.94 -16.66 3.52
CA SER WA 131 19.56 -16.70 3.09
C SER WA 131 19.02 -18.13 3.25
N ALA WA 132 19.21 -18.69 4.45
CA ALA WA 132 18.84 -20.05 4.81
C ALA WA 132 17.33 -20.16 5.01
N THR WA 133 16.74 -21.25 4.47
CA THR WA 133 15.35 -21.63 4.66
C THR WA 133 15.30 -23.13 4.83
N TYR WA 134 14.47 -23.61 5.74
CA TYR WA 134 14.44 -25.02 6.08
C TYR WA 134 14.13 -25.87 4.86
N GLY WA 135 15.04 -26.82 4.53
CA GLY WA 135 14.84 -27.73 3.42
C GLY WA 135 14.98 -27.08 2.04
N GLU WA 136 15.84 -26.06 1.95
CA GLU WA 136 16.18 -25.45 0.66
C GLU WA 136 17.66 -25.10 0.56
N TYR WA 137 18.17 -25.00 -0.66
CA TYR WA 137 19.48 -24.38 -0.84
C TYR WA 137 19.33 -22.88 -0.64
N GLU WA 138 20.34 -22.22 -0.07
CA GLU WA 138 20.27 -20.79 0.14
C GLU WA 138 20.11 -20.09 -1.20
N GLU WA 139 19.15 -19.18 -1.31
CA GLU WA 139 18.89 -18.46 -2.55
C GLU WA 139 18.97 -16.96 -2.31
N TYR WA 140 19.77 -16.29 -3.15
CA TYR WA 140 20.18 -14.92 -2.94
C TYR WA 140 19.62 -14.01 -4.02
N SER WA 141 19.00 -12.88 -3.63
CA SER WA 141 18.56 -11.90 -4.61
C SER WA 141 19.33 -10.59 -4.48
N LEU WA 142 20.02 -10.18 -5.54
CA LEU WA 142 20.64 -8.87 -5.66
C LEU WA 142 19.70 -7.96 -6.42
N THR WA 143 19.63 -6.70 -5.97
CA THR WA 143 18.99 -5.64 -6.72
C THR WA 143 19.96 -4.47 -6.76
N GLY WA 144 20.18 -3.86 -7.93
CA GLY WA 144 21.19 -2.84 -8.06
C GLY WA 144 20.99 -1.95 -9.28
N SER WA 145 21.80 -0.90 -9.37
CA SER WA 145 21.65 0.10 -10.40
C SER WA 145 22.95 0.29 -11.17
N GLY WA 146 22.93 -0.02 -12.46
CA GLY WA 146 24.00 0.31 -13.37
C GLY WA 146 23.84 1.72 -13.92
N ARG WA 147 24.94 2.28 -14.43
CA ARG WA 147 24.96 3.63 -14.95
C ARG WA 147 24.41 3.69 -16.37
N SER WA 148 24.84 2.78 -17.24
CA SER WA 148 24.39 2.77 -18.62
C SER WA 148 24.66 1.42 -19.29
N VAL WA 149 23.95 1.16 -20.40
CA VAL WA 149 24.19 -0.01 -21.23
C VAL WA 149 25.32 0.32 -22.20
N THR WA 150 26.50 -0.29 -21.99
CA THR WA 150 27.64 -0.02 -22.84
C THR WA 150 27.57 -0.79 -24.13
N ASN WA 151 26.87 -1.93 -24.17
CA ASN WA 151 26.71 -2.71 -25.39
C ASN WA 151 25.39 -3.48 -25.41
N LEU WA 152 24.75 -3.51 -26.59
CA LEU WA 152 23.62 -4.36 -26.90
C LEU WA 152 23.66 -4.67 -28.39
N ALA WA 153 24.16 -5.86 -28.74
CA ALA WA 153 24.38 -6.21 -30.14
C ALA WA 153 24.25 -7.71 -30.38
N ASP WA 154 24.12 -8.08 -31.67
CA ASP WA 154 24.38 -9.44 -32.11
C ASP WA 154 25.90 -9.65 -32.20
N THR WA 155 26.45 -10.54 -31.36
CA THR WA 155 27.88 -10.86 -31.35
C THR WA 155 28.20 -12.17 -32.09
N SER WA 156 27.24 -12.77 -32.81
CA SER WA 156 27.49 -13.94 -33.64
C SER WA 156 28.47 -13.63 -34.78
N GLY WA 157 29.10 -14.68 -35.33
CA GLY WA 157 30.30 -14.60 -36.16
C GLY WA 157 30.24 -13.51 -37.23
N ALA XA 2 41.93 -18.35 -5.97
CA ALA XA 2 40.50 -17.99 -5.75
C ALA XA 2 39.68 -19.27 -5.51
N THR XA 3 38.48 -19.10 -4.94
CA THR XA 3 37.61 -20.21 -4.54
C THR XA 3 36.36 -20.23 -5.43
N SER XA 4 36.03 -21.40 -6.01
CA SER XA 4 34.87 -21.55 -6.88
C SER XA 4 33.58 -21.26 -6.13
N PRO XA 5 32.59 -20.55 -6.71
CA PRO XA 5 31.30 -20.40 -6.06
C PRO XA 5 30.63 -21.77 -5.94
N GLU XA 6 29.83 -21.92 -4.89
CA GLU XA 6 29.23 -23.22 -4.59
C GLU XA 6 27.87 -23.06 -3.91
N GLY XA 7 26.99 -24.03 -4.11
CA GLY XA 7 25.70 -23.98 -3.41
C GLY XA 7 25.89 -24.15 -1.91
N ILE XA 8 24.96 -23.61 -1.10
CA ILE XA 8 24.99 -23.84 0.33
C ILE XA 8 23.66 -24.46 0.75
N TRP XA 9 23.72 -25.46 1.62
CA TRP XA 9 22.51 -26.13 2.07
C TRP XA 9 22.07 -25.53 3.39
N SER XA 10 20.82 -25.07 3.49
CA SER XA 10 20.35 -24.32 4.65
C SER XA 10 20.54 -25.13 5.93
N ASN XA 11 20.15 -26.39 5.92
CA ASN XA 11 20.09 -27.16 7.14
C ASN XA 11 21.49 -27.47 7.71
N SER XA 12 22.57 -27.18 6.98
CA SER XA 12 23.92 -27.35 7.49
C SER XA 12 24.41 -26.17 8.32
N GLY XA 13 23.64 -25.08 8.42
CA GLY XA 13 24.01 -23.90 9.18
C GLY XA 13 23.97 -24.12 10.69
N ALA XA 14 24.94 -23.51 11.40
CA ALA XA 14 24.92 -23.44 12.85
C ALA XA 14 25.04 -21.98 13.27
N LEU XA 15 23.98 -21.46 13.91
CA LEU XA 15 23.90 -20.10 14.37
C LEU XA 15 24.12 -20.05 15.89
N THR XA 16 24.95 -19.10 16.35
CA THR XA 16 25.16 -18.86 17.78
C THR XA 16 25.04 -17.38 18.13
N PHE XA 17 24.51 -17.09 19.33
CA PHE XA 17 24.50 -15.74 19.88
C PHE XA 17 25.43 -15.65 21.08
N GLU XA 18 26.20 -14.56 21.16
CA GLU XA 18 27.12 -14.34 22.26
C GLU XA 18 26.94 -12.95 22.86
N ASP XA 19 27.07 -12.85 24.18
CA ASP XA 19 27.03 -11.58 24.89
C ASP XA 19 28.32 -10.80 24.62
N PRO XA 20 28.29 -9.57 24.05
CA PRO XA 20 29.50 -8.85 23.71
C PRO XA 20 30.30 -8.34 24.90
N ALA XA 21 29.77 -8.48 26.13
CA ALA XA 21 30.58 -8.22 27.33
C ALA XA 21 31.60 -9.34 27.58
N ASP XA 22 31.18 -10.61 27.40
CA ASP XA 22 31.89 -11.77 27.91
C ASP XA 22 32.34 -12.74 26.80
N ASP XA 23 31.75 -12.63 25.62
CA ASP XA 23 31.83 -13.62 24.56
C ASP XA 23 31.26 -14.99 24.97
N SER XA 24 30.46 -15.07 26.04
CA SER XA 24 29.79 -16.29 26.47
C SER XA 24 28.54 -16.57 25.62
N GLU XA 25 28.20 -17.85 25.41
CA GLU XA 25 27.04 -18.23 24.60
C GLU XA 25 25.72 -17.94 25.32
N ILE XA 26 24.75 -17.41 24.57
CA ILE XA 26 23.35 -17.32 24.98
C ILE XA 26 22.60 -18.44 24.28
N LEU XA 27 22.01 -19.38 25.04
CA LEU XA 27 21.48 -20.60 24.47
C LEU XA 27 20.31 -20.27 23.54
N PHE XA 28 20.46 -20.69 22.29
CA PHE XA 28 19.48 -20.45 21.25
C PHE XA 28 19.59 -21.59 20.26
N ALA XA 29 18.45 -21.98 19.65
CA ALA XA 29 18.42 -23.18 18.83
C ALA XA 29 17.19 -23.25 17.95
N GLY XA 30 17.15 -24.22 17.04
CA GLY XA 30 15.91 -24.53 16.35
C GLY XA 30 15.55 -23.52 15.27
N VAL XA 31 16.53 -22.94 14.57
CA VAL XA 31 16.20 -22.05 13.46
C VAL XA 31 15.51 -22.81 12.34
N ARG XA 32 14.74 -22.06 11.54
CA ARG XA 32 14.07 -22.54 10.34
C ARG XA 32 14.40 -21.62 9.17
N ASP XA 33 14.38 -20.30 9.38
CA ASP XA 33 14.94 -19.36 8.43
C ASP XA 33 15.99 -18.48 9.11
N VAL XA 34 17.05 -18.15 8.36
CA VAL XA 34 18.04 -17.17 8.78
C VAL XA 34 18.42 -16.34 7.57
N THR XA 35 18.24 -15.03 7.68
CA THR XA 35 18.60 -14.10 6.63
C THR XA 35 19.51 -13.03 7.23
N ILE XA 36 20.68 -12.81 6.62
CA ILE XA 36 21.62 -11.78 7.05
C ILE XA 36 22.02 -10.97 5.83
N THR XA 37 21.78 -9.66 5.86
CA THR XA 37 21.99 -8.80 4.70
C THR XA 37 22.66 -7.51 5.13
N PRO XA 38 23.97 -7.32 4.95
CA PRO XA 38 24.59 -6.01 5.04
C PRO XA 38 24.05 -5.09 3.95
N ALA XA 39 23.74 -3.87 4.34
CA ALA XA 39 23.12 -2.89 3.48
C ALA XA 39 23.71 -1.51 3.73
N TYR XA 40 23.70 -0.65 2.69
CA TYR XA 40 23.92 0.76 2.85
C TYR XA 40 22.83 1.51 2.10
N GLU XA 41 22.46 2.67 2.61
CA GLU XA 41 21.72 3.61 1.79
C GLU XA 41 22.61 4.15 0.68
N HIS XA 42 22.07 4.34 -0.52
CA HIS XA 42 22.81 4.91 -1.64
C HIS XA 42 22.24 6.28 -2.03
N ALA XA 43 23.13 7.22 -2.34
CA ALA XA 43 22.73 8.50 -2.92
C ALA XA 43 23.40 8.67 -4.28
N GLU XA 44 22.58 8.95 -5.30
CA GLU XA 44 23.04 9.05 -6.67
C GLU XA 44 22.96 10.52 -7.09
N LEU XA 45 24.05 11.07 -7.64
CA LEU XA 45 24.05 12.45 -8.09
C LEU XA 45 23.64 12.54 -9.56
N TYR XA 46 22.65 13.40 -9.83
CA TYR XA 46 22.30 13.77 -11.20
C TYR XA 46 22.18 15.29 -11.29
N THR XA 47 22.62 15.81 -12.45
CA THR XA 47 22.64 17.23 -12.73
C THR XA 47 22.24 17.48 -14.18
N ILE XA 48 21.91 18.72 -14.54
CA ILE XA 48 21.42 19.06 -15.88
C ILE XA 48 22.44 18.72 -16.97
N ASP XA 49 23.72 18.55 -16.60
CA ASP XA 49 24.79 18.28 -17.54
C ASP XA 49 24.62 16.97 -18.33
N SER XA 50 23.89 16.00 -17.78
CA SER XA 50 23.77 14.68 -18.40
C SER XA 50 22.52 13.94 -17.93
N THR XA 51 22.04 12.99 -18.75
CA THR XA 51 21.01 12.08 -18.29
C THR XA 51 21.58 10.94 -17.45
N PHE XA 52 22.89 10.70 -17.55
CA PHE XA 52 23.54 9.64 -16.80
C PHE XA 52 23.95 10.10 -15.41
N ARG XA 53 24.09 9.14 -14.50
CA ARG XA 53 24.49 9.36 -13.13
C ARG XA 53 25.92 9.86 -13.05
N ASP XA 54 26.15 10.96 -12.32
CA ASP XA 54 27.47 11.55 -12.16
C ASP XA 54 28.28 10.77 -11.11
N GLU XA 55 27.66 10.50 -9.96
CA GLU XA 55 28.32 9.87 -8.83
C GLU XA 55 27.35 8.98 -8.06
N VAL XA 56 27.89 8.00 -7.32
CA VAL XA 56 27.08 7.27 -6.36
C VAL XA 56 27.91 6.99 -5.10
N LYS XA 57 27.27 7.05 -3.93
CA LYS XA 57 27.95 6.98 -2.65
C LYS XA 57 27.10 6.22 -1.62
N ARG XA 58 27.75 5.57 -0.65
CA ARG XA 58 27.11 4.86 0.46
C ARG XA 58 27.06 5.72 1.72
N TYR XA 59 26.02 5.53 2.55
CA TYR XA 59 25.98 6.15 3.87
C TYR XA 59 25.47 5.20 4.94
N GLU XA 60 24.24 5.34 5.47
CA GLU XA 60 23.82 4.59 6.64
C GLU XA 60 23.99 3.09 6.42
N HIS XA 61 24.92 2.47 7.16
CA HIS XA 61 25.14 1.05 7.09
C HIS XA 61 24.42 0.36 8.25
N ASN XA 62 23.77 -0.78 7.95
CA ASN XA 62 23.38 -1.74 8.97
C ASN XA 62 23.36 -3.14 8.39
N VAL XA 63 23.26 -4.14 9.26
CA VAL XA 63 23.05 -5.50 8.82
C VAL XA 63 21.62 -5.87 9.16
N ASN XA 64 20.76 -6.06 8.17
CA ASN XA 64 19.42 -6.57 8.44
C ASN XA 64 19.54 -8.05 8.80
N VAL XA 65 19.09 -8.41 9.98
CA VAL XA 65 19.09 -9.79 10.44
C VAL XA 65 17.65 -10.17 10.73
N GLU XA 66 17.18 -11.26 10.11
CA GLU XA 66 15.90 -11.82 10.50
C GLU XA 66 15.97 -13.34 10.59
N ILE XA 67 15.38 -13.87 11.65
CA ILE XA 67 15.52 -15.25 12.02
C ILE XA 67 14.13 -15.77 12.38
N THR XA 68 13.73 -16.89 11.80
CA THR XA 68 12.53 -17.59 12.21
C THR XA 68 12.97 -18.90 12.83
N TYR XA 69 12.49 -19.19 14.05
CA TYR XA 69 12.93 -20.33 14.80
C TYR XA 69 11.77 -20.95 15.59
N ALA XA 70 11.94 -22.19 16.07
CA ALA XA 70 10.83 -22.96 16.60
C ALA XA 70 11.10 -23.56 17.98
N LYS XA 71 12.26 -23.27 18.59
CA LYS XA 71 12.52 -23.64 19.98
C LYS XA 71 12.61 -22.37 20.80
N PHE XA 72 11.79 -22.24 21.84
CA PHE XA 72 11.86 -21.09 22.71
C PHE XA 72 13.07 -21.20 23.65
N SER XA 73 13.69 -20.06 23.93
CA SER XA 73 14.78 -19.97 24.90
C SER XA 73 14.39 -18.95 25.96
N LEU XA 74 14.37 -19.38 27.24
CA LEU XA 74 14.17 -18.43 28.31
C LEU XA 74 15.38 -17.51 28.45
N GLU XA 75 16.59 -18.03 28.25
CA GLU XA 75 17.77 -17.22 28.43
C GLU XA 75 17.78 -16.06 27.44
N PHE XA 76 17.55 -16.34 26.16
CA PHE XA 76 17.53 -15.31 25.14
C PHE XA 76 16.51 -14.21 25.45
N ALA XA 77 15.29 -14.60 25.83
CA ALA XA 77 14.23 -13.65 26.16
C ALA XA 77 14.58 -12.83 27.41
N GLN XA 78 15.12 -13.46 28.45
CA GLN XA 78 15.48 -12.77 29.68
C GLN XA 78 16.68 -11.83 29.51
N GLU XA 79 17.64 -12.16 28.64
CA GLU XA 79 18.68 -11.23 28.24
C GLU XA 79 18.09 -10.03 27.50
N TRP XA 80 17.16 -10.27 26.57
CA TRP XA 80 16.56 -9.20 25.80
C TRP XA 80 15.79 -8.23 26.71
N LEU XA 81 15.00 -8.75 27.65
CA LEU XA 81 14.31 -7.94 28.63
C LEU XA 81 15.30 -7.14 29.46
N GLY XA 82 16.35 -7.79 29.96
CA GLY XA 82 17.29 -7.20 30.89
C GLY XA 82 18.13 -6.04 30.37
N GLY XA 83 18.36 -5.97 29.06
CA GLY XA 83 19.28 -5.01 28.48
C GLY XA 83 20.74 -5.41 28.66
N PRO XA 84 21.70 -4.59 28.19
CA PRO XA 84 23.12 -4.96 28.22
C PRO XA 84 23.63 -5.34 29.60
N GLY XA 85 24.33 -6.48 29.63
CA GLY XA 85 25.03 -7.00 30.79
C GLY XA 85 24.15 -7.34 31.98
N ALA XA 86 22.85 -7.57 31.74
CA ALA XA 86 21.91 -7.96 32.78
C ALA XA 86 20.80 -8.85 32.23
N THR XA 87 20.05 -9.48 33.13
CA THR XA 87 19.01 -10.43 32.76
C THR XA 87 17.78 -10.13 33.62
N ALA XA 88 16.57 -10.25 33.05
CA ALA XA 88 15.37 -9.87 33.77
C ALA XA 88 14.17 -10.75 33.45
N THR XA 89 13.30 -10.91 34.47
CA THR XA 89 12.06 -11.68 34.36
C THR XA 89 10.85 -10.81 34.02
N ALA XA 90 11.06 -9.53 33.74
CA ALA XA 90 9.99 -8.55 33.53
C ALA XA 90 10.53 -7.42 32.68
N SER XA 91 9.64 -6.66 32.00
CA SER XA 91 10.04 -5.48 31.23
C SER XA 91 10.88 -4.53 32.09
N GLN XA 92 11.98 -4.00 31.54
CA GLN XA 92 12.78 -3.01 32.22
C GLN XA 92 12.53 -1.64 31.62
N ASP XA 93 12.36 -0.62 32.48
CA ASP XA 93 12.18 0.75 32.02
C ASP XA 93 13.53 1.48 31.92
N ASP XA 94 14.32 1.13 30.88
CA ASP XA 94 15.52 1.89 30.51
C ASP XA 94 15.83 1.77 29.02
N SER XA 95 16.68 2.68 28.54
CA SER XA 95 16.78 2.98 27.12
C SER XA 95 17.84 2.16 26.37
N ASP XA 96 18.68 1.37 27.05
CA ASP XA 96 19.65 0.53 26.38
C ASP XA 96 19.07 -0.80 25.92
N PRO XA 97 19.02 -1.11 24.60
CA PRO XA 97 18.57 -2.42 24.13
C PRO XA 97 19.71 -3.43 24.31
N MET XA 98 19.36 -4.69 24.53
CA MET XA 98 20.37 -5.75 24.58
C MET XA 98 21.02 -5.93 23.20
N LYS XA 99 22.36 -5.89 23.17
CA LYS XA 99 23.13 -6.04 21.94
C LYS XA 99 23.73 -7.45 21.92
N PHE XA 100 23.44 -8.24 20.89
CA PHE XA 100 23.99 -9.58 20.77
C PHE XA 100 25.03 -9.61 19.66
N ASN XA 101 26.18 -10.25 19.91
CA ASN XA 101 26.99 -10.69 18.78
C ASN XA 101 26.39 -11.95 18.20
N LEU XA 102 26.48 -12.08 16.89
CA LEU XA 102 25.86 -13.18 16.18
C LEU XA 102 26.90 -13.78 15.24
N GLU XA 103 26.95 -15.11 15.19
CA GLU XA 103 27.80 -15.80 14.24
C GLU XA 103 27.05 -16.97 13.61
N ASN XA 104 27.17 -17.14 12.29
CA ASN XA 104 26.57 -18.24 11.56
C ASN XA 104 27.61 -18.93 10.70
N VAL XA 105 27.73 -20.26 10.86
CA VAL XA 105 28.76 -21.03 10.19
C VAL XA 105 28.09 -22.10 9.33
N THR XA 106 28.45 -22.13 8.04
CA THR XA 106 27.90 -23.14 7.12
C THR XA 106 29.03 -23.74 6.27
N PRO XA 107 29.11 -25.08 6.17
CA PRO XA 107 29.85 -25.67 5.07
C PRO XA 107 29.15 -25.38 3.75
N SER XA 108 29.90 -25.27 2.65
CA SER XA 108 29.28 -25.28 1.32
C SER XA 108 28.86 -26.71 0.95
N ALA XA 109 28.01 -26.85 -0.07
CA ALA XA 109 27.34 -28.10 -0.36
C ALA XA 109 28.29 -29.24 -0.74
N SER XA 110 29.38 -28.95 -1.47
CA SER XA 110 30.39 -29.93 -1.86
C SER XA 110 31.68 -29.83 -1.02
N GLY XA 111 31.66 -29.07 0.09
CA GLY XA 111 32.80 -28.93 0.98
C GLY XA 111 33.97 -28.11 0.41
N GLY XA 112 33.70 -27.29 -0.63
CA GLY XA 112 34.70 -26.37 -1.17
C GLY XA 112 35.19 -25.34 -0.15
N PHE XA 113 34.31 -24.93 0.77
CA PHE XA 113 34.65 -23.93 1.79
C PHE XA 113 33.73 -24.04 3.00
N GLU XA 114 34.12 -23.37 4.10
CA GLU XA 114 33.23 -23.18 5.23
C GLU XA 114 32.98 -21.68 5.42
N ARG XA 115 31.86 -21.18 4.91
CA ARG XA 115 31.53 -19.78 5.04
C ARG XA 115 31.10 -19.48 6.47
N THR XA 116 31.82 -18.57 7.13
CA THR XA 116 31.45 -18.01 8.41
C THR XA 116 31.07 -16.55 8.22
N THR XA 117 29.88 -16.17 8.71
CA THR XA 117 29.39 -14.80 8.77
C THR XA 117 29.27 -14.39 10.23
N ALA XA 118 29.84 -13.24 10.61
CA ALA XA 118 29.68 -12.71 11.95
C ALA XA 118 29.24 -11.24 11.94
N VAL XA 119 28.39 -10.88 12.91
CA VAL XA 119 27.77 -9.57 12.97
C VAL XA 119 27.90 -9.01 14.39
N GLU XA 120 28.24 -7.73 14.53
CA GLU XA 120 28.30 -7.11 15.86
C GLU XA 120 27.01 -6.35 16.21
N ASN XA 121 26.66 -6.38 17.50
CA ASN XA 121 25.64 -5.53 18.07
C ASN XA 121 24.29 -5.62 17.34
N VAL XA 122 23.78 -6.82 17.12
CA VAL XA 122 22.41 -6.98 16.66
C VAL XA 122 21.47 -6.59 17.79
N VAL XA 123 20.44 -5.82 17.44
CA VAL XA 123 19.41 -5.47 18.42
C VAL XA 123 18.05 -5.73 17.77
N PHE XA 124 17.10 -6.20 18.59
CA PHE XA 124 15.80 -6.58 18.09
C PHE XA 124 14.76 -5.64 18.68
N PRO XA 125 14.08 -4.80 17.88
CA PRO XA 125 13.10 -3.87 18.40
C PRO XA 125 11.95 -4.56 19.11
N GLU XA 126 11.61 -5.78 18.69
CA GLU XA 126 10.55 -6.54 19.36
C GLU XA 126 10.90 -8.01 19.42
N LEU XA 127 10.43 -8.66 20.47
CA LEU XA 127 10.70 -10.06 20.74
C LEU XA 127 9.36 -10.77 20.90
N PRO XA 128 9.03 -11.74 20.02
CA PRO XA 128 7.80 -12.52 20.20
C PRO XA 128 8.00 -13.52 21.35
N LEU XA 129 7.17 -13.36 22.39
CA LEU XA 129 7.26 -14.23 23.55
C LEU XA 129 6.41 -15.49 23.35
N ASP XA 130 5.15 -15.27 23.01
CA ASP XA 130 4.23 -16.35 22.70
C ASP XA 130 3.77 -16.17 21.27
N SER XA 131 3.72 -17.26 20.51
CA SER XA 131 3.40 -17.22 19.09
C SER XA 131 2.65 -18.51 18.71
N ALA XA 132 1.52 -18.72 19.40
CA ALA XA 132 0.73 -19.94 19.38
C ALA XA 132 -0.28 -19.91 18.23
N THR XA 133 -0.41 -21.06 17.54
CA THR XA 133 -1.43 -21.24 16.52
C THR XA 133 -1.97 -22.65 16.61
N TYR XA 134 -3.28 -22.81 16.40
CA TYR XA 134 -3.91 -24.11 16.58
C TYR XA 134 -3.30 -25.19 15.70
N GLY XA 135 -2.84 -26.29 16.32
CA GLY XA 135 -2.34 -27.42 15.56
C GLY XA 135 -0.94 -27.19 14.99
N GLU XA 136 -0.19 -26.24 15.56
CA GLU XA 136 1.20 -26.00 15.18
C GLU XA 136 2.09 -25.76 16.39
N TYR XA 137 3.39 -26.07 16.24
CA TYR XA 137 4.37 -25.62 17.20
C TYR XA 137 4.51 -24.11 17.12
N GLU XA 138 4.88 -23.47 18.23
CA GLU XA 138 5.05 -22.03 18.20
C GLU XA 138 6.25 -21.69 17.33
N GLU XA 139 6.05 -20.80 16.36
CA GLU XA 139 7.13 -20.35 15.49
C GLU XA 139 7.33 -18.85 15.72
N TYR XA 140 8.58 -18.47 16.01
CA TYR XA 140 8.91 -17.12 16.41
C TYR XA 140 9.71 -16.45 15.30
N SER XA 141 9.41 -15.18 14.99
CA SER XA 141 10.20 -14.42 14.04
C SER XA 141 10.81 -13.17 14.65
N LEU XA 142 12.15 -13.11 14.67
CA LEU XA 142 12.90 -11.93 15.06
C LEU XA 142 13.28 -11.13 13.83
N THR XA 143 13.21 -9.79 13.94
CA THR XA 143 13.85 -8.89 13.00
C THR XA 143 14.70 -7.91 13.79
N GLY XA 144 15.91 -7.65 13.33
CA GLY XA 144 16.81 -6.76 14.05
C GLY XA 144 17.90 -6.19 13.14
N SER XA 145 18.64 -5.22 13.67
CA SER XA 145 19.70 -4.55 12.93
C SER XA 145 21.03 -4.69 13.66
N GLY XA 146 22.00 -5.32 13.02
CA GLY XA 146 23.37 -5.32 13.47
C GLY XA 146 24.09 -4.03 13.04
N ARG XA 147 25.17 -3.68 13.73
CA ARG XA 147 25.92 -2.49 13.38
C ARG XA 147 26.78 -2.70 12.14
N SER XA 148 27.49 -3.84 12.06
CA SER XA 148 28.37 -4.13 10.94
C SER XA 148 28.69 -5.63 10.89
N VAL XA 149 29.23 -6.08 9.73
CA VAL XA 149 29.74 -7.43 9.57
C VAL XA 149 31.19 -7.45 10.03
N THR XA 150 31.50 -8.21 11.09
CA THR XA 150 32.83 -8.23 11.63
C THR XA 150 33.72 -9.26 10.95
N ASN XA 151 33.14 -10.34 10.42
CA ASN XA 151 33.89 -11.35 9.69
C ASN XA 151 33.04 -11.98 8.58
N LEU XA 152 33.66 -12.19 7.40
CA LEU XA 152 33.11 -13.01 6.33
C LEU XA 152 34.26 -13.73 5.63
N ALA XA 153 34.44 -15.03 5.90
CA ALA XA 153 35.61 -15.73 5.39
C ALA XA 153 35.35 -17.23 5.22
N ASP XA 154 36.22 -17.88 4.43
CA ASP XA 154 36.31 -19.32 4.42
C ASP XA 154 37.15 -19.73 5.62
N THR XA 155 36.50 -20.23 6.68
CA THR XA 155 37.17 -20.61 7.91
C THR XA 155 37.57 -22.10 7.93
N SER XA 156 37.46 -22.81 6.79
CA SER XA 156 37.93 -24.19 6.71
C SER XA 156 39.46 -24.28 6.83
N GLY XA 157 39.97 -25.49 7.13
CA GLY XA 157 41.39 -25.71 7.37
C GLY XA 157 42.25 -25.38 6.16
N ALA YA 2 22.41 -23.21 32.26
CA ALA YA 2 21.04 -22.63 32.02
C ALA YA 2 20.13 -23.66 31.32
N THR YA 3 18.83 -23.33 31.29
CA THR YA 3 17.79 -24.21 30.74
C THR YA 3 17.91 -24.33 29.22
N SER YA 4 17.89 -25.57 28.71
CA SER YA 4 17.99 -25.85 27.28
C SER YA 4 16.81 -25.27 26.52
N PRO YA 5 16.99 -24.71 25.31
CA PRO YA 5 15.85 -24.28 24.49
C PRO YA 5 15.01 -25.50 24.09
N GLU YA 6 13.71 -25.29 23.90
CA GLU YA 6 12.82 -26.40 23.60
C GLU YA 6 11.63 -25.95 22.78
N GLY YA 7 11.06 -26.86 21.99
CA GLY YA 7 9.86 -26.57 21.20
C GLY YA 7 8.65 -26.35 22.11
N ILE YA 8 7.72 -25.47 21.70
CA ILE YA 8 6.48 -25.30 22.44
C ILE YA 8 5.33 -25.71 21.53
N TRP YA 9 4.40 -26.52 22.06
CA TRP YA 9 3.23 -26.93 21.31
C TRP YA 9 2.07 -26.00 21.64
N SER YA 10 1.46 -25.38 20.62
CA SER YA 10 0.50 -24.31 20.84
C SER YA 10 -0.66 -24.74 21.72
N ASN YA 11 -1.22 -25.91 21.44
CA ASN YA 11 -2.43 -26.35 22.10
C ASN YA 11 -2.22 -26.61 23.60
N SER YA 12 -0.97 -26.69 24.07
CA SER YA 12 -0.70 -26.83 25.50
C SER YA 12 -0.86 -25.52 26.27
N GLY YA 13 -1.26 -24.43 25.60
CA GLY YA 13 -1.49 -23.13 26.23
C GLY YA 13 -2.71 -23.09 27.16
N ALA YA 14 -2.75 -22.05 27.99
CA ALA YA 14 -3.73 -21.88 29.05
C ALA YA 14 -3.84 -20.39 29.36
N LEU YA 15 -4.47 -19.66 28.43
CA LEU YA 15 -4.69 -18.24 28.57
C LEU YA 15 -5.75 -17.94 29.63
N THR YA 16 -5.51 -16.91 30.46
CA THR YA 16 -6.49 -16.41 31.41
C THR YA 16 -6.40 -14.89 31.51
N PHE YA 17 -7.54 -14.23 31.74
CA PHE YA 17 -7.61 -12.81 31.99
C PHE YA 17 -8.08 -12.56 33.43
N GLU YA 18 -7.54 -11.51 34.05
CA GLU YA 18 -7.99 -11.09 35.37
C GLU YA 18 -8.34 -9.61 35.37
N ASP YA 19 -9.31 -9.24 36.21
CA ASP YA 19 -9.57 -7.84 36.53
C ASP YA 19 -8.46 -7.33 37.46
N PRO YA 20 -7.69 -6.28 37.07
CA PRO YA 20 -6.59 -5.79 37.89
C PRO YA 20 -7.00 -5.11 39.19
N ALA YA 21 -8.30 -4.85 39.38
CA ALA YA 21 -8.80 -4.31 40.66
C ALA YA 21 -8.93 -5.40 41.74
N ASP YA 22 -9.09 -6.67 41.33
CA ASP YA 22 -9.42 -7.75 42.24
C ASP YA 22 -8.41 -8.91 42.22
N ASP YA 23 -7.72 -9.09 41.09
CA ASP YA 23 -7.14 -10.37 40.67
C ASP YA 23 -8.21 -11.46 40.42
N SER YA 24 -9.50 -11.07 40.33
CA SER YA 24 -10.58 -12.00 40.01
C SER YA 24 -10.56 -12.37 38.53
N GLU YA 25 -10.84 -13.64 38.22
CA GLU YA 25 -10.80 -14.13 36.85
C GLU YA 25 -11.95 -13.53 36.03
N ILE YA 26 -11.66 -13.22 34.77
CA ILE YA 26 -12.67 -12.87 33.77
C ILE YA 26 -12.79 -14.06 32.84
N LEU YA 27 -14.00 -14.64 32.72
CA LEU YA 27 -14.21 -15.87 31.97
C LEU YA 27 -13.87 -15.67 30.50
N PHE YA 28 -12.94 -16.50 30.02
CA PHE YA 28 -12.54 -16.48 28.62
C PHE YA 28 -11.99 -17.84 28.26
N ALA YA 29 -12.27 -18.27 27.01
CA ALA YA 29 -11.97 -19.63 26.61
C ALA YA 29 -11.95 -19.78 25.09
N GLY YA 30 -11.53 -20.94 24.59
CA GLY YA 30 -11.69 -21.22 23.18
C GLY YA 30 -10.69 -20.49 22.30
N VAL YA 31 -9.46 -20.24 22.75
CA VAL YA 31 -8.47 -19.63 21.87
C VAL YA 31 -8.07 -20.57 20.72
N ARG YA 32 -7.54 -19.95 19.66
CA ARG YA 32 -7.02 -20.65 18.51
C ARG YA 32 -5.67 -20.09 18.09
N ASP YA 33 -5.50 -18.77 18.15
CA ASP YA 33 -4.19 -18.14 17.98
C ASP YA 33 -3.92 -17.23 19.17
N VAL YA 34 -2.65 -17.10 19.57
CA VAL YA 34 -2.23 -16.21 20.66
C VAL YA 34 -0.82 -15.73 20.38
N THR YA 35 -0.67 -14.45 20.04
CA THR YA 35 0.64 -13.82 19.87
C THR YA 35 0.84 -12.73 20.91
N ILE YA 36 1.96 -12.76 21.64
CA ILE YA 36 2.30 -11.77 22.64
C ILE YA 36 3.71 -11.29 22.34
N THR YA 37 3.87 -10.00 22.06
CA THR YA 37 5.14 -9.45 21.59
C THR YA 37 5.47 -8.15 22.30
N PRO YA 38 6.33 -8.15 23.34
CA PRO YA 38 6.92 -6.93 23.85
C PRO YA 38 7.76 -6.25 22.77
N ALA YA 39 7.63 -4.94 22.68
CA ALA YA 39 8.26 -4.15 21.64
C ALA YA 39 8.71 -2.79 22.19
N TYR YA 40 9.70 -2.22 21.50
CA TYR YA 40 10.08 -0.85 21.71
C TYR YA 40 10.28 -0.19 20.35
N GLU YA 41 10.21 1.13 20.34
CA GLU YA 41 10.74 1.90 19.22
C GLU YA 41 12.25 1.97 19.40
N HIS YA 42 13.00 1.89 18.30
CA HIS YA 42 14.44 2.11 18.31
C HIS YA 42 14.78 3.38 17.56
N ALA YA 43 15.59 4.25 18.18
CA ALA YA 43 16.21 5.36 17.48
C ALA YA 43 17.71 5.10 17.33
N GLU YA 44 18.21 5.18 16.10
CA GLU YA 44 19.61 4.94 15.78
C GLU YA 44 20.28 6.27 15.46
N LEU YA 45 21.43 6.55 16.07
CA LEU YA 45 22.18 7.77 15.80
C LEU YA 45 23.19 7.55 14.66
N TYR YA 46 23.17 8.44 13.66
CA TYR YA 46 24.17 8.44 12.61
C TYR YA 46 24.61 9.87 12.30
N THR YA 47 25.92 10.03 12.07
CA THR YA 47 26.53 11.35 11.87
C THR YA 47 27.59 11.29 10.78
N ILE YA 48 28.06 12.43 10.30
CA ILE YA 48 29.02 12.49 9.21
C ILE YA 48 30.34 11.80 9.56
N ASP YA 49 30.61 11.60 10.86
CA ASP YA 49 31.86 10.99 11.31
C ASP YA 49 32.06 9.59 10.74
N SER YA 50 30.97 8.81 10.60
CA SER YA 50 31.05 7.40 10.24
C SER YA 50 29.79 6.93 9.52
N THR YA 51 29.95 5.94 8.63
CA THR YA 51 28.80 5.28 8.03
C THR YA 51 28.13 4.32 9.00
N PHE YA 52 28.87 3.86 10.01
CA PHE YA 52 28.32 2.94 11.00
C PHE YA 52 27.50 3.68 12.04
N ARG YA 53 26.55 2.96 12.62
CA ARG YA 53 25.70 3.45 13.68
C ARG YA 53 26.54 3.85 14.89
N ASP YA 54 26.34 5.08 15.38
CA ASP YA 54 27.03 5.58 16.58
C ASP YA 54 26.41 4.96 17.83
N GLU YA 55 25.07 5.00 17.92
CA GLU YA 55 24.34 4.53 19.09
C GLU YA 55 22.96 3.99 18.69
N VAL YA 56 22.34 3.25 19.61
CA VAL YA 56 20.94 2.89 19.46
C VAL YA 56 20.27 2.87 20.84
N LYS YA 57 18.97 3.24 20.87
CA LYS YA 57 18.26 3.37 22.13
C LYS YA 57 16.80 2.93 21.99
N ARG YA 58 16.24 2.36 23.06
CA ARG YA 58 14.83 1.95 23.18
C ARG YA 58 13.97 3.08 23.74
N TYR YA 59 12.71 3.12 23.34
CA TYR YA 59 11.70 3.95 24.00
C TYR YA 59 10.31 3.44 23.65
N GLU YA 60 9.27 4.03 24.25
CA GLU YA 60 7.89 3.81 23.85
C GLU YA 60 7.53 2.31 23.90
N HIS YA 61 7.81 1.68 25.03
CA HIS YA 61 7.50 0.28 25.25
C HIS YA 61 5.99 0.03 25.21
N ASN YA 62 5.61 -1.09 24.58
CA ASN YA 62 4.27 -1.65 24.71
C ASN YA 62 4.36 -3.15 24.43
N VAL YA 63 3.28 -3.89 24.76
CA VAL YA 63 3.20 -5.29 24.38
C VAL YA 63 2.05 -5.44 23.39
N ASN YA 64 2.34 -5.87 22.17
CA ASN YA 64 1.30 -6.29 21.24
C ASN YA 64 0.69 -7.60 21.71
N VAL YA 65 -0.60 -7.61 22.01
CA VAL YA 65 -1.35 -8.82 22.28
C VAL YA 65 -2.37 -9.02 21.17
N GLU YA 66 -2.29 -10.14 20.45
CA GLU YA 66 -3.39 -10.49 19.57
C GLU YA 66 -3.81 -11.93 19.79
N ILE YA 67 -5.13 -12.12 19.86
CA ILE YA 67 -5.75 -13.38 20.20
C ILE YA 67 -6.85 -13.64 19.19
N THR YA 68 -6.89 -14.84 18.62
CA THR YA 68 -8.06 -15.29 17.87
C THR YA 68 -8.74 -16.40 18.66
N TYR YA 69 -10.05 -16.29 18.85
CA TYR YA 69 -10.77 -17.23 19.69
C TYR YA 69 -12.18 -17.51 19.15
N ALA YA 70 -12.82 -18.59 19.62
CA ALA YA 70 -14.01 -19.11 18.99
C ALA YA 70 -15.12 -19.47 19.98
N LYS YA 71 -14.96 -19.17 21.27
CA LYS YA 71 -16.06 -19.20 22.23
C LYS YA 71 -16.36 -17.77 22.67
N PHE YA 72 -17.60 -17.32 22.49
CA PHE YA 72 -17.96 -15.99 22.95
C PHE YA 72 -18.15 -15.98 24.46
N SER YA 73 -17.62 -14.94 25.13
CA SER YA 73 -17.84 -14.72 26.56
C SER YA 73 -18.65 -13.44 26.77
N LEU YA 74 -19.81 -13.54 27.40
CA LEU YA 74 -20.57 -12.35 27.76
C LEU YA 74 -19.84 -11.55 28.82
N GLU YA 75 -19.16 -12.21 29.76
CA GLU YA 75 -18.44 -11.47 30.79
C GLU YA 75 -17.34 -10.62 30.17
N PHE YA 76 -16.49 -11.19 29.31
CA PHE YA 76 -15.43 -10.43 28.69
C PHE YA 76 -15.93 -9.24 27.89
N ALA YA 77 -16.99 -9.42 27.11
CA ALA YA 77 -17.58 -8.34 26.35
C ALA YA 77 -18.22 -7.27 27.24
N GLN YA 78 -18.91 -7.66 28.32
CA GLN YA 78 -19.56 -6.69 29.20
C GLN YA 78 -18.59 -5.95 30.10
N GLU YA 79 -17.46 -6.57 30.45
CA GLU YA 79 -16.33 -5.88 31.06
C GLU YA 79 -15.75 -4.83 30.10
N TRP YA 80 -15.51 -5.21 28.85
CA TRP YA 80 -14.96 -4.28 27.88
C TRP YA 80 -15.88 -3.09 27.63
N LEU YA 81 -17.20 -3.32 27.56
CA LEU YA 81 -18.16 -2.24 27.42
C LEU YA 81 -18.15 -1.34 28.64
N GLY YA 82 -18.10 -1.94 29.84
CA GLY YA 82 -18.26 -1.21 31.08
C GLY YA 82 -17.09 -0.31 31.47
N GLY YA 83 -15.86 -0.67 31.08
CA GLY YA 83 -14.69 0.06 31.53
C GLY YA 83 -14.25 -0.35 32.93
N PRO YA 84 -13.19 0.27 33.49
CA PRO YA 84 -12.59 -0.20 34.73
C PRO YA 84 -13.56 -0.25 35.92
N GLY YA 85 -13.60 -1.42 36.54
CA GLY YA 85 -14.39 -1.70 37.74
C GLY YA 85 -15.90 -1.77 37.51
N ALA YA 86 -16.31 -1.99 36.26
CA ALA YA 86 -17.73 -1.95 35.91
C ALA YA 86 -18.10 -2.94 34.80
N THR YA 87 -19.38 -3.31 34.79
CA THR YA 87 -19.99 -4.17 33.78
C THR YA 87 -21.11 -3.38 33.13
N ALA YA 88 -21.24 -3.48 31.79
CA ALA YA 88 -22.32 -2.81 31.10
C ALA YA 88 -22.88 -3.67 29.97
N THR YA 89 -24.18 -3.48 29.69
CA THR YA 89 -24.85 -4.16 28.58
C THR YA 89 -24.97 -3.28 27.33
N ALA YA 90 -24.36 -2.08 27.34
CA ALA YA 90 -24.42 -1.15 26.23
C ALA YA 90 -23.17 -0.30 26.25
N SER YA 91 -22.88 0.38 25.12
CA SER YA 91 -21.76 1.31 25.01
C SER YA 91 -21.81 2.35 26.13
N GLN YA 92 -20.65 2.61 26.76
CA GLN YA 92 -20.56 3.65 27.77
C GLN YA 92 -19.84 4.87 27.20
N ASP YA 93 -20.38 6.05 27.53
CA ASP YA 93 -19.79 7.30 27.09
C ASP YA 93 -18.79 7.80 28.13
N ASP YA 94 -17.63 7.13 28.23
CA ASP YA 94 -16.57 7.58 29.11
C ASP YA 94 -15.17 7.28 28.56
N SER YA 95 -14.18 8.01 29.09
CA SER YA 95 -12.87 8.06 28.47
C SER YA 95 -11.98 6.85 28.82
N ASP YA 96 -12.36 6.00 29.79
CA ASP YA 96 -11.47 4.96 30.28
C ASP YA 96 -11.71 3.59 29.63
N PRO YA 97 -10.71 2.97 28.97
CA PRO YA 97 -10.88 1.62 28.46
C PRO YA 97 -10.74 0.62 29.61
N MET YA 98 -11.44 -0.51 29.49
CA MET YA 98 -11.23 -1.63 30.41
C MET YA 98 -9.81 -2.15 30.27
N LYS YA 99 -9.09 -2.27 31.39
CA LYS YA 99 -7.74 -2.81 31.39
C LYS YA 99 -7.75 -4.22 31.97
N PHE YA 100 -7.22 -5.20 31.24
CA PHE YA 100 -7.16 -6.57 31.69
C PHE YA 100 -5.72 -6.95 32.04
N ASN YA 101 -5.52 -7.60 33.19
CA ASN YA 101 -4.29 -8.36 33.33
C ASN YA 101 -4.44 -9.65 32.54
N LEU YA 102 -3.35 -10.09 31.91
CA LEU YA 102 -3.36 -11.27 31.07
C LEU YA 102 -2.23 -12.19 31.50
N GLU YA 103 -2.49 -13.49 31.54
CA GLU YA 103 -1.43 -14.45 31.76
C GLU YA 103 -1.64 -15.69 30.90
N ASN YA 104 -0.54 -16.22 30.35
CA ASN YA 104 -0.57 -17.46 29.60
C ASN YA 104 0.51 -18.39 30.13
N VAL YA 105 0.18 -19.67 30.24
CA VAL YA 105 1.10 -20.67 30.75
C VAL YA 105 1.17 -21.83 29.77
N THR YA 106 2.37 -22.28 29.45
CA THR YA 106 2.57 -23.42 28.55
C THR YA 106 3.69 -24.29 29.08
N PRO YA 107 3.47 -25.61 29.24
CA PRO YA 107 4.58 -26.55 29.29
C PRO YA 107 5.39 -26.49 27.99
N SER YA 108 6.70 -26.72 28.09
CA SER YA 108 7.51 -27.00 26.91
C SER YA 108 7.20 -28.41 26.38
N ALA YA 109 7.57 -28.68 25.12
CA ALA YA 109 7.16 -29.91 24.43
C ALA YA 109 7.64 -31.19 25.13
N SER YA 110 8.88 -31.20 25.68
CA SER YA 110 9.43 -32.33 26.43
C SER YA 110 9.36 -32.11 27.94
N GLY YA 111 8.59 -31.12 28.42
CA GLY YA 111 8.42 -30.85 29.83
C GLY YA 111 9.64 -30.28 30.56
N GLY YA 112 10.69 -29.85 29.82
CA GLY YA 112 11.91 -29.29 30.37
C GLY YA 112 11.71 -28.01 31.19
N PHE YA 113 10.65 -27.26 30.88
CA PHE YA 113 10.26 -26.08 31.65
C PHE YA 113 8.77 -25.78 31.46
N GLU YA 114 8.21 -24.94 32.33
CA GLU YA 114 6.88 -24.42 32.11
C GLU YA 114 6.99 -22.90 31.96
N ARG YA 115 6.74 -22.37 30.77
CA ARG YA 115 6.87 -20.94 30.53
C ARG YA 115 5.58 -20.23 30.92
N THR YA 116 5.66 -19.27 31.84
CA THR YA 116 4.58 -18.34 32.16
C THR YA 116 4.91 -16.96 31.62
N THR YA 117 4.00 -16.38 30.82
CA THR YA 117 4.08 -15.01 30.34
C THR YA 117 2.92 -14.21 30.92
N ALA YA 118 3.20 -13.10 31.62
CA ALA YA 118 2.16 -12.25 32.17
C ALA YA 118 2.32 -10.79 31.71
N VAL YA 119 1.20 -10.15 31.39
CA VAL YA 119 1.17 -8.81 30.85
C VAL YA 119 0.16 -7.96 31.63
N GLU YA 120 0.56 -6.75 32.04
CA GLU YA 120 -0.36 -5.84 32.72
C GLU YA 120 -1.08 -4.89 31.75
N ASN YA 121 -2.28 -4.45 32.16
CA ASN YA 121 -3.04 -3.39 31.51
C ASN YA 121 -3.14 -3.55 30.00
N VAL YA 122 -3.56 -4.72 29.56
CA VAL YA 122 -3.93 -4.91 28.17
C VAL YA 122 -5.24 -4.18 27.92
N VAL YA 123 -5.30 -3.38 26.84
CA VAL YA 123 -6.54 -2.76 26.39
C VAL YA 123 -6.76 -3.04 24.91
N PHE YA 124 -8.04 -3.14 24.51
CA PHE YA 124 -8.37 -3.46 23.13
C PHE YA 124 -9.16 -2.30 22.53
N PRO YA 125 -8.68 -1.62 21.46
CA PRO YA 125 -9.41 -0.54 20.81
C PRO YA 125 -10.78 -0.94 20.31
N GLU YA 126 -10.92 -2.21 19.91
CA GLU YA 126 -12.15 -2.71 19.32
C GLU YA 126 -12.45 -4.12 19.82
N LEU YA 127 -13.73 -4.40 20.01
CA LEU YA 127 -14.19 -5.70 20.47
C LEU YA 127 -15.10 -6.26 19.39
N PRO YA 128 -14.79 -7.44 18.81
CA PRO YA 128 -15.67 -8.06 17.83
C PRO YA 128 -16.82 -8.75 18.56
N LEU YA 129 -18.02 -8.18 18.46
CA LEU YA 129 -19.19 -8.76 19.10
C LEU YA 129 -19.70 -9.94 18.29
N ASP YA 130 -19.90 -9.71 16.99
CA ASP YA 130 -20.45 -10.70 16.07
C ASP YA 130 -19.49 -10.85 14.89
N SER YA 131 -19.26 -12.09 14.48
CA SER YA 131 -18.31 -12.38 13.42
C SER YA 131 -18.77 -13.65 12.70
N ALA YA 132 -20.00 -13.58 12.16
CA ALA YA 132 -20.73 -14.67 11.54
C ALA YA 132 -20.31 -14.83 10.08
N THR YA 133 -20.10 -16.09 9.65
CA THR YA 133 -19.77 -16.43 8.28
C THR YA 133 -20.48 -17.72 7.91
N TYR YA 134 -21.01 -17.79 6.69
CA TYR YA 134 -21.81 -18.93 6.27
C TYR YA 134 -21.03 -20.24 6.42
N GLY YA 135 -21.57 -21.17 7.23
CA GLY YA 135 -21.01 -22.49 7.42
C GLY YA 135 -19.70 -22.50 8.22
N GLU YA 136 -19.59 -21.54 9.16
CA GLU YA 136 -18.49 -21.52 10.11
C GLU YA 136 -18.95 -21.17 11.52
N TYR YA 137 -18.17 -21.56 12.52
CA TYR YA 137 -18.41 -20.99 13.85
C TYR YA 137 -17.89 -19.57 13.87
N GLU YA 138 -18.50 -18.70 14.68
CA GLU YA 138 -18.05 -17.32 14.77
C GLU YA 138 -16.61 -17.30 15.30
N GLU YA 139 -15.71 -16.62 14.59
CA GLU YA 139 -14.33 -16.52 15.01
C GLU YA 139 -13.94 -15.06 15.20
N TYR YA 140 -13.41 -14.76 16.39
CA TYR YA 140 -13.19 -13.41 16.87
C TYR YA 140 -11.69 -13.12 16.96
N SER YA 141 -11.25 -11.95 16.45
CA SER YA 141 -9.88 -11.51 16.63
C SER YA 141 -9.79 -10.24 17.46
N LEU YA 142 -9.06 -10.30 18.58
CA LEU YA 142 -8.76 -9.15 19.42
C LEU YA 142 -7.34 -8.71 19.15
N THR YA 143 -7.15 -7.41 18.93
CA THR YA 143 -5.82 -6.81 18.84
C THR YA 143 -5.74 -5.75 19.93
N GLY YA 144 -4.70 -5.77 20.77
CA GLY YA 144 -4.64 -4.85 21.89
C GLY YA 144 -3.21 -4.58 22.35
N SER YA 145 -3.07 -3.61 23.26
CA SER YA 145 -1.77 -3.17 23.72
C SER YA 145 -1.67 -3.22 25.24
N GLY YA 146 -0.72 -4.02 25.73
CA GLY YA 146 -0.37 -4.08 27.14
C GLY YA 146 0.73 -3.08 27.48
N ARG YA 147 0.82 -2.72 28.78
CA ARG YA 147 1.78 -1.73 29.24
C ARG YA 147 3.18 -2.33 29.35
N SER YA 148 3.29 -3.50 29.97
CA SER YA 148 4.59 -4.14 30.19
C SER YA 148 4.42 -5.63 30.51
N VAL YA 149 5.50 -6.40 30.33
CA VAL YA 149 5.54 -7.80 30.73
C VAL YA 149 5.90 -7.86 32.20
N THR YA 150 4.96 -8.27 33.07
CA THR YA 150 5.22 -8.33 34.49
C THR YA 150 5.98 -9.60 34.87
N ASN YA 151 5.85 -10.67 34.09
CA ASN YA 151 6.55 -11.92 34.37
C ASN YA 151 6.85 -12.72 33.10
N LEU YA 152 8.06 -13.28 33.03
CA LEU YA 152 8.47 -14.26 32.04
C LEU YA 152 9.50 -15.19 32.66
N ALA YA 153 9.05 -16.37 33.08
CA ALA YA 153 9.89 -17.26 33.88
C ALA YA 153 9.52 -18.73 33.66
N ASP YA 154 10.42 -19.62 34.07
CA ASP YA 154 10.09 -21.03 34.27
C ASP YA 154 9.36 -21.19 35.61
N THR YA 155 8.08 -21.55 35.57
CA THR YA 155 7.27 -21.76 36.76
C THR YA 155 7.13 -23.23 37.17
N SER YA 156 7.89 -24.13 36.51
CA SER YA 156 7.95 -25.54 36.92
C SER YA 156 8.52 -25.71 38.34
N GLY YA 157 8.23 -26.87 38.96
CA GLY YA 157 8.43 -27.08 40.39
C GLY YA 157 9.85 -26.77 40.88
N ALA ZA 2 -22.00 -16.84 36.93
CA ALA ZA 2 -21.54 -16.25 35.62
C ALA ZA 2 -21.60 -17.32 34.52
N THR ZA 3 -21.95 -16.89 33.30
CA THR ZA 3 -22.22 -17.77 32.17
C THR ZA 3 -20.93 -18.29 31.56
N SER ZA 4 -20.82 -19.61 31.34
CA SER ZA 4 -19.66 -20.20 30.67
C SER ZA 4 -19.54 -19.69 29.23
N PRO ZA 5 -18.33 -19.36 28.74
CA PRO ZA 5 -18.15 -19.02 27.32
C PRO ZA 5 -18.50 -20.22 26.45
N GLU ZA 6 -19.01 -19.94 25.25
CA GLU ZA 6 -19.50 -21.01 24.38
C GLU ZA 6 -19.32 -20.65 22.91
N GLY ZA 7 -19.15 -21.66 22.05
CA GLY ZA 7 -19.06 -21.39 20.63
C GLY ZA 7 -20.40 -20.91 20.08
N ILE ZA 8 -20.39 -20.12 18.99
CA ILE ZA 8 -21.62 -19.71 18.34
C ILE ZA 8 -21.60 -20.15 16.89
N TRP ZA 9 -22.73 -20.68 16.42
CA TRP ZA 9 -22.82 -21.14 15.04
C TRP ZA 9 -23.39 -20.03 14.17
N SER ZA 10 -22.70 -19.68 13.08
CA SER ZA 10 -23.08 -18.51 12.30
C SER ZA 10 -24.51 -18.62 11.78
N ASN ZA 11 -24.87 -19.78 11.25
CA ASN ZA 11 -26.11 -19.96 10.55
C ASN ZA 11 -27.32 -19.91 11.48
N SER ZA 12 -27.13 -19.92 12.81
CA SER ZA 12 -28.23 -19.79 13.76
C SER ZA 12 -28.64 -18.33 14.00
N GLY ZA 13 -27.89 -17.36 13.46
CA GLY ZA 13 -28.17 -15.94 13.63
C GLY ZA 13 -29.43 -15.48 12.88
N ALA ZA 14 -30.19 -14.59 13.52
CA ALA ZA 14 -31.27 -13.87 12.88
C ALA ZA 14 -31.03 -12.37 13.04
N LEU ZA 15 -30.86 -11.68 11.88
CA LEU ZA 15 -30.63 -10.25 11.82
C LEU ZA 15 -31.90 -9.54 11.38
N THR ZA 16 -32.23 -8.41 12.04
CA THR ZA 16 -33.35 -7.56 11.64
C THR ZA 16 -32.97 -6.08 11.62
N PHE ZA 17 -33.56 -5.32 10.68
CA PHE ZA 17 -33.43 -3.87 10.63
C PHE ZA 17 -34.76 -3.20 10.94
N GLU ZA 18 -34.71 -2.12 11.74
CA GLU ZA 18 -35.90 -1.36 12.10
C GLU ZA 18 -35.69 0.12 11.87
N ASP ZA 19 -36.75 0.80 11.43
CA ASP ZA 19 -36.77 2.24 11.28
C ASP ZA 19 -36.87 2.89 12.66
N PRO ZA 20 -35.90 3.73 13.10
CA PRO ZA 20 -35.93 4.31 14.45
C PRO ZA 20 -37.01 5.35 14.68
N ALA ZA 21 -37.77 5.73 13.64
CA ALA ZA 21 -38.99 6.52 13.83
C ALA ZA 21 -40.14 5.69 14.43
N ASP ZA 22 -40.23 4.40 14.06
CA ASP ZA 22 -41.42 3.58 14.25
C ASP ZA 22 -41.16 2.30 15.05
N ASP ZA 23 -39.91 1.83 15.03
CA ASP ZA 23 -39.51 0.50 15.43
C ASP ZA 23 -40.15 -0.61 14.57
N SER ZA 24 -40.67 -0.27 13.37
CA SER ZA 24 -41.20 -1.23 12.41
C SER ZA 24 -40.08 -1.93 11.62
N GLU ZA 25 -40.29 -3.19 11.22
CA GLU ZA 25 -39.28 -3.94 10.47
C GLU ZA 25 -39.15 -3.44 9.04
N ILE ZA 26 -37.90 -3.32 8.55
CA ILE ZA 26 -37.58 -3.13 7.15
C ILE ZA 26 -37.14 -4.47 6.59
N LEU ZA 27 -37.87 -5.02 5.60
CA LEU ZA 27 -37.69 -6.40 5.18
C LEU ZA 27 -36.31 -6.58 4.58
N PHE ZA 28 -35.54 -7.47 5.19
CA PHE ZA 28 -34.16 -7.74 4.78
C PHE ZA 28 -33.86 -9.17 5.19
N ALA ZA 29 -33.07 -9.89 4.36
CA ALA ZA 29 -32.87 -11.31 4.60
C ALA ZA 29 -31.68 -11.87 3.82
N GLY ZA 30 -31.34 -13.13 4.08
CA GLY ZA 30 -30.36 -13.79 3.23
C GLY ZA 30 -28.92 -13.42 3.53
N VAL ZA 31 -28.57 -13.13 4.79
CA VAL ZA 31 -27.19 -12.85 5.12
C VAL ZA 31 -26.30 -14.06 4.87
N ARG ZA 32 -25.01 -13.79 4.62
CA ARG ZA 32 -23.96 -14.79 4.46
C ARG ZA 32 -22.73 -14.46 5.32
N ASP ZA 33 -22.51 -13.17 5.60
CA ASP ZA 33 -21.60 -12.75 6.63
C ASP ZA 33 -22.19 -11.57 7.40
N VAL ZA 34 -21.96 -11.54 8.72
CA VAL ZA 34 -22.33 -10.42 9.55
C VAL ZA 34 -21.20 -10.18 10.52
N THR ZA 35 -20.66 -8.96 10.51
CA THR ZA 35 -19.62 -8.56 11.45
C THR ZA 35 -20.07 -7.29 12.17
N ILE ZA 36 -20.00 -7.28 13.49
CA ILE ZA 36 -20.35 -6.12 14.30
C ILE ZA 36 -19.23 -5.90 15.30
N THR ZA 37 -18.59 -4.72 15.25
CA THR ZA 37 -17.43 -4.44 16.08
C THR ZA 37 -17.55 -3.06 16.68
N PRO ZA 38 -17.94 -2.90 17.96
CA PRO ZA 38 -17.75 -1.64 18.66
C PRO ZA 38 -16.27 -1.32 18.80
N ALA ZA 39 -15.92 -0.06 18.53
CA ALA ZA 39 -14.55 0.40 18.54
C ALA ZA 39 -14.46 1.80 19.15
N TYR ZA 40 -13.29 2.11 19.71
CA TYR ZA 40 -12.92 3.45 20.08
C TYR ZA 40 -11.53 3.74 19.54
N GLU ZA 41 -11.23 5.01 19.29
CA GLU ZA 41 -9.84 5.40 19.12
C GLU ZA 41 -9.16 5.43 20.47
N HIS ZA 42 -7.89 5.04 20.52
CA HIS ZA 42 -7.08 5.09 21.74
C HIS ZA 42 -5.98 6.13 21.60
N ALA ZA 43 -5.78 6.92 22.66
CA ALA ZA 43 -4.59 7.77 22.77
C ALA ZA 43 -3.76 7.34 23.96
N GLU ZA 44 -2.48 7.10 23.73
CA GLU ZA 44 -1.57 6.61 24.75
C GLU ZA 44 -0.57 7.74 25.08
N LEU ZA 45 -0.45 8.09 26.36
CA LEU ZA 45 0.48 9.13 26.77
C LEU ZA 45 1.86 8.54 27.07
N TYR ZA 46 2.89 9.12 26.44
CA TYR ZA 46 4.26 8.83 26.78
C TYR ZA 46 5.06 10.13 26.95
N THR ZA 47 5.99 10.10 27.90
CA THR ZA 47 6.81 11.26 28.25
C THR ZA 47 8.24 10.81 28.58
N ILE ZA 48 9.18 11.73 28.64
CA ILE ZA 48 10.59 11.44 28.86
C ILE ZA 48 10.83 10.70 30.19
N ASP ZA 49 9.87 10.79 31.13
CA ASP ZA 49 10.00 10.20 32.45
C ASP ZA 49 10.13 8.67 32.43
N SER ZA 50 9.63 8.00 31.39
CA SER ZA 50 9.62 6.54 31.34
C SER ZA 50 9.49 6.00 29.92
N THR ZA 51 9.98 4.79 29.70
CA THR ZA 51 9.70 4.09 28.46
C THR ZA 51 8.30 3.49 28.46
N PHE ZA 52 7.70 3.28 29.63
CA PHE ZA 52 6.38 2.70 29.73
C PHE ZA 52 5.30 3.76 29.55
N ARG ZA 53 4.15 3.31 29.06
CA ARG ZA 53 2.97 4.14 28.86
C ARG ZA 53 2.47 4.71 30.18
N ASP ZA 54 2.26 6.03 30.22
CA ASP ZA 54 1.75 6.71 31.41
C ASP ZA 54 0.25 6.52 31.54
N GLU ZA 55 -0.49 6.74 30.45
CA GLU ZA 55 -1.95 6.70 30.46
C GLU ZA 55 -2.47 6.19 29.12
N VAL ZA 56 -3.72 5.69 29.13
CA VAL ZA 56 -4.42 5.40 27.89
C VAL ZA 56 -5.90 5.76 28.04
N LYS ZA 57 -6.50 6.29 26.97
CA LYS ZA 57 -7.85 6.84 27.00
C LYS ZA 57 -8.60 6.55 25.70
N ARG ZA 58 -9.95 6.49 25.75
CA ARG ZA 58 -10.83 6.26 24.62
C ARG ZA 58 -11.50 7.54 24.11
N TYR ZA 59 -11.79 7.56 22.80
CA TYR ZA 59 -12.60 8.60 22.17
C TYR ZA 59 -13.16 8.07 20.85
N GLU ZA 60 -13.92 8.88 20.10
CA GLU ZA 60 -14.50 8.50 18.81
C GLU ZA 60 -15.05 7.07 18.81
N HIS ZA 61 -16.04 6.83 19.66
CA HIS ZA 61 -16.74 5.57 19.61
C HIS ZA 61 -17.54 5.45 18.32
N ASN ZA 62 -17.49 4.28 17.69
CA ASN ZA 62 -18.44 3.89 16.64
C ASN ZA 62 -18.54 2.38 16.58
N VAL ZA 63 -19.61 1.86 15.97
CA VAL ZA 63 -19.75 0.43 15.78
C VAL ZA 63 -19.56 0.13 14.30
N ASN ZA 64 -18.46 -0.53 13.93
CA ASN ZA 64 -18.28 -0.96 12.55
C ASN ZA 64 -19.22 -2.12 12.29
N VAL ZA 65 -20.14 -1.95 11.34
CA VAL ZA 65 -21.07 -2.99 10.94
C VAL ZA 65 -20.79 -3.29 9.48
N GLU ZA 66 -20.55 -4.56 9.15
CA GLU ZA 66 -20.50 -4.96 7.75
C GLU ZA 66 -21.21 -6.29 7.53
N ILE ZA 67 -22.01 -6.33 6.46
CA ILE ZA 67 -22.91 -7.43 6.19
C ILE ZA 67 -22.76 -7.81 4.73
N THR ZA 68 -22.59 -9.10 4.45
CA THR ZA 68 -22.66 -9.63 3.10
C THR ZA 68 -23.91 -10.47 3.02
N TYR ZA 69 -24.75 -10.21 2.01
CA TYR ZA 69 -26.03 -10.88 1.89
C TYR ZA 69 -26.35 -11.18 0.42
N ALA ZA 70 -27.33 -12.07 0.17
CA ALA ZA 70 -27.54 -12.60 -1.16
C ALA ZA 70 -29.00 -12.55 -1.62
N LYS ZA 71 -29.90 -11.94 -0.84
CA LYS ZA 71 -31.25 -11.67 -1.28
C LYS ZA 71 -31.42 -10.15 -1.35
N PHE ZA 72 -31.79 -9.63 -2.51
CA PHE ZA 72 -32.01 -8.20 -2.63
C PHE ZA 72 -33.34 -7.81 -1.99
N SER ZA 73 -33.36 -6.63 -1.35
CA SER ZA 73 -34.57 -6.06 -0.82
C SER ZA 73 -34.84 -4.71 -1.48
N LEU ZA 74 -36.01 -4.57 -2.10
CA LEU ZA 74 -36.42 -3.29 -2.63
C LEU ZA 74 -36.66 -2.30 -1.50
N GLU ZA 75 -37.30 -2.75 -0.42
CA GLU ZA 75 -37.64 -1.86 0.68
C GLU ZA 75 -36.38 -1.26 1.28
N PHE ZA 76 -35.39 -2.09 1.60
CA PHE ZA 76 -34.14 -1.62 2.19
C PHE ZA 76 -33.46 -0.56 1.32
N ALA ZA 77 -33.36 -0.82 0.03
CA ALA ZA 77 -32.70 0.09 -0.91
C ALA ZA 77 -33.49 1.40 -1.06
N GLN ZA 78 -34.83 1.32 -1.15
CA GLN ZA 78 -35.65 2.51 -1.27
C GLN ZA 78 -35.71 3.34 0.02
N GLU ZA 79 -35.56 2.72 1.19
CA GLU ZA 79 -35.37 3.45 2.43
C GLU ZA 79 -34.02 4.15 2.45
N TRP ZA 80 -32.96 3.47 2.02
CA TRP ZA 80 -31.64 4.07 1.98
C TRP ZA 80 -31.61 5.29 1.05
N LEU ZA 81 -32.25 5.21 -0.11
CA LEU ZA 81 -32.35 6.33 -1.02
C LEU ZA 81 -33.13 7.48 -0.38
N GLY ZA 82 -34.28 7.18 0.23
CA GLY ZA 82 -35.20 8.18 0.72
C GLY ZA 82 -34.71 9.04 1.88
N GLY ZA 83 -33.74 8.55 2.68
CA GLY ZA 83 -33.29 9.23 3.88
C GLY ZA 83 -34.29 9.05 5.03
N PRO ZA 84 -34.02 9.65 6.21
CA PRO ZA 84 -34.80 9.40 7.41
C PRO ZA 84 -36.29 9.67 7.23
N GLY ZA 85 -37.08 8.65 7.61
CA GLY ZA 85 -38.54 8.71 7.67
C GLY ZA 85 -39.22 8.92 6.32
N ALA ZA 86 -38.55 8.59 5.22
CA ALA ZA 86 -39.11 8.68 3.88
C ALA ZA 86 -38.54 7.59 2.98
N THR ZA 87 -39.22 7.35 1.85
CA THR ZA 87 -38.87 6.25 0.95
C THR ZA 87 -38.82 6.82 -0.47
N ALA ZA 88 -37.84 6.39 -1.29
CA ALA ZA 88 -37.67 6.98 -2.61
C ALA ZA 88 -37.26 5.94 -3.66
N THR ZA 89 -37.68 6.20 -4.91
CA THR ZA 89 -37.36 5.37 -6.06
C THR ZA 89 -36.23 5.94 -6.91
N ALA ZA 90 -35.51 6.94 -6.38
CA ALA ZA 90 -34.47 7.68 -7.10
C ALA ZA 90 -33.57 8.35 -6.06
N SER ZA 91 -32.33 8.69 -6.43
CA SER ZA 91 -31.42 9.43 -5.56
C SER ZA 91 -32.08 10.71 -5.06
N GLN ZA 92 -31.90 11.04 -3.77
CA GLN ZA 92 -32.39 12.29 -3.22
C GLN ZA 92 -31.23 13.26 -3.01
N ASP ZA 93 -31.40 14.51 -3.43
CA ASP ZA 93 -30.40 15.54 -3.17
C ASP ZA 93 -30.62 16.23 -1.81
N ASP ZA 94 -30.37 15.49 -0.72
CA ASP ZA 94 -30.36 16.05 0.63
C ASP ZA 94 -29.39 15.30 1.54
N SER ZA 95 -29.03 15.94 2.66
CA SER ZA 95 -27.80 15.62 3.37
C SER ZA 95 -28.01 14.63 4.52
N ASP ZA 96 -29.25 14.25 4.85
CA ASP ZA 96 -29.50 13.29 5.92
C ASP ZA 96 -29.43 11.84 5.42
N PRO ZA 97 -28.48 11.00 5.92
CA PRO ZA 97 -28.44 9.58 5.55
C PRO ZA 97 -29.51 8.82 6.33
N MET ZA 98 -30.08 7.78 5.72
CA MET ZA 98 -31.04 6.93 6.42
C MET ZA 98 -30.34 6.18 7.57
N LYS ZA 99 -30.91 6.27 8.77
CA LYS ZA 99 -30.35 5.64 9.95
C LYS ZA 99 -31.18 4.39 10.27
N PHE ZA 100 -30.57 3.22 10.33
CA PHE ZA 100 -31.28 2.00 10.64
C PHE ZA 100 -30.90 1.54 12.05
N ASN ZA 101 -31.88 1.13 12.87
CA ASN ZA 101 -31.56 0.34 14.03
C ASN ZA 101 -31.40 -1.11 13.64
N LEU ZA 102 -30.45 -1.78 14.28
CA LEU ZA 102 -30.08 -3.13 13.88
C LEU ZA 102 -30.09 -4.02 15.11
N GLU ZA 103 -30.57 -5.26 14.95
CA GLU ZA 103 -30.50 -6.26 16.01
C GLU ZA 103 -30.14 -7.63 15.43
N ASN ZA 104 -29.18 -8.33 16.05
CA ASN ZA 104 -28.80 -9.67 15.68
C ASN ZA 104 -28.92 -10.60 16.88
N VAL ZA 105 -29.72 -11.66 16.75
CA VAL ZA 105 -29.97 -12.59 17.83
C VAL ZA 105 -29.43 -13.96 17.44
N THR ZA 106 -28.62 -14.55 18.33
CA THR ZA 106 -28.05 -15.89 18.10
C THR ZA 106 -28.15 -16.73 19.37
N PRO ZA 107 -28.65 -17.98 19.27
CA PRO ZA 107 -28.34 -18.97 20.30
C PRO ZA 107 -26.86 -19.30 20.30
N SER ZA 108 -26.29 -19.61 21.46
CA SER ZA 108 -24.98 -20.26 21.52
C SER ZA 108 -25.11 -21.72 21.05
N ALA ZA 109 -23.98 -22.34 20.69
CA ALA ZA 109 -23.96 -23.64 20.05
C ALA ZA 109 -24.59 -24.76 20.89
N SER ZA 110 -24.34 -24.76 22.22
CA SER ZA 110 -24.91 -25.74 23.14
C SER ZA 110 -26.12 -25.20 23.94
N GLY ZA 111 -26.66 -24.03 23.56
CA GLY ZA 111 -27.83 -23.45 24.21
C GLY ZA 111 -27.58 -22.91 25.62
N GLY ZA 112 -26.32 -22.65 26.00
CA GLY ZA 112 -25.99 -22.04 27.27
C GLY ZA 112 -26.56 -20.61 27.42
N PHE ZA 113 -26.70 -19.90 26.30
CA PHE ZA 113 -27.26 -18.55 26.30
C PHE ZA 113 -27.83 -18.16 24.95
N GLU ZA 114 -28.61 -17.07 24.91
CA GLU ZA 114 -28.98 -16.45 23.66
C GLU ZA 114 -28.40 -15.05 23.61
N ARG ZA 115 -27.31 -14.86 22.85
CA ARG ZA 115 -26.67 -13.56 22.73
C ARG ZA 115 -27.49 -12.69 21.77
N THR ZA 116 -27.94 -11.53 22.27
CA THR ZA 116 -28.53 -10.50 21.43
C THR ZA 116 -27.61 -9.28 21.39
N THR ZA 117 -27.26 -8.83 20.18
CA THR ZA 117 -26.53 -7.60 19.93
C THR ZA 117 -27.45 -6.60 19.26
N ALA ZA 118 -27.54 -5.36 19.78
CA ALA ZA 118 -28.30 -4.31 19.13
C ALA ZA 118 -27.46 -3.03 18.94
N VAL ZA 119 -27.70 -2.32 17.84
CA VAL ZA 119 -26.92 -1.16 17.45
C VAL ZA 119 -27.85 -0.04 17.01
N GLU ZA 120 -27.62 1.20 17.48
CA GLU ZA 120 -28.43 2.32 17.03
C GLU ZA 120 -27.78 3.08 15.86
N ASN ZA 121 -28.63 3.64 14.99
CA ASN ZA 121 -28.25 4.60 13.98
C ASN ZA 121 -27.11 4.11 13.07
N VAL ZA 122 -27.21 2.89 12.54
CA VAL ZA 122 -26.27 2.45 11.51
C VAL ZA 122 -26.56 3.21 10.22
N VAL ZA 123 -25.51 3.72 9.59
CA VAL ZA 123 -25.65 4.38 8.30
C VAL ZA 123 -24.63 3.79 7.35
N PHE ZA 124 -25.02 3.66 6.08
CA PHE ZA 124 -24.18 3.03 5.09
C PHE ZA 124 -23.77 4.07 4.06
N PRO ZA 125 -22.48 4.42 3.93
CA PRO ZA 125 -22.07 5.43 2.97
C PRO ZA 125 -22.41 5.06 1.52
N GLU ZA 126 -22.40 3.75 1.22
CA GLU ZA 126 -22.74 3.30 -0.12
C GLU ZA 126 -23.54 2.00 -0.06
N LEU ZA 127 -24.41 1.84 -1.05
CA LEU ZA 127 -25.32 0.72 -1.14
C LEU ZA 127 -25.16 0.08 -2.52
N PRO ZA 128 -24.74 -1.19 -2.61
CA PRO ZA 128 -24.70 -1.87 -3.90
C PRO ZA 128 -26.12 -2.22 -4.36
N LEU ZA 129 -26.47 -1.75 -5.55
CA LEU ZA 129 -27.78 -2.00 -6.12
C LEU ZA 129 -27.77 -3.25 -6.99
N ASP ZA 130 -26.78 -3.31 -7.87
CA ASP ZA 130 -26.57 -4.48 -8.73
C ASP ZA 130 -25.17 -4.99 -8.48
N SER ZA 131 -25.04 -6.30 -8.38
CA SER ZA 131 -23.76 -6.92 -8.05
C SER ZA 131 -23.66 -8.28 -8.78
N ALA ZA 132 -23.81 -8.20 -10.11
CA ALA ZA 132 -23.88 -9.33 -11.01
C ALA ZA 132 -22.48 -9.89 -11.26
N THR ZA 133 -22.37 -11.23 -11.35
CA THR ZA 133 -21.15 -11.90 -11.77
C THR ZA 133 -21.51 -13.17 -12.51
N TYR ZA 134 -20.76 -13.53 -13.57
CA TYR ZA 134 -21.17 -14.64 -14.41
C TYR ZA 134 -21.26 -15.94 -13.63
N GLY ZA 135 -22.42 -16.60 -13.69
CA GLY ZA 135 -22.60 -17.90 -13.06
C GLY ZA 135 -22.68 -17.82 -11.53
N GLU ZA 136 -23.12 -16.68 -10.99
CA GLU ZA 136 -23.33 -16.54 -9.55
C GLU ZA 136 -24.62 -15.77 -9.23
N TYR ZA 137 -25.18 -16.03 -8.05
CA TYR ZA 137 -26.20 -15.16 -7.52
C TYR ZA 137 -25.56 -13.84 -7.11
N GLU ZA 138 -26.32 -12.75 -7.20
CA GLU ZA 138 -25.77 -11.46 -6.81
C GLU ZA 138 -25.52 -11.45 -5.31
N GLU ZA 139 -24.30 -11.07 -4.93
CA GLU ZA 139 -23.91 -10.99 -3.53
C GLU ZA 139 -23.55 -9.54 -3.23
N TYR ZA 140 -24.15 -8.98 -2.17
CA TYR ZA 140 -24.07 -7.57 -1.87
C TYR ZA 140 -23.33 -7.37 -0.56
N SER ZA 141 -22.38 -6.41 -0.53
CA SER ZA 141 -21.66 -6.09 0.70
C SER ZA 141 -21.98 -4.68 1.18
N LEU ZA 142 -22.49 -4.55 2.42
CA LEU ZA 142 -22.67 -3.27 3.08
C LEU ZA 142 -21.56 -3.05 4.10
N THR ZA 143 -21.09 -1.81 4.19
CA THR ZA 143 -20.27 -1.39 5.33
C THR ZA 143 -20.86 -0.10 5.89
N GLY ZA 144 -20.93 0.00 7.22
CA GLY ZA 144 -21.56 1.16 7.84
C GLY ZA 144 -21.08 1.36 9.27
N SER ZA 145 -21.41 2.53 9.82
CA SER ZA 145 -21.03 2.87 11.18
C SER ZA 145 -22.29 3.13 12.00
N GLY ZA 146 -22.51 2.31 13.03
CA GLY ZA 146 -23.50 2.61 14.04
C GLY ZA 146 -22.95 3.61 15.06
N ARG ZA 147 -23.85 4.31 15.76
CA ARG ZA 147 -23.43 5.26 16.77
C ARG ZA 147 -22.95 4.54 18.03
N SER ZA 148 -23.71 3.56 18.51
CA SER ZA 148 -23.38 2.86 19.73
C SER ZA 148 -24.09 1.51 19.81
N VAL ZA 149 -23.59 0.62 20.69
CA VAL ZA 149 -24.25 -0.63 21.01
C VAL ZA 149 -25.29 -0.37 22.09
N THR ZA 150 -26.58 -0.56 21.77
CA THR ZA 150 -27.63 -0.26 22.72
C THR ZA 150 -27.94 -1.45 23.63
N ASN ZA 151 -27.64 -2.68 23.20
CA ASN ZA 151 -27.84 -3.87 24.02
C ASN ZA 151 -26.85 -4.97 23.66
N LEU ZA 152 -26.35 -5.67 24.69
CA LEU ZA 152 -25.56 -6.88 24.58
C LEU ZA 152 -25.85 -7.74 25.81
N ALA ZA 153 -26.68 -8.79 25.64
CA ALA ZA 153 -27.16 -9.54 26.79
C ALA ZA 153 -27.49 -10.98 26.42
N ASP ZA 154 -27.59 -11.82 27.45
CA ASP ZA 154 -28.23 -13.12 27.35
C ASP ZA 154 -29.74 -12.91 27.47
N THR ZA 155 -30.43 -12.93 26.33
CA THR ZA 155 -31.87 -12.70 26.29
C THR ZA 155 -32.69 -13.98 26.45
N SER ZA 156 -32.05 -15.12 26.76
CA SER ZA 156 -32.76 -16.37 27.03
C SER ZA 156 -33.62 -16.29 28.29
N GLY ZA 157 -34.65 -17.14 28.39
CA GLY ZA 157 -35.57 -17.13 29.51
C GLY ZA 157 -34.90 -17.53 30.82
N ALA AB 2 -45.27 -5.14 2.20
CA ALA AB 2 -44.18 -4.86 1.22
C ALA AB 2 -43.66 -6.15 0.58
N THR AB 3 -42.89 -6.01 -0.50
CA THR AB 3 -42.40 -7.13 -1.31
C THR AB 3 -41.28 -7.88 -0.58
N SER AB 4 -41.33 -9.22 -0.61
CA SER AB 4 -40.37 -10.09 0.05
C SER AB 4 -38.97 -9.92 -0.54
N PRO AB 5 -37.88 -9.96 0.26
CA PRO AB 5 -36.54 -10.03 -0.31
C PRO AB 5 -36.36 -11.34 -1.06
N GLU AB 6 -35.55 -11.31 -2.12
CA GLU AB 6 -35.41 -12.51 -2.95
C GLU AB 6 -34.04 -12.55 -3.60
N GLY AB 7 -33.56 -13.77 -3.88
CA GLY AB 7 -32.31 -13.97 -4.60
C GLY AB 7 -32.39 -13.41 -6.02
N ILE AB 8 -31.25 -12.93 -6.55
CA ILE AB 8 -31.19 -12.52 -7.94
C ILE AB 8 -30.05 -13.26 -8.60
N TRP AB 9 -30.33 -13.80 -9.79
CA TRP AB 9 -29.37 -14.56 -10.56
C TRP AB 9 -28.73 -13.66 -11.60
N SER AB 10 -27.39 -13.60 -11.61
CA SER AB 10 -26.67 -12.60 -12.37
C SER AB 10 -27.00 -12.67 -13.86
N ASN AB 11 -27.05 -13.88 -14.41
CA ASN AB 11 -27.17 -14.06 -15.84
C ASN AB 11 -28.54 -13.62 -16.37
N SER AB 12 -29.51 -13.34 -15.50
CA SER AB 12 -30.81 -12.79 -15.91
C SER AB 12 -30.77 -11.28 -16.17
N GLY AB 13 -29.61 -10.63 -16.04
CA GLY AB 13 -29.45 -9.21 -16.35
C GLY AB 13 -29.66 -8.88 -17.84
N ALA AB 14 -29.90 -7.59 -18.09
CA ALA AB 14 -30.23 -7.07 -19.40
C ALA AB 14 -29.78 -5.60 -19.44
N LEU AB 15 -28.46 -5.42 -19.43
CA LEU AB 15 -27.86 -4.10 -19.46
C LEU AB 15 -28.07 -3.42 -20.82
N THR AB 16 -28.44 -2.13 -20.81
CA THR AB 16 -28.52 -1.31 -22.01
C THR AB 16 -27.99 0.10 -21.72
N PHE AB 17 -27.40 0.72 -22.75
CA PHE AB 17 -26.96 2.10 -22.68
C PHE AB 17 -27.71 2.94 -23.72
N GLU AB 18 -27.98 4.20 -23.38
CA GLU AB 18 -28.64 5.11 -24.29
C GLU AB 18 -27.91 6.44 -24.35
N ASP AB 19 -27.97 7.09 -25.51
CA ASP AB 19 -27.54 8.47 -25.65
C ASP AB 19 -28.57 9.39 -25.01
N PRO AB 20 -28.22 10.21 -23.98
CA PRO AB 20 -29.19 11.07 -23.31
C PRO AB 20 -29.73 12.21 -24.18
N ALA AB 21 -29.14 12.46 -25.36
CA ALA AB 21 -29.66 13.46 -26.29
C ALA AB 21 -30.91 12.95 -27.03
N ASP AB 22 -31.11 11.62 -27.12
CA ASP AB 22 -32.10 11.01 -28.00
C ASP AB 22 -33.01 10.01 -27.30
N ASP AB 23 -32.49 9.38 -26.22
CA ASP AB 23 -32.96 8.09 -25.71
C ASP AB 23 -32.75 6.96 -26.73
N SER AB 24 -31.90 7.18 -27.77
CA SER AB 24 -31.53 6.14 -28.72
C SER AB 24 -30.54 5.17 -28.11
N GLU AB 25 -30.67 3.88 -28.46
CA GLU AB 25 -29.78 2.86 -27.90
C GLU AB 25 -28.38 2.99 -28.45
N ILE AB 26 -27.38 2.75 -27.59
CA ILE AB 26 -26.00 2.53 -27.98
C ILE AB 26 -25.74 1.04 -27.86
N LEU AB 27 -25.37 0.39 -28.97
CA LEU AB 27 -25.19 -1.07 -29.00
C LEU AB 27 -24.11 -1.50 -28.02
N PHE AB 28 -24.50 -2.39 -27.10
CA PHE AB 28 -23.56 -2.96 -26.14
C PHE AB 28 -24.09 -4.30 -25.68
N ALA AB 29 -23.16 -5.25 -25.46
CA ALA AB 29 -23.58 -6.62 -25.19
C ALA AB 29 -22.44 -7.44 -24.61
N GLY AB 30 -22.73 -8.67 -24.18
CA GLY AB 30 -21.68 -9.58 -23.77
C GLY AB 30 -21.12 -9.26 -22.39
N VAL AB 31 -21.92 -8.73 -21.45
CA VAL AB 31 -21.41 -8.53 -20.10
C VAL AB 31 -21.10 -9.85 -19.39
N ARG AB 32 -20.25 -9.75 -18.36
CA ARG AB 32 -19.88 -10.86 -17.51
C ARG AB 32 -19.99 -10.46 -16.05
N ASP AB 33 -19.53 -9.26 -15.70
CA ASP AB 33 -19.76 -8.69 -14.37
C ASP AB 33 -20.38 -7.31 -14.50
N VAL AB 34 -21.25 -6.94 -13.56
CA VAL AB 34 -21.91 -5.63 -13.53
C VAL AB 34 -22.14 -5.23 -12.09
N THR AB 35 -21.45 -4.19 -11.62
CA THR AB 35 -21.65 -3.64 -10.28
C THR AB 35 -22.10 -2.19 -10.38
N ILE AB 36 -23.19 -1.84 -9.69
CA ILE AB 36 -23.70 -0.49 -9.66
C ILE AB 36 -23.92 -0.10 -8.21
N THR AB 37 -23.25 0.97 -7.75
CA THR AB 37 -23.24 1.32 -6.33
C THR AB 37 -23.40 2.82 -6.15
N PRO AB 38 -24.61 3.32 -5.84
CA PRO AB 38 -24.77 4.68 -5.35
C PRO AB 38 -24.04 4.86 -4.02
N ALA AB 39 -23.34 5.99 -3.90
CA ALA AB 39 -22.52 6.28 -2.74
C ALA AB 39 -22.59 7.77 -2.39
N TYR AB 40 -22.27 8.06 -1.13
CA TYR AB 40 -22.02 9.42 -0.71
C TYR AB 40 -20.79 9.41 0.20
N GLU AB 41 -20.13 10.57 0.28
CA GLU AB 41 -19.20 10.79 1.37
C GLU AB 41 -20.00 11.04 2.65
N HIS AB 42 -19.54 10.51 3.78
CA HIS AB 42 -20.11 10.80 5.09
C HIS AB 42 -19.15 11.64 5.93
N ALA AB 43 -19.67 12.73 6.50
CA ALA AB 43 -18.95 13.48 7.52
C ALA AB 43 -19.63 13.28 8.87
N GLU AB 44 -18.86 12.83 9.87
CA GLU AB 44 -19.35 12.58 11.21
C GLU AB 44 -18.84 13.67 12.14
N LEU AB 45 -19.73 14.25 12.95
CA LEU AB 45 -19.34 15.25 13.94
C LEU AB 45 -18.99 14.62 15.30
N TYR AB 46 -17.84 14.99 15.86
CA TYR AB 46 -17.51 14.61 17.21
C TYR AB 46 -16.87 15.77 17.96
N THR AB 47 -17.16 15.87 19.26
CA THR AB 47 -16.72 16.99 20.09
C THR AB 47 -16.38 16.53 21.50
N ILE AB 48 -15.73 17.38 22.29
CA ILE AB 48 -15.31 17.05 23.64
C ILE AB 48 -16.49 16.65 24.54
N ASP AB 49 -17.72 17.04 24.16
CA ASP AB 49 -18.90 16.78 24.98
C ASP AB 49 -19.12 15.29 25.23
N SER AB 50 -18.87 14.46 24.20
CA SER AB 50 -19.21 13.04 24.21
C SER AB 50 -18.26 12.21 23.34
N THR AB 51 -18.01 10.98 23.74
CA THR AB 51 -17.28 10.06 22.88
C THR AB 51 -18.13 9.57 21.71
N PHE AB 52 -19.45 9.67 21.82
CA PHE AB 52 -20.33 9.24 20.75
C PHE AB 52 -20.45 10.30 19.67
N ARG AB 53 -20.83 9.85 18.48
CA ARG AB 53 -21.06 10.70 17.33
C ARG AB 53 -22.24 11.64 17.60
N ASP AB 54 -22.04 12.95 17.33
CA ASP AB 54 -23.09 13.94 17.52
C ASP AB 54 -24.09 13.88 16.36
N GLU AB 55 -23.57 13.90 15.13
CA GLU AB 55 -24.35 13.97 13.90
C GLU AB 55 -23.60 13.28 12.75
N VAL AB 56 -24.34 12.97 11.67
CA VAL AB 56 -23.71 12.49 10.45
C VAL AB 56 -24.48 12.99 9.23
N LYS AB 57 -23.77 13.23 8.12
CA LYS AB 57 -24.36 13.87 6.95
C LYS AB 57 -23.75 13.34 5.65
N ARG AB 58 -24.52 13.39 4.54
CA ARG AB 58 -24.14 12.96 3.20
C ARG AB 58 -23.73 14.14 2.30
N TYR AB 59 -22.78 13.89 1.40
CA TYR AB 59 -22.40 14.85 0.36
C TYR AB 59 -21.67 14.10 -0.77
N GLU AB 60 -21.41 14.78 -1.91
CA GLU AB 60 -20.72 14.16 -3.05
C GLU AB 60 -21.37 12.84 -3.46
N HIS AB 61 -22.64 12.90 -3.83
CA HIS AB 61 -23.27 11.74 -4.43
C HIS AB 61 -22.61 11.41 -5.77
N ASN AB 62 -22.34 10.13 -5.97
CA ASN AB 62 -22.05 9.59 -7.29
C ASN AB 62 -22.48 8.13 -7.33
N VAL AB 63 -22.56 7.54 -8.53
CA VAL AB 63 -22.82 6.12 -8.66
C VAL AB 63 -21.58 5.49 -9.26
N ASN AB 64 -20.92 4.59 -8.53
CA ASN AB 64 -19.87 3.76 -9.13
C ASN AB 64 -20.51 2.74 -10.07
N VAL AB 65 -20.13 2.78 -11.35
CA VAL AB 65 -20.49 1.75 -12.31
C VAL AB 65 -19.22 1.04 -12.74
N GLU AB 66 -19.15 -0.28 -12.54
CA GLU AB 66 -18.08 -1.05 -13.17
C GLU AB 66 -18.66 -2.27 -13.88
N ILE AB 67 -18.21 -2.47 -15.11
CA ILE AB 67 -18.74 -3.47 -16.01
C ILE AB 67 -17.58 -4.24 -16.61
N THR AB 68 -17.62 -5.58 -16.53
CA THR AB 68 -16.70 -6.41 -17.30
C THR AB 68 -17.48 -7.06 -18.43
N TYR AB 69 -16.97 -6.99 -19.65
CA TYR AB 69 -17.68 -7.49 -20.81
C TYR AB 69 -16.72 -8.05 -21.86
N ALA AB 70 -17.25 -8.88 -22.78
CA ALA AB 70 -16.40 -9.67 -23.65
C ALA AB 70 -16.82 -9.63 -25.12
N LYS AB 71 -17.85 -8.86 -25.49
CA LYS AB 71 -18.13 -8.54 -26.88
C LYS AB 71 -17.77 -7.07 -27.11
N PHE AB 72 -16.85 -6.80 -28.04
CA PHE AB 72 -16.49 -5.43 -28.34
C PHE AB 72 -17.59 -4.75 -29.17
N SER AB 73 -17.81 -3.44 -28.89
CA SER AB 73 -18.76 -2.63 -29.65
C SER AB 73 -18.04 -1.43 -30.27
N LEU AB 74 -18.04 -1.33 -31.60
CA LEU AB 74 -17.51 -0.14 -32.24
C LEU AB 74 -18.34 1.09 -31.93
N GLU AB 75 -19.67 0.95 -31.87
CA GLU AB 75 -20.51 2.09 -31.58
C GLU AB 75 -20.22 2.65 -30.19
N PHE AB 76 -20.11 1.81 -29.16
CA PHE AB 76 -19.78 2.28 -27.83
C PHE AB 76 -18.42 2.98 -27.77
N ALA AB 77 -17.40 2.41 -28.37
CA ALA AB 77 -16.08 3.02 -28.39
C ALA AB 77 -16.05 4.33 -29.17
N GLN AB 78 -16.72 4.41 -30.33
CA GLN AB 78 -16.72 5.62 -31.14
C GLN AB 78 -17.60 6.72 -30.56
N GLU AB 79 -18.65 6.38 -29.82
CA GLU AB 79 -19.38 7.34 -28.99
C GLU AB 79 -18.47 7.88 -27.87
N TRP AB 80 -17.75 7.00 -27.17
CA TRP AB 80 -16.87 7.43 -26.10
C TRP AB 80 -15.76 8.36 -26.60
N LEU AB 81 -15.16 8.05 -27.75
CA LEU AB 81 -14.14 8.89 -28.35
C LEU AB 81 -14.72 10.25 -28.73
N GLY AB 82 -15.90 10.24 -29.36
CA GLY AB 82 -16.46 11.46 -29.95
C GLY AB 82 -16.99 12.49 -28.96
N GLY AB 83 -17.31 12.10 -27.72
CA GLY AB 83 -17.92 13.01 -26.79
C GLY AB 83 -19.41 13.24 -27.07
N PRO AB 84 -20.09 14.11 -26.31
CA PRO AB 84 -21.54 14.25 -26.42
C PRO AB 84 -22.02 14.62 -27.81
N GLY AB 85 -23.01 13.85 -28.28
CA GLY AB 85 -23.71 14.11 -29.52
C GLY AB 85 -22.90 13.83 -30.79
N ALA AB 86 -21.79 13.09 -30.66
CA ALA AB 86 -20.92 12.84 -31.81
C ALA AB 86 -20.23 11.48 -31.76
N THR AB 87 -19.99 10.93 -32.95
CA THR AB 87 -19.20 9.73 -33.20
C THR AB 87 -17.84 10.18 -33.71
N ALA AB 88 -16.76 9.56 -33.23
CA ALA AB 88 -15.43 9.80 -33.79
C ALA AB 88 -14.61 8.52 -33.89
N THR AB 89 -13.72 8.48 -34.90
CA THR AB 89 -12.86 7.33 -35.13
C THR AB 89 -11.43 7.55 -34.66
N ALA AB 90 -11.21 8.56 -33.80
CA ALA AB 90 -9.90 8.91 -33.27
C ALA AB 90 -10.10 9.78 -32.05
N SER AB 91 -9.06 9.96 -31.22
CA SER AB 91 -9.09 10.84 -30.05
C SER AB 91 -9.49 12.26 -30.45
N GLN AB 92 -10.38 12.88 -29.65
CA GLN AB 92 -10.78 14.26 -29.87
C GLN AB 92 -10.16 15.16 -28.81
N ASP AB 93 -9.63 16.31 -29.24
CA ASP AB 93 -9.06 17.27 -28.31
C ASP AB 93 -10.14 18.21 -27.80
N ASP AB 94 -11.04 17.71 -26.93
CA ASP AB 94 -12.04 18.55 -26.27
C ASP AB 94 -12.39 18.08 -24.85
N SER AB 95 -12.99 18.98 -24.07
CA SER AB 95 -13.06 18.86 -22.62
C SER AB 95 -14.27 18.04 -22.14
N ASP AB 96 -15.26 17.75 -23.00
CA ASP AB 96 -16.48 17.06 -22.58
C ASP AB 96 -16.38 15.54 -22.76
N PRO AB 97 -16.62 14.73 -21.70
CA PRO AB 97 -16.71 13.29 -21.86
C PRO AB 97 -18.08 12.90 -22.41
N MET AB 98 -18.13 11.77 -23.11
CA MET AB 98 -19.41 11.18 -23.47
C MET AB 98 -20.17 10.77 -22.22
N LYS AB 99 -21.45 11.15 -22.12
CA LYS AB 99 -22.29 10.77 -21.00
C LYS AB 99 -23.32 9.75 -21.47
N PHE AB 100 -23.36 8.58 -20.85
CA PHE AB 100 -24.33 7.54 -21.21
C PHE AB 100 -25.41 7.43 -20.13
N ASN AB 101 -26.67 7.38 -20.53
CA ASN AB 101 -27.66 6.84 -19.62
C ASN AB 101 -27.51 5.32 -19.63
N LEU AB 102 -27.70 4.70 -18.46
CA LEU AB 102 -27.50 3.27 -18.31
C LEU AB 102 -28.72 2.71 -17.60
N GLU AB 103 -29.16 1.51 -18.03
CA GLU AB 103 -30.24 0.84 -17.34
C GLU AB 103 -30.00 -0.67 -17.33
N ASN AB 104 -30.32 -1.30 -16.21
CA ASN AB 104 -30.24 -2.74 -16.09
C ASN AB 104 -31.54 -3.27 -15.50
N VAL AB 105 -32.07 -4.34 -16.09
CA VAL AB 105 -33.31 -4.95 -15.66
C VAL AB 105 -33.04 -6.42 -15.35
N THR AB 106 -33.40 -6.87 -14.14
CA THR AB 106 -33.28 -8.26 -13.77
C THR AB 106 -34.56 -8.73 -13.10
N PRO AB 107 -35.17 -9.83 -13.60
CA PRO AB 107 -36.09 -10.62 -12.79
C PRO AB 107 -35.42 -11.12 -11.51
N SER AB 108 -36.19 -11.20 -10.43
CA SER AB 108 -35.73 -11.94 -9.26
C SER AB 108 -35.81 -13.45 -9.52
N ALA AB 109 -35.13 -14.24 -8.69
CA ALA AB 109 -34.90 -15.67 -8.94
C ALA AB 109 -36.19 -16.49 -9.00
N SER AB 110 -37.17 -16.21 -8.10
CA SER AB 110 -38.50 -16.83 -8.10
C SER AB 110 -39.55 -15.99 -8.83
N GLY AB 111 -39.13 -14.96 -9.58
CA GLY AB 111 -40.04 -14.09 -10.32
C GLY AB 111 -40.93 -13.19 -9.45
N GLY AB 112 -40.62 -13.04 -8.15
CA GLY AB 112 -41.42 -12.24 -7.23
C GLY AB 112 -41.48 -10.74 -7.57
N PHE AB 113 -40.45 -10.24 -8.27
CA PHE AB 113 -40.39 -8.86 -8.72
C PHE AB 113 -39.40 -8.73 -9.89
N GLU AB 114 -39.40 -7.57 -10.54
CA GLU AB 114 -38.40 -7.29 -11.55
C GLU AB 114 -37.67 -5.99 -11.22
N ARG AB 115 -36.44 -6.07 -10.69
CA ARG AB 115 -35.67 -4.88 -10.36
C ARG AB 115 -35.21 -4.18 -11.64
N THR AB 116 -35.60 -2.93 -11.83
CA THR AB 116 -34.99 -2.05 -12.80
C THR AB 116 -34.13 -1.00 -12.09
N THR AB 117 -32.85 -0.92 -12.43
CA THR AB 117 -31.94 0.10 -11.93
C THR AB 117 -31.52 1.00 -13.09
N ALA AB 118 -31.74 2.31 -12.99
CA ALA AB 118 -31.37 3.26 -14.02
C ALA AB 118 -30.48 4.37 -13.46
N VAL AB 119 -29.45 4.74 -14.22
CA VAL AB 119 -28.44 5.69 -13.81
C VAL AB 119 -28.25 6.75 -14.90
N GLU AB 120 -28.20 8.03 -14.53
CA GLU AB 120 -27.95 9.09 -15.49
C GLU AB 120 -26.46 9.48 -15.58
N ASN AB 121 -26.05 9.95 -16.76
CA ASN AB 121 -24.77 10.58 -17.00
C ASN AB 121 -23.59 9.77 -16.45
N VAL AB 122 -23.52 8.49 -16.80
CA VAL AB 122 -22.32 7.71 -16.55
C VAL AB 122 -21.24 8.18 -17.51
N VAL AB 123 -20.04 8.42 -16.96
CA VAL AB 123 -18.85 8.71 -17.77
C VAL AB 123 -17.71 7.79 -17.37
N PHE AB 124 -16.85 7.46 -18.34
CA PHE AB 124 -15.76 6.54 -18.09
C PHE AB 124 -14.43 7.25 -18.32
N PRO AB 125 -13.57 7.44 -17.29
CA PRO AB 125 -12.27 8.06 -17.45
C PRO AB 125 -11.42 7.41 -18.51
N GLU AB 126 -11.54 6.09 -18.66
CA GLU AB 126 -10.72 5.35 -19.61
C GLU AB 126 -11.55 4.26 -20.29
N LEU AB 127 -11.22 4.00 -21.56
CA LEU AB 127 -11.90 3.00 -22.36
C LEU AB 127 -10.86 1.97 -22.78
N PRO AB 128 -11.04 0.68 -22.43
CA PRO AB 128 -10.13 -0.36 -22.90
C PRO AB 128 -10.50 -0.69 -24.34
N LEU AB 129 -9.59 -0.39 -25.27
CA LEU AB 129 -9.82 -0.70 -26.67
C LEU AB 129 -9.41 -2.14 -26.96
N ASP AB 130 -8.20 -2.49 -26.57
CA ASP AB 130 -7.64 -3.82 -26.79
C ASP AB 130 -7.25 -4.42 -25.46
N SER AB 131 -7.53 -5.72 -25.29
CA SER AB 131 -7.27 -6.40 -24.03
C SER AB 131 -6.93 -7.87 -24.31
N ALA AB 132 -5.98 -8.07 -25.24
CA ALA AB 132 -5.56 -9.39 -25.70
C ALA AB 132 -4.76 -10.11 -24.62
N THR AB 133 -5.04 -11.42 -24.44
CA THR AB 133 -4.25 -12.31 -23.61
C THR AB 133 -4.18 -13.66 -24.31
N TYR AB 134 -3.02 -14.32 -24.24
CA TYR AB 134 -2.79 -15.56 -24.96
C TYR AB 134 -3.79 -16.63 -24.54
N GLY AB 135 -4.59 -17.12 -25.51
CA GLY AB 135 -5.54 -18.18 -25.28
C GLY AB 135 -6.78 -17.74 -24.49
N GLU AB 136 -7.16 -16.46 -24.65
CA GLU AB 136 -8.41 -15.96 -24.08
C GLU AB 136 -9.15 -15.05 -25.05
N TYR AB 137 -10.47 -14.94 -24.90
CA TYR AB 137 -11.18 -13.87 -25.59
C TYR AB 137 -10.86 -12.54 -24.91
N GLU AB 138 -10.83 -11.45 -25.68
CA GLU AB 138 -10.52 -10.16 -25.11
C GLU AB 138 -11.58 -9.80 -24.08
N GLU AB 139 -11.16 -9.48 -22.85
CA GLU AB 139 -12.10 -9.11 -21.80
C GLU AB 139 -11.82 -7.67 -21.34
N TYR AB 140 -12.88 -6.86 -21.34
CA TYR AB 140 -12.79 -5.42 -21.17
C TYR AB 140 -13.42 -5.00 -19.84
N SER AB 141 -12.74 -4.13 -19.10
CA SER AB 141 -13.25 -3.62 -17.83
C SER AB 141 -13.47 -2.11 -17.89
N LEU AB 142 -14.73 -1.66 -17.83
CA LEU AB 142 -15.05 -0.25 -17.66
C LEU AB 142 -15.19 0.05 -16.18
N THR AB 143 -14.71 1.23 -15.79
CA THR AB 143 -15.02 1.79 -14.48
C THR AB 143 -15.43 3.24 -14.72
N GLY AB 144 -16.53 3.69 -14.13
CA GLY AB 144 -17.04 5.02 -14.41
C GLY AB 144 -17.97 5.53 -13.31
N SER AB 145 -18.37 6.79 -13.44
CA SER AB 145 -19.14 7.47 -12.42
C SER AB 145 -20.40 8.09 -13.01
N GLY AB 146 -21.55 7.63 -12.54
CA GLY AB 146 -22.84 8.22 -12.85
C GLY AB 146 -23.19 9.33 -11.87
N ARG AB 147 -24.09 10.23 -12.29
CA ARG AB 147 -24.47 11.38 -11.48
C ARG AB 147 -25.46 10.97 -10.38
N SER AB 148 -26.48 10.21 -10.72
CA SER AB 148 -27.51 9.81 -9.77
C SER AB 148 -28.32 8.62 -10.29
N VAL AB 149 -29.02 7.94 -9.38
CA VAL AB 149 -29.92 6.84 -9.74
C VAL AB 149 -31.28 7.43 -10.05
N THR AB 150 -31.70 7.41 -11.33
CA THR AB 150 -32.96 8.00 -11.73
C THR AB 150 -34.13 7.09 -11.42
N ASN AB 151 -33.91 5.77 -11.39
CA ASN AB 151 -34.97 4.82 -11.05
C ASN AB 151 -34.43 3.57 -10.37
N LEU AB 152 -35.13 3.12 -9.32
CA LEU AB 152 -34.95 1.82 -8.70
C LEU AB 152 -36.29 1.33 -8.20
N ALA AB 153 -36.90 0.39 -8.94
CA ALA AB 153 -38.26 -0.05 -8.65
C ALA AB 153 -38.51 -1.48 -9.13
N ASP AB 154 -39.60 -2.07 -8.62
CA ASP AB 154 -40.20 -3.25 -9.23
C ASP AB 154 -41.00 -2.83 -10.47
N THR AB 155 -40.56 -3.27 -11.66
CA THR AB 155 -41.24 -2.97 -12.91
C THR AB 155 -42.14 -4.12 -13.42
N SER AB 156 -42.36 -5.16 -12.60
CA SER AB 156 -43.30 -6.23 -12.94
C SER AB 156 -44.74 -5.71 -13.12
N GLY AB 157 -45.57 -6.51 -13.80
CA GLY AB 157 -46.81 -6.10 -14.47
C GLY AB 157 -47.68 -5.11 -13.68
N ALA BB 2 -25.70 0.02 -38.37
CA ALA BB 2 -24.79 -0.21 -37.20
C ALA BB 2 -24.24 -1.64 -37.24
N THR BB 3 -23.19 -1.89 -36.46
CA THR BB 3 -22.48 -3.17 -36.42
C THR BB 3 -22.71 -3.85 -35.07
N SER BB 4 -23.20 -5.10 -35.08
CA SER BB 4 -23.48 -5.85 -33.87
C SER BB 4 -22.20 -6.05 -33.05
N PRO BB 5 -22.22 -5.88 -31.71
CA PRO BB 5 -21.04 -6.18 -30.91
C PRO BB 5 -20.72 -7.68 -31.02
N GLU BB 6 -19.43 -7.99 -30.91
CA GLU BB 6 -18.97 -9.36 -31.14
C GLU BB 6 -17.73 -9.66 -30.31
N GLY BB 7 -17.55 -10.94 -29.93
CA GLY BB 7 -16.35 -11.30 -29.18
C GLY BB 7 -15.10 -11.17 -30.06
N ILE BB 8 -13.92 -10.97 -29.44
CA ILE BB 8 -12.67 -10.96 -30.20
C ILE BB 8 -11.74 -12.01 -29.61
N TRP BB 9 -11.05 -12.72 -30.49
CA TRP BB 9 -10.13 -13.76 -30.05
C TRP BB 9 -8.71 -13.20 -30.02
N SER BB 10 -8.01 -13.31 -28.88
CA SER BB 10 -6.74 -12.63 -28.70
C SER BB 10 -5.74 -13.04 -29.77
N ASN BB 11 -5.62 -14.34 -30.00
CA ASN BB 11 -4.58 -14.88 -30.84
C ASN BB 11 -4.76 -14.51 -32.32
N SER BB 12 -5.91 -13.95 -32.71
CA SER BB 12 -6.11 -13.46 -34.06
C SER BB 12 -5.49 -12.08 -34.29
N GLY BB 13 -4.97 -11.42 -33.24
CA GLY BB 13 -4.39 -10.10 -33.32
C GLY BB 13 -3.06 -10.07 -34.09
N ALA BB 14 -2.77 -8.90 -34.68
CA ALA BB 14 -1.54 -8.65 -35.40
C ALA BB 14 -1.08 -7.23 -35.10
N LEU BB 15 -0.01 -7.12 -34.28
CA LEU BB 15 0.54 -5.85 -33.83
C LEU BB 15 1.77 -5.50 -34.65
N THR BB 16 1.88 -4.23 -35.09
CA THR BB 16 3.06 -3.72 -35.78
C THR BB 16 3.52 -2.38 -35.19
N PHE BB 17 4.84 -2.13 -35.21
CA PHE BB 17 5.40 -0.84 -34.87
C PHE BB 17 6.02 -0.19 -36.09
N GLU BB 18 5.80 1.12 -36.23
CA GLU BB 18 6.39 1.89 -37.33
C GLU BB 18 7.13 3.11 -36.83
N ASP BB 19 8.23 3.45 -37.50
CA ASP BB 19 8.96 4.67 -37.22
C ASP BB 19 8.19 5.87 -37.78
N PRO BB 20 7.78 6.86 -36.95
CA PRO BB 20 6.97 7.97 -37.43
C PRO BB 20 7.71 8.94 -38.35
N ALA BB 21 9.03 8.79 -38.53
CA ALA BB 21 9.75 9.52 -39.57
C ALA BB 21 9.45 8.96 -40.97
N ASP BB 22 9.33 7.63 -41.10
CA ASP BB 22 9.36 6.95 -42.40
C ASP BB 22 8.07 6.18 -42.72
N ASP BB 23 7.30 5.83 -41.69
CA ASP BB 23 6.25 4.83 -41.73
C ASP BB 23 6.78 3.42 -42.03
N SER BB 24 8.10 3.20 -41.94
CA SER BB 24 8.71 1.88 -42.12
C SER BB 24 8.52 0.99 -40.88
N GLU BB 25 8.41 -0.34 -41.09
CA GLU BB 25 8.17 -1.28 -40.00
C GLU BB 25 9.43 -1.52 -39.16
N ILE BB 26 9.26 -1.57 -37.83
CA ILE BB 26 10.29 -2.00 -36.90
C ILE BB 26 9.95 -3.43 -36.47
N LEU BB 27 10.86 -4.37 -36.70
CA LEU BB 27 10.54 -5.79 -36.57
C LEU BB 27 10.27 -6.12 -35.11
N PHE BB 28 9.09 -6.66 -34.86
CA PHE BB 28 8.63 -6.98 -33.53
C PHE BB 28 7.60 -8.11 -33.69
N ALA BB 29 7.61 -9.06 -32.73
CA ALA BB 29 6.77 -10.24 -32.88
C ALA BB 29 6.57 -10.98 -31.56
N GLY BB 30 5.69 -11.98 -31.55
CA GLY BB 30 5.64 -12.88 -30.42
C GLY BB 30 4.94 -12.28 -29.21
N VAL BB 31 3.92 -11.45 -29.41
CA VAL BB 31 3.14 -10.96 -28.27
C VAL BB 31 2.41 -12.10 -27.58
N ARG BB 32 2.08 -11.87 -26.30
CA ARG BB 32 1.30 -12.77 -25.46
C ARG BB 32 0.17 -12.00 -24.78
N ASP BB 33 0.43 -10.76 -24.35
CA ASP BB 33 -0.61 -9.84 -23.92
C ASP BB 33 -0.45 -8.51 -24.64
N VAL BB 34 -1.58 -7.86 -24.96
CA VAL BB 34 -1.58 -6.51 -25.51
C VAL BB 34 -2.79 -5.78 -24.95
N THR BB 35 -2.55 -4.76 -24.13
CA THR BB 35 -3.60 -3.88 -23.63
C THR BB 35 -3.38 -2.48 -24.19
N ILE BB 36 -4.43 -1.88 -24.76
CA ILE BB 36 -4.41 -0.50 -25.22
C ILE BB 36 -5.63 0.22 -24.67
N THR BB 37 -5.41 1.28 -23.90
CA THR BB 37 -6.47 1.96 -23.17
C THR BB 37 -6.32 3.46 -23.29
N PRO BB 38 -7.05 4.15 -24.20
CA PRO BB 38 -7.17 5.60 -24.15
C PRO BB 38 -7.83 6.02 -22.83
N ALA BB 39 -7.32 7.12 -22.27
CA ALA BB 39 -7.70 7.58 -20.95
C ALA BB 39 -7.71 9.11 -20.91
N TYR BB 40 -8.48 9.67 -19.97
CA TYR BB 40 -8.34 11.05 -19.56
C TYR BB 40 -8.48 11.15 -18.06
N GLU BB 41 -7.82 12.17 -17.49
CA GLU BB 41 -8.17 12.58 -16.14
C GLU BB 41 -9.54 13.25 -16.17
N HIS BB 42 -10.35 13.01 -15.14
CA HIS BB 42 -11.65 13.68 -15.00
C HIS BB 42 -11.63 14.60 -13.78
N ALA BB 43 -12.22 15.79 -13.93
CA ALA BB 43 -12.49 16.67 -12.81
C ALA BB 43 -13.99 16.87 -12.66
N GLU BB 44 -14.51 16.61 -11.45
CA GLU BB 44 -15.94 16.68 -11.18
C GLU BB 44 -16.20 17.90 -10.27
N LEU BB 45 -17.14 18.76 -10.66
CA LEU BB 45 -17.47 19.94 -9.87
C LEU BB 45 -18.58 19.61 -8.86
N TYR BB 46 -18.31 19.95 -7.59
CA TYR BB 46 -19.33 19.93 -6.57
C TYR BB 46 -19.28 21.22 -5.76
N THR BB 47 -20.47 21.68 -5.37
CA THR BB 47 -20.63 22.93 -4.61
C THR BB 47 -21.71 22.75 -3.55
N ILE BB 48 -21.81 23.66 -2.60
CA ILE BB 48 -22.75 23.57 -1.49
C ILE BB 48 -24.20 23.51 -1.97
N ASP BB 49 -24.47 23.94 -3.21
CA ASP BB 49 -25.80 24.00 -3.78
C ASP BB 49 -26.48 22.63 -3.91
N SER BB 50 -25.72 21.53 -3.99
CA SER BB 50 -26.28 20.20 -4.21
C SER BB 50 -25.34 19.10 -3.73
N THR BB 51 -25.90 17.93 -3.44
CA THR BB 51 -25.09 16.74 -3.24
C THR BB 51 -24.70 16.10 -4.57
N PHE BB 52 -25.42 16.41 -5.65
CA PHE BB 52 -25.13 15.86 -6.96
C PHE BB 52 -24.05 16.68 -7.66
N ARG BB 53 -23.35 16.00 -8.57
CA ARG BB 53 -22.31 16.57 -9.41
C ARG BB 53 -22.87 17.64 -10.33
N ASP BB 54 -22.28 18.85 -10.30
CA ASP BB 54 -22.67 19.96 -11.15
C ASP BB 54 -22.15 19.75 -12.57
N GLU BB 55 -20.87 19.41 -12.72
CA GLU BB 55 -20.23 19.27 -14.01
C GLU BB 55 -19.15 18.19 -13.98
N VAL BB 56 -18.78 17.67 -15.17
CA VAL BB 56 -17.60 16.82 -15.28
C VAL BB 56 -16.89 17.10 -16.60
N LYS BB 57 -15.54 17.06 -16.58
CA LYS BB 57 -14.73 17.47 -17.72
C LYS BB 57 -13.48 16.59 -17.82
N ARG BB 58 -12.96 16.41 -19.05
CA ARG BB 58 -11.73 15.68 -19.33
C ARG BB 58 -10.53 16.61 -19.47
N TYR BB 59 -9.32 16.13 -19.14
CA TYR BB 59 -8.10 16.88 -19.42
C TYR BB 59 -6.97 16.02 -19.94
N GLU BB 60 -6.03 15.56 -19.12
CA GLU BB 60 -4.81 14.94 -19.64
C GLU BB 60 -5.13 13.64 -20.38
N HIS BB 61 -5.16 13.71 -21.71
CA HIS BB 61 -5.31 12.51 -22.50
C HIS BB 61 -3.98 11.78 -22.61
N ASN BB 62 -4.04 10.45 -22.55
CA ASN BB 62 -2.98 9.59 -23.07
C ASN BB 62 -3.56 8.24 -23.49
N VAL BB 63 -2.74 7.39 -24.11
CA VAL BB 63 -3.13 6.03 -24.35
C VAL BB 63 -2.18 5.14 -23.57
N ASN BB 64 -2.68 4.43 -22.55
CA ASN BB 64 -1.86 3.45 -21.85
C ASN BB 64 -1.69 2.24 -22.75
N VAL BB 65 -0.45 1.94 -23.13
CA VAL BB 65 -0.13 0.78 -23.92
C VAL BB 65 0.73 -0.12 -23.05
N GLU BB 66 0.34 -1.38 -22.89
CA GLU BB 66 1.26 -2.36 -22.32
C GLU BB 66 1.21 -3.68 -23.06
N ILE BB 67 2.39 -4.24 -23.28
CA ILE BB 67 2.57 -5.40 -24.12
C ILE BB 67 3.45 -6.38 -23.37
N THR BB 68 3.06 -7.65 -23.34
CA THR BB 68 3.94 -8.73 -22.89
C THR BB 68 4.24 -9.56 -24.12
N TYR BB 69 5.53 -9.82 -24.37
CA TYR BB 69 5.96 -10.55 -25.56
C TYR BB 69 7.13 -11.47 -25.24
N ALA BB 70 7.40 -12.44 -26.12
CA ALA BB 70 8.34 -13.51 -25.82
C ALA BB 70 9.37 -13.77 -26.92
N LYS BB 71 9.41 -12.95 -27.97
CA LYS BB 71 10.49 -12.97 -28.94
C LYS BB 71 11.24 -11.64 -28.82
N PHE BB 72 12.54 -11.70 -28.58
CA PHE BB 72 13.34 -10.50 -28.48
C PHE BB 72 13.62 -9.94 -29.89
N SER BB 73 13.57 -8.61 -30.01
CA SER BB 73 13.97 -7.91 -31.22
C SER BB 73 15.17 -7.02 -30.92
N LEU BB 74 16.29 -7.27 -31.63
CA LEU BB 74 17.42 -6.37 -31.57
C LEU BB 74 17.07 -5.01 -32.14
N GLU BB 75 16.28 -4.98 -33.22
CA GLU BB 75 15.97 -3.73 -33.88
C GLU BB 75 15.17 -2.82 -32.96
N PHE BB 76 14.12 -3.35 -32.35
CA PHE BB 76 13.29 -2.57 -31.45
C PHE BB 76 14.10 -1.98 -30.30
N ALA BB 77 14.95 -2.79 -29.67
CA ALA BB 77 15.78 -2.35 -28.56
C ALA BB 77 16.80 -1.29 -28.99
N GLN BB 78 17.42 -1.46 -30.15
CA GLN BB 78 18.41 -0.51 -30.64
C GLN BB 78 17.77 0.80 -31.14
N GLU BB 79 16.55 0.77 -31.65
CA GLU BB 79 15.78 1.98 -31.90
C GLU BB 79 15.44 2.71 -30.61
N TRP BB 80 15.06 1.97 -29.56
CA TRP BB 80 14.73 2.57 -28.28
C TRP BB 80 15.95 3.24 -27.65
N LEU BB 81 17.11 2.58 -27.68
CA LEU BB 81 18.35 3.16 -27.21
C LEU BB 81 18.72 4.38 -28.02
N GLY BB 82 18.51 4.35 -29.34
CA GLY BB 82 18.96 5.37 -30.25
C GLY BB 82 18.22 6.71 -30.18
N GLY BB 83 16.97 6.73 -29.75
CA GLY BB 83 16.13 7.92 -29.79
C GLY BB 83 15.59 8.20 -31.19
N PRO BB 84 14.75 9.24 -31.36
CA PRO BB 84 14.06 9.51 -32.61
C PRO BB 84 14.98 9.62 -33.81
N GLY BB 85 14.60 8.86 -34.85
CA GLY BB 85 15.25 8.83 -36.14
C GLY BB 85 16.68 8.31 -36.14
N ALA BB 86 17.06 7.57 -35.09
CA ALA BB 86 18.42 7.05 -34.96
C ALA BB 86 18.43 5.69 -34.25
N THR BB 87 19.56 4.98 -34.37
CA THR BB 87 19.69 3.63 -33.85
C THR BB 87 21.02 3.54 -33.12
N ALA BB 88 21.06 2.85 -31.96
CA ALA BB 88 22.29 2.79 -31.18
C ALA BB 88 22.47 1.44 -30.49
N THR BB 89 23.75 1.08 -30.28
CA THR BB 89 24.13 -0.17 -29.62
C THR BB 89 24.50 0.03 -28.15
N ALA BB 90 24.23 1.22 -27.59
CA ALA BB 90 24.61 1.62 -26.24
C ALA BB 90 23.68 2.75 -25.82
N SER BB 91 23.54 2.99 -24.51
CA SER BB 91 22.74 4.11 -23.99
C SER BB 91 23.19 5.42 -24.61
N GLN BB 92 22.23 6.28 -25.03
CA GLN BB 92 22.58 7.61 -25.52
C GLN BB 92 22.20 8.66 -24.48
N ASP BB 93 23.12 9.57 -24.18
CA ASP BB 93 22.87 10.65 -23.22
C ASP BB 93 22.17 11.84 -23.89
N ASP BB 94 20.88 11.69 -24.22
CA ASP BB 94 20.05 12.79 -24.70
C ASP BB 94 18.58 12.61 -24.35
N SER BB 95 17.84 13.73 -24.39
CA SER BB 95 16.57 13.85 -23.70
C SER BB 95 15.36 13.40 -24.54
N ASP BB 96 15.53 13.09 -25.84
CA ASP BB 96 14.43 12.66 -26.68
C ASP BB 96 14.18 11.15 -26.61
N PRO BB 97 13.00 10.68 -26.13
CA PRO BB 97 12.68 9.26 -26.14
C PRO BB 97 12.27 8.85 -27.55
N MET BB 98 12.57 7.62 -27.94
CA MET BB 98 12.10 7.11 -29.23
C MET BB 98 10.57 6.98 -29.24
N LYS BB 99 9.92 7.55 -30.26
CA LYS BB 99 8.48 7.53 -30.40
C LYS BB 99 8.10 6.53 -31.48
N PHE BB 100 7.29 5.53 -31.14
CA PHE BB 100 6.84 4.55 -32.11
C PHE BB 100 5.38 4.80 -32.45
N ASN BB 101 5.04 4.77 -33.74
CA ASN BB 101 3.65 4.57 -34.09
C ASN BB 101 3.30 3.10 -33.96
N LEU BB 102 2.07 2.83 -33.55
CA LEU BB 102 1.66 1.48 -33.24
C LEU BB 102 0.32 1.22 -33.92
N GLU BB 103 0.15 0.02 -34.48
CA GLU BB 103 -1.14 -0.41 -35.00
C GLU BB 103 -1.41 -1.87 -34.63
N ASN BB 104 -2.63 -2.17 -34.18
CA ASN BB 104 -3.06 -3.53 -33.88
C ASN BB 104 -4.34 -3.84 -34.64
N VAL BB 105 -4.34 -4.95 -35.39
CA VAL BB 105 -5.46 -5.33 -36.23
C VAL BB 105 -6.00 -6.68 -35.77
N THR BB 106 -7.32 -6.78 -35.59
CA THR BB 106 -7.94 -8.04 -35.19
C THR BB 106 -9.24 -8.24 -35.97
N PRO BB 107 -9.48 -9.42 -36.55
CA PRO BB 107 -10.84 -9.81 -36.90
C PRO BB 107 -11.66 -10.02 -35.63
N SER BB 108 -12.98 -9.75 -35.70
CA SER BB 108 -13.88 -10.23 -34.66
C SER BB 108 -14.07 -11.75 -34.79
N ALA BB 109 -14.57 -12.40 -33.74
CA ALA BB 109 -14.58 -13.85 -33.65
C ALA BB 109 -15.41 -14.54 -34.73
N SER BB 110 -16.53 -13.93 -35.16
CA SER BB 110 -17.41 -14.45 -36.21
C SER BB 110 -17.29 -13.70 -37.55
N GLY BB 111 -16.26 -12.85 -37.71
CA GLY BB 111 -16.01 -12.12 -38.95
C GLY BB 111 -17.01 -10.98 -39.22
N GLY BB 112 -17.75 -10.53 -38.21
CA GLY BB 112 -18.64 -9.39 -38.35
C GLY BB 112 -17.93 -8.09 -38.71
N PHE BB 113 -16.68 -7.93 -38.23
CA PHE BB 113 -15.87 -6.75 -38.51
C PHE BB 113 -14.38 -7.05 -38.36
N GLU BB 114 -13.54 -6.13 -38.85
CA GLU BB 114 -12.13 -6.17 -38.52
C GLU BB 114 -11.78 -4.88 -37.77
N ARG BB 115 -11.52 -4.98 -36.46
CA ARG BB 115 -11.20 -3.81 -35.66
C ARG BB 115 -9.72 -3.50 -35.80
N THR BB 116 -9.42 -2.28 -36.24
CA THR BB 116 -8.06 -1.75 -36.25
C THR BB 116 -7.95 -0.62 -35.24
N THR BB 117 -6.97 -0.73 -34.32
CA THR BB 117 -6.62 0.31 -33.37
C THR BB 117 -5.24 0.84 -33.72
N ALA BB 118 -5.09 2.17 -33.87
CA ALA BB 118 -3.78 2.77 -34.07
C ALA BB 118 -3.51 3.91 -33.08
N VAL BB 119 -2.24 4.07 -32.71
CA VAL BB 119 -1.81 5.00 -31.68
C VAL BB 119 -0.59 5.78 -32.18
N GLU BB 120 -0.55 7.10 -31.98
CA GLU BB 120 0.63 7.88 -32.32
C GLU BB 120 1.58 8.06 -31.13
N ASN BB 121 2.88 8.10 -31.42
CA ASN BB 121 3.91 8.52 -30.49
C ASN BB 121 3.87 7.76 -29.16
N VAL BB 122 3.85 6.42 -29.20
CA VAL BB 122 4.04 5.64 -27.98
C VAL BB 122 5.49 5.74 -27.55
N VAL BB 123 5.71 5.94 -26.26
CA VAL BB 123 7.06 5.97 -25.71
C VAL BB 123 7.10 5.10 -24.46
N PHE BB 124 8.23 4.42 -24.26
CA PHE BB 124 8.38 3.48 -23.17
C PHE BB 124 9.44 3.97 -22.20
N PRO BB 125 9.13 4.29 -20.93
CA PRO BB 125 10.11 4.81 -20.00
C PRO BB 125 11.22 3.82 -19.71
N GLU BB 126 10.92 2.51 -19.80
CA GLU BB 126 11.94 1.49 -19.61
C GLU BB 126 11.71 0.34 -20.57
N LEU BB 127 12.81 -0.30 -20.93
CA LEU BB 127 12.83 -1.40 -21.87
C LEU BB 127 13.53 -2.57 -21.20
N PRO BB 128 12.87 -3.72 -20.99
CA PRO BB 128 13.57 -4.89 -20.45
C PRO BB 128 14.44 -5.50 -21.55
N LEU BB 129 15.74 -5.56 -21.29
CA LEU BB 129 16.68 -6.13 -22.24
C LEU BB 129 16.78 -7.64 -22.06
N ASP BB 130 17.05 -8.04 -20.82
CA ASP BB 130 17.15 -9.44 -20.44
C ASP BB 130 16.12 -9.69 -19.36
N SER BB 131 15.41 -10.81 -19.46
CA SER BB 131 14.32 -11.13 -18.55
C SER BB 131 14.24 -12.66 -18.37
N ALA BB 132 15.37 -13.21 -17.90
CA ALA BB 132 15.64 -14.64 -17.80
C ALA BB 132 15.08 -15.19 -16.49
N THR BB 133 14.41 -16.35 -16.58
CA THR BB 133 13.96 -17.09 -15.41
C THR BB 133 14.20 -18.58 -15.64
N TYR BB 134 14.64 -19.30 -14.61
CA TYR BB 134 15.02 -20.70 -14.77
C TYR BB 134 13.88 -21.54 -15.32
N GLY BB 135 14.15 -22.26 -16.42
CA GLY BB 135 13.19 -23.17 -17.00
C GLY BB 135 12.04 -22.48 -17.74
N GLU BB 136 12.26 -21.23 -18.16
CA GLU BB 136 11.28 -20.49 -18.97
C GLU BB 136 11.97 -19.76 -20.11
N TYR BB 137 11.19 -19.48 -21.17
CA TYR BB 137 11.64 -18.54 -22.18
C TYR BB 137 11.63 -17.13 -21.58
N GLU BB 138 12.49 -16.25 -22.10
CA GLU BB 138 12.47 -14.88 -21.61
C GLU BB 138 11.15 -14.23 -22.01
N GLU BB 139 10.51 -13.55 -21.08
CA GLU BB 139 9.25 -12.87 -21.33
C GLU BB 139 9.41 -11.41 -20.91
N TYR BB 140 9.05 -10.49 -21.81
CA TYR BB 140 9.36 -9.09 -21.65
C TYR BB 140 8.07 -8.30 -21.50
N SER BB 141 8.04 -7.34 -20.56
CA SER BB 141 6.88 -6.46 -20.40
C SER BB 141 7.23 -5.01 -20.71
N LEU BB 142 6.54 -4.40 -21.69
CA LEU BB 142 6.63 -2.98 -21.96
C LEU BB 142 5.41 -2.28 -21.40
N THR BB 143 5.61 -1.14 -20.72
CA THR BB 143 4.52 -0.20 -20.44
C THR BB 143 4.91 1.16 -21.00
N GLY BB 144 3.98 1.83 -21.67
CA GLY BB 144 4.28 3.11 -22.29
C GLY BB 144 3.01 3.93 -22.55
N SER BB 145 3.20 5.21 -22.90
CA SER BB 145 2.10 6.13 -23.12
C SER BB 145 2.12 6.66 -24.55
N GLY BB 146 1.06 6.41 -25.30
CA GLY BB 146 0.83 7.07 -26.56
C GLY BB 146 0.21 8.46 -26.38
N ARG BB 147 0.37 9.33 -27.38
CA ARG BB 147 -0.21 10.66 -27.32
C ARG BB 147 -1.72 10.61 -27.53
N SER BB 148 -2.19 9.86 -28.54
CA SER BB 148 -3.61 9.78 -28.86
C SER BB 148 -3.90 8.55 -29.73
N VAL BB 149 -5.18 8.17 -29.82
CA VAL BB 149 -5.63 7.15 -30.75
C VAL BB 149 -5.88 7.81 -32.10
N THR BB 150 -5.09 7.44 -33.12
CA THR BB 150 -5.23 8.05 -34.42
C THR BB 150 -6.31 7.39 -35.26
N ASN BB 151 -6.62 6.11 -35.00
CA ASN BB 151 -7.66 5.40 -35.73
C ASN BB 151 -8.31 4.32 -34.88
N LEU BB 152 -9.65 4.20 -34.97
CA LEU BB 152 -10.41 3.07 -34.45
C LEU BB 152 -11.61 2.83 -35.37
N ALA BB 153 -11.55 1.79 -36.21
CA ALA BB 153 -12.55 1.59 -37.25
C ALA BB 153 -12.71 0.12 -37.60
N ASP BB 154 -13.83 -0.19 -38.25
CA ASP BB 154 -13.99 -1.46 -38.95
C ASP BB 154 -13.31 -1.32 -40.32
N THR BB 155 -12.11 -1.90 -40.43
CA THR BB 155 -11.32 -1.83 -41.65
C THR BB 155 -11.59 -2.98 -42.61
N SER BB 156 -12.61 -3.82 -42.35
CA SER BB 156 -13.01 -4.87 -43.29
C SER BB 156 -13.56 -4.29 -44.60
N GLY BB 157 -13.51 -5.10 -45.67
CA GLY BB 157 -13.95 -4.66 -47.00
C GLY BB 157 -15.42 -4.27 -47.02
N ALA CB 2 43.74 24.21 -15.12
CA ALA CB 2 42.54 24.34 -14.22
C ALA CB 2 42.18 22.97 -13.63
N THR CB 3 41.30 22.98 -12.61
CA THR CB 3 40.76 21.76 -12.00
C THR CB 3 39.27 21.66 -12.29
N SER CB 4 38.84 20.56 -12.93
CA SER CB 4 37.47 20.40 -13.40
C SER CB 4 36.48 20.42 -12.25
N PRO CB 5 35.28 21.05 -12.37
CA PRO CB 5 34.29 21.04 -11.31
C PRO CB 5 33.83 19.61 -11.01
N GLU CB 6 33.52 19.35 -9.73
CA GLU CB 6 33.21 17.99 -9.32
C GLU CB 6 32.20 18.00 -8.17
N GLY CB 7 31.39 16.94 -8.08
CA GLY CB 7 30.44 16.82 -6.99
C GLY CB 7 31.17 16.65 -5.66
N ILE CB 8 30.51 17.04 -4.57
CA ILE CB 8 31.08 16.79 -3.26
C ILE CB 8 30.01 16.10 -2.41
N TRP CB 9 30.47 15.06 -1.71
CA TRP CB 9 29.60 14.26 -0.88
C TRP CB 9 29.72 14.76 0.55
N SER CB 10 28.58 15.09 1.21
CA SER CB 10 28.65 15.77 2.48
C SER CB 10 29.39 14.94 3.52
N ASN CB 11 29.09 13.65 3.56
CA ASN CB 11 29.59 12.77 4.59
C ASN CB 11 31.10 12.58 4.57
N SER CB 12 31.80 13.01 3.51
CA SER CB 12 33.25 12.88 3.43
C SER CB 12 33.98 13.95 4.26
N GLY CB 13 33.27 15.00 4.72
CA GLY CB 13 33.88 16.18 5.32
C GLY CB 13 34.34 15.98 6.76
N ALA CB 14 35.59 16.37 7.06
CA ALA CB 14 36.08 16.47 8.43
C ALA CB 14 36.16 17.95 8.84
N LEU CB 15 35.35 18.33 9.85
CA LEU CB 15 35.37 19.66 10.44
C LEU CB 15 36.18 19.66 11.73
N THR CB 16 37.00 20.70 11.94
CA THR CB 16 37.80 20.86 13.15
C THR CB 16 37.78 22.31 13.63
N PHE CB 17 37.85 22.50 14.96
CA PHE CB 17 37.92 23.79 15.61
C PHE CB 17 39.25 23.93 16.34
N GLU CB 18 39.81 25.15 16.32
CA GLU CB 18 41.07 25.44 16.99
C GLU CB 18 40.95 26.73 17.81
N ASP CB 19 41.66 26.79 18.93
CA ASP CB 19 41.86 28.02 19.67
C ASP CB 19 42.94 28.87 18.99
N PRO CB 20 42.66 30.10 18.50
CA PRO CB 20 43.66 30.92 17.83
C PRO CB 20 44.77 31.44 18.73
N ALA CB 21 44.66 31.24 20.05
CA ALA CB 21 45.74 31.57 20.98
C ALA CB 21 46.85 30.51 20.97
N ASP CB 22 46.50 29.24 20.69
CA ASP CB 22 47.41 28.10 20.85
C ASP CB 22 47.59 27.29 19.56
N ASP CB 23 46.67 27.45 18.60
CA ASP CB 23 46.43 26.56 17.45
C ASP CB 23 46.08 25.13 17.89
N SER CB 24 45.74 24.93 19.17
CA SER CB 24 45.34 23.63 19.71
C SER CB 24 43.92 23.28 19.30
N GLU CB 25 43.67 21.98 19.08
CA GLU CB 25 42.33 21.52 18.72
C GLU CB 25 41.37 21.63 19.91
N ILE CB 26 40.12 22.01 19.62
CA ILE CB 26 39.00 21.94 20.54
C ILE CB 26 38.10 20.80 20.08
N LEU CB 27 37.84 19.81 20.95
CA LEU CB 27 37.12 18.61 20.59
C LEU CB 27 35.71 18.96 20.14
N PHE CB 28 35.44 18.65 18.88
CA PHE CB 28 34.11 18.77 18.31
C PHE CB 28 33.92 17.58 17.37
N ALA CB 29 32.71 17.02 17.39
CA ALA CB 29 32.43 15.86 16.55
C ALA CB 29 30.93 15.75 16.27
N GLY CB 30 30.56 14.91 15.30
CA GLY CB 30 29.18 14.52 15.17
C GLY CB 30 28.36 15.51 14.37
N VAL CB 31 28.98 16.25 13.45
CA VAL CB 31 28.21 17.12 12.56
C VAL CB 31 27.22 16.32 11.72
N ARG CB 32 26.18 17.03 11.26
CA ARG CB 32 25.19 16.52 10.34
C ARG CB 32 24.99 17.50 9.19
N ASP CB 33 24.90 18.79 9.48
CA ASP CB 33 24.90 19.84 8.46
C ASP CB 33 26.00 20.86 8.74
N VAL CB 34 26.62 21.39 7.67
CA VAL CB 34 27.63 22.43 7.78
C VAL CB 34 27.52 23.36 6.59
N THR CB 35 27.10 24.61 6.83
CA THR CB 35 27.10 25.65 5.80
C THR CB 35 28.14 26.71 6.15
N ILE CB 36 29.01 27.04 5.19
CA ILE CB 36 29.96 28.14 5.31
C ILE CB 36 29.75 29.05 4.11
N THR CB 37 29.40 30.31 4.36
CA THR CB 37 29.06 31.27 3.32
C THR CB 37 29.76 32.61 3.57
N PRO CB 38 30.90 32.92 2.93
CA PRO CB 38 31.40 34.28 2.85
C PRO CB 38 30.42 35.18 2.12
N ALA CB 39 30.23 36.38 2.66
CA ALA CB 39 29.30 37.36 2.12
C ALA CB 39 29.86 38.76 2.26
N TYR CB 40 29.39 39.67 1.41
CA TYR CB 40 29.62 41.08 1.55
C TYR CB 40 28.29 41.80 1.33
N GLU CB 41 28.06 42.89 2.06
CA GLU CB 41 26.97 43.78 1.67
C GLU CB 41 27.30 44.45 0.36
N HIS CB 42 26.32 44.57 -0.54
CA HIS CB 42 26.47 45.30 -1.80
C HIS CB 42 25.72 46.62 -1.75
N ALA CB 43 26.35 47.67 -2.28
CA ALA CB 43 25.65 48.90 -2.61
C ALA CB 43 25.71 49.15 -4.10
N GLU CB 44 24.55 49.36 -4.73
CA GLU CB 44 24.44 49.65 -6.16
C GLU CB 44 24.15 51.14 -6.35
N LEU CB 45 24.85 51.81 -7.29
CA LEU CB 45 24.56 53.21 -7.62
C LEU CB 45 23.59 53.29 -8.80
N TYR CB 46 22.52 54.05 -8.61
CA TYR CB 46 21.68 54.48 -9.70
C TYR CB 46 21.44 55.97 -9.61
N THR CB 47 21.30 56.62 -10.77
CA THR CB 47 21.10 58.06 -10.87
C THR CB 47 20.15 58.38 -12.01
N ILE CB 48 19.75 59.64 -12.19
CA ILE CB 48 18.80 60.00 -13.23
C ILE CB 48 19.39 59.84 -14.64
N ASP CB 49 20.70 59.65 -14.76
CA ASP CB 49 21.36 59.49 -16.04
C ASP CB 49 20.96 58.21 -16.78
N SER CB 50 20.61 57.14 -16.06
CA SER CB 50 20.35 55.84 -16.66
C SER CB 50 19.42 54.97 -15.82
N THR CB 51 18.66 54.09 -16.47
CA THR CB 51 17.97 53.02 -15.76
C THR CB 51 18.92 51.91 -15.34
N PHE CB 52 20.07 51.79 -16.02
CA PHE CB 52 21.04 50.78 -15.67
C PHE CB 52 21.90 51.18 -14.47
N ARG CB 53 22.40 50.18 -13.79
CA ARG CB 53 23.30 50.35 -12.67
C ARG CB 53 24.61 51.01 -13.12
N ASP CB 54 24.98 52.10 -12.43
CA ASP CB 54 26.21 52.84 -12.72
C ASP CB 54 27.41 52.14 -12.11
N GLU CB 55 27.27 51.66 -10.87
CA GLU CB 55 28.35 51.02 -10.12
C GLU CB 55 27.81 50.00 -9.11
N VAL CB 56 28.70 49.13 -8.61
CA VAL CB 56 28.41 48.28 -7.48
C VAL CB 56 29.67 48.04 -6.67
N LYS CB 57 29.54 47.95 -5.33
CA LYS CB 57 30.69 47.85 -4.42
C LYS CB 57 30.41 46.95 -3.22
N ARG CB 58 31.46 46.37 -2.64
CA ARG CB 58 31.41 45.52 -1.44
C ARG CB 58 31.78 46.30 -0.17
N TYR CB 59 31.05 46.04 0.93
CA TYR CB 59 31.47 46.51 2.24
C TYR CB 59 31.44 45.41 3.28
N GLU CB 60 30.57 45.43 4.30
CA GLU CB 60 30.77 44.60 5.49
C GLU CB 60 30.96 43.13 5.10
N HIS CB 61 32.15 42.60 5.39
CA HIS CB 61 32.44 41.21 5.10
C HIS CB 61 32.28 40.39 6.37
N ASN CB 62 31.60 39.25 6.22
CA ASN CB 62 31.64 38.20 7.23
C ASN CB 62 31.50 36.85 6.55
N VAL CB 63 31.81 35.80 7.29
CA VAL CB 63 31.53 34.46 6.83
C VAL CB 63 30.45 33.90 7.73
N ASN CB 64 29.27 33.61 7.18
CA ASN CB 64 28.26 32.90 7.94
C ASN CB 64 28.70 31.46 8.11
N VAL CB 65 28.70 30.98 9.34
CA VAL CB 65 28.91 29.59 9.67
C VAL CB 65 27.67 29.11 10.39
N GLU CB 66 27.02 28.09 9.87
CA GLU CB 66 26.01 27.41 10.65
C GLU CB 66 26.16 25.90 10.56
N ILE CB 67 26.04 25.26 11.71
CA ILE CB 67 26.39 23.87 11.89
C ILE CB 67 25.29 23.19 12.67
N THR CB 68 24.85 22.03 12.21
CA THR CB 68 23.98 21.16 13.00
C THR CB 68 24.77 19.92 13.38
N TYR CB 69 24.78 19.57 14.67
CA TYR CB 69 25.57 18.46 15.15
C TYR CB 69 24.86 17.71 16.27
N ALA CB 70 25.24 16.45 16.51
CA ALA CB 70 24.45 15.55 17.33
C ALA CB 70 25.25 14.90 18.47
N LYS CB 71 26.54 15.21 18.58
CA LYS CB 71 27.35 14.80 19.72
C LYS CB 71 27.73 16.05 20.51
N PHE CB 72 27.36 16.08 21.78
CA PHE CB 72 27.69 17.21 22.63
C PHE CB 72 29.16 17.15 23.04
N SER CB 73 29.76 18.33 23.28
CA SER CB 73 31.15 18.45 23.67
C SER CB 73 31.27 19.44 24.83
N LEU CB 74 31.63 18.95 26.03
CA LEU CB 74 31.82 19.84 27.15
C LEU CB 74 32.97 20.79 26.89
N GLU CB 75 34.04 20.38 26.21
CA GLU CB 75 35.14 21.30 25.94
C GLU CB 75 34.64 22.50 25.13
N PHE CB 76 34.03 22.26 23.97
CA PHE CB 76 33.55 23.35 23.14
C PHE CB 76 32.58 24.29 23.88
N ALA CB 77 31.66 23.73 24.66
CA ALA CB 77 30.71 24.53 25.43
C ALA CB 77 31.40 25.37 26.50
N GLN CB 78 32.31 24.76 27.28
CA GLN CB 78 32.99 25.48 28.34
C GLN CB 78 33.97 26.53 27.81
N GLU CB 79 34.55 26.31 26.63
CA GLU CB 79 35.33 27.33 25.95
C GLU CB 79 34.47 28.54 25.59
N TRP CB 80 33.29 28.31 25.01
CA TRP CB 80 32.37 29.38 24.65
C TRP CB 80 31.93 30.18 25.87
N LEU CB 81 31.67 29.53 27.01
CA LEU CB 81 31.35 30.25 28.25
C LEU CB 81 32.53 31.08 28.72
N GLY CB 82 33.73 30.48 28.72
CA GLY CB 82 34.90 31.08 29.33
C GLY CB 82 35.49 32.28 28.58
N GLY CB 83 35.24 32.40 27.27
CA GLY CB 83 35.77 33.50 26.48
C GLY CB 83 37.23 33.27 26.09
N PRO CB 84 37.85 34.20 25.35
CA PRO CB 84 39.19 34.01 24.78
C PRO CB 84 40.24 33.61 25.80
N GLY CB 85 40.87 32.46 25.50
CA GLY CB 85 41.96 31.87 26.28
C GLY CB 85 41.54 31.31 27.65
N ALA CB 86 40.25 31.07 27.86
CA ALA CB 86 39.75 30.59 29.15
C ALA CB 86 38.56 29.63 29.00
N THR CB 87 38.31 28.86 30.06
CA THR CB 87 37.28 27.82 30.10
C THR CB 87 36.45 28.04 31.37
N ALA CB 88 35.12 27.86 31.30
CA ALA CB 88 34.29 28.11 32.47
C ALA CB 88 33.09 27.17 32.56
N THR CB 89 32.71 26.87 33.81
CA THR CB 89 31.59 26.01 34.15
C THR CB 89 30.30 26.81 34.40
N ALA CB 90 30.34 28.13 34.17
CA ALA CB 90 29.21 29.02 34.39
C ALA CB 90 29.34 30.21 33.45
N SER CB 91 28.23 30.93 33.22
CA SER CB 91 28.18 32.18 32.47
C SER CB 91 29.24 33.15 32.97
N GLN CB 92 30.00 33.80 32.07
CA GLN CB 92 30.97 34.81 32.48
C GLN CB 92 30.44 36.21 32.17
N ASP CB 93 30.57 37.13 33.14
CA ASP CB 93 30.16 38.50 32.93
C ASP CB 93 31.32 39.33 32.37
N ASP CB 94 31.66 39.08 31.09
CA ASP CB 94 32.66 39.86 30.38
C ASP CB 94 32.29 40.02 28.90
N SER CB 95 32.92 40.99 28.23
CA SER CB 95 32.43 41.48 26.94
C SER CB 95 33.01 40.73 25.74
N ASP CB 96 34.06 39.92 25.95
CA ASP CB 96 34.77 39.22 24.88
C ASP CB 96 34.13 37.88 24.54
N PRO CB 97 33.61 37.68 23.31
CA PRO CB 97 33.10 36.37 22.91
C PRO CB 97 34.30 35.48 22.57
N MET CB 98 34.16 34.17 22.82
CA MET CB 98 35.17 33.22 22.38
C MET CB 98 35.25 33.20 20.86
N LYS CB 99 36.47 33.31 20.31
CA LYS CB 99 36.71 33.32 18.88
C LYS CB 99 37.39 32.02 18.47
N PHE CB 100 36.75 31.23 17.61
CA PHE CB 100 37.29 29.96 17.19
C PHE CB 100 37.85 30.08 15.77
N ASN CB 101 39.03 29.48 15.53
CA ASN CB 101 39.40 29.19 14.14
C ASN CB 101 38.74 27.88 13.73
N LEU CB 102 38.34 27.80 12.46
CA LEU CB 102 37.52 26.71 11.98
C LEU CB 102 38.05 26.24 10.63
N GLU CB 103 38.15 24.92 10.45
CA GLU CB 103 38.61 24.39 9.18
C GLU CB 103 37.80 23.15 8.78
N ASN CB 104 37.36 23.09 7.52
CA ASN CB 104 36.61 21.96 6.99
C ASN CB 104 37.31 21.39 5.76
N VAL CB 105 37.64 20.09 5.81
CA VAL CB 105 38.39 19.44 4.75
C VAL CB 105 37.56 18.32 4.11
N THR CB 106 37.34 18.42 2.79
CA THR CB 106 36.52 17.48 2.05
C THR CB 106 37.25 17.01 0.81
N PRO CB 107 37.34 15.67 0.57
CA PRO CB 107 37.66 15.16 -0.76
C PRO CB 107 36.49 15.42 -1.71
N SER CB 108 36.81 15.69 -2.98
CA SER CB 108 35.78 15.72 -4.02
C SER CB 108 35.31 14.30 -4.36
N ALA CB 109 34.14 14.17 -4.96
CA ALA CB 109 33.47 12.87 -5.06
C ALA CB 109 34.26 11.83 -5.86
N SER CB 110 34.93 12.23 -6.94
CA SER CB 110 35.77 11.37 -7.75
C SER CB 110 37.27 11.56 -7.45
N GLY CB 111 37.60 12.17 -6.31
CA GLY CB 111 38.98 12.34 -5.87
C GLY CB 111 39.82 13.30 -6.71
N GLY CB 112 39.18 14.13 -7.55
CA GLY CB 112 39.88 15.13 -8.36
C GLY CB 112 40.66 16.16 -7.52
N PHE CB 113 40.15 16.49 -6.34
CA PHE CB 113 40.78 17.47 -5.47
C PHE CB 113 40.36 17.29 -4.01
N GLU CB 114 41.05 17.98 -3.10
CA GLU CB 114 40.61 18.05 -1.71
C GLU CB 114 40.38 19.50 -1.33
N ARG CB 115 39.13 19.95 -1.33
CA ARG CB 115 38.81 21.31 -0.96
C ARG CB 115 38.97 21.49 0.54
N THR CB 116 39.86 22.40 0.93
CA THR CB 116 40.01 22.85 2.32
C THR CB 116 39.48 24.26 2.43
N THR CB 117 38.51 24.48 3.33
CA THR CB 117 38.02 25.80 3.67
C THR CB 117 38.44 26.13 5.10
N ALA CB 118 39.07 27.29 5.33
CA ALA CB 118 39.43 27.74 6.66
C ALA CB 118 38.87 29.13 6.94
N VAL CB 119 38.38 29.35 8.16
CA VAL CB 119 37.71 30.58 8.56
C VAL CB 119 38.29 31.06 9.88
N GLU CB 120 38.63 32.35 9.98
CA GLU CB 120 39.16 32.90 11.24
C GLU CB 120 38.06 33.51 12.10
N ASN CB 121 38.27 33.47 13.43
CA ASN CB 121 37.53 34.25 14.40
C ASN CB 121 36.01 34.06 14.30
N VAL CB 122 35.55 32.82 14.20
CA VAL CB 122 34.12 32.52 14.23
C VAL CB 122 33.60 32.73 15.64
N VAL CB 123 32.53 33.50 15.78
CA VAL CB 123 31.86 33.71 17.07
C VAL CB 123 30.39 33.34 16.94
N PHE CB 124 29.84 32.78 18.04
CA PHE CB 124 28.47 32.34 18.02
C PHE CB 124 27.66 33.14 19.04
N PRO CB 125 26.64 33.93 18.64
CA PRO CB 125 25.84 34.68 19.58
C PRO CB 125 25.16 33.80 20.62
N GLU CB 126 24.80 32.57 20.25
CA GLU CB 126 24.14 31.67 21.19
C GLU CB 126 24.65 30.25 21.02
N LEU CB 127 24.60 29.51 22.13
CA LEU CB 127 25.08 28.15 22.22
C LEU CB 127 23.97 27.30 22.81
N PRO CB 128 23.44 26.28 22.08
CA PRO CB 128 22.43 25.41 22.68
C PRO CB 128 23.13 24.44 23.63
N LEU CB 129 22.79 24.53 24.92
CA LEU CB 129 23.35 23.60 25.89
C LEU CB 129 22.54 22.30 25.88
N ASP CB 130 21.22 22.42 25.96
CA ASP CB 130 20.34 21.27 25.91
C ASP CB 130 19.35 21.46 24.77
N SER CB 131 19.04 20.37 24.06
CA SER CB 131 18.19 20.41 22.88
C SER CB 131 17.40 19.10 22.74
N ALA CB 132 16.77 18.69 23.85
CA ALA CB 132 16.07 17.43 23.98
C ALA CB 132 14.68 17.48 23.35
N THR CB 133 14.32 16.36 22.70
CA THR CB 133 13.01 16.11 22.10
C THR CB 133 12.70 14.63 22.30
N TYR CB 134 11.47 14.33 22.73
CA TYR CB 134 11.04 12.97 23.00
C TYR CB 134 11.31 12.05 21.81
N GLY CB 135 12.01 10.93 22.05
CA GLY CB 135 12.28 9.96 21.02
C GLY CB 135 13.38 10.35 20.05
N GLU CB 136 14.24 11.32 20.42
CA GLU CB 136 15.34 11.70 19.56
C GLU CB 136 16.62 11.93 20.35
N TYR CB 137 17.76 11.79 19.66
CA TYR CB 137 19.02 12.25 20.22
C TYR CB 137 19.04 13.76 20.16
N GLU CB 138 19.73 14.41 21.11
CA GLU CB 138 19.78 15.85 21.11
C GLU CB 138 20.55 16.32 19.87
N GLU CB 139 19.93 17.21 19.10
CA GLU CB 139 20.56 17.82 17.94
C GLU CB 139 20.68 19.33 18.15
N TYR CB 140 21.89 19.84 17.95
CA TYR CB 140 22.27 21.20 18.28
C TYR CB 140 22.47 22.03 17.01
N SER CB 141 21.90 23.23 16.97
CA SER CB 141 22.18 24.18 15.89
C SER CB 141 23.07 25.31 16.38
N LEU CB 142 24.19 25.55 15.70
CA LEU CB 142 25.00 26.75 15.89
C LEU CB 142 24.81 27.67 14.71
N THR CB 143 24.68 28.96 15.02
CA THR CB 143 24.68 30.00 14.00
C THR CB 143 25.69 31.03 14.48
N GLY CB 144 26.65 31.40 13.63
CA GLY CB 144 27.72 32.29 14.02
C GLY CB 144 28.39 32.93 12.81
N SER CB 145 29.36 33.80 13.08
CA SER CB 145 30.01 34.54 12.00
C SER CB 145 31.53 34.67 12.20
N GLY CB 146 32.28 34.34 11.16
CA GLY CB 146 33.72 34.48 11.13
C GLY CB 146 34.11 35.80 10.47
N ARG CB 147 35.37 36.19 10.67
CA ARG CB 147 35.86 37.46 10.18
C ARG CB 147 36.22 37.37 8.70
N SER CB 148 36.86 36.28 8.29
CA SER CB 148 37.26 36.11 6.90
C SER CB 148 37.59 34.66 6.60
N VAL CB 149 37.63 34.31 5.31
CA VAL CB 149 38.12 33.03 4.85
C VAL CB 149 39.64 33.13 4.70
N THR CB 150 40.40 32.44 5.57
CA THR CB 150 41.85 32.56 5.53
C THR CB 150 42.47 31.62 4.50
N ASN CB 151 41.79 30.54 4.15
CA ASN CB 151 42.24 29.66 3.08
C ASN CB 151 41.06 28.98 2.39
N LEU CB 152 41.13 28.90 1.06
CA LEU CB 152 40.26 28.08 0.24
C LEU CB 152 41.09 27.57 -0.92
N ALA CB 153 41.50 26.29 -0.80
CA ALA CB 153 42.46 25.72 -1.73
C ALA CB 153 42.24 24.23 -1.94
N ASP CB 154 42.76 23.72 -3.06
CA ASP CB 154 42.96 22.30 -3.21
C ASP CB 154 44.20 21.90 -2.41
N THR CB 155 44.02 21.11 -1.34
CA THR CB 155 45.12 20.64 -0.51
C THR CB 155 45.58 19.23 -0.84
N SER CB 156 45.05 18.60 -1.91
CA SER CB 156 45.58 17.33 -2.40
C SER CB 156 47.03 17.50 -2.89
N GLY CB 157 47.82 16.42 -2.81
CA GLY CB 157 49.27 16.45 -2.97
C GLY CB 157 49.74 17.18 -4.23
N ALA DB 2 40.66 16.29 27.64
CA ALA DB 2 39.24 16.35 28.10
C ALA DB 2 38.41 15.24 27.44
N THR DB 3 37.22 15.00 28.00
CA THR DB 3 36.40 13.83 27.66
C THR DB 3 35.78 14.00 26.28
N SER DB 4 35.83 12.91 25.47
CA SER DB 4 35.42 12.89 24.07
C SER DB 4 33.97 13.33 23.88
N PRO DB 5 33.60 14.01 22.76
CA PRO DB 5 32.19 14.30 22.50
C PRO DB 5 31.41 13.00 22.30
N GLU DB 6 30.12 13.08 22.62
CA GLU DB 6 29.30 11.87 22.60
C GLU DB 6 27.84 12.23 22.32
N GLY DB 7 27.07 11.31 21.72
CA GLY DB 7 25.65 11.58 21.55
C GLY DB 7 24.92 11.63 22.89
N ILE DB 8 23.77 12.32 22.93
CA ILE DB 8 22.96 12.35 24.13
C ILE DB 8 21.54 11.98 23.74
N TRP DB 9 20.91 11.16 24.58
CA TRP DB 9 19.57 10.67 24.30
C TRP DB 9 18.55 11.46 25.11
N SER DB 10 17.55 12.04 24.46
CA SER DB 10 16.63 12.96 25.10
C SER DB 10 15.91 12.33 26.27
N ASN DB 11 15.42 11.10 26.11
CA ASN DB 11 14.62 10.47 27.14
C ASN DB 11 15.45 10.07 28.37
N SER DB 12 16.75 10.39 28.39
CA SER DB 12 17.57 10.25 29.60
C SER DB 12 17.68 11.56 30.40
N GLY DB 13 16.97 12.62 29.99
CA GLY DB 13 16.89 13.87 30.75
C GLY DB 13 16.19 13.69 32.09
N ALA DB 14 16.42 14.65 33.00
CA ALA DB 14 15.92 14.62 34.37
C ALA DB 14 15.80 16.05 34.89
N LEU DB 15 14.84 16.80 34.35
CA LEU DB 15 14.63 18.20 34.70
C LEU DB 15 14.05 18.33 36.11
N THR DB 16 14.63 19.22 36.93
CA THR DB 16 14.07 19.61 38.22
C THR DB 16 14.01 21.14 38.34
N PHE DB 17 12.94 21.64 38.97
CA PHE DB 17 12.80 23.05 39.31
C PHE DB 17 12.91 23.23 40.82
N GLU DB 18 13.56 24.32 41.23
CA GLU DB 18 13.73 24.64 42.64
C GLU DB 18 13.26 26.07 42.92
N ASP DB 19 12.72 26.28 44.12
CA ASP DB 19 12.51 27.60 44.67
C ASP DB 19 13.85 28.16 45.15
N PRO DB 20 14.35 29.29 44.60
CA PRO DB 20 15.66 29.81 44.97
C PRO DB 20 15.75 30.38 46.39
N ALA DB 21 14.62 30.50 47.10
CA ALA DB 21 14.66 30.91 48.50
C ALA DB 21 15.11 29.76 49.42
N ASP DB 22 14.64 28.53 49.13
CA ASP DB 22 14.74 27.39 50.02
C ASP DB 22 15.63 26.26 49.46
N ASP DB 23 15.89 26.28 48.14
CA ASP DB 23 16.41 25.15 47.39
C ASP DB 23 15.48 23.93 47.51
N SER DB 24 14.19 24.15 47.78
CA SER DB 24 13.17 23.10 47.79
C SER DB 24 12.73 22.79 46.37
N GLU DB 25 12.40 21.51 46.11
CA GLU DB 25 11.94 21.08 44.80
C GLU DB 25 10.50 21.54 44.58
N ILE DB 26 10.23 21.98 43.36
CA ILE DB 26 8.89 22.27 42.87
C ILE DB 26 8.48 21.14 41.93
N LEU DB 27 7.39 20.45 42.23
CA LEU DB 27 7.04 19.22 41.52
C LEU DB 27 6.69 19.51 40.07
N PHE DB 28 7.48 18.91 39.18
CA PHE DB 28 7.33 19.08 37.75
C PHE DB 28 7.73 17.78 37.07
N ALA DB 29 6.99 17.42 36.00
CA ALA DB 29 7.14 16.09 35.44
C ALA DB 29 6.68 16.03 33.99
N GLY DB 30 6.94 14.92 33.31
CA GLY DB 30 6.28 14.66 32.06
C GLY DB 30 6.79 15.52 30.91
N VAL DB 31 8.05 15.93 30.93
CA VAL DB 31 8.60 16.72 29.85
C VAL DB 31 8.61 15.93 28.53
N ARG DB 32 8.60 16.64 27.41
CA ARG DB 32 8.62 16.05 26.08
C ARG DB 32 9.69 16.71 25.22
N ASP DB 33 9.78 18.04 25.28
CA ASP DB 33 10.88 18.78 24.66
C ASP DB 33 11.50 19.70 25.72
N VAL DB 34 12.83 19.86 25.66
CA VAL DB 34 13.53 20.77 26.56
C VAL DB 34 14.71 21.39 25.84
N THR DB 35 14.68 22.70 25.64
CA THR DB 35 15.82 23.42 25.06
C THR DB 35 16.31 24.49 26.01
N ILE DB 36 17.61 24.47 26.33
CA ILE DB 36 18.25 25.50 27.13
C ILE DB 36 19.37 26.11 26.29
N THR DB 37 19.29 27.42 26.04
CA THR DB 37 20.21 28.09 25.13
C THR DB 37 20.70 29.39 25.73
N PRO DB 38 21.90 29.43 26.37
CA PRO DB 38 22.53 30.69 26.70
C PRO DB 38 22.83 31.48 25.44
N ALA DB 39 22.66 32.79 25.56
CA ALA DB 39 22.77 33.71 24.44
C ALA DB 39 23.35 35.05 24.88
N TYR DB 40 23.91 35.78 23.93
CA TYR DB 40 24.25 37.17 24.11
C TYR DB 40 23.90 37.93 22.83
N GLU DB 41 23.58 39.21 22.99
CA GLU DB 41 23.60 40.10 21.84
C GLU DB 41 25.04 40.36 21.44
N HIS DB 42 25.35 40.35 20.14
CA HIS DB 42 26.67 40.69 19.64
C HIS DB 42 26.63 42.03 18.91
N ALA DB 43 27.65 42.85 19.14
CA ALA DB 43 27.85 44.06 18.37
C ALA DB 43 29.20 44.00 17.67
N GLU DB 44 29.21 44.44 16.40
CA GLU DB 44 30.39 44.33 15.56
C GLU DB 44 30.78 45.71 15.04
N LEU DB 45 32.09 45.97 15.05
CA LEU DB 45 32.59 47.27 14.60
C LEU DB 45 33.14 47.14 13.19
N TYR DB 46 32.60 47.98 12.28
CA TYR DB 46 33.19 48.15 10.97
C TYR DB 46 33.32 49.64 10.71
N THR DB 47 34.36 49.97 9.95
CA THR DB 47 34.70 51.36 9.66
C THR DB 47 35.17 51.47 8.22
N ILE DB 48 35.37 52.69 7.74
CA ILE DB 48 35.87 52.91 6.39
C ILE DB 48 37.28 52.36 6.21
N ASP DB 49 38.01 52.10 7.30
CA ASP DB 49 39.36 51.55 7.23
C ASP DB 49 39.44 50.19 6.55
N SER DB 50 38.41 49.34 6.68
CA SER DB 50 38.45 47.97 6.20
C SER DB 50 37.06 47.38 6.00
N THR DB 51 36.89 46.51 5.00
CA THR DB 51 35.65 45.76 4.87
C THR DB 51 35.53 44.66 5.92
N PHE DB 52 36.67 44.25 6.52
CA PHE DB 52 36.66 43.23 7.56
C PHE DB 52 36.23 43.83 8.89
N ARG DB 53 35.75 42.96 9.75
CA ARG DB 53 35.34 43.32 11.10
C ARG DB 53 36.55 43.77 11.91
N ASP DB 54 36.47 44.98 12.49
CA ASP DB 54 37.50 45.50 13.37
C ASP DB 54 37.43 44.80 14.71
N GLU DB 55 36.21 44.70 15.28
CA GLU DB 55 35.99 44.16 16.63
C GLU DB 55 34.63 43.48 16.76
N VAL DB 56 34.50 42.62 17.79
CA VAL DB 56 33.20 42.08 18.16
C VAL DB 56 33.11 41.92 19.68
N LYS DB 57 31.90 42.16 20.24
CA LYS DB 57 31.68 42.16 21.68
C LYS DB 57 30.30 41.58 22.03
N ARG DB 58 30.17 40.99 23.22
CA ARG DB 58 28.91 40.49 23.78
C ARG DB 58 28.26 41.53 24.70
N TYR DB 59 26.93 41.46 24.89
CA TYR DB 59 26.30 42.27 25.93
C TYR DB 59 25.12 41.62 26.64
N GLU DB 60 23.88 41.76 26.19
CA GLU DB 60 22.73 41.32 26.97
C GLU DB 60 22.70 39.79 27.10
N HIS DB 61 23.17 39.27 28.24
CA HIS DB 61 23.14 37.85 28.47
C HIS DB 61 21.76 37.40 28.98
N ASN DB 62 21.29 36.28 28.45
CA ASN DB 62 20.19 35.53 29.03
C ASN DB 62 20.29 34.06 28.65
N VAL DB 63 19.47 33.23 29.28
CA VAL DB 63 19.36 31.84 28.87
C VAL DB 63 17.93 31.63 28.40
N ASN DB 64 17.74 31.34 27.12
CA ASN DB 64 16.42 30.96 26.66
C ASN DB 64 16.13 29.56 27.19
N VAL DB 65 15.01 29.41 27.88
CA VAL DB 65 14.53 28.11 28.32
C VAL DB 65 13.17 27.91 27.66
N GLU DB 66 13.03 26.87 26.85
CA GLU DB 66 11.71 26.46 26.41
C GLU DB 66 11.51 24.97 26.66
N ILE DB 67 10.33 24.66 27.20
CA ILE DB 67 9.97 23.34 27.66
C ILE DB 67 8.60 23.02 27.11
N THR DB 68 8.44 21.82 26.54
CA THR DB 68 7.11 21.28 26.26
C THR DB 68 6.92 20.09 27.18
N TYR DB 69 5.77 20.02 27.87
CA TYR DB 69 5.52 18.98 28.86
C TYR DB 69 4.03 18.59 28.90
N ALA DB 70 3.72 17.40 29.41
CA ALA DB 70 2.39 16.83 29.26
C ALA DB 70 1.73 16.40 30.58
N LYS DB 71 2.40 16.56 31.72
CA LYS DB 71 1.77 16.37 33.02
C LYS DB 71 1.61 17.74 33.67
N PHE DB 72 0.38 18.10 34.04
CA PHE DB 72 0.12 19.39 34.66
C PHE DB 72 0.50 19.36 36.14
N SER DB 73 1.05 20.48 36.63
CA SER DB 73 1.44 20.61 38.02
C SER DB 73 0.74 21.79 38.68
N LEU DB 74 -0.05 21.52 39.74
CA LEU DB 74 -0.63 22.60 40.51
C LEU DB 74 0.40 23.39 41.28
N GLU DB 75 1.39 22.73 41.87
CA GLU DB 75 2.41 23.46 42.61
C GLU DB 75 3.15 24.45 41.71
N PHE DB 76 3.54 24.03 40.51
CA PHE DB 76 4.22 24.93 39.60
C PHE DB 76 3.34 26.09 39.16
N ALA DB 77 2.08 25.82 38.80
CA ALA DB 77 1.16 26.89 38.40
C ALA DB 77 0.86 27.86 39.54
N GLN DB 78 0.60 27.35 40.75
CA GLN DB 78 0.32 28.18 41.90
C GLN DB 78 1.54 28.96 42.41
N GLU DB 79 2.75 28.43 42.21
CA GLU DB 79 3.97 29.17 42.45
C GLU DB 79 4.13 30.30 41.44
N TRP DB 80 3.90 30.04 40.15
CA TRP DB 80 4.00 31.07 39.13
C TRP DB 80 3.00 32.20 39.37
N LEU DB 81 1.76 31.88 39.77
CA LEU DB 81 0.78 32.88 40.13
C LEU DB 81 1.23 33.69 41.34
N GLY DB 82 1.75 32.99 42.36
CA GLY DB 82 2.04 33.58 43.65
C GLY DB 82 3.18 34.61 43.66
N GLY DB 83 4.15 34.49 42.75
CA GLY DB 83 5.34 35.30 42.82
C GLY DB 83 6.32 34.81 43.88
N PRO DB 84 7.50 35.46 44.07
CA PRO DB 84 8.54 34.94 44.94
C PRO DB 84 8.07 34.68 46.36
N GLY DB 85 8.41 33.48 46.87
CA GLY DB 85 8.16 33.06 48.24
C GLY DB 85 6.68 32.97 48.63
N ALA DB 86 5.80 32.79 47.64
CA ALA DB 86 4.35 32.74 47.88
C ALA DB 86 3.66 31.80 46.89
N THR DB 87 2.45 31.35 47.24
CA THR DB 87 1.63 30.47 46.42
C THR DB 87 0.22 31.06 46.36
N ALA DB 88 -0.40 31.09 45.17
CA ALA DB 88 -1.71 31.70 45.03
C ALA DB 88 -2.64 30.92 44.08
N THR DB 89 -3.94 30.93 44.41
CA THR DB 89 -4.94 30.24 43.61
C THR DB 89 -5.59 31.15 42.57
N ALA DB 90 -5.08 32.38 42.41
CA ALA DB 90 -5.66 33.36 41.48
C ALA DB 90 -4.57 34.34 41.09
N SER DB 91 -4.76 35.07 39.98
CA SER DB 91 -3.80 36.06 39.51
C SER DB 91 -3.48 37.06 40.61
N GLN DB 92 -2.19 37.39 40.77
CA GLN DB 92 -1.79 38.42 41.71
C GLN DB 92 -1.52 39.72 40.97
N ASP DB 93 -1.97 40.84 41.54
CA ASP DB 93 -1.63 42.15 41.02
C ASP DB 93 -0.37 42.65 41.72
N ASP DB 94 0.80 42.14 41.30
CA ASP DB 94 2.08 42.70 41.74
C ASP DB 94 3.19 42.49 40.71
N SER DB 95 4.30 43.18 40.93
CA SER DB 95 5.31 43.40 39.92
C SER DB 95 6.39 42.31 39.88
N ASP DB 96 6.55 41.51 40.95
CA ASP DB 96 7.62 40.52 41.03
C ASP DB 96 7.23 39.21 40.36
N PRO DB 97 7.93 38.76 39.28
CA PRO DB 97 7.64 37.46 38.68
C PRO DB 97 8.24 36.37 39.56
N MET DB 98 7.61 35.18 39.56
CA MET DB 98 8.20 34.02 40.21
C MET DB 98 9.48 33.64 39.47
N LYS DB 99 10.59 33.50 40.21
CA LYS DB 99 11.87 33.13 39.65
C LYS DB 99 12.16 31.69 40.06
N PHE DB 100 12.43 30.82 39.09
CA PHE DB 100 12.73 29.43 39.36
C PHE DB 100 14.21 29.16 39.09
N ASN DB 101 14.86 28.41 39.96
CA ASN DB 101 16.10 27.76 39.57
C ASN DB 101 15.78 26.47 38.84
N LEU DB 102 16.59 26.13 37.85
CA LEU DB 102 16.31 25.00 36.98
C LEU DB 102 17.59 24.18 36.81
N GLU DB 103 17.48 22.86 36.91
CA GLU DB 103 18.61 21.99 36.67
C GLU DB 103 18.17 20.79 35.84
N ASN DB 104 18.95 20.42 34.83
CA ASN DB 104 18.69 19.25 34.00
C ASN DB 104 19.94 18.39 33.93
N VAL DB 105 19.80 17.10 34.30
CA VAL DB 105 20.88 16.15 34.31
C VAL DB 105 20.66 15.13 33.19
N THR DB 106 21.70 14.85 32.40
CA THR DB 106 21.64 13.82 31.38
C THR DB 106 22.94 13.01 31.35
N PRO DB 107 22.85 11.67 31.44
CA PRO DB 107 23.95 10.84 30.97
C PRO DB 107 24.14 11.00 29.47
N SER DB 108 25.39 10.88 29.01
CA SER DB 108 25.66 10.71 27.59
C SER DB 108 25.24 9.31 27.13
N ALA DB 109 25.18 9.11 25.81
CA ALA DB 109 24.61 7.89 25.22
C ALA DB 109 25.44 6.62 25.49
N SER DB 110 26.78 6.73 25.58
CA SER DB 110 27.68 5.62 25.95
C SER DB 110 28.16 5.70 27.40
N GLY DB 111 27.59 6.62 28.20
CA GLY DB 111 27.96 6.76 29.60
C GLY DB 111 29.38 7.29 29.82
N GLY DB 112 29.95 8.01 28.83
CA GLY DB 112 31.26 8.64 28.95
C GLY DB 112 31.28 9.80 29.95
N PHE DB 113 30.14 10.50 30.09
CA PHE DB 113 30.01 11.63 31.00
C PHE DB 113 28.55 11.87 31.40
N GLU DB 114 28.34 12.66 32.46
CA GLU DB 114 26.99 13.06 32.83
C GLU DB 114 26.89 14.58 32.83
N ARG DB 115 26.36 15.15 31.75
CA ARG DB 115 26.22 16.59 31.62
C ARG DB 115 25.10 17.09 32.52
N THR DB 116 25.46 17.95 33.49
CA THR DB 116 24.50 18.66 34.32
C THR DB 116 24.51 20.13 33.97
N THR DB 117 23.34 20.65 33.56
CA THR DB 117 23.14 22.06 33.26
C THR DB 117 22.28 22.67 34.35
N ALA DB 118 22.70 23.80 34.93
CA ALA DB 118 21.89 24.55 35.87
C ALA DB 118 21.75 26.01 35.44
N VAL DB 119 20.55 26.56 35.61
CA VAL DB 119 20.21 27.93 35.22
C VAL DB 119 19.55 28.64 36.39
N GLU DB 120 19.99 29.87 36.69
CA GLU DB 120 19.36 30.64 37.77
C GLU DB 120 18.24 31.55 37.24
N ASN DB 121 17.26 31.80 38.12
CA ASN DB 121 16.26 32.83 37.96
C ASN DB 121 15.55 32.82 36.60
N VAL DB 122 15.10 31.64 36.16
CA VAL DB 122 14.24 31.51 35.01
C VAL DB 122 12.87 32.10 35.34
N VAL DB 123 12.36 32.98 34.47
CA VAL DB 123 11.02 33.54 34.59
C VAL DB 123 10.26 33.29 33.29
N PHE DB 124 8.94 33.06 33.40
CA PHE DB 124 8.14 32.75 32.22
C PHE DB 124 7.08 33.83 32.01
N PRO DB 125 7.09 34.62 30.92
CA PRO DB 125 6.12 35.69 30.71
C PRO DB 125 4.69 35.19 30.69
N GLU DB 126 4.46 34.01 30.10
CA GLU DB 126 3.14 33.40 30.03
C GLU DB 126 3.18 31.94 30.47
N LEU DB 127 2.15 31.55 31.23
CA LEU DB 127 1.99 30.20 31.72
C LEU DB 127 0.71 29.62 31.11
N PRO DB 128 0.78 28.51 30.34
CA PRO DB 128 -0.46 27.90 29.87
C PRO DB 128 -1.05 27.13 31.05
N LEU DB 129 -2.31 27.46 31.34
CA LEU DB 129 -3.06 26.72 32.34
C LEU DB 129 -3.77 25.55 31.66
N ASP DB 130 -4.49 25.83 30.56
CA ASP DB 130 -5.23 24.80 29.85
C ASP DB 130 -4.79 24.81 28.41
N SER DB 131 -4.65 23.60 27.83
CA SER DB 131 -4.12 23.41 26.49
C SER DB 131 -4.79 22.20 25.83
N ALA DB 132 -6.14 22.20 25.85
CA ALA DB 132 -6.95 21.08 25.42
C ALA DB 132 -7.05 21.04 23.89
N THR DB 133 -6.98 19.83 23.33
CA THR DB 133 -7.15 19.55 21.91
C THR DB 133 -7.90 18.24 21.76
N TYR DB 134 -8.86 18.15 20.84
CA TYR DB 134 -9.71 16.96 20.73
C TYR DB 134 -8.89 15.71 20.44
N GLY DB 135 -9.05 14.69 21.32
CA GLY DB 135 -8.41 13.40 21.18
C GLY DB 135 -6.91 13.45 21.38
N GLU DB 136 -6.43 14.44 22.16
CA GLU DB 136 -5.05 14.50 22.60
C GLU DB 136 -4.98 14.82 24.08
N TYR DB 137 -3.86 14.43 24.70
CA TYR DB 137 -3.61 14.87 26.06
C TYR DB 137 -3.23 16.34 26.02
N GLU DB 138 -3.48 17.07 27.11
CA GLU DB 138 -3.06 18.47 27.13
C GLU DB 138 -1.53 18.53 27.12
N GLU DB 139 -0.96 19.30 26.19
CA GLU DB 139 0.48 19.49 26.11
C GLU DB 139 0.80 20.98 26.21
N TYR DB 140 1.67 21.33 27.16
CA TYR DB 140 1.90 22.71 27.58
C TYR DB 140 3.27 23.17 27.10
N SER DB 141 3.37 24.40 26.58
CA SER DB 141 4.65 24.98 26.24
C SER DB 141 4.97 26.18 27.12
N LEU DB 142 6.14 26.14 27.75
CA LEU DB 142 6.72 27.26 28.48
C LEU DB 142 7.86 27.84 27.66
N THR DB 143 7.92 29.18 27.58
CA THR DB 143 9.09 29.87 27.05
C THR DB 143 9.47 30.95 28.06
N GLY DB 144 10.75 31.06 28.40
CA GLY DB 144 11.17 32.00 29.43
C GLY DB 144 12.66 32.28 29.40
N SER DB 145 13.11 33.21 30.24
CA SER DB 145 14.49 33.67 30.26
C SER DB 145 15.13 33.50 31.63
N GLY DB 146 16.20 32.71 31.69
CA GLY DB 146 17.08 32.64 32.84
C GLY DB 146 18.10 33.77 32.85
N ARG DB 147 18.63 34.06 34.04
CA ARG DB 147 19.62 35.12 34.20
C ARG DB 147 21.00 34.65 33.75
N SER DB 148 21.44 33.48 34.20
CA SER DB 148 22.75 32.94 33.81
C SER DB 148 22.80 31.43 34.01
N VAL DB 149 23.79 30.79 33.35
CA VAL DB 149 24.10 29.38 33.58
C VAL DB 149 25.02 29.31 34.79
N THR DB 150 24.55 28.71 35.90
CA THR DB 150 25.37 28.62 37.09
C THR DB 150 26.29 27.40 37.11
N ASN DB 151 25.92 26.35 36.36
CA ASN DB 151 26.75 25.16 36.25
C ASN DB 151 26.60 24.50 34.88
N LEU DB 152 27.72 23.99 34.34
CA LEU DB 152 27.78 23.11 33.19
C LEU DB 152 29.02 22.23 33.36
N ALA DB 153 28.82 21.02 33.88
CA ALA DB 153 29.92 20.14 34.22
C ALA DB 153 29.56 18.68 34.03
N ASP DB 154 30.60 17.84 33.93
CA ASP DB 154 30.46 16.40 34.03
C ASP DB 154 30.34 16.03 35.50
N THR DB 155 29.14 15.60 35.92
CA THR DB 155 28.87 15.20 37.29
C THR DB 155 29.08 13.70 37.53
N SER DB 156 29.59 12.95 36.54
CA SER DB 156 29.93 11.55 36.74
C SER DB 156 31.11 11.38 37.70
N GLY DB 157 31.18 10.21 38.37
CA GLY DB 157 32.18 9.92 39.39
C GLY DB 157 33.59 10.06 38.86
N ALA EB 2 1.96 17.95 49.03
CA ALA EB 2 1.91 18.27 47.57
C ALA EB 2 1.03 17.27 46.83
N THR EB 3 0.57 17.64 45.61
CA THR EB 3 -0.20 16.77 44.74
C THR EB 3 0.62 16.44 43.50
N SER EB 4 0.87 15.15 43.24
CA SER EB 4 1.81 14.71 42.21
C SER EB 4 1.37 15.18 40.82
N PRO EB 5 2.29 15.61 39.92
CA PRO EB 5 1.90 16.03 38.58
C PRO EB 5 1.28 14.85 37.80
N GLU EB 6 0.30 15.16 36.95
CA GLU EB 6 -0.46 14.10 36.30
C GLU EB 6 -0.89 14.55 34.89
N GLY EB 7 -1.03 13.58 33.97
CA GLY EB 7 -1.51 13.90 32.64
C GLY EB 7 -2.96 14.39 32.67
N ILE EB 8 -3.36 15.16 31.65
CA ILE EB 8 -4.74 15.56 31.53
C ILE EB 8 -5.21 15.22 30.12
N TRP EB 9 -6.38 14.59 30.06
CA TRP EB 9 -6.97 14.18 28.81
C TRP EB 9 -7.94 15.27 28.38
N SER EB 10 -7.81 15.77 27.14
CA SER EB 10 -8.55 16.96 26.74
C SER EB 10 -10.05 16.74 26.83
N ASN EB 11 -10.49 15.60 26.33
CA ASN EB 11 -11.90 15.30 26.19
C ASN EB 11 -12.63 15.19 27.52
N SER EB 12 -11.90 15.12 28.65
CA SER EB 12 -12.54 15.08 29.97
C SER EB 12 -13.08 16.44 30.41
N GLY EB 13 -12.67 17.53 29.73
CA GLY EB 13 -12.98 18.90 30.16
C GLY EB 13 -14.43 19.30 29.95
N ALA EB 14 -15.00 20.04 30.91
CA ALA EB 14 -16.28 20.72 30.76
C ALA EB 14 -16.07 22.24 30.87
N LEU EB 15 -16.38 22.97 29.79
CA LEU EB 15 -16.28 24.42 29.76
C LEU EB 15 -17.66 25.04 29.91
N THR EB 16 -17.76 26.11 30.73
CA THR EB 16 -19.00 26.84 30.92
C THR EB 16 -18.76 28.36 30.90
N PHE EB 17 -19.72 29.11 30.35
CA PHE EB 17 -19.73 30.56 30.40
C PHE EB 17 -20.85 31.05 31.31
N GLU EB 18 -20.59 32.16 32.02
CA GLU EB 18 -21.59 32.79 32.87
C GLU EB 18 -21.66 34.30 32.60
N ASP EB 19 -22.84 34.88 32.78
CA ASP EB 19 -23.03 36.32 32.78
C ASP EB 19 -22.72 36.87 34.18
N PRO EB 20 -21.70 37.74 34.37
CA PRO EB 20 -21.37 38.29 35.69
C PRO EB 20 -22.41 39.25 36.27
N ALA EB 21 -23.45 39.59 35.52
CA ALA EB 21 -24.59 40.33 36.05
C ALA EB 21 -25.54 39.43 36.88
N ASP EB 22 -25.51 38.10 36.65
CA ASP EB 22 -26.48 37.16 37.20
C ASP EB 22 -25.85 35.96 37.92
N ASP EB 23 -24.62 35.60 37.48
CA ASP EB 23 -24.01 34.28 37.61
C ASP EB 23 -24.86 33.21 36.91
N SER EB 24 -25.71 33.60 35.93
CA SER EB 24 -26.50 32.67 35.13
C SER EB 24 -25.64 32.06 34.03
N GLU EB 25 -25.90 30.79 33.70
CA GLU EB 25 -25.18 30.13 32.63
C GLU EB 25 -25.60 30.67 31.26
N ILE EB 26 -24.63 30.80 30.34
CA ILE EB 26 -24.88 31.06 28.94
C ILE EB 26 -24.60 29.78 28.16
N LEU EB 27 -25.59 29.28 27.40
CA LEU EB 27 -25.49 28.00 26.73
C LEU EB 27 -24.34 28.01 25.74
N PHE EB 28 -23.38 27.11 25.97
CA PHE EB 28 -22.27 26.90 25.07
C PHE EB 28 -21.92 25.42 25.12
N ALA EB 29 -21.52 24.88 23.96
CA ALA EB 29 -21.24 23.45 23.89
C ALA EB 29 -20.36 23.13 22.71
N GLY EB 30 -19.84 21.91 22.64
CA GLY EB 30 -19.24 21.43 21.40
C GLY EB 30 -17.83 21.95 21.20
N VAL EB 31 -17.09 22.26 22.25
CA VAL EB 31 -15.68 22.61 22.09
C VAL EB 31 -14.90 21.45 21.48
N ARG EB 32 -13.75 21.81 20.88
CA ARG EB 32 -12.79 20.88 20.33
C ARG EB 32 -11.38 21.23 20.80
N ASP EB 33 -11.04 22.52 20.81
CA ASP EB 33 -9.81 23.00 21.41
C ASP EB 33 -10.12 24.10 22.43
N VAL EB 34 -9.37 24.17 23.52
CA VAL EB 34 -9.50 25.21 24.53
C VAL EB 34 -8.13 25.52 25.10
N THR EB 35 -7.62 26.72 24.84
CA THR EB 35 -6.36 27.18 25.43
C THR EB 35 -6.63 28.37 26.34
N ILE EB 36 -6.16 28.29 27.59
CA ILE EB 36 -6.25 29.38 28.54
C ILE EB 36 -4.83 29.65 29.05
N THR EB 37 -4.37 30.89 28.82
CA THR EB 37 -2.99 31.26 29.11
C THR EB 37 -2.97 32.61 29.82
N PRO EB 38 -2.82 32.68 31.16
CA PRO EB 38 -2.43 33.91 31.82
C PRO EB 38 -1.03 34.33 31.39
N ALA EB 39 -0.87 35.63 31.23
CA ALA EB 39 0.38 36.23 30.77
C ALA EB 39 0.60 37.59 31.44
N TYR EB 40 1.85 38.01 31.41
CA TYR EB 40 2.25 39.36 31.75
C TYR EB 40 3.33 39.80 30.76
N GLU EB 41 3.44 41.11 30.53
CA GLU EB 41 4.63 41.63 29.89
C GLU EB 41 5.78 41.66 30.88
N HIS EB 42 6.99 41.33 30.42
CA HIS EB 42 8.19 41.44 31.23
C HIS EB 42 9.06 42.58 30.72
N ALA EB 43 9.54 43.41 31.65
CA ALA EB 43 10.64 44.32 31.36
C ALA EB 43 11.90 43.88 32.08
N GLU EB 44 13.00 43.70 31.34
CA GLU EB 44 14.28 43.32 31.91
C GLU EB 44 15.20 44.55 31.97
N LEU EB 45 15.87 44.79 33.10
CA LEU EB 45 16.85 45.87 33.21
C LEU EB 45 18.24 45.35 32.90
N TYR EB 46 18.94 46.09 32.02
CA TYR EB 46 20.36 45.91 31.83
C TYR EB 46 21.03 47.27 31.81
N THR EB 47 22.28 47.32 32.31
CA THR EB 47 23.04 48.57 32.36
C THR EB 47 24.51 48.31 32.03
N ILE EB 48 25.31 49.35 31.90
CA ILE EB 48 26.73 49.18 31.60
C ILE EB 48 27.51 48.48 32.72
N ASP EB 49 26.90 48.33 33.90
CA ASP EB 49 27.54 47.65 35.02
C ASP EB 49 27.79 46.17 34.77
N SER EB 50 26.95 45.51 33.96
CA SER EB 50 26.99 44.05 33.80
C SER EB 50 26.42 43.59 32.46
N THR EB 51 26.88 42.41 32.00
CA THR EB 51 26.20 41.71 30.91
C THR EB 51 24.97 40.96 31.39
N PHE EB 52 24.90 40.66 32.68
CA PHE EB 52 23.75 39.95 33.23
C PHE EB 52 22.60 40.91 33.52
N ARG EB 53 21.41 40.33 33.53
CA ARG EB 53 20.19 41.03 33.86
C ARG EB 53 20.23 41.51 35.31
N ASP EB 54 19.93 42.82 35.51
CA ASP EB 54 19.91 43.43 36.83
C ASP EB 54 18.58 43.16 37.53
N GLU EB 55 17.46 43.24 36.79
CA GLU EB 55 16.11 43.06 37.34
C GLU EB 55 15.15 42.55 36.27
N VAL EB 56 14.00 42.02 36.72
CA VAL EB 56 12.89 41.75 35.82
C VAL EB 56 11.57 41.95 36.56
N LYS EB 57 10.55 42.50 35.86
CA LYS EB 57 9.29 42.88 36.47
C LYS EB 57 8.09 42.60 35.56
N ARG EB 58 6.92 42.32 36.17
CA ARG EB 58 5.65 42.06 35.48
C ARG EB 58 4.76 43.31 35.35
N TYR EB 59 4.03 43.39 34.23
CA TYR EB 59 2.96 44.36 34.05
C TYR EB 59 1.98 43.84 32.99
N GLU EB 60 0.82 44.51 32.83
CA GLU EB 60 -0.21 44.14 31.86
C GLU EB 60 -0.57 42.67 31.93
N HIS EB 61 -1.18 42.31 33.04
CA HIS EB 61 -1.77 40.99 33.12
C HIS EB 61 -2.96 40.91 32.18
N ASN EB 62 -3.05 39.79 31.47
CA ASN EB 62 -4.29 39.36 30.83
C ASN EB 62 -4.31 37.84 30.77
N VAL EB 63 -5.45 37.27 30.42
CA VAL EB 63 -5.53 35.86 30.16
C VAL EB 63 -5.96 35.68 28.71
N ASN EB 64 -5.10 35.09 27.88
CA ASN EB 64 -5.51 34.70 26.55
C ASN EB 64 -6.44 33.51 26.65
N VAL EB 65 -7.63 33.65 26.09
CA VAL EB 65 -8.56 32.55 25.92
C VAL EB 65 -8.74 32.36 24.43
N GLU EB 66 -8.47 31.15 23.95
CA GLU EB 66 -8.93 30.81 22.61
C GLU EB 66 -9.60 29.43 22.59
N ILE EB 67 -10.71 29.37 21.88
CA ILE EB 67 -11.58 28.22 21.89
C ILE EB 67 -11.93 27.89 20.44
N THR EB 68 -11.83 26.63 20.07
CA THR EB 68 -12.39 26.16 18.81
C THR EB 68 -13.57 25.27 19.15
N TYR EB 69 -14.73 25.52 18.53
CA TYR EB 69 -15.94 24.80 18.87
C TYR EB 69 -16.82 24.59 17.64
N ALA EB 70 -17.71 23.59 17.69
CA ALA EB 70 -18.39 23.07 16.51
C ALA EB 70 -19.93 23.10 16.62
N LYS EB 71 -20.47 23.44 17.80
CA LYS EB 71 -21.91 23.63 17.96
C LYS EB 71 -22.18 25.12 18.11
N PHE EB 72 -23.00 25.68 17.23
CA PHE EB 72 -23.34 27.08 17.30
C PHE EB 72 -24.38 27.32 18.38
N SER EB 73 -24.24 28.43 19.11
CA SER EB 73 -25.18 28.84 20.15
C SER EB 73 -25.74 30.22 19.83
N LEU EB 74 -27.07 30.31 19.64
CA LEU EB 74 -27.67 31.63 19.43
C LEU EB 74 -27.58 32.46 20.70
N GLU EB 75 -27.72 31.86 21.89
CA GLU EB 75 -27.66 32.65 23.11
C GLU EB 75 -26.30 33.35 23.23
N PHE EB 76 -25.21 32.60 23.09
CA PHE EB 76 -23.88 33.18 23.19
C PHE EB 76 -23.63 34.28 22.15
N ALA EB 77 -24.07 34.08 20.91
CA ALA EB 77 -23.88 35.06 19.86
C ALA EB 77 -24.70 36.33 20.10
N GLN EB 78 -25.99 36.19 20.43
CA GLN EB 78 -26.85 37.34 20.69
C GLN EB 78 -26.45 38.09 21.95
N GLU EB 79 -25.87 37.42 22.94
CA GLU EB 79 -25.26 38.06 24.09
C GLU EB 79 -24.08 38.94 23.68
N TRP EB 80 -23.16 38.41 22.88
CA TRP EB 80 -22.02 39.18 22.39
C TRP EB 80 -22.43 40.39 21.57
N LEU EB 81 -23.51 40.30 20.77
CA LEU EB 81 -24.02 41.45 20.05
C LEU EB 81 -24.59 42.50 21.01
N GLY EB 82 -25.37 42.05 22.00
CA GLY EB 82 -26.12 42.93 22.88
C GLY EB 82 -25.28 43.70 23.90
N GLY EB 83 -24.10 43.20 24.27
CA GLY EB 83 -23.24 43.86 25.25
C GLY EB 83 -23.72 43.61 26.68
N PRO EB 84 -23.05 44.18 27.70
CA PRO EB 84 -23.30 43.81 29.09
C PRO EB 84 -24.74 43.96 29.54
N GLY EB 85 -25.29 42.84 30.05
CA GLY EB 85 -26.64 42.73 30.59
C GLY EB 85 -27.76 42.78 29.55
N ALA EB 86 -27.45 42.64 28.25
CA ALA EB 86 -28.45 42.70 27.20
C ALA EB 86 -28.16 41.71 26.06
N THR EB 87 -29.22 41.32 25.34
CA THR EB 87 -29.15 40.38 24.22
C THR EB 87 -29.72 41.08 22.99
N ALA EB 88 -29.09 40.93 21.82
CA ALA EB 88 -29.53 41.63 20.62
C ALA EB 88 -29.45 40.74 19.38
N THR EB 89 -30.36 41.01 18.43
CA THR EB 89 -30.46 40.26 17.18
C THR EB 89 -29.80 41.01 16.01
N ALA EB 90 -28.97 42.03 16.31
CA ALA EB 90 -28.33 42.85 15.31
C ALA EB 90 -27.16 43.56 15.97
N SER EB 91 -26.19 44.04 15.18
CA SER EB 91 -25.07 44.84 15.66
C SER EB 91 -25.57 46.00 16.53
N GLN EB 92 -24.93 46.22 17.70
CA GLN EB 92 -25.24 47.38 18.53
C GLN EB 92 -24.14 48.43 18.42
N ASP EB 93 -24.56 49.69 18.26
CA ASP EB 93 -23.62 50.80 18.23
C ASP EB 93 -23.39 51.34 19.64
N ASP EB 94 -22.65 50.59 20.47
CA ASP EB 94 -22.24 51.07 21.77
C ASP EB 94 -20.84 50.55 22.14
N SER EB 95 -20.21 51.20 23.12
CA SER EB 95 -18.78 51.07 23.33
C SER EB 95 -18.41 49.87 24.22
N ASP EB 96 -19.38 49.25 24.89
CA ASP EB 96 -19.15 48.21 25.88
C ASP EB 96 -19.17 46.82 25.26
N PRO EB 97 -18.06 46.04 25.34
CA PRO EB 97 -18.08 44.65 24.89
C PRO EB 97 -18.75 43.80 25.96
N MET EB 98 -19.41 42.70 25.54
CA MET EB 98 -19.92 41.74 26.50
C MET EB 98 -18.77 41.04 27.24
N LYS EB 99 -18.83 41.02 28.58
CA LYS EB 99 -17.81 40.42 29.41
C LYS EB 99 -18.32 39.11 30.00
N PHE EB 100 -17.77 37.98 29.55
CA PHE EB 100 -18.17 36.68 30.05
C PHE EB 100 -17.29 36.24 31.21
N ASN EB 101 -17.86 35.63 32.26
CA ASN EB 101 -17.04 34.78 33.13
C ASN EB 101 -16.92 33.40 32.51
N LEU EB 102 -15.79 32.75 32.71
CA LEU EB 102 -15.49 31.48 32.08
C LEU EB 102 -14.94 30.54 33.13
N GLU EB 103 -15.39 29.28 33.12
CA GLU EB 103 -14.80 28.26 33.97
C GLU EB 103 -14.62 26.96 33.20
N ASN EB 104 -13.45 26.33 33.33
CA ASN EB 104 -13.15 25.04 32.74
C ASN EB 104 -12.75 24.04 33.81
N VAL EB 105 -13.48 22.92 33.88
CA VAL EB 105 -13.25 21.90 34.91
C VAL EB 105 -12.81 20.60 34.25
N THR EB 106 -11.65 20.07 34.67
CA THR EB 106 -11.10 18.84 34.13
C THR EB 106 -10.66 17.91 35.26
N PRO EB 107 -11.08 16.63 35.24
CA PRO EB 107 -10.40 15.59 36.02
C PRO EB 107 -8.99 15.35 35.49
N SER EB 108 -8.05 15.00 36.37
CA SER EB 108 -6.74 14.53 35.92
C SER EB 108 -6.86 13.10 35.40
N ALA EB 109 -5.86 12.64 34.61
CA ALA EB 109 -6.00 11.40 33.86
C ALA EB 109 -6.20 10.15 34.73
N SER EB 110 -5.61 10.13 35.95
CA SER EB 110 -5.73 9.05 36.92
C SER EB 110 -6.51 9.47 38.17
N GLY EB 111 -7.30 10.55 38.08
CA GLY EB 111 -8.20 11.00 39.14
C GLY EB 111 -7.52 11.54 40.40
N GLY EB 112 -6.21 11.84 40.34
CA GLY EB 112 -5.48 12.42 41.45
C GLY EB 112 -6.02 13.78 41.90
N PHE EB 113 -6.58 14.55 40.95
CA PHE EB 113 -7.14 15.86 41.24
C PHE EB 113 -8.18 16.25 40.20
N GLU EB 114 -8.95 17.31 40.50
CA GLU EB 114 -9.82 17.93 39.51
C GLU EB 114 -9.40 19.39 39.34
N ARG EB 115 -8.66 19.70 38.27
CA ARG EB 115 -8.21 21.06 38.05
C ARG EB 115 -9.38 21.89 37.55
N THR EB 116 -9.68 22.96 38.29
CA THR EB 116 -10.67 23.97 37.90
C THR EB 116 -9.95 25.28 37.62
N THR EB 117 -10.14 25.82 36.41
CA THR EB 117 -9.61 27.12 36.02
C THR EB 117 -10.78 28.07 35.80
N ALA EB 118 -10.79 29.22 36.47
CA ALA EB 118 -11.82 30.24 36.28
C ALA EB 118 -11.19 31.57 35.86
N VAL EB 119 -11.84 32.26 34.91
CA VAL EB 119 -11.33 33.49 34.32
C VAL EB 119 -12.43 34.54 34.30
N GLU EB 120 -12.14 35.76 34.76
CA GLU EB 120 -13.13 36.83 34.76
C GLU EB 120 -13.06 37.69 33.51
N ASN EB 121 -14.21 38.23 33.11
CA ASN EB 121 -14.31 39.31 32.14
C ASN EB 121 -13.59 39.00 30.82
N VAL EB 122 -13.81 37.81 30.26
CA VAL EB 122 -13.32 37.49 28.95
C VAL EB 122 -14.12 38.26 27.92
N VAL EB 123 -13.42 39.00 27.04
CA VAL EB 123 -14.06 39.69 25.93
C VAL EB 123 -13.42 39.21 24.63
N PHE EB 124 -14.24 39.10 23.57
CA PHE EB 124 -13.73 38.60 22.32
C PHE EB 124 -13.85 39.71 21.26
N PRO EB 125 -12.76 40.22 20.66
CA PRO EB 125 -12.85 41.26 19.66
C PRO EB 125 -13.72 40.91 18.47
N GLU EB 126 -13.73 39.63 18.08
CA GLU EB 126 -14.53 39.20 16.95
C GLU EB 126 -15.24 37.89 17.22
N LEU EB 127 -16.43 37.76 16.67
CA LEU EB 127 -17.28 36.60 16.85
C LEU EB 127 -17.54 36.00 15.47
N PRO EB 128 -17.16 34.74 15.20
CA PRO EB 128 -17.48 34.11 13.92
C PRO EB 128 -18.96 33.70 13.96
N LEU EB 129 -19.76 34.32 13.08
CA LEU EB 129 -21.17 33.94 13.00
C LEU EB 129 -21.34 32.73 12.11
N ASP EB 130 -20.77 32.79 10.90
CA ASP EB 130 -20.81 31.68 9.96
C ASP EB 130 -19.39 31.29 9.62
N SER EB 131 -19.14 29.98 9.53
CA SER EB 131 -17.81 29.44 9.27
C SER EB 131 -17.91 28.17 8.41
N ALA EB 132 -18.63 28.29 7.29
CA ALA EB 132 -18.96 27.18 6.42
C ALA EB 132 -17.80 26.84 5.48
N THR EB 133 -17.59 25.54 5.30
CA THR EB 133 -16.64 24.96 4.35
C THR EB 133 -17.25 23.69 3.77
N TYR EB 134 -17.12 23.51 2.46
CA TYR EB 134 -17.69 22.39 1.74
C TYR EB 134 -17.30 21.05 2.37
N GLY EB 135 -18.30 20.21 2.68
CA GLY EB 135 -18.04 18.90 3.22
C GLY EB 135 -17.61 18.88 4.68
N GLU EB 136 -17.86 19.97 5.41
CA GLU EB 136 -17.50 20.01 6.83
C GLU EB 136 -18.61 20.66 7.65
N TYR EB 137 -18.66 20.29 8.94
CA TYR EB 137 -19.48 21.05 9.88
C TYR EB 137 -18.80 22.38 10.14
N GLU EB 138 -19.60 23.40 10.46
CA GLU EB 138 -19.03 24.72 10.74
C GLU EB 138 -18.22 24.63 12.02
N GLU EB 139 -16.95 25.05 11.95
CA GLU EB 139 -16.08 25.11 13.11
C GLU EB 139 -15.67 26.56 13.35
N TYR EB 140 -15.87 27.03 14.59
CA TYR EB 140 -15.73 28.42 14.97
C TYR EB 140 -14.51 28.62 15.86
N SER EB 141 -13.68 29.63 15.55
CA SER EB 141 -12.55 29.99 16.40
C SER EB 141 -12.81 31.31 17.13
N LEU EB 142 -12.78 31.27 18.47
CA LEU EB 142 -12.80 32.47 19.30
C LEU EB 142 -11.40 32.79 19.80
N THR EB 143 -11.10 34.09 19.81
CA THR EB 143 -9.89 34.61 20.44
C THR EB 143 -10.30 35.78 21.31
N GLY EB 144 -9.84 35.82 22.57
CA GLY EB 144 -10.28 36.85 23.50
C GLY EB 144 -9.35 36.99 24.71
N SER EB 145 -9.58 38.05 25.47
CA SER EB 145 -8.74 38.42 26.61
C SER EB 145 -9.56 38.55 27.88
N GLY EB 146 -9.28 37.69 28.86
CA GLY EB 146 -9.81 37.82 30.19
C GLY EB 146 -8.96 38.77 31.04
N ARG EB 147 -9.53 39.26 32.14
CA ARG EB 147 -8.84 40.21 32.99
C ARG EB 147 -7.87 39.51 33.93
N SER EB 148 -8.30 38.41 34.55
CA SER EB 148 -7.46 37.68 35.49
C SER EB 148 -7.99 36.26 35.71
N VAL EB 149 -7.14 35.40 36.26
CA VAL EB 149 -7.56 34.07 36.72
C VAL EB 149 -8.10 34.22 38.14
N THR EB 150 -9.41 34.04 38.31
CA THR EB 150 -10.01 34.22 39.62
C THR EB 150 -9.90 32.97 40.49
N ASN EB 151 -9.75 31.80 39.88
CA ASN EB 151 -9.48 30.58 40.62
C ASN EB 151 -8.69 29.60 39.77
N LEU EB 152 -7.72 28.93 40.41
CA LEU EB 152 -7.01 27.78 39.88
C LEU EB 152 -6.70 26.87 41.06
N ALA EB 153 -7.48 25.79 41.16
CA ALA EB 153 -7.40 24.91 42.31
C ALA EB 153 -7.76 23.47 41.97
N ASP EB 154 -7.32 22.55 42.84
CA ASP EB 154 -7.90 21.22 42.85
C ASP EB 154 -9.26 21.28 43.56
N THR EB 155 -10.34 21.07 42.81
CA THR EB 155 -11.69 21.10 43.35
C THR EB 155 -12.25 19.71 43.70
N SER EB 156 -11.44 18.64 43.57
CA SER EB 156 -11.84 17.31 44.03
C SER EB 156 -12.02 17.28 45.56
N GLY EB 157 -12.82 16.32 46.05
CA GLY EB 157 -13.30 16.29 47.43
C GLY EB 157 -12.18 16.37 48.46
N ALA FB 2 -34.52 29.27 26.21
CA ALA FB 2 -33.27 29.26 25.39
C ALA FB 2 -33.23 28.02 24.51
N THR FB 3 -32.47 28.09 23.40
CA THR FB 3 -32.37 27.01 22.42
C THR FB 3 -31.00 26.36 22.48
N SER FB 4 -30.98 25.01 22.60
CA SER FB 4 -29.76 24.23 22.80
C SER FB 4 -28.76 24.46 21.66
N PRO FB 5 -27.44 24.58 21.93
CA PRO FB 5 -26.46 24.70 20.85
C PRO FB 5 -26.44 23.39 20.05
N GLU FB 6 -26.09 23.51 18.78
CA GLU FB 6 -26.22 22.37 17.88
C GLU FB 6 -25.16 22.48 16.77
N GLY FB 7 -24.74 21.33 16.23
CA GLY FB 7 -23.81 21.39 15.10
C GLY FB 7 -24.51 21.98 13.87
N ILE FB 8 -23.73 22.53 12.94
CA ILE FB 8 -24.29 23.04 11.70
C ILE FB 8 -23.48 22.47 10.53
N TRP FB 9 -24.20 22.08 9.48
CA TRP FB 9 -23.59 21.43 8.34
C TRP FB 9 -23.44 22.44 7.21
N SER FB 10 -22.22 22.60 6.69
CA SER FB 10 -21.92 23.66 5.76
C SER FB 10 -22.75 23.57 4.48
N ASN FB 11 -22.91 22.36 3.94
CA ASN FB 11 -23.61 22.20 2.68
C ASN FB 11 -25.12 22.48 2.82
N SER FB 12 -25.63 22.77 4.03
CA SER FB 12 -26.99 23.23 4.22
C SER FB 12 -27.13 24.75 4.13
N GLY FB 13 -26.07 25.48 3.74
CA GLY FB 13 -26.10 26.92 3.55
C GLY FB 13 -26.99 27.36 2.38
N ALA FB 14 -27.35 28.65 2.37
CA ALA FB 14 -28.21 29.22 1.35
C ALA FB 14 -27.96 30.73 1.23
N LEU FB 15 -26.77 31.08 0.73
CA LEU FB 15 -26.36 32.47 0.58
C LEU FB 15 -27.15 33.16 -0.53
N THR FB 16 -27.67 34.37 -0.26
CA THR FB 16 -28.28 35.23 -1.26
C THR FB 16 -27.76 36.65 -1.13
N PHE FB 17 -27.55 37.33 -2.28
CA PHE FB 17 -27.16 38.72 -2.34
C PHE FB 17 -28.31 39.56 -2.88
N GLU FB 18 -28.48 40.77 -2.31
CA GLU FB 18 -29.54 41.67 -2.70
C GLU FB 18 -28.97 43.07 -2.97
N ASP FB 19 -29.57 43.75 -3.95
CA ASP FB 19 -29.33 45.16 -4.20
C ASP FB 19 -30.08 45.98 -3.14
N PRO FB 20 -29.40 46.76 -2.28
CA PRO FB 20 -30.06 47.48 -1.20
C PRO FB 20 -30.97 48.62 -1.65
N ALA FB 21 -30.98 48.96 -2.95
CA ALA FB 21 -31.91 49.93 -3.48
C ALA FB 21 -33.31 49.33 -3.65
N ASP FB 22 -33.39 48.04 -4.02
CA ASP FB 22 -34.61 47.40 -4.51
C ASP FB 22 -35.02 46.18 -3.69
N ASP FB 23 -34.08 45.61 -2.94
CA ASP FB 23 -34.21 44.28 -2.35
C ASP FB 23 -34.43 43.20 -3.43
N SER FB 24 -34.01 43.48 -4.67
CA SER FB 24 -33.98 42.49 -5.74
C SER FB 24 -32.78 41.58 -5.57
N GLU FB 25 -32.93 40.32 -5.98
CA GLU FB 25 -31.85 39.33 -5.87
C GLU FB 25 -30.82 39.55 -6.95
N ILE FB 26 -29.55 39.36 -6.58
CA ILE FB 26 -28.43 39.31 -7.50
C ILE FB 26 -27.97 37.86 -7.61
N LEU FB 27 -28.01 37.30 -8.81
CA LEU FB 27 -27.82 35.86 -8.99
C LEU FB 27 -26.40 35.46 -8.61
N PHE FB 28 -26.32 34.60 -7.60
CA PHE FB 28 -25.06 34.12 -7.07
C PHE FB 28 -25.25 32.67 -6.62
N ALA FB 29 -24.23 31.84 -6.89
CA ALA FB 29 -24.39 30.41 -6.71
C ALA FB 29 -23.06 29.71 -6.49
N GLY FB 30 -23.10 28.44 -6.12
CA GLY FB 30 -21.90 27.63 -6.18
C GLY FB 30 -20.90 27.93 -5.07
N VAL FB 31 -21.36 28.39 -3.90
CA VAL FB 31 -20.43 28.62 -2.80
C VAL FB 31 -19.74 27.34 -2.35
N ARG FB 32 -18.56 27.49 -1.74
CA ARG FB 32 -17.75 26.39 -1.26
C ARG FB 32 -17.24 26.67 0.15
N ASP FB 33 -16.77 27.89 0.40
CA ASP FB 33 -16.51 28.37 1.76
C ASP FB 33 -17.27 29.66 1.98
N VAL FB 34 -17.77 29.89 3.20
CA VAL FB 34 -18.43 31.14 3.55
C VAL FB 34 -18.18 31.45 5.02
N THR FB 35 -17.42 32.52 5.29
CA THR FB 35 -17.17 32.95 6.66
C THR FB 35 -17.71 34.36 6.86
N ILE FB 36 -18.55 34.57 7.87
CA ILE FB 36 -19.02 35.88 8.27
C ILE FB 36 -18.60 36.14 9.71
N THR FB 37 -17.82 37.20 9.94
CA THR FB 37 -17.28 37.48 11.26
C THR FB 37 -17.48 38.95 11.61
N PRO FB 38 -18.50 39.32 12.41
CA PRO FB 38 -18.54 40.64 13.02
C PRO FB 38 -17.34 40.82 13.95
N ALA FB 39 -16.77 42.02 13.89
CA ALA FB 39 -15.57 42.37 14.64
C ALA FB 39 -15.66 43.81 15.16
N TYR FB 40 -14.89 44.07 16.21
CA TYR FB 40 -14.59 45.41 16.65
C TYR FB 40 -13.10 45.51 16.96
N GLU FB 41 -12.56 46.73 16.91
CA GLU FB 41 -11.30 47.01 17.56
C GLU FB 41 -11.55 47.15 19.06
N HIS FB 42 -10.64 46.62 19.89
CA HIS FB 42 -10.71 46.78 21.34
C HIS FB 42 -9.57 47.66 21.84
N ALA FB 43 -9.90 48.61 22.72
CA ALA FB 43 -8.91 49.39 23.44
C ALA FB 43 -8.97 49.02 24.92
N GLU FB 44 -7.82 48.66 25.50
CA GLU FB 44 -7.73 48.26 26.90
C GLU FB 44 -6.94 49.34 27.66
N LEU FB 45 -7.48 49.79 28.80
CA LEU FB 45 -6.80 50.77 29.63
C LEU FB 45 -5.99 50.07 30.72
N TYR FB 46 -4.70 50.37 30.76
CA TYR FB 46 -3.86 50.02 31.89
C TYR FB 46 -3.11 51.26 32.35
N THR FB 47 -2.82 51.29 33.65
CA THR FB 47 -2.18 52.43 34.30
C THR FB 47 -1.22 51.93 35.36
N ILE FB 48 -0.48 52.83 35.99
CA ILE FB 48 0.46 52.45 37.04
C ILE FB 48 -0.25 51.94 38.30
N ASP FB 49 -1.56 52.21 38.42
CA ASP FB 49 -2.33 51.80 39.61
C ASP FB 49 -2.39 50.28 39.80
N SER FB 50 -2.48 49.52 38.71
CA SER FB 50 -2.64 48.07 38.76
C SER FB 50 -2.08 47.40 37.50
N THR FB 51 -1.54 46.19 37.66
CA THR FB 51 -1.18 45.40 36.49
C THR FB 51 -2.40 44.83 35.77
N PHE FB 52 -3.56 44.83 36.43
CA PHE FB 52 -4.79 44.36 35.80
C PHE FB 52 -5.41 45.47 34.96
N ARG FB 53 -6.15 45.03 33.94
CA ARG FB 53 -6.86 45.91 33.05
C ARG FB 53 -7.91 46.71 33.81
N ASP FB 54 -7.85 48.05 33.70
CA ASP FB 54 -8.80 48.93 34.34
C ASP FB 54 -10.11 48.90 33.55
N GLU FB 55 -10.04 49.01 32.22
CA GLU FB 55 -11.22 49.11 31.36
C GLU FB 55 -10.98 48.47 29.99
N VAL FB 56 -12.09 48.13 29.29
CA VAL FB 56 -11.99 47.75 27.89
C VAL FB 56 -13.22 48.25 27.14
N LYS FB 57 -13.01 48.64 25.87
CA LYS FB 57 -14.04 49.28 25.04
C LYS FB 57 -13.95 48.82 23.58
N ARG FB 58 -15.06 48.94 22.84
CA ARG FB 58 -15.19 48.62 21.42
C ARG FB 58 -15.23 49.86 20.54
N TYR FB 59 -14.72 49.73 19.30
CA TYR FB 59 -14.90 50.73 18.25
C TYR FB 59 -14.65 50.11 16.88
N GLU FB 60 -14.85 50.86 15.78
CA GLU FB 60 -14.62 50.37 14.42
C GLU FB 60 -15.29 49.02 14.16
N HIS FB 61 -16.61 49.00 14.26
CA HIS FB 61 -17.34 47.82 13.88
C HIS FB 61 -17.26 47.59 12.37
N ASN FB 62 -16.99 46.34 11.99
CA ASN FB 62 -17.22 45.87 10.63
C ASN FB 62 -17.60 44.39 10.68
N VAL FB 63 -18.10 43.88 9.56
CA VAL FB 63 -18.30 42.45 9.43
C VAL FB 63 -17.37 41.96 8.33
N ASN FB 64 -16.40 41.11 8.66
CA ASN FB 64 -15.63 40.48 7.62
C ASN FB 64 -16.51 39.46 6.91
N VAL FB 65 -16.58 39.54 5.60
CA VAL FB 65 -17.23 38.53 4.77
C VAL FB 65 -16.17 37.98 3.84
N GLU FB 66 -15.92 36.67 3.90
CA GLU FB 66 -15.15 36.04 2.85
C GLU FB 66 -15.86 34.80 2.33
N ILE FB 67 -15.88 34.69 1.01
CA ILE FB 67 -16.63 33.68 0.29
C ILE FB 67 -15.69 33.06 -0.74
N THR FB 68 -15.62 31.74 -0.78
CA THR FB 68 -15.01 31.04 -1.90
C THR FB 68 -16.13 30.36 -2.66
N TYR FB 69 -16.18 30.54 -3.99
CA TYR FB 69 -17.27 30.04 -4.79
C TYR FB 69 -16.80 29.61 -6.18
N ALA FB 70 -17.56 28.74 -6.87
CA ALA FB 70 -17.05 28.06 -8.05
C ALA FB 70 -17.93 28.20 -9.29
N LYS FB 71 -19.06 28.91 -9.19
CA LYS FB 71 -19.87 29.27 -10.36
C LYS FB 71 -19.76 30.77 -10.58
N PHE FB 72 -19.31 31.18 -11.76
CA PHE FB 72 -19.19 32.59 -12.07
C PHE FB 72 -20.56 33.21 -12.34
N SER FB 73 -20.66 34.54 -12.08
CA SER FB 73 -21.91 35.25 -12.26
C SER FB 73 -21.66 36.58 -12.96
N LEU FB 74 -22.18 36.73 -14.20
CA LEU FB 74 -22.08 38.00 -14.89
C LEU FB 74 -22.84 39.09 -14.18
N GLU FB 75 -24.01 38.82 -13.63
CA GLU FB 75 -24.76 39.85 -12.94
C GLU FB 75 -23.97 40.41 -11.74
N PHE FB 76 -23.41 39.54 -10.91
CA PHE FB 76 -22.64 39.97 -9.77
C PHE FB 76 -21.42 40.78 -10.17
N ALA FB 77 -20.67 40.33 -11.17
CA ALA FB 77 -19.49 41.02 -11.65
C ALA FB 77 -19.85 42.38 -12.26
N GLN FB 78 -20.88 42.45 -13.10
CA GLN FB 78 -21.30 43.68 -13.74
C GLN FB 78 -21.92 44.67 -12.74
N GLU FB 79 -22.57 44.18 -11.69
CA GLU FB 79 -23.02 45.02 -10.59
C GLU FB 79 -21.82 45.61 -9.83
N TRP FB 80 -20.84 44.79 -9.49
CA TRP FB 80 -19.65 45.28 -8.81
C TRP FB 80 -18.93 46.34 -9.63
N LEU FB 81 -18.76 46.14 -10.94
CA LEU FB 81 -18.15 47.15 -11.81
C LEU FB 81 -18.97 48.43 -11.82
N GLY FB 82 -20.29 48.30 -11.90
CA GLY FB 82 -21.19 49.42 -12.11
C GLY FB 82 -21.33 50.37 -10.91
N GLY FB 83 -21.11 49.91 -9.69
CA GLY FB 83 -21.37 50.71 -8.51
C GLY FB 83 -22.86 50.83 -8.19
N PRO FB 84 -23.28 51.58 -7.16
CA PRO FB 84 -24.67 51.60 -6.71
C PRO FB 84 -25.65 51.96 -7.80
N GLY FB 85 -26.71 51.13 -7.92
CA GLY FB 85 -27.84 51.36 -8.79
C GLY FB 85 -27.55 51.28 -10.29
N ALA FB 86 -26.41 50.68 -10.68
CA ALA FB 86 -26.00 50.63 -12.08
C ALA FB 86 -25.23 49.36 -12.40
N THR FB 87 -25.23 48.98 -13.69
CA THR FB 87 -24.54 47.79 -14.18
C THR FB 87 -23.62 48.19 -15.34
N ALA FB 88 -22.38 47.71 -15.32
CA ALA FB 88 -21.39 48.14 -16.29
C ALA FB 88 -20.57 46.96 -16.83
N THR FB 89 -20.21 47.03 -18.13
CA THR FB 89 -19.43 45.97 -18.77
C THR FB 89 -17.93 46.29 -18.77
N ALA FB 90 -17.51 47.30 -18.00
CA ALA FB 90 -16.11 47.75 -17.99
C ALA FB 90 -15.85 48.50 -16.68
N SER FB 91 -14.59 48.65 -16.29
CA SER FB 91 -14.22 49.41 -15.10
C SER FB 91 -14.83 50.81 -15.17
N GLN FB 92 -15.40 51.27 -14.04
CA GLN FB 92 -15.91 52.63 -13.96
C GLN FB 92 -14.92 53.50 -13.20
N ASP FB 93 -14.77 54.75 -13.64
CA ASP FB 93 -13.96 55.72 -12.93
C ASP FB 93 -14.86 56.56 -12.03
N ASP FB 94 -15.31 55.98 -10.91
CA ASP FB 94 -16.02 56.73 -9.88
C ASP FB 94 -15.79 56.16 -8.48
N SER FB 95 -16.17 56.94 -7.48
CA SER FB 95 -15.72 56.75 -6.11
C SER FB 95 -16.64 55.82 -5.31
N ASP FB 96 -17.90 55.62 -5.73
CA ASP FB 96 -18.87 54.83 -4.99
C ASP FB 96 -18.72 53.34 -5.24
N PRO FB 97 -18.35 52.51 -4.22
CA PRO FB 97 -18.27 51.06 -4.41
C PRO FB 97 -19.68 50.49 -4.41
N MET FB 98 -19.87 49.36 -5.12
CA MET FB 98 -21.15 48.65 -5.07
C MET FB 98 -21.34 48.06 -3.68
N LYS FB 99 -22.50 48.32 -3.08
CA LYS FB 99 -22.85 47.83 -1.74
C LYS FB 99 -23.90 46.73 -1.91
N PHE FB 100 -23.62 45.55 -1.36
CA PHE FB 100 -24.54 44.44 -1.42
C PHE FB 100 -25.10 44.14 -0.03
N ASN FB 101 -26.41 43.92 0.06
CA ASN FB 101 -26.93 43.23 1.23
C ASN FB 101 -26.73 41.75 1.06
N LEU FB 102 -26.44 41.06 2.16
CA LEU FB 102 -26.12 39.64 2.10
C LEU FB 102 -26.91 38.92 3.19
N GLU FB 103 -27.49 37.76 2.85
CA GLU FB 103 -28.19 36.94 3.82
C GLU FB 103 -27.83 35.47 3.62
N ASN FB 104 -27.56 34.76 4.70
CA ASN FB 104 -27.27 33.33 4.66
C ASN FB 104 -28.17 32.59 5.64
N VAL FB 105 -28.88 31.57 5.16
CA VAL FB 105 -29.83 30.82 5.96
C VAL FB 105 -29.35 29.37 6.09
N THR FB 106 -29.25 28.88 7.32
CA THR FB 106 -28.83 27.51 7.58
C THR FB 106 -29.73 26.84 8.62
N PRO FB 107 -30.30 25.66 8.30
CA PRO FB 107 -30.82 24.77 9.34
C PRO FB 107 -29.66 24.27 10.20
N SER FB 108 -29.92 24.08 11.50
CA SER FB 108 -29.00 23.33 12.35
C SER FB 108 -29.01 21.85 11.98
N ALA FB 109 -27.97 21.12 12.36
CA ALA FB 109 -27.75 19.74 11.94
C ALA FB 109 -28.85 18.76 12.37
N SER FB 110 -29.49 19.01 13.52
CA SER FB 110 -30.58 18.23 14.08
C SER FB 110 -31.96 18.88 13.86
N GLY FB 111 -32.03 19.98 13.11
CA GLY FB 111 -33.28 20.69 12.85
C GLY FB 111 -33.89 21.38 14.08
N GLY FB 112 -33.07 21.65 15.12
CA GLY FB 112 -33.51 22.35 16.31
C GLY FB 112 -33.82 23.84 16.06
N PHE FB 113 -33.11 24.46 15.10
CA PHE FB 113 -33.30 25.87 14.77
C PHE FB 113 -32.85 26.17 13.35
N GLU FB 114 -33.23 27.35 12.83
CA GLU FB 114 -32.74 27.78 11.54
C GLU FB 114 -32.06 29.14 11.68
N ARG FB 115 -30.73 29.13 11.81
CA ARG FB 115 -29.97 30.37 11.97
C ARG FB 115 -29.95 31.13 10.64
N THR FB 116 -30.51 32.34 10.65
CA THR FB 116 -30.40 33.29 9.55
C THR FB 116 -29.50 34.43 9.97
N THR FB 117 -28.44 34.67 9.17
CA THR FB 117 -27.53 35.79 9.35
C THR FB 117 -27.75 36.77 8.21
N ALA FB 118 -27.97 38.06 8.51
CA ALA FB 118 -28.01 39.08 7.48
C ALA FB 118 -27.00 40.20 7.77
N VAL FB 119 -26.35 40.69 6.71
CA VAL FB 119 -25.33 41.72 6.79
C VAL FB 119 -25.66 42.83 5.79
N GLU FB 120 -25.59 44.09 6.22
CA GLU FB 120 -25.82 45.22 5.31
C GLU FB 120 -24.52 45.74 4.70
N ASN FB 121 -24.65 46.30 3.48
CA ASN FB 121 -23.63 47.12 2.85
C ASN FB 121 -22.25 46.44 2.81
N VAL FB 122 -22.20 45.17 2.39
CA VAL FB 122 -20.94 44.51 2.11
C VAL FB 122 -20.33 45.11 0.85
N VAL FB 123 -19.04 45.45 0.92
CA VAL FB 123 -18.27 45.93 -0.23
C VAL FB 123 -17.02 45.08 -0.38
N PHE FB 124 -16.58 44.86 -1.62
CA PHE FB 124 -15.41 44.03 -1.87
C PHE FB 124 -14.32 44.83 -2.55
N PRO FB 125 -13.14 45.06 -1.96
CA PRO FB 125 -12.09 45.85 -2.58
C PRO FB 125 -11.63 45.29 -3.91
N GLU FB 126 -11.61 43.95 -4.06
CA GLU FB 126 -11.18 43.30 -5.28
C GLU FB 126 -12.15 42.18 -5.67
N LEU FB 127 -12.40 42.08 -6.97
CA LEU FB 127 -13.27 41.08 -7.55
C LEU FB 127 -12.44 40.23 -8.50
N PRO FB 128 -12.30 38.90 -8.28
CA PRO FB 128 -11.59 38.07 -9.24
C PRO FB 128 -12.56 37.83 -10.41
N LEU FB 129 -12.09 38.20 -11.61
CA LEU FB 129 -12.86 37.95 -12.82
C LEU FB 129 -12.50 36.57 -13.34
N ASP FB 130 -11.21 36.30 -13.46
CA ASP FB 130 -10.72 35.03 -13.97
C ASP FB 130 -9.79 34.42 -12.93
N SER FB 131 -9.92 33.11 -12.73
CA SER FB 131 -9.19 32.38 -11.69
C SER FB 131 -8.88 30.97 -12.18
N ALA FB 132 -8.26 30.89 -13.36
CA ALA FB 132 -7.98 29.65 -14.07
C ALA FB 132 -6.77 28.95 -13.48
N THR FB 133 -6.87 27.63 -13.31
CA THR FB 133 -5.80 26.75 -12.86
C THR FB 133 -5.89 25.45 -13.68
N TYR FB 134 -4.76 24.94 -14.17
CA TYR FB 134 -4.78 23.79 -15.06
C TYR FB 134 -5.41 22.57 -14.40
N GLY FB 135 -6.41 21.99 -15.09
CA GLY FB 135 -7.10 20.79 -14.64
C GLY FB 135 -7.99 21.02 -13.42
N GLU FB 136 -8.42 22.27 -13.22
CA GLU FB 136 -9.39 22.60 -12.18
C GLU FB 136 -10.45 23.55 -12.70
N TYR FB 137 -11.63 23.52 -12.06
CA TYR FB 137 -12.62 24.55 -12.33
C TYR FB 137 -12.15 25.87 -11.75
N GLU FB 138 -12.60 26.98 -12.34
CA GLU FB 138 -12.22 28.27 -11.76
C GLU FB 138 -12.88 28.40 -10.39
N GLU FB 139 -12.10 28.75 -9.37
CA GLU FB 139 -12.64 28.98 -8.04
C GLU FB 139 -12.22 30.37 -7.57
N TYR FB 140 -13.20 31.15 -7.11
CA TYR FB 140 -13.07 32.58 -6.88
C TYR FB 140 -13.12 32.85 -5.38
N SER FB 141 -12.22 33.71 -4.88
CA SER FB 141 -12.31 34.17 -3.49
C SER FB 141 -12.65 35.64 -3.43
N LEU FB 142 -13.71 35.97 -2.68
CA LEU FB 142 -14.06 37.32 -2.31
C LEU FB 142 -13.69 37.54 -0.86
N THR FB 143 -13.13 38.71 -0.55
CA THR FB 143 -12.96 39.19 0.82
C THR FB 143 -13.47 40.62 0.86
N GLY FB 144 -14.30 40.96 1.84
CA GLY FB 144 -14.92 42.26 1.89
C GLY FB 144 -15.44 42.61 3.27
N SER FB 145 -15.91 43.85 3.44
CA SER FB 145 -16.37 44.35 4.73
C SER FB 145 -17.81 44.84 4.67
N GLY FB 146 -18.68 44.23 5.48
CA GLY FB 146 -20.02 44.73 5.74
C GLY FB 146 -20.02 45.80 6.82
N ARG FB 147 -21.08 46.60 6.83
CA ARG FB 147 -21.22 47.69 7.80
C ARG FB 147 -21.72 47.15 9.15
N SER FB 148 -22.76 46.32 9.14
CA SER FB 148 -23.31 45.79 10.38
C SER FB 148 -24.13 44.53 10.12
N VAL FB 149 -24.33 43.73 11.19
CA VAL FB 149 -25.22 42.58 11.16
C VAL FB 149 -26.63 43.08 11.43
N THR FB 150 -27.52 43.03 10.43
CA THR FB 150 -28.88 43.54 10.60
C THR FB 150 -29.81 42.53 11.25
N ASN FB 151 -29.50 41.23 11.13
CA ASN FB 151 -30.29 40.18 11.75
C ASN FB 151 -29.42 38.97 12.07
N LEU FB 152 -29.66 38.39 13.26
CA LEU FB 152 -29.18 37.06 13.63
C LEU FB 152 -30.25 36.41 14.49
N ALA FB 153 -31.03 35.50 13.91
CA ALA FB 153 -32.17 34.92 14.59
C ALA FB 153 -32.46 33.50 14.14
N ASP FB 154 -33.19 32.77 14.99
CA ASP FB 154 -33.82 31.53 14.60
C ASP FB 154 -35.09 31.85 13.80
N THR FB 155 -35.06 31.59 12.49
CA THR FB 155 -36.19 31.82 11.61
C THR FB 155 -37.10 30.60 11.45
N SER FB 156 -36.84 29.51 12.19
CA SER FB 156 -37.74 28.36 12.20
C SER FB 156 -39.10 28.72 12.82
N GLY FB 157 -40.15 27.97 12.41
CA GLY FB 157 -41.52 28.21 12.84
C GLY FB 157 -41.67 28.16 14.36
N ALA GB 2 -31.87 37.33 -15.70
CA ALA GB 2 -30.51 37.34 -16.35
C ALA GB 2 -29.94 35.93 -16.49
N THR GB 3 -28.75 35.83 -17.08
CA THR GB 3 -28.05 34.58 -17.36
C THR GB 3 -27.68 33.86 -16.05
N SER GB 4 -28.09 32.59 -15.89
CA SER GB 4 -27.88 31.85 -14.65
C SER GB 4 -26.40 31.67 -14.35
N PRO GB 5 -25.95 31.69 -13.07
CA PRO GB 5 -24.55 31.44 -12.76
C PRO GB 5 -24.15 30.01 -13.16
N GLU GB 6 -22.89 29.84 -13.56
CA GLU GB 6 -22.45 28.56 -14.10
C GLU GB 6 -20.97 28.32 -13.81
N GLY GB 7 -20.59 27.04 -13.70
CA GLY GB 7 -19.19 26.70 -13.50
C GLY GB 7 -18.35 27.05 -14.72
N ILE GB 8 -17.05 27.27 -14.51
CA ILE GB 8 -16.15 27.50 -15.62
C ILE GB 8 -14.97 26.56 -15.44
N TRP GB 9 -14.57 25.95 -16.57
CA TRP GB 9 -13.49 24.98 -16.58
C TRP GB 9 -12.24 25.66 -17.10
N SER GB 10 -11.13 25.59 -16.35
CA SER GB 10 -9.98 26.43 -16.67
C SER GB 10 -9.44 26.13 -18.06
N ASN GB 11 -9.32 24.84 -18.38
CA ASN GB 11 -8.70 24.42 -19.62
C ASN GB 11 -9.45 24.86 -20.87
N SER GB 12 -10.69 25.38 -20.74
CA SER GB 12 -11.43 25.87 -21.90
C SER GB 12 -10.96 27.26 -22.36
N GLY GB 13 -10.14 27.95 -21.56
CA GLY GB 13 -9.76 29.34 -21.81
C GLY GB 13 -8.81 29.51 -23.01
N ALA GB 14 -8.89 30.68 -23.64
CA ALA GB 14 -8.00 31.10 -24.71
C ALA GB 14 -7.53 32.53 -24.43
N LEU GB 15 -6.36 32.66 -23.79
CA LEU GB 15 -5.73 33.96 -23.58
C LEU GB 15 -5.05 34.45 -24.86
N THR GB 16 -5.08 35.77 -25.10
CA THR GB 16 -4.34 36.41 -26.19
C THR GB 16 -3.83 37.79 -25.75
N PHE GB 17 -2.69 38.22 -26.32
CA PHE GB 17 -2.16 39.56 -26.13
C PHE GB 17 -2.13 40.31 -27.46
N GLU GB 18 -2.34 41.63 -27.38
CA GLU GB 18 -2.27 42.51 -28.53
C GLU GB 18 -1.41 43.74 -28.23
N ASP GB 19 -0.71 44.24 -29.25
CA ASP GB 19 -0.04 45.52 -29.18
C ASP GB 19 -1.07 46.65 -29.40
N PRO GB 20 -1.29 47.57 -28.43
CA PRO GB 20 -2.27 48.64 -28.59
C PRO GB 20 -1.90 49.68 -29.65
N ALA GB 21 -0.69 49.64 -30.21
CA ALA GB 21 -0.30 50.48 -31.34
C ALA GB 21 -0.87 49.98 -32.68
N ASP GB 22 -1.21 48.68 -32.76
CA ASP GB 22 -1.57 48.02 -34.02
C ASP GB 22 -2.93 47.31 -33.95
N ASP GB 23 -3.31 46.88 -32.74
CA ASP GB 23 -4.25 45.79 -32.47
C ASP GB 23 -3.76 44.45 -33.06
N SER GB 24 -2.45 44.33 -33.35
CA SER GB 24 -1.84 43.09 -33.84
C SER GB 24 -1.60 42.11 -32.70
N GLU GB 25 -1.79 40.81 -32.97
CA GLU GB 25 -1.56 39.79 -31.96
C GLU GB 25 -0.07 39.64 -31.66
N ILE GB 26 0.26 39.39 -30.38
CA ILE GB 26 1.60 39.02 -29.94
C ILE GB 26 1.57 37.55 -29.54
N LEU GB 27 2.40 36.72 -30.19
CA LEU GB 27 2.35 35.28 -30.00
C LEU GB 27 2.65 34.92 -28.56
N PHE GB 28 1.65 34.28 -27.94
CA PHE GB 28 1.78 33.76 -26.60
C PHE GB 28 0.94 32.50 -26.49
N ALA GB 29 1.44 31.52 -25.73
CA ALA GB 29 0.77 30.23 -25.66
C ALA GB 29 1.16 29.46 -24.42
N GLY GB 30 0.44 28.38 -24.14
CA GLY GB 30 0.90 27.42 -23.15
C GLY GB 30 0.65 27.88 -21.72
N VAL GB 31 -0.37 28.68 -21.48
CA VAL GB 31 -0.75 29.00 -20.10
C VAL GB 31 -1.10 27.74 -19.33
N ARG GB 32 -1.00 27.86 -18.00
CA ARG GB 32 -1.42 26.85 -17.05
C ARG GB 32 -2.29 27.48 -15.97
N ASP GB 33 -1.88 28.64 -15.45
CA ASP GB 33 -2.71 29.42 -14.55
C ASP GB 33 -2.90 30.84 -15.09
N VAL GB 34 -4.09 31.41 -14.91
CA VAL GB 34 -4.39 32.79 -15.26
C VAL GB 34 -5.34 33.39 -14.24
N THR GB 35 -4.87 34.38 -13.49
CA THR GB 35 -5.70 35.14 -12.56
C THR GB 35 -5.82 36.58 -13.02
N ILE GB 36 -7.04 37.08 -13.17
CA ILE GB 36 -7.30 38.47 -13.51
C ILE GB 36 -8.24 39.05 -12.46
N THR GB 37 -7.77 40.10 -11.77
CA THR GB 37 -8.47 40.64 -10.60
C THR GB 37 -8.50 42.16 -10.68
N PRO GB 38 -9.58 42.81 -11.15
CA PRO GB 38 -9.78 44.22 -10.90
C PRO GB 38 -9.92 44.50 -9.42
N ALA GB 39 -9.34 45.62 -9.00
CA ALA GB 39 -9.32 46.02 -7.61
C ALA GB 39 -9.34 47.54 -7.47
N TYR GB 40 -9.69 47.99 -6.27
CA TYR GB 40 -9.55 49.37 -5.86
C TYR GB 40 -9.09 49.38 -4.42
N GLU GB 41 -8.44 50.47 -4.00
CA GLU GB 41 -8.27 50.72 -2.58
C GLU GB 41 -9.59 51.24 -2.01
N HIS GB 42 -9.93 50.82 -0.79
CA HIS GB 42 -11.06 51.36 -0.06
C HIS GB 42 -10.57 52.23 1.10
N ALA GB 43 -11.17 53.42 1.25
CA ALA GB 43 -11.06 54.17 2.48
C ALA GB 43 -12.40 54.15 3.22
N GLU GB 44 -12.40 53.76 4.50
CA GLU GB 44 -13.60 53.74 5.33
C GLU GB 44 -13.56 54.92 6.32
N LEU GB 45 -14.67 55.65 6.45
CA LEU GB 45 -14.77 56.75 7.42
C LEU GB 45 -15.38 56.25 8.73
N TYR GB 46 -14.66 56.53 9.83
CA TYR GB 46 -15.23 56.38 11.14
C TYR GB 46 -14.93 57.62 11.97
N THR GB 47 -15.86 57.95 12.88
CA THR GB 47 -15.75 59.15 13.72
C THR GB 47 -16.30 58.86 15.11
N ILE GB 48 -16.15 59.79 16.04
CA ILE GB 48 -16.64 59.59 17.40
C ILE GB 48 -18.16 59.49 17.49
N ASP GB 49 -18.88 59.85 16.42
CA ASP GB 49 -20.33 59.77 16.38
C ASP GB 49 -20.86 58.34 16.46
N SER GB 50 -20.08 57.34 16.00
CA SER GB 50 -20.57 55.97 15.87
C SER GB 50 -19.46 54.93 15.86
N THR GB 51 -19.77 53.72 16.33
CA THR GB 51 -18.89 52.59 16.09
C THR GB 51 -19.03 52.03 14.68
N PHE GB 52 -20.15 52.32 14.00
CA PHE GB 52 -20.35 51.87 12.63
C PHE GB 52 -19.63 52.78 11.64
N ARG GB 53 -19.41 52.22 10.45
CA ARG GB 53 -18.82 52.92 9.33
C ARG GB 53 -19.79 53.99 8.81
N ASP GB 54 -19.27 55.23 8.64
CA ASP GB 54 -20.06 56.33 8.12
C ASP GB 54 -20.11 56.29 6.59
N GLU GB 55 -18.96 56.00 5.96
CA GLU GB 55 -18.82 55.99 4.51
C GLU GB 55 -17.73 55.00 4.06
N VAL GB 56 -17.76 54.65 2.77
CA VAL GB 56 -16.66 53.95 2.14
C VAL GB 56 -16.54 54.37 0.68
N LYS GB 57 -15.30 54.48 0.16
CA LYS GB 57 -15.04 55.01 -1.18
C LYS GB 57 -13.90 54.28 -1.89
N ARG GB 58 -13.94 54.23 -3.24
CA ARG GB 58 -12.93 53.61 -4.10
C ARG GB 58 -11.89 54.61 -4.64
N TYR GB 59 -10.64 54.15 -4.78
CA TYR GB 59 -9.61 54.87 -5.51
C TYR GB 59 -8.51 53.91 -5.96
N GLU GB 60 -7.53 54.41 -6.75
CA GLU GB 60 -6.42 53.61 -7.27
C GLU GB 60 -6.90 52.29 -7.86
N HIS GB 61 -7.66 52.41 -8.94
CA HIS GB 61 -8.04 51.22 -9.68
C HIS GB 61 -6.82 50.62 -10.38
N ASN GB 62 -6.71 49.30 -10.32
CA ASN GB 62 -5.84 48.55 -11.22
C ASN GB 62 -6.42 47.15 -11.44
N VAL GB 63 -5.89 46.44 -12.44
CA VAL GB 63 -6.27 45.06 -12.63
C VAL GB 63 -5.02 44.22 -12.41
N ASN GB 64 -5.00 43.41 -11.37
CA ASN GB 64 -3.92 42.47 -11.20
C ASN GB 64 -4.04 41.36 -12.24
N VAL GB 65 -2.97 41.13 -12.97
CA VAL GB 65 -2.87 40.02 -13.91
C VAL GB 65 -1.68 39.19 -13.47
N GLU GB 66 -1.90 37.91 -13.21
CA GLU GB 66 -0.79 37.00 -13.05
C GLU GB 66 -1.04 35.70 -13.81
N ILE GB 67 -0.01 35.25 -14.51
CA ILE GB 67 -0.10 34.17 -15.48
C ILE GB 67 1.06 33.23 -15.22
N THR GB 68 0.78 31.93 -15.17
CA THR GB 68 1.83 30.92 -15.22
C THR GB 68 1.73 30.19 -16.55
N TYR GB 69 2.84 30.07 -17.27
CA TYR GB 69 2.83 29.48 -18.60
C TYR GB 69 4.10 28.70 -18.87
N ALA GB 70 4.05 27.74 -19.80
CA ALA GB 70 5.11 26.76 -19.97
C ALA GB 70 5.70 26.74 -21.39
N LYS GB 71 5.15 27.52 -22.32
CA LYS GB 71 5.75 27.68 -23.64
C LYS GB 71 6.36 29.07 -23.72
N PHE GB 72 7.67 29.13 -23.99
CA PHE GB 72 8.36 30.40 -24.11
C PHE GB 72 8.09 31.01 -25.48
N SER GB 73 7.95 32.34 -25.51
CA SER GB 73 7.75 33.10 -26.73
C SER GB 73 8.85 34.15 -26.85
N LEU GB 74 9.64 34.10 -27.94
CA LEU GB 74 10.61 35.16 -28.14
C LEU GB 74 9.93 36.48 -28.47
N GLU GB 75 8.82 36.46 -29.23
CA GLU GB 75 8.16 37.70 -29.60
C GLU GB 75 7.73 38.47 -28.35
N PHE GB 76 7.03 37.80 -27.43
CA PHE GB 76 6.59 38.44 -26.21
C PHE GB 76 7.74 38.99 -25.37
N ALA GB 77 8.82 38.23 -25.23
CA ALA GB 77 9.97 38.67 -24.45
C ALA GB 77 10.65 39.88 -25.10
N GLN GB 78 10.89 39.83 -26.41
CA GLN GB 78 11.55 40.92 -27.10
C GLN GB 78 10.69 42.19 -27.18
N GLU GB 79 9.36 42.06 -27.16
CA GLU GB 79 8.46 43.19 -27.05
C GLU GB 79 8.60 43.88 -25.70
N TRP GB 80 8.65 43.09 -24.63
CA TRP GB 80 8.86 43.61 -23.29
C TRP GB 80 10.20 44.33 -23.13
N LEU GB 81 11.28 43.81 -23.75
CA LEU GB 81 12.55 44.49 -23.73
C LEU GB 81 12.47 45.81 -24.49
N GLY GB 82 11.88 45.77 -25.70
CA GLY GB 82 11.89 46.90 -26.61
C GLY GB 82 11.04 48.10 -26.17
N GLY GB 83 9.98 47.88 -25.39
CA GLY GB 83 9.09 48.95 -24.97
C GLY GB 83 8.09 49.32 -26.06
N PRO GB 84 7.20 50.31 -25.82
CA PRO GB 84 6.08 50.59 -26.71
C PRO GB 84 6.45 50.80 -28.16
N GLY GB 85 5.79 50.01 -29.03
CA GLY GB 85 5.94 50.02 -30.48
C GLY GB 85 7.33 49.60 -30.98
N ALA GB 86 8.10 48.87 -30.16
CA ALA GB 86 9.45 48.45 -30.54
C ALA GB 86 9.79 47.06 -29.98
N THR GB 87 10.77 46.39 -30.62
CA THR GB 87 11.23 45.06 -30.24
C THR GB 87 12.75 45.11 -30.11
N ALA GB 88 13.32 44.45 -29.08
CA ALA GB 88 14.75 44.51 -28.86
C ALA GB 88 15.31 43.18 -28.34
N THR GB 89 16.58 42.94 -28.68
CA THR GB 89 17.30 41.72 -28.31
C THR GB 89 18.20 41.93 -27.09
N ALA GB 90 18.04 43.07 -26.40
CA ALA GB 90 18.84 43.41 -25.23
C ALA GB 90 18.05 44.40 -24.38
N SER GB 91 18.42 44.53 -23.11
CA SER GB 91 17.86 45.52 -22.19
C SER GB 91 17.87 46.91 -22.83
N GLN GB 92 16.76 47.65 -22.76
CA GLN GB 92 16.74 49.03 -23.23
C GLN GB 92 16.78 50.01 -22.06
N ASP GB 93 17.64 51.04 -22.17
CA ASP GB 93 17.71 52.07 -21.17
C ASP GB 93 16.72 53.19 -21.49
N ASP GB 94 15.42 52.93 -21.34
CA ASP GB 94 14.40 53.97 -21.46
C ASP GB 94 13.24 53.72 -20.49
N SER GB 95 12.45 54.76 -20.22
CA SER GB 95 11.57 54.78 -19.06
C SER GB 95 10.20 54.14 -19.30
N ASP GB 96 9.85 53.86 -20.56
CA ASP GB 96 8.51 53.41 -20.93
C ASP GB 96 8.40 51.89 -20.91
N PRO GB 97 7.52 51.28 -20.07
CA PRO GB 97 7.34 49.84 -20.09
C PRO GB 97 6.44 49.48 -21.27
N MET GB 98 6.64 48.28 -21.84
CA MET GB 98 5.72 47.77 -22.84
C MET GB 98 4.33 47.55 -22.24
N LYS GB 99 3.29 48.12 -22.89
CA LYS GB 99 1.92 47.99 -22.44
C LYS GB 99 1.18 47.03 -23.37
N PHE GB 100 0.68 45.91 -22.84
CA PHE GB 100 -0.03 44.93 -23.64
C PHE GB 100 -1.53 45.06 -23.40
N ASN GB 101 -2.34 45.01 -24.46
CA ASN GB 101 -3.74 44.68 -24.25
C ASN GB 101 -3.89 43.18 -24.14
N LEU GB 102 -4.80 42.74 -23.29
CA LEU GB 102 -4.97 41.34 -22.92
C LEU GB 102 -6.44 40.98 -23.04
N GLU GB 103 -6.74 39.83 -23.64
CA GLU GB 103 -8.10 39.32 -23.64
C GLU GB 103 -8.12 37.83 -23.36
N ASN GB 104 -9.04 37.38 -22.50
CA ASN GB 104 -9.24 35.97 -22.22
C ASN GB 104 -10.70 35.58 -22.48
N VAL GB 105 -10.90 34.58 -23.35
CA VAL GB 105 -12.23 34.13 -23.71
C VAL GB 105 -12.44 32.70 -23.20
N THR GB 106 -13.52 32.47 -22.46
CA THR GB 106 -13.85 31.15 -21.92
C THR GB 106 -15.33 30.85 -22.16
N PRO GB 107 -15.66 29.64 -22.67
CA PRO GB 107 -17.02 29.12 -22.55
C PRO GB 107 -17.32 28.74 -21.10
N SER GB 108 -18.58 28.91 -20.69
CA SER GB 108 -19.03 28.36 -19.41
C SER GB 108 -19.17 26.83 -19.54
N ALA GB 109 -19.19 26.14 -18.39
CA ALA GB 109 -19.04 24.69 -18.39
C ALA GB 109 -20.17 23.94 -19.09
N SER GB 110 -21.42 24.45 -19.02
CA SER GB 110 -22.58 23.90 -19.71
C SER GB 110 -22.97 24.73 -20.93
N GLY GB 111 -22.08 25.60 -21.41
CA GLY GB 111 -22.30 26.40 -22.62
C GLY GB 111 -23.38 27.47 -22.51
N GLY GB 112 -23.80 27.82 -21.28
CA GLY GB 112 -24.79 28.88 -21.07
C GLY GB 112 -24.32 30.26 -21.56
N PHE GB 113 -23.01 30.52 -21.51
CA PHE GB 113 -22.46 31.79 -21.95
C PHE GB 113 -20.99 31.68 -22.34
N GLU GB 114 -20.45 32.71 -22.99
CA GLU GB 114 -19.03 32.80 -23.23
C GLU GB 114 -18.50 34.08 -22.57
N ARG GB 115 -17.93 33.96 -21.38
CA ARG GB 115 -17.38 35.10 -20.69
C ARG GB 115 -16.10 35.55 -21.37
N THR GB 116 -16.08 36.79 -21.83
CA THR GB 116 -14.90 37.46 -22.36
C THR GB 116 -14.46 38.53 -21.37
N THR GB 117 -13.20 38.47 -20.93
CA THR GB 117 -12.59 39.50 -20.10
C THR GB 117 -11.49 40.18 -20.91
N ALA GB 118 -11.51 41.52 -21.01
CA ALA GB 118 -10.46 42.28 -21.68
C ALA GB 118 -9.88 43.34 -20.74
N VAL GB 119 -8.55 43.50 -20.79
CA VAL GB 119 -7.82 44.38 -19.89
C VAL GB 119 -6.88 45.25 -20.70
N GLU GB 120 -6.89 46.57 -20.48
CA GLU GB 120 -5.98 47.47 -21.19
C GLU GB 120 -4.68 47.68 -20.44
N ASN GB 121 -3.61 47.91 -21.21
CA ASN GB 121 -2.34 48.44 -20.73
C ASN GB 121 -1.77 47.64 -19.56
N VAL GB 122 -1.74 46.31 -19.67
CA VAL GB 122 -1.08 45.47 -18.69
C VAL GB 122 0.42 45.66 -18.84
N VAL GB 123 1.09 45.98 -17.73
CA VAL GB 123 2.55 46.08 -17.71
C VAL GB 123 3.09 45.13 -16.66
N PHE GB 124 4.27 44.54 -16.95
CA PHE GB 124 4.84 43.56 -16.05
C PHE GB 124 6.16 44.11 -15.52
N PRO GB 125 6.34 44.34 -14.20
CA PRO GB 125 7.59 44.84 -13.66
C PRO GB 125 8.77 43.95 -13.98
N GLU GB 126 8.56 42.63 -14.05
CA GLU GB 126 9.66 41.72 -14.34
C GLU GB 126 9.21 40.60 -15.27
N LEU GB 127 10.17 40.09 -16.03
CA LEU GB 127 9.93 39.08 -17.04
C LEU GB 127 10.90 37.93 -16.80
N PRO GB 128 10.43 36.70 -16.51
CA PRO GB 128 11.34 35.58 -16.37
C PRO GB 128 11.80 35.15 -17.75
N LEU GB 129 13.11 35.27 -18.01
CA LEU GB 129 13.64 34.80 -19.28
C LEU GB 129 13.92 33.31 -19.21
N ASP GB 130 14.60 32.89 -18.16
CA ASP GB 130 14.90 31.47 -17.93
C ASP GB 130 14.36 31.08 -16.57
N SER GB 131 13.78 29.88 -16.49
CA SER GB 131 13.12 29.41 -15.28
C SER GB 131 13.23 27.89 -15.22
N ALA GB 132 14.48 27.41 -15.15
CA ALA GB 132 14.84 26.01 -15.35
C ALA GB 132 15.06 25.30 -14.02
N THR GB 133 14.61 24.04 -13.99
CA THR GB 133 14.64 23.16 -12.82
C THR GB 133 14.89 21.74 -13.30
N TYR GB 134 15.75 21.01 -12.61
CA TYR GB 134 16.09 19.64 -12.97
C TYR GB 134 14.83 18.77 -13.12
N GLY GB 135 14.67 18.16 -14.29
CA GLY GB 135 13.58 17.24 -14.48
C GLY GB 135 12.25 17.89 -14.79
N GLU GB 136 12.25 19.19 -15.12
CA GLU GB 136 10.99 19.88 -15.41
C GLU GB 136 11.12 20.72 -16.69
N TYR GB 137 9.96 20.96 -17.33
CA TYR GB 137 9.94 21.96 -18.38
C TYR GB 137 10.00 23.32 -17.71
N GLU GB 138 10.60 24.31 -18.40
CA GLU GB 138 10.64 25.64 -17.82
C GLU GB 138 9.22 26.19 -17.70
N GLU GB 139 8.90 26.70 -16.51
CA GLU GB 139 7.60 27.29 -16.26
C GLU GB 139 7.79 28.71 -15.73
N TYR GB 140 7.06 29.66 -16.32
CA TYR GB 140 7.29 31.08 -16.15
C TYR GB 140 6.11 31.71 -15.43
N SER GB 141 6.38 32.54 -14.41
CA SER GB 141 5.34 33.32 -13.75
C SER GB 141 5.44 34.79 -14.11
N LEU GB 142 4.39 35.34 -14.70
CA LEU GB 142 4.24 36.78 -14.87
C LEU GB 142 3.37 37.34 -13.76
N THR GB 143 3.74 38.54 -13.30
CA THR GB 143 2.91 39.33 -12.41
C THR GB 143 2.92 40.74 -12.97
N GLY GB 144 1.74 41.33 -13.17
CA GLY GB 144 1.63 42.63 -13.80
C GLY GB 144 0.31 43.32 -13.45
N SER GB 145 0.16 44.56 -13.92
CA SER GB 145 -1.01 45.35 -13.60
C SER GB 145 -1.54 46.11 -14.82
N GLY GB 146 -2.82 45.91 -15.12
CA GLY GB 146 -3.52 46.61 -16.16
C GLY GB 146 -4.18 47.88 -15.62
N ARG GB 147 -4.53 48.78 -16.53
CA ARG GB 147 -5.12 50.06 -16.15
C ARG GB 147 -6.60 49.90 -15.84
N SER GB 148 -7.32 49.14 -16.63
CA SER GB 148 -8.76 48.93 -16.39
C SER GB 148 -9.25 47.70 -17.16
N VAL GB 149 -10.44 47.22 -16.76
CA VAL GB 149 -11.15 46.20 -17.53
C VAL GB 149 -11.96 46.90 -18.61
N THR GB 150 -11.54 46.76 -19.88
CA THR GB 150 -12.22 47.45 -20.95
C THR GB 150 -13.50 46.74 -21.37
N ASN GB 151 -13.59 45.44 -21.16
CA ASN GB 151 -14.79 44.67 -21.47
C ASN GB 151 -14.93 43.47 -20.55
N LEU GB 152 -16.14 43.25 -20.02
CA LEU GB 152 -16.55 42.00 -19.39
C LEU GB 152 -18.00 41.74 -19.78
N ALA GB 153 -18.17 40.79 -20.70
CA ALA GB 153 -19.48 40.50 -21.26
C ALA GB 153 -19.61 39.04 -21.68
N ASP GB 154 -20.86 38.61 -21.83
CA ASP GB 154 -21.16 37.37 -22.53
C ASP GB 154 -21.06 37.64 -24.04
N THR GB 155 -20.06 37.05 -24.71
CA THR GB 155 -19.86 37.20 -26.13
C THR GB 155 -20.47 36.07 -26.98
N SER GB 156 -21.19 35.12 -26.35
CA SER GB 156 -21.94 34.11 -27.10
C SER GB 156 -23.05 34.77 -27.94
N GLY GB 157 -23.43 34.13 -29.06
CA GLY GB 157 -24.16 34.75 -30.16
C GLY GB 157 -25.42 35.48 -29.71
N ALA HB 2 6.87 35.66 -37.09
CA ALA HB 2 7.84 35.29 -36.02
C ALA HB 2 7.59 33.87 -35.53
N THR HB 3 8.61 33.30 -34.86
CA THR HB 3 8.65 31.87 -34.53
C THR HB 3 7.70 31.51 -33.39
N SER HB 4 6.95 30.42 -33.57
CA SER HB 4 5.88 29.98 -32.67
C SER HB 4 6.38 29.73 -31.25
N PRO HB 5 5.59 30.03 -30.20
CA PRO HB 5 6.02 29.69 -28.83
C PRO HB 5 6.11 28.17 -28.69
N GLU HB 6 7.00 27.74 -27.81
CA GLU HB 6 7.28 26.30 -27.69
C GLU HB 6 7.71 25.97 -26.26
N GLY HB 7 7.47 24.74 -25.82
CA GLY HB 7 7.98 24.34 -24.50
C GLY HB 7 9.51 24.30 -24.48
N ILE HB 8 10.10 24.44 -23.30
CA ILE HB 8 11.54 24.29 -23.15
C ILE HB 8 11.83 23.31 -22.03
N TRP HB 9 12.81 22.45 -22.26
CA TRP HB 9 13.14 21.41 -21.32
C TRP HB 9 14.38 21.82 -20.53
N SER HB 10 14.31 21.81 -19.20
CA SER HB 10 15.35 22.39 -18.38
C SER HB 10 16.71 21.74 -18.61
N ASN HB 11 16.73 20.41 -18.68
CA ASN HB 11 18.00 19.70 -18.76
C ASN HB 11 18.69 19.92 -20.11
N SER HB 12 18.05 20.60 -21.08
CA SER HB 12 18.70 20.98 -22.33
C SER HB 12 19.54 22.26 -22.19
N GLY HB 13 19.57 22.89 -21.01
CA GLY HB 13 20.33 24.11 -20.78
C GLY HB 13 21.84 23.88 -20.76
N ALA HB 14 22.57 24.87 -21.28
CA ALA HB 14 24.03 24.91 -21.21
C ALA HB 14 24.46 26.30 -20.74
N LEU HB 15 24.88 26.39 -19.46
CA LEU HB 15 25.26 27.64 -18.83
C LEU HB 15 26.78 27.78 -18.85
N THR HB 16 27.27 28.97 -19.20
CA THR HB 16 28.70 29.29 -19.15
C THR HB 16 28.91 30.64 -18.48
N PHE HB 17 29.99 30.75 -17.68
CA PHE HB 17 30.43 32.00 -17.11
C PHE HB 17 31.71 32.45 -17.78
N GLU HB 18 31.82 33.76 -17.99
CA GLU HB 18 33.00 34.35 -18.60
C GLU HB 18 33.55 35.49 -17.76
N ASP HB 19 34.87 35.62 -17.75
CA ASP HB 19 35.55 36.79 -17.23
C ASP HB 19 35.39 37.93 -18.23
N PRO HB 20 34.73 39.06 -17.90
CA PRO HB 20 34.49 40.12 -18.86
C PRO HB 20 35.74 40.88 -19.29
N ALA HB 21 36.88 40.64 -18.65
CA ALA HB 21 38.15 41.24 -19.08
C ALA HB 21 38.67 40.56 -20.36
N ASP HB 22 38.50 39.23 -20.45
CA ASP HB 22 39.18 38.39 -21.44
C ASP HB 22 38.21 37.64 -22.37
N ASP HB 23 36.94 37.53 -21.97
CA ASP HB 23 35.96 36.61 -22.54
C ASP HB 23 36.42 35.15 -22.42
N SER HB 24 37.32 34.85 -21.46
CA SER HB 24 37.72 33.49 -21.14
C SER HB 24 36.65 32.81 -20.30
N GLU HB 25 36.53 31.49 -20.46
CA GLU HB 25 35.57 30.71 -19.69
C GLU HB 25 36.06 30.53 -18.26
N ILE HB 26 35.11 30.58 -17.33
CA ILE HB 26 35.32 30.19 -15.95
C ILE HB 26 34.59 28.87 -15.73
N LEU HB 27 35.30 27.85 -15.27
CA LEU HB 27 34.77 26.49 -15.22
C LEU HB 27 33.63 26.40 -14.21
N PHE HB 28 32.45 26.08 -14.72
CA PHE HB 28 31.26 25.94 -13.90
C PHE HB 28 30.40 24.84 -14.51
N ALA HB 29 29.75 24.07 -13.62
CA ALA HB 29 29.13 22.83 -14.05
C ALA HB 29 28.06 22.37 -13.08
N GLY HB 30 27.24 21.39 -13.46
CA GLY HB 30 26.43 20.69 -12.50
C GLY HB 30 25.22 21.47 -12.03
N VAL HB 31 24.65 22.36 -12.86
CA VAL HB 31 23.47 23.10 -12.45
C VAL HB 31 22.27 22.19 -12.21
N ARG HB 32 21.32 22.67 -11.38
CA ARG HB 32 20.11 21.95 -11.02
C ARG HB 32 18.88 22.84 -11.08
N ASP HB 33 19.05 24.15 -10.83
CA ASP HB 33 18.06 25.16 -11.18
C ASP HB 33 18.76 26.39 -11.70
N VAL HB 34 18.11 27.09 -12.64
CA VAL HB 34 18.64 28.34 -13.18
C VAL HB 34 17.48 29.26 -13.50
N THR HB 35 17.40 30.41 -12.81
CA THR HB 35 16.38 31.40 -13.11
C THR HB 35 17.04 32.74 -13.44
N ILE HB 36 16.71 33.32 -14.59
CA ILE HB 36 17.19 34.63 -14.99
C ILE HB 36 15.98 35.52 -15.23
N THR HB 37 15.89 36.60 -14.46
CA THR HB 37 14.73 37.48 -14.51
C THR HB 37 15.17 38.94 -14.63
N PRO HB 38 15.15 39.56 -15.83
CA PRO HB 38 15.22 41.00 -15.94
C PRO HB 38 14.02 41.63 -15.26
N ALA HB 39 14.28 42.74 -14.57
CA ALA HB 39 13.27 43.45 -13.79
C ALA HB 39 13.51 44.95 -13.85
N TYR HB 40 12.44 45.71 -13.62
CA TYR HB 40 12.54 47.11 -13.33
C TYR HB 40 11.63 47.43 -12.15
N GLU HB 41 12.01 48.43 -11.36
CA GLU HB 41 11.03 49.07 -10.48
C GLU HB 41 10.01 49.83 -11.31
N HIS HB 42 8.73 49.79 -10.95
CA HIS HB 42 7.69 50.57 -11.62
C HIS HB 42 7.14 51.64 -10.70
N ALA HB 43 7.00 52.86 -11.23
CA ALA HB 43 6.30 53.94 -10.57
C ALA HB 43 5.06 54.30 -11.35
N GLU HB 44 3.94 54.47 -10.62
CA GLU HB 44 2.63 54.73 -11.23
C GLU HB 44 2.07 56.02 -10.69
N LEU HB 45 1.50 56.82 -11.59
CA LEU HB 45 0.94 58.10 -11.22
C LEU HB 45 -0.58 58.00 -11.08
N TYR HB 46 -1.08 58.42 -9.91
CA TYR HB 46 -2.49 58.63 -9.72
C TYR HB 46 -2.69 59.98 -9.08
N THR HB 47 -3.84 60.60 -9.42
CA THR HB 47 -4.15 61.94 -8.94
C THR HB 47 -5.63 62.03 -8.62
N ILE HB 48 -6.09 63.14 -8.06
CA ILE HB 48 -7.50 63.33 -7.75
C ILE HB 48 -8.37 63.37 -9.01
N ASP HB 49 -7.76 63.58 -10.19
CA ASP HB 49 -8.50 63.64 -11.45
C ASP HB 49 -9.25 62.35 -11.80
N SER HB 50 -8.66 61.18 -11.50
CA SER HB 50 -9.23 59.90 -11.89
C SER HB 50 -8.83 58.79 -10.93
N THR HB 51 -9.69 57.79 -10.76
CA THR HB 51 -9.29 56.59 -10.05
C THR HB 51 -8.36 55.72 -10.89
N PHE HB 52 -8.34 55.92 -12.21
CA PHE HB 52 -7.46 55.16 -13.09
C PHE HB 52 -6.05 55.72 -13.09
N ARG HB 53 -5.11 54.86 -13.45
CA ARG HB 53 -3.71 55.23 -13.57
C ARG HB 53 -3.52 56.26 -14.67
N ASP HB 54 -2.86 57.38 -14.33
CA ASP HB 54 -2.54 58.44 -15.27
C ASP HB 54 -1.35 58.01 -16.12
N GLU HB 55 -0.29 57.49 -15.49
CA GLU HB 55 0.96 57.12 -16.16
C GLU HB 55 1.67 55.96 -15.46
N VAL HB 56 2.59 55.30 -16.17
CA VAL HB 56 3.47 54.31 -15.54
C VAL HB 56 4.85 54.35 -16.18
N LYS HB 57 5.91 54.15 -15.37
CA LYS HB 57 7.29 54.26 -15.80
C LYS HB 57 8.18 53.20 -15.12
N ARG HB 58 9.27 52.82 -15.82
CA ARG HB 58 10.33 51.95 -15.33
C ARG HB 58 11.51 52.76 -14.77
N TYR HB 59 12.27 52.17 -13.83
CA TYR HB 59 13.54 52.78 -13.44
C TYR HB 59 14.66 51.80 -13.11
N GLU HB 60 14.89 51.40 -11.86
CA GLU HB 60 16.07 50.61 -11.52
C GLU HB 60 16.07 49.26 -12.23
N HIS HB 61 16.85 49.16 -13.31
CA HIS HB 61 16.98 47.90 -14.01
C HIS HB 61 18.03 47.02 -13.35
N ASN HB 62 17.69 45.74 -13.20
CA ASN HB 62 18.67 44.69 -12.90
C ASN HB 62 18.17 43.37 -13.47
N VAL HB 63 19.06 42.37 -13.49
CA VAL HB 63 18.65 41.03 -13.81
C VAL HB 63 18.87 40.18 -12.58
N ASN HB 64 17.82 39.62 -11.99
CA ASN HB 64 18.01 38.65 -10.93
C ASN HB 64 18.53 37.38 -11.56
N VAL HB 65 19.67 36.89 -11.07
CA VAL HB 65 20.18 35.58 -11.46
C VAL HB 65 20.19 34.73 -10.20
N GLU HB 66 19.49 33.61 -10.21
CA GLU HB 66 19.68 32.62 -9.17
C GLU HB 66 19.94 31.25 -9.78
N ILE HB 67 20.91 30.56 -9.20
CA ILE HB 67 21.41 29.30 -9.70
C ILE HB 67 21.53 28.35 -8.52
N THR HB 68 21.03 27.13 -8.69
CA THR HB 68 21.33 26.04 -7.77
C THR HB 68 22.18 25.06 -8.54
N TYR HB 69 23.31 24.63 -7.95
CA TYR HB 69 24.24 23.75 -8.64
C TYR HB 69 24.90 22.80 -7.66
N ALA HB 70 25.48 21.69 -8.17
CA ALA HB 70 25.88 20.58 -7.31
C ALA HB 70 27.32 20.11 -7.53
N LYS HB 71 28.04 20.69 -8.49
CA LYS HB 71 29.47 20.44 -8.64
C LYS HB 71 30.21 21.69 -8.19
N PHE HB 72 31.09 21.57 -7.20
CA PHE HB 72 31.83 22.71 -6.72
C PHE HB 72 32.94 23.08 -7.69
N SER HB 73 33.22 24.39 -7.83
CA SER HB 73 34.27 24.86 -8.71
C SER HB 73 35.27 25.73 -7.94
N LEU HB 74 36.53 25.29 -7.88
CA LEU HB 74 37.57 26.10 -7.27
C LEU HB 74 37.85 27.36 -8.06
N GLU HB 75 37.88 27.29 -9.38
CA GLU HB 75 38.15 28.48 -10.17
C GLU HB 75 37.08 29.55 -9.91
N PHE HB 76 35.81 29.18 -9.95
CA PHE HB 76 34.74 30.13 -9.74
C PHE HB 76 34.81 30.76 -8.35
N ALA HB 77 35.06 29.97 -7.31
CA ALA HB 77 35.18 30.48 -5.96
C ALA HB 77 36.41 31.39 -5.80
N GLN HB 78 37.57 30.97 -6.34
CA GLN HB 78 38.78 31.78 -6.26
C GLN HB 78 38.68 33.06 -7.07
N GLU HB 79 37.96 33.07 -8.19
CA GLU HB 79 37.63 34.31 -8.89
C GLU HB 79 36.75 35.22 -8.05
N TRP HB 80 35.69 34.69 -7.45
CA TRP HB 80 34.80 35.50 -6.64
C TRP HB 80 35.54 36.17 -5.48
N LEU HB 81 36.42 35.44 -4.80
CA LEU HB 81 37.25 35.99 -3.74
C LEU HB 81 38.17 37.08 -4.27
N GLY HB 82 38.79 36.83 -5.43
CA GLY HB 82 39.84 37.70 -5.96
C GLY HB 82 39.37 39.07 -6.45
N GLY HB 83 38.09 39.24 -6.76
CA GLY HB 83 37.59 40.46 -7.39
C GLY HB 83 38.02 40.57 -8.84
N PRO HB 84 37.73 41.68 -9.56
CA PRO HB 84 38.01 41.77 -10.98
C PRO HB 84 39.47 41.54 -11.34
N GLY HB 85 39.68 40.74 -12.40
CA GLY HB 85 40.99 40.53 -13.01
C GLY HB 85 42.02 39.80 -12.14
N ALA HB 86 41.58 39.14 -11.06
CA ALA HB 86 42.49 38.48 -10.13
C ALA HB 86 41.80 37.29 -9.45
N THR HB 87 42.61 36.37 -8.93
CA THR HB 87 42.15 35.18 -8.23
C THR HB 87 42.75 35.16 -6.82
N ALA HB 88 42.04 34.61 -5.83
CA ALA HB 88 42.56 34.60 -4.47
C ALA HB 88 42.16 33.34 -3.70
N THR HB 89 43.03 32.92 -2.76
CA THR HB 89 42.76 31.75 -1.93
C THR HB 89 42.20 32.13 -0.56
N ALA HB 90 41.91 33.43 -0.34
CA ALA HB 90 41.41 33.92 0.94
C ALA HB 90 40.60 35.17 0.69
N SER HB 91 39.75 35.57 1.67
CA SER HB 91 38.97 36.80 1.56
C SER HB 91 39.88 37.98 1.25
N GLN HB 92 39.43 38.87 0.35
CA GLN HB 92 40.14 40.10 0.08
C GLN HB 92 39.43 41.27 0.75
N ASP HB 93 40.22 42.19 1.31
CA ASP HB 93 39.70 43.43 1.83
C ASP HB 93 39.77 44.50 0.74
N ASP HB 94 38.86 44.44 -0.24
CA ASP HB 94 38.72 45.52 -1.21
C ASP HB 94 37.28 45.64 -1.71
N SER HB 95 36.98 46.79 -2.32
CA SER HB 95 35.62 47.24 -2.57
C SER HB 95 35.03 46.68 -3.87
N ASP HB 96 35.86 46.26 -4.83
CA ASP HB 96 35.40 45.80 -6.14
C ASP HB 96 34.90 44.35 -6.09
N PRO HB 97 33.60 44.08 -6.37
CA PRO HB 97 33.12 42.70 -6.44
C PRO HB 97 33.55 42.10 -7.78
N MET HB 98 33.73 40.77 -7.81
CA MET HB 98 33.96 40.08 -9.07
C MET HB 98 32.70 40.14 -9.93
N LYS HB 99 32.85 40.57 -11.18
CA LYS HB 99 31.74 40.70 -12.13
C LYS HB 99 31.88 39.60 -13.17
N PHE HB 100 30.85 38.77 -13.33
CA PHE HB 100 30.88 37.71 -14.32
C PHE HB 100 29.92 38.04 -15.46
N ASN HB 101 30.35 37.80 -16.70
CA ASN HB 101 29.39 37.65 -17.78
C ASN HB 101 28.80 36.24 -17.72
N LEU HB 102 27.53 36.12 -18.08
CA LEU HB 102 26.83 34.86 -17.99
C LEU HB 102 26.05 34.63 -19.27
N GLU HB 103 26.11 33.41 -19.81
CA GLU HB 103 25.32 33.05 -20.98
C GLU HB 103 24.72 31.67 -20.81
N ASN HB 104 23.44 31.53 -21.12
CA ASN HB 104 22.73 30.27 -21.05
C ASN HB 104 22.03 29.97 -22.37
N VAL HB 105 22.28 28.78 -22.93
CA VAL HB 105 21.75 28.39 -24.23
C VAL HB 105 20.82 27.20 -24.09
N THR HB 106 19.63 27.26 -24.70
CA THR HB 106 18.68 26.15 -24.65
C THR HB 106 17.98 25.96 -26.01
N PRO HB 107 18.05 24.75 -26.59
CA PRO HB 107 17.10 24.36 -27.62
C PRO HB 107 15.67 24.33 -27.06
N SER HB 108 14.70 24.73 -27.87
CA SER HB 108 13.30 24.51 -27.54
C SER HB 108 12.96 23.02 -27.66
N ALA HB 109 11.84 22.60 -27.07
CA ALA HB 109 11.52 21.18 -26.90
C ALA HB 109 11.29 20.44 -28.22
N SER HB 110 10.76 21.10 -29.26
CA SER HB 110 10.61 20.54 -30.61
C SER HB 110 11.70 21.03 -31.58
N GLY HB 111 12.74 21.70 -31.07
CA GLY HB 111 13.84 22.20 -31.88
C GLY HB 111 13.44 23.31 -32.86
N GLY HB 112 12.32 24.02 -32.62
CA GLY HB 112 11.88 25.12 -33.46
C GLY HB 112 12.80 26.35 -33.39
N PHE HB 113 13.47 26.54 -32.24
CA PHE HB 113 14.41 27.64 -32.05
C PHE HB 113 15.44 27.29 -30.98
N GLU HB 114 16.54 28.07 -30.92
CA GLU HB 114 17.51 27.91 -29.84
C GLU HB 114 17.64 29.23 -29.09
N ARG HB 115 17.04 29.35 -27.92
CA ARG HB 115 17.08 30.58 -27.14
C ARG HB 115 18.43 30.70 -26.43
N THR HB 116 19.16 31.77 -26.77
CA THR HB 116 20.37 32.17 -26.05
C THR HB 116 20.08 33.42 -25.25
N THR HB 117 20.33 33.36 -23.93
CA THR HB 117 20.22 34.50 -23.03
C THR HB 117 21.61 34.86 -22.56
N ALA HB 118 22.00 36.15 -22.65
CA ALA HB 118 23.26 36.61 -22.08
C ALA HB 118 23.04 37.80 -21.13
N VAL HB 119 23.80 37.82 -20.03
CA VAL HB 119 23.69 38.84 -18.99
C VAL HB 119 25.09 39.38 -18.67
N GLU HB 120 25.24 40.71 -18.61
CA GLU HB 120 26.52 41.32 -18.25
C GLU HB 120 26.62 41.59 -16.76
N ASN HB 121 27.86 41.56 -16.25
CA ASN HB 121 28.24 42.07 -14.95
C ASN HB 121 27.36 41.54 -13.81
N VAL HB 122 27.12 40.23 -13.79
CA VAL HB 122 26.48 39.55 -12.67
C VAL HB 122 27.43 39.54 -11.48
N VAL HB 123 26.93 39.97 -10.32
CA VAL HB 123 27.67 39.93 -9.06
C VAL HB 123 26.85 39.18 -8.01
N PHE HB 124 27.53 38.43 -7.13
CA PHE HB 124 26.83 37.66 -6.12
C PHE HB 124 27.21 38.16 -4.74
N PRO HB 125 26.31 38.71 -3.90
CA PRO HB 125 26.66 39.24 -2.60
C PRO HB 125 27.27 38.21 -1.68
N GLU HB 126 26.78 36.95 -1.77
CA GLU HB 126 27.28 35.86 -0.94
C GLU HB 126 27.53 34.62 -1.79
N LEU HB 127 28.61 33.93 -1.45
CA LEU HB 127 29.05 32.71 -2.14
C LEU HB 127 29.08 31.57 -1.13
N PRO HB 128 28.31 30.48 -1.32
CA PRO HB 128 28.43 29.34 -0.41
C PRO HB 128 29.70 28.60 -0.79
N LEU HB 129 30.58 28.42 0.19
CA LEU HB 129 31.76 27.61 -0.01
C LEU HB 129 31.42 26.17 0.33
N ASP HB 130 30.79 25.95 1.47
CA ASP HB 130 30.44 24.62 1.93
C ASP HB 130 28.95 24.59 2.22
N SER HB 131 28.28 23.52 1.79
CA SER HB 131 26.83 23.40 1.88
C SER HB 131 26.45 21.93 2.12
N ALA HB 132 26.99 21.38 3.22
CA ALA HB 132 26.94 19.96 3.52
C ALA HB 132 25.70 19.60 4.33
N THR HB 133 25.09 18.46 3.99
CA THR HB 133 23.89 17.93 4.63
C THR HB 133 24.03 16.41 4.71
N TYR HB 134 23.65 15.79 5.83
CA TYR HB 134 23.89 14.36 6.02
C TYR HB 134 23.16 13.54 4.96
N GLY HB 135 23.93 12.69 4.26
CA GLY HB 135 23.43 11.76 3.27
C GLY HB 135 22.97 12.46 1.98
N GLU HB 136 23.57 13.64 1.69
CA GLU HB 136 23.32 14.33 0.44
C GLU HB 136 24.61 14.88 -0.14
N TYR HB 137 24.60 15.07 -1.46
CA TYR HB 137 25.69 15.82 -2.08
C TYR HB 137 25.54 17.29 -1.71
N GLU HB 138 26.66 18.02 -1.67
CA GLU HB 138 26.57 19.44 -1.38
C GLU HB 138 25.85 20.14 -2.53
N GLU HB 139 24.81 20.92 -2.22
CA GLU HB 139 24.08 21.68 -3.23
C GLU HB 139 24.16 23.17 -2.89
N TYR HB 140 24.60 23.98 -3.84
CA TYR HB 140 25.00 25.36 -3.62
C TYR HB 140 23.98 26.31 -4.25
N SER HB 141 23.56 27.34 -3.52
CA SER HB 141 22.66 28.36 -4.06
C SER HB 141 23.39 29.67 -4.25
N LEU HB 142 23.34 30.22 -5.47
CA LEU HB 142 23.77 31.58 -5.77
C LEU HB 142 22.56 32.44 -6.03
N THR HB 143 22.57 33.66 -5.47
CA THR HB 143 21.62 34.70 -5.85
C THR HB 143 22.41 35.97 -6.13
N GLY HB 144 22.11 36.68 -7.22
CA GLY HB 144 22.92 37.81 -7.61
C GLY HB 144 22.22 38.72 -8.62
N SER HB 145 22.83 39.86 -8.92
CA SER HB 145 22.27 40.86 -9.81
C SER HB 145 23.18 41.15 -10.98
N GLY HB 146 22.68 40.92 -12.19
CA GLY HB 146 23.31 41.39 -13.42
C GLY HB 146 22.89 42.83 -13.73
N ARG HB 147 23.70 43.51 -14.54
CA ARG HB 147 23.45 44.90 -14.91
C ARG HB 147 22.38 45.00 -15.99
N SER HB 148 22.49 44.18 -17.05
CA SER HB 148 21.55 44.20 -18.16
C SER HB 148 21.62 42.90 -18.96
N VAL HB 149 20.56 42.63 -19.74
CA VAL HB 149 20.52 41.52 -20.69
C VAL HB 149 21.18 42.00 -21.98
N THR HB 150 22.35 41.45 -22.33
CA THR HB 150 23.04 41.89 -23.54
C THR HB 150 22.53 41.20 -24.80
N ASN HB 151 21.95 39.99 -24.65
CA ASN HB 151 21.40 39.27 -25.78
C ASN HB 151 20.22 38.40 -25.35
N LEU HB 152 19.19 38.34 -26.21
CA LEU HB 152 18.11 37.37 -26.16
C LEU HB 152 17.65 37.13 -27.59
N ALA HB 153 18.07 36.00 -28.16
CA ALA HB 153 17.82 35.72 -29.57
C ALA HB 153 17.72 34.23 -29.86
N ASP HB 154 17.09 33.90 -30.98
CA ASP HB 154 17.15 32.57 -31.57
C ASP HB 154 18.49 32.42 -32.29
N THR HB 155 19.39 31.61 -31.72
CA THR HB 155 20.72 31.37 -32.29
C THR HB 155 20.76 30.14 -33.20
N SER HB 156 19.62 29.52 -33.53
CA SER HB 156 19.58 28.44 -34.51
C SER HB 156 19.90 28.95 -35.93
N GLY HB 157 20.44 28.05 -36.78
CA GLY HB 157 20.84 28.37 -38.14
C GLY HB 157 19.68 28.92 -38.96
N ALA IB 2 -15.76 62.36 48.02
CA ALA IB 2 -16.14 62.70 46.63
C ALA IB 2 -16.07 61.46 45.73
N THR IB 3 -16.52 61.64 44.48
CA THR IB 3 -16.57 60.62 43.43
C THR IB 3 -15.15 60.18 43.05
N SER IB 4 -14.93 58.85 42.93
CA SER IB 4 -13.62 58.28 42.58
C SER IB 4 -13.19 58.68 41.17
N PRO IB 5 -11.88 58.90 40.90
CA PRO IB 5 -11.40 59.10 39.54
C PRO IB 5 -11.69 57.86 38.69
N GLU IB 6 -11.89 58.10 37.39
CA GLU IB 6 -12.23 57.02 36.46
C GLU IB 6 -11.72 57.34 35.06
N GLY IB 7 -11.40 56.30 34.28
CA GLY IB 7 -11.02 56.52 32.90
C GLY IB 7 -12.19 57.08 32.08
N ILE IB 8 -11.84 57.75 30.97
CA ILE IB 8 -12.86 58.25 30.07
C ILE IB 8 -12.52 57.78 28.66
N TRP IB 9 -13.55 57.30 27.96
CA TRP IB 9 -13.36 56.75 26.63
C TRP IB 9 -13.73 57.81 25.60
N SER IB 10 -12.80 58.16 24.70
CA SER IB 10 -12.94 59.37 23.90
C SER IB 10 -14.18 59.29 23.02
N ASN IB 11 -14.44 58.12 22.45
CA ASN IB 11 -15.52 57.93 21.50
C ASN IB 11 -16.91 58.08 22.13
N SER IB 12 -17.01 58.19 23.47
CA SER IB 12 -18.28 58.43 24.15
C SER IB 12 -18.69 59.90 24.19
N GLY IB 13 -17.80 60.81 23.77
CA GLY IB 13 -18.02 62.24 23.84
C GLY IB 13 -19.14 62.74 22.91
N ALA IB 14 -19.99 63.61 23.46
CA ALA IB 14 -21.02 64.32 22.73
C ALA IB 14 -20.70 65.82 22.74
N LEU IB 15 -19.96 66.30 21.72
CA LEU IB 15 -19.66 67.72 21.56
C LEU IB 15 -20.77 68.42 20.80
N THR IB 16 -21.16 69.62 21.25
CA THR IB 16 -22.16 70.44 20.57
C THR IB 16 -21.81 71.93 20.69
N PHE IB 17 -22.21 72.74 19.70
CA PHE IB 17 -22.01 74.17 19.70
C PHE IB 17 -23.35 74.89 19.69
N GLU IB 18 -23.39 76.07 20.32
CA GLU IB 18 -24.59 76.90 20.31
C GLU IB 18 -24.26 78.35 19.96
N ASP IB 19 -25.17 79.00 19.26
CA ASP IB 19 -25.11 80.44 19.09
C ASP IB 19 -25.51 81.12 20.41
N PRO IB 20 -24.61 81.89 21.06
CA PRO IB 20 -24.91 82.48 22.37
C PRO IB 20 -26.00 83.54 22.33
N ALA IB 21 -26.45 83.98 21.14
CA ALA IB 21 -27.59 84.88 21.01
C ALA IB 21 -28.90 84.21 21.43
N ASP IB 22 -29.09 82.94 21.03
CA ASP IB 22 -30.36 82.24 21.12
C ASP IB 22 -30.29 80.94 21.93
N ASP IB 23 -29.07 80.45 22.20
CA ASP IB 23 -28.84 79.09 22.69
C ASP IB 23 -29.37 78.04 21.70
N SER IB 24 -29.54 78.41 20.42
CA SER IB 24 -29.83 77.47 19.35
C SER IB 24 -28.58 76.68 18.97
N GLU IB 25 -28.77 75.40 18.62
CA GLU IB 25 -27.65 74.56 18.22
C GLU IB 25 -27.16 74.97 16.83
N ILE IB 26 -25.83 74.86 16.62
CA ILE IB 26 -25.20 74.94 15.32
C ILE IB 26 -24.75 73.54 14.92
N LEU IB 27 -25.14 73.07 13.73
CA LEU IB 27 -24.89 71.71 13.30
C LEU IB 27 -23.39 71.49 13.15
N PHE IB 28 -22.89 70.46 13.86
CA PHE IB 28 -21.49 70.12 13.86
C PHE IB 28 -21.38 68.67 14.33
N ALA IB 29 -20.57 67.88 13.62
CA ALA IB 29 -20.54 66.45 13.89
C ALA IB 29 -19.23 65.80 13.44
N GLY IB 30 -19.01 64.58 13.85
CA GLY IB 30 -17.94 63.80 13.27
C GLY IB 30 -16.58 64.20 13.80
N VAL IB 31 -16.50 64.55 15.08
CA VAL IB 31 -15.21 64.77 15.70
C VAL IB 31 -14.35 63.50 15.66
N ARG IB 32 -13.03 63.70 15.72
CA ARG IB 32 -12.04 62.65 15.80
C ARG IB 32 -11.07 62.94 16.94
N ASP IB 33 -10.69 64.21 17.11
CA ASP IB 33 -9.98 64.65 18.30
C ASP IB 33 -10.73 65.82 18.95
N VAL IB 34 -10.70 65.92 20.28
CA VAL IB 34 -11.14 67.12 20.99
C VAL IB 34 -10.23 67.36 22.19
N THR IB 35 -9.63 68.56 22.28
CA THR IB 35 -8.88 68.96 23.47
C THR IB 35 -9.42 70.28 24.01
N ILE IB 36 -9.68 70.36 25.31
CA ILE IB 36 -10.09 71.60 25.96
C ILE IB 36 -9.23 71.79 27.22
N THR IB 37 -8.49 72.92 27.24
CA THR IB 37 -7.51 73.21 28.28
C THR IB 37 -7.68 74.64 28.76
N PRO IB 38 -8.37 74.91 29.89
CA PRO IB 38 -8.29 76.20 30.55
C PRO IB 38 -6.87 76.45 31.00
N ALA IB 39 -6.38 77.66 30.75
CA ALA IB 39 -5.01 78.04 30.99
C ALA IB 39 -4.95 79.45 31.53
N TYR IB 40 -4.05 79.66 32.50
CA TYR IB 40 -3.71 81.00 32.95
C TYR IB 40 -2.23 81.26 32.75
N GLU IB 41 -1.89 82.52 32.50
CA GLU IB 41 -0.49 82.91 32.57
C GLU IB 41 -0.02 82.95 34.03
N HIS IB 42 1.17 82.45 34.33
CA HIS IB 42 1.75 82.54 35.67
C HIS IB 42 2.95 83.49 35.71
N ALA IB 43 2.97 84.35 36.73
CA ALA IB 43 4.15 85.13 37.09
C ALA IB 43 4.64 84.70 38.47
N GLU IB 44 5.93 84.34 38.55
CA GLU IB 44 6.58 83.92 39.78
C GLU IB 44 7.51 85.04 40.24
N LEU IB 45 7.46 85.41 41.53
CA LEU IB 45 8.35 86.44 42.05
C LEU IB 45 9.60 85.83 42.66
N TYR IB 46 10.77 86.37 42.30
CA TYR IB 46 12.00 86.05 42.97
C TYR IB 46 12.79 87.33 43.25
N THR IB 47 13.48 87.33 44.39
CA THR IB 47 14.26 88.47 44.86
C THR IB 47 15.51 87.99 45.57
N ILE IB 48 16.47 88.86 45.81
CA ILE IB 48 17.77 88.48 46.36
C ILE IB 48 17.65 87.85 47.76
N ASP IB 49 16.51 88.03 48.43
CA ASP IB 49 16.31 87.48 49.77
C ASP IB 49 16.36 85.95 49.80
N SER IB 50 16.04 85.27 48.69
CA SER IB 50 15.96 83.81 48.64
C SER IB 50 16.18 83.25 47.23
N THR IB 51 16.67 82.01 47.17
CA THR IB 51 16.67 81.26 45.92
C THR IB 51 15.29 80.67 45.62
N PHE IB 52 14.46 80.50 46.65
CA PHE IB 52 13.12 79.96 46.49
C PHE IB 52 12.16 81.06 46.01
N ARG IB 53 11.07 80.62 45.39
CA ARG IB 53 10.02 81.49 44.92
C ARG IB 53 9.35 82.21 46.08
N ASP IB 54 9.19 83.54 45.94
CA ASP IB 54 8.51 84.37 46.93
C ASP IB 54 6.99 84.22 46.78
N GLU IB 55 6.47 84.30 45.54
CA GLU IB 55 5.05 84.24 45.24
C GLU IB 55 4.77 83.70 43.83
N VAL IB 56 3.52 83.31 43.56
CA VAL IB 56 3.05 83.03 42.21
C VAL IB 56 1.60 83.46 42.04
N LYS IB 57 1.25 84.01 40.87
CA LYS IB 57 -0.09 84.55 40.59
C LYS IB 57 -0.54 84.26 39.16
N ARG IB 58 -1.86 84.21 38.92
CA ARG IB 58 -2.50 84.00 37.63
C ARG IB 58 -2.92 85.32 36.97
N TYR IB 59 -2.74 85.45 35.65
CA TYR IB 59 -3.32 86.58 34.92
C TYR IB 59 -4.12 86.16 33.71
N GLU IB 60 -3.66 86.38 32.47
CA GLU IB 60 -4.50 86.17 31.29
C GLU IB 60 -5.09 84.76 31.31
N HIS IB 61 -6.42 84.68 31.40
CA HIS IB 61 -7.11 83.41 31.33
C HIS IB 61 -7.69 83.21 29.94
N ASN IB 62 -7.59 81.97 29.46
CA ASN IB 62 -8.28 81.57 28.25
C ASN IB 62 -8.53 80.07 28.31
N VAL IB 63 -9.44 79.57 27.47
CA VAL IB 63 -9.61 78.14 27.29
C VAL IB 63 -9.14 77.77 25.90
N ASN IB 64 -8.05 77.02 25.81
CA ASN IB 64 -7.61 76.48 24.52
C ASN IB 64 -8.56 75.37 24.11
N VAL IB 65 -9.26 75.58 23.01
CA VAL IB 65 -10.08 74.57 22.38
C VAL IB 65 -9.39 74.19 21.09
N GLU IB 66 -9.14 72.90 20.88
CA GLU IB 66 -8.81 72.44 19.53
C GLU IB 66 -9.55 71.14 19.20
N ILE IB 67 -10.04 71.09 17.98
CA ILE IB 67 -10.94 70.03 17.54
C ILE IB 67 -10.45 69.55 16.18
N THR IB 68 -10.38 68.24 16.00
CA THR IB 68 -10.26 67.68 14.67
C THR IB 68 -11.53 66.92 14.34
N TYR IB 69 -12.07 67.16 13.14
CA TYR IB 69 -13.35 66.57 12.77
C TYR IB 69 -13.37 66.27 11.27
N ALA IB 70 -14.31 65.43 10.81
CA ALA IB 70 -14.23 64.93 9.45
C ALA IB 70 -15.56 65.00 8.69
N LYS IB 71 -16.64 65.47 9.33
CA LYS IB 71 -17.87 65.79 8.62
C LYS IB 71 -17.96 67.31 8.49
N PHE IB 72 -17.96 67.83 7.25
CA PHE IB 72 -18.01 69.26 7.07
C PHE IB 72 -19.40 69.78 7.37
N SER IB 73 -19.49 70.98 7.98
CA SER IB 73 -20.77 71.63 8.20
C SER IB 73 -20.83 72.97 7.48
N LEU IB 74 -21.80 73.14 6.57
CA LEU IB 74 -22.03 74.44 5.96
C LEU IB 74 -22.54 75.44 6.99
N GLU IB 75 -23.40 75.03 7.92
CA GLU IB 75 -23.90 75.97 8.90
C GLU IB 75 -22.75 76.56 9.72
N PHE IB 76 -21.89 75.71 10.27
CA PHE IB 76 -20.79 76.19 11.10
C PHE IB 76 -19.86 77.15 10.34
N ALA IB 77 -19.56 76.84 9.09
CA ALA IB 77 -18.68 77.69 8.29
C ALA IB 77 -19.34 79.03 7.96
N GLN IB 78 -20.62 79.03 7.59
CA GLN IB 78 -21.32 80.24 7.24
C GLN IB 78 -21.63 81.10 8.46
N GLU IB 79 -21.78 80.49 9.64
CA GLU IB 79 -21.79 81.22 10.90
C GLU IB 79 -20.43 81.89 11.15
N TRP IB 80 -19.33 81.17 10.98
CA TRP IB 80 -18.01 81.74 11.20
C TRP IB 80 -17.73 82.92 10.28
N LEU IB 81 -18.11 82.83 9.00
CA LEU IB 81 -17.97 83.95 8.08
C LEU IB 81 -18.78 85.15 8.53
N GLY IB 82 -20.04 84.94 8.91
CA GLY IB 82 -20.98 86.02 9.16
C GLY IB 82 -20.69 86.87 10.41
N GLY IB 83 -19.95 86.34 11.39
CA GLY IB 83 -19.78 87.01 12.67
C GLY IB 83 -21.03 86.92 13.54
N PRO IB 84 -21.06 87.59 14.71
CA PRO IB 84 -22.15 87.47 15.67
C PRO IB 84 -23.54 87.77 15.11
N GLY IB 85 -24.45 86.81 15.34
CA GLY IB 85 -25.86 86.90 15.00
C GLY IB 85 -26.16 87.02 13.50
N ALA IB 86 -25.23 86.62 12.63
CA ALA IB 86 -25.44 86.67 11.19
C ALA IB 86 -24.78 85.48 10.48
N THR IB 87 -25.28 85.17 9.29
CA THR IB 87 -24.78 84.09 8.43
C THR IB 87 -24.38 84.66 7.08
N ALA IB 88 -23.26 84.19 6.52
CA ALA IB 88 -22.75 84.74 5.27
C ALA IB 88 -22.19 83.64 4.36
N THR IB 89 -22.34 83.86 3.04
CA THR IB 89 -21.82 82.93 2.03
C THR IB 89 -20.48 83.39 1.47
N ALA IB 90 -19.86 84.43 2.08
CA ALA IB 90 -18.61 85.02 1.60
C ALA IB 90 -17.93 85.74 2.76
N SER IB 91 -16.60 85.95 2.65
CA SER IB 91 -15.83 86.72 3.63
C SER IB 91 -16.51 88.07 3.91
N GLN IB 92 -16.56 88.48 5.18
CA GLN IB 92 -17.11 89.76 5.58
C GLN IB 92 -16.00 90.71 6.03
N ASP IB 93 -16.04 91.95 5.54
CA ASP IB 93 -15.14 93.00 5.98
C ASP IB 93 -15.65 93.68 7.26
N ASP IB 94 -15.63 92.96 8.39
CA ASP IB 94 -15.93 93.55 9.69
C ASP IB 94 -15.17 92.86 10.83
N SER IB 95 -15.10 93.54 11.97
CA SER IB 95 -14.09 93.25 12.99
C SER IB 95 -14.56 92.21 14.02
N ASP IB 96 -15.86 91.90 14.08
CA ASP IB 96 -16.39 91.04 15.12
C ASP IB 96 -16.31 89.57 14.73
N PRO IB 97 -15.55 88.72 15.46
CA PRO IB 97 -15.50 87.30 15.13
C PRO IB 97 -16.75 86.62 15.67
N MET IB 98 -17.19 85.56 14.99
CA MET IB 98 -18.28 84.74 15.51
C MET IB 98 -17.84 84.07 16.82
N LYS IB 99 -18.65 84.27 17.88
CA LYS IB 99 -18.41 83.65 19.18
C LYS IB 99 -19.38 82.49 19.35
N PHE IB 100 -18.88 81.29 19.60
CA PHE IB 100 -19.70 80.11 19.82
C PHE IB 100 -19.64 79.71 21.29
N ASN IB 101 -20.78 79.31 21.86
CA ASN IB 101 -20.73 78.53 23.10
C ASN IB 101 -20.49 77.07 22.74
N LEU IB 102 -19.80 76.35 23.61
CA LEU IB 102 -19.45 74.97 23.35
C LEU IB 102 -19.76 74.14 24.59
N GLU IB 103 -20.34 72.97 24.39
CA GLU IB 103 -20.51 72.01 25.47
C GLU IB 103 -20.10 70.62 25.01
N ASN IB 104 -19.41 69.88 25.88
CA ASN IB 104 -19.04 68.50 25.64
C ASN IB 104 -19.50 67.66 26.81
N VAL IB 105 -20.14 66.51 26.52
CA VAL IB 105 -20.67 65.65 27.58
C VAL IB 105 -20.10 64.24 27.40
N THR IB 106 -19.75 63.59 28.51
CA THR IB 106 -18.94 62.39 28.48
C THR IB 106 -19.17 61.50 29.71
N PRO IB 107 -19.81 60.33 29.55
CA PRO IB 107 -19.83 59.35 30.62
C PRO IB 107 -18.41 58.88 30.89
N SER IB 108 -18.11 58.59 32.17
CA SER IB 108 -16.88 57.88 32.53
C SER IB 108 -17.00 56.41 32.12
N ALA IB 109 -15.84 55.73 32.01
CA ALA IB 109 -15.78 54.44 31.34
C ALA IB 109 -16.61 53.35 32.03
N SER IB 110 -16.68 53.36 33.38
CA SER IB 110 -17.52 52.44 34.16
C SER IB 110 -18.83 53.10 34.63
N GLY IB 111 -19.22 54.24 34.05
CA GLY IB 111 -20.47 54.92 34.36
C GLY IB 111 -20.53 55.55 35.75
N GLY IB 112 -19.39 55.75 36.42
CA GLY IB 112 -19.31 56.38 37.73
C GLY IB 112 -19.78 57.84 37.77
N PHE IB 113 -19.63 58.58 36.66
CA PHE IB 113 -20.07 59.96 36.56
C PHE IB 113 -20.29 60.38 35.10
N GLU IB 114 -20.98 61.50 34.90
CA GLU IB 114 -21.11 62.09 33.57
C GLU IB 114 -20.45 63.46 33.54
N ARG IB 115 -19.20 63.54 33.11
CA ARG IB 115 -18.51 64.83 33.06
C ARG IB 115 -19.07 65.68 31.93
N THR IB 116 -19.62 66.85 32.28
CA THR IB 116 -19.98 67.88 31.32
C THR IB 116 -19.02 69.06 31.41
N THR IB 117 -18.43 69.46 30.28
CA THR IB 117 -17.58 70.64 30.16
C THR IB 117 -18.29 71.67 29.29
N ALA IB 118 -18.44 72.91 29.77
CA ALA IB 118 -19.03 73.99 28.98
C ALA IB 118 -18.09 75.21 28.93
N VAL IB 119 -17.94 75.80 27.74
CA VAL IB 119 -17.01 76.89 27.50
C VAL IB 119 -17.73 78.02 26.78
N GLU IB 120 -17.59 79.27 27.26
CA GLU IB 120 -18.23 80.41 26.60
C GLU IB 120 -17.34 81.10 25.57
N ASN IB 121 -17.98 81.65 24.54
CA ASN IB 121 -17.36 82.56 23.59
C ASN IB 121 -16.03 82.05 23.02
N VAL IB 122 -16.05 80.81 22.50
CA VAL IB 122 -14.95 80.31 21.71
C VAL IB 122 -14.91 81.08 20.40
N VAL IB 123 -13.72 81.54 20.00
CA VAL IB 123 -13.51 82.09 18.67
C VAL IB 123 -12.33 81.35 18.01
N PHE IB 124 -12.40 81.18 16.70
CA PHE IB 124 -11.36 80.48 15.98
C PHE IB 124 -10.70 81.43 14.98
N PRO IB 125 -9.41 81.78 15.11
CA PRO IB 125 -8.78 82.72 14.20
C PRO IB 125 -8.83 82.29 12.74
N GLU IB 126 -8.84 80.99 12.47
CA GLU IB 126 -8.90 80.51 11.10
C GLU IB 126 -9.76 79.27 10.97
N LEU IB 127 -10.41 79.14 9.82
CA LEU IB 127 -11.40 78.10 9.56
C LEU IB 127 -10.98 77.34 8.32
N PRO IB 128 -10.75 76.01 8.37
CA PRO IB 128 -10.39 75.27 7.15
C PRO IB 128 -11.68 75.00 6.37
N LEU IB 129 -11.75 75.55 5.15
CA LEU IB 129 -12.91 75.32 4.30
C LEU IB 129 -12.73 74.05 3.49
N ASP IB 130 -11.52 73.83 2.96
CA ASP IB 130 -11.18 72.61 2.24
C ASP IB 130 -9.93 72.03 2.86
N SER IB 131 -9.88 70.70 2.98
CA SER IB 131 -8.78 70.00 3.61
C SER IB 131 -8.52 68.64 2.92
N ALA IB 132 -8.50 68.69 1.59
CA ALA IB 132 -8.46 67.51 0.74
C ALA IB 132 -7.05 66.96 0.62
N THR IB 133 -6.96 65.63 0.71
CA THR IB 133 -5.74 64.86 0.57
C THR IB 133 -6.05 63.58 -0.20
N TYR IB 134 -5.17 63.21 -1.12
CA TYR IB 134 -5.39 62.06 -2.00
C TYR IB 134 -5.63 60.77 -1.20
N GLY IB 135 -6.75 60.09 -1.47
CA GLY IB 135 -7.07 58.84 -0.82
C GLY IB 135 -7.58 58.99 0.61
N GLU IB 136 -8.02 60.18 1.01
CA GLU IB 136 -8.51 60.40 2.37
C GLU IB 136 -9.81 61.19 2.40
N TYR IB 137 -10.59 61.00 3.47
CA TYR IB 137 -11.68 61.94 3.72
C TYR IB 137 -11.09 63.26 4.18
N GLU IB 138 -11.74 64.38 3.85
CA GLU IB 138 -11.25 65.68 4.31
C GLU IB 138 -11.29 65.73 5.83
N GLU IB 139 -10.17 66.05 6.47
CA GLU IB 139 -10.10 66.12 7.92
C GLU IB 139 -9.70 67.54 8.33
N TYR IB 140 -10.54 68.18 9.14
CA TYR IB 140 -10.47 69.60 9.42
C TYR IB 140 -9.97 69.82 10.85
N SER IB 141 -8.97 70.69 11.02
CA SER IB 141 -8.52 71.07 12.36
C SER IB 141 -8.87 72.51 12.68
N LEU IB 142 -9.48 72.71 13.85
CA LEU IB 142 -9.75 74.03 14.42
C LEU IB 142 -8.91 74.23 15.67
N THR IB 143 -8.41 75.46 15.87
CA THR IB 143 -7.85 75.88 17.15
C THR IB 143 -8.47 77.22 17.51
N GLY IB 144 -8.85 77.42 18.77
CA GLY IB 144 -9.51 78.64 19.19
C GLY IB 144 -9.42 78.89 20.69
N SER IB 145 -9.84 80.07 21.11
CA SER IB 145 -9.74 80.51 22.50
C SER IB 145 -11.13 80.85 23.04
N GLY IB 146 -11.57 80.14 24.07
CA GLY IB 146 -12.75 80.47 24.83
C GLY IB 146 -12.43 81.45 25.94
N ARG IB 147 -13.44 82.20 26.41
CA ARG IB 147 -13.21 83.21 27.44
C ARG IB 147 -13.09 82.55 28.82
N SER IB 148 -13.95 81.58 29.10
CA SER IB 148 -13.91 80.89 30.39
C SER IB 148 -14.65 79.56 30.32
N VAL IB 149 -14.40 78.70 31.32
CA VAL IB 149 -15.20 77.50 31.55
C VAL IB 149 -16.41 77.92 32.37
N THR IB 150 -17.63 77.79 31.82
CA THR IB 150 -18.82 78.20 32.54
C THR IB 150 -19.37 77.11 33.42
N ASN IB 151 -19.07 75.85 33.08
CA ASN IB 151 -19.48 74.72 33.90
C ASN IB 151 -18.53 73.54 33.70
N LEU IB 152 -18.22 72.84 34.80
CA LEU IB 152 -17.55 71.55 34.82
C LEU IB 152 -18.11 70.78 36.00
N ALA IB 153 -18.97 69.80 35.72
CA ALA IB 153 -19.69 69.11 36.76
C ALA IB 153 -20.00 67.66 36.36
N ASP IB 154 -20.28 66.83 37.37
CA ASP IB 154 -20.90 65.53 37.16
C ASP IB 154 -22.40 65.76 37.00
N THR IB 155 -22.91 65.63 35.77
CA THR IB 155 -24.30 65.91 35.46
C THR IB 155 -25.19 64.67 35.48
N SER IB 156 -24.70 63.54 36.01
CA SER IB 156 -25.53 62.36 36.26
C SER IB 156 -26.72 62.70 37.19
N GLY IB 157 -27.80 61.91 37.07
CA GLY IB 157 -29.12 62.23 37.61
C GLY IB 157 -29.07 62.55 39.10
N ALA JB 2 -31.54 73.57 7.88
CA ALA JB 2 -30.13 73.50 7.34
C ALA JB 2 -29.78 72.04 7.05
N THR JB 3 -28.82 71.84 6.13
CA THR JB 3 -28.38 70.52 5.70
C THR JB 3 -27.53 69.85 6.79
N SER JB 4 -27.72 68.53 7.05
CA SER JB 4 -26.92 67.81 8.03
C SER JB 4 -25.43 67.80 7.68
N PRO JB 5 -24.49 67.86 8.65
CA PRO JB 5 -23.07 67.70 8.34
C PRO JB 5 -22.82 66.32 7.72
N GLU JB 6 -21.85 66.28 6.79
CA GLU JB 6 -21.61 65.06 6.05
C GLU JB 6 -20.11 64.97 5.72
N GLY JB 7 -19.61 63.73 5.61
CA GLY JB 7 -18.21 63.56 5.22
C GLY JB 7 -17.96 64.03 3.79
N ILE JB 8 -16.71 64.40 3.46
CA ILE JB 8 -16.34 64.71 2.10
C ILE JB 8 -15.12 63.90 1.73
N TRP JB 9 -15.18 63.31 0.53
CA TRP JB 9 -14.12 62.44 0.04
C TRP JB 9 -13.21 63.23 -0.90
N SER JB 10 -11.91 63.24 -0.63
CA SER JB 10 -11.05 64.24 -1.22
C SER JB 10 -11.00 64.10 -2.73
N ASN JB 11 -10.97 62.85 -3.23
CA ASN JB 11 -10.80 62.58 -4.64
C ASN JB 11 -12.00 63.03 -5.49
N SER JB 12 -13.09 63.49 -4.86
CA SER JB 12 -14.23 64.03 -5.60
C SER JB 12 -14.06 65.50 -6.00
N GLY JB 13 -12.99 66.16 -5.54
CA GLY JB 13 -12.73 67.58 -5.79
C GLY JB 13 -12.56 67.93 -7.29
N ALA JB 14 -12.79 69.22 -7.60
CA ALA JB 14 -12.75 69.74 -8.96
C ALA JB 14 -12.26 71.19 -8.91
N LEU JB 15 -10.96 71.34 -8.62
CA LEU JB 15 -10.31 72.63 -8.57
C LEU JB 15 -10.18 73.23 -9.97
N THR JB 16 -10.50 74.53 -10.12
CA THR JB 16 -10.33 75.28 -11.36
C THR JB 16 -9.75 76.68 -11.08
N PHE JB 17 -8.83 77.14 -11.94
CA PHE JB 17 -8.27 78.48 -11.86
C PHE JB 17 -8.76 79.35 -13.01
N GLU JB 18 -9.10 80.60 -12.74
CA GLU JB 18 -9.53 81.53 -13.77
C GLU JB 18 -8.76 82.84 -13.72
N ASP JB 19 -8.47 83.42 -14.89
CA ASP JB 19 -7.94 84.76 -14.98
C ASP JB 19 -9.04 85.77 -14.63
N PRO JB 20 -8.91 86.59 -13.57
CA PRO JB 20 -9.96 87.50 -13.17
C PRO JB 20 -10.25 88.62 -14.16
N ALA JB 21 -9.42 88.80 -15.20
CA ALA JB 21 -9.72 89.75 -16.26
C ALA JB 21 -10.81 89.24 -17.21
N ASP JB 22 -10.97 87.91 -17.30
CA ASP JB 22 -11.79 87.27 -18.31
C ASP JB 22 -12.86 86.33 -17.75
N ASP JB 23 -12.58 85.75 -16.57
CA ASP JB 23 -13.18 84.51 -16.10
C ASP JB 23 -12.90 83.36 -17.07
N SER JB 24 -11.81 83.47 -17.87
CA SER JB 24 -11.30 82.39 -18.72
C SER JB 24 -10.48 81.40 -17.89
N GLU JB 25 -10.65 80.10 -18.16
CA GLU JB 25 -9.92 79.09 -17.39
C GLU JB 25 -8.44 79.07 -17.78
N ILE JB 26 -7.60 78.86 -16.77
CA ILE JB 26 -6.18 78.56 -16.93
C ILE JB 26 -6.01 77.08 -16.65
N LEU JB 27 -5.50 76.30 -17.61
CA LEU JB 27 -5.48 74.85 -17.49
C LEU JB 27 -4.59 74.41 -16.33
N PHE JB 28 -5.20 73.66 -15.41
CA PHE JB 28 -4.52 73.18 -14.22
C PHE JB 28 -5.16 71.87 -13.80
N ALA JB 29 -4.33 70.87 -13.46
CA ALA JB 29 -4.87 69.54 -13.24
C ALA JB 29 -4.00 68.70 -12.31
N GLY JB 30 -4.51 67.57 -11.87
CA GLY JB 30 -3.66 66.58 -11.23
C GLY JB 30 -3.33 66.91 -9.78
N VAL JB 31 -4.24 67.53 -9.04
CA VAL JB 31 -4.00 67.80 -7.64
C VAL JB 31 -3.90 66.51 -6.84
N ARG JB 32 -3.26 66.61 -5.67
CA ARG JB 32 -3.14 65.53 -4.69
C ARG JB 32 -3.46 66.03 -3.28
N ASP JB 33 -3.17 67.31 -2.99
CA ASP JB 33 -3.68 67.95 -1.80
C ASP JB 33 -4.19 69.35 -2.14
N VAL JB 34 -5.27 69.78 -1.45
CA VAL JB 34 -5.81 71.13 -1.60
C VAL JB 34 -6.34 71.58 -0.25
N THR JB 35 -5.65 72.57 0.33
CA THR JB 35 -6.08 73.19 1.58
C THR JB 35 -6.46 74.64 1.32
N ILE JB 36 -7.67 75.02 1.72
CA ILE JB 36 -8.13 76.40 1.67
C ILE JB 36 -8.60 76.79 3.07
N THR JB 37 -7.96 77.82 3.64
CA THR JB 37 -8.25 78.26 5.00
C THR JB 37 -8.35 79.78 5.05
N PRO JB 38 -9.57 80.36 5.09
CA PRO JB 38 -9.73 81.76 5.48
C PRO JB 38 -9.30 81.97 6.92
N ALA JB 39 -8.55 83.04 7.14
CA ALA JB 39 -7.94 83.35 8.41
C ALA JB 39 -8.08 84.83 8.74
N TYR JB 40 -8.00 85.16 10.03
CA TYR JB 40 -7.84 86.54 10.46
C TYR JB 40 -6.86 86.59 11.63
N GLU JB 41 -6.19 87.74 11.79
CA GLU JB 41 -5.45 87.95 13.03
C GLU JB 41 -6.43 88.28 14.15
N HIS JB 42 -6.23 87.74 15.37
CA HIS JB 42 -7.08 88.10 16.50
C HIS JB 42 -6.33 88.94 17.53
N ALA JB 43 -6.96 90.02 17.96
CA ALA JB 43 -6.49 90.84 19.07
C ALA JB 43 -7.42 90.66 20.26
N GLU JB 44 -6.86 90.29 21.42
CA GLU JB 44 -7.64 90.04 22.63
C GLU JB 44 -7.27 91.08 23.69
N LEU JB 45 -8.27 91.82 24.19
CA LEU JB 45 -8.03 92.87 25.17
C LEU JB 45 -8.02 92.30 26.59
N TYR JB 46 -6.99 92.66 27.36
CA TYR JB 46 -6.98 92.36 28.78
C TYR JB 46 -6.51 93.57 29.56
N THR JB 47 -7.08 93.72 30.76
CA THR JB 47 -6.80 94.85 31.63
C THR JB 47 -6.73 94.40 33.08
N ILE JB 48 -6.31 95.25 34.01
CA ILE JB 48 -6.18 94.90 35.40
C ILE JB 48 -7.53 94.56 36.04
N ASP JB 49 -8.65 94.95 35.39
CA ASP JB 49 -9.97 94.79 35.96
C ASP JB 49 -10.32 93.31 36.17
N SER JB 50 -9.88 92.45 35.22
CA SER JB 50 -10.25 91.04 35.21
C SER JB 50 -9.16 90.16 34.63
N THR JB 51 -9.10 88.91 35.10
CA THR JB 51 -8.24 87.92 34.48
C THR JB 51 -8.81 87.43 33.15
N PHE JB 52 -10.14 87.55 32.98
CA PHE JB 52 -10.78 87.14 31.75
C PHE JB 52 -10.55 88.16 30.65
N ARG JB 53 -10.76 87.70 29.42
CA ARG JB 53 -10.70 88.53 28.23
C ARG JB 53 -11.84 89.54 28.23
N ASP JB 54 -11.50 90.81 27.99
CA ASP JB 54 -12.48 91.89 27.91
C ASP JB 54 -13.17 91.90 26.54
N GLU JB 55 -12.40 91.73 25.46
CA GLU JB 55 -12.86 91.81 24.08
C GLU JB 55 -12.01 90.96 23.15
N VAL JB 56 -12.56 90.62 21.98
CA VAL JB 56 -11.74 90.05 20.91
C VAL JB 56 -12.21 90.57 19.56
N LYS JB 57 -11.25 90.81 18.65
CA LYS JB 57 -11.50 91.43 17.35
C LYS JB 57 -10.66 90.78 16.24
N ARG JB 58 -11.17 90.81 15.00
CA ARG JB 58 -10.50 90.34 13.79
C ARG JB 58 -9.83 91.50 13.03
N TYR JB 59 -8.70 91.25 12.35
CA TYR JB 59 -8.18 92.27 11.45
C TYR JB 59 -7.67 91.74 10.12
N GLU JB 60 -6.41 91.33 9.97
CA GLU JB 60 -5.87 91.03 8.65
C GLU JB 60 -6.48 89.76 8.05
N HIS JB 61 -7.49 89.93 7.19
CA HIS JB 61 -8.03 88.78 6.51
C HIS JB 61 -7.14 88.37 5.36
N ASN JB 62 -6.90 87.06 5.26
CA ASN JB 62 -6.34 86.43 4.07
C ASN JB 62 -6.92 85.03 3.95
N VAL JB 63 -6.83 84.43 2.76
CA VAL JB 63 -7.17 83.03 2.60
C VAL JB 63 -5.90 82.26 2.27
N ASN JB 64 -5.41 81.43 3.19
CA ASN JB 64 -4.29 80.57 2.89
C ASN JB 64 -4.74 79.49 1.92
N VAL JB 65 -4.15 79.48 0.72
CA VAL JB 65 -4.35 78.44 -0.26
C VAL JB 65 -3.05 77.68 -0.39
N GLU JB 66 -3.06 76.37 -0.19
CA GLU JB 66 -1.92 75.56 -0.57
C GLU JB 66 -2.34 74.28 -1.27
N ILE JB 67 -1.64 73.97 -2.35
CA ILE JB 67 -2.01 72.91 -3.27
C ILE JB 67 -0.75 72.11 -3.57
N THR JB 68 -0.85 70.78 -3.47
CA THR JB 68 0.18 69.90 -4.02
C THR JB 68 -0.42 69.22 -5.24
N TYR JB 69 0.31 69.23 -6.37
CA TYR JB 69 -0.21 68.70 -7.61
C TYR JB 69 0.91 68.04 -8.42
N ALA JB 70 0.53 67.17 -9.36
CA ALA JB 70 1.47 66.26 -9.98
C ALA JB 70 1.45 66.28 -11.51
N LYS JB 71 0.63 67.13 -12.14
CA LYS JB 71 0.69 67.38 -13.57
C LYS JB 71 1.15 68.82 -13.81
N PHE JB 72 2.28 69.00 -14.50
CA PHE JB 72 2.78 70.35 -14.76
C PHE JB 72 1.94 71.03 -15.85
N SER JB 73 1.70 72.34 -15.68
CA SER JB 73 1.00 73.13 -16.67
C SER JB 73 1.86 74.31 -17.12
N LEU JB 74 2.22 74.34 -18.41
CA LEU JB 74 2.93 75.49 -18.92
C LEU JB 74 2.07 76.74 -18.88
N GLU JB 75 0.76 76.63 -19.12
CA GLU JB 75 -0.08 77.81 -19.12
C GLU JB 75 -0.06 78.45 -17.73
N PHE JB 76 -0.26 77.67 -16.67
CA PHE JB 76 -0.24 78.24 -15.33
C PHE JB 76 1.11 78.87 -14.99
N ALA JB 77 2.21 78.22 -15.33
CA ALA JB 77 3.54 78.77 -15.08
C ALA JB 77 3.78 80.08 -15.83
N GLN JB 78 3.49 80.11 -17.13
CA GLN JB 78 3.73 81.29 -17.94
C GLN JB 78 2.79 82.45 -17.61
N GLU JB 79 1.57 82.18 -17.10
CA GLU JB 79 0.73 83.21 -16.50
C GLU JB 79 1.37 83.81 -15.25
N TRP JB 80 1.88 82.97 -14.34
CA TRP JB 80 2.52 83.43 -13.13
C TRP JB 80 3.76 84.29 -13.43
N LEU JB 81 4.57 83.90 -14.41
CA LEU JB 81 5.70 84.71 -14.85
C LEU JB 81 5.22 86.05 -15.40
N GLY JB 82 4.18 86.04 -16.25
CA GLY JB 82 3.74 87.20 -16.99
C GLY JB 82 3.10 88.30 -16.14
N GLY JB 83 2.54 87.97 -14.97
CA GLY JB 83 1.81 88.93 -14.16
C GLY JB 83 0.43 89.22 -14.75
N PRO JB 84 -0.36 90.14 -14.16
CA PRO JB 84 -1.73 90.39 -14.59
C PRO JB 84 -1.87 90.73 -16.07
N GLY JB 85 -2.85 90.03 -16.70
CA GLY JB 85 -3.25 90.23 -18.08
C GLY JB 85 -2.18 89.89 -19.13
N ALA JB 86 -1.14 89.13 -18.75
CA ALA JB 86 -0.02 88.84 -19.62
C ALA JB 86 0.53 87.43 -19.38
N THR JB 87 1.40 86.98 -20.30
CA THR JB 87 1.95 85.62 -20.25
C THR JB 87 3.30 85.62 -20.95
N ALA JB 88 4.31 85.03 -20.29
CA ALA JB 88 5.69 85.18 -20.72
C ALA JB 88 6.53 83.93 -20.47
N THR JB 89 7.59 83.80 -21.27
CA THR JB 89 8.48 82.64 -21.22
C THR JB 89 9.66 82.85 -20.27
N ALA JB 90 9.75 84.03 -19.64
CA ALA JB 90 10.90 84.37 -18.80
C ALA JB 90 10.44 85.24 -17.64
N SER JB 91 11.26 85.32 -16.60
CA SER JB 91 11.06 86.21 -15.46
C SER JB 91 10.76 87.63 -15.96
N GLN JB 92 9.71 88.25 -15.40
CA GLN JB 92 9.41 89.64 -15.71
C GLN JB 92 9.89 90.54 -14.58
N ASP JB 93 10.48 91.67 -14.97
CA ASP JB 93 10.95 92.66 -14.02
C ASP JB 93 9.87 93.69 -13.73
N ASP JB 94 8.84 93.30 -12.95
CA ASP JB 94 7.77 94.22 -12.56
C ASP JB 94 7.14 93.85 -11.21
N SER JB 95 6.35 94.80 -10.69
CA SER JB 95 5.90 94.75 -9.31
C SER JB 95 4.57 94.02 -9.09
N ASP JB 96 3.79 93.71 -10.13
CA ASP JB 96 2.46 93.12 -9.98
C ASP JB 96 2.50 91.59 -10.06
N PRO JB 97 2.10 90.83 -9.02
CA PRO JB 97 2.02 89.39 -9.16
C PRO JB 97 0.75 89.01 -9.91
N MET JB 98 0.79 87.89 -10.63
CA MET JB 98 -0.39 87.36 -11.29
C MET JB 98 -1.41 86.98 -10.21
N LYS JB 99 -2.60 87.58 -10.28
CA LYS JB 99 -3.69 87.28 -9.35
C LYS JB 99 -4.64 86.29 -10.03
N PHE JB 100 -4.89 85.15 -9.39
CA PHE JB 100 -5.78 84.13 -9.92
C PHE JB 100 -7.09 84.10 -9.13
N ASN JB 101 -8.22 83.95 -9.82
CA ASN JB 101 -9.39 83.44 -9.13
C ASN JB 101 -9.25 81.92 -9.01
N LEU JB 102 -9.83 81.36 -7.96
CA LEU JB 102 -9.80 79.93 -7.72
C LEU JB 102 -11.19 79.47 -7.29
N GLU JB 103 -11.63 78.31 -7.77
CA GLU JB 103 -12.83 77.67 -7.25
C GLU JB 103 -12.62 76.17 -7.11
N ASN JB 104 -13.21 75.60 -6.07
CA ASN JB 104 -13.23 74.16 -5.87
C ASN JB 104 -14.65 73.72 -5.56
N VAL JB 105 -15.04 72.59 -6.15
CA VAL JB 105 -16.39 72.07 -6.00
C VAL JB 105 -16.29 70.59 -5.63
N THR JB 106 -17.05 70.19 -4.61
CA THR JB 106 -17.06 68.80 -4.16
C THR JB 106 -18.49 68.37 -3.81
N PRO JB 107 -18.98 67.25 -4.38
CA PRO JB 107 -20.10 66.56 -3.77
C PRO JB 107 -19.68 66.09 -2.38
N SER JB 108 -20.61 66.15 -1.42
CA SER JB 108 -20.45 65.46 -0.15
C SER JB 108 -20.51 63.94 -0.36
N ALA JB 109 -20.04 63.17 0.63
CA ALA JB 109 -19.81 61.74 0.43
C ALA JB 109 -21.10 60.95 0.17
N SER JB 110 -22.26 61.42 0.67
CA SER JB 110 -23.55 60.79 0.41
C SER JB 110 -24.46 61.66 -0.46
N GLY JB 111 -23.91 62.69 -1.14
CA GLY JB 111 -24.66 63.56 -2.04
C GLY JB 111 -25.69 64.47 -1.35
N GLY JB 112 -25.59 64.68 -0.02
CA GLY JB 112 -26.45 65.60 0.71
C GLY JB 112 -26.32 67.06 0.25
N PHE JB 113 -25.14 67.45 -0.25
CA PHE JB 113 -24.89 68.79 -0.77
C PHE JB 113 -23.72 68.78 -1.75
N GLU JB 114 -23.60 69.85 -2.55
CA GLU JB 114 -22.40 70.06 -3.35
C GLU JB 114 -21.70 71.34 -2.88
N ARG JB 115 -20.66 71.20 -2.05
CA ARG JB 115 -20.00 72.39 -1.52
C ARG JB 115 -19.11 73.02 -2.59
N THR JB 116 -19.38 74.29 -2.89
CA THR JB 116 -18.51 75.11 -3.71
C THR JB 116 -17.80 76.13 -2.82
N THR JB 117 -16.48 76.22 -2.95
CA THR JB 117 -15.67 77.25 -2.31
C THR JB 117 -14.98 78.05 -3.40
N ALA JB 118 -15.12 79.39 -3.39
CA ALA JB 118 -14.46 80.24 -4.37
C ALA JB 118 -13.68 81.36 -3.68
N VAL JB 119 -12.51 81.69 -4.25
CA VAL JB 119 -11.54 82.56 -3.61
C VAL JB 119 -11.06 83.57 -4.65
N GLU JB 120 -11.05 84.87 -4.31
CA GLU JB 120 -10.53 85.88 -5.23
C GLU JB 120 -9.03 86.15 -5.03
N ASN JB 121 -8.37 86.54 -6.13
CA ASN JB 121 -7.06 87.16 -6.14
C ASN JB 121 -6.02 86.38 -5.35
N VAL JB 122 -5.95 85.07 -5.54
CA VAL JB 122 -4.87 84.27 -4.99
C VAL JB 122 -3.58 84.64 -5.70
N VAL JB 123 -2.54 84.86 -4.90
CA VAL JB 123 -1.19 85.09 -5.41
C VAL JB 123 -0.25 84.07 -4.77
N PHE JB 124 0.79 83.67 -5.53
CA PHE JB 124 1.76 82.71 -5.04
C PHE JB 124 3.14 83.34 -5.01
N PRO JB 125 3.81 83.52 -3.86
CA PRO JB 125 5.12 84.14 -3.82
C PRO JB 125 6.18 83.38 -4.60
N GLU JB 126 6.10 82.05 -4.62
CA GLU JB 126 7.06 81.25 -5.36
C GLU JB 126 6.39 80.10 -6.09
N LEU JB 127 6.92 79.81 -7.27
CA LEU JB 127 6.38 78.82 -8.18
C LEU JB 127 7.43 77.75 -8.41
N PRO JB 128 7.18 76.46 -8.02
CA PRO JB 128 8.12 75.41 -8.36
C PRO JB 128 7.97 75.10 -9.85
N LEU JB 129 9.09 75.28 -10.57
CA LEU JB 129 9.13 74.94 -11.98
C LEU JB 129 9.52 73.48 -12.15
N ASP JB 130 10.62 73.10 -11.49
CA ASP JB 130 11.12 71.73 -11.51
C ASP JB 130 11.15 71.19 -10.08
N SER JB 131 10.82 69.91 -9.93
CA SER JB 131 10.74 69.27 -8.63
C SER JB 131 11.03 67.76 -8.77
N ALA JB 132 12.17 67.47 -9.40
CA ALA JB 132 12.58 66.12 -9.76
C ALA JB 132 13.14 65.37 -8.55
N THR JB 133 12.74 64.10 -8.39
CA THR JB 133 13.33 63.17 -7.43
C THR JB 133 13.44 61.80 -8.08
N TYR JB 134 14.58 61.13 -7.90
CA TYR JB 134 14.85 59.82 -8.47
C TYR JB 134 13.72 58.84 -8.20
N GLY JB 135 13.15 58.24 -9.25
CA GLY JB 135 12.13 57.21 -9.11
C GLY JB 135 10.75 57.73 -8.74
N GLU JB 136 10.50 59.04 -8.90
CA GLU JB 136 9.19 59.64 -8.66
C GLU JB 136 8.78 60.56 -9.80
N TYR JB 137 7.46 60.76 -9.94
CA TYR JB 137 7.01 61.84 -10.79
C TYR JB 137 7.34 63.17 -10.10
N GLU JB 138 7.55 64.21 -10.90
CA GLU JB 138 7.72 65.52 -10.29
C GLU JB 138 6.42 65.90 -9.59
N GLU JB 139 6.53 66.44 -8.38
CA GLU JB 139 5.36 66.87 -7.63
C GLU JB 139 5.61 68.26 -7.06
N TYR JB 140 4.62 69.13 -7.18
CA TYR JB 140 4.79 70.56 -7.01
C TYR JB 140 3.89 71.05 -5.88
N SER JB 141 4.44 71.87 -4.97
CA SER JB 141 3.64 72.50 -3.92
C SER JB 141 3.55 74.01 -4.10
N LEU JB 142 2.34 74.53 -4.28
CA LEU JB 142 2.06 75.95 -4.21
C LEU JB 142 1.60 76.35 -2.82
N THR JB 143 2.02 77.52 -2.36
CA THR JB 143 1.43 78.18 -1.19
C THR JB 143 1.15 79.62 -1.57
N GLY JB 144 -0.02 80.13 -1.19
CA GLY JB 144 -0.44 81.44 -1.62
C GLY JB 144 -1.49 82.07 -0.71
N SER JB 145 -1.79 83.35 -0.96
CA SER JB 145 -2.80 84.07 -0.19
C SER JB 145 -3.84 84.65 -1.15
N GLY JB 146 -5.09 84.23 -0.98
CA GLY JB 146 -6.23 84.91 -1.58
C GLY JB 146 -6.67 86.10 -0.73
N ARG JB 147 -7.39 87.03 -1.34
CA ARG JB 147 -7.88 88.21 -0.64
C ARG JB 147 -9.09 87.89 0.23
N SER JB 148 -10.03 87.13 -0.31
CA SER JB 148 -11.25 86.78 0.41
C SER JB 148 -11.94 85.57 -0.23
N VAL JB 149 -12.84 84.92 0.54
CA VAL JB 149 -13.74 83.90 0.03
C VAL JB 149 -14.93 84.59 -0.59
N THR JB 150 -15.11 84.46 -1.91
CA THR JB 150 -16.20 85.14 -2.59
C THR JB 150 -17.48 84.34 -2.58
N ASN JB 151 -17.38 83.02 -2.44
CA ASN JB 151 -18.55 82.15 -2.32
C ASN JB 151 -18.21 80.95 -1.45
N LEU JB 152 -19.16 80.56 -0.60
CA LEU JB 152 -19.18 79.27 0.06
C LEU JB 152 -20.63 78.84 0.22
N ALA JB 153 -21.10 77.95 -0.66
CA ALA JB 153 -22.48 77.52 -0.58
C ALA JB 153 -22.69 76.12 -1.16
N ASP JB 154 -23.84 75.53 -0.85
CA ASP JB 154 -24.31 74.35 -1.53
C ASP JB 154 -24.82 74.74 -2.92
N THR JB 155 -24.14 74.28 -3.98
CA THR JB 155 -24.50 74.56 -5.36
C THR JB 155 -25.31 73.45 -6.02
N SER JB 156 -25.73 72.43 -5.25
CA SER JB 156 -26.67 71.43 -5.75
C SER JB 156 -28.05 72.04 -6.05
N GLY JB 157 -28.64 71.59 -7.17
CA GLY JB 157 -29.86 72.17 -7.73
C GLY JB 157 -31.07 71.93 -6.84
N ALA KB 2 -4.53 75.77 -25.88
CA ALA KB 2 -3.24 75.59 -25.16
C ALA KB 2 -2.96 74.10 -24.95
N THR KB 3 -1.70 73.78 -24.64
CA THR KB 3 -1.21 72.45 -24.33
C THR KB 3 -1.79 71.97 -23.00
N SER KB 4 -2.31 70.72 -22.97
CA SER KB 4 -2.88 70.11 -21.77
C SER KB 4 -1.81 69.90 -20.69
N PRO KB 5 -2.15 70.02 -19.39
CA PRO KB 5 -1.22 69.63 -18.33
C PRO KB 5 -0.94 68.14 -18.42
N GLU KB 6 0.27 67.76 -17.98
CA GLU KB 6 0.70 66.37 -18.04
C GLU KB 6 1.70 66.07 -16.92
N GLY KB 7 1.73 64.82 -16.47
CA GLY KB 7 2.73 64.42 -15.49
C GLY KB 7 4.13 64.49 -16.08
N ILE KB 8 5.14 64.69 -15.22
CA ILE KB 8 6.51 64.67 -15.67
C ILE KB 8 7.26 63.67 -14.81
N TRP KB 9 8.09 62.85 -15.48
CA TRP KB 9 8.78 61.78 -14.81
C TRP KB 9 10.23 62.19 -14.55
N SER KB 10 10.66 62.16 -13.28
CA SER KB 10 11.87 62.88 -12.90
C SER KB 10 13.10 62.34 -13.61
N ASN KB 11 13.17 61.02 -13.75
CA ASN KB 11 14.34 60.38 -14.32
C ASN KB 11 14.53 60.71 -15.80
N SER KB 12 13.54 61.33 -16.47
CA SER KB 12 13.69 61.77 -17.85
C SER KB 12 14.45 63.09 -18.00
N GLY KB 13 14.76 63.77 -16.89
CA GLY KB 13 15.38 65.08 -16.91
C GLY KB 13 16.85 65.08 -17.36
N ALA KB 14 17.18 66.06 -18.20
CA ALA KB 14 18.52 66.32 -18.67
C ALA KB 14 18.98 67.71 -18.18
N LEU KB 15 19.77 67.73 -17.10
CA LEU KB 15 20.32 68.96 -16.54
C LEU KB 15 21.74 69.20 -17.05
N THR KB 16 22.06 70.44 -17.44
CA THR KB 16 23.41 70.82 -17.86
C THR KB 16 23.75 72.24 -17.41
N PHE KB 17 25.04 72.50 -17.14
CA PHE KB 17 25.52 73.81 -16.76
C PHE KB 17 26.45 74.37 -17.85
N GLU KB 18 26.43 75.69 -18.01
CA GLU KB 18 27.31 76.36 -18.95
C GLU KB 18 28.06 77.50 -18.26
N ASP KB 19 29.31 77.72 -18.67
CA ASP KB 19 30.03 78.92 -18.32
C ASP KB 19 29.48 80.08 -19.16
N PRO KB 20 28.88 81.13 -18.56
CA PRO KB 20 28.26 82.21 -19.33
C PRO KB 20 29.25 83.06 -20.11
N ALA KB 21 30.57 82.89 -19.91
CA ALA KB 21 31.57 83.55 -20.73
C ALA KB 21 31.55 83.07 -22.19
N ASP KB 22 31.40 81.74 -22.37
CA ASP KB 22 31.55 81.08 -23.66
C ASP KB 22 30.30 80.31 -24.10
N ASP KB 23 29.37 80.08 -23.18
CA ASP KB 23 28.30 79.09 -23.34
C ASP KB 23 28.88 77.67 -23.53
N SER KB 24 30.13 77.44 -23.09
CA SER KB 24 30.72 76.11 -23.05
C SER KB 24 30.13 75.30 -21.89
N GLU KB 25 29.89 74.00 -22.13
CA GLU KB 25 29.37 73.14 -21.09
C GLU KB 25 30.41 72.91 -20.00
N ILE KB 26 29.95 72.84 -18.75
CA ILE KB 26 30.72 72.37 -17.61
C ILE KB 26 30.22 70.96 -17.26
N LEU KB 27 31.14 70.00 -17.17
CA LEU KB 27 30.79 68.60 -16.95
C LEU KB 27 30.10 68.43 -15.60
N PHE KB 28 28.88 67.91 -15.64
CA PHE KB 28 28.12 67.62 -14.45
C PHE KB 28 27.15 66.49 -14.78
N ALA KB 29 26.97 65.56 -13.82
CA ALA KB 29 26.20 64.37 -14.12
C ALA KB 29 25.66 63.71 -12.85
N GLY KB 30 24.70 62.81 -13.01
CA GLY KB 30 24.36 61.93 -11.91
C GLY KB 30 23.44 62.60 -10.89
N VAL KB 31 22.57 63.48 -11.34
CA VAL KB 31 21.57 64.02 -10.42
C VAL KB 31 20.70 62.90 -9.85
N ARG KB 32 20.17 63.16 -8.64
CA ARG KB 32 19.20 62.32 -7.97
C ARG KB 32 17.99 63.15 -7.56
N ASP KB 33 18.19 64.43 -7.24
CA ASP KB 33 17.10 65.37 -7.06
C ASP KB 33 17.42 66.69 -7.77
N VAL KB 34 16.40 67.39 -8.29
CA VAL KB 34 16.55 68.74 -8.81
C VAL KB 34 15.29 69.54 -8.55
N THR KB 35 15.39 70.59 -7.72
CA THR KB 35 14.29 71.55 -7.54
C THR KB 35 14.70 72.93 -8.06
N ILE KB 36 13.86 73.55 -8.89
CA ILE KB 36 14.04 74.93 -9.31
C ILE KB 36 12.74 75.69 -9.05
N THR KB 37 12.83 76.76 -8.25
CA THR KB 37 11.68 77.54 -7.79
C THR KB 37 11.97 79.03 -7.94
N PRO KB 38 11.54 79.69 -9.03
CA PRO KB 38 11.52 81.15 -9.08
C PRO KB 38 10.61 81.68 -7.99
N ALA KB 39 11.07 82.74 -7.32
CA ALA KB 39 10.42 83.30 -6.16
C ALA KB 39 10.46 84.83 -6.17
N TYR KB 40 9.54 85.43 -5.43
CA TYR KB 40 9.60 86.84 -5.11
C TYR KB 40 9.15 87.05 -3.69
N GLU KB 41 9.60 88.16 -3.09
CA GLU KB 41 9.00 88.62 -1.85
C GLU KB 41 7.69 89.32 -2.14
N HIS KB 42 6.68 89.08 -1.30
CA HIS KB 42 5.40 89.77 -1.41
C HIS KB 42 5.20 90.73 -0.23
N ALA KB 43 4.90 91.99 -0.55
CA ALA KB 43 4.40 92.93 0.43
C ALA KB 43 2.91 93.13 0.23
N GLU KB 44 2.13 92.90 1.30
CA GLU KB 44 0.67 93.08 1.28
C GLU KB 44 0.34 94.36 2.06
N LEU KB 45 -0.47 95.25 1.50
CA LEU KB 45 -0.86 96.46 2.21
C LEU KB 45 -2.18 96.26 2.96
N TYR KB 46 -2.19 96.65 4.25
CA TYR KB 46 -3.41 96.74 5.01
C TYR KB 46 -3.48 98.07 5.75
N THR KB 47 -4.69 98.60 5.86
CA THR KB 47 -4.93 99.88 6.53
C THR KB 47 -6.27 99.82 7.27
N ILE KB 48 -6.54 100.77 8.15
CA ILE KB 48 -7.73 100.76 9.00
C ILE KB 48 -9.02 100.82 8.19
N ASP KB 49 -8.94 101.20 6.90
CA ASP KB 49 -10.12 101.26 6.05
C ASP KB 49 -10.81 99.91 5.89
N SER KB 50 -10.08 98.80 5.97
CA SER KB 50 -10.61 97.46 5.70
C SER KB 50 -9.85 96.34 6.42
N THR KB 51 -10.55 95.22 6.67
CA THR KB 51 -9.90 94.01 7.11
C THR KB 51 -9.29 93.25 5.92
N PHE KB 52 -9.79 93.52 4.71
CA PHE KB 52 -9.27 92.88 3.51
C PHE KB 52 -8.03 93.60 3.02
N ARG KB 53 -7.19 92.86 2.32
CA ARG KB 53 -5.96 93.36 1.73
C ARG KB 53 -6.26 94.48 0.73
N ASP KB 54 -5.54 95.60 0.83
CA ASP KB 54 -5.65 96.72 -0.09
C ASP KB 54 -4.92 96.43 -1.40
N GLU KB 55 -3.66 95.94 -1.29
CA GLU KB 55 -2.78 95.69 -2.43
C GLU KB 55 -1.77 94.58 -2.14
N VAL KB 56 -1.13 94.05 -3.19
CA VAL KB 56 0.02 93.16 -3.05
C VAL KB 56 1.01 93.35 -4.20
N LYS KB 57 2.32 93.31 -3.91
CA LYS KB 57 3.36 93.60 -4.90
C LYS KB 57 4.59 92.69 -4.73
N ARG KB 58 5.35 92.47 -5.81
CA ARG KB 58 6.55 91.64 -5.88
C ARG KB 58 7.84 92.46 -5.75
N TYR KB 59 8.88 91.90 -5.09
CA TYR KB 59 10.24 92.42 -5.14
C TYR KB 59 11.23 91.30 -4.84
N GLU KB 60 12.55 91.58 -4.93
CA GLU KB 60 13.62 90.60 -4.70
C GLU KB 60 13.34 89.27 -5.40
N HIS KB 61 13.33 89.30 -6.75
CA HIS KB 61 13.29 88.06 -7.47
C HIS KB 61 14.58 87.27 -7.27
N ASN KB 62 14.42 85.96 -7.11
CA ASN KB 62 15.53 85.02 -7.21
C ASN KB 62 14.99 83.68 -7.69
N VAL KB 63 15.87 82.81 -8.18
CA VAL KB 63 15.48 81.44 -8.49
C VAL KB 63 16.19 80.51 -7.53
N ASN KB 64 15.46 79.87 -6.63
CA ASN KB 64 16.04 78.87 -5.75
C ASN KB 64 16.33 77.61 -6.54
N VAL KB 65 17.60 77.29 -6.71
CA VAL KB 65 18.06 76.06 -7.32
C VAL KB 65 18.62 75.19 -6.22
N GLU KB 66 18.15 73.96 -6.09
CA GLU KB 66 18.85 72.98 -5.29
C GLU KB 66 18.91 71.62 -5.99
N ILE KB 67 20.08 71.00 -5.90
CA ILE KB 67 20.40 69.81 -6.67
C ILE KB 67 21.03 68.81 -5.72
N THR KB 68 20.60 67.56 -5.80
CA THR KB 68 21.36 66.48 -5.17
C THR KB 68 21.89 65.58 -6.27
N TYR KB 69 23.18 65.25 -6.20
CA TYR KB 69 23.82 64.48 -7.25
C TYR KB 69 24.88 63.53 -6.66
N ALA KB 70 25.31 62.51 -7.42
CA ALA KB 70 26.15 61.48 -6.85
C ALA KB 70 27.35 61.10 -7.72
N LYS KB 71 27.57 61.79 -8.83
CA LYS KB 71 28.83 61.69 -9.56
C LYS KB 71 29.60 62.99 -9.34
N PHE KB 72 30.80 62.91 -8.76
CA PHE KB 72 31.56 64.11 -8.48
C PHE KB 72 32.16 64.65 -9.78
N SER KB 73 32.23 65.98 -9.91
CA SER KB 73 32.88 66.59 -11.04
C SER KB 73 34.05 67.47 -10.60
N LEU KB 74 35.26 67.14 -11.04
CA LEU KB 74 36.40 68.00 -10.77
C LEU KB 74 36.26 69.32 -11.50
N GLU KB 75 35.75 69.33 -12.73
CA GLU KB 75 35.59 70.58 -13.46
C GLU KB 75 34.65 71.51 -12.70
N PHE KB 76 33.48 71.02 -12.28
CA PHE KB 76 32.53 71.87 -11.59
C PHE KB 76 33.10 72.44 -10.29
N ALA KB 77 33.82 71.62 -9.52
CA ALA KB 77 34.42 72.08 -8.29
C ALA KB 77 35.53 73.10 -8.53
N GLN KB 78 36.42 72.85 -9.50
CA GLN KB 78 37.52 73.75 -9.78
C GLN KB 78 37.07 75.04 -10.45
N GLU KB 79 35.96 75.01 -11.19
CA GLU KB 79 35.28 76.21 -11.66
C GLU KB 79 34.73 77.02 -10.50
N TRP KB 80 34.04 76.38 -9.56
CA TRP KB 80 33.50 77.08 -8.39
C TRP KB 80 34.59 77.74 -7.56
N LEU KB 81 35.72 77.05 -7.33
CA LEU KB 81 36.82 77.64 -6.59
C LEU KB 81 37.37 78.87 -7.28
N GLY KB 82 37.53 78.79 -8.60
CA GLY KB 82 38.22 79.83 -9.38
C GLY KB 82 37.45 81.13 -9.56
N GLY KB 83 36.12 81.12 -9.45
CA GLY KB 83 35.32 82.30 -9.74
C GLY KB 83 35.16 82.53 -11.25
N PRO KB 84 34.57 83.66 -11.68
CA PRO KB 84 34.27 83.92 -13.08
C PRO KB 84 35.47 83.85 -14.02
N GLY KB 85 35.31 83.00 -15.05
CA GLY KB 85 36.26 82.82 -16.13
C GLY KB 85 37.63 82.28 -15.72
N ALA KB 86 37.71 81.60 -14.57
CA ALA KB 86 38.96 80.99 -14.12
C ALA KB 86 38.71 79.65 -13.41
N THR KB 87 39.69 78.75 -13.54
CA THR KB 87 39.69 77.45 -12.86
C THR KB 87 40.81 77.43 -11.83
N ALA KB 88 40.54 76.88 -10.64
CA ALA KB 88 41.52 76.87 -9.55
C ALA KB 88 41.53 75.55 -8.79
N THR KB 89 42.71 75.18 -8.27
CA THR KB 89 42.88 73.94 -7.51
C THR KB 89 42.90 74.18 -6.00
N ALA KB 90 42.59 75.42 -5.57
CA ALA KB 90 42.61 75.82 -4.15
C ALA KB 90 41.67 76.99 -3.94
N SER KB 91 41.23 77.22 -2.70
CA SER KB 91 40.44 78.39 -2.34
C SER KB 91 41.09 79.67 -2.87
N GLN KB 92 40.29 80.58 -3.47
CA GLN KB 92 40.81 81.87 -3.89
C GLN KB 92 40.34 82.97 -2.95
N ASP KB 93 41.25 83.87 -2.57
CA ASP KB 93 40.91 85.04 -1.79
C ASP KB 93 40.46 86.19 -2.72
N ASP KB 94 39.25 86.06 -3.29
CA ASP KB 94 38.63 87.13 -4.06
C ASP KB 94 37.09 87.07 -3.99
N SER KB 95 36.45 88.20 -4.33
CA SER KB 95 35.07 88.47 -3.94
C SER KB 95 34.03 87.93 -4.94
N ASP KB 96 34.44 87.56 -6.15
CA ASP KB 96 33.49 87.20 -7.20
C ASP KB 96 33.16 85.71 -7.17
N PRO KB 97 31.89 85.31 -6.98
CA PRO KB 97 31.54 83.90 -7.03
C PRO KB 97 31.42 83.46 -8.48
N MET KB 98 31.68 82.18 -8.74
CA MET KB 98 31.43 81.62 -10.07
C MET KB 98 29.93 81.64 -10.37
N LYS KB 99 29.54 82.27 -11.48
CA LYS KB 99 28.16 82.30 -11.93
C LYS KB 99 27.99 81.29 -13.05
N PHE KB 100 27.10 80.32 -12.87
CA PHE KB 100 26.81 79.31 -13.86
C PHE KB 100 25.47 79.58 -14.52
N ASN KB 101 25.35 79.37 -15.82
CA ASN KB 101 24.04 79.23 -16.43
C ASN KB 101 23.60 77.78 -16.30
N LEU KB 102 22.30 77.56 -16.19
CA LEU KB 102 21.77 76.23 -15.97
C LEU KB 102 20.59 76.01 -16.91
N GLU KB 103 20.54 74.83 -17.53
CA GLU KB 103 19.37 74.43 -18.29
C GLU KB 103 18.96 73.01 -17.93
N ASN KB 104 17.66 72.79 -17.76
CA ASN KB 104 17.08 71.47 -17.56
C ASN KB 104 16.05 71.21 -18.65
N VAL KB 105 16.10 70.04 -19.28
CA VAL KB 105 15.15 69.67 -20.32
C VAL KB 105 14.43 68.38 -19.93
N THR KB 106 13.13 68.31 -20.21
CA THR KB 106 12.27 67.28 -19.64
C THR KB 106 11.05 67.00 -20.53
N PRO KB 107 10.98 65.83 -21.20
CA PRO KB 107 9.76 65.41 -21.86
C PRO KB 107 8.68 65.22 -20.80
N SER KB 108 7.43 65.56 -21.16
CA SER KB 108 6.28 65.17 -20.36
C SER KB 108 6.06 63.66 -20.49
N ALA KB 109 5.34 63.07 -19.53
CA ALA KB 109 5.30 61.62 -19.38
C ALA KB 109 4.70 60.89 -20.58
N SER KB 110 3.68 61.47 -21.24
CA SER KB 110 3.09 60.93 -22.47
C SER KB 110 3.60 61.64 -23.74
N GLY KB 111 4.71 62.39 -23.66
CA GLY KB 111 5.31 63.07 -24.80
C GLY KB 111 4.48 64.24 -25.36
N GLY KB 112 3.49 64.75 -24.60
CA GLY KB 112 2.66 65.88 -25.00
C GLY KB 112 3.43 67.19 -25.21
N PHE KB 113 4.55 67.39 -24.50
CA PHE KB 113 5.41 68.55 -24.63
C PHE KB 113 6.83 68.28 -24.12
N GLU KB 114 7.76 69.18 -24.44
CA GLU KB 114 9.10 69.09 -23.89
C GLU KB 114 9.40 70.36 -23.09
N ARG KB 115 9.26 70.32 -21.77
CA ARG KB 115 9.53 71.48 -20.94
C ARG KB 115 11.04 71.70 -20.86
N THR KB 116 11.49 72.89 -21.30
CA THR KB 116 12.84 73.37 -21.03
C THR KB 116 12.81 74.51 -20.04
N THR KB 117 13.56 74.41 -18.93
CA THR KB 117 13.76 75.47 -17.96
C THR KB 117 15.20 75.96 -18.05
N ALA KB 118 15.41 77.28 -18.18
CA ALA KB 118 16.75 77.86 -18.17
C ALA KB 118 16.86 78.99 -17.15
N VAL KB 119 17.96 78.99 -16.39
CA VAL KB 119 18.19 79.95 -15.30
C VAL KB 119 19.54 80.62 -15.51
N GLU KB 120 19.62 81.96 -15.44
CA GLU KB 120 20.90 82.63 -15.54
C GLU KB 120 21.58 82.83 -14.19
N ASN KB 121 22.92 82.85 -14.20
CA ASN KB 121 23.74 83.29 -13.09
C ASN KB 121 23.35 82.66 -11.76
N VAL KB 122 23.27 81.33 -11.72
CA VAL KB 122 23.18 80.59 -10.47
C VAL KB 122 24.53 80.69 -9.76
N VAL KB 123 24.50 81.03 -8.47
CA VAL KB 123 25.68 80.93 -7.62
C VAL KB 123 25.35 80.07 -6.40
N PHE KB 124 26.36 79.33 -5.92
CA PHE KB 124 26.16 78.44 -4.80
C PHE KB 124 27.05 78.88 -3.65
N PRO KB 125 26.50 79.33 -2.49
CA PRO KB 125 27.30 79.82 -1.39
C PRO KB 125 28.30 78.80 -0.85
N GLU KB 126 27.96 77.51 -0.92
CA GLU KB 126 28.88 76.49 -0.43
C GLU KB 126 28.86 75.25 -1.32
N LEU KB 127 30.03 74.63 -1.45
CA LEU KB 127 30.25 73.53 -2.37
C LEU KB 127 30.72 72.31 -1.57
N PRO KB 128 30.01 71.17 -1.58
CA PRO KB 128 30.45 70.01 -0.84
C PRO KB 128 31.55 69.30 -1.64
N LEU KB 129 32.76 69.27 -1.10
CA LEU KB 129 33.86 68.61 -1.79
C LEU KB 129 33.88 67.12 -1.47
N ASP KB 130 33.66 66.77 -0.20
CA ASP KB 130 33.56 65.37 0.22
C ASP KB 130 32.26 65.21 0.99
N SER KB 131 31.57 64.08 0.76
CA SER KB 131 30.28 63.80 1.36
C SER KB 131 30.16 62.29 1.66
N ALA KB 132 31.20 61.74 2.29
CA ALA KB 132 31.37 60.33 2.52
C ALA KB 132 30.56 59.88 3.73
N THR KB 133 29.92 58.72 3.56
CA THR KB 133 29.14 58.04 4.60
C THR KB 133 29.38 56.54 4.45
N TYR KB 134 29.58 55.84 5.58
CA TYR KB 134 29.91 54.43 5.58
C TYR KB 134 28.84 53.60 4.85
N GLY KB 135 29.26 52.81 3.86
CA GLY KB 135 28.35 51.95 3.12
C GLY KB 135 27.53 52.68 2.06
N GLU KB 136 27.92 53.91 1.67
CA GLU KB 136 27.16 54.66 0.68
C GLU KB 136 28.07 55.31 -0.37
N TYR KB 137 27.50 55.55 -1.55
CA TYR KB 137 28.19 56.43 -2.49
C TYR KB 137 28.12 57.86 -1.97
N GLU KB 138 29.15 58.67 -2.23
CA GLU KB 138 29.12 60.06 -1.77
C GLU KB 138 27.99 60.78 -2.47
N GLU KB 139 27.09 61.41 -1.71
CA GLU KB 139 25.95 62.12 -2.30
C GLU KB 139 26.03 63.59 -1.92
N TYR KB 140 26.03 64.47 -2.93
CA TYR KB 140 26.38 65.87 -2.78
C TYR KB 140 25.13 66.73 -2.94
N SER KB 141 24.88 67.65 -1.98
CA SER KB 141 23.77 68.58 -2.12
C SER KB 141 24.26 70.01 -2.31
N LEU KB 142 23.76 70.67 -3.36
CA LEU KB 142 23.98 72.08 -3.62
C LEU KB 142 22.69 72.86 -3.37
N THR KB 143 22.82 74.07 -2.84
CA THR KB 143 21.75 75.05 -2.85
C THR KB 143 22.30 76.37 -3.36
N GLY KB 144 21.57 77.06 -4.24
CA GLY KB 144 22.06 78.28 -4.85
C GLY KB 144 20.93 79.18 -5.34
N SER KB 145 21.29 80.39 -5.73
CA SER KB 145 20.33 81.40 -6.17
C SER KB 145 20.66 81.87 -7.58
N GLY KB 146 19.73 81.70 -8.51
CA GLY KB 146 19.82 82.23 -9.85
C GLY KB 146 19.21 83.63 -9.91
N ARG KB 147 19.65 84.43 -10.89
CA ARG KB 147 19.14 85.79 -11.02
C ARG KB 147 17.73 85.81 -11.62
N SER KB 148 17.49 85.01 -12.64
CA SER KB 148 16.19 84.96 -13.28
C SER KB 148 16.01 83.70 -14.12
N VAL KB 149 14.75 83.38 -14.46
CA VAL KB 149 14.42 82.36 -15.44
C VAL KB 149 14.50 83.02 -16.80
N THR KB 150 15.47 82.63 -17.63
CA THR KB 150 15.63 83.23 -18.94
C THR KB 150 14.72 82.59 -19.99
N ASN KB 151 14.36 81.32 -19.78
CA ASN KB 151 13.42 80.64 -20.65
C ASN KB 151 12.66 79.56 -19.90
N LEU KB 152 11.37 79.43 -20.26
CA LEU KB 152 10.49 78.34 -19.86
C LEU KB 152 9.49 78.15 -20.98
N ALA KB 153 9.68 77.08 -21.77
CA ALA KB 153 8.91 76.88 -22.98
C ALA KB 153 8.75 75.39 -23.29
N ASP KB 154 7.76 75.07 -24.14
CA ASP KB 154 7.68 73.77 -24.78
C ASP KB 154 8.60 73.81 -26.00
N THR KB 155 9.73 73.11 -25.92
CA THR KB 155 10.75 73.14 -26.97
C THR KB 155 10.61 72.00 -27.97
N SER KB 156 9.51 71.23 -27.91
CA SER KB 156 9.20 70.25 -28.94
C SER KB 156 9.05 70.93 -30.31
N GLY KB 157 9.51 70.23 -31.38
CA GLY KB 157 9.75 70.80 -32.70
C GLY KB 157 8.50 71.43 -33.29
N ALA LB 2 39.17 67.34 -20.13
CA ALA LB 2 38.62 67.27 -18.74
C ALA LB 2 38.11 65.85 -18.47
N THR LB 3 38.25 65.39 -17.22
CA THR LB 3 37.88 64.02 -16.84
C THR LB 3 36.38 63.91 -16.64
N SER LB 4 35.74 62.85 -17.18
CA SER LB 4 34.29 62.65 -17.05
C SER LB 4 33.86 62.53 -15.58
N PRO LB 5 32.71 63.11 -15.14
CA PRO LB 5 32.23 62.92 -13.78
C PRO LB 5 31.99 61.44 -13.49
N GLU LB 6 32.27 61.06 -12.24
CA GLU LB 6 32.23 59.66 -11.85
C GLU LB 6 31.79 59.53 -10.39
N GLY LB 7 31.13 58.40 -10.06
CA GLY LB 7 30.72 58.18 -8.69
C GLY LB 7 31.93 57.95 -7.77
N ILE LB 8 31.75 58.19 -6.46
CA ILE LB 8 32.78 57.90 -5.49
C ILE LB 8 32.18 57.08 -4.36
N TRP LB 9 32.91 56.04 -3.96
CA TRP LB 9 32.46 55.12 -2.96
C TRP LB 9 33.08 55.48 -1.62
N SER LB 10 32.27 55.70 -0.58
CA SER LB 10 32.75 56.38 0.61
C SER LB 10 33.86 55.60 1.27
N ASN LB 11 33.71 54.28 1.32
CA ASN LB 11 34.61 53.40 2.05
C ASN LB 11 36.01 53.34 1.45
N SER LB 12 36.26 54.00 0.32
CA SER LB 12 37.60 54.06 -0.27
C SER LB 12 38.45 55.20 0.28
N GLY LB 13 37.90 56.12 1.09
CA GLY LB 13 38.57 57.33 1.52
C GLY LB 13 39.71 57.11 2.53
N ALA LB 14 40.87 57.72 2.26
CA ALA LB 14 42.01 57.76 3.16
C ALA LB 14 42.18 59.16 3.77
N LEU LB 15 41.49 59.41 4.90
CA LEU LB 15 41.67 60.63 5.67
C LEU LB 15 42.98 60.59 6.48
N THR LB 16 43.74 61.69 6.49
CA THR LB 16 44.95 61.84 7.30
C THR LB 16 45.04 63.25 7.92
N PHE LB 17 45.50 63.35 9.17
CA PHE LB 17 45.76 64.63 9.83
C PHE LB 17 47.26 64.85 10.02
N GLU LB 18 47.71 66.08 9.79
CA GLU LB 18 49.12 66.42 10.00
C GLU LB 18 49.25 67.69 10.84
N ASP LB 19 50.27 67.72 11.70
CA ASP LB 19 50.64 68.91 12.44
C ASP LB 19 51.31 69.90 11.49
N PRO LB 20 50.75 71.11 11.25
CA PRO LB 20 51.32 72.06 10.31
C PRO LB 20 52.68 72.60 10.70
N ALA LB 21 53.15 72.35 11.92
CA ALA LB 21 54.51 72.71 12.32
C ALA LB 21 55.56 71.78 11.69
N ASP LB 22 55.17 70.54 11.36
CA ASP LB 22 56.11 69.48 11.00
C ASP LB 22 55.80 68.83 9.65
N ASP LB 23 54.52 68.82 9.27
CA ASP LB 23 53.96 67.87 8.32
C ASP LB 23 54.14 66.42 8.83
N SER LB 24 54.27 66.23 10.16
CA SER LB 24 54.23 64.93 10.81
C SER LB 24 52.78 64.48 10.99
N GLU LB 25 52.52 63.18 10.83
CA GLU LB 25 51.16 62.67 10.95
C GLU LB 25 50.75 62.59 12.42
N ILE LB 26 49.46 62.87 12.68
CA ILE LB 26 48.80 62.63 13.94
C ILE LB 26 47.90 61.42 13.74
N LEU LB 27 48.08 60.34 14.50
CA LEU LB 27 47.39 59.09 14.24
C LEU LB 27 45.88 59.27 14.45
N PHE LB 28 45.12 58.98 13.39
CA PHE LB 28 43.67 59.09 13.43
C PHE LB 28 43.09 58.05 12.48
N ALA LB 29 42.01 57.37 12.92
CA ALA LB 29 41.51 56.25 12.15
C ALA LB 29 40.03 55.96 12.41
N GLY LB 30 39.45 55.07 11.61
CA GLY LB 30 38.14 54.55 11.93
C GLY LB 30 37.00 55.49 11.58
N VAL LB 31 37.15 56.30 10.54
CA VAL LB 31 36.06 57.18 10.13
C VAL LB 31 34.84 56.37 9.68
N ARG LB 32 33.67 57.02 9.76
CA ARG LB 32 32.40 56.50 9.29
C ARG LB 32 31.63 57.54 8.48
N ASP LB 33 31.75 58.82 8.83
CA ASP LB 33 31.33 59.90 7.95
C ASP LB 33 32.42 60.95 7.85
N VAL LB 34 32.55 61.58 6.65
CA VAL LB 34 33.48 62.69 6.44
C VAL LB 34 32.86 63.68 5.47
N THR LB 35 32.50 64.87 5.97
CA THR LB 35 32.03 65.96 5.14
C THR LB 35 33.06 67.09 5.12
N ILE LB 36 33.41 67.55 3.92
CA ILE LB 36 34.23 68.73 3.73
C ILE LB 36 33.51 69.65 2.76
N THR LB 37 33.20 70.87 3.22
CA THR LB 37 32.43 71.83 2.44
C THR LB 37 33.04 73.23 2.56
N PRO LB 38 33.82 73.70 1.55
CA PRO LB 38 34.16 75.11 1.47
C PRO LB 38 32.92 75.97 1.26
N ALA LB 39 32.83 77.05 2.02
CA ALA LB 39 31.69 77.94 2.02
C ALA LB 39 32.12 79.39 1.97
N TYR LB 40 31.25 80.26 1.45
CA TYR LB 40 31.42 81.68 1.64
C TYR LB 40 30.08 82.31 1.98
N GLU LB 41 30.10 83.35 2.81
CA GLU LB 41 28.91 84.17 2.97
C GLU LB 41 28.63 84.94 1.70
N HIS LB 42 27.37 84.98 1.23
CA HIS LB 42 27.01 85.75 0.04
C HIS LB 42 26.18 86.98 0.38
N ALA LB 43 26.54 88.10 -0.24
CA ALA LB 43 25.76 89.33 -0.17
C ALA LB 43 25.21 89.66 -1.54
N GLU LB 44 23.88 89.86 -1.64
CA GLU LB 44 23.21 90.17 -2.90
C GLU LB 44 22.69 91.60 -2.85
N LEU LB 45 22.99 92.41 -3.88
CA LEU LB 45 22.56 93.79 -3.92
C LEU LB 45 21.21 93.91 -4.64
N TYR LB 46 20.28 94.63 -4.02
CA TYR LB 46 19.04 94.99 -4.67
C TYR LB 46 18.72 96.46 -4.40
N THR LB 47 18.06 97.08 -5.38
CA THR LB 47 17.70 98.49 -5.33
C THR LB 47 16.34 98.72 -6.00
N ILE LB 48 15.78 99.92 -5.88
CA ILE LB 48 14.47 100.23 -6.44
C ILE LB 48 14.47 100.10 -7.97
N ASP LB 49 15.65 100.11 -8.61
CA ASP LB 49 15.75 100.14 -10.06
C ASP LB 49 15.16 98.88 -10.70
N SER LB 50 15.30 97.73 -10.03
CA SER LB 50 14.91 96.44 -10.57
C SER LB 50 14.46 95.47 -9.48
N THR LB 51 13.55 94.57 -9.84
CA THR LB 51 13.21 93.46 -8.97
C THR LB 51 14.30 92.39 -8.99
N PHE LB 52 15.13 92.36 -10.04
CA PHE LB 52 16.23 91.40 -10.15
C PHE LB 52 17.44 91.85 -9.33
N ARG LB 53 18.31 90.89 -9.06
CA ARG LB 53 19.55 91.09 -8.34
C ARG LB 53 20.52 91.93 -9.17
N ASP LB 54 21.10 92.97 -8.55
CA ASP LB 54 22.06 93.85 -9.20
C ASP LB 54 23.45 93.23 -9.17
N GLU LB 55 23.85 92.65 -8.03
CA GLU LB 55 25.17 92.06 -7.84
C GLU LB 55 25.15 90.91 -6.82
N VAL LB 56 26.19 90.07 -6.85
CA VAL LB 56 26.43 89.15 -5.75
C VAL LB 56 27.93 89.01 -5.50
N LYS LB 57 28.31 88.88 -4.21
CA LYS LB 57 29.70 88.85 -3.79
C LYS LB 57 29.92 87.83 -2.68
N ARG LB 58 31.17 87.35 -2.53
CA ARG LB 58 31.62 86.42 -1.50
C ARG LB 58 32.44 87.13 -0.41
N TYR LB 59 32.25 86.76 0.87
CA TYR LB 59 33.11 87.30 1.91
C TYR LB 59 33.65 86.24 2.86
N GLU LB 60 33.08 86.01 4.04
CA GLU LB 60 33.73 85.15 5.04
C GLU LB 60 33.91 83.72 4.51
N HIS LB 61 35.14 83.36 4.15
CA HIS LB 61 35.41 82.01 3.73
C HIS LB 61 35.78 81.14 4.93
N ASN LB 62 35.24 79.91 4.93
CA ASN LB 62 35.69 78.87 5.84
C ASN LB 62 35.45 77.53 5.17
N VAL LB 63 36.13 76.47 5.64
CA VAL LB 63 35.83 75.13 5.19
C VAL LB 63 35.17 74.39 6.33
N ASN LB 64 33.88 74.07 6.22
CA ASN LB 64 33.22 73.25 7.21
C ASN LB 64 33.73 71.82 7.09
N VAL LB 65 34.39 71.33 8.13
CA VAL LB 65 34.80 69.95 8.25
C VAL LB 65 33.98 69.30 9.34
N GLU LB 66 33.32 68.18 9.04
CA GLU LB 66 32.78 67.36 10.10
C GLU LB 66 32.98 65.88 9.85
N ILE LB 67 33.37 65.17 10.90
CA ILE LB 67 33.84 63.81 10.82
C ILE LB 67 33.16 63.01 11.93
N THR LB 68 32.57 61.86 11.59
CA THR LB 68 32.18 60.89 12.61
C THR LB 68 33.12 59.70 12.52
N TYR LB 69 33.67 59.26 13.66
CA TYR LB 69 34.66 58.21 13.66
C TYR LB 69 34.50 57.34 14.90
N ALA LB 70 35.02 56.10 14.82
CA ALA LB 70 34.70 55.08 15.80
C ALA LB 70 35.93 54.41 16.42
N LYS LB 71 37.14 54.90 16.14
CA LYS LB 71 38.34 54.48 16.85
C LYS LB 71 38.93 55.69 17.59
N PHE LB 72 39.01 55.62 18.92
CA PHE LB 72 39.54 56.74 19.68
C PHE LB 72 41.06 56.82 19.53
N SER LB 73 41.57 58.05 19.37
CA SER LB 73 43.01 58.29 19.31
C SER LB 73 43.43 59.19 20.47
N LEU LB 74 44.32 58.68 21.34
CA LEU LB 74 44.85 59.52 22.40
C LEU LB 74 45.73 60.62 21.82
N GLU LB 75 46.51 60.33 20.79
CA GLU LB 75 47.39 61.35 20.26
C GLU LB 75 46.59 62.56 19.77
N PHE LB 76 45.56 62.33 18.96
CA PHE LB 76 44.74 63.41 18.47
C PHE LB 76 44.08 64.20 19.60
N ALA LB 77 43.57 63.53 20.64
CA ALA LB 77 42.98 64.22 21.76
C ALA LB 77 44.00 65.08 22.52
N GLN LB 78 45.19 64.54 22.80
CA GLN LB 78 46.20 65.24 23.56
C GLN LB 78 46.85 66.37 22.77
N GLU LB 79 46.88 66.29 21.44
CA GLU LB 79 47.19 67.42 20.57
C GLU LB 79 46.17 68.54 20.73
N TRP LB 80 44.88 68.22 20.67
CA TRP LB 80 43.82 69.19 20.77
C TRP LB 80 43.84 69.92 22.12
N LEU LB 81 44.09 69.19 23.21
CA LEU LB 81 44.26 69.79 24.53
C LEU LB 81 45.46 70.71 24.54
N GLY LB 82 46.59 70.26 23.98
CA GLY LB 82 47.86 70.96 24.09
C GLY LB 82 47.96 72.27 23.30
N GLY LB 83 47.16 72.44 22.25
CA GLY LB 83 47.26 73.61 21.39
C GLY LB 83 48.48 73.53 20.47
N PRO LB 84 48.77 74.57 19.66
CA PRO LB 84 49.85 74.52 18.69
C PRO LB 84 51.20 74.14 19.28
N GLY LB 85 51.83 73.17 18.62
CA GLY LB 85 53.19 72.73 18.88
C GLY LB 85 53.38 71.96 20.20
N ALA LB 86 52.28 71.54 20.86
CA ALA LB 86 52.37 70.90 22.16
C ALA LB 86 51.36 69.77 22.35
N THR LB 87 51.62 68.92 23.34
CA THR LB 87 50.75 67.82 23.74
C THR LB 87 50.52 67.89 25.24
N ALA LB 88 49.26 67.67 25.68
CA ALA LB 88 48.92 67.79 27.08
C ALA LB 88 47.93 66.72 27.52
N THR LB 89 48.06 66.31 28.79
CA THR LB 89 47.18 65.31 29.38
C THR LB 89 46.01 65.94 30.15
N ALA LB 90 45.84 67.27 30.05
CA ALA LB 90 44.81 68.01 30.78
C ALA LB 90 44.50 69.29 30.03
N SER LB 91 43.34 69.90 30.30
CA SER LB 91 42.93 71.18 29.74
C SER LB 91 44.05 72.21 29.94
N GLN LB 92 44.35 72.99 28.89
CA GLN LB 92 45.31 74.07 28.98
C GLN LB 92 44.59 75.41 29.05
N ASP LB 93 45.06 76.29 29.94
CA ASP LB 93 44.51 77.63 30.06
C ASP LB 93 45.24 78.58 29.12
N ASP LB 94 44.93 78.51 27.81
CA ASP LB 94 45.49 79.42 26.82
C ASP LB 94 44.56 79.65 25.63
N SER LB 95 44.88 80.67 24.83
CA SER LB 95 43.99 81.18 23.82
C SER LB 95 44.16 80.56 22.43
N ASP LB 96 45.27 79.86 22.14
CA ASP LB 96 45.52 79.29 20.82
C ASP LB 96 44.93 77.89 20.67
N PRO LB 97 43.98 77.64 19.73
CA PRO LB 97 43.49 76.29 19.50
C PRO LB 97 44.49 75.52 18.64
N MET LB 98 44.54 74.20 18.82
CA MET LB 98 45.35 73.34 17.96
C MET LB 98 44.81 73.40 16.53
N LYS LB 99 45.69 73.76 15.59
CA LYS LB 99 45.35 73.84 14.18
C LYS LB 99 45.91 72.61 13.48
N PHE LB 100 45.04 71.86 12.79
CA PHE LB 100 45.42 70.66 12.06
C PHE LB 100 45.39 70.91 10.55
N ASN LB 101 46.38 70.43 9.82
CA ASN LB 101 46.17 70.20 8.40
C ASN LB 101 45.40 68.89 8.23
N LEU LB 102 44.59 68.82 7.19
CA LEU LB 102 43.80 67.64 6.90
C LEU LB 102 43.92 67.35 5.39
N GLU LB 103 44.01 66.07 5.05
CA GLU LB 103 43.89 65.64 3.66
C GLU LB 103 43.05 64.38 3.55
N ASN LB 104 42.24 64.30 2.50
CA ASN LB 104 41.50 63.10 2.17
C ASN LB 104 41.74 62.73 0.72
N VAL LB 105 41.93 61.44 0.47
CA VAL LB 105 42.24 60.95 -0.86
C VAL LB 105 41.29 59.79 -1.18
N THR LB 106 40.64 59.87 -2.34
CA THR LB 106 39.73 58.81 -2.78
C THR LB 106 39.95 58.49 -4.25
N PRO LB 107 40.12 57.20 -4.62
CA PRO LB 107 39.86 56.81 -5.99
C PRO LB 107 38.38 57.00 -6.29
N SER LB 108 38.06 57.38 -7.53
CA SER LB 108 36.70 57.32 -8.03
C SER LB 108 36.27 55.86 -8.23
N ALA LB 109 34.96 55.63 -8.37
CA ALA LB 109 34.40 54.29 -8.32
C ALA LB 109 34.89 53.38 -9.45
N SER LB 110 35.25 53.93 -10.62
CA SER LB 110 35.79 53.17 -11.74
C SER LB 110 37.26 53.50 -12.04
N GLY LB 111 37.95 54.16 -11.09
CA GLY LB 111 39.36 54.50 -11.21
C GLY LB 111 39.69 55.58 -12.25
N GLY LB 112 38.69 56.36 -12.70
CA GLY LB 112 38.89 57.44 -13.66
C GLY LB 112 39.78 58.58 -13.13
N PHE LB 113 39.78 58.81 -11.81
CA PHE LB 113 40.64 59.79 -11.19
C PHE LB 113 40.86 59.45 -9.72
N GLU LB 114 41.89 60.05 -9.09
CA GLU LB 114 42.04 59.97 -7.65
C GLU LB 114 41.87 61.37 -7.07
N ARG LB 115 40.67 61.70 -6.56
CA ARG LB 115 40.44 63.02 -6.01
C ARG LB 115 41.13 63.16 -4.66
N THR LB 116 42.04 64.13 -4.57
CA THR LB 116 42.63 64.55 -3.31
C THR LB 116 42.04 65.90 -2.91
N THR LB 117 41.54 66.01 -1.67
CA THR LB 117 41.09 67.25 -1.07
C THR LB 117 41.97 67.54 0.14
N ALA LB 118 42.57 68.73 0.23
CA ALA LB 118 43.38 69.10 1.39
C ALA LB 118 42.96 70.46 1.95
N VAL LB 119 42.98 70.57 3.28
CA VAL LB 119 42.41 71.70 4.00
C VAL LB 119 43.42 72.16 5.04
N GLU LB 120 43.68 73.47 5.13
CA GLU LB 120 44.62 73.99 6.13
C GLU LB 120 43.91 74.46 7.40
N ASN LB 121 44.63 74.35 8.53
CA ASN LB 121 44.32 74.99 9.78
C ASN LB 121 42.89 74.73 10.25
N VAL LB 122 42.45 73.48 10.16
CA VAL LB 122 41.19 73.06 10.75
C VAL LB 122 41.31 73.15 12.26
N VAL LB 123 40.29 73.75 12.89
CA VAL LB 123 40.17 73.79 14.34
C VAL LB 123 38.81 73.22 14.72
N PHE LB 124 38.74 72.59 15.90
CA PHE LB 124 37.50 72.01 16.40
C PHE LB 124 37.14 72.67 17.72
N PRO LB 125 36.00 73.40 17.84
CA PRO LB 125 35.65 74.07 19.09
C PRO LB 125 35.45 73.12 20.26
N GLU LB 126 34.91 71.93 20.01
CA GLU LB 126 34.71 70.94 21.05
C GLU LB 126 35.11 69.55 20.59
N LEU LB 127 35.72 68.80 21.51
CA LEU LB 127 36.24 67.46 21.26
C LEU LB 127 35.51 66.47 22.14
N PRO LB 128 34.75 65.48 21.59
CA PRO LB 128 34.17 64.44 22.43
C PRO LB 128 35.31 63.51 22.87
N LEU LB 129 35.47 63.42 24.19
CA LEU LB 129 36.43 62.49 24.77
C LEU LB 129 35.77 61.14 24.98
N ASP LB 130 34.57 61.16 25.56
CA ASP LB 130 33.79 59.95 25.81
C ASP LB 130 32.44 60.11 25.13
N SER LB 131 31.93 59.00 24.57
CA SER LB 131 30.67 59.00 23.84
C SER LB 131 30.03 57.61 23.93
N ALA LB 132 29.87 57.13 25.17
CA ALA LB 132 29.42 55.79 25.48
C ALA LB 132 27.91 55.66 25.37
N THR LB 133 27.42 54.61 24.69
CA THR LB 133 26.02 54.23 24.70
C THR LB 133 25.92 52.72 24.84
N TYR LB 134 24.98 52.27 25.68
CA TYR LB 134 24.76 50.87 26.00
C TYR LB 134 24.63 50.02 24.73
N GLY LB 135 25.46 48.98 24.61
CA GLY LB 135 25.37 48.05 23.49
C GLY LB 135 25.95 48.58 22.18
N GLU LB 136 26.73 49.67 22.23
CA GLU LB 136 27.39 50.21 21.04
C GLU LB 136 28.85 50.54 21.33
N TYR LB 137 29.64 50.59 20.26
CA TYR LB 137 30.98 51.15 20.38
C TYR LB 137 30.85 52.65 20.56
N GLU LB 138 31.83 53.26 21.25
CA GLU LB 138 31.81 54.71 21.36
C GLU LB 138 32.00 55.29 19.96
N GLU LB 139 31.21 56.32 19.64
CA GLU LB 139 31.33 56.96 18.33
C GLU LB 139 31.37 58.49 18.50
N TYR LB 140 32.33 59.12 17.83
CA TYR LB 140 32.72 60.48 18.11
C TYR LB 140 32.43 61.35 16.89
N SER LB 141 31.80 62.52 17.09
CA SER LB 141 31.63 63.49 16.02
C SER LB 141 32.45 64.76 16.26
N LEU LB 142 33.30 65.11 15.31
CA LEU LB 142 33.96 66.41 15.26
C LEU LB 142 33.24 67.34 14.29
N THR LB 143 33.16 68.61 14.66
CA THR LB 143 32.80 69.67 13.73
C THR LB 143 33.82 70.79 13.87
N GLY LB 144 34.27 71.35 12.75
CA GLY LB 144 35.34 72.32 12.76
C GLY LB 144 35.38 73.19 11.51
N SER LB 145 36.26 74.18 11.54
CA SER LB 145 36.43 75.11 10.44
C SER LB 145 37.90 75.17 10.02
N GLY LB 146 38.18 74.77 8.78
CA GLY LB 146 39.45 75.06 8.13
C GLY LB 146 39.49 76.48 7.57
N ARG LB 147 40.69 77.00 7.34
CA ARG LB 147 40.85 78.35 6.78
C ARG LB 147 40.54 78.35 5.29
N SER LB 148 41.11 77.39 4.56
CA SER LB 148 40.94 77.30 3.12
C SER LB 148 41.23 75.88 2.62
N VAL LB 149 40.78 75.58 1.39
CA VAL LB 149 41.17 74.39 0.65
C VAL LB 149 42.52 74.66 -0.02
N THR LB 150 43.57 73.94 0.37
CA THR LB 150 44.90 74.17 -0.18
C THR LB 150 45.14 73.41 -1.47
N ASN LB 151 44.46 72.27 -1.64
CA ASN LB 151 44.55 71.49 -2.87
C ASN LB 151 43.21 70.79 -3.12
N LEU LB 152 42.82 70.76 -4.40
CA LEU LB 152 41.77 69.89 -4.92
C LEU LB 152 42.12 69.52 -6.36
N ALA LB 153 42.63 68.29 -6.54
CA ALA LB 153 43.02 67.84 -7.87
C ALA LB 153 42.96 66.32 -7.99
N ASP LB 154 42.98 65.85 -9.24
CA ASP LB 154 43.27 64.46 -9.53
C ASP LB 154 44.77 64.21 -9.29
N THR LB 155 45.10 63.31 -8.35
CA THR LB 155 46.47 62.96 -8.02
C THR LB 155 46.92 61.63 -8.62
N SER LB 156 46.09 61.01 -9.47
CA SER LB 156 46.48 59.82 -10.23
C SER LB 156 47.62 60.13 -11.20
N GLY LB 157 48.49 59.13 -11.43
CA GLY LB 157 49.76 59.26 -12.15
C GLY LB 157 49.55 59.64 -13.61
N ALA MB 2 53.69 56.60 18.64
CA ALA MB 2 52.60 56.62 19.64
C ALA MB 2 51.77 55.34 19.58
N THR MB 3 50.82 55.24 20.52
CA THR MB 3 49.82 54.18 20.61
C THR MB 3 48.81 54.30 19.46
N SER MB 4 48.51 53.18 18.80
CA SER MB 4 47.57 53.13 17.67
C SER MB 4 46.14 53.44 18.12
N PRO MB 5 45.31 54.12 17.29
CA PRO MB 5 43.89 54.29 17.60
C PRO MB 5 43.20 52.93 17.65
N GLU MB 6 42.15 52.86 18.47
CA GLU MB 6 41.42 51.61 18.67
C GLU MB 6 39.96 51.90 19.02
N GLY MB 7 39.07 50.98 18.68
CA GLY MB 7 37.68 51.12 19.11
C GLY MB 7 37.55 51.03 20.63
N ILE MB 8 36.47 51.61 21.15
CA ILE MB 8 36.17 51.48 22.56
C ILE MB 8 34.74 50.98 22.69
N TRP MB 9 34.54 49.98 23.55
CA TRP MB 9 33.25 49.37 23.72
C TRP MB 9 32.59 49.99 24.94
N SER MB 10 31.38 50.56 24.77
CA SER MB 10 30.84 51.46 25.76
C SER MB 10 30.60 50.76 27.09
N ASN MB 11 30.13 49.51 27.03
CA ASN MB 11 29.78 48.76 28.21
C ASN MB 11 30.99 48.40 29.07
N SER MB 12 32.24 48.65 28.60
CA SER MB 12 33.44 48.42 29.39
C SER MB 12 33.75 49.56 30.35
N GLY MB 13 33.08 50.71 30.21
CA GLY MB 13 33.41 51.90 30.97
C GLY MB 13 32.98 51.85 32.44
N ALA MB 14 33.93 52.19 33.33
CA ALA MB 14 33.69 52.36 34.75
C ALA MB 14 33.71 53.84 35.11
N LEU MB 15 32.53 54.40 35.45
CA LEU MB 15 32.38 55.79 35.82
C LEU MB 15 32.19 55.91 37.34
N THR MB 16 32.93 56.82 37.98
CA THR MB 16 32.83 57.07 39.41
C THR MB 16 32.85 58.57 39.71
N PHE MB 17 32.14 58.98 40.77
CA PHE MB 17 32.16 60.36 41.25
C PHE MB 17 32.81 60.43 42.63
N GLU MB 18 33.51 61.55 42.88
CA GLU MB 18 34.10 61.79 44.19
C GLU MB 18 33.72 63.17 44.70
N ASP MB 19 33.52 63.28 46.01
CA ASP MB 19 33.41 64.57 46.66
C ASP MB 19 34.79 65.21 46.70
N PRO MB 20 35.02 66.37 46.04
CA PRO MB 20 36.36 66.96 45.96
C PRO MB 20 36.91 67.45 47.29
N ALA MB 21 36.09 67.50 48.34
CA ALA MB 21 36.56 67.82 49.69
C ALA MB 21 37.48 66.74 50.26
N ASP MB 22 37.14 65.46 50.00
CA ASP MB 22 37.74 64.31 50.65
C ASP MB 22 38.36 63.31 49.65
N ASP MB 23 38.02 63.42 48.37
CA ASP MB 23 38.27 62.38 47.39
C ASP MB 23 37.60 61.05 47.78
N SER MB 24 36.54 61.12 48.61
CA SER MB 24 35.69 59.98 48.92
C SER MB 24 34.69 59.73 47.79
N GLU MB 25 34.41 58.45 47.51
CA GLU MB 25 33.46 58.11 46.46
C GLU MB 25 32.05 58.49 46.87
N ILE MB 26 31.25 58.90 45.88
CA ILE MB 26 29.80 59.06 45.98
C ILE MB 26 29.16 57.93 45.17
N LEU MB 27 28.25 57.17 45.80
CA LEU MB 27 27.65 56.00 45.19
C LEU MB 27 26.81 56.39 43.98
N PHE MB 28 27.15 55.77 42.85
CA PHE MB 28 26.50 56.03 41.58
C PHE MB 28 26.82 54.85 40.68
N ALA MB 29 25.77 54.34 40.00
CA ALA MB 29 25.90 53.11 39.26
C ALA MB 29 24.87 53.02 38.14
N GLY MB 30 25.08 52.11 37.20
CA GLY MB 30 24.01 51.77 36.28
C GLY MB 30 23.85 52.77 35.16
N VAL MB 31 24.95 53.32 34.66
CA VAL MB 31 24.88 54.15 33.47
C VAL MB 31 24.38 53.35 32.27
N ARG MB 32 23.84 54.09 31.29
CA ARG MB 32 23.40 53.57 30.00
C ARG MB 32 23.97 54.42 28.87
N ASP MB 33 24.05 55.73 29.07
CA ASP MB 33 24.82 56.60 28.19
C ASP MB 33 25.78 57.44 29.02
N VAL MB 34 26.97 57.75 28.47
CA VAL MB 34 27.88 58.73 29.05
C VAL MB 34 28.58 59.49 27.93
N THR MB 35 28.41 60.83 27.91
CA THR MB 35 29.11 61.68 26.97
C THR MB 35 29.90 62.74 27.72
N ILE MB 36 31.20 62.89 27.41
CA ILE MB 36 32.03 63.94 27.98
C ILE MB 36 32.76 64.66 26.84
N THR MB 37 32.51 65.98 26.75
CA THR MB 37 33.01 66.81 25.67
C THR MB 37 33.62 68.08 26.24
N PRO MB 38 34.96 68.18 26.39
CA PRO MB 38 35.61 69.47 26.61
C PRO MB 38 35.36 70.36 25.41
N ALA MB 39 35.10 71.62 25.69
CA ALA MB 39 34.67 72.58 24.69
C ALA MB 39 35.29 73.97 24.95
N TYR MB 40 35.37 74.77 23.89
CA TYR MB 40 35.71 76.17 24.00
C TYR MB 40 34.88 76.97 23.03
N GLU MB 41 34.70 78.26 23.33
CA GLU MB 41 34.18 79.18 22.34
C GLU MB 41 35.30 79.61 21.41
N HIS MB 42 34.99 79.74 20.11
CA HIS MB 42 35.94 80.24 19.12
C HIS MB 42 35.50 81.60 18.59
N ALA MB 43 36.41 82.58 18.63
CA ALA MB 43 36.26 83.80 17.89
C ALA MB 43 37.20 83.78 16.69
N GLU MB 44 36.65 84.05 15.49
CA GLU MB 44 37.41 84.10 14.25
C GLU MB 44 37.48 85.55 13.77
N LEU MB 45 38.69 86.06 13.49
CA LEU MB 45 38.84 87.42 13.02
C LEU MB 45 38.74 87.49 11.50
N TYR MB 46 37.91 88.41 11.00
CA TYR MB 46 37.90 88.74 9.59
C TYR MB 46 37.85 90.26 9.39
N THR MB 47 38.53 90.71 8.33
CA THR MB 47 38.67 92.13 8.02
C THR MB 47 38.66 92.31 6.51
N ILE MB 48 38.54 93.55 6.03
CA ILE MB 48 38.41 93.82 4.60
C ILE MB 48 39.67 93.41 3.83
N ASP MB 49 40.79 93.19 4.51
CA ASP MB 49 42.03 92.80 3.84
C ASP MB 49 41.93 91.47 3.11
N SER MB 50 41.05 90.55 3.55
CA SER MB 50 40.94 89.20 3.00
C SER MB 50 39.57 88.57 3.23
N THR MB 51 39.20 87.64 2.34
CA THR MB 51 38.05 86.78 2.55
C THR MB 51 38.40 85.62 3.48
N PHE MB 52 39.70 85.28 3.58
CA PHE MB 52 40.13 84.22 4.47
C PHE MB 52 40.24 84.74 5.89
N ARG MB 53 40.11 83.81 6.84
CA ARG MB 53 40.22 84.08 8.25
C ARG MB 53 41.62 84.62 8.59
N ASP MB 54 41.66 85.73 9.33
CA ASP MB 54 42.91 86.32 9.81
C ASP MB 54 43.47 85.54 11.00
N GLU MB 55 42.60 85.22 11.98
CA GLU MB 55 42.98 84.54 13.22
C GLU MB 55 41.82 83.75 13.82
N VAL MB 56 42.14 82.82 14.76
CA VAL MB 56 41.14 82.16 15.59
C VAL MB 56 41.68 81.89 17.00
N LYS MB 57 40.85 82.06 18.04
CA LYS MB 57 41.26 81.96 19.44
C LYS MB 57 40.18 81.29 20.31
N ARG MB 58 40.59 80.68 21.43
CA ARG MB 58 39.73 79.98 22.40
C ARG MB 58 39.38 80.86 23.62
N TYR MB 59 38.17 80.70 24.17
CA TYR MB 59 37.78 81.22 25.47
C TYR MB 59 36.60 80.43 26.04
N GLU MB 60 36.17 80.74 27.27
CA GLU MB 60 35.09 80.02 27.97
C GLU MB 60 35.25 78.51 27.81
N HIS MB 61 36.33 77.95 28.37
CA HIS MB 61 36.42 76.52 28.47
C HIS MB 61 35.37 75.96 29.42
N ASN MB 62 34.79 74.82 29.03
CA ASN MB 62 33.96 74.02 29.92
C ASN MB 62 34.01 72.58 29.46
N VAL MB 63 33.59 71.64 30.30
CA VAL MB 63 33.43 70.26 29.89
C VAL MB 63 31.96 69.89 29.96
N ASN MB 64 31.33 69.65 28.82
CA ASN MB 64 29.95 69.18 28.81
C ASN MB 64 29.91 67.71 29.20
N VAL MB 65 29.31 67.43 30.35
CA VAL MB 65 29.05 66.09 30.81
C VAL MB 65 27.56 65.84 30.65
N GLU MB 66 27.19 64.75 30.00
CA GLU MB 66 25.82 64.27 30.12
C GLU MB 66 25.79 62.76 30.28
N ILE MB 67 24.91 62.31 31.17
CA ILE MB 67 24.87 60.93 31.60
C ILE MB 67 23.41 60.48 31.60
N THR MB 68 23.14 59.29 31.09
CA THR MB 68 21.87 58.65 31.33
C THR MB 68 22.12 57.39 32.15
N TYR MB 69 21.34 57.20 33.21
CA TYR MB 69 21.54 56.08 34.11
C TYR MB 69 20.20 55.57 34.65
N ALA MB 70 20.18 54.35 35.21
CA ALA MB 70 18.91 53.72 35.54
C ALA MB 70 18.87 53.09 36.93
N LYS MB 71 19.96 53.16 37.70
CA LYS MB 71 19.93 52.84 39.12
C LYS MB 71 19.94 54.14 39.90
N PHE MB 72 18.92 54.40 40.71
CA PHE MB 72 18.85 55.65 41.45
C PHE MB 72 19.78 55.60 42.65
N SER MB 73 20.40 56.74 42.97
CA SER MB 73 21.24 56.85 44.15
C SER MB 73 20.70 57.91 45.11
N LEU MB 74 20.36 57.51 46.34
CA LEU MB 74 20.01 58.48 47.36
C LEU MB 74 21.22 59.33 47.76
N GLU MB 75 22.42 58.75 47.80
CA GLU MB 75 23.58 59.53 48.17
C GLU MB 75 23.81 60.65 47.15
N PHE MB 76 23.83 60.34 45.86
CA PHE MB 76 24.08 61.34 44.84
C PHE MB 76 23.06 62.48 44.88
N ALA MB 77 21.79 62.14 45.07
CA ALA MB 77 20.73 63.14 45.13
C ALA MB 77 20.84 64.01 46.38
N GLN MB 78 21.07 63.41 47.55
CA GLN MB 78 21.15 64.15 48.80
C GLN MB 78 22.43 64.97 48.90
N GLU MB 79 23.51 64.55 48.22
CA GLU MB 79 24.69 65.38 48.01
C GLU MB 79 24.36 66.58 47.12
N TRP MB 80 23.66 66.38 46.01
CA TRP MB 80 23.29 67.47 45.13
C TRP MB 80 22.41 68.51 45.82
N LEU MB 81 21.43 68.09 46.61
CA LEU MB 81 20.59 69.01 47.36
C LEU MB 81 21.43 69.84 48.32
N GLY MB 82 22.32 69.18 49.07
CA GLY MB 82 23.01 69.78 50.19
C GLY MB 82 24.07 70.83 49.82
N GLY MB 83 24.53 70.88 48.56
CA GLY MB 83 25.63 71.73 48.18
C GLY MB 83 26.98 71.24 48.69
N PRO MB 84 28.07 72.01 48.50
CA PRO MB 84 29.42 71.59 48.89
C PRO MB 84 29.58 71.21 50.36
N GLY MB 85 30.14 70.02 50.57
CA GLY MB 85 30.51 69.47 51.87
C GLY MB 85 29.35 69.23 52.83
N ALA MB 86 28.13 69.08 52.31
CA ALA MB 86 26.97 68.78 53.13
C ALA MB 86 25.96 67.90 52.40
N THR MB 87 25.17 67.14 53.17
CA THR MB 87 24.10 66.30 52.67
C THR MB 87 22.76 66.81 53.22
N ALA MB 88 21.72 66.78 52.38
CA ALA MB 88 20.42 67.29 52.80
C ALA MB 88 19.28 66.44 52.25
N THR MB 89 18.17 66.39 52.99
CA THR MB 89 16.98 65.63 52.61
C THR MB 89 15.90 66.51 51.98
N ALA MB 90 16.21 67.80 51.73
CA ALA MB 90 15.26 68.78 51.18
C ALA MB 90 16.01 69.86 50.43
N SER MB 91 15.32 70.59 49.54
CA SER MB 91 15.86 71.75 48.83
C SER MB 91 16.52 72.71 49.82
N GLN MB 92 17.73 73.20 49.51
CA GLN MB 92 18.40 74.19 50.34
C GLN MB 92 18.32 75.56 49.69
N ASP MB 93 18.01 76.57 50.50
CA ASP MB 93 18.03 77.97 50.07
C ASP MB 93 19.45 78.57 50.22
N ASP MB 94 20.40 78.10 49.39
CA ASP MB 94 21.75 78.67 49.35
C ASP MB 94 22.35 78.57 47.93
N SER MB 95 23.36 79.42 47.68
CA SER MB 95 23.78 79.73 46.33
C SER MB 95 24.81 78.75 45.76
N ASP MB 96 25.43 77.91 46.59
CA ASP MB 96 26.54 77.06 46.16
C ASP MB 96 26.06 75.71 45.62
N PRO MB 97 26.30 75.38 44.34
CA PRO MB 97 25.92 74.08 43.82
C PRO MB 97 26.94 73.04 44.28
N MET MB 98 26.49 71.79 44.48
CA MET MB 98 27.42 70.70 44.74
C MET MB 98 28.34 70.49 43.54
N LYS MB 99 29.66 70.49 43.79
CA LYS MB 99 30.67 70.27 42.76
C LYS MB 99 31.21 68.86 42.92
N PHE MB 100 31.07 68.03 41.89
CA PHE MB 100 31.54 66.66 41.92
C PHE MB 100 32.81 66.52 41.08
N ASN MB 101 33.80 65.77 41.55
CA ASN MB 101 34.82 65.28 40.64
C ASN MB 101 34.33 64.01 39.96
N LEU MB 102 34.71 63.80 38.72
CA LEU MB 102 34.25 62.66 37.94
C LEU MB 102 35.45 61.99 37.29
N GLU MB 103 35.46 60.65 37.31
CA GLU MB 103 36.45 59.90 36.56
C GLU MB 103 35.79 58.72 35.83
N ASN MB 104 36.13 58.55 34.56
CA ASN MB 104 35.70 57.43 33.74
C ASN MB 104 36.91 56.64 33.25
N VAL MB 105 36.91 55.32 33.46
CA VAL MB 105 38.01 54.46 33.05
C VAL MB 105 37.50 53.43 32.02
N THR MB 106 38.29 53.20 30.96
CA THR MB 106 37.80 52.50 29.78
C THR MB 106 38.92 51.77 29.04
N PRO MB 107 38.98 50.43 29.12
CA PRO MB 107 39.87 49.66 28.26
C PRO MB 107 39.46 49.83 26.81
N SER MB 108 40.44 49.91 25.91
CA SER MB 108 40.19 49.86 24.47
C SER MB 108 39.79 48.44 24.06
N ALA MB 109 39.15 48.29 22.90
CA ALA MB 109 38.42 47.07 22.57
C ALA MB 109 39.32 45.84 22.43
N SER MB 110 40.56 46.00 21.94
CA SER MB 110 41.58 44.95 21.87
C SER MB 110 42.64 45.05 22.99
N GLY MB 111 42.36 45.82 24.05
CA GLY MB 111 43.24 45.97 25.20
C GLY MB 111 44.56 46.70 24.92
N GLY MB 112 44.65 47.45 23.80
CA GLY MB 112 45.84 48.23 23.44
C GLY MB 112 46.17 49.36 24.42
N PHE MB 113 45.16 49.94 25.08
CA PHE MB 113 45.34 51.00 26.07
C PHE MB 113 44.18 51.06 27.06
N GLU MB 114 44.39 51.77 28.17
CA GLU MB 114 43.32 52.00 29.13
C GLU MB 114 43.08 53.51 29.26
N ARG MB 115 42.10 54.03 28.52
CA ARG MB 115 41.81 55.45 28.54
C ARG MB 115 41.12 55.82 29.85
N THR MB 116 41.73 56.71 30.63
CA THR MB 116 41.11 57.33 31.79
C THR MB 116 40.83 58.80 31.50
N THR MB 117 39.58 59.24 31.68
CA THR MB 117 39.17 60.64 31.58
C THR MB 117 38.77 61.13 32.97
N ALA MB 118 39.33 62.26 33.43
CA ALA MB 118 38.93 62.86 34.70
C ALA MB 118 38.56 64.34 34.53
N VAL MB 119 37.46 64.75 35.18
CA VAL MB 119 36.92 66.09 35.05
C VAL MB 119 36.71 66.68 36.45
N GLU MB 120 37.17 67.92 36.68
CA GLU MB 120 36.95 68.56 37.97
C GLU MB 120 35.66 69.38 38.03
N ASN MB 121 35.07 69.46 39.23
CA ASN MB 121 34.00 70.40 39.54
C ASN MB 121 32.86 70.39 38.51
N VAL MB 122 32.31 69.20 38.24
CA VAL MB 122 31.08 69.10 37.49
C VAL MB 122 29.94 69.57 38.37
N VAL MB 123 29.09 70.47 37.84
CA VAL MB 123 27.84 70.82 38.48
C VAL MB 123 26.69 70.54 37.51
N PHE MB 124 25.53 70.15 38.06
CA PHE MB 124 24.37 69.85 37.25
C PHE MB 124 23.25 70.81 37.60
N PRO MB 125 22.80 71.69 36.69
CA PRO MB 125 21.75 72.64 36.98
C PRO MB 125 20.46 72.02 37.48
N GLU MB 126 20.11 70.83 36.99
CA GLU MB 126 18.90 70.17 37.45
C GLU MB 126 19.10 68.67 37.61
N LEU MB 127 18.41 68.13 38.63
CA LEU MB 127 18.57 66.76 39.06
C LEU MB 127 17.23 66.04 38.92
N PRO MB 128 17.11 64.96 38.10
CA PRO MB 128 15.83 64.26 38.01
C PRO MB 128 15.69 63.36 39.24
N LEU MB 129 14.66 63.64 40.06
CA LEU MB 129 14.41 62.82 41.23
C LEU MB 129 13.51 61.64 40.89
N ASP MB 130 12.43 61.88 40.14
CA ASP MB 130 11.58 60.79 39.64
C ASP MB 130 11.52 60.90 38.13
N SER MB 131 11.55 59.74 37.46
CA SER MB 131 11.53 59.67 36.00
C SER MB 131 10.74 58.42 35.58
N ALA MB 132 9.54 58.29 36.16
CA ALA MB 132 8.69 57.13 35.99
C ALA MB 132 7.95 57.21 34.66
N THR MB 133 7.97 56.10 33.92
CA THR MB 133 7.20 55.90 32.71
C THR MB 133 6.61 54.50 32.75
N TYR MB 134 5.34 54.39 32.38
CA TYR MB 134 4.60 53.14 32.47
C TYR MB 134 5.27 52.02 31.69
N GLY MB 135 5.50 50.87 32.35
CA GLY MB 135 6.12 49.73 31.70
C GLY MB 135 7.63 49.85 31.54
N GLU MB 136 8.29 50.75 32.27
CA GLU MB 136 9.72 50.93 32.15
C GLU MB 136 10.40 51.12 33.50
N TYR MB 137 11.69 50.80 33.56
CA TYR MB 137 12.48 51.21 34.71
C TYR MB 137 12.69 52.72 34.65
N GLU MB 138 12.77 53.39 35.80
CA GLU MB 138 12.99 54.83 35.78
C GLU MB 138 14.37 55.10 35.19
N GLU MB 139 14.44 55.97 34.19
CA GLU MB 139 15.70 56.30 33.54
C GLU MB 139 15.98 57.79 33.66
N TYR MB 140 17.15 58.13 34.22
CA TYR MB 140 17.47 59.47 34.67
C TYR MB 140 18.53 60.09 33.77
N SER MB 141 18.28 61.32 33.27
CA SER MB 141 19.27 62.02 32.48
C SER MB 141 19.80 63.26 33.21
N LEU MB 142 21.13 63.34 33.32
CA LEU MB 142 21.83 64.49 33.86
C LEU MB 142 22.54 65.23 32.73
N THR MB 143 22.58 66.56 32.83
CA THR MB 143 23.45 67.39 32.00
C THR MB 143 24.16 68.38 32.92
N GLY MB 144 25.47 68.58 32.72
CA GLY MB 144 26.23 69.43 33.61
C GLY MB 144 27.53 69.93 33.00
N SER MB 145 28.16 70.89 33.66
CA SER MB 145 29.38 71.52 33.17
C SER MB 145 30.52 71.35 34.17
N GLY MB 146 31.59 70.70 33.73
CA GLY MB 146 32.84 70.62 34.46
C GLY MB 146 33.72 71.82 34.15
N ARG MB 147 34.67 72.12 35.04
CA ARG MB 147 35.54 73.27 34.85
C ARG MB 147 36.67 72.94 33.89
N SER MB 148 37.26 71.76 34.01
CA SER MB 148 38.34 71.35 33.13
C SER MB 148 38.53 69.84 33.15
N VAL MB 149 39.21 69.32 32.12
CA VAL MB 149 39.72 67.96 32.09
C VAL MB 149 41.03 67.97 32.85
N THR MB 150 41.07 67.31 34.02
CA THR MB 150 42.30 67.31 34.81
C THR MB 150 43.26 66.20 34.42
N ASN MB 151 42.73 65.15 33.80
CA ASN MB 151 43.57 64.08 33.25
C ASN MB 151 42.90 63.38 32.07
N LEU MB 152 43.71 63.03 31.08
CA LEU MB 152 43.35 62.15 29.98
C LEU MB 152 44.61 61.40 29.56
N ALA MB 153 44.68 60.12 29.90
CA ALA MB 153 45.89 59.35 29.70
C ALA MB 153 45.60 57.86 29.46
N ASP MB 154 46.59 57.15 28.90
CA ASP MB 154 46.61 55.71 28.91
C ASP MB 154 47.18 55.26 30.25
N THR MB 155 46.31 54.78 31.15
CA THR MB 155 46.68 54.44 32.51
C THR MB 155 47.01 52.96 32.69
N SER MB 156 47.19 52.21 31.58
CA SER MB 156 47.72 50.86 31.62
C SER MB 156 49.12 50.82 32.26
N GLY MB 157 49.47 49.67 32.87
CA GLY MB 157 50.60 49.52 33.78
C GLY MB 157 51.90 50.03 33.19
N ALA NB 2 26.22 54.08 53.53
CA ALA NB 2 25.02 54.49 52.73
C ALA NB 2 24.47 53.30 51.94
N THR NB 3 23.20 53.39 51.53
CA THR NB 3 22.51 52.33 50.81
C THR NB 3 23.01 52.25 49.36
N SER NB 4 23.25 51.02 48.84
CA SER NB 4 23.69 50.83 47.46
C SER NB 4 22.68 51.36 46.44
N PRO NB 5 23.10 51.95 45.30
CA PRO NB 5 22.16 52.35 44.25
C PRO NB 5 21.42 51.12 43.71
N GLU NB 6 20.16 51.35 43.33
CA GLU NB 6 19.30 50.25 42.89
C GLU NB 6 18.32 50.74 41.82
N GLY NB 7 17.90 49.83 40.94
CA GLY NB 7 16.92 50.21 39.94
C GLY NB 7 15.55 50.50 40.58
N ILE NB 8 14.72 51.30 39.90
CA ILE NB 8 13.35 51.53 40.34
C ILE NB 8 12.42 51.24 39.18
N TRP NB 9 11.33 50.55 39.48
CA TRP NB 9 10.38 50.11 38.47
C TRP NB 9 9.17 51.04 38.51
N SER NB 10 8.81 51.64 37.37
CA SER NB 10 7.94 52.80 37.39
C SER NB 10 6.57 52.44 37.95
N ASN NB 11 6.05 51.27 37.58
CA ASN NB 11 4.70 50.88 37.94
C ASN NB 11 4.52 50.65 39.44
N SER NB 12 5.59 50.72 40.23
CA SER NB 12 5.51 50.62 41.69
C SER NB 12 5.16 51.94 42.37
N GLY NB 13 5.09 53.06 41.62
CA GLY NB 13 4.82 54.39 42.14
C GLY NB 13 3.47 54.54 42.85
N ALA NB 14 3.40 55.53 43.76
CA ALA NB 14 2.24 55.79 44.58
C ALA NB 14 2.11 57.30 44.80
N LEU NB 15 1.83 58.02 43.70
CA LEU NB 15 1.64 59.46 43.73
C LEU NB 15 0.37 59.85 44.50
N THR NB 16 0.47 60.87 45.39
CA THR NB 16 -0.67 61.42 46.12
C THR NB 16 -0.60 62.96 46.16
N PHE NB 17 -1.75 63.63 46.05
CA PHE NB 17 -1.86 65.08 46.14
C PHE NB 17 -2.61 65.50 47.40
N GLU NB 18 -2.13 66.54 48.08
CA GLU NB 18 -2.80 67.03 49.29
C GLU NB 18 -3.01 68.55 49.23
N ASP NB 19 -4.13 69.01 49.78
CA ASP NB 19 -4.37 70.43 49.98
C ASP NB 19 -3.51 70.93 51.15
N PRO NB 20 -2.56 71.87 50.96
CA PRO NB 20 -1.71 72.34 52.04
C PRO NB 20 -2.43 73.06 53.16
N ALA NB 21 -3.72 73.40 53.01
CA ALA NB 21 -4.51 73.95 54.11
C ALA NB 21 -4.84 72.89 55.17
N ASP NB 22 -4.93 71.62 54.76
CA ASP NB 22 -5.50 70.55 55.57
C ASP NB 22 -4.57 69.34 55.73
N ASP NB 23 -3.69 69.15 54.74
CA ASP NB 23 -3.06 67.88 54.42
C ASP NB 23 -4.11 66.80 54.08
N SER NB 24 -5.34 67.21 53.71
CA SER NB 24 -6.38 66.33 53.21
C SER NB 24 -6.06 65.91 51.77
N GLU NB 25 -6.24 64.62 51.45
CA GLU NB 25 -5.93 64.14 50.11
C GLU NB 25 -6.97 64.66 49.12
N ILE NB 26 -6.49 64.99 47.91
CA ILE NB 26 -7.30 65.28 46.74
C ILE NB 26 -7.21 64.06 45.85
N LEU NB 27 -8.35 63.43 45.53
CA LEU NB 27 -8.35 62.16 44.82
C LEU NB 27 -7.73 62.32 43.43
N PHE NB 28 -6.71 61.51 43.18
CA PHE NB 28 -6.01 61.53 41.91
C PHE NB 28 -5.45 60.13 41.64
N ALA NB 29 -5.54 59.69 40.37
CA ALA NB 29 -5.22 58.31 40.06
C ALA NB 29 -4.84 58.09 38.61
N GLY NB 30 -4.33 56.89 38.31
CA GLY NB 30 -4.22 56.49 36.92
C GLY NB 30 -3.03 57.10 36.20
N VAL NB 31 -1.94 57.38 36.90
CA VAL NB 31 -0.77 57.94 36.24
C VAL NB 31 -0.17 56.95 35.25
N ARG NB 32 0.55 57.48 34.28
CA ARG NB 32 1.31 56.72 33.29
C ARG NB 32 2.73 57.27 33.14
N ASP NB 33 2.94 58.56 33.36
CA ASP NB 33 4.28 59.11 33.54
C ASP NB 33 4.30 60.10 34.69
N VAL NB 34 5.44 60.16 35.40
CA VAL NB 34 5.65 61.13 36.47
C VAL NB 34 7.11 61.53 36.49
N THR NB 35 7.40 62.76 36.07
CA THR NB 35 8.74 63.32 36.17
C THR NB 35 8.76 64.43 37.23
N ILE NB 36 9.69 64.33 38.18
CA ILE NB 36 9.95 65.37 39.16
C ILE NB 36 11.42 65.72 39.09
N THR NB 37 11.72 67.01 38.84
CA THR NB 37 13.09 67.48 38.66
C THR NB 37 13.30 68.82 39.37
N PRO NB 38 13.93 68.84 40.57
CA PRO NB 38 14.42 70.09 41.13
C PRO NB 38 15.52 70.67 40.26
N ALA NB 39 15.43 71.99 40.05
CA ALA NB 39 16.30 72.71 39.15
C ALA NB 39 16.74 74.04 39.75
N TYR NB 40 17.89 74.55 39.31
CA TYR NB 40 18.29 75.92 39.60
C TYR NB 40 18.86 76.55 38.34
N GLU NB 41 18.68 77.86 38.20
CA GLU NB 41 19.44 78.57 37.18
C GLU NB 41 20.90 78.66 37.62
N HIS NB 42 21.85 78.36 36.73
CA HIS NB 42 23.28 78.49 37.07
C HIS NB 42 23.92 79.69 36.36
N ALA NB 43 24.62 80.51 37.13
CA ALA NB 43 25.44 81.59 36.61
C ALA NB 43 26.91 81.25 36.77
N GLU NB 44 27.65 81.27 35.65
CA GLU NB 44 29.08 80.98 35.62
C GLU NB 44 29.85 82.27 35.36
N LEU NB 45 30.90 82.54 36.16
CA LEU NB 45 31.70 83.75 36.01
C LEU NB 45 32.94 83.47 35.16
N TYR NB 46 33.18 84.32 34.17
CA TYR NB 46 34.43 84.30 33.43
C TYR NB 46 34.96 85.70 33.27
N THR NB 47 36.29 85.79 33.21
CA THR NB 47 37.00 87.06 33.08
C THR NB 47 38.23 86.88 32.21
N ILE NB 48 38.92 87.97 31.86
CA ILE NB 48 40.09 87.91 31.01
C ILE NB 48 41.23 87.12 31.67
N ASP NB 49 41.18 86.90 32.99
CA ASP NB 49 42.29 86.30 33.71
C ASP NB 49 42.56 84.87 33.24
N SER NB 50 41.47 84.13 32.92
CA SER NB 50 41.54 82.72 32.61
C SER NB 50 40.48 82.29 31.60
N THR NB 51 40.81 81.29 30.78
CA THR NB 51 39.81 80.66 29.95
C THR NB 51 38.90 79.75 30.75
N PHE NB 52 39.36 79.28 31.93
CA PHE NB 52 38.54 78.45 32.80
C PHE NB 52 37.55 79.29 33.59
N ARG NB 53 36.47 78.64 34.01
CA ARG NB 53 35.44 79.22 34.85
C ARG NB 53 36.02 79.64 36.21
N ASP NB 54 35.72 80.89 36.62
CA ASP NB 54 36.15 81.43 37.90
C ASP NB 54 35.25 80.94 39.02
N GLU NB 55 33.92 80.98 38.80
CA GLU NB 55 32.92 80.62 39.81
C GLU NB 55 31.64 80.07 39.18
N VAL NB 56 30.84 79.37 39.98
CA VAL NB 56 29.48 79.03 39.57
C VAL NB 56 28.53 79.09 40.76
N LYS NB 57 27.30 79.58 40.52
CA LYS NB 57 26.31 79.82 41.56
C LYS NB 57 24.90 79.42 41.12
N ARG NB 58 24.00 79.15 42.07
CA ARG NB 58 22.60 78.80 41.87
C ARG NB 58 21.67 79.96 42.23
N TYR NB 59 20.58 80.15 41.46
CA TYR NB 59 19.58 81.15 41.84
C TYR NB 59 18.14 80.64 41.75
N GLU NB 60 17.38 80.89 40.68
CA GLU NB 60 15.94 80.61 40.70
C GLU NB 60 15.65 79.13 40.86
N HIS NB 61 15.32 78.69 42.09
CA HIS NB 61 14.93 77.31 42.31
C HIS NB 61 13.46 77.12 41.93
N ASN NB 62 13.20 76.00 41.24
CA ASN NB 62 11.85 75.48 41.08
C ASN NB 62 11.94 73.97 40.99
N VAL NB 63 10.82 73.28 41.24
CA VAL NB 63 10.74 71.85 40.99
C VAL NB 63 9.85 71.64 39.79
N ASN NB 64 10.40 71.24 38.64
CA ASN NB 64 9.58 70.90 37.50
C ASN NB 64 8.84 69.59 37.78
N VAL NB 65 7.51 69.65 37.76
CA VAL NB 65 6.65 68.50 37.93
C VAL NB 65 5.87 68.32 36.65
N GLU NB 66 5.93 67.15 36.03
CA GLU NB 66 5.00 66.85 34.95
C GLU NB 66 4.49 65.41 35.02
N ILE NB 67 3.18 65.28 34.84
CA ILE NB 67 2.47 64.03 35.07
C ILE NB 67 1.58 63.78 33.86
N THR NB 68 1.67 62.58 33.29
CA THR NB 68 0.68 62.12 32.33
C THR NB 68 -0.18 61.06 33.00
N TYR NB 69 -1.51 61.20 32.90
CA TYR NB 69 -2.42 60.33 33.61
C TYR NB 69 -3.69 60.08 32.81
N ALA NB 70 -4.40 58.99 33.15
CA ALA NB 70 -5.44 58.48 32.28
C ALA NB 70 -6.77 58.23 32.98
N LYS NB 71 -6.90 58.56 34.28
CA LYS NB 71 -8.17 58.59 34.97
C LYS NB 71 -8.52 60.04 35.34
N PHE NB 72 -9.63 60.58 34.84
CA PHE NB 72 -10.00 61.94 35.15
C PHE NB 72 -10.52 62.05 36.58
N SER NB 73 -10.17 63.14 37.27
CA SER NB 73 -10.65 63.42 38.60
C SER NB 73 -11.39 64.75 38.64
N LEU NB 74 -12.69 64.73 38.96
CA LEU NB 74 -13.41 65.97 39.12
C LEU NB 74 -12.91 66.74 40.32
N GLU NB 75 -12.54 66.08 41.42
CA GLU NB 75 -12.08 66.80 42.58
C GLU NB 75 -10.82 67.62 42.25
N PHE NB 76 -9.84 67.00 41.59
CA PHE NB 76 -8.64 67.72 41.21
C PHE NB 76 -8.93 68.90 40.28
N ALA NB 77 -9.78 68.71 39.27
CA ALA NB 77 -10.13 69.79 38.37
C ALA NB 77 -10.85 70.94 39.10
N GLN NB 78 -11.84 70.63 39.92
CA GLN NB 78 -12.62 71.64 40.62
C GLN NB 78 -11.82 72.36 41.71
N GLU NB 79 -10.84 71.69 42.33
CA GLU NB 79 -9.84 72.34 43.18
C GLU NB 79 -9.00 73.35 42.39
N TRP NB 80 -8.50 72.95 41.24
CA TRP NB 80 -7.68 73.82 40.41
C TRP NB 80 -8.43 75.07 39.96
N LEU NB 81 -9.71 74.93 39.59
CA LEU NB 81 -10.54 76.06 39.23
C LEU NB 81 -10.75 77.00 40.41
N GLY NB 82 -11.01 76.43 41.59
CA GLY NB 82 -11.39 77.20 42.76
C GLY NB 82 -10.27 78.02 43.41
N GLY NB 83 -9.00 77.70 43.16
CA GLY NB 83 -7.90 78.36 43.81
C GLY NB 83 -7.75 77.93 45.28
N PRO NB 84 -6.82 78.52 46.05
CA PRO NB 84 -6.57 78.08 47.43
C PRO NB 84 -7.81 78.10 48.31
N GLY NB 85 -8.00 76.95 48.98
CA GLY NB 85 -9.03 76.76 50.00
C GLY NB 85 -10.46 76.66 49.48
N ALA NB 86 -10.65 76.50 48.16
CA ALA NB 86 -11.98 76.48 47.57
C ALA NB 86 -12.11 75.55 46.37
N THR NB 87 -13.35 75.19 46.04
CA THR NB 87 -13.71 74.31 44.93
C THR NB 87 -14.75 75.03 44.07
N ALA NB 88 -14.62 74.91 42.74
CA ALA NB 88 -15.51 75.63 41.84
C ALA NB 88 -15.88 74.81 40.60
N THR NB 89 -17.09 75.07 40.08
CA THR NB 89 -17.58 74.41 38.86
C THR NB 89 -17.32 75.24 37.60
N ALA NB 90 -16.75 76.45 37.75
CA ALA NB 90 -16.50 77.36 36.63
C ALA NB 90 -15.21 78.11 36.89
N SER NB 91 -14.64 78.72 35.84
CA SER NB 91 -13.45 79.55 35.96
C SER NB 91 -13.68 80.64 37.00
N GLN NB 92 -12.66 80.88 37.84
CA GLN NB 92 -12.72 81.94 38.83
C GLN NB 92 -11.88 83.13 38.37
N ASP NB 93 -12.43 84.33 38.52
CA ASP NB 93 -11.71 85.54 38.19
C ASP NB 93 -10.89 86.03 39.38
N ASP NB 94 -9.77 85.35 39.67
CA ASP NB 94 -8.87 85.77 40.75
C ASP NB 94 -7.42 85.38 40.50
N SER NB 95 -6.52 85.99 41.27
CA SER NB 95 -5.10 85.95 40.99
C SER NB 95 -4.35 84.78 41.65
N ASP NB 96 -4.94 84.09 42.65
CA ASP NB 96 -4.24 83.02 43.35
C ASP NB 96 -4.43 81.66 42.65
N PRO NB 97 -3.37 80.97 42.21
CA PRO NB 97 -3.55 79.63 41.67
C PRO NB 97 -3.66 78.64 42.81
N MET NB 98 -4.36 77.52 42.58
CA MET NB 98 -4.41 76.44 43.55
C MET NB 98 -3.02 75.84 43.71
N LYS NB 99 -2.51 75.82 44.95
CA LYS NB 99 -1.21 75.25 45.27
C LYS NB 99 -1.43 73.86 45.88
N PHE NB 100 -0.82 72.83 45.28
CA PHE NB 100 -0.93 71.47 45.78
C PHE NB 100 0.38 71.02 46.42
N ASN NB 101 0.31 70.33 47.56
CA ASN NB 101 1.42 69.50 47.97
C ASN NB 101 1.35 68.20 47.20
N LEU NB 102 2.51 67.60 46.94
CA LEU NB 102 2.60 66.35 46.19
C LEU NB 102 3.61 65.44 46.86
N GLU NB 103 3.30 64.14 46.91
CA GLU NB 103 4.27 63.14 47.36
C GLU NB 103 4.22 61.93 46.45
N ASN NB 104 5.38 61.34 46.18
CA ASN NB 104 5.47 60.06 45.49
C ASN NB 104 6.37 59.13 46.28
N VAL NB 105 5.94 57.86 46.38
CA VAL NB 105 6.66 56.85 47.13
C VAL NB 105 6.85 55.63 46.24
N THR NB 106 8.09 55.13 46.18
CA THR NB 106 8.40 53.94 45.38
C THR NB 106 9.34 53.03 46.17
N PRO NB 107 9.01 51.74 46.31
CA PRO NB 107 10.03 50.76 46.62
C PRO NB 107 11.03 50.71 45.46
N SER NB 108 12.32 50.52 45.79
CA SER NB 108 13.31 50.14 44.80
C SER NB 108 13.03 48.72 44.30
N ALA NB 109 13.61 48.35 43.15
CA ALA NB 109 13.25 47.15 42.43
C ALA NB 109 13.54 45.86 43.23
N SER NB 110 14.58 45.86 44.09
CA SER NB 110 14.92 44.73 44.94
C SER NB 110 14.64 45.01 46.42
N GLY NB 111 13.84 46.04 46.75
CA GLY NB 111 13.45 46.36 48.11
C GLY NB 111 14.59 46.89 49.02
N GLY NB 112 15.73 47.33 48.43
CA GLY NB 112 16.84 47.88 49.20
C GLY NB 112 16.50 49.18 49.93
N PHE NB 113 15.53 49.95 49.40
CA PHE NB 113 15.06 51.16 50.04
C PHE NB 113 13.66 51.52 49.54
N GLU NB 114 12.97 52.42 50.25
CA GLU NB 114 11.74 53.00 49.74
C GLU NB 114 11.93 54.50 49.54
N ARG NB 115 12.16 54.94 48.30
CA ARG NB 115 12.36 56.37 48.06
C ARG NB 115 11.03 57.11 48.15
N THR NB 116 10.95 58.09 49.04
CA THR NB 116 9.87 59.05 49.06
C THR NB 116 10.39 60.40 48.58
N THR NB 117 9.70 61.01 47.62
CA THR NB 117 9.93 62.36 47.16
C THR NB 117 8.70 63.20 47.47
N ALA NB 118 8.87 64.33 48.18
CA ALA NB 118 7.76 65.23 48.46
C ALA NB 118 8.08 66.66 48.03
N VAL NB 119 7.07 67.34 47.47
CA VAL NB 119 7.23 68.64 46.83
C VAL NB 119 6.14 69.56 47.36
N GLU NB 120 6.51 70.79 47.77
CA GLU NB 120 5.51 71.74 48.23
C GLU NB 120 5.03 72.68 47.10
N ASN NB 121 3.78 73.14 47.22
CA ASN NB 121 3.22 74.24 46.46
C ASN NB 121 3.43 74.09 44.95
N VAL NB 122 3.15 72.91 44.40
CA VAL NB 122 3.09 72.72 42.97
C VAL NB 122 1.88 73.49 42.43
N VAL NB 123 2.09 74.26 41.35
CA VAL NB 123 1.02 74.92 40.63
C VAL NB 123 1.08 74.50 39.17
N PHE NB 124 -0.09 74.44 38.52
CA PHE NB 124 -0.17 74.06 37.12
C PHE NB 124 -0.77 75.20 36.30
N PRO NB 125 -0.03 75.84 35.36
CA PRO NB 125 -0.57 76.96 34.59
C PRO NB 125 -1.78 76.61 33.76
N GLU NB 126 -1.83 75.38 33.23
CA GLU NB 126 -2.98 74.95 32.45
C GLU NB 126 -3.38 73.52 32.77
N LEU NB 127 -4.70 73.31 32.80
CA LEU NB 127 -5.30 72.04 33.18
C LEU NB 127 -6.06 71.49 31.98
N PRO NB 128 -5.68 70.32 31.42
CA PRO NB 128 -6.47 69.71 30.36
C PRO NB 128 -7.73 69.13 30.99
N LEU NB 129 -8.87 69.64 30.53
CA LEU NB 129 -10.17 69.14 30.96
C LEU NB 129 -10.59 67.98 30.09
N ASP NB 130 -10.50 68.18 28.77
CA ASP NB 130 -10.83 67.17 27.79
C ASP NB 130 -9.60 66.92 26.93
N SER NB 131 -9.35 65.64 26.61
CA SER NB 131 -8.20 65.25 25.80
C SER NB 131 -8.53 63.97 25.02
N ALA NB 132 -9.56 64.09 24.18
CA ALA NB 132 -10.21 62.99 23.47
C ALA NB 132 -9.54 62.74 22.12
N THR NB 133 -9.23 61.47 21.82
CA THR NB 133 -8.74 61.04 20.51
C THR NB 133 -9.47 59.76 20.13
N TYR NB 134 -9.92 59.67 18.87
CA TYR NB 134 -10.65 58.53 18.33
C TYR NB 134 -9.92 57.22 18.64
N GLY NB 135 -10.62 56.27 19.28
CA GLY NB 135 -10.09 54.95 19.55
C GLY NB 135 -9.11 54.89 20.73
N GLU NB 136 -9.04 55.94 21.55
CA GLU NB 136 -8.16 55.97 22.72
C GLU NB 136 -8.92 56.45 23.96
N TYR NB 137 -8.42 56.07 25.12
CA TYR NB 137 -8.92 56.70 26.34
C TYR NB 137 -8.38 58.12 26.40
N GLU NB 138 -9.13 59.01 27.06
CA GLU NB 138 -8.61 60.36 27.22
C GLU NB 138 -7.35 60.28 28.08
N GLU NB 139 -6.29 61.00 27.67
CA GLU NB 139 -5.06 61.02 28.45
C GLU NB 139 -4.60 62.46 28.64
N TYR NB 140 -4.24 62.80 29.87
CA TYR NB 140 -4.09 64.17 30.32
C TYR NB 140 -2.64 64.40 30.72
N SER NB 141 -2.01 65.48 30.23
CA SER NB 141 -0.68 65.87 30.69
C SER NB 141 -0.70 67.17 31.47
N LEU NB 142 -0.32 67.11 32.75
CA LEU NB 142 -0.04 68.29 33.56
C LEU NB 142 1.44 68.64 33.49
N THR NB 143 1.73 69.95 33.45
CA THR NB 143 3.07 70.45 33.70
C THR NB 143 2.96 71.60 34.69
N GLY NB 144 3.87 71.64 35.66
CA GLY NB 144 3.78 72.61 36.74
C GLY NB 144 5.13 72.84 37.43
N SER NB 145 5.13 73.79 38.37
CA SER NB 145 6.32 74.12 39.14
C SER NB 145 5.99 74.10 40.64
N GLY NB 146 6.69 73.26 41.39
CA GLY NB 146 6.71 73.31 42.84
C GLY NB 146 7.73 74.32 43.35
N ARG NB 147 7.58 74.75 44.60
CA ARG NB 147 8.49 75.71 45.19
C ARG NB 147 9.80 75.07 45.62
N SER NB 148 9.71 73.90 46.28
CA SER NB 148 10.88 73.20 46.77
C SER NB 148 10.55 71.72 47.05
N VAL NB 149 11.60 70.89 47.13
CA VAL NB 149 11.51 69.52 47.62
C VAL NB 149 11.59 69.55 49.13
N THR NB 150 10.50 69.17 49.82
CA THR NB 150 10.47 69.21 51.27
C THR NB 150 11.00 67.94 51.91
N ASN NB 151 10.96 66.83 51.17
CA ASN NB 151 11.54 65.58 51.63
C ASN NB 151 12.09 64.78 50.45
N LEU NB 152 13.24 64.15 50.67
CA LEU NB 152 13.75 63.08 49.82
C LEU NB 152 14.53 62.13 50.72
N ALA NB 153 13.93 60.96 51.03
CA ALA NB 153 14.58 60.03 51.93
C ALA NB 153 14.11 58.59 51.69
N ASP NB 154 14.90 57.64 52.21
CA ASP NB 154 14.44 56.28 52.38
C ASP NB 154 13.45 56.23 53.54
N THR NB 155 12.18 55.87 53.27
CA THR NB 155 11.15 55.77 54.29
C THR NB 155 10.88 54.35 54.74
N SER NB 156 11.69 53.38 54.30
CA SER NB 156 11.62 52.00 54.82
C SER NB 156 11.97 51.93 56.31
N GLY NB 157 11.33 51.00 57.02
CA GLY NB 157 11.40 50.85 58.47
C GLY NB 157 12.80 50.46 58.95
N ALA OB 2 -23.77 106.96 34.59
CA ALA OB 2 -23.54 107.31 33.15
C ALA OB 2 -22.93 106.13 32.40
N THR OB 3 -22.48 106.39 31.16
CA THR OB 3 -22.06 105.37 30.20
C THR OB 3 -20.77 104.69 30.66
N SER OB 4 -20.81 103.35 30.84
CA SER OB 4 -19.68 102.58 31.36
C SER OB 4 -18.46 102.71 30.47
N PRO OB 5 -17.22 102.86 31.01
CA PRO OB 5 -16.03 102.90 30.16
C PRO OB 5 -15.86 101.60 29.38
N GLU OB 6 -15.30 101.71 28.17
CA GLU OB 6 -15.26 100.56 27.28
C GLU OB 6 -14.02 100.60 26.39
N GLY OB 7 -13.57 99.41 25.97
CA GLY OB 7 -12.49 99.32 25.01
C GLY OB 7 -12.88 99.95 23.66
N ILE OB 8 -11.88 100.46 22.93
CA ILE OB 8 -12.06 100.95 21.58
C ILE OB 8 -11.11 100.14 20.70
N TRP OB 9 -11.61 99.66 19.57
CA TRP OB 9 -10.76 98.96 18.62
C TRP OB 9 -10.31 99.91 17.52
N SER OB 10 -8.99 100.03 17.31
CA SER OB 10 -8.46 101.08 16.46
C SER OB 10 -8.97 100.98 15.03
N ASN OB 11 -9.07 99.77 14.49
CA ASN OB 11 -9.47 99.58 13.11
C ASN OB 11 -10.92 99.94 12.84
N SER OB 12 -11.73 100.23 13.87
CA SER OB 12 -13.10 100.68 13.67
C SER OB 12 -13.23 102.16 13.37
N GLY OB 13 -12.16 102.95 13.52
CA GLY OB 13 -12.23 104.40 13.39
C GLY OB 13 -12.35 104.90 11.95
N ALA OB 14 -13.35 105.74 11.68
CA ALA OB 14 -13.45 106.49 10.43
C ALA OB 14 -13.01 107.95 10.63
N LEU OB 15 -11.88 108.33 9.99
CA LEU OB 15 -11.31 109.67 10.06
C LEU OB 15 -11.63 110.43 8.78
N THR OB 16 -12.03 111.70 8.89
CA THR OB 16 -12.38 112.52 7.74
C THR OB 16 -11.88 113.94 7.93
N PHE OB 17 -11.53 114.61 6.82
CA PHE OB 17 -11.12 116.00 6.81
C PHE OB 17 -12.12 116.82 6.01
N GLU OB 18 -12.34 118.06 6.45
CA GLU OB 18 -13.22 118.98 5.76
C GLU OB 18 -12.55 120.33 5.58
N ASP OB 19 -12.85 121.00 4.47
CA ASP OB 19 -12.45 122.39 4.27
C ASP OB 19 -13.36 123.28 5.11
N PRO OB 20 -12.84 124.07 6.08
CA PRO OB 20 -13.67 124.90 6.94
C PRO OB 20 -14.38 126.04 6.21
N ALA OB 21 -14.02 126.34 4.96
CA ALA OB 21 -14.71 127.34 4.17
C ALA OB 21 -16.05 126.82 3.60
N ASP OB 22 -16.15 125.50 3.39
CA ASP OB 22 -17.28 124.89 2.70
C ASP OB 22 -18.06 123.89 3.56
N ASP OB 23 -17.37 123.26 4.51
CA ASP OB 23 -17.74 121.97 5.10
C ASP OB 23 -17.78 120.86 4.03
N SER OB 24 -17.08 121.05 2.90
CA SER OB 24 -16.84 120.01 1.91
C SER OB 24 -15.76 119.04 2.38
N GLU OB 25 -15.93 117.76 2.07
CA GLU OB 25 -14.95 116.76 2.47
C GLU OB 25 -13.74 116.80 1.53
N ILE OB 26 -12.53 116.71 2.11
CA ILE OB 26 -11.29 116.52 1.40
C ILE OB 26 -10.98 115.03 1.40
N LEU OB 27 -10.76 114.45 0.21
CA LEU OB 27 -10.57 113.01 0.09
C LEU OB 27 -9.28 112.57 0.78
N PHE OB 28 -9.43 111.76 1.83
CA PHE OB 28 -8.32 111.25 2.61
C PHE OB 28 -8.71 109.90 3.19
N ALA OB 29 -7.73 108.97 3.21
CA ALA OB 29 -8.01 107.58 3.51
C ALA OB 29 -6.74 106.82 3.87
N GLY OB 30 -6.92 105.59 4.38
CA GLY OB 30 -5.83 104.64 4.52
C GLY OB 30 -4.98 104.95 5.74
N VAL OB 31 -5.61 105.40 6.83
CA VAL OB 31 -4.86 105.63 8.07
C VAL OB 31 -4.36 104.31 8.68
N ARG OB 32 -3.35 104.42 9.53
CA ARG OB 32 -2.76 103.30 10.26
C ARG OB 32 -2.59 103.64 11.74
N ASP OB 33 -2.15 104.87 12.04
CA ASP OB 33 -2.14 105.37 13.41
C ASP OB 33 -2.87 106.71 13.48
N VAL OB 34 -3.55 107.01 14.60
CA VAL OB 34 -4.19 108.30 14.84
C VAL OB 34 -4.13 108.65 16.32
N THR OB 35 -3.36 109.69 16.68
CA THR OB 35 -3.33 110.22 18.03
C THR OB 35 -3.87 111.65 18.04
N ILE OB 36 -4.89 111.91 18.87
CA ILE OB 36 -5.42 113.26 19.05
C ILE OB 36 -5.45 113.56 20.54
N THR OB 37 -4.79 114.65 20.94
CA THR OB 37 -4.54 114.93 22.36
C THR OB 37 -4.65 116.42 22.63
N PRO OB 38 -5.78 116.93 23.15
CA PRO OB 38 -5.85 118.27 23.70
C PRO OB 38 -4.90 118.42 24.86
N ALA OB 39 -4.15 119.52 24.87
CA ALA OB 39 -3.12 119.79 25.85
C ALA OB 39 -3.18 121.26 26.23
N TYR OB 40 -2.94 121.55 27.51
CA TYR OB 40 -2.69 122.91 27.95
C TYR OB 40 -1.31 122.98 28.59
N GLU OB 41 -0.60 124.09 28.42
CA GLU OB 41 0.50 124.39 29.33
C GLU OB 41 -0.04 124.61 30.73
N HIS OB 42 0.64 124.08 31.75
CA HIS OB 42 0.27 124.26 33.15
C HIS OB 42 1.32 125.09 33.89
N ALA OB 43 0.85 126.04 34.71
CA ALA OB 43 1.70 126.82 35.59
C ALA OB 43 1.32 126.59 37.04
N GLU OB 44 2.31 126.18 37.87
CA GLU OB 44 2.12 125.85 39.27
C GLU OB 44 2.81 126.90 40.15
N LEU OB 45 2.07 127.48 41.11
CA LEU OB 45 2.61 128.48 42.00
C LEU OB 45 3.18 127.83 43.25
N TYR OB 46 4.44 128.14 43.58
CA TYR OB 46 5.02 127.80 44.87
C TYR OB 46 5.72 129.03 45.46
N THR OB 47 5.60 129.16 46.79
CA THR OB 47 6.19 130.26 47.52
C THR OB 47 6.82 129.72 48.80
N ILE OB 48 7.60 130.53 49.51
CA ILE OB 48 8.31 130.08 50.70
C ILE OB 48 7.34 129.59 51.79
N ASP OB 49 6.06 129.99 51.70
CA ASP OB 49 5.04 129.68 52.71
C ASP OB 49 4.84 128.18 52.92
N SER OB 50 5.03 127.36 51.88
CA SER OB 50 4.72 125.95 51.90
C SER OB 50 5.57 125.17 50.89
N THR OB 51 5.85 123.91 51.23
CA THR OB 51 6.47 123.00 50.26
C THR OB 51 5.44 122.48 49.27
N PHE OB 52 4.14 122.54 49.62
CA PHE OB 52 3.08 122.14 48.71
C PHE OB 52 2.76 123.24 47.72
N ARG OB 53 2.15 122.84 46.61
CA ARG OB 53 1.68 123.76 45.58
C ARG OB 53 0.59 124.67 46.12
N ASP OB 54 0.71 125.98 45.87
CA ASP OB 54 -0.31 126.95 46.23
C ASP OB 54 -1.47 126.89 45.25
N GLU OB 55 -1.17 126.92 43.93
CA GLU OB 55 -2.16 127.01 42.86
C GLU OB 55 -1.69 126.33 41.56
N VAL OB 56 -2.63 126.03 40.66
CA VAL OB 56 -2.31 125.57 39.32
C VAL OB 56 -3.29 126.14 38.30
N LYS OB 57 -2.79 126.50 37.10
CA LYS OB 57 -3.58 127.14 36.06
C LYS OB 57 -3.16 126.65 34.67
N ARG OB 58 -4.09 126.61 33.71
CA ARG OB 58 -3.87 126.31 32.30
C ARG OB 58 -3.64 127.58 31.49
N TYR OB 59 -2.90 127.49 30.37
CA TYR OB 59 -2.84 128.60 29.43
C TYR OB 59 -2.83 128.19 27.95
N GLU OB 60 -1.69 127.92 27.31
CA GLU OB 60 -1.68 127.71 25.86
C GLU OB 60 -2.41 126.42 25.52
N HIS OB 61 -3.65 126.52 25.04
CA HIS OB 61 -4.35 125.35 24.58
C HIS OB 61 -3.97 125.04 23.14
N ASN OB 62 -3.72 123.77 22.84
CA ASN OB 62 -3.70 123.28 21.47
C ASN OB 62 -4.09 121.81 21.44
N VAL OB 63 -4.54 121.34 20.28
CA VAL OB 63 -4.80 119.92 20.10
C VAL OB 63 -3.68 119.30 19.29
N ASN OB 64 -2.87 118.46 19.91
CA ASN OB 64 -1.82 117.73 19.21
C ASN OB 64 -2.45 116.64 18.36
N VAL OB 65 -2.35 116.76 17.04
CA VAL OB 65 -2.85 115.76 16.10
C VAL OB 65 -1.67 115.12 15.40
N GLU OB 66 -1.53 113.79 15.49
CA GLU OB 66 -0.58 113.10 14.64
C GLU OB 66 -1.16 111.81 14.06
N ILE OB 67 -0.94 111.63 12.77
CA ILE OB 67 -1.62 110.63 11.97
C ILE OB 67 -0.55 109.95 11.12
N THR OB 68 -0.61 108.62 11.04
CA THR OB 68 0.19 107.88 10.06
C THR OB 68 -0.77 107.23 9.08
N TYR OB 69 -0.46 107.31 7.79
CA TYR OB 69 -1.35 106.79 6.76
C TYR OB 69 -0.54 106.26 5.57
N ALA OB 70 -1.21 105.45 4.71
CA ALA OB 70 -0.50 104.70 3.68
C ALA OB 70 -1.20 104.75 2.32
N LYS OB 71 -2.20 105.61 2.14
CA LYS OB 71 -2.72 105.93 0.82
C LYS OB 71 -2.47 107.41 0.56
N PHE OB 72 -1.76 107.72 -0.52
CA PHE OB 72 -1.49 109.11 -0.86
C PHE OB 72 -2.73 109.75 -1.51
N SER OB 73 -3.01 111.01 -1.13
CA SER OB 73 -4.11 111.79 -1.66
C SER OB 73 -3.58 113.06 -2.30
N LEU OB 74 -3.87 113.23 -3.59
CA LEU OB 74 -3.46 114.45 -4.27
C LEU OB 74 -4.27 115.63 -3.77
N GLU OB 75 -5.58 115.45 -3.53
CA GLU OB 75 -6.39 116.57 -3.09
C GLU OB 75 -5.89 117.12 -1.76
N PHE OB 76 -5.58 116.24 -0.80
CA PHE OB 76 -5.08 116.68 0.48
C PHE OB 76 -3.77 117.43 0.35
N ALA OB 77 -2.85 116.90 -0.45
CA ALA OB 77 -1.55 117.54 -0.65
C ALA OB 77 -1.67 118.88 -1.37
N GLN OB 78 -2.48 118.97 -2.43
CA GLN OB 78 -2.65 120.21 -3.16
C GLN OB 78 -3.42 121.26 -2.38
N GLU OB 79 -4.36 120.88 -1.52
CA GLU OB 79 -4.94 121.78 -0.55
C GLU OB 79 -3.88 122.32 0.42
N TRP OB 80 -3.02 121.46 0.96
CA TRP OB 80 -1.98 121.92 1.89
C TRP OB 80 -1.04 122.91 1.23
N LEU OB 81 -0.63 122.66 -0.01
CA LEU OB 81 0.23 123.57 -0.76
C LEU OB 81 -0.46 124.90 -1.05
N GLY OB 82 -1.76 124.89 -1.31
CA GLY OB 82 -2.49 126.08 -1.70
C GLY OB 82 -2.75 127.08 -0.59
N GLY OB 83 -2.85 126.64 0.67
CA GLY OB 83 -3.30 127.47 1.77
C GLY OB 83 -4.83 127.57 1.81
N PRO OB 84 -5.42 128.41 2.68
CA PRO OB 84 -6.87 128.49 2.83
C PRO OB 84 -7.61 128.85 1.54
N GLY OB 85 -8.63 128.04 1.25
CA GLY OB 85 -9.57 128.20 0.13
C GLY OB 85 -8.92 128.14 -1.24
N ALA OB 86 -7.78 127.44 -1.36
CA ALA OB 86 -7.07 127.32 -2.63
C ALA OB 86 -6.41 125.95 -2.78
N THR OB 87 -6.18 125.55 -4.03
CA THR OB 87 -5.52 124.30 -4.39
C THR OB 87 -4.37 124.64 -5.33
N ALA OB 88 -3.18 124.07 -5.08
CA ALA OB 88 -2.01 124.44 -5.87
C ALA OB 88 -1.12 123.23 -6.21
N THR OB 89 -0.41 123.35 -7.34
CA THR OB 89 0.43 122.27 -7.87
C THR OB 89 1.92 122.55 -7.64
N ALA OB 90 2.24 123.58 -6.81
CA ALA OB 90 3.60 123.95 -6.45
C ALA OB 90 3.55 124.73 -5.15
N SER OB 91 4.70 124.88 -4.46
CA SER OB 91 4.81 125.67 -3.25
C SER OB 91 4.28 127.08 -3.47
N GLN OB 92 3.52 127.62 -2.51
CA GLN OB 92 3.04 128.99 -2.60
C GLN OB 92 3.81 129.87 -1.64
N ASP OB 93 4.20 131.06 -2.13
CA ASP OB 93 4.95 132.02 -1.33
C ASP OB 93 3.99 132.94 -0.56
N ASP OB 94 3.31 132.39 0.45
CA ASP OB 94 2.36 133.14 1.26
C ASP OB 94 2.26 132.61 2.70
N SER OB 95 1.78 133.48 3.60
CA SER OB 95 1.94 133.32 5.03
C SER OB 95 0.81 132.50 5.68
N ASP OB 96 -0.28 132.19 4.95
CA ASP OB 96 -1.41 131.48 5.52
C ASP OB 96 -1.31 129.96 5.36
N PRO OB 97 -1.30 129.16 6.46
CA PRO OB 97 -1.33 127.71 6.34
C PRO OB 97 -2.76 127.24 6.08
N MET OB 98 -2.90 126.16 5.31
CA MET OB 98 -4.20 125.50 5.14
C MET OB 98 -4.66 124.94 6.48
N LYS OB 99 -5.87 125.31 6.89
CA LYS OB 99 -6.49 124.85 8.12
C LYS OB 99 -7.54 123.81 7.77
N PHE OB 100 -7.46 122.63 8.39
CA PHE OB 100 -8.40 121.56 8.14
C PHE OB 100 -9.30 121.37 9.36
N ASN OB 101 -10.62 121.22 9.15
CA ASN OB 101 -11.45 120.63 10.17
C ASN OB 101 -11.31 119.12 10.10
N LEU OB 102 -11.31 118.47 11.25
CA LEU OB 102 -11.05 117.05 11.34
C LEU OB 102 -12.12 116.42 12.21
N GLU OB 103 -12.58 115.22 11.82
CA GLU OB 103 -13.47 114.43 12.65
C GLU OB 103 -13.04 112.96 12.63
N ASN OB 104 -13.00 112.32 13.80
CA ASN OB 104 -12.81 110.89 13.93
C ASN OB 104 -14.03 110.29 14.64
N VAL OB 105 -14.68 109.30 14.01
CA VAL OB 105 -15.83 108.61 14.58
C VAL OB 105 -15.45 107.16 14.86
N THR OB 106 -15.76 106.68 16.07
CA THR OB 106 -15.23 105.42 16.55
C THR OB 106 -16.26 104.69 17.40
N PRO OB 107 -16.89 103.60 16.91
CA PRO OB 107 -17.72 102.76 17.76
C PRO OB 107 -16.89 102.14 18.88
N SER OB 108 -17.46 102.02 20.08
CA SER OB 108 -16.82 101.28 21.16
C SER OB 108 -16.91 99.77 20.90
N ALA OB 109 -16.05 99.00 21.58
CA ALA OB 109 -15.80 97.61 21.22
C ALA OB 109 -17.03 96.71 21.37
N SER OB 110 -17.84 96.91 22.43
CA SER OB 110 -19.11 96.21 22.64
C SER OB 110 -20.32 97.03 22.16
N GLY OB 111 -20.11 98.10 21.40
CA GLY OB 111 -21.17 98.94 20.86
C GLY OB 111 -21.93 99.77 21.90
N GLY OB 112 -21.37 99.95 23.10
CA GLY OB 112 -21.99 100.74 24.16
C GLY OB 112 -22.15 102.24 23.83
N PHE OB 113 -21.26 102.79 23.00
CA PHE OB 113 -21.32 104.19 22.56
C PHE OB 113 -20.56 104.40 21.25
N GLU OB 114 -20.79 105.55 20.61
CA GLU OB 114 -20.07 105.92 19.40
C GLU OB 114 -19.29 107.23 19.65
N ARG OB 115 -17.99 107.12 19.88
CA ARG OB 115 -17.17 108.24 20.28
C ARG OB 115 -16.83 109.07 19.05
N THR OB 116 -17.40 110.29 18.98
CA THR OB 116 -17.04 111.25 17.94
C THR OB 116 -16.13 112.31 18.54
N THR OB 117 -14.96 112.52 17.93
CA THR OB 117 -14.09 113.64 18.25
C THR OB 117 -14.00 114.55 17.04
N ALA OB 118 -14.23 115.86 17.22
CA ALA OB 118 -14.01 116.83 16.15
C ALA OB 118 -13.06 117.92 16.63
N VAL OB 119 -12.16 118.34 15.72
CA VAL OB 119 -11.11 119.30 16.02
C VAL OB 119 -11.12 120.39 14.95
N GLU OB 120 -11.07 121.66 15.36
CA GLU OB 120 -11.04 122.76 14.39
C GLU OB 120 -9.63 123.23 14.06
N ASN OB 121 -9.47 123.73 12.84
CA ASN OB 121 -8.29 124.45 12.39
C ASN OB 121 -6.99 123.70 12.67
N VAL OB 122 -6.93 122.40 12.34
CA VAL OB 122 -5.68 121.68 12.36
C VAL OB 122 -4.78 122.20 11.25
N VAL OB 123 -3.51 122.46 11.56
CA VAL OB 123 -2.52 122.87 10.56
C VAL OB 123 -1.31 121.97 10.70
N PHE OB 124 -0.67 121.65 9.56
CA PHE OB 124 0.49 120.79 9.57
C PHE OB 124 1.71 121.58 9.14
N PRO OB 125 2.75 121.74 9.99
CA PRO OB 125 3.96 122.46 9.61
C PRO OB 125 4.62 121.89 8.36
N GLU OB 126 4.47 120.57 8.16
CA GLU OB 126 5.13 119.90 7.06
C GLU OB 126 4.28 118.75 6.55
N LEU OB 127 4.42 118.49 5.26
CA LEU OB 127 3.68 117.46 4.58
C LEU OB 127 4.67 116.54 3.89
N PRO OB 128 4.74 115.24 4.23
CA PRO OB 128 5.62 114.33 3.49
C PRO OB 128 4.97 114.01 2.14
N LEU OB 129 5.65 114.42 1.07
CA LEU OB 129 5.14 114.17 -0.28
C LEU OB 129 5.51 112.77 -0.73
N ASP OB 130 6.78 112.41 -0.53
CA ASP OB 130 7.27 111.09 -0.90
C ASP OB 130 7.95 110.49 0.33
N SER OB 131 7.71 109.20 0.56
CA SER OB 131 8.17 108.50 1.74
C SER OB 131 8.46 107.04 1.36
N ALA OB 132 9.35 106.89 0.38
CA ALA OB 132 9.65 105.63 -0.28
C ALA OB 132 10.75 104.87 0.46
N THR OB 133 10.54 103.56 0.66
CA THR OB 133 11.50 102.67 1.31
C THR OB 133 11.48 101.34 0.60
N TYR OB 134 12.66 100.73 0.42
CA TYR OB 134 12.79 99.51 -0.35
C TYR OB 134 11.92 98.38 0.21
N GLY OB 135 11.02 97.84 -0.63
CA GLY OB 135 10.20 96.70 -0.28
C GLY OB 135 9.07 97.06 0.68
N GLU OB 136 8.62 98.32 0.67
CA GLU OB 136 7.50 98.76 1.49
C GLU OB 136 6.58 99.71 0.73
N TYR OB 137 5.30 99.74 1.13
CA TYR OB 137 4.43 100.80 0.64
C TYR OB 137 4.85 102.12 1.28
N GLU OB 138 4.63 103.23 0.57
CA GLU OB 138 4.98 104.52 1.15
C GLU OB 138 4.10 104.77 2.37
N GLU OB 139 4.73 105.06 3.52
CA GLU OB 139 4.03 105.36 4.75
C GLU OB 139 4.34 106.79 5.19
N TYR OB 140 3.28 107.57 5.40
CA TYR OB 140 3.38 109.02 5.61
C TYR OB 140 2.96 109.37 7.04
N SER OB 141 3.71 110.23 7.72
CA SER OB 141 3.31 110.74 9.04
C SER OB 141 3.06 112.24 9.00
N LEU OB 142 1.90 112.66 9.50
CA LEU OB 142 1.58 114.06 9.72
C LEU OB 142 1.61 114.37 11.21
N THR OB 143 2.25 115.48 11.57
CA THR OB 143 2.14 116.07 12.90
C THR OB 143 1.59 117.48 12.73
N GLY OB 144 0.62 117.87 13.56
CA GLY OB 144 -0.04 119.16 13.41
C GLY OB 144 -0.75 119.62 14.68
N SER OB 145 -1.21 120.87 14.68
CA SER OB 145 -1.84 121.46 15.85
C SER OB 145 -3.22 122.02 15.48
N GLY OB 146 -4.25 121.52 16.15
CA GLY OB 146 -5.59 122.09 16.08
C GLY OB 146 -5.80 123.18 17.13
N ARG OB 147 -6.76 124.07 16.88
CA ARG OB 147 -7.05 125.17 17.79
C ARG OB 147 -7.80 124.68 19.03
N SER OB 148 -8.84 123.88 18.82
CA SER OB 148 -9.69 123.38 19.90
C SER OB 148 -10.47 122.14 19.49
N VAL OB 149 -10.96 121.40 20.50
CA VAL OB 149 -11.91 120.31 20.28
C VAL OB 149 -13.31 120.90 20.23
N THR OB 150 -13.97 120.84 19.08
CA THR OB 150 -15.30 121.41 18.95
C THR OB 150 -16.40 120.45 19.41
N ASN OB 151 -16.11 119.15 19.41
CA ASN OB 151 -17.06 118.15 19.88
C ASN OB 151 -16.33 116.93 20.42
N LEU OB 152 -16.79 116.44 21.58
CA LEU OB 152 -16.47 115.11 22.07
C LEU OB 152 -17.71 114.55 22.75
N ALA OB 153 -18.42 113.66 22.04
CA ALA OB 153 -19.70 113.18 22.50
C ALA OB 153 -19.93 111.73 22.08
N ASP OB 154 -20.88 111.08 22.80
CA ASP OB 154 -21.49 109.85 22.31
C ASP OB 154 -22.55 110.20 21.28
N THR OB 155 -22.32 109.84 20.00
CA THR OB 155 -23.24 110.11 18.92
C THR OB 155 -24.11 108.91 18.57
N SER OB 156 -24.08 107.82 19.35
CA SER OB 156 -24.88 106.62 19.09
C SER OB 156 -26.39 106.94 19.16
N GLY OB 157 -27.17 106.26 18.29
CA GLY OB 157 -28.53 106.66 17.90
C GLY OB 157 -29.47 106.82 19.10
N ALA PB 2 -13.02 114.12 -7.70
CA ALA PB 2 -11.53 114.16 -7.60
C ALA PB 2 -10.95 112.75 -7.48
N THR PB 3 -9.66 112.62 -7.79
CA THR PB 3 -8.93 111.36 -7.81
C THR PB 3 -8.91 110.71 -6.43
N SER PB 4 -9.33 109.43 -6.33
CA SER PB 4 -9.36 108.70 -5.06
C SER PB 4 -7.96 108.53 -4.47
N PRO PB 5 -7.78 108.58 -3.13
CA PRO PB 5 -6.51 108.21 -2.51
C PRO PB 5 -6.16 106.75 -2.79
N GLU PB 6 -4.86 106.48 -2.97
CA GLU PB 6 -4.41 105.14 -3.35
C GLU PB 6 -3.05 104.83 -2.74
N GLY PB 7 -2.74 103.55 -2.52
CA GLY PB 7 -1.43 103.17 -2.02
C GLY PB 7 -0.34 103.45 -3.05
N ILE PB 8 0.90 103.68 -2.59
CA ILE PB 8 2.02 103.81 -3.50
C ILE PB 8 3.10 102.82 -3.08
N TRP PB 9 3.61 102.09 -4.06
CA TRP PB 9 4.63 101.09 -3.83
C TRP PB 9 6.00 101.70 -4.11
N SER PB 10 6.90 101.66 -3.12
CA SER PB 10 8.11 102.45 -3.17
C SER PB 10 8.95 102.09 -4.40
N ASN PB 11 9.06 100.79 -4.67
CA ASN PB 11 9.92 100.30 -5.72
C ASN PB 11 9.38 100.62 -7.13
N SER PB 12 8.17 101.16 -7.28
CA SER PB 12 7.69 101.66 -8.56
C SER PB 12 8.28 103.03 -8.93
N GLY PB 13 8.97 103.69 -7.99
CA GLY PB 13 9.48 105.04 -8.18
C GLY PB 13 10.69 105.13 -9.11
N ALA PB 14 10.86 106.33 -9.68
CA ALA PB 14 12.01 106.69 -10.48
C ALA PB 14 12.43 108.13 -10.19
N LEU PB 15 13.52 108.27 -9.42
CA LEU PB 15 14.13 109.55 -9.09
C LEU PB 15 15.17 109.92 -10.13
N THR PB 16 15.20 111.21 -10.51
CA THR PB 16 16.20 111.74 -11.43
C THR PB 16 16.65 113.13 -11.00
N PHE PB 17 17.93 113.44 -11.26
CA PHE PB 17 18.50 114.74 -10.99
C PHE PB 17 18.87 115.44 -12.29
N GLU PB 18 18.73 116.76 -12.28
CA GLU PB 18 19.11 117.57 -13.44
C GLU PB 18 19.93 118.78 -13.02
N ASP PB 19 20.87 119.17 -13.88
CA ASP PB 19 21.54 120.46 -13.74
C ASP PB 19 20.55 121.54 -14.15
N PRO PB 20 20.22 122.52 -13.27
CA PRO PB 20 19.26 123.57 -13.61
C PRO PB 20 19.73 124.53 -14.69
N ALA PB 21 21.02 124.52 -15.06
CA ALA PB 21 21.53 125.35 -16.14
C ALA PB 21 21.12 124.82 -17.53
N ASP PB 22 21.34 123.52 -17.74
CA ASP PB 22 21.06 122.87 -19.02
C ASP PB 22 19.65 122.28 -19.12
N ASP PB 23 19.05 121.92 -17.98
CA ASP PB 23 18.00 120.91 -17.90
C ASP PB 23 18.52 119.50 -18.28
N SER PB 24 19.85 119.29 -18.25
CA SER PB 24 20.46 118.00 -18.57
C SER PB 24 20.52 117.07 -17.36
N GLU PB 25 20.41 115.76 -17.62
CA GLU PB 25 20.41 114.76 -16.56
C GLU PB 25 21.79 114.59 -15.94
N ILE PB 26 21.81 114.40 -14.62
CA ILE PB 26 22.97 113.99 -13.86
C ILE PB 26 22.76 112.53 -13.47
N LEU PB 27 23.65 111.63 -13.89
CA LEU PB 27 23.46 110.20 -13.70
C LEU PB 27 23.44 109.81 -12.22
N PHE PB 28 22.34 109.19 -11.81
CA PHE PB 28 22.13 108.78 -10.44
C PHE PB 28 21.15 107.60 -10.44
N ALA PB 29 21.41 106.61 -9.57
CA ALA PB 29 20.68 105.35 -9.61
C ALA PB 29 20.80 104.60 -8.29
N GLY PB 30 20.02 103.52 -8.15
CA GLY PB 30 20.19 102.63 -7.02
C GLY PB 30 19.64 103.17 -5.71
N VAL PB 31 18.56 103.97 -5.75
CA VAL PB 31 17.92 104.37 -4.51
C VAL PB 31 17.34 103.18 -3.77
N ARG PB 32 17.19 103.36 -2.45
CA ARG PB 32 16.56 102.41 -1.54
C ARG PB 32 15.53 103.13 -0.68
N ASP PB 33 15.84 104.34 -0.24
CA ASP PB 33 14.83 105.22 0.33
C ASP PB 33 14.87 106.59 -0.33
N VAL PB 34 13.70 107.22 -0.41
CA VAL PB 34 13.58 108.60 -0.84
C VAL PB 34 12.48 109.28 -0.05
N THR PB 35 12.86 110.35 0.66
CA THR PB 35 11.90 111.17 1.40
C THR PB 35 11.94 112.60 0.87
N ILE PB 36 10.77 113.14 0.49
CA ILE PB 36 10.64 114.53 0.12
C ILE PB 36 9.51 115.13 0.96
N THR PB 37 9.83 116.18 1.73
CA THR PB 37 8.89 116.76 2.67
C THR PB 37 8.97 118.28 2.64
N PRO PB 38 8.07 118.98 1.90
CA PRO PB 38 7.91 120.42 2.04
C PRO PB 38 7.49 120.77 3.46
N ALA PB 39 8.18 121.76 4.03
CA ALA PB 39 7.94 122.20 5.39
C ALA PB 39 8.00 123.72 5.45
N TYR PB 40 7.26 124.28 6.42
CA TYR PB 40 7.42 125.66 6.81
C TYR PB 40 7.61 125.72 8.32
N GLU PB 41 8.22 126.79 8.78
CA GLU PB 41 8.13 127.12 10.20
C GLU PB 41 6.73 127.66 10.49
N HIS PB 42 6.12 127.31 11.63
CA HIS PB 42 4.87 127.92 12.07
C HIS PB 42 5.08 128.78 13.31
N ALA PB 43 4.49 129.97 13.30
CA ALA PB 43 4.41 130.80 14.50
C ALA PB 43 2.95 130.95 14.89
N GLU PB 44 2.63 130.62 16.16
CA GLU PB 44 1.27 130.71 16.70
C GLU PB 44 1.19 131.90 17.66
N LEU PB 45 0.13 132.70 17.58
CA LEU PB 45 -0.05 133.85 18.48
C LEU PB 45 -0.95 133.49 19.65
N TYR PB 46 -0.48 133.79 20.86
CA TYR PB 46 -1.32 133.74 22.05
C TYR PB 46 -1.19 135.02 22.86
N THR PB 47 -2.27 135.38 23.57
CA THR PB 47 -2.34 136.59 24.37
C THR PB 47 -3.18 136.34 25.61
N ILE PB 48 -3.20 137.27 26.57
CA ILE PB 48 -3.99 137.13 27.78
C ILE PB 48 -5.50 137.06 27.50
N ASP PB 49 -5.97 137.48 26.31
CA ASP PB 49 -7.38 137.46 25.99
C ASP PB 49 -7.98 136.05 26.01
N SER PB 50 -7.20 135.03 25.66
CA SER PB 50 -7.73 133.68 25.49
C SER PB 50 -6.67 132.61 25.68
N THR PB 51 -7.10 131.43 26.14
CA THR PB 51 -6.23 130.25 26.14
C THR PB 51 -6.10 129.67 24.74
N PHE PB 52 -7.08 129.94 23.85
CA PHE PB 52 -7.01 129.46 22.49
C PHE PB 52 -6.06 130.31 21.64
N ARG PB 53 -5.48 129.67 20.63
CA ARG PB 53 -4.65 130.30 19.63
C ARG PB 53 -5.44 131.38 18.88
N ASP PB 54 -4.87 132.58 18.81
CA ASP PB 54 -5.47 133.69 18.06
C ASP PB 54 -5.21 133.51 16.57
N GLU PB 55 -3.94 133.25 16.20
CA GLU PB 55 -3.51 133.18 14.81
C GLU PB 55 -2.39 132.16 14.61
N VAL PB 56 -2.17 131.75 13.35
CA VAL PB 56 -1.00 130.96 12.96
C VAL PB 56 -0.54 131.38 11.58
N LYS PB 57 0.80 131.42 11.34
CA LYS PB 57 1.35 131.78 10.05
C LYS PB 57 2.57 130.93 9.69
N ARG PB 58 2.86 130.79 8.39
CA ARG PB 58 4.02 130.13 7.82
C ARG PB 58 5.18 131.11 7.55
N TYR PB 59 6.43 130.64 7.61
CA TYR PB 59 7.54 131.49 7.18
C TYR PB 59 8.63 130.76 6.42
N GLU PB 60 9.73 130.30 7.04
CA GLU PB 60 10.85 129.73 6.31
C GLU PB 60 10.42 128.45 5.58
N HIS PB 61 10.12 128.54 4.29
CA HIS PB 61 9.80 127.36 3.50
C HIS PB 61 11.10 126.68 3.08
N ASN PB 62 11.12 125.36 3.20
CA ASN PB 62 12.14 124.55 2.53
C ASN PB 62 11.58 123.15 2.28
N VAL PB 63 12.16 122.43 1.32
CA VAL PB 63 11.78 121.05 1.13
C VAL PB 63 12.91 120.18 1.64
N ASN PB 64 12.65 119.41 2.69
CA ASN PB 64 13.59 118.41 3.15
C ASN PB 64 13.65 117.29 2.12
N VAL PB 65 14.82 117.06 1.55
CA VAL PB 65 15.08 115.93 0.66
C VAL PB 65 16.14 115.06 1.31
N GLU PB 66 15.83 113.79 1.51
CA GLU PB 66 16.84 112.84 1.93
C GLU PB 66 16.67 111.51 1.23
N ILE PB 67 17.80 110.94 0.83
CA ILE PB 67 17.85 109.84 -0.10
C ILE PB 67 18.88 108.86 0.41
N THR PB 68 18.53 107.57 0.47
CA THR PB 68 19.51 106.52 0.70
C THR PB 68 19.67 105.72 -0.58
N TYR PB 69 20.92 105.54 -1.05
CA TYR PB 69 21.18 104.89 -2.31
C TYR PB 69 22.47 104.06 -2.26
N ALA PB 70 22.64 103.12 -3.19
CA ALA PB 70 23.64 102.09 -3.08
C ALA PB 70 24.37 101.83 -4.40
N LYS PB 71 24.24 102.73 -5.38
CA LYS PB 71 25.13 102.77 -6.54
C LYS PB 71 25.85 104.12 -6.56
N PHE PB 72 27.18 104.09 -6.49
CA PHE PB 72 27.98 105.31 -6.53
C PHE PB 72 27.97 105.90 -7.94
N SER PB 73 27.87 107.23 -8.02
CA SER PB 73 27.94 107.95 -9.28
C SER PB 73 29.09 108.94 -9.25
N LEU PB 74 30.03 108.79 -10.19
CA LEU PB 74 31.09 109.77 -10.35
C LEU PB 74 30.56 111.13 -10.77
N GLU PB 75 29.56 111.17 -11.66
CA GLU PB 75 29.06 112.43 -12.16
C GLU PB 75 28.41 113.25 -11.04
N PHE PB 76 27.59 112.60 -10.21
CA PHE PB 76 26.91 113.30 -9.13
C PHE PB 76 27.91 113.85 -8.12
N ALA PB 77 28.91 113.07 -7.77
CA ALA PB 77 29.93 113.51 -6.83
C ALA PB 77 30.77 114.65 -7.39
N GLN PB 78 31.23 114.55 -8.64
CA GLN PB 78 32.07 115.58 -9.23
C GLN PB 78 31.30 116.87 -9.49
N GLU PB 79 30.00 116.81 -9.80
CA GLU PB 79 29.13 117.98 -9.84
C GLU PB 79 29.07 118.65 -8.47
N TRP PB 80 28.77 117.89 -7.41
CA TRP PB 80 28.70 118.44 -6.06
C TRP PB 80 30.01 119.09 -5.63
N LEU PB 81 31.15 118.50 -5.98
CA LEU PB 81 32.44 119.10 -5.67
C LEU PB 81 32.65 120.39 -6.45
N GLY PB 82 32.25 120.41 -7.72
CA GLY PB 82 32.56 121.52 -8.60
C GLY PB 82 31.72 122.77 -8.35
N GLY PB 83 30.50 122.61 -7.84
CA GLY PB 83 29.56 123.70 -7.70
C GLY PB 83 28.87 124.02 -9.03
N PRO PB 84 28.09 125.11 -9.11
CA PRO PB 84 27.32 125.44 -10.30
C PRO PB 84 28.15 125.50 -11.57
N GLY PB 85 27.64 124.79 -12.59
CA GLY PB 85 28.14 124.76 -13.96
C GLY PB 85 29.52 124.11 -14.15
N ALA PB 86 30.04 123.42 -13.13
CA ALA PB 86 31.39 122.86 -13.20
C ALA PB 86 31.45 121.46 -12.59
N THR PB 87 32.23 120.57 -13.21
CA THR PB 87 32.53 119.25 -12.69
C THR PB 87 33.98 119.24 -12.23
N ALA PB 88 34.24 118.90 -10.96
CA ALA PB 88 35.59 118.99 -10.40
C ALA PB 88 36.02 117.67 -9.73
N THR PB 89 37.32 117.35 -9.88
CA THR PB 89 37.88 116.10 -9.38
C THR PB 89 38.49 116.23 -7.98
N ALA PB 90 38.24 117.38 -7.31
CA ALA PB 90 38.81 117.69 -5.99
C ALA PB 90 37.99 118.78 -5.33
N SER PB 91 38.11 118.93 -4.01
CA SER PB 91 37.42 119.99 -3.26
C SER PB 91 37.70 121.36 -3.88
N GLN PB 92 36.65 122.19 -3.98
CA GLN PB 92 36.80 123.54 -4.49
C GLN PB 92 36.64 124.53 -3.35
N ASP PB 93 37.51 125.54 -3.31
CA ASP PB 93 37.40 126.60 -2.32
C ASP PB 93 36.48 127.72 -2.81
N ASP PB 94 35.17 127.44 -2.91
CA ASP PB 94 34.20 128.48 -3.26
C ASP PB 94 32.83 128.30 -2.57
N SER PB 95 32.09 129.41 -2.51
CA SER PB 95 30.94 129.56 -1.63
C SER PB 95 29.63 129.04 -2.23
N ASP PB 96 29.53 128.90 -3.56
CA ASP PB 96 28.29 128.45 -4.20
C ASP PB 96 28.16 126.94 -4.17
N PRO PB 97 27.15 126.36 -3.48
CA PRO PB 97 26.94 124.92 -3.52
C PRO PB 97 26.29 124.56 -4.85
N MET PB 98 26.53 123.33 -5.29
CA MET PB 98 25.82 122.81 -6.46
C MET PB 98 24.33 122.69 -6.12
N LYS PB 99 23.50 123.25 -6.99
CA LYS PB 99 22.05 123.17 -6.87
C LYS PB 99 21.54 122.21 -7.91
N PHE PB 100 20.81 121.18 -7.48
CA PHE PB 100 20.23 120.20 -8.38
C PHE PB 100 18.73 120.42 -8.48
N ASN PB 101 18.18 120.33 -9.68
CA ASN PB 101 16.76 120.06 -9.78
C ASN PB 101 16.56 118.57 -9.57
N LEU PB 102 15.42 118.23 -8.96
CA LEU PB 102 15.09 116.85 -8.66
C LEU PB 102 13.66 116.57 -9.11
N GLU PB 103 13.44 115.38 -9.67
CA GLU PB 103 12.09 114.91 -9.99
C GLU PB 103 11.95 113.44 -9.62
N ASN PB 104 10.82 113.07 -9.02
CA ASN PB 104 10.49 111.69 -8.70
C ASN PB 104 9.09 111.38 -9.24
N VAL PB 105 8.95 110.22 -9.90
CA VAL PB 105 7.68 109.83 -10.51
C VAL PB 105 7.31 108.43 -10.02
N THR PB 106 6.05 108.26 -9.61
CA THR PB 106 5.56 106.97 -9.14
C THR PB 106 4.15 106.71 -9.66
N PRO PB 107 3.89 105.59 -10.35
CA PRO PB 107 2.54 105.09 -10.50
C PRO PB 107 1.94 104.81 -9.12
N SER PB 108 0.63 105.00 -8.97
CA SER PB 108 -0.08 104.43 -7.83
C SER PB 108 -0.19 102.93 -7.92
N ALA PB 109 -0.53 102.28 -6.82
CA ALA PB 109 -0.52 100.83 -6.74
C ALA PB 109 -1.45 100.16 -7.77
N SER PB 110 -2.63 100.75 -8.00
CA SER PB 110 -3.62 100.24 -8.95
C SER PB 110 -3.71 101.10 -10.24
N GLY PB 111 -2.74 102.01 -10.46
CA GLY PB 111 -2.70 102.85 -11.65
C GLY PB 111 -3.84 103.88 -11.75
N GLY PB 112 -4.41 104.27 -10.59
CA GLY PB 112 -5.41 105.32 -10.53
C GLY PB 112 -4.86 106.69 -10.94
N PHE PB 113 -3.56 106.93 -10.66
CA PHE PB 113 -2.86 108.16 -11.02
C PHE PB 113 -1.36 107.93 -11.10
N GLU PB 114 -0.62 108.90 -11.67
CA GLU PB 114 0.82 108.88 -11.64
C GLU PB 114 1.34 110.14 -10.93
N ARG PB 115 1.76 110.00 -9.68
CA ARG PB 115 2.23 111.14 -8.92
C ARG PB 115 3.63 111.55 -9.35
N THR PB 116 3.77 112.79 -9.84
CA THR PB 116 5.06 113.42 -10.10
C THR PB 116 5.32 114.47 -9.03
N THR PB 117 6.47 114.38 -8.36
CA THR PB 117 6.97 115.40 -7.43
C THR PB 117 8.25 115.98 -7.98
N ALA PB 118 8.37 117.31 -8.02
CA ALA PB 118 9.60 117.96 -8.46
C ALA PB 118 9.97 119.10 -7.52
N VAL PB 119 11.28 119.28 -7.34
CA VAL PB 119 11.83 120.21 -6.34
C VAL PB 119 12.97 121.01 -6.98
N GLU PB 120 12.94 122.35 -6.85
CA GLU PB 120 14.01 123.17 -7.41
C GLU PB 120 15.15 123.39 -6.41
N ASN PB 121 16.37 123.54 -6.95
CA ASN PB 121 17.51 124.01 -6.18
C ASN PB 121 17.77 123.23 -4.90
N VAL PB 122 17.73 121.91 -4.97
CA VAL PB 122 18.15 121.05 -3.88
C VAL PB 122 19.66 121.16 -3.70
N VAL PB 123 20.13 121.44 -2.48
CA VAL PB 123 21.55 121.41 -2.15
C VAL PB 123 21.80 120.46 -0.99
N PHE PB 124 22.96 119.79 -0.98
CA PHE PB 124 23.28 118.85 0.08
C PHE PB 124 24.50 119.35 0.85
N PRO PB 125 24.40 119.67 2.15
CA PRO PB 125 25.54 120.16 2.92
C PRO PB 125 26.74 119.25 2.93
N GLU PB 126 26.52 117.94 2.83
CA GLU PB 126 27.63 116.98 2.78
C GLU PB 126 27.33 115.81 1.87
N LEU PB 127 28.38 115.32 1.23
CA LEU PB 127 28.30 114.24 0.26
C LEU PB 127 29.14 113.07 0.76
N PRO PB 128 28.56 111.89 1.04
CA PRO PB 128 29.35 110.72 1.37
C PRO PB 128 30.03 110.21 0.10
N LEU PB 129 31.35 110.09 0.16
CA LEU PB 129 32.12 109.57 -0.96
C LEU PB 129 32.31 108.08 -0.79
N ASP PB 130 32.88 107.70 0.37
CA ASP PB 130 33.07 106.32 0.74
C ASP PB 130 32.17 106.03 1.93
N SER PB 131 31.50 104.88 1.91
CA SER PB 131 30.61 104.46 2.98
C SER PB 131 30.65 102.93 3.11
N ALA PB 132 31.85 102.42 3.34
CA ALA PB 132 32.14 101.01 3.36
C ALA PB 132 31.90 100.40 4.75
N THR PB 133 31.55 99.12 4.74
CA THR PB 133 31.27 98.34 5.93
C THR PB 133 31.44 96.87 5.58
N TYR PB 134 32.17 96.15 6.42
CA TYR PB 134 32.52 94.76 6.18
C TYR PB 134 31.28 93.91 5.88
N GLY PB 135 31.32 93.20 4.74
CA GLY PB 135 30.24 92.31 4.35
C GLY PB 135 28.99 93.01 3.83
N GLU PB 136 29.07 94.30 3.48
CA GLU PB 136 27.95 95.02 2.89
C GLU PB 136 28.38 95.79 1.65
N TYR PB 137 27.43 96.04 0.74
CA TYR PB 137 27.67 97.02 -0.30
C TYR PB 137 27.78 98.39 0.34
N GLU PB 138 28.50 99.32 -0.30
CA GLU PB 138 28.51 100.69 0.20
C GLU PB 138 27.12 101.30 0.04
N GLU PB 139 26.64 101.98 1.08
CA GLU PB 139 25.32 102.57 1.09
C GLU PB 139 25.43 104.00 1.61
N TYR PB 140 24.80 104.93 0.89
CA TYR PB 140 25.06 106.35 1.02
C TYR PB 140 23.77 107.08 1.36
N SER PB 141 23.81 107.96 2.38
CA SER PB 141 22.68 108.82 2.68
C SER PB 141 23.01 110.27 2.34
N LEU PB 142 22.14 110.91 1.56
CA LEU PB 142 22.18 112.33 1.31
C LEU PB 142 21.05 112.99 2.10
N THR PB 143 21.34 114.16 2.66
CA THR PB 143 20.33 115.03 3.23
C THR PB 143 20.55 116.43 2.65
N GLY PB 144 19.46 117.09 2.26
CA GLY PB 144 19.57 118.37 1.60
C GLY PB 144 18.27 119.17 1.67
N SER PB 145 18.36 120.43 1.27
CA SER PB 145 17.22 121.33 1.26
C SER PB 145 16.96 121.84 -0.16
N GLY PB 146 15.75 121.60 -0.66
CA GLY PB 146 15.25 122.29 -1.84
C GLY PB 146 14.60 123.62 -1.50
N ARG PB 147 14.57 124.53 -2.48
CA ARG PB 147 13.97 125.84 -2.28
C ARG PB 147 12.45 125.79 -2.27
N SER PB 148 11.83 125.04 -3.19
CA SER PB 148 10.38 124.93 -3.27
C SER PB 148 9.97 123.70 -4.10
N VAL PB 149 8.69 123.28 -3.98
CA VAL PB 149 8.11 122.28 -4.85
C VAL PB 149 7.65 122.97 -6.12
N THR PB 150 8.14 122.53 -7.29
CA THR PB 150 7.76 123.13 -8.56
C THR PB 150 6.61 122.39 -9.25
N ASN PB 151 6.42 121.11 -8.92
CA ASN PB 151 5.31 120.35 -9.47
C ASN PB 151 4.88 119.25 -8.49
N LEU PB 152 3.57 119.15 -8.26
CA LEU PB 152 2.94 118.01 -7.63
C LEU PB 152 1.60 117.77 -8.32
N ALA PB 153 1.56 116.73 -9.18
CA ALA PB 153 0.39 116.51 -10.03
C ALA PB 153 0.26 115.05 -10.47
N ASP PB 154 -0.93 114.69 -10.94
CA ASP PB 154 -1.15 113.47 -11.68
C ASP PB 154 -0.73 113.71 -13.12
N THR PB 155 0.41 113.10 -13.52
CA THR PB 155 0.92 113.23 -14.88
C THR PB 155 0.48 112.09 -15.80
N SER PB 156 -0.41 111.19 -15.36
CA SER PB 156 -0.99 110.18 -16.24
C SER PB 156 -1.85 110.81 -17.33
N GLY PB 157 -2.03 110.09 -18.46
CA GLY PB 157 -2.72 110.61 -19.63
C GLY PB 157 -4.12 111.09 -19.33
N ALA QB 2 28.36 109.79 -19.77
CA ALA QB 2 29.52 109.42 -18.88
C ALA QB 2 29.32 108.05 -18.25
N THR QB 3 30.14 107.72 -17.24
CA THR QB 3 30.23 106.36 -16.69
C THR QB 3 29.01 106.04 -15.82
N SER QB 4 28.32 104.92 -16.12
CA SER QB 4 27.07 104.53 -15.45
C SER QB 4 27.28 104.34 -13.96
N PRO QB 5 26.34 104.76 -13.08
CA PRO QB 5 26.47 104.49 -11.64
C PRO QB 5 26.47 103.00 -11.37
N GLU QB 6 27.22 102.59 -10.35
CA GLU QB 6 27.40 101.17 -10.10
C GLU QB 6 27.54 100.89 -8.60
N GLY QB 7 27.14 99.69 -8.19
CA GLY QB 7 27.35 99.26 -6.81
C GLY QB 7 28.83 99.19 -6.48
N ILE QB 8 29.16 99.32 -5.19
CA ILE QB 8 30.53 99.13 -4.73
C ILE QB 8 30.49 98.17 -3.56
N TRP QB 9 31.47 97.26 -3.54
CA TRP QB 9 31.53 96.25 -2.51
C TRP QB 9 32.59 96.65 -1.47
N SER QB 10 32.19 96.71 -0.19
CA SER QB 10 33.05 97.30 0.82
C SER QB 10 34.35 96.55 0.97
N ASN QB 11 34.32 95.22 0.89
CA ASN QB 11 35.51 94.42 1.09
C ASN QB 11 36.52 94.54 -0.06
N SER QB 12 36.15 95.18 -1.17
CA SER QB 12 37.11 95.49 -2.22
C SER QB 12 37.94 96.73 -1.92
N GLY QB 13 37.72 97.40 -0.79
CA GLY QB 13 38.50 98.59 -0.42
C GLY QB 13 39.99 98.32 -0.20
N ALA QB 14 40.78 99.40 -0.23
CA ALA QB 14 42.23 99.35 -0.14
C ALA QB 14 42.76 100.65 0.49
N LEU QB 15 42.39 100.89 1.75
CA LEU QB 15 42.77 102.10 2.47
C LEU QB 15 44.27 102.13 2.77
N THR QB 16 44.90 103.29 2.63
CA THR QB 16 46.32 103.50 2.92
C THR QB 16 46.54 104.89 3.52
N PHE QB 17 47.59 105.03 4.33
CA PHE QB 17 48.00 106.30 4.90
C PHE QB 17 49.43 106.62 4.49
N GLU QB 18 49.70 107.91 4.29
CA GLU QB 18 51.04 108.37 3.95
C GLU QB 18 51.45 109.54 4.82
N ASP QB 19 52.74 109.63 5.13
CA ASP QB 19 53.30 110.79 5.79
C ASP QB 19 53.44 111.92 4.77
N PRO QB 20 52.78 113.09 4.93
CA PRO QB 20 52.88 114.16 3.95
C PRO QB 20 54.26 114.79 3.84
N ALA QB 21 55.19 114.51 4.77
CA ALA QB 21 56.56 114.99 4.64
C ALA QB 21 57.37 114.20 3.59
N ASP QB 22 56.98 112.94 3.35
CA ASP QB 22 57.76 112.01 2.53
C ASP QB 22 56.99 111.46 1.32
N ASP QB 23 55.66 111.38 1.44
CA ASP QB 23 54.80 110.49 0.68
C ASP QB 23 55.17 109.02 0.93
N SER QB 24 55.83 108.71 2.06
CA SER QB 24 56.09 107.35 2.52
C SER QB 24 54.84 106.76 3.16
N GLU QB 25 54.61 105.45 2.93
CA GLU QB 25 53.45 104.79 3.50
C GLU QB 25 53.67 104.53 4.99
N ILE QB 26 52.62 104.74 5.78
CA ILE QB 26 52.54 104.36 7.18
C ILE QB 26 51.77 103.04 7.24
N LEU QB 27 52.35 102.01 7.88
CA LEU QB 27 51.76 100.68 7.89
C LEU QB 27 50.43 100.69 8.64
N PHE QB 28 49.35 100.37 7.92
CA PHE QB 28 48.01 100.33 8.49
C PHE QB 28 47.17 99.32 7.70
N ALA QB 29 46.31 98.59 8.43
CA ALA QB 29 45.64 97.44 7.86
C ALA QB 29 44.42 97.02 8.69
N GLY QB 30 43.61 96.12 8.13
CA GLY QB 30 42.58 95.44 8.88
C GLY QB 30 41.38 96.34 9.12
N VAL QB 31 41.03 97.20 8.16
CA VAL QB 31 39.81 97.98 8.27
C VAL QB 31 38.56 97.10 8.23
N ARG QB 32 37.47 97.61 8.78
CA ARG QB 32 36.18 96.94 8.81
C ARG QB 32 35.08 97.90 8.38
N ASP QB 33 35.15 99.16 8.82
CA ASP QB 33 34.25 100.20 8.34
C ASP QB 33 35.08 101.40 7.87
N VAL QB 34 34.62 102.12 6.83
CA VAL QB 34 35.25 103.34 6.37
C VAL QB 34 34.21 104.31 5.81
N THR QB 35 34.00 105.44 6.50
CA THR QB 35 33.18 106.53 6.00
C THR QB 35 34.06 107.75 5.72
N ILE QB 36 34.01 108.28 4.50
CA ILE QB 36 34.70 109.52 4.18
C ILE QB 36 33.70 110.46 3.52
N THR QB 37 33.52 111.64 4.12
CA THR QB 37 32.42 112.54 3.75
C THR QB 37 32.90 113.98 3.74
N PRO QB 38 33.17 114.61 2.57
CA PRO QB 38 33.31 116.04 2.50
C PRO QB 38 32.01 116.73 2.90
N ALA QB 39 32.13 117.74 3.74
CA ALA QB 39 31.02 118.53 4.23
C ALA QB 39 31.34 120.01 4.09
N TYR QB 40 30.30 120.84 4.05
CA TYR QB 40 30.44 122.27 4.27
C TYR QB 40 29.32 122.74 5.19
N GLU QB 41 29.59 123.71 6.04
CA GLU QB 41 28.49 124.44 6.66
C GLU QB 41 27.72 125.19 5.58
N HIS QB 42 26.38 125.21 5.67
CA HIS QB 42 25.53 125.97 4.77
C HIS QB 42 24.82 127.11 5.50
N ALA QB 43 24.79 128.28 4.88
CA ALA QB 43 24.03 129.42 5.36
C ALA QB 43 22.96 129.81 4.36
N GLU QB 44 21.69 129.87 4.81
CA GLU QB 44 20.54 130.16 3.97
C GLU QB 44 19.97 131.53 4.33
N LEU QB 45 19.86 132.44 3.36
CA LEU QB 45 19.29 133.76 3.59
C LEU QB 45 17.78 133.74 3.47
N TYR QB 46 17.08 134.30 4.46
CA TYR QB 46 15.65 134.57 4.37
C TYR QB 46 15.39 135.98 4.89
N THR QB 47 14.41 136.65 4.27
CA THR QB 47 14.02 138.00 4.64
C THR QB 47 12.50 138.13 4.54
N ILE QB 48 11.93 139.22 5.04
CA ILE QB 48 10.48 139.38 5.07
C ILE QB 48 9.88 139.38 3.66
N ASP QB 49 10.70 139.61 2.63
CA ASP QB 49 10.26 139.70 1.24
C ASP QB 49 9.55 138.45 0.74
N SER QB 50 9.98 137.26 1.21
CA SER QB 50 9.49 135.99 0.71
C SER QB 50 9.57 134.89 1.78
N THR QB 51 8.68 133.91 1.68
CA THR QB 51 8.77 132.70 2.50
C THR QB 51 9.80 131.73 1.92
N PHE QB 52 10.12 131.86 0.63
CA PHE QB 52 11.16 131.03 0.03
C PHE QB 52 12.54 131.56 0.35
N ARG QB 53 13.52 130.67 0.31
CA ARG QB 53 14.91 131.00 0.52
C ARG QB 53 15.38 131.98 -0.54
N ASP QB 54 16.07 133.05 -0.13
CA ASP QB 54 16.65 134.03 -1.03
C ASP QB 54 17.94 133.50 -1.65
N GLU QB 55 18.86 132.96 -0.82
CA GLU QB 55 20.19 132.52 -1.23
C GLU QB 55 20.71 131.38 -0.35
N VAL QB 56 21.73 130.65 -0.84
CA VAL QB 56 22.44 129.67 -0.03
C VAL QB 56 23.93 129.67 -0.38
N LYS QB 57 24.79 129.51 0.64
CA LYS QB 57 26.25 129.56 0.49
C LYS QB 57 26.93 128.53 1.39
N ARG QB 58 28.10 128.03 0.96
CA ARG QB 58 28.98 127.15 1.72
C ARG QB 58 30.02 127.95 2.50
N TYR QB 59 30.45 127.45 3.67
CA TYR QB 59 31.63 128.00 4.32
C TYR QB 59 32.58 126.92 4.87
N GLU QB 60 32.57 126.56 6.15
CA GLU QB 60 33.64 125.73 6.71
C GLU QB 60 33.69 124.36 6.03
N HIS QB 61 34.65 124.16 5.13
CA HIS QB 61 34.86 122.86 4.53
C HIS QB 61 35.69 121.98 5.45
N ASN QB 62 35.27 120.73 5.63
CA ASN QB 62 36.14 119.70 6.16
C ASN QB 62 35.69 118.34 5.66
N VAL QB 63 36.59 117.36 5.69
CA VAL QB 63 36.24 116.00 5.33
C VAL QB 63 36.12 115.17 6.59
N ASN QB 64 34.91 114.72 6.93
CA ASN QB 64 34.70 113.82 8.04
C ASN QB 64 35.22 112.44 7.66
N VAL QB 65 36.28 111.99 8.29
CA VAL QB 65 36.83 110.66 8.08
C VAL QB 65 36.58 109.84 9.33
N GLU QB 66 35.88 108.71 9.22
CA GLU QB 66 35.83 107.78 10.34
C GLU QB 66 35.99 106.34 9.88
N ILE QB 67 36.81 105.62 10.62
CA ILE QB 67 37.32 104.31 10.25
C ILE QB 67 37.18 103.42 11.47
N THR QB 68 36.76 102.17 11.25
CA THR QB 68 36.87 101.15 12.27
C THR QB 68 37.79 100.06 11.77
N TYR QB 69 38.72 99.60 12.62
CA TYR QB 69 39.72 98.64 12.20
C TYR QB 69 40.07 97.69 13.35
N ALA QB 70 40.70 96.54 13.02
CA ALA QB 70 40.88 95.47 13.98
C ALA QB 70 42.27 94.84 13.92
N LYS QB 71 43.25 95.52 13.29
CA LYS QB 71 44.65 95.17 13.45
C LYS QB 71 45.38 96.39 14.00
N PHE QB 72 46.06 96.24 15.13
CA PHE QB 72 46.77 97.35 15.72
C PHE QB 72 48.11 97.58 15.02
N SER QB 73 48.45 98.85 14.79
CA SER QB 73 49.70 99.25 14.15
C SER QB 73 50.49 100.14 15.10
N LEU QB 74 51.72 99.71 15.44
CA LEU QB 74 52.57 100.52 16.29
C LEU QB 74 53.05 101.74 15.53
N GLU QB 75 53.36 101.60 14.24
CA GLU QB 75 53.85 102.75 13.48
C GLU QB 75 52.78 103.85 13.44
N PHE QB 76 51.52 103.50 13.19
CA PHE QB 76 50.46 104.48 13.16
C PHE QB 76 50.30 105.19 14.49
N ALA QB 77 50.28 104.44 15.58
CA ALA QB 77 50.13 105.00 16.91
C ALA QB 77 51.32 105.89 17.29
N GLN QB 78 52.55 105.42 17.07
CA GLN QB 78 53.73 106.19 17.42
C GLN QB 78 53.92 107.44 16.56
N GLU QB 79 53.49 107.42 15.29
CA GLU QB 79 53.37 108.63 14.49
C GLU QB 79 52.37 109.61 15.10
N TRP QB 80 51.18 109.14 15.48
CA TRP QB 80 50.17 110.02 16.06
C TRP QB 80 50.65 110.68 17.35
N LEU QB 81 51.35 109.94 18.21
CA LEU QB 81 51.92 110.47 19.44
C LEU QB 81 53.00 111.50 19.18
N GLY QB 82 53.79 111.33 18.12
CA GLY QB 82 54.93 112.18 17.84
C GLY QB 82 54.61 113.54 17.21
N GLY QB 83 53.45 113.68 16.56
CA GLY QB 83 53.13 114.87 15.78
C GLY QB 83 53.85 114.85 14.43
N PRO QB 84 53.85 115.96 13.66
CA PRO QB 84 54.44 115.99 12.32
C PRO QB 84 55.92 115.65 12.28
N GLY QB 85 56.26 114.72 11.37
CA GLY QB 85 57.61 114.30 11.04
C GLY QB 85 58.38 113.68 12.21
N ALA QB 86 57.67 113.14 13.20
CA ALA QB 86 58.31 112.52 14.35
C ALA QB 86 57.54 111.30 14.85
N THR QB 87 58.27 110.34 15.43
CA THR QB 87 57.72 109.12 16.02
C THR QB 87 58.04 109.15 17.51
N ALA QB 88 57.04 108.89 18.37
CA ALA QB 88 57.24 108.94 19.81
C ALA QB 88 56.64 107.73 20.53
N THR QB 89 57.29 107.35 21.65
CA THR QB 89 56.86 106.22 22.46
C THR QB 89 56.08 106.65 23.70
N ALA QB 90 55.73 107.94 23.79
CA ALA QB 90 54.97 108.50 24.91
C ALA QB 90 54.32 109.79 24.46
N SER QB 91 53.31 110.28 25.19
CA SER QB 91 52.63 111.52 24.89
C SER QB 91 53.63 112.66 24.77
N GLN QB 92 53.47 113.54 23.77
CA GLN QB 92 54.32 114.70 23.60
C GLN QB 92 53.57 115.95 24.01
N ASP QB 93 54.27 116.86 24.71
CA ASP QB 93 53.69 118.11 25.17
C ASP QB 93 53.89 119.20 24.13
N ASP QB 94 53.18 119.08 22.99
CA ASP QB 94 53.30 120.04 21.89
C ASP QB 94 52.00 120.19 21.10
N SER QB 95 51.90 121.32 20.40
CA SER QB 95 50.64 121.82 19.91
C SER QB 95 50.29 121.34 18.49
N ASP QB 96 51.22 120.66 17.80
CA ASP QB 96 51.02 120.21 16.42
C ASP QB 96 50.49 118.78 16.36
N PRO QB 97 49.29 118.54 15.77
CA PRO QB 97 48.79 117.17 15.58
C PRO QB 97 49.47 116.53 14.38
N MET QB 98 49.66 115.20 14.43
CA MET QB 98 50.13 114.47 13.26
C MET QB 98 49.07 114.52 12.16
N LYS QB 99 49.45 115.01 10.98
CA LYS QB 99 48.58 115.11 9.82
C LYS QB 99 48.90 113.96 8.88
N PHE QB 100 47.90 113.17 8.51
CA PHE QB 100 48.08 112.06 7.60
C PHE QB 100 47.45 112.39 6.25
N ASN QB 101 48.15 112.04 5.17
CA ASN QB 101 47.47 111.90 3.89
C ASN QB 101 46.81 110.53 3.84
N LEU QB 102 45.62 110.47 3.26
CA LEU QB 102 44.84 109.25 3.22
C LEU QB 102 44.38 109.01 1.79
N GLU QB 103 44.40 107.75 1.38
CA GLU QB 103 43.85 107.34 0.10
C GLU QB 103 43.08 106.03 0.26
N ASN QB 104 41.94 105.93 -0.43
CA ASN QB 104 41.21 104.68 -0.56
C ASN QB 104 40.95 104.41 -2.03
N VAL QB 105 41.16 103.15 -2.46
CA VAL QB 105 40.95 102.75 -3.84
C VAL QB 105 39.97 101.57 -3.83
N THR QB 106 39.03 101.57 -4.78
CA THR QB 106 37.89 100.68 -4.72
C THR QB 106 37.38 100.40 -6.12
N PRO QB 107 37.56 99.17 -6.64
CA PRO QB 107 36.88 98.76 -7.87
C PRO QB 107 35.36 98.84 -7.66
N SER QB 108 34.64 99.25 -8.71
CA SER QB 108 33.18 99.11 -8.71
C SER QB 108 32.81 97.62 -8.87
N ALA QB 109 31.58 97.26 -8.49
CA ALA QB 109 31.21 95.87 -8.28
C ALA QB 109 31.27 95.02 -9.56
N SER QB 110 31.00 95.62 -10.73
CA SER QB 110 31.14 94.97 -12.03
C SER QB 110 32.34 95.48 -12.83
N GLY QB 111 33.29 96.16 -12.16
CA GLY QB 111 34.52 96.62 -12.79
C GLY QB 111 34.36 97.75 -13.81
N GLY QB 112 33.21 98.45 -13.80
CA GLY QB 112 32.97 99.59 -14.69
C GLY QB 112 33.93 100.77 -14.46
N PHE QB 113 34.38 100.97 -13.20
CA PHE QB 113 35.35 102.01 -12.85
C PHE QB 113 36.14 101.63 -11.60
N GLU QB 114 37.23 102.34 -11.35
CA GLU QB 114 37.99 102.17 -10.11
C GLU QB 114 38.02 103.50 -9.35
N ARG QB 115 37.16 103.66 -8.35
CA ARG QB 115 37.06 104.91 -7.63
C ARG QB 115 38.25 105.06 -6.69
N THR QB 116 39.01 106.14 -6.87
CA THR QB 116 40.04 106.55 -5.92
C THR QB 116 39.57 107.81 -5.20
N THR QB 117 39.58 107.79 -3.87
CA THR QB 117 39.37 108.96 -3.03
C THR QB 117 40.67 109.27 -2.29
N ALA QB 118 41.14 110.53 -2.37
CA ALA QB 118 42.29 110.95 -1.56
C ALA QB 118 41.95 112.22 -0.77
N VAL QB 119 42.49 112.28 0.45
CA VAL QB 119 42.17 113.32 1.42
C VAL QB 119 43.47 113.84 2.04
N GLU QB 120 43.68 115.17 2.05
CA GLU QB 120 44.87 115.72 2.68
C GLU QB 120 44.66 116.06 4.16
N ASN QB 121 45.75 115.96 4.93
CA ASN QB 121 45.84 116.47 6.27
C ASN QB 121 44.69 116.02 7.17
N VAL QB 122 44.40 114.72 7.17
CA VAL QB 122 43.50 114.15 8.16
C VAL QB 122 44.18 114.19 9.53
N VAL QB 123 43.46 114.67 10.55
CA VAL QB 123 43.94 114.62 11.93
C VAL QB 123 42.90 113.92 12.79
N PHE QB 124 43.38 113.20 13.82
CA PHE QB 124 42.48 112.51 14.70
C PHE QB 124 42.59 113.11 16.10
N PRO QB 125 41.53 113.70 16.68
CA PRO QB 125 41.56 114.24 18.02
C PRO QB 125 41.99 113.23 19.07
N GLU QB 126 41.68 111.96 18.83
CA GLU QB 126 41.97 110.92 19.79
C GLU QB 126 42.28 109.61 19.08
N LEU QB 127 43.12 108.81 19.73
CA LEU QB 127 43.57 107.55 19.22
C LEU QB 127 43.25 106.49 20.25
N PRO QB 128 42.42 105.48 19.94
CA PRO QB 128 42.23 104.36 20.87
C PRO QB 128 43.48 103.49 20.83
N LEU QB 129 44.16 103.40 21.97
CA LEU QB 129 45.34 102.56 22.07
C LEU QB 129 44.94 101.12 22.37
N ASP QB 130 44.07 100.96 23.36
CA ASP QB 130 43.58 99.64 23.76
C ASP QB 130 42.06 99.68 23.75
N SER QB 131 41.46 98.57 23.30
CA SER QB 131 40.03 98.47 23.13
C SER QB 131 39.61 97.01 23.35
N ALA QB 132 39.99 96.49 24.52
CA ALA QB 132 39.74 95.10 24.90
C ALA QB 132 38.29 94.89 25.31
N THR QB 133 37.73 93.73 24.95
CA THR QB 133 36.39 93.31 25.35
C THR QB 133 36.37 91.80 25.47
N TYR QB 134 35.65 91.27 26.45
CA TYR QB 134 35.73 89.84 26.73
C TYR QB 134 35.24 89.00 25.55
N GLY QB 135 36.12 88.11 25.07
CA GLY QB 135 35.79 87.18 24.02
C GLY QB 135 35.69 87.83 22.64
N GLU QB 136 36.45 88.90 22.42
CA GLU QB 136 36.50 89.59 21.13
C GLU QB 136 37.91 90.05 20.77
N TYR QB 137 38.18 90.19 19.48
CA TYR QB 137 39.38 90.91 19.07
C TYR QB 137 39.22 92.38 19.38
N GLU QB 138 40.34 93.07 19.64
CA GLU QB 138 40.26 94.49 19.89
C GLU QB 138 39.81 95.20 18.62
N GLU QB 139 38.75 96.01 18.72
CA GLU QB 139 38.23 96.78 17.60
C GLU QB 139 38.34 98.27 17.92
N TYR QB 140 38.94 99.03 17.01
CA TYR QB 140 39.34 100.41 17.24
C TYR QB 140 38.60 101.32 16.27
N SER QB 141 38.13 102.48 16.75
CA SER QB 141 37.50 103.47 15.88
C SER QB 141 38.23 104.81 15.92
N LEU QB 142 38.54 105.33 14.73
CA LEU QB 142 39.10 106.66 14.56
C LEU QB 142 38.04 107.58 13.97
N THR QB 143 37.86 108.74 14.58
CA THR QB 143 37.12 109.85 13.98
C THR QB 143 38.09 110.99 13.79
N GLY QB 144 38.09 111.61 12.60
CA GLY QB 144 39.03 112.67 12.27
C GLY QB 144 38.51 113.63 11.20
N SER QB 145 39.24 114.72 10.99
CA SER QB 145 38.88 115.75 10.03
C SER QB 145 40.03 115.98 9.06
N GLY QB 146 39.76 115.80 7.77
CA GLY QB 146 40.67 116.18 6.70
C GLY QB 146 40.40 117.59 6.19
N ARG QB 147 41.40 118.20 5.56
CA ARG QB 147 41.29 119.58 5.10
C ARG QB 147 40.46 119.66 3.81
N SER QB 148 40.76 118.78 2.84
CA SER QB 148 40.08 118.76 1.56
C SER QB 148 40.25 117.42 0.86
N VAL QB 149 39.39 117.14 -0.13
CA VAL QB 149 39.54 116.01 -1.03
C VAL QB 149 40.47 116.42 -2.18
N THR QB 150 41.66 115.81 -2.25
CA THR QB 150 42.63 116.18 -3.27
C THR QB 150 42.40 115.46 -4.59
N ASN QB 151 41.67 114.34 -4.56
CA ASN QB 151 41.35 113.57 -5.76
C ASN QB 151 40.09 112.74 -5.52
N LEU QB 152 39.15 112.83 -6.48
CA LEU QB 152 38.09 111.87 -6.62
C LEU QB 152 37.92 111.59 -8.11
N ALA QB 153 38.41 110.42 -8.54
CA ALA QB 153 38.48 110.11 -9.96
C ALA QB 153 38.28 108.62 -10.21
N ASP QB 154 37.91 108.28 -11.47
CA ASP QB 154 38.04 106.94 -11.97
C ASP QB 154 39.49 106.72 -12.44
N THR QB 155 40.22 105.86 -11.73
CA THR QB 155 41.61 105.57 -12.05
C THR QB 155 41.79 104.28 -12.86
N SER QB 156 40.69 103.65 -13.33
CA SER QB 156 40.78 102.44 -14.15
C SER QB 156 41.51 102.73 -15.48
N GLY QB 157 42.32 101.76 -15.93
CA GLY QB 157 43.43 101.94 -16.87
C GLY QB 157 43.02 102.61 -18.18
N ALA RB 2 59.49 98.11 9.33
CA ALA RB 2 58.71 98.31 10.60
C ALA RB 2 57.80 97.11 10.85
N THR RB 3 57.36 96.94 12.11
CA THR RB 3 56.53 95.85 12.57
C THR RB 3 55.17 95.87 11.87
N SER RB 4 54.77 94.73 11.26
CA SER RB 4 53.49 94.62 10.56
C SER RB 4 52.30 94.82 11.50
N PRO RB 5 51.20 95.48 11.09
CA PRO RB 5 49.97 95.51 11.88
C PRO RB 5 49.42 94.11 12.11
N GLU RB 6 48.86 93.87 13.29
CA GLU RB 6 48.40 92.53 13.65
C GLU RB 6 47.15 92.59 14.53
N GLY RB 7 46.30 91.57 14.46
CA GLY RB 7 45.15 91.53 15.34
C GLY RB 7 45.56 91.37 16.80
N ILE RB 8 44.71 91.83 17.73
CA ILE RB 8 44.98 91.64 19.15
C ILE RB 8 43.76 91.02 19.79
N TRP RB 9 43.99 89.96 20.57
CA TRP RB 9 42.91 89.24 21.22
C TRP RB 9 42.77 89.75 22.64
N SER RB 10 41.56 90.20 23.02
CA SER RB 10 41.39 90.96 24.24
C SER RB 10 41.83 90.14 25.45
N ASN RB 11 41.44 88.87 25.47
CA ASN RB 11 41.64 88.03 26.63
C ASN RB 11 43.13 87.66 26.85
N SER RB 12 44.03 88.01 25.93
CA SER RB 12 45.46 87.85 26.15
C SER RB 12 46.06 88.93 27.06
N GLY RB 13 45.29 90.00 27.36
CA GLY RB 13 45.80 91.14 28.09
C GLY RB 13 46.01 90.90 29.59
N ALA RB 14 46.97 91.65 30.14
CA ALA RB 14 47.21 91.74 31.57
C ALA RB 14 47.33 93.22 31.97
N LEU RB 15 46.33 93.68 32.74
CA LEU RB 15 46.27 95.04 33.27
C LEU RB 15 46.71 95.03 34.73
N THR RB 16 47.57 96.00 35.10
CA THR RB 16 48.06 96.12 36.46
C THR RB 16 48.10 97.59 36.88
N PHE RB 17 47.85 97.83 38.17
CA PHE RB 17 47.85 99.15 38.77
C PHE RB 17 48.98 99.27 39.78
N GLU RB 18 49.59 100.45 39.82
CA GLU RB 18 50.66 100.70 40.78
C GLU RB 18 50.47 102.03 41.51
N ASP RB 19 50.84 102.06 42.78
CA ASP RB 19 50.96 103.30 43.52
C ASP RB 19 52.21 104.02 43.02
N PRO RB 20 52.12 105.26 42.49
CA PRO RB 20 53.28 105.98 41.98
C PRO RB 20 54.30 106.38 43.04
N ALA RB 21 53.97 106.30 44.33
CA ALA RB 21 54.93 106.60 45.38
C ALA RB 21 56.02 105.51 45.48
N ASP RB 22 55.58 104.26 45.56
CA ASP RB 22 56.45 103.10 45.74
C ASP RB 22 56.91 102.48 44.42
N ASP RB 23 56.09 102.61 43.37
CA ASP RB 23 56.09 101.69 42.24
C ASP RB 23 55.60 100.29 42.65
N SER RB 24 54.85 100.18 43.76
CA SER RB 24 54.31 98.92 44.24
C SER RB 24 52.94 98.63 43.63
N GLU RB 25 52.65 97.33 43.43
CA GLU RB 25 51.38 96.92 42.86
C GLU RB 25 50.21 97.13 43.83
N ILE RB 26 49.07 97.52 43.27
CA ILE RB 26 47.76 97.53 43.91
C ILE RB 26 46.96 96.38 43.31
N LEU RB 27 46.47 95.45 44.13
CA LEU RB 27 45.80 94.26 43.64
C LEU RB 27 44.48 94.58 42.93
N PHE RB 28 44.40 94.12 41.67
CA PHE RB 28 43.25 94.34 40.82
C PHE RB 28 43.26 93.24 39.76
N ALA RB 29 42.06 92.70 39.48
CA ALA RB 29 41.94 91.50 38.65
C ALA RB 29 40.53 91.37 38.10
N GLY RB 30 40.34 90.47 37.15
CA GLY RB 30 39.00 90.14 36.69
C GLY RB 30 38.42 91.19 35.74
N VAL RB 31 39.25 91.79 34.88
CA VAL RB 31 38.73 92.68 33.85
C VAL RB 31 37.89 91.89 32.84
N ARG RB 32 37.03 92.63 32.12
CA ARG RB 32 36.25 92.14 30.99
C ARG RB 32 36.43 93.07 29.80
N ASP RB 33 36.27 94.37 30.02
CA ASP RB 33 36.57 95.37 28.99
C ASP RB 33 37.63 96.33 29.51
N VAL RB 34 38.50 96.81 28.61
CA VAL RB 34 39.48 97.84 28.95
C VAL RB 34 39.70 98.74 27.74
N THR RB 35 39.43 100.03 27.93
CA THR RB 35 39.67 101.02 26.88
C THR RB 35 40.68 102.05 27.38
N ILE RB 36 41.73 102.30 26.60
CA ILE RB 36 42.64 103.40 26.85
C ILE RB 36 42.72 104.23 25.57
N THR RB 37 42.38 105.52 25.69
CA THR RB 37 42.32 106.42 24.55
C THR RB 37 42.98 107.74 24.89
N PRO RB 38 44.26 107.99 24.52
CA PRO RB 38 44.84 109.32 24.54
C PRO RB 38 44.07 110.25 23.60
N ALA RB 39 43.78 111.44 24.09
CA ALA RB 39 42.99 112.42 23.38
C ALA RB 39 43.57 113.82 23.59
N TYR RB 40 43.25 114.70 22.66
CA TYR RB 40 43.48 116.12 22.81
C TYR RB 40 42.22 116.84 22.35
N GLU RB 41 42.05 118.07 22.82
CA GLU RB 41 41.15 118.98 22.16
C GLU RB 41 41.81 119.50 20.89
N HIS RB 42 41.04 119.65 19.81
CA HIS RB 42 41.54 120.29 18.58
C HIS RB 42 40.83 121.61 18.36
N ALA RB 43 41.59 122.64 18.00
CA ALA RB 43 41.04 123.90 17.54
C ALA RB 43 41.45 124.11 16.08
N GLU RB 44 40.45 124.36 15.20
CA GLU RB 44 40.68 124.58 13.77
C GLU RB 44 40.45 126.06 13.46
N LEU RB 45 41.36 126.69 12.69
CA LEU RB 45 41.22 128.10 12.34
C LEU RB 45 40.55 128.25 10.97
N TYR RB 46 39.54 129.11 10.89
CA TYR RB 46 38.93 129.50 9.64
C TYR RB 46 38.72 131.01 9.58
N THR RB 47 38.86 131.56 8.37
CA THR RB 47 38.75 133.00 8.15
C THR RB 47 38.06 133.28 6.83
N ILE RB 48 37.72 134.52 6.54
CA ILE RB 48 37.08 134.89 5.28
C ILE RB 48 37.99 134.64 4.07
N ASP RB 49 39.30 134.42 4.24
CA ASP RB 49 40.19 134.18 3.13
C ASP RB 49 39.85 132.91 2.35
N SER RB 50 39.31 131.89 3.02
CA SER RB 50 39.13 130.58 2.42
C SER RB 50 38.02 129.78 3.11
N THR RB 51 37.39 128.88 2.35
CA THR RB 51 36.49 127.89 2.93
C THR RB 51 37.26 126.73 3.57
N PHE RB 52 38.53 126.55 3.18
CA PHE RB 52 39.36 125.51 3.76
C PHE RB 52 39.92 125.95 5.11
N ARG RB 53 40.22 124.96 5.93
CA ARG RB 53 40.90 125.13 7.20
C ARG RB 53 42.28 125.71 6.99
N ASP RB 54 42.60 126.78 7.74
CA ASP RB 54 43.89 127.43 7.69
C ASP RB 54 44.90 126.66 8.55
N GLU RB 55 44.53 126.33 9.80
CA GLU RB 55 45.40 125.69 10.77
C GLU RB 55 44.62 124.75 11.68
N VAL RB 56 45.33 123.83 12.36
CA VAL RB 56 44.76 123.04 13.44
C VAL RB 56 45.82 122.80 14.53
N LYS RB 57 45.41 122.87 15.81
CA LYS RB 57 46.32 122.67 16.92
C LYS RB 57 45.70 121.80 18.03
N ARG RB 58 46.56 121.10 18.77
CA ARG RB 58 46.24 120.31 19.94
C ARG RB 58 46.34 121.12 21.23
N TYR RB 59 45.50 120.77 22.21
CA TYR RB 59 45.66 121.25 23.58
C TYR RB 59 44.91 120.32 24.51
N GLU RB 60 45.03 120.53 25.84
CA GLU RB 60 44.25 119.84 26.85
C GLU RB 60 44.31 118.32 26.69
N HIS RB 61 45.54 117.78 26.71
CA HIS RB 61 45.73 116.35 26.64
C HIS RB 61 45.18 115.64 27.86
N ASN RB 62 44.53 114.49 27.63
CA ASN RB 62 44.24 113.54 28.69
C ASN RB 62 44.22 112.13 28.10
N VAL RB 63 44.25 111.11 28.96
CA VAL RB 63 44.06 109.75 28.49
C VAL RB 63 42.80 109.22 29.14
N ASN RB 64 41.77 108.98 28.34
CA ASN RB 64 40.54 108.39 28.83
C ASN RB 64 40.79 106.92 29.09
N VAL RB 65 40.67 106.52 30.35
CA VAL RB 65 40.77 105.14 30.78
C VAL RB 65 39.42 104.71 31.30
N GLU RB 66 38.87 103.63 30.75
CA GLU RB 66 37.68 103.03 31.33
C GLU RB 66 37.75 101.51 31.28
N ILE RB 67 37.30 100.91 32.37
CA ILE RB 67 37.54 99.52 32.65
C ILE RB 67 36.25 98.93 33.18
N THR RB 68 35.83 97.78 32.63
CA THR RB 68 34.78 97.00 33.25
C THR RB 68 35.38 95.74 33.84
N TYR RB 69 35.11 95.45 35.11
CA TYR RB 69 35.72 94.33 35.81
C TYR RB 69 34.72 93.68 36.78
N ALA RB 70 35.01 92.46 37.23
CA ALA RB 70 34.02 91.63 37.90
C ALA RB 70 34.60 90.85 39.08
N LYS RB 71 35.81 91.21 39.54
CA LYS RB 71 36.32 90.80 40.84
C LYS RB 71 36.58 92.03 41.70
N PHE RB 72 35.93 92.11 42.85
CA PHE RB 72 36.10 93.23 43.76
C PHE RB 72 37.46 93.14 44.47
N SER RB 73 38.08 94.30 44.70
CA SER RB 73 39.35 94.39 45.39
C SER RB 73 39.24 95.39 46.53
N LEU RB 74 39.50 94.94 47.78
CA LEU RB 74 39.50 95.89 48.88
C LEU RB 74 40.67 96.86 48.77
N GLU RB 75 41.84 96.40 48.31
CA GLU RB 75 43.00 97.28 48.26
C GLU RB 75 42.74 98.44 47.31
N PHE RB 76 42.21 98.16 46.12
CA PHE RB 76 41.95 99.21 45.15
C PHE RB 76 40.94 100.22 45.67
N ALA RB 77 39.89 99.74 46.32
CA ALA RB 77 38.87 100.61 46.88
C ALA RB 77 39.43 101.45 48.04
N GLN RB 78 40.16 100.83 48.97
CA GLN RB 78 40.68 101.55 50.11
C GLN RB 78 41.76 102.56 49.72
N GLU RB 79 42.57 102.29 48.69
CA GLU RB 79 43.46 103.30 48.13
C GLU RB 79 42.67 104.49 47.57
N TRP RB 80 41.66 104.23 46.73
CA TRP RB 80 40.86 105.31 46.18
C TRP RB 80 40.20 106.16 47.25
N LEU RB 81 39.71 105.54 48.34
CA LEU RB 81 39.14 106.30 49.45
C LEU RB 81 40.22 107.10 50.17
N GLY RB 82 41.39 106.50 50.38
CA GLY RB 82 42.43 107.12 51.18
C GLY RB 82 43.13 108.30 50.52
N GLY RB 83 43.14 108.36 49.18
CA GLY RB 83 43.90 109.36 48.46
C GLY RB 83 45.38 109.00 48.40
N PRO RB 84 46.26 109.93 47.95
CA PRO RB 84 47.68 109.66 47.82
C PRO RB 84 48.33 109.21 49.12
N GLY RB 85 49.12 108.13 48.99
CA GLY RB 85 50.03 107.61 50.01
C GLY RB 85 49.36 106.94 51.22
N ALA RB 86 48.03 106.74 51.19
CA ALA RB 86 47.30 106.19 52.34
C ALA RB 86 46.09 105.38 51.93
N THR RB 87 45.75 104.38 52.74
CA THR RB 87 44.56 103.52 52.55
C THR RB 87 43.55 103.82 53.65
N ALA RB 88 42.27 103.95 53.29
CA ALA RB 88 41.26 104.32 54.28
C ALA RB 88 40.01 103.44 54.15
N THR RB 89 39.37 103.19 55.31
CA THR RB 89 38.18 102.34 55.38
C THR RB 89 36.88 103.15 55.30
N ALA RB 90 36.97 104.47 55.04
CA ALA RB 90 35.82 105.37 54.98
C ALA RB 90 36.14 106.57 54.12
N SER RB 91 35.12 107.27 53.64
CA SER RB 91 35.27 108.51 52.87
C SER RB 91 36.18 109.48 53.60
N GLN RB 92 37.16 110.05 52.90
CA GLN RB 92 38.05 111.04 53.48
C GLN RB 92 37.64 112.42 52.99
N ASP RB 93 37.60 113.39 53.89
CA ASP RB 93 37.32 114.77 53.50
C ASP RB 93 38.59 115.49 53.07
N ASP RB 94 39.15 115.12 51.90
CA ASP RB 94 40.29 115.84 51.34
C ASP RB 94 40.29 115.90 49.81
N SER RB 95 41.05 116.88 49.29
CA SER RB 95 40.94 117.34 47.91
C SER RB 95 41.80 116.54 46.94
N ASP RB 96 42.82 115.80 47.41
CA ASP RB 96 43.70 115.04 46.53
C ASP RB 96 43.08 113.69 46.16
N PRO RB 97 42.79 113.42 44.86
CA PRO RB 97 42.34 112.09 44.46
C PRO RB 97 43.55 111.16 44.44
N MET RB 98 43.28 109.87 44.67
CA MET RB 98 44.31 108.85 44.48
C MET RB 98 44.67 108.79 43.01
N LYS RB 99 45.98 108.86 42.72
CA LYS RB 99 46.50 108.76 41.37
C LYS RB 99 47.17 107.41 41.21
N PHE RB 100 46.71 106.61 40.23
CA PHE RB 100 47.28 105.31 39.96
C PHE RB 100 48.13 105.38 38.69
N ASN RB 101 49.30 104.75 38.71
CA ASN RB 101 49.93 104.39 37.45
C ASN RB 101 49.25 103.13 36.94
N LEU RB 102 49.15 103.01 35.63
CA LEU RB 102 48.48 101.89 34.99
C LEU RB 102 49.36 101.34 33.87
N GLU RB 103 49.44 100.01 33.76
CA GLU RB 103 50.10 99.37 32.63
C GLU RB 103 49.27 98.20 32.13
N ASN RB 104 49.12 98.08 30.81
CA ASN RB 104 48.42 96.98 30.16
C ASN RB 104 49.35 96.36 29.12
N VAL RB 105 49.49 95.03 29.16
CA VAL RB 105 50.38 94.32 28.25
C VAL RB 105 49.60 93.26 27.50
N THR RB 106 49.75 93.24 26.17
CA THR RB 106 49.06 92.25 25.33
C THR RB 106 50.00 91.70 24.25
N PRO RB 107 50.21 90.38 24.18
CA PRO RB 107 50.75 89.77 22.96
C PRO RB 107 49.84 90.10 21.78
N SER RB 108 50.42 90.35 20.60
CA SER RB 108 49.63 90.37 19.38
C SER RB 108 49.21 88.95 19.01
N ALA RB 109 48.22 88.81 18.13
CA ALA RB 109 47.52 87.54 17.96
C ALA RB 109 48.44 86.40 17.48
N SER RB 110 49.37 86.69 16.56
CA SER RB 110 50.34 85.73 16.04
C SER RB 110 51.72 85.89 16.68
N GLY RB 111 51.84 86.69 17.74
CA GLY RB 111 53.12 86.92 18.43
C GLY RB 111 54.14 87.73 17.62
N GLY RB 112 53.68 88.54 16.67
CA GLY RB 112 54.55 89.46 15.94
C GLY RB 112 55.18 90.52 16.85
N PHE RB 113 54.47 90.93 17.92
CA PHE RB 113 54.94 91.92 18.88
C PHE RB 113 54.24 91.77 20.23
N GLU RB 114 54.76 92.42 21.27
CA GLU RB 114 54.08 92.52 22.54
C GLU RB 114 53.80 93.99 22.87
N ARG RB 115 52.56 94.43 22.69
CA ARG RB 115 52.22 95.83 22.91
C ARG RB 115 52.07 96.12 24.40
N THR RB 116 52.90 97.01 24.93
CA THR RB 116 52.75 97.56 26.27
C THR RB 116 52.22 98.98 26.17
N THR RB 117 51.11 99.28 26.87
CA THR RB 117 50.59 100.63 27.03
C THR RB 117 50.70 100.99 28.51
N ALA RB 118 51.25 102.16 28.82
CA ALA RB 118 51.31 102.62 30.20
C ALA RB 118 50.89 104.08 30.30
N VAL RB 119 50.21 104.40 31.41
CA VAL RB 119 49.58 105.70 31.62
C VAL RB 119 49.91 106.20 33.02
N GLU RB 120 50.36 107.46 33.15
CA GLU RB 120 50.63 108.01 34.47
C GLU RB 120 49.41 108.71 35.07
N ASN RB 121 49.33 108.71 36.40
CA ASN RB 121 48.41 109.57 37.15
C ASN RB 121 46.95 109.44 36.72
N VAL RB 122 46.45 108.22 36.54
CA VAL RB 122 45.04 107.97 36.33
C VAL RB 122 44.27 108.23 37.62
N VAL RB 123 43.19 109.03 37.54
CA VAL RB 123 42.28 109.24 38.65
C VAL RB 123 40.86 108.90 38.22
N PHE RB 124 40.05 108.41 39.16
CA PHE RB 124 38.67 108.02 38.84
C PHE RB 124 37.71 108.90 39.65
N PRO RB 125 36.87 109.73 39.03
CA PRO RB 125 35.92 110.57 39.75
C PRO RB 125 34.98 109.81 40.67
N GLU RB 126 34.61 108.59 40.29
CA GLU RB 126 33.75 107.77 41.14
C GLU RB 126 34.15 106.30 41.10
N LEU RB 127 34.02 105.66 42.26
CA LEU RB 127 34.36 104.27 42.47
C LEU RB 127 33.08 103.52 42.79
N PRO RB 128 32.64 102.52 41.98
CA PRO RB 128 31.51 101.69 42.37
C PRO RB 128 31.97 100.70 43.44
N LEU RB 129 31.26 100.73 44.57
CA LEU RB 129 31.56 99.82 45.68
C LEU RB 129 30.71 98.57 45.59
N ASP RB 130 29.40 98.77 45.46
CA ASP RB 130 28.45 97.69 45.24
C ASP RB 130 27.82 97.92 43.87
N SER RB 131 27.69 96.85 43.09
CA SER RB 131 27.08 96.89 41.78
C SER RB 131 26.36 95.56 41.51
N ALA RB 132 25.39 95.29 42.38
CA ALA RB 132 24.67 94.04 42.40
C ALA RB 132 23.42 94.08 41.54
N THR RB 133 23.04 92.90 41.06
CA THR RB 133 21.90 92.71 40.17
C THR RB 133 21.48 91.25 40.26
N TYR RB 134 20.17 91.02 40.42
CA TYR RB 134 19.62 89.69 40.62
C TYR RB 134 20.06 88.74 39.51
N GLY RB 135 20.64 87.59 39.92
CA GLY RB 135 21.06 86.56 39.01
C GLY RB 135 22.34 86.87 38.24
N GLU RB 136 23.12 87.86 38.68
CA GLU RB 136 24.41 88.16 38.04
C GLU RB 136 25.51 88.37 39.08
N TYR RB 137 26.75 88.16 38.67
CA TYR RB 137 27.87 88.57 39.50
C TYR RB 137 27.92 90.10 39.54
N GLU RB 138 28.49 90.67 40.60
CA GLU RB 138 28.68 92.11 40.61
C GLU RB 138 29.67 92.50 39.53
N GLU RB 139 29.33 93.53 38.74
CA GLU RB 139 30.15 93.99 37.65
C GLU RB 139 30.30 95.51 37.76
N TYR RB 140 31.53 95.98 37.66
CA TYR RB 140 31.92 97.32 38.05
C TYR RB 140 32.54 98.05 36.86
N SER RB 141 32.09 99.28 36.59
CA SER RB 141 32.73 100.12 35.58
C SER RB 141 33.45 101.30 36.23
N LEU RB 142 34.72 101.47 35.90
CA LEU RB 142 35.50 102.64 36.25
C LEU RB 142 35.69 103.51 35.02
N THR RB 143 35.57 104.82 35.20
CA THR RB 143 35.92 105.81 34.18
C THR RB 143 36.87 106.82 34.83
N GLY RB 144 37.97 107.15 34.15
CA GLY RB 144 38.97 108.03 34.72
C GLY RB 144 39.84 108.69 33.67
N SER RB 145 40.68 109.62 34.12
CA SER RB 145 41.60 110.36 33.25
C SER RB 145 43.03 110.20 33.73
N GLY RB 146 43.90 109.65 32.86
CA GLY RB 146 45.33 109.74 33.04
C GLY RB 146 45.89 111.06 32.52
N ARG RB 147 47.06 111.45 33.03
CA ARG RB 147 47.72 112.69 32.61
C ARG RB 147 48.38 112.54 31.25
N SER RB 148 49.12 111.45 31.02
CA SER RB 148 49.80 111.22 29.75
C SER RB 148 50.12 109.73 29.57
N VAL RB 149 50.42 109.33 28.32
CA VAL RB 149 50.93 108.00 28.03
C VAL RB 149 52.44 108.01 28.26
N THR RB 150 52.95 107.18 29.18
CA THR RB 150 54.36 107.13 29.47
C THR RB 150 55.10 106.10 28.63
N ASN RB 151 54.40 105.10 28.09
CA ASN RB 151 55.03 104.12 27.22
C ASN RB 151 54.01 103.52 26.24
N LEU RB 152 54.40 103.42 24.98
CA LEU RB 152 53.74 102.60 23.98
C LEU RB 152 54.83 102.03 23.08
N ALA RB 153 55.10 100.72 23.25
CA ALA RB 153 56.20 100.08 22.55
C ALA RB 153 56.00 98.58 22.41
N ASP RB 154 56.75 97.97 21.48
CA ASP RB 154 56.89 96.53 21.43
C ASP RB 154 57.94 96.12 22.46
N THR RB 155 57.49 95.53 23.57
CA THR RB 155 58.37 95.05 24.64
C THR RB 155 58.84 93.61 24.45
N SER RB 156 58.50 92.94 23.34
CA SER RB 156 59.02 91.61 23.07
C SER RB 156 60.55 91.65 22.85
N GLY RB 157 61.23 90.51 23.12
CA GLY RB 157 62.68 90.41 23.09
C GLY RB 157 63.26 90.85 21.75
N ALA SB 2 48.21 91.45 50.52
CA ALA SB 2 46.83 91.56 51.14
C ALA SB 2 45.85 90.61 50.46
N THR SB 3 44.55 90.79 50.75
CA THR SB 3 43.47 89.89 50.35
C THR SB 3 43.27 89.89 48.83
N SER SB 4 43.33 88.69 48.20
CA SER SB 4 43.21 88.54 46.74
C SER SB 4 41.86 89.04 46.26
N PRO SB 5 41.78 89.77 45.11
CA PRO SB 5 40.48 90.17 44.56
C PRO SB 5 39.63 88.96 44.20
N GLU SB 6 38.32 89.10 44.35
CA GLU SB 6 37.44 87.95 44.20
C GLU SB 6 36.09 88.35 43.62
N GLY SB 7 35.43 87.41 42.94
CA GLY SB 7 34.08 87.64 42.45
C GLY SB 7 33.09 87.84 43.60
N ILE SB 8 31.98 88.52 43.30
CA ILE SB 8 30.91 88.67 44.29
C ILE SB 8 29.62 88.29 43.60
N TRP SB 9 28.78 87.54 44.30
CA TRP SB 9 27.52 87.11 43.74
C TRP SB 9 26.39 87.97 44.30
N SER SB 10 25.61 88.60 43.41
CA SER SB 10 24.67 89.62 43.83
C SER SB 10 23.65 89.09 44.82
N ASN SB 11 23.15 87.88 44.60
CA ASN SB 11 22.12 87.32 45.44
C ASN SB 11 22.60 86.98 46.85
N SER SB 12 23.92 87.01 47.10
CA SER SB 12 24.44 86.86 48.46
C SER SB 12 24.38 88.16 49.26
N GLY SB 13 23.93 89.28 48.68
CA GLY SB 13 23.77 90.53 49.39
C GLY SB 13 22.74 90.50 50.53
N ALA SB 14 22.84 91.48 51.43
CA ALA SB 14 22.01 91.60 52.62
C ALA SB 14 21.87 93.07 53.03
N LEU SB 15 21.15 93.85 52.20
CA LEU SB 15 20.92 95.27 52.42
C LEU SB 15 19.99 95.50 53.63
N THR SB 16 20.30 96.52 54.44
CA THR SB 16 19.47 96.92 55.57
C THR SB 16 19.51 98.44 55.77
N PHE SB 17 18.42 99.01 56.30
CA PHE SB 17 18.31 100.43 56.61
C PHE SB 17 18.08 100.62 58.11
N GLU SB 18 18.61 101.73 58.64
CA GLU SB 18 18.46 102.06 60.04
C GLU SB 18 18.09 103.53 60.21
N ASP SB 19 17.30 103.83 61.24
CA ASP SB 19 17.04 105.22 61.64
C ASP SB 19 18.27 105.75 62.38
N PRO SB 20 18.93 106.83 61.89
CA PRO SB 20 20.13 107.33 62.55
C PRO SB 20 19.92 107.93 63.93
N ALA SB 21 18.66 108.15 64.35
CA ALA SB 21 18.36 108.60 65.71
C ALA SB 21 18.49 107.48 66.74
N ASP SB 22 18.28 106.22 66.33
CA ASP SB 22 18.20 105.08 67.22
C ASP SB 22 19.24 104.00 66.92
N ASP SB 23 19.68 103.93 65.65
CA ASP SB 23 20.25 102.75 65.04
C ASP SB 23 19.26 101.57 65.06
N SER SB 24 17.95 101.86 65.15
CA SER SB 24 16.89 100.87 65.01
C SER SB 24 16.66 100.52 63.54
N GLU SB 25 16.44 99.24 63.26
CA GLU SB 25 16.25 98.80 61.88
C GLU SB 25 14.89 99.22 61.36
N ILE SB 26 14.85 99.68 60.11
CA ILE SB 26 13.65 99.95 59.35
C ILE SB 26 13.40 98.75 58.44
N LEU SB 27 12.20 98.15 58.51
CA LEU SB 27 11.93 96.93 57.78
C LEU SB 27 11.92 97.17 56.28
N PHE SB 28 12.87 96.53 55.59
CA PHE SB 28 13.02 96.66 54.14
C PHE SB 28 13.61 95.36 53.59
N ALA SB 29 13.08 94.93 52.43
CA ALA SB 29 13.41 93.63 51.88
C ALA SB 29 13.10 93.53 50.40
N GLY SB 30 13.52 92.41 49.78
CA GLY SB 30 13.12 92.09 48.43
C GLY SB 30 13.88 92.91 47.41
N VAL SB 31 15.16 93.23 47.66
CA VAL SB 31 15.95 93.91 46.65
C VAL SB 31 16.19 93.02 45.43
N ARG SB 32 16.49 93.66 44.30
CA ARG SB 32 16.80 93.00 43.04
C ARG SB 32 18.06 93.61 42.41
N ASP SB 33 18.18 94.93 42.48
CA ASP SB 33 19.41 95.61 42.06
C ASP SB 33 19.88 96.52 43.18
N VAL SB 34 21.21 96.67 43.33
CA VAL SB 34 21.79 97.58 44.32
C VAL SB 34 23.09 98.16 43.78
N THR SB 35 23.12 99.46 43.53
CA THR SB 35 24.33 100.18 43.13
C THR SB 35 24.67 101.21 44.19
N ILE SB 36 25.91 101.18 44.72
CA ILE SB 36 26.39 102.17 45.66
C ILE SB 36 27.75 102.67 45.20
N THR SB 37 27.87 103.98 45.01
CA THR SB 37 29.00 104.57 44.29
C THR SB 37 29.41 105.90 44.92
N PRO SB 38 30.43 105.94 45.79
CA PRO SB 38 31.03 107.19 46.19
C PRO SB 38 31.62 107.91 44.98
N ALA SB 39 31.25 109.18 44.83
CA ALA SB 39 31.69 110.01 43.74
C ALA SB 39 32.23 111.33 44.29
N TYR SB 40 33.16 111.94 43.56
CA TYR SB 40 33.54 113.32 43.79
C TYR SB 40 33.50 114.07 42.47
N GLU SB 41 33.15 115.35 42.49
CA GLU SB 41 33.49 116.20 41.37
C GLU SB 41 35.00 116.37 41.27
N HIS SB 42 35.54 116.33 40.04
CA HIS SB 42 36.95 116.56 39.79
C HIS SB 42 37.18 117.86 39.02
N ALA SB 43 38.14 118.67 39.47
CA ALA SB 43 38.58 119.85 38.75
C ALA SB 43 40.02 119.70 38.29
N GLU SB 44 40.28 119.88 36.98
CA GLU SB 44 41.59 119.71 36.38
C GLU SB 44 42.13 121.06 35.92
N LEU SB 45 43.35 121.41 36.32
CA LEU SB 45 43.98 122.67 35.94
C LEU SB 45 44.78 122.50 34.64
N TYR SB 46 44.53 123.39 33.67
CA TYR SB 46 45.38 123.53 32.50
C TYR SB 46 45.66 125.02 32.28
N THR SB 47 46.87 125.29 31.76
CA THR SB 47 47.31 126.63 31.47
C THR SB 47 48.14 126.60 30.18
N ILE SB 48 48.45 127.77 29.62
CA ILE SB 48 49.18 127.85 28.36
C ILE SB 48 50.56 127.18 28.44
N ASP SB 49 51.07 126.97 29.67
CA ASP SB 49 52.40 126.41 29.90
C ASP SB 49 52.59 125.01 29.31
N SER SB 50 51.53 124.20 29.27
CA SER SB 50 51.62 122.80 28.88
C SER SB 50 50.29 122.29 28.32
N THR SB 51 50.37 121.33 27.39
CA THR SB 51 49.19 120.62 26.96
C THR SB 51 48.74 119.59 27.99
N PHE SB 52 49.67 119.13 28.86
CA PHE SB 52 49.33 118.20 29.91
C PHE SB 52 48.67 118.90 31.09
N ARG SB 53 47.92 118.13 31.86
CA ARG SB 53 47.26 118.59 33.07
C ARG SB 53 48.29 119.02 34.11
N ASP SB 54 48.11 120.22 34.70
CA ASP SB 54 48.97 120.71 35.76
C ASP SB 54 48.60 120.05 37.09
N GLU SB 55 47.29 120.01 37.43
CA GLU SB 55 46.80 119.50 38.71
C GLU SB 55 45.39 118.91 38.59
N VAL SB 56 45.01 118.10 39.60
CA VAL SB 56 43.64 117.61 39.72
C VAL SB 56 43.22 117.55 41.19
N LYS SB 57 41.94 117.88 41.47
CA LYS SB 57 41.42 117.97 42.84
C LYS SB 57 39.97 117.49 42.90
N ARG SB 58 39.57 116.91 44.05
CA ARG SB 58 38.20 116.52 44.37
C ARG SB 58 37.45 117.65 45.09
N TYR SB 59 36.12 117.71 44.93
CA TYR SB 59 35.33 118.59 45.77
C TYR SB 59 34.00 117.99 46.22
N GLU SB 60 32.87 118.20 45.54
CA GLU SB 60 31.58 117.77 46.08
C GLU SB 60 31.54 116.25 46.20
N HIS SB 61 31.64 115.73 47.43
CA HIS SB 61 31.50 114.32 47.66
C HIS SB 61 30.03 113.96 47.89
N ASN SB 62 29.57 112.88 47.25
CA ASN SB 62 28.34 112.24 47.62
C ASN SB 62 28.41 110.77 47.28
N VAL SB 63 27.59 109.95 47.93
CA VAL SB 63 27.46 108.55 47.57
C VAL SB 63 26.17 108.37 46.79
N ASN SB 64 26.27 108.06 45.49
CA ASN SB 64 25.09 107.70 44.71
C ASN SB 64 24.60 106.33 45.14
N VAL SB 65 23.39 106.26 45.67
CA VAL SB 65 22.74 105.01 46.03
C VAL SB 65 21.54 104.83 45.10
N GLU SB 66 21.47 103.71 44.37
CA GLU SB 66 20.23 103.36 43.71
C GLU SB 66 19.90 101.88 43.83
N ILE SB 67 18.64 101.61 44.14
CA ILE SB 67 18.18 100.31 44.57
C ILE SB 67 16.91 100.02 43.82
N THR SB 68 16.77 98.79 43.33
CA THR SB 68 15.50 98.30 42.82
C THR SB 68 15.02 97.19 43.71
N TYR SB 69 13.75 97.20 44.07
CA TYR SB 69 13.20 96.22 44.99
C TYR SB 69 11.75 95.89 44.63
N ALA SB 70 11.26 94.73 45.11
CA ALA SB 70 9.98 94.21 44.69
C ALA SB 70 9.08 93.76 45.84
N LYS SB 71 9.45 94.09 47.09
CA LYS SB 71 8.54 93.96 48.21
C LYS SB 71 8.28 95.33 48.79
N PHE SB 72 7.03 95.75 48.83
CA PHE SB 72 6.69 97.06 49.39
C PHE SB 72 6.72 97.00 50.91
N SER SB 73 7.28 98.07 51.53
CA SER SB 73 7.33 98.23 52.97
C SER SB 73 6.57 99.50 53.35
N LEU SB 74 5.56 99.33 54.21
CA LEU SB 74 4.85 100.48 54.73
C LEU SB 74 5.74 101.30 55.65
N GLU SB 75 6.54 100.64 56.49
CA GLU SB 75 7.38 101.39 57.43
C GLU SB 75 8.35 102.30 56.66
N PHE SB 76 9.03 101.77 55.64
CA PHE SB 76 9.98 102.59 54.90
C PHE SB 76 9.31 103.79 54.26
N ALA SB 77 8.12 103.59 53.70
CA ALA SB 77 7.37 104.66 53.07
C ALA SB 77 6.87 105.69 54.09
N GLN SB 78 6.31 105.24 55.21
CA GLN SB 78 5.81 106.16 56.22
C GLN SB 78 6.93 106.94 56.91
N GLU SB 79 8.10 106.34 57.10
CA GLU SB 79 9.28 107.06 57.53
C GLU SB 79 9.68 108.14 56.51
N TRP SB 80 9.73 107.83 55.22
CA TRP SB 80 10.11 108.80 54.21
C TRP SB 80 9.15 109.97 54.16
N LEU SB 81 7.84 109.71 54.29
CA LEU SB 81 6.83 110.75 54.36
C LEU SB 81 6.98 111.61 55.62
N GLY SB 82 7.38 111.02 56.74
CA GLY SB 82 7.43 111.70 58.02
C GLY SB 82 8.62 112.65 58.22
N GLY SB 83 9.74 112.39 57.55
CA GLY SB 83 10.98 113.14 57.79
C GLY SB 83 11.73 112.58 58.99
N PRO SB 84 12.80 113.25 59.48
CA PRO SB 84 13.60 112.74 60.58
C PRO SB 84 12.82 112.56 61.88
N GLY SB 85 13.00 111.37 62.47
CA GLY SB 85 12.48 110.96 63.77
C GLY SB 85 10.95 110.91 63.83
N ALA SB 86 10.30 110.78 62.68
CA ALA SB 86 8.84 110.73 62.59
C ALA SB 86 8.38 109.79 61.49
N THR SB 87 7.13 109.33 61.61
CA THR SB 87 6.47 108.49 60.62
C THR SB 87 5.11 109.13 60.33
N ALA SB 88 4.67 109.10 59.07
CA ALA SB 88 3.45 109.80 58.70
C ALA SB 88 2.63 109.03 57.67
N THR SB 89 1.30 109.19 57.75
CA THR SB 89 0.36 108.51 56.85
C THR SB 89 -0.07 109.41 55.69
N ALA SB 90 0.59 110.58 55.53
CA ALA SB 90 0.31 111.54 54.46
C ALA SB 90 1.51 112.46 54.29
N SER SB 91 1.58 113.16 53.15
CA SER SB 91 2.64 114.12 52.87
C SER SB 91 2.75 115.16 53.97
N GLN SB 92 3.99 115.48 54.38
CA GLN SB 92 4.24 116.51 55.37
C GLN SB 92 4.78 117.77 54.70
N ASP SB 93 4.25 118.93 55.12
CA ASP SB 93 4.70 120.22 54.59
C ASP SB 93 5.87 120.73 55.43
N ASP SB 94 7.04 120.08 55.32
CA ASP SB 94 8.24 120.51 56.03
C ASP SB 94 9.52 120.19 55.26
N SER SB 95 10.59 120.91 55.61
CA SER SB 95 11.77 121.06 54.79
C SER SB 95 12.82 119.97 55.03
N ASP SB 96 12.67 119.14 56.08
CA ASP SB 96 13.66 118.12 56.42
C ASP SB 96 13.37 116.78 55.75
N PRO SB 97 14.30 116.24 54.91
CA PRO SB 97 14.12 114.91 54.35
C PRO SB 97 14.49 113.85 55.38
N MET SB 98 13.81 112.70 55.33
CA MET SB 98 14.21 111.54 56.12
C MET SB 98 15.57 111.05 55.65
N LYS SB 99 16.51 110.93 56.59
CA LYS SB 99 17.87 110.47 56.34
C LYS SB 99 17.98 109.03 56.85
N PHE SB 100 18.39 108.12 55.98
CA PHE SB 100 18.55 106.72 56.34
C PHE SB 100 20.02 106.39 56.44
N ASN SB 101 20.42 105.70 57.51
CA ASN SB 101 21.68 104.96 57.48
C ASN SB 101 21.46 103.66 56.73
N LEU SB 102 22.45 103.26 55.96
CA LEU SB 102 22.34 102.10 55.08
C LEU SB 102 23.57 101.23 55.27
N GLU SB 103 23.36 99.92 55.28
CA GLU SB 103 24.44 98.96 55.29
C GLU SB 103 24.13 97.82 54.33
N ASN SB 104 25.15 97.36 53.59
CA ASN SB 104 25.06 96.13 52.81
C ASN SB 104 26.22 95.21 53.17
N VAL SB 105 25.93 93.93 53.39
CA VAL SB 105 26.94 92.93 53.70
C VAL SB 105 26.88 91.84 52.63
N THR SB 106 28.06 91.38 52.21
CA THR SB 106 28.17 90.55 51.02
C THR SB 106 29.39 89.65 51.13
N PRO SB 107 29.20 88.33 51.34
CA PRO SB 107 30.31 87.38 51.20
C PRO SB 107 30.87 87.43 49.78
N SER SB 108 32.20 87.27 49.65
CA SER SB 108 32.80 87.05 48.35
C SER SB 108 32.49 85.62 47.86
N ALA SB 109 32.65 85.38 46.56
CA ALA SB 109 32.09 84.20 45.93
C ALA SB 109 32.72 82.89 46.40
N SER SB 110 34.02 82.90 46.75
CA SER SB 110 34.72 81.76 47.36
C SER SB 110 34.99 81.95 48.86
N GLY SB 111 34.34 82.93 49.50
CA GLY SB 111 34.45 83.15 50.94
C GLY SB 111 35.79 83.72 51.40
N GLY SB 112 36.59 84.29 50.49
CA GLY SB 112 37.86 84.95 50.82
C GLY SB 112 37.70 86.15 51.77
N PHE SB 113 36.57 86.87 51.67
CA PHE SB 113 36.27 88.02 52.53
C PHE SB 113 34.77 88.26 52.62
N GLU SB 114 34.35 89.08 53.58
CA GLU SB 114 32.96 89.51 53.66
C GLU SB 114 32.92 91.03 53.58
N ARG SB 115 32.62 91.56 52.41
CA ARG SB 115 32.63 93.00 52.21
C ARG SB 115 31.40 93.60 52.86
N THR SB 116 31.63 94.55 53.78
CA THR SB 116 30.58 95.39 54.33
C THR SB 116 30.75 96.81 53.81
N THR SB 117 29.67 97.39 53.26
CA THR SB 117 29.61 98.79 52.89
C THR SB 117 28.58 99.48 53.77
N ALA SB 118 28.93 100.60 54.41
CA ALA SB 118 27.97 101.39 55.15
C ALA SB 118 28.01 102.84 54.68
N VAL SB 119 26.83 103.46 54.61
CA VAL SB 119 26.66 104.81 54.07
C VAL SB 119 25.80 105.62 55.04
N GLU SB 120 26.22 106.83 55.39
CA GLU SB 120 25.42 107.67 56.28
C GLU SB 120 24.50 108.62 55.52
N ASN SB 121 23.36 108.94 56.14
CA ASN SB 121 22.48 110.01 55.73
C ASN SB 121 22.09 109.93 54.26
N VAL SB 122 21.70 108.75 53.78
CA VAL SB 122 21.14 108.60 52.45
C VAL SB 122 19.76 109.26 52.44
N VAL SB 123 19.49 110.10 51.43
CA VAL SB 123 18.17 110.69 51.24
C VAL SB 123 17.68 110.40 49.84
N PHE SB 124 16.36 110.21 49.71
CA PHE SB 124 15.78 109.92 48.42
C PHE SB 124 14.89 111.08 48.01
N PRO SB 125 15.15 111.80 46.89
CA PRO SB 125 14.30 112.89 46.43
C PRO SB 125 12.87 112.46 46.20
N GLU SB 126 12.68 111.18 45.86
CA GLU SB 126 11.35 110.67 45.56
C GLU SB 126 11.21 109.21 45.93
N LEU SB 127 9.98 108.83 46.24
CA LEU SB 127 9.65 107.50 46.68
C LEU SB 127 8.51 107.00 45.81
N PRO SB 128 8.69 105.92 45.02
CA PRO SB 128 7.58 105.37 44.25
C PRO SB 128 6.66 104.61 45.19
N LEU SB 129 5.43 105.11 45.34
CA LEU SB 129 4.46 104.47 46.21
C LEU SB 129 3.82 103.28 45.51
N ASP SB 130 3.38 103.50 44.27
CA ASP SB 130 2.78 102.45 43.45
C ASP SB 130 3.53 102.38 42.13
N SER SB 131 3.71 101.16 41.64
CA SER SB 131 4.49 100.91 40.44
C SER SB 131 3.94 99.67 39.73
N ALA SB 132 2.64 99.74 39.40
CA ALA SB 132 1.87 98.62 38.88
C ALA SB 132 1.98 98.54 37.37
N THR SB 133 2.14 97.32 36.84
CA THR SB 133 2.21 97.04 35.41
C THR SB 133 1.51 95.72 35.13
N TYR SB 134 0.76 95.64 34.02
CA TYR SB 134 -0.06 94.48 33.75
C TYR SB 134 0.76 93.19 33.71
N GLY SB 135 0.36 92.22 34.55
CA GLY SB 135 0.97 90.90 34.56
C GLY SB 135 2.37 90.89 35.16
N GLU SB 136 2.67 91.83 36.05
CA GLU SB 136 3.95 91.85 36.77
C GLU SB 136 3.77 92.19 38.25
N TYR SB 137 4.72 91.76 39.09
CA TYR SB 137 4.76 92.28 40.45
C TYR SB 137 5.20 93.74 40.41
N GLU SB 138 4.75 94.53 41.38
CA GLU SB 138 5.18 95.92 41.44
C GLU SB 138 6.68 95.95 41.72
N GLU SB 139 7.42 96.67 40.87
CA GLU SB 139 8.86 96.83 41.02
C GLU SB 139 9.20 98.31 41.19
N TYR SB 140 9.93 98.63 42.27
CA TYR SB 140 10.15 99.99 42.72
C TYR SB 140 11.63 100.33 42.58
N SER SB 141 11.95 101.56 42.14
CA SER SB 141 13.32 102.03 42.10
C SER SB 141 13.52 103.28 42.96
N LEU SB 142 14.54 103.25 43.81
CA LEU SB 142 14.97 104.40 44.59
C LEU SB 142 16.29 104.92 44.03
N THR SB 143 16.39 106.24 43.87
CA THR SB 143 17.65 106.91 43.61
C THR SB 143 17.85 107.93 44.73
N GLY SB 144 19.05 107.98 45.32
CA GLY SB 144 19.32 108.83 46.45
C GLY SB 144 20.80 109.18 46.61
N SER SB 145 21.09 110.09 47.52
CA SER SB 145 22.44 110.55 47.78
C SER SB 145 22.75 110.41 49.28
N GLY SB 146 23.82 109.69 49.58
CA GLY SB 146 24.39 109.62 50.91
C GLY SB 146 25.50 110.64 51.10
N ARG SB 147 25.78 110.98 52.36
CA ARG SB 147 26.78 112.00 52.66
C ARG SB 147 28.19 111.46 52.49
N SER SB 148 28.45 110.25 53.00
CA SER SB 148 29.78 109.64 52.97
C SER SB 148 29.68 108.13 53.22
N VAL SB 149 30.75 107.41 52.88
CA VAL SB 149 30.92 106.02 53.25
C VAL SB 149 31.56 105.98 54.64
N THR SB 150 30.85 105.42 55.62
CA THR SB 150 31.36 105.36 56.98
C THR SB 150 32.20 104.11 57.23
N ASN SB 151 32.02 103.08 56.42
CA ASN SB 151 32.78 101.84 56.53
C ASN SB 151 32.84 101.11 55.20
N LEU SB 152 34.06 100.68 54.82
CA LEU SB 152 34.27 99.69 53.78
C LEU SB 152 35.41 98.78 54.22
N ALA SB 153 35.04 97.59 54.68
CA ALA SB 153 36.00 96.68 55.27
C ALA SB 153 35.63 95.22 55.01
N ASP SB 154 36.64 94.35 55.14
CA ASP SB 154 36.41 92.93 55.28
C ASP SB 154 36.03 92.63 56.73
N THR SB 155 34.77 92.24 56.95
CA THR SB 155 34.24 91.95 58.27
C THR SB 155 34.25 90.46 58.60
N SER SB 156 34.87 89.61 57.75
CA SER SB 156 34.96 88.17 57.98
C SER SB 156 35.73 87.85 59.28
N GLY SB 157 35.31 86.78 59.98
CA GLY SB 157 35.59 86.54 61.39
C GLY SB 157 37.08 86.48 61.69
N ALA TB 2 6.18 95.91 63.66
CA ALA TB 2 5.63 96.50 62.41
C ALA TB 2 5.37 95.43 61.36
N THR TB 3 4.56 95.78 60.35
CA THR TB 3 4.13 94.87 59.29
C THR TB 3 5.31 94.49 58.39
N SER TB 4 5.48 93.18 58.08
CA SER TB 4 6.54 92.72 57.20
C SER TB 4 6.41 93.30 55.80
N PRO TB 5 7.52 93.63 55.10
CA PRO TB 5 7.47 93.94 53.67
C PRO TB 5 6.94 92.75 52.86
N GLU TB 6 6.18 93.02 51.80
CA GLU TB 6 5.57 91.94 51.03
C GLU TB 6 5.49 92.31 49.55
N GLY TB 7 5.52 91.30 48.67
CA GLY TB 7 5.34 91.58 47.25
C GLY TB 7 3.93 92.09 46.97
N ILE TB 8 3.77 92.89 45.91
CA ILE TB 8 2.43 93.33 45.50
C ILE TB 8 2.23 92.97 44.05
N TRP TB 9 1.06 92.39 43.75
CA TRP TB 9 0.73 91.95 42.41
C TRP TB 9 -0.09 93.04 41.73
N SER TB 10 0.37 93.51 40.55
CA SER TB 10 -0.18 94.72 39.98
C SER TB 10 -1.67 94.54 39.69
N ASN TB 11 -2.05 93.38 39.18
CA ASN TB 11 -3.42 93.16 38.74
C ASN TB 11 -4.41 93.05 39.91
N SER TB 12 -3.95 93.03 41.17
CA SER TB 12 -4.83 93.10 42.32
C SER TB 12 -5.35 94.53 42.60
N GLY TB 13 -4.83 95.54 41.88
CA GLY TB 13 -5.15 96.94 42.16
C GLY TB 13 -6.53 97.39 41.71
N ALA TB 14 -7.01 98.45 42.39
CA ALA TB 14 -8.27 99.10 42.09
C ALA TB 14 -8.10 100.63 42.20
N LEU TB 15 -7.79 101.26 41.05
CA LEU TB 15 -7.70 102.71 40.93
C LEU TB 15 -9.09 103.29 40.73
N THR TB 16 -9.39 104.40 41.42
CA THR TB 16 -10.64 105.14 41.27
C THR TB 16 -10.39 106.64 41.35
N PHE TB 17 -11.23 107.42 40.66
CA PHE TB 17 -11.16 108.86 40.68
C PHE TB 17 -12.43 109.44 41.28
N GLU TB 18 -12.28 110.59 41.95
CA GLU TB 18 -13.44 111.30 42.49
C GLU TB 18 -13.35 112.78 42.20
N ASP TB 19 -14.49 113.41 41.96
CA ASP TB 19 -14.57 114.86 41.93
C ASP TB 19 -14.45 115.36 43.38
N PRO TB 20 -13.47 116.23 43.72
CA PRO TB 20 -13.32 116.74 45.09
C PRO TB 20 -14.47 117.62 45.58
N ALA TB 21 -15.36 118.07 44.69
CA ALA TB 21 -16.53 118.85 45.11
C ALA TB 21 -17.57 117.98 45.85
N ASP TB 22 -18.01 116.91 45.17
CA ASP TB 22 -19.01 115.99 45.68
C ASP TB 22 -18.44 114.88 46.56
N ASP TB 23 -17.17 114.51 46.33
CA ASP TB 23 -16.64 113.19 46.68
C ASP TB 23 -17.28 112.06 45.85
N SER TB 24 -17.95 112.39 44.73
CA SER TB 24 -18.58 111.41 43.85
C SER TB 24 -17.56 110.78 42.89
N GLU TB 25 -17.78 109.48 42.57
CA GLU TB 25 -16.91 108.76 41.66
C GLU TB 25 -17.05 109.29 40.23
N ILE TB 26 -15.90 109.40 39.54
CA ILE TB 26 -15.81 109.62 38.11
C ILE TB 26 -15.45 108.29 37.47
N LEU TB 27 -16.27 107.81 36.53
CA LEU TB 27 -16.10 106.49 35.95
C LEU TB 27 -14.81 106.36 35.14
N PHE TB 28 -14.00 105.38 35.50
CA PHE TB 28 -12.70 105.15 34.91
C PHE TB 28 -12.32 103.70 35.20
N ALA TB 29 -11.79 103.01 34.17
CA ALA TB 29 -11.55 101.58 34.25
C ALA TB 29 -10.51 101.13 33.24
N GLY TB 30 -10.05 99.89 33.35
CA GLY TB 30 -9.22 99.32 32.32
C GLY TB 30 -7.77 99.78 32.38
N VAL TB 31 -7.22 100.03 33.57
CA VAL TB 31 -5.80 100.33 33.68
C VAL TB 31 -4.95 99.13 33.25
N ARG TB 32 -3.70 99.43 32.91
CA ARG TB 32 -2.66 98.44 32.63
C ARG TB 32 -1.40 98.77 33.41
N ASP TB 33 -1.02 100.06 33.44
CA ASP TB 33 0.05 100.50 34.32
C ASP TB 33 -0.46 101.64 35.20
N VAL TB 34 0.05 101.70 36.43
CA VAL TB 34 -0.19 102.84 37.33
C VAL TB 34 1.04 103.13 38.15
N THR TB 35 1.54 104.36 38.05
CA THR TB 35 2.67 104.81 38.84
C THR TB 35 2.25 106.03 39.66
N ILE TB 36 2.47 105.97 40.98
CA ILE TB 36 2.31 107.12 41.86
C ILE TB 36 3.61 107.30 42.63
N THR TB 37 4.22 108.48 42.48
CA THR TB 37 5.50 108.78 43.09
C THR TB 37 5.49 110.16 43.72
N PRO TB 38 5.32 110.29 45.06
CA PRO TB 38 5.61 111.53 45.76
C PRO TB 38 7.08 111.89 45.60
N ALA TB 39 7.33 113.16 45.29
CA ALA TB 39 8.66 113.68 45.03
C ALA TB 39 8.81 115.07 45.66
N TYR TB 40 10.06 115.43 45.91
CA TYR TB 40 10.44 116.79 46.26
C TYR TB 40 11.69 117.14 45.48
N GLU TB 41 11.91 118.44 45.32
CA GLU TB 41 13.23 118.92 44.94
C GLU TB 41 14.15 118.88 46.16
N HIS TB 42 15.41 118.50 45.98
CA HIS TB 42 16.42 118.57 47.04
C HIS TB 42 17.45 119.63 46.72
N ALA TB 43 17.78 120.46 47.72
CA ALA TB 43 18.93 121.33 47.63
C ALA TB 43 19.97 120.91 48.66
N GLU TB 44 21.23 120.69 48.21
CA GLU TB 44 22.32 120.26 49.09
C GLU TB 44 23.30 121.42 49.26
N LEU TB 45 23.67 121.77 50.50
CA LEU TB 45 24.64 122.83 50.74
C LEU TB 45 26.07 122.27 50.74
N TYR TB 46 26.95 122.94 50.00
CA TYR TB 46 28.38 122.70 50.09
C TYR TB 46 29.15 124.01 50.16
N THR TB 47 30.28 123.99 50.88
CA THR TB 47 31.10 125.18 51.11
C THR TB 47 32.58 124.80 51.10
N ILE TB 48 33.47 125.79 51.16
CA ILE TB 48 34.91 125.52 51.17
C ILE TB 48 35.37 124.82 52.46
N ASP TB 49 34.54 124.78 53.52
CA ASP TB 49 34.91 124.15 54.77
C ASP TB 49 35.14 122.65 54.61
N SER TB 50 34.40 121.99 53.70
CA SER TB 50 34.42 120.54 53.60
C SER TB 50 34.05 120.06 52.19
N THR TB 51 34.59 118.90 51.81
CA THR TB 51 34.14 118.21 50.62
C THR TB 51 32.82 117.48 50.84
N PHE TB 52 32.47 117.21 52.11
CA PHE TB 52 31.20 116.58 52.41
C PHE TB 52 30.07 117.62 52.39
N ARG TB 53 28.86 117.12 52.11
CA ARG TB 53 27.63 117.86 52.19
C ARG TB 53 27.42 118.40 53.61
N ASP TB 54 27.13 119.71 53.71
CA ASP TB 54 26.84 120.36 54.97
C ASP TB 54 25.40 120.09 55.39
N GLU TB 55 24.45 120.29 54.45
CA GLU TB 55 23.01 120.21 54.73
C GLU TB 55 22.23 119.72 53.50
N VAL TB 56 20.98 119.27 53.72
CA VAL TB 56 20.05 118.97 52.63
C VAL TB 56 18.62 119.33 53.04
N LYS TB 57 17.81 119.85 52.10
CA LYS TB 57 16.43 120.23 52.39
C LYS TB 57 15.48 119.92 51.22
N ARG TB 58 14.18 119.80 51.52
CA ARG TB 58 13.09 119.55 50.60
C ARG TB 58 12.33 120.83 50.22
N TYR TB 59 11.83 120.87 48.99
CA TYR TB 59 10.90 121.90 48.55
C TYR TB 59 10.15 121.41 47.32
N GLU TB 60 9.13 122.15 46.83
CA GLU TB 60 8.32 121.80 45.67
C GLU TB 60 7.84 120.35 45.71
N HIS TB 61 7.06 120.02 46.75
CA HIS TB 61 6.42 118.72 46.78
C HIS TB 61 5.43 118.61 45.61
N ASN TB 62 5.46 117.47 44.93
CA ASN TB 62 4.38 117.08 44.03
C ASN TB 62 4.31 115.56 43.97
N VAL TB 63 3.16 115.01 43.59
CA VAL TB 63 3.07 113.59 43.39
C VAL TB 63 2.94 113.34 41.91
N ASN TB 64 3.94 112.72 41.30
CA ASN TB 64 3.87 112.32 39.91
C ASN TB 64 2.92 111.15 39.80
N VAL TB 65 1.84 111.33 39.04
CA VAL TB 65 0.87 110.29 38.74
C VAL TB 65 0.91 110.03 37.25
N GLU TB 66 1.11 108.79 36.85
CA GLU TB 66 0.95 108.43 35.45
C GLU TB 66 0.29 107.06 35.31
N ILE TB 67 -0.60 106.97 34.35
CA ILE TB 67 -1.52 105.86 34.22
C ILE TB 67 -1.58 105.49 32.76
N THR TB 68 -1.44 104.20 32.43
CA THR TB 68 -1.73 103.72 31.09
C THR TB 68 -2.97 102.84 31.15
N TYR TB 69 -3.98 103.12 30.31
CA TYR TB 69 -5.26 102.45 30.39
C TYR TB 69 -5.88 102.25 29.00
N ALA TB 70 -6.83 101.32 28.87
CA ALA TB 70 -7.27 100.84 27.57
C ALA TB 70 -8.80 100.73 27.46
N LYS TB 71 -9.53 101.35 28.40
CA LYS TB 71 -10.97 101.58 28.24
C LYS TB 71 -11.24 103.08 28.28
N PHE TB 72 -11.84 103.61 27.21
CA PHE TB 72 -12.15 105.03 27.14
C PHE TB 72 -13.36 105.35 28.03
N SER TB 73 -13.29 106.50 28.71
CA SER TB 73 -14.39 106.99 29.52
C SER TB 73 -14.84 108.37 29.02
N LEU TB 74 -16.10 108.47 28.60
CA LEU TB 74 -16.66 109.76 28.26
C LEU TB 74 -16.73 110.69 29.47
N GLU TB 75 -17.02 110.16 30.65
CA GLU TB 75 -17.13 111.00 31.83
C GLU TB 75 -15.79 111.62 32.18
N PHE TB 76 -14.72 110.82 32.20
CA PHE TB 76 -13.41 111.35 32.53
C PHE TB 76 -12.97 112.43 31.56
N ALA TB 77 -13.16 112.20 30.27
CA ALA TB 77 -12.80 113.18 29.26
C ALA TB 77 -13.63 114.47 29.39
N GLN TB 78 -14.95 114.35 29.52
CA GLN TB 78 -15.80 115.52 29.59
C GLN TB 78 -15.62 116.32 30.87
N GLU TB 79 -15.25 115.67 31.99
CA GLU TB 79 -14.80 116.37 33.19
C GLU TB 79 -13.53 117.16 32.92
N TRP TB 80 -12.50 116.53 32.36
CA TRP TB 80 -11.23 117.19 32.09
C TRP TB 80 -11.41 118.39 31.16
N LEU TB 81 -12.26 118.29 30.13
CA LEU TB 81 -12.57 119.41 29.27
C LEU TB 81 -13.32 120.51 30.00
N GLY TB 82 -14.20 120.14 30.94
CA GLY TB 82 -15.05 121.09 31.61
C GLY TB 82 -14.36 121.92 32.68
N GLY TB 83 -13.30 121.40 33.31
CA GLY TB 83 -12.69 122.03 34.46
C GLY TB 83 -13.49 121.75 35.73
N PRO TB 84 -13.20 122.45 36.86
CA PRO TB 84 -13.90 122.23 38.11
C PRO TB 84 -15.40 122.40 38.02
N GLY TB 85 -16.11 121.40 38.57
CA GLY TB 85 -17.56 121.40 38.80
C GLY TB 85 -18.44 121.41 37.55
N ALA TB 86 -17.86 121.18 36.36
CA ALA TB 86 -18.61 121.22 35.11
C ALA TB 86 -18.17 120.12 34.14
N THR TB 87 -19.11 119.59 33.35
CA THR TB 87 -18.83 118.60 32.32
C THR TB 87 -19.09 119.23 30.96
N ALA TB 88 -18.07 119.25 30.08
CA ALA TB 88 -18.17 119.93 28.79
C ALA TB 88 -17.89 118.99 27.63
N THR TB 89 -18.60 119.23 26.50
CA THR TB 89 -18.48 118.40 25.31
C THR TB 89 -17.53 118.99 24.27
N ALA TB 90 -16.70 119.97 24.67
CA ALA TB 90 -15.83 120.73 23.76
C ALA TB 90 -14.81 121.47 24.59
N SER TB 91 -13.67 121.88 24.00
CA SER TB 91 -12.65 122.64 24.71
C SER TB 91 -13.23 123.91 25.31
N GLN TB 92 -12.85 124.20 26.57
CA GLN TB 92 -13.29 125.40 27.24
C GLN TB 92 -12.12 126.38 27.32
N ASP TB 93 -12.41 127.67 27.09
CA ASP TB 93 -11.40 128.69 27.23
C ASP TB 93 -11.33 129.22 28.66
N ASP TB 94 -10.83 128.40 29.60
CA ASP TB 94 -10.60 128.86 30.98
C ASP TB 94 -9.37 128.23 31.63
N SER TB 95 -8.92 128.91 32.70
CA SER TB 95 -7.59 128.74 33.29
C SER TB 95 -7.54 127.67 34.38
N ASP TB 96 -8.69 127.28 34.96
CA ASP TB 96 -8.74 126.27 36.01
C ASP TB 96 -8.75 124.86 35.42
N PRO TB 97 -7.71 124.02 35.66
CA PRO TB 97 -7.76 122.63 35.22
C PRO TB 97 -8.70 121.85 36.13
N MET TB 98 -9.29 120.78 35.61
CA MET TB 98 -10.02 119.84 36.43
C MET TB 98 -9.04 119.17 37.39
N LYS TB 99 -9.36 119.21 38.69
CA LYS TB 99 -8.58 118.55 39.72
C LYS TB 99 -9.33 117.31 40.19
N PHE TB 100 -8.71 116.15 40.07
CA PHE TB 100 -9.30 114.90 40.50
C PHE TB 100 -8.68 114.45 41.81
N ASN TB 101 -9.49 113.94 42.72
CA ASN TB 101 -8.93 113.10 43.76
C ASN TB 101 -8.73 111.71 43.20
N LEU TB 102 -7.68 111.04 43.66
CA LEU TB 102 -7.33 109.71 43.19
C LEU TB 102 -7.10 108.79 44.38
N GLU TB 103 -7.57 107.55 44.29
CA GLU TB 103 -7.26 106.53 45.28
C GLU TB 103 -6.97 105.19 44.59
N ASN TB 104 -5.93 104.50 45.04
CA ASN TB 104 -5.61 103.16 44.57
C ASN TB 104 -5.48 102.22 45.76
N VAL TB 105 -6.08 101.03 45.65
CA VAL TB 105 -6.09 100.07 46.74
C VAL TB 105 -5.58 98.73 46.22
N THR TB 106 -4.66 98.10 46.97
CA THR TB 106 -4.05 96.84 46.55
C THR TB 106 -3.83 95.92 47.76
N PRO TB 107 -4.46 94.73 47.79
CA PRO TB 107 -4.02 93.69 48.71
C PRO TB 107 -2.55 93.36 48.45
N SER TB 108 -1.76 93.11 49.50
CA SER TB 108 -0.42 92.56 49.32
C SER TB 108 -0.51 91.09 48.90
N ALA TB 109 0.56 90.53 48.35
CA ALA TB 109 0.49 89.28 47.61
C ALA TB 109 -0.02 88.10 48.44
N SER TB 110 0.40 88.01 49.73
CA SER TB 110 -0.03 86.97 50.67
C SER TB 110 -1.09 87.46 51.66
N GLY TB 111 -1.66 88.66 51.44
CA GLY TB 111 -2.66 89.23 52.33
C GLY TB 111 -2.13 89.69 53.70
N GLY TB 112 -0.84 90.01 53.79
CA GLY TB 112 -0.27 90.59 54.99
C GLY TB 112 -0.85 91.96 55.35
N PHE TB 113 -1.23 92.74 54.32
CA PHE TB 113 -1.81 94.08 54.49
C PHE TB 113 -2.60 94.49 53.25
N GLU TB 114 -3.40 95.55 53.37
CA GLU TB 114 -4.02 96.16 52.20
C GLU TB 114 -3.54 97.60 52.06
N ARG TB 115 -2.71 97.88 51.06
CA ARG TB 115 -2.14 99.21 50.89
C ARG TB 115 -3.10 100.12 50.15
N THR TB 116 -3.52 101.20 50.82
CA THR TB 116 -4.28 102.27 50.18
C THR TB 116 -3.36 103.47 49.97
N THR TB 117 -3.28 103.96 48.73
CA THR TB 117 -2.62 105.21 48.39
C THR TB 117 -3.67 106.19 47.89
N ALA TB 118 -3.72 107.40 48.46
CA ALA TB 118 -4.63 108.43 47.98
C ALA TB 118 -3.89 109.75 47.76
N VAL TB 119 -4.32 110.48 46.74
CA VAL TB 119 -3.65 111.69 46.28
C VAL TB 119 -4.69 112.79 46.02
N GLU TB 120 -4.49 114.00 46.58
CA GLU TB 120 -5.42 115.09 46.32
C GLU TB 120 -5.02 115.88 45.08
N ASN TB 121 -6.03 116.48 44.42
CA ASN TB 121 -5.84 117.52 43.43
C ASN TB 121 -4.87 117.13 42.31
N VAL TB 122 -5.03 115.94 41.75
CA VAL TB 122 -4.29 115.53 40.57
C VAL TB 122 -4.83 116.26 39.35
N VAL TB 123 -3.94 116.88 38.55
CA VAL TB 123 -4.31 117.49 37.28
C VAL TB 123 -3.47 116.89 36.17
N PHE TB 124 -4.04 116.79 34.96
CA PHE TB 124 -3.32 116.21 33.83
C PHE TB 124 -3.14 117.28 32.76
N PRO TB 125 -1.92 117.72 32.41
CA PRO TB 125 -1.71 118.76 31.41
C PRO TB 125 -2.32 118.44 30.06
N GLU TB 126 -2.38 117.16 29.70
CA GLU TB 126 -2.98 116.76 28.43
C GLU TB 126 -3.73 115.45 28.53
N LEU TB 127 -4.80 115.34 27.75
CA LEU TB 127 -5.72 114.22 27.79
C LEU TB 127 -5.73 113.57 26.41
N PRO TB 128 -5.32 112.30 26.25
CA PRO TB 128 -5.46 111.62 24.97
C PRO TB 128 -6.94 111.28 24.76
N LEU TB 129 -7.45 111.64 23.57
CA LEU TB 129 -8.83 111.35 23.20
C LEU TB 129 -8.90 110.16 22.24
N ASP TB 130 -8.19 110.27 21.12
CA ASP TB 130 -8.01 109.16 20.21
C ASP TB 130 -6.56 108.70 20.32
N SER TB 131 -6.36 107.38 20.36
CA SER TB 131 -5.04 106.79 20.39
C SER TB 131 -5.06 105.49 19.59
N ALA TB 132 -5.51 105.60 18.34
CA ALA TB 132 -5.61 104.47 17.45
C ALA TB 132 -4.24 104.04 16.95
N THR TB 133 -4.03 102.74 16.92
CA THR TB 133 -2.95 102.12 16.18
C THR TB 133 -3.50 100.87 15.54
N TYR TB 134 -3.17 100.67 14.27
CA TYR TB 134 -3.67 99.56 13.48
C TYR TB 134 -3.36 98.21 14.13
N GLY TB 135 -4.41 97.36 14.27
CA GLY TB 135 -4.26 96.05 14.86
C GLY TB 135 -4.13 96.06 16.39
N GLU TB 136 -4.45 97.18 17.05
CA GLU TB 136 -4.43 97.26 18.50
C GLU TB 136 -5.66 97.96 19.04
N TYR TB 137 -5.97 97.70 20.31
CA TYR TB 137 -6.97 98.51 20.99
C TYR TB 137 -6.37 99.88 21.27
N GLU TB 138 -7.21 100.92 21.43
CA GLU TB 138 -6.66 102.22 21.79
C GLU TB 138 -6.12 102.17 23.21
N GLU TB 139 -4.85 102.50 23.38
CA GLU TB 139 -4.19 102.54 24.67
C GLU TB 139 -3.79 103.99 24.95
N TYR TB 140 -4.15 104.47 26.14
CA TYR TB 140 -4.11 105.87 26.50
C TYR TB 140 -3.18 106.06 27.70
N SER TB 141 -2.22 106.99 27.60
CA SER TB 141 -1.36 107.33 28.73
C SER TB 141 -1.67 108.73 29.26
N LEU TB 142 -1.91 108.83 30.56
CA LEU TB 142 -2.05 110.09 31.27
C LEU TB 142 -0.81 110.34 32.11
N THR TB 143 -0.37 111.59 32.15
CA THR TB 143 0.64 112.04 33.11
C THR TB 143 0.09 113.27 33.82
N GLY TB 144 0.33 113.38 35.12
CA GLY TB 144 -0.20 114.49 35.90
C GLY TB 144 0.52 114.69 37.23
N SER TB 145 0.15 115.76 37.92
CA SER TB 145 0.70 116.11 39.21
C SER TB 145 -0.39 116.24 40.25
N GLY TB 146 -0.30 115.44 41.32
CA GLY TB 146 -1.06 115.65 42.54
C GLY TB 146 -0.38 116.66 43.46
N ARG TB 147 -1.16 117.29 44.33
CA ARG TB 147 -0.63 118.25 45.29
C ARG TB 147 0.06 117.56 46.47
N SER TB 148 -0.53 116.50 47.02
CA SER TB 148 0.04 115.78 48.15
C SER TB 148 -0.57 114.39 48.29
N VAL TB 149 0.10 113.51 49.05
CA VAL TB 149 -0.46 112.21 49.44
C VAL TB 149 -1.34 112.42 50.65
N THR TB 150 -2.64 112.13 50.54
CA THR TB 150 -3.55 112.30 51.66
C THR TB 150 -3.67 111.07 52.55
N ASN TB 151 -3.31 109.90 52.02
CA ASN TB 151 -3.36 108.66 52.79
C ASN TB 151 -2.39 107.62 52.23
N LEU TB 152 -1.54 107.06 53.10
CA LEU TB 152 -0.79 105.84 52.84
C LEU TB 152 -0.85 104.97 54.10
N ALA TB 153 -1.64 103.90 54.05
CA ALA TB 153 -1.93 103.10 55.23
C ALA TB 153 -2.28 101.66 54.89
N ASP TB 154 -2.17 100.78 55.88
CA ASP TB 154 -2.77 99.46 55.82
C ASP TB 154 -4.23 99.60 56.22
N THR TB 155 -5.14 99.52 55.24
CA THR TB 155 -6.57 99.61 55.48
C THR TB 155 -7.24 98.25 55.71
N SER TB 156 -6.47 97.15 55.81
CA SER TB 156 -7.05 95.87 56.19
C SER TB 156 -7.59 95.91 57.63
N GLY TB 157 -8.56 95.03 57.93
CA GLY TB 157 -9.30 95.07 59.19
C GLY TB 157 -8.38 94.91 60.40
N ALA UB 2 -16.22 151.39 14.47
CA ALA UB 2 -14.85 151.09 15.00
C ALA UB 2 -14.34 149.76 14.41
N THR UB 3 -13.01 149.59 14.38
CA THR UB 3 -12.39 148.37 13.85
C THR UB 3 -11.75 147.55 14.97
N SER UB 4 -12.08 146.24 15.00
CA SER UB 4 -11.55 145.29 16.00
C SER UB 4 -10.03 145.25 15.98
N PRO UB 5 -9.33 145.36 17.14
CA PRO UB 5 -7.88 145.18 17.13
C PRO UB 5 -7.55 143.77 16.66
N GLU UB 6 -6.43 143.65 15.94
CA GLU UB 6 -6.08 142.37 15.34
C GLU UB 6 -4.55 142.20 15.35
N GLY UB 7 -4.08 140.96 15.33
CA GLY UB 7 -2.65 140.73 15.26
C GLY UB 7 -2.09 141.20 13.92
N ILE UB 8 -0.78 141.47 13.87
CA ILE UB 8 -0.13 141.73 12.60
C ILE UB 8 1.07 140.81 12.48
N TRP UB 9 1.28 140.28 11.27
CA TRP UB 9 2.37 139.36 11.02
C TRP UB 9 3.50 140.11 10.33
N SER UB 10 4.72 140.02 10.85
CA SER UB 10 5.80 140.88 10.39
C SER UB 10 6.09 140.65 8.92
N ASN UB 11 6.17 139.39 8.53
CA ASN UB 11 6.56 139.03 7.18
C ASN UB 11 5.53 139.43 6.12
N SER UB 12 4.31 139.81 6.50
CA SER UB 12 3.33 140.36 5.58
C SER UB 12 3.58 141.85 5.27
N GLY UB 13 4.61 142.46 5.86
CA GLY UB 13 4.95 143.85 5.61
C GLY UB 13 5.56 144.09 4.22
N ALA UB 14 5.36 145.33 3.74
CA ALA UB 14 5.98 145.84 2.53
C ALA UB 14 6.45 147.28 2.76
N LEU UB 15 7.74 147.43 3.10
CA LEU UB 15 8.36 148.74 3.29
C LEU UB 15 8.85 149.31 1.95
N THR UB 16 8.73 150.63 1.77
CA THR UB 16 9.28 151.31 0.61
C THR UB 16 9.82 152.69 0.99
N PHE UB 17 10.79 153.19 0.22
CA PHE UB 17 11.31 154.54 0.35
C PHE UB 17 11.07 155.34 -0.94
N GLU UB 18 10.77 156.62 -0.80
CA GLU UB 18 10.63 157.50 -1.95
C GLU UB 18 11.43 158.77 -1.76
N ASP UB 19 11.98 159.29 -2.87
CA ASP UB 19 12.63 160.58 -2.90
C ASP UB 19 11.57 161.67 -2.82
N PRO UB 20 11.57 162.52 -1.77
CA PRO UB 20 10.49 163.50 -1.57
C PRO UB 20 10.47 164.61 -2.60
N ALA UB 21 11.51 164.74 -3.44
CA ALA UB 21 11.51 165.72 -4.52
C ALA UB 21 10.61 165.29 -5.68
N ASP UB 22 10.51 163.97 -5.93
CA ASP UB 22 9.81 163.40 -7.06
C ASP UB 22 8.53 162.65 -6.66
N ASP UB 23 8.54 162.05 -5.47
CA ASP UB 23 7.73 160.89 -5.11
C ASP UB 23 8.08 159.72 -6.05
N SER UB 24 9.37 159.54 -6.32
CA SER UB 24 9.92 158.41 -7.07
C SER UB 24 10.55 157.40 -6.11
N GLU UB 25 10.33 156.10 -6.34
CA GLU UB 25 10.79 155.05 -5.44
C GLU UB 25 12.32 154.93 -5.47
N ILE UB 26 12.91 154.65 -4.29
CA ILE UB 26 14.30 154.28 -4.10
C ILE UB 26 14.35 152.80 -3.78
N LEU UB 27 15.12 152.02 -4.55
CA LEU UB 27 15.13 150.57 -4.40
C LEU UB 27 15.72 150.19 -3.05
N PHE UB 28 14.92 149.47 -2.26
CA PHE UB 28 15.31 148.99 -0.96
C PHE UB 28 14.46 147.75 -0.67
N ALA UB 29 15.10 146.74 -0.05
CA ALA UB 29 14.50 145.41 0.05
C ALA UB 29 15.15 144.58 1.15
N GLY UB 30 14.54 143.44 1.48
CA GLY UB 30 15.19 142.45 2.31
C GLY UB 30 15.20 142.83 3.78
N VAL UB 31 14.19 143.52 4.26
CA VAL UB 31 14.08 143.83 5.68
C VAL UB 31 13.89 142.56 6.51
N ARG UB 32 14.25 142.65 7.78
CA ARG UB 32 14.15 141.57 8.75
C ARG UB 32 13.55 142.09 10.05
N ASP UB 33 13.95 143.31 10.45
CA ASP UB 33 13.24 144.04 11.49
C ASP UB 33 12.87 145.42 10.96
N VAL UB 34 11.70 145.92 11.37
CA VAL UB 34 11.29 147.30 11.08
C VAL UB 34 10.52 147.83 12.28
N THR UB 35 10.98 148.95 12.85
CA THR UB 35 10.32 149.55 13.99
C THR UB 35 10.06 151.03 13.70
N ILE UB 36 8.81 151.48 13.92
CA ILE UB 36 8.47 152.89 13.76
C ILE UB 36 7.79 153.37 15.02
N THR UB 37 8.30 154.46 15.60
CA THR UB 37 7.81 154.98 16.86
C THR UB 37 7.75 156.49 16.82
N PRO UB 38 6.58 157.11 16.55
CA PRO UB 38 6.38 158.52 16.86
C PRO UB 38 6.52 158.76 18.35
N ALA UB 39 7.24 159.83 18.71
CA ALA UB 39 7.55 160.16 20.08
C ALA UB 39 7.45 161.67 20.31
N TYR UB 40 7.21 162.07 21.56
CA TYR UB 40 7.37 163.44 21.98
C TYR UB 40 8.10 163.48 23.32
N GLU UB 41 8.94 164.50 23.51
CA GLU UB 41 9.37 164.82 24.85
C GLU UB 41 8.18 165.30 25.66
N HIS UB 42 8.07 164.89 26.93
CA HIS UB 42 7.00 165.30 27.84
C HIS UB 42 7.57 166.10 29.00
N ALA UB 43 6.88 167.18 29.37
CA ALA UB 43 7.20 167.96 30.56
C ALA UB 43 6.03 167.93 31.54
N GLU UB 44 6.30 167.52 32.79
CA GLU UB 44 5.27 167.43 33.83
C GLU UB 44 5.49 168.58 34.81
N LEU UB 45 4.39 169.25 35.22
CA LEU UB 45 4.43 170.31 36.20
C LEU UB 45 4.07 169.79 37.58
N TYR UB 46 4.93 170.05 38.58
CA TYR UB 46 4.60 169.87 39.97
C TYR UB 46 5.00 171.11 40.75
N THR UB 47 4.21 171.41 41.79
CA THR UB 47 4.40 172.58 42.64
C THR UB 47 4.13 172.22 44.09
N ILE UB 48 4.46 173.09 45.04
CA ILE UB 48 4.25 172.79 46.45
C ILE UB 48 2.75 172.60 46.80
N ASP UB 49 1.85 173.06 45.91
CA ASP UB 49 0.41 172.91 46.12
C ASP UB 49 -0.02 171.45 46.27
N SER UB 50 0.63 170.52 45.52
CA SER UB 50 0.19 169.14 45.47
C SER UB 50 1.33 168.16 45.15
N THR UB 51 1.19 166.93 45.65
CA THR UB 51 2.06 165.83 45.26
C THR UB 51 1.68 165.30 43.88
N PHE UB 52 0.42 165.51 43.46
CA PHE UB 52 -0.05 165.09 42.15
C PHE UB 52 0.39 166.06 41.06
N ARG UB 53 0.55 165.51 39.86
CA ARG UB 53 0.91 166.28 38.68
C ARG UB 53 -0.16 167.32 38.37
N ASP UB 54 0.27 168.58 38.21
CA ASP UB 54 -0.62 169.69 37.89
C ASP UB 54 -0.97 169.64 36.40
N GLU UB 55 0.04 169.44 35.54
CA GLU UB 55 -0.11 169.48 34.09
C GLU UB 55 0.93 168.59 33.40
N VAL UB 56 0.65 168.23 32.13
CA VAL UB 56 1.63 167.59 31.28
C VAL UB 56 1.48 168.08 29.84
N LYS UB 57 2.61 168.23 29.14
CA LYS UB 57 2.65 168.80 27.78
C LYS UB 57 3.70 168.10 26.91
N ARG UB 58 3.45 168.02 25.60
CA ARG UB 58 4.36 167.51 24.58
C ARG UB 58 5.22 168.62 23.97
N TYR UB 59 6.45 168.31 23.50
CA TYR UB 59 7.22 169.29 22.75
C TYR UB 59 7.99 168.70 21.57
N GLU UB 60 9.28 168.37 21.69
CA GLU UB 60 10.06 167.93 20.54
C GLU UB 60 9.47 166.64 19.97
N HIS UB 61 8.77 166.75 18.83
CA HIS UB 61 8.25 165.59 18.14
C HIS UB 61 9.29 165.05 17.16
N ASN UB 62 9.35 163.73 17.04
CA ASN UB 62 10.06 163.07 15.96
C ASN UB 62 9.45 161.69 15.77
N VAL UB 63 9.82 161.01 14.68
CA VAL UB 63 9.48 159.60 14.53
C VAL UB 63 10.78 158.82 14.51
N ASN UB 64 11.02 158.00 15.54
CA ASN UB 64 12.15 157.10 15.51
C ASN UB 64 11.86 155.97 14.53
N VAL UB 65 12.73 155.82 13.54
CA VAL UB 65 12.67 154.73 12.57
C VAL UB 65 13.94 153.90 12.74
N GLU UB 66 13.79 152.59 12.90
CA GLU UB 66 14.95 151.72 12.81
C GLU UB 66 14.61 150.46 12.02
N ILE UB 67 15.56 150.04 11.20
CA ILE UB 67 15.36 148.97 10.24
C ILE UB 67 16.58 148.05 10.23
N THR UB 68 16.37 146.74 10.26
CA THR UB 68 17.45 145.80 10.01
C THR UB 68 17.15 145.06 8.72
N TYR UB 69 18.11 145.02 7.78
CA TYR UB 69 17.88 144.47 6.46
C TYR UB 69 19.13 143.76 5.92
N ALA UB 70 18.94 142.88 4.93
CA ALA UB 70 19.99 141.95 4.53
C ALA UB 70 20.20 141.91 3.01
N LYS UB 71 19.50 142.76 2.25
CA LYS UB 71 19.82 142.96 0.83
C LYS UB 71 20.40 144.36 0.69
N PHE UB 72 21.65 144.46 0.24
CA PHE UB 72 22.29 145.74 0.08
C PHE UB 72 21.78 146.43 -1.18
N SER UB 73 21.53 147.76 -1.06
CA SER UB 73 21.11 148.59 -2.18
C SER UB 73 22.19 149.63 -2.47
N LEU UB 74 22.74 149.64 -3.69
CA LEU UB 74 23.64 150.73 -4.05
C LEU UB 74 22.87 152.04 -4.15
N GLU UB 75 21.67 152.02 -4.72
CA GLU UB 75 20.90 153.26 -4.89
C GLU UB 75 20.68 153.97 -3.55
N PHE UB 76 20.22 153.24 -2.52
CA PHE UB 76 19.99 153.82 -1.21
C PHE UB 76 21.24 154.47 -0.65
N ALA UB 77 22.36 153.78 -0.74
CA ALA UB 77 23.63 154.26 -0.23
C ALA UB 77 24.11 155.49 -1.00
N GLN UB 78 24.02 155.48 -2.34
CA GLN UB 78 24.49 156.60 -3.15
C GLN UB 78 23.58 157.83 -3.05
N GLU UB 79 22.29 157.64 -2.83
CA GLU UB 79 21.39 158.73 -2.45
C GLU UB 79 21.78 159.31 -1.09
N TRP UB 80 22.04 158.46 -0.09
CA TRP UB 80 22.46 158.92 1.23
C TRP UB 80 23.76 159.70 1.19
N LEU UB 81 24.76 159.23 0.43
CA LEU UB 81 25.99 159.98 0.25
C LEU UB 81 25.72 161.30 -0.46
N GLY UB 82 24.86 161.29 -1.47
CA GLY UB 82 24.64 162.44 -2.33
C GLY UB 82 23.91 163.61 -1.69
N GLY UB 83 23.03 163.36 -0.72
CA GLY UB 83 22.18 164.40 -0.17
C GLY UB 83 20.97 164.69 -1.05
N PRO UB 84 20.16 165.72 -0.74
CA PRO UB 84 18.88 165.92 -1.41
C PRO UB 84 19.01 166.11 -2.92
N GLY UB 85 18.21 165.33 -3.65
CA GLY UB 85 18.07 165.41 -5.11
C GLY UB 85 19.36 165.10 -5.87
N ALA UB 86 20.33 164.41 -5.23
CA ALA UB 86 21.60 164.09 -5.87
C ALA UB 86 22.11 162.72 -5.46
N THR UB 87 22.84 162.06 -6.36
CA THR UB 87 23.45 160.75 -6.15
C THR UB 87 24.97 160.91 -6.17
N ALA UB 88 25.68 160.30 -5.20
CA ALA UB 88 27.13 160.39 -5.15
C ALA UB 88 27.79 159.04 -4.91
N THR UB 89 28.93 158.82 -5.58
CA THR UB 89 29.74 157.61 -5.40
C THR UB 89 30.81 157.78 -4.33
N ALA UB 90 30.83 158.93 -3.63
CA ALA UB 90 31.83 159.26 -2.60
C ALA UB 90 31.23 160.21 -1.58
N SER UB 91 31.86 160.31 -0.38
CA SER UB 91 31.45 161.24 0.67
C SER UB 91 31.34 162.66 0.12
N GLN UB 92 30.27 163.38 0.49
CA GLN UB 92 30.11 164.77 0.09
C GLN UB 92 30.37 165.70 1.27
N ASP UB 93 31.19 166.72 1.07
CA ASP UB 93 31.44 167.73 2.08
C ASP UB 93 30.37 168.83 2.01
N ASP UB 94 29.13 168.48 2.39
CA ASP UB 94 28.04 169.44 2.47
C ASP UB 94 27.07 169.12 3.61
N SER UB 95 26.31 170.14 4.01
CA SER UB 95 25.65 170.18 5.31
C SER UB 95 24.24 169.56 5.32
N ASP UB 96 23.71 169.12 4.17
CA ASP UB 96 22.33 168.65 4.07
C ASP UB 96 22.25 167.12 4.05
N PRO UB 97 21.49 166.49 4.96
CA PRO UB 97 21.29 165.05 4.88
C PRO UB 97 20.27 164.75 3.77
N MET UB 98 20.41 163.58 3.14
CA MET UB 98 19.36 163.06 2.29
C MET UB 98 18.12 162.79 3.13
N LYS UB 99 16.97 163.34 2.71
CA LYS UB 99 15.70 163.13 3.39
C LYS UB 99 14.86 162.12 2.61
N PHE UB 100 14.42 161.05 3.27
CA PHE UB 100 13.65 160.00 2.62
C PHE UB 100 12.20 160.02 3.12
N ASN UB 101 11.24 159.90 2.21
CA ASN UB 101 9.89 159.54 2.63
C ASN UB 101 9.82 158.02 2.76
N LEU UB 102 9.22 157.53 3.85
CA LEU UB 102 9.11 156.11 4.11
C LEU UB 102 7.63 155.74 4.19
N GLU UB 103 7.26 154.61 3.60
CA GLU UB 103 5.93 154.06 3.81
C GLU UB 103 6.01 152.56 4.04
N ASN UB 104 5.21 152.06 4.98
CA ASN UB 104 5.14 150.64 5.29
C ASN UB 104 3.68 150.20 5.27
N VAL UB 105 3.38 149.07 4.62
CA VAL UB 105 2.01 148.60 4.52
C VAL UB 105 1.94 147.14 4.97
N THR UB 106 0.92 146.82 5.78
CA THR UB 106 0.73 145.47 6.30
C THR UB 106 -0.76 145.14 6.36
N PRO UB 107 -1.19 143.98 5.81
CA PRO UB 107 -2.46 143.39 6.20
C PRO UB 107 -2.42 143.00 7.68
N SER UB 108 -3.53 143.15 8.38
CA SER UB 108 -3.71 142.50 9.68
C SER UB 108 -3.88 140.99 9.48
N ALA UB 109 -3.72 140.21 10.56
CA ALA UB 109 -3.52 138.77 10.49
C ALA UB 109 -4.68 138.01 9.84
N SER UB 110 -5.91 138.51 10.01
CA SER UB 110 -7.12 137.94 9.41
C SER UB 110 -7.84 138.94 8.47
N GLY UB 111 -7.09 139.88 7.89
CA GLY UB 111 -7.61 140.78 6.87
C GLY UB 111 -8.67 141.77 7.36
N GLY UB 112 -8.73 142.02 8.68
CA GLY UB 112 -9.66 143.00 9.24
C GLY UB 112 -9.36 144.44 8.82
N PHE UB 113 -8.07 144.76 8.58
CA PHE UB 113 -7.63 146.04 8.07
C PHE UB 113 -6.29 145.91 7.37
N GLU UB 114 -5.95 146.88 6.51
CA GLU UB 114 -4.62 146.98 5.94
C GLU UB 114 -4.00 148.27 6.48
N ARG UB 115 -3.23 148.15 7.56
CA ARG UB 115 -2.60 149.31 8.18
C ARG UB 115 -1.48 149.84 7.29
N THR UB 116 -1.60 151.11 6.90
CA THR UB 116 -0.55 151.84 6.19
C THR UB 116 0.04 152.92 7.10
N THR UB 117 1.37 152.88 7.33
CA THR UB 117 2.09 153.86 8.12
C THR UB 117 3.04 154.63 7.20
N ALA UB 118 2.96 155.97 7.17
CA ALA UB 118 3.84 156.79 6.35
C ALA UB 118 4.54 157.87 7.19
N VAL UB 119 5.82 158.10 6.88
CA VAL UB 119 6.67 159.00 7.65
C VAL UB 119 7.44 159.91 6.69
N GLU UB 120 7.38 161.23 6.88
CA GLU UB 120 8.13 162.15 6.04
C GLU UB 120 9.53 162.42 6.57
N ASN UB 121 10.44 162.73 5.64
CA ASN UB 121 11.74 163.31 5.94
C ASN UB 121 12.54 162.51 6.98
N VAL UB 122 12.56 161.19 6.83
CA VAL UB 122 13.49 160.36 7.58
C VAL UB 122 14.91 160.70 7.17
N VAL UB 123 15.79 160.91 8.15
CA VAL UB 123 17.21 161.10 7.89
C VAL UB 123 17.99 160.14 8.77
N PHE UB 124 19.09 159.60 8.22
CA PHE UB 124 19.87 158.60 8.94
C PHE UB 124 21.24 159.18 9.28
N PRO UB 125 21.61 159.35 10.57
CA PRO UB 125 22.91 159.87 10.96
C PRO UB 125 24.08 159.06 10.42
N GLU UB 126 23.92 157.74 10.33
CA GLU UB 126 24.99 156.90 9.80
C GLU UB 126 24.44 155.75 8.97
N LEU UB 127 25.25 155.34 7.99
CA LEU UB 127 24.87 154.35 7.01
C LEU UB 127 25.90 153.24 7.05
N PRO UB 128 25.52 151.97 7.37
CA PRO UB 128 26.47 150.87 7.33
C PRO UB 128 26.71 150.47 5.88
N LEU UB 129 27.92 150.70 5.39
CA LEU UB 129 28.25 150.27 4.03
C LEU UB 129 28.60 148.79 4.01
N ASP UB 130 29.40 148.35 4.98
CA ASP UB 130 29.76 146.95 5.11
C ASP UB 130 29.44 146.50 6.54
N SER UB 131 28.96 145.26 6.66
CA SER UB 131 28.58 144.68 7.93
C SER UB 131 28.78 143.17 7.85
N ALA UB 132 30.04 142.77 7.66
CA ALA UB 132 30.43 141.42 7.31
C ALA UB 132 30.92 140.67 8.53
N THR UB 133 30.45 139.42 8.69
CA THR UB 133 30.79 138.53 9.78
C THR UB 133 31.00 137.14 9.21
N TYR UB 134 32.02 136.43 9.69
CA TYR UB 134 32.37 135.11 9.20
C TYR UB 134 31.15 134.19 9.24
N GLY UB 135 30.81 133.59 8.08
CA GLY UB 135 29.75 132.60 7.99
C GLY UB 135 28.33 133.16 8.13
N GLU UB 136 28.15 134.44 7.81
CA GLU UB 136 26.82 135.05 7.77
C GLU UB 136 26.65 135.95 6.54
N TYR UB 137 25.38 136.19 6.17
CA TYR UB 137 25.11 137.24 5.20
C TYR UB 137 25.28 138.59 5.88
N GLU UB 138 25.68 139.60 5.11
CA GLU UB 138 25.84 140.92 5.70
C GLU UB 138 24.48 141.45 6.14
N GLU UB 139 24.36 141.85 7.41
CA GLU UB 139 23.10 142.33 7.95
C GLU UB 139 23.31 143.75 8.48
N TYR UB 140 22.51 144.68 7.96
CA TYR UB 140 22.71 146.11 8.14
C TYR UB 140 21.63 146.67 9.06
N SER UB 141 22.02 147.51 10.04
CA SER UB 141 21.04 148.20 10.87
C SER UB 141 21.08 149.71 10.63
N LEU UB 142 19.92 150.29 10.31
CA LEU UB 142 19.73 151.74 10.27
C LEU UB 142 18.96 152.21 11.49
N THR UB 143 19.32 153.41 11.96
CA THR UB 143 18.49 154.16 12.90
C THR UB 143 18.43 155.60 12.40
N GLY UB 144 17.25 156.23 12.44
CA GLY UB 144 17.09 157.59 11.94
C GLY UB 144 15.81 158.26 12.44
N SER UB 145 15.66 159.55 12.15
CA SER UB 145 14.52 160.32 12.64
C SER UB 145 13.70 160.90 11.48
N GLY UB 146 12.43 160.51 11.41
CA GLY UB 146 11.46 161.19 10.59
C GLY UB 146 10.91 162.44 11.27
N ARG UB 147 10.36 163.37 10.48
CA ARG UB 147 9.80 164.60 11.01
C ARG UB 147 8.40 164.37 11.58
N SER UB 148 7.54 163.70 10.82
CA SER UB 148 6.16 163.48 11.25
C SER UB 148 5.56 162.23 10.60
N VAL UB 149 4.50 161.70 11.21
CA VAL UB 149 3.69 160.66 10.59
C VAL UB 149 2.70 161.36 9.67
N THR UB 150 2.86 161.19 8.36
CA THR UB 150 1.97 161.84 7.40
C THR UB 150 0.66 161.09 7.23
N ASN UB 151 0.66 159.76 7.44
CA ASN UB 151 -0.54 158.95 7.35
C ASN UB 151 -0.46 157.72 8.25
N LEU UB 152 -1.58 157.39 8.92
CA LEU UB 152 -1.81 156.13 9.61
C LEU UB 152 -3.29 155.79 9.49
N ALA UB 153 -3.59 154.81 8.63
CA ALA UB 153 -4.97 154.51 8.28
C ALA UB 153 -5.14 153.05 7.85
N ASP UB 154 -6.39 152.59 7.88
CA ASP UB 154 -6.78 151.40 7.15
C ASP UB 154 -6.94 151.78 5.68
N THR UB 155 -6.09 151.21 4.80
CA THR UB 155 -6.15 151.49 3.37
C THR UB 155 -6.83 150.38 2.57
N SER UB 156 -7.42 149.37 3.24
CA SER UB 156 -8.26 148.39 2.55
C SER UB 156 -9.47 149.07 1.88
N GLY UB 157 -9.84 148.59 0.68
CA GLY UB 157 -10.76 149.27 -0.23
C GLY UB 157 -12.14 149.46 0.39
N ALA VB 2 17.89 150.70 -12.65
CA ALA VB 2 18.86 150.73 -11.50
C ALA VB 2 19.14 149.30 -11.01
N THR VB 3 20.27 149.12 -10.33
CA THR VB 3 20.75 147.80 -9.91
C THR VB 3 19.87 147.25 -8.78
N SER VB 4 19.35 146.03 -8.94
CA SER VB 4 18.49 145.40 -7.94
C SER VB 4 19.23 145.19 -6.62
N PRO VB 5 18.62 145.49 -5.45
CA PRO VB 5 19.20 145.12 -4.16
C PRO VB 5 19.33 143.60 -4.07
N GLU VB 6 20.40 143.14 -3.42
CA GLU VB 6 20.75 141.73 -3.41
C GLU VB 6 21.44 141.38 -2.10
N GLY VB 7 21.38 140.10 -1.70
CA GLY VB 7 22.14 139.66 -0.54
C GLY VB 7 23.65 139.79 -0.76
N ILE VB 8 24.42 140.01 0.32
CA ILE VB 8 25.86 139.91 0.24
C ILE VB 8 26.37 138.91 1.27
N TRP VB 9 27.28 138.04 0.84
CA TRP VB 9 27.80 136.97 1.68
C TRP VB 9 29.16 137.39 2.22
N SER VB 10 29.31 137.39 3.55
CA SER VB 10 30.42 138.05 4.20
C SER VB 10 31.75 137.49 3.74
N ASN VB 11 31.84 136.16 3.63
CA ASN VB 11 33.08 135.48 3.33
C ASN VB 11 33.57 135.74 1.90
N SER VB 12 32.75 136.35 1.02
CA SER VB 12 33.21 136.76 -0.30
C SER VB 12 33.99 138.07 -0.28
N GLY VB 13 34.16 138.71 0.88
CA GLY VB 13 34.96 139.92 1.04
C GLY VB 13 36.45 139.75 0.70
N ALA VB 14 37.12 140.90 0.52
CA ALA VB 14 38.50 140.94 0.05
C ALA VB 14 39.15 142.24 0.52
N LEU VB 15 39.19 142.46 1.84
CA LEU VB 15 39.79 143.66 2.42
C LEU VB 15 41.28 143.72 2.09
N THR VB 16 41.75 144.91 1.71
CA THR VB 16 43.15 145.23 1.52
C THR VB 16 43.47 146.61 2.10
N PHE VB 17 44.74 146.82 2.47
CA PHE VB 17 45.23 148.12 2.91
C PHE VB 17 46.31 148.65 1.97
N GLU VB 18 46.34 149.96 1.81
CA GLU VB 18 47.34 150.63 0.99
C GLU VB 18 48.00 151.76 1.79
N ASP VB 19 49.29 151.94 1.57
CA ASP VB 19 49.98 153.10 2.10
C ASP VB 19 49.70 154.30 1.19
N PRO VB 20 49.01 155.36 1.66
CA PRO VB 20 48.68 156.49 0.79
C PRO VB 20 49.89 157.30 0.34
N ALA VB 21 51.10 156.99 0.80
CA ALA VB 21 52.31 157.58 0.26
C ALA VB 21 52.63 157.05 -1.14
N ASP VB 22 52.27 155.78 -1.42
CA ASP VB 22 52.80 154.99 -2.54
C ASP VB 22 51.70 154.27 -3.34
N ASP VB 23 50.52 154.12 -2.73
CA ASP VB 23 49.45 153.21 -3.18
C ASP VB 23 49.93 151.75 -3.23
N SER VB 24 51.01 151.43 -2.51
CA SER VB 24 51.51 150.06 -2.35
C SER VB 24 50.65 149.30 -1.34
N GLU VB 25 50.48 147.99 -1.55
CA GLU VB 25 49.71 147.16 -0.64
C GLU VB 25 50.50 146.93 0.65
N ILE VB 26 49.79 146.95 1.79
CA ILE VB 26 50.31 146.54 3.08
C ILE VB 26 49.75 145.15 3.36
N LEU VB 27 50.60 144.18 3.69
CA LEU VB 27 50.17 142.81 3.87
C LEU VB 27 49.21 142.70 5.05
N PHE VB 28 47.97 142.30 4.74
CA PHE VB 28 46.95 142.09 5.73
C PHE VB 28 46.02 140.99 5.23
N ALA VB 29 45.62 140.10 6.16
CA ALA VB 29 44.90 138.89 5.80
C ALA VB 29 44.10 138.37 6.97
N GLY VB 30 43.19 137.43 6.72
CA GLY VB 30 42.58 136.64 7.79
C GLY VB 30 41.51 137.41 8.56
N VAL VB 31 40.74 138.28 7.89
CA VAL VB 31 39.61 138.91 8.54
C VAL VB 31 38.56 137.87 8.90
N ARG VB 32 37.74 138.22 9.91
CA ARG VB 32 36.61 137.44 10.37
C ARG VB 32 35.36 138.30 10.42
N ASP VB 33 35.51 139.54 10.93
CA ASP VB 33 34.44 140.53 10.85
C ASP VB 33 34.99 141.82 10.26
N VAL VB 34 34.18 142.50 9.44
CA VAL VB 34 34.52 143.81 8.91
C VAL VB 34 33.28 144.67 8.94
N THR VB 35 33.42 145.89 9.47
CA THR VB 35 32.32 146.86 9.45
C THR VB 35 32.84 148.21 9.03
N ILE VB 36 32.20 148.83 8.02
CA ILE VB 36 32.53 150.18 7.58
C ILE VB 36 31.25 151.02 7.60
N THR VB 37 31.31 152.14 8.31
CA THR VB 37 30.12 152.91 8.60
C THR VB 37 30.42 154.40 8.47
N PRO VB 38 30.18 155.03 7.31
CA PRO VB 38 30.18 156.49 7.24
C PRO VB 38 29.08 157.04 8.13
N ALA VB 39 29.43 158.11 8.85
CA ALA VB 39 28.55 158.75 9.81
C ALA VB 39 28.67 160.27 9.72
N TYR VB 40 27.66 160.97 10.20
CA TYR VB 40 27.77 162.39 10.49
C TYR VB 40 27.07 162.68 11.81
N GLU VB 41 27.58 163.68 12.52
CA GLU VB 41 26.78 164.28 13.58
C GLU VB 41 25.61 165.04 12.96
N HIS VB 42 24.43 164.96 13.57
CA HIS VB 42 23.25 165.70 13.13
C HIS VB 42 22.84 166.73 14.18
N ALA VB 43 22.43 167.92 13.73
CA ALA VB 43 21.76 168.86 14.62
C ALA VB 43 20.37 169.19 14.10
N GLU VB 44 19.35 168.99 14.95
CA GLU VB 44 17.95 169.24 14.64
C GLU VB 44 17.52 170.54 15.33
N LEU VB 45 16.84 171.43 14.61
CA LEU VB 45 16.38 172.69 15.17
C LEU VB 45 14.90 172.61 15.58
N TYR VB 46 14.60 173.06 16.80
CA TYR VB 46 13.23 173.20 17.23
C TYR VB 46 13.04 174.50 18.02
N THR VB 47 11.87 175.11 17.82
CA THR VB 47 11.56 176.43 18.35
C THR VB 47 10.10 176.51 18.78
N ILE VB 48 9.72 177.54 19.54
CA ILE VB 48 8.40 177.62 20.13
C ILE VB 48 7.28 177.65 19.09
N ASP VB 49 7.60 177.93 17.82
CA ASP VB 49 6.66 177.90 16.72
C ASP VB 49 5.94 176.54 16.57
N SER VB 50 6.66 175.43 16.82
CA SER VB 50 6.21 174.10 16.42
C SER VB 50 6.81 172.99 17.27
N THR VB 51 6.04 171.91 17.48
CA THR VB 51 6.58 170.69 18.04
C THR VB 51 7.39 169.91 17.00
N PHE VB 52 7.13 170.14 15.72
CA PHE VB 52 7.87 169.47 14.65
C PHE VB 52 9.23 170.13 14.46
N ARG VB 53 10.17 169.32 13.95
CA ARG VB 53 11.49 169.77 13.60
C ARG VB 53 11.40 170.82 12.51
N ASP VB 54 12.13 171.94 12.70
CA ASP VB 54 12.24 172.98 11.70
C ASP VB 54 13.26 172.59 10.63
N GLU VB 55 14.45 172.17 11.07
CA GLU VB 55 15.59 171.89 10.18
C GLU VB 55 16.46 170.76 10.73
N VAL VB 56 17.27 170.15 9.85
CA VAL VB 56 18.30 169.21 10.26
C VAL VB 56 19.50 169.33 9.32
N LYS VB 57 20.73 169.20 9.88
CA LYS VB 57 21.98 169.46 9.16
C LYS VB 57 23.09 168.50 9.61
N ARG VB 58 24.02 168.15 8.72
CA ARG VB 58 25.18 167.31 9.01
C ARG VB 58 26.43 168.15 9.35
N TYR VB 59 27.28 167.64 10.26
CA TYR VB 59 28.56 168.28 10.50
C TYR VB 59 29.73 167.31 10.55
N GLU VB 60 30.22 166.88 11.72
CA GLU VB 60 31.45 166.11 11.79
C GLU VB 60 31.32 164.78 11.05
N HIS VB 61 31.92 164.68 9.86
CA HIS VB 61 31.92 163.44 9.12
C HIS VB 61 33.10 162.58 9.56
N ASN VB 62 32.86 161.26 9.60
CA ASN VB 62 33.91 160.28 9.74
C ASN VB 62 33.41 158.94 9.20
N VAL VB 63 34.33 157.99 8.96
CA VAL VB 63 33.95 156.63 8.65
C VAL VB 63 34.41 155.73 9.79
N ASN VB 64 33.50 155.17 10.57
CA ASN VB 64 33.88 154.19 11.58
C ASN VB 64 34.26 152.89 10.89
N VAL VB 65 35.49 152.45 11.10
CA VAL VB 65 36.01 151.20 10.58
C VAL VB 65 36.32 150.30 11.77
N GLU VB 66 35.72 149.12 11.82
CA GLU VB 66 36.15 148.12 12.78
C GLU VB 66 36.30 146.76 12.11
N ILE VB 67 37.39 146.08 12.48
CA ILE VB 67 37.81 144.86 11.82
C ILE VB 67 38.25 143.89 12.89
N THR VB 68 37.77 142.65 12.79
CA THR VB 68 38.29 141.56 13.59
C THR VB 68 39.03 140.60 12.65
N TYR VB 69 40.27 140.23 13.00
CA TYR VB 69 41.09 139.42 12.15
C TYR VB 69 41.95 138.46 12.98
N ALA VB 70 42.46 137.38 12.35
CA ALA VB 70 43.04 136.28 13.09
C ALA VB 70 44.40 135.81 12.54
N LYS VB 71 44.91 136.47 11.50
CA LYS VB 71 46.29 136.28 11.06
C LYS VB 71 47.06 137.53 11.41
N PHE VB 72 48.12 137.41 12.21
CA PHE VB 72 48.87 138.58 12.60
C PHE VB 72 49.77 139.03 11.45
N SER VB 73 49.87 140.36 11.27
CA SER VB 73 50.74 140.95 10.26
C SER VB 73 51.82 141.80 10.93
N LEU VB 74 53.10 141.43 10.73
CA LEU VB 74 54.18 142.26 11.23
C LEU VB 74 54.24 143.57 10.47
N GLU VB 75 54.01 143.55 9.15
CA GLU VB 75 54.12 144.77 8.37
C GLU VB 75 53.11 145.81 8.86
N PHE VB 76 51.83 145.44 8.93
CA PHE VB 76 50.79 146.34 9.37
C PHE VB 76 51.06 146.89 10.78
N ALA VB 77 51.52 146.05 11.69
CA ALA VB 77 51.87 146.47 13.05
C ALA VB 77 53.04 147.46 13.07
N GLN VB 78 54.12 147.17 12.34
CA GLN VB 78 55.29 148.02 12.31
C GLN VB 78 55.02 149.33 11.56
N GLU VB 79 54.12 149.33 10.57
CA GLU VB 79 53.63 150.56 9.95
C GLU VB 79 52.89 151.43 10.96
N TRP VB 80 51.99 150.85 11.75
CA TRP VB 80 51.27 151.61 12.75
C TRP VB 80 52.19 152.21 13.81
N LEU VB 81 53.20 151.45 14.27
CA LEU VB 81 54.20 151.97 15.19
C LEU VB 81 55.00 153.11 14.55
N GLY VB 82 55.39 152.94 13.29
CA GLY VB 82 56.25 153.87 12.58
C GLY VB 82 55.60 155.21 12.26
N GLY VB 83 54.27 155.27 12.10
CA GLY VB 83 53.62 156.47 11.60
C GLY VB 83 53.90 156.67 10.11
N PRO VB 84 53.38 157.74 9.48
CA PRO VB 84 53.42 157.91 8.04
C PRO VB 84 54.84 157.83 7.45
N GLY VB 85 54.94 157.04 6.36
CA GLY VB 85 56.14 156.88 5.54
C GLY VB 85 57.31 156.18 6.24
N ALA VB 86 57.05 155.49 7.36
CA ALA VB 86 58.09 154.81 8.13
C ALA VB 86 57.59 153.49 8.73
N THR VB 87 58.52 152.53 8.89
CA THR VB 87 58.28 151.28 9.60
C THR VB 87 59.17 151.24 10.84
N ALA VB 88 58.62 150.91 12.02
CA ALA VB 88 59.40 150.89 13.25
C ALA VB 88 59.15 149.63 14.08
N THR VB 89 60.19 149.19 14.79
CA THR VB 89 60.15 147.99 15.63
C THR VB 89 59.86 148.31 17.10
N ALA VB 90 59.48 149.56 17.41
CA ALA VB 90 59.28 150.02 18.78
C ALA VB 90 58.39 151.26 18.78
N SER VB 91 57.79 151.61 19.93
CA SER VB 91 56.96 152.81 20.07
C SER VB 91 57.72 154.03 19.59
N GLN VB 92 57.04 154.91 18.83
CA GLN VB 92 57.63 156.16 18.40
C GLN VB 92 57.04 157.33 19.17
N ASP VB 93 57.93 158.22 19.65
CA ASP VB 93 57.53 159.41 20.39
C ASP VB 93 57.27 160.58 19.43
N ASP VB 94 56.20 160.49 18.63
CA ASP VB 94 55.78 161.60 17.76
C ASP VB 94 54.28 161.57 17.44
N SER VB 95 53.78 162.69 16.88
CA SER VB 95 52.37 163.04 16.96
C SER VB 95 51.55 162.54 15.76
N ASP VB 96 52.20 162.07 14.69
CA ASP VB 96 51.51 161.66 13.46
C ASP VB 96 51.07 160.19 13.52
N PRO VB 97 49.75 159.89 13.47
CA PRO VB 97 49.30 158.51 13.39
C PRO VB 97 49.50 157.99 11.97
N MET VB 98 49.81 156.71 11.83
CA MET VB 98 49.84 156.09 10.51
C MET VB 98 48.42 156.14 9.92
N LYS VB 99 48.33 156.58 8.67
CA LYS VB 99 47.07 156.70 7.95
C LYS VB 99 47.03 155.61 6.89
N PHE VB 100 46.03 154.74 6.93
CA PHE VB 100 45.89 153.68 5.96
C PHE VB 100 44.75 153.99 5.01
N ASN VB 101 44.99 153.88 3.70
CA ASN VB 101 43.87 153.74 2.79
C ASN VB 101 43.40 152.31 2.85
N LEU VB 102 42.09 152.13 2.73
CA LEU VB 102 41.48 150.84 2.92
C LEU VB 102 40.51 150.62 1.77
N GLU VB 103 40.52 149.41 1.19
CA GLU VB 103 39.53 149.04 0.19
C GLU VB 103 39.00 147.64 0.43
N ASN VB 104 37.69 147.48 0.23
CA ASN VB 104 37.04 146.19 0.32
C ASN VB 104 36.16 145.96 -0.91
N VAL VB 105 36.14 144.72 -1.40
CA VAL VB 105 35.44 144.37 -2.62
C VAL VB 105 34.65 143.08 -2.39
N THR VB 106 33.36 143.08 -2.76
CA THR VB 106 32.53 141.89 -2.65
C THR VB 106 31.63 141.76 -3.87
N PRO VB 107 31.57 140.57 -4.51
CA PRO VB 107 30.42 140.24 -5.33
C PRO VB 107 29.17 140.22 -4.47
N SER VB 108 28.03 140.55 -5.07
CA SER VB 108 26.73 140.24 -4.47
C SER VB 108 26.44 138.74 -4.58
N ALA VB 109 25.47 138.24 -3.81
CA ALA VB 109 25.26 136.82 -3.61
C ALA VB 109 24.84 136.06 -4.88
N SER VB 110 24.16 136.72 -5.84
CA SER VB 110 23.82 136.14 -7.14
C SER VB 110 24.61 136.78 -8.29
N GLY VB 111 25.70 137.49 -7.99
CA GLY VB 111 26.56 138.09 -9.02
C GLY VB 111 25.94 139.30 -9.75
N GLY VB 112 24.86 139.87 -9.23
CA GLY VB 112 24.21 141.05 -9.80
C GLY VB 112 25.08 142.31 -9.83
N PHE VB 113 26.04 142.45 -8.91
CA PHE VB 113 26.98 143.57 -8.88
C PHE VB 113 28.23 143.22 -8.08
N GLU VB 114 29.30 144.01 -8.23
CA GLU VB 114 30.45 143.91 -7.37
C GLU VB 114 30.59 145.20 -6.57
N ARG VB 115 30.16 145.18 -5.31
CA ARG VB 115 30.24 146.35 -4.45
C ARG VB 115 31.69 146.56 -4.02
N THR VB 116 32.27 147.69 -4.42
CA THR VB 116 33.58 148.12 -3.94
C THR VB 116 33.40 149.32 -3.02
N THR VB 117 33.99 149.26 -1.83
CA THR VB 117 34.02 150.36 -0.87
C THR VB 117 35.47 150.75 -0.64
N ALA VB 118 35.79 152.05 -0.78
CA ALA VB 118 37.11 152.55 -0.46
C ALA VB 118 37.04 153.72 0.52
N VAL VB 119 37.98 153.76 1.48
CA VAL VB 119 38.00 154.73 2.56
C VAL VB 119 39.39 155.36 2.67
N GLU VB 120 39.47 156.69 2.81
CA GLU VB 120 40.76 157.37 2.93
C GLU VB 120 41.17 157.64 4.38
N ASN VB 121 42.48 157.55 4.64
CA ASN VB 121 43.12 158.00 5.86
C ASN VB 121 42.46 157.42 7.12
N VAL VB 122 42.27 156.11 7.16
CA VAL VB 122 41.84 155.43 8.37
C VAL VB 122 42.97 155.45 9.37
N VAL VB 123 42.67 155.84 10.61
CA VAL VB 123 43.65 155.81 11.70
C VAL VB 123 43.07 154.99 12.84
N PHE VB 124 43.96 154.23 13.52
CA PHE VB 124 43.55 153.39 14.62
C PHE VB 124 44.14 153.94 15.91
N PRO VB 125 43.32 154.39 16.89
CA PRO VB 125 43.82 154.84 18.18
C PRO VB 125 44.66 153.80 18.91
N GLU VB 126 44.36 152.51 18.71
CA GLU VB 126 45.13 151.47 19.38
C GLU VB 126 45.31 150.25 18.49
N LEU VB 127 46.45 149.59 18.63
CA LEU VB 127 46.78 148.42 17.85
C LEU VB 127 46.94 147.25 18.82
N PRO VB 128 46.15 146.18 18.71
CA PRO VB 128 46.34 145.01 19.56
C PRO VB 128 47.54 144.22 19.02
N LEU VB 129 48.60 144.14 19.83
CA LEU VB 129 49.75 143.33 19.49
C LEU VB 129 49.53 141.89 19.88
N ASP VB 130 49.05 141.65 21.10
CA ASP VB 130 48.80 140.29 21.56
C ASP VB 130 47.38 140.17 22.10
N SER VB 131 46.78 139.00 21.85
CA SER VB 131 45.40 138.74 22.18
C SER VB 131 45.21 137.23 22.36
N ALA VB 132 46.06 136.65 23.24
CA ALA VB 132 46.07 135.22 23.51
C ALA VB 132 44.98 134.87 24.53
N THR VB 133 44.37 133.70 24.31
CA THR VB 133 43.33 133.13 25.17
C THR VB 133 43.50 131.61 25.12
N TYR VB 134 43.42 130.94 26.29
CA TYR VB 134 43.69 129.53 26.38
C TYR VB 134 42.85 128.75 25.36
N GLY VB 135 43.50 127.96 24.50
CA GLY VB 135 42.78 127.09 23.59
C GLY VB 135 42.12 127.84 22.43
N GLU VB 136 42.59 129.05 22.12
CA GLU VB 136 42.13 129.78 20.94
C GLU VB 136 43.30 130.38 20.17
N TYR VB 137 43.13 130.53 18.86
CA TYR VB 137 44.10 131.32 18.11
C TYR VB 137 43.91 132.78 18.46
N GLU VB 138 45.00 133.56 18.44
CA GLU VB 138 44.91 134.96 18.77
C GLU VB 138 43.94 135.66 17.80
N GLU VB 139 43.04 136.50 18.33
CA GLU VB 139 42.09 137.23 17.50
C GLU VB 139 42.12 138.70 17.87
N TYR VB 140 42.24 139.56 16.85
CA TYR VB 140 42.61 140.95 17.01
C TYR VB 140 41.47 141.85 16.51
N SER VB 141 41.06 142.84 17.33
CA SER VB 141 40.03 143.78 16.92
C SER VB 141 40.55 145.20 16.84
N LEU VB 142 40.53 145.77 15.63
CA LEU VB 142 40.83 147.17 15.37
C LEU VB 142 39.53 147.99 15.35
N THR VB 143 39.60 149.21 15.90
CA THR VB 143 38.56 150.21 15.77
C THR VB 143 39.24 151.51 15.37
N GLY VB 144 38.70 152.23 14.37
CA GLY VB 144 39.36 153.40 13.82
C GLY VB 144 38.43 154.30 13.02
N SER VB 145 38.94 155.47 12.65
CA SER VB 145 38.16 156.47 11.92
C SER VB 145 38.84 156.85 10.59
N GLY VB 146 38.17 156.54 9.48
CA GLY VB 146 38.50 157.09 8.18
C GLY VB 146 38.00 158.52 8.02
N ARG VB 147 38.65 159.30 7.15
CA ARG VB 147 38.25 160.67 6.88
C ARG VB 147 36.99 160.73 6.03
N SER VB 148 36.93 159.92 4.96
CA SER VB 148 35.80 159.90 4.06
C SER VB 148 35.77 158.62 3.21
N VAL VB 149 34.62 158.35 2.58
CA VAL VB 149 34.47 157.29 1.58
C VAL VB 149 34.88 157.86 0.22
N THR VB 150 35.99 157.35 -0.34
CA THR VB 150 36.47 157.81 -1.63
C THR VB 150 35.70 157.17 -2.79
N ASN VB 151 35.18 155.95 -2.58
CA ASN VB 151 34.42 155.26 -3.61
C ASN VB 151 33.39 154.30 -3.01
N LEU VB 152 32.22 154.26 -3.63
CA LEU VB 152 31.20 153.23 -3.45
C LEU VB 152 30.50 153.03 -4.78
N ALA VB 153 30.82 151.92 -5.46
CA ALA VB 153 30.33 151.68 -6.81
C ALA VB 153 30.22 150.19 -7.11
N ASP VB 154 29.44 149.86 -8.15
CA ASP VB 154 29.49 148.56 -8.80
C ASP VB 154 30.68 148.54 -9.74
N THR VB 155 31.73 147.78 -9.39
CA THR VB 155 32.94 147.69 -10.17
C THR VB 155 32.92 146.54 -11.19
N SER VB 156 31.81 145.80 -11.30
CA SER VB 156 31.67 144.77 -12.33
C SER VB 156 31.58 145.36 -13.73
N GLY VB 157 32.03 144.60 -14.74
CA GLY VB 157 32.13 145.06 -16.12
C GLY VB 157 30.77 145.30 -16.75
N ALA WB 2 59.05 140.87 2.47
CA ALA WB 2 57.98 140.96 3.51
C ALA WB 2 57.62 139.56 4.00
N THR WB 3 56.96 139.47 5.16
CA THR WB 3 56.55 138.20 5.75
C THR WB 3 55.04 138.04 5.67
N SER WB 4 54.58 136.89 5.14
CA SER WB 4 53.16 136.59 4.99
C SER WB 4 52.44 136.62 6.33
N PRO WB 5 51.25 137.27 6.45
CA PRO WB 5 50.50 137.20 7.70
C PRO WB 5 50.13 135.74 7.99
N GLU WB 6 50.17 135.38 9.27
CA GLU WB 6 49.96 134.00 9.66
C GLU WB 6 49.21 133.95 10.99
N GLY WB 7 48.43 132.89 11.21
CA GLY WB 7 47.72 132.78 12.48
C GLY WB 7 48.71 132.55 13.63
N ILE WB 8 48.25 132.82 14.85
CA ILE WB 8 49.08 132.54 16.01
C ILE WB 8 48.26 131.76 17.02
N TRP WB 9 48.92 130.76 17.64
CA TRP WB 9 48.24 129.89 18.59
C TRP WB 9 48.59 130.33 20.01
N SER WB 10 47.58 130.59 20.84
CA SER WB 10 47.80 131.22 22.14
C SER WB 10 48.72 130.39 23.00
N ASN WB 11 48.48 129.08 23.05
CA ASN WB 11 49.22 128.20 23.93
C ASN WB 11 50.69 128.01 23.52
N SER WB 12 51.09 128.46 22.33
CA SER WB 12 52.49 128.46 21.93
C SER WB 12 53.27 129.64 22.52
N GLY WB 13 52.60 130.57 23.22
CA GLY WB 13 53.24 131.73 23.81
C GLY WB 13 54.08 131.40 25.05
N ALA WB 14 55.04 132.29 25.34
CA ALA WB 14 55.84 132.26 26.55
C ALA WB 14 56.05 133.68 27.07
N LEU WB 15 55.23 134.08 28.08
CA LEU WB 15 55.38 135.35 28.75
C LEU WB 15 56.46 135.27 29.84
N THR WB 16 57.23 136.35 30.01
CA THR WB 16 58.20 136.47 31.10
C THR WB 16 58.25 137.90 31.64
N PHE WB 17 58.57 138.06 32.93
CA PHE WB 17 58.79 139.37 33.54
C PHE WB 17 60.25 139.51 33.98
N GLU WB 18 60.79 140.71 33.81
CA GLU WB 18 62.14 141.00 34.28
C GLU WB 18 62.14 142.26 35.14
N ASP WB 19 62.97 142.25 36.18
CA ASP WB 19 63.26 143.42 36.97
C ASP WB 19 64.11 144.37 36.15
N PRO WB 20 63.68 145.63 35.87
CA PRO WB 20 64.43 146.53 35.01
C PRO WB 20 65.74 147.04 35.61
N ALA WB 21 65.99 146.80 36.91
CA ALA WB 21 67.25 147.19 37.52
C ALA WB 21 68.40 146.27 37.10
N ASP WB 22 68.14 144.95 37.12
CA ASP WB 22 69.12 143.91 36.84
C ASP WB 22 69.03 143.37 35.41
N ASP WB 23 67.83 143.44 34.80
CA ASP WB 23 67.39 142.53 33.75
C ASP WB 23 67.43 141.08 34.25
N SER WB 24 66.93 140.85 35.47
CA SER WB 24 66.81 139.54 36.10
C SER WB 24 65.34 139.06 36.10
N GLU WB 25 65.12 137.77 35.80
CA GLU WB 25 63.76 137.25 35.68
C GLU WB 25 63.04 137.24 37.04
N ILE WB 26 61.74 137.56 37.01
CA ILE WB 26 60.80 137.37 38.10
C ILE WB 26 59.92 136.18 37.77
N LEU WB 27 59.86 135.18 38.65
CA LEU WB 27 59.13 133.95 38.35
C LEU WB 27 57.64 134.24 38.21
N PHE WB 28 57.10 133.90 37.05
CA PHE WB 28 55.70 134.08 36.74
C PHE WB 28 55.33 133.05 35.67
N ALA WB 29 54.15 132.44 35.86
CA ALA WB 29 53.79 131.25 35.08
C ALA WB 29 52.28 131.04 35.05
N GLY WB 30 51.82 130.14 34.17
CA GLY WB 30 50.46 129.65 34.22
C GLY WB 30 49.45 130.65 33.65
N VAL WB 31 49.85 131.44 32.67
CA VAL WB 31 48.92 132.33 31.99
C VAL WB 31 47.83 131.55 31.27
N ARG WB 32 46.70 132.23 31.02
CA ARG WB 32 45.54 131.68 30.34
C ARG WB 32 45.00 132.68 29.33
N ASP WB 33 45.04 133.97 29.66
CA ASP WB 33 44.83 135.04 28.70
C ASP WB 33 45.98 136.02 28.81
N VAL WB 34 46.41 136.60 27.68
CA VAL WB 34 47.45 137.62 27.65
C VAL WB 34 47.14 138.59 26.52
N THR WB 35 46.81 139.84 26.87
CA THR WB 35 46.45 140.84 25.89
C THR WB 35 47.37 142.05 26.01
N ILE WB 36 48.00 142.45 24.90
CA ILE WB 36 48.88 143.62 24.89
C ILE WB 36 48.44 144.56 23.78
N THR WB 37 48.18 145.82 24.14
CA THR WB 37 47.65 146.80 23.21
C THR WB 37 48.34 148.14 23.42
N PRO WB 38 49.35 148.51 22.60
CA PRO WB 38 49.78 149.90 22.51
C PRO WB 38 48.63 150.77 22.02
N ALA WB 39 48.47 151.94 22.66
CA ALA WB 39 47.41 152.87 22.34
C ALA WB 39 47.91 154.32 22.39
N TYR WB 40 47.16 155.21 21.73
CA TYR WB 40 47.32 156.64 21.90
C TYR WB 40 45.95 157.29 21.98
N GLU WB 41 45.84 158.33 22.81
CA GLU WB 41 44.71 159.22 22.66
C GLU WB 41 44.82 159.95 21.32
N HIS WB 42 43.71 160.11 20.59
CA HIS WB 42 43.69 160.83 19.31
C HIS WB 42 42.84 162.09 19.43
N ALA WB 43 43.32 163.18 18.81
CA ALA WB 43 42.57 164.42 18.70
C ALA WB 43 42.31 164.76 17.23
N GLU WB 44 41.03 164.92 16.85
CA GLU WB 44 40.65 165.21 15.48
C GLU WB 44 40.23 166.68 15.39
N LEU WB 45 40.72 167.41 14.37
CA LEU WB 45 40.37 168.81 14.18
C LEU WB 45 39.28 168.94 13.12
N TYR WB 46 38.20 169.65 13.49
CA TYR WB 46 37.18 170.09 12.55
C TYR WB 46 36.93 171.57 12.75
N THR WB 47 36.60 172.24 11.63
CA THR WB 47 36.32 173.68 11.62
C THR WB 47 35.14 173.98 10.71
N ILE WB 48 34.60 175.20 10.72
CA ILE WB 48 33.45 175.53 9.88
C ILE WB 48 33.77 175.40 8.38
N ASP WB 49 35.06 175.42 8.02
CA ASP WB 49 35.50 175.29 6.63
C ASP WB 49 34.99 174.00 5.96
N SER WB 50 34.90 172.89 6.71
CA SER WB 50 34.61 171.58 6.15
C SER WB 50 33.92 170.65 7.14
N THR WB 51 33.06 169.77 6.60
CA THR WB 51 32.51 168.66 7.38
C THR WB 51 33.54 167.56 7.57
N PHE WB 52 34.55 167.49 6.69
CA PHE WB 52 35.60 166.49 6.81
C PHE WB 52 36.65 166.92 7.83
N ARG WB 53 37.33 165.92 8.37
CA ARG WB 53 38.41 166.10 9.33
C ARG WB 53 39.57 166.84 8.68
N ASP WB 54 40.01 167.94 9.31
CA ASP WB 54 41.13 168.74 8.85
C ASP WB 54 42.43 168.03 9.15
N GLU WB 55 42.58 167.53 10.40
CA GLU WB 55 43.80 166.90 10.89
C GLU WB 55 43.51 165.86 11.97
N VAL WB 56 44.47 164.97 12.22
CA VAL WB 56 44.41 164.07 13.38
C VAL WB 56 45.81 163.88 13.95
N LYS WB 57 45.90 163.76 15.29
CA LYS WB 57 47.18 163.67 15.99
C LYS WB 57 47.08 162.73 17.20
N ARG WB 58 48.19 162.07 17.55
CA ARG WB 58 48.38 161.21 18.72
C ARG WB 58 48.94 161.99 19.91
N TYR WB 59 48.59 161.61 21.17
CA TYR WB 59 49.24 162.21 22.32
C TYR WB 59 49.58 161.22 23.43
N GLU WB 60 48.72 161.00 24.42
CA GLU WB 60 49.11 160.16 25.56
C GLU WB 60 49.29 158.72 25.11
N HIS WB 61 50.55 158.27 25.02
CA HIS WB 61 50.86 156.89 24.70
C HIS WB 61 50.89 156.06 25.97
N ASN WB 62 50.41 154.81 25.86
CA ASN WB 62 50.69 153.77 26.83
C ASN WB 62 50.55 152.42 26.15
N VAL WB 63 50.95 151.36 26.85
CA VAL WB 63 50.65 150.01 26.41
C VAL WB 63 49.74 149.41 27.46
N ASN WB 64 48.48 149.13 27.11
CA ASN WB 64 47.62 148.36 27.99
C ASN WB 64 48.06 146.92 27.99
N VAL WB 65 48.37 146.40 29.18
CA VAL WB 65 48.68 145.00 29.40
C VAL WB 65 47.62 144.43 30.32
N GLU WB 66 46.99 143.33 29.89
CA GLU WB 66 46.16 142.57 30.81
C GLU WB 66 46.45 141.09 30.68
N ILE WB 67 46.52 140.40 31.82
CA ILE WB 67 46.93 139.00 31.89
C ILE WB 67 45.99 138.28 32.85
N THR WB 68 45.49 137.10 32.46
CA THR WB 68 44.78 136.24 33.39
C THR WB 68 45.59 134.97 33.56
N TYR WB 69 45.88 134.59 34.81
CA TYR WB 69 46.80 133.50 35.09
C TYR WB 69 46.38 132.70 36.32
N ALA WB 70 46.85 131.46 36.43
CA ALA WB 70 46.28 130.49 37.34
C ALA WB 70 47.35 129.80 38.20
N LYS WB 71 48.61 130.24 38.14
CA LYS WB 71 49.63 129.81 39.09
C LYS WB 71 50.08 131.03 39.88
N PHE WB 72 49.90 130.98 41.20
CA PHE WB 72 50.26 132.10 42.04
C PHE WB 72 51.78 132.16 42.21
N SER WB 73 52.34 133.38 42.17
CA SER WB 73 53.76 133.60 42.40
C SER WB 73 53.95 134.48 43.63
N LEU WB 74 54.68 133.98 44.64
CA LEU WB 74 55.02 134.83 45.78
C LEU WB 74 56.01 135.90 45.37
N GLU WB 75 56.98 135.56 44.51
CA GLU WB 75 57.98 136.53 44.10
C GLU WB 75 57.33 137.75 43.42
N PHE WB 76 56.45 137.52 42.45
CA PHE WB 76 55.76 138.60 41.76
C PHE WB 76 55.02 139.50 42.73
N ALA WB 77 54.28 138.91 43.65
CA ALA WB 77 53.51 139.64 44.64
C ALA WB 77 54.40 140.44 45.59
N GLN WB 78 55.47 139.83 46.11
CA GLN WB 78 56.36 140.51 47.04
C GLN WB 78 57.21 141.59 46.39
N GLU WB 79 57.56 141.44 45.11
CA GLU WB 79 58.10 142.54 44.32
C GLU WB 79 57.10 143.69 44.17
N TRP WB 80 55.84 143.38 43.83
CA TRP WB 80 54.81 144.40 43.67
C TRP WB 80 54.56 145.16 44.98
N LEU WB 81 54.50 144.45 46.12
CA LEU WB 81 54.37 145.10 47.41
C LEU WB 81 55.58 145.98 47.69
N GLY WB 82 56.79 145.46 47.38
CA GLY WB 82 58.02 146.11 47.77
C GLY WB 82 58.33 147.40 47.01
N GLY WB 83 57.99 147.47 45.73
CA GLY WB 83 58.37 148.61 44.90
C GLY WB 83 59.75 148.43 44.29
N PRO WB 84 60.26 149.43 43.54
CA PRO WB 84 61.46 149.28 42.72
C PRO WB 84 62.68 148.80 43.51
N GLY WB 85 63.27 147.71 43.01
CA GLY WB 85 64.49 147.10 43.55
C GLY WB 85 64.36 146.55 44.97
N ALA WB 86 63.12 146.38 45.47
CA ALA WB 86 62.88 145.91 46.83
C ALA WB 86 61.79 144.85 46.88
N THR WB 87 61.94 143.86 47.78
CA THR WB 87 60.95 142.82 48.03
C THR WB 87 60.36 143.04 49.42
N ALA WB 88 59.02 142.97 49.55
CA ALA WB 88 58.36 143.17 50.83
C ALA WB 88 57.26 142.14 51.09
N THR WB 89 57.12 141.75 52.36
CA THR WB 89 56.11 140.79 52.79
C THR WB 89 54.85 141.49 53.32
N ALA WB 90 54.79 142.82 53.24
CA ALA WB 90 53.65 143.63 53.70
C ALA WB 90 53.53 144.89 52.84
N SER WB 91 52.35 145.55 52.88
CA SER WB 91 52.12 146.82 52.18
C SER WB 91 53.20 147.84 52.53
N GLN WB 92 53.71 148.57 51.52
CA GLN WB 92 54.68 149.62 51.80
C GLN WB 92 54.02 150.99 51.64
N ASP WB 93 54.21 151.87 52.65
CA ASP WB 93 53.70 153.22 52.57
C ASP WB 93 54.71 154.11 51.82
N ASP WB 94 54.81 153.90 50.50
CA ASP WB 94 55.64 154.75 49.64
C ASP WB 94 55.06 154.90 48.23
N SER WB 95 55.51 155.96 47.56
CA SER WB 95 54.82 156.51 46.40
C SER WB 95 55.22 155.83 45.07
N ASP WB 96 56.20 154.92 45.07
CA ASP WB 96 56.75 154.34 43.85
C ASP WB 96 56.17 152.97 43.56
N PRO WB 97 55.52 152.76 42.40
CA PRO WB 97 55.05 151.42 42.03
C PRO WB 97 56.23 150.58 41.52
N MET WB 98 56.16 149.27 41.73
CA MET WB 98 57.10 148.35 41.08
C MET WB 98 56.90 148.42 39.58
N LYS WB 99 58.00 148.65 38.84
CA LYS WB 99 57.97 148.69 37.37
C LYS WB 99 58.56 147.39 36.84
N PHE WB 100 57.82 146.66 36.02
CA PHE WB 100 58.27 145.40 35.47
C PHE WB 100 58.57 145.57 33.97
N ASN WB 101 59.70 145.06 33.48
CA ASN WB 101 59.80 144.82 32.05
C ASN WB 101 59.07 143.52 31.72
N LEU WB 102 58.41 143.48 30.56
CA LEU WB 102 57.63 142.33 30.14
C LEU WB 102 58.05 141.95 28.72
N GLU WB 103 58.16 140.64 28.47
CA GLU WB 103 58.38 140.15 27.13
C GLU WB 103 57.53 138.91 26.88
N ASN WB 104 56.94 138.82 25.68
CA ASN WB 104 56.14 137.68 25.26
C ASN WB 104 56.67 137.19 23.92
N VAL WB 105 56.85 135.88 23.77
CA VAL WB 105 57.38 135.33 22.54
C VAL WB 105 56.48 134.21 22.03
N THR WB 106 56.16 134.25 20.73
CA THR WB 106 55.24 133.30 20.12
C THR WB 106 55.74 132.89 18.73
N PRO WB 107 55.88 131.57 18.45
CA PRO WB 107 55.91 131.11 17.06
C PRO WB 107 54.57 131.40 16.39
N SER WB 108 54.59 131.74 15.11
CA SER WB 108 53.38 131.73 14.28
C SER WB 108 52.96 130.28 14.00
N ALA WB 109 51.72 130.08 13.56
CA ALA WB 109 51.07 128.77 13.52
C ALA WB 109 51.81 127.74 12.67
N SER WB 110 52.48 128.17 11.59
CA SER WB 110 53.26 127.33 10.69
C SER WB 110 54.72 127.78 10.58
N GLY WB 111 55.27 128.44 11.61
CA GLY WB 111 56.68 128.75 11.71
C GLY WB 111 57.18 129.81 10.71
N GLY WB 112 56.28 130.61 10.14
CA GLY WB 112 56.65 131.69 9.23
C GLY WB 112 57.43 132.82 9.92
N PHE WB 113 57.18 133.01 11.23
CA PHE WB 113 57.95 133.95 12.06
C PHE WB 113 57.86 133.57 13.54
N GLU WB 114 58.78 134.09 14.35
CA GLU WB 114 58.65 134.03 15.80
C GLU WB 114 58.52 135.48 16.28
N ARG WB 115 57.29 135.90 16.57
CA ARG WB 115 57.05 137.25 17.04
C ARG WB 115 57.51 137.41 18.49
N THR WB 116 58.33 138.42 18.75
CA THR WB 116 58.66 138.85 20.09
C THR WB 116 58.06 140.22 20.36
N THR WB 117 57.22 140.34 21.41
CA THR WB 117 56.64 141.60 21.84
C THR WB 117 57.23 141.97 23.21
N ALA WB 118 57.86 143.14 23.34
CA ALA WB 118 58.42 143.58 24.60
C ALA WB 118 57.92 144.96 25.01
N VAL WB 119 57.70 145.13 26.31
CA VAL WB 119 57.08 146.32 26.89
C VAL WB 119 57.89 146.74 28.11
N GLU WB 120 58.25 148.04 28.19
CA GLU WB 120 58.97 148.55 29.36
C GLU WB 120 58.04 149.10 30.43
N ASN WB 121 58.50 149.04 31.68
CA ASN WB 121 57.94 149.76 32.80
C ASN WB 121 56.43 149.53 32.96
N VAL WB 122 55.99 148.27 32.86
CA VAL WB 122 54.62 147.92 33.17
C VAL WB 122 54.39 148.10 34.67
N VAL WB 123 53.31 148.81 35.03
CA VAL WB 123 52.89 148.95 36.41
C VAL WB 123 51.43 148.51 36.55
N PHE WB 124 51.11 147.86 37.67
CA PHE WB 124 49.77 147.35 37.89
C PHE WB 124 49.14 148.10 39.06
N PRO WB 125 48.02 148.85 38.87
CA PRO WB 125 47.34 149.55 39.94
C PRO WB 125 46.90 148.66 41.09
N GLU WB 126 46.54 147.41 40.80
CA GLU WB 126 46.13 146.50 41.85
C GLU WB 126 46.53 145.06 41.55
N LEU WB 127 46.76 144.33 42.63
CA LEU WB 127 47.29 142.98 42.59
C LEU WB 127 46.31 142.08 43.34
N PRO WB 128 45.70 141.07 42.68
CA PRO WB 128 44.83 140.13 43.39
C PRO WB 128 45.71 139.11 44.13
N LEU WB 129 45.65 139.17 45.46
CA LEU WB 129 46.40 138.23 46.27
C LEU WB 129 45.66 136.90 46.39
N ASP WB 130 44.34 136.99 46.57
CA ASP WB 130 43.48 135.81 46.64
C ASP WB 130 42.33 136.01 45.67
N SER WB 131 41.92 134.91 45.02
CA SER WB 131 40.86 134.91 44.03
C SER WB 131 40.19 133.53 44.04
N ALA WB 132 39.63 133.18 45.20
CA ALA WB 132 39.12 131.86 45.51
C ALA WB 132 37.63 131.77 45.22
N THR WB 133 37.23 130.68 44.54
CA THR WB 133 35.84 130.38 44.23
C THR WB 133 35.63 128.89 44.44
N TYR WB 134 34.49 128.53 45.02
CA TYR WB 134 34.15 127.15 45.32
C TYR WB 134 34.27 126.27 44.08
N GLY WB 135 35.10 125.20 44.16
CA GLY WB 135 35.22 124.22 43.09
C GLY WB 135 36.03 124.71 41.87
N GLU WB 136 36.92 125.70 42.06
CA GLU WB 136 37.78 126.17 41.00
C GLU WB 136 39.20 126.43 41.52
N TYR WB 137 40.19 126.37 40.61
CA TYR WB 137 41.52 126.86 40.96
C TYR WB 137 41.48 128.38 41.01
N GLU WB 138 42.28 128.99 41.89
CA GLU WB 138 42.28 130.44 41.98
C GLU WB 138 42.79 131.03 40.67
N GLU WB 139 42.00 131.91 40.04
CA GLU WB 139 42.37 132.52 38.77
C GLU WB 139 42.46 134.03 38.95
N TYR WB 140 43.64 134.59 38.62
CA TYR WB 140 44.01 135.95 38.94
C TYR WB 140 44.05 136.80 37.68
N SER WB 141 43.42 137.99 37.70
CA SER WB 141 43.50 138.91 36.58
C SER WB 141 44.29 140.16 36.94
N LEU WB 142 45.29 140.50 36.11
CA LEU WB 142 46.03 141.75 36.20
C LEU WB 142 45.65 142.67 35.05
N THR WB 143 45.61 143.97 35.36
CA THR WB 143 45.56 145.02 34.36
C THR WB 143 46.59 146.06 34.73
N GLY WB 144 47.34 146.59 33.74
CA GLY WB 144 48.38 147.57 34.02
C GLY WB 144 48.87 148.30 32.76
N SER WB 145 49.68 149.33 32.95
CA SER WB 145 50.14 150.17 31.85
C SER WB 145 51.66 150.13 31.71
N GLY WB 146 52.13 149.66 30.56
CA GLY WB 146 53.50 149.85 30.14
C GLY WB 146 53.74 151.25 29.57
N ARG WB 147 54.98 151.71 29.61
CA ARG WB 147 55.33 153.03 29.10
C ARG WB 147 55.39 153.01 27.57
N SER WB 148 56.03 152.00 27.00
CA SER WB 148 56.20 151.90 25.56
C SER WB 148 56.52 150.46 25.13
N VAL WB 149 56.34 150.18 23.84
CA VAL WB 149 56.78 148.93 23.22
C VAL WB 149 58.26 149.09 22.89
N THR WB 150 59.13 148.35 23.57
CA THR WB 150 60.56 148.45 23.31
C THR WB 150 60.97 147.63 22.10
N ASN WB 151 60.27 146.52 21.83
CA ASN WB 151 60.58 145.67 20.68
C ASN WB 151 59.32 144.99 20.13
N LEU WB 152 59.22 144.94 18.79
CA LEU WB 152 58.26 144.10 18.08
C LEU WB 152 58.88 143.67 16.76
N ALA WB 153 59.31 142.40 16.70
CA ALA WB 153 60.03 141.89 15.54
C ALA WB 153 59.86 140.39 15.37
N ASP WB 154 60.15 139.89 14.17
CA ASP WB 154 60.43 138.48 13.98
C ASP WB 154 61.83 138.20 14.52
N THR WB 155 61.92 137.41 15.59
CA THR WB 155 63.18 137.03 16.21
C THR WB 155 63.63 135.63 15.83
N SER WB 156 62.93 134.96 14.89
CA SER WB 156 63.42 133.70 14.34
C SER WB 156 64.79 133.89 13.66
N GLY WB 157 65.67 132.88 13.77
CA GLY WB 157 67.09 132.99 13.45
C GLY WB 157 67.30 133.37 11.99
N ALA XB 2 64.36 130.58 44.58
CA ALA XB 2 63.02 131.21 44.81
C ALA XB 2 61.91 130.15 44.62
N THR XB 3 60.78 130.37 45.31
CA THR XB 3 59.66 129.42 45.33
C THR XB 3 59.01 129.37 43.95
N SER XB 4 58.83 128.16 43.39
CA SER XB 4 58.20 127.99 42.10
C SER XB 4 56.74 128.42 42.13
N PRO XB 5 56.22 129.17 41.13
CA PRO XB 5 54.79 129.44 41.04
C PRO XB 5 54.02 128.12 40.89
N GLU XB 6 52.82 128.09 41.47
CA GLU XB 6 52.07 126.85 41.56
C GLU XB 6 50.57 127.15 41.54
N GLY XB 7 49.75 126.17 41.15
CA GLY XB 7 48.31 126.34 41.25
C GLY XB 7 47.84 126.46 42.70
N ILE XB 8 46.73 127.17 42.94
CA ILE XB 8 46.11 127.13 44.26
C ILE XB 8 44.65 126.71 44.12
N TRP XB 9 44.23 125.75 44.94
CA TRP XB 9 42.89 125.22 44.89
C TRP XB 9 42.02 125.96 45.91
N SER XB 10 40.92 126.56 45.45
CA SER XB 10 40.15 127.50 46.24
C SER XB 10 39.66 126.86 47.53
N ASN XB 11 39.17 125.63 47.42
CA ASN XB 11 38.57 124.94 48.55
C ASN XB 11 39.58 124.57 49.64
N SER XB 12 40.88 124.68 49.40
CA SER XB 12 41.87 124.49 50.45
C SER XB 12 42.05 125.74 51.33
N GLY XB 13 41.30 126.82 51.08
CA GLY XB 13 41.33 128.04 51.89
C GLY XB 13 40.84 127.86 53.33
N ALA XB 14 41.17 128.84 54.18
CA ALA XB 14 40.92 128.75 55.62
C ALA XB 14 40.77 130.15 56.23
N LEU XB 15 39.83 130.94 55.71
CA LEU XB 15 39.59 132.29 56.18
C LEU XB 15 39.19 132.31 57.66
N THR XB 16 39.78 133.26 58.40
CA THR XB 16 39.41 133.55 59.78
C THR XB 16 39.39 135.06 60.02
N PHE XB 17 38.59 135.49 60.99
CA PHE XB 17 38.53 136.89 61.42
C PHE XB 17 38.98 137.02 62.88
N GLU XB 18 39.62 138.14 63.20
CA GLU XB 18 40.05 138.42 64.56
C GLU XB 18 39.64 139.83 64.96
N ASP XB 19 39.28 139.99 66.22
CA ASP XB 19 39.06 141.31 66.81
C ASP XB 19 40.41 141.94 67.10
N PRO XB 20 40.81 143.05 66.43
CA PRO XB 20 42.13 143.64 66.65
C PRO XB 20 42.32 144.23 68.05
N ALA XB 21 41.26 144.28 68.87
CA ALA XB 21 41.41 144.66 70.27
C ALA XB 21 42.15 143.58 71.08
N ASP XB 22 41.93 142.30 70.73
CA ASP XB 22 42.24 141.16 71.60
C ASP XB 22 42.97 140.03 70.88
N ASP XB 23 43.00 140.06 69.54
CA ASP XB 23 43.45 138.98 68.68
C ASP XB 23 42.67 137.68 68.90
N SER XB 24 41.46 137.78 69.47
CA SER XB 24 40.53 136.67 69.63
C SER XB 24 39.81 136.39 68.30
N GLU XB 25 39.54 135.11 68.03
CA GLU XB 25 38.85 134.70 66.81
C GLU XB 25 37.37 135.08 66.89
N ILE XB 26 36.83 135.61 65.79
CA ILE XB 26 35.41 135.85 65.60
C ILE XB 26 34.89 134.70 64.75
N LEU XB 27 33.86 134.00 65.23
CA LEU XB 27 33.34 132.82 64.55
C LEU XB 27 32.78 133.19 63.17
N PHE XB 28 33.44 132.65 62.14
CA PHE XB 28 33.02 132.85 60.77
C PHE XB 28 33.38 131.59 59.99
N ALA XB 29 32.47 131.19 59.08
CA ALA XB 29 32.58 129.89 58.45
C ALA XB 29 31.81 129.84 57.13
N GLY XB 30 32.07 128.82 56.32
CA GLY XB 30 31.22 128.52 55.18
C GLY XB 30 31.41 129.49 54.03
N VAL XB 31 32.64 129.94 53.77
CA VAL XB 31 32.91 130.72 52.57
C VAL XB 31 32.65 129.88 51.32
N ARG XB 32 32.37 130.60 50.23
CA ARG XB 32 32.15 130.04 48.90
C ARG XB 32 32.97 130.80 47.86
N ASP XB 33 33.22 132.09 48.12
CA ASP XB 33 34.23 132.83 47.39
C ASP XB 33 34.95 133.80 48.33
N VAL XB 34 36.22 134.04 48.04
CA VAL XB 34 37.02 135.01 48.77
C VAL XB 34 37.90 135.70 47.76
N THR XB 35 37.94 137.03 47.84
CA THR XB 35 38.82 137.81 46.99
C THR XB 35 39.51 138.87 47.83
N ILE XB 36 40.84 138.97 47.74
CA ILE XB 36 41.61 140.00 48.44
C ILE XB 36 42.53 140.66 47.43
N THR XB 37 42.46 142.00 47.37
CA THR XB 37 43.10 142.73 46.30
C THR XB 37 43.68 144.03 46.83
N PRO XB 38 44.97 144.07 47.24
CA PRO XB 38 45.62 145.34 47.51
C PRO XB 38 45.65 146.17 46.24
N ALA XB 39 45.32 147.45 46.41
CA ALA XB 39 45.21 148.40 45.32
C ALA XB 39 45.83 149.73 45.71
N TYR XB 40 46.22 150.51 44.70
CA TYR XB 40 46.53 151.91 44.89
C TYR XB 40 45.98 152.70 43.71
N GLU XB 41 45.57 153.94 43.97
CA GLU XB 41 45.35 154.86 42.86
C GLU XB 41 46.69 155.23 42.23
N HIS XB 42 46.73 155.33 40.90
CA HIS XB 42 47.94 155.75 40.18
C HIS XB 42 47.74 157.08 39.48
N ALA XB 43 48.74 157.97 39.56
CA ALA XB 43 48.75 159.17 38.75
C ALA XB 43 49.94 159.13 37.79
N GLU XB 44 49.68 159.32 36.49
CA GLU XB 44 50.67 159.27 35.43
C GLU XB 44 50.89 160.68 34.88
N LEU XB 45 52.15 161.12 34.79
CA LEU XB 45 52.47 162.46 34.30
C LEU XB 45 52.71 162.47 32.79
N TYR XB 46 52.10 163.42 32.07
CA TYR XB 46 52.42 163.65 30.67
C TYR XB 46 52.45 165.15 30.37
N THR XB 47 53.39 165.53 29.51
CA THR XB 47 53.67 166.93 29.20
C THR XB 47 54.00 167.10 27.72
N ILE XB 48 54.02 168.34 27.21
CA ILE XB 48 54.21 168.58 25.79
C ILE XB 48 55.55 168.08 25.28
N ASP XB 49 56.50 167.79 26.17
CA ASP XB 49 57.81 167.27 25.78
C ASP XB 49 57.72 165.93 25.04
N SER XB 50 56.75 165.07 25.40
CA SER XB 50 56.71 163.68 24.96
C SER XB 50 55.30 163.08 24.95
N THR XB 51 55.04 162.15 24.03
CA THR XB 51 53.84 161.33 24.07
C THR XB 51 53.95 160.25 25.14
N PHE XB 52 55.17 159.87 25.52
CA PHE XB 52 55.37 158.84 26.52
C PHE XB 52 55.17 159.42 27.93
N ARG XB 53 54.75 158.55 28.84
CA ARG XB 53 54.62 158.86 30.25
C ARG XB 53 55.97 159.32 30.79
N ASP XB 54 55.96 160.45 31.51
CA ASP XB 54 57.14 160.97 32.18
C ASP XB 54 57.38 160.21 33.49
N GLU XB 55 56.32 160.06 34.30
CA GLU XB 55 56.38 159.50 35.66
C GLU XB 55 55.09 158.78 36.03
N VAL XB 56 55.15 157.90 37.03
CA VAL XB 56 53.96 157.31 37.63
C VAL XB 56 54.18 157.11 39.14
N LYS XB 57 53.11 157.32 39.94
CA LYS XB 57 53.19 157.28 41.40
C LYS XB 57 51.91 156.69 42.01
N ARG XB 58 52.03 156.02 43.18
CA ARG XB 58 50.92 155.47 43.94
C ARG XB 58 50.42 156.45 45.01
N TYR XB 59 49.10 156.40 45.34
CA TYR XB 59 48.61 157.18 46.46
C TYR XB 59 47.61 156.45 47.36
N GLU XB 60 46.30 156.56 47.16
CA GLU XB 60 45.35 155.99 48.12
C GLU XB 60 45.42 154.46 48.17
N HIS XB 61 46.18 153.91 49.13
CA HIS XB 61 46.24 152.48 49.30
C HIS XB 61 44.98 151.99 50.01
N ASN XB 62 44.46 150.86 49.54
CA ASN XB 62 43.43 150.12 50.26
C ASN XB 62 43.51 148.65 49.84
N VAL XB 63 42.87 147.76 50.61
CA VAL XB 63 42.76 146.37 50.21
C VAL XB 63 41.30 146.06 49.99
N ASN XB 64 40.87 145.81 48.75
CA ASN XB 64 39.50 145.36 48.51
C ASN XB 64 39.35 143.92 48.97
N VAL XB 65 38.46 143.70 49.94
CA VAL XB 65 38.10 142.39 50.43
C VAL XB 65 36.65 142.14 50.05
N GLU XB 66 36.39 141.05 49.33
CA GLU XB 66 35.01 140.61 49.15
C GLU XB 66 34.87 139.11 49.34
N ILE XB 67 33.82 138.73 50.05
CA ILE XB 67 33.61 137.38 50.52
C ILE XB 67 32.17 137.00 50.23
N THR XB 68 31.97 135.82 49.63
CA THR XB 68 30.66 135.21 49.57
C THR XB 68 30.65 134.03 50.53
N TYR XB 69 29.63 133.94 51.41
CA TYR XB 69 29.57 132.87 52.37
C TYR XB 69 28.13 132.43 52.64
N ALA XB 70 27.95 131.22 53.21
CA ALA XB 70 26.64 130.58 53.24
C ALA XB 70 26.25 130.03 54.61
N LYS XB 71 27.11 130.19 55.63
CA LYS XB 71 26.73 129.91 57.01
C LYS XB 71 26.63 131.23 57.74
N PHE XB 72 25.47 131.54 58.30
CA PHE XB 72 25.31 132.80 59.01
C PHE XB 72 26.00 132.72 60.37
N SER XB 73 26.65 133.83 60.75
CA SER XB 73 27.28 133.97 62.06
C SER XB 73 26.60 135.09 62.83
N LEU XB 74 26.00 134.77 63.99
CA LEU XB 74 25.46 135.82 64.84
C LEU XB 74 26.58 136.67 65.39
N GLU XB 75 27.71 136.06 65.80
CA GLU XB 75 28.78 136.80 66.42
C GLU XB 75 29.29 137.88 65.47
N PHE XB 76 29.69 137.49 64.26
CA PHE XB 76 30.20 138.42 63.28
C PHE XB 76 29.20 139.56 62.98
N ALA XB 77 27.92 139.23 62.87
CA ALA XB 77 26.88 140.23 62.64
C ALA XB 77 26.73 141.20 63.82
N GLN XB 78 26.65 140.68 65.04
CA GLN XB 78 26.48 141.52 66.22
C GLN XB 78 27.73 142.35 66.52
N GLU XB 79 28.92 141.86 66.17
CA GLU XB 79 30.14 142.64 66.19
C GLU XB 79 30.07 143.83 65.22
N TRP XB 80 29.66 143.59 63.98
CA TRP XB 80 29.51 144.68 63.01
C TRP XB 80 28.51 145.73 63.48
N LEU XB 81 27.37 145.32 64.04
CA LEU XB 81 26.40 146.25 64.62
C LEU XB 81 27.02 147.03 65.77
N GLY XB 82 27.75 146.34 66.64
CA GLY XB 82 28.28 146.91 67.87
C GLY XB 82 29.36 147.96 67.65
N GLY XB 83 30.17 147.84 66.59
CA GLY XB 83 31.36 148.66 66.46
C GLY XB 83 32.46 148.17 67.39
N PRO XB 84 33.65 148.82 67.40
CA PRO XB 84 34.81 148.30 68.11
C PRO XB 84 34.58 148.06 69.60
N GLY XB 85 35.10 146.91 70.07
CA GLY XB 85 35.10 146.49 71.47
C GLY XB 85 33.71 146.28 72.08
N ALA XB 86 32.69 146.13 71.22
CA ALA XB 86 31.30 145.95 71.65
C ALA XB 86 30.57 144.93 70.78
N THR XB 87 29.47 144.38 71.30
CA THR XB 87 28.54 143.54 70.58
C THR XB 87 27.13 144.07 70.82
N ALA XB 88 26.32 144.20 69.76
CA ALA XB 88 25.00 144.80 69.88
C ALA XB 88 23.95 143.98 69.13
N THR XB 89 22.72 143.98 69.66
CA THR XB 89 21.59 143.29 69.05
C THR XB 89 20.75 144.19 68.14
N ALA XB 90 21.17 145.46 67.96
CA ALA XB 90 20.40 146.46 67.23
C ALA XB 90 21.35 147.50 66.64
N SER XB 91 20.88 148.24 65.64
CA SER XB 91 21.65 149.34 65.03
C SER XB 91 22.19 150.26 66.11
N GLN XB 92 23.47 150.68 66.00
CA GLN XB 92 24.03 151.65 66.93
C GLN XB 92 24.19 153.01 66.25
N ASP XB 93 23.82 154.07 66.97
CA ASP XB 93 23.87 155.43 66.46
C ASP XB 93 25.23 156.08 66.75
N ASP XB 94 26.32 155.50 66.23
CA ASP XB 94 27.65 156.07 66.43
C ASP XB 94 28.60 155.79 65.25
N SER XB 95 29.69 156.56 65.19
CA SER XB 95 30.41 156.81 63.94
C SER XB 95 31.54 155.81 63.66
N ASP XB 96 31.97 155.03 64.67
CA ASP XB 96 33.08 154.08 64.53
C ASP XB 96 32.64 152.75 63.92
N PRO XB 97 33.10 152.37 62.72
CA PRO XB 97 32.78 151.05 62.16
C PRO XB 97 33.59 149.97 62.87
N MET XB 98 33.02 148.76 62.98
CA MET XB 98 33.79 147.62 63.45
C MET XB 98 34.92 147.33 62.48
N LYS XB 99 36.15 147.21 63.00
CA LYS XB 99 37.33 146.91 62.22
C LYS XB 99 37.73 145.47 62.48
N PHE XB 100 37.79 144.66 61.42
CA PHE XB 100 38.15 143.26 61.55
C PHE XB 100 39.55 143.04 61.01
N ASN XB 101 40.41 142.33 61.75
CA ASN XB 101 41.58 141.74 61.16
C ASN XB 101 41.16 140.45 60.49
N LEU XB 102 41.82 140.13 59.38
CA LEU XB 102 41.42 139.02 58.55
C LEU XB 102 42.68 138.26 58.13
N GLU XB 103 42.63 136.93 58.21
CA GLU XB 103 43.74 136.10 57.75
C GLU XB 103 43.22 134.92 56.94
N ASN XB 104 43.93 134.59 55.86
CA ASN XB 104 43.59 133.45 55.03
C ASN XB 104 44.85 132.63 54.73
N VAL XB 105 44.72 131.31 54.75
CA VAL XB 105 45.85 130.40 54.62
C VAL XB 105 45.49 129.31 53.61
N THR XB 106 46.37 129.08 52.64
CA THR XB 106 46.18 128.02 51.66
C THR XB 106 47.49 127.31 51.40
N PRO XB 107 47.51 125.97 51.45
CA PRO XB 107 48.55 125.23 50.75
C PRO XB 107 48.44 125.53 49.25
N SER XB 108 49.59 125.50 48.57
CA SER XB 108 49.61 125.41 47.11
C SER XB 108 49.19 124.00 46.67
N ALA XB 109 48.80 123.85 45.40
CA ALA XB 109 48.14 122.63 44.92
C ALA XB 109 49.01 121.37 44.98
N SER XB 110 50.36 121.50 44.91
CA SER XB 110 51.29 120.40 45.08
C SER XB 110 52.11 120.49 46.37
N GLY XB 111 51.73 121.38 47.30
CA GLY XB 111 52.40 121.51 48.58
C GLY XB 111 53.76 122.22 48.53
N GLY XB 112 54.09 122.88 47.40
CA GLY XB 112 55.32 123.65 47.26
C GLY XB 112 55.44 124.83 48.25
N PHE XB 113 54.32 125.40 48.73
CA PHE XB 113 54.33 126.45 49.73
C PHE XB 113 52.98 126.57 50.45
N GLU XB 114 52.95 127.24 51.59
CA GLU XB 114 51.70 127.59 52.24
C GLU XB 114 51.54 129.12 52.22
N ARG XB 115 50.79 129.62 51.26
CA ARG XB 115 50.54 131.05 51.13
C ARG XB 115 49.60 131.50 52.25
N THR XB 116 50.11 132.40 53.11
CA THR XB 116 49.31 133.07 54.12
C THR XB 116 49.19 134.54 53.76
N THR XB 117 47.95 135.05 53.75
CA THR XB 117 47.64 136.46 53.54
C THR XB 117 46.99 137.01 54.80
N ALA XB 118 47.44 138.17 55.29
CA ALA XB 118 46.76 138.84 56.39
C ALA XB 118 46.51 140.32 56.06
N VAL XB 119 45.33 140.83 56.47
CA VAL XB 119 44.88 142.18 56.17
C VAL XB 119 44.41 142.86 57.47
N GLU XB 120 44.82 144.11 57.70
CA GLU XB 120 44.41 144.84 58.90
C GLU XB 120 43.21 145.77 58.66
N ASN XB 121 42.37 145.90 59.69
CA ASN XB 121 41.33 146.91 59.78
C ASN XB 121 40.40 146.90 58.56
N VAL XB 122 39.92 145.72 58.19
CA VAL XB 122 38.88 145.59 57.19
C VAL XB 122 37.57 146.12 57.75
N VAL XB 123 36.91 147.02 57.02
CA VAL XB 123 35.59 147.50 57.39
C VAL XB 123 34.61 147.23 56.27
N PHE XB 124 33.36 146.93 56.64
CA PHE XB 124 32.33 146.64 55.66
C PHE XB 124 31.27 147.74 55.71
N PRO XB 125 31.05 148.52 54.64
CA PRO XB 125 29.99 149.52 54.59
C PRO XB 125 28.60 148.95 54.85
N GLU XB 126 28.37 147.70 54.46
CA GLU XB 126 27.06 147.09 54.68
C GLU XB 126 27.19 145.61 55.03
N LEU XB 127 26.27 145.14 55.86
CA LEU XB 127 26.25 143.77 56.31
C LEU XB 127 24.92 143.17 55.87
N PRO XB 128 24.90 142.10 55.06
CA PRO XB 128 23.64 141.44 54.73
C PRO XB 128 23.22 140.59 55.94
N LEU XB 129 22.02 140.88 56.45
CA LEU XB 129 21.45 140.07 57.51
C LEU XB 129 20.67 138.90 56.93
N ASP XB 130 19.79 139.17 55.97
CA ASP XB 130 18.97 138.14 55.34
C ASP XB 130 19.16 138.19 53.84
N SER XB 131 19.18 137.01 53.22
CA SER XB 131 19.43 136.88 51.79
C SER XB 131 18.75 135.60 51.30
N ALA XB 132 17.43 135.55 51.51
CA ALA XB 132 16.59 134.41 51.19
C ALA XB 132 16.17 134.46 49.72
N THR XB 133 16.16 133.28 49.08
CA THR XB 133 15.71 133.07 47.71
C THR XB 133 15.04 131.70 47.67
N TYR XB 134 13.89 131.60 46.98
CA TYR XB 134 13.11 130.39 46.98
C TYR XB 134 13.97 129.19 46.55
N GLY XB 135 14.04 128.15 47.39
CA GLY XB 135 14.73 126.94 47.00
C GLY XB 135 16.25 127.05 47.09
N GLU XB 136 16.77 128.05 47.81
CA GLU XB 136 18.21 128.15 48.04
C GLU XB 136 18.52 128.43 49.50
N TYR XB 137 19.69 127.95 49.94
CA TYR XB 137 20.17 128.38 51.24
C TYR XB 137 20.60 129.83 51.14
N GLU XB 138 20.49 130.58 52.25
CA GLU XB 138 20.85 131.98 52.20
C GLU XB 138 22.33 132.11 51.87
N GLU XB 139 22.66 133.09 51.01
CA GLU XB 139 24.05 133.33 50.64
C GLU XB 139 24.33 134.83 50.73
N TYR XB 140 25.46 135.17 51.36
CA TYR XB 140 25.74 136.52 51.81
C TYR XB 140 26.99 137.07 51.15
N SER XB 141 26.93 138.29 50.59
CA SER XB 141 28.10 138.94 50.02
C SER XB 141 28.54 140.12 50.87
N LEU XB 142 29.78 140.08 51.35
CA LEU XB 142 30.44 141.21 51.98
C LEU XB 142 31.41 141.86 50.99
N THR XB 143 31.41 143.19 50.96
CA THR XB 143 32.42 143.96 50.24
C THR XB 143 32.95 145.00 51.21
N GLY XB 144 34.28 145.13 51.32
CA GLY XB 144 34.90 146.02 52.30
C GLY XB 144 36.32 146.42 51.95
N SER XB 145 36.87 147.35 52.73
CA SER XB 145 38.21 147.89 52.54
C SER XB 145 39.08 147.65 53.77
N GLY XB 146 40.17 146.90 53.59
CA GLY XB 146 41.26 146.83 54.56
C GLY XB 146 42.24 147.98 54.39
N ARG XB 147 42.94 148.32 55.46
CA ARG XB 147 43.90 149.41 55.45
C ARG XB 147 45.19 149.02 54.74
N SER XB 148 45.72 147.83 55.04
CA SER XB 148 46.95 147.34 54.42
C SER XB 148 47.05 145.82 54.54
N VAL XB 149 47.93 145.21 53.71
CA VAL XB 149 48.35 143.83 53.87
C VAL XB 149 49.45 143.80 54.91
N THR XB 150 49.18 143.16 56.06
CA THR XB 150 50.17 143.03 57.11
C THR XB 150 51.17 141.91 56.83
N ASN XB 151 50.75 140.87 56.12
CA ASN XB 151 51.59 139.74 55.80
C ASN XB 151 51.20 139.07 54.49
N LEU XB 152 52.22 138.66 53.73
CA LEU XB 152 52.11 137.76 52.60
C LEU XB 152 53.40 136.94 52.53
N ALA XB 153 53.32 135.68 52.94
CA ALA XB 153 54.50 134.83 53.04
C ALA XB 153 54.17 133.37 52.82
N ASP XB 154 55.22 132.57 52.56
CA ASP XB 154 55.16 131.12 52.70
C ASP XB 154 55.36 130.76 54.17
N THR XB 155 54.29 130.33 54.84
CA THR XB 155 54.32 129.97 56.25
C THR XB 155 54.62 128.49 56.50
N SER XB 156 54.93 127.72 55.45
CA SER XB 156 55.34 126.32 55.61
C SER XB 156 56.72 126.21 56.28
N GLY XB 157 57.01 125.05 56.90
CA GLY XB 157 58.21 124.84 57.68
C GLY XB 157 59.45 124.73 56.80
N ALA YB 2 29.72 131.09 72.85
CA ALA YB 2 29.42 131.51 71.44
C ALA YB 2 28.56 130.45 70.74
N THR YB 3 27.90 130.84 69.64
CA THR YB 3 27.09 129.92 68.84
C THR YB 3 27.75 129.66 67.49
N SER YB 4 27.91 128.37 67.13
CA SER YB 4 28.54 127.95 65.88
C SER YB 4 27.80 128.52 64.67
N PRO YB 5 28.49 129.05 63.64
CA PRO YB 5 27.81 129.48 62.42
C PRO YB 5 27.15 128.27 61.78
N GLU YB 6 26.00 128.52 61.13
CA GLU YB 6 25.22 127.43 60.56
C GLU YB 6 24.52 127.91 59.29
N GLY YB 7 24.22 126.98 58.37
CA GLY YB 7 23.48 127.38 57.17
C GLY YB 7 22.07 127.83 57.52
N ILE YB 8 21.43 128.60 56.63
CA ILE YB 8 20.03 128.91 56.80
C ILE YB 8 19.31 128.59 55.51
N TRP YB 9 18.10 128.03 55.64
CA TRP YB 9 17.32 127.61 54.49
C TRP YB 9 16.22 128.63 54.22
N SER YB 10 16.13 129.16 52.99
CA SER YB 10 15.28 130.30 52.72
C SER YB 10 13.83 129.98 53.03
N ASN YB 11 13.37 128.81 52.61
CA ASN YB 11 11.96 128.46 52.74
C ASN YB 11 11.51 128.25 54.18
N SER YB 12 12.42 128.19 55.14
CA SER YB 12 12.07 128.17 56.56
C SER YB 12 11.81 129.58 57.11
N GLY YB 13 11.89 130.62 56.29
CA GLY YB 13 11.58 131.99 56.68
C GLY YB 13 10.10 132.21 57.04
N ALA YB 14 9.86 133.34 57.73
CA ALA YB 14 8.55 133.72 58.23
C ALA YB 14 8.46 135.23 58.36
N LEU YB 15 8.44 135.94 57.22
CA LEU YB 15 8.35 137.40 57.20
C LEU YB 15 6.96 137.88 57.63
N THR YB 16 6.89 138.95 58.42
CA THR YB 16 5.64 139.63 58.75
C THR YB 16 5.82 141.14 58.84
N PHE YB 17 4.71 141.87 58.69
CA PHE YB 17 4.67 143.32 58.83
C PHE YB 17 3.71 143.72 59.94
N GLU YB 18 4.05 144.78 60.66
CA GLU YB 18 3.17 145.34 61.67
C GLU YB 18 3.01 146.84 61.48
N ASP YB 19 1.81 147.33 61.76
CA ASP YB 19 1.56 148.76 61.84
C ASP YB 19 2.22 149.30 63.11
N PRO YB 20 3.19 150.24 63.02
CA PRO YB 20 3.93 150.69 64.20
C PRO YB 20 3.09 151.54 65.16
N ALA YB 21 1.85 151.92 64.80
CA ALA YB 21 0.96 152.60 65.72
C ALA YB 21 0.35 151.65 66.75
N ASP YB 22 -0.03 150.44 66.31
CA ASP YB 22 -0.73 149.45 67.13
C ASP YB 22 0.18 148.32 67.62
N ASP YB 23 1.22 148.00 66.83
CA ASP YB 23 1.86 146.68 66.80
C ASP YB 23 0.83 145.62 66.39
N SER YB 24 -0.05 145.96 65.43
CA SER YB 24 -1.02 145.05 64.82
C SER YB 24 -0.52 144.55 63.46
N GLU YB 25 -0.74 143.26 63.18
CA GLU YB 25 -0.22 142.64 61.96
C GLU YB 25 -0.93 143.19 60.71
N ILE YB 26 -0.16 143.35 59.63
CA ILE YB 26 -0.64 143.62 58.28
C ILE YB 26 -0.47 142.37 57.45
N LEU YB 27 -1.55 141.88 56.82
CA LEU YB 27 -1.50 140.61 56.11
C LEU YB 27 -0.58 140.71 54.89
N PHE YB 28 0.43 139.85 54.89
CA PHE YB 28 1.39 139.76 53.80
C PHE YB 28 1.93 138.34 53.79
N ALA YB 29 2.09 137.79 52.57
CA ALA YB 29 2.38 136.37 52.42
C ALA YB 29 3.00 136.08 51.04
N GLY YB 30 3.51 134.86 50.88
CA GLY YB 30 3.88 134.38 49.55
C GLY YB 30 5.21 134.95 49.07
N VAL YB 31 6.14 135.22 49.98
CA VAL YB 31 7.47 135.66 49.60
C VAL YB 31 8.21 134.56 48.82
N ARG YB 32 9.20 135.01 48.04
CA ARG YB 32 10.03 134.15 47.21
C ARG YB 32 11.50 134.57 47.32
N ASP YB 33 11.75 135.87 47.41
CA ASP YB 33 13.04 136.41 47.81
C ASP YB 33 12.84 137.40 48.95
N VAL YB 34 13.78 137.45 49.91
CA VAL YB 34 13.79 138.45 50.97
C VAL YB 34 15.24 138.80 51.30
N THR YB 35 15.64 140.04 51.06
CA THR YB 35 16.99 140.49 51.38
C THR YB 35 16.93 141.65 52.35
N ILE YB 36 17.63 141.56 53.49
CA ILE YB 36 17.72 142.67 54.42
C ILE YB 36 19.20 143.00 54.63
N THR YB 37 19.55 144.27 54.42
CA THR YB 37 20.93 144.72 54.51
C THR YB 37 20.99 146.06 55.23
N PRO YB 38 21.35 146.09 56.54
CA PRO YB 38 21.79 147.33 57.16
C PRO YB 38 23.06 147.82 56.49
N ALA YB 39 23.14 149.14 56.27
CA ALA YB 39 24.27 149.77 55.60
C ALA YB 39 24.60 151.12 56.25
N TYR YB 40 25.83 151.57 56.03
CA TYR YB 40 26.23 152.93 56.31
C TYR YB 40 27.05 153.48 55.15
N GLU YB 41 26.89 154.76 54.87
CA GLU YB 41 27.91 155.43 54.07
C GLU YB 41 29.21 155.50 54.86
N HIS YB 42 30.36 155.29 54.21
CA HIS YB 42 31.68 155.36 54.85
C HIS YB 42 32.49 156.51 54.28
N ALA YB 43 33.21 157.23 55.14
CA ALA YB 43 34.17 158.25 54.73
C ALA YB 43 35.58 157.88 55.18
N GLU YB 44 36.51 157.78 54.24
CA GLU YB 44 37.90 157.42 54.54
C GLU YB 44 38.76 158.67 54.42
N LEU YB 45 39.64 158.93 55.41
CA LEU YB 45 40.53 160.07 55.40
C LEU YB 45 41.91 159.66 54.91
N TYR YB 46 42.41 160.39 53.90
CA TYR YB 46 43.80 160.29 53.48
C TYR YB 46 44.37 161.69 53.34
N THR YB 47 45.66 161.80 53.66
CA THR YB 47 46.40 163.06 53.66
C THR YB 47 47.80 162.84 53.11
N ILE YB 48 48.54 163.90 52.78
CA ILE YB 48 49.85 163.76 52.17
C ILE YB 48 50.86 163.04 53.09
N ASP YB 49 50.55 162.94 54.40
CA ASP YB 49 51.39 162.25 55.37
C ASP YB 49 51.65 160.78 54.99
N SER YB 50 50.65 160.11 54.39
CA SER YB 50 50.70 158.66 54.17
C SER YB 50 49.85 158.22 52.99
N THR YB 51 50.27 157.12 52.35
CA THR YB 51 49.46 156.45 51.35
C THR YB 51 48.39 155.58 52.01
N PHE YB 52 48.60 155.18 53.27
CA PHE YB 52 47.60 154.43 54.02
C PHE YB 52 46.49 155.34 54.54
N ARG YB 53 45.34 154.72 54.78
CA ARG YB 53 44.17 155.38 55.33
C ARG YB 53 44.43 155.82 56.77
N ASP YB 54 44.15 157.10 57.07
CA ASP YB 54 44.34 157.66 58.39
C ASP YB 54 43.20 157.22 59.29
N GLU YB 55 41.96 157.33 58.80
CA GLU YB 55 40.74 157.07 59.56
C GLU YB 55 39.59 156.60 58.67
N VAL YB 56 38.56 155.99 59.28
CA VAL YB 56 37.31 155.69 58.59
C VAL YB 56 36.14 155.84 59.54
N LYS YB 57 35.00 156.32 59.03
CA LYS YB 57 33.82 156.63 59.82
C LYS YB 57 32.52 156.31 59.08
N ARG YB 58 31.48 155.92 59.82
CA ARG YB 58 30.11 155.70 59.35
C ARG YB 58 29.28 156.98 59.43
N TYR YB 59 28.25 157.14 58.56
CA TYR YB 59 27.32 158.25 58.73
C TYR YB 59 25.88 157.92 58.38
N GLU YB 60 25.43 158.06 57.13
CA GLU YB 60 24.02 157.83 56.83
C GLU YB 60 23.70 156.35 56.99
N HIS YB 61 22.98 156.00 58.07
CA HIS YB 61 22.52 154.64 58.26
C HIS YB 61 21.16 154.45 57.59
N ASN YB 62 20.95 153.25 57.04
CA ASN YB 62 19.62 152.77 56.70
C ASN YB 62 19.65 151.24 56.65
N VAL YB 63 18.47 150.64 56.57
CA VAL YB 63 18.39 149.22 56.27
C VAL YB 63 17.72 149.08 54.91
N ASN YB 64 18.46 148.62 53.91
CA ASN YB 64 17.85 148.24 52.64
C ASN YB 64 17.04 146.97 52.83
N VAL YB 65 15.78 147.03 52.41
CA VAL YB 65 14.89 145.89 52.40
C VAL YB 65 14.41 145.70 50.98
N GLU YB 66 14.58 144.49 50.42
CA GLU YB 66 13.92 144.17 49.18
C GLU YB 66 13.28 142.79 49.28
N ILE YB 67 12.07 142.69 48.75
CA ILE YB 67 11.24 141.50 48.90
C ILE YB 67 10.58 141.21 47.54
N THR YB 68 10.63 139.94 47.11
CA THR YB 68 9.85 139.51 45.96
C THR YB 68 8.82 138.51 46.43
N TYR YB 69 7.56 138.73 46.07
CA TYR YB 69 6.46 137.95 46.59
C TYR YB 69 5.37 137.77 45.53
N ALA YB 70 4.53 136.74 45.69
CA ALA YB 70 3.66 136.28 44.63
C ALA YB 70 2.20 136.10 45.09
N LYS YB 71 1.88 136.48 46.33
CA LYS YB 71 0.49 136.59 46.77
C LYS YB 71 0.17 138.06 46.98
N PHE YB 72 -0.82 138.58 46.27
CA PHE YB 72 -1.18 139.97 46.39
C PHE YB 72 -1.97 140.19 47.68
N SER YB 73 -1.69 141.29 48.39
CA SER YB 73 -2.41 141.68 49.58
C SER YB 73 -3.09 143.03 49.35
N LEU YB 74 -4.43 143.07 49.44
CA LEU YB 74 -5.11 144.35 49.39
C LEU YB 74 -4.79 145.19 50.62
N GLU YB 75 -4.71 144.57 51.80
CA GLU YB 75 -4.44 145.31 53.01
C GLU YB 75 -3.11 146.08 52.91
N PHE YB 76 -2.04 145.42 52.48
CA PHE YB 76 -0.74 146.05 52.35
C PHE YB 76 -0.79 147.23 51.39
N ALA YB 77 -1.45 147.05 50.25
CA ALA YB 77 -1.56 148.10 49.24
C ALA YB 77 -2.37 149.30 49.76
N GLN YB 78 -3.52 149.05 50.40
CA GLN YB 78 -4.38 150.12 50.89
C GLN YB 78 -3.81 150.84 52.10
N GLU YB 79 -3.01 150.17 52.93
CA GLU YB 79 -2.17 150.81 53.95
C GLU YB 79 -1.10 151.70 53.31
N TRP YB 80 -0.39 151.20 52.30
CA TRP YB 80 0.63 151.99 51.61
C TRP YB 80 0.06 153.24 50.96
N LEU YB 81 -1.09 153.13 50.31
CA LEU YB 81 -1.77 154.27 49.73
C LEU YB 81 -2.20 155.25 50.82
N GLY YB 82 -2.74 154.74 51.92
CA GLY YB 82 -3.33 155.57 52.95
C GLY YB 82 -2.34 156.40 53.77
N GLY YB 83 -1.09 155.94 53.93
CA GLY YB 83 -0.15 156.59 54.82
C GLY YB 83 -0.40 156.22 56.28
N PRO YB 84 0.34 156.83 57.23
CA PRO YB 84 0.33 156.38 58.63
C PRO YB 84 -1.05 156.39 59.26
N GLY YB 85 -1.41 155.22 59.85
CA GLY YB 85 -2.64 155.01 60.59
C GLY YB 85 -3.93 155.11 59.76
N ALA YB 86 -3.81 155.03 58.43
CA ALA YB 86 -4.96 155.19 57.54
C ALA YB 86 -4.95 154.18 56.40
N THR YB 87 -6.14 153.75 55.97
CA THR YB 87 -6.33 152.85 54.83
C THR YB 87 -7.02 153.65 53.72
N ALA YB 88 -6.52 153.56 52.49
CA ALA YB 88 -7.11 154.29 51.37
C ALA YB 88 -7.24 153.41 50.12
N THR YB 89 -8.37 153.58 49.41
CA THR YB 89 -8.65 152.83 48.18
C THR YB 89 -8.29 153.63 46.93
N ALA YB 90 -7.47 154.70 47.09
CA ALA YB 90 -7.04 155.59 46.01
C ALA YB 90 -5.77 156.32 46.44
N SER YB 91 -4.99 156.88 45.48
CA SER YB 91 -3.82 157.69 45.78
C SER YB 91 -4.18 158.83 46.74
N GLN YB 92 -3.31 159.10 47.72
CA GLN YB 92 -3.51 160.22 48.63
C GLN YB 92 -2.51 161.34 48.32
N ASP YB 93 -3.03 162.58 48.27
CA ASP YB 93 -2.18 163.73 48.07
C ASP YB 93 -1.69 164.27 49.41
N ASP YB 94 -0.75 163.53 50.04
CA ASP YB 94 -0.12 163.97 51.28
C ASP YB 94 1.32 163.47 51.41
N SER YB 95 2.07 164.15 52.29
CA SER YB 95 3.53 164.07 52.30
C SER YB 95 4.10 162.88 53.07
N ASP YB 96 3.28 162.13 53.81
CA ASP YB 96 3.76 161.10 54.71
C ASP YB 96 3.69 159.70 54.10
N PRO YB 97 4.81 158.96 54.01
CA PRO YB 97 4.75 157.57 53.56
C PRO YB 97 4.23 156.69 54.71
N MET YB 98 3.55 155.59 54.37
CA MET YB 98 3.25 154.55 55.34
C MET YB 98 4.55 153.93 55.82
N LYS YB 99 4.76 153.92 57.14
CA LYS YB 99 5.93 153.30 57.76
C LYS YB 99 5.53 151.95 58.31
N PHE YB 100 6.20 150.87 57.89
CA PHE YB 100 5.90 149.53 58.35
C PHE YB 100 7.02 149.03 59.26
N ASN YB 101 6.68 148.42 60.41
CA ASN YB 101 7.67 147.58 61.08
C ASN YB 101 7.70 146.22 60.41
N LEU YB 102 8.89 145.64 60.30
CA LEU YB 102 9.09 144.38 59.60
C LEU YB 102 9.86 143.43 60.53
N GLU YB 103 9.42 142.18 60.59
CA GLU YB 103 10.16 141.15 61.31
C GLU YB 103 10.25 139.88 60.48
N ASN YB 104 11.42 139.25 60.47
CA ASN YB 104 11.63 137.99 59.77
C ASN YB 104 12.28 137.00 60.74
N VAL YB 105 11.80 135.75 60.73
CA VAL YB 105 12.29 134.74 61.65
C VAL YB 105 12.65 133.47 60.86
N THR YB 106 13.79 132.86 61.21
CA THR YB 106 14.25 131.65 60.56
C THR YB 106 14.94 130.73 61.56
N PRO YB 107 14.56 129.45 61.63
CA PRO YB 107 15.46 128.43 62.18
C PRO YB 107 16.71 128.34 61.30
N SER YB 108 17.86 128.11 61.92
CA SER YB 108 19.05 127.66 61.19
C SER YB 108 18.87 126.21 60.73
N ALA YB 109 19.72 125.77 59.79
CA ALA YB 109 19.52 124.55 59.01
C ALA YB 109 19.41 123.28 59.86
N SER YB 110 20.16 123.23 60.98
CA SER YB 110 20.16 122.11 61.93
C SER YB 110 19.70 122.55 63.33
N GLY YB 111 18.90 123.61 63.41
CA GLY YB 111 18.29 124.05 64.66
C GLY YB 111 19.27 124.58 65.72
N GLY YB 112 20.49 124.96 65.31
CA GLY YB 112 21.47 125.53 66.24
C GLY YB 112 21.06 126.88 66.83
N PHE YB 113 20.24 127.65 66.08
CA PHE YB 113 19.67 128.91 66.55
C PHE YB 113 18.41 129.26 65.76
N GLU YB 114 17.61 130.19 66.28
CA GLU YB 114 16.52 130.76 65.51
C GLU YB 114 16.80 132.25 65.37
N ARG YB 115 17.35 132.64 64.23
CA ARG YB 115 17.69 134.02 63.97
C ARG YB 115 16.42 134.83 63.73
N THR YB 116 16.22 135.89 64.52
CA THR YB 116 15.16 136.87 64.33
C THR YB 116 15.77 138.21 63.93
N THR YB 117 15.34 138.76 62.79
CA THR YB 117 15.76 140.06 62.31
C THR YB 117 14.55 141.00 62.30
N ALA YB 118 14.64 142.15 62.99
CA ALA YB 118 13.56 143.13 63.01
C ALA YB 118 14.05 144.52 62.57
N VAL YB 119 13.20 145.22 61.82
CA VAL YB 119 13.55 146.49 61.20
C VAL YB 119 12.41 147.48 61.44
N GLU YB 120 12.72 148.69 61.93
CA GLU YB 120 11.69 149.70 62.13
C GLU YB 120 11.50 150.60 60.91
N ASN YB 121 10.28 151.12 60.75
CA ASN YB 121 9.96 152.20 59.84
C ASN YB 121 10.46 151.96 58.42
N VAL YB 122 10.20 150.78 57.87
CA VAL YB 122 10.42 150.50 56.47
C VAL YB 122 9.44 151.33 55.66
N VAL YB 123 9.94 152.07 54.66
CA VAL YB 123 9.10 152.79 53.71
C VAL YB 123 9.47 152.37 52.30
N PHE YB 124 8.45 152.27 51.43
CA PHE YB 124 8.69 151.82 50.06
C PHE YB 124 8.38 152.97 49.10
N PRO YB 125 9.36 153.48 48.32
CA PRO YB 125 9.12 154.53 47.34
C PRO YB 125 8.02 154.20 46.35
N GLU YB 126 7.90 152.93 45.96
CA GLU YB 126 6.88 152.54 45.01
C GLU YB 126 6.34 151.14 45.24
N LEU YB 127 5.07 150.97 44.89
CA LEU YB 127 4.31 149.77 45.16
C LEU YB 127 3.82 149.22 43.82
N PRO YB 128 4.22 148.00 43.40
CA PRO YB 128 3.68 147.42 42.18
C PRO YB 128 2.29 146.88 42.47
N LEU YB 129 1.29 147.51 41.84
CA LEU YB 129 -0.09 147.05 42.01
C LEU YB 129 -0.38 145.87 41.09
N ASP YB 130 0.09 145.97 39.85
CA ASP YB 130 -0.06 144.90 38.88
C ASP YB 130 1.31 144.56 38.31
N SER YB 131 1.51 143.27 38.06
CA SER YB 131 2.77 142.73 37.55
C SER YB 131 2.48 141.49 36.72
N ALA YB 132 1.58 141.65 35.74
CA ALA YB 132 1.10 140.59 34.88
C ALA YB 132 2.10 140.29 33.78
N THR YB 133 2.23 139.00 33.45
CA THR YB 133 3.04 138.51 32.35
C THR YB 133 2.39 137.26 31.80
N TYR YB 134 2.37 137.11 30.47
CA TYR YB 134 1.66 136.01 29.84
C TYR YB 134 2.16 134.66 30.37
N GLY YB 135 1.24 133.84 30.90
CA GLY YB 135 1.57 132.49 31.33
C GLY YB 135 2.41 132.43 32.62
N GLU YB 136 2.26 133.42 33.50
CA GLU YB 136 2.90 133.42 34.80
C GLU YB 136 1.98 133.97 35.89
N TYR YB 137 2.25 133.60 37.15
CA TYR YB 137 1.58 134.28 38.25
C TYR YB 137 2.18 135.66 38.43
N GLU YB 138 1.37 136.65 38.84
CA GLU YB 138 1.91 137.98 39.04
C GLU YB 138 2.95 137.94 40.17
N GLU YB 139 4.17 138.38 39.88
CA GLU YB 139 5.26 138.40 40.85
C GLU YB 139 5.69 139.84 41.10
N TYR YB 140 5.66 140.27 42.35
CA TYR YB 140 5.80 141.66 42.75
C TYR YB 140 7.12 141.86 43.48
N SER YB 141 7.86 142.91 43.11
CA SER YB 141 9.10 143.25 43.80
C SER YB 141 9.01 144.60 44.51
N LEU YB 142 9.22 144.58 45.83
CA LEU YB 142 9.36 145.79 46.63
C LEU YB 142 10.84 146.07 46.89
N THR YB 143 11.16 147.38 46.92
CA THR YB 143 12.41 147.87 47.48
C THR YB 143 12.07 149.05 48.38
N GLY YB 144 12.71 149.13 49.55
CA GLY YB 144 12.43 150.20 50.52
C GLY YB 144 13.53 150.33 51.58
N SER YB 145 13.42 151.36 52.41
CA SER YB 145 14.43 151.66 53.42
C SER YB 145 13.83 151.68 54.83
N GLY YB 146 14.29 150.77 55.67
CA GLY YB 146 14.08 150.85 57.11
C GLY YB 146 15.01 151.86 57.76
N ARG YB 147 14.61 152.38 58.93
CA ARG YB 147 15.40 153.34 59.67
C ARG YB 147 16.56 152.65 60.39
N SER YB 148 16.26 151.55 61.09
CA SER YB 148 17.29 150.85 61.84
C SER YB 148 16.88 149.40 62.11
N VAL YB 149 17.88 148.55 62.45
CA VAL YB 149 17.63 147.21 62.94
C VAL YB 149 17.28 147.32 64.41
N THR YB 150 16.05 146.98 64.79
CA THR YB 150 15.64 147.03 66.19
C THR YB 150 16.05 145.77 66.95
N ASN YB 151 16.15 144.63 66.27
CA ASN YB 151 16.55 143.38 66.89
C ASN YB 151 17.28 142.46 65.91
N LEU YB 152 18.36 141.81 66.38
CA LEU YB 152 19.03 140.70 65.73
C LEU YB 152 19.59 139.77 66.80
N ALA YB 153 18.91 138.63 67.00
CA ALA YB 153 19.24 137.74 68.09
C ALA YB 153 18.80 136.31 67.80
N ASP YB 154 19.37 135.36 68.54
CA ASP YB 154 18.82 134.02 68.63
C ASP YB 154 17.60 134.08 69.56
N THR YB 155 16.41 133.80 69.01
CA THR YB 155 15.18 133.77 69.79
C THR YB 155 14.76 132.35 70.20
N SER YB 156 15.56 131.32 69.89
CA SER YB 156 15.29 129.98 70.41
C SER YB 156 15.30 129.98 71.95
N GLY YB 157 14.38 129.22 72.55
CA GLY YB 157 14.01 129.33 73.95
C GLY YB 157 15.20 129.28 74.89
N ALA ZB 2 -10.24 140.58 57.52
CA ALA ZB 2 -9.56 141.16 56.32
C ALA ZB 2 -9.36 140.07 55.26
N THR ZB 3 -9.20 140.49 54.00
CA THR ZB 3 -9.09 139.58 52.86
C THR ZB 3 -7.72 138.90 52.87
N SER ZB 4 -7.70 137.55 52.75
CA SER ZB 4 -6.45 136.79 52.75
C SER ZB 4 -5.61 137.12 51.51
N PRO ZB 5 -4.28 137.33 51.62
CA PRO ZB 5 -3.45 137.43 50.44
C PRO ZB 5 -3.49 136.13 49.63
N GLU ZB 6 -3.49 136.28 48.32
CA GLU ZB 6 -3.73 135.16 47.41
C GLU ZB 6 -2.95 135.36 46.12
N GLY ZB 7 -2.63 134.26 45.42
CA GLY ZB 7 -1.96 134.36 44.13
C GLY ZB 7 -2.84 135.06 43.09
N ILE ZB 8 -2.24 135.72 42.10
CA ILE ZB 8 -2.99 136.22 40.96
C ILE ZB 8 -2.37 135.68 39.68
N TRP ZB 9 -3.23 135.18 38.79
CA TRP ZB 9 -2.79 134.60 37.54
C TRP ZB 9 -2.93 135.64 36.44
N SER ZB 10 -1.82 135.92 35.74
CA SER ZB 10 -1.72 137.07 34.86
C SER ZB 10 -2.80 137.04 33.79
N ASN ZB 11 -3.02 135.85 33.21
CA ASN ZB 11 -3.89 135.71 32.06
C ASN ZB 11 -5.37 135.92 32.41
N SER ZB 12 -5.75 135.97 33.69
CA SER ZB 12 -7.11 136.29 34.08
C SER ZB 12 -7.43 137.78 34.04
N GLY ZB 13 -6.45 138.63 33.68
CA GLY ZB 13 -6.61 140.08 33.58
C GLY ZB 13 -7.54 140.55 32.45
N ALA ZB 14 -7.90 141.84 32.51
CA ALA ZB 14 -8.88 142.43 31.60
C ALA ZB 14 -8.65 143.95 31.51
N LEU ZB 15 -7.49 144.34 30.96
CA LEU ZB 15 -7.19 145.75 30.74
C LEU ZB 15 -8.18 146.35 29.75
N THR ZB 16 -8.65 147.57 30.06
CA THR ZB 16 -9.46 148.39 29.18
C THR ZB 16 -9.05 149.86 29.28
N PHE ZB 17 -9.28 150.63 28.22
CA PHE ZB 17 -9.01 152.06 28.18
C PHE ZB 17 -10.30 152.85 27.99
N GLU ZB 18 -10.35 154.05 28.56
CA GLU ZB 18 -11.49 154.93 28.42
C GLU ZB 18 -11.02 156.36 28.12
N ASP ZB 19 -11.77 157.05 27.28
CA ASP ZB 19 -11.57 158.48 27.07
C ASP ZB 19 -12.21 159.23 28.23
N PRO ZB 20 -11.45 159.97 29.08
CA PRO ZB 20 -12.02 160.69 30.21
C PRO ZB 20 -12.94 161.85 29.82
N ALA ZB 21 -13.05 162.17 28.53
CA ALA ZB 21 -14.07 163.11 28.07
C ALA ZB 21 -15.49 162.52 28.19
N ASP ZB 22 -15.61 161.19 27.99
CA ASP ZB 22 -16.89 160.53 27.72
C ASP ZB 22 -17.13 159.30 28.58
N ASP ZB 23 -16.06 158.76 29.18
CA ASP ZB 23 -16.02 157.43 29.80
C ASP ZB 23 -16.39 156.34 28.79
N SER ZB 24 -16.21 156.60 27.48
CA SER ZB 24 -16.39 155.62 26.41
C SER ZB 24 -15.15 154.76 26.28
N GLU ZB 25 -15.35 153.47 25.97
CA GLU ZB 25 -14.24 152.53 25.83
C GLU ZB 25 -13.48 152.80 24.53
N ILE ZB 26 -12.15 152.69 24.59
CA ILE ZB 26 -11.27 152.73 23.44
C ILE ZB 26 -10.85 151.28 23.16
N LEU ZB 27 -11.02 150.82 21.93
CA LEU ZB 27 -10.75 149.43 21.59
C LEU ZB 27 -9.27 149.13 21.77
N PHE ZB 28 -8.99 148.25 22.72
CA PHE ZB 28 -7.63 147.81 22.99
C PHE ZB 28 -7.71 146.35 23.45
N ALA ZB 29 -6.76 145.54 22.97
CA ALA ZB 29 -6.84 144.10 23.15
C ALA ZB 29 -5.47 143.44 23.05
N GLY ZB 30 -5.38 142.19 23.47
CA GLY ZB 30 -4.20 141.37 23.19
C GLY ZB 30 -2.99 141.77 24.01
N VAL ZB 31 -3.18 142.17 25.27
CA VAL ZB 31 -2.05 142.34 26.16
C VAL ZB 31 -1.33 141.03 26.37
N ARG ZB 32 -0.05 141.16 26.72
CA ARG ZB 32 0.81 140.04 27.09
C ARG ZB 32 1.45 140.30 28.44
N ASP ZB 33 1.95 141.52 28.66
CA ASP ZB 33 2.47 141.93 29.95
C ASP ZB 33 1.83 143.26 30.35
N VAL ZB 34 1.51 143.42 31.64
CA VAL ZB 34 0.98 144.68 32.15
C VAL ZB 34 1.64 144.94 33.50
N THR ZB 35 2.15 146.15 33.68
CA THR ZB 35 2.70 146.54 34.96
C THR ZB 35 2.17 147.91 35.34
N ILE ZB 36 1.60 148.04 36.55
CA ILE ZB 36 1.15 149.32 37.07
C ILE ZB 36 1.79 149.54 38.43
N THR ZB 37 2.48 150.68 38.57
CA THR ZB 37 3.32 150.95 39.72
C THR ZB 37 3.13 152.38 40.21
N PRO ZB 38 2.23 152.65 41.17
CA PRO ZB 38 2.22 153.93 41.85
C PRO ZB 38 3.53 154.12 42.58
N ALA ZB 39 4.11 155.31 42.42
CA ALA ZB 39 5.40 155.68 42.96
C ALA ZB 39 5.37 157.10 43.53
N TYR ZB 40 6.29 157.37 44.45
CA TYR ZB 40 6.59 158.73 44.87
C TYR ZB 40 8.09 158.90 44.98
N GLU ZB 41 8.58 160.10 44.67
CA GLU ZB 41 9.92 160.47 45.10
C GLU ZB 41 9.95 160.59 46.61
N HIS ZB 42 11.02 160.12 47.26
CA HIS ZB 42 11.20 160.22 48.70
C HIS ZB 42 12.40 161.09 49.06
N ALA ZB 43 12.24 161.97 50.05
CA ALA ZB 43 13.38 162.68 50.62
C ALA ZB 43 13.59 162.29 52.08
N GLU ZB 44 14.81 161.86 52.43
CA GLU ZB 44 15.18 161.43 53.76
C GLU ZB 44 16.10 162.49 54.38
N LEU ZB 45 15.80 162.92 55.62
CA LEU ZB 45 16.60 163.93 56.29
C LEU ZB 45 17.65 163.30 57.21
N TYR ZB 46 18.89 163.78 57.13
CA TYR ZB 46 19.92 163.39 58.07
C TYR ZB 46 20.74 164.61 58.49
N THR ZB 47 21.13 164.63 59.76
CA THR ZB 47 21.84 165.76 60.35
C THR ZB 47 22.91 165.28 61.32
N ILE ZB 48 23.83 166.16 61.75
CA ILE ZB 48 24.95 165.77 62.58
C ILE ZB 48 24.52 165.17 63.91
N ASP ZB 49 23.26 165.38 64.32
CA ASP ZB 49 22.72 164.81 65.55
C ASP ZB 49 22.81 163.28 65.58
N SER ZB 50 22.63 162.61 64.43
CA SER ZB 50 22.40 161.17 64.37
C SER ZB 50 22.79 160.56 63.03
N THR ZB 51 23.29 159.31 63.07
CA THR ZB 51 23.46 158.53 61.86
C THR ZB 51 22.13 158.00 61.34
N PHE ZB 52 21.13 157.90 62.21
CA PHE ZB 52 19.81 157.44 61.79
C PHE ZB 52 19.04 158.56 61.09
N ARG ZB 53 18.15 158.15 60.19
CA ARG ZB 53 17.25 159.04 59.49
C ARG ZB 53 16.41 159.80 60.50
N ASP ZB 54 16.35 161.14 60.35
CA ASP ZB 54 15.52 161.98 61.19
C ASP ZB 54 14.06 161.90 60.73
N GLU ZB 55 13.84 162.07 59.41
CA GLU ZB 55 12.52 162.14 58.80
C GLU ZB 55 12.51 161.58 57.38
N VAL ZB 56 11.32 161.23 56.87
CA VAL ZB 56 11.16 160.86 55.46
C VAL ZB 56 9.79 161.36 54.96
N LYS ZB 57 9.72 161.82 53.69
CA LYS ZB 57 8.54 162.44 53.11
C LYS ZB 57 8.39 162.11 51.63
N ARG ZB 58 7.16 162.10 51.10
CA ARG ZB 58 6.83 161.86 49.70
C ARG ZB 58 6.58 163.16 48.93
N TYR ZB 59 6.96 163.20 47.64
CA TYR ZB 59 6.63 164.35 46.81
C TYR ZB 59 6.08 164.00 45.44
N GLU ZB 60 6.85 164.03 44.35
CA GLU ZB 60 6.30 163.84 43.02
C GLU ZB 60 5.66 162.47 42.89
N HIS ZB 61 4.32 162.44 42.83
CA HIS ZB 61 3.59 161.20 42.65
C HIS ZB 61 3.37 160.97 41.16
N ASN ZB 62 3.49 159.71 40.75
CA ASN ZB 62 3.06 159.28 39.43
C ASN ZB 62 2.73 157.79 39.49
N VAL ZB 63 1.98 157.30 38.51
CA VAL ZB 63 1.78 155.87 38.35
C VAL ZB 63 2.50 155.44 37.10
N ASN ZB 64 3.57 154.64 37.20
CA ASN ZB 64 4.21 154.09 36.01
C ASN ZB 64 3.34 152.98 35.44
N VAL ZB 65 2.91 153.14 34.20
CA VAL ZB 65 2.16 152.14 33.46
C VAL ZB 65 3.04 151.65 32.31
N GLU ZB 66 3.30 150.35 32.24
CA GLU ZB 66 3.88 149.77 31.04
C GLU ZB 66 3.12 148.53 30.62
N ILE ZB 67 2.83 148.45 29.33
CA ILE ZB 67 1.96 147.44 28.74
C ILE ZB 67 2.67 146.92 27.50
N THR ZB 68 2.78 145.60 27.40
CA THR ZB 68 3.19 144.96 26.16
C THR ZB 68 1.99 144.22 25.57
N TYR ZB 69 1.74 144.43 24.28
CA TYR ZB 69 0.56 143.88 23.64
C TYR ZB 69 0.85 143.52 22.17
N ALA ZB 70 0.00 142.67 21.57
CA ALA ZB 70 0.31 142.04 20.29
C ALA ZB 70 -0.83 142.12 19.28
N LYS ZB 71 -1.93 142.82 19.61
CA LYS ZB 71 -2.97 143.14 18.64
C LYS ZB 71 -2.96 144.64 18.43
N PHE ZB 72 -2.73 145.09 17.20
CA PHE ZB 72 -2.66 146.52 16.93
C PHE ZB 72 -4.07 147.12 16.91
N SER ZB 73 -4.21 148.29 17.54
CA SER ZB 73 -5.46 149.04 17.54
C SER ZB 73 -5.30 150.35 16.77
N LEU ZB 74 -6.07 150.52 15.68
CA LEU ZB 74 -6.08 151.80 14.97
C LEU ZB 74 -6.72 152.86 15.85
N GLU ZB 75 -7.78 152.55 16.57
CA GLU ZB 75 -8.46 153.55 17.37
C GLU ZB 75 -7.51 154.13 18.42
N PHE ZB 76 -6.88 153.28 19.21
CA PHE ZB 76 -5.95 153.73 20.24
C PHE ZB 76 -4.81 154.57 19.66
N ALA ZB 77 -4.25 154.15 18.53
CA ALA ZB 77 -3.19 154.90 17.86
C ALA ZB 77 -3.66 156.27 17.36
N GLN ZB 78 -4.82 156.33 16.70
CA GLN ZB 78 -5.35 157.56 16.18
C GLN ZB 78 -5.84 158.51 17.30
N GLU ZB 79 -6.27 157.98 18.44
CA GLU ZB 79 -6.51 158.79 19.63
C GLU ZB 79 -5.20 159.44 20.11
N TRP ZB 80 -4.12 158.66 20.23
CA TRP ZB 80 -2.85 159.20 20.70
C TRP ZB 80 -2.31 160.26 19.76
N LEU ZB 81 -2.40 160.05 18.44
CA LEU ZB 81 -2.02 161.06 17.45
C LEU ZB 81 -2.90 162.30 17.58
N GLY ZB 82 -4.21 162.09 17.73
CA GLY ZB 82 -5.19 163.16 17.75
C GLY ZB 82 -5.09 164.08 18.97
N GLY ZB 83 -4.63 163.56 20.11
CA GLY ZB 83 -4.68 164.31 21.35
C GLY ZB 83 -6.10 164.39 21.91
N PRO ZB 84 -6.31 165.04 23.07
CA PRO ZB 84 -7.59 165.01 23.76
C PRO ZB 84 -8.77 165.44 22.89
N GLY ZB 85 -9.85 164.65 22.99
CA GLY ZB 85 -11.15 164.91 22.36
C GLY ZB 85 -11.15 164.84 20.83
N ALA ZB 86 -10.08 164.28 20.23
CA ALA ZB 86 -9.96 164.19 18.77
C ALA ZB 86 -9.29 162.88 18.33
N THR ZB 87 -9.59 162.43 17.11
CA THR ZB 87 -8.93 161.32 16.45
C THR ZB 87 -8.27 161.84 15.18
N ALA ZB 88 -7.00 161.49 14.93
CA ALA ZB 88 -6.28 161.98 13.75
C ALA ZB 88 -5.45 160.89 13.06
N THR ZB 89 -5.32 161.03 11.73
CA THR ZB 89 -4.62 160.06 10.89
C THR ZB 89 -3.14 160.40 10.70
N ALA ZB 90 -2.68 161.52 11.28
CA ALA ZB 90 -1.33 162.03 11.08
C ALA ZB 90 -0.87 162.79 12.31
N SER ZB 91 0.45 163.03 12.43
CA SER ZB 91 1.04 163.78 13.55
C SER ZB 91 0.35 165.13 13.71
N GLN ZB 92 0.02 165.51 14.97
CA GLN ZB 92 -0.54 166.83 15.24
C GLN ZB 92 0.50 167.72 15.89
N ASP ZB 93 0.59 168.96 15.38
CA ASP ZB 93 1.51 169.96 15.89
C ASP ZB 93 0.89 170.74 17.03
N ASP ZB 94 0.64 170.09 18.18
CA ASP ZB 94 0.11 170.76 19.37
C ASP ZB 94 0.51 170.08 20.68
N SER ZB 95 0.35 170.80 21.80
CA SER ZB 95 1.07 170.54 23.03
C SER ZB 95 0.36 169.54 23.95
N ASP ZB 96 -0.93 169.27 23.73
CA ASP ZB 96 -1.74 168.44 24.61
C ASP ZB 96 -1.61 166.95 24.30
N PRO ZB 97 -1.06 166.11 25.20
CA PRO ZB 97 -1.00 164.67 24.97
C PRO ZB 97 -2.36 164.05 25.24
N MET ZB 98 -2.69 162.99 24.50
CA MET ZB 98 -3.90 162.23 24.77
C MET ZB 98 -3.79 161.61 26.16
N LYS ZB 99 -4.82 161.82 26.99
CA LYS ZB 99 -4.89 161.30 28.35
C LYS ZB 99 -5.88 160.16 28.38
N PHE ZB 100 -5.42 158.95 28.70
CA PHE ZB 100 -6.28 157.79 28.76
C PHE ZB 100 -6.58 157.44 30.22
N ASN ZB 101 -7.85 157.20 30.56
CA ASN ZB 101 -8.13 156.48 31.79
C ASN ZB 101 -7.97 155.00 31.51
N LEU ZB 102 -7.54 154.28 32.53
CA LEU ZB 102 -7.17 152.89 32.36
C LEU ZB 102 -7.76 152.11 33.54
N GLU ZB 103 -8.35 150.95 33.25
CA GLU ZB 103 -8.82 150.05 34.29
C GLU ZB 103 -8.41 148.62 34.01
N ASN ZB 104 -8.04 147.89 35.06
CA ASN ZB 104 -7.70 146.48 34.95
C ASN ZB 104 -8.38 145.70 36.07
N VAL ZB 105 -8.91 144.53 35.73
CA VAL ZB 105 -9.70 143.73 36.66
C VAL ZB 105 -9.19 142.29 36.62
N THR ZB 106 -8.95 141.70 37.79
CA THR ZB 106 -8.55 140.31 37.88
C THR ZB 106 -9.24 139.63 39.05
N PRO ZB 107 -9.81 138.43 38.85
CA PRO ZB 107 -10.04 137.54 39.98
C PRO ZB 107 -8.70 137.14 40.57
N SER ZB 108 -8.70 136.85 41.89
CA SER ZB 108 -7.58 136.16 42.51
C SER ZB 108 -7.62 134.67 42.14
N ALA ZB 109 -6.51 133.95 42.34
CA ALA ZB 109 -6.32 132.61 41.81
C ALA ZB 109 -7.31 131.57 42.37
N SER ZB 110 -7.81 131.74 43.61
CA SER ZB 110 -8.85 130.88 44.18
C SER ZB 110 -10.20 131.59 44.36
N GLY ZB 111 -10.39 132.76 43.73
CA GLY ZB 111 -11.66 133.48 43.77
C GLY ZB 111 -11.96 134.18 45.11
N GLY ZB 112 -10.94 134.33 45.98
CA GLY ZB 112 -11.10 135.05 47.24
C GLY ZB 112 -11.46 136.54 47.08
N PHE ZB 113 -11.07 137.18 45.98
CA PHE ZB 113 -11.40 138.57 45.70
C PHE ZB 113 -11.28 138.89 44.21
N GLU ZB 114 -11.90 140.00 43.77
CA GLU ZB 114 -11.68 140.53 42.43
C GLU ZB 114 -10.95 141.86 42.56
N ARG ZB 115 -9.63 141.85 42.40
CA ARG ZB 115 -8.83 143.07 42.46
C ARG ZB 115 -9.08 143.91 41.22
N THR ZB 116 -9.64 145.10 41.42
CA THR ZB 116 -9.78 146.11 40.38
C THR ZB 116 -8.81 147.24 40.64
N THR ZB 117 -8.06 147.65 39.61
CA THR ZB 117 -7.15 148.78 39.66
C THR ZB 117 -7.58 149.79 38.61
N ALA ZB 118 -7.70 151.08 38.98
CA ALA ZB 118 -7.99 152.13 38.00
C ALA ZB 118 -7.01 153.31 38.16
N VAL ZB 119 -6.58 153.87 37.01
CA VAL ZB 119 -5.58 154.93 36.92
C VAL ZB 119 -6.12 156.07 36.06
N GLU ZB 120 -5.94 157.33 36.50
CA GLU ZB 120 -6.39 158.49 35.73
C GLU ZB 120 -5.27 159.13 34.90
N ASN ZB 121 -5.65 159.65 33.72
CA ASN ZB 121 -4.82 160.53 32.91
C ASN ZB 121 -3.45 159.92 32.62
N VAL ZB 122 -3.44 158.66 32.20
CA VAL ZB 122 -2.24 158.03 31.69
C VAL ZB 122 -1.85 158.65 30.37
N VAL ZB 123 -0.58 159.08 30.24
CA VAL ZB 123 -0.05 159.60 29.00
C VAL ZB 123 1.19 158.81 28.60
N PHE ZB 124 1.36 158.62 27.29
CA PHE ZB 124 2.49 157.88 26.76
C PHE ZB 124 3.39 158.80 25.97
N PRO ZB 125 4.66 159.01 26.38
CA PRO ZB 125 5.60 159.82 25.61
C PRO ZB 125 5.80 159.34 24.18
N GLU ZB 126 5.67 158.04 23.94
CA GLU ZB 126 5.83 157.52 22.59
C GLU ZB 126 4.88 156.36 22.31
N LEU ZB 127 4.47 156.25 21.06
CA LEU ZB 127 3.57 155.21 20.60
C LEU ZB 127 4.28 154.41 19.53
N PRO ZB 128 4.51 153.09 19.70
CA PRO ZB 128 5.05 152.28 18.63
C PRO ZB 128 3.93 152.03 17.61
N LEU ZB 129 4.19 152.44 16.37
CA LEU ZB 129 3.28 152.15 15.28
C LEU ZB 129 3.59 150.80 14.66
N ASP ZB 130 4.87 150.57 14.34
CA ASP ZB 130 5.29 149.32 13.71
C ASP ZB 130 6.41 148.71 14.53
N SER ZB 131 6.38 147.38 14.67
CA SER ZB 131 7.32 146.66 15.50
C SER ZB 131 7.48 145.24 14.93
N ALA ZB 132 7.93 145.20 13.66
CA ALA ZB 132 8.08 143.98 12.88
C ALA ZB 132 9.46 143.37 13.10
N THR ZB 133 9.46 142.04 13.30
CA THR ZB 133 10.66 141.21 13.46
C THR ZB 133 10.43 139.94 12.67
N TYR ZB 134 11.43 139.48 11.91
CA TYR ZB 134 11.31 138.33 11.04
C TYR ZB 134 10.76 137.12 11.81
N GLY ZB 135 9.66 136.52 11.32
CA GLY ZB 135 9.15 135.31 11.93
C GLY ZB 135 8.42 135.53 13.24
N GLU ZB 136 8.01 136.77 13.54
CA GLU ZB 136 7.23 137.05 14.72
C GLU ZB 136 6.07 137.98 14.42
N TYR ZB 137 4.97 137.83 15.15
CA TYR ZB 137 3.91 138.82 15.09
C TYR ZB 137 4.42 140.10 15.74
N GLU ZB 138 3.92 141.24 15.26
CA GLU ZB 138 4.35 142.51 15.82
C GLU ZB 138 3.98 142.58 17.29
N GLU ZB 139 4.93 143.04 18.13
CA GLU ZB 139 4.69 143.19 19.55
C GLU ZB 139 5.08 144.60 19.98
N TYR ZB 140 4.16 145.27 20.68
CA TYR ZB 140 4.24 146.69 20.97
C TYR ZB 140 4.40 146.92 22.47
N SER ZB 141 5.35 147.76 22.87
CA SER ZB 141 5.50 148.12 24.28
C SER ZB 141 5.25 149.61 24.51
N LEU ZB 142 4.27 149.92 25.36
CA LEU ZB 142 4.01 151.27 25.85
C LEU ZB 142 4.62 151.46 27.23
N THR ZB 143 5.22 152.63 27.45
CA THR ZB 143 5.63 153.09 28.76
C THR ZB 143 5.02 154.47 28.96
N GLY ZB 144 4.40 154.73 30.13
CA GLY ZB 144 3.67 155.97 30.36
C GLY ZB 144 3.46 156.28 31.83
N SER ZB 145 2.97 157.48 32.11
CA SER ZB 145 2.72 157.96 33.46
C SER ZB 145 1.25 158.36 33.67
N GLY ZB 146 0.57 157.68 34.59
CA GLY ZB 146 -0.70 158.11 35.13
C GLY ZB 146 -0.54 159.14 36.25
N ARG ZB 147 -1.55 159.97 36.44
CA ARG ZB 147 -1.51 161.00 37.47
C ARG ZB 147 -1.69 160.38 38.85
N SER ZB 148 -2.67 159.49 39.02
CA SER ZB 148 -2.96 158.85 40.29
C SER ZB 148 -3.77 157.56 40.11
N VAL ZB 149 -3.80 156.74 41.17
CA VAL ZB 149 -4.69 155.59 41.27
C VAL ZB 149 -6.04 156.06 41.79
N THR ZB 150 -7.08 155.98 40.96
CA THR ZB 150 -8.41 156.41 41.35
C THR ZB 150 -9.12 155.35 42.18
N ASN ZB 151 -8.82 154.08 41.94
CA ASN ZB 151 -9.44 152.98 42.67
C ASN ZB 151 -8.49 151.79 42.81
N LEU ZB 152 -8.51 151.16 43.99
CA LEU ZB 152 -7.95 149.85 44.25
C LEU ZB 152 -8.78 149.16 45.33
N ALA ZB 153 -9.61 148.19 44.89
CA ALA ZB 153 -10.56 147.54 45.77
C ALA ZB 153 -10.90 146.13 45.30
N ASP ZB 154 -11.46 145.33 46.21
CA ASP ZB 154 -12.15 144.10 45.88
C ASP ZB 154 -13.55 144.45 45.37
N THR ZB 155 -13.78 144.24 44.06
CA THR ZB 155 -15.06 144.56 43.42
C THR ZB 155 -16.00 143.36 43.33
N SER ZB 156 -15.65 142.21 43.93
CA SER ZB 156 -16.54 141.07 44.01
C SER ZB 156 -17.73 141.33 44.97
N GLY ZB 157 -18.82 140.57 44.79
CA GLY ZB 157 -20.06 140.78 45.52
C GLY ZB 157 -19.94 140.38 46.99
N ALA AC 2 10.51 175.01 76.48
CA ALA AC 2 10.02 175.38 75.10
C ALA AC 2 9.85 174.12 74.23
N THR AC 3 9.26 174.32 73.05
CA THR AC 3 9.03 173.23 72.08
C THR AC 3 10.35 172.85 71.39
N SER AC 4 10.61 171.53 71.31
CA SER AC 4 11.86 170.97 70.78
C SER AC 4 12.04 171.34 69.31
N PRO AC 5 13.29 171.60 68.82
CA PRO AC 5 13.48 171.91 67.41
C PRO AC 5 13.12 170.69 66.54
N GLU AC 6 12.65 170.96 65.31
CA GLU AC 6 12.18 169.88 64.45
C GLU AC 6 12.40 170.26 62.98
N GLY AC 7 12.58 169.25 62.11
CA GLY AC 7 12.71 169.53 60.69
C GLY AC 7 11.42 170.09 60.09
N ILE AC 8 11.54 170.79 58.96
CA ILE AC 8 10.36 171.26 58.24
C ILE AC 8 10.48 170.81 56.79
N TRP AC 9 9.34 170.39 56.23
CA TRP AC 9 9.28 169.90 54.88
C TRP AC 9 8.69 170.98 53.97
N SER AC 10 9.42 171.36 52.90
CA SER AC 10 9.05 172.55 52.12
C SER AC 10 7.65 172.41 51.53
N ASN AC 11 7.31 171.23 51.01
CA ASN AC 11 6.06 171.05 50.31
C ASN AC 11 4.85 171.12 51.24
N SER AC 12 5.04 171.13 52.57
CA SER AC 12 3.94 171.32 53.50
C SER AC 12 3.59 172.80 53.69
N GLY AC 13 4.32 173.73 53.05
CA GLY AC 13 4.08 175.15 53.16
C GLY AC 13 2.83 175.64 52.42
N ALA AC 14 1.91 176.26 53.17
CA ALA AC 14 0.79 177.00 52.61
C ALA AC 14 1.10 178.51 52.67
N LEU AC 15 1.22 179.16 51.49
CA LEU AC 15 1.47 180.59 51.39
C LEU AC 15 0.21 181.34 50.92
N THR AC 16 -0.06 182.51 51.52
CA THR AC 16 -1.14 183.40 51.09
C THR AC 16 -0.68 184.86 51.09
N PHE AC 17 -1.18 185.64 50.12
CA PHE AC 17 -1.03 187.08 50.10
C PHE AC 17 -2.38 187.76 50.36
N GLU AC 18 -2.35 188.85 51.12
CA GLU AC 18 -3.55 189.64 51.38
C GLU AC 18 -3.33 191.12 51.07
N ASP AC 19 -4.40 191.80 50.67
CA ASP AC 19 -4.40 193.26 50.55
C ASP AC 19 -4.47 193.89 51.95
N PRO AC 20 -3.49 194.70 52.39
CA PRO AC 20 -3.51 195.32 53.71
C PRO AC 20 -4.61 196.37 53.91
N ALA AC 21 -5.32 196.76 52.84
CA ALA AC 21 -6.47 197.65 52.96
C ALA AC 21 -7.70 196.90 53.51
N ASP AC 22 -7.86 195.62 53.16
CA ASP AC 22 -9.10 194.87 53.40
C ASP AC 22 -8.89 193.56 54.18
N ASP AC 23 -7.64 193.08 54.28
CA ASP AC 23 -7.32 191.72 54.71
C ASP AC 23 -7.99 190.67 53.82
N SER AC 24 -8.39 191.04 52.59
CA SER AC 24 -8.90 190.10 51.59
C SER AC 24 -7.75 189.35 50.92
N GLU AC 25 -7.98 188.08 50.55
CA GLU AC 25 -6.95 187.28 49.87
C GLU AC 25 -6.79 187.73 48.42
N ILE AC 26 -5.53 187.81 47.97
CA ILE AC 26 -5.17 187.97 46.57
C ILE AC 26 -4.78 186.59 46.05
N LEU AC 27 -5.48 186.14 44.99
CA LEU AC 27 -5.31 184.77 44.52
C LEU AC 27 -3.89 184.56 43.99
N PHE AC 28 -3.20 183.58 44.61
CA PHE AC 28 -1.83 183.25 44.27
C PHE AC 28 -1.61 181.78 44.61
N ALA AC 29 -0.73 181.12 43.83
CA ALA AC 29 -0.67 179.66 43.81
C ALA AC 29 0.67 179.13 43.31
N GLY AC 30 0.97 177.85 43.59
CA GLY AC 30 1.97 177.12 42.81
C GLY AC 30 3.41 177.57 43.07
N VAL AC 31 3.76 177.91 44.32
CA VAL AC 31 5.16 178.16 44.66
C VAL AC 31 5.99 176.90 44.50
N ARG AC 32 7.31 177.12 44.34
CA ARG AC 32 8.30 176.07 44.34
C ARG AC 32 9.36 176.39 45.39
N ASP AC 33 9.82 177.65 45.43
CA ASP AC 33 10.72 178.10 46.48
C ASP AC 33 10.15 179.32 47.20
N VAL AC 34 10.42 179.39 48.52
CA VAL AC 34 10.02 180.51 49.36
C VAL AC 34 11.12 180.78 50.37
N THR AC 35 11.78 181.95 50.25
CA THR AC 35 12.69 182.44 51.26
C THR AC 35 12.08 183.65 51.96
N ILE AC 36 12.09 183.65 53.29
CA ILE AC 36 11.73 184.83 54.08
C ILE AC 36 12.81 185.06 55.13
N THR AC 37 13.48 186.21 55.02
CA THR AC 37 14.65 186.53 55.83
C THR AC 37 14.51 187.93 56.40
N PRO AC 38 14.07 188.11 57.66
CA PRO AC 38 14.29 189.36 58.37
C PRO AC 38 15.78 189.63 58.51
N ALA AC 39 16.14 190.91 58.40
CA ALA AC 39 17.53 191.34 58.48
C ALA AC 39 17.63 192.73 59.11
N TYR AC 40 18.83 193.04 59.62
CA TYR AC 40 19.17 194.39 60.01
C TYR AC 40 20.59 194.68 59.55
N GLU AC 41 20.87 195.94 59.22
CA GLU AC 41 22.26 196.38 59.15
C GLU AC 41 22.83 196.41 60.56
N HIS AC 42 24.09 195.96 60.70
CA HIS AC 42 24.81 196.07 61.95
C HIS AC 42 25.97 197.06 61.79
N ALA AC 43 26.15 197.92 62.79
CA ALA AC 43 27.35 198.73 62.91
C ALA AC 43 28.13 198.29 64.15
N GLU AC 44 29.42 198.01 63.97
CA GLU AC 44 30.31 197.56 65.04
C GLU AC 44 31.30 198.68 65.37
N LEU AC 45 31.49 198.96 66.66
CA LEU AC 45 32.39 200.00 67.11
C LEU AC 45 33.76 199.43 67.49
N TYR AC 46 34.82 200.07 66.95
CA TYR AC 46 36.18 199.79 67.36
C TYR AC 46 36.98 201.08 67.48
N THR AC 47 37.92 201.05 68.44
CA THR AC 47 38.77 202.19 68.81
C THR AC 47 40.16 201.66 69.20
N ILE AC 48 41.16 202.52 69.41
CA ILE AC 48 42.49 202.02 69.70
C ILE AC 48 42.59 201.36 71.10
N ASP AC 49 41.55 201.51 71.94
CA ASP AC 49 41.58 200.99 73.29
C ASP AC 49 41.74 199.46 73.32
N SER AC 50 41.25 198.79 72.27
CA SER AC 50 41.21 197.34 72.19
C SER AC 50 41.12 196.88 70.74
N THR AC 51 41.66 195.70 70.45
CA THR AC 51 41.41 195.03 69.19
C THR AC 51 40.01 194.44 69.12
N PHE AC 52 39.42 194.16 70.30
CA PHE AC 52 38.07 193.60 70.39
C PHE AC 52 37.01 194.67 70.15
N ARG AC 53 35.85 194.21 69.67
CA ARG AC 53 34.68 195.02 69.44
C ARG AC 53 34.22 195.65 70.76
N ASP AC 54 34.00 196.97 70.75
CA ASP AC 54 33.44 197.69 71.88
C ASP AC 54 31.93 197.48 71.96
N GLU AC 55 31.24 197.66 70.82
CA GLU AC 55 29.78 197.64 70.75
C GLU AC 55 29.29 197.14 69.38
N VAL AC 56 28.03 196.70 69.32
CA VAL AC 56 27.34 196.47 68.06
C VAL AC 56 25.87 196.87 68.21
N LYS AC 57 25.30 197.40 67.11
CA LYS AC 57 23.94 197.96 67.14
C LYS AC 57 23.22 197.67 65.81
N ARG AC 58 21.88 197.55 65.86
CA ARG AC 58 21.02 197.28 64.70
C ARG AC 58 20.38 198.55 64.13
N TYR AC 59 20.17 198.55 62.80
CA TYR AC 59 19.38 199.57 62.11
C TYR AC 59 18.90 199.04 60.75
N GLU AC 60 18.17 199.85 59.96
CA GLU AC 60 17.66 199.47 58.64
C GLU AC 60 17.07 198.06 58.61
N HIS AC 61 16.00 197.87 59.38
CA HIS AC 61 15.28 196.61 59.34
C HIS AC 61 14.51 196.47 58.02
N ASN AC 62 14.55 195.28 57.44
CA ASN AC 62 13.70 194.90 56.34
C ASN AC 62 13.49 193.38 56.39
N VAL AC 63 12.52 192.89 55.63
CA VAL AC 63 12.34 191.46 55.50
C VAL AC 63 12.50 191.11 54.02
N ASN AC 64 13.59 190.43 53.67
CA ASN AC 64 13.76 189.95 52.32
C ASN AC 64 12.82 188.78 52.08
N VAL AC 65 11.89 188.95 51.14
CA VAL AC 65 11.02 187.90 50.64
C VAL AC 65 11.43 187.62 49.21
N GLU AC 66 11.74 186.35 48.91
CA GLU AC 66 11.85 185.94 47.53
C GLU AC 66 11.17 184.61 47.29
N ILE AC 67 10.41 184.58 46.19
CA ILE AC 67 9.50 183.50 45.89
C ILE AC 67 9.71 183.09 44.44
N THR AC 68 9.78 181.78 44.20
CA THR AC 68 9.74 181.24 42.85
C THR AC 68 8.47 180.45 42.70
N TYR AC 69 7.69 180.71 41.65
CA TYR AC 69 6.37 180.11 41.51
C TYR AC 69 6.07 179.85 40.03
N ALA AC 70 5.14 178.91 39.76
CA ALA AC 70 4.96 178.37 38.42
C ALA AC 70 3.52 178.50 37.90
N LYS AC 71 2.58 178.98 38.73
CA LYS AC 71 1.23 179.27 38.27
C LYS AC 71 1.06 180.79 38.20
N PHE AC 72 0.70 181.30 37.03
CA PHE AC 72 0.53 182.72 36.84
C PHE AC 72 -0.79 183.19 37.44
N SER AC 73 -0.77 184.35 38.10
CA SER AC 73 -1.98 184.97 38.63
C SER AC 73 -2.19 186.34 37.98
N LEU AC 74 -3.30 186.49 37.25
CA LEU AC 74 -3.66 187.80 36.73
C LEU AC 74 -3.96 188.78 37.86
N GLU AC 75 -4.57 188.30 38.93
CA GLU AC 75 -4.96 189.17 40.03
C GLU AC 75 -3.73 189.81 40.67
N PHE AC 76 -2.75 189.01 41.05
CA PHE AC 76 -1.52 189.52 41.65
C PHE AC 76 -0.78 190.48 40.71
N ALA AC 77 -0.72 190.18 39.42
CA ALA AC 77 -0.07 191.03 38.44
C ALA AC 77 -0.79 192.38 38.27
N GLN AC 78 -2.12 192.34 38.14
CA GLN AC 78 -2.91 193.56 37.99
C GLN AC 78 -2.95 194.40 39.29
N GLU AC 79 -2.88 193.77 40.46
CA GLU AC 79 -2.72 194.47 41.73
C GLU AC 79 -1.36 195.17 41.78
N TRP AC 80 -0.28 194.49 41.38
CA TRP AC 80 1.05 195.09 41.39
C TRP AC 80 1.17 196.27 40.43
N LEU AC 81 0.52 196.19 39.25
CA LEU AC 81 0.46 197.32 38.33
C LEU AC 81 -0.33 198.47 38.96
N GLY AC 82 -1.51 198.16 39.51
CA GLY AC 82 -2.43 199.17 39.98
C GLY AC 82 -1.97 199.97 41.20
N GLY AC 83 -1.08 199.42 42.04
CA GLY AC 83 -0.67 200.10 43.26
C GLY AC 83 -1.74 200.00 44.35
N PRO AC 84 -1.50 200.58 45.55
CA PRO AC 84 -2.37 200.37 46.71
C PRO AC 84 -3.83 200.69 46.41
N GLY AC 85 -4.67 199.65 46.60
CA GLY AC 85 -6.13 199.74 46.54
C GLY AC 85 -6.71 199.89 45.14
N ALA AC 86 -5.94 199.56 44.09
CA ALA AC 86 -6.45 199.64 42.71
C ALA AC 86 -5.97 198.47 41.85
N THR AC 87 -6.79 198.05 40.88
CA THR AC 87 -6.44 197.04 39.89
C THR AC 87 -6.21 197.73 38.54
N ALA AC 88 -5.12 197.39 37.84
CA ALA AC 88 -4.81 197.98 36.54
C ALA AC 88 -4.42 196.93 35.50
N THR AC 89 -4.83 197.17 34.23
CA THR AC 89 -4.50 196.31 33.10
C THR AC 89 -3.36 196.87 32.25
N ALA AC 90 -2.61 197.84 32.81
CA ALA AC 90 -1.46 198.46 32.15
C ALA AC 90 -0.61 199.19 33.19
N SER AC 91 0.61 199.58 32.81
CA SER AC 91 1.50 200.37 33.66
C SER AC 91 0.78 201.62 34.18
N GLN AC 92 0.90 201.90 35.49
CA GLN AC 92 0.38 203.13 36.07
C GLN AC 92 1.52 204.10 36.37
N ASP AC 93 1.31 205.36 36.01
CA ASP AC 93 2.31 206.40 36.21
C ASP AC 93 2.10 207.09 37.56
N ASP AC 94 2.47 206.41 38.67
CA ASP AC 94 2.50 207.03 39.99
C ASP AC 94 3.54 206.39 40.93
N SER AC 95 3.80 207.10 42.05
CA SER AC 95 4.92 206.83 42.93
C SER AC 95 4.70 205.73 43.97
N ASP AC 96 3.45 205.20 44.11
CA ASP AC 96 3.11 204.28 45.19
C ASP AC 96 3.16 202.82 44.76
N PRO AC 97 4.09 201.99 45.30
CA PRO AC 97 4.11 200.57 44.97
C PRO AC 97 2.99 199.86 45.73
N MET AC 98 2.39 198.85 45.11
CA MET AC 98 1.42 198.00 45.78
C MET AC 98 2.10 197.29 46.97
N LYS AC 99 1.50 197.41 48.17
CA LYS AC 99 2.03 196.76 49.36
C LYS AC 99 1.18 195.53 49.67
N PHE AC 100 1.82 194.39 49.87
CA PHE AC 100 1.14 193.13 50.14
C PHE AC 100 1.43 192.68 51.58
N ASN AC 101 0.40 192.21 52.29
CA ASN AC 101 0.67 191.40 53.46
C ASN AC 101 0.87 189.95 53.03
N LEU AC 102 1.73 189.24 53.74
CA LEU AC 102 2.09 187.87 53.39
C LEU AC 102 1.98 187.01 54.65
N GLU AC 103 1.49 185.79 54.48
CA GLU AC 103 1.53 184.80 55.55
C GLU AC 103 1.89 183.43 54.98
N ASN AC 104 2.79 182.71 55.67
CA ASN AC 104 3.18 181.35 55.31
C ASN AC 104 3.02 180.45 56.53
N VAL AC 105 2.47 179.25 56.32
CA VAL AC 105 2.15 178.33 57.40
C VAL AC 105 2.68 176.93 57.07
N THR AC 106 3.37 176.31 58.03
CA THR AC 106 3.97 174.98 57.85
C THR AC 106 3.86 174.17 59.14
N PRO AC 107 3.24 172.97 59.11
CA PRO AC 107 3.52 171.97 60.13
C PRO AC 107 5.01 171.63 60.11
N SER AC 108 5.59 171.37 61.30
CA SER AC 108 6.88 170.71 61.39
C SER AC 108 6.72 169.24 60.97
N ALA AC 109 7.85 168.58 60.66
CA ALA AC 109 7.78 167.34 59.91
C ALA AC 109 7.08 166.20 60.69
N SER AC 110 7.22 166.15 62.02
CA SER AC 110 6.58 165.17 62.89
C SER AC 110 5.37 165.75 63.65
N GLY AC 111 4.94 166.97 63.32
CA GLY AC 111 3.78 167.61 63.90
C GLY AC 111 4.00 168.29 65.26
N GLY AC 112 5.26 168.44 65.70
CA GLY AC 112 5.60 169.05 66.98
C GLY AC 112 5.10 170.49 67.15
N PHE AC 113 5.02 171.25 66.05
CA PHE AC 113 4.47 172.60 66.02
C PHE AC 113 3.95 172.96 64.64
N GLU AC 114 3.14 174.01 64.54
CA GLU AC 114 2.82 174.60 63.25
C GLU AC 114 3.40 176.01 63.22
N ARG AC 115 4.54 176.18 62.53
CA ARG AC 115 5.15 177.50 62.42
C ARG AC 115 4.34 178.34 61.44
N THR AC 116 3.83 179.48 61.93
CA THR AC 116 3.24 180.51 61.09
C THR AC 116 4.17 181.72 61.09
N THR AC 117 4.56 182.18 59.88
CA THR AC 117 5.31 183.40 59.64
C THR AC 117 4.40 184.42 58.95
N ALA AC 118 4.33 185.66 59.45
CA ALA AC 118 3.58 186.71 58.78
C ALA AC 118 4.41 187.99 58.65
N VAL AC 119 4.31 188.65 57.49
CA VAL AC 119 5.13 189.80 57.13
C VAL AC 119 4.20 190.92 56.63
N GLU AC 120 4.38 192.15 57.14
CA GLU AC 120 3.61 193.27 56.62
C GLU AC 120 4.30 193.98 55.46
N ASN AC 121 3.49 194.53 54.55
CA ASN AC 121 3.91 195.56 53.60
C ASN AC 121 5.14 195.16 52.76
N VAL AC 122 5.08 193.96 52.19
CA VAL AC 122 6.03 193.49 51.19
C VAL AC 122 5.82 194.24 49.88
N VAL AC 123 6.91 194.73 49.28
CA VAL AC 123 6.86 195.36 47.96
C VAL AC 123 7.93 194.76 47.05
N PHE AC 124 7.60 194.61 45.76
CA PHE AC 124 8.51 194.00 44.81
C PHE AC 124 8.93 195.07 43.79
N PRO AC 125 10.23 195.39 43.63
CA PRO AC 125 10.68 196.33 42.62
C PRO AC 125 10.28 195.98 41.21
N GLU AC 126 10.19 194.66 40.92
CA GLU AC 126 9.88 194.22 39.57
C GLU AC 126 9.02 192.97 39.56
N LEU AC 127 8.18 192.87 38.52
CA LEU AC 127 7.22 191.80 38.36
C LEU AC 127 7.53 191.06 37.07
N PRO AC 128 7.80 189.74 37.10
CA PRO AC 128 7.97 188.98 35.86
C PRO AC 128 6.59 188.66 35.27
N LEU AC 129 6.30 189.24 34.11
CA LEU AC 129 5.03 188.97 33.44
C LEU AC 129 5.14 187.69 32.60
N ASP AC 130 6.14 187.66 31.72
CA ASP AC 130 6.40 186.49 30.90
C ASP AC 130 7.77 185.96 31.30
N SER AC 131 7.89 184.63 31.31
CA SER AC 131 9.13 183.97 31.72
C SER AC 131 9.26 182.64 30.98
N ALA AC 132 9.25 182.71 29.64
CA ALA AC 132 9.25 181.55 28.76
C ALA AC 132 10.66 181.01 28.53
N THR AC 133 10.73 179.68 28.50
CA THR AC 133 11.94 178.91 28.20
C THR AC 133 11.51 177.71 27.36
N TYR AC 134 12.22 177.41 26.26
CA TYR AC 134 11.82 176.33 25.39
C TYR AC 134 11.71 175.01 26.17
N GLY AC 135 10.53 174.37 26.07
CA GLY AC 135 10.30 173.07 26.68
C GLY AC 135 10.18 173.10 28.19
N GLU AC 136 9.74 174.24 28.75
CA GLU AC 136 9.48 174.33 30.18
C GLU AC 136 8.21 175.14 30.47
N TYR AC 137 7.61 174.89 31.64
CA TYR AC 137 6.56 175.78 32.12
C TYR AC 137 7.20 177.10 32.54
N GLU AC 138 6.45 178.21 32.39
CA GLU AC 138 6.97 179.50 32.80
C GLU AC 138 7.13 179.51 34.31
N GLU AC 139 8.36 179.76 34.78
CA GLU AC 139 8.65 179.86 36.19
C GLU AC 139 9.08 181.28 36.50
N TYR AC 140 8.44 181.90 37.49
CA TYR AC 140 8.53 183.31 37.79
C TYR AC 140 9.25 183.49 39.12
N SER AC 141 10.26 184.39 39.18
CA SER AC 141 10.91 184.74 40.43
C SER AC 141 10.59 186.17 40.86
N LEU AC 142 10.14 186.33 42.10
CA LEU AC 142 9.92 187.62 42.76
C LEU AC 142 10.98 187.82 43.83
N THR AC 143 11.47 189.06 43.95
CA THR AC 143 12.29 189.49 45.08
C THR AC 143 11.71 190.80 45.61
N GLY AC 144 11.57 190.95 46.93
CA GLY AC 144 10.93 192.12 47.51
C GLY AC 144 11.23 192.31 48.99
N SER AC 145 10.90 193.50 49.51
CA SER AC 145 11.20 193.87 50.89
C SER AC 145 9.92 194.16 51.67
N GLY AC 146 9.68 193.36 52.72
CA GLY AC 146 8.67 193.63 53.74
C GLY AC 146 9.20 194.60 54.81
N ARG AC 147 8.27 195.19 55.57
CA ARG AC 147 8.60 196.20 56.57
C ARG AC 147 9.01 195.54 57.89
N SER AC 148 8.22 194.57 58.35
CA SER AC 148 8.49 193.86 59.59
C SER AC 148 7.83 192.50 59.62
N VAL AC 149 8.31 191.61 60.49
CA VAL AC 149 7.63 190.35 60.76
C VAL AC 149 6.59 190.61 61.83
N THR AC 150 5.29 190.56 61.46
CA THR AC 150 4.23 190.83 62.41
C THR AC 150 3.90 189.62 63.29
N ASN AC 151 4.25 188.42 62.84
CA ASN AC 151 4.03 187.21 63.62
C ASN AC 151 5.05 186.12 63.27
N LEU AC 152 5.50 185.42 64.31
CA LEU AC 152 6.22 184.17 64.21
C LEU AC 152 5.87 183.33 65.45
N ALA AC 153 4.99 182.35 65.27
CA ALA AC 153 4.46 181.61 66.41
C ALA AC 153 4.14 180.17 66.05
N ASP AC 154 4.06 179.32 67.08
CA ASP AC 154 3.43 178.03 66.95
C ASP AC 154 1.92 178.22 67.02
N THR AC 155 1.25 178.12 65.86
CA THR AC 155 -0.20 178.25 65.77
C THR AC 155 -0.94 176.91 65.89
N SER AC 156 -0.24 175.81 66.18
CA SER AC 156 -0.87 174.53 66.49
C SER AC 156 -1.56 174.56 67.87
N GLY AC 157 -2.51 173.65 68.09
CA GLY AC 157 -3.20 173.52 69.36
C GLY AC 157 -2.25 173.25 70.53
N ALA BC 2 -13.39 185.74 40.16
CA ALA BC 2 -11.94 185.95 39.86
C ALA BC 2 -11.31 184.66 39.34
N THR BC 3 -10.41 184.80 38.36
CA THR BC 3 -9.77 183.71 37.63
C THR BC 3 -8.74 182.99 38.50
N SER BC 4 -8.83 181.65 38.60
CA SER BC 4 -7.86 180.85 39.35
C SER BC 4 -6.48 180.90 38.70
N PRO BC 5 -5.37 181.01 39.46
CA PRO BC 5 -4.04 180.96 38.86
C PRO BC 5 -3.79 179.60 38.20
N GLU BC 6 -2.95 179.62 37.17
CA GLU BC 6 -2.72 178.43 36.37
C GLU BC 6 -1.31 178.43 35.78
N GLY BC 7 -0.76 177.24 35.52
CA GLY BC 7 0.52 177.16 34.85
C GLY BC 7 0.45 177.68 33.41
N ILE BC 8 1.60 178.15 32.91
CA ILE BC 8 1.71 178.50 31.50
C ILE BC 8 2.88 177.72 30.91
N TRP BC 9 2.68 177.24 29.69
CA TRP BC 9 3.63 176.41 28.98
C TRP BC 9 4.31 177.23 27.88
N SER BC 10 5.65 177.29 27.89
CA SER BC 10 6.37 178.28 27.12
C SER BC 10 6.09 178.14 25.64
N ASN BC 11 6.00 176.89 25.15
CA ASN BC 11 5.85 176.63 23.73
C ASN BC 11 4.47 177.00 23.19
N SER BC 12 3.55 177.48 24.05
CA SER BC 12 2.28 178.07 23.61
C SER BC 12 2.39 179.57 23.32
N GLY BC 13 3.60 180.15 23.38
CA GLY BC 13 3.87 181.55 23.06
C GLY BC 13 3.48 181.95 21.64
N ALA BC 14 3.30 183.26 21.45
CA ALA BC 14 2.91 183.84 20.16
C ALA BC 14 3.37 185.31 20.11
N LEU BC 15 4.68 185.51 20.30
CA LEU BC 15 5.28 186.84 20.25
C LEU BC 15 5.14 187.45 18.85
N THR BC 16 4.86 188.76 18.79
CA THR BC 16 4.84 189.54 17.56
C THR BC 16 5.39 190.96 17.82
N PHE BC 17 5.99 191.55 16.78
CA PHE BC 17 6.47 192.93 16.81
C PHE BC 17 5.72 193.77 15.79
N GLU BC 18 5.45 195.02 16.15
CA GLU BC 18 4.75 195.95 15.29
C GLU BC 18 5.48 197.28 15.22
N ASP BC 19 5.46 197.90 14.05
CA ASP BC 19 5.92 199.28 13.89
C ASP BC 19 4.89 200.24 14.47
N PRO BC 20 5.22 201.06 15.51
CA PRO BC 20 4.27 201.99 16.09
C PRO BC 20 3.80 203.11 15.16
N ALA BC 21 4.37 203.24 13.96
CA ALA BC 21 3.85 204.13 12.92
C ALA BC 21 2.56 203.59 12.27
N ASP BC 22 2.40 202.26 12.21
CA ASP BC 22 1.41 201.60 11.36
C ASP BC 22 0.53 200.61 12.12
N ASP BC 23 1.05 200.06 13.22
CA ASP BC 23 0.64 198.79 13.79
C ASP BC 23 0.76 197.64 12.76
N SER BC 24 1.64 197.79 11.75
CA SER BC 24 1.99 196.72 10.82
C SER BC 24 3.00 195.76 11.45
N GLU BC 25 2.87 194.46 11.17
CA GLU BC 25 3.76 193.44 11.71
C GLU BC 25 5.16 193.56 11.09
N ILE BC 26 6.19 193.41 11.93
CA ILE BC 26 7.55 193.16 11.49
C ILE BC 26 7.80 191.68 11.66
N LEU BC 27 8.14 190.96 10.59
CA LEU BC 27 8.21 189.51 10.62
C LEU BC 27 9.32 189.06 11.57
N PHE BC 28 8.93 188.26 12.58
CA PHE BC 28 9.83 187.76 13.59
C PHE BC 28 9.27 186.45 14.11
N ALA BC 29 10.16 185.45 14.28
CA ALA BC 29 9.73 184.11 14.57
C ALA BC 29 10.84 183.30 15.23
N GLY BC 30 10.48 182.09 15.67
CA GLY BC 30 11.46 181.11 16.14
C GLY BC 30 12.11 181.50 17.46
N VAL BC 31 11.35 182.13 18.36
CA VAL BC 31 11.82 182.33 19.71
C VAL BC 31 12.05 181.00 20.43
N ARG BC 32 12.84 181.07 21.51
CA ARG BC 32 13.16 179.93 22.35
C ARG BC 32 12.98 180.33 23.82
N ASP BC 33 13.56 181.47 24.22
CA ASP BC 33 13.28 182.05 25.52
C ASP BC 33 12.70 183.46 25.37
N VAL BC 34 11.77 183.83 26.26
CA VAL BC 34 11.14 185.15 26.26
C VAL BC 34 10.88 185.59 27.69
N THR BC 35 11.54 186.65 28.14
CA THR BC 35 11.33 187.21 29.46
C THR BC 35 10.87 188.66 29.35
N ILE BC 36 9.75 189.00 30.00
CA ILE BC 36 9.23 190.36 30.06
C ILE BC 36 9.00 190.73 31.53
N THR BC 37 9.45 191.92 31.92
CA THR BC 37 9.48 192.28 33.35
C THR BC 37 9.37 193.79 33.52
N PRO BC 38 8.15 194.33 33.74
CA PRO BC 38 7.99 195.69 34.24
C PRO BC 38 8.68 195.84 35.60
N ALA BC 39 9.43 196.93 35.73
CA ALA BC 39 10.22 197.23 36.92
C ALA BC 39 10.15 198.71 37.26
N TYR BC 40 10.37 199.02 38.53
CA TYR BC 40 10.59 200.39 38.97
C TYR BC 40 11.78 200.40 39.92
N GLU BC 41 12.54 201.50 39.90
CA GLU BC 41 13.44 201.74 41.02
C GLU BC 41 12.62 201.99 42.27
N HIS BC 42 13.02 201.41 43.41
CA HIS BC 42 12.39 201.67 44.71
C HIS BC 42 13.33 202.46 45.62
N ALA BC 43 12.81 203.53 46.24
CA ALA BC 43 13.53 204.25 47.29
C ALA BC 43 12.83 204.06 48.63
N GLU BC 44 13.59 203.60 49.64
CA GLU BC 44 13.08 203.42 51.00
C GLU BC 44 13.60 204.56 51.88
N LEU BC 45 12.73 205.06 52.77
CA LEU BC 45 13.10 206.09 53.73
C LEU BC 45 13.29 205.50 55.14
N TYR BC 46 14.43 205.82 55.77
CA TYR BC 46 14.69 205.53 57.17
C TYR BC 46 15.31 206.75 57.86
N THR BC 47 14.92 206.95 59.13
CA THR BC 47 15.36 208.09 59.94
C THR BC 47 15.65 207.66 61.37
N ILE BC 48 16.33 208.51 62.15
CA ILE BC 48 16.73 208.14 63.51
C ILE BC 48 15.53 207.85 64.43
N ASP BC 49 14.32 208.24 64.02
CA ASP BC 49 13.08 207.91 64.74
C ASP BC 49 12.91 206.40 64.93
N SER BC 50 13.29 205.59 63.93
CA SER BC 50 12.94 204.18 63.90
C SER BC 50 13.95 203.32 63.11
N THR BC 51 14.06 202.05 63.49
CA THR BC 51 14.78 201.09 62.67
C THR BC 51 13.90 200.55 61.54
N PHE BC 52 12.58 200.74 61.64
CA PHE BC 52 11.66 200.32 60.59
C PHE BC 52 11.53 201.39 59.49
N ARG BC 53 11.12 200.91 58.32
CA ARG BC 53 10.93 201.75 57.14
C ARG BC 53 9.81 202.74 57.39
N ASP BC 54 10.11 204.03 57.12
CA ASP BC 54 9.12 205.11 57.21
C ASP BC 54 8.18 205.07 56.02
N GLU BC 55 8.74 205.01 54.80
CA GLU BC 55 8.00 204.96 53.54
C GLU BC 55 8.80 204.29 52.42
N VAL BC 56 8.11 203.86 51.35
CA VAL BC 56 8.74 203.36 50.14
C VAL BC 56 8.02 203.87 48.89
N LYS BC 57 8.78 204.16 47.82
CA LYS BC 57 8.25 204.82 46.62
C LYS BC 57 8.88 204.30 45.34
N ARG BC 58 8.12 204.30 44.23
CA ARG BC 58 8.55 203.97 42.87
C ARG BC 58 9.07 205.21 42.12
N TYR BC 59 10.05 205.04 41.20
CA TYR BC 59 10.39 206.11 40.27
C TYR BC 59 10.66 205.61 38.87
N GLU BC 60 11.92 205.50 38.42
CA GLU BC 60 12.24 205.16 37.03
C GLU BC 60 11.58 203.84 36.63
N HIS BC 61 10.58 203.91 35.75
CA HIS BC 61 9.92 202.73 35.22
C HIS BC 61 10.54 202.35 33.88
N ASN BC 62 10.69 201.04 33.67
CA ASN BC 62 10.95 200.47 32.36
C ASN BC 62 10.46 199.02 32.35
N VAL BC 63 10.32 198.46 31.16
CA VAL BC 63 9.98 197.07 31.02
C VAL BC 63 11.20 196.36 30.45
N ASN BC 64 11.85 195.50 31.24
CA ASN BC 64 12.95 194.69 30.74
C ASN BC 64 12.39 193.62 29.82
N VAL BC 65 12.87 193.62 28.58
CA VAL BC 65 12.56 192.61 27.58
C VAL BC 65 13.85 191.91 27.22
N GLU BC 66 13.88 190.59 27.34
CA GLU BC 66 14.94 189.81 26.72
C GLU BC 66 14.37 188.59 26.03
N ILE BC 67 14.90 188.31 24.84
CA ILE BC 67 14.37 187.31 23.93
C ILE BC 67 15.56 186.55 23.37
N THR BC 68 15.45 185.23 23.28
CA THR BC 68 16.44 184.42 22.58
C THR BC 68 15.73 183.66 21.46
N TYR BC 69 16.27 183.70 20.24
CA TYR BC 69 15.59 183.20 19.06
C TYR BC 69 16.58 182.61 18.04
N ALA BC 70 16.08 181.76 17.13
CA ALA BC 70 16.94 180.97 16.28
C ALA BC 70 16.65 181.13 14.78
N LYS BC 71 15.50 181.72 14.41
CA LYS BC 71 15.23 182.06 13.02
C LYS BC 71 15.59 183.53 12.81
N PHE BC 72 16.54 183.80 11.92
CA PHE BC 72 16.94 185.17 11.67
C PHE BC 72 15.91 185.88 10.80
N SER BC 73 15.65 187.16 11.11
CA SER BC 73 14.80 188.02 10.30
C SER BC 73 15.61 189.19 9.73
N LEU BC 74 15.65 189.33 8.40
CA LEU BC 74 16.26 190.52 7.81
C LEU BC 74 15.43 191.75 8.12
N GLU BC 75 14.10 191.67 8.04
CA GLU BC 75 13.25 192.83 8.23
C GLU BC 75 13.48 193.46 9.59
N PHE BC 76 13.47 192.66 10.66
CA PHE BC 76 13.72 193.12 12.00
C PHE BC 76 15.07 193.82 12.14
N ALA BC 77 16.11 193.24 11.54
CA ALA BC 77 17.45 193.79 11.62
C ALA BC 77 17.58 195.09 10.82
N GLN BC 78 17.08 195.12 9.58
CA GLN BC 78 17.16 196.30 8.73
C GLN BC 78 16.31 197.45 9.26
N GLU BC 79 15.20 197.16 9.96
CA GLU BC 79 14.45 198.15 10.72
C GLU BC 79 15.33 198.75 11.83
N TRP BC 80 16.00 197.90 12.61
CA TRP BC 80 16.83 198.37 13.70
C TRP BC 80 18.01 199.23 13.22
N LEU BC 81 18.59 198.88 12.06
CA LEU BC 81 19.59 199.70 11.42
C LEU BC 81 19.02 201.05 10.95
N GLY BC 82 17.80 201.04 10.40
CA GLY BC 82 17.19 202.23 9.83
C GLY BC 82 16.74 203.27 10.84
N GLY BC 83 16.40 202.86 12.08
CA GLY BC 83 15.77 203.73 13.06
C GLY BC 83 14.27 203.89 12.77
N PRO BC 84 13.54 204.73 13.54
CA PRO BC 84 12.09 204.86 13.41
C PRO BC 84 11.63 205.24 12.00
N GLY BC 85 10.57 204.52 11.56
CA GLY BC 85 9.86 204.77 10.32
C GLY BC 85 10.69 204.54 9.05
N ALA BC 86 11.82 203.83 9.16
CA ALA BC 86 12.76 203.66 8.04
C ALA BC 86 13.43 202.29 8.07
N THR BC 87 14.04 201.91 6.93
CA THR BC 87 14.79 200.66 6.79
C THR BC 87 16.15 200.96 6.15
N ALA BC 88 17.22 200.32 6.65
CA ALA BC 88 18.55 200.54 6.10
C ALA BC 88 19.36 199.25 6.01
N THR BC 89 20.18 199.16 4.94
CA THR BC 89 21.07 198.01 4.72
C THR BC 89 22.48 198.24 5.25
N ALA BC 90 22.68 199.33 6.04
CA ALA BC 90 23.93 199.68 6.70
C ALA BC 90 23.63 200.57 7.89
N SER BC 91 24.59 200.65 8.82
CA SER BC 91 24.48 201.48 10.01
C SER BC 91 24.17 202.93 9.64
N GLN BC 92 23.25 203.58 10.38
CA GLN BC 92 22.92 204.98 10.16
C GLN BC 92 23.54 205.85 11.25
N ASP BC 93 24.12 206.99 10.84
CA ASP BC 93 24.71 207.95 11.76
C ASP BC 93 23.62 208.92 12.24
N ASP BC 94 22.71 208.42 13.10
CA ASP BC 94 21.66 209.24 13.69
C ASP BC 94 21.27 208.76 15.08
N SER BC 95 20.60 209.67 15.82
CA SER BC 95 20.42 209.54 17.25
C SER BC 95 19.13 208.80 17.64
N ASP BC 96 18.17 208.64 16.72
CA ASP BC 96 16.90 207.99 17.02
C ASP BC 96 17.00 206.46 17.01
N PRO BC 97 16.81 205.76 18.14
CA PRO BC 97 16.79 204.29 18.13
C PRO BC 97 15.45 203.80 17.60
N MET BC 98 15.49 202.66 16.92
CA MET BC 98 14.28 202.01 16.44
C MET BC 98 13.42 201.53 17.61
N LYS BC 99 12.14 201.94 17.63
CA LYS BC 99 11.19 201.58 18.68
C LYS BC 99 10.19 200.56 18.14
N PHE BC 100 10.06 199.43 18.83
CA PHE BC 100 9.14 198.37 18.47
C PHE BC 100 8.00 198.27 19.50
N ASN BC 101 6.75 198.16 19.03
CA ASN BC 101 5.70 197.68 19.91
C ASN BC 101 5.72 196.16 19.91
N LEU BC 102 5.44 195.56 21.06
CA LEU BC 102 5.65 194.13 21.26
C LEU BC 102 4.42 193.54 21.95
N GLU BC 103 4.00 192.35 21.54
CA GLU BC 103 2.87 191.68 22.14
C GLU BC 103 3.10 190.17 22.19
N ASN BC 104 2.70 189.51 23.29
CA ASN BC 104 2.78 188.07 23.42
C ASN BC 104 1.46 187.53 23.97
N VAL BC 105 0.98 186.42 23.39
CA VAL BC 105 -0.37 185.92 23.62
C VAL BC 105 -0.28 184.42 23.92
N THR BC 106 -0.38 184.06 25.20
CA THR BC 106 -0.23 182.68 25.66
C THR BC 106 -1.53 182.19 26.28
N PRO BC 107 -2.13 181.10 25.74
CA PRO BC 107 -3.07 180.29 26.51
C PRO BC 107 -2.42 179.78 27.80
N SER BC 108 -3.18 179.76 28.89
CA SER BC 108 -2.78 179.03 30.09
C SER BC 108 -2.85 177.52 29.85
N ALA BC 109 -2.19 176.72 30.70
CA ALA BC 109 -1.92 175.31 30.41
C ALA BC 109 -3.19 174.44 30.31
N SER BC 110 -4.23 174.72 31.13
CA SER BC 110 -5.54 174.06 31.05
C SER BC 110 -6.59 174.92 30.34
N GLY BC 111 -6.16 176.01 29.68
CA GLY BC 111 -7.07 176.88 28.94
C GLY BC 111 -7.98 177.74 29.81
N GLY BC 112 -7.68 177.89 31.10
CA GLY BC 112 -8.45 178.74 32.01
C GLY BC 112 -8.53 180.21 31.57
N PHE BC 113 -7.46 180.72 30.92
CA PHE BC 113 -7.43 182.09 30.41
C PHE BC 113 -6.41 182.22 29.27
N GLU BC 114 -6.54 183.28 28.47
CA GLU BC 114 -5.54 183.58 27.45
C GLU BC 114 -4.80 184.86 27.85
N ARG BC 115 -3.64 184.70 28.47
CA ARG BC 115 -2.87 185.84 28.96
C ARG BC 115 -2.22 186.56 27.79
N THR BC 116 -2.60 187.82 27.57
CA THR BC 116 -1.94 188.72 26.64
C THR BC 116 -1.11 189.74 27.41
N THR BC 117 0.16 189.91 27.03
CA THR BC 117 1.00 191.00 27.51
C THR BC 117 1.40 191.87 26.32
N ALA BC 118 1.23 193.21 26.42
CA ALA BC 118 1.68 194.14 25.40
C ALA BC 118 2.57 195.23 25.99
N VAL BC 119 3.62 195.63 25.25
CA VAL BC 119 4.63 196.56 25.72
C VAL BC 119 4.90 197.58 24.62
N GLU BC 120 4.91 198.88 24.97
CA GLU BC 120 5.19 199.94 24.01
C GLU BC 120 6.67 200.31 23.95
N ASN BC 121 7.13 200.73 22.77
CA ASN BC 121 8.39 201.43 22.59
C ASN BC 121 9.58 200.67 23.19
N VAL BC 122 9.67 199.37 22.91
CA VAL BC 122 10.85 198.59 23.23
C VAL BC 122 11.98 199.01 22.30
N VAL BC 123 13.16 199.30 22.87
CA VAL BC 123 14.36 199.57 22.11
C VAL BC 123 15.46 198.61 22.53
N PHE BC 124 16.29 198.20 21.55
CA PHE BC 124 17.41 197.32 21.85
C PHE BC 124 18.73 198.06 21.63
N PRO BC 125 19.60 198.23 22.65
CA PRO BC 125 20.89 198.88 22.49
C PRO BC 125 21.84 198.18 21.53
N GLU BC 126 21.72 196.86 21.41
CA GLU BC 126 22.57 196.10 20.50
C GLU BC 126 21.79 194.97 19.83
N LEU BC 127 22.24 194.61 18.63
CA LEU BC 127 21.57 193.63 17.80
C LEU BC 127 22.61 192.64 17.28
N PRO BC 128 22.60 191.37 17.74
CA PRO BC 128 23.53 190.39 17.21
C PRO BC 128 23.06 190.01 15.81
N LEU BC 129 23.87 190.36 14.83
CA LEU BC 129 23.57 190.01 13.44
C LEU BC 129 23.97 188.57 13.17
N ASP BC 130 25.19 188.22 13.58
CA ASP BC 130 25.74 186.88 13.41
C ASP BC 130 26.11 186.33 14.78
N SER BC 131 25.79 185.04 14.99
CA SER BC 131 26.00 184.38 16.27
C SER BC 131 26.31 182.90 16.03
N ALA BC 132 27.31 182.67 15.17
CA ALA BC 132 27.68 181.33 14.73
C ALA BC 132 28.50 180.64 15.80
N THR BC 133 28.23 179.34 15.96
CA THR BC 133 28.99 178.44 16.81
C THR BC 133 29.14 177.11 16.09
N TYR BC 134 30.31 176.47 16.19
CA TYR BC 134 30.57 175.25 15.45
C TYR BC 134 29.55 174.15 15.75
N GLY BC 135 28.88 173.64 14.70
CA GLY BC 135 27.92 172.55 14.83
C GLY BC 135 26.64 172.92 15.57
N GLU BC 136 26.25 174.19 15.53
CA GLU BC 136 24.98 174.65 16.07
C GLU BC 136 24.31 175.65 15.13
N TYR BC 137 22.97 175.75 15.25
CA TYR BC 137 22.27 176.80 14.56
C TYR BC 137 22.62 178.12 15.22
N GLU BC 138 22.67 179.21 14.45
CA GLU BC 138 22.95 180.50 15.07
C GLU BC 138 21.82 180.82 16.04
N GLU BC 139 22.17 181.27 17.25
CA GLU BC 139 21.17 181.59 18.26
C GLU BC 139 21.46 182.98 18.83
N TYR BC 140 20.43 183.84 18.82
CA TYR BC 140 20.60 185.27 19.02
C TYR BC 140 19.89 185.70 20.30
N SER BC 141 20.56 186.53 21.13
CA SER BC 141 19.94 187.09 22.32
C SER BC 141 19.77 188.60 22.21
N LEU BC 142 18.53 189.07 22.40
CA LEU BC 142 18.16 190.48 22.45
C LEU BC 142 17.90 190.89 23.88
N THR BC 143 18.44 192.04 24.28
CA THR BC 143 18.14 192.67 25.57
C THR BC 143 17.72 194.12 25.28
N GLY BC 144 16.63 194.58 25.92
CA GLY BC 144 16.11 195.91 25.63
C GLY BC 144 15.09 196.40 26.65
N SER BC 145 14.74 197.70 26.54
CA SER BC 145 13.85 198.37 27.49
C SER BC 145 12.61 198.93 26.82
N GLY BC 146 11.44 198.39 27.17
CA GLY BC 146 10.16 199.00 26.84
C GLY BC 146 9.84 200.16 27.78
N ARG BC 147 8.97 201.08 27.32
CA ARG BC 147 8.58 202.25 28.11
C ARG BC 147 7.56 201.85 29.18
N SER BC 148 6.54 201.08 28.78
CA SER BC 148 5.47 200.69 29.68
C SER BC 148 4.69 199.49 29.14
N VAL BC 149 3.94 198.81 30.02
CA VAL BC 149 3.00 197.77 29.64
C VAL BC 149 1.68 198.42 29.25
N THR BC 150 1.27 198.27 27.99
CA THR BC 150 0.05 198.90 27.50
C THR BC 150 -1.19 198.02 27.69
N ASN BC 151 -1.01 196.70 27.77
CA ASN BC 151 -2.09 195.76 28.05
C ASN BC 151 -1.56 194.57 28.84
N LEU BC 152 -2.30 194.16 29.87
CA LEU BC 152 -2.16 192.85 30.50
C LEU BC 152 -3.54 192.36 30.91
N ALA BC 153 -4.07 191.38 30.15
CA ALA BC 153 -5.43 190.92 30.38
C ALA BC 153 -5.61 189.47 29.93
N ASP BC 154 -6.70 188.86 30.41
CA ASP BC 154 -7.26 187.66 29.80
C ASP BC 154 -8.05 188.10 28.56
N THR BC 155 -7.56 187.71 27.37
CA THR BC 155 -8.19 188.02 26.10
C THR BC 155 -9.03 186.86 25.56
N SER BC 156 -9.26 185.80 26.34
CA SER BC 156 -10.14 184.72 25.93
C SER BC 156 -11.60 185.18 25.84
N GLY BC 157 -12.39 184.49 24.98
CA GLY BC 157 -13.75 184.89 24.64
C GLY BC 157 -14.70 184.75 25.82
N ALA CC 2 73.81 172.90 34.95
CA ALA CC 2 72.89 172.85 36.13
C ALA CC 2 72.03 171.57 36.08
N THR CC 3 71.31 171.32 37.17
CA THR CC 3 70.46 170.14 37.34
C THR CC 3 69.24 170.21 36.43
N SER CC 4 68.95 169.09 35.72
CA SER CC 4 67.85 168.99 34.76
C SER CC 4 66.51 169.22 35.43
N PRO CC 5 65.52 169.91 34.78
CA PRO CC 5 64.20 170.06 35.37
C PRO CC 5 63.54 168.68 35.51
N GLU CC 6 62.68 168.54 36.52
CA GLU CC 6 62.07 167.24 36.79
C GLU CC 6 60.69 167.43 37.40
N GLY CC 7 59.80 166.45 37.17
CA GLY CC 7 58.49 166.50 37.79
C GLY CC 7 58.57 166.37 39.32
N ILE CC 8 57.54 166.88 40.00
CA ILE CC 8 57.46 166.74 41.45
C ILE CC 8 56.08 166.21 41.82
N TRP CC 9 56.08 165.29 42.79
CA TRP CC 9 54.86 164.62 43.22
C TRP CC 9 54.42 165.18 44.56
N SER CC 10 53.14 165.64 44.65
CA SER CC 10 52.70 166.39 45.81
C SER CC 10 52.86 165.61 47.10
N ASN CC 11 52.49 164.33 47.08
CA ASN CC 11 52.40 163.54 48.29
C ASN CC 11 53.79 163.23 48.88
N SER CC 12 54.87 163.47 48.13
CA SER CC 12 56.21 163.30 48.68
C SER CC 12 56.64 164.47 49.55
N GLY CC 13 55.85 165.54 49.63
CA GLY CC 13 56.18 166.75 50.36
C GLY CC 13 56.06 166.59 51.88
N ALA CC 14 57.12 166.99 52.60
CA ALA CC 14 57.12 167.09 54.05
C ALA CC 14 57.17 168.56 54.47
N LEU CC 15 56.12 169.02 55.18
CA LEU CC 15 56.00 170.38 55.67
C LEU CC 15 56.23 170.44 57.18
N THR CC 16 56.97 171.47 57.65
CA THR CC 16 57.17 171.73 59.06
C THR CC 16 57.03 173.22 59.35
N PHE CC 17 56.53 173.55 60.55
CA PHE CC 17 56.50 174.91 61.06
C PHE CC 17 57.42 175.01 62.29
N GLU CC 18 58.07 176.15 62.44
CA GLU CC 18 58.92 176.41 63.60
C GLU CC 18 58.58 177.77 64.22
N ASP CC 19 58.73 177.85 65.54
CA ASP CC 19 58.71 179.11 66.25
C ASP CC 19 60.00 179.88 65.95
N PRO CC 20 59.97 181.07 65.32
CA PRO CC 20 61.17 181.82 64.97
C PRO CC 20 61.94 182.36 66.18
N ALA CC 21 61.37 182.29 67.39
CA ALA CC 21 62.09 182.63 68.61
C ALA CC 21 63.08 181.54 69.02
N ASP CC 22 62.75 180.26 68.75
CA ASP CC 22 63.49 179.11 69.29
C ASP CC 22 64.00 178.14 68.22
N ASP CC 23 63.49 178.24 67.00
CA ASP CC 23 63.62 177.23 65.95
C ASP CC 23 63.02 175.87 66.36
N SER CC 24 62.26 175.82 67.48
CA SER CC 24 61.55 174.62 67.89
C SER CC 24 60.39 174.31 66.94
N GLU CC 25 60.12 173.02 66.72
CA GLU CC 25 59.01 172.61 65.86
C GLU CC 25 57.67 172.85 66.55
N ILE CC 26 56.70 173.37 65.79
CA ILE CC 26 55.31 173.47 66.19
C ILE CC 26 54.56 172.31 65.54
N LEU CC 27 53.91 171.47 66.34
CA LEU CC 27 53.32 170.25 65.82
C LEU CC 27 52.21 170.56 64.83
N PHE CC 28 52.39 170.07 63.60
CA PHE CC 28 51.45 170.28 62.51
C PHE CC 28 51.55 169.10 61.56
N ALA CC 29 50.40 168.75 60.93
CA ALA CC 29 50.30 167.47 60.23
C ALA CC 29 49.20 167.48 59.16
N GLY CC 30 49.25 166.53 58.22
CA GLY CC 30 48.06 166.12 57.49
C GLY CC 30 47.61 167.15 56.44
N VAL CC 31 48.57 167.78 55.76
CA VAL CC 31 48.22 168.66 54.64
C VAL CC 31 47.60 167.87 53.50
N ARG CC 32 46.88 168.59 52.64
CA ARG CC 32 46.32 168.08 51.41
C ARG CC 32 46.69 168.99 50.24
N ASP CC 33 46.84 170.29 50.50
CA ASP CC 33 47.39 171.21 49.51
C ASP CC 33 48.36 172.19 50.17
N VAL CC 34 49.39 172.57 49.39
CA VAL CC 34 50.37 173.54 49.82
C VAL CC 34 50.74 174.39 48.60
N THR CC 35 50.40 175.68 48.65
CA THR CC 35 50.91 176.65 47.68
C THR CC 35 51.86 177.61 48.39
N ILE CC 36 53.07 177.77 47.86
CA ILE CC 36 54.00 178.82 48.30
C ILE CC 36 54.39 179.63 47.08
N THR CC 37 54.10 180.93 47.11
CA THR CC 37 54.32 181.82 45.97
C THR CC 37 54.99 183.10 46.44
N PRO CC 38 56.32 183.26 46.29
CA PRO CC 38 56.93 184.58 46.35
C PRO CC 38 56.37 185.44 45.24
N ALA CC 39 56.13 186.71 45.57
CA ALA CC 39 55.58 187.68 44.64
C ALA CC 39 56.18 189.06 44.90
N TYR CC 40 56.21 189.89 43.86
CA TYR CC 40 56.50 191.29 44.01
C TYR CC 40 55.47 192.10 43.23
N GLU CC 41 55.05 193.22 43.80
CA GLU CC 41 54.37 194.22 42.99
C GLU CC 41 55.33 194.78 41.94
N HIS CC 42 54.83 194.99 40.71
CA HIS CC 42 55.61 195.57 39.63
C HIS CC 42 55.00 196.91 39.20
N ALA CC 43 55.86 197.83 38.78
CA ALA CC 43 55.44 199.07 38.13
C ALA CC 43 56.19 199.23 36.81
N GLU CC 44 55.43 199.53 35.76
CA GLU CC 44 55.93 199.67 34.38
C GLU CC 44 55.84 201.13 33.97
N LEU CC 45 56.92 201.67 33.39
CA LEU CC 45 56.96 203.06 32.95
C LEU CC 45 56.61 203.17 31.47
N TYR CC 46 55.68 204.09 31.17
CA TYR CC 46 55.38 204.45 29.79
C TYR CC 46 55.24 205.97 29.66
N THR CC 47 55.70 206.48 28.50
CA THR CC 47 55.70 207.89 28.17
C THR CC 47 55.37 208.07 26.69
N ILE CC 48 55.13 209.30 26.22
CA ILE CC 48 54.75 209.48 24.82
C ILE CC 48 55.90 209.14 23.85
N ASP CC 49 57.13 208.95 24.36
CA ASP CC 49 58.29 208.66 23.54
C ASP CC 49 58.10 207.37 22.74
N SER CC 50 57.32 206.42 23.28
CA SER CC 50 57.18 205.08 22.72
C SER CC 50 55.91 204.40 23.20
N THR CC 51 55.37 203.49 22.38
CA THR CC 51 54.33 202.58 22.84
C THR CC 51 54.89 201.46 23.69
N PHE CC 52 56.19 201.15 23.51
CA PHE CC 52 56.88 200.12 24.28
C PHE CC 52 57.22 200.63 25.68
N ARG CC 53 57.33 199.67 26.59
CA ARG CC 53 57.73 199.90 27.97
C ARG CC 53 59.12 200.50 28.02
N ASP CC 54 59.28 201.57 28.82
CA ASP CC 54 60.58 202.20 29.07
C ASP CC 54 61.34 201.39 30.13
N GLU CC 55 60.66 201.06 31.24
CA GLU CC 55 61.26 200.40 32.40
C GLU CC 55 60.24 199.51 33.13
N VAL CC 56 60.74 198.57 33.94
CA VAL CC 56 59.93 197.87 34.93
C VAL CC 56 60.75 197.66 36.20
N LYS CC 57 60.07 197.74 37.35
CA LYS CC 57 60.73 197.68 38.66
C LYS CC 57 59.86 196.93 39.67
N ARG CC 58 60.50 196.25 40.64
CA ARG CC 58 59.83 195.54 41.74
C ARG CC 58 59.72 196.42 42.99
N TYR CC 59 58.64 196.23 43.77
CA TYR CC 59 58.56 196.80 45.11
C TYR CC 59 58.02 195.80 46.14
N GLU CC 60 56.75 195.89 46.55
CA GLU CC 60 56.27 195.16 47.71
C GLU CC 60 56.48 193.65 47.54
N HIS CC 61 57.38 193.09 48.36
CA HIS CC 61 57.66 191.67 48.33
C HIS CC 61 56.90 190.99 49.47
N ASN CC 62 56.26 189.87 49.14
CA ASN CC 62 55.66 188.99 50.12
C ASN CC 62 55.71 187.56 49.57
N VAL CC 63 55.57 186.58 50.46
CA VAL CC 63 55.38 185.21 50.02
C VAL CC 63 53.97 184.79 50.39
N ASN CC 64 53.11 184.57 49.41
CA ASN CC 64 51.80 184.01 49.67
C ASN CC 64 51.94 182.55 50.02
N VAL CC 65 51.51 182.17 51.22
CA VAL CC 65 51.40 180.80 51.66
C VAL CC 65 49.93 180.47 51.84
N GLU CC 66 49.44 179.45 51.14
CA GLU CC 66 48.14 178.90 51.47
C GLU CC 66 48.19 177.38 51.55
N ILE CC 67 47.57 176.87 52.61
CA ILE CC 67 47.67 175.48 53.00
C ILE CC 67 46.27 174.97 53.31
N THR CC 68 45.93 173.80 52.76
CA THR CC 68 44.72 173.10 53.15
C THR CC 68 45.12 171.81 53.85
N TYR CC 69 44.55 171.55 55.03
CA TYR CC 69 44.99 170.44 55.85
C TYR CC 69 43.81 169.83 56.62
N ALA CC 70 43.95 168.58 57.09
CA ALA CC 70 42.81 167.83 57.60
C ALA CC 70 43.02 167.23 59.01
N LYS CC 71 44.22 167.38 59.58
CA LYS CC 71 44.47 167.03 60.97
C LYS CC 71 44.57 168.30 61.79
N PHE CC 72 43.72 168.43 62.81
CA PHE CC 72 43.73 169.62 63.65
C PHE CC 72 44.89 169.55 64.64
N SER CC 73 45.58 170.70 64.83
CA SER CC 73 46.61 170.84 65.84
C SER CC 73 46.19 171.90 66.85
N LEU CC 74 46.06 171.50 68.13
CA LEU CC 74 45.85 172.46 69.20
C LEU CC 74 47.04 173.40 69.33
N GLU CC 75 48.26 172.88 69.14
CA GLU CC 75 49.45 173.65 69.37
C GLU CC 75 49.54 174.82 68.40
N PHE CC 76 49.35 174.57 67.11
CA PHE CC 76 49.35 175.62 66.11
C PHE CC 76 48.27 176.67 66.38
N ALA CC 77 47.08 176.25 66.79
CA ALA CC 77 45.97 177.15 67.11
C ALA CC 77 46.27 178.01 68.33
N GLN CC 78 46.76 177.40 69.41
CA GLN CC 78 47.09 178.11 70.63
C GLN CC 78 48.29 179.05 70.44
N GLU CC 79 49.27 178.70 69.59
CA GLU CC 79 50.33 179.64 69.20
C GLU CC 79 49.74 180.83 68.45
N TRP CC 80 48.84 180.61 67.50
CA TRP CC 80 48.26 181.69 66.71
C TRP CC 80 47.42 182.64 67.56
N LEU CC 81 46.67 182.11 68.54
CA LEU CC 81 45.97 182.93 69.51
C LEU CC 81 46.95 183.71 70.38
N GLY CC 82 48.00 183.03 70.85
CA GLY CC 82 48.98 183.60 71.76
C GLY CC 82 49.78 184.77 71.19
N GLY CC 83 50.11 184.76 69.90
CA GLY CC 83 51.04 185.73 69.34
C GLY CC 83 52.49 185.38 69.68
N PRO CC 84 53.48 186.17 69.24
CA PRO CC 84 54.88 185.79 69.33
C PRO CC 84 55.32 185.41 70.74
N GLY CC 85 56.01 184.27 70.85
CA GLY CC 85 56.61 183.76 72.07
C GLY CC 85 55.63 183.41 73.18
N ALA CC 86 54.34 183.29 72.84
CA ALA CC 86 53.30 182.96 73.80
C ALA CC 86 52.32 181.93 73.24
N THR CC 87 51.59 181.29 74.15
CA THR CC 87 50.54 180.33 73.80
C THR CC 87 49.29 180.67 74.59
N ALA CC 88 48.10 180.54 73.98
CA ALA CC 88 46.87 181.00 74.62
C ALA CC 88 45.67 180.11 74.30
N THR CC 89 44.75 180.00 75.28
CA THR CC 89 43.53 179.19 75.17
C THR CC 89 42.28 180.02 74.87
N ALA CC 90 42.48 181.32 74.56
CA ALA CC 90 41.38 182.23 74.20
C ALA CC 90 41.96 183.41 73.43
N SER CC 91 41.10 184.22 72.80
CA SER CC 91 41.53 185.40 72.05
C SER CC 91 42.40 186.31 72.93
N GLN CC 92 43.52 186.80 72.38
CA GLN CC 92 44.35 187.78 73.08
C GLN CC 92 44.16 189.16 72.47
N ASP CC 93 43.99 190.16 73.34
CA ASP CC 93 43.77 191.54 72.93
C ASP CC 93 45.10 192.29 72.81
N ASP CC 94 45.88 191.99 71.75
CA ASP CC 94 47.08 192.76 71.42
C ASP CC 94 47.41 192.77 69.93
N SER CC 95 48.34 193.66 69.56
CA SER CC 95 48.61 194.02 68.16
C SER CC 95 49.55 193.08 67.41
N ASP CC 96 50.21 192.12 68.08
CA ASP CC 96 51.26 191.30 67.46
C ASP CC 96 50.76 189.94 66.97
N PRO CC 97 50.77 189.67 65.64
CA PRO CC 97 50.39 188.34 65.14
C PRO CC 97 51.55 187.37 65.36
N MET CC 98 51.21 186.10 65.64
CA MET CC 98 52.20 185.04 65.73
C MET CC 98 52.90 184.86 64.37
N LYS CC 99 54.20 185.13 64.32
CA LYS CC 99 55.00 184.85 63.12
C LYS CC 99 55.52 183.42 63.20
N PHE CC 100 55.43 182.69 62.09
CA PHE CC 100 55.92 181.32 62.00
C PHE CC 100 57.01 181.25 60.96
N ASN CC 101 58.05 180.46 61.20
CA ASN CC 101 58.92 180.02 60.12
C ASN CC 101 58.35 178.74 59.52
N LEU CC 102 58.55 178.56 58.22
CA LEU CC 102 57.98 177.46 57.48
C LEU CC 102 59.05 176.83 56.60
N GLU CC 103 59.02 175.50 56.49
CA GLU CC 103 59.88 174.79 55.56
C GLU CC 103 59.15 173.61 54.93
N ASN CC 104 59.29 173.45 53.61
CA ASN CC 104 58.74 172.33 52.87
C ASN CC 104 59.84 171.64 52.07
N VAL CC 105 59.91 170.30 52.17
CA VAL CC 105 60.94 169.52 51.52
C VAL CC 105 60.29 168.47 50.61
N THR CC 106 60.73 168.41 49.33
CA THR CC 106 60.15 167.51 48.33
C THR CC 106 61.26 166.92 47.47
N PRO CC 107 61.47 165.59 47.48
CA PRO CC 107 62.24 164.94 46.44
C PRO CC 107 61.57 165.16 45.08
N SER CC 108 62.38 165.30 44.02
CA SER CC 108 61.85 165.28 42.66
C SER CC 108 61.46 163.84 42.31
N ALA CC 109 60.61 163.67 41.28
CA ALA CC 109 59.88 162.42 41.10
C ALA CC 109 60.80 161.22 40.79
N SER CC 110 61.93 161.46 40.09
CA SER CC 110 62.91 160.42 39.78
C SER CC 110 64.17 160.48 40.67
N GLY CC 111 64.16 161.36 41.68
CA GLY CC 111 65.27 161.51 42.62
C GLY CC 111 66.40 162.43 42.18
N GLY CC 112 66.26 163.15 41.05
CA GLY CC 112 67.28 164.03 40.49
C GLY CC 112 67.75 165.14 41.43
N PHE CC 113 66.83 165.64 42.29
CA PHE CC 113 67.16 166.63 43.31
C PHE CC 113 66.18 166.51 44.49
N GLU CC 114 66.53 167.11 45.64
CA GLU CC 114 65.58 167.30 46.71
C GLU CC 114 65.40 168.80 46.91
N ARG CC 115 64.24 169.35 46.53
CA ARG CC 115 64.00 170.75 46.75
C ARG CC 115 63.66 170.98 48.22
N THR CC 116 64.39 171.90 48.87
CA THR CC 116 63.92 172.50 50.10
C THR CC 116 63.54 173.96 49.85
N THR CC 117 62.32 174.32 50.24
CA THR CC 117 61.84 175.70 50.29
C THR CC 117 61.68 176.12 51.74
N ALA CC 118 62.24 177.28 52.12
CA ALA CC 118 62.08 177.83 53.47
C ALA CC 118 61.64 179.30 53.41
N VAL CC 119 60.71 179.67 54.30
CA VAL CC 119 60.08 181.00 54.29
C VAL CC 119 60.10 181.55 55.72
N GLU CC 120 60.50 182.81 55.88
CA GLU CC 120 60.47 183.43 57.20
C GLU CC 120 59.16 184.17 57.48
N ASN CC 121 58.78 184.21 58.75
CA ASN CC 121 57.81 185.16 59.29
C ASN CC 121 56.46 185.16 58.54
N VAL CC 122 55.91 183.97 58.30
CA VAL CC 122 54.57 183.78 57.78
C VAL CC 122 53.55 184.15 58.85
N VAL CC 123 52.55 184.97 58.49
CA VAL CC 123 51.46 185.32 59.39
C VAL CC 123 50.13 185.07 58.68
N PHE CC 124 49.13 184.58 59.45
CA PHE CC 124 47.82 184.27 58.89
C PHE CC 124 46.80 185.25 59.47
N PRO CC 125 46.10 186.06 58.65
CA PRO CC 125 45.04 186.95 59.13
C PRO CC 125 43.94 186.23 59.89
N GLU CC 126 43.67 184.96 59.53
CA GLU CC 126 42.59 184.23 60.18
C GLU CC 126 42.90 182.76 60.32
N LEU CC 127 42.37 182.18 61.40
CA LEU CC 127 42.60 180.78 61.74
C LEU CC 127 41.26 180.06 61.76
N PRO CC 128 41.06 179.02 60.92
CA PRO CC 128 39.81 178.26 60.97
C PRO CC 128 39.88 177.28 62.15
N LEU CC 129 39.04 177.50 63.16
CA LEU CC 129 39.02 176.62 64.32
C LEU CC 129 38.15 175.40 64.03
N ASP CC 130 36.92 175.63 63.56
CA ASP CC 130 36.00 174.57 63.21
C ASP CC 130 35.68 174.69 61.73
N SER CC 131 35.53 173.54 61.06
CA SER CC 131 35.26 173.52 59.63
C SER CC 131 34.43 172.28 59.28
N ALA CC 132 33.31 172.12 60.02
CA ALA CC 132 32.43 170.97 59.87
C ALA CC 132 31.61 171.03 58.60
N THR CC 133 31.49 169.89 57.94
CA THR CC 133 30.60 169.67 56.82
C THR CC 133 29.97 168.29 56.99
N TYR CC 134 28.67 168.16 56.74
CA TYR CC 134 27.98 166.90 56.99
C TYR CC 134 28.62 165.76 56.18
N GLY CC 135 29.02 164.70 56.89
CA GLY CC 135 29.58 163.52 56.25
C GLY CC 135 30.96 163.70 55.67
N GLU CC 136 31.72 164.67 56.21
CA GLU CC 136 33.12 164.84 55.83
C GLU CC 136 34.00 165.09 57.05
N TYR CC 137 35.30 164.86 56.90
CA TYR CC 137 36.26 165.27 57.91
C TYR CC 137 36.42 166.80 57.84
N GLU CC 138 36.71 167.44 58.99
CA GLU CC 138 36.94 168.88 58.99
C GLU CC 138 38.22 169.15 58.20
N GLU CC 139 38.12 169.92 57.13
CA GLU CC 139 39.26 170.34 56.34
C GLU CC 139 39.41 171.85 56.43
N TYR CC 140 40.63 172.31 56.75
CA TYR CC 140 40.90 173.68 57.15
C TYR CC 140 41.77 174.34 56.07
N SER CC 141 41.42 175.57 55.65
CA SER CC 141 42.28 176.33 54.76
C SER CC 141 42.86 177.57 55.44
N LEU CC 142 44.19 177.69 55.41
CA LEU CC 142 44.93 178.87 55.85
C LEU CC 142 45.42 179.66 54.65
N THR CC 143 45.36 180.99 54.73
CA THR CC 143 46.01 181.89 53.78
C THR CC 143 46.84 182.89 54.59
N GLY CC 144 48.09 183.15 54.19
CA GLY CC 144 48.97 184.02 54.96
C GLY CC 144 50.15 184.56 54.16
N SER CC 145 50.84 185.55 54.72
CA SER CC 145 51.94 186.24 54.06
C SER CC 145 53.26 186.09 54.83
N GLY CC 146 54.24 185.41 54.19
CA GLY CC 146 55.63 185.38 54.64
C GLY CC 146 56.40 186.63 54.19
N ARG CC 147 57.51 186.92 54.88
CA ARG CC 147 58.30 188.11 54.62
C ARG CC 147 59.22 187.90 53.42
N SER CC 148 59.91 186.75 53.36
CA SER CC 148 60.82 186.43 52.26
C SER CC 148 61.09 184.92 52.20
N VAL CC 149 61.58 184.45 51.04
CA VAL CC 149 62.09 183.10 50.93
C VAL CC 149 63.54 183.10 51.40
N THR CC 150 63.83 182.40 52.51
CA THR CC 150 65.17 182.36 53.06
C THR CC 150 66.04 181.29 52.41
N ASN CC 151 65.42 180.22 51.88
CA ASN CC 151 66.14 179.20 51.16
C ASN CC 151 65.28 178.59 50.04
N LEU CC 152 65.92 178.33 48.91
CA LEU CC 152 65.41 177.50 47.84
C LEU CC 152 66.60 176.82 47.18
N ALA CC 153 66.80 175.54 47.53
CA ALA CC 153 68.01 174.85 47.11
C ALA CC 153 67.76 173.35 46.91
N ASP CC 154 68.64 172.73 46.13
CA ASP CC 154 68.76 171.28 46.13
C ASP CC 154 69.55 170.86 47.37
N THR CC 155 68.85 170.27 48.35
CA THR CC 155 69.45 169.79 49.59
C THR CC 155 69.81 168.30 49.56
N SER CC 156 69.67 167.64 48.39
CA SER CC 156 70.16 166.27 48.21
C SER CC 156 71.69 166.21 48.18
N GLY CC 157 72.26 165.01 48.44
CA GLY CC 157 73.69 164.79 48.39
C GLY CC 157 74.31 165.20 47.05
N ALA DC 2 53.17 167.17 74.61
CA ALA DC 2 52.33 167.84 73.58
C ALA DC 2 51.40 166.82 72.91
N THR DC 3 50.22 167.28 72.48
CA THR DC 3 49.17 166.45 71.90
C THR DC 3 49.34 166.38 70.37
N SER DC 4 49.43 165.15 69.82
CA SER DC 4 49.65 164.93 68.40
C SER DC 4 48.45 165.38 67.57
N PRO DC 5 48.64 166.04 66.41
CA PRO DC 5 47.50 166.46 65.60
C PRO DC 5 46.72 165.25 65.09
N GLU DC 6 45.42 165.45 64.91
CA GLU DC 6 44.53 164.35 64.57
C GLU DC 6 43.36 164.85 63.72
N GLY DC 7 42.79 163.98 62.87
CA GLY DC 7 41.62 164.35 62.12
C GLY DC 7 40.40 164.57 63.01
N ILE DC 8 39.45 165.38 62.51
CA ILE DC 8 38.18 165.55 63.20
C ILE DC 8 37.07 165.24 62.20
N TRP DC 9 36.04 164.55 62.69
CA TRP DC 9 34.92 164.08 61.91
C TRP DC 9 33.68 164.92 62.24
N SER DC 10 33.06 165.51 61.20
CA SER DC 10 32.11 166.59 61.43
C SER DC 10 30.91 166.11 62.24
N ASN DC 11 30.42 164.90 61.94
CA ASN DC 11 29.21 164.39 62.56
C ASN DC 11 29.39 164.06 64.05
N SER DC 12 30.62 164.18 64.59
CA SER DC 12 30.85 164.08 66.03
C SER DC 12 30.71 165.41 66.77
N GLY DC 13 30.36 166.50 66.05
CA GLY DC 13 30.12 167.82 66.63
C GLY DC 13 28.91 167.86 67.58
N ALA DC 14 28.86 168.95 68.38
CA ALA DC 14 27.84 169.16 69.39
C ALA DC 14 27.75 170.65 69.72
N LEU DC 15 27.33 171.45 68.73
CA LEU DC 15 27.10 172.88 68.91
C LEU DC 15 25.95 173.13 69.90
N THR DC 16 26.13 174.15 70.76
CA THR DC 16 25.08 174.65 71.65
C THR DC 16 25.13 176.18 71.74
N PHE DC 17 23.97 176.82 71.92
CA PHE DC 17 23.85 178.24 72.14
C PHE DC 17 23.34 178.51 73.55
N GLU DC 18 23.89 179.55 74.19
CA GLU DC 18 23.47 179.94 75.53
C GLU DC 18 23.17 181.43 75.59
N ASP DC 19 22.19 181.79 76.42
CA ASP DC 19 21.91 183.19 76.73
C ASP DC 19 22.98 183.72 77.69
N PRO DC 20 23.77 184.76 77.33
CA PRO DC 20 24.83 185.28 78.19
C PRO DC 20 24.32 185.95 79.47
N ALA DC 21 23.00 186.16 79.61
CA ALA DC 21 22.42 186.61 80.87
C ALA DC 21 22.40 185.51 81.95
N ASP DC 22 22.31 184.23 81.53
CA ASP DC 22 21.97 183.11 82.40
C ASP DC 22 22.96 181.95 82.32
N ASP DC 23 23.67 181.84 81.19
CA ASP DC 23 24.32 180.61 80.75
C ASP DC 23 23.29 179.46 80.57
N SER DC 24 22.00 179.80 80.37
CA SER DC 24 20.95 178.83 80.05
C SER DC 24 20.95 178.49 78.55
N GLU DC 25 20.68 177.21 78.23
CA GLU DC 25 20.65 176.75 76.85
C GLU DC 25 19.44 177.32 76.09
N ILE DC 26 19.68 177.74 74.84
CA ILE DC 26 18.65 178.03 73.87
C ILE DC 26 18.60 176.83 72.93
N LEU DC 27 17.42 176.20 72.78
CA LEU DC 27 17.34 174.92 72.10
C LEU DC 27 17.64 175.10 70.61
N PHE DC 28 18.72 174.43 70.16
CA PHE DC 28 19.16 174.49 68.78
C PHE DC 28 19.81 173.16 68.40
N ALA DC 29 19.46 172.67 67.20
CA ALA DC 29 19.82 171.33 66.78
C ALA DC 29 19.80 171.19 65.27
N GLY DC 30 20.28 170.03 64.80
CA GLY DC 30 20.16 169.67 63.39
C GLY DC 30 21.11 170.45 62.50
N VAL DC 31 22.29 170.80 63.01
CA VAL DC 31 23.32 171.38 62.16
C VAL DC 31 23.78 170.38 61.09
N ARG DC 32 24.34 170.93 60.02
CA ARG DC 32 24.88 170.16 58.90
C ARG DC 32 26.29 170.64 58.60
N ASP DC 33 26.46 171.95 58.43
CA ASP DC 33 27.78 172.56 58.30
C ASP DC 33 27.99 173.59 59.40
N VAL DC 34 29.23 173.69 59.92
CA VAL DC 34 29.56 174.64 60.99
C VAL DC 34 31.01 175.10 60.81
N THR DC 35 31.19 176.40 60.49
CA THR DC 35 32.51 176.98 60.34
C THR DC 35 32.70 178.11 61.34
N ILE DC 36 33.80 178.06 62.13
CA ILE DC 36 34.16 179.08 63.10
C ILE DC 36 35.60 179.52 62.85
N THR DC 37 35.80 180.84 62.74
CA THR DC 37 37.09 181.39 62.29
C THR DC 37 37.37 182.71 63.01
N PRO DC 38 38.18 182.72 64.10
CA PRO DC 38 38.77 183.95 64.61
C PRO DC 38 39.66 184.60 63.56
N ALA DC 39 39.52 185.91 63.41
CA ALA DC 39 40.24 186.68 62.42
C ALA DC 39 40.67 188.04 62.95
N TYR DC 40 41.68 188.61 62.31
CA TYR DC 40 42.04 190.00 62.52
C TYR DC 40 42.37 190.64 61.19
N GLU DC 41 42.09 191.93 61.08
CA GLU DC 41 42.70 192.70 60.00
C GLU DC 41 44.22 192.77 60.22
N HIS DC 42 45.00 192.59 59.15
CA HIS DC 42 46.45 192.77 59.19
C HIS DC 42 46.86 194.01 58.42
N ALA DC 43 47.68 194.87 59.04
CA ALA DC 43 48.33 195.96 58.33
C ALA DC 43 49.83 195.71 58.25
N GLU DC 44 50.37 195.77 57.03
CA GLU DC 44 51.79 195.60 56.76
C GLU DC 44 52.41 196.97 56.49
N LEU DC 45 53.65 197.19 56.97
CA LEU DC 45 54.39 198.42 56.71
C LEU DC 45 55.50 198.17 55.69
N TYR DC 46 55.52 199.02 54.64
CA TYR DC 46 56.62 199.07 53.67
C TYR DC 46 57.01 200.51 53.40
N THR DC 47 58.32 200.74 53.23
CA THR DC 47 58.89 202.07 53.04
C THR DC 47 60.02 202.03 52.00
N ILE DC 48 60.46 203.20 51.53
CA ILE DC 48 61.46 203.24 50.46
C ILE DC 48 62.81 202.63 50.87
N ASP DC 49 63.00 202.39 52.18
CA ASP DC 49 64.20 201.69 52.68
C ASP DC 49 64.37 200.30 52.07
N SER DC 50 63.27 199.58 51.81
CA SER DC 50 63.32 198.16 51.47
C SER DC 50 62.13 197.71 50.61
N THR DC 51 62.33 196.63 49.85
CA THR DC 51 61.24 195.92 49.21
C THR DC 51 60.57 194.95 50.19
N PHE DC 52 61.29 194.54 51.25
CA PHE DC 52 60.75 193.64 52.26
C PHE DC 52 59.91 194.40 53.28
N ARG DC 53 59.03 193.63 53.94
CA ARG DC 53 58.12 194.12 54.96
C ARG DC 53 58.92 194.58 56.18
N ASP DC 54 58.63 195.80 56.64
CA ASP DC 54 59.23 196.35 57.86
C ASP DC 54 58.59 195.69 59.08
N GLU DC 55 57.25 195.75 59.17
CA GLU DC 55 56.48 195.22 60.29
C GLU DC 55 55.06 194.81 59.86
N VAL DC 56 54.38 193.98 60.67
CA VAL DC 56 52.98 193.63 60.47
C VAL DC 56 52.23 193.57 61.81
N LYS DC 57 50.96 193.99 61.82
CA LYS DC 57 50.19 194.17 63.05
C LYS DC 57 48.72 193.76 62.89
N ARG DC 58 48.11 193.23 63.96
CA ARG DC 58 46.69 192.91 64.07
C ARG DC 58 45.86 194.11 64.54
N TYR DC 59 44.59 194.22 64.09
CA TYR DC 59 43.67 195.17 64.71
C TYR DC 59 42.27 194.61 64.91
N GLU DC 60 41.32 194.83 63.99
CA GLU DC 60 39.92 194.49 64.27
C GLU DC 60 39.73 192.98 64.40
N HIS DC 61 39.60 192.51 65.63
CA HIS DC 61 39.26 191.13 65.90
C HIS DC 61 37.75 190.92 65.75
N ASN DC 62 37.41 189.79 65.13
CA ASN DC 62 36.07 189.23 65.21
C ASN DC 62 36.17 187.72 64.99
N VAL DC 63 35.11 187.00 65.33
CA VAL DC 63 35.07 185.58 65.06
C VAL DC 63 33.95 185.35 64.06
N ASN DC 64 34.30 184.96 62.83
CA ASN DC 64 33.30 184.63 61.83
C ASN DC 64 32.68 183.29 62.20
N VAL DC 65 31.36 183.28 62.38
CA VAL DC 65 30.58 182.08 62.60
C VAL DC 65 29.63 181.95 61.41
N GLU DC 66 29.65 180.78 60.77
CA GLU DC 66 28.62 180.44 59.80
C GLU DC 66 28.18 179.00 60.03
N ILE DC 67 26.86 178.81 60.00
CA ILE DC 67 26.22 177.56 60.34
C ILE DC 67 25.14 177.29 59.32
N THR DC 68 25.01 176.03 58.87
CA THR DC 68 23.88 175.61 58.07
C THR DC 68 23.20 174.46 58.78
N TYR DC 69 21.87 174.53 58.92
CA TYR DC 69 21.11 173.62 59.77
C TYR DC 69 19.71 173.37 59.21
N ALA DC 70 19.09 172.24 59.62
CA ALA DC 70 17.89 171.76 58.95
C ALA DC 70 16.70 171.55 59.90
N LYS DC 71 16.90 171.68 61.22
CA LYS DC 71 15.79 171.65 62.16
C LYS DC 71 15.53 173.06 62.64
N PHE DC 72 14.30 173.55 62.46
CA PHE DC 72 13.96 174.89 62.88
C PHE DC 72 13.77 174.93 64.39
N SER DC 73 14.15 176.07 65.00
CA SER DC 73 13.91 176.34 66.41
C SER DC 73 13.11 177.63 66.57
N LEU DC 74 11.90 177.55 67.15
CA LEU DC 74 11.16 178.76 67.46
C LEU DC 74 11.88 179.57 68.53
N GLU DC 75 12.44 178.91 69.55
CA GLU DC 75 13.10 179.61 70.63
C GLU DC 75 14.25 180.48 70.11
N PHE DC 76 15.13 179.90 69.29
CA PHE DC 76 16.24 180.63 68.70
C PHE DC 76 15.76 181.84 67.89
N ALA DC 77 14.74 181.66 67.07
CA ALA DC 77 14.22 182.73 66.25
C ALA DC 77 13.57 183.84 67.09
N GLN DC 78 12.72 183.47 68.05
CA GLN DC 78 12.02 184.45 68.87
C GLN DC 78 12.97 185.18 69.83
N GLU DC 79 14.07 184.55 70.26
CA GLU DC 79 15.15 185.25 70.95
C GLU DC 79 15.75 186.31 70.03
N TRP DC 80 16.08 185.97 68.80
CA TRP DC 80 16.70 186.91 67.87
C TRP DC 80 15.78 188.08 67.52
N LEU DC 81 14.47 187.83 67.43
CA LEU DC 81 13.48 188.88 67.28
C LEU DC 81 13.42 189.77 68.52
N GLY DC 82 13.54 189.18 69.71
CA GLY DC 82 13.39 189.90 70.96
C GLY DC 82 14.55 190.82 71.33
N GLY DC 83 15.77 190.53 70.87
CA GLY DC 83 16.98 191.20 71.33
C GLY DC 83 17.45 190.66 72.69
N PRO DC 84 18.49 191.24 73.30
CA PRO DC 84 19.03 190.75 74.57
C PRO DC 84 17.99 190.67 75.69
N GLY DC 85 18.01 189.51 76.38
CA GLY DC 85 17.24 189.24 77.59
C GLY DC 85 15.73 189.23 77.39
N ALA DC 86 15.26 189.06 76.14
CA ALA DC 86 13.83 189.12 75.82
C ALA DC 86 13.47 188.17 74.68
N THR DC 87 12.17 187.84 74.57
CA THR DC 87 11.62 187.01 73.49
C THR DC 87 10.47 187.77 72.83
N ALA DC 88 10.40 187.75 71.48
CA ALA DC 88 9.32 188.41 70.78
C ALA DC 88 8.80 187.58 69.61
N THR DC 89 7.46 187.66 69.41
CA THR DC 89 6.77 186.98 68.32
C THR DC 89 6.61 187.84 67.07
N ALA DC 90 7.22 189.04 67.07
CA ALA DC 90 7.24 189.97 65.94
C ALA DC 90 8.49 190.84 66.04
N SER DC 91 8.87 191.45 64.92
CA SER DC 91 10.04 192.33 64.86
C SER DC 91 9.95 193.44 65.92
N GLN DC 92 11.09 193.74 66.57
CA GLN DC 92 11.16 194.83 67.53
C GLN DC 92 11.91 196.03 66.95
N ASP DC 93 11.35 197.23 67.15
CA ASP DC 93 11.98 198.47 66.71
C ASP DC 93 12.97 198.96 67.78
N ASP DC 94 14.11 198.25 67.90
CA ASP DC 94 15.18 198.64 68.81
C ASP DC 94 16.58 198.25 68.30
N SER DC 95 17.58 198.92 68.89
CA SER DC 95 18.93 198.96 68.35
C SER DC 95 19.81 197.81 68.86
N ASP DC 96 19.41 197.13 69.94
CA ASP DC 96 20.21 196.06 70.53
C ASP DC 96 20.04 194.73 69.80
N PRO DC 97 21.08 194.17 69.13
CA PRO DC 97 20.96 192.85 68.53
C PRO DC 97 21.08 191.77 69.61
N MET DC 98 20.38 190.66 69.41
CA MET DC 98 20.48 189.52 70.31
C MET DC 98 21.89 188.92 70.24
N LYS DC 99 22.56 188.80 71.40
CA LYS DC 99 23.91 188.25 71.49
C LYS DC 99 23.86 186.84 72.06
N PHE DC 100 24.42 185.87 71.34
CA PHE DC 100 24.44 184.48 71.79
C PHE DC 100 25.87 184.08 72.19
N ASN DC 101 26.02 183.42 73.34
CA ASN DC 101 27.24 182.66 73.58
C ASN DC 101 27.12 181.32 72.86
N LEU DC 102 28.25 180.81 72.36
CA LEU DC 102 28.25 179.65 71.48
C LEU DC 102 29.39 178.72 71.88
N GLU DC 103 29.14 177.42 71.85
CA GLU DC 103 30.15 176.43 72.21
C GLU DC 103 29.99 175.17 71.34
N ASN DC 104 31.11 174.60 70.88
CA ASN DC 104 31.11 173.36 70.12
C ASN DC 104 32.15 172.40 70.69
N VAL DC 105 31.77 171.13 70.87
CA VAL DC 105 32.56 170.14 71.55
C VAL DC 105 32.68 168.89 70.67
N THR DC 106 33.88 168.64 70.17
CA THR DC 106 34.14 167.57 69.21
C THR DC 106 35.25 166.67 69.73
N PRO DC 107 35.00 165.35 69.88
CA PRO DC 107 36.08 164.37 69.92
C PRO DC 107 36.91 164.43 68.63
N SER DC 108 38.23 164.27 68.75
CA SER DC 108 39.08 163.96 67.61
C SER DC 108 38.77 162.54 67.10
N ALA DC 109 39.14 162.24 65.84
CA ALA DC 109 38.64 161.07 65.15
C ALA DC 109 39.09 159.73 65.76
N SER DC 110 40.30 159.66 66.35
CA SER DC 110 40.79 158.48 67.09
C SER DC 110 40.67 158.65 68.60
N GLY DC 111 39.99 159.70 69.06
CA GLY DC 111 39.79 159.96 70.48
C GLY DC 111 41.03 160.48 71.22
N GLY DC 112 42.07 160.93 70.49
CA GLY DC 112 43.28 161.48 71.10
C GLY DC 112 43.06 162.71 71.98
N PHE DC 113 42.03 163.53 71.66
CA PHE DC 113 41.65 164.69 72.45
C PHE DC 113 40.19 165.06 72.21
N GLU DC 114 39.62 165.89 73.09
CA GLU DC 114 38.28 166.43 72.86
C GLU DC 114 38.41 167.95 72.71
N ARG DC 115 38.39 168.42 71.47
CA ARG DC 115 38.52 169.85 71.19
C ARG DC 115 37.22 170.55 71.50
N THR DC 116 37.27 171.53 72.42
CA THR DC 116 36.18 172.46 72.67
C THR DC 116 36.55 173.82 72.11
N THR DC 117 35.63 174.45 71.36
CA THR DC 117 35.71 175.84 70.95
C THR DC 117 34.53 176.61 71.54
N ALA DC 118 34.79 177.74 72.24
CA ALA DC 118 33.73 178.61 72.74
C ALA DC 118 33.93 180.05 72.27
N VAL DC 119 32.83 180.73 71.94
CA VAL DC 119 32.84 182.06 71.36
C VAL DC 119 31.79 182.92 72.07
N GLU DC 120 32.17 184.15 72.46
CA GLU DC 120 31.25 185.04 73.13
C GLU DC 120 30.55 186.01 72.17
N ASN DC 121 29.32 186.38 72.51
CA ASN DC 121 28.62 187.51 71.90
C ASN DC 121 28.55 187.42 70.37
N VAL DC 122 28.17 186.25 69.84
CA VAL DC 122 27.87 186.10 68.43
C VAL DC 122 26.55 186.82 68.13
N VAL DC 123 26.55 187.64 67.09
CA VAL DC 123 25.33 188.27 66.61
C VAL DC 123 25.14 187.92 65.14
N PHE DC 124 23.86 187.78 64.73
CA PHE DC 124 23.54 187.46 63.34
C PHE DC 124 22.81 188.65 62.71
N PRO DC 125 23.36 189.32 61.68
CA PRO DC 125 22.67 190.43 61.02
C PRO DC 125 21.34 190.04 60.39
N GLU DC 126 21.20 188.78 59.98
CA GLU DC 126 19.95 188.32 59.38
C GLU DC 126 19.66 186.88 59.82
N LEU DC 127 18.36 186.58 59.86
CA LEU DC 127 17.87 185.29 60.32
C LEU DC 127 16.90 184.77 59.26
N PRO DC 128 17.23 183.67 58.55
CA PRO DC 128 16.26 183.09 57.61
C PRO DC 128 15.19 182.39 58.44
N LEU DC 129 13.95 182.87 58.30
CA LEU DC 129 12.84 182.22 58.99
C LEU DC 129 12.33 181.04 58.17
N ASP DC 130 12.13 181.28 56.88
CA ASP DC 130 11.62 180.29 55.93
C ASP DC 130 12.62 180.14 54.81
N SER DC 131 12.90 178.89 54.43
CA SER DC 131 13.89 178.59 53.41
C SER DC 131 13.45 177.33 52.65
N ALA DC 132 12.24 177.41 52.10
CA ALA DC 132 11.58 176.30 51.42
C ALA DC 132 12.08 176.20 49.98
N THR DC 133 12.25 174.94 49.55
CA THR DC 133 12.63 174.58 48.18
C THR DC 133 11.84 173.34 47.80
N TYR DC 134 11.38 173.25 46.55
CA TYR DC 134 10.52 172.15 46.14
C TYR DC 134 11.19 170.80 46.35
N GLY DC 135 10.52 169.90 47.10
CA GLY DC 135 11.01 168.55 47.32
C GLY DC 135 12.30 168.47 48.16
N GLU DC 136 12.50 169.45 49.04
CA GLU DC 136 13.59 169.40 50.01
C GLU DC 136 13.10 169.86 51.37
N TYR DC 137 13.81 169.39 52.41
CA TYR DC 137 13.60 169.95 53.74
C TYR DC 137 14.10 171.39 53.74
N GLU DC 138 13.48 172.26 54.55
CA GLU DC 138 13.97 173.61 54.61
C GLU DC 138 15.36 173.60 55.22
N GLU DC 139 16.30 174.32 54.60
CA GLU DC 139 17.68 174.38 55.09
C GLU DC 139 18.10 175.83 55.27
N TYR DC 140 18.60 176.17 56.45
CA TYR DC 140 18.80 177.55 56.90
C TYR DC 140 20.29 177.84 57.03
N SER DC 141 20.74 179.00 56.52
CA SER DC 141 22.13 179.42 56.68
C SER DC 141 22.26 180.69 57.51
N LEU DC 142 23.07 180.62 58.58
CA LEU DC 142 23.40 181.73 59.45
C LEU DC 142 24.81 182.23 59.18
N THR DC 143 24.96 183.55 59.18
CA THR DC 143 26.25 184.21 59.11
C THR DC 143 26.29 185.26 60.23
N GLY DC 144 27.38 185.30 61.01
CA GLY DC 144 27.44 186.19 62.15
C GLY DC 144 28.85 186.43 62.67
N SER DC 145 28.99 187.39 63.58
CA SER DC 145 30.27 187.81 64.15
C SER DC 145 30.28 187.69 65.68
N GLY DC 146 31.07 186.75 66.19
CA GLY DC 146 31.42 186.71 67.60
C GLY DC 146 32.45 187.78 67.95
N ARG DC 147 32.49 188.17 69.24
CA ARG DC 147 33.44 189.15 69.73
C ARG DC 147 34.83 188.53 69.89
N SER DC 148 34.90 187.37 70.55
CA SER DC 148 36.17 186.71 70.81
C SER DC 148 35.97 185.22 71.14
N VAL DC 149 37.07 184.44 71.03
CA VAL DC 149 37.10 183.05 71.47
C VAL DC 149 37.40 183.01 72.96
N THR DC 150 36.44 182.54 73.77
CA THR DC 150 36.62 182.50 75.21
C THR DC 150 37.30 181.24 75.70
N ASN DC 151 37.21 180.15 74.94
CA ASN DC 151 37.93 178.91 75.25
C ASN DC 151 38.29 178.17 73.97
N LEU DC 152 39.52 177.65 73.92
CA LEU DC 152 39.95 176.63 72.99
C LEU DC 152 40.92 175.72 73.73
N ALA DC 153 40.46 174.50 74.00
CA ALA DC 153 41.24 173.55 74.79
C ALA DC 153 40.87 172.10 74.47
N ASP DC 154 41.77 171.19 74.85
CA ASP DC 154 41.41 169.80 75.02
C ASP DC 154 40.69 169.67 76.36
N THR DC 155 39.38 169.33 76.31
CA THR DC 155 38.56 169.13 77.49
C THR DC 155 38.41 167.65 77.88
N SER DC 156 39.13 166.73 77.21
CA SER DC 156 39.08 165.32 77.58
C SER DC 156 39.68 165.07 78.96
N GLY DC 157 39.10 164.09 79.69
CA GLY DC 157 39.45 163.80 81.08
C GLY DC 157 40.88 163.30 81.22
N ALA EC 2 7.89 191.00 2.62
CA ALA EC 2 9.34 190.73 2.83
C ALA EC 2 9.60 189.23 2.95
N THR EC 3 10.89 188.84 2.91
CA THR EC 3 11.31 187.45 2.98
C THR EC 3 11.09 186.88 4.38
N SER EC 4 10.50 185.67 4.46
CA SER EC 4 10.15 185.02 5.72
C SER EC 4 11.37 184.72 6.57
N PRO EC 5 11.30 184.84 7.93
CA PRO EC 5 12.44 184.50 8.79
C PRO EC 5 12.76 183.01 8.66
N GLU EC 6 14.05 182.68 8.82
CA GLU EC 6 14.48 181.31 8.59
C GLU EC 6 15.70 181.00 9.48
N GLY EC 7 15.90 179.72 9.83
CA GLY EC 7 17.06 179.36 10.61
C GLY EC 7 18.35 179.55 9.81
N ILE EC 8 19.48 179.68 10.54
CA ILE EC 8 20.79 179.71 9.89
C ILE EC 8 21.69 178.68 10.54
N TRP EC 9 22.45 177.97 9.72
CA TRP EC 9 23.35 176.94 10.18
C TRP EC 9 24.78 177.49 10.24
N SER EC 10 25.44 177.42 11.41
CA SER EC 10 26.70 178.11 11.62
C SER EC 10 27.75 177.66 10.61
N ASN EC 11 27.84 176.35 10.37
CA ASN EC 11 28.89 175.79 9.54
C ASN EC 11 28.74 176.19 8.07
N SER EC 12 27.60 176.77 7.66
CA SER EC 12 27.44 177.27 6.29
C SER EC 12 28.04 178.65 6.08
N GLY EC 13 28.59 179.28 7.13
CA GLY EC 13 29.14 180.63 7.04
C GLY EC 13 30.54 180.68 6.44
N ALA EC 14 30.69 181.46 5.35
CA ALA EC 14 31.98 181.78 4.77
C ALA EC 14 32.42 183.18 5.22
N LEU EC 15 33.55 183.26 5.94
CA LEU EC 15 34.10 184.52 6.44
C LEU EC 15 35.35 184.90 5.62
N THR EC 16 35.49 186.19 5.28
CA THR EC 16 36.67 186.73 4.63
C THR EC 16 37.08 188.06 5.28
N PHE EC 17 38.39 188.31 5.36
CA PHE EC 17 38.95 189.60 5.72
C PHE EC 17 39.62 190.25 4.51
N GLU EC 18 39.49 191.57 4.41
CA GLU EC 18 40.14 192.34 3.35
C GLU EC 18 40.94 193.51 3.92
N ASP EC 19 42.03 193.86 3.24
CA ASP EC 19 42.75 195.10 3.52
C ASP EC 19 41.96 196.29 2.97
N PRO EC 20 41.50 197.25 3.81
CA PRO EC 20 40.73 198.40 3.34
C PRO EC 20 41.49 199.38 2.45
N ALA EC 21 42.82 199.19 2.29
CA ALA EC 21 43.60 199.98 1.34
C ALA EC 21 43.40 199.49 -0.10
N ASP EC 22 43.21 198.17 -0.31
CA ASP EC 22 43.24 197.54 -1.62
C ASP EC 22 41.96 196.75 -1.96
N ASP EC 23 41.12 196.45 -0.96
CA ASP EC 23 40.03 195.48 -1.07
C ASP EC 23 40.55 194.09 -1.47
N SER EC 24 41.84 193.81 -1.24
CA SER EC 24 42.45 192.49 -1.44
C SER EC 24 42.18 191.60 -0.24
N GLU EC 25 42.05 190.28 -0.46
CA GLU EC 25 41.84 189.32 0.62
C GLU EC 25 43.11 189.14 1.46
N ILE EC 26 42.94 189.08 2.79
CA ILE EC 26 43.95 188.64 3.74
C ILE EC 26 43.63 187.20 4.10
N LEU EC 27 44.60 186.29 3.94
CA LEU EC 27 44.34 184.87 4.12
C LEU EC 27 43.99 184.56 5.57
N PHE EC 28 42.80 183.98 5.73
CA PHE EC 28 42.28 183.62 7.04
C PHE EC 28 41.33 182.43 6.84
N ALA EC 29 41.30 181.54 7.85
CA ALA EC 29 40.66 180.23 7.68
C ALA EC 29 40.24 179.63 9.01
N GLY EC 30 39.36 178.62 8.97
CA GLY EC 30 39.19 177.68 10.08
C GLY EC 30 38.52 178.31 11.31
N VAL EC 31 37.54 179.19 11.12
CA VAL EC 31 36.72 179.65 12.24
C VAL EC 31 35.94 178.50 12.86
N ARG EC 32 35.55 178.70 14.13
CA ARG EC 32 34.65 177.83 14.84
C ARG EC 32 33.45 178.63 15.33
N ASP EC 33 33.72 179.78 15.97
CA ASP EC 33 32.66 180.67 16.41
C ASP EC 33 32.88 182.07 15.80
N VAL EC 34 31.76 182.73 15.46
CA VAL EC 34 31.79 184.07 14.89
C VAL EC 34 30.58 184.85 15.40
N THR EC 35 30.84 185.86 16.23
CA THR EC 35 29.81 186.80 16.65
C THR EC 35 30.06 188.17 16.01
N ILE EC 36 29.02 188.78 15.44
CA ILE EC 36 29.05 190.16 14.96
C ILE EC 36 27.84 190.88 15.51
N THR EC 37 28.09 191.89 16.35
CA THR EC 37 27.06 192.63 17.06
C THR EC 37 27.26 194.12 16.88
N PRO EC 38 26.52 194.80 15.99
CA PRO EC 38 26.37 196.25 16.08
C PRO EC 38 25.69 196.64 17.37
N ALA EC 39 26.17 197.74 17.96
CA ALA EC 39 25.66 198.23 19.24
C ALA EC 39 25.77 199.75 19.30
N TYR EC 40 24.82 200.35 20.03
CA TYR EC 40 24.89 201.75 20.39
C TYR EC 40 24.74 201.89 21.90
N GLU EC 41 25.43 202.88 22.47
CA GLU EC 41 25.06 203.35 23.79
C GLU EC 41 23.70 204.03 23.74
N HIS EC 42 22.86 203.79 24.76
CA HIS EC 42 21.58 204.46 24.90
C HIS EC 42 21.58 205.36 26.13
N ALA EC 43 20.94 206.53 26.00
CA ALA EC 43 20.65 207.39 27.14
C ALA EC 43 19.16 207.63 27.23
N GLU EC 44 18.58 207.37 28.41
CA GLU EC 44 17.16 207.49 28.68
C GLU EC 44 16.90 208.70 29.58
N LEU EC 45 15.92 209.54 29.21
CA LEU EC 45 15.62 210.74 29.96
C LEU EC 45 14.47 210.50 30.94
N TYR EC 46 14.69 210.92 32.19
CA TYR EC 46 13.64 210.92 33.19
C TYR EC 46 13.68 212.20 34.03
N THR EC 47 12.47 212.64 34.40
CA THR EC 47 12.23 213.87 35.16
C THR EC 47 11.07 213.64 36.13
N ILE EC 48 10.82 214.56 37.08
CA ILE EC 48 9.76 214.31 38.05
C ILE EC 48 8.36 214.35 37.42
N ASP EC 49 8.25 214.76 36.15
CA ASP EC 49 6.98 214.86 35.45
C ASP EC 49 6.27 213.51 35.37
N SER EC 50 7.05 212.41 35.36
CA SER EC 50 6.53 211.06 35.16
C SER EC 50 7.50 210.01 35.69
N THR EC 51 6.97 208.85 36.08
CA THR EC 51 7.82 207.68 36.29
C THR EC 51 8.27 207.08 34.96
N PHE EC 52 7.48 207.29 33.89
CA PHE EC 52 7.79 206.76 32.56
C PHE EC 52 8.89 207.57 31.89
N ARG EC 53 9.61 206.88 31.00
CA ARG EC 53 10.67 207.45 30.20
C ARG EC 53 10.12 208.57 29.33
N ASP EC 54 10.79 209.73 29.36
CA ASP EC 54 10.46 210.85 28.50
C ASP EC 54 10.99 210.62 27.08
N GLU EC 55 12.27 210.23 26.97
CA GLU EC 55 12.98 210.08 25.69
C GLU EC 55 14.07 209.00 25.78
N VAL EC 56 14.52 208.53 24.60
CA VAL EC 56 15.71 207.69 24.51
C VAL EC 56 16.45 208.02 23.22
N LYS EC 57 17.79 207.96 23.26
CA LYS EC 57 18.64 208.38 22.14
C LYS EC 57 19.89 207.50 22.01
N ARG EC 58 20.40 207.34 20.77
CA ARG EC 58 21.58 206.54 20.46
C ARG EC 58 22.86 207.39 20.37
N TYR EC 59 24.00 206.78 20.75
CA TYR EC 59 25.33 207.33 20.49
C TYR EC 59 26.38 206.21 20.58
N GLU EC 60 27.66 206.54 20.36
CA GLU EC 60 28.78 205.60 20.38
C GLU EC 60 28.47 204.29 19.68
N HIS EC 61 28.26 204.39 18.37
CA HIS EC 61 28.11 203.20 17.55
C HIS EC 61 29.45 202.46 17.43
N ASN EC 62 29.38 201.14 17.59
CA ASN EC 62 30.49 200.26 17.29
C ASN EC 62 29.95 198.89 16.85
N VAL EC 63 30.78 198.08 16.24
CA VAL EC 63 30.39 196.72 15.94
C VAL EC 63 31.36 195.79 16.66
N ASN EC 64 30.88 195.08 17.69
CA ASN EC 64 31.68 194.07 18.34
C ASN EC 64 31.79 192.87 17.41
N VAL EC 65 33.03 192.55 17.03
CA VAL EC 65 33.38 191.32 16.34
C VAL EC 65 34.19 190.48 17.32
N GLU EC 66 33.75 189.25 17.57
CA GLU EC 66 34.60 188.28 18.25
C GLU EC 66 34.56 186.95 17.51
N ILE EC 67 35.75 186.38 17.33
CA ILE EC 67 35.95 185.23 16.46
C ILE EC 67 36.84 184.24 17.19
N THR EC 68 36.43 182.96 17.20
CA THR EC 68 37.28 181.88 17.66
C THR EC 68 37.64 181.03 16.45
N TYR EC 69 38.93 180.76 16.25
CA TYR EC 69 39.40 180.09 15.04
C TYR EC 69 40.59 179.18 15.37
N ALA EC 70 40.83 178.14 14.54
CA ALA EC 70 41.75 177.06 14.89
C ALA EC 70 42.85 176.83 13.85
N LYS EC 71 42.82 177.55 12.72
CA LYS EC 71 43.94 177.54 11.77
C LYS EC 71 44.68 178.86 11.90
N PHE EC 72 45.99 178.78 12.20
CA PHE EC 72 46.80 179.98 12.34
C PHE EC 72 47.12 180.55 10.98
N SER EC 73 47.05 181.90 10.85
CA SER EC 73 47.45 182.61 9.65
C SER EC 73 48.64 183.51 9.98
N LEU EC 74 49.78 183.30 9.31
CA LEU EC 74 50.90 184.23 9.43
C LEU EC 74 50.53 185.59 8.86
N GLU EC 75 49.81 185.62 7.73
CA GLU EC 75 49.53 186.88 7.06
C GLU EC 75 48.72 187.81 7.95
N PHE EC 76 47.64 187.31 8.54
CA PHE EC 76 46.81 188.09 9.44
C PHE EC 76 47.61 188.64 10.62
N ALA EC 77 48.48 187.82 11.21
CA ALA EC 77 49.32 188.22 12.32
C ALA EC 77 50.33 189.30 11.91
N GLN EC 78 51.01 189.10 10.79
CA GLN EC 78 51.98 190.06 10.28
C GLN EC 78 51.32 191.38 9.86
N GLU EC 79 50.09 191.36 9.32
CA GLU EC 79 49.33 192.59 9.09
C GLU EC 79 49.02 193.29 10.41
N TRP EC 80 48.57 192.55 11.43
CA TRP EC 80 48.21 193.15 12.71
C TRP EC 80 49.41 193.79 13.41
N LEU EC 81 50.59 193.16 13.33
CA LEU EC 81 51.81 193.79 13.79
C LEU EC 81 52.16 195.01 12.95
N GLY EC 82 52.05 194.86 11.62
CA GLY EC 82 52.47 195.87 10.68
C GLY EC 82 51.71 197.20 10.77
N GLY EC 83 50.42 197.18 11.14
CA GLY EC 83 49.60 198.38 11.07
C GLY EC 83 49.16 198.67 9.63
N PRO EC 84 48.35 199.73 9.40
CA PRO EC 84 47.74 199.96 8.10
C PRO EC 84 48.74 200.05 6.96
N GLY EC 85 48.50 199.25 5.92
CA GLY EC 85 49.23 199.26 4.66
C GLY EC 85 50.67 198.76 4.76
N ALA EC 86 51.01 198.06 5.86
CA ALA EC 86 52.34 197.50 6.07
C ALA EC 86 52.24 196.10 6.66
N THR EC 87 53.36 195.36 6.62
CA THR EC 87 53.43 194.02 7.18
C THR EC 87 54.73 193.90 8.00
N ALA EC 88 54.67 193.19 9.14
CA ALA EC 88 55.81 193.16 10.05
C ALA EC 88 56.04 191.79 10.68
N THR EC 89 57.32 191.46 10.91
CA THR EC 89 57.75 190.21 11.56
C THR EC 89 58.13 190.40 13.03
N ALA EC 90 57.84 191.58 13.59
CA ALA EC 90 58.06 191.89 15.00
C ALA EC 90 57.18 193.07 15.40
N SER EC 91 57.08 193.34 16.72
CA SER EC 91 56.31 194.45 17.26
C SER EC 91 56.70 195.77 16.60
N GLN EC 92 55.72 196.61 16.22
CA GLN EC 92 55.98 197.93 15.67
C GLN EC 92 55.62 199.01 16.70
N ASP EC 93 56.54 199.97 16.87
CA ASP EC 93 56.37 201.06 17.82
C ASP EC 93 55.71 202.26 17.14
N ASP EC 94 54.39 202.17 16.85
CA ASP EC 94 53.60 203.32 16.38
C ASP EC 94 52.14 203.22 16.77
N SER EC 95 51.41 204.34 16.61
CA SER EC 95 50.09 204.53 17.19
C SER EC 95 48.93 204.01 16.32
N ASP EC 96 49.17 203.55 15.08
CA ASP EC 96 48.11 203.18 14.15
C ASP EC 96 47.82 201.68 14.18
N PRO EC 97 46.63 201.24 14.66
CA PRO EC 97 46.28 199.81 14.63
C PRO EC 97 45.88 199.44 13.20
N MET EC 98 46.23 198.21 12.79
CA MET EC 98 45.77 197.68 11.51
C MET EC 98 44.24 197.59 11.50
N LYS EC 99 43.61 198.20 10.49
CA LYS EC 99 42.15 198.16 10.33
C LYS EC 99 41.82 197.13 9.26
N PHE EC 100 40.88 196.24 9.53
CA PHE EC 100 40.47 195.22 8.58
C PHE EC 100 39.03 195.47 8.16
N ASN EC 101 38.73 195.26 6.88
CA ASN EC 101 37.34 195.07 6.48
C ASN EC 101 37.00 193.59 6.62
N LEU EC 102 35.74 193.32 6.93
CA LEU EC 102 35.28 191.96 7.19
C LEU EC 102 33.98 191.73 6.44
N GLU EC 103 33.80 190.52 5.91
CA GLU EC 103 32.52 190.10 5.37
C GLU EC 103 32.24 188.64 5.71
N ASN EC 104 31.00 188.34 6.11
CA ASN EC 104 30.55 186.99 6.39
C ASN EC 104 29.29 186.71 5.55
N VAL EC 105 29.24 185.56 4.89
CA VAL EC 105 28.14 185.20 4.01
C VAL EC 105 27.58 183.82 4.42
N THR EC 106 26.27 183.76 4.63
CA THR EC 106 25.59 182.51 5.01
C THR EC 106 24.30 182.34 4.20
N PRO EC 107 24.10 181.19 3.53
CA PRO EC 107 22.75 180.78 3.15
C PRO EC 107 21.93 180.55 4.42
N SER EC 108 20.63 180.89 4.36
CA SER EC 108 19.68 180.43 5.36
C SER EC 108 19.46 178.93 5.17
N ALA EC 109 18.95 178.25 6.22
CA ALA EC 109 19.03 176.81 6.29
C ALA EC 109 18.26 176.08 5.17
N SER EC 110 17.14 176.66 4.70
CA SER EC 110 16.33 176.12 3.61
C SER EC 110 16.52 176.85 2.27
N GLY EC 111 17.48 177.81 2.22
CA GLY EC 111 17.78 178.56 1.02
C GLY EC 111 16.91 179.79 0.75
N GLY EC 112 16.06 180.19 1.71
CA GLY EC 112 15.16 181.34 1.56
C GLY EC 112 15.89 182.67 1.29
N PHE EC 113 17.11 182.83 1.81
CA PHE EC 113 17.95 184.01 1.56
C PHE EC 113 19.43 183.68 1.71
N GLU EC 114 20.30 184.53 1.15
CA GLU EC 114 21.73 184.47 1.46
C GLU EC 114 22.08 185.74 2.22
N ARG EC 115 22.11 185.66 3.55
CA ARG EC 115 22.44 186.82 4.36
C ARG EC 115 23.94 187.11 4.25
N THR EC 116 24.27 188.31 3.74
CA THR EC 116 25.62 188.83 3.75
C THR EC 116 25.72 189.97 4.77
N THR EC 117 26.66 189.84 5.72
CA THR EC 117 27.01 190.87 6.69
C THR EC 117 28.41 191.42 6.37
N ALA EC 118 28.57 192.74 6.25
CA ALA EC 118 29.89 193.34 6.05
C ALA EC 118 30.13 194.51 7.03
N VAL EC 119 31.37 194.60 7.52
CA VAL EC 119 31.74 195.53 8.59
C VAL EC 119 33.03 196.24 8.18
N GLU EC 120 33.06 197.57 8.34
CA GLU EC 120 34.29 198.32 8.04
C GLU EC 120 35.18 198.48 9.27
N ASN EC 121 36.49 198.54 9.03
CA ASN EC 121 37.47 199.07 9.97
C ASN EC 121 37.41 198.43 11.36
N VAL EC 122 37.38 197.09 11.38
CA VAL EC 122 37.53 196.28 12.58
C VAL EC 122 38.98 196.38 13.06
N VAL EC 123 39.17 196.65 14.35
CA VAL EC 123 40.50 196.62 14.96
C VAL EC 123 40.46 195.75 16.22
N PHE EC 124 41.55 195.02 16.47
CA PHE EC 124 41.63 194.11 17.60
C PHE EC 124 42.66 194.65 18.58
N PRO EC 125 42.31 194.93 19.86
CA PRO EC 125 43.28 195.37 20.86
C PRO EC 125 44.40 194.38 21.08
N GLU EC 126 44.14 193.08 20.90
CA GLU EC 126 45.15 192.06 21.15
C GLU EC 126 45.04 190.89 20.20
N LEU EC 127 46.18 190.26 19.92
CA LEU EC 127 46.30 189.16 18.99
C LEU EC 127 46.94 187.97 19.69
N PRO EC 128 46.28 186.80 19.77
CA PRO EC 128 46.92 185.62 20.35
C PRO EC 128 47.85 184.99 19.31
N LEU EC 129 49.16 185.08 19.56
CA LEU EC 129 50.16 184.49 18.68
C LEU EC 129 50.26 182.99 18.93
N ASP EC 130 50.26 182.60 20.21
CA ASP EC 130 50.29 181.21 20.64
C ASP EC 130 49.14 180.99 21.61
N SER EC 131 48.56 179.80 21.56
CA SER EC 131 47.41 179.45 22.38
C SER EC 131 47.38 177.93 22.60
N ALA EC 132 48.48 177.43 23.16
CA ALA EC 132 48.70 175.99 23.34
C ALA EC 132 48.03 175.48 24.61
N THR EC 133 47.69 174.19 24.55
CA THR EC 133 46.97 173.49 25.61
C THR EC 133 47.21 172.00 25.40
N TYR EC 134 47.58 171.28 26.46
CA TYR EC 134 47.98 169.89 26.31
C TYR EC 134 46.86 169.06 25.68
N GLY EC 135 47.21 168.32 24.61
CA GLY EC 135 46.28 167.43 23.96
C GLY EC 135 45.19 168.12 23.16
N GLU EC 136 45.41 169.38 22.77
CA GLU EC 136 44.47 170.11 21.94
C GLU EC 136 45.16 170.86 20.80
N TYR EC 137 44.43 171.10 19.71
CA TYR EC 137 44.89 172.04 18.70
C TYR EC 137 44.84 173.45 19.29
N GLU EC 138 45.77 174.32 18.86
CA GLU EC 138 45.76 175.70 19.33
C GLU EC 138 44.49 176.37 18.82
N GLU EC 139 43.72 176.98 19.73
CA GLU EC 139 42.52 177.70 19.37
C GLU EC 139 42.65 179.15 19.82
N TYR EC 140 42.36 180.07 18.90
CA TYR EC 140 42.66 181.49 19.04
C TYR EC 140 41.35 182.27 19.15
N SER EC 141 41.23 183.18 20.13
CA SER EC 141 40.08 184.08 20.19
C SER EC 141 40.49 185.53 19.96
N LEU EC 142 39.83 186.19 18.98
CA LEU EC 142 39.93 187.63 18.75
C LEU EC 142 38.70 188.32 19.32
N THR EC 143 38.91 189.55 19.82
CA THR EC 143 37.83 190.49 20.11
C THR EC 143 38.21 191.83 19.52
N GLY EC 144 37.28 192.53 18.85
CA GLY EC 144 37.61 193.79 18.19
C GLY EC 144 36.37 194.62 17.86
N SER EC 145 36.59 195.90 17.57
CA SER EC 145 35.52 196.85 17.30
C SER EC 145 35.61 197.38 15.85
N GLY EC 146 34.60 197.04 15.04
CA GLY EC 146 34.35 197.67 13.76
C GLY EC 146 33.69 199.04 13.93
N ARG EC 147 33.80 199.87 12.88
CA ARG EC 147 33.28 201.23 12.90
C ARG EC 147 31.78 201.26 12.57
N SER EC 148 31.36 200.52 11.54
CA SER EC 148 29.96 200.43 11.16
C SER EC 148 29.69 199.17 10.33
N VAL EC 149 28.41 198.77 10.27
CA VAL EC 149 27.98 197.72 9.34
C VAL EC 149 27.76 198.39 7.99
N THR EC 150 28.62 198.08 7.01
CA THR EC 150 28.49 198.67 5.68
C THR EC 150 27.44 197.96 4.84
N ASN EC 151 27.17 196.68 5.12
CA ASN EC 151 26.11 195.96 4.42
C ASN EC 151 25.45 194.90 5.31
N LEU EC 152 24.13 194.79 5.18
CA LEU EC 152 23.35 193.67 5.66
C LEU EC 152 22.20 193.46 4.67
N ALA EC 153 22.34 192.44 3.83
CA ALA EC 153 21.38 192.25 2.74
C ALA EC 153 21.25 190.76 2.38
N ASP EC 154 20.11 190.43 1.77
CA ASP EC 154 19.96 189.18 1.06
C ASP EC 154 20.62 189.31 -0.30
N THR EC 155 21.79 188.67 -0.47
CA THR EC 155 22.54 188.69 -1.71
C THR EC 155 22.21 187.53 -2.65
N SER EC 156 21.19 186.71 -2.32
CA SER EC 156 20.72 185.65 -3.21
C SER EC 156 19.97 186.23 -4.42
N GLY EC 157 19.87 185.45 -5.51
CA GLY EC 157 19.14 185.84 -6.71
C GLY EC 157 17.67 186.10 -6.43
N ALA FC 2 51.65 183.24 -1.06
CA ALA FC 2 51.43 183.41 0.41
C ALA FC 2 51.00 182.08 1.03
N THR FC 3 51.50 181.83 2.25
CA THR FC 3 51.34 180.56 2.98
C THR FC 3 49.90 180.37 3.44
N SER FC 4 49.27 179.24 3.07
CA SER FC 4 47.91 178.91 3.49
C SER FC 4 47.82 178.74 5.01
N PRO FC 5 46.77 179.25 5.68
CA PRO FC 5 46.62 179.02 7.11
C PRO FC 5 46.47 177.53 7.39
N GLU FC 6 46.89 177.14 8.61
CA GLU FC 6 46.92 175.73 8.98
C GLU FC 6 46.74 175.56 10.49
N GLY FC 7 46.18 174.42 10.91
CA GLY FC 7 46.08 174.14 12.33
C GLY FC 7 47.46 173.96 12.97
N ILE FC 8 47.53 174.25 14.27
CA ILE FC 8 48.74 173.95 15.02
C ILE FC 8 48.34 173.07 16.20
N TRP FC 9 49.20 172.10 16.49
CA TRP FC 9 48.97 171.09 17.51
C TRP FC 9 49.87 171.38 18.72
N SER FC 10 49.27 171.52 19.91
CA SER FC 10 49.96 172.12 21.03
C SER FC 10 51.18 171.30 21.43
N ASN FC 11 51.07 169.98 21.40
CA ASN FC 11 52.14 169.11 21.85
C ASN FC 11 53.36 169.12 20.92
N SER FC 12 53.29 169.83 19.77
CA SER FC 12 54.46 170.08 18.93
C SER FC 12 55.28 171.29 19.38
N GLY FC 13 54.91 171.95 20.49
CA GLY FC 13 55.61 173.09 21.05
C GLY FC 13 57.06 172.79 21.48
N ALA FC 14 57.85 173.87 21.58
CA ALA FC 14 59.27 173.81 21.95
C ALA FC 14 59.69 175.15 22.57
N LEU FC 15 59.03 175.53 23.65
CA LEU FC 15 59.34 176.74 24.40
C LEU FC 15 60.75 176.66 25.00
N THR FC 16 61.49 177.79 24.97
CA THR FC 16 62.79 177.94 25.63
C THR FC 16 62.95 179.36 26.20
N PHE FC 17 63.76 179.48 27.27
CA PHE FC 17 64.10 180.74 27.88
C PHE FC 17 65.59 181.00 27.81
N GLU FC 18 65.97 182.27 27.64
CA GLU FC 18 67.37 182.65 27.58
C GLU FC 18 67.64 183.87 28.44
N ASP FC 19 68.84 183.94 29.03
CA ASP FC 19 69.31 185.15 29.69
C ASP FC 19 69.77 186.17 28.64
N PRO FC 20 69.15 187.38 28.55
CA PRO FC 20 69.55 188.38 27.58
C PRO FC 20 70.95 188.95 27.76
N ALA FC 21 71.64 188.63 28.87
CA ALA FC 21 73.06 188.96 29.03
C ALA FC 21 73.96 188.10 28.13
N ASP FC 22 73.52 186.87 27.78
CA ASP FC 22 74.37 185.84 27.19
C ASP FC 22 73.78 185.22 25.92
N ASP FC 23 72.44 185.25 25.81
CA ASP FC 23 71.67 184.32 24.98
C ASP FC 23 71.93 182.86 25.38
N SER FC 24 72.34 182.60 26.64
CA SER FC 24 72.47 181.26 27.20
C SER FC 24 71.10 180.73 27.64
N GLU FC 25 70.85 179.43 27.41
CA GLU FC 25 69.59 178.80 27.83
C GLU FC 25 69.50 178.70 29.35
N ILE FC 26 68.30 179.02 29.87
CA ILE FC 26 67.89 178.71 31.24
C ILE FC 26 67.03 177.46 31.14
N LEU FC 27 67.42 176.36 31.81
CA LEU FC 27 66.73 175.09 31.62
C LEU FC 27 65.30 175.17 32.13
N PHE FC 28 64.35 174.85 31.24
CA PHE FC 28 62.92 174.90 31.54
C PHE FC 28 62.20 173.94 30.60
N ALA FC 29 61.25 173.19 31.16
CA ALA FC 29 60.66 172.05 30.46
C ALA FC 29 59.29 171.70 31.01
N GLY FC 30 58.60 170.78 30.32
CA GLY FC 30 57.38 170.18 30.82
C GLY FC 30 56.20 171.14 30.85
N VAL FC 31 56.10 172.05 29.87
CA VAL FC 31 54.90 172.86 29.72
C VAL FC 31 53.69 171.99 29.41
N ARG FC 32 52.51 172.58 29.64
CA ARG FC 32 51.23 171.95 29.38
C ARG FC 32 50.32 172.93 28.64
N ASP FC 33 50.23 174.17 29.15
CA ASP FC 33 49.57 175.25 28.43
C ASP FC 33 50.57 176.40 28.20
N VAL FC 34 50.44 177.08 27.04
CA VAL FC 34 51.29 178.22 26.70
C VAL FC 34 50.49 179.22 25.89
N THR FC 35 50.21 180.40 26.46
CA THR FC 35 49.51 181.47 25.76
C THR FC 35 50.41 182.69 25.64
N ILE FC 36 50.60 183.21 24.42
CA ILE FC 36 51.36 184.42 24.15
C ILE FC 36 50.50 185.38 23.33
N THR FC 37 50.30 186.59 23.85
CA THR FC 37 49.36 187.55 23.28
C THR FC 37 49.93 188.96 23.31
N PRO FC 38 50.55 189.45 22.22
CA PRO FC 38 50.80 190.88 22.05
C PRO FC 38 49.50 191.66 22.08
N ALA FC 39 49.52 192.78 22.81
CA ALA FC 39 48.35 193.61 23.03
C ALA FC 39 48.73 195.09 23.02
N TYR FC 40 47.75 195.93 22.76
CA TYR FC 40 47.89 197.36 22.97
C TYR FC 40 46.61 197.88 23.60
N GLU FC 41 46.76 198.90 24.44
CA GLU FC 41 45.59 199.69 24.80
C GLU FC 41 45.08 200.42 23.55
N HIS FC 42 43.76 200.40 23.33
CA HIS FC 42 43.13 201.16 22.25
C HIS FC 42 42.32 202.32 22.82
N ALA FC 43 42.49 203.51 22.22
CA ALA FC 43 41.64 204.64 22.53
C ALA FC 43 40.86 205.06 21.28
N GLU FC 44 39.53 205.13 21.42
CA GLU FC 44 38.62 205.54 20.37
C GLU FC 44 38.18 206.99 20.62
N LEU FC 45 38.04 207.78 19.55
CA LEU FC 45 37.54 209.14 19.62
C LEU FC 45 36.12 209.24 19.06
N TYR FC 46 35.21 209.83 19.85
CA TYR FC 46 33.85 210.18 19.44
C TYR FC 46 33.52 211.60 19.87
N THR FC 47 32.80 212.33 19.01
CA THR FC 47 32.48 213.74 19.21
C THR FC 47 31.05 214.05 18.77
N ILE FC 48 30.52 215.23 19.12
CA ILE FC 48 29.11 215.54 18.87
C ILE FC 48 28.78 215.54 17.36
N ASP FC 49 29.80 215.63 16.49
CA ASP FC 49 29.62 215.59 15.04
C ASP FC 49 28.92 214.31 14.56
N SER FC 50 29.14 213.18 15.25
CA SER FC 50 28.74 211.88 14.75
C SER FC 50 28.51 210.84 15.87
N THR FC 51 27.70 209.83 15.57
CA THR FC 51 27.61 208.65 16.42
C THR FC 51 28.72 207.65 16.09
N PHE FC 52 29.33 207.76 14.90
CA PHE FC 52 30.43 206.89 14.49
C PHE FC 52 31.78 207.36 15.04
N ARG FC 53 32.70 206.40 15.11
CA ARG FC 53 34.05 206.61 15.59
C ARG FC 53 34.79 207.52 14.62
N ASP FC 54 35.42 208.58 15.16
CA ASP FC 54 36.24 209.48 14.36
C ASP FC 54 37.58 208.84 14.03
N GLU FC 55 38.28 208.35 15.08
CA GLU FC 55 39.59 207.72 14.96
C GLU FC 55 39.83 206.70 16.09
N VAL FC 56 40.80 205.79 15.89
CA VAL FC 56 41.25 204.86 16.92
C VAL FC 56 42.77 204.72 16.89
N LYS FC 57 43.40 204.60 18.07
CA LYS FC 57 44.85 204.61 18.19
C LYS FC 57 45.33 203.59 19.23
N ARG FC 58 46.53 203.04 19.02
CA ARG FC 58 47.25 202.18 19.96
C ARG FC 58 48.10 202.98 20.94
N TYR FC 59 48.28 202.49 22.18
CA TYR FC 59 49.33 203.02 23.04
C TYR FC 59 50.08 201.93 23.79
N GLU FC 60 49.82 201.69 25.08
CA GLU FC 60 50.67 200.82 25.89
C GLU FC 60 50.74 199.40 25.33
N HIS FC 61 51.92 199.05 24.80
CA HIS FC 61 52.18 197.71 24.29
C HIS FC 61 52.74 196.84 25.42
N ASN FC 62 52.28 195.59 25.45
CA ASN FC 62 52.92 194.52 26.19
C ASN FC 62 52.59 193.19 25.53
N VAL FC 63 53.37 192.15 25.84
CA VAL FC 63 53.04 190.82 25.39
C VAL FC 63 52.63 190.03 26.63
N ASN FC 64 51.36 189.66 26.73
CA ASN FC 64 50.92 188.80 27.82
C ASN FC 64 51.43 187.39 27.57
N VAL FC 65 52.24 186.90 28.51
CA VAL FC 65 52.70 185.52 28.52
C VAL FC 65 52.06 184.84 29.73
N GLU FC 66 51.41 183.70 29.48
CA GLU FC 66 51.08 182.80 30.57
C GLU FC 66 51.39 181.37 30.17
N ILE FC 67 51.96 180.64 31.13
CA ILE FC 67 52.48 179.31 30.92
C ILE FC 67 52.05 178.46 32.10
N THR FC 68 51.63 177.23 31.84
CA THR FC 68 51.41 176.25 32.90
C THR FC 68 52.29 175.04 32.63
N TYR FC 69 53.04 174.59 33.66
CA TYR FC 69 54.07 173.59 33.47
C TYR FC 69 54.19 172.69 34.71
N ALA FC 70 54.78 171.49 34.52
CA ALA FC 70 54.70 170.45 35.54
C ALA FC 70 56.07 169.88 35.93
N LYS FC 71 57.15 170.26 35.23
CA LYS FC 71 58.50 169.91 35.65
C LYS FC 71 59.14 171.15 36.27
N PHE FC 72 59.53 171.04 37.53
CA PHE FC 72 60.12 172.17 38.23
C PHE FC 72 61.58 172.36 37.77
N SER FC 73 61.99 173.65 37.68
CA SER FC 73 63.37 174.00 37.40
C SER FC 73 63.93 174.85 38.54
N LEU FC 74 65.00 174.37 39.21
CA LEU FC 74 65.68 175.20 40.19
C LEU FC 74 66.37 176.38 39.52
N GLU FC 75 66.98 176.16 38.36
CA GLU FC 75 67.70 177.23 37.68
C GLU FC 75 66.77 178.42 37.38
N PHE FC 76 65.63 178.14 36.77
CA PHE FC 76 64.64 179.16 36.46
C PHE FC 76 64.20 179.94 37.71
N ALA FC 77 63.91 179.22 38.79
CA ALA FC 77 63.45 179.84 40.01
C ALA FC 77 64.54 180.69 40.67
N GLN FC 78 65.77 180.17 40.76
CA GLN FC 78 66.87 180.89 41.40
C GLN FC 78 67.32 182.10 40.57
N GLU FC 79 67.16 182.04 39.24
CA GLU FC 79 67.34 183.20 38.38
C GLU FC 79 66.33 184.28 38.74
N TRP FC 80 65.06 183.91 38.91
CA TRP FC 80 64.01 184.86 39.24
C TRP FC 80 64.22 185.50 40.62
N LEU FC 81 64.70 184.71 41.59
CA LEU FC 81 65.09 185.25 42.89
C LEU FC 81 66.29 186.20 42.78
N GLY FC 82 67.28 185.84 41.95
CA GLY FC 82 68.50 186.61 41.84
C GLY FC 82 68.34 187.98 41.20
N GLY FC 83 67.37 188.15 40.29
CA GLY FC 83 67.26 189.33 39.45
C GLY FC 83 68.24 189.27 38.27
N PRO FC 84 68.30 190.31 37.41
CA PRO FC 84 69.13 190.29 36.21
C PRO FC 84 70.61 190.00 36.47
N GLY FC 85 71.13 189.04 35.69
CA GLY FC 85 72.54 188.69 35.64
C GLY FC 85 73.08 188.00 36.89
N ALA FC 86 72.19 187.48 37.74
CA ALA FC 86 72.57 186.89 39.02
C ALA FC 86 71.65 185.72 39.40
N THR FC 87 72.13 184.88 40.33
CA THR FC 87 71.36 183.74 40.84
C THR FC 87 71.34 183.80 42.36
N ALA FC 88 70.17 183.56 42.99
CA ALA FC 88 70.07 183.58 44.44
C ALA FC 88 69.23 182.43 44.99
N THR FC 89 69.69 181.90 46.14
CA THR FC 89 68.98 180.85 46.88
C THR FC 89 67.99 181.40 47.89
N ALA FC 90 67.76 182.73 47.87
CA ALA FC 90 66.82 183.43 48.76
C ALA FC 90 66.36 184.73 48.10
N SER FC 91 65.24 185.27 48.56
CA SER FC 91 64.70 186.54 48.11
C SER FC 91 65.76 187.63 48.18
N GLN FC 92 65.85 188.50 47.14
CA GLN FC 92 66.76 189.64 47.16
C GLN FC 92 65.98 190.93 47.39
N ASP FC 93 66.51 191.77 48.29
CA ASP FC 93 65.94 193.09 48.54
C ASP FC 93 66.47 194.09 47.50
N ASP FC 94 66.01 193.96 46.24
CA ASP FC 94 66.36 194.90 45.18
C ASP FC 94 65.25 195.05 44.13
N SER FC 95 65.32 196.16 43.39
CA SER FC 95 64.21 196.67 42.59
C SER FC 95 64.17 196.09 41.18
N ASP FC 96 65.25 195.45 40.71
CA ASP FC 96 65.34 194.92 39.35
C ASP FC 96 64.68 193.55 39.21
N PRO FC 97 63.57 193.41 38.44
CA PRO FC 97 62.99 192.09 38.21
C PRO FC 97 63.82 191.34 37.17
N MET FC 98 63.89 190.02 37.33
CA MET FC 98 64.59 189.17 36.37
C MET FC 98 63.88 189.19 35.00
N LYS FC 99 64.63 189.49 33.93
CA LYS FC 99 64.07 189.57 32.58
C LYS FC 99 64.52 188.36 31.76
N PHE FC 100 63.55 187.64 31.19
CA PHE FC 100 63.81 186.47 30.36
C PHE FC 100 63.51 186.78 28.90
N ASN FC 101 64.42 186.42 27.98
CA ASN FC 101 64.04 186.30 26.59
C ASN FC 101 63.39 184.94 26.39
N LEU FC 102 62.38 184.89 25.53
CA LEU FC 102 61.51 183.72 25.41
C LEU FC 102 61.27 183.43 23.93
N GLU FC 103 61.27 182.15 23.57
CA GLU FC 103 61.06 181.75 22.20
C GLU FC 103 60.29 180.43 22.15
N ASN FC 104 59.31 180.33 21.24
CA ASN FC 104 58.56 179.11 21.03
C ASN FC 104 58.55 178.76 19.53
N VAL FC 105 58.84 177.50 19.20
CA VAL FC 105 58.98 177.03 17.84
C VAL FC 105 58.04 175.84 17.65
N THR FC 106 57.21 175.92 16.59
CA THR FC 106 56.18 174.91 16.35
C THR FC 106 56.05 174.65 14.86
N PRO FC 107 56.16 173.39 14.41
CA PRO FC 107 55.60 172.99 13.13
C PRO FC 107 54.09 173.22 13.10
N SER FC 108 53.56 173.65 11.95
CA SER FC 108 52.12 173.56 11.69
C SER FC 108 51.73 172.09 11.52
N ALA FC 109 50.43 171.77 11.62
CA ALA FC 109 49.97 170.39 11.77
C ALA FC 109 50.29 169.50 10.56
N SER FC 110 50.13 170.00 9.33
CA SER FC 110 50.52 169.31 8.10
C SER FC 110 51.93 169.69 7.63
N GLY FC 111 52.70 170.41 8.45
CA GLY FC 111 54.05 170.81 8.12
C GLY FC 111 54.16 171.89 7.04
N GLY FC 112 53.07 172.61 6.73
CA GLY FC 112 53.08 173.69 5.74
C GLY FC 112 54.04 174.83 6.09
N PHE FC 113 54.30 175.06 7.39
CA PHE FC 113 55.25 176.07 7.85
C PHE FC 113 55.74 175.73 9.27
N GLU FC 114 56.80 176.40 9.72
CA GLU FC 114 57.21 176.27 11.11
C GLU FC 114 57.14 177.65 11.76
N ARG FC 115 56.07 177.91 12.52
CA ARG FC 115 55.92 179.19 13.18
C ARG FC 115 56.88 179.30 14.35
N THR FC 116 57.71 180.34 14.34
CA THR FC 116 58.49 180.76 15.50
C THR FC 116 57.91 182.06 16.05
N THR FC 117 57.68 182.11 17.36
CA THR FC 117 57.39 183.36 18.08
C THR FC 117 58.52 183.63 19.07
N ALA FC 118 59.07 184.86 19.08
CA ALA FC 118 60.06 185.28 20.07
C ALA FC 118 59.62 186.58 20.76
N VAL FC 119 59.88 186.67 22.07
CA VAL FC 119 59.42 187.77 22.90
C VAL FC 119 60.59 188.23 23.77
N GLU FC 120 60.86 189.54 23.81
CA GLU FC 120 61.92 190.07 24.66
C GLU FC 120 61.43 190.47 26.05
N ASN FC 121 62.36 190.37 27.01
CA ASN FC 121 62.24 191.04 28.31
C ASN FC 121 60.92 190.72 29.01
N VAL FC 122 60.58 189.42 29.07
CA VAL FC 122 59.45 188.94 29.85
C VAL FC 122 59.81 188.98 31.33
N VAL FC 123 58.91 189.52 32.15
CA VAL FC 123 59.06 189.50 33.60
C VAL FC 123 57.82 188.89 34.23
N PHE FC 124 58.02 188.18 35.36
CA PHE FC 124 56.93 187.56 36.08
C PHE FC 124 56.78 188.22 37.45
N PRO FC 125 55.65 188.88 37.79
CA PRO FC 125 55.45 189.47 39.10
C PRO FC 125 55.47 188.47 40.25
N GLU FC 126 55.10 187.21 39.97
CA GLU FC 126 55.12 186.18 41.00
C GLU FC 126 55.53 184.84 40.41
N LEU FC 127 56.10 184.00 41.27
CA LEU FC 127 56.67 182.72 40.90
C LEU FC 127 56.17 181.68 41.90
N PRO FC 128 55.34 180.70 41.48
CA PRO FC 128 54.96 179.63 42.41
C PRO FC 128 56.16 178.68 42.57
N LEU FC 129 56.52 178.44 43.83
CA LEU FC 129 57.60 177.51 44.13
C LEU FC 129 57.02 176.12 44.39
N ASP FC 130 56.18 176.04 45.43
CA ASP FC 130 55.50 174.79 45.78
C ASP FC 130 54.04 174.95 45.39
N SER FC 131 53.48 173.94 44.70
CA SER FC 131 52.12 173.99 44.19
C SER FC 131 51.50 172.59 44.29
N ALA FC 132 51.47 172.08 45.54
CA ALA FC 132 51.09 170.71 45.84
C ALA FC 132 49.60 170.59 46.00
N THR FC 133 49.08 169.46 45.47
CA THR FC 133 47.70 169.03 45.64
C THR FC 133 47.67 167.52 45.83
N TYR FC 134 46.84 167.05 46.77
CA TYR FC 134 46.76 165.63 47.11
C TYR FC 134 46.52 164.77 45.87
N GLY FC 135 47.43 163.82 45.59
CA GLY FC 135 47.25 162.89 44.48
C GLY FC 135 47.47 163.50 43.10
N GLU FC 136 48.20 164.61 43.02
CA GLU FC 136 48.56 165.22 41.76
C GLU FC 136 50.03 165.65 41.75
N TYR FC 137 50.63 165.64 40.56
CA TYR FC 137 51.94 166.26 40.39
C TYR FC 137 51.79 167.76 40.58
N GLU FC 138 52.85 168.42 41.07
CA GLU FC 138 52.76 169.86 41.27
C GLU FC 138 52.65 170.53 39.89
N GLU FC 139 51.66 171.40 39.74
CA GLU FC 139 51.45 172.12 38.49
C GLU FC 139 51.52 173.61 38.76
N TYR FC 140 52.36 174.31 37.98
CA TYR FC 140 52.76 175.68 38.26
C TYR FC 140 52.25 176.60 37.15
N SER FC 141 51.63 177.73 37.52
CA SER FC 141 51.19 178.73 36.54
C SER FC 141 52.00 180.03 36.67
N LEU FC 142 52.53 180.48 35.52
CA LEU FC 142 53.25 181.74 35.39
C LEU FC 142 52.42 182.74 34.62
N THR FC 143 52.37 183.98 35.12
CA THR FC 143 51.78 185.10 34.39
C THR FC 143 52.83 186.22 34.33
N GLY FC 144 53.02 186.83 33.15
CA GLY FC 144 54.04 187.86 33.00
C GLY FC 144 53.86 188.71 31.75
N SER FC 145 54.64 189.81 31.67
CA SER FC 145 54.57 190.77 30.59
C SER FC 145 55.91 190.90 29.84
N GLY FC 146 55.93 190.49 28.57
CA GLY FC 146 57.03 190.79 27.68
C GLY FC 146 56.97 192.24 27.18
N ARG FC 147 58.13 192.78 26.79
CA ARG FC 147 58.22 194.14 26.26
C ARG FC 147 57.69 194.21 24.84
N SER FC 148 58.13 193.28 23.98
CA SER FC 148 57.75 193.25 22.58
C SER FC 148 58.03 191.89 21.93
N VAL FC 149 57.42 191.65 20.76
CA VAL FC 149 57.68 190.48 19.93
C VAL FC 149 58.87 190.77 19.04
N THR FC 150 60.01 190.11 19.30
CA THR FC 150 61.22 190.34 18.53
C THR FC 150 61.22 189.58 17.20
N ASN FC 151 60.48 188.48 17.10
CA ASN FC 151 60.35 187.71 15.87
C ASN FC 151 59.00 187.00 15.80
N LEU FC 152 58.40 187.01 14.60
CA LEU FC 152 57.30 186.12 14.24
C LEU FC 152 57.47 185.80 12.75
N ALA FC 153 57.81 184.54 12.45
CA ALA FC 153 58.09 184.14 11.07
C ALA FC 153 57.89 182.64 10.86
N ASP FC 154 57.77 182.26 9.59
CA ASP FC 154 57.98 180.88 9.19
C ASP FC 154 59.49 180.65 9.12
N THR FC 155 60.01 179.83 10.05
CA THR FC 155 61.42 179.48 10.11
C THR FC 155 61.75 178.15 9.45
N SER FC 156 60.81 177.54 8.73
CA SER FC 156 61.08 176.31 7.97
C SER FC 156 62.10 176.57 6.84
N GLY FC 157 62.85 175.52 6.48
CA GLY FC 157 63.97 175.61 5.55
C GLY FC 157 63.52 176.00 4.14
N VAL GC 2 75.94 241.72 54.91
CA VAL GC 2 74.61 241.72 55.61
C VAL GC 2 74.30 243.14 56.11
N ASP GC 3 75.27 243.81 56.76
CA ASP GC 3 75.01 245.00 57.55
C ASP GC 3 75.53 246.30 56.89
N ALA GC 4 74.74 247.38 56.98
CA ALA GC 4 75.25 248.73 56.84
C ALA GC 4 75.89 249.16 58.17
N THR GC 5 76.89 250.06 58.13
CA THR GC 5 77.54 250.53 59.36
C THR GC 5 77.22 252.01 59.60
N LEU GC 6 76.69 252.32 60.78
CA LEU GC 6 76.46 253.69 61.22
C LEU GC 6 77.34 253.97 62.44
N SER GC 7 78.12 255.07 62.40
CA SER GC 7 79.12 255.33 63.44
C SER GC 7 79.28 256.83 63.75
N ARG GC 8 79.83 257.11 64.94
CA ARG GC 8 80.13 258.46 65.42
C ARG GC 8 81.40 258.43 66.27
N GLY GC 9 82.44 259.14 65.84
CA GLY GC 9 83.77 258.96 66.43
C GLY GC 9 84.23 257.52 66.28
N GLY GC 10 84.81 256.95 67.35
CA GLY GC 10 85.22 255.55 67.39
C GLY GC 10 84.04 254.57 67.50
N THR GC 11 82.95 255.00 68.16
CA THR GC 11 81.81 254.13 68.46
C THR GC 11 80.99 253.86 67.19
N SER GC 12 80.60 252.58 67.00
CA SER GC 12 80.04 252.10 65.74
C SER GC 12 78.95 251.04 66.00
N VAL GC 13 77.92 251.01 65.12
CA VAL GC 13 76.87 249.99 65.13
C VAL GC 13 76.73 249.45 63.70
N ASP GC 14 76.63 248.11 63.58
CA ASP GC 14 76.37 247.45 62.31
C ASP GC 14 74.92 246.94 62.28
N ILE GC 15 74.14 247.35 61.27
CA ILE GC 15 72.70 247.11 61.20
C ILE GC 15 72.38 246.18 60.04
N PRO GC 16 71.82 244.97 60.30
CA PRO GC 16 71.37 244.04 59.25
C PRO GC 16 70.24 244.60 58.39
N LEU GC 17 70.52 244.81 57.10
CA LEU GC 17 69.49 245.14 56.10
C LEU GC 17 68.83 243.83 55.65
N VAL GC 18 68.02 243.25 56.55
CA VAL GC 18 67.38 241.96 56.32
C VAL GC 18 65.91 241.99 56.73
N GLU GC 19 65.04 241.39 55.88
CA GLU GC 19 63.59 241.43 56.05
C GLU GC 19 62.87 240.20 55.48
N GLU GC 20 61.67 239.91 56.02
CA GLU GC 20 60.75 238.86 55.57
C GLU GC 20 60.17 239.20 54.18
N GLY GC 21 60.12 238.22 53.27
CA GLY GC 21 59.48 238.38 51.96
C GLY GC 21 60.18 239.41 51.06
N GLY GC 22 59.38 240.26 50.37
CA GLY GC 22 59.88 241.23 49.39
C GLY GC 22 59.82 242.68 49.85
N GLU GC 23 59.89 242.92 51.17
CA GLU GC 23 59.76 244.24 51.78
C GLU GC 23 60.92 245.19 51.41
N ILE GC 24 60.64 246.51 51.49
CA ILE GC 24 61.65 247.54 51.28
C ILE GC 24 62.69 247.49 52.42
N LEU GC 25 63.98 247.51 52.03
CA LEU GC 25 65.09 247.51 52.99
C LEU GC 25 65.83 248.84 53.02
N LEU GC 26 66.08 249.42 51.84
CA LEU GC 26 66.77 250.69 51.74
C LEU GC 26 66.09 251.51 50.65
N SER GC 27 65.74 252.75 50.98
CA SER GC 27 65.27 253.69 49.97
C SER GC 27 66.04 254.99 50.05
N SER GC 28 66.58 255.45 48.91
CA SER GC 28 67.18 256.77 48.83
C SER GC 28 66.21 257.67 48.09
N THR GC 29 65.73 258.69 48.80
CA THR GC 29 64.81 259.67 48.26
C THR GC 29 65.62 260.93 47.92
N PHE GC 30 65.34 261.52 46.76
CA PHE GC 30 65.92 262.79 46.38
C PHE GC 30 64.83 263.80 46.05
N GLY GC 31 65.15 265.08 46.24
CA GLY GC 31 64.32 266.17 45.80
C GLY GC 31 65.04 267.52 45.77
N LYS GC 32 64.48 268.46 45.00
CA LYS GC 32 64.89 269.86 44.97
C LYS GC 32 63.71 270.72 45.40
N PRO GC 33 63.52 270.91 46.74
CA PRO GC 33 62.48 271.80 47.23
C PRO GC 33 62.78 273.27 46.87
N GLU GC 34 64.07 273.59 46.66
CA GLU GC 34 64.60 274.95 46.66
C GLU GC 34 64.85 275.52 45.25
N VAL GC 35 64.26 274.93 44.19
CA VAL GC 35 64.18 275.58 42.89
C VAL GC 35 63.11 276.69 42.93
N ASN GC 36 63.50 277.89 42.49
CA ASN GC 36 62.62 279.07 42.53
C ASN GC 36 61.77 279.14 41.25
N VAL GC 37 60.75 278.28 41.16
CA VAL GC 37 59.81 278.22 40.05
C VAL GC 37 58.98 279.50 39.99
N ARG GC 38 58.91 280.16 38.81
CA ARG GC 38 58.07 281.33 38.61
C ARG GC 38 56.59 280.94 38.71
N LYS GC 39 55.79 281.74 39.44
CA LYS GC 39 54.34 281.56 39.56
C LYS GC 39 53.52 282.38 38.55
N SER GC 40 54.19 283.26 37.78
CA SER GC 40 53.55 284.35 37.07
C SER GC 40 54.21 284.62 35.71
N GLY GC 41 53.53 285.42 34.87
CA GLY GC 41 54.01 285.77 33.54
C GLY GC 41 53.13 285.18 32.43
N GLY GC 42 52.96 285.94 31.34
CA GLY GC 42 52.18 285.51 30.18
C GLY GC 42 52.96 284.54 29.27
N SER GC 43 53.29 283.37 29.82
CA SER GC 43 53.81 282.22 29.08
C SER GC 43 53.33 280.95 29.78
N LEU GC 44 53.08 279.89 29.00
CA LEU GC 44 52.38 278.72 29.53
C LEU GC 44 53.24 277.93 30.51
N ASN GC 45 54.54 277.79 30.18
CA ASN GC 45 55.49 276.99 30.94
C ASN GC 45 56.37 277.91 31.78
N PRO GC 46 56.65 277.56 33.06
CA PRO GC 46 57.42 278.44 33.94
C PRO GC 46 58.91 278.51 33.59
N ARG GC 47 59.46 279.73 33.65
CA ARG GC 47 60.90 279.90 33.82
C ARG GC 47 61.29 279.50 35.25
N VAL GC 48 62.55 279.04 35.43
CA VAL GC 48 63.03 278.50 36.70
C VAL GC 48 64.49 278.90 36.94
N ILE GC 49 64.92 278.85 38.22
CA ILE GC 49 66.32 279.00 38.61
C ILE GC 49 66.67 278.02 39.72
N ASP GC 50 67.84 277.37 39.61
CA ASP GC 50 68.38 276.45 40.61
C ASP GC 50 69.63 277.04 41.28
N SER GC 51 69.67 277.05 42.62
CA SER GC 51 70.57 277.96 43.36
C SER GC 51 70.99 277.45 44.75
N TRP GC 52 70.61 276.22 45.15
CA TRP GC 52 70.70 275.80 46.55
C TRP GC 52 70.95 274.29 46.71
N SER GC 53 71.44 273.92 47.91
CA SER GC 53 71.50 272.54 48.37
C SER GC 53 70.12 271.88 48.34
N GLY GC 54 69.99 270.76 47.59
CA GLY GC 54 68.77 269.96 47.56
C GLY GC 54 68.63 269.06 48.77
N LEU GC 55 67.84 267.98 48.62
CA LEU GC 55 67.60 267.05 49.70
C LEU GC 55 67.85 265.62 49.22
N GLN GC 56 68.78 264.92 49.90
CA GLN GC 56 68.86 263.46 49.83
C GLN GC 56 68.57 262.86 51.21
N THR GC 57 67.72 261.82 51.23
CA THR GC 57 67.34 261.14 52.48
C THR GC 57 67.46 259.64 52.31
N PHE GC 58 68.06 258.95 53.29
CA PHE GC 58 68.12 257.50 53.35
C PHE GC 58 67.14 256.95 54.39
N GLN GC 59 66.25 256.05 53.94
CA GLN GC 59 65.40 255.24 54.78
C GLN GC 59 65.98 253.83 54.82
N LEU GC 60 66.26 253.33 56.04
CA LEU GC 60 66.82 252.01 56.28
C LEU GC 60 65.86 251.19 57.15
N VAL GC 61 65.70 249.91 56.82
CA VAL GC 61 64.89 248.97 57.59
C VAL GC 61 65.73 247.73 57.88
N GLY GC 62 65.60 247.18 59.10
CA GLY GC 62 66.29 245.96 59.47
C GLY GC 62 65.69 245.30 60.72
N LYS GC 63 66.30 244.19 61.10
CA LYS GC 63 65.97 243.48 62.32
C LYS GC 63 67.24 243.32 63.14
N LEU GC 64 67.19 243.68 64.43
CA LEU GC 64 68.32 243.48 65.33
C LEU GC 64 68.07 242.26 66.21
N TYR GC 65 69.14 241.48 66.41
CA TYR GC 65 69.06 240.20 67.10
C TYR GC 65 69.40 240.26 68.60
N ASP GC 66 69.77 241.45 69.12
CA ASP GC 66 69.99 241.64 70.55
C ASP GC 66 69.59 243.04 71.01
N TYR GC 67 69.20 243.12 72.30
CA TYR GC 67 68.65 244.34 72.87
C TYR GC 67 69.73 245.41 73.07
N SER GC 68 70.91 245.01 73.56
CA SER GC 68 72.01 245.92 73.86
C SER GC 68 72.46 246.71 72.62
N THR GC 69 72.56 246.07 71.46
CA THR GC 69 72.87 246.76 70.20
C THR GC 69 71.80 247.80 69.83
N SER GC 70 70.54 247.52 70.14
CA SER GC 70 69.41 248.42 69.91
C SER GC 70 69.48 249.64 70.86
N HIS GC 71 69.74 249.40 72.16
CA HIS GC 71 69.90 250.48 73.14
C HIS GC 71 71.08 251.38 72.78
N GLN GC 72 72.21 250.79 72.40
CA GLN GC 72 73.40 251.54 72.00
C GLN GC 72 73.14 252.36 70.75
N LEU GC 73 72.39 251.83 69.77
CA LEU GC 73 71.97 252.61 68.62
C LEU GC 73 71.11 253.81 69.03
N ALA GC 74 70.11 253.60 69.90
CA ALA GC 74 69.24 254.68 70.38
C ALA GC 74 70.06 255.80 71.04
N ASP GC 75 71.05 255.45 71.88
CA ASP GC 75 71.94 256.41 72.51
C ASP GC 75 72.82 257.13 71.49
N LEU GC 76 73.43 256.40 70.55
CA LEU GC 76 74.30 256.98 69.53
C LEU GC 76 73.53 257.92 68.57
N VAL GC 77 72.27 257.59 68.25
CA VAL GC 77 71.34 258.44 67.51
C VAL GC 77 71.03 259.70 68.31
N LYS GC 78 70.53 259.56 69.54
CA LYS GC 78 69.97 260.68 70.29
C LYS GC 78 71.04 261.68 70.75
N THR GC 79 72.26 261.20 71.02
CA THR GC 79 73.41 261.98 71.48
C THR GC 79 73.60 263.27 70.68
N ALA GC 80 73.82 264.40 71.38
CA ALA GC 80 74.24 265.66 70.76
C ALA GC 80 75.76 265.65 70.61
N SER GC 81 76.28 265.73 69.38
CA SER GC 81 77.70 265.95 69.16
C SER GC 81 77.95 266.55 67.78
N THR GC 82 78.84 267.55 67.69
CA THR GC 82 79.33 268.08 66.42
C THR GC 82 80.15 267.07 65.63
N THR GC 83 80.47 265.89 66.21
CA THR GC 83 81.10 264.79 65.51
C THR GC 83 80.12 264.24 64.46
N PRO GC 84 80.41 264.34 63.14
CA PRO GC 84 79.47 263.91 62.09
C PRO GC 84 79.06 262.45 62.20
N LEU GC 85 77.76 262.19 62.03
CA LEU GC 85 77.23 260.84 61.97
C LEU GC 85 77.50 260.24 60.59
N GLU GC 86 78.21 259.09 60.57
CA GLU GC 86 78.74 258.49 59.35
C GLU GC 86 78.04 257.19 59.00
N LEU GC 87 77.53 257.11 57.77
CA LEU GC 87 76.85 255.94 57.24
C LEU GC 87 77.72 255.29 56.15
N GLN GC 88 77.88 253.97 56.22
CA GLN GC 88 78.49 253.15 55.19
C GLN GC 88 77.43 252.19 54.65
N ILE GC 89 77.13 252.26 53.33
CA ILE GC 89 76.20 251.33 52.69
C ILE GC 89 76.99 250.32 51.86
N PRO GC 90 76.73 248.99 52.01
CA PRO GC 90 77.47 247.97 51.26
C PRO GC 90 77.08 247.84 49.79
N GLN GC 91 75.83 248.21 49.45
CA GLN GC 91 75.30 248.07 48.09
C GLN GC 91 75.96 249.06 47.13
N ASP GC 92 76.46 248.56 45.99
CA ASP GC 92 77.33 249.30 45.08
C ASP GC 92 76.74 250.58 44.46
N ALA GC 93 75.42 250.76 44.48
CA ALA GC 93 74.80 251.97 43.93
C ALA GC 93 75.12 253.24 44.74
N TYR GC 94 75.63 253.08 45.97
CA TYR GC 94 75.99 254.18 46.86
C TYR GC 94 77.49 254.15 47.16
N PRO GC 95 78.16 255.32 47.33
CA PRO GC 95 79.59 255.36 47.63
C PRO GC 95 79.86 254.88 49.07
N ASP GC 96 81.10 254.39 49.31
CA ASP GC 96 81.41 253.57 50.48
C ASP GC 96 81.19 254.29 51.83
N THR GC 97 81.23 255.63 51.86
CA THR GC 97 80.90 256.43 53.04
C THR GC 97 80.08 257.69 52.68
N VAL GC 98 79.10 258.03 53.52
CA VAL GC 98 78.28 259.25 53.38
C VAL GC 98 78.00 259.85 54.76
N THR GC 99 78.03 261.19 54.86
CA THR GC 99 77.74 261.88 56.10
C THR GC 99 76.25 262.20 56.20
N VAL GC 100 75.67 261.99 57.38
CA VAL GC 100 74.22 262.10 57.58
C VAL GC 100 73.89 262.77 58.93
N ALA GC 101 72.61 263.09 59.10
CA ALA GC 101 72.01 263.51 60.36
C ALA GC 101 70.65 262.85 60.52
N PRO GC 102 70.17 262.58 61.76
CA PRO GC 102 68.79 262.14 61.99
C PRO GC 102 67.83 263.07 61.27
N ALA GC 103 66.79 262.50 60.64
CA ALA GC 103 66.01 263.19 59.61
C ALA GC 103 65.50 264.56 60.06
N ALA GC 104 65.67 265.56 59.16
CA ALA GC 104 65.74 266.99 59.46
C ALA GC 104 64.69 267.50 60.47
N GLY GC 105 63.39 267.21 60.24
CA GLY GC 105 62.30 267.68 61.10
C GLY GC 105 61.58 266.57 61.87
N GLN GC 106 62.07 265.33 61.80
CA GLN GC 106 61.29 264.16 62.21
C GLN GC 106 61.28 263.93 63.72
N ALA GC 107 60.08 263.57 64.21
CA ALA GC 107 59.85 263.12 65.56
C ALA GC 107 60.37 261.69 65.80
N SER GC 108 60.49 260.89 64.72
CA SER GC 108 60.75 259.47 64.74
C SER GC 108 61.86 259.08 63.76
N ALA GC 109 63.04 259.68 63.90
CA ALA GC 109 64.20 259.36 63.08
C ALA GC 109 64.66 257.91 63.27
N LEU GC 110 64.40 257.31 64.44
CA LEU GC 110 64.57 255.89 64.73
C LEU GC 110 63.30 255.35 65.38
N THR GC 111 62.84 254.17 64.92
CA THR GC 111 61.83 253.38 65.61
C THR GC 111 62.41 252.01 65.96
N LEU GC 112 62.21 251.59 67.23
CA LEU GC 112 62.54 250.26 67.72
C LEU GC 112 61.24 249.58 68.19
N GLU GC 113 60.96 248.36 67.71
CA GLU GC 113 59.73 247.68 68.08
C GLU GC 113 59.99 246.29 68.67
N TYR GC 114 59.23 245.99 69.72
CA TYR GC 114 59.28 244.75 70.47
C TYR GC 114 57.89 244.11 70.41
N PRO GC 115 57.54 243.45 69.28
CA PRO GC 115 56.21 242.86 69.12
C PRO GC 115 56.06 241.57 69.92
N ALA GC 116 54.80 241.17 70.16
CA ALA GC 116 54.48 239.96 70.90
C ALA GC 116 55.05 238.69 70.23
N GLY GC 117 55.64 237.80 71.06
CA GLY GC 117 56.16 236.52 70.58
C GLY GC 117 57.64 236.56 70.14
N ARG GC 118 58.05 237.63 69.46
CA ARG GC 118 59.29 237.64 68.67
C ARG GC 118 60.54 237.92 69.53
N LYS GC 119 60.82 237.07 70.52
CA LYS GC 119 62.04 237.13 71.32
C LYS GC 119 63.30 237.15 70.44
N ASP GC 120 64.25 238.05 70.74
CA ASP GC 120 65.47 238.29 69.96
C ASP GC 120 65.18 238.70 68.50
N LEU GC 121 63.99 239.27 68.23
CA LEU GC 121 63.76 240.10 67.06
C LEU GC 121 63.30 241.48 67.51
N VAL GC 122 64.09 242.51 67.20
CA VAL GC 122 63.65 243.89 67.32
C VAL GC 122 63.51 244.43 65.89
N ASP GC 123 62.32 244.89 65.51
CA ASP GC 123 62.15 245.56 64.23
C ASP GC 123 62.68 246.98 64.33
N VAL GC 124 63.41 247.41 63.29
CA VAL GC 124 64.07 248.70 63.27
C VAL GC 124 63.70 249.45 61.99
N SER GC 125 63.35 250.73 62.14
CA SER GC 125 63.22 251.66 61.01
C SER GC 125 63.99 252.96 61.29
N LEU GC 126 64.78 253.43 60.31
CA LEU GC 126 65.64 254.61 60.41
C LEU GC 126 65.38 255.58 59.26
N SER GC 127 65.49 256.89 59.54
CA SER GC 127 65.48 257.95 58.54
C SER GC 127 66.65 258.91 58.77
N LEU GC 128 67.48 259.12 57.74
CA LEU GC 128 68.70 259.92 57.81
C LEU GC 128 68.77 260.91 56.66
N THR GC 129 68.88 262.22 56.95
CA THR GC 129 69.14 263.25 55.94
C THR GC 129 70.64 263.32 55.64
N ARG GC 130 71.04 263.34 54.35
CA ARG GC 130 72.44 263.56 53.99
C ARG GC 130 72.85 264.99 54.27
N VAL GC 131 74.08 265.20 54.76
CA VAL GC 131 74.61 266.52 55.09
C VAL GC 131 76.04 266.63 54.54
N ASP GC 132 76.51 267.84 54.22
CA ASP GC 132 77.88 267.98 53.73
C ASP GC 132 78.88 267.62 54.82
N PRO GC 133 79.94 266.79 54.54
CA PRO GC 133 80.88 266.32 55.56
C PRO GC 133 81.58 267.39 56.40
N ASN GC 134 81.86 268.56 55.82
CA ASN GC 134 82.51 269.67 56.51
C ASN GC 134 81.50 270.62 57.17
N SER GC 135 80.21 270.51 56.80
CA SER GC 135 79.14 271.43 57.19
C SER GC 135 78.30 270.96 58.40
N VAL GC 136 78.84 270.04 59.22
CA VAL GC 136 78.31 269.75 60.56
C VAL GC 136 78.87 270.77 61.56
N ARG GC 137 77.97 271.41 62.33
CA ARG GC 137 78.26 272.47 63.29
C ARG GC 137 77.41 272.25 64.56
N GLY GC 138 77.66 273.01 65.65
CA GLY GC 138 76.75 273.00 66.79
C GLY GC 138 77.39 273.29 68.15
N VAL GC 139 76.59 273.13 69.22
CA VAL GC 139 76.93 273.56 70.57
C VAL GC 139 77.11 272.36 71.51
N GLY GC 140 78.34 272.21 72.03
CA GLY GC 140 78.74 271.21 73.03
C GLY GC 140 78.63 269.75 72.56
N ASP GC 141 78.89 268.85 73.52
CA ASP GC 141 78.66 267.41 73.40
C ASP GC 141 77.86 266.92 74.60
N GLN GC 142 76.83 266.10 74.35
CA GLN GC 142 75.99 265.49 75.38
C GLN GC 142 75.62 264.06 74.99
N GLN GC 143 76.32 263.09 75.60
CA GLN GC 143 76.10 261.67 75.42
C GLN GC 143 74.75 261.28 76.04
N ALA GC 144 73.84 260.72 75.21
CA ALA GC 144 72.59 260.15 75.68
C ALA GC 144 72.84 258.86 76.47
N THR GC 145 71.98 258.58 77.47
CA THR GC 145 72.03 257.32 78.21
C THR GC 145 70.66 256.64 78.26
N THR GC 146 70.65 255.32 77.98
CA THR GC 146 69.54 254.43 78.27
C THR GC 146 69.94 253.55 79.45
N PRO GC 147 69.35 253.77 80.67
CA PRO GC 147 69.64 252.93 81.84
C PRO GC 147 69.34 251.46 81.61
N THR GC 148 70.09 250.60 82.34
CA THR GC 148 70.01 249.14 82.21
C THR GC 148 70.00 248.45 83.59
N THR GC 149 69.45 247.22 83.65
CA THR GC 149 69.47 246.37 84.84
C THR GC 149 69.16 244.91 84.48
N THR GC 150 69.47 243.96 85.39
CA THR GC 150 69.33 242.53 85.18
C THR GC 150 67.96 241.97 85.63
N GLY GC 151 67.15 242.79 86.34
CA GLY GC 151 66.02 242.33 87.15
C GLY GC 151 64.97 241.42 86.48
N THR GC 152 64.74 241.56 85.16
CA THR GC 152 63.79 240.77 84.37
C THR GC 152 62.36 240.75 84.95
N GLY GC 153 61.94 241.84 85.64
CA GLY GC 153 60.65 241.93 86.30
C GLY GC 153 59.52 242.53 85.44
N PRO GC 154 58.30 242.68 86.00
CA PRO GC 154 57.19 243.34 85.29
C PRO GC 154 57.39 244.85 85.23
N VAL GC 155 56.90 245.47 84.15
CA VAL GC 155 56.98 246.92 83.98
C VAL GC 155 56.03 247.62 84.96
N GLU GC 156 56.55 248.59 85.74
CA GLU GC 156 55.80 249.22 86.81
C GLU GC 156 55.66 250.72 86.60
N VAL GC 157 54.55 251.14 85.97
CA VAL GC 157 54.12 252.53 85.96
C VAL GC 157 53.88 252.98 87.39
N THR GC 158 54.67 253.97 87.84
CA THR GC 158 54.83 254.28 89.26
C THR GC 158 54.85 255.79 89.48
N ALA GC 159 53.82 256.32 90.17
CA ALA GC 159 53.62 257.74 90.37
C ALA GC 159 52.85 257.98 91.68
N GLY GC 160 53.05 259.16 92.32
CA GLY GC 160 52.47 259.48 93.61
C GLY GC 160 52.59 258.34 94.64
N GLY GC 161 53.82 257.80 94.79
CA GLY GC 161 54.18 256.71 95.69
C GLY GC 161 53.40 255.40 95.46
N THR GC 162 52.75 255.28 94.29
CA THR GC 162 51.82 254.20 93.95
C THR GC 162 52.24 253.54 92.64
N THR GC 163 52.04 252.22 92.50
CA THR GC 163 52.52 251.49 91.34
C THR GC 163 51.45 250.59 90.73
N VAL GC 164 51.47 250.49 89.39
CA VAL GC 164 50.67 249.55 88.61
C VAL GC 164 51.59 248.76 87.68
N GLN GC 165 51.55 247.43 87.80
CA GLN GC 165 52.24 246.52 86.90
C GLN GC 165 51.48 246.43 85.58
N LEU GC 166 52.14 246.72 84.44
CA LEU GC 166 51.54 246.51 83.12
C LEU GC 166 51.47 245.02 82.85
N PRO GC 167 50.27 244.43 82.64
CA PRO GC 167 50.14 242.98 82.43
C PRO GC 167 50.84 242.53 81.16
N SER GC 168 51.64 241.45 81.29
CA SER GC 168 52.52 240.94 80.24
C SER GC 168 51.73 240.39 79.03
N SER GC 169 50.46 240.05 79.25
CA SER GC 169 49.55 239.45 78.28
C SER GC 169 49.32 240.34 77.05
N GLY GC 170 49.89 239.94 75.92
CA GLY GC 170 49.80 240.69 74.67
C GLY GC 170 50.71 241.92 74.64
N LEU GC 171 51.53 242.12 75.69
CA LEU GC 171 52.29 243.35 75.86
C LEU GC 171 53.34 243.50 74.75
N SER GC 172 53.24 244.63 74.02
CA SER GC 172 54.07 244.98 72.87
C SER GC 172 54.51 246.43 72.98
N VAL GC 173 55.77 246.75 72.61
CA VAL GC 173 56.29 248.12 72.70
C VAL GC 173 56.76 248.61 71.34
N GLU GC 174 56.40 249.86 71.02
CA GLU GC 174 57.02 250.64 69.96
C GLU GC 174 57.68 251.86 70.62
N ARG GC 175 59.02 251.99 70.51
CA ARG GC 175 59.75 253.15 71.02
C ARG GC 175 60.26 253.96 69.84
N THR GC 176 60.09 255.29 69.90
CA THR GC 176 60.59 256.19 68.85
C THR GC 176 61.54 257.23 69.43
N VAL GC 177 62.54 257.61 68.63
CA VAL GC 177 63.60 258.53 69.00
C VAL GC 177 63.79 259.53 67.85
N GLY GC 178 64.05 260.81 68.16
CA GLY GC 178 64.34 261.80 67.13
C GLY GC 178 65.02 263.06 67.67
N ARG GC 179 65.56 263.87 66.74
CA ARG GC 179 66.15 265.17 67.03
C ARG GC 179 65.43 266.29 66.26
N PRO GC 180 64.12 266.52 66.50
CA PRO GC 180 63.34 267.48 65.72
C PRO GC 180 63.65 268.95 65.98
N ASN GC 181 64.50 269.23 66.99
CA ASN GC 181 64.92 270.58 67.34
C ASN GC 181 66.33 270.92 66.84
N ASP GC 182 67.03 270.00 66.15
CA ASP GC 182 68.18 270.38 65.34
C ASP GC 182 67.73 271.21 64.13
N ALA GC 183 68.66 271.98 63.55
CA ALA GC 183 68.36 272.79 62.38
C ALA GC 183 69.20 272.35 61.18
N VAL GC 184 68.53 271.91 60.11
CA VAL GC 184 69.15 271.69 58.80
C VAL GC 184 68.74 272.88 57.92
N ARG GC 185 69.72 273.50 57.22
CA ARG GC 185 69.50 274.75 56.48
C ARG GC 185 70.09 274.68 55.07
N ARG GC 186 69.39 275.30 54.11
CA ARG GC 186 69.88 275.40 52.73
C ARG GC 186 71.06 276.38 52.66
N VAL GC 187 72.02 276.06 51.77
CA VAL GC 187 73.24 276.84 51.53
C VAL GC 187 73.42 277.01 50.02
N PRO GC 188 73.94 278.17 49.54
CA PRO GC 188 74.09 278.45 48.10
C PRO GC 188 75.38 277.84 47.56
N ARG GC 189 75.56 276.55 47.89
CA ARG GC 189 76.82 275.81 47.86
C ARG GC 189 76.61 274.46 47.16
N GLN GC 190 77.53 273.51 47.38
CA GLN GC 190 77.37 272.12 46.98
C GLN GC 190 76.02 271.55 47.46
N ALA GC 191 75.59 270.44 46.85
CA ALA GC 191 74.21 270.00 46.90
C ALA GC 191 73.70 269.56 48.28
N ASP GC 192 74.58 269.23 49.24
CA ASP GC 192 74.19 268.69 50.54
C ASP GC 192 74.13 269.80 51.60
N PRO GC 193 73.06 269.89 52.42
CA PRO GC 193 72.86 271.02 53.32
C PRO GC 193 73.80 271.06 54.53
N ARG GC 194 73.80 272.22 55.21
CA ARG GC 194 74.46 272.47 56.50
C ARG GC 194 73.58 271.97 57.64
N TYR GC 195 74.20 271.51 58.74
CA TYR GC 195 73.48 270.92 59.85
C TYR GC 195 74.00 271.43 61.19
N GLU GC 196 73.07 271.89 62.03
CA GLU GC 196 73.37 272.47 63.34
C GLU GC 196 72.88 271.53 64.44
N VAL GC 197 73.84 271.00 65.21
CA VAL GC 197 73.58 270.20 66.40
C VAL GC 197 73.18 271.16 67.52
N LYS GC 198 71.85 271.38 67.67
CA LYS GC 198 71.32 272.39 68.58
C LYS GC 198 71.37 271.91 70.02
N ALA GC 199 71.72 272.82 70.94
CA ALA GC 199 71.57 272.61 72.37
C ALA GC 199 70.09 272.78 72.75
N LYS GC 200 69.26 271.87 72.21
CA LYS GC 200 67.81 271.85 72.39
C LYS GC 200 67.29 270.42 72.56
N VAL GC 201 66.11 270.35 73.18
CA VAL GC 201 65.39 269.15 73.60
C VAL GC 201 65.26 268.11 72.48
N THR GC 202 65.49 266.83 72.82
CA THR GC 202 65.29 265.68 71.94
C THR GC 202 63.92 265.02 72.12
N ASN GC 203 63.57 264.08 71.22
CA ASN GC 203 62.34 263.30 71.32
C ASN GC 203 62.67 261.82 71.60
N ASP GC 204 61.92 261.22 72.54
CA ASP GC 204 62.13 259.85 73.00
C ASP GC 204 60.84 259.36 73.66
N VAL GC 205 60.08 258.51 72.96
CA VAL GC 205 58.71 258.16 73.32
C VAL GC 205 58.55 256.65 73.35
N PHE GC 206 57.85 256.15 74.37
CA PHE GC 206 57.48 254.75 74.51
C PHE GC 206 55.97 254.60 74.31
N THR GC 207 55.57 253.74 73.36
CA THR GC 207 54.19 253.32 73.16
C THR GC 207 54.04 251.86 73.59
N PHE GC 208 53.13 251.58 74.52
CA PHE GC 208 52.73 250.23 74.86
C PHE GC 208 51.39 249.88 74.23
N SER GC 209 51.16 248.58 74.02
CA SER GC 209 49.83 248.01 73.92
C SER GC 209 49.80 246.67 74.65
N PHE GC 210 48.68 246.35 75.32
CA PHE GC 210 48.52 245.15 76.12
C PHE GC 210 47.04 244.91 76.41
N GLU GC 211 46.71 243.73 76.96
CA GLU GC 211 45.34 243.47 77.43
C GLU GC 211 45.38 243.09 78.92
N THR GC 212 44.60 243.81 79.74
CA THR GC 212 44.56 243.57 81.18
C THR GC 212 43.60 242.42 81.46
N LEU GC 213 44.08 241.30 82.04
CA LEU GC 213 43.33 240.05 82.06
C LEU GC 213 42.65 239.71 83.39
N ASP GC 214 43.07 240.36 84.49
CA ASP GC 214 42.51 240.15 85.82
C ASP GC 214 42.68 241.39 86.70
N ASN GC 215 41.90 241.46 87.79
CA ASN GC 215 41.78 242.65 88.64
C ASN GC 215 41.53 243.92 87.81
N ILE GC 216 40.66 243.82 86.79
CA ILE GC 216 40.56 244.80 85.72
C ILE GC 216 40.11 246.16 86.27
N PRO GC 217 38.96 246.29 86.99
CA PRO GC 217 38.55 247.56 87.58
C PRO GC 217 39.60 248.22 88.46
N ALA GC 218 40.21 247.47 89.37
CA ALA GC 218 41.22 247.98 90.28
C ALA GC 218 42.45 248.48 89.51
N THR GC 219 42.90 247.71 88.51
CA THR GC 219 44.05 248.02 87.67
C THR GC 219 43.82 249.32 86.88
N LEU GC 220 42.67 249.44 86.22
CA LEU GC 220 42.40 250.58 85.35
C LEU GC 220 42.20 251.87 86.16
N ASN GC 221 41.57 251.79 87.33
CA ASN GC 221 41.47 252.94 88.20
C ASN GC 221 42.82 253.33 88.78
N ALA GC 222 43.61 252.38 89.30
CA ALA GC 222 44.94 252.67 89.82
C ALA GC 222 45.85 253.32 88.77
N LEU GC 223 45.70 252.93 87.49
CA LEU GC 223 46.41 253.57 86.39
C LEU GC 223 45.86 254.97 86.08
N THR GC 224 44.55 255.11 85.86
CA THR GC 224 43.94 256.37 85.44
C THR GC 224 44.01 257.47 86.49
N ASP GC 225 43.66 257.20 87.75
CA ASP GC 225 43.60 258.25 88.77
C ASP GC 225 44.98 258.89 88.99
N ASN GC 226 46.00 258.06 89.24
CA ASN GC 226 47.35 258.48 89.61
C ASN GC 226 48.20 259.00 88.44
N VAL GC 227 47.74 258.86 87.18
CA VAL GC 227 48.52 259.25 86.01
C VAL GC 227 47.77 260.19 85.05
N PHE GC 228 46.44 260.14 85.04
CA PHE GC 228 45.63 260.85 84.05
C PHE GC 228 44.59 261.83 84.64
N ARG GC 229 44.16 261.61 85.90
CA ARG GC 229 43.29 262.56 86.61
C ARG GC 229 44.09 263.57 87.44
N GLU GC 230 45.00 263.10 88.30
CA GLU GC 230 45.76 263.94 89.21
C GLU GC 230 46.88 264.74 88.52
N GLN GC 231 47.39 265.77 89.23
CA GLN GC 231 48.51 266.59 88.75
C GLN GC 231 49.85 266.04 89.27
N LEU GC 232 50.84 265.91 88.37
CA LEU GC 232 52.12 265.29 88.71
C LEU GC 232 53.16 266.31 89.24
N GLY GC 233 52.86 267.62 89.17
CA GLY GC 233 53.83 268.68 89.47
C GLY GC 233 54.93 268.82 88.41
N ARG GC 234 56.19 269.06 88.85
CA ARG GC 234 57.38 269.01 88.00
C ARG GC 234 58.08 267.65 88.01
N ASP GC 235 57.55 266.70 88.80
CA ASP GC 235 57.89 265.28 88.69
C ASP GC 235 57.21 264.67 87.45
N GLY GC 236 57.40 263.35 87.28
CA GLY GC 236 56.65 262.56 86.31
C GLY GC 236 56.48 261.13 86.80
N VAL GC 237 55.86 260.32 85.93
CA VAL GC 237 55.72 258.89 86.15
C VAL GC 237 57.10 258.25 86.06
N THR GC 238 57.45 257.39 87.03
CA THR GC 238 58.55 256.46 86.85
C THR GC 238 58.02 255.23 86.13
N LEU GC 239 58.57 254.94 84.95
CA LEU GC 239 58.19 253.81 84.12
C LEU GC 239 59.23 252.71 84.30
N ASP GC 240 59.13 251.98 85.41
CA ASP GC 240 60.19 251.07 85.82
C ASP GC 240 60.10 249.76 85.03
N PHE GC 241 60.93 249.64 83.98
CA PHE GC 241 61.04 248.40 83.22
C PHE GC 241 61.63 247.24 84.03
N ASN GC 242 62.30 247.50 85.18
CA ASN GC 242 62.76 246.46 86.10
C ASN GC 242 63.59 245.36 85.41
N GLY GC 243 64.32 245.70 84.32
CA GLY GC 243 65.20 244.76 83.63
C GLY GC 243 64.56 243.99 82.47
N LEU GC 244 63.28 244.21 82.15
CA LEU GC 244 62.70 243.78 80.88
C LEU GC 244 63.48 244.42 79.73
N LEU GC 245 63.78 243.65 78.67
CA LEU GC 245 64.67 244.07 77.56
C LEU GC 245 66.08 244.49 78.02
N GLY GC 246 66.45 244.24 79.28
CA GLY GC 246 67.64 244.83 79.88
C GLY GC 246 67.52 246.33 80.20
N LEU GC 247 66.33 246.96 80.05
CA LEU GC 247 66.10 248.36 80.38
C LEU GC 247 65.96 248.58 81.89
N GLY GC 248 66.58 249.65 82.39
CA GLY GC 248 66.42 250.11 83.77
C GLY GC 248 65.25 251.07 83.95
N SER GC 249 65.14 251.63 85.16
CA SER GC 249 64.15 252.67 85.47
C SER GC 249 64.37 253.94 84.64
N VAL GC 250 63.27 254.59 84.24
CA VAL GC 250 63.24 255.83 83.44
C VAL GC 250 62.05 256.68 83.90
N LYS GC 251 62.14 258.02 83.80
CA LYS GC 251 61.04 258.93 84.16
C LYS GC 251 60.41 259.56 82.92
N ALA GC 252 59.07 259.62 82.89
CA ALA GC 252 58.30 259.93 81.68
C ALA GC 252 56.91 260.54 82.00
N ILE GC 253 56.20 261.06 80.98
CA ILE GC 253 54.86 261.63 81.15
C ILE GC 253 54.03 261.46 79.87
N PRO GC 254 52.68 261.29 79.92
CA PRO GC 254 51.84 261.33 78.73
C PRO GC 254 51.79 262.74 78.11
N VAL GC 255 51.72 262.81 76.76
CA VAL GC 255 51.77 264.07 76.01
C VAL GC 255 50.77 264.06 74.86
N GLY GC 256 50.11 265.21 74.62
CA GLY GC 256 49.25 265.45 73.46
C GLY GC 256 47.85 264.86 73.58
N SER GC 257 47.15 264.81 72.43
CA SER GC 257 45.78 264.28 72.34
C SER GC 257 45.75 262.77 72.52
N SER GC 258 44.92 262.29 73.46
CA SER GC 258 44.58 260.87 73.69
C SER GC 258 45.76 259.87 73.66
N PRO GC 259 46.87 260.09 74.44
CA PRO GC 259 47.98 259.12 74.57
C PRO GC 259 47.64 257.85 75.33
N PHE GC 260 46.44 257.74 75.92
CA PHE GC 260 46.00 256.50 76.54
C PHE GC 260 44.55 256.18 76.18
N ARG GC 261 44.30 254.91 75.85
CA ARG GC 261 43.00 254.40 75.44
C ARG GC 261 42.67 253.13 76.23
N GLN GC 262 41.47 253.08 76.80
CA GLN GC 262 40.90 251.84 77.34
C GLN GC 262 39.74 251.43 76.43
N VAL GC 263 39.72 250.15 76.03
CA VAL GC 263 38.72 249.68 75.07
C VAL GC 263 37.98 248.46 75.61
N HIS GC 264 36.65 248.63 75.70
CA HIS GC 264 35.68 247.64 76.10
C HIS GC 264 34.95 247.12 74.85
N GLN GC 265 34.88 245.79 74.69
CA GLN GC 265 34.45 245.21 73.42
C GLN GC 265 33.29 244.24 73.57
N ALA GC 266 32.51 244.11 72.49
CA ALA GC 266 31.42 243.15 72.40
C ALA GC 266 31.90 241.73 72.68
N GLY GC 267 31.23 241.06 73.63
CA GLY GC 267 31.45 239.64 73.89
C GLY GC 267 32.77 239.32 74.60
N ARG GC 268 33.47 240.36 75.10
CA ARG GC 268 34.74 240.22 75.80
C ARG GC 268 34.57 240.59 77.29
N GLY GC 269 35.12 239.75 78.17
CA GLY GC 269 35.10 239.98 79.61
C GLY GC 269 36.33 240.68 80.19
N TRP GC 270 37.08 241.45 79.36
CA TRP GC 270 38.31 242.13 79.75
C TRP GC 270 38.64 243.31 78.82
N VAL GC 271 39.63 244.13 79.21
CA VAL GC 271 39.91 245.42 78.58
C VAL GC 271 41.22 245.42 77.79
N THR GC 272 41.12 245.95 76.57
CA THR GC 272 42.26 246.17 75.69
C THR GC 272 42.83 247.58 75.94
N VAL GC 273 44.17 247.72 75.82
CA VAL GC 273 44.83 249.03 75.80
C VAL GC 273 45.47 249.24 74.43
N PRO GC 274 44.75 249.83 73.45
CA PRO GC 274 45.26 250.00 72.08
C PRO GC 274 46.54 250.82 72.02
N THR GC 275 46.62 251.90 72.81
CA THR GC 275 47.90 252.48 73.21
C THR GC 275 47.83 253.00 74.64
N LEU GC 276 49.00 252.93 75.31
CA LEU GC 276 49.38 253.77 76.43
C LEU GC 276 50.75 254.36 76.09
N GLU GC 277 50.88 255.69 76.14
CA GLU GC 277 52.06 256.37 75.60
C GLU GC 277 52.68 257.31 76.64
N PHE GC 278 54.02 257.38 76.64
CA PHE GC 278 54.76 258.34 77.44
C PHE GC 278 55.95 258.91 76.66
N ARG GC 279 56.25 260.19 76.89
CA ARG GC 279 57.51 260.81 76.48
C ARG GC 279 58.46 260.86 77.69
N ARG GC 280 59.72 260.42 77.51
CA ARG GC 280 60.74 260.49 78.54
C ARG GC 280 61.03 261.95 78.90
N ILE GC 281 61.33 262.21 80.19
CA ILE GC 281 61.59 263.55 80.71
C ILE GC 281 62.96 263.64 81.40
N TYR GC 282 63.32 264.89 81.74
CA TYR GC 282 64.46 265.24 82.58
C TYR GC 282 64.54 264.43 83.87
N SER GC 283 65.70 263.79 84.06
CA SER GC 283 66.12 263.12 85.30
C SER GC 283 67.65 263.02 85.31
N ASN GC 284 68.31 264.14 84.92
CA ASN GC 284 69.70 264.16 84.48
C ASN GC 284 70.59 265.12 85.30
N GLU GC 285 70.07 265.57 86.47
CA GLU GC 285 70.76 266.43 87.44
C GLU GC 285 71.91 265.68 88.15
N VAL HC 2 22.38 245.35 80.17
CA VAL HC 2 22.56 245.59 78.69
C VAL HC 2 22.89 247.07 78.44
N ASP HC 3 22.15 247.99 79.09
CA ASP HC 3 22.15 249.41 78.71
C ASP HC 3 22.95 250.28 79.69
N ALA HC 4 23.72 251.24 79.14
CA ALA HC 4 24.18 252.41 79.89
C ALA HC 4 23.08 253.47 79.89
N THR HC 5 23.05 254.34 80.91
CA THR HC 5 22.00 255.35 81.01
C THR HC 5 22.57 256.77 80.87
N LEU HC 6 22.05 257.54 79.90
CA LEU HC 6 22.37 258.94 79.73
C LEU HC 6 21.11 259.76 80.07
N SER HC 7 21.27 260.85 80.84
CA SER HC 7 20.12 261.56 81.39
C SER HC 7 20.40 263.06 81.58
N ARG HC 8 19.34 263.88 81.56
CA ARG HC 8 19.40 265.31 81.83
C ARG HC 8 18.10 265.74 82.52
N GLY HC 9 18.21 266.26 83.75
CA GLY HC 9 17.04 266.38 84.61
C GLY HC 9 16.45 264.99 84.89
N GLY HC 10 15.10 264.91 84.95
CA GLY HC 10 14.40 263.64 85.11
C GLY HC 10 14.38 262.77 83.85
N THR HC 11 14.50 263.42 82.67
CA THR HC 11 14.44 262.76 81.36
C THR HC 11 15.70 261.92 81.14
N SER HC 12 15.51 260.69 80.63
CA SER HC 12 16.53 259.65 80.65
C SER HC 12 16.40 258.75 79.42
N VAL HC 13 17.55 258.28 78.90
CA VAL HC 13 17.62 257.33 77.79
C VAL HC 13 18.57 256.20 78.17
N ASP HC 14 18.12 254.96 77.97
CA ASP HC 14 18.94 253.78 78.20
C ASP HC 14 19.43 253.24 76.84
N ILE HC 15 20.75 253.16 76.65
CA ILE HC 15 21.38 252.84 75.38
C ILE HC 15 21.99 251.45 75.47
N PRO HC 16 21.51 250.44 74.68
CA PRO HC 16 22.14 249.12 74.59
C PRO HC 16 23.55 249.21 74.00
N LEU HC 17 24.56 249.00 74.84
CA LEU HC 17 25.95 248.86 74.39
C LEU HC 17 26.13 247.43 73.88
N VAL HC 18 25.62 247.20 72.65
CA VAL HC 18 25.61 245.87 72.03
C VAL HC 18 26.03 245.95 70.57
N GLU HC 19 26.83 244.95 70.13
CA GLU HC 19 27.36 244.86 68.77
C GLU HC 19 27.62 243.42 68.32
N GLU HC 20 27.73 243.26 66.98
CA GLU HC 20 28.18 242.04 66.30
C GLU HC 20 29.71 241.87 66.43
N GLY HC 21 30.18 240.60 66.43
CA GLY HC 21 31.60 240.26 66.43
C GLY HC 21 32.38 240.79 67.63
N GLY HC 22 33.66 241.15 67.41
CA GLY HC 22 34.56 241.67 68.44
C GLY HC 22 34.72 243.19 68.41
N GLU HC 23 33.68 243.89 67.94
CA GLU HC 23 33.67 245.35 67.77
C GLU HC 23 33.78 246.11 69.09
N ILE HC 24 34.33 247.33 69.01
CA ILE HC 24 34.43 248.25 70.15
C ILE HC 24 33.05 248.75 70.54
N LEU HC 25 32.77 248.76 71.85
CA LEU HC 25 31.50 249.22 72.41
C LEU HC 25 31.64 250.44 73.32
N LEU HC 26 32.72 250.47 74.13
CA LEU HC 26 33.02 251.62 74.94
C LEU HC 26 34.53 251.84 74.94
N SER HC 27 34.96 252.97 74.37
CA SER HC 27 36.35 253.39 74.39
C SER HC 27 36.46 254.62 75.30
N SER HC 28 37.31 254.56 76.33
CA SER HC 28 37.56 255.72 77.17
C SER HC 28 39.01 256.15 77.01
N THR HC 29 39.23 257.41 76.63
CA THR HC 29 40.56 257.88 76.27
C THR HC 29 40.98 259.05 77.15
N PHE HC 30 42.28 259.07 77.49
CA PHE HC 30 42.84 260.10 78.34
C PHE HC 30 43.99 260.83 77.63
N GLY HC 31 44.12 262.11 77.94
CA GLY HC 31 45.25 262.91 77.47
C GLY HC 31 45.56 264.11 78.37
N LYS HC 32 46.86 264.42 78.50
CA LYS HC 32 47.35 265.65 79.08
C LYS HC 32 47.95 266.52 77.98
N PRO HC 33 47.12 267.29 77.25
CA PRO HC 33 47.63 268.30 76.31
C PRO HC 33 48.14 269.53 77.05
N GLU HC 34 47.71 269.76 78.31
CA GLU HC 34 47.99 270.97 79.07
C GLU HC 34 49.23 270.86 79.98
N VAL HC 35 50.13 269.89 79.73
CA VAL HC 35 51.49 269.93 80.29
C VAL HC 35 52.34 270.91 79.47
N ASN HC 36 53.01 271.84 80.15
CA ASN HC 36 53.82 272.87 79.51
C ASN HC 36 55.25 272.35 79.28
N VAL HC 37 55.39 271.41 78.32
CA VAL HC 37 56.66 270.79 77.95
C VAL HC 37 57.64 271.84 77.42
N ARG HC 38 58.91 271.80 77.88
CA ARG HC 38 59.98 272.64 77.38
C ARG HC 38 60.32 272.29 75.93
N LYS HC 39 60.52 273.32 75.08
CA LYS HC 39 61.07 273.19 73.73
C LYS HC 39 62.58 273.49 73.65
N SER HC 40 63.21 273.85 74.78
CA SER HC 40 64.49 274.53 74.82
C SER HC 40 65.34 274.09 76.02
N GLY HC 41 66.63 274.44 76.00
CA GLY HC 41 67.58 274.06 77.04
C GLY HC 41 68.66 273.10 76.52
N GLY HC 42 69.91 273.32 76.94
CA GLY HC 42 71.03 272.47 76.58
C GLY HC 42 71.09 271.19 77.41
N SER HC 43 69.93 270.48 77.48
CA SER HC 43 69.80 269.16 78.09
C SER HC 43 68.95 268.28 77.17
N LEU HC 44 69.31 266.99 77.07
CA LEU HC 44 68.74 266.10 76.05
C LEU HC 44 67.23 265.91 76.23
N ASN HC 45 66.82 265.68 77.49
CA ASN HC 45 65.45 265.35 77.85
C ASN HC 45 64.76 266.57 78.44
N PRO HC 46 63.51 266.90 78.03
CA PRO HC 46 62.85 268.12 78.49
C PRO HC 46 62.34 268.06 79.93
N ARG HC 47 62.44 269.21 80.60
CA ARG HC 47 61.66 269.48 81.82
C ARG HC 47 60.18 269.66 81.47
N VAL HC 48 59.30 269.38 82.44
CA VAL HC 48 57.85 269.50 82.28
C VAL HC 48 57.21 270.08 83.54
N ILE HC 49 56.01 270.67 83.37
CA ILE HC 49 55.14 271.09 84.46
C ILE HC 49 53.70 270.71 84.12
N ASP HC 50 52.98 270.15 85.10
CA ASP HC 50 51.58 269.79 85.00
C ASP HC 50 50.74 270.71 85.91
N SER HC 51 49.68 271.34 85.35
CA SER HC 51 49.11 272.56 85.89
C SER HC 51 47.60 272.73 85.68
N TRP HC 52 46.91 271.74 85.11
CA TRP HC 52 45.56 271.90 84.59
C TRP HC 52 44.76 270.59 84.59
N SER HC 53 43.44 270.71 84.43
CA SER HC 53 42.53 269.61 84.13
C SER HC 53 42.98 268.86 82.87
N GLY HC 54 43.05 267.53 82.95
CA GLY HC 54 43.31 266.70 81.79
C GLY HC 54 42.09 266.60 80.87
N LEU HC 55 42.17 265.75 79.84
CA LEU HC 55 41.04 265.36 79.02
C LEU HC 55 40.71 263.89 79.27
N GLN HC 56 39.44 263.61 79.60
CA GLN HC 56 38.85 262.29 79.44
C GLN HC 56 37.68 262.35 78.46
N THR HC 57 37.61 261.40 77.52
CA THR HC 57 36.51 261.32 76.56
C THR HC 57 35.97 259.88 76.51
N PHE HC 58 34.65 259.72 76.58
CA PHE HC 58 33.99 258.44 76.35
C PHE HC 58 33.38 258.37 74.95
N GLN HC 59 33.73 257.30 74.21
CA GLN HC 59 33.08 256.93 72.96
C GLN HC 59 32.22 255.71 73.24
N LEU HC 60 30.92 255.81 72.95
CA LEU HC 60 29.94 254.74 73.12
C LEU HC 60 29.40 254.34 71.75
N VAL HC 61 29.25 253.02 71.53
CA VAL HC 61 28.63 252.46 70.34
C VAL HC 61 27.47 251.56 70.78
N GLY HC 62 26.36 251.58 70.05
CA GLY HC 62 25.23 250.71 70.34
C GLY HC 62 24.24 250.64 69.17
N LYS HC 63 23.16 249.88 69.40
CA LYS HC 63 22.07 249.76 68.45
C LYS HC 63 20.76 250.05 69.18
N LEU HC 64 19.88 250.86 68.57
CA LEU HC 64 18.58 251.17 69.15
C LEU HC 64 17.48 250.47 68.38
N TYR HC 65 16.53 249.92 69.15
CA TYR HC 65 15.46 249.08 68.62
C TYR HC 65 14.18 249.84 68.24
N ASP HC 66 14.12 251.16 68.52
CA ASP HC 66 12.97 251.97 68.11
C ASP HC 66 13.39 253.39 67.75
N TYR HC 67 12.64 254.02 66.83
CA TYR HC 67 13.01 255.32 66.30
C TYR HC 67 12.75 256.42 67.33
N SER HC 68 11.66 256.32 68.09
CA SER HC 68 11.28 257.30 69.11
C SER HC 68 12.39 257.51 70.15
N THR HC 69 12.99 256.43 70.66
CA THR HC 69 14.12 256.50 71.59
C THR HC 69 15.32 257.22 70.96
N SER HC 70 15.56 257.01 69.66
CA SER HC 70 16.62 257.69 68.91
C SER HC 70 16.35 259.19 68.81
N HIS HC 71 15.12 259.60 68.44
CA HIS HC 71 14.74 261.00 68.37
C HIS HC 71 14.83 261.68 69.72
N GLN HC 72 14.35 261.03 70.78
CA GLN HC 72 14.41 261.56 72.14
C GLN HC 72 15.86 261.74 72.59
N LEU HC 73 16.76 260.81 72.24
CA LEU HC 73 18.18 260.99 72.49
C LEU HC 73 18.73 262.22 71.76
N ALA HC 74 18.45 262.37 70.46
CA ALA HC 74 18.90 263.51 69.66
C ALA HC 74 18.43 264.84 70.25
N ASP HC 75 17.18 264.91 70.71
CA ASP HC 75 16.62 266.09 71.36
C ASP HC 75 17.29 266.36 72.71
N LEU HC 76 17.49 265.33 73.52
CA LEU HC 76 18.14 265.47 74.82
C LEU HC 76 19.62 265.88 74.71
N VAL HC 77 20.31 265.38 73.67
CA VAL HC 77 21.68 265.76 73.30
C VAL HC 77 21.73 267.23 72.88
N LYS HC 78 20.90 267.63 71.91
CA LYS HC 78 21.06 268.92 71.24
C LYS HC 78 20.62 270.08 72.14
N THR HC 79 19.65 269.85 73.03
CA THR HC 79 19.10 270.82 73.97
C THR HC 79 20.18 271.59 74.75
N ALA HC 80 20.03 272.92 74.85
CA ALA HC 80 20.84 273.75 75.74
C ALA HC 80 20.18 273.79 77.13
N SER HC 81 20.93 273.45 78.19
CA SER HC 81 20.47 273.66 79.55
C SER HC 81 21.64 273.81 80.53
N THR HC 82 21.46 274.63 81.59
CA THR HC 82 22.38 274.69 82.72
C THR HC 82 22.49 273.34 83.45
N THR HC 83 21.52 272.43 83.23
CA THR HC 83 21.48 271.10 83.85
C THR HC 83 22.56 270.20 83.25
N PRO HC 84 23.53 269.68 84.04
CA PRO HC 84 24.58 268.78 83.54
C PRO HC 84 24.05 267.49 82.90
N LEU HC 85 24.69 267.08 81.81
CA LEU HC 85 24.39 265.80 81.16
C LEU HC 85 25.08 264.66 81.93
N GLU HC 86 24.28 263.73 82.44
CA GLU HC 86 24.70 262.72 83.39
C GLU HC 86 24.70 261.31 82.78
N LEU HC 87 25.86 260.65 82.85
CA LEU HC 87 26.08 259.32 82.32
C LEU HC 87 26.27 258.33 83.47
N GLN HC 88 25.54 257.21 83.43
CA GLN HC 88 25.75 256.06 84.32
C GLN HC 88 26.37 254.93 83.50
N ILE HC 89 27.55 254.42 83.91
CA ILE HC 89 28.24 253.36 83.18
C ILE HC 89 28.15 252.04 83.98
N PRO HC 90 27.70 250.91 83.36
CA PRO HC 90 27.51 249.67 84.11
C PRO HC 90 28.76 248.85 84.42
N GLN HC 91 29.79 248.95 83.56
CA GLN HC 91 31.04 248.20 83.71
C GLN HC 91 31.87 248.73 84.88
N ASP HC 92 32.31 247.82 85.78
CA ASP HC 92 32.90 248.15 87.07
C ASP HC 92 34.17 249.01 87.01
N ALA HC 93 34.87 249.06 85.88
CA ALA HC 93 36.09 249.86 85.74
C ALA HC 93 35.84 251.37 85.75
N TYR HC 94 34.58 251.79 85.64
CA TYR HC 94 34.18 253.21 85.70
C TYR HC 94 33.25 253.41 86.90
N PRO HC 95 33.34 254.55 87.64
CA PRO HC 95 32.50 254.79 88.80
C PRO HC 95 31.04 254.97 88.36
N ASP HC 96 30.09 254.67 89.25
CA ASP HC 96 28.70 254.39 88.89
C ASP HC 96 28.01 255.55 88.13
N THR HC 97 28.42 256.81 88.37
CA THR HC 97 27.96 257.97 87.60
C THR HC 97 29.09 258.97 87.30
N VAL HC 98 29.01 259.64 86.13
CA VAL HC 98 29.97 260.64 85.66
C VAL HC 98 29.24 261.75 84.90
N THR HC 99 29.78 262.98 84.95
CA THR HC 99 29.20 264.14 84.27
C THR HC 99 29.95 264.42 82.97
N VAL HC 100 29.21 264.74 81.90
CA VAL HC 100 29.78 264.86 80.56
C VAL HC 100 29.19 266.05 79.80
N ALA HC 101 29.78 266.35 78.63
CA ALA HC 101 29.27 267.23 77.61
C ALA HC 101 29.48 266.60 76.24
N PRO HC 102 28.62 266.87 75.23
CA PRO HC 102 28.87 266.44 73.85
C PRO HC 102 30.28 266.89 73.44
N ALA HC 103 31.01 266.00 72.75
CA ALA HC 103 32.46 266.11 72.59
C ALA HC 103 32.90 267.49 72.08
N ALA HC 104 33.92 268.06 72.75
CA ALA HC 104 34.27 269.47 72.69
C ALA HC 104 34.70 269.95 71.30
N GLY HC 105 35.48 269.13 70.56
CA GLY HC 105 36.05 269.51 69.27
C GLY HC 105 35.31 268.94 68.05
N GLN HC 106 34.23 268.17 68.28
CA GLN HC 106 33.56 267.39 67.23
C GLN HC 106 32.22 268.03 66.80
N ALA HC 107 32.00 268.01 65.48
CA ALA HC 107 30.74 268.45 64.88
C ALA HC 107 29.66 267.36 64.92
N SER HC 108 30.06 266.09 65.20
CA SER HC 108 29.20 264.91 65.16
C SER HC 108 29.27 264.13 66.48
N ALA HC 109 28.84 264.75 67.58
CA ALA HC 109 28.84 264.11 68.89
C ALA HC 109 27.91 262.89 68.97
N LEU HC 110 26.83 262.89 68.17
CA LEU HC 110 25.92 261.76 68.01
C LEU HC 110 25.73 261.47 66.52
N THR HC 111 25.84 260.19 66.14
CA THR HC 111 25.46 259.70 64.81
C THR HC 111 24.35 258.68 64.94
N LEU HC 112 23.27 258.86 64.17
CA LEU HC 112 22.16 257.91 64.02
C LEU HC 112 22.12 257.42 62.57
N GLU HC 113 22.14 256.11 62.35
CA GLU HC 113 22.17 255.56 60.99
C GLU HC 113 21.05 254.55 60.75
N TYR HC 114 20.36 254.76 59.63
CA TYR HC 114 19.25 253.95 59.15
C TYR HC 114 19.66 253.34 57.81
N PRO HC 115 20.48 252.25 57.83
CA PRO HC 115 20.92 251.61 56.59
C PRO HC 115 19.78 250.83 55.96
N ALA HC 116 19.82 250.66 54.64
CA ALA HC 116 18.83 249.87 53.91
C ALA HC 116 18.75 248.41 54.41
N GLY HC 117 17.53 247.85 54.47
CA GLY HC 117 17.33 246.43 54.72
C GLY HC 117 17.20 246.06 56.20
N ARG HC 118 17.20 247.06 57.09
CA ARG HC 118 17.00 246.91 58.52
C ARG HC 118 15.77 247.69 58.98
N LYS HC 119 15.13 247.16 60.02
CA LYS HC 119 13.89 247.68 60.57
C LYS HC 119 13.90 247.40 62.08
N ASP HC 120 13.44 248.37 62.91
CA ASP HC 120 13.60 248.34 64.36
C ASP HC 120 15.07 248.07 64.76
N LEU HC 121 16.01 248.67 64.00
CA LEU HC 121 17.45 248.46 64.14
C LEU HC 121 18.20 249.66 63.57
N VAL HC 122 18.57 250.59 64.46
CA VAL HC 122 19.29 251.83 64.15
C VAL HC 122 20.70 251.73 64.73
N ASP HC 123 21.74 251.99 63.92
CA ASP HC 123 23.10 252.06 64.44
C ASP HC 123 23.35 253.41 65.12
N VAL HC 124 24.10 253.39 66.23
CA VAL HC 124 24.41 254.59 66.99
C VAL HC 124 25.90 254.68 67.32
N SER HC 125 26.47 255.89 67.19
CA SER HC 125 27.77 256.24 67.77
C SER HC 125 27.69 257.57 68.54
N LEU HC 126 28.32 257.63 69.74
CA LEU HC 126 28.33 258.78 70.64
C LEU HC 126 29.74 259.15 71.07
N SER HC 127 29.99 260.46 71.29
CA SER HC 127 31.24 260.97 71.86
C SER HC 127 30.94 261.99 72.97
N LEU HC 128 31.54 261.80 74.16
CA LEU HC 128 31.20 262.58 75.37
C LEU HC 128 32.47 262.96 76.15
N THR HC 129 32.79 264.28 76.20
CA THR HC 129 33.89 264.80 77.03
C THR HC 129 33.47 264.84 78.49
N ARG HC 130 34.29 264.31 79.42
CA ARG HC 130 34.03 264.40 80.85
C ARG HC 130 34.23 265.84 81.33
N VAL HC 131 33.35 266.29 82.24
CA VAL HC 131 33.40 267.63 82.81
C VAL HC 131 33.27 267.55 84.33
N ASP HC 132 33.83 268.51 85.07
CA ASP HC 132 33.63 268.51 86.51
C ASP HC 132 32.16 268.77 86.85
N PRO HC 133 31.53 267.99 87.77
CA PRO HC 133 30.09 268.09 88.06
C PRO HC 133 29.58 269.49 88.44
N ASN HC 134 30.38 270.26 89.19
CA ASN HC 134 30.03 271.60 89.63
C ASN HC 134 30.41 272.68 88.60
N SER HC 135 31.35 272.35 87.69
CA SER HC 135 31.90 273.25 86.68
C SER HC 135 31.08 273.30 85.37
N VAL HC 136 29.77 273.03 85.45
CA VAL HC 136 28.83 273.22 84.34
C VAL HC 136 28.07 274.54 84.56
N ARG HC 137 28.08 275.40 83.52
CA ARG HC 137 27.55 276.76 83.55
C ARG HC 137 26.76 277.03 82.27
N GLY HC 138 25.86 278.03 82.24
CA GLY HC 138 25.08 278.26 81.02
C GLY HC 138 24.20 279.51 81.01
N VAL HC 139 23.71 279.84 79.80
CA VAL HC 139 22.80 280.94 79.53
C VAL HC 139 21.45 280.38 79.05
N GLY HC 140 20.40 280.57 79.88
CA GLY HC 140 19.04 280.08 79.63
C GLY HC 140 18.93 278.56 79.45
N ASP HC 141 17.75 278.15 78.95
CA ASP HC 141 17.47 276.79 78.48
C ASP HC 141 16.77 276.87 77.10
N GLN HC 142 17.15 275.98 76.17
CA GLN HC 142 16.54 275.89 74.84
C GLN HC 142 16.34 274.42 74.46
N GLN HC 143 15.09 273.95 74.57
CA GLN HC 143 14.68 272.58 74.29
C GLN HC 143 14.66 272.33 72.78
N ALA HC 144 15.44 271.33 72.31
CA ALA HC 144 15.37 270.83 70.95
C ALA HC 144 14.09 270.01 70.73
N THR HC 145 13.45 270.19 69.55
CA THR HC 145 12.33 269.36 69.12
C THR HC 145 12.59 268.71 67.75
N THR HC 146 12.49 267.38 67.69
CA THR HC 146 12.42 266.63 66.45
C THR HC 146 10.93 266.40 66.12
N PRO HC 147 10.38 267.04 65.05
CA PRO HC 147 8.98 266.85 64.66
C PRO HC 147 8.64 265.39 64.33
N THR HC 148 7.36 265.04 64.49
CA THR HC 148 6.85 263.68 64.27
C THR HC 148 5.53 263.66 63.49
N THR HC 149 5.28 262.59 62.72
CA THR HC 149 4.02 262.36 61.99
C THR HC 149 3.85 260.89 61.62
N THR HC 150 2.63 260.49 61.21
CA THR HC 150 2.23 259.10 60.98
C THR HC 150 2.29 258.68 59.50
N GLY HC 151 2.47 259.65 58.58
CA GLY HC 151 2.13 259.52 57.16
C GLY HC 151 2.67 258.29 56.40
N THR HC 152 3.89 257.82 56.74
CA THR HC 152 4.57 256.68 56.11
C THR HC 152 4.66 256.79 54.57
N GLY HC 153 4.80 258.02 54.04
CA GLY HC 153 4.91 258.29 52.60
C GLY HC 153 6.35 258.54 52.14
N PRO HC 154 6.59 258.86 50.84
CA PRO HC 154 7.94 259.10 50.33
C PRO HC 154 8.52 260.43 50.81
N VAL HC 155 9.85 260.49 50.97
CA VAL HC 155 10.56 261.70 51.38
C VAL HC 155 10.51 262.73 50.25
N GLU HC 156 10.12 263.97 50.56
CA GLU HC 156 9.85 264.99 49.54
C GLU HC 156 10.68 266.26 49.74
N VAL HC 157 11.87 266.29 49.12
CA VAL HC 157 12.68 267.50 48.96
C VAL HC 157 11.87 268.54 48.19
N THR HC 158 11.55 269.67 48.84
CA THR HC 158 10.56 270.62 48.33
C THR HC 158 11.09 272.06 48.45
N ALA HC 159 11.09 272.81 47.34
CA ALA HC 159 11.59 274.18 47.26
C ALA HC 159 10.94 274.93 46.11
N GLY HC 160 10.72 276.25 46.30
CA GLY HC 160 10.01 277.12 45.35
C GLY HC 160 8.59 276.62 44.98
N GLY HC 161 7.97 275.80 45.85
CA GLY HC 161 6.67 275.17 45.61
C GLY HC 161 6.73 273.94 44.69
N THR HC 162 7.95 273.51 44.31
CA THR HC 162 8.24 272.31 43.52
C THR HC 162 8.78 271.21 44.43
N THR HC 163 8.38 269.95 44.18
CA THR HC 163 8.79 268.83 45.03
C THR HC 163 9.39 267.69 44.21
N VAL HC 164 10.38 267.02 44.81
CA VAL HC 164 10.96 265.78 44.31
C VAL HC 164 10.89 264.70 45.40
N GLN HC 165 10.24 263.59 45.07
CA GLN HC 165 10.23 262.38 45.89
C GLN HC 165 11.58 261.67 45.75
N LEU HC 166 12.32 261.47 46.88
CA LEU HC 166 13.54 260.68 46.88
C LEU HC 166 13.19 259.21 46.68
N PRO HC 167 13.69 258.54 45.61
CA PRO HC 167 13.39 257.13 45.37
C PRO HC 167 13.87 256.24 46.53
N SER HC 168 12.97 255.38 47.00
CA SER HC 168 13.17 254.54 48.18
C SER HC 168 14.25 253.48 47.98
N SER HC 169 14.53 253.13 46.72
CA SER HC 169 15.46 252.08 46.29
C SER HC 169 16.91 252.37 46.72
N GLY HC 170 17.42 251.53 47.64
CA GLY HC 170 18.76 251.69 48.19
C GLY HC 170 18.83 252.76 49.27
N LEU HC 171 17.72 253.49 49.50
CA LEU HC 171 17.74 254.69 50.34
C LEU HC 171 18.20 254.33 51.75
N SER HC 172 19.23 255.06 52.20
CA SER HC 172 19.92 254.89 53.48
C SER HC 172 20.21 256.27 54.07
N VAL HC 173 19.90 256.48 55.37
CA VAL HC 173 20.03 257.78 56.03
C VAL HC 173 21.11 257.73 57.10
N GLU HC 174 21.98 258.74 57.12
CA GLU HC 174 22.92 258.98 58.21
C GLU HC 174 22.71 260.41 58.73
N ARG HC 175 22.25 260.54 59.99
CA ARG HC 175 22.02 261.84 60.62
C ARG HC 175 23.07 262.06 61.71
N THR HC 176 23.68 263.24 61.73
CA THR HC 176 24.64 263.61 62.77
C THR HC 176 24.19 264.86 63.52
N VAL HC 177 24.48 264.89 64.82
CA VAL HC 177 24.08 265.95 65.73
C VAL HC 177 25.29 266.33 66.58
N GLY HC 178 25.46 267.63 66.88
CA GLY HC 178 26.53 268.05 67.78
C GLY HC 178 26.35 269.48 68.29
N ARG HC 179 27.12 269.81 69.35
CA ARG HC 179 27.15 271.12 69.98
C ARG HC 179 28.55 271.74 69.84
N PRO HC 180 29.03 271.99 68.60
CA PRO HC 180 30.41 272.42 68.38
C PRO HC 180 30.73 273.86 68.81
N ASN HC 181 29.69 274.65 69.15
CA ASN HC 181 29.83 276.03 69.59
C ASN HC 181 29.88 276.17 71.12
N ASP HC 182 29.66 275.10 71.89
CA ASP HC 182 29.90 275.18 73.34
C ASP HC 182 31.39 275.32 73.64
N ALA HC 183 31.73 276.10 74.69
CA ALA HC 183 33.11 276.28 75.09
C ALA HC 183 33.46 275.36 76.27
N VAL HC 184 34.47 274.49 76.08
CA VAL HC 184 35.09 273.75 77.16
C VAL HC 184 36.46 274.38 77.46
N ARG HC 185 36.77 274.60 78.74
CA ARG HC 185 37.96 275.34 79.19
C ARG HC 185 38.68 274.63 80.35
N ARG HC 186 40.02 274.67 80.33
CA ARG HC 186 40.85 274.08 81.38
C ARG HC 186 40.72 274.84 82.71
N VAL HC 187 40.82 274.10 83.85
CA VAL HC 187 40.80 274.66 85.21
C VAL HC 187 42.05 274.23 85.98
N PRO HC 188 42.66 275.10 86.82
CA PRO HC 188 44.04 274.90 87.28
C PRO HC 188 44.26 273.90 88.41
N ARG HC 189 43.19 273.50 89.12
CA ARG HC 189 43.28 272.60 90.28
C ARG HC 189 42.03 271.72 90.43
N GLN HC 190 41.61 271.12 89.33
CA GLN HC 190 40.62 270.04 89.31
C GLN HC 190 40.94 269.11 88.13
N ALA HC 191 40.56 267.82 88.21
CA ALA HC 191 40.94 266.83 87.22
C ALA HC 191 40.30 267.08 85.84
N ASP HC 192 39.05 267.59 85.84
CA ASP HC 192 38.17 267.67 84.69
C ASP HC 192 37.80 269.12 84.38
N PRO HC 193 37.59 269.47 83.08
CA PRO HC 193 37.42 270.86 82.66
C PRO HC 193 36.05 271.46 83.00
N ARG HC 194 35.98 272.79 82.86
CA ARG HC 194 34.77 273.60 82.93
C ARG HC 194 34.05 273.62 81.59
N TYR HC 195 32.72 273.64 81.63
CA TYR HC 195 31.88 273.59 80.44
C TYR HC 195 30.85 274.71 80.44
N GLU HC 196 30.86 275.50 79.37
CA GLU HC 196 29.95 276.61 79.16
C GLU HC 196 28.90 276.24 78.11
N VAL HC 197 27.64 276.13 78.56
CA VAL HC 197 26.50 275.88 77.70
C VAL HC 197 26.14 277.17 76.97
N LYS HC 198 26.72 277.35 75.77
CA LYS HC 198 26.57 278.57 74.99
C LYS HC 198 25.18 278.66 74.35
N ALA HC 199 24.59 279.86 74.40
CA ALA HC 199 23.38 280.18 73.63
C ALA HC 199 23.74 280.43 72.15
N LYS HC 200 24.46 279.47 71.54
CA LYS HC 200 24.90 279.52 70.16
C LYS HC 200 24.47 278.28 69.38
N VAL HC 201 24.33 278.48 68.07
CA VAL HC 201 23.86 277.53 67.06
C VAL HC 201 24.49 276.12 67.20
N THR HC 202 23.64 275.10 67.00
CA THR HC 202 24.02 273.68 67.01
C THR HC 202 24.22 273.11 65.60
N ASN HC 203 24.75 271.89 65.54
CA ASN HC 203 24.93 271.16 64.29
C ASN HC 203 23.94 269.98 64.25
N ASP HC 204 23.25 269.83 63.11
CA ASP HC 204 22.23 268.82 62.91
C ASP HC 204 22.09 268.59 61.40
N VAL HC 205 22.70 267.51 60.90
CA VAL HC 205 22.89 267.25 59.48
C VAL HC 205 22.25 265.92 59.10
N PHE HC 206 21.53 265.91 57.97
CA PHE HC 206 20.97 264.71 57.37
C PHE HC 206 21.74 264.38 56.10
N THR HC 207 22.23 263.14 56.00
CA THR HC 207 22.87 262.59 54.80
C THR HC 207 22.01 261.46 54.24
N PHE HC 208 21.84 261.45 52.92
CA PHE HC 208 21.19 260.36 52.21
C PHE HC 208 22.15 259.72 51.20
N SER HC 209 21.96 258.43 50.96
CA SER HC 209 22.38 257.79 49.72
C SER HC 209 21.22 256.95 49.19
N PHE HC 210 21.05 256.93 47.87
CA PHE HC 210 19.95 256.23 47.20
C PHE HC 210 20.27 256.05 45.71
N GLU HC 211 19.48 255.23 45.01
CA GLU HC 211 19.63 255.09 43.57
C GLU HC 211 18.31 255.37 42.86
N THR HC 212 18.33 256.27 41.86
CA THR HC 212 17.13 256.74 41.18
C THR HC 212 16.87 255.82 39.98
N LEU HC 213 15.69 255.18 39.92
CA LEU HC 213 15.51 254.00 39.07
C LEU HC 213 14.57 254.19 37.86
N ASP HC 214 13.75 255.26 37.86
CA ASP HC 214 12.90 255.62 36.73
C ASP HC 214 12.60 257.13 36.75
N ASN HC 215 12.10 257.64 35.60
CA ASN HC 215 11.99 259.07 35.34
C ASN HC 215 13.29 259.81 35.68
N ILE HC 216 14.43 259.23 35.30
CA ILE HC 216 15.73 259.62 35.86
C ILE HC 216 16.12 261.03 35.43
N PRO HC 217 16.18 261.39 34.13
CA PRO HC 217 16.47 262.75 33.71
C PRO HC 217 15.58 263.81 34.36
N ALA HC 218 14.26 263.55 34.40
CA ALA HC 218 13.29 264.46 34.99
C ALA HC 218 13.53 264.65 36.49
N THR HC 219 13.84 263.54 37.20
CA THR HC 219 14.12 263.54 38.63
C THR HC 219 15.38 264.36 38.93
N LEU HC 220 16.46 264.10 38.20
CA LEU HC 220 17.75 264.71 38.48
C LEU HC 220 17.78 266.19 38.14
N ASN HC 221 17.09 266.61 37.08
CA ASN HC 221 16.93 268.03 36.78
C ASN HC 221 16.05 268.72 37.83
N ALA HC 222 14.89 268.15 38.17
CA ALA HC 222 14.01 268.73 39.18
C ALA HC 222 14.69 268.89 40.55
N LEU HC 223 15.61 267.97 40.89
CA LEU HC 223 16.44 268.06 42.09
C LEU HC 223 17.56 269.11 41.96
N THR HC 224 18.37 269.05 40.89
CA THR HC 224 19.53 269.94 40.73
C THR HC 224 19.15 271.41 40.53
N ASP HC 225 18.19 271.73 39.67
CA ASP HC 225 17.86 273.12 39.38
C ASP HC 225 17.36 273.84 40.65
N ASN HC 226 16.30 273.30 41.26
CA ASN HC 226 15.57 273.91 42.37
C ASN HC 226 16.31 273.88 43.72
N VAL HC 227 17.48 273.20 43.82
CA VAL HC 227 18.23 273.10 45.05
C VAL HC 227 19.68 273.58 44.91
N PHE HC 228 20.25 273.45 43.70
CA PHE HC 228 21.68 273.71 43.47
C PHE HC 228 21.98 274.75 42.37
N ARG HC 229 20.94 275.31 41.71
CA ARG HC 229 21.11 276.39 40.73
C ARG HC 229 20.25 277.62 41.08
N GLU HC 230 18.97 277.38 41.42
CA GLU HC 230 18.10 278.38 42.02
C GLU HC 230 18.69 278.93 43.33
N GLN HC 231 18.20 280.11 43.73
CA GLN HC 231 18.59 280.73 45.00
C GLN HC 231 17.42 280.66 45.99
N LEU HC 232 17.64 280.08 47.17
CA LEU HC 232 16.55 279.80 48.11
C LEU HC 232 16.18 281.02 48.98
N GLY HC 233 16.92 282.14 48.87
CA GLY HC 233 16.69 283.32 49.71
C GLY HC 233 17.05 283.10 51.19
N ARG HC 234 16.19 283.59 52.11
CA ARG HC 234 16.23 283.24 53.54
C ARG HC 234 15.49 281.94 53.86
N ASP HC 235 14.71 281.42 52.89
CA ASP HC 235 14.08 280.10 53.00
C ASP HC 235 15.12 278.99 52.78
N GLY HC 236 14.62 277.74 52.73
CA GLY HC 236 15.44 276.59 52.35
C GLY HC 236 14.56 275.49 51.76
N VAL HC 237 15.20 274.34 51.52
CA VAL HC 237 14.48 273.12 51.20
C VAL HC 237 13.63 272.72 52.39
N THR HC 238 12.33 272.47 52.17
CA THR HC 238 11.54 271.68 53.10
C THR HC 238 11.80 270.20 52.77
N LEU HC 239 12.41 269.48 53.70
CA LEU HC 239 12.74 268.07 53.58
C LEU HC 239 11.64 267.27 54.28
N ASP HC 240 10.52 267.06 53.57
CA ASP HC 240 9.36 266.40 54.17
C ASP HC 240 9.62 264.90 54.30
N PHE HC 241 10.00 264.45 55.51
CA PHE HC 241 10.17 263.03 55.80
C PHE HC 241 8.86 262.23 55.78
N ASN HC 242 7.69 262.90 55.77
CA ASN HC 242 6.41 262.27 55.44
C ASN HC 242 6.08 261.07 56.35
N GLY HC 243 6.60 261.05 57.60
CA GLY HC 243 6.29 260.01 58.57
C GLY HC 243 7.18 258.75 58.50
N LEU HC 244 8.14 258.68 57.56
CA LEU HC 244 9.20 257.67 57.62
C LEU HC 244 9.99 257.83 58.92
N LEU HC 245 10.34 256.71 59.57
CA LEU HC 245 11.00 256.67 60.88
C LEU HC 245 10.19 257.40 61.98
N GLY HC 246 8.91 257.73 61.72
CA GLY HC 246 8.15 258.62 62.60
C GLY HC 246 8.63 260.08 62.60
N LEU HC 247 9.52 260.49 61.67
CA LEU HC 247 9.97 261.87 61.52
C LEU HC 247 8.94 262.72 60.77
N GLY HC 248 8.72 263.95 61.28
CA GLY HC 248 7.93 264.97 60.60
C GLY HC 248 8.77 265.84 59.66
N SER HC 249 8.10 266.80 59.01
CA SER HC 249 8.75 267.74 58.10
C SER HC 249 9.72 268.67 58.83
N VAL HC 250 10.82 269.05 58.15
CA VAL HC 250 11.91 269.88 58.67
C VAL HC 250 12.44 270.78 57.54
N LYS HC 251 12.97 271.98 57.87
CA LYS HC 251 13.55 272.89 56.88
C LYS HC 251 15.07 272.88 56.94
N ALA HC 252 15.75 272.83 55.78
CA ALA HC 252 17.17 272.52 55.69
C ALA HC 252 17.82 273.11 54.40
N ILE HC 253 19.16 273.13 54.34
CA ILE HC 253 19.90 273.64 53.18
C ILE HC 253 21.21 272.87 52.99
N PRO HC 254 21.71 272.65 51.75
CA PRO HC 254 23.03 272.04 51.55
C PRO HC 254 24.16 272.92 52.07
N VAL HC 255 25.08 272.32 52.84
CA VAL HC 255 26.21 273.02 53.48
C VAL HC 255 27.50 272.21 53.26
N GLY HC 256 28.62 272.93 53.02
CA GLY HC 256 29.88 272.32 52.63
C GLY HC 256 30.09 272.32 51.11
N SER HC 257 31.31 271.98 50.67
CA SER HC 257 31.78 272.23 49.31
C SER HC 257 31.09 271.36 48.25
N SER HC 258 30.73 270.13 48.63
CA SER HC 258 30.24 269.08 47.74
C SER HC 258 29.15 268.21 48.39
N PRO HC 259 27.98 268.78 48.83
CA PRO HC 259 26.96 268.02 49.56
C PRO HC 259 26.25 266.96 48.71
N PHE HC 260 26.20 267.17 47.38
CA PHE HC 260 25.40 266.33 46.50
C PHE HC 260 26.23 265.83 45.31
N ARG HC 261 26.07 264.53 45.00
CA ARG HC 261 26.77 263.87 43.91
C ARG HC 261 25.80 263.01 43.10
N GLN HC 262 25.85 263.14 41.77
CA GLN HC 262 25.20 262.20 40.87
C GLN HC 262 26.29 261.38 40.21
N VAL HC 263 26.12 260.05 40.22
CA VAL HC 263 27.13 259.13 39.71
C VAL HC 263 26.55 258.23 38.61
N HIS HC 264 27.20 258.32 37.45
CA HIS HC 264 26.91 257.58 36.24
C HIS HC 264 28.01 256.54 36.02
N GLN HC 265 27.64 255.27 35.77
CA GLN HC 265 28.61 254.18 35.87
C GLN HC 265 28.63 253.28 34.63
N ALA HC 266 29.77 252.59 34.44
CA ALA HC 266 29.92 251.59 33.38
C ALA HC 266 28.83 250.51 33.50
N GLY HC 267 28.06 250.30 32.42
CA GLY HC 267 27.12 249.19 32.33
C GLY HC 267 25.81 249.40 33.11
N ARG HC 268 25.62 250.57 33.74
CA ARG HC 268 24.43 250.83 34.55
C ARG HC 268 23.50 251.79 33.79
N GLY HC 269 22.26 251.37 33.55
CA GLY HC 269 21.26 252.24 32.91
C GLY HC 269 20.52 253.19 33.87
N TRP HC 270 21.09 253.46 35.06
CA TRP HC 270 20.51 254.31 36.09
C TRP HC 270 21.57 255.03 36.93
N VAL HC 271 21.15 256.01 37.75
CA VAL HC 271 22.04 256.94 38.45
C VAL HC 271 22.05 256.72 39.95
N THR HC 272 23.26 256.69 40.51
CA THR HC 272 23.51 256.55 41.93
C THR HC 272 23.65 257.94 42.58
N VAL HC 273 23.15 258.09 43.81
CA VAL HC 273 23.42 259.27 44.65
C VAL HC 273 24.27 258.85 45.84
N PRO HC 274 25.62 258.91 45.77
CA PRO HC 274 26.50 258.54 46.88
C PRO HC 274 26.27 259.40 48.11
N THR HC 275 26.06 260.72 47.91
CA THR HC 275 25.57 261.61 48.95
C THR HC 275 24.57 262.61 48.37
N LEU HC 276 23.55 262.90 49.17
CA LEU HC 276 22.84 264.16 49.18
C LEU HC 276 22.78 264.58 50.65
N GLU HC 277 23.14 265.83 50.96
CA GLU HC 277 23.31 266.26 52.35
C GLU HC 277 22.63 267.61 52.60
N PHE HC 278 22.06 267.75 53.79
CA PHE HC 278 21.50 269.02 54.24
C PHE HC 278 21.83 269.26 55.72
N ARG HC 279 22.04 270.53 56.09
CA ARG HC 279 22.03 270.97 57.48
C ARG HC 279 20.65 271.55 57.79
N ARG HC 280 20.04 271.15 58.91
CA ARG HC 280 18.78 271.70 59.36
C ARG HC 280 18.96 273.19 59.69
N ILE HC 281 18.02 274.03 59.23
CA ILE HC 281 18.03 275.47 59.46
C ILE HC 281 16.93 275.89 60.43
N TYR HC 282 16.91 277.18 60.74
CA TYR HC 282 15.88 277.82 61.54
C TYR HC 282 14.47 277.62 60.97
N SER HC 283 13.53 277.23 61.85
CA SER HC 283 12.10 277.14 61.57
C SER HC 283 11.31 277.25 62.88
N ASN HC 284 11.80 278.15 63.76
CA ASN HC 284 11.43 278.22 65.18
C ASN HC 284 10.78 279.57 65.55
N GLU HC 285 10.30 280.32 64.54
CA GLU HC 285 9.66 281.63 64.69
C GLU HC 285 8.31 281.54 65.42
N VAL IC 2 28.17 256.96 23.19
CA VAL IC 2 29.48 256.41 23.68
C VAL IC 2 30.38 257.57 24.11
N ASP IC 3 30.56 258.58 23.25
CA ASP IC 3 31.54 259.64 23.46
C ASP IC 3 30.88 260.96 23.90
N ALA IC 4 31.44 261.59 24.95
CA ALA IC 4 31.22 263.01 25.21
C ALA IC 4 32.09 263.85 24.28
N THR IC 5 31.65 265.08 23.96
CA THR IC 5 32.42 265.98 23.09
C THR IC 5 32.87 267.22 23.86
N LEU IC 6 34.16 267.55 23.75
CA LEU IC 6 34.76 268.73 24.36
C LEU IC 6 35.43 269.56 23.26
N SER IC 7 35.24 270.90 23.27
CA SER IC 7 35.77 271.76 22.21
C SER IC 7 36.20 273.12 22.75
N ARG IC 8 37.14 273.78 22.02
CA ARG IC 8 37.76 275.05 22.39
C ARG IC 8 37.90 275.90 21.12
N GLY IC 9 36.81 276.58 20.75
CA GLY IC 9 36.69 277.13 19.41
C GLY IC 9 36.41 276.03 18.39
N GLY IC 10 37.00 276.14 17.19
CA GLY IC 10 36.77 275.24 16.07
C GLY IC 10 37.27 273.81 16.31
N THR IC 11 38.36 273.67 17.08
CA THR IC 11 38.99 272.40 17.42
C THR IC 11 38.15 271.65 18.46
N SER IC 12 37.97 270.32 18.24
CA SER IC 12 37.04 269.48 18.99
C SER IC 12 37.64 268.08 19.21
N VAL IC 13 37.31 267.45 20.35
CA VAL IC 13 37.74 266.11 20.72
C VAL IC 13 36.54 265.33 21.26
N ASP IC 14 36.39 264.06 20.81
CA ASP IC 14 35.38 263.15 21.32
C ASP IC 14 36.02 262.11 22.23
N ILE IC 15 35.52 262.00 23.47
CA ILE IC 15 36.10 261.15 24.52
C ILE IC 15 35.14 260.01 24.86
N PRO IC 16 35.53 258.72 24.64
CA PRO IC 16 34.74 257.57 25.08
C PRO IC 16 34.67 257.45 26.60
N LEU IC 17 33.46 257.54 27.14
CA LEU IC 17 33.19 257.25 28.55
C LEU IC 17 32.94 255.77 28.70
N VAL IC 18 34.04 254.98 28.70
CA VAL IC 18 34.01 253.53 28.83
C VAL IC 18 35.04 253.02 29.82
N GLU IC 19 34.65 252.00 30.62
CA GLU IC 19 35.47 251.41 31.67
C GLU IC 19 35.18 249.92 31.91
N GLU IC 20 36.16 249.24 32.52
CA GLU IC 20 36.09 247.86 33.01
C GLU IC 20 35.03 247.71 34.10
N GLY IC 21 34.20 246.65 34.03
CA GLY IC 21 33.29 246.26 35.10
C GLY IC 21 32.20 247.31 35.40
N GLY IC 22 32.09 247.73 36.67
CA GLY IC 22 31.04 248.63 37.15
C GLY IC 22 31.54 249.98 37.68
N GLU IC 23 32.72 250.40 37.20
CA GLU IC 23 33.41 251.62 37.64
C GLU IC 23 32.60 252.91 37.38
N ILE IC 24 32.90 253.95 38.18
CA ILE IC 24 32.38 255.30 37.96
C ILE IC 24 32.92 255.85 36.64
N LEU IC 25 32.03 256.41 35.82
CA LEU IC 25 32.38 256.97 34.51
C LEU IC 25 32.15 258.47 34.41
N LEU IC 26 31.02 258.95 34.97
CA LEU IC 26 30.81 260.38 35.12
C LEU IC 26 30.21 260.67 36.48
N SER IC 27 30.79 261.65 37.17
CA SER IC 27 30.25 262.13 38.43
C SER IC 27 29.98 263.64 38.31
N SER IC 28 28.72 264.06 38.51
CA SER IC 28 28.38 265.47 38.60
C SER IC 28 28.18 265.82 40.07
N THR IC 29 29.06 266.70 40.57
CA THR IC 29 29.06 267.12 41.95
C THR IC 29 28.47 268.53 42.04
N PHE IC 30 27.60 268.74 43.04
CA PHE IC 30 27.01 270.04 43.31
C PHE IC 30 27.29 270.44 44.74
N GLY IC 31 27.38 271.76 44.95
CA GLY IC 31 27.45 272.34 46.28
C GLY IC 31 27.16 273.84 46.30
N LYS IC 32 26.85 274.35 47.51
CA LYS IC 32 26.71 275.76 47.81
C LYS IC 32 27.74 276.16 48.87
N PRO IC 33 29.00 276.42 48.47
CA PRO IC 33 30.00 276.91 49.42
C PRO IC 33 29.68 278.31 49.94
N GLU IC 34 28.85 279.06 49.20
CA GLU IC 34 28.69 280.51 49.32
C GLU IC 34 27.33 280.92 49.95
N VAL IC 35 26.59 279.98 50.57
CA VAL IC 35 25.55 280.34 51.52
C VAL IC 35 26.19 280.83 52.82
N ASN IC 36 25.59 281.84 53.45
CA ASN IC 36 26.10 282.44 54.67
C ASN IC 36 25.28 281.97 55.87
N VAL IC 37 25.98 281.48 56.91
CA VAL IC 37 25.39 280.85 58.09
C VAL IC 37 25.51 281.79 59.31
N ARG IC 38 24.41 282.01 60.04
CA ARG IC 38 24.39 282.81 61.26
C ARG IC 38 25.03 282.02 62.42
N LYS IC 39 26.36 282.10 62.56
CA LYS IC 39 27.18 281.31 63.49
C LYS IC 39 26.75 281.42 64.97
N SER IC 40 26.22 282.59 65.39
CA SER IC 40 25.71 282.78 66.74
C SER IC 40 24.26 282.30 66.85
N GLY IC 41 23.36 282.99 66.13
CA GLY IC 41 21.93 282.65 66.04
C GLY IC 41 21.10 283.05 67.27
N GLY IC 42 21.57 282.73 68.48
CA GLY IC 42 20.81 282.90 69.72
C GLY IC 42 19.74 281.84 69.96
N SER IC 43 19.61 280.87 69.02
CA SER IC 43 18.66 279.76 69.02
C SER IC 43 19.36 278.52 68.46
N LEU IC 44 18.74 277.34 68.65
CA LEU IC 44 19.41 276.06 68.38
C LEU IC 44 19.84 275.90 66.92
N ASN IC 45 18.94 276.27 66.00
CA ASN IC 45 19.12 276.02 64.57
C ASN IC 45 19.48 277.34 63.86
N PRO IC 46 20.50 277.35 62.96
CA PRO IC 46 20.95 278.60 62.35
C PRO IC 46 20.00 279.17 61.31
N ARG IC 47 19.80 280.50 61.33
CA ARG IC 47 19.32 281.24 60.17
C ARG IC 47 20.41 281.28 59.09
N VAL IC 48 20.00 281.33 57.82
CA VAL IC 48 20.91 281.32 56.67
C VAL IC 48 20.45 282.31 55.59
N ILE IC 49 21.37 282.68 54.67
CA ILE IC 49 21.05 283.48 53.50
C ILE IC 49 21.79 282.95 52.27
N ASP IC 50 21.10 282.89 51.11
CA ASP IC 50 21.65 282.47 49.82
C ASP IC 50 21.76 283.68 48.87
N SER IC 51 22.92 283.87 48.21
CA SER IC 51 23.26 285.14 47.56
C SER IC 51 24.13 285.02 46.29
N TRP IC 52 24.83 283.89 46.09
CA TRP IC 52 25.90 283.77 45.10
C TRP IC 52 25.82 282.50 44.27
N SER IC 53 26.56 282.48 43.14
CA SER IC 53 26.76 281.31 42.30
C SER IC 53 27.29 280.13 43.11
N GLY IC 54 26.62 278.97 42.98
CA GLY IC 54 27.08 277.73 43.57
C GLY IC 54 28.25 277.12 42.79
N LEU IC 55 28.50 275.84 43.06
CA LEU IC 55 29.53 275.08 42.38
C LEU IC 55 28.94 273.81 41.77
N GLN IC 56 29.05 273.67 40.44
CA GLN IC 56 28.89 272.39 39.75
C GLN IC 56 30.23 271.92 39.16
N THR IC 57 30.60 270.65 39.41
CA THR IC 57 31.83 270.07 38.92
C THR IC 57 31.54 268.74 38.24
N PHE IC 58 32.07 268.54 37.03
CA PHE IC 58 32.01 267.26 36.33
C PHE IC 58 33.36 266.53 36.37
N GLN IC 59 33.34 265.30 36.89
CA GLN IC 59 34.45 264.38 36.78
C GLN IC 59 34.11 263.36 35.69
N LEU IC 60 34.96 263.28 34.65
CA LEU IC 60 34.82 262.31 33.57
C LEU IC 60 35.96 261.31 33.65
N VAL IC 61 35.64 260.03 33.43
CA VAL IC 61 36.62 258.94 33.34
C VAL IC 61 36.43 258.25 31.99
N GLY IC 62 37.53 257.92 31.31
CA GLY IC 62 37.44 257.24 30.03
C GLY IC 62 38.75 256.59 29.62
N LYS IC 63 38.74 255.99 28.43
CA LYS IC 63 39.92 255.37 27.83
C LYS IC 63 40.06 255.82 26.39
N LEU IC 64 41.28 256.17 25.99
CA LEU IC 64 41.57 256.61 24.63
C LEU IC 64 42.41 255.58 23.90
N TYR IC 65 42.07 255.40 22.61
CA TYR IC 65 42.62 254.34 21.77
C TYR IC 65 43.80 254.79 20.89
N ASP IC 66 44.17 256.08 20.91
CA ASP IC 66 45.36 256.56 20.23
C ASP IC 66 46.02 257.72 20.98
N TYR IC 67 47.35 257.82 20.84
CA TYR IC 67 48.15 258.77 21.60
C TYR IC 67 47.93 260.19 21.08
N SER IC 68 47.77 260.35 19.76
CA SER IC 68 47.57 261.65 19.11
C SER IC 68 46.33 262.39 19.65
N THR IC 69 45.20 261.69 19.80
CA THR IC 69 44.00 262.23 20.42
C THR IC 69 44.25 262.68 21.86
N SER IC 70 45.09 261.93 22.60
CA SER IC 70 45.45 262.25 23.98
C SER IC 70 46.29 263.54 24.04
N HIS IC 71 47.30 263.67 23.17
CA HIS IC 71 48.13 264.87 23.10
C HIS IC 71 47.32 266.10 22.69
N GLN IC 72 46.44 265.97 21.68
CA GLN IC 72 45.57 267.04 21.24
C GLN IC 72 44.62 267.49 22.35
N LEU IC 73 44.09 266.55 23.14
CA LEU IC 73 43.30 266.88 24.31
C LEU IC 73 44.13 267.65 25.34
N ALA IC 74 45.36 267.21 25.66
CA ALA IC 74 46.24 267.90 26.60
C ALA IC 74 46.53 269.34 26.15
N ASP IC 75 46.83 269.54 24.86
CA ASP IC 75 47.06 270.87 24.28
C ASP IC 75 45.78 271.73 24.33
N LEU IC 76 44.62 271.14 24.02
CA LEU IC 76 43.34 271.83 24.10
C LEU IC 76 43.01 272.25 25.55
N VAL IC 77 43.23 271.37 26.54
CA VAL IC 77 43.01 271.62 27.95
C VAL IC 77 43.91 272.75 28.45
N LYS IC 78 45.21 272.69 28.12
CA LYS IC 78 46.20 273.55 28.75
C LYS IC 78 46.23 274.95 28.13
N THR IC 79 45.81 275.08 26.87
CA THR IC 79 45.77 276.35 26.12
C THR IC 79 45.03 277.45 26.88
N ALA IC 80 45.60 278.67 26.88
CA ALA IC 80 44.91 279.88 27.30
C ALA IC 80 44.14 280.43 26.10
N SER IC 81 42.80 280.54 26.20
CA SER IC 81 42.02 281.24 25.18
C SER IC 81 40.78 281.88 25.81
N THR IC 82 40.39 283.06 25.31
CA THR IC 82 39.20 283.77 25.73
C THR IC 82 37.91 283.03 25.33
N THR IC 83 38.00 282.16 24.31
CA THR IC 83 36.90 281.32 23.87
C THR IC 83 36.58 280.28 24.95
N PRO IC 84 35.30 280.15 25.39
CA PRO IC 84 34.92 279.16 26.41
C PRO IC 84 35.22 277.71 26.02
N LEU IC 85 35.59 276.90 27.01
CA LEU IC 85 35.69 275.46 26.87
C LEU IC 85 34.29 274.84 26.97
N GLU IC 86 33.87 274.16 25.89
CA GLU IC 86 32.50 273.73 25.68
C GLU IC 86 32.37 272.20 25.73
N LEU IC 87 31.45 271.70 26.54
CA LEU IC 87 31.24 270.28 26.80
C LEU IC 87 29.83 269.87 26.38
N GLN IC 88 29.72 268.67 25.80
CA GLN IC 88 28.47 267.99 25.50
C GLN IC 88 28.47 266.63 26.21
N ILE IC 89 27.45 266.37 27.06
CA ILE IC 89 27.34 265.09 27.76
C ILE IC 89 26.26 264.23 27.09
N PRO IC 90 26.54 262.94 26.74
CA PRO IC 90 25.60 262.13 25.94
C PRO IC 90 24.46 261.47 26.72
N GLN IC 91 24.35 261.72 28.04
CA GLN IC 91 23.33 261.13 28.89
C GLN IC 91 22.25 262.16 29.24
N ASP IC 92 20.97 261.79 29.05
CA ASP IC 92 19.83 262.71 29.00
C ASP IC 92 19.56 263.49 30.29
N ALA IC 93 20.14 263.10 31.43
CA ALA IC 93 20.01 263.88 32.66
C ALA IC 93 20.74 265.23 32.61
N TYR IC 94 21.63 265.43 31.62
CA TYR IC 94 22.36 266.66 31.39
C TYR IC 94 21.95 267.27 30.04
N PRO IC 95 21.87 268.62 29.91
CA PRO IC 95 21.51 269.26 28.64
C PRO IC 95 22.64 269.15 27.61
N ASP IC 96 22.27 269.23 26.32
CA ASP IC 96 23.14 268.83 25.22
C ASP IC 96 24.43 269.66 25.13
N THR IC 97 24.46 270.86 25.72
CA THR IC 97 25.68 271.70 25.85
C THR IC 97 25.79 272.36 27.23
N VAL IC 98 27.03 272.42 27.76
CA VAL IC 98 27.37 273.13 28.99
C VAL IC 98 28.73 273.81 28.84
N THR IC 99 28.88 275.01 29.42
CA THR IC 99 30.16 275.72 29.40
C THR IC 99 30.94 275.43 30.67
N VAL IC 100 32.24 275.16 30.52
CA VAL IC 100 33.09 274.70 31.61
C VAL IC 100 34.48 275.35 31.56
N ALA IC 101 35.29 275.07 32.59
CA ALA IC 101 36.71 275.40 32.64
C ALA IC 101 37.45 274.26 33.35
N PRO IC 102 38.75 274.02 33.08
CA PRO IC 102 39.56 273.08 33.86
C PRO IC 102 39.41 273.41 35.35
N ALA IC 103 39.26 272.37 36.18
CA ALA IC 103 38.69 272.52 37.52
C ALA IC 103 39.39 273.59 38.37
N ALA IC 104 38.58 274.39 39.07
CA ALA IC 104 38.91 275.73 39.57
C ALA IC 104 40.28 275.85 40.25
N GLY IC 105 40.55 275.00 41.27
CA GLY IC 105 41.79 275.05 42.04
C GLY IC 105 42.78 273.92 41.76
N GLN IC 106 42.46 273.03 40.80
CA GLN IC 106 43.15 271.75 40.64
C GLN IC 106 44.48 271.88 39.89
N ALA IC 107 45.49 271.17 40.42
CA ALA IC 107 46.78 270.98 39.78
C ALA IC 107 46.73 269.93 38.65
N SER IC 108 45.70 269.06 38.66
CA SER IC 108 45.57 267.88 37.82
C SER IC 108 44.16 267.79 37.22
N ALA IC 109 43.78 268.80 36.43
CA ALA IC 109 42.50 268.82 35.73
C ALA IC 109 42.40 267.73 34.64
N LEU IC 110 43.54 267.26 34.12
CA LEU IC 110 43.63 266.11 33.23
C LEU IC 110 44.74 265.17 33.69
N THR IC 111 44.44 263.87 33.76
CA THR IC 111 45.44 262.82 33.93
C THR IC 111 45.43 261.89 32.72
N LEU IC 112 46.62 261.64 32.16
CA LEU IC 112 46.85 260.65 31.10
C LEU IC 112 47.77 259.56 31.63
N GLU IC 113 47.33 258.30 31.61
CA GLU IC 113 48.12 257.20 32.13
C GLU IC 113 48.46 256.18 31.04
N TYR IC 114 49.74 255.84 30.99
CA TYR IC 114 50.32 254.83 30.11
C TYR IC 114 50.90 253.73 30.99
N PRO IC 115 50.07 252.81 31.52
CA PRO IC 115 50.55 251.74 32.40
C PRO IC 115 51.30 250.67 31.61
N ALA IC 116 52.07 249.83 32.32
CA ALA IC 116 52.78 248.72 31.70
C ALA IC 116 51.82 247.73 31.03
N GLY IC 117 52.21 247.21 29.86
CA GLY IC 117 51.31 246.48 28.98
C GLY IC 117 50.46 247.45 28.15
N ARG IC 118 49.17 247.16 27.97
CA ARG IC 118 48.14 248.13 27.60
C ARG IC 118 48.47 249.01 26.37
N LYS IC 119 49.11 248.45 25.33
CA LYS IC 119 49.34 249.14 24.06
C LYS IC 119 48.01 249.63 23.47
N ASP IC 120 47.97 250.89 22.99
CA ASP IC 120 46.76 251.55 22.48
C ASP IC 120 45.62 251.61 23.52
N LEU IC 121 45.96 251.58 24.82
CA LEU IC 121 45.06 252.04 25.88
C LEU IC 121 45.75 253.13 26.70
N VAL IC 122 45.16 254.33 26.68
CA VAL IC 122 45.51 255.38 27.63
C VAL IC 122 44.32 255.53 28.58
N ASP IC 123 44.55 255.40 29.89
CA ASP IC 123 43.50 255.67 30.87
C ASP IC 123 43.46 257.18 31.13
N VAL IC 124 42.24 257.71 31.27
CA VAL IC 124 42.04 259.15 31.38
C VAL IC 124 41.12 259.49 32.55
N SER IC 125 41.50 260.52 33.32
CA SER IC 125 40.58 261.20 34.23
C SER IC 125 40.59 262.72 33.99
N LEU IC 126 39.40 263.33 33.93
CA LEU IC 126 39.20 264.77 33.69
C LEU IC 126 38.36 265.38 34.81
N SER IC 127 38.66 266.64 35.17
CA SER IC 127 37.87 267.42 36.12
C SER IC 127 37.55 268.80 35.54
N LEU IC 128 36.27 269.15 35.46
CA LEU IC 128 35.80 270.39 34.85
C LEU IC 128 34.83 271.12 35.78
N THR IC 129 34.96 272.45 35.93
CA THR IC 129 34.04 273.27 36.70
C THR IC 129 33.10 273.99 35.73
N ARG IC 130 31.78 274.00 36.01
CA ARG IC 130 30.83 274.73 35.18
C ARG IC 130 30.98 276.24 35.39
N VAL IC 131 30.80 277.02 34.30
CA VAL IC 131 30.91 278.48 34.33
C VAL IC 131 29.76 279.07 33.52
N ASP IC 132 29.36 280.32 33.80
CA ASP IC 132 28.31 280.93 32.99
C ASP IC 132 28.81 281.16 31.55
N PRO IC 133 28.01 280.80 30.51
CA PRO IC 133 28.44 280.91 29.10
C PRO IC 133 28.94 282.27 28.62
N ASN IC 134 28.46 283.37 29.21
CA ASN IC 134 28.89 284.73 28.85
C ASN IC 134 30.00 285.27 29.78
N SER IC 135 30.22 284.61 30.93
CA SER IC 135 31.11 285.03 32.00
C SER IC 135 32.54 284.47 31.89
N VAL IC 136 32.98 284.08 30.67
CA VAL IC 136 34.38 283.74 30.40
C VAL IC 136 35.11 284.99 29.91
N ARG IC 137 36.30 285.25 30.48
CA ARG IC 137 37.15 286.40 30.17
C ARG IC 137 38.61 285.94 30.07
N GLY IC 138 39.50 286.73 29.44
CA GLY IC 138 40.88 286.29 29.34
C GLY IC 138 41.88 287.35 28.84
N VAL IC 139 43.16 287.16 29.23
CA VAL IC 139 44.28 287.99 28.78
C VAL IC 139 44.96 287.33 27.57
N GLY IC 140 44.48 287.70 26.37
CA GLY IC 140 44.96 287.17 25.10
C GLY IC 140 44.72 285.67 24.90
N ASP IC 141 45.36 285.11 23.87
CA ASP IC 141 45.37 283.67 23.57
C ASP IC 141 46.81 283.15 23.49
N GLN IC 142 47.06 281.95 24.06
CA GLN IC 142 48.34 281.26 24.00
C GLN IC 142 48.10 279.75 23.84
N GLN IC 143 48.35 279.25 22.62
CA GLN IC 143 48.18 277.84 22.25
C GLN IC 143 49.28 277.00 22.91
N ALA IC 144 48.88 275.99 23.70
CA ALA IC 144 49.80 274.98 24.20
C ALA IC 144 50.24 274.04 23.07
N THR IC 145 51.51 273.58 23.14
CA THR IC 145 52.01 272.58 22.20
C THR IC 145 52.65 271.41 22.95
N THR IC 146 52.39 270.19 22.45
CA THR IC 146 53.14 268.99 22.80
C THR IC 146 53.94 268.58 21.58
N PRO IC 147 55.30 268.63 21.63
CA PRO IC 147 56.15 268.15 20.53
C PRO IC 147 55.89 266.70 20.15
N THR IC 148 56.14 266.36 18.87
CA THR IC 148 55.95 265.00 18.35
C THR IC 148 57.12 264.56 17.46
N THR IC 149 57.39 263.24 17.40
CA THR IC 149 58.45 262.64 16.58
C THR IC 149 58.24 261.14 16.37
N THR IC 150 58.96 260.54 15.39
CA THR IC 150 58.76 259.16 14.94
C THR IC 150 59.77 258.16 15.51
N GLY IC 151 60.79 258.63 16.27
CA GLY IC 151 62.02 257.88 16.56
C GLY IC 151 61.86 256.47 17.15
N THR IC 152 60.86 256.25 18.03
CA THR IC 152 60.56 254.99 18.71
C THR IC 152 61.78 254.41 19.47
N GLY IC 153 62.65 255.28 20.01
CA GLY IC 153 63.83 254.88 20.78
C GLY IC 153 63.62 254.92 22.31
N PRO IC 154 64.68 254.65 23.13
CA PRO IC 154 64.56 254.72 24.59
C PRO IC 154 64.47 256.17 25.06
N VAL IC 155 63.71 256.40 26.15
CA VAL IC 155 63.60 257.73 26.75
C VAL IC 155 64.94 258.12 27.37
N GLU IC 156 65.45 259.32 27.06
CA GLU IC 156 66.72 259.78 27.63
C GLU IC 156 66.56 261.02 28.49
N VAL IC 157 66.85 260.87 29.79
CA VAL IC 157 67.07 261.98 30.70
C VAL IC 157 68.46 262.56 30.41
N THR IC 158 68.48 263.77 29.84
CA THR IC 158 69.70 264.44 29.39
C THR IC 158 69.92 265.71 30.21
N ALA IC 159 71.10 265.86 30.82
CA ALA IC 159 71.42 267.01 31.68
C ALA IC 159 72.93 267.25 31.70
N GLY IC 160 73.33 268.54 31.63
CA GLY IC 160 74.73 268.96 31.53
C GLY IC 160 75.52 268.31 30.39
N GLY IC 161 74.83 267.88 29.32
CA GLY IC 161 75.43 267.16 28.20
C GLY IC 161 75.66 265.66 28.44
N THR IC 162 75.34 265.18 29.66
CA THR IC 162 75.30 263.76 30.03
C THR IC 162 73.91 263.19 29.77
N THR IC 163 73.80 261.88 29.49
CA THR IC 163 72.52 261.22 29.24
C THR IC 163 72.39 259.90 30.02
N VAL IC 164 71.16 259.63 30.51
CA VAL IC 164 70.77 258.32 31.02
C VAL IC 164 69.49 257.85 30.32
N GLN IC 165 69.53 256.66 29.71
CA GLN IC 165 68.36 255.99 29.16
C GLN IC 165 67.52 255.41 30.30
N LEU IC 166 66.21 255.75 30.37
CA LEU IC 166 65.29 255.14 31.32
C LEU IC 166 64.99 253.71 30.86
N PRO IC 167 65.33 252.66 31.66
CA PRO IC 167 65.05 251.28 31.27
C PRO IC 167 63.57 251.02 31.11
N SER IC 168 63.21 250.40 29.98
CA SER IC 168 61.83 250.15 29.56
C SER IC 168 61.10 249.14 30.47
N SER IC 169 61.86 248.33 31.19
CA SER IC 169 61.41 247.26 32.07
C SER IC 169 60.50 247.73 33.19
N GLY IC 170 59.21 247.41 33.09
CA GLY IC 170 58.20 247.80 34.06
C GLY IC 170 57.81 249.27 33.95
N LEU IC 171 58.34 249.98 32.93
CA LEU IC 171 58.15 251.43 32.81
C LEU IC 171 56.67 251.75 32.58
N SER IC 172 56.16 252.68 33.41
CA SER IC 172 54.80 253.19 33.40
C SER IC 172 54.85 254.73 33.52
N VAL IC 173 54.05 255.44 32.70
CA VAL IC 173 53.99 256.91 32.73
C VAL IC 173 52.62 257.36 33.25
N GLU IC 174 52.63 258.31 34.18
CA GLU IC 174 51.45 259.10 34.50
C GLU IC 174 51.76 260.57 34.25
N ARG IC 175 51.05 261.20 33.30
CA ARG IC 175 51.20 262.61 33.00
C ARG IC 175 49.97 263.35 33.52
N THR IC 176 50.20 264.50 34.19
CA THR IC 176 49.12 265.33 34.71
C THR IC 176 49.25 266.76 34.20
N VAL IC 177 48.10 267.37 33.90
CA VAL IC 177 47.99 268.67 33.27
C VAL IC 177 46.95 269.49 34.04
N GLY IC 178 47.18 270.80 34.20
CA GLY IC 178 46.20 271.65 34.86
C GLY IC 178 46.43 273.14 34.64
N ARG IC 179 45.38 273.93 34.97
CA ARG IC 179 45.40 275.38 34.94
C ARG IC 179 45.13 275.94 36.35
N PRO IC 180 46.03 275.69 37.34
CA PRO IC 180 45.74 276.03 38.73
C PRO IC 180 45.83 277.52 39.06
N ASN IC 181 46.33 278.33 38.10
CA ASN IC 181 46.52 279.77 38.28
C ASN IC 181 45.45 280.63 37.61
N ASP IC 182 44.46 280.02 36.93
CA ASP IC 182 43.26 280.77 36.54
C ASP IC 182 42.42 281.14 37.77
N ALA IC 183 41.57 282.16 37.65
CA ALA IC 183 40.70 282.57 38.73
C ALA IC 183 39.22 282.30 38.39
N VAL IC 184 38.57 281.49 39.24
CA VAL IC 184 37.11 281.32 39.21
C VAL IC 184 36.55 282.14 40.37
N ARG IC 185 35.52 282.96 40.11
CA ARG IC 185 34.99 283.92 41.08
C ARG IC 185 33.47 283.82 41.17
N ARG IC 186 32.94 283.91 42.39
CA ARG IC 186 31.50 283.93 42.62
C ARG IC 186 30.87 285.21 42.06
N VAL IC 187 29.67 285.08 41.46
CA VAL IC 187 28.86 286.19 40.97
C VAL IC 187 27.55 286.21 41.75
N PRO IC 188 27.00 287.40 42.11
CA PRO IC 188 25.77 287.44 42.89
C PRO IC 188 24.56 287.05 42.04
N ARG IC 189 23.56 286.41 42.65
CA ARG IC 189 22.22 286.15 42.10
C ARG IC 189 22.18 285.54 40.68
N GLN IC 190 23.18 284.70 40.35
CA GLN IC 190 23.18 283.83 39.18
C GLN IC 190 23.85 282.51 39.53
N ALA IC 191 23.48 281.41 38.84
CA ALA IC 191 23.80 280.05 39.29
C ALA IC 191 25.30 279.72 39.21
N ASP IC 192 25.95 280.11 38.10
CA ASP IC 192 27.27 279.64 37.70
C ASP IC 192 28.32 280.75 37.77
N PRO IC 193 29.58 280.45 38.19
CA PRO IC 193 30.59 281.48 38.42
C PRO IC 193 31.18 282.09 37.15
N ARG IC 194 31.89 283.21 37.36
CA ARG IC 194 32.72 283.89 36.36
C ARG IC 194 34.11 283.26 36.33
N TYR IC 195 34.78 283.31 35.16
CA TYR IC 195 36.04 282.63 34.97
C TYR IC 195 37.02 283.51 34.17
N GLU IC 196 38.25 283.61 34.71
CA GLU IC 196 39.30 284.47 34.19
C GLU IC 196 40.48 283.62 33.71
N VAL IC 197 40.74 283.66 32.40
CA VAL IC 197 41.88 283.00 31.78
C VAL IC 197 43.12 283.86 32.02
N LYS IC 198 43.86 283.55 33.10
CA LYS IC 198 44.96 284.37 33.61
C LYS IC 198 46.24 284.23 32.78
N ALA IC 199 46.97 285.33 32.64
CA ALA IC 199 48.32 285.33 32.09
C ALA IC 199 49.30 284.82 33.17
N LYS IC 200 49.15 283.52 33.50
CA LYS IC 200 49.94 282.84 34.51
C LYS IC 200 50.31 281.42 34.06
N VAL IC 201 51.38 280.92 34.69
CA VAL IC 201 51.98 279.61 34.45
C VAL IC 201 50.98 278.46 34.64
N THR IC 202 51.06 277.47 33.74
CA THR IC 202 50.28 276.23 33.75
C THR IC 202 51.03 275.06 34.40
N ASN IC 203 50.32 273.94 34.63
CA ASN IC 203 50.92 272.73 35.20
C ASN IC 203 50.96 271.60 34.15
N ASP IC 204 52.12 270.93 34.04
CA ASP IC 204 52.36 269.84 33.10
C ASP IC 204 53.47 268.96 33.67
N VAL IC 205 53.09 267.92 34.42
CA VAL IC 205 54.00 267.05 35.16
C VAL IC 205 54.01 265.65 34.56
N PHE IC 206 55.22 265.10 34.38
CA PHE IC 206 55.43 263.72 33.99
C PHE IC 206 55.92 262.92 35.19
N THR IC 207 55.25 261.80 35.49
CA THR IC 207 55.68 260.84 36.50
C THR IC 207 56.08 259.52 35.83
N PHE IC 208 57.28 259.01 36.12
CA PHE IC 208 57.64 257.65 35.74
C PHE IC 208 57.71 256.74 36.97
N SER IC 209 57.37 255.47 36.74
CA SER IC 209 57.74 254.35 37.60
C SER IC 209 58.37 253.27 36.72
N PHE IC 210 59.49 252.66 37.15
CA PHE IC 210 60.24 251.68 36.37
C PHE IC 210 61.22 250.89 37.23
N GLU IC 211 61.85 249.84 36.69
CA GLU IC 211 62.87 249.09 37.43
C GLU IC 211 64.15 248.99 36.61
N THR IC 212 65.31 249.33 37.21
CA THR IC 212 66.58 249.36 36.52
C THR IC 212 67.28 248.00 36.69
N LEU IC 213 67.53 247.29 35.58
CA LEU IC 213 67.85 245.86 35.63
C LEU IC 213 69.35 245.52 35.56
N ASP IC 214 70.14 246.39 34.92
CA ASP IC 214 71.57 246.18 34.70
C ASP IC 214 72.33 247.51 34.62
N ASN IC 215 73.67 247.44 34.72
CA ASN IC 215 74.55 248.60 34.90
C ASN IC 215 74.05 249.51 36.02
N ILE IC 216 73.60 248.92 37.15
CA ILE IC 216 72.76 249.61 38.12
C ILE IC 216 73.50 250.76 38.80
N PRO IC 217 74.67 250.56 39.45
CA PRO IC 217 75.42 251.67 40.04
C PRO IC 217 75.71 252.80 39.06
N ALA IC 218 76.14 252.47 37.83
CA ALA IC 218 76.45 253.46 36.81
C ALA IC 218 75.21 254.26 36.43
N THR IC 219 74.07 253.57 36.24
CA THR IC 219 72.78 254.15 35.88
C THR IC 219 72.30 255.10 36.97
N LEU IC 220 72.26 254.63 38.21
CA LEU IC 220 71.65 255.37 39.31
C LEU IC 220 72.47 256.60 39.69
N ASN IC 221 73.81 256.51 39.70
CA ASN IC 221 74.64 257.66 39.98
C ASN IC 221 74.63 258.66 38.83
N ALA IC 222 74.74 258.22 37.57
CA ALA IC 222 74.68 259.12 36.43
C ALA IC 222 73.35 259.90 36.39
N LEU IC 223 72.26 259.25 36.78
CA LEU IC 223 70.95 259.89 36.92
C LEU IC 223 70.93 260.88 38.09
N THR IC 224 71.23 260.41 39.30
CA THR IC 224 71.03 261.19 40.51
C THR IC 224 72.02 262.34 40.70
N ASP IC 225 73.29 262.16 40.36
CA ASP IC 225 74.25 263.25 40.52
C ASP IC 225 73.84 264.46 39.68
N ASN IC 226 73.65 264.28 38.37
CA ASN IC 226 73.33 265.32 37.42
C ASN IC 226 71.93 265.94 37.61
N VAL IC 227 70.93 265.15 38.04
CA VAL IC 227 69.57 265.64 38.22
C VAL IC 227 69.29 266.18 39.63
N PHE IC 228 69.94 265.62 40.65
CA PHE IC 228 69.61 265.89 42.06
C PHE IC 228 70.79 266.36 42.94
N ARG IC 229 72.05 266.26 42.45
CA ARG IC 229 73.22 266.73 43.20
C ARG IC 229 74.19 267.59 42.35
N GLU IC 230 73.63 268.42 41.47
CA GLU IC 230 74.27 269.62 40.93
C GLU IC 230 73.23 270.70 40.60
N GLN IC 231 73.67 271.96 40.47
CA GLN IC 231 72.82 273.08 40.04
C GLN IC 231 72.63 273.06 38.51
N LEU IC 232 71.38 273.11 38.03
CA LEU IC 232 71.09 273.17 36.60
C LEU IC 232 71.12 274.61 36.04
N GLY IC 233 71.19 275.65 36.91
CA GLY IC 233 71.10 277.05 36.48
C GLY IC 233 69.68 277.49 36.10
N ARG IC 234 69.55 278.30 35.02
CA ARG IC 234 68.28 278.60 34.37
C ARG IC 234 67.84 277.50 33.38
N ASP IC 235 68.77 276.61 33.02
CA ASP IC 235 68.46 275.42 32.24
C ASP IC 235 67.70 274.38 33.08
N GLY IC 236 67.32 273.28 32.45
CA GLY IC 236 66.81 272.11 33.15
C GLY IC 236 67.27 270.82 32.47
N VAL IC 237 66.72 269.70 32.95
CA VAL IC 237 66.82 268.42 32.27
C VAL IC 237 66.12 268.52 30.91
N THR IC 238 66.66 267.88 29.88
CA THR IC 238 65.92 267.60 28.66
C THR IC 238 65.49 266.14 28.69
N LEU IC 239 64.17 265.91 28.68
CA LEU IC 239 63.55 264.60 28.75
C LEU IC 239 63.17 264.18 27.32
N ASP IC 240 64.11 263.50 26.65
CA ASP IC 240 63.93 263.08 25.28
C ASP IC 240 63.05 261.83 25.22
N PHE IC 241 61.75 262.01 25.00
CA PHE IC 241 60.82 260.90 24.81
C PHE IC 241 61.08 260.10 23.53
N ASN IC 242 61.92 260.61 22.60
CA ASN IC 242 62.49 259.82 21.51
C ASN IC 242 61.41 259.14 20.62
N GLY IC 243 60.20 259.72 20.55
CA GLY IC 243 59.12 259.19 19.73
C GLY IC 243 58.28 258.07 20.36
N LEU IC 244 58.55 257.66 21.61
CA LEU IC 244 57.60 256.84 22.38
C LEU IC 244 56.29 257.61 22.55
N LEU IC 245 55.15 256.92 22.40
CA LEU IC 245 53.81 257.52 22.37
C LEU IC 245 53.66 258.59 21.26
N GLY IC 246 54.61 258.68 20.32
CA GLY IC 246 54.69 259.80 19.39
C GLY IC 246 55.13 261.12 20.02
N LEU IC 247 55.53 261.17 21.30
CA LEU IC 247 56.00 262.37 21.98
C LEU IC 247 57.42 262.75 21.54
N GLY IC 248 57.63 264.06 21.34
CA GLY IC 248 58.95 264.65 21.10
C GLY IC 248 59.67 265.05 22.38
N SER IC 249 60.91 265.53 22.23
CA SER IC 249 61.73 266.03 23.32
C SER IC 249 61.10 267.25 24.00
N VAL IC 250 61.24 267.33 25.35
CA VAL IC 250 60.66 268.38 26.20
C VAL IC 250 61.67 268.74 27.31
N LYS IC 251 61.70 270.02 27.76
CA LYS IC 251 62.59 270.45 28.84
C LYS IC 251 61.83 270.53 30.17
N ALA IC 252 62.44 270.04 31.25
CA ALA IC 252 61.75 269.81 32.53
C ALA IC 252 62.71 269.82 33.73
N ILE IC 253 62.16 269.86 34.96
CA ILE IC 253 62.94 269.88 36.21
C ILE IC 253 62.16 269.22 37.35
N PRO IC 254 62.80 268.54 38.33
CA PRO IC 254 62.10 268.02 39.51
C PRO IC 254 61.53 269.12 40.40
N VAL IC 255 60.29 268.95 40.85
CA VAL IC 255 59.57 269.91 41.70
C VAL IC 255 58.78 269.15 42.78
N GLY IC 256 58.69 269.74 43.99
CA GLY IC 256 58.18 269.06 45.17
C GLY IC 256 59.32 268.44 46.01
N SER IC 257 58.98 268.00 47.23
CA SER IC 257 59.95 267.66 48.27
C SER IC 257 60.74 266.39 47.96
N SER IC 258 60.10 265.42 47.28
CA SER IC 258 60.60 264.06 47.08
C SER IC 258 60.20 263.51 45.70
N PRO IC 259 60.62 264.14 44.55
CA PRO IC 259 60.17 263.72 43.21
C PRO IC 259 60.74 262.38 42.76
N PHE IC 260 61.86 261.95 43.37
CA PHE IC 260 62.54 260.75 42.92
C PHE IC 260 62.90 259.82 44.07
N ARG IC 261 62.71 258.51 43.85
CA ARG IC 261 62.95 257.47 44.83
C ARG IC 261 63.70 256.31 44.20
N GLN IC 262 64.77 255.87 44.88
CA GLN IC 262 65.32 254.54 44.65
C GLN IC 262 64.85 253.63 45.77
N VAL IC 263 64.51 252.39 45.41
CA VAL IC 263 64.07 251.39 46.37
C VAL IC 263 64.80 250.08 46.14
N HIS IC 264 65.47 249.64 47.22
CA HIS IC 264 66.19 248.39 47.31
C HIS IC 264 65.40 247.44 48.22
N GLN IC 265 65.13 246.22 47.75
CA GLN IC 265 64.20 245.32 48.44
C GLN IC 265 64.85 244.02 48.83
N ALA IC 266 64.37 243.42 49.93
CA ALA IC 266 64.82 242.12 50.39
C ALA IC 266 64.75 241.07 49.27
N GLY IC 267 65.87 240.37 49.02
CA GLY IC 267 65.91 239.26 48.08
C GLY IC 267 65.93 239.66 46.60
N ARG IC 268 66.01 240.97 46.29
CA ARG IC 268 66.04 241.44 44.91
C ARG IC 268 67.47 241.86 44.54
N GLY IC 269 67.96 241.38 43.38
CA GLY IC 269 69.26 241.75 42.86
C GLY IC 269 69.31 243.03 42.02
N TRP IC 270 68.25 243.87 42.08
CA TRP IC 270 68.11 245.07 41.27
C TRP IC 270 67.20 246.12 41.94
N VAL IC 271 67.17 247.34 41.38
CA VAL IC 271 66.61 248.52 42.02
C VAL IC 271 65.31 248.97 41.36
N THR IC 272 64.29 249.17 42.20
CA THR IC 272 63.01 249.75 41.81
C THR IC 272 63.12 251.27 41.83
N VAL IC 273 62.49 251.95 40.86
CA VAL IC 273 62.36 253.40 40.85
C VAL IC 273 60.87 253.76 40.91
N PRO IC 274 60.25 253.80 42.12
CA PRO IC 274 58.82 254.03 42.25
C PRO IC 274 58.37 255.40 41.74
N THR IC 275 59.25 256.40 41.80
CA THR IC 275 58.98 257.71 41.20
C THR IC 275 60.23 258.27 40.57
N LEU IC 276 60.03 258.90 39.41
CA LEU IC 276 60.85 259.97 38.89
C LEU IC 276 59.87 261.00 38.31
N GLU IC 277 59.66 262.10 39.07
CA GLU IC 277 58.71 263.13 38.70
C GLU IC 277 59.44 264.36 38.15
N PHE IC 278 58.93 264.90 37.04
CA PHE IC 278 59.42 266.15 36.47
C PHE IC 278 58.25 267.08 36.18
N ARG IC 279 58.42 268.37 36.47
CA ARG IC 279 57.55 269.43 35.96
C ARG IC 279 58.20 270.04 34.71
N ARG IC 280 57.44 270.15 33.62
CA ARG IC 280 57.89 270.80 32.40
C ARG IC 280 58.21 272.28 32.65
N ILE IC 281 59.16 272.84 31.88
CA ILE IC 281 59.62 274.22 32.02
C ILE IC 281 59.64 274.95 30.68
N TYR IC 282 59.92 276.26 30.76
CA TYR IC 282 60.26 277.13 29.64
C TYR IC 282 61.21 276.49 28.62
N SER IC 283 60.78 276.54 27.35
CA SER IC 283 61.60 276.26 26.16
C SER IC 283 60.93 276.89 24.93
N ASN IC 284 60.41 278.12 25.11
CA ASN IC 284 59.37 278.71 24.26
C ASN IC 284 59.74 280.11 23.74
N GLU IC 285 61.02 280.48 23.88
CA GLU IC 285 61.63 281.70 23.32
C GLU IC 285 61.63 281.65 21.78
#